data_7Z13
#
_entry.id   7Z13
#
_cell.length_a   1.00
_cell.length_b   1.00
_cell.length_c   1.00
_cell.angle_alpha   90.00
_cell.angle_beta   90.00
_cell.angle_gamma   90.00
#
_symmetry.space_group_name_H-M   'P 1'
#
loop_
_entity.id
_entity.type
_entity.pdbx_description
1 polymer 'DNA replication licensing factor MCM2'
2 polymer 'DNA replication licensing factor MCM3'
3 polymer 'DNA replication licensing factor MCM4'
4 polymer 'DNA helicase'
5 polymer 'DNA replication licensing factor MCM6'
6 polymer 'DNA replication licensing factor MCM7'
7 polymer 'DNA (53-MER)'
8 polymer 'DNA (53-MER)'
9 polymer 'DNA replication complex GINS protein PSF3'
10 polymer 'DNA replication complex GINS protein SLD5'
11 polymer 'Cell division control protein 45'
12 polymer 'DNA polymerase epsilon subunit B'
13 polymer 'DNA replication complex GINS protein PSF1'
14 polymer 'DNA replication complex GINS protein PSF2'
15 polymer 'DNA polymerase epsilon catalytic subunit A'
16 non-polymer "ADENOSINE-5'-TRIPHOSPHATE"
17 non-polymer 'ZINC ION'
18 non-polymer 'MAGNESIUM ION'
19 non-polymer "ADENOSINE-5'-DIPHOSPHATE"
#
loop_
_entity_poly.entity_id
_entity_poly.type
_entity_poly.pdbx_seq_one_letter_code
_entity_poly.pdbx_strand_id
1 'polypeptide(L)'
;MSDNRRRRREEDDSDSENELPPSSPQQHFRGGMNPVSSPIGSPDMINPEGDDNEVDDVPDIDEVEEQMNEVDLMDDNMYE
DYAADHNRDRYDPDQVDDREQQELSLSERRRIDAQLNERDRLLRNVAYIDDEDEEQEGAAQLDEMGLPVQRRRRRRQYED
LENSDDDLLSDMDIDPLREELTLESLSNVKANSYSEWITQPNVSRTIARELKSFLLEYTDETGRSVYGARIRTLGEMNSE
SLEVNYRHLAESKAILALFLAKCPEEMLKIFDLVAMEATELHYPDYARIHSEIHVRISDFPTIYSLRELRESNLSSLVRV
TGVVTRRTGVFPQLKYVKFNCLKCGSILGPFFQDSNEEIRISFCTNCKSKGPFRVNGEKTVYRNYQRVTLQEAPGTVPPG
RLPRHREVILLADLVDVSKPGEEVEVTGIYKNNYDGNLNAKNGFPVFATIIEANSIKRREGNTANEGEEGLDVFSWTEEE
EREFRKISRDRGIIDKIISSMAPSIYGHRDIKTAVACSLFGGVPKNVNGKHSIRGDINVLLLGDPGTAKSQILKYVEKTA
HRAVFATGQGASAVGLTASVRKDPITKEWTLEGGALVLADKGVCLIDEFDKMNDQDRTSIHEAMEQQSISISKAGIVTTL
QARCSIIAAANPNGGRYNSTLPLAQNVSLTEPILSRFDILCVVRDLVDEEADERLATFVVDSHVRSHPENDEDREGEELK
NNGESAIEQGEDEINEQLNARQRRLQRQRKKEEEISPIPQELLMKYIHYARTKIYPKLHQMDMDKVSRVYADLRRESIST
GSFPITVRHLESILRIAESFAKMRLSEFVSSYDLDRAIKVVVDSFVDAQKVSVRRQLRRSFAIYTLGH
;
2,a
2 'polypeptide(L)'
;MKRRWKKNFIAVSAANRFKKISSSGALENLYFQGEMEGSTGFDGDATTFFAPDAVFGDRVRRFQEFLDTFTSYRDSVRSI
QVYNSNNAANYNDDQDDADERDLLGDDDGDDLEKEKKAASSTSLNILPHRIIISLDDLREFDRSFWSGILVEPAYFIPPA
EKALTDLADSMDDVPHPNASAVSSRHPWKLSFKGSFGAHALSPRTLTAQHLNKLVSVEGIVTKTSLVRPKLIRSVHYAAK
TGRFHYRDYTDATTTLTTRIPTPAIYPTEDTEGNKLTTEYGYSTFIDHQRITVQEMPEMAPAGQLPRSIDVILDDDLVDK
TKPGDRVNVVGVFKSLGAGGMNQSNSNTLIGFKTLILGNTVYPLHARSTGVAARQMLTDFDIRNINKLSKKKDIFDILSQ
SLAPSIYGHDHIKKAILLMLMGGVEKNLENGSHLRGDINILMVGDPSTAKSQLLRFVLNTASLAIATTGRGSSGVGLTAA
VTTDRETGERRLEAGAMVLADRGVVCIDEFDKMTDVDRVAIHEVMEQQTVTIAKAGIHTTLNARCSVIAAANPVFGQYDV
NRDPHQNIALPDSLLSRFDLLFVVTDDINEIRDRSISEHVLRTHRYLPPGYLEGEPVRERLNLSLAVGEDADINPEEHSN
SGAGVENEGEDDEDHVFEKFNPLLQAGAKLAKNKGNYNGTEIPKLVTIPFLRKYVQYAKERVIPQLTQEAINVIVKNYTD
LRNDDNTKKSPITARTLETLIRLATAHAKVRLSKTVNKVDAKVAANLLRFALLGEDIGNDIDEEESEYEEALSKRSPQKS
PKKRQRVRQPASNSGSPIKSTPRRSTASSVNATPSSARRILRFQDDEQNAGEDDNDIMSPLPADEEAELQRRLQLGLRVS
PRRREHLHAPEEGSSGPLTEVGTPRLPNVSSAGQDDEQQQSVISFDNVEPGTISTGRLSLISGIIARLMQTEIFEEESYP
VASLFERINEELPEEEKFSAQEYLAGLKIMSDRNNLMVADDKVWRV
;
3,b
3 'polypeptide(L)'
;MSQQSSSPTKEDNNSSSPVVPNPDSVPPQLSSPALFYSSSSSQGDIYGRNNSQNLSQGEGNIRAAIGSSPLNFPSSSQRQ
NSDVFQSQGRQGRIRSSASASGRSRYHSDLRSDRALPTSSSSLGRNGQNRVHMRRNDIHTSDLSSPRRIVDFDTRSGVNT
LDTSSSSAPPSEASEPLRIIWGTNVSIQECTTNFRNFLMSFKYKFRKILDEREEFINNTTDEELYYIKQLNEMRELGTSN
LNLDARNLLAYKQTEDLYHQLLNYPQEVISIMDQTIKDCMVSLIVDNNLDYDLDEIETKFYKVRPYNVGSCKGMRELNPN
DIDKLINLKGLVLRSTPVIPDMKVAFFKCNVCDHTMAVEIDRGVIQEPARCERIDCNEPNSMSLIHNRCSFADKQVIKLQ
ETPDFVPDGQTPHSISLCVYDELVDSCRAGDRIEVTGTFRSIPIRANSRQRVLKSLYKTYVDVVHVKKVSDKRLDVDTST
IEQELMQNKVDHNEVEEVRQITDQDLAKIREVAAREDLYSLLARSIAPSIYELEDVKKGILLQLFGGTNKTFTKGGRYRG
DINILLCGDPSTSKSQILQYVHKITPRGVYTSGKGSSAVGLTAYITRDVDTKQLVLESGALVLSDGGVCCIDEFDKMSDS
TRSVLHEVMEQQTISIAKAGIITTLNARSSILASANPIGSRYNPNLPVTENIDLPPPLLSRFDLVYLVLDKVDEKNDREL
AKHLTNLYLEDKPEHISQDDVLPVEFLTMYISYAKEHIHPIITEAAKTELVRAYVGMRKMGDDSRSDEKRITATTRQLES
MIRLAEAHAKMKLKNVVELEDVQEAVRLIRSAIKDYATDPKTGKIDMNLVQTGKSVIQRKLQEDLSREIMNVLKDQASDS
MSFNELIKQINEHSQDRVESSDIQEALSRLQQEDKVIVLGEGVRRSVRLNNRV
;
4,c
4 'polypeptide(L)'
;MSFDRPEIYSAPVLQGESPNDDDNTEIIKSFKNFILEFRLDSQFIYRDQLRNNILVKNYSLTVNMEHLIGYNEDIYKKLS
DEPSDIIPLFETAITQVAKRISILSRAQSANNNDKDPENTSMDTDSLLLNSLPTFQLILNSNANQIPLRDLDSEHVSKIV
RLSGIIISTSVLSSRATYLSIMCRNCRHTTSITINNFNSITGNTVSLPRSCLSTIESESSMANESNIGDESTKKNCGPDP
YIIIHESSKFIDQQFLKLQEIPELVPVGEMPRNLTMTCDRYLTNKVIPGTRVTIVGIYSIYNSKNGAGSGRSGGGNGGSG
VAIRTPYIKILGIQSDVETSSIWNSVTMFTEEEEEEFLQLSRNPKLYEILTNSIAPSIFGNEDIKKAIVCLLMGGSKKIL
PDGMRLRGDINVLLLGDPGTAKSQLLKFVEKVSPIAVYTSGKGSSAAGLTASVQRDPMTREFYLEGGAMVLADGGVVCID
EFDKMRDEDRVAIHEAMEQQTISIAKAGITTVLNSRTSVLAAANPIYGRYDDLKSPGDNIDFQTTILSRFDMIFIVKDDH
NEERDISIANHVINIHTGNANAMQNQQEENGSEISIEKMKRYITYCRLKCAPRLSPQAAEKLSSNFVTIRKQLLINELES
TERSSIPITIRQLEAIIRITESLAKLELSPIAQERHVDEAIRLFQASTMDAASQDPIGGLNQASGTSLSEIRRFEQELKR
RLPIGWSTSYQTLRREFVDTHRFSQLALDKALYALEKHETIQLRHQGQNIYRSGV
;
5,d
5 'polypeptide(L)'
;MSSPFPADTPSSNRPSNSSPPPSSIGAGFGSSSGLDSQIGSRLHFPSSSQPHVSNSQTGPFVNDSTQFSSQRLQTDGSAT
NDMEGNEPARSFKSRALNHVKKVDDVTGEKVREAFEQFLEDFSVQSTDTGEVEKVYRAQIEFMKIYDLNTIYIDYQHLSM
RENGALAMAISEQYYRFLPFLQKGLRRVVRKYAPELLNTSDSLKRSEGDEGQADEDEQQDDDMNGSSLPRDSGSSAAPGN
GTSAMATRSITTSTSPEQTERVFQISFFNLPTVHRIRDIRSEKIGSLLSISGTVTRTSEVRPELYKASFTCDMCRAIVDN
VEQSFKYTEPTFCPNPSCENRAFWTLNVTRSRFLDWQKVRIQENANEIPTGSMPRTLDVILRGDSVERAKPGDRCKFTGV
EIVVPDVTQLGLPGVKPSSTLDTRGISKTTEGLNSGVTGLRSLGVRDLTYKISFLACHVISIGSNIGASSPDANSNNRET
ELQMAANLQANNVYQDNERDQEVFLNSLSSDEINELKEMVKDEHIYDKLVRSIAPAVFGHEAVKKGILLQMLGGVHKSTV
EGIKLRGDINICVVGDPSTSKSQFLKYVVGFAPRSVYTSGKASSAAGLTAAVVRDEEGGDYTIEAGALMLADNGICCIDE
FDKMDISDQVAIHEAMEQQTISIAKAGIHATLNARTSILAAANPVGGRYNRKLSLRGNLNMTAPIMSRFDLFFVILDDCN
EKIDTELASHIVDLHMKRDEAIEPPFSAEQLRRYIKYARTFKPILTKEARSYLVEKYKELRKDDAQGFSRSSYRITVRQL
ESMIRLSEAIARANCVDEITPSFIAEAYDLLRQSIIRVDVDDVEMDEEFDNIESQSHAASGNNDDNDDGTGSGVITSEPP
ADIEEGQSEATARPGTSEKKKTTVTYDKYVSMMNMIVRKIAEVDREGAEELTAVDIVDWYLLQKENDLGSLAEYWEERRL
AFKVIKRLVKDRILMEIHGTRHNLRDLENEENENNKTVYVIHPNCEVLDQLEPQDSS
;
6,e
6 'polypeptide(L)'
;MSAALPSIQLPVDYNNLFNEITDFLVTFKQDTLSSDATRNENEDENLDAENIEQHLLEKGPKYMAMLQKVANRELNSVII
DLDDILQYQNEKFLQGTQADDLVSAIQQNANHFTELFCRAIDNNMPLPTKEIDYKDDVLDVILNQRRLRNERMLSDRTNE
IRSENLMDTTMDPPSSMNDALREVVEDETELFPPNLTRRYFLYFKPLSQNCARRYRKKAISSKPLSVRQIKGDFLGQLIT
VRGIITRVSDVKPAVEVIAYTCDQCGYEVFQEVNSRTFTPLSECTSEECSQNQTKGQLFMSTRASKFSAFQECKIQELSQ
QVPVGHIPRSLNIHVNGTLVRSLSPGDIVDVTGIFLPAPYTGFKALKAGLLTETYLEAQFVRQHKKKFASFSLTSDVEER
VMELITSGDVYNRLAKSIAPEIYGNLDVKKALLLLLVGGVDKRVGDGMKIRGDINVCLMGDPGVAKSQLLKAICKISPRG
VYTTGKGSSGVGLTAAVMKDPVTDEMILEGGALVLADNGICCIDEFDKMDESDRTAIHEVMEQQTISISKAGINTTLNAR
TSILAAANPLYGRYNPRLSPLDNINLPAALLSRFDILFLMLDIPSRDDDEKLAEHVTYVHMHNKQPDLDFTPVEPSKMRE
YIAYAKTKRPVMSEAVNDYVVQAYIRLRQDSKREMDSKFSFGQATPRTLLGIIRLSQALAKLRLADMVDIDDVEEALRLV
RVSKESLYQETNKSKEDESPTTKIFTIIKKMLQETGKNTLSYENIVKTVRLRGFTMLQLSNCIQEYSYLNVWHLINEGNT
LKFVDDGTMDTDQEDSLVSTPKLAPQTTASANVSAQDSDIDLQDA
;
7,f
7 'polydeoxyribonucleotide'
;(DT)(DT)(DT)(DT)(DT)(DT)(DT)(DT)(DT)(DT)(DT)(DT)(DT)(DT)(DT)(DT)(DT)(DT)(DT)(DT)
(DT)(DT)(DT)(DT)(DT)(DT)(DA)(DA)(DA)(DA)(DA)(DA)(DA)(DA)(DA)(DA)(DA)(DA)(DA)(DA)
(DA)(DA)(DA)(DA)(DA)(DA)(DA)(DA)(DA)(DA)(DA)(DA)(DA)
;
A
8 'polydeoxyribonucleotide'
;(DT)(DT)(DT)(DT)(DT)(DT)(DT)(DT)(DT)(DT)(DT)(DT)(DT)(DT)(DT)(DT)(DT)(DT)(DT)(DT)
(DT)(DT)(DT)(DT)(DT)(DT)(DT)(DA)(DA)(DA)(DA)(DA)(DA)(DA)(DA)(DA)(DA)(DA)(DA)(DA)
(DA)(DA)(DA)(DA)(DA)(DA)(DA)(DA)(DA)(DA)(DA)(DA)(DA)
;
B
9 'polypeptide(L)'
;WSHPQFEKGGGSGGGSGGGSWSHPQFEKENLYFQSMGYYDIDDVLADGTEFPCKFQYDIPGLGYLENNPGRPITKNTKLS
LPLWLARILAIVGGDEALVDEEPVPFVELLPPDMFSTKVMNAIKTDPVALDLHSINSHFFSLAIKWIMLFSEKELANVVS
ELLLQRAQELNHHASSLSIDLNADSTGKNSANTNIATSTFLLKLEEMEKEIYKKSHESYKDTKRWMFKK
;
C,J
10 'polypeptide(L)'
;MDINIDDILAELDKETTAVDSTKITQGSSSTTHRDANTIVGSSLDLNDKTQIYVSPQQDFSDLMKSWKNERCSPELLPYP
HQLMKRLLNRISMQSQLIENISMGFLDMQNASNANPPMPNESKLPLLCMETELERLKFVIRSYIRCRLSKIDKFSLYLRQ
LNEDENSLISLTDLLSKDEIKYHDTHSLIWLKLVNDSILKYMPEELQAINDTEGSVNMIDEPDWNKFVFIHVNGPPDGKW
NEDPLLQENEFGKPCYTVTIPDLKEEVELTIGSIYVMRYEVIRDLLRDDKVALI
;
D,K
11 'polypeptide(L)'
;MYYGISQFSEAYNKILRNSSSHSSCQLVIFVSCLNIDALCATKMLSLLFKKQLVQSQIVPIFGYSELRRHYSQLDDNINS
LLLVGFGGVIDLEAFLEIDPQEYVIDTDEKSGEQSFRRDIYVLDAHRPWNLDNIFGSQIIQCFDDGTVDDTLGEQKEAYY
KLLELDEESGDDELSGDENDNNGGDDEATDADEVTDEDYKDDDGDYKDDDETISNKRGNSSIGPNDLSKRKQRKKQIHEY
EGVLEEYYSQGTTVVNSISAQIYSLLSAIGETNLSNLWLNILGTTSLDIAYAQVYNRLYPLLQDEVKRLTPSSRNSVKTP
DTLTLNIQPDYYLFLLRHSSLYDSFYYSNYVNAKLSLWNENGKKRLHKMFARMGIPLSTAQETWLYMDHSIKRELGIIFD
KNLDRYGLQDIIRDGFVRTLGYRGSISASEFVEALTALLEVGNSTDKDSVKINNDNNDDTDGEEEEDNSAQKLTNLRKRW
VSNFWLSWDALDDRKVELLNRGIQLAQDLQRAIFNTGVAILEKKLIKHLRIYRLCVLQDGPDLDLYRNPLTLLRLGNWLI
ECCAESEDKQLLPMVLASIDENTDTYLVAGLTPRYPRGLDTIHTKKPILNNFSMAFQQITAETDAKVRIDNFESSIIEIR
REDLSPFLEKLTLSGLL
;
E,L
12 'polypeptide(L)'
;MFGSGNVLPVKIQPPLLRPLAYRVLSRKYGLSIKSDGLSALAEFVGTNIGANWRQGPATIKFLEQFAAVWKQQERGLFID
QSGVKEVIQEMKEREKVEWSHEHPIQHEENILGRTDDDENNSDDEMPIAADSSLQNVSLSSPMRQPTERDEYKQPFKPES
SKALDWRDYFKVINASQQQRFSYNPHKMQFIFVPNKKQNGLGGIAGFLPDIEDKVQMFLTRYYLTNDRVMRNENFQNSDM
FNPLSSMVSLQNELSNTNRQQQSSSMSITPIKNLLGRDAQNFLLLGLLNKNFKGNWSLEDPSGSVEIDISQTIPTQGHYY
VPGCMVLVEGIYYSVGNKFHVTSMTLPPGERREITLETIGNLDLLGIHGISNNNFIARLDKDLKIRLHLLEKELTDHKFV
ILGANLFLDDLKIMTALSKILQKLNDDPPTLLIWQGSFTSVPVFASMSSRNISSSTQFKNNFDALATLLSRFDNLTENTT
MIFIPGPNDLWGSMVSLGASGTLPQDPIPSAFTKKINKVCKNVVWSSNPTRIAYLSQEIVIFRDDLSGRFKRHRLEFPFN
ESEDVYTENDNMMSKDTDIVPIDELVKEPDQLPQKVQETRKLVKTILDQGHLSPFLDSLRPISWDLDHTLTLCPIPSTMV
LCDTTSAQFDLTYNGCKVINPGSFIHNRRARYMEYVPSSKKTIQEEIYI
;
F,M
13 'polypeptide(L)'
;MYGDLGNKLVLEAKRTKQLYARSNQDVNLPMYHEDIIRNILKEVSNLRKNTEYLKEQQQLGMLDDKVAKCQYFVTLLCME
RNKRCLLAYQRLRTDILDSMAWNNNGLDLMSSITFSQQDTNNLSHQEQEYLKEYCDLITDLKSGDLVDIDLSGSLVPPSD
VFIDVRVLKDAGEIQTEYGVFNLIKDSQFFVRQSDVERLIQQGYLQKI
;
H,O
14 'polypeptide(L)'
;MSLPAHLQQTFSPEEIQFIVENEPIKIFPRITTRQKIRGDDRGTGNHTRWQLITTDDKALNNMVAMRSTEVVLWIALLLK
QQSKCSIVAPQWLTTKELDRKIQYEKTHPDRFSELPWNWLVLARILFNKAKDDFHDPIHELRGKIQDLREIRQIKVLKGL
KYLNESHLQLDNLSLLEINELRPFITEIMDKLREIHTASLTAGTENDEEEFNI
;
I,P
15 'polypeptide(L)'
;MMFGKKKNNGGSSTARYSAGNKYNTLSNNYALSAQQLLNASKIDDIDSMMGFERYVPPQYNGRFDAKDIDQIPGRVGWLT
NMHATLVSQETLSSGSNGGGNSNDGERVTTNQGISGVDFYFLDEEGGSFKSTVVYDPYFFIACNDESRVNDVEELVKKYL
ESCLKSLQIIRKEDLTMDNHLLGLQKTLIKLSFVNSNQLFEARKLLRPILQDNANNNVQRNIYNVAANGSEKVDAKHLIE
DIREYDVPYHVRVSIDKDIRVGKWYKVTQQGFIEDTRKIAFADPVVMAFDIETTKPPLKFPDSAVDQIMMISYMIDGEGF
LITNREIISEDIEDFEYTPKPEYPGFFTIFNENDEVALLQRFFEHIRDVRPTVISTFNGDFFDWPFIHNRSKIHGLDMFD
EIGFAPDAEGEYKSSYCSHMDCFRWVKRDSYLPQGSQGLKAVTQSKLGYNPIELDPELMTPYAFEKPQHLSEYSVSDAVA
TYYLYMKYVHPFIFSLCTIIPLNPDETLRKGTGTLCEMLLMVQAYQHNILLPNKHTDPIERFYDGHLLESETYVGGHVES
LEAGVFRSDLKNEFKIDPSAIDELLQELPEALKFSVEVENKSSVDKVTNFEEIKNQITQKLLELKENNIRNELPLIYHVD
VASMYPNIMTTNRLQPDSIKAERDCASCDFNRPGKTCARKLKWAWRGEFFPSKMDEYNMIKRALQNETFPNKNKFSKKKV
LTFDELSYADQVIHIKKRLTEYSRKVYHRVKVSEIVEREAIVCQRENPFYVDTVKSFRDRRYEFKGLAKTWKGNLSKIDP
SDKHARDEAKKMIVLYDSLQLAHKVILNSFYGYVMRKGSRWYSMEMAGITCLTGATIIQMARALVERVGRPLELDTDGIW
CILPKSFPETYFFTLENGKKLYLSYPCSMLNYRVHQKFTNHQYQELKDPLNYIYETHSENTIFFEVDGPYKAMILPSSKE
EGKGIKKRYAVFNEDGSLAELKGFELKRRGELQLIKNFQSDIFKVFLEGDTLEGCYSAVASVCNRWLDVLDSHGLMLEDE
DLVSLICENRSMSKTLKEYEGQKSTSITTARRLGDFLGEDMVKDKGLQCKYIISSKPFNAPVTERAIPVAIFSADIPIKR
SFLRRWTLDPSLEDLDIRTIIDWGYYRERLGSAIQKIITIPAALQGVSNPVPRVEHPDWLKRKIATKEDKFKQTSLTKFF
SKTKNVPTMGKIKDIEDLFEPTVEEDNAKIKIARTTKKKAVSKRKRNQLTNEEDPLVLPSEIPSMDEDYVGWLNYQKIKW
KIQARDRKRRDQLFGNTNSSRERSALGSMIRKQAESYANSTWEVLQYKDSGEPGVLEVFVTINGKVQNITFHIPKTIYMK
FKSQTMPLQKIKNCLIEKSSASLPNNPKTSNPAGGQLFKITLPESVFLEEKENCTSIFNDENVLGVFEGTITPHQRAIMD
LGASVTFRSKAMGALGKGIQQGFEMKDLSMAENERYLSGFSMDIGYLLHFPTSIGYEFFSLFKSWGDTITILVLKPSNQA
QEINASSLGQIYKQMFEKKKGKIETYSYLVDIKEDINFEFVYFTDISKLYRRLSQETTKLKEERGLQFLLLLQSPFITKL
LGTIRLLNQMPIVKLSLNEVLLPQLNWQPTLLKKLVNHVLSSGSWISHLIKLSQYSNIPICNLRLDSMDYIIDVLYARKL
KKENIVLWWNEKAPLPDHGGIQNDFDLNTSWIMNDSEFPKINNSGVYDNVVLDVGVDNLTVNTILTSALINDAEGSDLVN
NNMGIDDKDAVINSPSEFVHDAFSNDALNVLRGMLKEWWDEALKENSTADLLVNSLASWVQNPNAKLFDGLLRYHVHNLT
KKALLQLVNEFSALGSTIVYADRNQILIKTNKYSPENCYAYSQYMMKAVRTNPMFSYLDLNIKRYWDLLIWMDKFNFSGL
ACIEIEEKENQDYTAVSQWQLKKFLSPIYQPEFEDWMMIILDSMLKTKQSYLKLNSGTQRPTQIVNVKKQDKEDSVENSL
NGFSHLFSKPLMKRVKKLFKNQQEFILDPQYEADYVIPVLPGSHLNVKNPLLELVKSLCHVMLLSKSTILEIRTLRKELL
KIFELREFAKVAEFKDPSLSLVVPDFLCEYCFFISDIDFCKAAPESIFSCVRCHKAFNQVLLQEHLIQKLRSDIESYLIQ
DLRCSRCHKVKRDYMSAHCPCAGAWEGTLPRESIVQKLNVFKQVAKYYGFDILLSCIADLTI
;
N,Q
#
loop_
_chem_comp.id
_chem_comp.type
_chem_comp.name
_chem_comp.formula
ADP non-polymer ADENOSINE-5'-DIPHOSPHATE 'C10 H15 N5 O10 P2'
ATP non-polymer ADENOSINE-5'-TRIPHOSPHATE 'C10 H16 N5 O13 P3'
DA DNA linking 2'-DEOXYADENOSINE-5'-MONOPHOSPHATE 'C10 H14 N5 O6 P'
DT DNA linking THYMIDINE-5'-MONOPHOSPHATE 'C10 H15 N2 O8 P'
MG non-polymer 'MAGNESIUM ION' 'Mg 2'
ZN non-polymer 'ZINC ION' 'Zn 2'
#
# COMPACT_ATOMS: atom_id res chain seq x y z
N GLU A 180 -10.86 5.97 58.78
CA GLU A 180 -12.22 6.51 58.70
C GLU A 180 -12.23 8.00 59.03
N LEU A 181 -13.25 8.70 58.53
CA LEU A 181 -13.41 10.13 58.74
C LEU A 181 -14.60 10.37 59.67
N THR A 182 -14.86 11.64 59.95
CA THR A 182 -15.93 12.07 60.84
C THR A 182 -16.66 13.23 60.18
N LEU A 183 -17.88 13.50 60.65
CA LEU A 183 -18.66 14.61 60.09
C LEU A 183 -17.90 15.93 60.18
N GLU A 184 -17.02 16.08 61.17
CA GLU A 184 -16.18 17.26 61.24
C GLU A 184 -15.15 17.29 60.12
N SER A 185 -14.68 16.11 59.71
CA SER A 185 -13.62 16.01 58.70
C SER A 185 -14.13 16.21 57.28
N LEU A 186 -15.44 16.11 57.05
CA LEU A 186 -15.97 16.34 55.71
C LEU A 186 -16.00 17.83 55.37
N SER A 187 -15.82 18.70 56.36
CA SER A 187 -15.80 20.13 56.10
C SER A 187 -14.62 20.52 55.23
N ASN A 188 -13.41 20.06 55.60
CA ASN A 188 -12.23 20.34 54.80
C ASN A 188 -12.29 19.57 53.49
N VAL A 189 -11.90 20.23 52.40
CA VAL A 189 -12.03 19.68 51.06
C VAL A 189 -10.66 19.64 50.40
N LYS A 190 -10.45 18.67 49.52
CA LYS A 190 -9.22 18.54 48.74
C LYS A 190 -9.62 18.40 47.28
N ALA A 191 -8.61 18.22 46.43
CA ALA A 191 -8.71 18.03 44.98
C ALA A 191 -9.24 19.27 44.27
N ASN A 192 -9.51 20.37 44.98
CA ASN A 192 -9.94 21.64 44.39
C ASN A 192 -11.27 21.51 43.66
N SER A 193 -11.96 20.39 43.83
CA SER A 193 -13.27 20.17 43.22
C SER A 193 -14.10 19.31 44.15
N TYR A 194 -15.39 19.65 44.30
CA TYR A 194 -16.24 18.90 45.22
C TYR A 194 -16.57 17.51 44.67
N SER A 195 -16.70 17.38 43.34
CA SER A 195 -17.05 16.08 42.78
C SER A 195 -15.98 15.04 43.07
N GLU A 196 -14.71 15.40 42.86
CA GLU A 196 -13.63 14.46 43.14
C GLU A 196 -13.52 14.17 44.63
N TRP A 197 -13.80 15.17 45.47
CA TRP A 197 -13.78 14.95 46.91
C TRP A 197 -14.86 13.96 47.33
N ILE A 198 -16.05 14.06 46.72
CA ILE A 198 -17.14 13.15 47.05
C ILE A 198 -16.84 11.74 46.54
N THR A 199 -16.25 11.63 45.34
CA THR A 199 -16.12 10.31 44.72
C THR A 199 -14.94 9.52 45.27
N GLN A 200 -14.17 10.07 46.20
CA GLN A 200 -13.04 9.33 46.75
C GLN A 200 -13.53 8.16 47.58
N PRO A 201 -12.84 7.02 47.57
CA PRO A 201 -13.35 5.82 48.26
C PRO A 201 -13.53 5.99 49.75
N ASN A 202 -12.67 6.75 50.42
CA ASN A 202 -12.79 6.89 51.87
C ASN A 202 -13.92 7.83 52.24
N VAL A 203 -14.15 8.88 51.44
CA VAL A 203 -15.22 9.82 51.73
C VAL A 203 -16.59 9.18 51.48
N SER A 204 -16.70 8.40 50.41
CA SER A 204 -17.95 7.76 50.03
C SER A 204 -18.39 6.68 51.00
N ARG A 205 -17.53 6.23 51.90
CA ARG A 205 -17.93 5.30 52.95
C ARG A 205 -18.49 6.01 54.18
N THR A 206 -17.95 7.18 54.52
CA THR A 206 -18.53 8.01 55.57
C THR A 206 -19.85 8.64 55.15
N ILE A 207 -19.96 9.05 53.88
CA ILE A 207 -21.20 9.64 53.40
C ILE A 207 -22.34 8.63 53.47
N ALA A 208 -22.09 7.39 53.06
CA ALA A 208 -23.13 6.38 53.09
C ALA A 208 -23.59 6.08 54.52
N ARG A 209 -22.65 5.97 55.45
CA ARG A 209 -23.00 5.71 56.83
C ARG A 209 -23.80 6.86 57.43
N GLU A 210 -23.39 8.10 57.16
CA GLU A 210 -24.12 9.25 57.68
C GLU A 210 -25.53 9.31 57.10
N LEU A 211 -25.66 9.03 55.79
CA LEU A 211 -26.98 9.04 55.17
C LEU A 211 -27.88 7.94 55.76
N LYS A 212 -27.31 6.75 56.01
CA LYS A 212 -28.10 5.70 56.63
C LYS A 212 -28.51 6.05 58.04
N SER A 213 -27.62 6.68 58.82
CA SER A 213 -27.98 7.13 60.15
C SER A 213 -29.09 8.17 60.10
N PHE A 214 -29.03 9.08 59.12
CA PHE A 214 -30.11 10.05 58.94
C PHE A 214 -31.42 9.37 58.62
N LEU A 215 -31.39 8.38 57.73
CA LEU A 215 -32.62 7.67 57.36
C LEU A 215 -33.20 6.92 58.55
N LEU A 216 -32.35 6.32 59.38
CA LEU A 216 -32.86 5.44 60.43
C LEU A 216 -33.27 6.21 61.67
N GLU A 217 -32.51 7.24 62.04
CA GLU A 217 -32.60 7.83 63.38
C GLU A 217 -33.32 9.16 63.44
N TYR A 218 -33.78 9.70 62.32
CA TYR A 218 -34.42 11.01 62.35
C TYR A 218 -35.80 10.92 62.99
N THR A 219 -36.10 11.88 63.85
CA THR A 219 -37.40 12.00 64.50
C THR A 219 -37.85 13.45 64.46
N ASP A 220 -39.16 13.65 64.36
CA ASP A 220 -39.74 14.98 64.35
C ASP A 220 -40.09 15.38 65.78
N GLU A 221 -40.88 16.45 65.92
CA GLU A 221 -41.22 16.96 67.25
C GLU A 221 -41.97 15.94 68.08
N THR A 222 -42.93 15.23 67.46
CA THR A 222 -43.73 14.26 68.20
C THR A 222 -42.96 13.00 68.56
N GLY A 223 -41.79 12.78 67.98
CA GLY A 223 -40.96 11.65 68.36
C GLY A 223 -41.13 10.40 67.53
N ARG A 224 -41.77 10.47 66.38
CA ARG A 224 -41.98 9.33 65.51
C ARG A 224 -41.08 9.42 64.28
N SER A 225 -40.38 8.33 63.99
CA SER A 225 -39.53 8.29 62.80
C SER A 225 -40.40 8.28 61.55
N VAL A 226 -40.18 9.27 60.68
CA VAL A 226 -41.04 9.43 59.51
C VAL A 226 -40.59 8.54 58.36
N TYR A 227 -39.28 8.37 58.19
CA TYR A 227 -38.78 7.63 57.04
C TYR A 227 -39.01 6.13 57.22
N GLY A 228 -39.03 5.65 58.45
CA GLY A 228 -39.42 4.27 58.68
C GLY A 228 -40.84 4.00 58.25
N ALA A 229 -41.75 4.92 58.58
CA ALA A 229 -43.14 4.78 58.14
C ALA A 229 -43.25 4.87 56.62
N ARG A 230 -42.49 5.77 56.00
CA ARG A 230 -42.52 5.88 54.54
C ARG A 230 -42.02 4.59 53.89
N ILE A 231 -40.96 4.00 54.43
CA ILE A 231 -40.47 2.73 53.92
C ILE A 231 -41.51 1.62 54.11
N ARG A 232 -42.19 1.62 55.26
CA ARG A 232 -43.24 0.62 55.49
C ARG A 232 -44.35 0.74 54.45
N THR A 233 -44.78 1.97 54.15
CA THR A 233 -45.80 2.19 53.13
C THR A 233 -45.31 1.86 51.73
N LEU A 234 -44.01 2.05 51.47
CA LEU A 234 -43.46 1.81 50.13
C LEU A 234 -43.70 0.38 49.69
N GLY A 235 -43.38 -0.60 50.55
CA GLY A 235 -43.59 -1.98 50.18
C GLY A 235 -45.06 -2.33 50.04
N GLU A 236 -45.91 -1.78 50.92
CA GLU A 236 -47.33 -2.02 50.83
C GLU A 236 -47.88 -1.57 49.48
N MET A 237 -47.50 -0.38 49.03
CA MET A 237 -48.01 0.15 47.77
C MET A 237 -47.24 -0.36 46.56
N ASN A 238 -46.23 -1.21 46.76
CA ASN A 238 -45.35 -1.67 45.68
C ASN A 238 -44.73 -0.48 44.94
N SER A 239 -44.37 0.54 45.70
CA SER A 239 -43.78 1.74 45.12
C SER A 239 -42.32 1.49 44.75
N GLU A 240 -41.78 2.40 43.95
CA GLU A 240 -40.41 2.30 43.45
C GLU A 240 -39.61 3.55 43.82
N SER A 241 -40.21 4.46 44.57
CA SER A 241 -39.57 5.74 44.86
C SER A 241 -39.74 6.09 46.34
N LEU A 242 -38.81 6.89 46.85
CA LEU A 242 -38.85 7.40 48.21
C LEU A 242 -38.75 8.91 48.18
N GLU A 243 -39.55 9.59 48.99
CA GLU A 243 -39.59 11.04 49.06
C GLU A 243 -38.86 11.50 50.31
N VAL A 244 -37.84 12.33 50.13
CA VAL A 244 -37.02 12.84 51.22
C VAL A 244 -37.11 14.37 51.20
N ASN A 245 -37.42 14.96 52.35
CA ASN A 245 -37.52 16.41 52.43
C ASN A 245 -36.14 17.03 52.62
N TYR A 246 -35.91 18.14 51.92
CA TYR A 246 -34.60 18.81 51.99
C TYR A 246 -34.42 19.53 53.32
N ARG A 247 -35.50 20.02 53.91
CA ARG A 247 -35.39 20.72 55.18
C ARG A 247 -34.92 19.80 56.29
N HIS A 248 -35.40 18.55 56.30
CA HIS A 248 -34.98 17.59 57.32
C HIS A 248 -33.48 17.31 57.22
N LEU A 249 -32.98 17.12 56.00
CA LEU A 249 -31.57 16.78 55.82
C LEU A 249 -30.69 18.01 55.91
N ALA A 250 -31.29 19.21 55.85
CA ALA A 250 -30.51 20.42 56.06
C ALA A 250 -30.42 20.80 57.54
N GLU A 251 -31.50 20.54 58.29
CA GLU A 251 -31.49 20.88 59.72
C GLU A 251 -30.44 20.09 60.47
N SER A 252 -30.31 18.80 60.17
CA SER A 252 -29.25 17.96 60.69
C SER A 252 -28.42 17.43 59.54
N LYS A 253 -27.10 17.42 59.72
CA LYS A 253 -26.15 17.04 58.67
C LYS A 253 -26.24 18.00 57.49
N ALA A 254 -25.96 19.28 57.78
CA ALA A 254 -26.10 20.33 56.76
C ALA A 254 -25.02 20.24 55.69
N ILE A 255 -23.89 19.63 56.02
CA ILE A 255 -22.82 19.47 55.03
C ILE A 255 -23.28 18.55 53.90
N LEU A 256 -23.98 17.47 54.24
CA LEU A 256 -24.55 16.61 53.21
C LEU A 256 -25.58 17.35 52.37
N ALA A 257 -26.33 18.26 53.00
CA ALA A 257 -27.29 19.06 52.24
C ALA A 257 -26.58 19.96 51.24
N LEU A 258 -25.49 20.61 51.66
CA LEU A 258 -24.73 21.44 50.72
C LEU A 258 -24.13 20.60 49.60
N PHE A 259 -23.61 19.43 49.93
CA PHE A 259 -23.05 18.55 48.91
C PHE A 259 -24.11 18.11 47.91
N LEU A 260 -25.31 17.78 48.39
CA LEU A 260 -26.41 17.43 47.48
C LEU A 260 -26.81 18.62 46.63
N ALA A 261 -26.80 19.82 47.21
CA ALA A 261 -27.16 21.02 46.46
C ALA A 261 -26.18 21.27 45.31
N LYS A 262 -24.89 21.11 45.55
CA LYS A 262 -23.91 21.45 44.52
C LYS A 262 -23.67 20.29 43.55
N CYS A 263 -23.60 19.06 44.05
CA CYS A 263 -23.26 17.89 43.23
C CYS A 263 -24.35 16.85 43.34
N PRO A 264 -25.38 16.93 42.49
CA PRO A 264 -26.50 15.98 42.59
C PRO A 264 -26.17 14.59 42.06
N GLU A 265 -25.46 14.49 40.94
CA GLU A 265 -25.35 13.21 40.25
C GLU A 265 -24.65 12.16 41.09
N GLU A 266 -23.53 12.53 41.74
CA GLU A 266 -22.78 11.56 42.52
C GLU A 266 -23.46 11.27 43.85
N MET A 267 -24.10 12.27 44.45
CA MET A 267 -24.80 12.05 45.71
C MET A 267 -26.01 11.13 45.54
N LEU A 268 -26.75 11.29 44.44
CA LEU A 268 -27.95 10.50 44.22
C LEU A 268 -27.67 9.02 44.03
N LYS A 269 -26.57 8.66 43.37
CA LYS A 269 -26.22 7.25 43.22
C LYS A 269 -25.99 6.58 44.57
N ILE A 270 -25.26 7.25 45.47
CA ILE A 270 -25.02 6.70 46.80
C ILE A 270 -26.32 6.66 47.60
N PHE A 271 -27.14 7.71 47.47
CA PHE A 271 -28.32 7.80 48.33
C PHE A 271 -29.37 6.79 47.91
N ASP A 272 -29.45 6.46 46.61
CA ASP A 272 -30.34 5.39 46.17
C ASP A 272 -29.91 4.05 46.74
N LEU A 273 -28.61 3.76 46.74
CA LEU A 273 -28.12 2.50 47.28
C LEU A 273 -28.41 2.40 48.77
N VAL A 274 -28.17 3.47 49.52
CA VAL A 274 -28.43 3.42 50.95
C VAL A 274 -29.93 3.34 51.22
N ALA A 275 -30.74 3.94 50.35
CA ALA A 275 -32.19 3.82 50.49
C ALA A 275 -32.65 2.39 50.28
N MET A 276 -32.10 1.70 49.28
CA MET A 276 -32.46 0.30 49.08
C MET A 276 -32.00 -0.56 50.25
N GLU A 277 -30.80 -0.29 50.78
CA GLU A 277 -30.33 -1.04 51.94
C GLU A 277 -31.24 -0.83 53.15
N ALA A 278 -31.70 0.41 53.36
CA ALA A 278 -32.63 0.68 54.46
C ALA A 278 -33.98 0.02 54.21
N THR A 279 -34.41 -0.02 52.96
CA THR A 279 -35.67 -0.67 52.62
C THR A 279 -35.63 -2.18 52.85
N GLU A 280 -34.49 -2.81 52.62
CA GLU A 280 -34.38 -4.25 52.82
C GLU A 280 -34.22 -4.64 54.29
N LEU A 281 -34.50 -3.73 55.21
CA LEU A 281 -34.58 -4.05 56.63
C LEU A 281 -36.02 -4.25 57.11
N HIS A 282 -37.01 -3.77 56.35
CA HIS A 282 -38.41 -4.03 56.62
C HIS A 282 -39.02 -5.06 55.70
N TYR A 283 -38.54 -5.14 54.45
CA TYR A 283 -39.03 -6.12 53.49
C TYR A 283 -37.84 -6.85 52.90
N PRO A 284 -37.33 -7.86 53.59
CA PRO A 284 -36.32 -8.73 52.97
C PRO A 284 -36.91 -9.46 51.77
N ASP A 285 -36.06 -9.77 50.81
CA ASP A 285 -36.38 -10.37 49.52
C ASP A 285 -37.19 -9.41 48.65
N TYR A 286 -37.16 -8.11 48.94
CA TYR A 286 -37.87 -7.14 48.11
C TYR A 286 -37.25 -6.98 46.73
N ALA A 287 -36.04 -7.51 46.52
CA ALA A 287 -35.40 -7.39 45.22
C ALA A 287 -36.13 -8.16 44.13
N ARG A 288 -37.03 -9.08 44.50
CA ARG A 288 -37.80 -9.79 43.49
C ARG A 288 -38.93 -8.94 42.95
N ILE A 289 -39.34 -7.89 43.66
CA ILE A 289 -40.34 -6.96 43.12
C ILE A 289 -39.67 -5.86 42.31
N HIS A 290 -38.83 -5.06 42.96
CA HIS A 290 -38.11 -3.99 42.28
C HIS A 290 -36.63 -4.10 42.63
N SER A 291 -35.76 -3.81 41.65
CA SER A 291 -34.33 -3.98 41.81
C SER A 291 -33.63 -2.72 42.30
N GLU A 292 -34.19 -1.54 42.09
CA GLU A 292 -33.59 -0.30 42.57
C GLU A 292 -34.66 0.58 43.17
N ILE A 293 -34.26 1.39 44.15
CA ILE A 293 -35.13 2.37 44.80
C ILE A 293 -34.65 3.75 44.42
N HIS A 294 -35.56 4.57 43.88
CA HIS A 294 -35.24 5.94 43.47
C HIS A 294 -35.62 6.91 44.57
N VAL A 295 -34.91 8.03 44.63
CA VAL A 295 -35.12 9.03 45.68
C VAL A 295 -35.61 10.32 45.03
N ARG A 296 -36.69 10.87 45.59
CA ARG A 296 -37.33 12.07 45.07
C ARG A 296 -37.12 13.20 46.09
N ILE A 297 -36.40 14.24 45.68
CA ILE A 297 -36.11 15.35 46.58
C ILE A 297 -37.28 16.33 46.59
N SER A 298 -37.57 16.89 47.75
CA SER A 298 -38.71 17.77 47.94
C SER A 298 -38.31 19.03 48.67
N ASP A 299 -39.06 20.10 48.40
CA ASP A 299 -38.92 21.37 49.12
C ASP A 299 -37.51 21.93 49.05
N PHE A 300 -36.97 22.04 47.83
CA PHE A 300 -35.72 22.74 47.64
C PHE A 300 -35.91 24.23 47.94
N PRO A 301 -34.99 24.85 48.68
CA PRO A 301 -35.25 26.21 49.17
C PRO A 301 -35.34 27.27 48.07
N THR A 302 -34.41 27.27 47.11
CA THR A 302 -34.34 28.31 46.10
C THR A 302 -35.15 27.90 44.87
N ILE A 303 -36.03 28.80 44.42
CA ILE A 303 -36.87 28.58 43.25
C ILE A 303 -36.45 29.59 42.19
N TYR A 304 -36.17 29.11 40.99
CA TYR A 304 -35.77 29.94 39.86
C TYR A 304 -36.89 30.02 38.84
N SER A 305 -36.76 31.01 37.95
CA SER A 305 -37.59 31.09 36.76
C SER A 305 -36.74 30.75 35.54
N LEU A 306 -37.41 30.36 34.45
CA LEU A 306 -36.70 29.96 33.24
C LEU A 306 -35.92 31.13 32.65
N ARG A 307 -36.35 32.35 32.94
CA ARG A 307 -35.68 33.53 32.39
C ARG A 307 -34.34 33.81 33.06
N GLU A 308 -34.13 33.35 34.30
CA GLU A 308 -32.96 33.69 35.08
C GLU A 308 -31.98 32.53 35.22
N LEU A 309 -32.00 31.57 34.30
CA LEU A 309 -31.04 30.49 34.28
C LEU A 309 -29.78 30.93 33.54
N ARG A 310 -28.62 30.76 34.17
CA ARG A 310 -27.35 31.16 33.60
C ARG A 310 -26.38 29.98 33.65
N GLU A 311 -25.15 30.23 33.21
CA GLU A 311 -24.14 29.18 33.15
C GLU A 311 -23.60 28.78 34.51
N SER A 312 -23.78 29.62 35.53
CA SER A 312 -23.33 29.27 36.87
C SER A 312 -24.16 28.16 37.49
N ASN A 313 -25.33 27.87 36.94
CA ASN A 313 -26.20 26.82 37.44
C ASN A 313 -25.96 25.48 36.74
N LEU A 314 -24.93 25.39 35.92
CA LEU A 314 -24.61 24.17 35.21
C LEU A 314 -24.19 23.07 36.18
N SER A 315 -24.72 21.87 35.95
CA SER A 315 -24.43 20.69 36.78
C SER A 315 -24.76 20.95 38.25
N SER A 316 -25.99 21.40 38.50
CA SER A 316 -26.44 21.64 39.86
C SER A 316 -27.95 21.40 39.92
N LEU A 317 -28.43 21.20 41.14
CA LEU A 317 -29.86 20.97 41.34
C LEU A 317 -30.62 22.29 41.34
N VAL A 318 -31.71 22.34 40.58
CA VAL A 318 -32.49 23.55 40.41
C VAL A 318 -33.97 23.22 40.54
N ARG A 319 -34.78 24.23 40.84
CA ARG A 319 -36.22 24.13 40.98
C ARG A 319 -36.86 25.16 40.06
N VAL A 320 -37.68 24.70 39.12
CA VAL A 320 -38.21 25.55 38.06
C VAL A 320 -39.69 25.27 37.87
N THR A 321 -40.50 26.33 37.81
CA THR A 321 -41.92 26.22 37.54
C THR A 321 -42.20 26.52 36.07
N GLY A 322 -43.19 25.86 35.51
CA GLY A 322 -43.51 26.07 34.11
C GLY A 322 -44.86 25.48 33.76
N VAL A 323 -45.18 25.53 32.47
CA VAL A 323 -46.43 25.01 31.93
C VAL A 323 -46.10 23.97 30.88
N VAL A 324 -46.62 22.74 31.06
CA VAL A 324 -46.41 21.68 30.09
C VAL A 324 -47.09 22.05 28.78
N THR A 325 -46.38 21.85 27.66
CA THR A 325 -46.91 22.18 26.35
C THR A 325 -47.06 20.98 25.42
N ARG A 326 -46.03 20.14 25.30
CA ARG A 326 -46.04 19.03 24.37
C ARG A 326 -45.27 17.86 24.97
N ARG A 327 -45.74 16.64 24.68
CA ARG A 327 -45.18 15.43 25.27
C ARG A 327 -44.90 14.42 24.16
N THR A 328 -43.71 13.84 24.17
CA THR A 328 -43.31 12.97 23.06
C THR A 328 -44.01 11.62 23.12
N GLY A 329 -44.14 11.04 24.30
CA GLY A 329 -44.64 9.69 24.42
C GLY A 329 -43.58 8.74 24.94
N VAL A 330 -44.03 7.56 25.37
CA VAL A 330 -43.18 6.63 26.09
C VAL A 330 -42.55 5.64 25.11
N PHE A 331 -41.22 5.56 25.13
CA PHE A 331 -40.44 4.59 24.37
C PHE A 331 -39.43 3.92 25.28
N PRO A 332 -39.07 2.67 25.00
CA PRO A 332 -37.99 2.02 25.75
C PRO A 332 -36.63 2.56 25.37
N GLN A 333 -35.74 2.67 26.36
CA GLN A 333 -34.38 3.16 26.15
C GLN A 333 -33.39 2.21 26.79
N LEU A 334 -32.25 2.05 26.12
CA LEU A 334 -31.20 1.16 26.63
C LEU A 334 -30.64 1.69 27.95
N LYS A 335 -30.30 0.75 28.83
CA LYS A 335 -29.75 1.08 30.14
C LYS A 335 -28.29 0.63 30.26
N TYR A 336 -28.01 -0.64 30.03
CA TYR A 336 -26.64 -1.17 30.01
C TYR A 336 -26.31 -1.56 28.57
N VAL A 337 -25.58 -0.68 27.88
CA VAL A 337 -25.28 -0.85 26.46
C VAL A 337 -24.09 -1.78 26.32
N LYS A 338 -24.17 -2.69 25.34
CA LYS A 338 -23.13 -3.67 25.05
C LYS A 338 -22.71 -3.54 23.60
N PHE A 339 -21.48 -3.98 23.30
CA PHE A 339 -20.97 -4.00 21.94
C PHE A 339 -20.21 -5.30 21.69
N ASN A 340 -20.20 -5.70 20.43
CA ASN A 340 -19.49 -6.89 19.97
C ASN A 340 -18.68 -6.56 18.72
N CYS A 341 -17.43 -7.04 18.71
CA CYS A 341 -16.52 -6.86 17.58
C CYS A 341 -16.23 -8.22 16.96
N LEU A 342 -16.23 -8.28 15.63
CA LEU A 342 -16.29 -9.56 14.93
C LEU A 342 -14.90 -10.17 14.74
N LYS A 343 -13.93 -9.37 14.31
CA LYS A 343 -12.63 -9.93 13.95
C LYS A 343 -11.91 -10.49 15.16
N CYS A 344 -12.08 -9.86 16.33
CA CYS A 344 -11.62 -10.42 17.59
C CYS A 344 -12.76 -11.06 18.38
N GLY A 345 -14.00 -10.90 17.92
CA GLY A 345 -15.14 -11.48 18.61
C GLY A 345 -15.29 -11.00 20.04
N SER A 346 -14.84 -9.78 20.31
CA SER A 346 -14.81 -9.30 21.68
C SER A 346 -16.17 -8.77 22.11
N ILE A 347 -16.54 -9.05 23.35
CA ILE A 347 -17.73 -8.50 23.98
C ILE A 347 -17.28 -7.45 24.99
N LEU A 348 -17.85 -6.25 24.89
CA LEU A 348 -17.45 -5.14 25.74
C LEU A 348 -18.31 -5.10 26.99
N GLY A 349 -17.73 -4.57 28.07
CA GLY A 349 -18.43 -4.48 29.33
C GLY A 349 -19.61 -3.54 29.25
N PRO A 350 -20.57 -3.71 30.17
CA PRO A 350 -21.76 -2.85 30.16
C PRO A 350 -21.39 -1.39 30.32
N PHE A 351 -22.06 -0.53 29.57
CA PHE A 351 -21.85 0.91 29.64
C PHE A 351 -23.15 1.58 30.06
N PHE A 352 -23.06 2.50 31.01
CA PHE A 352 -24.22 3.26 31.46
C PHE A 352 -24.44 4.44 30.52
N GLN A 353 -25.60 4.46 29.88
CA GLN A 353 -25.88 5.50 28.88
C GLN A 353 -26.27 6.81 29.56
N ASP A 354 -25.82 7.92 28.98
CA ASP A 354 -26.03 9.23 29.59
C ASP A 354 -27.49 9.67 29.48
N SER A 355 -28.26 9.01 28.60
CA SER A 355 -29.67 9.31 28.33
C SER A 355 -29.82 10.60 27.54
N ASN A 356 -28.70 11.30 27.28
CA ASN A 356 -28.69 12.43 26.38
C ASN A 356 -27.50 12.45 25.44
N GLU A 357 -26.58 11.50 25.57
CA GLU A 357 -25.43 11.41 24.68
C GLU A 357 -25.21 9.96 24.31
N GLU A 358 -25.04 9.69 23.02
CA GLU A 358 -24.86 8.33 22.54
C GLU A 358 -23.52 7.78 23.03
N ILE A 359 -23.54 6.52 23.47
CA ILE A 359 -22.31 5.87 23.92
C ILE A 359 -21.36 5.72 22.75
N ARG A 360 -20.15 6.27 22.88
CA ARG A 360 -19.15 6.26 21.82
C ARG A 360 -17.97 5.41 22.28
N ILE A 361 -17.72 4.32 21.55
CA ILE A 361 -16.60 3.44 21.83
C ILE A 361 -15.92 3.12 20.51
N SER A 362 -14.59 3.27 20.48
CA SER A 362 -13.82 2.96 19.29
C SER A 362 -12.60 2.07 19.55
N PHE A 363 -12.15 1.93 20.78
CA PHE A 363 -10.96 1.16 21.10
C PHE A 363 -11.34 -0.19 21.69
N CYS A 364 -10.59 -1.22 21.31
CA CYS A 364 -10.78 -2.58 21.78
C CYS A 364 -9.73 -2.91 22.82
N THR A 365 -10.16 -3.59 23.89
CA THR A 365 -9.19 -4.11 24.86
C THR A 365 -8.47 -5.33 24.31
N ASN A 366 -9.08 -6.01 23.35
CA ASN A 366 -8.52 -7.23 22.76
C ASN A 366 -8.13 -7.07 21.30
N CYS A 367 -9.02 -6.49 20.49
CA CYS A 367 -8.77 -6.37 19.05
C CYS A 367 -7.61 -5.41 18.77
N LYS A 368 -7.33 -4.50 19.70
CA LYS A 368 -6.27 -3.50 19.60
C LYS A 368 -6.41 -2.56 18.41
N SER A 369 -7.54 -2.59 17.70
CA SER A 369 -7.69 -1.77 16.51
C SER A 369 -9.17 -1.52 16.27
N LYS A 370 -9.45 -0.62 15.31
CA LYS A 370 -10.81 -0.30 14.96
C LYS A 370 -11.53 -1.53 14.39
N GLY A 371 -12.74 -1.77 14.87
CA GLY A 371 -13.53 -2.89 14.41
C GLY A 371 -15.01 -2.59 14.42
N PRO A 372 -15.76 -3.26 13.54
CA PRO A 372 -17.22 -3.09 13.55
C PRO A 372 -17.84 -3.44 14.89
N PHE A 373 -18.81 -2.66 15.34
CA PHE A 373 -19.43 -2.84 16.64
C PHE A 373 -20.91 -3.08 16.46
N ARG A 374 -21.41 -4.18 17.02
CA ARG A 374 -22.83 -4.49 17.02
C ARG A 374 -23.47 -3.97 18.30
N VAL A 375 -24.80 -4.10 18.37
CA VAL A 375 -25.57 -3.67 19.53
C VAL A 375 -25.74 -4.80 20.54
N ASN A 376 -25.20 -5.99 20.25
CA ASN A 376 -25.38 -7.17 21.08
C ASN A 376 -26.87 -7.46 21.25
N GLY A 377 -27.52 -7.82 20.14
CA GLY A 377 -28.95 -8.06 20.10
C GLY A 377 -29.47 -8.97 21.19
N GLU A 378 -30.55 -8.55 21.84
CA GLU A 378 -31.20 -9.28 22.93
C GLU A 378 -30.30 -9.32 24.16
N LYS A 379 -30.83 -9.82 25.27
CA LYS A 379 -30.12 -9.87 26.55
C LYS A 379 -29.66 -8.47 26.95
N THR A 380 -30.62 -7.61 27.27
CA THR A 380 -30.35 -6.24 27.68
C THR A 380 -31.50 -5.72 28.54
N VAL A 381 -31.22 -4.64 29.27
CA VAL A 381 -32.18 -4.04 30.19
C VAL A 381 -32.59 -2.67 29.66
N TYR A 382 -33.88 -2.39 29.70
CA TYR A 382 -34.43 -1.13 29.18
C TYR A 382 -35.02 -0.30 30.32
N ARG A 383 -35.25 0.97 30.02
CA ARG A 383 -35.95 1.89 30.91
C ARG A 383 -36.98 2.68 30.11
N ASN A 384 -37.95 3.25 30.82
CA ASN A 384 -38.94 4.11 30.18
C ASN A 384 -38.41 5.53 30.05
N TYR A 385 -38.58 6.11 28.87
CA TYR A 385 -38.06 7.44 28.56
C TYR A 385 -39.15 8.29 27.94
N GLN A 386 -39.17 9.57 28.30
CA GLN A 386 -40.14 10.51 27.73
C GLN A 386 -39.54 11.91 27.77
N ARG A 387 -40.05 12.78 26.90
CA ARG A 387 -39.56 14.15 26.81
C ARG A 387 -40.73 15.12 26.77
N VAL A 388 -40.54 16.27 27.42
CA VAL A 388 -41.57 17.29 27.54
C VAL A 388 -40.92 18.66 27.38
N THR A 389 -41.74 19.66 27.04
CA THR A 389 -41.30 21.04 26.87
C THR A 389 -42.04 21.92 27.86
N LEU A 390 -41.30 22.70 28.65
CA LEU A 390 -41.89 23.59 29.64
C LEU A 390 -41.76 25.04 29.18
N GLN A 391 -42.89 25.70 28.97
CA GLN A 391 -42.93 27.13 28.75
C GLN A 391 -43.08 27.85 30.08
N GLU A 392 -42.82 29.16 30.07
CA GLU A 392 -43.03 29.95 31.27
C GLU A 392 -44.54 30.20 31.48
N ALA A 393 -44.93 30.21 32.75
CA ALA A 393 -46.32 30.46 33.08
C ALA A 393 -46.71 31.89 32.75
N PRO A 394 -47.94 32.12 32.27
CA PRO A 394 -48.34 33.49 31.92
C PRO A 394 -48.28 34.45 33.09
N GLY A 395 -48.55 33.98 34.31
CA GLY A 395 -48.47 34.87 35.45
C GLY A 395 -47.05 35.33 35.75
N THR A 396 -46.08 34.43 35.61
CA THR A 396 -44.68 34.77 35.86
C THR A 396 -44.12 35.71 34.81
N VAL A 397 -44.48 35.53 33.54
CA VAL A 397 -43.97 36.33 32.44
C VAL A 397 -44.35 37.79 32.65
N PRO A 398 -43.42 38.72 32.47
CA PRO A 398 -43.78 40.15 32.53
C PRO A 398 -44.82 40.48 31.48
N PRO A 399 -45.72 41.42 31.78
CA PRO A 399 -46.81 41.73 30.83
C PRO A 399 -46.27 42.28 29.53
N GLY A 400 -46.52 41.54 28.45
CA GLY A 400 -46.18 41.98 27.11
C GLY A 400 -44.89 41.43 26.54
N ARG A 401 -44.23 40.51 27.23
CA ARG A 401 -42.97 39.94 26.78
C ARG A 401 -43.14 38.50 26.34
N LEU A 402 -42.23 38.06 25.47
CA LEU A 402 -42.28 36.71 24.92
C LEU A 402 -41.81 35.70 25.95
N PRO A 403 -42.45 34.54 26.03
CA PRO A 403 -42.03 33.52 27.01
C PRO A 403 -40.80 32.76 26.55
N ARG A 404 -40.21 32.02 27.49
CA ARG A 404 -39.07 31.17 27.23
C ARG A 404 -39.44 29.72 27.52
N HIS A 405 -38.73 28.80 26.87
CA HIS A 405 -39.04 27.39 26.99
C HIS A 405 -37.75 26.59 27.17
N ARG A 406 -37.91 25.38 27.74
CA ARG A 406 -36.79 24.48 27.96
C ARG A 406 -37.29 23.05 27.81
N GLU A 407 -36.36 22.12 27.66
CA GLU A 407 -36.66 20.71 27.46
C GLU A 407 -36.33 19.91 28.72
N VAL A 408 -37.22 18.97 29.05
CA VAL A 408 -37.12 18.16 30.26
C VAL A 408 -37.24 16.69 29.88
N ILE A 409 -36.34 15.87 30.40
CA ILE A 409 -36.32 14.43 30.18
C ILE A 409 -36.84 13.74 31.41
N LEU A 410 -37.88 12.92 31.23
CA LEU A 410 -38.52 12.15 32.30
C LEU A 410 -38.13 10.69 32.13
N LEU A 411 -37.58 10.10 33.18
CA LEU A 411 -37.16 8.71 33.14
C LEU A 411 -38.25 7.81 33.74
N ALA A 412 -37.89 6.56 33.99
CA ALA A 412 -38.84 5.58 34.51
C ALA A 412 -39.40 6.02 35.84
N ASP A 413 -40.66 5.65 36.10
CA ASP A 413 -41.47 5.95 37.28
C ASP A 413 -42.00 7.38 37.21
N LEU A 414 -41.50 8.20 36.29
CA LEU A 414 -41.95 9.59 36.16
C LEU A 414 -42.70 9.83 34.86
N VAL A 415 -42.94 8.81 34.06
CA VAL A 415 -43.60 8.98 32.77
C VAL A 415 -45.10 9.07 32.99
N ASP A 416 -45.75 9.93 32.21
CA ASP A 416 -47.20 10.17 32.16
C ASP A 416 -47.73 10.82 33.43
N VAL A 417 -46.86 11.28 34.35
CA VAL A 417 -47.34 11.98 35.53
C VAL A 417 -47.90 13.35 35.15
N SER A 418 -47.18 14.08 34.29
CA SER A 418 -47.60 15.41 33.84
C SER A 418 -48.37 15.29 32.54
N LYS A 419 -49.39 16.14 32.39
CA LYS A 419 -50.27 16.06 31.23
C LYS A 419 -50.21 17.36 30.43
N PRO A 420 -50.44 17.30 29.11
CA PRO A 420 -50.35 18.52 28.30
C PRO A 420 -51.42 19.53 28.63
N GLY A 421 -51.02 20.66 29.20
CA GLY A 421 -51.95 21.69 29.57
C GLY A 421 -51.85 22.09 31.03
N GLU A 422 -51.31 21.20 31.85
CA GLU A 422 -51.18 21.47 33.28
C GLU A 422 -50.00 22.41 33.54
N GLU A 423 -49.98 22.97 34.75
CA GLU A 423 -48.86 23.78 35.22
C GLU A 423 -48.15 23.02 36.33
N VAL A 424 -46.83 22.92 36.21
CA VAL A 424 -46.04 21.96 36.98
C VAL A 424 -44.83 22.67 37.56
N GLU A 425 -44.25 22.08 38.61
CA GLU A 425 -42.99 22.49 39.19
C GLU A 425 -42.04 21.30 39.20
N VAL A 426 -40.87 21.46 38.60
CA VAL A 426 -39.93 20.37 38.42
C VAL A 426 -38.62 20.70 39.13
N THR A 427 -38.13 19.75 39.91
CA THR A 427 -36.78 19.81 40.47
C THR A 427 -35.89 18.86 39.69
N GLY A 428 -34.75 19.36 39.26
CA GLY A 428 -33.92 18.56 38.38
C GLY A 428 -32.49 19.07 38.32
N ILE A 429 -31.76 18.56 37.33
CA ILE A 429 -30.35 18.89 37.12
C ILE A 429 -30.22 19.59 35.78
N TYR A 430 -29.48 20.70 35.76
CA TYR A 430 -29.32 21.50 34.56
C TYR A 430 -28.00 21.13 33.88
N LYS A 431 -28.09 20.69 32.62
CA LYS A 431 -26.95 20.11 31.93
C LYS A 431 -26.73 20.83 30.60
N ASN A 432 -25.61 20.51 29.96
CA ASN A 432 -25.23 21.06 28.67
C ASN A 432 -24.72 19.96 27.75
N ASN A 433 -24.81 20.20 26.44
CA ASN A 433 -24.39 19.23 25.45
C ASN A 433 -24.05 19.99 24.16
N TYR A 434 -23.20 19.36 23.33
CA TYR A 434 -22.72 19.98 22.11
C TYR A 434 -23.65 19.61 20.95
N ASP A 435 -24.08 20.63 20.20
CA ASP A 435 -24.96 20.44 19.05
C ASP A 435 -24.34 21.08 17.82
N GLY A 436 -24.25 20.31 16.74
CA GLY A 436 -23.65 20.83 15.52
C GLY A 436 -24.47 21.91 14.85
N ASN A 437 -25.79 21.72 14.79
CA ASN A 437 -26.66 22.69 14.14
C ASN A 437 -26.66 24.02 14.88
N LEU A 438 -26.65 23.99 16.21
CA LEU A 438 -26.62 25.22 16.98
C LEU A 438 -25.36 26.03 16.71
N ASN A 439 -24.22 25.36 16.60
CA ASN A 439 -22.97 26.01 16.23
C ASN A 439 -22.97 26.48 14.78
N ALA A 440 -23.65 25.75 13.89
CA ALA A 440 -23.64 26.13 12.49
C ALA A 440 -24.50 27.37 12.23
N LYS A 441 -25.68 27.43 12.85
CA LYS A 441 -26.59 28.54 12.57
C LYS A 441 -26.13 29.83 13.24
N ASN A 442 -25.91 29.80 14.55
CA ASN A 442 -25.53 31.00 15.28
C ASN A 442 -24.16 31.51 14.85
N GLY A 443 -23.20 30.61 14.63
CA GLY A 443 -21.87 30.98 14.21
C GLY A 443 -20.85 31.04 15.32
N PHE A 444 -21.19 30.65 16.54
CA PHE A 444 -20.30 30.64 17.68
C PHE A 444 -20.43 29.30 18.39
N PRO A 445 -19.39 28.86 19.11
CA PRO A 445 -19.44 27.55 19.78
C PRO A 445 -20.36 27.53 20.99
N VAL A 446 -21.65 27.68 20.74
CA VAL A 446 -22.65 27.67 21.81
C VAL A 446 -23.16 26.24 22.01
N PHE A 447 -23.68 25.96 23.21
CA PHE A 447 -24.09 24.62 23.59
C PHE A 447 -25.59 24.60 23.89
N ALA A 448 -26.17 23.42 23.77
CA ALA A 448 -27.57 23.21 24.09
C ALA A 448 -27.73 22.78 25.55
N THR A 449 -28.86 23.15 26.15
CA THR A 449 -29.14 22.83 27.55
C THR A 449 -30.42 22.03 27.64
N ILE A 450 -30.53 21.22 28.69
CA ILE A 450 -31.69 20.36 28.93
C ILE A 450 -31.70 20.01 30.41
N ILE A 451 -32.88 19.68 30.94
CA ILE A 451 -33.05 19.38 32.35
C ILE A 451 -33.50 17.93 32.49
N GLU A 452 -32.78 17.16 33.29
CA GLU A 452 -33.19 15.81 33.63
C GLU A 452 -34.02 15.84 34.91
N ALA A 453 -35.30 15.47 34.80
CA ALA A 453 -36.25 15.69 35.89
C ALA A 453 -35.99 14.74 37.04
N ASN A 454 -36.03 15.28 38.26
CA ASN A 454 -35.96 14.48 39.47
C ASN A 454 -37.28 14.42 40.23
N SER A 455 -37.94 15.55 40.43
CA SER A 455 -39.20 15.59 41.18
C SER A 455 -40.21 16.43 40.43
N ILE A 456 -41.49 16.04 40.55
CA ILE A 456 -42.60 16.70 39.88
C ILE A 456 -43.66 17.02 40.92
N LYS A 457 -44.15 18.26 40.92
CA LYS A 457 -45.25 18.66 41.78
C LYS A 457 -46.28 19.44 40.97
N ARG A 458 -47.55 19.06 41.12
CA ARG A 458 -48.61 19.72 40.39
C ARG A 458 -49.09 20.97 41.12
N ARG A 459 -49.34 22.03 40.35
CA ARG A 459 -49.80 23.31 40.89
C ARG A 459 -50.97 23.86 40.08
N GLU A 460 -51.78 22.98 39.49
CA GLU A 460 -52.90 23.40 38.64
C GLU A 460 -54.12 23.64 39.53
N GLY A 461 -54.47 24.91 39.73
CA GLY A 461 -55.58 25.28 40.58
C GLY A 461 -55.21 25.52 42.03
N ASN A 462 -53.96 25.31 42.41
CA ASN A 462 -53.53 25.37 43.80
C ASN A 462 -53.06 26.78 44.13
N THR A 463 -53.73 27.43 45.09
CA THR A 463 -53.25 28.67 45.67
C THR A 463 -52.67 28.48 47.06
N ALA A 464 -52.80 27.29 47.64
CA ALA A 464 -52.21 26.98 48.94
C ALA A 464 -50.72 26.67 48.86
N ASN A 465 -50.09 26.93 47.71
CA ASN A 465 -48.65 26.69 47.59
C ASN A 465 -47.83 27.62 48.46
N GLU A 466 -48.45 28.67 49.02
CA GLU A 466 -47.73 29.57 49.92
C GLU A 466 -47.16 28.82 51.11
N GLY A 467 -47.90 27.84 51.63
CA GLY A 467 -47.42 27.01 52.71
C GLY A 467 -47.33 25.55 52.31
N GLU A 468 -47.36 24.65 53.30
CA GLU A 468 -47.45 23.21 53.11
C GLU A 468 -46.13 22.63 52.62
N GLU A 469 -45.87 21.36 52.94
CA GLU A 469 -44.63 20.70 52.61
C GLU A 469 -44.91 19.35 51.97
N GLY A 470 -44.19 19.03 50.91
CA GLY A 470 -44.33 17.75 50.25
C GLY A 470 -44.60 17.87 48.76
N LEU A 471 -44.69 16.72 48.08
CA LEU A 471 -45.00 16.70 46.65
C LEU A 471 -46.48 16.63 46.36
N ASP A 472 -47.30 16.13 47.29
CA ASP A 472 -48.74 16.08 47.14
C ASP A 472 -49.38 16.37 48.49
N VAL A 473 -50.10 17.49 48.59
CA VAL A 473 -50.71 17.89 49.84
C VAL A 473 -52.09 17.27 50.04
N PHE A 474 -52.54 16.43 49.12
CA PHE A 474 -53.81 15.73 49.24
C PHE A 474 -53.62 14.27 49.64
N SER A 475 -52.40 13.89 50.02
CA SER A 475 -52.09 12.52 50.42
C SER A 475 -51.90 12.46 51.93
N TRP A 476 -52.19 11.29 52.49
CA TRP A 476 -52.26 11.11 53.93
C TRP A 476 -51.28 10.04 54.39
N THR A 477 -50.90 10.13 55.66
CA THR A 477 -50.10 9.11 56.32
C THR A 477 -50.99 8.26 57.23
N GLU A 478 -50.37 7.25 57.85
CA GLU A 478 -51.13 6.30 58.65
C GLU A 478 -51.77 6.97 59.87
N GLU A 479 -51.01 7.79 60.58
CA GLU A 479 -51.56 8.47 61.74
C GLU A 479 -52.67 9.44 61.34
N GLU A 480 -52.55 10.04 60.15
CA GLU A 480 -53.61 10.93 59.68
C GLU A 480 -54.88 10.17 59.36
N GLU A 481 -54.75 8.98 58.77
CA GLU A 481 -55.93 8.14 58.53
C GLU A 481 -56.57 7.70 59.84
N ARG A 482 -55.74 7.37 60.84
CA ARG A 482 -56.27 7.01 62.15
C ARG A 482 -57.00 8.19 62.78
N GLU A 483 -56.48 9.39 62.63
CA GLU A 483 -57.17 10.58 63.12
C GLU A 483 -58.48 10.81 62.38
N PHE A 484 -58.50 10.56 61.06
CA PHE A 484 -59.75 10.63 60.31
C PHE A 484 -60.79 9.70 60.90
N ARG A 485 -60.42 8.44 61.12
CA ARG A 485 -61.38 7.47 61.66
C ARG A 485 -61.74 7.80 63.10
N LYS A 486 -60.88 8.51 63.83
CA LYS A 486 -61.21 8.92 65.18
C LYS A 486 -62.25 10.04 65.18
N ILE A 487 -62.07 11.04 64.33
CA ILE A 487 -62.99 12.17 64.31
C ILE A 487 -64.26 11.85 63.51
N SER A 488 -64.27 10.74 62.77
CA SER A 488 -65.45 10.43 61.96
C SER A 488 -66.59 9.85 62.80
N ARG A 489 -66.30 9.36 63.99
CA ARG A 489 -67.35 8.76 64.82
C ARG A 489 -67.95 9.73 65.83
N ASP A 490 -67.50 10.98 65.86
CA ASP A 490 -68.13 11.98 66.72
C ASP A 490 -69.50 12.34 66.16
N ARG A 491 -70.46 12.52 67.06
CA ARG A 491 -71.78 12.96 66.65
C ARG A 491 -71.74 14.42 66.25
N GLY A 492 -72.44 14.74 65.17
CA GLY A 492 -72.42 16.08 64.64
C GLY A 492 -71.22 16.41 63.76
N ILE A 493 -70.59 15.42 63.15
CA ILE A 493 -69.49 15.68 62.25
C ILE A 493 -69.96 16.46 61.02
N ILE A 494 -71.19 16.17 60.57
CA ILE A 494 -71.73 16.87 59.40
C ILE A 494 -71.90 18.35 59.70
N ASP A 495 -72.37 18.68 60.90
CA ASP A 495 -72.53 20.08 61.27
C ASP A 495 -71.20 20.83 61.27
N LYS A 496 -70.15 20.22 61.84
CA LYS A 496 -68.83 20.85 61.83
C LYS A 496 -68.26 20.97 60.43
N ILE A 497 -68.45 19.96 59.58
CA ILE A 497 -67.99 20.04 58.19
C ILE A 497 -68.68 21.19 57.48
N ILE A 498 -69.99 21.33 57.66
CA ILE A 498 -70.72 22.43 57.03
C ILE A 498 -70.23 23.77 57.57
N SER A 499 -70.04 23.87 58.89
CA SER A 499 -69.59 25.12 59.49
C SER A 499 -68.18 25.49 59.06
N SER A 500 -67.36 24.52 58.66
CA SER A 500 -66.00 24.80 58.24
C SER A 500 -65.88 25.22 56.78
N MET A 501 -66.98 25.24 56.03
CA MET A 501 -66.94 25.67 54.64
C MET A 501 -67.00 27.19 54.56
N ALA A 502 -65.96 27.79 53.98
CA ALA A 502 -65.84 29.25 53.84
C ALA A 502 -66.11 29.94 55.18
N PRO A 503 -65.26 29.74 56.19
CA PRO A 503 -65.57 30.24 57.54
C PRO A 503 -65.74 31.74 57.62
N SER A 504 -65.01 32.52 56.82
CA SER A 504 -65.03 33.97 56.99
C SER A 504 -66.29 34.60 56.39
N ILE A 505 -66.99 33.86 55.54
CA ILE A 505 -68.28 34.35 55.04
C ILE A 505 -69.34 34.10 56.10
N TYR A 506 -70.18 35.11 56.34
CA TYR A 506 -71.17 35.07 57.40
C TYR A 506 -72.52 34.64 56.83
N GLY A 507 -73.15 33.66 57.47
CA GLY A 507 -74.46 33.22 57.06
C GLY A 507 -74.43 32.34 55.82
N HIS A 508 -75.56 32.34 55.11
CA HIS A 508 -75.74 31.57 53.88
C HIS A 508 -75.43 30.09 54.09
N ARG A 509 -76.04 29.52 55.13
CA ARG A 509 -75.78 28.14 55.50
C ARG A 509 -76.29 27.14 54.47
N ASP A 510 -77.37 27.45 53.76
CA ASP A 510 -77.84 26.55 52.70
C ASP A 510 -76.83 26.46 51.56
N ILE A 511 -76.21 27.59 51.20
CA ILE A 511 -75.17 27.56 50.18
C ILE A 511 -74.00 26.70 50.63
N LYS A 512 -73.61 26.83 51.91
CA LYS A 512 -72.52 26.02 52.43
C LYS A 512 -72.86 24.53 52.42
N THR A 513 -74.10 24.19 52.78
CA THR A 513 -74.52 22.80 52.75
C THR A 513 -74.49 22.25 51.32
N ALA A 514 -74.97 23.03 50.35
CA ALA A 514 -74.94 22.59 48.97
C ALA A 514 -73.51 22.42 48.48
N VAL A 515 -72.62 23.34 48.85
CA VAL A 515 -71.22 23.24 48.46
C VAL A 515 -70.57 21.99 49.05
N ALA A 516 -70.84 21.70 50.32
CA ALA A 516 -70.28 20.50 50.94
C ALA A 516 -70.81 19.24 50.27
N CYS A 517 -72.11 19.21 49.97
CA CYS A 517 -72.68 18.04 49.31
C CYS A 517 -72.08 17.83 47.93
N SER A 518 -71.88 18.91 47.17
CA SER A 518 -71.24 18.79 45.87
C SER A 518 -69.79 18.32 46.00
N LEU A 519 -69.07 18.84 47.00
CA LEU A 519 -67.66 18.49 47.17
C LEU A 519 -67.49 17.02 47.51
N PHE A 520 -68.30 16.49 48.44
CA PHE A 520 -68.15 15.09 48.80
C PHE A 520 -68.66 14.17 47.70
N GLY A 521 -69.83 14.47 47.12
CA GLY A 521 -70.31 13.77 45.95
C GLY A 521 -71.05 12.48 46.27
N GLY A 522 -71.66 11.93 45.23
CA GLY A 522 -72.42 10.70 45.31
C GLY A 522 -71.62 9.49 44.84
N VAL A 523 -72.34 8.46 44.43
CA VAL A 523 -71.75 7.20 44.00
C VAL A 523 -72.31 6.86 42.61
N PRO A 524 -71.46 6.75 41.58
CA PRO A 524 -71.94 6.30 40.27
C PRO A 524 -72.32 4.83 40.31
N LYS A 525 -73.19 4.44 39.38
CA LYS A 525 -73.67 3.06 39.38
C LYS A 525 -73.77 2.53 37.95
N ASN A 526 -73.69 1.21 37.83
CA ASN A 526 -73.90 0.51 36.57
C ASN A 526 -74.69 -0.75 36.85
N VAL A 527 -75.84 -0.88 36.21
CA VAL A 527 -76.78 -1.97 36.47
C VAL A 527 -76.64 -2.97 35.33
N ASN A 528 -76.05 -4.13 35.62
CA ASN A 528 -75.88 -5.24 34.68
C ASN A 528 -75.04 -4.87 33.46
N GLY A 529 -74.25 -3.79 33.55
CA GLY A 529 -73.39 -3.41 32.45
C GLY A 529 -74.09 -2.86 31.23
N LYS A 530 -75.32 -2.37 31.36
CA LYS A 530 -76.03 -1.83 30.22
C LYS A 530 -76.74 -0.52 30.55
N HIS A 531 -76.83 -0.19 31.84
CA HIS A 531 -77.54 1.00 32.30
C HIS A 531 -76.66 1.75 33.29
N SER A 532 -76.16 2.92 32.88
CA SER A 532 -75.22 3.70 33.68
C SER A 532 -75.94 4.87 34.32
N ILE A 533 -75.67 5.10 35.61
CA ILE A 533 -76.31 6.16 36.38
C ILE A 533 -75.24 7.05 36.97
N ARG A 534 -75.37 8.36 36.70
CA ARG A 534 -74.45 9.39 37.16
C ARG A 534 -74.50 9.54 38.68
N GLY A 535 -73.40 9.97 39.26
CA GLY A 535 -73.30 10.12 40.70
C GLY A 535 -72.66 11.40 41.19
N ASP A 536 -72.87 12.52 40.49
CA ASP A 536 -72.30 13.80 40.90
C ASP A 536 -73.41 14.84 41.03
N ILE A 537 -73.22 15.78 41.94
CA ILE A 537 -74.21 16.82 42.24
C ILE A 537 -73.77 18.14 41.64
N ASN A 538 -74.68 18.80 40.93
CA ASN A 538 -74.42 20.12 40.34
C ASN A 538 -75.19 21.16 41.12
N VAL A 539 -74.62 22.35 41.27
CA VAL A 539 -75.17 23.40 42.11
C VAL A 539 -75.28 24.70 41.32
N LEU A 540 -76.38 25.43 41.53
CA LEU A 540 -76.58 26.73 40.91
C LEU A 540 -76.87 27.77 41.99
N LEU A 541 -76.26 28.95 41.84
CA LEU A 541 -76.43 30.06 42.76
C LEU A 541 -76.94 31.27 41.99
N LEU A 542 -78.20 31.63 42.23
CA LEU A 542 -78.83 32.79 41.59
C LEU A 542 -79.13 33.80 42.69
N GLY A 543 -78.49 34.98 42.64
CA GLY A 543 -78.63 35.92 43.72
C GLY A 543 -78.33 37.34 43.33
N ASP A 544 -78.59 38.25 44.27
CA ASP A 544 -78.37 39.68 44.12
C ASP A 544 -76.88 39.98 44.13
N PRO A 545 -76.45 41.10 43.55
CA PRO A 545 -75.03 41.45 43.58
C PRO A 545 -74.56 41.79 44.99
N GLY A 546 -73.28 41.48 45.23
CA GLY A 546 -72.68 41.76 46.52
C GLY A 546 -73.01 40.77 47.61
N THR A 547 -73.20 39.50 47.28
CA THR A 547 -73.54 38.48 48.27
C THR A 547 -72.50 37.37 48.36
N ALA A 548 -71.25 37.65 47.97
CA ALA A 548 -70.11 36.75 48.13
C ALA A 548 -70.28 35.41 47.41
N LYS A 549 -70.85 35.39 46.21
CA LYS A 549 -70.90 34.15 45.45
C LYS A 549 -69.54 33.81 44.84
N SER A 550 -68.86 34.81 44.28
CA SER A 550 -67.57 34.56 43.64
C SER A 550 -66.53 34.12 44.64
N GLN A 551 -66.56 34.68 45.85
CA GLN A 551 -65.61 34.26 46.88
C GLN A 551 -65.83 32.80 47.27
N ILE A 552 -67.09 32.37 47.34
CA ILE A 552 -67.40 30.97 47.58
C ILE A 552 -66.88 30.10 46.44
N LEU A 553 -67.04 30.53 45.19
CA LEU A 553 -66.47 29.77 44.08
C LEU A 553 -64.96 29.67 44.19
N LYS A 554 -64.28 30.75 44.59
CA LYS A 554 -62.84 30.70 44.76
C LYS A 554 -62.44 29.74 45.86
N TYR A 555 -63.20 29.72 46.97
CA TYR A 555 -62.92 28.77 48.03
C TYR A 555 -63.08 27.33 47.56
N VAL A 556 -64.13 27.06 46.78
CA VAL A 556 -64.32 25.73 46.23
C VAL A 556 -63.17 25.36 45.31
N GLU A 557 -62.68 26.32 44.51
CA GLU A 557 -61.52 26.07 43.66
C GLU A 557 -60.30 25.70 44.49
N LYS A 558 -60.06 26.43 45.58
CA LYS A 558 -58.91 26.15 46.42
C LYS A 558 -59.00 24.79 47.10
N THR A 559 -60.16 24.41 47.61
CA THR A 559 -60.29 23.17 48.39
C THR A 559 -60.30 21.93 47.50
N ALA A 560 -60.87 22.02 46.30
CA ALA A 560 -61.02 20.84 45.45
C ALA A 560 -59.66 20.31 45.00
N HIS A 561 -59.58 18.99 44.81
CA HIS A 561 -58.34 18.38 44.35
C HIS A 561 -58.04 18.77 42.91
N ARG A 562 -59.03 18.64 42.03
CA ARG A 562 -58.92 19.06 40.64
C ARG A 562 -60.00 20.10 40.36
N ALA A 563 -59.58 21.30 39.96
CA ALA A 563 -60.52 22.39 39.75
C ALA A 563 -60.14 23.16 38.49
N VAL A 564 -61.17 23.60 37.78
CA VAL A 564 -61.01 24.46 36.61
C VAL A 564 -61.96 25.65 36.77
N PHE A 565 -61.50 26.82 36.35
CA PHE A 565 -62.27 28.06 36.47
C PHE A 565 -62.50 28.67 35.10
N ALA A 566 -63.72 29.16 34.88
CA ALA A 566 -64.07 29.88 33.66
C ALA A 566 -65.11 30.93 33.99
N THR A 567 -65.23 31.93 33.11
CA THR A 567 -66.14 33.04 33.36
C THR A 567 -66.65 33.62 32.03
N GLY A 568 -67.97 33.61 31.86
CA GLY A 568 -68.65 34.39 30.85
C GLY A 568 -68.21 34.20 29.42
N GLN A 569 -67.82 35.30 28.79
CA GLN A 569 -67.46 35.33 27.38
C GLN A 569 -66.02 34.89 27.13
N GLY A 570 -65.26 34.58 28.17
CA GLY A 570 -63.91 34.09 28.03
C GLY A 570 -63.80 32.62 27.71
N ALA A 571 -64.91 31.91 27.55
CA ALA A 571 -64.91 30.49 27.24
C ALA A 571 -65.66 30.26 25.93
N SER A 572 -65.24 29.24 25.19
CA SER A 572 -65.82 28.93 23.89
C SER A 572 -66.42 27.54 23.91
N ALA A 573 -66.97 27.14 22.75
CA ALA A 573 -67.59 25.83 22.64
C ALA A 573 -66.57 24.72 22.79
N VAL A 574 -65.39 24.88 22.17
CA VAL A 574 -64.35 23.86 22.26
C VAL A 574 -63.32 24.16 23.32
N GLY A 575 -63.50 25.22 24.10
CA GLY A 575 -62.61 25.52 25.20
C GLY A 575 -63.05 24.84 26.47
N LEU A 576 -64.31 24.40 26.50
CA LEU A 576 -64.88 23.63 27.59
C LEU A 576 -65.12 22.20 27.15
N THR A 577 -64.52 21.82 26.03
CA THR A 577 -64.76 20.53 25.39
C THR A 577 -63.47 20.13 24.68
N ALA A 578 -63.50 19.10 23.84
CA ALA A 578 -62.31 18.66 23.13
C ALA A 578 -62.20 19.40 21.80
N SER A 579 -60.97 19.75 21.44
CA SER A 579 -60.68 20.44 20.20
C SER A 579 -59.83 19.54 19.31
N VAL A 580 -59.78 19.88 18.02
CA VAL A 580 -59.08 19.09 17.03
C VAL A 580 -57.95 19.95 16.45
N ARG A 581 -56.74 19.42 16.47
CA ARG A 581 -55.56 20.16 16.03
C ARG A 581 -54.68 19.27 15.17
N LYS A 582 -53.94 19.88 14.26
CA LYS A 582 -52.96 19.13 13.47
C LYS A 582 -51.66 19.04 14.23
N ASP A 583 -51.20 17.82 14.46
CA ASP A 583 -49.97 17.60 15.20
C ASP A 583 -48.79 18.16 14.41
N PRO A 584 -47.99 19.03 15.02
CA PRO A 584 -46.82 19.59 14.31
C PRO A 584 -45.81 18.55 13.85
N ILE A 585 -45.65 17.45 14.57
CA ILE A 585 -44.65 16.44 14.22
C ILE A 585 -45.26 15.37 13.32
N THR A 586 -46.30 14.69 13.82
CA THR A 586 -46.87 13.57 13.09
C THR A 586 -47.67 14.04 11.89
N LYS A 587 -48.17 15.27 11.93
CA LYS A 587 -49.05 15.82 10.89
C LYS A 587 -50.28 14.96 10.68
N GLU A 588 -50.92 14.56 11.78
CA GLU A 588 -52.19 13.87 11.73
C GLU A 588 -53.15 14.61 12.67
N TRP A 589 -54.42 14.64 12.29
CA TRP A 589 -55.42 15.25 13.16
C TRP A 589 -55.49 14.52 14.48
N THR A 590 -55.48 15.29 15.57
CA THR A 590 -55.45 14.74 16.92
C THR A 590 -56.39 15.53 17.81
N LEU A 591 -56.76 14.91 18.92
CA LEU A 591 -57.64 15.52 19.92
C LEU A 591 -56.81 16.15 21.02
N GLU A 592 -57.25 17.32 21.47
CA GLU A 592 -56.62 18.01 22.60
C GLU A 592 -57.69 18.30 23.66
N GLY A 593 -57.23 18.50 24.89
CA GLY A 593 -58.11 18.59 26.03
C GLY A 593 -58.81 19.94 26.13
N GLY A 594 -59.65 20.04 27.16
CA GLY A 594 -60.41 21.25 27.42
C GLY A 594 -60.64 21.42 28.91
N ALA A 595 -61.50 22.38 29.26
CA ALA A 595 -61.75 22.66 30.67
C ALA A 595 -62.47 21.51 31.36
N LEU A 596 -63.46 20.92 30.70
CA LEU A 596 -64.20 19.82 31.32
C LEU A 596 -63.38 18.53 31.38
N VAL A 597 -62.41 18.38 30.48
CA VAL A 597 -61.57 17.19 30.50
C VAL A 597 -60.41 17.37 31.48
N LEU A 598 -59.93 18.59 31.68
CA LEU A 598 -58.89 18.85 32.67
C LEU A 598 -59.42 18.64 34.08
N ALA A 599 -60.74 18.70 34.25
CA ALA A 599 -61.34 18.55 35.57
C ALA A 599 -62.12 17.25 35.68
N ASP A 600 -61.61 16.19 35.06
CA ASP A 600 -62.21 14.88 35.23
C ASP A 600 -62.03 14.43 36.67
N LYS A 601 -63.11 13.91 37.26
CA LYS A 601 -63.16 13.61 38.69
C LYS A 601 -62.79 14.84 39.52
N GLY A 602 -63.27 16.00 39.08
CA GLY A 602 -63.01 17.24 39.76
C GLY A 602 -64.21 18.15 39.69
N VAL A 603 -63.95 19.45 39.70
CA VAL A 603 -64.99 20.47 39.70
C VAL A 603 -64.66 21.53 38.66
N CYS A 604 -65.65 21.88 37.84
CA CYS A 604 -65.57 22.98 36.90
C CYS A 604 -66.49 24.10 37.39
N LEU A 605 -65.92 25.29 37.55
CA LEU A 605 -66.63 26.45 38.06
C LEU A 605 -66.83 27.45 36.93
N ILE A 606 -68.06 27.94 36.78
CA ILE A 606 -68.40 28.88 35.72
C ILE A 606 -69.04 30.12 36.31
N ASP A 607 -68.26 31.17 36.52
CA ASP A 607 -68.79 32.42 37.03
C ASP A 607 -69.47 33.21 35.92
N GLU A 608 -70.52 33.94 36.30
CA GLU A 608 -71.34 34.72 35.37
C GLU A 608 -71.84 33.83 34.23
N PHE A 609 -72.66 32.85 34.64
CA PHE A 609 -73.14 31.80 33.76
C PHE A 609 -74.30 32.25 32.88
N ASP A 610 -74.91 33.40 33.17
CA ASP A 610 -75.99 33.92 32.35
C ASP A 610 -75.51 34.89 31.27
N LYS A 611 -74.34 35.48 31.44
CA LYS A 611 -73.75 36.37 30.43
C LYS A 611 -72.83 35.53 29.55
N MET A 612 -73.45 34.66 28.75
CA MET A 612 -72.74 33.66 27.98
C MET A 612 -73.54 33.34 26.73
N ASN A 613 -72.84 33.08 25.63
CA ASN A 613 -73.52 32.72 24.40
C ASN A 613 -74.26 31.39 24.54
N ASP A 614 -75.37 31.28 23.83
CA ASP A 614 -76.15 30.04 23.88
C ASP A 614 -75.40 28.88 23.24
N GLN A 615 -74.64 29.14 22.17
CA GLN A 615 -73.89 28.08 21.53
C GLN A 615 -72.79 27.54 22.43
N ASP A 616 -72.17 28.41 23.24
CA ASP A 616 -71.17 27.95 24.19
C ASP A 616 -71.81 27.27 25.39
N ARG A 617 -72.97 27.78 25.84
CA ARG A 617 -73.64 27.18 26.99
C ARG A 617 -74.17 25.79 26.68
N THR A 618 -74.65 25.57 25.45
CA THR A 618 -75.25 24.29 25.08
C THR A 618 -74.23 23.18 24.89
N SER A 619 -72.93 23.49 24.97
CA SER A 619 -71.91 22.46 24.77
C SER A 619 -71.79 21.52 25.94
N ILE A 620 -72.28 21.92 27.13
CA ILE A 620 -72.13 21.10 28.33
C ILE A 620 -73.35 20.23 28.60
N HIS A 621 -74.32 20.19 27.68
CA HIS A 621 -75.52 19.39 27.89
C HIS A 621 -75.19 17.92 28.03
N GLU A 622 -74.33 17.40 27.16
CA GLU A 622 -73.95 16.00 27.22
C GLU A 622 -73.09 15.69 28.43
N ALA A 623 -72.20 16.61 28.81
CA ALA A 623 -71.27 16.34 29.91
C ALA A 623 -71.97 16.42 31.26
N MET A 624 -73.04 17.22 31.36
CA MET A 624 -73.69 17.39 32.65
C MET A 624 -74.45 16.14 33.10
N GLU A 625 -74.98 15.37 32.17
CA GLU A 625 -75.79 14.21 32.50
C GLU A 625 -75.15 12.88 32.11
N GLN A 626 -74.76 12.73 30.85
CA GLN A 626 -74.15 11.48 30.40
C GLN A 626 -72.69 11.35 30.79
N GLN A 627 -72.04 12.43 31.23
CA GLN A 627 -70.65 12.41 31.68
C GLN A 627 -69.73 11.83 30.62
N SER A 628 -69.88 12.32 29.39
CA SER A 628 -69.03 11.90 28.29
C SER A 628 -69.08 12.97 27.21
N ILE A 629 -68.08 12.93 26.33
CA ILE A 629 -67.97 13.86 25.20
C ILE A 629 -67.75 13.06 23.94
N SER A 630 -68.53 13.33 22.90
CA SER A 630 -68.45 12.63 21.63
C SER A 630 -68.03 13.61 20.53
N ILE A 631 -67.02 13.22 19.76
CA ILE A 631 -66.49 14.06 18.69
C ILE A 631 -66.47 13.26 17.40
N SER A 632 -66.95 13.88 16.32
CA SER A 632 -66.88 13.33 14.96
C SER A 632 -66.40 14.43 14.02
N LYS A 633 -65.09 14.56 13.88
CA LYS A 633 -64.48 15.62 13.08
C LYS A 633 -63.24 15.11 12.38
N ALA A 634 -63.15 15.40 11.07
CA ALA A 634 -61.93 15.19 10.29
C ALA A 634 -61.41 13.76 10.40
N GLY A 635 -62.32 12.79 10.31
CA GLY A 635 -61.94 11.39 10.36
C GLY A 635 -61.75 10.83 11.75
N ILE A 636 -61.94 11.63 12.79
CA ILE A 636 -61.85 11.19 14.18
C ILE A 636 -63.26 11.02 14.71
N VAL A 637 -63.60 9.79 15.13
CA VAL A 637 -64.90 9.46 15.68
C VAL A 637 -64.65 8.81 17.03
N THR A 638 -64.70 9.60 18.10
CA THR A 638 -64.32 9.11 19.41
C THR A 638 -65.31 9.60 20.46
N THR A 639 -65.27 8.94 21.62
CA THR A 639 -66.03 9.35 22.79
C THR A 639 -65.08 9.45 23.98
N LEU A 640 -65.09 10.60 24.65
CA LEU A 640 -64.22 10.82 25.79
C LEU A 640 -65.02 10.63 27.09
N GLN A 641 -64.39 10.94 28.22
CA GLN A 641 -65.03 10.80 29.52
C GLN A 641 -64.77 12.05 30.34
N ALA A 642 -65.83 12.65 30.88
CA ALA A 642 -65.73 13.83 31.73
C ALA A 642 -66.66 13.63 32.93
N ARG A 643 -66.14 13.01 33.99
CA ARG A 643 -66.88 12.82 35.23
C ARG A 643 -66.67 14.05 36.10
N CYS A 644 -67.38 15.11 35.77
CA CYS A 644 -67.17 16.42 36.39
C CYS A 644 -68.46 16.94 37.00
N SER A 645 -68.30 17.75 38.05
CA SER A 645 -69.40 18.41 38.74
C SER A 645 -69.30 19.90 38.47
N ILE A 646 -70.46 20.55 38.29
CA ILE A 646 -70.51 21.95 37.90
C ILE A 646 -71.23 22.74 38.99
N ILE A 647 -70.55 23.78 39.49
CA ILE A 647 -71.12 24.78 40.38
C ILE A 647 -71.10 26.10 39.64
N ALA A 648 -72.28 26.66 39.37
CA ALA A 648 -72.42 27.85 38.55
C ALA A 648 -73.05 28.98 39.36
N ALA A 649 -72.68 30.20 39.02
CA ALA A 649 -73.22 31.41 39.64
C ALA A 649 -73.76 32.32 38.54
N ALA A 650 -74.94 32.88 38.76
CA ALA A 650 -75.61 33.71 37.77
C ALA A 650 -76.26 34.92 38.44
N ASN A 651 -76.68 35.86 37.60
CA ASN A 651 -77.42 37.03 38.04
C ASN A 651 -78.83 36.99 37.45
N PRO A 652 -79.85 37.42 38.20
CA PRO A 652 -81.22 37.40 37.66
C PRO A 652 -81.43 38.53 36.66
N ASN A 653 -82.54 38.44 35.94
CA ASN A 653 -82.90 39.48 34.98
C ASN A 653 -83.11 40.81 35.71
N GLY A 654 -82.55 41.87 35.15
CA GLY A 654 -82.55 43.16 35.80
C GLY A 654 -81.50 43.31 36.88
N GLY A 655 -80.70 42.28 37.13
CA GLY A 655 -79.65 42.31 38.12
C GLY A 655 -80.11 41.92 39.51
N ARG A 656 -81.42 41.76 39.70
CA ARG A 656 -82.05 41.62 41.01
C ARG A 656 -83.29 40.75 40.92
N TYR A 657 -83.60 40.08 42.02
CA TYR A 657 -84.65 39.07 42.05
C TYR A 657 -85.97 39.68 42.50
N ASN A 658 -87.02 39.42 41.72
CA ASN A 658 -88.38 39.82 42.05
C ASN A 658 -89.09 38.67 42.72
N SER A 659 -89.35 38.81 44.02
CA SER A 659 -89.96 37.77 44.84
C SER A 659 -91.46 37.62 44.57
N THR A 660 -92.06 38.52 43.82
CA THR A 660 -93.46 38.45 43.46
C THR A 660 -93.69 37.74 42.13
N LEU A 661 -92.64 37.21 41.52
CA LEU A 661 -92.70 36.53 40.23
C LEU A 661 -92.17 35.11 40.35
N PRO A 662 -92.65 34.19 39.51
CA PRO A 662 -92.09 32.83 39.52
C PRO A 662 -90.69 32.80 38.94
N LEU A 663 -90.03 31.66 39.11
CA LEU A 663 -88.62 31.53 38.71
C LEU A 663 -88.44 31.69 37.21
N ALA A 664 -89.36 31.14 36.41
CA ALA A 664 -89.19 31.10 34.96
C ALA A 664 -89.12 32.49 34.34
N GLN A 665 -89.60 33.52 35.02
CA GLN A 665 -89.54 34.89 34.51
C GLN A 665 -88.47 35.72 35.19
N ASN A 666 -87.64 35.10 36.03
CA ASN A 666 -86.49 35.78 36.63
C ASN A 666 -85.17 35.35 35.99
N VAL A 667 -85.19 34.35 35.11
CA VAL A 667 -84.00 33.85 34.43
C VAL A 667 -84.33 33.66 32.95
N SER A 668 -83.29 33.56 32.14
CA SER A 668 -83.44 33.31 30.72
C SER A 668 -83.27 31.84 30.35
N LEU A 669 -82.71 31.03 31.24
CA LEU A 669 -82.48 29.62 30.95
C LEU A 669 -83.81 28.87 30.84
N THR A 670 -83.83 27.85 29.99
CA THR A 670 -85.01 27.04 29.77
C THR A 670 -84.92 25.77 30.61
N GLU A 671 -85.95 24.92 30.50
CA GLU A 671 -86.07 23.67 31.25
C GLU A 671 -84.95 22.67 31.02
N PRO A 672 -84.48 22.45 29.78
CA PRO A 672 -83.45 21.42 29.57
C PRO A 672 -82.18 21.63 30.39
N ILE A 673 -81.80 22.88 30.66
CA ILE A 673 -80.59 23.11 31.43
C ILE A 673 -80.91 23.29 32.91
N LEU A 674 -82.13 23.70 33.24
CA LEU A 674 -82.51 23.83 34.65
C LEU A 674 -82.75 22.48 35.28
N SER A 675 -83.18 21.48 34.50
CA SER A 675 -83.43 20.16 35.06
C SER A 675 -82.14 19.47 35.48
N ARG A 676 -81.04 19.74 34.80
CA ARG A 676 -79.78 19.07 35.07
C ARG A 676 -79.12 19.51 36.37
N PHE A 677 -79.57 20.61 36.97
CA PHE A 677 -79.03 21.07 38.24
C PHE A 677 -79.76 20.39 39.40
N ASP A 678 -78.99 20.02 40.42
CA ASP A 678 -79.55 19.31 41.57
C ASP A 678 -80.04 20.27 42.66
N ILE A 679 -79.22 21.24 43.03
CA ILE A 679 -79.54 22.19 44.08
C ILE A 679 -79.50 23.60 43.49
N LEU A 680 -80.53 24.38 43.79
CA LEU A 680 -80.64 25.77 43.35
C LEU A 680 -80.80 26.65 44.57
N CYS A 681 -79.91 27.64 44.72
CA CYS A 681 -79.90 28.53 45.87
C CYS A 681 -80.22 29.94 45.40
N VAL A 682 -81.35 30.47 45.84
CA VAL A 682 -81.77 31.84 45.54
C VAL A 682 -81.33 32.71 46.70
N VAL A 683 -80.51 33.71 46.40
CA VAL A 683 -79.93 34.60 47.41
C VAL A 683 -80.60 35.96 47.26
N ARG A 684 -81.26 36.42 48.32
CA ARG A 684 -81.95 37.69 48.33
C ARG A 684 -81.32 38.63 49.35
N ASP A 685 -81.20 39.90 48.97
CA ASP A 685 -80.72 40.95 49.85
C ASP A 685 -81.92 41.77 50.31
N LEU A 686 -82.13 41.82 51.62
CA LEU A 686 -83.28 42.50 52.20
C LEU A 686 -82.81 43.46 53.28
N VAL A 687 -83.65 44.46 53.55
CA VAL A 687 -83.33 45.50 54.53
C VAL A 687 -83.67 44.98 55.91
N ASP A 688 -82.67 44.95 56.80
CA ASP A 688 -82.85 44.50 58.17
C ASP A 688 -81.73 45.10 59.00
N GLU A 689 -82.09 45.86 60.04
CA GLU A 689 -81.10 46.60 60.80
C GLU A 689 -80.18 45.67 61.59
N GLU A 690 -80.76 44.70 62.31
CA GLU A 690 -79.95 43.81 63.13
C GLU A 690 -79.06 42.92 62.26
N ALA A 691 -79.60 42.42 61.15
CA ALA A 691 -78.79 41.60 60.25
C ALA A 691 -77.63 42.42 59.67
N ASP A 692 -77.89 43.66 59.28
CA ASP A 692 -76.83 44.53 58.77
C ASP A 692 -75.78 44.79 59.84
N GLU A 693 -76.21 45.03 61.08
CA GLU A 693 -75.27 45.27 62.16
C GLU A 693 -74.37 44.05 62.40
N ARG A 694 -74.97 42.86 62.44
CA ARG A 694 -74.17 41.65 62.64
C ARG A 694 -73.21 41.42 61.49
N LEU A 695 -73.67 41.60 60.24
CA LEU A 695 -72.80 41.40 59.09
C LEU A 695 -71.64 42.39 59.10
N ALA A 696 -71.92 43.66 59.42
CA ALA A 696 -70.86 44.66 59.47
C ALA A 696 -69.86 44.37 60.58
N THR A 697 -70.34 43.95 61.76
CA THR A 697 -69.42 43.59 62.83
C THR A 697 -68.52 42.43 62.41
N PHE A 698 -69.11 41.41 61.79
CA PHE A 698 -68.32 40.26 61.34
C PHE A 698 -67.27 40.67 60.31
N VAL A 699 -67.66 41.51 59.35
CA VAL A 699 -66.74 41.91 58.29
C VAL A 699 -65.60 42.76 58.85
N VAL A 700 -65.92 43.69 59.77
CA VAL A 700 -64.87 44.51 60.35
C VAL A 700 -63.92 43.66 61.19
N ASP A 701 -64.45 42.69 61.94
CA ASP A 701 -63.58 41.79 62.70
C ASP A 701 -62.70 40.97 61.76
N SER A 702 -63.25 40.54 60.61
CA SER A 702 -62.45 39.80 59.65
C SER A 702 -61.32 40.64 59.09
N HIS A 703 -61.59 41.91 58.76
CA HIS A 703 -60.53 42.80 58.30
C HIS A 703 -59.49 43.02 59.38
N VAL A 704 -59.91 43.08 60.64
CA VAL A 704 -58.95 43.22 61.74
C VAL A 704 -58.07 41.99 61.83
N ARG A 705 -58.65 40.79 61.69
CA ARG A 705 -57.89 39.55 61.83
C ARG A 705 -56.87 39.41 60.70
N SER A 706 -57.24 39.75 59.48
CA SER A 706 -56.41 39.47 58.31
C SER A 706 -55.31 40.50 58.08
N HIS A 707 -55.22 41.53 58.92
CA HIS A 707 -54.20 42.54 58.75
C HIS A 707 -52.82 41.90 58.88
N PRO A 708 -51.90 42.15 57.95
CA PRO A 708 -50.62 41.41 57.99
C PRO A 708 -49.68 41.84 59.10
N GLU A 709 -49.91 43.00 59.70
CA GLU A 709 -49.10 43.45 60.81
C GLU A 709 -49.75 43.10 62.15
N LEU A 738 -37.89 28.24 71.16
CA LEU A 738 -37.79 27.31 70.03
C LEU A 738 -37.58 28.06 68.72
N ASN A 739 -37.81 27.37 67.61
CA ASN A 739 -37.60 27.93 66.28
C ASN A 739 -38.71 28.90 65.94
N ALA A 740 -38.34 30.01 65.29
CA ALA A 740 -39.32 31.02 64.90
C ALA A 740 -40.25 30.51 63.81
N ARG A 741 -39.76 29.60 62.96
CA ARG A 741 -40.59 29.07 61.88
C ARG A 741 -41.73 28.20 62.38
N GLN A 742 -41.68 27.75 63.64
CA GLN A 742 -42.81 27.09 64.27
C GLN A 742 -43.65 28.03 65.12
N ARG A 743 -43.05 29.11 65.62
CA ARG A 743 -43.84 30.19 66.19
C ARG A 743 -44.80 30.76 65.16
N ARG A 744 -44.34 30.87 63.91
CA ARG A 744 -45.22 31.30 62.83
C ARG A 744 -46.41 30.35 62.67
N LEU A 745 -46.14 29.04 62.72
CA LEU A 745 -47.21 28.06 62.59
C LEU A 745 -48.21 28.15 63.72
N GLN A 746 -47.73 28.29 64.96
CA GLN A 746 -48.65 28.36 66.08
C GLN A 746 -49.48 29.64 66.06
N ARG A 747 -48.86 30.76 65.67
CA ARG A 747 -49.64 31.99 65.52
C ARG A 747 -50.67 31.88 64.41
N GLN A 748 -50.33 31.23 63.30
CA GLN A 748 -51.27 31.04 62.20
C GLN A 748 -52.38 30.05 62.55
N ARG A 749 -52.12 29.13 63.47
CA ARG A 749 -53.14 28.25 64.01
C ARG A 749 -54.06 28.94 64.99
N LYS A 750 -53.55 29.87 65.80
CA LYS A 750 -54.40 30.59 66.74
C LYS A 750 -55.49 31.37 66.01
N LYS A 751 -55.15 31.96 64.86
CA LYS A 751 -56.16 32.68 64.08
C LYS A 751 -57.18 31.73 63.47
N GLU A 752 -56.76 30.53 63.10
CA GLU A 752 -57.70 29.54 62.58
C GLU A 752 -58.61 28.98 63.68
N GLU A 753 -58.19 29.07 64.94
CA GLU A 753 -58.99 28.49 66.02
C GLU A 753 -60.39 29.10 66.09
N GLU A 754 -60.50 30.42 65.92
CA GLU A 754 -61.78 31.09 66.21
C GLU A 754 -62.89 30.65 65.26
N ILE A 755 -62.63 30.70 63.95
CA ILE A 755 -63.72 30.58 62.97
C ILE A 755 -63.70 29.24 62.26
N SER A 756 -62.79 28.34 62.61
CA SER A 756 -62.77 27.05 61.93
C SER A 756 -62.77 25.92 62.95
N PRO A 757 -63.84 25.12 63.02
CA PRO A 757 -63.84 23.98 63.96
C PRO A 757 -62.73 22.98 63.69
N ILE A 758 -62.38 22.78 62.44
CA ILE A 758 -61.30 21.87 62.04
C ILE A 758 -60.38 22.60 61.07
N PRO A 759 -59.07 22.32 61.09
CA PRO A 759 -58.16 23.03 60.17
C PRO A 759 -58.41 22.66 58.72
N GLN A 760 -58.05 23.58 57.82
CA GLN A 760 -58.31 23.37 56.39
C GLN A 760 -57.41 22.29 55.81
N GLU A 761 -56.15 22.23 56.26
CA GLU A 761 -55.24 21.21 55.74
C GLU A 761 -55.70 19.82 56.11
N LEU A 762 -56.24 19.65 57.33
CA LEU A 762 -56.82 18.36 57.72
C LEU A 762 -58.05 18.06 56.88
N LEU A 763 -58.88 19.09 56.63
CA LEU A 763 -60.14 18.89 55.91
C LEU A 763 -59.90 18.48 54.46
N MET A 764 -58.86 19.03 53.82
CA MET A 764 -58.57 18.65 52.45
C MET A 764 -58.27 17.16 52.34
N LYS A 765 -57.40 16.65 53.20
CA LYS A 765 -57.08 15.22 53.20
C LYS A 765 -58.29 14.39 53.58
N TYR A 766 -59.13 14.91 54.50
CA TYR A 766 -60.36 14.20 54.86
C TYR A 766 -61.27 14.03 53.65
N ILE A 767 -61.48 15.10 52.88
CA ILE A 767 -62.34 15.02 51.71
C ILE A 767 -61.74 14.07 50.68
N HIS A 768 -60.43 14.16 50.45
CA HIS A 768 -59.81 13.28 49.47
C HIS A 768 -59.93 11.81 49.87
N TYR A 769 -59.66 11.49 51.14
CA TYR A 769 -59.77 10.12 51.61
C TYR A 769 -61.20 9.61 51.50
N ALA A 770 -62.18 10.45 51.88
CA ALA A 770 -63.57 10.04 51.80
C ALA A 770 -63.99 9.76 50.36
N ARG A 771 -63.57 10.61 49.43
CA ARG A 771 -63.93 10.39 48.03
C ARG A 771 -63.23 9.17 47.47
N THR A 772 -62.00 8.90 47.89
CA THR A 772 -61.23 7.81 47.32
C THR A 772 -61.68 6.45 47.83
N LYS A 773 -62.02 6.36 49.12
CA LYS A 773 -62.18 5.06 49.77
C LYS A 773 -63.63 4.61 49.94
N ILE A 774 -64.53 5.53 50.27
CA ILE A 774 -65.86 5.14 50.73
C ILE A 774 -66.82 5.01 49.55
N TYR A 775 -67.69 4.01 49.62
CA TYR A 775 -68.74 3.78 48.62
C TYR A 775 -69.99 3.25 49.32
N PRO A 776 -70.81 4.13 49.89
CA PRO A 776 -71.98 3.67 50.64
C PRO A 776 -73.07 3.12 49.73
N LYS A 777 -73.94 2.32 50.33
CA LYS A 777 -75.06 1.67 49.65
C LYS A 777 -76.38 2.04 50.31
N LEU A 778 -77.47 1.54 49.72
CA LEU A 778 -78.83 1.90 50.07
C LEU A 778 -79.68 0.67 50.33
N HIS A 779 -79.20 -0.25 51.17
CA HIS A 779 -79.90 -1.52 51.35
C HIS A 779 -81.27 -1.31 51.98
N GLN A 780 -81.32 -0.78 53.20
CA GLN A 780 -82.56 -0.60 53.95
C GLN A 780 -82.93 0.88 53.98
N MET A 781 -84.11 1.21 53.46
CA MET A 781 -84.59 2.58 53.43
C MET A 781 -86.09 2.58 53.22
N ASP A 782 -86.70 3.73 53.43
CA ASP A 782 -88.15 3.88 53.31
C ASP A 782 -88.49 4.32 51.89
N MET A 783 -89.03 3.39 51.10
CA MET A 783 -89.39 3.71 49.72
C MET A 783 -90.66 4.56 49.65
N ASP A 784 -91.62 4.30 50.54
CA ASP A 784 -92.90 4.99 50.49
C ASP A 784 -92.77 6.49 50.74
N LYS A 785 -91.93 6.89 51.69
CA LYS A 785 -91.75 8.31 51.95
C LYS A 785 -91.19 9.03 50.72
N VAL A 786 -90.18 8.43 50.07
CA VAL A 786 -89.58 9.05 48.91
C VAL A 786 -90.58 9.11 47.76
N SER A 787 -91.35 8.04 47.55
CA SER A 787 -92.35 8.03 46.49
C SER A 787 -93.41 9.11 46.73
N ARG A 788 -93.89 9.23 47.97
CA ARG A 788 -94.87 10.26 48.29
C ARG A 788 -94.31 11.66 48.09
N VAL A 789 -93.06 11.87 48.50
CA VAL A 789 -92.44 13.19 48.34
C VAL A 789 -92.33 13.54 46.86
N TYR A 790 -91.89 12.58 46.04
CA TYR A 790 -91.77 12.82 44.61
C TYR A 790 -93.11 13.13 43.97
N ALA A 791 -94.15 12.35 44.34
CA ALA A 791 -95.47 12.59 43.76
C ALA A 791 -96.03 13.94 44.18
N ASP A 792 -95.85 14.32 45.45
CA ASP A 792 -96.31 15.63 45.91
C ASP A 792 -95.58 16.76 45.21
N LEU A 793 -94.26 16.63 45.04
CA LEU A 793 -93.48 17.64 44.34
C LEU A 793 -93.92 17.76 42.89
N ARG A 794 -94.21 16.64 42.24
CA ARG A 794 -94.70 16.70 40.86
C ARG A 794 -96.07 17.37 40.79
N ARG A 795 -96.95 17.06 41.74
CA ARG A 795 -98.29 17.65 41.72
C ARG A 795 -98.24 19.16 41.95
N GLU A 796 -97.43 19.61 42.91
CA GLU A 796 -97.42 21.03 43.27
C GLU A 796 -96.59 21.88 42.31
N SER A 797 -96.19 21.36 41.15
CA SER A 797 -95.42 22.11 40.19
C SER A 797 -96.28 22.61 39.03
N ILE A 798 -97.01 21.73 38.37
CA ILE A 798 -97.90 22.16 37.28
C ILE A 798 -99.04 23.00 37.82
N SER A 799 -99.53 22.67 39.02
CA SER A 799 -100.64 23.42 39.60
C SER A 799 -100.23 24.86 39.90
N THR A 800 -99.12 25.05 40.61
CA THR A 800 -98.59 26.38 40.86
C THR A 800 -97.08 26.33 41.06
N GLY A 801 -96.32 26.59 40.00
CA GLY A 801 -94.87 26.58 40.10
C GLY A 801 -94.24 26.65 38.74
N SER A 802 -92.97 27.04 38.73
CA SER A 802 -92.20 27.16 37.50
C SER A 802 -90.80 26.59 37.72
N PHE A 803 -90.73 25.48 38.46
CA PHE A 803 -89.49 24.77 38.68
C PHE A 803 -89.67 23.36 38.12
N PRO A 804 -89.02 23.04 37.00
CA PRO A 804 -89.28 21.74 36.36
C PRO A 804 -88.85 20.54 37.20
N ILE A 805 -89.78 19.64 37.46
CA ILE A 805 -89.52 18.43 38.23
C ILE A 805 -89.81 17.22 37.34
N THR A 806 -88.82 16.34 37.20
CA THR A 806 -88.96 15.12 36.42
C THR A 806 -88.44 13.97 37.25
N VAL A 807 -88.28 12.80 36.62
CA VAL A 807 -87.63 11.66 37.27
C VAL A 807 -86.20 11.97 37.65
N ARG A 808 -85.57 12.92 36.96
CA ARG A 808 -84.20 13.34 37.21
C ARG A 808 -84.01 13.95 38.60
N HIS A 809 -85.08 14.46 39.22
CA HIS A 809 -85.01 14.98 40.58
C HIS A 809 -85.27 13.96 41.66
N LEU A 810 -85.79 12.78 41.30
CA LEU A 810 -85.94 11.71 42.28
C LEU A 810 -84.59 11.16 42.71
N GLU A 811 -83.66 11.03 41.77
CA GLU A 811 -82.34 10.47 42.01
C GLU A 811 -81.42 11.41 42.80
N SER A 812 -81.66 12.72 42.73
CA SER A 812 -80.87 13.67 43.49
C SER A 812 -81.01 13.49 45.00
N ILE A 813 -82.20 13.10 45.48
CA ILE A 813 -82.36 12.83 46.90
C ILE A 813 -81.46 11.67 47.32
N LEU A 814 -81.42 10.60 46.52
CA LEU A 814 -80.56 9.47 46.85
C LEU A 814 -79.09 9.85 46.77
N ARG A 815 -78.72 10.68 45.78
CA ARG A 815 -77.33 11.13 45.71
C ARG A 815 -76.94 11.95 46.93
N ILE A 816 -77.82 12.86 47.37
CA ILE A 816 -77.50 13.67 48.55
C ILE A 816 -77.44 12.79 49.79
N ALA A 817 -78.30 11.77 49.88
CA ALA A 817 -78.22 10.84 51.00
C ALA A 817 -76.87 10.11 51.01
N GLU A 818 -76.41 9.65 49.85
CA GLU A 818 -75.11 9.01 49.78
C GLU A 818 -73.98 9.97 50.13
N SER A 819 -74.11 11.24 49.74
CA SER A 819 -73.10 12.23 50.11
C SER A 819 -73.05 12.42 51.62
N PHE A 820 -74.21 12.55 52.27
CA PHE A 820 -74.23 12.71 53.72
C PHE A 820 -73.70 11.46 54.41
N ALA A 821 -73.91 10.29 53.81
CA ALA A 821 -73.29 9.08 54.34
C ALA A 821 -71.78 9.13 54.20
N LYS A 822 -71.28 9.64 53.07
CA LYS A 822 -69.84 9.77 52.89
C LYS A 822 -69.23 10.71 53.92
N MET A 823 -69.96 11.77 54.28
CA MET A 823 -69.43 12.73 55.25
C MET A 823 -69.08 12.05 56.57
N ARG A 824 -69.79 10.98 56.92
CA ARG A 824 -69.57 10.28 58.18
C ARG A 824 -68.60 9.11 58.04
N LEU A 825 -68.04 8.89 56.86
CA LEU A 825 -67.18 7.73 56.60
C LEU A 825 -67.88 6.42 56.95
N SER A 826 -69.15 6.32 56.57
CA SER A 826 -69.95 5.14 56.80
C SER A 826 -70.23 4.43 55.48
N GLU A 827 -70.33 3.10 55.53
CA GLU A 827 -70.53 2.29 54.33
C GLU A 827 -72.00 2.00 54.06
N PHE A 828 -72.91 2.52 54.89
CA PHE A 828 -74.34 2.28 54.70
C PHE A 828 -75.10 3.56 55.01
N VAL A 829 -76.10 3.87 54.18
CA VAL A 829 -76.92 5.06 54.38
C VAL A 829 -78.00 4.76 55.41
N SER A 830 -78.15 5.65 56.38
CA SER A 830 -79.11 5.50 57.46
C SER A 830 -80.35 6.35 57.18
N SER A 831 -81.27 6.39 58.14
CA SER A 831 -82.50 7.17 58.01
C SER A 831 -82.27 8.66 58.19
N TYR A 832 -81.33 9.04 59.07
CA TYR A 832 -81.05 10.45 59.29
C TYR A 832 -80.57 11.12 58.02
N ASP A 833 -79.68 10.47 57.27
CA ASP A 833 -79.14 11.07 56.06
C ASP A 833 -80.22 11.24 55.00
N LEU A 834 -81.08 10.22 54.84
CA LEU A 834 -82.16 10.32 53.87
C LEU A 834 -83.15 11.42 54.24
N ASP A 835 -83.48 11.51 55.54
CA ASP A 835 -84.38 12.57 55.98
C ASP A 835 -83.76 13.95 55.76
N ARG A 836 -82.46 14.08 56.02
CA ARG A 836 -81.78 15.35 55.79
C ARG A 836 -81.76 15.71 54.31
N ALA A 837 -81.55 14.72 53.44
CA ALA A 837 -81.59 14.97 52.00
C ALA A 837 -82.98 15.42 51.57
N ILE A 838 -84.03 14.77 52.08
CA ILE A 838 -85.39 15.17 51.75
C ILE A 838 -85.66 16.59 52.21
N LYS A 839 -85.21 16.93 53.42
CA LYS A 839 -85.39 18.29 53.92
C LYS A 839 -84.68 19.31 53.04
N VAL A 840 -83.46 19.01 52.62
CA VAL A 840 -82.71 19.92 51.76
C VAL A 840 -83.44 20.14 50.44
N VAL A 841 -83.90 19.04 49.82
CA VAL A 841 -84.58 19.16 48.53
C VAL A 841 -85.89 19.94 48.69
N VAL A 842 -86.63 19.71 49.77
CA VAL A 842 -87.89 20.41 49.97
C VAL A 842 -87.67 21.90 50.20
N ASP A 843 -86.67 22.25 51.02
CA ASP A 843 -86.35 23.65 51.26
C ASP A 843 -85.79 24.34 50.03
N SER A 844 -85.14 23.62 49.13
CA SER A 844 -84.67 24.19 47.88
C SER A 844 -85.79 24.48 46.89
N PHE A 845 -86.94 23.82 47.04
CA PHE A 845 -88.09 24.01 46.17
C PHE A 845 -89.07 25.04 46.72
N VAL A 846 -89.26 25.06 48.04
CA VAL A 846 -90.25 25.96 48.62
C VAL A 846 -89.82 27.42 48.50
N ASP A 847 -88.51 27.69 48.66
CA ASP A 847 -88.01 29.04 48.72
C ASP A 847 -87.80 29.67 47.34
N ALA A 848 -88.24 29.01 46.28
CA ALA A 848 -88.15 29.55 44.93
C ALA A 848 -89.54 29.80 44.37
N GLN A 849 -90.50 30.10 45.24
CA GLN A 849 -91.88 30.31 44.86
C GLN A 849 -92.22 31.80 44.97
N LYS A 850 -93.48 32.13 44.66
CA LYS A 850 -93.99 33.47 44.88
C LYS A 850 -94.34 33.65 46.36
N VAL A 851 -94.35 34.91 46.80
CA VAL A 851 -94.66 35.19 48.20
C VAL A 851 -96.11 34.86 48.53
N SER A 852 -96.96 34.77 47.50
CA SER A 852 -98.38 34.51 47.75
C SER A 852 -98.60 33.05 48.16
N VAL A 853 -97.97 32.10 47.46
CA VAL A 853 -98.24 30.68 47.71
C VAL A 853 -97.17 30.02 48.57
N ARG A 854 -96.10 30.74 48.93
CA ARG A 854 -95.00 30.14 49.67
C ARG A 854 -95.46 29.68 51.06
N ARG A 855 -96.28 30.48 51.73
CA ARG A 855 -96.73 30.11 53.07
C ARG A 855 -97.61 28.87 53.04
N GLN A 856 -98.44 28.72 52.02
CA GLN A 856 -99.26 27.52 51.91
C GLN A 856 -98.43 26.29 51.55
N LEU A 857 -97.48 26.46 50.63
CA LEU A 857 -96.64 25.32 50.21
C LEU A 857 -95.77 24.84 51.37
N ARG A 858 -95.21 25.76 52.14
CA ARG A 858 -94.37 25.37 53.28
C ARG A 858 -95.17 24.56 54.30
N ARG A 859 -96.40 24.99 54.58
CA ARG A 859 -97.25 24.25 55.51
C ARG A 859 -97.63 22.89 54.94
N SER A 860 -97.90 22.83 53.63
CA SER A 860 -98.30 21.56 53.03
C SER A 860 -97.15 20.55 53.03
N PHE A 861 -95.92 21.01 52.86
CA PHE A 861 -94.77 20.13 52.81
C PHE A 861 -94.11 19.89 54.16
N ALA A 862 -94.70 20.41 55.25
CA ALA A 862 -94.03 20.37 56.54
C ALA A 862 -94.20 19.03 57.26
N ILE A 863 -95.13 18.18 56.81
CA ILE A 863 -95.35 16.92 57.50
C ILE A 863 -94.19 15.95 57.27
N TYR A 864 -93.55 16.03 56.10
CA TYR A 864 -92.47 15.09 55.79
C TYR A 864 -91.25 15.33 56.66
N THR A 865 -90.93 16.61 56.91
CA THR A 865 -89.76 16.96 57.71
C THR A 865 -90.18 17.23 59.16
N LEU A 866 -90.57 16.15 59.83
CA LEU A 866 -91.03 16.27 61.22
C LEU A 866 -89.86 16.52 62.16
N GLY A 867 -88.73 15.86 61.93
CA GLY A 867 -87.57 16.02 62.78
C GLY A 867 -86.91 17.38 62.64
N ASP B 53 -32.39 -22.65 -23.81
CA ASP B 53 -31.55 -23.65 -24.44
C ASP B 53 -32.39 -24.66 -25.21
N ALA B 54 -32.44 -25.91 -24.73
CA ALA B 54 -33.24 -26.92 -25.39
C ALA B 54 -34.73 -26.69 -25.18
N VAL B 55 -35.12 -26.29 -23.97
CA VAL B 55 -36.53 -26.04 -23.68
C VAL B 55 -37.03 -24.86 -24.50
N PHE B 56 -36.20 -23.83 -24.67
CA PHE B 56 -36.59 -22.67 -25.45
C PHE B 56 -36.89 -23.06 -26.89
N GLY B 57 -35.99 -23.84 -27.50
CA GLY B 57 -36.21 -24.28 -28.86
C GLY B 57 -37.40 -25.21 -29.01
N ASP B 58 -37.59 -26.11 -28.02
CA ASP B 58 -38.74 -27.00 -28.07
C ASP B 58 -40.05 -26.22 -28.01
N ARG B 59 -40.12 -25.21 -27.13
CA ARG B 59 -41.33 -24.39 -27.05
C ARG B 59 -41.54 -23.55 -28.30
N VAL B 60 -40.44 -23.07 -28.90
CA VAL B 60 -40.57 -22.35 -30.17
C VAL B 60 -41.14 -23.27 -31.24
N ARG B 61 -40.68 -24.52 -31.29
CA ARG B 61 -41.21 -25.48 -32.25
C ARG B 61 -42.68 -25.75 -31.99
N ARG B 62 -43.07 -25.90 -30.72
CA ARG B 62 -44.47 -26.14 -30.38
C ARG B 62 -45.36 -25.00 -30.86
N PHE B 63 -44.95 -23.76 -30.57
CA PHE B 63 -45.75 -22.62 -31.00
C PHE B 63 -45.76 -22.48 -32.51
N GLN B 64 -44.65 -22.81 -33.17
CA GLN B 64 -44.62 -22.79 -34.63
C GLN B 64 -45.63 -23.79 -35.21
N GLU B 65 -45.71 -24.98 -34.64
CA GLU B 65 -46.73 -25.94 -35.06
C GLU B 65 -48.14 -25.42 -34.82
N PHE B 66 -48.36 -24.78 -33.66
CA PHE B 66 -49.66 -24.21 -33.37
C PHE B 66 -50.06 -23.18 -34.41
N LEU B 67 -49.09 -22.38 -34.87
CA LEU B 67 -49.40 -21.32 -35.82
C LEU B 67 -49.87 -21.84 -37.18
N ASP B 68 -49.25 -22.90 -37.70
CA ASP B 68 -49.75 -23.42 -38.98
C ASP B 68 -50.90 -24.40 -38.81
N THR B 69 -51.20 -24.83 -37.58
CA THR B 69 -52.41 -25.61 -37.37
C THR B 69 -53.66 -24.77 -37.62
N PHE B 70 -53.73 -23.57 -37.04
CA PHE B 70 -54.85 -22.64 -37.24
C PHE B 70 -54.39 -21.55 -38.20
N THR B 71 -55.06 -21.45 -39.35
CA THR B 71 -54.58 -20.56 -40.40
C THR B 71 -55.04 -19.11 -40.24
N SER B 72 -55.90 -18.83 -39.27
CA SER B 72 -56.45 -17.48 -39.13
C SER B 72 -55.35 -16.47 -38.79
N TYR B 73 -54.46 -16.84 -37.86
CA TYR B 73 -53.41 -15.91 -37.45
C TYR B 73 -52.46 -15.61 -38.60
N ARG B 74 -52.13 -16.62 -39.41
CA ARG B 74 -51.30 -16.42 -40.58
C ARG B 74 -51.94 -15.49 -41.59
N ASP B 75 -53.26 -15.56 -41.77
CA ASP B 75 -53.96 -14.62 -42.64
C ASP B 75 -53.98 -13.21 -42.08
N SER B 76 -54.16 -13.04 -40.77
CA SER B 76 -54.13 -11.71 -40.18
C SER B 76 -52.75 -11.08 -40.32
N VAL B 77 -51.70 -11.88 -40.13
CA VAL B 77 -50.33 -11.38 -40.31
C VAL B 77 -50.16 -10.84 -41.73
N ARG B 78 -50.61 -11.61 -42.73
CA ARG B 78 -50.47 -11.17 -44.11
C ARG B 78 -51.30 -9.93 -44.38
N SER B 79 -52.51 -9.85 -43.82
CA SER B 79 -53.33 -8.65 -44.03
C SER B 79 -52.64 -7.41 -43.49
N ILE B 80 -52.12 -7.49 -42.27
CA ILE B 80 -51.41 -6.34 -41.69
C ILE B 80 -50.19 -6.00 -42.54
N GLN B 81 -49.44 -7.02 -42.96
CA GLN B 81 -48.23 -6.80 -43.73
C GLN B 81 -48.52 -6.10 -45.06
N VAL B 82 -49.52 -6.59 -45.79
CA VAL B 82 -49.84 -6.00 -47.09
C VAL B 82 -50.40 -4.60 -46.92
N TYR B 83 -51.20 -4.37 -45.86
CA TYR B 83 -51.69 -3.03 -45.60
C TYR B 83 -50.54 -2.06 -45.37
N ASN B 84 -49.61 -2.41 -44.49
CA ASN B 84 -48.49 -1.52 -44.20
C ASN B 84 -47.62 -1.33 -45.44
N SER B 85 -47.42 -2.40 -46.23
CA SER B 85 -46.57 -2.30 -47.41
C SER B 85 -47.18 -1.38 -48.46
N ASN B 86 -48.45 -1.59 -48.81
CA ASN B 86 -49.02 -0.81 -49.90
C ASN B 86 -49.44 0.59 -49.45
N ASN B 87 -49.49 0.81 -48.13
CA ASN B 87 -49.68 2.18 -47.65
C ASN B 87 -48.47 3.06 -47.94
N ALA B 88 -47.26 2.53 -47.75
CA ALA B 88 -46.06 3.32 -48.00
C ALA B 88 -45.83 3.61 -49.47
N ALA B 89 -46.41 2.81 -50.37
CA ALA B 89 -46.26 3.01 -51.80
C ALA B 89 -47.15 4.10 -52.35
N ASN B 90 -48.11 4.59 -51.55
CA ASN B 90 -49.02 5.65 -51.99
C ASN B 90 -48.34 7.00 -51.76
N TYR B 91 -47.57 7.42 -52.76
CA TYR B 91 -46.88 8.71 -52.67
C TYR B 91 -47.88 9.86 -52.59
N ASN B 92 -48.94 9.81 -53.40
CA ASN B 92 -50.02 10.79 -53.31
C ASN B 92 -51.04 10.32 -52.26
N ASP B 93 -50.62 10.44 -51.00
CA ASP B 93 -51.42 9.94 -49.90
C ASP B 93 -52.68 10.79 -49.71
N ASP B 94 -53.66 10.21 -49.02
CA ASP B 94 -54.92 10.88 -48.75
C ASP B 94 -54.72 12.03 -47.76
N ASN B 125 -52.59 5.50 -38.97
CA ASN B 125 -52.07 5.38 -40.32
C ASN B 125 -51.24 4.11 -40.50
N ILE B 126 -50.54 3.72 -39.44
CA ILE B 126 -49.69 2.53 -39.46
C ILE B 126 -50.21 1.56 -38.41
N LEU B 127 -50.49 0.33 -38.84
CA LEU B 127 -51.03 -0.67 -37.92
C LEU B 127 -49.90 -1.30 -37.11
N PRO B 128 -50.05 -1.39 -35.80
CA PRO B 128 -49.00 -2.00 -34.98
C PRO B 128 -48.90 -3.50 -35.20
N HIS B 129 -47.74 -4.05 -34.86
CA HIS B 129 -47.47 -5.48 -35.00
C HIS B 129 -47.94 -6.19 -33.73
N ARG B 130 -49.23 -6.50 -33.69
CA ARG B 130 -49.81 -7.17 -32.53
C ARG B 130 -51.06 -7.92 -32.95
N ILE B 131 -51.15 -9.18 -32.54
CA ILE B 131 -52.30 -10.03 -32.84
C ILE B 131 -53.01 -10.40 -31.54
N ILE B 132 -54.24 -10.87 -31.63
CA ILE B 132 -55.00 -11.35 -30.48
C ILE B 132 -55.34 -12.81 -30.74
N ILE B 133 -54.77 -13.70 -29.92
CA ILE B 133 -55.02 -15.13 -30.03
C ILE B 133 -55.99 -15.53 -28.93
N SER B 134 -56.75 -16.59 -29.17
CA SER B 134 -57.70 -17.07 -28.18
C SER B 134 -57.06 -18.16 -27.33
N LEU B 135 -57.14 -18.01 -26.01
CA LEU B 135 -56.64 -19.04 -25.10
C LEU B 135 -57.43 -20.33 -25.26
N ASP B 136 -58.70 -20.23 -25.67
CA ASP B 136 -59.53 -21.41 -25.78
C ASP B 136 -58.96 -22.40 -26.79
N ASP B 137 -58.64 -21.93 -27.99
CA ASP B 137 -58.12 -22.82 -29.03
C ASP B 137 -56.83 -23.48 -28.61
N LEU B 138 -55.93 -22.71 -27.96
CA LEU B 138 -54.72 -23.29 -27.41
C LEU B 138 -55.03 -24.36 -26.38
N ARG B 139 -56.16 -24.22 -25.67
CA ARG B 139 -56.53 -25.23 -24.69
C ARG B 139 -56.81 -26.58 -25.35
N GLU B 140 -57.53 -26.61 -26.48
CA GLU B 140 -57.71 -27.89 -27.17
C GLU B 140 -56.42 -28.34 -27.83
N PHE B 141 -55.61 -27.41 -28.34
CA PHE B 141 -54.42 -27.83 -29.08
C PHE B 141 -53.40 -28.50 -28.15
N ASP B 142 -52.90 -27.77 -27.16
CA ASP B 142 -51.90 -28.30 -26.24
C ASP B 142 -52.26 -27.86 -24.83
N ARG B 143 -52.67 -28.81 -23.99
CA ARG B 143 -53.02 -28.47 -22.61
C ARG B 143 -51.79 -28.02 -21.84
N SER B 144 -50.63 -28.63 -22.09
CA SER B 144 -49.42 -28.27 -21.37
C SER B 144 -48.99 -26.84 -21.66
N PHE B 145 -49.02 -26.42 -22.92
CA PHE B 145 -48.60 -25.07 -23.26
C PHE B 145 -49.57 -24.03 -22.72
N TRP B 146 -50.87 -24.32 -22.78
CA TRP B 146 -51.88 -23.43 -22.21
C TRP B 146 -51.70 -23.28 -20.70
N SER B 147 -51.48 -24.41 -20.01
CA SER B 147 -51.24 -24.37 -18.58
C SER B 147 -49.97 -23.60 -18.25
N GLY B 148 -48.93 -23.75 -19.09
CA GLY B 148 -47.71 -22.99 -18.88
C GLY B 148 -47.90 -21.50 -19.04
N ILE B 149 -48.65 -21.09 -20.06
CA ILE B 149 -48.91 -19.66 -20.25
C ILE B 149 -49.72 -19.10 -19.08
N LEU B 150 -50.75 -19.81 -18.65
CA LEU B 150 -51.60 -19.29 -17.58
C LEU B 150 -50.88 -19.30 -16.23
N VAL B 151 -50.00 -20.28 -15.99
CA VAL B 151 -49.41 -20.43 -14.67
C VAL B 151 -48.01 -19.81 -14.62
N GLU B 152 -47.21 -20.02 -15.66
CA GLU B 152 -45.82 -19.57 -15.70
C GLU B 152 -45.59 -18.77 -16.96
N PRO B 153 -46.16 -17.56 -17.05
CA PRO B 153 -46.08 -16.80 -18.30
C PRO B 153 -44.66 -16.40 -18.69
N ALA B 154 -43.79 -16.15 -17.70
CA ALA B 154 -42.46 -15.64 -17.96
C ALA B 154 -41.54 -16.64 -18.65
N TYR B 155 -41.96 -17.91 -18.75
CA TYR B 155 -41.16 -18.93 -19.43
C TYR B 155 -41.84 -19.46 -20.67
N PHE B 156 -43.00 -18.95 -21.04
CA PHE B 156 -43.73 -19.41 -22.22
C PHE B 156 -44.12 -18.30 -23.18
N ILE B 157 -44.17 -17.05 -22.74
CA ILE B 157 -44.51 -15.96 -23.65
C ILE B 157 -43.32 -15.57 -24.52
N PRO B 158 -42.11 -15.38 -23.98
CA PRO B 158 -40.96 -15.04 -24.85
C PRO B 158 -40.69 -16.08 -25.91
N PRO B 159 -40.78 -17.39 -25.62
CA PRO B 159 -40.64 -18.36 -26.73
C PRO B 159 -41.70 -18.22 -27.80
N ALA B 160 -42.93 -17.83 -27.41
CA ALA B 160 -43.99 -17.67 -28.40
C ALA B 160 -43.77 -16.44 -29.26
N GLU B 161 -43.27 -15.35 -28.66
CA GLU B 161 -43.04 -14.14 -29.43
C GLU B 161 -41.96 -14.32 -30.50
N LYS B 162 -40.90 -15.07 -30.19
CA LYS B 162 -39.87 -15.32 -31.19
C LYS B 162 -40.42 -16.11 -32.36
N ALA B 163 -41.26 -17.12 -32.08
CA ALA B 163 -41.86 -17.90 -33.16
C ALA B 163 -42.79 -17.04 -34.01
N LEU B 164 -43.57 -16.17 -33.38
CA LEU B 164 -44.43 -15.27 -34.15
C LEU B 164 -43.61 -14.34 -35.02
N THR B 165 -42.50 -13.80 -34.48
CA THR B 165 -41.63 -12.96 -35.28
C THR B 165 -41.03 -13.73 -36.45
N ASP B 166 -40.65 -14.99 -36.22
CA ASP B 166 -40.09 -15.80 -37.31
C ASP B 166 -41.11 -16.02 -38.41
N LEU B 167 -42.36 -16.35 -38.04
CA LEU B 167 -43.40 -16.54 -39.04
C LEU B 167 -43.65 -15.25 -39.83
N ALA B 168 -43.73 -14.12 -39.13
CA ALA B 168 -43.95 -12.85 -39.81
C ALA B 168 -42.81 -12.51 -40.75
N ASP B 169 -41.57 -12.78 -40.33
CA ASP B 169 -40.42 -12.55 -41.21
C ASP B 169 -40.46 -13.44 -42.43
N SER B 170 -40.89 -14.70 -42.25
CA SER B 170 -41.02 -15.60 -43.39
C SER B 170 -42.07 -15.14 -44.37
N MET B 171 -43.18 -14.57 -43.89
CA MET B 171 -44.23 -14.12 -44.81
C MET B 171 -43.75 -12.99 -45.71
N ASP B 172 -43.00 -12.03 -45.15
CA ASP B 172 -42.60 -10.84 -45.90
C ASP B 172 -41.54 -11.22 -46.94
N ASP B 173 -42.02 -11.46 -48.17
CA ASP B 173 -41.12 -11.77 -49.27
C ASP B 173 -40.55 -10.50 -49.90
N VAL B 174 -41.35 -9.44 -49.94
CA VAL B 174 -40.89 -8.20 -50.59
C VAL B 174 -39.76 -7.59 -49.78
N PRO B 175 -38.68 -7.13 -50.42
CA PRO B 175 -37.59 -6.50 -49.67
C PRO B 175 -37.97 -5.09 -49.24
N HIS B 176 -37.37 -4.65 -48.14
CA HIS B 176 -37.55 -3.29 -47.62
C HIS B 176 -36.19 -2.68 -47.29
N PRO B 177 -35.43 -2.28 -48.31
CA PRO B 177 -34.11 -1.64 -48.05
C PRO B 177 -34.25 -0.20 -47.58
N ASN B 178 -34.93 -0.03 -46.44
CA ASN B 178 -35.16 1.30 -45.90
C ASN B 178 -33.86 1.87 -45.31
N ALA B 179 -33.83 3.19 -45.17
CA ALA B 179 -32.62 3.86 -44.69
C ALA B 179 -32.29 3.46 -43.26
N SER B 180 -33.30 3.35 -42.39
CA SER B 180 -33.05 3.10 -40.99
C SER B 180 -33.96 2.04 -40.37
N ALA B 181 -34.86 1.44 -41.16
CA ALA B 181 -35.73 0.41 -40.60
C ALA B 181 -34.98 -0.90 -40.37
N VAL B 182 -33.78 -1.02 -40.93
CA VAL B 182 -32.96 -2.22 -40.76
C VAL B 182 -32.51 -2.34 -39.31
N SER B 183 -32.25 -1.21 -38.66
CA SER B 183 -31.76 -1.23 -37.30
C SER B 183 -32.85 -1.62 -36.31
N SER B 184 -34.05 -1.09 -36.49
CA SER B 184 -35.17 -1.36 -35.60
C SER B 184 -36.13 -2.33 -36.25
N ARG B 185 -36.25 -3.53 -35.66
CA ARG B 185 -37.09 -4.59 -36.21
C ARG B 185 -38.56 -4.47 -35.82
N HIS B 186 -38.85 -3.84 -34.68
CA HIS B 186 -40.20 -3.79 -34.13
C HIS B 186 -40.79 -5.19 -34.01
N PRO B 187 -40.32 -6.00 -33.06
CA PRO B 187 -40.75 -7.39 -32.98
C PRO B 187 -42.25 -7.51 -32.71
N TRP B 188 -42.83 -8.59 -33.24
CA TRP B 188 -44.25 -8.84 -33.08
C TRP B 188 -44.55 -9.32 -31.66
N LYS B 189 -45.72 -8.91 -31.16
CA LYS B 189 -46.16 -9.26 -29.81
C LYS B 189 -47.51 -9.94 -29.87
N LEU B 190 -48.00 -10.35 -28.70
CA LEU B 190 -49.20 -11.17 -28.58
C LEU B 190 -50.20 -10.57 -27.61
N SER B 191 -51.47 -10.88 -27.84
CA SER B 191 -52.56 -10.53 -26.94
C SER B 191 -53.47 -11.75 -26.79
N PHE B 192 -54.20 -11.79 -25.68
CA PHE B 192 -54.97 -12.97 -25.32
C PHE B 192 -56.43 -12.62 -25.09
N LYS B 193 -57.29 -13.62 -25.26
CA LYS B 193 -58.73 -13.51 -25.05
C LYS B 193 -59.24 -14.91 -24.68
N GLY B 194 -60.53 -15.00 -24.40
CA GLY B 194 -61.13 -16.27 -24.02
C GLY B 194 -61.59 -16.30 -22.57
N SER B 195 -61.52 -17.47 -21.98
CA SER B 195 -61.90 -17.66 -20.58
C SER B 195 -60.65 -17.82 -19.73
N PHE B 196 -60.61 -17.08 -18.62
CA PHE B 196 -59.47 -17.11 -17.71
C PHE B 196 -59.72 -17.95 -16.47
N GLY B 197 -60.92 -18.47 -16.30
CA GLY B 197 -61.21 -19.30 -15.15
C GLY B 197 -61.13 -18.51 -13.87
N ALA B 198 -60.24 -18.95 -12.98
CA ALA B 198 -60.06 -18.34 -11.67
C ALA B 198 -59.12 -17.14 -11.70
N HIS B 199 -58.58 -16.78 -12.87
CA HIS B 199 -57.65 -15.68 -13.00
C HIS B 199 -58.33 -14.35 -13.27
N ALA B 200 -59.66 -14.31 -13.28
CA ALA B 200 -60.40 -13.07 -13.41
C ALA B 200 -60.68 -12.51 -12.02
N LEU B 201 -60.05 -11.39 -11.69
CA LEU B 201 -60.08 -10.86 -10.34
C LEU B 201 -60.32 -9.35 -10.39
N SER B 202 -60.17 -8.70 -9.24
CA SER B 202 -60.34 -7.27 -9.08
C SER B 202 -59.18 -6.75 -8.25
N PRO B 203 -58.94 -5.43 -8.23
CA PRO B 203 -57.80 -4.91 -7.43
C PRO B 203 -57.86 -5.26 -5.95
N ARG B 204 -58.96 -5.82 -5.45
CA ARG B 204 -59.06 -6.19 -4.05
C ARG B 204 -58.72 -7.65 -3.78
N THR B 205 -59.13 -8.56 -4.67
CA THR B 205 -58.89 -9.98 -4.50
C THR B 205 -57.54 -10.41 -5.06
N LEU B 206 -56.64 -9.47 -5.31
CA LEU B 206 -55.32 -9.79 -5.84
C LEU B 206 -54.31 -9.76 -4.71
N THR B 207 -53.70 -10.91 -4.41
CA THR B 207 -52.79 -11.05 -3.29
C THR B 207 -51.44 -11.61 -3.74
N ALA B 208 -50.60 -11.99 -2.78
CA ALA B 208 -49.27 -12.50 -3.06
C ALA B 208 -49.29 -13.89 -3.66
N GLN B 209 -50.45 -14.54 -3.71
CA GLN B 209 -50.58 -15.86 -4.31
C GLN B 209 -50.67 -15.79 -5.83
N HIS B 210 -50.89 -14.62 -6.40
CA HIS B 210 -51.06 -14.46 -7.84
C HIS B 210 -49.84 -13.87 -8.53
N LEU B 211 -48.73 -13.68 -7.83
CA LEU B 211 -47.55 -13.09 -8.44
C LEU B 211 -46.96 -14.02 -9.48
N ASN B 212 -46.39 -13.43 -10.54
CA ASN B 212 -45.85 -14.16 -11.68
C ASN B 212 -46.91 -15.06 -12.34
N LYS B 213 -48.11 -14.52 -12.49
CA LYS B 213 -49.22 -15.21 -13.13
C LYS B 213 -49.91 -14.26 -14.09
N LEU B 214 -50.57 -14.83 -15.11
CA LEU B 214 -51.34 -14.06 -16.06
C LEU B 214 -52.75 -13.83 -15.50
N VAL B 215 -53.10 -12.55 -15.32
CA VAL B 215 -54.36 -12.18 -14.69
C VAL B 215 -55.06 -11.11 -15.52
N SER B 216 -56.33 -10.91 -15.22
CA SER B 216 -57.13 -9.84 -15.79
C SER B 216 -57.86 -9.12 -14.65
N VAL B 217 -57.78 -7.79 -14.65
CA VAL B 217 -58.39 -6.98 -13.60
C VAL B 217 -59.36 -5.99 -14.22
N GLU B 218 -60.51 -5.82 -13.58
CA GLU B 218 -61.57 -4.92 -14.02
C GLU B 218 -61.64 -3.74 -13.07
N GLY B 219 -61.77 -2.53 -13.61
CA GLY B 219 -61.83 -1.38 -12.74
C GLY B 219 -62.07 -0.09 -13.49
N ILE B 220 -61.81 1.01 -12.80
CA ILE B 220 -62.00 2.36 -13.32
C ILE B 220 -60.68 3.09 -13.26
N VAL B 221 -60.31 3.72 -14.37
CA VAL B 221 -59.07 4.49 -14.43
C VAL B 221 -59.25 5.80 -13.67
N THR B 222 -58.29 6.11 -12.80
CA THR B 222 -58.31 7.35 -12.04
C THR B 222 -57.20 8.32 -12.42
N LYS B 223 -55.96 7.83 -12.54
CA LYS B 223 -54.82 8.66 -12.85
C LYS B 223 -54.02 8.06 -14.00
N THR B 224 -53.44 8.93 -14.81
CA THR B 224 -52.52 8.53 -15.87
C THR B 224 -51.29 9.43 -15.82
N SER B 225 -50.15 8.89 -16.26
CA SER B 225 -48.93 9.68 -16.30
C SER B 225 -48.67 10.19 -17.71
N LEU B 226 -47.75 11.15 -17.82
CA LEU B 226 -47.38 11.70 -19.11
C LEU B 226 -46.56 10.70 -19.92
N VAL B 227 -46.71 10.76 -21.24
CA VAL B 227 -46.02 9.82 -22.11
C VAL B 227 -44.58 10.28 -22.33
N ARG B 228 -43.64 9.39 -22.04
CA ARG B 228 -42.22 9.70 -22.13
C ARG B 228 -41.56 8.69 -23.05
N PRO B 229 -40.46 9.05 -23.70
CA PRO B 229 -39.71 8.07 -24.50
C PRO B 229 -38.61 7.39 -23.69
N LYS B 230 -38.40 6.11 -23.94
CA LYS B 230 -37.41 5.30 -23.24
C LYS B 230 -36.48 4.64 -24.25
N LEU B 231 -35.19 4.65 -23.92
CA LEU B 231 -34.13 4.16 -24.79
C LEU B 231 -34.05 2.64 -24.69
N ILE B 232 -33.94 1.97 -25.84
CA ILE B 232 -33.79 0.52 -25.87
C ILE B 232 -32.50 0.08 -26.53
N ARG B 233 -31.97 0.82 -27.49
CA ARG B 233 -30.71 0.47 -28.16
C ARG B 233 -30.09 1.75 -28.69
N SER B 234 -28.77 1.86 -28.53
CA SER B 234 -28.03 3.04 -28.96
C SER B 234 -27.00 2.62 -30.00
N VAL B 235 -26.84 3.46 -31.03
CA VAL B 235 -25.92 3.19 -32.12
C VAL B 235 -24.91 4.34 -32.20
N HIS B 236 -23.64 3.98 -32.33
CA HIS B 236 -22.54 4.95 -32.34
C HIS B 236 -21.68 4.72 -33.57
N TYR B 237 -21.13 5.81 -34.11
CA TYR B 237 -20.27 5.77 -35.29
C TYR B 237 -18.83 6.02 -34.86
N ALA B 238 -17.91 5.26 -35.42
CA ALA B 238 -16.49 5.35 -35.10
C ALA B 238 -15.74 5.98 -36.26
N ALA B 239 -14.99 7.04 -35.98
CA ALA B 239 -14.15 7.66 -36.98
C ALA B 239 -12.91 6.81 -37.23
N LYS B 240 -12.24 7.08 -38.35
CA LYS B 240 -11.00 6.44 -38.75
C LYS B 240 -11.19 4.96 -39.09
N THR B 241 -12.40 4.44 -38.92
CA THR B 241 -12.66 3.04 -39.25
C THR B 241 -13.94 2.92 -40.08
N GLY B 242 -14.91 3.77 -39.82
CA GLY B 242 -16.13 3.83 -40.60
C GLY B 242 -17.18 2.78 -40.26
N ARG B 243 -17.01 2.03 -39.19
CA ARG B 243 -18.00 1.03 -38.79
C ARG B 243 -18.82 1.53 -37.60
N PHE B 244 -19.99 0.93 -37.42
CA PHE B 244 -20.91 1.29 -36.35
C PHE B 244 -20.84 0.26 -35.23
N HIS B 245 -21.23 0.67 -34.03
CA HIS B 245 -21.30 -0.20 -32.87
C HIS B 245 -22.57 0.09 -32.08
N TYR B 246 -23.25 -0.96 -31.62
CA TYR B 246 -24.52 -0.78 -30.91
C TYR B 246 -24.43 -1.35 -29.51
N ARG B 247 -25.14 -0.70 -28.58
CA ARG B 247 -25.27 -1.14 -27.20
C ARG B 247 -26.74 -1.31 -26.87
N ASP B 248 -27.08 -2.42 -26.22
CA ASP B 248 -28.45 -2.74 -25.88
C ASP B 248 -28.73 -2.38 -24.43
N TYR B 249 -29.98 -2.03 -24.13
CA TYR B 249 -30.40 -1.68 -22.79
C TYR B 249 -31.65 -2.46 -22.42
N THR B 250 -31.75 -2.84 -21.15
CA THR B 250 -32.91 -3.54 -20.63
C THR B 250 -33.28 -2.96 -19.28
N ASP B 251 -34.54 -3.13 -18.91
CA ASP B 251 -35.06 -2.65 -17.63
C ASP B 251 -35.99 -3.70 -17.05
N ALA B 252 -36.29 -3.54 -15.76
CA ALA B 252 -37.19 -4.48 -15.09
C ALA B 252 -38.58 -4.46 -15.71
N THR B 253 -39.09 -3.28 -16.05
CA THR B 253 -40.42 -3.18 -16.64
C THR B 253 -40.41 -3.53 -18.12
N THR B 254 -39.24 -3.51 -18.76
CA THR B 254 -39.18 -3.76 -20.20
C THR B 254 -39.39 -5.23 -20.52
N THR B 255 -38.73 -6.12 -19.78
CA THR B 255 -38.71 -7.54 -20.10
C THR B 255 -39.32 -8.35 -18.96
N LEU B 256 -39.74 -9.57 -19.30
CA LEU B 256 -40.35 -10.48 -18.34
C LEU B 256 -39.33 -11.29 -17.55
N THR B 257 -38.05 -11.23 -17.92
CA THR B 257 -37.00 -11.98 -17.25
C THR B 257 -35.99 -11.02 -16.64
N THR B 258 -35.57 -11.32 -15.42
CA THR B 258 -34.60 -10.50 -14.71
C THR B 258 -33.22 -10.67 -15.32
N ARG B 259 -32.53 -9.57 -15.55
CA ARG B 259 -31.20 -9.58 -16.16
C ARG B 259 -30.30 -8.61 -15.42
N ILE B 260 -29.03 -8.59 -15.81
CA ILE B 260 -28.09 -7.63 -15.23
C ILE B 260 -28.48 -6.23 -15.66
N PRO B 261 -28.59 -5.28 -14.74
CA PRO B 261 -29.07 -3.94 -15.12
C PRO B 261 -28.04 -3.17 -15.95
N THR B 262 -28.54 -2.13 -16.62
CA THR B 262 -27.74 -1.27 -17.47
C THR B 262 -27.75 0.16 -16.96
N PRO B 263 -26.62 0.85 -17.01
CA PRO B 263 -26.54 2.21 -16.44
C PRO B 263 -27.06 3.32 -17.33
N ALA B 264 -27.48 3.01 -18.57
CA ALA B 264 -28.01 4.01 -19.51
C ALA B 264 -27.05 5.16 -19.75
N ILE B 265 -25.78 4.85 -19.95
CA ILE B 265 -24.75 5.84 -20.28
C ILE B 265 -24.17 5.49 -21.64
N TYR B 266 -24.15 6.47 -22.54
CA TYR B 266 -23.71 6.23 -23.91
C TYR B 266 -22.21 5.92 -23.93
N PRO B 267 -21.79 4.87 -24.64
CA PRO B 267 -20.36 4.63 -24.80
C PRO B 267 -19.68 5.79 -25.52
N THR B 268 -18.47 6.11 -25.08
CA THR B 268 -17.71 7.22 -25.65
C THR B 268 -16.40 6.77 -26.29
N GLU B 269 -15.84 5.66 -25.82
CA GLU B 269 -14.56 5.17 -26.32
C GLU B 269 -14.74 3.81 -26.99
N ASP B 270 -14.12 3.65 -28.16
CA ASP B 270 -14.13 2.37 -28.85
C ASP B 270 -13.22 1.39 -28.11
N THR B 271 -13.25 0.13 -28.56
CA THR B 271 -12.37 -0.88 -27.99
C THR B 271 -10.91 -0.53 -28.24
N GLU B 272 -10.62 0.11 -29.37
CA GLU B 272 -9.27 0.55 -29.69
C GLU B 272 -8.99 1.98 -29.24
N GLY B 273 -9.96 2.65 -28.61
CA GLY B 273 -9.77 3.99 -28.13
C GLY B 273 -10.22 5.09 -29.05
N ASN B 274 -10.76 4.75 -30.22
CA ASN B 274 -11.26 5.76 -31.15
C ASN B 274 -12.51 6.42 -30.60
N LYS B 275 -12.64 7.71 -30.85
CA LYS B 275 -13.80 8.45 -30.36
C LYS B 275 -15.07 7.97 -31.05
N LEU B 276 -16.14 7.83 -30.25
CA LEU B 276 -17.43 7.38 -30.72
C LEU B 276 -18.41 8.55 -30.71
N THR B 277 -19.21 8.65 -31.77
CA THR B 277 -20.21 9.71 -31.87
C THR B 277 -21.60 9.10 -31.91
N THR B 278 -22.48 9.57 -31.03
CA THR B 278 -23.85 9.07 -31.00
C THR B 278 -24.62 9.57 -32.22
N GLU B 279 -25.31 8.64 -32.88
CA GLU B 279 -26.05 8.94 -34.12
C GLU B 279 -27.54 8.71 -33.85
N TYR B 280 -28.21 9.75 -33.37
CA TYR B 280 -29.66 9.71 -33.23
C TYR B 280 -30.30 9.57 -34.61
N GLY B 281 -31.43 8.87 -34.66
CA GLY B 281 -32.07 8.52 -35.91
C GLY B 281 -31.85 7.08 -36.32
N TYR B 282 -30.87 6.41 -35.72
CA TYR B 282 -30.71 4.97 -35.84
C TYR B 282 -30.97 4.22 -34.55
N SER B 283 -31.11 4.93 -33.43
CA SER B 283 -31.40 4.29 -32.15
C SER B 283 -32.89 3.95 -32.06
N THR B 284 -33.25 3.28 -30.96
CA THR B 284 -34.61 2.82 -30.74
C THR B 284 -35.17 3.40 -29.46
N PHE B 285 -36.35 4.02 -29.54
CA PHE B 285 -37.06 4.53 -28.39
C PHE B 285 -38.50 4.02 -28.41
N ILE B 286 -39.06 3.83 -27.22
CA ILE B 286 -40.41 3.32 -27.06
C ILE B 286 -41.15 4.18 -26.05
N ASP B 287 -42.43 4.45 -26.35
CA ASP B 287 -43.27 5.27 -25.50
C ASP B 287 -43.68 4.47 -24.25
N HIS B 288 -43.73 5.17 -23.12
CA HIS B 288 -43.98 4.53 -21.82
C HIS B 288 -45.02 5.33 -21.07
N GLN B 289 -45.97 4.63 -20.42
CA GLN B 289 -47.01 5.29 -19.63
C GLN B 289 -47.37 4.41 -18.44
N ARG B 290 -47.90 5.04 -17.40
CA ARG B 290 -48.37 4.35 -16.21
C ARG B 290 -49.75 4.85 -15.83
N ILE B 291 -50.69 3.92 -15.66
CA ILE B 291 -52.06 4.25 -15.29
C ILE B 291 -52.38 3.58 -13.95
N THR B 292 -53.42 4.09 -13.31
CA THR B 292 -53.91 3.55 -12.04
C THR B 292 -55.35 3.11 -12.23
N VAL B 293 -55.64 1.87 -11.84
CA VAL B 293 -56.97 1.28 -11.99
C VAL B 293 -57.54 1.00 -10.61
N GLN B 294 -58.70 1.57 -10.32
CA GLN B 294 -59.35 1.44 -9.03
C GLN B 294 -60.55 0.51 -9.13
N GLU B 295 -60.90 -0.10 -8.00
CA GLU B 295 -62.06 -0.99 -7.96
C GLU B 295 -63.35 -0.21 -8.14
N MET B 296 -64.35 -0.86 -8.71
CA MET B 296 -65.67 -0.26 -8.83
C MET B 296 -66.24 -0.03 -7.43
N PRO B 297 -66.64 1.19 -7.09
CA PRO B 297 -67.10 1.46 -5.71
C PRO B 297 -68.38 0.73 -5.34
N GLU B 298 -69.16 0.27 -6.33
CA GLU B 298 -70.42 -0.40 -6.03
C GLU B 298 -70.20 -1.81 -5.50
N MET B 299 -69.04 -2.40 -5.76
CA MET B 299 -68.75 -3.76 -5.34
C MET B 299 -67.94 -3.84 -4.05
N ALA B 300 -67.64 -2.70 -3.43
CA ALA B 300 -66.81 -2.71 -2.24
C ALA B 300 -67.57 -3.29 -1.05
N PRO B 301 -66.86 -3.92 -0.12
CA PRO B 301 -67.53 -4.42 1.10
C PRO B 301 -68.05 -3.29 1.97
N ALA B 302 -68.83 -3.67 2.97
CA ALA B 302 -69.43 -2.68 3.87
C ALA B 302 -68.37 -2.05 4.74
N GLY B 303 -68.39 -0.71 4.82
CA GLY B 303 -67.49 0.02 5.68
C GLY B 303 -66.07 0.16 5.18
N GLN B 304 -65.80 -0.22 3.93
CA GLN B 304 -64.45 -0.20 3.39
C GLN B 304 -64.40 0.69 2.15
N LEU B 305 -63.23 1.29 1.91
CA LEU B 305 -62.99 2.15 0.75
C LEU B 305 -62.34 1.34 -0.37
N PRO B 306 -62.60 1.70 -1.63
CA PRO B 306 -62.07 0.92 -2.75
C PRO B 306 -60.55 1.02 -2.83
N ARG B 307 -59.94 -0.05 -3.33
CA ARG B 307 -58.49 -0.15 -3.47
C ARG B 307 -58.11 -0.10 -4.95
N SER B 308 -56.85 0.29 -5.20
CA SER B 308 -56.38 0.52 -6.55
C SER B 308 -55.04 -0.18 -6.78
N ILE B 309 -54.70 -0.32 -8.06
CA ILE B 309 -53.47 -0.98 -8.49
C ILE B 309 -52.88 -0.17 -9.65
N ASP B 310 -51.62 -0.45 -9.96
CA ASP B 310 -50.88 0.28 -10.99
C ASP B 310 -50.59 -0.63 -12.17
N VAL B 311 -50.76 -0.10 -13.38
CA VAL B 311 -50.52 -0.83 -14.63
C VAL B 311 -49.57 -0.02 -15.47
N ILE B 312 -48.63 -0.69 -16.14
CA ILE B 312 -47.65 -0.05 -17.00
C ILE B 312 -47.95 -0.42 -18.44
N LEU B 313 -48.10 0.58 -19.30
CA LEU B 313 -48.37 0.41 -20.71
C LEU B 313 -47.19 0.90 -21.53
N ASP B 314 -46.94 0.23 -22.66
CA ASP B 314 -45.77 0.53 -23.47
C ASP B 314 -46.09 0.34 -24.94
N ASP B 315 -45.25 0.94 -25.78
CA ASP B 315 -45.30 0.80 -27.24
C ASP B 315 -46.63 1.33 -27.80
N ASP B 316 -47.47 0.42 -28.29
CA ASP B 316 -48.69 0.79 -28.98
C ASP B 316 -49.92 0.85 -28.07
N LEU B 317 -49.76 0.57 -26.77
CA LEU B 317 -50.86 0.59 -25.83
C LEU B 317 -51.04 1.96 -25.18
N VAL B 318 -50.27 2.95 -25.61
CA VAL B 318 -50.24 4.25 -24.95
C VAL B 318 -51.43 5.09 -25.38
N ASP B 319 -52.03 5.79 -24.43
CA ASP B 319 -53.14 6.72 -24.67
C ASP B 319 -54.37 6.02 -25.25
N LYS B 320 -54.64 4.80 -24.80
CA LYS B 320 -55.89 4.12 -25.13
C LYS B 320 -56.92 4.23 -24.00
N THR B 321 -56.57 4.90 -22.91
CA THR B 321 -57.47 5.07 -21.78
C THR B 321 -57.39 6.51 -21.29
N LYS B 322 -58.46 6.96 -20.66
CA LYS B 322 -58.56 8.28 -20.04
C LYS B 322 -59.15 8.12 -18.66
N PRO B 323 -58.89 9.07 -17.76
CA PRO B 323 -59.45 8.98 -16.41
C PRO B 323 -60.98 8.93 -16.43
N GLY B 324 -61.54 8.11 -15.55
CA GLY B 324 -62.96 7.89 -15.46
C GLY B 324 -63.47 6.73 -16.27
N ASP B 325 -62.66 6.18 -17.17
CA ASP B 325 -63.09 5.08 -18.02
C ASP B 325 -63.19 3.79 -17.21
N ARG B 326 -64.04 2.89 -17.69
CA ARG B 326 -64.17 1.54 -17.14
C ARG B 326 -63.43 0.59 -18.07
N VAL B 327 -62.40 -0.07 -17.56
CA VAL B 327 -61.50 -0.87 -18.37
C VAL B 327 -61.29 -2.24 -17.75
N ASN B 328 -60.81 -3.16 -18.59
CA ASN B 328 -60.40 -4.49 -18.17
C ASN B 328 -59.03 -4.76 -18.77
N VAL B 329 -58.03 -4.93 -17.91
CA VAL B 329 -56.64 -5.02 -18.33
C VAL B 329 -56.14 -6.43 -18.08
N VAL B 330 -55.59 -7.07 -19.12
CA VAL B 330 -55.01 -8.39 -19.05
C VAL B 330 -53.49 -8.25 -19.12
N GLY B 331 -52.80 -8.80 -18.13
CA GLY B 331 -51.35 -8.72 -18.12
C GLY B 331 -50.77 -9.62 -17.04
N VAL B 332 -49.47 -9.50 -16.86
CA VAL B 332 -48.71 -10.34 -15.93
C VAL B 332 -48.52 -9.57 -14.63
N PHE B 333 -48.87 -10.21 -13.51
CA PHE B 333 -48.67 -9.63 -12.19
C PHE B 333 -47.25 -9.93 -11.73
N LYS B 334 -46.48 -8.88 -11.43
CA LYS B 334 -45.03 -8.99 -11.29
C LYS B 334 -44.56 -8.25 -10.05
N SER B 335 -43.49 -8.75 -9.44
CA SER B 335 -42.82 -8.06 -8.35
C SER B 335 -41.60 -7.31 -8.87
N LEU B 336 -41.10 -6.39 -8.05
CA LEU B 336 -40.03 -5.50 -8.49
C LEU B 336 -39.29 -4.95 -7.28
N GLY B 337 -38.02 -4.63 -7.48
CA GLY B 337 -37.22 -3.93 -6.48
C GLY B 337 -36.37 -4.88 -5.65
N ALA B 338 -35.98 -4.38 -4.48
CA ALA B 338 -35.23 -5.18 -3.51
C ALA B 338 -36.03 -5.53 -2.27
N GLY B 339 -37.09 -4.78 -1.95
CA GLY B 339 -37.97 -5.15 -0.86
C GLY B 339 -37.34 -5.10 0.52
N GLY B 340 -36.46 -4.12 0.73
CA GLY B 340 -35.91 -3.90 2.06
C GLY B 340 -35.12 -5.04 2.65
N MET B 341 -34.65 -5.97 1.83
CA MET B 341 -33.81 -7.08 2.27
C MET B 341 -32.35 -6.81 1.92
N ASN B 342 -31.92 -5.57 2.07
CA ASN B 342 -30.65 -5.12 1.50
C ASN B 342 -29.91 -4.24 2.49
N GLN B 343 -28.94 -3.47 1.98
CA GLN B 343 -28.05 -2.69 2.84
C GLN B 343 -28.83 -1.79 3.81
N SER B 344 -30.04 -1.37 3.42
CA SER B 344 -30.86 -0.54 4.28
C SER B 344 -31.18 -1.27 5.59
N ASN B 345 -31.60 -0.49 6.59
CA ASN B 345 -31.84 -1.04 7.91
C ASN B 345 -33.03 -1.99 7.90
N SER B 346 -32.99 -2.99 8.78
CA SER B 346 -34.09 -3.93 8.89
C SER B 346 -35.32 -3.24 9.48
N ASN B 347 -36.47 -3.45 8.84
CA ASN B 347 -37.70 -2.78 9.23
C ASN B 347 -38.88 -3.67 8.88
N THR B 348 -39.90 -3.67 9.74
CA THR B 348 -41.10 -4.47 9.51
C THR B 348 -42.06 -3.77 8.56
N LEU B 349 -41.85 -2.47 8.35
CA LEU B 349 -42.75 -1.65 7.53
C LEU B 349 -42.40 -1.68 6.05
N ILE B 350 -41.39 -2.44 5.65
CA ILE B 350 -40.89 -2.43 4.28
C ILE B 350 -41.24 -3.75 3.62
N GLY B 351 -41.93 -3.68 2.49
CA GLY B 351 -42.23 -4.85 1.68
C GLY B 351 -41.83 -4.65 0.24
N PHE B 352 -42.21 -5.57 -0.64
CA PHE B 352 -41.90 -5.47 -2.05
C PHE B 352 -42.96 -4.65 -2.78
N LYS B 353 -42.62 -4.23 -3.99
CA LYS B 353 -43.52 -3.46 -4.84
C LYS B 353 -44.07 -4.35 -5.95
N THR B 354 -45.36 -4.16 -6.24
CA THR B 354 -46.05 -5.00 -7.20
C THR B 354 -46.55 -4.15 -8.37
N LEU B 355 -46.58 -4.75 -9.55
CA LEU B 355 -46.94 -4.06 -10.77
C LEU B 355 -47.55 -5.06 -11.75
N ILE B 356 -48.20 -4.54 -12.78
CA ILE B 356 -48.78 -5.34 -13.84
C ILE B 356 -48.24 -4.84 -15.18
N LEU B 357 -47.67 -5.75 -15.97
CA LEU B 357 -47.25 -5.47 -17.34
C LEU B 357 -48.40 -5.82 -18.26
N GLY B 358 -49.24 -4.83 -18.57
CA GLY B 358 -50.44 -5.11 -19.34
C GLY B 358 -50.13 -5.57 -20.75
N ASN B 359 -50.77 -6.68 -21.15
CA ASN B 359 -50.75 -7.15 -22.52
C ASN B 359 -51.89 -6.57 -23.35
N THR B 360 -53.10 -6.50 -22.77
CA THR B 360 -54.26 -6.07 -23.52
C THR B 360 -55.16 -5.21 -22.64
N VAL B 361 -55.89 -4.29 -23.27
CA VAL B 361 -56.88 -3.46 -22.59
C VAL B 361 -58.18 -3.54 -23.38
N TYR B 362 -59.29 -3.80 -22.68
CA TYR B 362 -60.60 -3.90 -23.29
C TYR B 362 -61.55 -2.92 -22.61
N PRO B 363 -62.24 -2.07 -23.36
CA PRO B 363 -63.28 -1.22 -22.77
C PRO B 363 -64.53 -2.03 -22.48
N LEU B 364 -64.96 -2.00 -21.23
CA LEU B 364 -66.17 -2.73 -20.82
C LEU B 364 -67.41 -2.13 -21.47
N ARG B 374 -69.34 2.77 -27.33
CA ARG B 374 -69.73 2.61 -28.72
C ARG B 374 -70.23 1.20 -29.00
N GLN B 375 -71.55 1.06 -29.13
CA GLN B 375 -72.18 -0.22 -29.43
C GLN B 375 -72.32 -0.33 -30.95
N MET B 376 -71.50 -1.18 -31.56
CA MET B 376 -71.54 -1.35 -33.01
C MET B 376 -72.89 -1.91 -33.44
N LEU B 377 -73.43 -1.35 -34.52
CA LEU B 377 -74.76 -1.69 -35.01
C LEU B 377 -74.65 -2.48 -36.31
N THR B 378 -75.45 -3.55 -36.41
CA THR B 378 -75.51 -4.36 -37.62
C THR B 378 -76.57 -3.80 -38.56
N ASP B 379 -76.82 -4.48 -39.67
CA ASP B 379 -77.87 -4.06 -40.60
C ASP B 379 -79.27 -4.36 -40.08
N PHE B 380 -79.43 -5.41 -39.28
CA PHE B 380 -80.73 -5.69 -38.67
C PHE B 380 -81.15 -4.56 -37.73
N ASP B 381 -80.23 -4.10 -36.89
CA ASP B 381 -80.54 -3.02 -35.97
C ASP B 381 -80.85 -1.72 -36.69
N ILE B 382 -80.06 -1.39 -37.72
CA ILE B 382 -80.28 -0.16 -38.47
C ILE B 382 -81.61 -0.23 -39.23
N ARG B 383 -81.92 -1.39 -39.82
CA ARG B 383 -83.19 -1.56 -40.50
C ARG B 383 -84.37 -1.40 -39.53
N ASN B 384 -84.24 -1.96 -38.33
CA ASN B 384 -85.28 -1.80 -37.33
C ASN B 384 -85.43 -0.33 -36.93
N ILE B 385 -84.31 0.38 -36.79
CA ILE B 385 -84.38 1.80 -36.44
C ILE B 385 -85.08 2.58 -37.53
N ASN B 386 -84.74 2.33 -38.79
CA ASN B 386 -85.38 3.05 -39.89
C ASN B 386 -86.86 2.70 -40.01
N LYS B 387 -87.23 1.45 -39.70
CA LYS B 387 -88.63 1.06 -39.74
C LYS B 387 -89.41 1.73 -38.61
N LEU B 388 -88.83 1.80 -37.40
CA LEU B 388 -89.49 2.42 -36.28
C LEU B 388 -89.53 3.94 -36.39
N SER B 389 -88.65 4.52 -37.21
CA SER B 389 -88.66 5.97 -37.41
C SER B 389 -89.95 6.42 -38.08
N LYS B 390 -90.47 5.65 -39.03
CA LYS B 390 -91.60 6.10 -39.83
C LYS B 390 -92.92 6.10 -39.07
N LYS B 391 -92.97 5.49 -37.89
CA LYS B 391 -94.20 5.52 -37.10
C LYS B 391 -94.52 6.94 -36.66
N LYS B 392 -95.81 7.29 -36.72
CA LYS B 392 -96.23 8.66 -36.44
C LYS B 392 -95.99 9.03 -34.97
N ASP B 393 -96.39 8.16 -34.05
CA ASP B 393 -96.24 8.43 -32.62
C ASP B 393 -94.97 7.76 -32.09
N ILE B 394 -93.84 8.23 -32.62
CA ILE B 394 -92.54 7.73 -32.16
C ILE B 394 -91.99 8.56 -30.99
N PHE B 395 -92.22 9.87 -30.99
CA PHE B 395 -91.76 10.73 -29.91
C PHE B 395 -92.39 10.33 -28.59
N ASP B 396 -93.69 10.06 -28.58
CA ASP B 396 -94.39 9.68 -27.36
C ASP B 396 -93.84 8.36 -26.82
N ILE B 397 -93.66 7.37 -27.69
CA ILE B 397 -93.12 6.08 -27.24
C ILE B 397 -91.72 6.25 -26.68
N LEU B 398 -90.86 6.99 -27.38
CA LEU B 398 -89.48 7.17 -26.92
C LEU B 398 -89.44 7.89 -25.58
N SER B 399 -90.29 8.91 -25.41
CA SER B 399 -90.29 9.64 -24.14
C SER B 399 -90.86 8.79 -23.02
N GLN B 400 -91.90 8.00 -23.28
CA GLN B 400 -92.52 7.20 -22.24
C GLN B 400 -91.66 6.01 -21.85
N SER B 401 -90.78 5.55 -22.74
CA SER B 401 -89.92 4.41 -22.40
C SER B 401 -88.91 4.77 -21.33
N LEU B 402 -88.66 6.07 -21.12
CA LEU B 402 -87.73 6.49 -20.08
C LEU B 402 -88.32 6.27 -18.71
N ALA B 403 -87.55 5.63 -17.83
CA ALA B 403 -87.90 5.39 -16.44
C ALA B 403 -89.33 4.86 -16.28
N PRO B 404 -89.59 3.61 -16.68
CA PRO B 404 -90.96 3.09 -16.57
C PRO B 404 -91.43 2.89 -15.13
N SER B 405 -90.58 3.11 -14.14
CA SER B 405 -90.95 2.99 -12.74
C SER B 405 -91.37 4.30 -12.12
N ILE B 406 -91.46 5.37 -12.91
CA ILE B 406 -91.93 6.67 -12.44
C ILE B 406 -93.32 6.90 -13.02
N TYR B 407 -94.27 7.25 -12.15
CA TYR B 407 -95.63 7.48 -12.59
C TYR B 407 -95.83 8.97 -12.90
N GLY B 408 -96.16 9.26 -14.16
CA GLY B 408 -96.39 10.63 -14.57
C GLY B 408 -95.11 11.33 -15.03
N HIS B 409 -95.13 12.64 -14.90
CA HIS B 409 -94.02 13.51 -15.32
C HIS B 409 -93.68 13.28 -16.80
N ASP B 410 -94.72 13.31 -17.63
CA ASP B 410 -94.55 13.08 -19.06
C ASP B 410 -93.73 14.17 -19.73
N HIS B 411 -94.00 15.44 -19.41
CA HIS B 411 -93.31 16.54 -20.08
C HIS B 411 -91.83 16.58 -19.71
N ILE B 412 -91.51 16.32 -18.43
CA ILE B 412 -90.10 16.26 -18.04
C ILE B 412 -89.40 15.10 -18.73
N LYS B 413 -90.09 13.98 -18.92
CA LYS B 413 -89.50 12.86 -19.61
C LYS B 413 -89.29 13.16 -21.09
N LYS B 414 -90.15 13.99 -21.68
CA LYS B 414 -89.91 14.45 -23.04
C LYS B 414 -88.71 15.38 -23.11
N ALA B 415 -88.57 16.26 -22.11
CA ALA B 415 -87.44 17.18 -22.08
C ALA B 415 -86.12 16.44 -21.92
N ILE B 416 -86.10 15.39 -21.10
CA ILE B 416 -84.89 14.58 -20.95
C ILE B 416 -84.50 13.92 -22.27
N LEU B 417 -85.49 13.38 -22.99
CA LEU B 417 -85.21 12.78 -24.29
C LEU B 417 -84.65 13.81 -25.26
N LEU B 418 -85.21 15.03 -25.25
CA LEU B 418 -84.66 16.07 -26.12
C LEU B 418 -83.24 16.45 -25.70
N MET B 419 -82.94 16.37 -24.39
CA MET B 419 -81.56 16.55 -23.95
C MET B 419 -80.65 15.48 -24.55
N LEU B 420 -81.10 14.23 -24.55
CA LEU B 420 -80.26 13.13 -25.02
C LEU B 420 -79.82 13.35 -26.47
N MET B 421 -80.72 13.87 -27.30
CA MET B 421 -80.40 14.20 -28.70
C MET B 421 -80.23 15.71 -28.78
N GLY B 422 -79.00 16.16 -28.57
CA GLY B 422 -78.71 17.57 -28.49
C GLY B 422 -78.88 18.30 -29.82
N GLY B 423 -78.83 19.62 -29.74
CA GLY B 423 -78.94 20.44 -30.93
C GLY B 423 -77.65 20.51 -31.70
N VAL B 424 -77.71 21.21 -32.83
CA VAL B 424 -76.55 21.34 -33.71
C VAL B 424 -75.80 22.62 -33.35
N GLU B 425 -74.52 22.48 -33.06
CA GLU B 425 -73.67 23.59 -32.65
C GLU B 425 -73.18 24.37 -33.87
N LYS B 426 -73.28 25.69 -33.81
CA LYS B 426 -72.92 26.57 -34.91
C LYS B 426 -71.66 27.34 -34.53
N ASN B 427 -70.59 27.15 -35.30
CA ASN B 427 -69.38 27.93 -35.11
C ASN B 427 -69.46 29.23 -35.91
N LEU B 428 -69.27 30.36 -35.23
CA LEU B 428 -69.49 31.67 -35.81
C LEU B 428 -68.23 32.50 -35.68
N GLU B 429 -68.12 33.49 -36.56
CA GLU B 429 -66.96 34.37 -36.62
C GLU B 429 -66.76 35.11 -35.29
N ASN B 430 -65.61 35.78 -35.19
CA ASN B 430 -65.11 36.37 -33.96
C ASN B 430 -64.76 35.30 -32.93
N GLY B 431 -64.52 34.07 -33.38
CA GLY B 431 -64.17 33.00 -32.46
C GLY B 431 -65.28 32.64 -31.49
N SER B 432 -66.51 32.54 -31.99
CA SER B 432 -67.66 32.26 -31.14
C SER B 432 -68.31 30.94 -31.53
N HIS B 433 -69.12 30.40 -30.62
CA HIS B 433 -69.91 29.21 -30.91
C HIS B 433 -71.24 29.31 -30.19
N LEU B 434 -72.32 29.02 -30.89
CA LEU B 434 -73.62 28.91 -30.26
C LEU B 434 -73.79 27.52 -29.67
N ARG B 435 -74.09 27.47 -28.38
CA ARG B 435 -74.15 26.18 -27.69
C ARG B 435 -75.31 25.34 -28.21
N GLY B 436 -75.07 24.05 -28.33
CA GLY B 436 -76.08 23.10 -28.73
C GLY B 436 -76.65 22.26 -27.61
N ASP B 437 -76.30 22.55 -26.37
CA ASP B 437 -76.76 21.74 -25.25
C ASP B 437 -78.05 22.30 -24.65
N ILE B 438 -78.87 21.41 -24.12
CA ILE B 438 -80.12 21.78 -23.45
C ILE B 438 -79.93 21.56 -21.95
N ASN B 439 -80.18 22.61 -21.18
CA ASN B 439 -79.98 22.59 -19.73
C ASN B 439 -81.33 22.70 -19.04
N ILE B 440 -81.61 21.80 -18.10
CA ILE B 440 -82.91 21.74 -17.44
C ILE B 440 -82.73 21.84 -15.94
N LEU B 441 -83.61 22.60 -15.30
CA LEU B 441 -83.66 22.74 -13.85
C LEU B 441 -85.04 22.30 -13.37
N MET B 442 -85.07 21.57 -12.25
CA MET B 442 -86.32 21.13 -11.63
C MET B 442 -86.39 21.65 -10.21
N VAL B 443 -87.37 22.49 -9.92
CA VAL B 443 -87.67 22.96 -8.58
C VAL B 443 -89.01 22.39 -8.16
N GLY B 444 -89.08 21.86 -6.95
CA GLY B 444 -90.31 21.22 -6.53
C GLY B 444 -90.34 20.88 -5.06
N ASP B 445 -91.43 20.23 -4.67
CA ASP B 445 -91.69 19.86 -3.29
C ASP B 445 -90.94 18.59 -2.92
N PRO B 446 -90.75 18.34 -1.62
CA PRO B 446 -90.08 17.10 -1.21
C PRO B 446 -90.82 15.86 -1.66
N SER B 447 -90.05 14.82 -1.98
CA SER B 447 -90.58 13.53 -2.40
C SER B 447 -91.39 13.62 -3.69
N THR B 448 -90.82 14.22 -4.73
CA THR B 448 -91.50 14.36 -6.01
C THR B 448 -90.72 13.70 -7.15
N ALA B 449 -89.89 12.72 -6.81
CA ALA B 449 -89.15 11.92 -7.80
C ALA B 449 -88.21 12.77 -8.65
N LYS B 450 -87.65 13.83 -8.05
CA LYS B 450 -86.65 14.62 -8.75
C LYS B 450 -85.31 13.90 -8.81
N SER B 451 -84.89 13.28 -7.71
CA SER B 451 -83.59 12.63 -7.62
C SER B 451 -83.56 11.26 -8.28
N GLN B 452 -84.71 10.65 -8.55
CA GLN B 452 -84.74 9.35 -9.21
C GLN B 452 -84.68 9.45 -10.72
N LEU B 453 -84.82 10.65 -11.28
CA LEU B 453 -84.61 10.88 -12.70
C LEU B 453 -83.15 11.20 -13.02
N LEU B 454 -82.46 11.91 -12.14
CA LEU B 454 -81.02 12.13 -12.30
C LEU B 454 -80.27 10.80 -12.28
N ARG B 455 -80.66 9.90 -11.37
CA ARG B 455 -80.04 8.58 -11.33
C ARG B 455 -80.29 7.80 -12.60
N PHE B 456 -81.49 7.93 -13.18
CA PHE B 456 -81.77 7.24 -14.44
C PHE B 456 -80.95 7.82 -15.58
N VAL B 457 -80.78 9.14 -15.61
CA VAL B 457 -79.96 9.77 -16.64
C VAL B 457 -78.50 9.34 -16.49
N LEU B 458 -78.05 9.13 -15.25
CA LEU B 458 -76.70 8.62 -15.03
C LEU B 458 -76.49 7.28 -15.71
N ASN B 459 -77.49 6.41 -15.67
CA ASN B 459 -77.34 5.06 -16.20
C ASN B 459 -77.58 5.00 -17.70
N THR B 460 -78.61 5.67 -18.20
CA THR B 460 -79.01 5.47 -19.59
C THR B 460 -78.07 6.20 -20.57
N ALA B 461 -77.47 7.31 -20.14
CA ALA B 461 -76.66 8.11 -21.04
C ALA B 461 -75.29 7.46 -21.27
N SER B 462 -74.65 7.85 -22.37
CA SER B 462 -73.32 7.32 -22.68
C SER B 462 -72.27 7.84 -21.70
N LEU B 463 -72.26 9.15 -21.46
CA LEU B 463 -71.35 9.77 -20.51
C LEU B 463 -72.15 10.62 -19.53
N ALA B 464 -71.92 10.41 -18.23
CA ALA B 464 -72.64 11.12 -17.20
C ALA B 464 -71.78 11.23 -15.96
N ILE B 465 -71.81 12.40 -15.32
CA ILE B 465 -71.06 12.64 -14.09
C ILE B 465 -72.02 13.18 -13.03
N ALA B 466 -71.98 12.58 -11.85
CA ALA B 466 -72.88 12.91 -10.75
C ALA B 466 -72.18 13.86 -9.78
N THR B 467 -72.91 14.85 -9.27
CA THR B 467 -72.38 15.85 -8.37
C THR B 467 -73.43 16.19 -7.32
N THR B 468 -72.95 16.48 -6.11
CA THR B 468 -73.81 16.93 -5.01
C THR B 468 -73.33 18.31 -4.57
N GLY B 469 -74.30 19.16 -4.21
CA GLY B 469 -73.98 20.56 -3.96
C GLY B 469 -72.99 20.75 -2.82
N ARG B 470 -73.29 20.18 -1.65
CA ARG B 470 -72.49 20.45 -0.47
C ARG B 470 -71.17 19.69 -0.44
N GLY B 471 -71.05 18.61 -1.20
CA GLY B 471 -69.83 17.83 -1.20
C GLY B 471 -68.97 18.05 -2.43
N SER B 472 -68.90 19.31 -2.89
CA SER B 472 -68.12 19.65 -4.07
C SER B 472 -67.44 21.00 -3.85
N SER B 473 -66.37 21.23 -4.60
CA SER B 473 -65.63 22.47 -4.52
C SER B 473 -65.34 22.98 -5.93
N GLY B 474 -64.92 24.24 -6.01
CA GLY B 474 -64.59 24.83 -7.30
C GLY B 474 -63.38 24.19 -7.95
N VAL B 475 -62.38 23.85 -7.15
CA VAL B 475 -61.15 23.25 -7.66
C VAL B 475 -61.42 21.79 -8.01
N GLY B 476 -62.53 21.25 -7.52
CA GLY B 476 -62.88 19.87 -7.80
C GLY B 476 -63.79 19.72 -9.00
N LEU B 477 -64.31 20.84 -9.50
CA LEU B 477 -65.16 20.83 -10.68
C LEU B 477 -64.43 21.23 -11.95
N THR B 478 -63.42 22.10 -11.86
CA THR B 478 -62.75 22.62 -13.05
C THR B 478 -61.45 21.88 -13.27
N ALA B 479 -60.49 21.96 -12.34
CA ALA B 479 -59.18 21.35 -12.51
C ALA B 479 -58.38 21.56 -11.24
N ALA B 480 -57.37 20.70 -11.03
CA ALA B 480 -56.53 20.79 -9.86
C ALA B 480 -55.06 20.62 -10.25
N VAL B 481 -54.19 21.42 -9.64
CA VAL B 481 -52.76 21.33 -9.91
C VAL B 481 -52.16 20.22 -9.07
N THR B 482 -51.53 19.25 -9.72
CA THR B 482 -50.90 18.13 -9.03
C THR B 482 -49.50 17.91 -9.60
N THR B 483 -48.85 16.86 -9.14
CA THR B 483 -47.51 16.52 -9.57
C THR B 483 -47.46 15.10 -10.12
N ASP B 484 -46.58 14.88 -11.10
CA ASP B 484 -46.38 13.57 -11.69
C ASP B 484 -45.17 12.93 -11.02
N ARG B 485 -45.41 11.90 -10.21
CA ARG B 485 -44.35 11.28 -9.44
C ARG B 485 -43.32 10.60 -10.33
N GLU B 486 -43.78 9.94 -11.40
CA GLU B 486 -42.86 9.13 -12.20
C GLU B 486 -41.81 9.99 -12.90
N THR B 487 -42.21 11.13 -13.46
CA THR B 487 -41.29 11.94 -14.23
C THR B 487 -40.82 13.19 -13.49
N GLY B 488 -41.69 13.85 -12.72
CA GLY B 488 -41.28 14.93 -11.86
C GLY B 488 -41.87 16.30 -12.18
N GLU B 489 -42.59 16.45 -13.29
CA GLU B 489 -43.13 17.76 -13.62
C GLU B 489 -44.37 18.06 -12.78
N ARG B 490 -44.89 19.26 -12.94
CA ARG B 490 -46.17 19.68 -12.37
C ARG B 490 -47.20 19.75 -13.47
N ARG B 491 -48.37 19.14 -13.22
CA ARG B 491 -49.37 18.97 -14.26
C ARG B 491 -50.75 19.29 -13.71
N LEU B 492 -51.75 19.16 -14.57
CA LEU B 492 -53.13 19.40 -14.23
C LEU B 492 -53.92 18.10 -14.22
N GLU B 493 -54.89 18.02 -13.31
CA GLU B 493 -55.78 16.88 -13.19
C GLU B 493 -57.21 17.37 -13.41
N ALA B 494 -57.95 16.63 -14.24
CA ALA B 494 -59.27 17.06 -14.67
C ALA B 494 -60.27 16.99 -13.53
N GLY B 495 -61.27 17.88 -13.58
CA GLY B 495 -62.35 17.89 -12.61
C GLY B 495 -63.62 17.30 -13.18
N ALA B 496 -64.74 17.53 -12.50
CA ALA B 496 -66.00 16.90 -12.91
C ALA B 496 -66.51 17.48 -14.23
N MET B 497 -66.46 18.80 -14.38
CA MET B 497 -67.02 19.44 -15.57
C MET B 497 -66.24 19.06 -16.83
N VAL B 498 -64.91 19.06 -16.74
CA VAL B 498 -64.10 18.85 -17.94
C VAL B 498 -64.00 17.36 -18.28
N LEU B 499 -64.18 16.49 -17.30
CA LEU B 499 -64.23 15.06 -17.56
C LEU B 499 -65.47 14.65 -18.34
N ALA B 500 -66.52 15.46 -18.31
CA ALA B 500 -67.77 15.15 -19.00
C ALA B 500 -67.92 15.92 -20.31
N ASP B 501 -66.81 16.13 -21.02
CA ASP B 501 -66.88 16.77 -22.32
C ASP B 501 -67.74 15.93 -23.26
N ARG B 502 -68.67 16.60 -23.94
CA ARG B 502 -69.68 15.95 -24.79
C ARG B 502 -70.46 14.91 -23.97
N GLY B 503 -70.81 15.29 -22.76
CA GLY B 503 -71.58 14.44 -21.88
C GLY B 503 -72.56 15.26 -21.08
N VAL B 504 -73.02 14.68 -19.97
CA VAL B 504 -73.99 15.34 -19.11
C VAL B 504 -73.49 15.33 -17.67
N VAL B 505 -73.87 16.37 -16.93
CA VAL B 505 -73.57 16.50 -15.51
C VAL B 505 -74.90 16.62 -14.77
N CYS B 506 -75.11 15.74 -13.79
CA CYS B 506 -76.32 15.73 -12.98
C CYS B 506 -75.96 16.22 -11.58
N ILE B 507 -76.48 17.38 -11.21
CA ILE B 507 -76.20 18.02 -9.93
C ILE B 507 -77.44 17.91 -9.05
N ASP B 508 -77.25 17.44 -7.82
CA ASP B 508 -78.33 17.30 -6.85
C ASP B 508 -78.09 18.24 -5.69
N GLU B 509 -79.18 18.69 -5.08
CA GLU B 509 -79.14 19.73 -4.04
C GLU B 509 -78.39 20.96 -4.54
N PHE B 510 -78.83 21.47 -5.69
CA PHE B 510 -78.10 22.54 -6.37
C PHE B 510 -78.15 23.84 -5.58
N ASP B 511 -79.23 24.09 -4.84
CA ASP B 511 -79.34 25.33 -4.10
C ASP B 511 -78.48 25.33 -2.85
N LYS B 512 -78.12 24.16 -2.34
CA LYS B 512 -77.31 24.05 -1.13
C LYS B 512 -75.83 24.26 -1.38
N MET B 513 -75.45 24.67 -2.59
CA MET B 513 -74.06 24.88 -2.93
C MET B 513 -73.61 26.27 -2.50
N THR B 514 -72.37 26.37 -2.02
CA THR B 514 -71.85 27.64 -1.54
C THR B 514 -71.65 28.60 -2.70
N ASP B 515 -71.64 29.90 -2.37
CA ASP B 515 -71.53 30.93 -3.38
C ASP B 515 -70.19 30.84 -4.12
N VAL B 516 -69.10 30.63 -3.38
CA VAL B 516 -67.78 30.55 -3.99
C VAL B 516 -67.72 29.39 -4.97
N ASP B 517 -68.43 28.31 -4.66
CA ASP B 517 -68.57 27.18 -5.57
C ASP B 517 -69.45 27.50 -6.78
N ARG B 518 -70.47 28.34 -6.60
CA ARG B 518 -71.45 28.56 -7.65
C ARG B 518 -70.97 29.50 -8.76
N VAL B 519 -69.90 30.25 -8.54
CA VAL B 519 -69.41 31.15 -9.60
C VAL B 519 -68.77 30.33 -10.72
N ALA B 520 -67.99 29.31 -10.36
CA ALA B 520 -67.26 28.54 -11.37
C ALA B 520 -68.22 27.90 -12.37
N ILE B 521 -69.26 27.22 -11.87
CA ILE B 521 -70.25 26.62 -12.74
C ILE B 521 -70.87 27.66 -13.66
N HIS B 522 -70.97 28.91 -13.20
CA HIS B 522 -71.47 29.98 -14.07
C HIS B 522 -70.65 30.08 -15.34
N GLU B 523 -69.32 30.18 -15.19
CA GLU B 523 -68.46 30.35 -16.37
C GLU B 523 -68.59 29.16 -17.31
N VAL B 524 -68.59 27.95 -16.77
CA VAL B 524 -68.74 26.76 -17.60
C VAL B 524 -70.08 26.78 -18.31
N MET B 525 -71.10 27.34 -17.68
CA MET B 525 -72.41 27.41 -18.33
C MET B 525 -72.44 28.48 -19.41
N GLU B 526 -71.51 29.43 -19.38
CA GLU B 526 -71.55 30.55 -20.31
C GLU B 526 -70.56 30.37 -21.47
N GLN B 527 -69.28 30.20 -21.16
CA GLN B 527 -68.27 30.11 -22.20
C GLN B 527 -68.00 28.66 -22.61
N GLN B 528 -68.39 27.70 -21.76
CA GLN B 528 -68.10 26.29 -21.96
C GLN B 528 -66.59 26.03 -21.96
N THR B 529 -65.81 26.93 -21.36
CA THR B 529 -64.38 26.78 -21.26
C THR B 529 -63.91 27.15 -19.86
N VAL B 530 -62.83 26.51 -19.43
CA VAL B 530 -62.23 26.76 -18.14
C VAL B 530 -60.87 27.44 -18.35
N THR B 531 -60.60 28.46 -17.56
CA THR B 531 -59.33 29.19 -17.63
C THR B 531 -58.52 28.90 -16.38
N ILE B 532 -57.33 28.33 -16.57
CA ILE B 532 -56.42 28.04 -15.46
C ILE B 532 -55.18 28.90 -15.62
N ALA B 533 -54.86 29.68 -14.57
CA ALA B 533 -53.73 30.60 -14.57
C ALA B 533 -53.00 30.49 -13.24
N LYS B 534 -52.73 29.25 -12.81
CA LYS B 534 -52.13 29.02 -11.51
C LYS B 534 -50.82 28.27 -11.66
N ALA B 535 -49.85 28.65 -10.82
CA ALA B 535 -48.59 27.93 -10.67
C ALA B 535 -47.85 27.78 -12.00
N GLY B 536 -47.91 28.80 -12.84
CA GLY B 536 -47.21 28.77 -14.11
C GLY B 536 -47.85 27.89 -15.16
N ILE B 537 -49.10 27.50 -14.97
CA ILE B 537 -49.84 26.70 -15.94
C ILE B 537 -50.97 27.57 -16.46
N HIS B 538 -50.79 28.16 -17.64
CA HIS B 538 -51.78 29.03 -18.26
C HIS B 538 -52.42 28.27 -19.42
N THR B 539 -53.68 27.88 -19.25
CA THR B 539 -54.31 26.96 -20.19
C THR B 539 -55.80 27.24 -20.25
N THR B 540 -56.39 26.97 -21.41
CA THR B 540 -57.84 26.97 -21.59
C THR B 540 -58.29 25.54 -21.89
N LEU B 541 -59.27 25.07 -21.12
CA LEU B 541 -59.74 23.70 -21.19
C LEU B 541 -61.17 23.67 -21.73
N ASN B 542 -61.44 22.69 -22.59
CA ASN B 542 -62.74 22.56 -23.24
C ASN B 542 -63.68 21.76 -22.34
N ALA B 543 -64.87 22.30 -22.10
CA ALA B 543 -65.90 21.61 -21.33
C ALA B 543 -67.25 21.89 -21.99
N ARG B 544 -67.75 20.93 -22.78
CA ARG B 544 -69.03 21.06 -23.46
C ARG B 544 -69.97 19.99 -22.91
N CYS B 545 -70.68 20.33 -21.83
CA CYS B 545 -71.54 19.40 -21.14
C CYS B 545 -72.94 19.98 -20.97
N SER B 546 -73.92 19.08 -20.89
CA SER B 546 -75.31 19.44 -20.64
C SER B 546 -75.59 19.31 -19.16
N VAL B 547 -76.33 20.25 -18.61
CA VAL B 547 -76.59 20.31 -17.17
C VAL B 547 -78.07 20.05 -16.90
N ILE B 548 -78.33 19.05 -16.07
CA ILE B 548 -79.65 18.81 -15.49
C ILE B 548 -79.50 18.91 -13.97
N ALA B 549 -80.36 19.70 -13.35
CA ALA B 549 -80.21 20.01 -11.94
C ALA B 549 -81.55 19.91 -11.23
N ALA B 550 -81.48 19.65 -9.92
CA ALA B 550 -82.65 19.59 -9.07
C ALA B 550 -82.40 20.40 -7.82
N ALA B 551 -83.41 21.15 -7.39
CA ALA B 551 -83.29 22.02 -6.23
C ALA B 551 -84.60 22.05 -5.47
N ASN B 552 -84.60 22.76 -4.35
CA ASN B 552 -85.76 22.97 -3.51
C ASN B 552 -85.99 24.46 -3.29
N PRO B 553 -87.23 24.89 -3.07
CA PRO B 553 -87.51 26.30 -2.82
C PRO B 553 -86.92 26.75 -1.49
N VAL B 554 -87.01 28.06 -1.24
CA VAL B 554 -86.44 28.62 -0.02
C VAL B 554 -87.08 27.99 1.21
N PHE B 555 -88.40 27.86 1.20
CA PHE B 555 -89.11 27.18 2.27
C PHE B 555 -89.20 25.69 1.95
N GLY B 556 -89.86 24.95 2.84
CA GLY B 556 -90.00 23.52 2.65
C GLY B 556 -90.78 23.17 1.40
N GLN B 557 -91.80 23.96 1.08
CA GLN B 557 -92.70 23.68 -0.02
C GLN B 557 -92.97 24.95 -0.82
N TYR B 558 -93.37 24.75 -2.09
CA TYR B 558 -93.64 25.88 -2.96
C TYR B 558 -94.89 26.64 -2.50
N ASP B 559 -94.79 27.96 -2.51
CA ASP B 559 -95.89 28.84 -2.11
C ASP B 559 -96.41 29.57 -3.33
N VAL B 560 -97.72 29.45 -3.57
CA VAL B 560 -98.34 30.13 -4.71
C VAL B 560 -98.78 31.55 -4.38
N ASN B 561 -98.76 31.93 -3.10
CA ASN B 561 -99.15 33.27 -2.67
C ASN B 561 -97.98 34.23 -2.65
N ARG B 562 -96.80 33.79 -3.08
CA ARG B 562 -95.62 34.63 -3.11
C ARG B 562 -95.03 34.64 -4.52
N ASP B 563 -94.30 35.70 -4.83
CA ASP B 563 -93.73 35.87 -6.15
C ASP B 563 -92.69 34.78 -6.42
N PRO B 564 -92.55 34.36 -7.68
CA PRO B 564 -91.62 33.26 -8.02
C PRO B 564 -90.19 33.50 -7.57
N HIS B 565 -89.69 34.75 -7.66
CA HIS B 565 -88.30 35.00 -7.32
C HIS B 565 -88.05 34.82 -5.82
N GLN B 566 -89.08 35.03 -5.00
CA GLN B 566 -88.94 34.82 -3.56
C GLN B 566 -88.83 33.34 -3.23
N ASN B 567 -89.44 32.49 -4.04
CA ASN B 567 -89.45 31.05 -3.76
C ASN B 567 -88.11 30.41 -4.07
N ILE B 568 -87.40 30.91 -5.07
CA ILE B 568 -86.13 30.33 -5.50
C ILE B 568 -85.00 31.23 -5.02
N ALA B 569 -84.03 30.65 -4.31
CA ALA B 569 -82.95 31.43 -3.73
C ALA B 569 -81.83 31.70 -4.73
N LEU B 570 -81.87 31.02 -5.88
CA LEU B 570 -80.81 31.17 -6.87
C LEU B 570 -80.84 32.57 -7.47
N PRO B 571 -79.67 33.10 -7.83
CA PRO B 571 -79.64 34.43 -8.47
C PRO B 571 -80.20 34.39 -9.88
N ASP B 572 -80.45 35.59 -10.42
CA ASP B 572 -81.06 35.68 -11.75
C ASP B 572 -80.07 35.33 -12.85
N SER B 573 -78.80 35.70 -12.66
CA SER B 573 -77.78 35.42 -13.67
C SER B 573 -77.62 33.92 -13.88
N LEU B 574 -77.58 33.16 -12.79
CA LEU B 574 -77.53 31.70 -12.91
C LEU B 574 -78.82 31.16 -13.51
N LEU B 575 -79.97 31.70 -13.10
CA LEU B 575 -81.25 31.19 -13.55
C LEU B 575 -81.49 31.43 -15.03
N SER B 576 -80.83 32.44 -15.62
CA SER B 576 -81.04 32.72 -17.03
C SER B 576 -80.40 31.68 -17.94
N ARG B 577 -79.45 30.91 -17.42
CA ARG B 577 -78.67 29.98 -18.24
C ARG B 577 -79.31 28.60 -18.35
N PHE B 578 -80.55 28.43 -17.93
CA PHE B 578 -81.26 27.15 -18.06
C PHE B 578 -82.37 27.28 -19.08
N ASP B 579 -82.40 26.34 -20.03
CA ASP B 579 -83.39 26.38 -21.10
C ASP B 579 -84.81 26.13 -20.59
N LEU B 580 -84.98 25.17 -19.69
CA LEU B 580 -86.30 24.80 -19.20
C LEU B 580 -86.27 24.67 -17.68
N LEU B 581 -87.10 25.47 -17.02
CA LEU B 581 -87.29 25.41 -15.58
C LEU B 581 -88.66 24.79 -15.31
N PHE B 582 -88.67 23.67 -14.60
CA PHE B 582 -89.90 22.95 -14.28
C PHE B 582 -90.19 23.06 -12.80
N VAL B 583 -91.30 23.73 -12.47
CA VAL B 583 -91.79 23.80 -11.09
C VAL B 583 -92.85 22.73 -10.95
N VAL B 584 -92.60 21.78 -10.06
CA VAL B 584 -93.48 20.62 -9.86
C VAL B 584 -94.02 20.67 -8.44
N THR B 585 -95.30 20.38 -8.29
CA THR B 585 -95.99 20.48 -7.01
C THR B 585 -96.82 19.23 -6.76
N ASP B 586 -96.84 18.78 -5.51
CA ASP B 586 -97.64 17.64 -5.08
C ASP B 586 -98.95 18.16 -4.51
N ASP B 587 -100.05 17.83 -5.19
CA ASP B 587 -101.39 18.25 -4.78
C ASP B 587 -102.18 17.04 -4.35
N ILE B 588 -102.92 17.17 -3.25
CA ILE B 588 -103.66 16.05 -2.67
C ILE B 588 -104.96 15.88 -3.45
N ASN B 589 -105.16 14.69 -4.01
CA ASN B 589 -106.37 14.34 -4.73
C ASN B 589 -106.57 12.83 -4.62
N GLU B 590 -107.79 12.41 -4.30
CA GLU B 590 -108.04 11.01 -3.97
C GLU B 590 -107.77 10.07 -5.14
N ILE B 591 -108.16 10.46 -6.36
CA ILE B 591 -107.94 9.58 -7.51
C ILE B 591 -106.45 9.45 -7.81
N ARG B 592 -105.72 10.56 -7.74
CA ARG B 592 -104.27 10.50 -7.96
C ARG B 592 -103.61 9.62 -6.92
N ASP B 593 -104.01 9.75 -5.65
CA ASP B 593 -103.46 8.92 -4.60
C ASP B 593 -103.76 7.44 -4.82
N ARG B 594 -105.00 7.12 -5.19
CA ARG B 594 -105.37 5.74 -5.47
C ARG B 594 -104.58 5.13 -6.61
N SER B 595 -104.35 5.88 -7.69
CA SER B 595 -103.54 5.38 -8.80
C SER B 595 -102.07 5.24 -8.44
N ILE B 596 -101.48 6.26 -7.81
CA ILE B 596 -100.04 6.24 -7.55
C ILE B 596 -99.70 5.21 -6.48
N SER B 597 -100.57 5.04 -5.47
CA SER B 597 -100.33 4.04 -4.46
C SER B 597 -100.39 2.64 -5.05
N GLU B 598 -101.35 2.40 -5.95
CA GLU B 598 -101.41 1.14 -6.66
C GLU B 598 -100.15 0.88 -7.48
N HIS B 599 -99.67 1.88 -8.20
CA HIS B 599 -98.43 1.73 -8.98
C HIS B 599 -97.23 1.41 -8.09
N VAL B 600 -97.07 2.14 -6.99
CA VAL B 600 -95.94 1.91 -6.09
C VAL B 600 -96.03 0.53 -5.47
N LEU B 601 -97.21 0.11 -5.02
CA LEU B 601 -97.36 -1.22 -4.44
C LEU B 601 -97.14 -2.33 -5.47
N ARG B 602 -97.49 -2.09 -6.73
CA ARG B 602 -97.18 -3.06 -7.77
C ARG B 602 -95.67 -3.15 -8.00
N THR B 603 -94.98 -2.01 -7.96
CA THR B 603 -93.53 -2.01 -8.17
C THR B 603 -92.80 -2.79 -7.07
N HIS B 604 -93.21 -2.63 -5.82
CA HIS B 604 -92.53 -3.22 -4.67
C HIS B 604 -92.73 -4.73 -4.57
N ARG B 605 -93.36 -5.36 -5.55
CA ARG B 605 -93.69 -6.79 -5.50
C ARG B 605 -93.05 -7.48 -6.70
N TYR B 606 -91.82 -7.11 -7.01
CA TYR B 606 -91.12 -7.62 -8.17
C TYR B 606 -90.04 -8.60 -7.71
N LEU B 607 -89.98 -9.77 -8.34
CA LEU B 607 -89.04 -10.81 -7.99
C LEU B 607 -88.10 -11.07 -9.16
N PRO B 608 -86.78 -10.94 -8.98
CA PRO B 608 -85.87 -11.22 -10.08
C PRO B 608 -85.93 -12.67 -10.48
N PRO B 609 -85.75 -12.98 -11.77
CA PRO B 609 -85.76 -14.39 -12.20
C PRO B 609 -84.63 -15.17 -11.55
N GLY B 610 -84.91 -16.43 -11.23
CA GLY B 610 -83.95 -17.28 -10.55
C GLY B 610 -83.89 -17.12 -9.06
N TYR B 611 -84.79 -16.33 -8.46
CA TYR B 611 -84.83 -16.13 -7.03
C TYR B 611 -86.14 -16.66 -6.47
N LEU B 612 -86.08 -17.28 -5.30
CA LEU B 612 -87.26 -17.78 -4.62
C LEU B 612 -87.87 -16.69 -3.74
N GLU B 613 -89.12 -16.90 -3.35
CA GLU B 613 -89.76 -15.98 -2.43
C GLU B 613 -89.09 -16.04 -1.07
N GLY B 614 -88.80 -14.86 -0.51
CA GLY B 614 -88.10 -14.75 0.75
C GLY B 614 -86.61 -14.92 0.67
N GLU B 615 -86.06 -15.18 -0.52
CA GLU B 615 -84.63 -15.32 -0.71
C GLU B 615 -84.00 -13.94 -0.84
N PRO B 616 -83.08 -13.56 0.04
CA PRO B 616 -82.43 -12.24 -0.11
C PRO B 616 -81.65 -12.18 -1.41
N VAL B 617 -81.62 -10.98 -2.00
CA VAL B 617 -80.90 -10.80 -3.24
C VAL B 617 -79.40 -10.89 -2.97
N ARG B 618 -78.71 -11.75 -3.72
CA ARG B 618 -77.28 -11.97 -3.54
C ARG B 618 -76.54 -11.14 -4.58
N GLU B 619 -76.43 -9.84 -4.30
CA GLU B 619 -75.73 -8.91 -5.19
C GLU B 619 -74.23 -8.99 -4.89
N ARG B 620 -73.68 -10.17 -5.12
CA ARG B 620 -72.25 -10.44 -4.90
C ARG B 620 -71.57 -11.12 -6.06
N LEU B 621 -72.30 -11.87 -6.90
CA LEU B 621 -71.79 -12.52 -8.10
C LEU B 621 -70.84 -13.67 -7.77
N ASN B 622 -70.56 -13.88 -6.49
CA ASN B 622 -69.72 -14.99 -6.02
C ASN B 622 -68.36 -15.01 -6.71
N LEU B 623 -67.78 -13.83 -6.92
CA LEU B 623 -66.47 -13.62 -7.54
C LEU B 623 -66.41 -14.12 -8.99
N SER B 624 -67.56 -14.43 -9.59
CA SER B 624 -67.60 -14.79 -11.02
C SER B 624 -67.87 -13.53 -11.83
N LEU B 625 -66.80 -12.75 -12.03
CA LEU B 625 -66.93 -11.45 -12.67
C LEU B 625 -67.42 -11.59 -14.11
N ALA B 626 -66.88 -12.54 -14.85
CA ALA B 626 -67.27 -12.74 -16.24
C ALA B 626 -67.04 -14.19 -16.64
N VAL B 627 -67.82 -14.64 -17.61
CA VAL B 627 -67.69 -16.01 -18.12
C VAL B 627 -66.72 -16.11 -19.30
N GLY B 628 -66.70 -15.11 -20.17
CA GLY B 628 -65.77 -15.09 -21.29
C GLY B 628 -65.18 -13.72 -21.52
N GLU B 629 -63.85 -13.63 -21.48
CA GLU B 629 -63.17 -12.34 -21.51
C GLU B 629 -63.01 -11.92 -22.96
N ASP B 630 -63.56 -10.75 -23.30
CA ASP B 630 -63.55 -10.29 -24.69
C ASP B 630 -62.12 -10.06 -25.17
N PRO B 683 -100.62 -0.33 -26.70
CA PRO B 683 -99.41 0.41 -26.34
C PRO B 683 -98.17 -0.49 -26.27
N LYS B 684 -97.04 0.01 -26.76
CA LYS B 684 -95.80 -0.75 -26.80
C LYS B 684 -94.67 0.09 -26.22
N LEU B 685 -93.69 -0.59 -25.61
CA LEU B 685 -92.50 0.04 -25.08
C LEU B 685 -91.27 -0.63 -25.69
N VAL B 686 -90.17 0.12 -25.71
CA VAL B 686 -88.91 -0.35 -26.28
C VAL B 686 -87.93 -0.62 -25.15
N THR B 687 -87.01 -1.54 -25.40
CA THR B 687 -86.02 -1.91 -24.39
C THR B 687 -84.89 -0.88 -24.38
N ILE B 688 -84.24 -0.76 -23.21
CA ILE B 688 -83.25 0.32 -23.03
C ILE B 688 -82.08 0.23 -24.00
N PRO B 689 -81.45 -0.93 -24.24
CA PRO B 689 -80.36 -0.95 -25.22
C PRO B 689 -80.78 -0.49 -26.61
N PHE B 690 -82.01 -0.80 -27.04
CA PHE B 690 -82.47 -0.30 -28.33
C PHE B 690 -82.56 1.22 -28.31
N LEU B 691 -83.00 1.79 -27.19
CA LEU B 691 -83.02 3.25 -27.06
C LEU B 691 -81.61 3.83 -27.14
N ARG B 692 -80.64 3.16 -26.52
CA ARG B 692 -79.26 3.64 -26.58
C ARG B 692 -78.74 3.62 -28.02
N LYS B 693 -79.05 2.55 -28.75
CA LYS B 693 -78.66 2.48 -30.15
C LYS B 693 -79.33 3.58 -30.96
N TYR B 694 -80.61 3.83 -30.72
CA TYR B 694 -81.33 4.88 -31.43
C TYR B 694 -80.70 6.24 -31.17
N VAL B 695 -80.39 6.54 -29.91
CA VAL B 695 -79.80 7.83 -29.57
C VAL B 695 -78.43 7.98 -30.20
N GLN B 696 -77.60 6.93 -30.15
CA GLN B 696 -76.28 6.99 -30.77
C GLN B 696 -76.39 7.23 -32.27
N TYR B 697 -77.25 6.48 -32.95
CA TYR B 697 -77.40 6.62 -34.39
C TYR B 697 -77.90 8.02 -34.76
N ALA B 698 -78.87 8.54 -34.02
CA ALA B 698 -79.38 9.87 -34.31
C ALA B 698 -78.31 10.94 -34.08
N LYS B 699 -77.54 10.81 -33.00
CA LYS B 699 -76.52 11.83 -32.71
C LYS B 699 -75.40 11.79 -33.75
N GLU B 700 -75.08 10.61 -34.29
CA GLU B 700 -73.92 10.52 -35.16
C GLU B 700 -74.25 10.51 -36.65
N ARG B 701 -75.53 10.46 -37.05
CA ARG B 701 -75.83 10.30 -38.47
C ARG B 701 -76.70 11.38 -39.10
N VAL B 702 -77.40 12.20 -38.31
CA VAL B 702 -78.28 13.22 -38.87
C VAL B 702 -77.88 14.60 -38.32
N ILE B 703 -77.83 15.58 -39.21
CA ILE B 703 -77.59 16.98 -38.84
C ILE B 703 -78.59 17.84 -39.58
N PRO B 704 -79.79 18.04 -39.04
CA PRO B 704 -80.80 18.82 -39.76
C PRO B 704 -80.44 20.30 -39.86
N GLN B 705 -81.02 20.97 -40.85
CA GLN B 705 -80.83 22.39 -41.08
C GLN B 705 -82.18 23.09 -41.01
N LEU B 706 -82.16 24.35 -40.56
CA LEU B 706 -83.39 25.10 -40.36
C LEU B 706 -84.00 25.50 -41.70
N THR B 707 -85.33 25.64 -41.70
CA THR B 707 -86.09 26.03 -42.88
C THR B 707 -86.90 27.27 -42.59
N GLN B 708 -87.38 27.91 -43.66
CA GLN B 708 -88.13 29.15 -43.51
C GLN B 708 -89.50 28.93 -42.89
N GLU B 709 -90.22 27.88 -43.29
CA GLU B 709 -91.58 27.70 -42.81
C GLU B 709 -91.62 27.36 -41.34
N ALA B 710 -90.53 26.79 -40.80
CA ALA B 710 -90.43 26.60 -39.36
C ALA B 710 -90.12 27.91 -38.66
N ILE B 711 -89.29 28.74 -39.28
CA ILE B 711 -88.98 30.07 -38.72
C ILE B 711 -90.25 30.90 -38.62
N ASN B 712 -91.15 30.75 -39.58
CA ASN B 712 -92.40 31.51 -39.55
C ASN B 712 -93.24 31.16 -38.32
N VAL B 713 -93.26 29.88 -37.93
CA VAL B 713 -93.97 29.48 -36.72
C VAL B 713 -93.23 29.96 -35.48
N ILE B 714 -91.89 29.86 -35.49
CA ILE B 714 -91.12 30.23 -34.32
C ILE B 714 -91.28 31.72 -34.01
N VAL B 715 -91.25 32.56 -35.05
CA VAL B 715 -91.35 34.01 -34.82
C VAL B 715 -92.72 34.38 -34.28
N LYS B 716 -93.78 33.75 -34.82
CA LYS B 716 -95.12 34.08 -34.34
C LYS B 716 -95.30 33.63 -32.89
N ASN B 717 -94.78 32.45 -32.54
CA ASN B 717 -94.86 32.02 -31.15
C ASN B 717 -94.10 32.96 -30.23
N TYR B 718 -92.90 33.38 -30.64
CA TYR B 718 -92.11 34.29 -29.82
C TYR B 718 -92.82 35.62 -29.62
N THR B 719 -93.37 36.18 -30.70
CA THR B 719 -94.06 37.47 -30.60
C THR B 719 -95.31 37.36 -29.74
N ASP B 720 -96.06 36.26 -29.87
CA ASP B 720 -97.24 36.08 -29.04
C ASP B 720 -96.86 35.94 -27.57
N LEU B 721 -95.82 35.18 -27.28
CA LEU B 721 -95.42 34.96 -25.89
C LEU B 721 -94.91 36.25 -25.25
N ARG B 722 -94.12 37.03 -25.99
CA ARG B 722 -93.52 38.23 -25.41
C ARG B 722 -94.57 39.25 -25.00
N ASN B 723 -95.56 39.49 -25.84
CA ASN B 723 -96.55 40.54 -25.63
C ASN B 723 -97.83 39.99 -25.02
N ASP B 724 -97.78 39.56 -23.76
CA ASP B 724 -98.95 39.08 -23.06
C ASP B 724 -98.82 39.40 -21.57
N ASP B 725 -99.96 39.52 -20.91
CA ASP B 725 -100.02 39.89 -19.50
C ASP B 725 -100.00 38.70 -18.56
N ASN B 726 -99.88 37.48 -19.09
CA ASN B 726 -99.82 36.31 -18.22
C ASN B 726 -98.57 36.34 -17.36
N THR B 727 -98.73 35.97 -16.09
CA THR B 727 -97.62 35.96 -15.14
C THR B 727 -96.93 34.61 -15.19
N LYS B 728 -95.77 34.56 -15.84
CA LYS B 728 -94.99 33.34 -15.97
C LYS B 728 -94.06 33.19 -14.77
N LYS B 729 -93.66 31.93 -14.51
CA LYS B 729 -92.78 31.64 -13.39
C LYS B 729 -91.36 32.10 -13.68
N SER B 730 -91.07 32.43 -14.93
CA SER B 730 -89.77 32.94 -15.33
C SER B 730 -89.97 34.01 -16.37
N PRO B 731 -89.14 35.05 -16.38
CA PRO B 731 -89.25 36.10 -17.39
C PRO B 731 -88.89 35.57 -18.77
N ILE B 732 -89.47 36.20 -19.79
CA ILE B 732 -89.21 35.87 -21.18
C ILE B 732 -88.31 36.95 -21.77
N THR B 733 -87.29 36.52 -22.51
CA THR B 733 -86.25 37.43 -22.98
C THR B 733 -85.89 37.00 -24.40
N ALA B 734 -84.90 37.64 -25.03
CA ALA B 734 -84.52 37.36 -26.41
C ALA B 734 -83.83 36.02 -26.57
N ARG B 735 -83.50 35.34 -25.48
CA ARG B 735 -82.86 34.03 -25.53
C ARG B 735 -83.88 32.90 -25.60
N THR B 736 -85.18 33.21 -25.58
CA THR B 736 -86.21 32.19 -25.78
C THR B 736 -86.23 31.70 -27.22
N LEU B 737 -85.94 32.58 -28.18
CA LEU B 737 -85.90 32.19 -29.59
C LEU B 737 -84.86 31.11 -29.83
N GLU B 738 -83.68 31.25 -29.21
CA GLU B 738 -82.64 30.24 -29.33
C GLU B 738 -83.09 28.91 -28.74
N THR B 739 -83.82 28.95 -27.62
CA THR B 739 -84.40 27.74 -27.06
C THR B 739 -85.39 27.07 -28.00
N LEU B 740 -86.26 27.85 -28.65
CA LEU B 740 -87.16 27.26 -29.64
C LEU B 740 -86.38 26.62 -30.77
N ILE B 741 -85.32 27.29 -31.25
CA ILE B 741 -84.52 26.73 -32.34
C ILE B 741 -83.87 25.42 -31.91
N ARG B 742 -83.31 25.38 -30.71
CA ARG B 742 -82.64 24.16 -30.24
C ARG B 742 -83.63 23.01 -30.05
N LEU B 743 -84.80 23.29 -29.48
CA LEU B 743 -85.80 22.24 -29.30
C LEU B 743 -86.31 21.74 -30.64
N ALA B 744 -86.50 22.64 -31.61
CA ALA B 744 -86.92 22.22 -32.94
C ALA B 744 -85.85 21.34 -33.60
N THR B 745 -84.58 21.71 -33.45
CA THR B 745 -83.51 20.90 -34.01
C THR B 745 -83.48 19.51 -33.37
N ALA B 746 -83.64 19.45 -32.05
CA ALA B 746 -83.66 18.15 -31.37
C ALA B 746 -84.83 17.29 -31.85
N HIS B 747 -86.02 17.88 -31.95
CA HIS B 747 -87.17 17.11 -32.42
C HIS B 747 -86.98 16.66 -33.85
N ALA B 748 -86.30 17.47 -34.66
CA ALA B 748 -85.98 17.06 -36.02
C ALA B 748 -85.04 15.86 -36.03
N LYS B 749 -84.05 15.85 -35.13
CA LYS B 749 -83.18 14.70 -35.01
C LYS B 749 -83.95 13.44 -34.60
N VAL B 750 -84.93 13.61 -33.71
CA VAL B 750 -85.71 12.46 -33.26
C VAL B 750 -86.39 11.77 -34.43
N ARG B 751 -86.89 12.54 -35.39
CA ARG B 751 -87.59 12.02 -36.55
C ARG B 751 -86.67 11.41 -37.60
N LEU B 752 -85.35 11.49 -37.41
CA LEU B 752 -84.37 10.98 -38.37
C LEU B 752 -84.52 11.68 -39.72
N SER B 753 -84.59 13.00 -39.69
CA SER B 753 -84.75 13.81 -40.89
C SER B 753 -83.65 14.86 -40.95
N LYS B 754 -83.40 15.36 -42.16
CA LYS B 754 -82.35 16.34 -42.40
C LYS B 754 -82.88 17.76 -42.50
N THR B 755 -84.16 17.98 -42.26
CA THR B 755 -84.74 19.31 -42.30
C THR B 755 -85.63 19.52 -41.08
N VAL B 756 -85.80 20.79 -40.71
CA VAL B 756 -86.67 21.16 -39.59
C VAL B 756 -88.04 21.48 -40.20
N ASN B 757 -89.08 20.81 -39.69
CA ASN B 757 -90.42 20.97 -40.22
C ASN B 757 -91.27 21.82 -39.28
N LYS B 758 -92.53 22.05 -39.69
CA LYS B 758 -93.45 22.81 -38.86
C LYS B 758 -93.84 22.06 -37.60
N VAL B 759 -93.93 20.73 -37.68
CA VAL B 759 -94.32 19.93 -36.52
C VAL B 759 -93.28 20.05 -35.42
N ASP B 760 -92.00 20.16 -35.79
CA ASP B 760 -90.95 20.36 -34.79
C ASP B 760 -91.17 21.67 -34.05
N ALA B 761 -91.49 22.74 -34.79
CA ALA B 761 -91.76 24.02 -34.15
C ALA B 761 -92.98 23.94 -33.24
N LYS B 762 -94.03 23.24 -33.67
CA LYS B 762 -95.21 23.09 -32.83
C LYS B 762 -94.89 22.35 -31.54
N VAL B 763 -94.12 21.27 -31.63
CA VAL B 763 -93.77 20.50 -30.43
C VAL B 763 -92.92 21.34 -29.49
N ALA B 764 -91.94 22.07 -30.04
CA ALA B 764 -91.12 22.94 -29.20
C ALA B 764 -91.97 24.02 -28.53
N ALA B 765 -92.90 24.60 -29.27
CA ALA B 765 -93.77 25.63 -28.71
C ALA B 765 -94.63 25.06 -27.59
N ASN B 766 -95.20 23.87 -27.78
CA ASN B 766 -96.02 23.26 -26.74
C ASN B 766 -95.19 22.97 -25.49
N LEU B 767 -93.98 22.44 -25.68
CA LEU B 767 -93.13 22.13 -24.52
C LEU B 767 -92.78 23.40 -23.75
N LEU B 768 -92.41 24.47 -24.45
CA LEU B 768 -92.02 25.67 -23.73
C LEU B 768 -93.22 26.39 -23.12
N ARG B 769 -94.40 26.30 -23.75
CA ARG B 769 -95.60 26.86 -23.13
C ARG B 769 -95.95 26.11 -21.85
N PHE B 770 -95.82 24.78 -21.85
CA PHE B 770 -96.04 24.04 -20.62
C PHE B 770 -95.02 24.42 -19.56
N ALA B 771 -93.75 24.57 -19.95
CA ALA B 771 -92.72 24.89 -18.97
C ALA B 771 -92.95 26.26 -18.34
N LEU B 772 -93.17 27.28 -19.18
CA LEU B 772 -93.27 28.65 -18.66
C LEU B 772 -94.62 28.91 -18.00
N LEU B 773 -95.70 28.41 -18.59
CA LEU B 773 -97.05 28.77 -18.15
C LEU B 773 -97.76 27.69 -17.35
N GLY B 774 -97.56 26.42 -17.68
CA GLY B 774 -98.37 25.37 -17.11
C GLY B 774 -99.75 25.23 -17.73
N GLU B 775 -99.97 25.82 -18.90
CA GLU B 775 -101.30 25.83 -19.50
C GLU B 775 -101.73 24.43 -19.92
N ASP B 776 -100.77 23.51 -20.05
CA ASP B 776 -100.95 22.13 -20.52
C ASP B 776 -102.28 21.80 -21.22
N LEU C 177 5.62 52.09 -27.36
CA LEU C 177 6.23 50.99 -28.10
C LEU C 177 5.53 49.67 -27.79
N ARG C 178 5.81 49.11 -26.61
CA ARG C 178 5.20 47.85 -26.22
C ARG C 178 3.72 48.03 -25.95
N ILE C 179 2.94 47.00 -26.26
CA ILE C 179 1.49 47.03 -26.10
C ILE C 179 1.09 45.98 -25.08
N ILE C 180 0.13 46.36 -24.23
CA ILE C 180 -0.44 45.42 -23.26
C ILE C 180 -0.97 44.21 -24.01
N TRP C 181 -0.64 43.02 -23.50
CA TRP C 181 -0.98 41.76 -24.16
C TRP C 181 -2.48 41.63 -24.36
N GLY C 182 -2.87 41.12 -25.51
CA GLY C 182 -4.28 40.94 -25.82
C GLY C 182 -4.88 42.11 -26.57
N THR C 183 -4.78 43.31 -25.99
CA THR C 183 -5.35 44.51 -26.58
C THR C 183 -4.35 45.19 -27.52
N ASN C 184 -4.78 46.33 -28.07
CA ASN C 184 -3.93 47.17 -28.89
C ASN C 184 -3.62 48.51 -28.24
N VAL C 185 -3.95 48.68 -26.96
CA VAL C 185 -3.76 49.95 -26.27
C VAL C 185 -2.33 50.07 -25.78
N SER C 186 -1.72 51.23 -26.04
CA SER C 186 -0.39 51.54 -25.53
C SER C 186 -0.46 52.82 -24.71
N ILE C 187 0.21 52.82 -23.56
CA ILE C 187 0.12 53.93 -22.63
C ILE C 187 0.77 55.19 -23.21
N GLN C 188 1.84 55.01 -23.99
CA GLN C 188 2.70 56.13 -24.37
C GLN C 188 1.92 57.20 -25.12
N GLU C 189 1.20 56.82 -26.17
CA GLU C 189 0.46 57.82 -26.95
C GLU C 189 -0.79 58.28 -26.23
N CYS C 190 -1.43 57.39 -25.46
CA CYS C 190 -2.67 57.75 -24.78
C CYS C 190 -2.43 58.86 -23.75
N THR C 191 -1.36 58.74 -22.96
CA THR C 191 -1.07 59.77 -21.97
C THR C 191 -0.84 61.13 -22.61
N THR C 192 -0.02 61.17 -23.68
CA THR C 192 0.26 62.43 -24.35
C THR C 192 -0.99 63.03 -24.96
N ASN C 193 -1.82 62.19 -25.61
CA ASN C 193 -3.06 62.68 -26.18
C ASN C 193 -3.96 63.26 -25.12
N PHE C 194 -4.03 62.61 -23.94
CA PHE C 194 -4.92 63.10 -22.89
C PHE C 194 -4.42 64.42 -22.31
N ARG C 195 -3.12 64.57 -22.11
CA ARG C 195 -2.64 65.84 -21.57
C ARG C 195 -2.84 66.97 -22.58
N ASN C 196 -2.59 66.69 -23.87
CA ASN C 196 -2.91 67.68 -24.89
C ASN C 196 -4.39 68.02 -24.88
N PHE C 197 -5.24 67.01 -24.70
CA PHE C 197 -6.68 67.24 -24.65
C PHE C 197 -7.06 68.15 -23.49
N LEU C 198 -6.47 67.91 -22.32
CA LEU C 198 -6.87 68.68 -21.13
C LEU C 198 -6.36 70.11 -21.18
N MET C 199 -5.08 70.31 -21.50
CA MET C 199 -4.58 71.70 -21.53
C MET C 199 -5.04 72.44 -22.78
N SER C 200 -5.47 71.70 -23.81
CA SER C 200 -5.81 72.35 -25.08
C SER C 200 -7.30 72.64 -25.19
N PHE C 201 -8.14 71.77 -24.62
CA PHE C 201 -9.58 71.86 -24.89
C PHE C 201 -10.20 73.09 -24.26
N LYS C 202 -11.23 73.61 -24.92
CA LYS C 202 -12.05 74.71 -24.44
C LYS C 202 -13.48 74.47 -24.93
N TYR C 203 -14.38 75.38 -24.57
CA TYR C 203 -15.68 75.37 -25.23
C TYR C 203 -15.58 75.75 -26.70
N LYS C 204 -14.48 76.37 -27.12
CA LYS C 204 -14.31 76.69 -28.53
C LYS C 204 -14.35 75.41 -29.37
N PHE C 205 -13.54 74.42 -29.01
CA PHE C 205 -13.52 73.17 -29.76
C PHE C 205 -14.84 72.42 -29.63
N ARG C 206 -15.49 72.49 -28.47
CA ARG C 206 -16.77 71.82 -28.28
C ARG C 206 -17.84 72.41 -29.21
N LYS C 207 -17.92 73.74 -29.27
CA LYS C 207 -18.92 74.37 -30.12
C LYS C 207 -18.56 74.29 -31.59
N ILE C 208 -17.27 74.10 -31.92
CA ILE C 208 -16.91 73.77 -33.30
C ILE C 208 -17.37 72.35 -33.62
N LEU C 209 -17.24 71.43 -32.65
CA LEU C 209 -17.68 70.05 -32.87
C LEU C 209 -19.18 69.99 -33.13
N ASP C 210 -19.99 70.38 -32.14
CA ASP C 210 -21.43 70.24 -32.31
C ASP C 210 -21.95 71.14 -33.42
N GLU C 211 -21.61 72.43 -33.37
CA GLU C 211 -21.88 73.39 -34.45
C GLU C 211 -23.31 73.28 -34.95
N ARG C 212 -24.25 73.20 -34.02
CA ARG C 212 -25.67 73.05 -34.35
C ARG C 212 -26.35 74.36 -34.69
N GLU C 213 -25.58 75.42 -34.97
CA GLU C 213 -26.09 76.77 -35.22
C GLU C 213 -26.71 77.34 -33.94
N GLU C 214 -26.78 78.66 -33.84
CA GLU C 214 -27.23 79.34 -32.63
C GLU C 214 -26.38 78.91 -31.42
N PHE C 215 -25.10 78.68 -31.66
CA PHE C 215 -24.16 78.23 -30.64
C PHE C 215 -23.42 79.46 -30.09
N ILE C 216 -23.49 79.64 -28.77
CA ILE C 216 -22.97 80.85 -28.16
C ILE C 216 -21.45 80.75 -28.03
N ASN C 217 -20.75 81.79 -28.47
CA ASN C 217 -19.30 81.91 -28.33
C ASN C 217 -18.93 83.13 -27.50
N ASN C 218 -19.83 83.57 -26.64
CA ASN C 218 -19.64 84.78 -25.84
C ASN C 218 -18.66 84.48 -24.71
N THR C 219 -17.36 84.60 -25.01
CA THR C 219 -16.27 84.49 -24.05
C THR C 219 -16.14 83.05 -23.54
N THR C 220 -17.08 82.18 -23.92
CA THR C 220 -16.99 80.79 -23.53
C THR C 220 -15.88 80.07 -24.29
N ASP C 221 -15.52 80.57 -25.47
CA ASP C 221 -14.52 79.89 -26.29
C ASP C 221 -13.15 79.87 -25.62
N GLU C 222 -12.91 80.78 -24.69
CA GLU C 222 -11.63 80.88 -23.99
C GLU C 222 -11.75 80.58 -22.50
N GLU C 223 -12.85 79.95 -22.07
CA GLU C 223 -13.05 79.72 -20.64
C GLU C 223 -12.14 78.64 -20.08
N LEU C 224 -11.62 77.73 -20.92
CA LEU C 224 -10.78 76.62 -20.47
C LEU C 224 -11.52 75.77 -19.42
N TYR C 225 -12.57 75.12 -19.92
CA TYR C 225 -13.52 74.42 -19.05
C TYR C 225 -12.81 73.37 -18.19
N TYR C 226 -11.88 72.62 -18.77
CA TYR C 226 -11.25 71.54 -18.02
C TYR C 226 -10.29 72.07 -16.95
N ILE C 227 -9.53 73.11 -17.27
CA ILE C 227 -8.51 73.59 -16.34
C ILE C 227 -9.16 74.25 -15.13
N LYS C 228 -10.31 74.91 -15.33
CA LYS C 228 -10.97 75.54 -14.18
C LYS C 228 -11.55 74.50 -13.24
N GLN C 229 -12.15 73.44 -13.79
CA GLN C 229 -12.62 72.34 -12.95
C GLN C 229 -11.45 71.66 -12.26
N LEU C 230 -10.32 71.52 -12.95
CA LEU C 230 -9.15 70.90 -12.36
C LEU C 230 -8.66 71.71 -11.16
N ASN C 231 -8.59 73.04 -11.32
CA ASN C 231 -8.13 73.89 -10.22
C ASN C 231 -9.12 73.90 -9.07
N GLU C 232 -10.42 73.94 -9.36
CA GLU C 232 -11.40 73.97 -8.28
C GLU C 232 -11.44 72.64 -7.53
N MET C 233 -11.21 71.53 -8.24
CA MET C 233 -11.03 70.24 -7.57
C MET C 233 -9.77 70.21 -6.72
N ARG C 234 -8.67 70.78 -7.22
CA ARG C 234 -7.44 70.81 -6.42
C ARG C 234 -7.65 71.59 -5.13
N GLU C 235 -8.30 72.76 -5.21
CA GLU C 235 -8.50 73.55 -4.01
C GLU C 235 -9.56 72.95 -3.09
N LEU C 236 -10.57 72.28 -3.65
CA LEU C 236 -11.53 71.56 -2.82
C LEU C 236 -10.93 70.26 -2.27
N GLY C 237 -10.19 69.53 -3.09
CA GLY C 237 -9.63 68.26 -2.68
C GLY C 237 -10.49 67.05 -2.97
N THR C 238 -11.64 67.23 -3.62
CA THR C 238 -12.52 66.12 -3.96
C THR C 238 -12.12 65.52 -5.30
N SER C 239 -12.33 64.21 -5.44
CA SER C 239 -11.94 63.46 -6.63
C SER C 239 -13.19 62.94 -7.31
N ASN C 240 -13.76 63.73 -8.23
CA ASN C 240 -14.90 63.31 -9.01
C ASN C 240 -14.82 63.99 -10.36
N LEU C 241 -14.93 63.18 -11.42
CA LEU C 241 -14.84 63.70 -12.78
C LEU C 241 -16.07 63.28 -13.56
N ASN C 242 -16.42 64.10 -14.56
CA ASN C 242 -17.58 63.86 -15.41
C ASN C 242 -17.20 63.91 -16.88
N LEU C 243 -16.10 63.26 -17.26
CA LEU C 243 -15.67 63.24 -18.65
C LEU C 243 -16.74 62.66 -19.55
N ASP C 244 -17.03 63.35 -20.64
CA ASP C 244 -18.07 62.96 -21.57
C ASP C 244 -17.44 62.30 -22.79
N ALA C 245 -18.27 61.56 -23.55
CA ALA C 245 -17.79 60.88 -24.75
C ALA C 245 -17.80 61.78 -25.97
N ARG C 246 -18.85 62.60 -26.15
CA ARG C 246 -18.88 63.54 -27.25
C ARG C 246 -17.73 64.54 -27.15
N ASN C 247 -17.49 65.06 -25.94
CA ASN C 247 -16.36 65.97 -25.73
C ASN C 247 -15.04 65.28 -25.98
N LEU C 248 -14.94 63.99 -25.64
CA LEU C 248 -13.71 63.25 -25.94
C LEU C 248 -13.52 63.08 -27.44
N LEU C 249 -14.62 62.92 -28.18
CA LEU C 249 -14.54 62.81 -29.64
C LEU C 249 -14.29 64.16 -30.31
N ALA C 250 -14.53 65.26 -29.59
CA ALA C 250 -14.39 66.58 -30.19
C ALA C 250 -13.00 66.81 -30.77
N TYR C 251 -11.96 66.48 -30.01
CA TYR C 251 -10.60 66.73 -30.48
C TYR C 251 -10.23 65.70 -31.54
N LYS C 252 -9.50 66.17 -32.57
CA LYS C 252 -9.22 65.32 -33.73
C LYS C 252 -8.23 64.20 -33.38
N GLN C 253 -7.13 64.55 -32.71
CA GLN C 253 -6.10 63.56 -32.42
C GLN C 253 -6.54 62.53 -31.39
N THR C 254 -7.31 62.94 -30.38
CA THR C 254 -7.80 62.03 -29.36
C THR C 254 -9.05 61.26 -29.79
N GLU C 255 -9.45 61.37 -31.06
CA GLU C 255 -10.60 60.62 -31.55
C GLU C 255 -10.33 59.12 -31.49
N ASP C 256 -9.06 58.71 -31.52
CA ASP C 256 -8.74 57.29 -31.41
C ASP C 256 -9.23 56.71 -30.08
N LEU C 257 -9.05 57.46 -28.99
CA LEU C 257 -9.49 56.98 -27.68
C LEU C 257 -10.99 56.75 -27.62
N TYR C 258 -11.77 57.45 -28.44
CA TYR C 258 -13.22 57.27 -28.40
C TYR C 258 -13.60 55.84 -28.77
N HIS C 259 -13.01 55.30 -29.84
CA HIS C 259 -13.25 53.93 -30.22
C HIS C 259 -12.32 52.95 -29.50
N GLN C 260 -11.30 53.44 -28.82
CA GLN C 260 -10.37 52.61 -28.07
C GLN C 260 -10.83 52.39 -26.63
N LEU C 261 -11.80 53.16 -26.16
CA LEU C 261 -12.37 53.02 -24.82
C LEU C 261 -13.60 52.12 -24.81
N LEU C 262 -14.43 52.20 -25.86
CA LEU C 262 -15.64 51.39 -25.90
C LEU C 262 -15.32 49.90 -25.85
N ASN C 263 -14.16 49.51 -26.39
CA ASN C 263 -13.85 48.09 -26.51
C ASN C 263 -12.96 47.60 -25.37
N TYR C 264 -12.15 48.48 -24.78
CA TYR C 264 -11.25 48.12 -23.69
C TYR C 264 -11.38 49.13 -22.56
N PRO C 265 -12.50 49.11 -21.83
CA PRO C 265 -12.72 50.11 -20.77
C PRO C 265 -11.70 50.04 -19.63
N GLN C 266 -11.35 48.84 -19.19
CA GLN C 266 -10.54 48.70 -17.98
C GLN C 266 -9.15 49.29 -18.16
N GLU C 267 -8.45 48.93 -19.24
CA GLU C 267 -7.08 49.39 -19.44
C GLU C 267 -7.05 50.90 -19.71
N VAL C 268 -8.01 51.40 -20.48
CA VAL C 268 -8.06 52.82 -20.76
C VAL C 268 -8.32 53.60 -19.47
N ILE C 269 -9.19 53.08 -18.60
CA ILE C 269 -9.45 53.73 -17.32
C ILE C 269 -8.23 53.65 -16.41
N SER C 270 -7.49 52.55 -16.48
CA SER C 270 -6.24 52.47 -15.72
C SER C 270 -5.26 53.54 -16.18
N ILE C 271 -5.16 53.77 -17.48
CA ILE C 271 -4.35 54.87 -18.00
C ILE C 271 -4.93 56.20 -17.55
N MET C 272 -6.26 56.28 -17.49
CA MET C 272 -6.94 57.50 -17.06
C MET C 272 -6.47 57.92 -15.67
N ASP C 273 -6.53 56.99 -14.72
CA ASP C 273 -6.15 57.30 -13.34
C ASP C 273 -4.66 57.62 -13.25
N GLN C 274 -3.83 56.90 -13.98
CA GLN C 274 -2.40 57.16 -13.99
C GLN C 274 -2.07 58.56 -14.50
N THR C 275 -2.79 59.04 -15.51
CA THR C 275 -2.55 60.39 -16.01
C THR C 275 -3.08 61.44 -15.04
N ILE C 276 -4.26 61.21 -14.46
CA ILE C 276 -4.78 62.12 -13.44
C ILE C 276 -3.88 62.17 -12.22
N LYS C 277 -3.08 61.13 -11.97
CA LYS C 277 -2.14 61.14 -10.86
C LYS C 277 -1.18 62.33 -10.94
N ASP C 278 -0.67 62.62 -12.13
CA ASP C 278 0.24 63.74 -12.33
C ASP C 278 -0.45 64.96 -12.92
N CYS C 279 -1.74 64.88 -13.24
CA CYS C 279 -2.49 66.09 -13.58
C CYS C 279 -2.45 67.10 -12.43
N MET C 280 -2.43 66.60 -11.19
CA MET C 280 -2.25 67.48 -10.04
C MET C 280 -0.92 68.22 -10.11
N VAL C 281 0.18 67.46 -10.29
CA VAL C 281 1.52 68.05 -10.31
C VAL C 281 1.65 69.05 -11.45
N SER C 282 1.02 68.77 -12.59
CA SER C 282 1.11 69.66 -13.74
C SER C 282 0.58 71.07 -13.44
N LEU C 283 -0.26 71.24 -12.41
CA LEU C 283 -0.82 72.53 -12.10
C LEU C 283 -0.40 73.08 -10.75
N ILE C 284 0.00 72.25 -9.80
CA ILE C 284 0.36 72.76 -8.48
C ILE C 284 1.68 73.53 -8.53
N VAL C 285 2.60 73.13 -9.42
CA VAL C 285 3.93 73.72 -9.46
C VAL C 285 4.10 74.73 -10.60
N ASP C 286 2.99 75.17 -11.22
CA ASP C 286 3.11 76.17 -12.27
C ASP C 286 3.63 77.49 -11.71
N ASN C 287 3.18 77.86 -10.51
CA ASN C 287 3.68 79.03 -9.80
C ASN C 287 4.61 78.67 -8.65
N ASN C 288 4.87 77.39 -8.44
CA ASN C 288 5.75 76.91 -7.36
C ASN C 288 5.27 77.40 -6.00
N LEU C 289 4.06 76.96 -5.64
CA LEU C 289 3.47 77.30 -4.35
C LEU C 289 3.91 76.28 -3.30
N ASP C 290 3.31 76.33 -2.11
CA ASP C 290 3.70 75.51 -0.99
C ASP C 290 2.67 74.43 -0.66
N TYR C 291 1.98 73.91 -1.67
CA TYR C 291 1.08 72.79 -1.44
C TYR C 291 1.88 71.54 -1.09
N ASP C 292 1.39 70.79 -0.10
CA ASP C 292 2.13 69.65 0.42
C ASP C 292 2.28 68.56 -0.63
N LEU C 293 1.16 68.20 -1.28
CA LEU C 293 1.11 67.20 -2.36
C LEU C 293 1.31 65.79 -1.80
N ASP C 294 1.65 65.69 -0.51
CA ASP C 294 1.80 64.37 0.10
C ASP C 294 0.44 63.71 0.30
N GLU C 295 -0.55 64.45 0.78
CA GLU C 295 -1.91 63.93 0.85
C GLU C 295 -2.46 63.67 -0.54
N ILE C 296 -1.98 64.42 -1.54
CA ILE C 296 -2.33 64.13 -2.93
C ILE C 296 -1.68 62.83 -3.38
N GLU C 297 -0.44 62.61 -2.97
CA GLU C 297 0.25 61.37 -3.32
C GLU C 297 -0.46 60.16 -2.71
N THR C 298 -0.90 60.30 -1.46
CA THR C 298 -1.58 59.18 -0.80
C THR C 298 -2.94 58.91 -1.43
N LYS C 299 -3.71 59.96 -1.69
CA LYS C 299 -5.05 59.77 -2.25
C LYS C 299 -4.96 59.37 -3.72
N PHE C 300 -6.02 58.72 -4.20
CA PHE C 300 -6.10 58.27 -5.58
C PHE C 300 -7.28 58.94 -6.27
N TYR C 301 -7.23 58.93 -7.61
CA TYR C 301 -8.27 59.56 -8.42
C TYR C 301 -8.80 58.57 -9.44
N LYS C 302 -10.01 58.84 -9.92
CA LYS C 302 -10.65 58.02 -10.94
C LYS C 302 -11.57 58.91 -11.76
N VAL C 303 -12.28 58.32 -12.72
CA VAL C 303 -13.16 59.05 -13.62
C VAL C 303 -14.51 58.36 -13.66
N ARG C 304 -15.53 59.12 -14.07
CA ARG C 304 -16.89 58.63 -14.21
C ARG C 304 -17.43 59.02 -15.58
N PRO C 305 -17.04 58.31 -16.63
CA PRO C 305 -17.55 58.62 -17.97
C PRO C 305 -19.06 58.41 -18.05
N TYR C 306 -19.71 59.22 -18.87
CA TYR C 306 -21.14 59.09 -19.13
C TYR C 306 -21.43 59.41 -20.59
N ASN C 307 -22.65 59.11 -21.00
CA ASN C 307 -23.10 59.32 -22.38
C ASN C 307 -22.15 58.66 -23.37
N VAL C 308 -21.77 57.42 -23.06
CA VAL C 308 -20.80 56.70 -23.89
C VAL C 308 -21.34 56.49 -25.29
N GLY C 309 -22.60 56.08 -25.39
CA GLY C 309 -23.20 55.85 -26.69
C GLY C 309 -24.71 55.92 -26.61
N SER C 310 -25.35 55.49 -27.70
CA SER C 310 -26.81 55.46 -27.74
C SER C 310 -27.35 54.51 -26.67
N CYS C 311 -28.36 54.98 -25.94
CA CYS C 311 -28.95 54.19 -24.87
C CYS C 311 -29.80 53.07 -25.44
N LYS C 312 -29.54 51.86 -24.97
CA LYS C 312 -30.31 50.68 -25.39
C LYS C 312 -30.76 49.93 -24.15
N GLY C 313 -32.00 49.41 -24.21
CA GLY C 313 -32.54 48.69 -23.08
C GLY C 313 -31.92 47.32 -22.90
N MET C 314 -32.21 46.72 -21.75
CA MET C 314 -31.67 45.40 -21.46
C MET C 314 -32.25 44.32 -22.37
N ARG C 315 -33.38 44.59 -23.01
CA ARG C 315 -34.00 43.62 -23.90
C ARG C 315 -33.20 43.38 -25.16
N GLU C 316 -32.20 44.23 -25.45
CA GLU C 316 -31.32 44.06 -26.61
C GLU C 316 -29.87 44.09 -26.12
N LEU C 317 -29.39 42.92 -25.70
CA LEU C 317 -28.00 42.72 -25.30
C LEU C 317 -27.56 41.34 -25.75
N ASN C 318 -26.60 41.29 -26.64
CA ASN C 318 -26.04 40.07 -27.19
C ASN C 318 -24.73 39.73 -26.50
N PRO C 319 -24.21 38.52 -26.71
CA PRO C 319 -22.86 38.23 -26.18
C PRO C 319 -21.75 38.95 -26.94
N ASN C 320 -22.11 39.68 -28.00
CA ASN C 320 -21.13 40.33 -28.87
C ASN C 320 -20.49 41.55 -28.24
N ASP C 321 -21.04 42.04 -27.12
CA ASP C 321 -20.51 43.23 -26.46
C ASP C 321 -20.24 42.95 -24.99
N ILE C 322 -19.54 41.84 -24.71
CA ILE C 322 -19.09 41.52 -23.36
C ILE C 322 -17.78 42.26 -23.11
N ASP C 323 -17.66 42.86 -21.92
CA ASP C 323 -16.51 43.66 -21.54
C ASP C 323 -16.41 44.92 -22.39
N LYS C 324 -17.55 45.56 -22.64
CA LYS C 324 -17.60 46.82 -23.37
C LYS C 324 -18.55 47.77 -22.66
N LEU C 325 -18.20 49.05 -22.66
CA LEU C 325 -19.00 50.06 -21.97
C LEU C 325 -20.34 50.24 -22.66
N ILE C 326 -21.40 50.23 -21.86
CA ILE C 326 -22.77 50.42 -22.33
C ILE C 326 -23.49 51.37 -21.37
N ASN C 327 -24.62 51.89 -21.83
CA ASN C 327 -25.47 52.77 -21.05
C ASN C 327 -26.86 52.15 -20.99
N LEU C 328 -27.35 51.90 -19.78
CA LEU C 328 -28.61 51.21 -19.55
C LEU C 328 -29.57 52.11 -18.77
N LYS C 329 -30.85 51.78 -18.84
CA LYS C 329 -31.90 52.53 -18.13
C LYS C 329 -32.82 51.54 -17.46
N GLY C 330 -33.29 51.85 -16.25
CA GLY C 330 -34.23 50.94 -15.62
C GLY C 330 -34.67 51.40 -14.24
N LEU C 331 -35.69 50.70 -13.75
CA LEU C 331 -36.23 50.94 -12.41
C LEU C 331 -35.44 50.18 -11.35
N VAL C 332 -35.18 50.84 -10.23
CA VAL C 332 -34.46 50.24 -9.11
C VAL C 332 -35.47 49.52 -8.24
N LEU C 333 -35.26 48.22 -7.99
CA LEU C 333 -36.20 47.49 -7.14
C LEU C 333 -35.71 47.40 -5.70
N ARG C 334 -34.43 47.07 -5.50
CA ARG C 334 -33.96 46.74 -4.16
C ARG C 334 -32.45 46.96 -4.10
N SER C 335 -31.93 47.00 -2.87
CA SER C 335 -30.50 47.07 -2.62
C SER C 335 -30.15 46.08 -1.52
N THR C 336 -28.89 45.66 -1.51
CA THR C 336 -28.37 44.74 -0.51
C THR C 336 -27.41 45.46 0.42
N PRO C 337 -27.26 44.97 1.65
CA PRO C 337 -26.27 45.57 2.57
C PRO C 337 -24.86 45.48 2.01
N VAL C 338 -23.95 46.18 2.69
CA VAL C 338 -22.56 46.22 2.25
C VAL C 338 -21.96 44.82 2.34
N ILE C 339 -21.22 44.43 1.29
CA ILE C 339 -20.64 43.10 1.19
C ILE C 339 -19.12 43.24 1.35
N PRO C 340 -18.51 42.56 2.30
CA PRO C 340 -17.04 42.61 2.40
C PRO C 340 -16.39 41.83 1.28
N ASP C 341 -15.25 42.35 0.81
CA ASP C 341 -14.42 41.67 -0.18
C ASP C 341 -12.97 41.69 0.30
N MET C 342 -12.37 40.51 0.43
CA MET C 342 -10.99 40.42 0.90
C MET C 342 -10.04 40.99 -0.14
N LYS C 343 -9.03 41.71 0.35
CA LYS C 343 -7.95 42.22 -0.48
C LYS C 343 -6.60 41.68 -0.06
N VAL C 344 -6.30 41.69 1.24
CA VAL C 344 -5.01 41.26 1.77
C VAL C 344 -5.27 40.20 2.83
N ALA C 345 -4.82 38.97 2.58
CA ALA C 345 -4.92 37.92 3.58
C ALA C 345 -3.92 38.16 4.70
N PHE C 346 -4.10 37.44 5.81
CA PHE C 346 -3.25 37.58 6.98
C PHE C 346 -3.12 36.23 7.66
N PHE C 347 -1.92 35.65 7.63
CA PHE C 347 -1.66 34.33 8.19
C PHE C 347 -0.73 34.46 9.39
N LYS C 348 -1.04 33.73 10.45
CA LYS C 348 -0.18 33.67 11.63
C LYS C 348 0.29 32.24 11.86
N CYS C 349 1.49 32.12 12.40
CA CYS C 349 2.11 30.83 12.68
C CYS C 349 1.80 30.45 14.12
N ASN C 350 1.23 29.26 14.30
CA ASN C 350 0.81 28.82 15.63
C ASN C 350 1.99 28.42 16.52
N VAL C 351 3.21 28.36 15.99
CA VAL C 351 4.37 27.98 16.78
C VAL C 351 5.20 29.22 17.12
N CYS C 352 5.73 29.89 16.09
CA CYS C 352 6.59 31.04 16.31
C CYS C 352 5.84 32.36 16.31
N ASP C 353 4.55 32.35 15.99
CA ASP C 353 3.71 33.56 16.03
C ASP C 353 4.25 34.65 15.11
N HIS C 354 4.53 34.30 13.86
CA HIS C 354 5.00 35.24 12.86
C HIS C 354 3.85 35.61 11.92
N THR C 355 3.77 36.90 11.59
CA THR C 355 2.68 37.42 10.79
C THR C 355 3.19 37.81 9.39
N MET C 356 2.46 37.39 8.37
CA MET C 356 2.78 37.73 6.99
C MET C 356 1.50 37.92 6.21
N ALA C 357 1.50 38.89 5.30
CA ALA C 357 0.32 39.25 4.51
C ALA C 357 0.52 38.76 3.08
N VAL C 358 -0.50 38.08 2.54
CA VAL C 358 -0.46 37.56 1.18
C VAL C 358 -1.60 38.20 0.41
N GLU C 359 -1.27 38.85 -0.70
CA GLU C 359 -2.28 39.41 -1.58
C GLU C 359 -3.02 38.28 -2.30
N ILE C 360 -4.29 38.53 -2.61
CA ILE C 360 -5.10 37.56 -3.34
C ILE C 360 -5.35 38.12 -4.74
N ASP C 361 -5.39 37.24 -5.73
CA ASP C 361 -5.60 37.61 -7.12
C ASP C 361 -6.84 36.91 -7.66
N ARG C 362 -7.83 37.71 -8.07
CA ARG C 362 -9.07 37.22 -8.66
C ARG C 362 -9.82 36.25 -7.75
N GLY C 363 -9.65 36.38 -6.44
CA GLY C 363 -10.40 35.58 -5.50
C GLY C 363 -9.61 34.45 -4.87
N VAL C 364 -8.75 33.81 -5.65
CA VAL C 364 -8.01 32.66 -5.16
C VAL C 364 -6.88 33.11 -4.25
N ILE C 365 -6.74 32.46 -3.10
CA ILE C 365 -5.65 32.72 -2.17
C ILE C 365 -4.59 31.65 -2.39
N GLN C 366 -3.37 32.09 -2.70
CA GLN C 366 -2.24 31.17 -2.78
C GLN C 366 -1.74 30.89 -1.38
N GLU C 367 -1.98 29.67 -0.89
CA GLU C 367 -1.62 29.33 0.47
C GLU C 367 -0.11 29.40 0.67
N PRO C 368 0.34 29.96 1.78
CA PRO C 368 1.74 29.78 2.17
C PRO C 368 2.04 28.30 2.39
N ALA C 369 3.19 27.88 1.89
CA ALA C 369 3.60 26.49 2.04
C ALA C 369 4.14 26.19 3.43
N ARG C 370 5.24 26.84 3.80
CA ARG C 370 5.84 26.67 5.10
C ARG C 370 6.30 28.04 5.60
N CYS C 371 6.45 28.16 6.92
CA CYS C 371 6.79 29.43 7.54
C CYS C 371 8.08 29.98 6.96
N GLU C 372 8.08 31.27 6.59
CA GLU C 372 9.27 31.85 5.96
C GLU C 372 10.47 31.84 6.90
N ARG C 373 10.23 31.99 8.20
CA ARG C 373 11.34 32.00 9.15
C ARG C 373 12.12 30.71 9.06
N ILE C 374 13.39 30.82 8.67
CA ILE C 374 14.22 29.63 8.43
C ILE C 374 14.39 28.85 9.72
N ASP C 375 14.49 29.53 10.85
CA ASP C 375 14.67 28.85 12.12
C ASP C 375 13.41 28.07 12.49
N CYS C 376 12.24 28.71 12.42
CA CYS C 376 10.99 28.02 12.72
C CYS C 376 10.73 26.88 11.75
N ASN C 377 10.48 27.22 10.49
CA ASN C 377 10.44 26.28 9.36
C ASN C 377 9.67 25.00 9.69
N GLU C 378 8.37 25.17 9.97
CA GLU C 378 7.59 23.96 10.26
C GLU C 378 6.51 23.76 9.22
N PRO C 379 6.32 22.54 8.71
CA PRO C 379 5.24 22.29 7.75
C PRO C 379 3.87 22.31 8.43
N ASN C 380 2.89 22.85 7.71
CA ASN C 380 1.48 22.81 8.12
C ASN C 380 1.31 23.43 9.51
N SER C 381 1.63 24.72 9.61
CA SER C 381 1.57 25.45 10.86
C SER C 381 0.94 26.83 10.68
N MET C 382 0.01 26.94 9.73
CA MET C 382 -0.58 28.21 9.34
C MET C 382 -2.01 28.33 9.89
N SER C 383 -2.38 29.54 10.32
CA SER C 383 -3.73 29.82 10.77
C SER C 383 -4.19 31.16 10.19
N LEU C 384 -5.42 31.19 9.70
CA LEU C 384 -5.97 32.41 9.12
C LEU C 384 -6.66 33.23 10.19
N ILE C 385 -6.35 34.53 10.23
CA ILE C 385 -6.96 35.46 11.16
C ILE C 385 -7.95 36.29 10.36
N HIS C 386 -9.24 35.99 10.52
CA HIS C 386 -10.26 36.59 9.67
C HIS C 386 -10.38 38.09 9.91
N ASN C 387 -10.32 38.51 11.18
CA ASN C 387 -10.57 39.90 11.52
C ASN C 387 -9.32 40.76 11.47
N ARG C 388 -8.19 40.22 11.03
CA ARG C 388 -6.98 40.99 10.83
C ARG C 388 -6.62 41.15 9.36
N CYS C 389 -7.53 40.79 8.46
CA CYS C 389 -7.33 40.97 7.03
C CYS C 389 -7.73 42.39 6.62
N SER C 390 -7.82 42.64 5.32
CA SER C 390 -8.26 43.92 4.80
C SER C 390 -9.43 43.69 3.84
N PHE C 391 -10.47 44.51 3.97
CA PHE C 391 -11.69 44.33 3.21
C PHE C 391 -12.07 45.62 2.51
N ALA C 392 -12.81 45.46 1.41
CA ALA C 392 -13.40 46.57 0.66
C ALA C 392 -14.90 46.33 0.56
N ASP C 393 -15.62 47.39 0.19
CA ASP C 393 -17.09 47.37 0.20
C ASP C 393 -17.65 47.08 -1.18
N LYS C 394 -18.73 46.29 -1.21
CA LYS C 394 -19.49 46.01 -2.42
C LYS C 394 -20.97 46.24 -2.17
N GLN C 395 -21.71 46.47 -3.26
CA GLN C 395 -23.16 46.52 -3.20
C GLN C 395 -23.72 45.96 -4.50
N VAL C 396 -24.86 45.31 -4.41
CA VAL C 396 -25.54 44.73 -5.57
C VAL C 396 -26.93 45.31 -5.67
N ILE C 397 -27.29 45.76 -6.88
CA ILE C 397 -28.55 46.42 -7.15
C ILE C 397 -29.33 45.59 -8.15
N LYS C 398 -30.66 45.66 -8.08
CA LYS C 398 -31.53 44.93 -8.99
C LYS C 398 -32.36 45.92 -9.80
N LEU C 399 -32.37 45.75 -11.12
CA LEU C 399 -33.10 46.63 -12.01
C LEU C 399 -34.21 45.88 -12.73
N GLN C 400 -35.21 46.65 -13.16
CA GLN C 400 -36.34 46.13 -13.92
C GLN C 400 -36.54 47.00 -15.16
N GLU C 401 -36.98 46.35 -16.23
CA GLU C 401 -37.22 47.03 -17.49
C GLU C 401 -38.44 47.94 -17.38
N THR C 402 -38.32 49.16 -17.91
CA THR C 402 -39.37 50.16 -17.73
C THR C 402 -40.63 49.77 -18.48
N PRO C 403 -41.81 50.05 -17.91
CA PRO C 403 -43.06 49.62 -18.56
C PRO C 403 -43.32 50.26 -19.91
N ASP C 404 -42.70 51.40 -20.20
CA ASP C 404 -42.96 52.07 -21.48
C ASP C 404 -42.45 51.26 -22.66
N PHE C 405 -41.25 50.71 -22.56
CA PHE C 405 -40.64 50.05 -23.71
C PHE C 405 -41.08 48.60 -23.87
N VAL C 406 -41.75 48.04 -22.85
CA VAL C 406 -42.13 46.62 -22.96
C VAL C 406 -43.23 46.47 -24.01
N PRO C 407 -43.22 45.43 -24.84
CA PRO C 407 -44.33 45.21 -25.77
C PRO C 407 -45.47 44.44 -25.14
N ASP C 408 -46.51 44.15 -25.93
CA ASP C 408 -47.71 43.53 -25.40
C ASP C 408 -47.46 42.07 -25.02
N GLY C 409 -48.13 41.65 -23.94
CA GLY C 409 -48.09 40.26 -23.50
C GLY C 409 -46.72 39.76 -23.10
N GLN C 410 -45.95 40.58 -22.38
CA GLN C 410 -44.61 40.22 -21.97
C GLN C 410 -44.46 40.45 -20.47
N THR C 411 -43.39 39.88 -19.92
CA THR C 411 -43.03 40.04 -18.53
C THR C 411 -41.72 40.80 -18.42
N PRO C 412 -41.61 41.82 -17.56
CA PRO C 412 -40.37 42.59 -17.47
C PRO C 412 -39.17 41.76 -17.06
N HIS C 413 -37.98 42.16 -17.50
CA HIS C 413 -36.75 41.42 -17.26
C HIS C 413 -35.91 42.14 -16.22
N SER C 414 -34.88 41.45 -15.72
CA SER C 414 -34.10 41.95 -14.60
C SER C 414 -32.61 41.84 -14.90
N ILE C 415 -31.85 42.76 -14.31
CA ILE C 415 -30.39 42.78 -14.43
C ILE C 415 -29.80 43.17 -13.08
N SER C 416 -28.69 42.53 -12.71
CA SER C 416 -27.99 42.79 -11.46
C SER C 416 -26.81 43.72 -11.75
N LEU C 417 -26.58 44.67 -10.84
CA LEU C 417 -25.58 45.72 -11.00
C LEU C 417 -24.59 45.66 -9.84
N CYS C 418 -23.30 45.78 -10.15
CA CYS C 418 -22.26 45.79 -9.13
C CYS C 418 -21.77 47.22 -8.92
N VAL C 419 -21.79 47.66 -7.65
CA VAL C 419 -21.40 49.00 -7.25
C VAL C 419 -20.28 48.89 -6.23
N TYR C 420 -19.24 49.69 -6.42
CA TYR C 420 -18.06 49.64 -5.57
C TYR C 420 -17.71 51.04 -5.06
N ASP C 421 -17.06 51.05 -3.90
CA ASP C 421 -16.37 52.23 -3.35
C ASP C 421 -17.38 53.36 -3.15
N GLU C 422 -17.11 54.57 -3.65
CA GLU C 422 -17.87 55.75 -3.24
C GLU C 422 -19.31 55.72 -3.71
N LEU C 423 -19.62 54.93 -4.74
CA LEU C 423 -20.96 54.91 -5.29
C LEU C 423 -21.91 54.02 -4.49
N VAL C 424 -21.41 53.31 -3.47
CA VAL C 424 -22.27 52.47 -2.65
C VAL C 424 -23.23 53.33 -1.84
N ASP C 425 -24.48 52.87 -1.72
CA ASP C 425 -25.56 53.61 -1.07
C ASP C 425 -25.80 54.94 -1.77
N SER C 426 -26.19 54.83 -3.04
CA SER C 426 -26.53 55.99 -3.85
C SER C 426 -27.92 55.86 -4.46
N CYS C 427 -28.28 54.64 -4.85
CA CYS C 427 -29.54 54.40 -5.53
C CYS C 427 -30.60 53.94 -4.54
N ARG C 428 -31.58 54.80 -4.27
CA ARG C 428 -32.69 54.45 -3.40
C ARG C 428 -33.65 53.50 -4.12
N ALA C 429 -34.48 52.83 -3.33
CA ALA C 429 -35.42 51.87 -3.89
C ALA C 429 -36.57 52.58 -4.60
N GLY C 430 -36.97 52.03 -5.75
CA GLY C 430 -38.10 52.54 -6.49
C GLY C 430 -37.79 53.67 -7.45
N ASP C 431 -36.56 54.18 -7.47
CA ASP C 431 -36.20 55.23 -8.40
C ASP C 431 -35.94 54.64 -9.79
N ARG C 432 -35.87 55.53 -10.78
CA ARG C 432 -35.53 55.13 -12.14
C ARG C 432 -34.23 55.81 -12.51
N ILE C 433 -33.24 55.02 -12.91
CA ILE C 433 -31.88 55.52 -13.10
C ILE C 433 -31.36 55.08 -14.47
N GLU C 434 -30.46 55.89 -15.02
CA GLU C 434 -29.67 55.56 -16.19
C GLU C 434 -28.21 55.45 -15.76
N VAL C 435 -27.59 54.32 -16.06
CA VAL C 435 -26.26 54.01 -15.57
C VAL C 435 -25.34 53.71 -16.74
N THR C 436 -24.04 53.85 -16.51
CA THR C 436 -23.00 53.49 -17.45
C THR C 436 -22.14 52.42 -16.81
N GLY C 437 -21.78 51.39 -17.57
CA GLY C 437 -20.99 50.34 -16.97
C GLY C 437 -20.52 49.32 -17.99
N THR C 438 -19.70 48.39 -17.51
CA THR C 438 -19.13 47.34 -18.34
C THR C 438 -19.98 46.08 -18.20
N PHE C 439 -20.44 45.57 -19.34
CA PHE C 439 -21.10 44.27 -19.40
C PHE C 439 -20.10 43.16 -19.08
N ARG C 440 -20.55 42.14 -18.36
CA ARG C 440 -19.69 41.03 -18.01
C ARG C 440 -20.52 39.76 -17.85
N SER C 441 -19.86 38.62 -17.97
CA SER C 441 -20.51 37.33 -17.80
C SER C 441 -19.56 36.40 -17.05
N ILE C 442 -20.11 35.67 -16.09
CA ILE C 442 -19.32 34.74 -15.28
C ILE C 442 -20.02 33.39 -15.27
N PRO C 443 -19.27 32.31 -15.05
CA PRO C 443 -19.89 30.99 -14.87
C PRO C 443 -20.31 30.75 -13.44
N ILE C 444 -21.33 29.91 -13.29
CA ILE C 444 -21.85 29.50 -12.00
C ILE C 444 -21.84 27.98 -11.93
N ARG C 445 -21.51 27.45 -10.75
CA ARG C 445 -21.23 26.03 -10.58
C ARG C 445 -22.51 25.21 -10.67
N ALA C 446 -22.37 24.02 -11.27
CA ALA C 446 -23.48 23.07 -11.35
C ALA C 446 -23.71 22.41 -9.99
N ASN C 447 -22.68 21.72 -9.48
CA ASN C 447 -22.78 21.10 -8.17
C ASN C 447 -22.03 21.92 -7.14
N SER C 448 -22.60 22.03 -5.93
CA SER C 448 -21.97 22.83 -4.88
C SER C 448 -20.63 22.23 -4.45
N ARG C 449 -20.56 20.90 -4.36
CA ARG C 449 -19.34 20.27 -3.89
C ARG C 449 -18.29 20.17 -4.99
N GLN C 450 -18.65 19.60 -6.14
CA GLN C 450 -17.69 19.34 -7.19
C GLN C 450 -17.23 20.61 -7.89
N ARG C 451 -16.11 20.51 -8.59
CA ARG C 451 -15.54 21.58 -9.39
C ARG C 451 -16.35 21.88 -10.64
N VAL C 452 -17.36 21.06 -10.93
CA VAL C 452 -17.99 21.07 -12.25
C VAL C 452 -18.81 22.35 -12.46
N LEU C 453 -18.79 22.85 -13.69
CA LEU C 453 -19.55 24.02 -14.10
C LEU C 453 -20.49 23.65 -15.24
N LYS C 454 -21.54 24.43 -15.42
CA LYS C 454 -22.50 24.19 -16.48
C LYS C 454 -22.39 25.23 -17.59
N SER C 455 -22.66 24.79 -18.81
CA SER C 455 -22.38 25.54 -20.04
C SER C 455 -23.47 26.59 -20.29
N LEU C 456 -23.63 27.50 -19.33
CA LEU C 456 -24.51 28.65 -19.50
C LEU C 456 -24.14 29.73 -18.49
N TYR C 457 -23.65 30.86 -18.97
CA TYR C 457 -23.13 31.89 -18.09
C TYR C 457 -24.24 32.84 -17.64
N LYS C 458 -23.94 33.58 -16.58
CA LYS C 458 -24.83 34.65 -16.13
C LYS C 458 -24.25 36.01 -16.50
N THR C 459 -25.13 36.94 -16.86
CA THR C 459 -24.72 38.26 -17.34
C THR C 459 -25.10 39.33 -16.34
N TYR C 460 -24.17 40.25 -16.08
CA TYR C 460 -24.42 41.39 -15.22
C TYR C 460 -23.59 42.57 -15.71
N VAL C 461 -23.66 43.68 -14.99
CA VAL C 461 -22.92 44.89 -15.34
C VAL C 461 -22.22 45.42 -14.09
N ASP C 462 -20.99 45.90 -14.28
CA ASP C 462 -20.25 46.62 -13.25
C ASP C 462 -20.34 48.11 -13.56
N VAL C 463 -20.94 48.88 -12.66
CA VAL C 463 -21.31 50.26 -12.98
C VAL C 463 -20.19 51.20 -12.56
N VAL C 464 -20.07 52.31 -13.30
CA VAL C 464 -19.07 53.33 -13.02
C VAL C 464 -19.67 54.72 -12.85
N HIS C 465 -20.89 54.96 -13.33
CA HIS C 465 -21.54 56.26 -13.20
C HIS C 465 -23.04 56.06 -13.13
N VAL C 466 -23.69 56.79 -12.23
CA VAL C 466 -25.12 56.68 -12.00
C VAL C 466 -25.75 58.07 -12.08
N LYS C 467 -26.85 58.18 -12.82
CA LYS C 467 -27.65 59.39 -12.87
C LYS C 467 -29.12 59.03 -12.71
N LYS C 468 -29.90 59.95 -12.17
CA LYS C 468 -31.30 59.72 -11.88
C LYS C 468 -32.17 60.35 -12.96
N VAL C 469 -33.18 59.60 -13.41
CA VAL C 469 -34.12 59.98 -14.47
C VAL C 469 -33.53 60.87 -15.56
N ARG C 499 -32.20 73.47 2.17
CA ARG C 499 -31.15 73.64 3.17
C ARG C 499 -29.94 74.33 2.57
N GLN C 500 -29.07 74.84 3.45
CA GLN C 500 -27.85 75.56 3.05
C GLN C 500 -28.19 76.73 2.14
N ILE C 501 -29.13 77.55 2.58
CA ILE C 501 -29.55 78.71 1.79
C ILE C 501 -28.46 79.77 1.78
N THR C 502 -28.28 80.42 0.64
CA THR C 502 -27.23 81.42 0.48
C THR C 502 -27.69 82.77 1.02
N ASP C 503 -26.71 83.66 1.22
CA ASP C 503 -26.99 84.97 1.83
C ASP C 503 -27.88 85.81 0.92
N GLN C 504 -27.72 85.69 -0.39
CA GLN C 504 -28.61 86.39 -1.32
C GLN C 504 -30.05 85.91 -1.14
N ASP C 505 -30.23 84.62 -0.89
CA ASP C 505 -31.56 84.11 -0.58
C ASP C 505 -32.11 84.74 0.70
N LEU C 506 -31.26 84.91 1.72
CA LEU C 506 -31.70 85.60 2.92
C LEU C 506 -32.14 87.02 2.62
N ALA C 507 -31.35 87.74 1.82
CA ALA C 507 -31.69 89.13 1.51
C ALA C 507 -33.00 89.23 0.74
N LYS C 508 -33.20 88.36 -0.25
CA LYS C 508 -34.44 88.41 -1.01
C LYS C 508 -35.62 87.98 -0.16
N ILE C 509 -35.42 87.02 0.76
CA ILE C 509 -36.47 86.67 1.71
C ILE C 509 -36.84 87.86 2.58
N ARG C 510 -35.85 88.60 3.08
CA ARG C 510 -36.16 89.77 3.90
C ARG C 510 -36.94 90.82 3.11
N GLU C 511 -36.49 91.13 1.89
CA GLU C 511 -37.15 92.20 1.14
C GLU C 511 -38.56 91.80 0.74
N VAL C 512 -38.78 90.51 0.44
CA VAL C 512 -40.13 90.05 0.14
C VAL C 512 -40.99 90.07 1.40
N ALA C 513 -40.40 89.72 2.55
CA ALA C 513 -41.13 89.77 3.80
C ALA C 513 -41.49 91.21 4.17
N ALA C 514 -40.77 92.18 3.62
CA ALA C 514 -41.07 93.59 3.81
C ALA C 514 -42.23 94.07 2.92
N ARG C 515 -42.97 93.15 2.33
CA ARG C 515 -44.09 93.54 1.47
C ARG C 515 -45.24 94.08 2.32
N GLU C 516 -46.03 94.99 1.74
CA GLU C 516 -47.11 95.62 2.49
C GLU C 516 -48.17 94.60 2.89
N ASP C 517 -48.54 93.70 1.99
CA ASP C 517 -49.58 92.70 2.24
C ASP C 517 -49.03 91.32 1.86
N LEU C 518 -48.31 90.69 2.79
CA LEU C 518 -47.82 89.34 2.55
C LEU C 518 -48.92 88.30 2.68
N TYR C 519 -49.98 88.62 3.41
CA TYR C 519 -51.06 87.67 3.65
C TYR C 519 -51.74 87.27 2.34
N SER C 520 -52.18 88.26 1.56
CA SER C 520 -52.99 87.98 0.38
C SER C 520 -52.16 87.36 -0.75
N LEU C 521 -50.88 87.75 -0.86
CA LEU C 521 -50.06 87.24 -1.96
C LEU C 521 -49.92 85.72 -1.87
N LEU C 522 -49.52 85.21 -0.71
CA LEU C 522 -49.42 83.76 -0.54
C LEU C 522 -50.80 83.14 -0.29
N ALA C 523 -51.81 83.96 -0.02
CA ALA C 523 -53.18 83.48 -0.14
C ALA C 523 -53.52 83.06 -1.55
N ARG C 524 -53.13 83.86 -2.55
CA ARG C 524 -53.42 83.51 -3.94
C ARG C 524 -52.39 82.58 -4.57
N SER C 525 -51.19 82.48 -4.00
CA SER C 525 -50.15 81.68 -4.65
C SER C 525 -50.36 80.18 -4.45
N ILE C 526 -50.89 79.78 -3.29
CA ILE C 526 -50.91 78.36 -2.93
C ILE C 526 -51.84 77.58 -3.86
N ALA C 527 -52.94 78.21 -4.28
CA ALA C 527 -53.92 77.58 -5.16
C ALA C 527 -54.23 78.51 -6.31
N PRO C 528 -53.34 78.59 -7.31
CA PRO C 528 -53.60 79.48 -8.45
C PRO C 528 -54.88 79.14 -9.20
N SER C 529 -55.18 77.84 -9.33
CA SER C 529 -56.34 77.44 -10.12
C SER C 529 -57.63 77.75 -9.37
N ILE C 530 -57.64 77.61 -8.04
CA ILE C 530 -58.87 77.79 -7.28
C ILE C 530 -59.29 79.25 -7.35
N TYR C 531 -60.54 79.48 -7.73
CA TYR C 531 -61.10 80.82 -7.80
C TYR C 531 -62.03 81.04 -6.63
N GLU C 532 -61.99 82.25 -6.08
CA GLU C 532 -62.65 82.57 -4.81
C GLU C 532 -62.10 81.60 -3.76
N LEU C 533 -62.92 81.26 -2.76
CA LEU C 533 -62.47 80.42 -1.64
C LEU C 533 -61.20 80.97 -1.03
N GLU C 534 -61.15 82.29 -0.88
CA GLU C 534 -59.95 82.92 -0.33
C GLU C 534 -59.82 82.65 1.16
N ASP C 535 -60.95 82.45 1.85
CA ASP C 535 -60.92 82.29 3.30
C ASP C 535 -60.29 80.94 3.69
N VAL C 536 -60.64 79.87 2.98
CA VAL C 536 -60.04 78.58 3.27
C VAL C 536 -58.54 78.63 2.96
N LYS C 537 -58.15 79.38 1.93
CA LYS C 537 -56.72 79.53 1.64
C LYS C 537 -56.03 80.33 2.74
N LYS C 538 -56.72 81.32 3.32
CA LYS C 538 -56.19 82.03 4.48
C LYS C 538 -55.92 81.05 5.61
N GLY C 539 -56.90 80.20 5.91
CA GLY C 539 -56.74 79.23 6.98
C GLY C 539 -55.61 78.24 6.72
N ILE C 540 -55.48 77.78 5.48
CA ILE C 540 -54.42 76.83 5.14
C ILE C 540 -53.05 77.49 5.22
N LEU C 541 -52.97 78.75 4.79
CA LEU C 541 -51.70 79.47 4.89
C LEU C 541 -51.30 79.66 6.35
N LEU C 542 -52.27 79.95 7.21
CA LEU C 542 -51.96 80.04 8.64
C LEU C 542 -51.59 78.68 9.22
N GLN C 543 -52.21 77.60 8.72
CA GLN C 543 -51.91 76.27 9.22
C GLN C 543 -50.50 75.84 8.86
N LEU C 544 -50.04 76.17 7.65
CA LEU C 544 -48.74 75.70 7.17
C LEU C 544 -47.57 76.22 7.99
N PHE C 545 -47.77 77.27 8.79
CA PHE C 545 -46.74 77.77 9.68
C PHE C 545 -46.87 77.19 11.08
N GLY C 546 -48.08 77.22 11.65
CA GLY C 546 -48.32 76.65 12.95
C GLY C 546 -47.82 77.52 14.07
N GLY C 547 -48.57 77.58 15.17
CA GLY C 547 -48.13 78.31 16.35
C GLY C 547 -46.91 77.66 16.96
N THR C 548 -46.24 78.42 17.82
CA THR C 548 -45.02 77.92 18.44
C THR C 548 -45.34 76.72 19.33
N ASN C 549 -44.35 75.83 19.45
CA ASN C 549 -44.49 74.62 20.24
C ASN C 549 -43.61 74.73 21.48
N LYS C 550 -44.16 74.27 22.60
CA LYS C 550 -43.46 74.36 23.88
C LYS C 550 -43.76 73.15 24.72
N THR C 551 -42.78 72.74 25.53
CA THR C 551 -42.92 71.64 26.47
C THR C 551 -42.13 72.00 27.75
N PHE C 552 -42.84 72.58 28.71
CA PHE C 552 -42.22 72.89 29.99
C PHE C 552 -42.40 71.75 30.97
N THR C 553 -41.49 71.68 31.95
CA THR C 553 -41.34 70.48 32.78
C THR C 553 -42.62 70.17 33.56
N LYS C 554 -43.20 71.18 34.20
CA LYS C 554 -44.31 70.92 35.11
C LYS C 554 -45.60 70.62 34.36
N GLY C 555 -46.08 71.57 33.55
CA GLY C 555 -47.33 71.35 32.84
C GLY C 555 -47.24 70.26 31.78
N GLY C 556 -46.10 70.17 31.11
CA GLY C 556 -45.95 69.24 30.01
C GLY C 556 -46.08 69.91 28.67
N ARG C 557 -46.04 69.08 27.62
CA ARG C 557 -46.06 69.59 26.26
C ARG C 557 -47.42 70.18 25.93
N TYR C 558 -47.43 71.36 25.29
CA TYR C 558 -48.65 71.94 24.76
C TYR C 558 -48.58 71.97 23.23
N ARG C 559 -49.68 71.58 22.61
CA ARG C 559 -49.72 71.37 21.16
C ARG C 559 -49.55 72.68 20.41
N GLY C 560 -48.95 72.58 19.22
CA GLY C 560 -48.78 73.72 18.35
C GLY C 560 -49.09 73.41 16.90
N ASP C 561 -50.02 72.49 16.67
CA ASP C 561 -50.46 72.13 15.33
C ASP C 561 -51.91 72.52 15.12
N ILE C 562 -52.24 72.90 13.89
CA ILE C 562 -53.57 73.36 13.53
C ILE C 562 -54.23 72.30 12.66
N ASN C 563 -55.45 71.93 13.01
CA ASN C 563 -56.21 70.90 12.30
C ASN C 563 -57.39 71.55 11.60
N ILE C 564 -57.60 71.19 10.34
CA ILE C 564 -58.63 71.80 9.50
C ILE C 564 -59.43 70.70 8.80
N LEU C 565 -60.76 70.85 8.84
CA LEU C 565 -61.68 69.92 8.19
C LEU C 565 -62.51 70.67 7.15
N LEU C 566 -62.46 70.21 5.91
CA LEU C 566 -63.25 70.76 4.82
C LEU C 566 -64.37 69.79 4.50
N CYS C 567 -65.59 70.32 4.37
CA CYS C 567 -66.76 69.50 4.07
C CYS C 567 -67.82 70.39 3.45
N GLY C 568 -68.76 69.75 2.76
CA GLY C 568 -69.81 70.49 2.09
C GLY C 568 -70.36 69.75 0.88
N ASP C 569 -70.85 70.49 -0.11
CA ASP C 569 -71.49 69.87 -1.27
C ASP C 569 -70.47 69.05 -2.06
N PRO C 570 -70.91 67.99 -2.74
CA PRO C 570 -69.96 66.94 -3.16
C PRO C 570 -69.08 67.30 -4.35
N SER C 571 -69.40 68.33 -5.12
CA SER C 571 -68.68 68.60 -6.35
C SER C 571 -67.96 69.96 -6.30
N THR C 572 -67.44 70.30 -5.12
CA THR C 572 -66.51 71.41 -5.00
C THR C 572 -65.10 70.93 -5.31
N SER C 573 -64.09 71.74 -5.03
CA SER C 573 -62.71 71.43 -5.41
C SER C 573 -61.80 71.21 -4.19
N LYS C 574 -62.25 70.44 -3.20
CA LYS C 574 -61.44 70.27 -1.99
C LYS C 574 -60.25 69.35 -2.24
N SER C 575 -60.41 68.32 -3.07
CA SER C 575 -59.32 67.37 -3.31
C SER C 575 -58.14 68.06 -3.99
N GLN C 576 -58.42 68.93 -4.96
CA GLN C 576 -57.35 69.69 -5.58
C GLN C 576 -56.67 70.61 -4.57
N ILE C 577 -57.43 71.17 -3.64
CA ILE C 577 -56.83 72.00 -2.59
C ILE C 577 -55.87 71.17 -1.74
N LEU C 578 -56.28 69.96 -1.36
CA LEU C 578 -55.39 69.11 -0.58
C LEU C 578 -54.14 68.73 -1.35
N GLN C 579 -54.30 68.39 -2.64
CA GLN C 579 -53.13 68.04 -3.44
C GLN C 579 -52.23 69.24 -3.69
N TYR C 580 -52.77 70.45 -3.62
CA TYR C 580 -51.94 71.64 -3.67
C TYR C 580 -51.08 71.80 -2.43
N VAL C 581 -51.67 71.64 -1.23
CA VAL C 581 -50.92 71.83 0.01
C VAL C 581 -49.97 70.66 0.26
N HIS C 582 -50.21 69.52 -0.39
CA HIS C 582 -49.28 68.40 -0.26
C HIS C 582 -47.88 68.77 -0.74
N LYS C 583 -47.79 69.46 -1.88
CA LYS C 583 -46.50 69.71 -2.50
C LYS C 583 -45.72 70.79 -1.75
N ILE C 584 -46.41 71.84 -1.30
CA ILE C 584 -45.74 72.98 -0.69
C ILE C 584 -45.02 72.57 0.58
N THR C 585 -45.67 71.76 1.41
CA THR C 585 -45.10 71.38 2.70
C THR C 585 -43.87 70.51 2.50
N PRO C 586 -42.85 70.63 3.35
CA PRO C 586 -41.62 69.84 3.12
C PRO C 586 -41.82 68.35 3.26
N ARG C 587 -42.36 67.90 4.38
CA ARG C 587 -42.55 66.47 4.66
C ARG C 587 -44.00 66.24 4.98
N GLY C 588 -44.68 65.47 4.13
CA GLY C 588 -46.09 65.19 4.31
C GLY C 588 -46.50 64.01 3.45
N VAL C 589 -47.69 63.49 3.74
CA VAL C 589 -48.21 62.32 3.07
C VAL C 589 -49.67 62.57 2.68
N TYR C 590 -50.01 62.19 1.45
CA TYR C 590 -51.35 62.32 0.91
C TYR C 590 -51.90 60.92 0.66
N THR C 591 -52.66 60.40 1.62
CA THR C 591 -53.31 59.10 1.51
C THR C 591 -54.77 59.22 1.92
N SER C 592 -55.66 58.62 1.14
CA SER C 592 -57.08 58.65 1.45
C SER C 592 -57.39 57.72 2.62
N GLY C 593 -58.44 58.06 3.36
CA GLY C 593 -58.92 57.26 4.47
C GLY C 593 -59.99 56.26 4.11
N LYS C 594 -60.14 55.91 2.83
CA LYS C 594 -61.23 55.03 2.41
C LYS C 594 -61.11 53.64 3.02
N GLY C 595 -59.91 53.10 3.09
CA GLY C 595 -59.71 51.73 3.51
C GLY C 595 -58.36 51.51 4.14
N SER C 596 -57.71 50.41 3.73
CA SER C 596 -56.39 49.99 4.20
C SER C 596 -56.48 49.49 5.63
N SER C 597 -55.32 49.16 6.22
CA SER C 597 -55.28 48.58 7.55
C SER C 597 -55.76 49.59 8.60
N ALA C 598 -56.30 49.06 9.70
CA ALA C 598 -56.74 49.89 10.80
C ALA C 598 -55.60 50.63 11.48
N VAL C 599 -54.36 50.19 11.30
CA VAL C 599 -53.20 50.88 11.83
C VAL C 599 -52.32 51.33 10.68
N GLY C 600 -52.93 51.51 9.50
CA GLY C 600 -52.18 51.87 8.31
C GLY C 600 -51.51 53.23 8.39
N LEU C 601 -51.98 54.09 9.30
CA LEU C 601 -51.37 55.39 9.52
C LEU C 601 -50.38 55.37 10.67
N THR C 602 -50.18 54.22 11.32
CA THR C 602 -49.25 54.08 12.43
C THR C 602 -48.42 52.83 12.21
N ALA C 603 -47.66 52.45 13.23
CA ALA C 603 -46.76 51.31 13.12
C ALA C 603 -47.57 50.02 12.94
N TYR C 604 -47.04 49.14 12.10
CA TYR C 604 -47.63 47.82 11.88
C TYR C 604 -46.53 46.78 11.77
N ILE C 605 -46.39 45.95 12.81
CA ILE C 605 -45.36 44.92 12.78
C ILE C 605 -45.71 43.88 11.73
N THR C 606 -44.81 43.72 10.76
CA THR C 606 -45.05 42.85 9.62
C THR C 606 -43.86 41.93 9.40
N ARG C 607 -44.14 40.76 8.84
CA ARG C 607 -43.07 39.83 8.46
C ARG C 607 -42.37 40.33 7.21
N ASP C 608 -41.05 40.32 7.23
CA ASP C 608 -40.27 40.75 6.08
C ASP C 608 -40.45 39.77 4.92
N VAL C 609 -40.47 40.31 3.70
CA VAL C 609 -40.74 39.46 2.53
C VAL C 609 -39.46 38.79 2.05
N ASP C 610 -38.38 39.56 1.89
CA ASP C 610 -37.14 38.99 1.37
C ASP C 610 -36.54 37.99 2.34
N THR C 611 -36.57 38.29 3.63
CA THR C 611 -36.03 37.42 4.66
C THR C 611 -37.12 37.09 5.67
N LYS C 612 -37.08 35.87 6.20
CA LYS C 612 -38.08 35.42 7.18
C LYS C 612 -37.75 36.03 8.55
N GLN C 613 -37.84 37.35 8.61
CA GLN C 613 -37.47 38.12 9.78
C GLN C 613 -38.58 39.11 10.12
N LEU C 614 -38.34 39.91 11.15
CA LEU C 614 -39.32 40.86 11.67
C LEU C 614 -38.85 42.29 11.41
N VAL C 615 -39.75 43.11 10.88
CA VAL C 615 -39.46 44.52 10.60
C VAL C 615 -40.59 45.37 11.17
N LEU C 616 -40.22 46.47 11.81
CA LEU C 616 -41.17 47.45 12.32
C LEU C 616 -41.32 48.58 11.32
N GLU C 617 -42.48 48.67 10.69
CA GLU C 617 -42.75 49.67 9.66
C GLU C 617 -43.70 50.73 10.22
N SER C 618 -43.27 51.99 10.18
CA SER C 618 -44.08 53.10 10.63
C SER C 618 -45.20 53.39 9.62
N GLY C 619 -46.19 54.14 10.07
CA GLY C 619 -47.34 54.50 9.27
C GLY C 619 -47.21 55.89 8.67
N ALA C 620 -48.35 56.42 8.22
CA ALA C 620 -48.39 57.72 7.57
C ALA C 620 -48.42 58.89 8.53
N LEU C 621 -48.97 58.70 9.74
CA LEU C 621 -48.94 59.79 10.72
C LEU C 621 -47.54 59.96 11.31
N VAL C 622 -46.84 58.86 11.54
CA VAL C 622 -45.46 58.94 12.02
C VAL C 622 -44.55 59.51 10.93
N LEU C 623 -44.80 59.14 9.68
CA LEU C 623 -44.01 59.62 8.55
C LEU C 623 -44.31 61.06 8.18
N SER C 624 -45.33 61.67 8.79
CA SER C 624 -45.62 63.09 8.60
C SER C 624 -45.24 63.91 9.84
N ASP C 625 -44.35 63.37 10.67
CA ASP C 625 -43.89 64.08 11.85
C ASP C 625 -43.26 65.41 11.48
N GLY C 626 -43.66 66.46 12.17
CA GLY C 626 -43.15 67.79 11.90
C GLY C 626 -43.71 68.46 10.66
N GLY C 627 -44.77 67.91 10.08
CA GLY C 627 -45.35 68.48 8.87
C GLY C 627 -46.87 68.46 8.86
N VAL C 628 -47.46 68.44 7.68
CA VAL C 628 -48.90 68.44 7.51
C VAL C 628 -49.30 67.16 6.79
N CYS C 629 -50.19 66.39 7.42
CA CYS C 629 -50.67 65.14 6.87
C CYS C 629 -52.09 65.35 6.33
N CYS C 630 -52.29 65.02 5.06
CA CYS C 630 -53.56 65.25 4.37
C CYS C 630 -54.33 63.94 4.29
N ILE C 631 -55.56 63.94 4.79
CA ILE C 631 -56.45 62.78 4.74
C ILE C 631 -57.59 63.09 3.78
N ASP C 632 -57.85 62.16 2.87
CA ASP C 632 -58.91 62.30 1.88
C ASP C 632 -59.98 61.25 2.14
N GLU C 633 -61.22 61.60 1.81
CA GLU C 633 -62.37 60.73 2.06
C GLU C 633 -62.49 60.37 3.55
N PHE C 634 -62.60 61.42 4.39
CA PHE C 634 -62.58 61.21 5.83
C PHE C 634 -63.80 60.43 6.31
N ASP C 635 -64.90 60.47 5.56
CA ASP C 635 -66.14 59.85 6.00
C ASP C 635 -66.13 58.33 5.88
N LYS C 636 -65.26 57.75 5.07
CA LYS C 636 -65.21 56.31 4.85
C LYS C 636 -64.26 55.60 5.79
N MET C 637 -63.62 56.33 6.70
CA MET C 637 -62.66 55.73 7.61
C MET C 637 -63.37 54.92 8.70
N SER C 638 -62.85 53.73 8.97
CA SER C 638 -63.57 52.72 9.73
C SER C 638 -63.66 53.08 11.20
N ASP C 639 -64.70 52.55 11.86
CA ASP C 639 -64.96 52.85 13.26
C ASP C 639 -63.83 52.42 14.19
N SER C 640 -63.10 51.37 13.85
CA SER C 640 -62.01 50.86 14.68
C SER C 640 -60.72 51.64 14.51
N THR C 641 -60.43 52.12 13.30
CA THR C 641 -59.21 52.88 13.08
C THR C 641 -59.38 54.33 13.52
N ARG C 642 -60.61 54.82 13.58
CA ARG C 642 -60.85 56.21 13.99
C ARG C 642 -60.22 56.48 15.36
N SER C 643 -60.40 55.56 16.30
CA SER C 643 -59.83 55.74 17.64
C SER C 643 -58.34 55.99 17.60
N VAL C 644 -57.63 55.43 16.62
CA VAL C 644 -56.19 55.69 16.50
C VAL C 644 -55.94 57.18 16.35
N LEU C 645 -56.65 57.82 15.41
CA LEU C 645 -56.51 59.26 15.24
C LEU C 645 -56.82 59.98 16.54
N HIS C 646 -57.71 59.42 17.35
CA HIS C 646 -58.06 60.06 18.62
C HIS C 646 -56.84 60.17 19.53
N GLU C 647 -56.00 59.15 19.57
CA GLU C 647 -54.81 59.26 20.41
C GLU C 647 -53.75 60.13 19.73
N VAL C 648 -53.86 60.29 18.41
CA VAL C 648 -52.91 61.13 17.69
C VAL C 648 -53.19 62.60 17.94
N MET C 649 -54.46 62.99 17.96
CA MET C 649 -54.85 64.38 18.12
C MET C 649 -54.95 64.79 19.58
N GLU C 650 -54.66 63.88 20.51
CA GLU C 650 -54.82 64.19 21.93
C GLU C 650 -53.48 64.18 22.65
N GLN C 651 -52.68 63.12 22.43
CA GLN C 651 -51.39 62.98 23.07
C GLN C 651 -50.23 63.04 22.07
N GLN C 652 -50.52 63.00 20.77
CA GLN C 652 -49.50 63.13 19.72
C GLN C 652 -48.47 62.02 19.78
N THR C 653 -48.86 60.86 20.30
CA THR C 653 -47.97 59.71 20.36
C THR C 653 -48.78 58.45 20.06
N ILE C 654 -48.10 57.46 19.48
CA ILE C 654 -48.71 56.18 19.17
C ILE C 654 -47.89 55.08 19.82
N SER C 655 -48.58 54.19 20.53
CA SER C 655 -47.96 53.07 21.22
C SER C 655 -48.34 51.77 20.55
N ILE C 656 -47.35 50.91 20.34
CA ILE C 656 -47.57 49.59 19.76
C ILE C 656 -47.02 48.54 20.72
N ALA C 657 -47.83 47.51 20.98
CA ALA C 657 -47.47 46.40 21.87
C ALA C 657 -47.87 45.09 21.20
N LYS C 658 -46.95 44.54 20.39
CA LYS C 658 -47.19 43.32 19.65
C LYS C 658 -45.89 42.57 19.43
N ALA C 659 -45.98 41.24 19.37
CA ALA C 659 -44.85 40.37 19.04
C ALA C 659 -43.66 40.62 19.96
N GLY C 660 -43.94 40.82 21.24
CA GLY C 660 -42.89 41.06 22.22
C GLY C 660 -42.29 42.45 22.19
N ILE C 661 -42.82 43.35 21.37
CA ILE C 661 -42.31 44.72 21.25
C ILE C 661 -43.34 45.65 21.87
N ILE C 662 -42.91 46.43 22.86
CA ILE C 662 -43.73 47.47 23.46
C ILE C 662 -42.96 48.78 23.36
N THR C 663 -43.53 49.74 22.62
CA THR C 663 -42.81 50.99 22.38
C THR C 663 -43.79 52.08 21.99
N THR C 664 -43.30 53.32 21.98
CA THR C 664 -44.08 54.50 21.66
C THR C 664 -43.35 55.32 20.60
N LEU C 665 -44.10 55.85 19.65
CA LEU C 665 -43.54 56.71 18.61
C LEU C 665 -44.05 58.14 18.79
N ASN C 666 -43.71 59.02 17.86
CA ASN C 666 -44.09 60.42 17.93
C ASN C 666 -44.87 60.80 16.67
N ALA C 667 -46.05 61.38 16.85
CA ALA C 667 -46.86 61.84 15.72
C ALA C 667 -46.64 63.31 15.40
N ARG C 668 -46.98 64.19 16.34
CA ARG C 668 -46.70 65.63 16.27
C ARG C 668 -46.99 66.25 14.91
N SER C 669 -48.03 65.76 14.22
CA SER C 669 -48.36 66.22 12.88
C SER C 669 -49.65 67.03 12.91
N SER C 670 -50.02 67.58 11.75
CA SER C 670 -51.22 68.38 11.60
C SER C 670 -52.15 67.68 10.60
N ILE C 671 -53.44 67.69 10.89
CA ILE C 671 -54.43 66.97 10.11
C ILE C 671 -55.27 67.96 9.32
N LEU C 672 -55.17 67.86 8.00
CA LEU C 672 -56.09 68.52 7.08
C LEU C 672 -56.89 67.45 6.36
N ALA C 673 -58.21 67.48 6.53
CA ALA C 673 -59.07 66.43 6.02
C ALA C 673 -60.17 67.01 5.15
N SER C 674 -60.70 66.18 4.26
CA SER C 674 -61.81 66.54 3.38
C SER C 674 -62.83 65.42 3.40
N ALA C 675 -64.11 65.79 3.49
CA ALA C 675 -65.17 64.80 3.63
C ALA C 675 -66.31 65.12 2.67
N ASN C 676 -67.22 64.16 2.55
CA ASN C 676 -68.40 64.28 1.70
C ASN C 676 -69.64 63.90 2.51
N PRO C 677 -70.79 64.49 2.20
CA PRO C 677 -72.00 64.24 2.98
C PRO C 677 -72.76 63.02 2.45
N ILE C 678 -73.91 62.76 3.06
CA ILE C 678 -74.83 61.75 2.58
C ILE C 678 -75.89 62.45 1.74
N GLY C 679 -75.93 62.15 0.46
CA GLY C 679 -76.81 62.80 -0.48
C GLY C 679 -76.06 63.71 -1.43
N SER C 680 -76.81 64.40 -2.27
CA SER C 680 -76.26 65.25 -3.32
C SER C 680 -76.16 66.71 -2.91
N ARG C 681 -76.54 67.06 -1.69
CA ARG C 681 -76.51 68.45 -1.26
C ARG C 681 -76.44 68.49 0.26
N TYR C 682 -75.87 69.57 0.78
CA TYR C 682 -75.82 69.87 2.21
C TYR C 682 -76.90 70.91 2.52
N ASN C 683 -78.08 70.42 2.88
CA ASN C 683 -79.19 71.33 3.14
C ASN C 683 -78.94 72.11 4.43
N PRO C 684 -78.93 73.44 4.38
CA PRO C 684 -78.61 74.22 5.60
C PRO C 684 -79.58 74.01 6.74
N ASN C 685 -80.83 73.65 6.46
CA ASN C 685 -81.85 73.54 7.50
C ASN C 685 -81.45 72.50 8.55
N LEU C 686 -81.05 71.31 8.12
CA LEU C 686 -80.58 70.31 9.06
C LEU C 686 -79.20 70.70 9.58
N PRO C 687 -78.91 70.45 10.86
CA PRO C 687 -77.60 70.81 11.40
C PRO C 687 -76.49 69.94 10.82
N VAL C 688 -75.26 70.25 11.24
CA VAL C 688 -74.08 69.64 10.64
C VAL C 688 -74.02 68.15 10.97
N THR C 689 -74.46 67.77 12.17
CA THR C 689 -74.15 66.44 12.69
C THR C 689 -74.73 65.33 11.82
N GLU C 690 -75.97 65.47 11.37
CA GLU C 690 -76.61 64.39 10.62
C GLU C 690 -75.94 64.18 9.25
N ASN C 691 -75.55 65.27 8.59
CA ASN C 691 -75.07 65.16 7.21
C ASN C 691 -73.69 64.53 7.15
N ILE C 692 -72.78 64.93 8.04
CA ILE C 692 -71.36 64.63 7.86
C ILE C 692 -71.02 63.23 8.33
N ASP C 693 -71.93 62.62 9.11
CA ASP C 693 -71.73 61.26 9.63
C ASP C 693 -70.39 61.13 10.33
N LEU C 694 -70.14 61.99 11.31
CA LEU C 694 -68.90 61.97 12.07
C LEU C 694 -69.22 62.15 13.55
N PRO C 695 -68.50 61.45 14.43
CA PRO C 695 -68.75 61.58 15.87
C PRO C 695 -68.57 63.00 16.34
N PRO C 696 -69.41 63.46 17.27
CA PRO C 696 -69.33 64.85 17.74
C PRO C 696 -67.96 65.20 18.32
N PRO C 697 -67.31 64.32 19.09
CA PRO C 697 -65.97 64.68 19.57
C PRO C 697 -64.94 64.84 18.47
N LEU C 698 -64.98 63.98 17.45
CA LEU C 698 -64.01 64.09 16.37
C LEU C 698 -64.17 65.38 15.60
N LEU C 699 -65.42 65.79 15.32
CA LEU C 699 -65.66 67.07 14.68
C LEU C 699 -65.25 68.22 15.60
N SER C 700 -65.50 68.07 16.90
CA SER C 700 -65.22 69.15 17.84
C SER C 700 -63.72 69.42 17.95
N ARG C 701 -62.90 68.36 17.93
CA ARG C 701 -61.48 68.55 18.20
C ARG C 701 -60.75 69.19 17.02
N PHE C 702 -61.41 69.35 15.88
CA PHE C 702 -60.77 70.03 14.76
C PHE C 702 -60.73 71.53 15.01
N ASP C 703 -59.56 72.14 14.76
CA ASP C 703 -59.36 73.53 15.13
C ASP C 703 -60.21 74.46 14.27
N LEU C 704 -60.22 74.24 12.95
CA LEU C 704 -61.05 74.98 12.02
C LEU C 704 -61.87 74.01 11.19
N VAL C 705 -63.17 74.29 11.07
CA VAL C 705 -64.06 73.52 10.22
C VAL C 705 -64.68 74.48 9.22
N TYR C 706 -64.55 74.17 7.94
CA TYR C 706 -65.08 75.01 6.87
C TYR C 706 -66.19 74.27 6.14
N LEU C 707 -67.27 74.99 5.83
CA LEU C 707 -68.35 74.46 5.01
C LEU C 707 -68.29 75.12 3.64
N VAL C 708 -68.12 74.30 2.61
CA VAL C 708 -68.12 74.76 1.23
C VAL C 708 -69.50 74.58 0.66
N LEU C 709 -70.11 75.68 0.19
CA LEU C 709 -71.47 75.68 -0.28
C LEU C 709 -71.50 75.95 -1.78
N ASP C 710 -72.48 75.35 -2.45
CA ASP C 710 -72.69 75.52 -3.89
C ASP C 710 -74.16 75.83 -4.12
N LYS C 711 -74.45 77.09 -4.41
CA LYS C 711 -75.81 77.57 -4.68
C LYS C 711 -75.89 78.03 -6.13
N VAL C 712 -77.05 77.83 -6.73
CA VAL C 712 -77.28 78.17 -8.13
C VAL C 712 -77.41 79.69 -8.21
N ASP C 713 -76.30 80.36 -8.52
CA ASP C 713 -76.26 81.80 -8.67
C ASP C 713 -75.76 82.12 -10.07
N GLU C 714 -76.50 82.98 -10.78
CA GLU C 714 -76.15 83.29 -12.16
C GLU C 714 -74.78 83.95 -12.26
N LYS C 715 -74.51 84.93 -11.39
CA LYS C 715 -73.22 85.62 -11.40
C LYS C 715 -72.09 84.64 -11.11
N ASN C 716 -72.21 83.86 -10.03
CA ASN C 716 -71.15 82.95 -9.64
C ASN C 716 -70.95 81.86 -10.67
N ASP C 717 -72.04 81.30 -11.20
CA ASP C 717 -71.92 80.24 -12.20
C ASP C 717 -71.23 80.76 -13.46
N ARG C 718 -71.65 81.93 -13.95
CA ARG C 718 -71.01 82.50 -15.14
C ARG C 718 -69.54 82.80 -14.88
N GLU C 719 -69.21 83.35 -13.72
CA GLU C 719 -67.83 83.72 -13.44
C GLU C 719 -66.95 82.47 -13.35
N LEU C 720 -67.45 81.41 -12.72
CA LEU C 720 -66.72 80.16 -12.65
C LEU C 720 -66.49 79.58 -14.04
N ALA C 721 -67.56 79.46 -14.83
CA ALA C 721 -67.44 78.88 -16.17
C ALA C 721 -66.50 79.70 -17.04
N LYS C 722 -66.52 81.02 -16.86
CA LYS C 722 -65.69 81.90 -17.68
C LYS C 722 -64.21 81.58 -17.51
N HIS C 723 -63.74 81.54 -16.26
CA HIS C 723 -62.32 81.33 -16.07
C HIS C 723 -61.94 79.87 -16.30
N LEU C 724 -62.88 78.94 -16.10
CA LEU C 724 -62.60 77.55 -16.47
C LEU C 724 -62.36 77.43 -17.96
N THR C 725 -63.23 78.03 -18.78
CA THR C 725 -63.04 77.99 -20.22
C THR C 725 -61.80 78.77 -20.64
N ASN C 726 -61.49 79.88 -19.96
CA ASN C 726 -60.28 80.62 -20.26
C ASN C 726 -59.04 79.79 -19.99
N LEU C 727 -59.06 79.00 -18.90
CA LEU C 727 -57.97 78.06 -18.66
C LEU C 727 -57.89 77.02 -19.77
N TYR C 728 -59.04 76.52 -20.22
CA TYR C 728 -59.02 75.58 -21.34
C TYR C 728 -58.63 76.26 -22.64
N LEU C 729 -58.98 77.53 -22.80
CA LEU C 729 -58.53 78.29 -23.96
C LEU C 729 -57.01 78.46 -23.91
N GLU C 730 -56.37 78.21 -25.04
CA GLU C 730 -54.92 78.30 -25.14
C GLU C 730 -54.53 79.60 -25.82
N ASP C 731 -53.66 80.37 -25.17
CA ASP C 731 -53.22 81.67 -25.68
C ASP C 731 -51.74 81.65 -25.99
N VAL C 741 -47.35 87.24 -10.06
CA VAL C 741 -47.40 87.44 -8.63
C VAL C 741 -47.37 86.08 -7.91
N LEU C 742 -47.00 85.03 -8.65
CA LEU C 742 -46.99 83.70 -8.09
C LEU C 742 -45.57 83.16 -8.01
N PRO C 743 -44.95 83.17 -6.84
CA PRO C 743 -43.62 82.56 -6.68
C PRO C 743 -43.71 81.05 -6.84
N VAL C 744 -42.59 80.47 -7.28
CA VAL C 744 -42.54 79.04 -7.58
C VAL C 744 -42.07 78.25 -6.36
N GLU C 745 -40.84 78.51 -5.92
CA GLU C 745 -40.26 77.80 -4.79
C GLU C 745 -39.90 78.72 -3.62
N PHE C 746 -40.27 80.00 -3.70
CA PHE C 746 -40.02 80.90 -2.57
C PHE C 746 -40.81 80.46 -1.35
N LEU C 747 -42.00 79.90 -1.56
CA LEU C 747 -42.85 79.49 -0.45
C LEU C 747 -42.19 78.42 0.40
N THR C 748 -41.57 77.41 -0.24
CA THR C 748 -40.97 76.32 0.49
C THR C 748 -39.83 76.81 1.39
N MET C 749 -38.94 77.64 0.84
CA MET C 749 -37.86 78.22 1.62
C MET C 749 -38.33 79.16 2.72
N TYR C 750 -39.33 80.01 2.44
CA TYR C 750 -39.90 80.85 3.49
C TYR C 750 -40.53 80.02 4.59
N ILE C 751 -41.26 78.97 4.22
CA ILE C 751 -41.87 78.09 5.20
C ILE C 751 -40.81 77.44 6.08
N SER C 752 -39.73 76.94 5.45
CA SER C 752 -38.65 76.31 6.21
C SER C 752 -37.98 77.31 7.15
N TYR C 753 -37.73 78.53 6.67
CA TYR C 753 -37.11 79.55 7.50
C TYR C 753 -37.99 79.88 8.71
N ALA C 754 -39.30 80.05 8.48
CA ALA C 754 -40.19 80.41 9.57
C ALA C 754 -40.38 79.25 10.54
N LYS C 755 -40.27 78.01 10.06
CA LYS C 755 -40.52 76.85 10.91
C LYS C 755 -39.29 76.41 11.68
N GLU C 756 -38.09 76.71 11.19
CA GLU C 756 -36.88 76.14 11.78
C GLU C 756 -36.07 77.13 12.61
N HIS C 757 -36.27 78.44 12.41
CA HIS C 757 -35.53 79.45 13.18
C HIS C 757 -36.40 80.32 14.07
N ILE C 758 -37.66 80.57 13.71
CA ILE C 758 -38.47 81.61 14.33
C ILE C 758 -39.33 81.02 15.44
N HIS C 759 -39.34 81.68 16.59
CA HIS C 759 -40.17 81.29 17.72
C HIS C 759 -40.74 82.55 18.39
N PRO C 760 -41.99 82.90 18.13
CA PRO C 760 -42.55 84.13 18.71
C PRO C 760 -42.88 83.96 20.19
N ILE C 761 -43.27 85.08 20.80
CA ILE C 761 -43.69 85.14 22.20
C ILE C 761 -44.98 85.92 22.29
N ILE C 762 -45.55 85.97 23.50
CA ILE C 762 -46.80 86.67 23.75
C ILE C 762 -46.55 87.82 24.71
N THR C 763 -47.20 88.96 24.43
CA THR C 763 -47.09 90.14 25.26
C THR C 763 -48.46 90.50 25.82
N GLU C 764 -48.48 91.45 26.77
CA GLU C 764 -49.72 91.84 27.43
C GLU C 764 -50.71 92.50 26.48
N ALA C 765 -50.23 93.05 25.36
CA ALA C 765 -51.14 93.58 24.35
C ALA C 765 -52.05 92.47 23.82
N ALA C 766 -51.51 91.25 23.68
CA ALA C 766 -52.34 90.10 23.34
C ALA C 766 -53.24 89.70 24.50
N LYS C 767 -52.75 89.82 25.73
CA LYS C 767 -53.56 89.53 26.91
C LYS C 767 -54.86 90.34 26.90
N THR C 768 -54.72 91.66 26.75
CA THR C 768 -55.86 92.56 26.90
C THR C 768 -56.94 92.24 25.87
N GLU C 769 -56.54 91.99 24.62
CA GLU C 769 -57.51 91.67 23.58
C GLU C 769 -58.09 90.27 23.75
N LEU C 770 -57.24 89.29 24.07
CA LEU C 770 -57.67 87.90 24.08
C LEU C 770 -58.69 87.64 25.17
N VAL C 771 -58.41 88.12 26.39
CA VAL C 771 -59.34 87.85 27.49
C VAL C 771 -60.71 88.44 27.21
N ARG C 772 -60.74 89.71 26.80
CA ARG C 772 -62.03 90.36 26.55
C ARG C 772 -62.74 89.77 25.34
N ALA C 773 -61.99 89.31 24.33
CA ALA C 773 -62.60 88.68 23.16
C ALA C 773 -63.26 87.38 23.56
N TYR C 774 -62.58 86.57 24.37
CA TYR C 774 -63.17 85.32 24.82
C TYR C 774 -64.41 85.58 25.67
N VAL C 775 -64.34 86.57 26.56
CA VAL C 775 -65.50 86.90 27.38
C VAL C 775 -66.67 87.37 26.51
N GLY C 776 -66.38 88.20 25.51
CA GLY C 776 -67.43 88.66 24.61
C GLY C 776 -68.04 87.54 23.80
N MET C 777 -67.23 86.55 23.43
CA MET C 777 -67.75 85.38 22.77
C MET C 777 -68.59 84.56 23.75
N ARG C 778 -68.32 84.73 25.05
CA ARG C 778 -69.10 84.07 26.09
C ARG C 778 -70.23 84.97 26.62
N LYS C 779 -70.66 85.95 25.85
CA LYS C 779 -71.77 86.81 26.27
C LYS C 779 -73.10 86.07 26.15
N THR C 792 -72.04 79.73 23.30
CA THR C 792 -71.59 78.42 23.71
C THR C 792 -70.18 78.14 23.19
N ALA C 793 -69.22 78.96 23.63
CA ALA C 793 -67.83 78.83 23.22
C ALA C 793 -67.06 78.10 24.31
N THR C 794 -66.62 76.89 24.03
CA THR C 794 -65.86 76.12 24.99
C THR C 794 -64.45 76.69 25.14
N THR C 795 -63.75 76.23 26.18
CA THR C 795 -62.38 76.66 26.42
C THR C 795 -61.44 76.26 25.28
N ARG C 796 -61.83 75.27 24.47
CA ARG C 796 -61.06 74.96 23.26
C ARG C 796 -60.94 76.17 22.35
N GLN C 797 -61.94 77.04 22.36
CA GLN C 797 -61.94 78.19 21.46
C GLN C 797 -60.77 79.13 21.72
N LEU C 798 -60.49 79.41 23.00
CA LEU C 798 -59.39 80.33 23.31
C LEU C 798 -58.04 79.75 22.95
N GLU C 799 -57.81 78.47 23.22
CA GLU C 799 -56.57 77.84 22.80
C GLU C 799 -56.48 77.72 21.28
N SER C 800 -57.60 77.73 20.57
CA SER C 800 -57.58 77.87 19.12
C SER C 800 -57.21 79.27 18.66
N MET C 801 -57.72 80.30 19.33
CA MET C 801 -57.32 81.67 18.98
C MET C 801 -55.85 81.91 19.24
N ILE C 802 -55.31 81.39 20.34
CA ILE C 802 -53.90 81.61 20.66
C ILE C 802 -53.00 81.00 19.59
N ARG C 803 -53.32 79.77 19.16
CA ARG C 803 -52.52 79.10 18.15
C ARG C 803 -52.55 79.87 16.82
N LEU C 804 -53.74 80.30 16.41
CA LEU C 804 -53.86 81.05 15.16
C LEU C 804 -53.15 82.39 15.23
N ALA C 805 -53.25 83.08 16.36
CA ALA C 805 -52.55 84.35 16.51
C ALA C 805 -51.05 84.18 16.48
N GLU C 806 -50.53 83.14 17.15
CA GLU C 806 -49.09 82.91 17.14
C GLU C 806 -48.58 82.39 15.81
N ALA C 807 -49.42 81.70 15.03
CA ALA C 807 -49.07 81.33 13.67
C ALA C 807 -49.07 82.52 12.72
N HIS C 808 -50.02 83.45 12.89
CA HIS C 808 -49.99 84.69 12.12
C HIS C 808 -48.77 85.52 12.47
N ALA C 809 -48.36 85.50 13.74
CA ALA C 809 -47.17 86.24 14.16
C ALA C 809 -45.91 85.69 13.49
N LYS C 810 -45.87 84.38 13.23
CA LYS C 810 -44.74 83.80 12.52
C LYS C 810 -44.66 84.33 11.09
N MET C 811 -45.81 84.59 10.47
CA MET C 811 -45.91 85.29 9.21
C MET C 811 -45.67 86.78 9.43
N LYS C 812 -45.52 87.52 8.31
CA LYS C 812 -45.07 88.92 8.32
C LYS C 812 -43.91 89.08 9.29
N LEU C 813 -42.82 88.39 9.00
CA LEU C 813 -41.81 87.91 9.95
C LEU C 813 -41.60 88.83 11.15
N LYS C 814 -41.81 88.28 12.35
CA LYS C 814 -41.74 89.06 13.60
C LYS C 814 -41.08 88.17 14.66
N ASN C 815 -41.07 88.59 15.92
CA ASN C 815 -40.55 87.77 17.01
C ASN C 815 -41.46 87.90 18.23
N VAL C 816 -42.63 88.50 18.04
CA VAL C 816 -43.55 88.78 19.13
C VAL C 816 -44.93 89.05 18.52
N VAL C 817 -45.98 88.80 19.30
CA VAL C 817 -47.35 88.97 18.85
C VAL C 817 -47.82 90.38 19.21
N GLU C 818 -48.75 90.90 18.41
CA GLU C 818 -49.38 92.19 18.70
C GLU C 818 -50.86 92.12 18.34
N LEU C 819 -51.47 93.31 18.29
CA LEU C 819 -52.91 93.40 18.12
C LEU C 819 -53.37 92.88 16.76
N GLU C 820 -52.56 93.11 15.72
CA GLU C 820 -52.98 92.70 14.38
C GLU C 820 -53.17 91.20 14.29
N ASP C 821 -52.25 90.42 14.90
CA ASP C 821 -52.33 88.97 14.83
C ASP C 821 -53.57 88.44 15.53
N VAL C 822 -53.84 88.93 16.75
CA VAL C 822 -55.02 88.47 17.47
C VAL C 822 -56.31 88.93 16.80
N GLN C 823 -56.31 90.11 16.19
CA GLN C 823 -57.49 90.55 15.44
C GLN C 823 -57.75 89.65 14.24
N GLU C 824 -56.70 89.31 13.49
CA GLU C 824 -56.88 88.40 12.36
C GLU C 824 -57.35 87.04 12.82
N ALA C 825 -56.79 86.53 13.93
CA ALA C 825 -57.18 85.22 14.43
C ALA C 825 -58.65 85.20 14.84
N VAL C 826 -59.10 86.22 15.57
CA VAL C 826 -60.49 86.23 16.02
C VAL C 826 -61.43 86.43 14.84
N ARG C 827 -61.03 87.24 13.86
CA ARG C 827 -61.83 87.39 12.66
C ARG C 827 -61.99 86.07 11.94
N LEU C 828 -60.90 85.31 11.82
CA LEU C 828 -60.96 84.02 11.15
C LEU C 828 -61.84 83.05 11.91
N ILE C 829 -61.69 82.97 13.23
CA ILE C 829 -62.43 81.99 14.01
C ILE C 829 -63.91 82.36 14.13
N ARG C 830 -64.25 83.64 14.01
CA ARG C 830 -65.65 84.04 14.01
C ARG C 830 -66.29 83.94 12.64
N SER C 831 -65.54 84.17 11.56
CA SER C 831 -66.05 83.86 10.23
C SER C 831 -66.29 82.35 10.08
N ALA C 832 -65.46 81.54 10.75
CA ALA C 832 -65.74 80.11 10.81
C ALA C 832 -67.06 79.84 11.54
N ILE C 833 -67.33 80.58 12.61
CA ILE C 833 -68.58 80.42 13.34
C ILE C 833 -69.77 80.81 12.47
N LYS C 834 -69.59 81.84 11.63
CA LYS C 834 -70.68 82.31 10.78
C LYS C 834 -71.22 81.20 9.89
N ASP C 835 -70.37 80.25 9.51
CA ASP C 835 -70.81 79.08 8.75
C ASP C 835 -71.13 77.93 9.69
N ASP D 21 -27.75 -26.69 16.75
CA ASP D 21 -28.49 -27.67 15.95
C ASP D 21 -28.74 -28.95 16.73
N ASP D 22 -27.95 -29.17 17.78
CA ASP D 22 -28.11 -30.34 18.62
C ASP D 22 -29.19 -30.15 19.67
N ASP D 23 -29.75 -28.94 19.77
CA ASP D 23 -30.90 -28.72 20.64
C ASP D 23 -32.17 -28.50 19.83
N ASN D 24 -32.02 -27.88 18.65
CA ASN D 24 -33.17 -27.65 17.78
C ASN D 24 -33.80 -28.95 17.32
N THR D 25 -32.98 -29.97 17.02
CA THR D 25 -33.50 -31.26 16.62
C THR D 25 -34.34 -31.90 17.71
N GLU D 26 -33.85 -31.86 18.96
CA GLU D 26 -34.62 -32.41 20.07
C GLU D 26 -35.89 -31.61 20.32
N ILE D 27 -35.83 -30.29 20.13
CA ILE D 27 -37.03 -29.47 20.30
C ILE D 27 -38.08 -29.85 19.25
N ILE D 28 -37.66 -30.01 17.99
CA ILE D 28 -38.58 -30.41 16.94
C ILE D 28 -39.16 -31.78 17.23
N LYS D 29 -38.31 -32.70 17.73
CA LYS D 29 -38.79 -34.03 18.07
C LYS D 29 -39.83 -33.98 19.19
N SER D 30 -39.60 -33.14 20.21
CA SER D 30 -40.56 -33.01 21.30
C SER D 30 -41.89 -32.48 20.79
N PHE D 31 -41.84 -31.47 19.91
CA PHE D 31 -43.08 -30.93 19.34
C PHE D 31 -43.81 -31.97 18.51
N LYS D 32 -43.09 -32.75 17.69
CA LYS D 32 -43.74 -33.78 16.88
C LYS D 32 -44.35 -34.86 17.75
N ASN D 33 -43.69 -35.26 18.84
CA ASN D 33 -44.31 -36.21 19.76
C ASN D 33 -45.53 -35.62 20.46
N PHE D 34 -45.52 -34.33 20.77
CA PHE D 34 -46.72 -33.70 21.33
C PHE D 34 -47.87 -33.77 20.35
N ILE D 35 -47.61 -33.50 19.08
CA ILE D 35 -48.65 -33.51 18.06
C ILE D 35 -49.21 -34.91 17.88
N LEU D 36 -48.33 -35.92 17.89
CA LEU D 36 -48.71 -37.28 17.55
C LEU D 36 -49.16 -38.14 18.72
N GLU D 37 -48.92 -37.74 19.97
CA GLU D 37 -49.23 -38.59 21.11
C GLU D 37 -50.21 -37.99 22.10
N PHE D 38 -50.68 -36.78 21.87
CA PHE D 38 -51.68 -36.19 22.75
C PHE D 38 -53.04 -36.83 22.50
N ARG D 39 -53.69 -37.25 23.58
CA ARG D 39 -55.00 -37.89 23.48
C ARG D 39 -55.83 -37.51 24.69
N LEU D 40 -57.11 -37.24 24.46
CA LEU D 40 -58.10 -37.06 25.52
C LEU D 40 -59.23 -38.05 25.23
N ASP D 41 -59.51 -38.91 26.19
CA ASP D 41 -60.52 -39.96 26.05
C ASP D 41 -60.09 -40.96 24.97
N SER D 42 -60.63 -40.83 23.77
CA SER D 42 -60.37 -41.82 22.72
C SER D 42 -60.19 -41.18 21.35
N GLN D 43 -59.62 -39.98 21.29
CA GLN D 43 -59.46 -39.30 20.00
C GLN D 43 -58.24 -38.40 20.05
N PHE D 44 -57.37 -38.53 19.04
CA PHE D 44 -56.22 -37.65 18.88
C PHE D 44 -56.70 -36.38 18.21
N ILE D 45 -56.97 -35.34 19.00
CA ILE D 45 -57.63 -34.15 18.47
C ILE D 45 -56.68 -33.37 17.55
N TYR D 46 -55.43 -33.21 17.94
CA TYR D 46 -54.48 -32.44 17.15
C TYR D 46 -54.01 -33.16 15.90
N ARG D 47 -54.06 -34.49 15.89
CA ARG D 47 -53.81 -35.26 14.68
C ARG D 47 -54.96 -35.19 13.70
N ASP D 48 -56.20 -35.15 14.18
CA ASP D 48 -57.39 -35.06 13.34
C ASP D 48 -57.58 -33.65 12.78
N GLN D 49 -57.26 -32.63 13.57
CA GLN D 49 -57.41 -31.26 13.10
C GLN D 49 -56.50 -30.99 11.91
N LEU D 50 -55.27 -31.50 11.93
CA LEU D 50 -54.37 -31.31 10.80
C LEU D 50 -54.94 -31.93 9.52
N ARG D 51 -55.44 -33.17 9.60
CA ARG D 51 -55.98 -33.81 8.41
C ARG D 51 -57.22 -33.10 7.91
N ASN D 52 -58.08 -32.64 8.82
CA ASN D 52 -59.28 -31.91 8.39
C ASN D 52 -58.92 -30.57 7.76
N ASN D 53 -57.86 -29.92 8.27
CA ASN D 53 -57.45 -28.64 7.71
C ASN D 53 -56.82 -28.81 6.33
N ILE D 54 -56.07 -29.90 6.13
CA ILE D 54 -55.39 -30.10 4.85
C ILE D 54 -56.40 -30.32 3.74
N LEU D 55 -57.52 -30.99 4.05
CA LEU D 55 -58.51 -31.32 3.01
C LEU D 55 -59.12 -30.06 2.41
N VAL D 56 -59.40 -29.05 3.24
CA VAL D 56 -60.03 -27.82 2.76
C VAL D 56 -58.96 -26.76 2.49
N LYS D 57 -57.72 -27.21 2.32
CA LYS D 57 -56.59 -26.35 1.97
C LYS D 57 -56.35 -25.24 3.00
N ASN D 58 -56.48 -25.58 4.28
CA ASN D 58 -56.12 -24.68 5.36
C ASN D 58 -54.79 -25.16 5.93
N TYR D 59 -53.72 -24.40 5.70
CA TYR D 59 -52.37 -24.77 6.13
C TYR D 59 -52.07 -24.02 7.42
N SER D 60 -52.65 -24.50 8.52
CA SER D 60 -52.48 -23.87 9.82
C SER D 60 -52.88 -24.86 10.90
N LEU D 61 -52.61 -24.49 12.14
CA LEU D 61 -52.94 -25.31 13.30
C LEU D 61 -53.14 -24.42 14.52
N THR D 62 -54.20 -24.69 15.27
CA THR D 62 -54.54 -23.94 16.47
C THR D 62 -54.32 -24.84 17.69
N VAL D 63 -53.55 -24.34 18.65
CA VAL D 63 -53.17 -25.11 19.83
C VAL D 63 -53.60 -24.32 21.07
N ASN D 64 -54.23 -25.02 22.02
CA ASN D 64 -54.58 -24.42 23.30
C ASN D 64 -53.44 -24.61 24.28
N MET D 65 -53.08 -23.54 24.99
CA MET D 65 -51.91 -23.59 25.86
C MET D 65 -52.14 -24.48 27.08
N GLU D 66 -53.39 -24.62 27.52
CA GLU D 66 -53.65 -25.48 28.67
C GLU D 66 -53.29 -26.93 28.38
N HIS D 67 -53.58 -27.41 27.17
CA HIS D 67 -53.19 -28.76 26.79
C HIS D 67 -51.68 -28.91 26.79
N LEU D 68 -50.95 -27.90 26.31
CA LEU D 68 -49.50 -27.96 26.27
C LEU D 68 -48.91 -27.97 27.68
N ILE D 69 -49.51 -27.20 28.60
CA ILE D 69 -49.06 -27.24 29.99
C ILE D 69 -49.33 -28.60 30.60
N GLY D 70 -50.50 -29.17 30.32
CA GLY D 70 -50.83 -30.48 30.86
C GLY D 70 -49.91 -31.58 30.36
N TYR D 71 -49.54 -31.52 29.08
CA TYR D 71 -48.70 -32.56 28.50
C TYR D 71 -47.31 -32.56 29.12
N ASN D 72 -46.66 -31.40 29.15
CA ASN D 72 -45.31 -31.29 29.69
C ASN D 72 -45.01 -29.83 29.98
N GLU D 73 -44.60 -29.55 31.21
CA GLU D 73 -44.34 -28.17 31.63
C GLU D 73 -43.02 -27.62 31.10
N ASP D 74 -42.03 -28.46 30.87
CA ASP D 74 -40.76 -28.01 30.30
C ASP D 74 -40.94 -27.44 28.90
N ILE D 75 -41.78 -28.07 28.08
CA ILE D 75 -42.04 -27.57 26.74
C ILE D 75 -42.70 -26.20 26.81
N TYR D 76 -43.66 -26.01 27.71
CA TYR D 76 -44.28 -24.71 27.87
C TYR D 76 -43.28 -23.67 28.35
N LYS D 77 -42.41 -24.05 29.29
CA LYS D 77 -41.42 -23.10 29.81
C LYS D 77 -40.43 -22.70 28.73
N LYS D 78 -40.07 -23.61 27.83
CA LYS D 78 -39.19 -23.26 26.73
C LYS D 78 -39.81 -22.21 25.82
N LEU D 79 -41.11 -22.36 25.53
CA LEU D 79 -41.79 -21.41 24.66
C LEU D 79 -42.00 -20.07 25.34
N SER D 80 -42.31 -20.09 26.64
CA SER D 80 -42.72 -18.87 27.33
C SER D 80 -41.59 -17.85 27.48
N ASP D 81 -40.33 -18.28 27.34
CA ASP D 81 -39.20 -17.38 27.57
C ASP D 81 -38.43 -17.06 26.30
N GLU D 82 -38.68 -17.74 25.19
CA GLU D 82 -37.97 -17.46 23.94
C GLU D 82 -38.91 -17.67 22.76
N PRO D 83 -39.96 -16.85 22.63
CA PRO D 83 -40.98 -17.13 21.62
C PRO D 83 -40.49 -17.03 20.18
N SER D 84 -39.82 -15.94 19.83
CA SER D 84 -39.40 -15.72 18.45
C SER D 84 -38.45 -16.81 17.97
N ASP D 85 -37.73 -17.45 18.90
CA ASP D 85 -36.76 -18.47 18.51
C ASP D 85 -37.40 -19.86 18.49
N ILE D 86 -38.36 -20.11 19.37
CA ILE D 86 -38.92 -21.45 19.50
C ILE D 86 -40.05 -21.68 18.50
N ILE D 87 -40.86 -20.65 18.26
CA ILE D 87 -42.08 -20.80 17.44
C ILE D 87 -41.78 -21.36 16.05
N PRO D 88 -40.75 -20.91 15.32
CA PRO D 88 -40.46 -21.54 14.02
C PRO D 88 -40.16 -23.02 14.10
N LEU D 89 -39.59 -23.50 15.21
CA LEU D 89 -39.36 -24.93 15.36
C LEU D 89 -40.67 -25.71 15.43
N PHE D 90 -41.65 -25.18 16.16
CA PHE D 90 -42.99 -25.78 16.15
C PHE D 90 -43.61 -25.66 14.76
N GLU D 91 -43.32 -24.57 14.07
CA GLU D 91 -43.82 -24.36 12.71
C GLU D 91 -43.36 -25.47 11.78
N THR D 92 -42.07 -25.84 11.85
CA THR D 92 -41.55 -26.89 10.99
C THR D 92 -41.94 -28.28 11.48
N ALA D 93 -42.15 -28.44 12.80
CA ALA D 93 -42.67 -29.71 13.29
C ALA D 93 -44.05 -30.00 12.73
N ILE D 94 -44.90 -28.96 12.66
CA ILE D 94 -46.24 -29.17 12.12
C ILE D 94 -46.19 -29.64 10.67
N THR D 95 -45.35 -29.02 9.85
CA THR D 95 -45.31 -29.40 8.44
C THR D 95 -44.55 -30.70 8.21
N GLN D 96 -43.71 -31.11 9.16
CA GLN D 96 -43.14 -32.46 9.08
C GLN D 96 -44.20 -33.51 9.39
N VAL D 97 -45.07 -33.24 10.36
CA VAL D 97 -46.14 -34.19 10.69
C VAL D 97 -47.16 -34.24 9.56
N ALA D 98 -47.43 -33.10 8.93
CA ALA D 98 -48.43 -33.04 7.86
C ALA D 98 -48.04 -33.89 6.66
N LYS D 99 -46.77 -33.82 6.23
CA LYS D 99 -46.29 -34.60 5.11
C LYS D 99 -46.27 -36.10 5.40
N ARG D 100 -46.26 -36.48 6.68
CA ARG D 100 -46.39 -37.88 7.07
C ARG D 100 -47.83 -38.37 7.09
N ILE D 101 -48.76 -37.53 7.58
CA ILE D 101 -50.15 -37.94 7.67
C ILE D 101 -50.97 -37.53 6.44
N SER D 102 -50.32 -37.04 5.39
CA SER D 102 -51.07 -36.62 4.20
C SER D 102 -50.51 -37.23 2.91
N ILE D 103 -49.21 -37.50 2.88
CA ILE D 103 -48.51 -37.91 1.66
C ILE D 103 -47.79 -39.22 1.93
N LEU D 104 -47.85 -40.14 0.97
CA LEU D 104 -47.09 -41.38 1.03
C LEU D 104 -45.68 -41.17 0.50
N ASN D 130 -43.89 -31.71 -3.58
CA ASN D 130 -44.73 -31.49 -2.40
C ASN D 130 -45.02 -30.00 -2.22
N SER D 131 -46.19 -29.57 -2.70
CA SER D 131 -46.56 -28.15 -2.62
C SER D 131 -47.26 -27.82 -1.30
N LEU D 132 -46.62 -28.18 -0.19
CA LEU D 132 -47.12 -27.82 1.12
C LEU D 132 -46.21 -26.76 1.72
N PRO D 133 -46.66 -25.51 1.82
CA PRO D 133 -45.82 -24.47 2.43
C PRO D 133 -45.66 -24.68 3.93
N THR D 134 -44.81 -23.89 4.57
CA THR D 134 -44.69 -23.95 6.02
C THR D 134 -46.01 -23.54 6.66
N PHE D 135 -46.47 -24.34 7.61
CA PHE D 135 -47.76 -24.11 8.25
C PHE D 135 -47.68 -22.88 9.15
N GLN D 136 -48.82 -22.52 9.74
CA GLN D 136 -48.92 -21.42 10.69
C GLN D 136 -49.40 -21.94 12.04
N LEU D 137 -48.88 -21.37 13.12
CA LEU D 137 -49.31 -21.69 14.46
C LEU D 137 -50.15 -20.54 15.01
N ILE D 138 -51.35 -20.86 15.50
CA ILE D 138 -52.24 -19.90 16.13
C ILE D 138 -52.49 -20.34 17.56
N LEU D 139 -52.35 -19.41 18.51
CA LEU D 139 -52.36 -19.73 19.92
C LEU D 139 -53.60 -19.16 20.60
N ASN D 140 -54.07 -19.88 21.62
CA ASN D 140 -55.18 -19.47 22.46
C ASN D 140 -54.69 -19.42 23.90
N SER D 141 -55.07 -18.37 24.63
CA SER D 141 -54.63 -18.20 26.00
C SER D 141 -55.79 -17.75 26.86
N ASN D 142 -55.71 -18.10 28.14
CA ASN D 142 -56.70 -17.69 29.14
C ASN D 142 -56.08 -16.92 30.29
N ALA D 143 -54.90 -16.37 30.08
CA ALA D 143 -54.23 -15.60 31.12
C ALA D 143 -54.88 -14.24 31.30
N ASN D 144 -54.48 -13.55 32.36
CA ASN D 144 -55.03 -12.23 32.64
C ASN D 144 -54.71 -11.25 31.53
N GLN D 145 -55.64 -10.35 31.26
CA GLN D 145 -55.46 -9.34 30.23
C GLN D 145 -54.72 -8.14 30.80
N ILE D 146 -53.75 -7.64 30.05
CA ILE D 146 -52.95 -6.49 30.47
C ILE D 146 -53.46 -5.25 29.73
N PRO D 147 -53.70 -4.14 30.42
CA PRO D 147 -54.09 -2.91 29.71
C PRO D 147 -52.95 -2.39 28.86
N LEU D 148 -53.31 -1.60 27.84
CA LEU D 148 -52.29 -1.06 26.93
C LEU D 148 -51.34 -0.14 27.67
N ARG D 149 -51.85 0.65 28.60
CA ARG D 149 -51.00 1.62 29.29
C ARG D 149 -50.15 0.98 30.39
N ASP D 150 -50.35 -0.30 30.68
CA ASP D 150 -49.49 -1.04 31.60
C ASP D 150 -48.37 -1.79 30.88
N LEU D 151 -48.28 -1.64 29.56
CA LEU D 151 -47.21 -2.26 28.81
C LEU D 151 -45.99 -1.34 28.81
N ASP D 152 -44.85 -1.87 29.24
CA ASP D 152 -43.62 -1.08 29.32
C ASP D 152 -42.39 -1.93 29.09
N SER D 153 -41.23 -1.43 29.48
CA SER D 153 -39.96 -2.10 29.25
C SER D 153 -39.83 -3.43 29.96
N GLU D 154 -40.70 -3.71 30.94
CA GLU D 154 -40.69 -4.98 31.66
C GLU D 154 -41.26 -6.12 30.83
N HIS D 155 -42.00 -5.80 29.75
CA HIS D 155 -42.74 -6.80 28.99
C HIS D 155 -42.15 -7.05 27.61
N VAL D 156 -40.87 -6.75 27.39
CA VAL D 156 -40.25 -6.91 26.08
C VAL D 156 -39.90 -8.37 25.87
N SER D 157 -40.17 -8.87 24.66
CA SER D 157 -39.90 -10.25 24.26
C SER D 157 -40.70 -11.26 25.05
N LYS D 158 -41.90 -10.88 25.48
CA LYS D 158 -42.78 -11.75 26.25
C LYS D 158 -44.17 -11.77 25.62
N ILE D 159 -44.80 -12.93 25.65
CA ILE D 159 -46.15 -13.09 25.09
C ILE D 159 -47.16 -12.48 26.04
N VAL D 160 -48.03 -11.62 25.51
CA VAL D 160 -49.00 -10.89 26.32
C VAL D 160 -50.39 -11.06 25.71
N ARG D 161 -51.41 -10.74 26.50
CA ARG D 161 -52.80 -10.80 26.09
C ARG D 161 -53.47 -9.49 26.46
N LEU D 162 -54.13 -8.86 25.49
CA LEU D 162 -54.70 -7.54 25.68
C LEU D 162 -55.90 -7.37 24.75
N SER D 163 -56.70 -6.35 25.04
CA SER D 163 -57.92 -6.07 24.27
C SER D 163 -57.99 -4.59 23.95
N GLY D 164 -58.65 -4.28 22.83
CA GLY D 164 -58.75 -2.90 22.38
C GLY D 164 -59.73 -2.78 21.25
N ILE D 165 -59.68 -1.63 20.58
CA ILE D 165 -60.61 -1.29 19.50
C ILE D 165 -59.79 -1.03 18.24
N ILE D 166 -60.15 -1.71 17.15
CA ILE D 166 -59.53 -1.45 15.86
C ILE D 166 -60.03 -0.12 15.31
N ILE D 167 -59.12 0.73 14.87
CA ILE D 167 -59.47 2.04 14.32
C ILE D 167 -59.12 2.14 12.84
N SER D 168 -58.14 1.36 12.38
CA SER D 168 -57.73 1.41 10.97
C SER D 168 -57.09 0.10 10.57
N THR D 169 -57.26 -0.26 9.30
CA THR D 169 -56.62 -1.43 8.71
C THR D 169 -55.93 -1.00 7.42
N SER D 170 -54.69 -1.41 7.25
CA SER D 170 -53.91 -1.02 6.08
C SER D 170 -54.15 -1.97 4.92
N VAL D 171 -53.41 -1.76 3.84
CA VAL D 171 -53.50 -2.63 2.67
C VAL D 171 -52.49 -3.78 2.79
N LEU D 172 -52.72 -4.83 2.01
CA LEU D 172 -51.83 -5.98 2.04
C LEU D 172 -50.52 -5.68 1.33
N SER D 173 -49.42 -6.18 1.91
CA SER D 173 -48.10 -6.04 1.33
C SER D 173 -47.46 -7.41 1.20
N SER D 174 -46.37 -7.46 0.45
CA SER D 174 -45.70 -8.71 0.10
C SER D 174 -44.39 -8.85 0.86
N ARG D 175 -44.18 -10.02 1.44
CA ARG D 175 -42.94 -10.39 2.12
C ARG D 175 -42.40 -11.67 1.52
N ALA D 176 -41.09 -11.72 1.32
CA ALA D 176 -40.43 -12.84 0.67
C ALA D 176 -40.14 -13.94 1.68
N THR D 177 -40.27 -15.20 1.24
CA THR D 177 -39.91 -16.34 2.07
C THR D 177 -38.81 -17.18 1.42
N TYR D 178 -38.92 -17.45 0.12
CA TYR D 178 -37.89 -18.15 -0.62
C TYR D 178 -37.35 -17.23 -1.70
N LEU D 179 -36.06 -16.92 -1.62
CA LEU D 179 -35.43 -15.96 -2.52
C LEU D 179 -34.43 -16.68 -3.42
N SER D 180 -34.57 -16.49 -4.72
CA SER D 180 -33.60 -16.98 -5.67
C SER D 180 -32.61 -15.87 -6.02
N ILE D 181 -31.32 -16.19 -5.94
CA ILE D 181 -30.28 -15.17 -5.95
C ILE D 181 -29.22 -15.56 -6.97
N MET D 182 -28.64 -14.56 -7.63
CA MET D 182 -27.57 -14.75 -8.60
C MET D 182 -26.55 -13.63 -8.43
N CYS D 183 -25.29 -13.93 -8.75
CA CYS D 183 -24.20 -12.97 -8.64
C CYS D 183 -24.01 -12.24 -9.95
N ARG D 184 -23.50 -11.00 -9.86
CA ARG D 184 -23.43 -10.13 -11.02
C ARG D 184 -22.29 -10.51 -11.96
N ASN D 185 -21.28 -11.23 -11.45
CA ASN D 185 -20.10 -11.55 -12.23
C ASN D 185 -19.93 -13.03 -12.53
N CYS D 186 -19.89 -13.88 -11.50
CA CYS D 186 -19.70 -15.31 -11.75
C CYS D 186 -21.01 -15.98 -12.19
N ARG D 187 -22.15 -15.40 -11.82
CA ARG D 187 -23.46 -15.80 -12.34
C ARG D 187 -23.78 -17.27 -12.06
N HIS D 188 -23.94 -17.59 -10.77
CA HIS D 188 -24.37 -18.92 -10.35
C HIS D 188 -25.62 -18.79 -9.47
N THR D 189 -26.43 -19.85 -9.46
CA THR D 189 -27.67 -19.83 -8.72
C THR D 189 -27.44 -20.04 -7.22
N THR D 190 -28.35 -19.49 -6.43
CA THR D 190 -28.31 -19.59 -4.97
C THR D 190 -29.73 -19.41 -4.46
N SER D 191 -29.98 -19.86 -3.23
CA SER D 191 -31.30 -19.73 -2.64
C SER D 191 -31.17 -19.33 -1.18
N ILE D 192 -32.22 -18.67 -0.67
CA ILE D 192 -32.28 -18.25 0.72
C ILE D 192 -33.70 -18.52 1.23
N THR D 193 -33.79 -18.97 2.49
CA THR D 193 -35.06 -19.22 3.14
C THR D 193 -35.18 -18.29 4.34
N ILE D 194 -36.33 -17.63 4.47
CA ILE D 194 -36.56 -16.60 5.48
C ILE D 194 -37.85 -16.92 6.22
N ASN D 195 -37.82 -16.76 7.54
CA ASN D 195 -39.03 -16.80 8.37
C ASN D 195 -39.32 -15.41 8.89
N ASN D 196 -40.61 -15.06 8.97
CA ASN D 196 -41.03 -13.70 9.27
C ASN D 196 -40.89 -13.34 10.76
N PHE D 197 -40.23 -14.14 11.60
CA PHE D 197 -40.09 -13.83 13.02
C PHE D 197 -38.77 -13.09 13.22
N ASN D 198 -38.84 -11.76 13.20
CA ASN D 198 -37.64 -10.94 13.34
C ASN D 198 -37.11 -10.98 14.77
N VAL D 205 -32.61 -9.86 8.37
CA VAL D 205 -31.90 -10.64 7.37
C VAL D 205 -31.62 -9.80 6.14
N SER D 206 -30.58 -10.17 5.40
CA SER D 206 -30.20 -9.46 4.19
C SER D 206 -29.39 -10.39 3.30
N LEU D 207 -29.22 -10.00 2.03
CA LEU D 207 -28.40 -10.76 1.13
C LEU D 207 -26.94 -10.76 1.62
N PRO D 208 -26.21 -11.83 1.37
CA PRO D 208 -24.84 -11.92 1.89
C PRO D 208 -23.97 -10.76 1.42
N ARG D 209 -23.14 -10.26 2.33
CA ARG D 209 -22.21 -9.17 2.02
C ARG D 209 -20.87 -9.78 1.63
N SER D 210 -20.94 -10.65 0.63
CA SER D 210 -19.79 -11.41 0.16
C SER D 210 -20.13 -12.12 -1.14
N CYS D 211 -19.24 -13.00 -1.61
CA CYS D 211 -19.51 -13.83 -2.77
C CYS D 211 -19.23 -15.28 -2.43
N LEU D 212 -20.10 -16.17 -2.93
CA LEU D 212 -19.93 -17.60 -2.82
C LEU D 212 -19.74 -18.19 -4.21
N SER D 213 -18.94 -19.24 -4.29
CA SER D 213 -18.66 -19.88 -5.57
C SER D 213 -18.87 -21.39 -5.49
N ASN D 235 -12.30 -10.01 -9.77
CA ASN D 235 -13.02 -10.42 -8.58
C ASN D 235 -14.37 -9.72 -8.48
N CYS D 236 -15.34 -10.38 -7.86
CA CYS D 236 -16.66 -9.79 -7.69
C CYS D 236 -16.61 -8.65 -6.68
N GLY D 237 -17.62 -7.78 -6.76
CA GLY D 237 -17.67 -6.60 -5.94
C GLY D 237 -17.88 -6.88 -4.46
N PRO D 238 -18.28 -5.85 -3.72
CA PRO D 238 -18.42 -6.02 -2.25
C PRO D 238 -19.50 -7.01 -1.87
N ASP D 239 -20.73 -6.79 -2.34
CA ASP D 239 -21.89 -7.61 -1.98
C ASP D 239 -22.74 -7.96 -3.19
N PRO D 240 -22.13 -8.45 -4.26
CA PRO D 240 -22.82 -8.51 -5.55
C PRO D 240 -23.81 -9.67 -5.59
N TYR D 241 -25.09 -9.32 -5.50
CA TYR D 241 -26.17 -10.30 -5.60
C TYR D 241 -27.47 -9.63 -5.99
N ILE D 242 -28.23 -10.24 -6.89
CA ILE D 242 -29.52 -9.69 -7.33
C ILE D 242 -30.58 -10.76 -7.14
N ILE D 243 -31.83 -10.33 -7.02
CA ILE D 243 -32.93 -11.26 -6.78
C ILE D 243 -33.60 -11.61 -8.09
N ILE D 244 -33.73 -12.90 -8.36
CA ILE D 244 -34.50 -13.39 -9.50
C ILE D 244 -35.94 -13.48 -9.05
N HIS D 245 -36.76 -12.50 -9.45
CA HIS D 245 -38.09 -12.36 -8.87
C HIS D 245 -39.00 -13.51 -9.27
N GLU D 246 -38.93 -13.96 -10.52
CA GLU D 246 -39.61 -15.20 -10.87
C GLU D 246 -38.94 -16.37 -10.15
N SER D 247 -39.75 -17.36 -9.79
CA SER D 247 -39.40 -18.52 -8.97
C SER D 247 -39.14 -18.13 -7.52
N SER D 248 -39.64 -16.99 -7.06
CA SER D 248 -39.58 -16.60 -5.66
C SER D 248 -40.98 -16.59 -5.07
N LYS D 249 -41.07 -16.92 -3.78
CA LYS D 249 -42.35 -17.08 -3.09
C LYS D 249 -42.54 -15.98 -2.05
N PHE D 250 -43.78 -15.51 -1.95
CA PHE D 250 -44.13 -14.40 -1.09
C PHE D 250 -45.40 -14.75 -0.31
N ILE D 251 -45.63 -13.99 0.77
CA ILE D 251 -46.80 -14.12 1.63
C ILE D 251 -47.45 -12.76 1.85
N ASP D 252 -48.49 -12.72 2.68
CA ASP D 252 -49.31 -11.52 2.87
C ASP D 252 -49.04 -10.92 4.24
N GLN D 253 -48.82 -9.61 4.26
CA GLN D 253 -48.53 -8.84 5.47
C GLN D 253 -49.56 -7.73 5.61
N GLN D 254 -50.02 -7.49 6.83
CA GLN D 254 -50.95 -6.38 7.06
C GLN D 254 -50.63 -5.69 8.38
N PHE D 255 -50.91 -4.39 8.43
CA PHE D 255 -50.68 -3.55 9.60
C PHE D 255 -52.02 -3.06 10.13
N LEU D 256 -52.19 -3.12 11.45
CA LEU D 256 -53.41 -2.68 12.11
C LEU D 256 -53.06 -1.73 13.24
N LYS D 257 -54.04 -0.90 13.60
CA LYS D 257 -53.88 0.08 14.67
C LYS D 257 -54.92 -0.17 15.75
N LEU D 258 -54.48 -0.14 17.01
CA LEU D 258 -55.33 -0.44 18.15
C LEU D 258 -55.56 0.82 18.97
N GLN D 259 -56.48 0.72 19.95
CA GLN D 259 -56.74 1.81 20.86
C GLN D 259 -57.34 1.23 22.14
N GLU D 260 -57.24 1.98 23.23
CA GLU D 260 -57.71 1.50 24.51
C GLU D 260 -59.23 1.42 24.54
N ILE D 261 -59.74 0.60 25.45
CA ILE D 261 -61.17 0.61 25.77
C ILE D 261 -61.52 1.94 26.42
N PRO D 262 -62.62 2.59 26.03
CA PRO D 262 -62.89 3.94 26.54
C PRO D 262 -63.03 4.03 28.05
N GLU D 263 -63.50 2.97 28.71
CA GLU D 263 -63.72 3.01 30.14
C GLU D 263 -62.47 2.73 30.96
N LEU D 264 -61.40 2.25 30.34
CA LEU D 264 -60.16 1.93 31.04
C LEU D 264 -59.12 3.04 30.94
N VAL D 265 -59.41 4.13 30.26
CA VAL D 265 -58.47 5.25 30.18
C VAL D 265 -58.37 5.92 31.54
N PRO D 266 -57.17 6.24 32.02
CA PRO D 266 -57.04 6.90 33.32
C PRO D 266 -57.63 8.31 33.30
N VAL D 267 -57.58 8.95 34.48
CA VAL D 267 -58.24 10.24 34.64
C VAL D 267 -57.47 11.33 33.90
N GLY D 268 -58.20 12.14 33.14
CA GLY D 268 -57.62 13.28 32.47
C GLY D 268 -56.68 12.96 31.33
N GLU D 269 -56.72 11.73 30.83
CA GLU D 269 -55.80 11.29 29.79
C GLU D 269 -56.57 11.03 28.50
N MET D 270 -55.93 11.34 27.38
CA MET D 270 -56.53 11.00 26.09
C MET D 270 -56.14 9.58 25.71
N PRO D 271 -56.99 8.87 24.96
CA PRO D 271 -56.66 7.48 24.61
C PRO D 271 -55.43 7.38 23.72
N ARG D 272 -54.69 6.30 23.89
CA ARG D 272 -53.45 6.08 23.17
C ARG D 272 -53.61 4.90 22.22
N ASN D 273 -52.76 4.86 21.19
CA ASN D 273 -52.84 3.90 20.12
C ASN D 273 -51.55 3.11 19.98
N LEU D 274 -51.64 1.97 19.31
CA LEU D 274 -50.54 1.01 19.19
C LEU D 274 -50.60 0.35 17.82
N THR D 275 -49.47 -0.23 17.40
CA THR D 275 -49.33 -0.81 16.08
C THR D 275 -49.15 -2.32 16.16
N MET D 276 -49.82 -3.05 15.27
CA MET D 276 -49.78 -4.50 15.24
C MET D 276 -49.56 -4.98 13.82
N THR D 277 -48.94 -6.16 13.69
CA THR D 277 -48.63 -6.76 12.40
C THR D 277 -49.21 -8.16 12.35
N CYS D 278 -49.93 -8.49 11.28
CA CYS D 278 -50.50 -9.81 11.10
C CYS D 278 -50.09 -10.38 9.75
N ASP D 279 -50.07 -11.72 9.69
CA ASP D 279 -49.49 -12.44 8.56
C ASP D 279 -50.43 -13.54 8.08
N ARG D 280 -50.38 -13.78 6.77
CA ARG D 280 -50.90 -15.00 6.16
C ARG D 280 -52.39 -15.23 6.41
N TYR D 281 -52.71 -16.06 7.40
CA TYR D 281 -54.08 -16.48 7.65
C TYR D 281 -54.80 -15.59 8.66
N LEU D 282 -54.14 -14.54 9.15
CA LEU D 282 -54.75 -13.61 10.09
C LEU D 282 -54.97 -12.24 9.44
N THR D 283 -54.87 -12.16 8.13
CA THR D 283 -55.14 -10.92 7.41
C THR D 283 -56.59 -10.91 6.93
N ASN D 284 -57.17 -9.71 6.84
CA ASN D 284 -58.58 -9.54 6.48
C ASN D 284 -59.49 -10.30 7.43
N LYS D 285 -59.37 -10.01 8.72
CA LYS D 285 -60.15 -10.67 9.75
C LYS D 285 -60.92 -9.71 10.65
N VAL D 286 -60.55 -8.43 10.65
CA VAL D 286 -61.20 -7.43 11.51
C VAL D 286 -61.51 -6.20 10.68
N ILE D 287 -62.46 -5.41 11.16
CA ILE D 287 -62.89 -4.17 10.50
C ILE D 287 -62.85 -3.04 11.51
N PRO D 288 -62.67 -1.79 11.09
CA PRO D 288 -62.54 -0.68 12.06
C PRO D 288 -63.79 -0.55 12.92
N GLY D 289 -63.57 -0.20 14.19
CA GLY D 289 -64.62 -0.07 15.17
C GLY D 289 -64.89 -1.32 15.97
N THR D 290 -64.32 -2.45 15.58
CA THR D 290 -64.54 -3.72 16.25
C THR D 290 -63.79 -3.77 17.57
N ARG D 291 -64.39 -4.44 18.55
CA ARG D 291 -63.74 -4.74 19.82
C ARG D 291 -63.20 -6.16 19.76
N VAL D 292 -61.89 -6.32 19.98
CA VAL D 292 -61.22 -7.58 19.77
C VAL D 292 -60.35 -7.93 20.98
N THR D 293 -59.87 -9.16 20.98
CA THR D 293 -58.87 -9.64 21.94
C THR D 293 -57.69 -10.20 21.16
N ILE D 294 -56.49 -9.77 21.54
CA ILE D 294 -55.27 -10.03 20.78
C ILE D 294 -54.29 -10.78 21.65
N VAL D 295 -53.69 -11.83 21.10
CA VAL D 295 -52.60 -12.56 21.73
C VAL D 295 -51.38 -12.44 20.82
N GLY D 296 -50.28 -11.92 21.35
CA GLY D 296 -49.11 -11.69 20.53
C GLY D 296 -47.88 -11.41 21.38
N ILE D 297 -46.82 -10.99 20.69
CA ILE D 297 -45.51 -10.75 21.31
C ILE D 297 -45.22 -9.26 21.29
N TYR D 298 -44.78 -8.73 22.43
CA TYR D 298 -44.41 -7.32 22.54
C TYR D 298 -42.93 -7.18 22.17
N SER D 299 -42.65 -6.49 21.07
CA SER D 299 -41.29 -6.35 20.56
C SER D 299 -41.03 -4.90 20.17
N ILE D 300 -39.78 -4.62 19.81
CA ILE D 300 -39.33 -3.29 19.42
C ILE D 300 -38.53 -3.41 18.13
N TYR D 301 -38.52 -2.35 17.33
CA TYR D 301 -37.74 -2.29 16.10
C TYR D 301 -37.03 -0.94 16.03
N ASN D 302 -35.72 -0.96 15.79
CA ASN D 302 -34.97 0.27 15.62
C ASN D 302 -35.24 0.86 14.25
N SER D 303 -35.51 2.16 14.21
CA SER D 303 -35.84 2.85 12.97
C SER D 303 -35.60 4.34 13.16
N LYS D 304 -36.07 5.14 12.20
CA LYS D 304 -35.95 6.59 12.24
C LYS D 304 -34.50 7.05 12.35
N GLY D 318 -37.97 12.89 17.08
CA GLY D 318 -37.25 11.74 17.59
C GLY D 318 -35.78 12.00 17.80
N SER D 319 -35.47 12.95 18.70
CA SER D 319 -34.10 13.32 19.00
C SER D 319 -33.52 12.55 20.19
N GLY D 320 -34.29 11.63 20.77
CA GLY D 320 -33.77 10.83 21.86
C GLY D 320 -32.68 9.89 21.41
N VAL D 321 -31.84 9.51 22.38
CA VAL D 321 -30.70 8.65 22.09
C VAL D 321 -31.05 7.21 22.41
N ALA D 322 -30.79 6.30 21.47
CA ALA D 322 -30.99 4.87 21.60
C ALA D 322 -32.41 4.48 21.95
N ILE D 323 -33.41 5.18 21.43
CA ILE D 323 -34.81 4.86 21.69
C ILE D 323 -35.36 4.04 20.54
N ARG D 324 -36.28 3.14 20.85
CA ARG D 324 -36.91 2.26 19.88
C ARG D 324 -38.43 2.37 19.97
N THR D 325 -39.11 1.96 18.90
CA THR D 325 -40.56 2.04 18.82
C THR D 325 -41.18 0.68 19.06
N PRO D 326 -42.10 0.55 20.01
CA PRO D 326 -42.70 -0.76 20.29
C PRO D 326 -43.88 -1.06 19.37
N TYR D 327 -44.09 -2.36 19.14
CA TYR D 327 -45.21 -2.84 18.34
C TYR D 327 -45.53 -4.25 18.77
N ILE D 328 -46.61 -4.82 18.21
CA ILE D 328 -47.06 -6.15 18.58
C ILE D 328 -47.23 -6.99 17.32
N LYS D 329 -46.68 -8.20 17.34
CA LYS D 329 -46.87 -9.17 16.28
C LYS D 329 -48.00 -10.12 16.68
N ILE D 330 -49.09 -10.10 15.92
CA ILE D 330 -50.31 -10.82 16.29
C ILE D 330 -50.11 -12.31 16.09
N LEU D 331 -50.53 -13.08 17.10
CA LEU D 331 -50.57 -14.54 17.00
C LEU D 331 -51.96 -15.11 17.06
N GLY D 332 -52.90 -14.45 17.71
CA GLY D 332 -54.27 -14.93 17.78
C GLY D 332 -55.24 -13.78 17.95
N ILE D 333 -56.37 -13.89 17.27
CA ILE D 333 -57.40 -12.85 17.25
C ILE D 333 -58.74 -13.46 17.63
N GLN D 334 -59.44 -12.83 18.56
CA GLN D 334 -60.83 -13.17 18.86
C GLN D 334 -61.68 -11.92 18.65
N SER D 335 -62.73 -12.03 17.84
CA SER D 335 -63.57 -10.90 17.48
C SER D 335 -65.01 -11.19 17.83
N ASP D 336 -65.71 -10.17 18.35
CA ASP D 336 -67.11 -10.33 18.72
C ASP D 336 -67.99 -10.46 17.49
N VAL D 337 -67.80 -9.58 16.50
CA VAL D 337 -68.61 -9.62 15.29
C VAL D 337 -68.14 -10.78 14.41
N GLU D 338 -69.10 -11.60 13.97
CA GLU D 338 -68.76 -12.75 13.13
C GLU D 338 -68.28 -12.32 11.75
N THR D 339 -68.54 -11.07 11.37
CA THR D 339 -68.25 -10.62 10.02
C THR D 339 -66.74 -10.58 9.79
N SER D 340 -66.32 -11.07 8.63
CA SER D 340 -64.93 -10.98 8.20
C SER D 340 -64.68 -9.58 7.63
N SER D 341 -63.54 -9.38 6.99
CA SER D 341 -63.26 -8.07 6.40
C SER D 341 -64.28 -7.69 5.35
N ILE D 342 -64.65 -8.64 4.49
CA ILE D 342 -65.59 -8.35 3.40
C ILE D 342 -67.02 -8.73 3.72
N TRP D 343 -67.28 -9.32 4.89
CA TRP D 343 -68.63 -9.71 5.30
C TRP D 343 -69.27 -10.58 4.22
N ASN D 344 -68.74 -11.80 4.08
CA ASN D 344 -69.06 -12.71 2.99
C ASN D 344 -70.55 -12.91 2.74
N SER D 345 -71.39 -12.48 3.69
CA SER D 345 -72.84 -12.66 3.62
C SER D 345 -73.18 -14.16 3.59
N VAL D 346 -72.36 -14.96 4.25
CA VAL D 346 -72.56 -16.39 4.35
C VAL D 346 -72.76 -16.74 5.81
N THR D 347 -73.31 -17.93 6.05
CA THR D 347 -73.57 -18.36 7.41
C THR D 347 -72.28 -18.74 8.11
N MET D 348 -72.09 -18.18 9.31
CA MET D 348 -71.00 -18.53 10.20
C MET D 348 -71.53 -19.22 11.45
N PHE D 349 -72.67 -19.88 11.31
CA PHE D 349 -73.39 -20.47 12.43
C PHE D 349 -73.37 -21.99 12.27
N THR D 350 -72.90 -22.68 13.30
CA THR D 350 -73.00 -24.13 13.33
C THR D 350 -74.46 -24.55 13.51
N GLU D 351 -74.74 -25.82 13.19
CA GLU D 351 -76.11 -26.31 13.27
C GLU D 351 -76.65 -26.24 14.69
N GLU D 352 -75.77 -26.33 15.70
CA GLU D 352 -76.23 -26.25 17.09
C GLU D 352 -76.81 -24.88 17.42
N GLU D 353 -76.41 -23.84 16.69
CA GLU D 353 -76.98 -22.52 16.92
C GLU D 353 -78.15 -22.26 15.98
N GLU D 354 -78.10 -22.82 14.77
CA GLU D 354 -79.22 -22.69 13.85
C GLU D 354 -80.47 -23.35 14.41
N GLU D 355 -80.33 -24.52 15.03
CA GLU D 355 -81.47 -25.17 15.64
C GLU D 355 -82.06 -24.30 16.75
N GLU D 356 -81.21 -23.67 17.55
CA GLU D 356 -81.68 -22.76 18.60
C GLU D 356 -82.44 -21.58 18.00
N PHE D 357 -81.92 -20.99 16.93
CA PHE D 357 -82.57 -19.86 16.29
C PHE D 357 -83.91 -20.21 15.67
N LEU D 358 -84.02 -21.34 14.96
CA LEU D 358 -85.32 -21.73 14.43
C LEU D 358 -86.29 -22.13 15.54
N GLN D 359 -85.80 -22.71 16.64
CA GLN D 359 -86.69 -22.96 17.77
C GLN D 359 -87.20 -21.65 18.36
N LEU D 360 -86.33 -20.64 18.45
CA LEU D 360 -86.75 -19.33 18.94
C LEU D 360 -87.79 -18.70 18.02
N SER D 361 -87.60 -18.84 16.71
CA SER D 361 -88.48 -18.16 15.76
C SER D 361 -89.90 -18.70 15.82
N ARG D 362 -90.07 -19.94 16.29
CA ARG D 362 -91.39 -20.56 16.34
C ARG D 362 -92.17 -20.21 17.60
N ASN D 363 -91.60 -19.41 18.50
CA ASN D 363 -92.30 -19.04 19.71
C ASN D 363 -93.51 -18.18 19.36
N PRO D 364 -94.71 -18.54 19.83
CA PRO D 364 -95.90 -17.73 19.50
C PRO D 364 -95.86 -16.31 20.03
N LYS D 365 -95.03 -16.03 21.04
CA LYS D 365 -94.98 -14.71 21.67
C LYS D 365 -93.56 -14.14 21.58
N LEU D 366 -92.92 -14.37 20.42
CA LEU D 366 -91.57 -13.85 20.21
C LEU D 366 -91.55 -12.33 20.16
N TYR D 367 -92.61 -11.71 19.63
CA TYR D 367 -92.66 -10.26 19.56
C TYR D 367 -92.61 -9.63 20.95
N GLU D 368 -93.38 -10.17 21.89
CA GLU D 368 -93.36 -9.65 23.25
C GLU D 368 -92.01 -9.89 23.92
N ILE D 369 -91.39 -11.04 23.67
CA ILE D 369 -90.10 -11.34 24.26
C ILE D 369 -89.04 -10.38 23.75
N LEU D 370 -89.04 -10.09 22.44
CA LEU D 370 -88.07 -9.16 21.89
C LEU D 370 -88.33 -7.74 22.40
N THR D 371 -89.60 -7.35 22.52
CA THR D 371 -89.91 -6.02 23.01
C THR D 371 -89.47 -5.83 24.46
N ASN D 372 -89.70 -6.85 25.29
CA ASN D 372 -89.36 -6.73 26.71
C ASN D 372 -87.86 -6.68 26.93
N SER D 373 -87.08 -7.15 25.96
CA SER D 373 -85.63 -7.17 26.09
C SER D 373 -84.97 -5.83 25.79
N ILE D 374 -85.70 -4.87 25.24
CA ILE D 374 -85.15 -3.56 24.89
C ILE D 374 -85.16 -2.70 26.15
N ALA D 375 -83.97 -2.45 26.70
CA ALA D 375 -83.79 -1.60 27.87
C ALA D 375 -84.71 -2.01 29.01
N PRO D 376 -84.44 -3.14 29.68
CA PRO D 376 -85.33 -3.59 30.76
C PRO D 376 -85.34 -2.68 31.98
N SER D 377 -84.47 -1.67 32.04
CA SER D 377 -84.41 -0.74 33.15
C SER D 377 -85.20 0.54 32.88
N ILE D 378 -85.92 0.61 31.76
CA ILE D 378 -86.73 1.77 31.41
C ILE D 378 -88.21 1.38 31.54
N PHE D 379 -88.97 2.19 32.25
CA PHE D 379 -90.38 1.92 32.49
C PHE D 379 -91.24 2.47 31.37
N GLY D 380 -92.20 1.67 30.92
CA GLY D 380 -93.13 2.12 29.90
C GLY D 380 -92.47 2.25 28.53
N ASN D 381 -93.04 3.12 27.71
CA ASN D 381 -92.53 3.41 26.37
C ASN D 381 -92.50 2.14 25.51
N GLU D 382 -93.65 1.49 25.39
CA GLU D 382 -93.70 0.22 24.66
C GLU D 382 -93.62 0.44 23.15
N ASP D 383 -94.32 1.47 22.65
CA ASP D 383 -94.33 1.73 21.20
C ASP D 383 -92.95 2.11 20.70
N ILE D 384 -92.21 2.90 21.47
CA ILE D 384 -90.85 3.26 21.06
C ILE D 384 -89.97 2.02 21.00
N LYS D 385 -90.14 1.09 21.94
CA LYS D 385 -89.34 -0.13 21.91
C LYS D 385 -89.71 -1.01 20.73
N LYS D 386 -91.01 -1.09 20.39
CA LYS D 386 -91.41 -1.81 19.20
C LYS D 386 -90.80 -1.20 17.94
N ALA D 387 -90.79 0.14 17.87
CA ALA D 387 -90.17 0.83 16.74
C ALA D 387 -88.67 0.54 16.68
N ILE D 388 -88.01 0.47 17.84
CA ILE D 388 -86.58 0.15 17.86
C ILE D 388 -86.33 -1.26 17.36
N VAL D 389 -87.19 -2.21 17.74
CA VAL D 389 -87.06 -3.58 17.23
C VAL D 389 -87.24 -3.60 15.72
N CYS D 390 -88.24 -2.88 15.21
CA CYS D 390 -88.45 -2.82 13.76
C CYS D 390 -87.24 -2.22 13.06
N LEU D 391 -86.65 -1.17 13.63
CA LEU D 391 -85.47 -0.56 13.05
C LEU D 391 -84.29 -1.53 13.05
N LEU D 392 -84.14 -2.30 14.14
CA LEU D 392 -83.04 -3.27 14.22
C LEU D 392 -83.17 -4.35 13.17
N MET D 393 -84.38 -4.88 12.95
CA MET D 393 -84.53 -5.92 11.94
C MET D 393 -84.43 -5.36 10.51
N GLY D 394 -85.08 -4.25 10.23
CA GLY D 394 -84.99 -3.64 8.92
C GLY D 394 -85.90 -4.33 7.91
N GLY D 395 -86.15 -3.62 6.81
CA GLY D 395 -87.00 -4.11 5.75
C GLY D 395 -86.23 -4.81 4.66
N SER D 396 -86.88 -4.93 3.50
CA SER D 396 -86.29 -5.57 2.34
C SER D 396 -85.83 -4.53 1.32
N LYS D 397 -84.89 -4.93 0.48
CA LYS D 397 -84.30 -4.07 -0.54
C LYS D 397 -84.56 -4.67 -1.91
N LYS D 398 -84.92 -3.82 -2.87
CA LYS D 398 -85.32 -4.26 -4.19
C LYS D 398 -84.50 -3.55 -5.26
N ILE D 399 -84.20 -4.25 -6.34
CA ILE D 399 -83.57 -3.67 -7.52
C ILE D 399 -84.46 -3.96 -8.72
N LEU D 400 -84.64 -2.97 -9.58
CA LEU D 400 -85.58 -3.06 -10.69
C LEU D 400 -84.84 -3.11 -12.01
N PRO D 401 -85.49 -3.60 -13.07
CA PRO D 401 -84.80 -3.73 -14.36
C PRO D 401 -84.26 -2.42 -14.90
N ASP D 402 -84.95 -1.31 -14.68
CA ASP D 402 -84.50 -0.02 -15.18
C ASP D 402 -83.42 0.62 -14.34
N GLY D 403 -82.83 -0.11 -13.39
CA GLY D 403 -81.75 0.41 -12.58
C GLY D 403 -82.18 1.10 -11.30
N MET D 404 -83.47 1.21 -11.04
CA MET D 404 -83.96 1.86 -9.83
C MET D 404 -83.55 1.08 -8.60
N ARG D 405 -83.23 1.80 -7.52
CA ARG D 405 -82.91 1.21 -6.23
C ARG D 405 -83.86 1.76 -5.18
N LEU D 406 -84.41 0.86 -4.35
CA LEU D 406 -85.36 1.24 -3.32
C LEU D 406 -84.76 0.98 -1.94
N ARG D 407 -84.90 1.98 -1.07
CA ARG D 407 -84.34 1.90 0.28
C ARG D 407 -85.07 0.84 1.11
N GLY D 408 -84.32 0.18 1.97
CA GLY D 408 -84.88 -0.85 2.83
C GLY D 408 -84.52 -0.68 4.29
N ASP D 409 -84.27 0.55 4.72
CA ASP D 409 -83.88 0.87 6.09
C ASP D 409 -84.85 1.86 6.69
N ILE D 410 -84.94 1.86 8.02
CA ILE D 410 -85.91 2.65 8.75
C ILE D 410 -85.19 3.70 9.58
N ASN D 411 -85.69 4.94 9.53
CA ASN D 411 -85.17 6.05 10.31
C ASN D 411 -86.20 6.48 11.34
N VAL D 412 -85.75 6.84 12.54
CA VAL D 412 -86.65 7.17 13.64
C VAL D 412 -86.21 8.46 14.31
N LEU D 413 -87.20 9.33 14.60
CA LEU D 413 -86.96 10.60 15.28
C LEU D 413 -87.75 10.65 16.58
N LEU D 414 -87.10 11.14 17.65
CA LEU D 414 -87.73 11.29 18.96
C LEU D 414 -87.61 12.76 19.38
N LEU D 415 -88.70 13.50 19.29
CA LEU D 415 -88.74 14.90 19.70
C LEU D 415 -89.64 15.00 20.93
N GLY D 416 -89.05 15.22 22.09
CA GLY D 416 -89.80 15.17 23.32
C GLY D 416 -89.23 16.02 24.42
N ASP D 417 -89.80 15.86 25.61
CA ASP D 417 -89.51 16.66 26.79
C ASP D 417 -88.33 16.09 27.55
N PRO D 418 -87.60 16.92 28.30
CA PRO D 418 -86.46 16.42 29.06
C PRO D 418 -86.87 15.43 30.14
N GLY D 419 -85.96 14.52 30.46
CA GLY D 419 -86.18 13.54 31.51
C GLY D 419 -87.03 12.36 31.11
N THR D 420 -87.25 12.13 29.82
CA THR D 420 -88.12 11.07 29.34
C THR D 420 -87.34 9.88 28.77
N ALA D 421 -86.07 9.73 29.16
CA ALA D 421 -85.24 8.59 28.77
C ALA D 421 -85.02 8.51 27.26
N LYS D 422 -84.90 9.66 26.59
CA LYS D 422 -84.59 9.64 25.16
C LYS D 422 -83.15 9.23 24.91
N SER D 423 -82.23 9.68 25.75
CA SER D 423 -80.80 9.43 25.55
C SER D 423 -80.32 8.13 26.18
N GLN D 424 -81.16 7.44 26.95
CA GLN D 424 -80.81 6.14 27.49
C GLN D 424 -81.23 5.00 26.57
N LEU D 425 -82.00 5.28 25.53
CA LEU D 425 -82.29 4.30 24.49
C LEU D 425 -81.29 4.33 23.35
N LEU D 426 -80.75 5.52 23.05
CA LEU D 426 -79.74 5.64 22.01
C LEU D 426 -78.50 4.83 22.35
N LYS D 427 -78.07 4.88 23.62
CA LYS D 427 -76.87 4.16 24.02
C LYS D 427 -77.12 2.66 24.16
N PHE D 428 -78.38 2.26 24.39
CA PHE D 428 -78.70 0.84 24.37
C PHE D 428 -78.69 0.28 22.95
N VAL D 429 -79.22 1.04 21.99
CA VAL D 429 -79.22 0.59 20.61
C VAL D 429 -77.78 0.44 20.12
N GLU D 430 -76.87 1.28 20.61
CA GLU D 430 -75.47 1.15 20.26
C GLU D 430 -74.91 -0.18 20.75
N LYS D 431 -75.25 -0.59 21.97
CA LYS D 431 -74.73 -1.82 22.53
C LYS D 431 -75.32 -3.04 21.82
N VAL D 432 -76.63 -3.04 21.58
CA VAL D 432 -77.27 -4.25 21.05
C VAL D 432 -76.90 -4.47 19.59
N SER D 433 -76.77 -3.40 18.81
CA SER D 433 -76.53 -3.55 17.38
C SER D 433 -75.15 -4.13 17.12
N PRO D 434 -75.03 -5.08 16.19
CA PRO D 434 -73.68 -5.59 15.85
C PRO D 434 -72.75 -4.51 15.33
N ILE D 435 -73.26 -3.57 14.54
CA ILE D 435 -72.49 -2.44 14.05
C ILE D 435 -73.29 -1.18 14.35
N ALA D 436 -72.72 -0.27 15.13
CA ALA D 436 -73.43 0.93 15.51
C ALA D 436 -72.44 2.00 15.96
N VAL D 437 -72.79 3.26 15.68
CA VAL D 437 -71.98 4.40 16.08
C VAL D 437 -72.88 5.40 16.80
N TYR D 438 -72.38 5.98 17.89
CA TYR D 438 -73.09 6.99 18.66
C TYR D 438 -72.34 8.31 18.55
N THR D 439 -73.03 9.35 18.07
CA THR D 439 -72.42 10.66 17.89
C THR D 439 -73.33 11.73 18.47
N SER D 440 -72.76 12.91 18.70
CA SER D 440 -73.48 14.05 19.21
C SER D 440 -73.51 15.15 18.14
N GLY D 441 -74.65 15.82 18.03
CA GLY D 441 -74.81 16.82 16.99
C GLY D 441 -74.00 18.08 17.23
N LYS D 442 -73.73 18.40 18.50
CA LYS D 442 -72.97 19.61 18.81
C LYS D 442 -71.53 19.47 18.34
N GLY D 443 -70.86 18.38 18.71
CA GLY D 443 -69.50 18.13 18.27
C GLY D 443 -69.44 17.29 17.00
N SER D 444 -69.85 17.87 15.87
CA SER D 444 -69.88 17.15 14.62
C SER D 444 -69.63 18.12 13.47
N SER D 445 -69.38 17.56 12.30
CA SER D 445 -69.18 18.36 11.09
C SER D 445 -69.54 17.51 9.89
N ALA D 446 -69.73 18.19 8.75
CA ALA D 446 -70.11 17.48 7.53
C ALA D 446 -69.00 16.57 7.05
N ALA D 447 -67.74 17.01 7.16
CA ALA D 447 -66.62 16.17 6.78
C ALA D 447 -66.50 14.96 7.70
N GLY D 448 -66.74 15.16 8.99
CA GLY D 448 -66.63 14.05 9.92
C GLY D 448 -67.75 13.03 9.79
N LEU D 449 -68.90 13.46 9.29
CA LEU D 449 -70.05 12.58 9.16
C LEU D 449 -70.07 11.79 7.86
N THR D 450 -69.76 12.43 6.74
CA THR D 450 -69.84 11.73 5.46
C THR D 450 -68.48 11.14 5.05
N ALA D 451 -67.49 11.99 4.83
CA ALA D 451 -66.16 11.57 4.41
C ALA D 451 -65.25 12.79 4.38
N SER D 452 -63.95 12.54 4.53
CA SER D 452 -62.96 13.60 4.51
C SER D 452 -61.90 13.29 3.45
N VAL D 453 -61.13 14.30 3.10
CA VAL D 453 -60.01 14.14 2.17
C VAL D 453 -58.74 14.63 2.87
N GLN D 454 -57.69 13.83 2.81
CA GLN D 454 -56.47 14.07 3.56
C GLN D 454 -55.26 13.96 2.63
N ARG D 455 -54.14 14.53 3.09
CA ARG D 455 -52.88 14.52 2.35
C ARG D 455 -51.87 13.63 3.07
N ASP D 456 -51.28 12.70 2.32
CA ASP D 456 -50.26 11.82 2.88
C ASP D 456 -48.95 12.57 3.03
N PRO D 457 -48.34 12.62 4.22
CA PRO D 457 -47.07 13.33 4.38
C PRO D 457 -45.97 12.81 3.45
N MET D 458 -45.95 11.50 3.21
CA MET D 458 -44.89 10.88 2.41
C MET D 458 -45.17 11.03 0.92
N THR D 459 -46.28 10.47 0.45
CA THR D 459 -46.59 10.49 -0.97
C THR D 459 -46.96 11.88 -1.45
N ARG D 460 -47.54 12.70 -0.57
CA ARG D 460 -48.00 14.05 -0.90
C ARG D 460 -49.04 14.02 -2.01
N GLU D 461 -50.05 13.16 -1.82
CA GLU D 461 -51.25 13.14 -2.66
C GLU D 461 -52.47 13.17 -1.76
N PHE D 462 -53.65 13.19 -2.39
CA PHE D 462 -54.91 13.27 -1.66
C PHE D 462 -55.62 11.93 -1.70
N TYR D 463 -56.15 11.53 -0.55
CA TYR D 463 -56.90 10.29 -0.42
C TYR D 463 -58.14 10.51 0.44
N LEU D 464 -59.10 9.61 0.31
CA LEU D 464 -60.36 9.71 1.04
C LEU D 464 -60.32 8.90 2.32
N GLU D 465 -60.89 9.47 3.38
CA GLU D 465 -60.98 8.83 4.69
C GLU D 465 -62.43 8.80 5.13
N GLY D 466 -62.84 7.68 5.72
CA GLY D 466 -64.23 7.48 6.09
C GLY D 466 -64.65 8.32 7.28
N GLY D 467 -65.97 8.41 7.45
CA GLY D 467 -66.54 9.17 8.53
C GLY D 467 -67.55 8.37 9.34
N ALA D 468 -68.43 9.07 10.07
CA ALA D 468 -69.39 8.38 10.93
C ALA D 468 -70.35 7.52 10.11
N MET D 469 -70.80 8.03 8.96
CA MET D 469 -71.74 7.27 8.13
C MET D 469 -71.03 6.23 7.27
N VAL D 470 -69.69 6.30 7.18
CA VAL D 470 -68.95 5.27 6.46
C VAL D 470 -68.63 4.11 7.38
N LEU D 471 -68.21 4.40 8.62
CA LEU D 471 -67.96 3.33 9.59
C LEU D 471 -69.24 2.56 9.89
N ALA D 472 -70.35 3.26 10.07
CA ALA D 472 -71.61 2.64 10.44
C ALA D 472 -72.38 2.20 9.20
N ASP D 473 -71.71 1.43 8.34
CA ASP D 473 -72.34 0.88 7.15
C ASP D 473 -72.95 -0.47 7.47
N GLY D 474 -74.17 -0.69 6.99
CA GLY D 474 -74.89 -1.88 7.37
C GLY D 474 -75.28 -1.92 8.82
N GLY D 475 -75.36 -0.77 9.47
CA GLY D 475 -75.67 -0.72 10.88
C GLY D 475 -76.55 0.47 11.20
N VAL D 476 -76.31 1.08 12.37
CA VAL D 476 -77.13 2.16 12.87
C VAL D 476 -76.23 3.28 13.36
N VAL D 477 -76.62 4.52 13.07
CA VAL D 477 -75.97 5.71 13.61
C VAL D 477 -77.00 6.43 14.48
N CYS D 478 -76.59 6.76 15.71
CA CYS D 478 -77.44 7.40 16.69
C CYS D 478 -76.92 8.82 16.91
N ILE D 479 -77.66 9.80 16.43
CA ILE D 479 -77.24 11.20 16.47
C ILE D 479 -78.04 11.86 17.60
N ASP D 480 -77.33 12.20 18.67
CA ASP D 480 -77.96 12.89 19.80
C ASP D 480 -77.82 14.40 19.65
N GLU D 481 -78.66 15.13 20.37
CA GLU D 481 -78.71 16.60 20.29
C GLU D 481 -78.86 17.05 18.84
N PHE D 482 -79.78 16.40 18.13
CA PHE D 482 -79.91 16.63 16.69
C PHE D 482 -80.39 18.04 16.39
N ASP D 483 -81.10 18.67 17.32
CA ASP D 483 -81.58 20.03 17.10
C ASP D 483 -80.47 21.06 17.21
N LYS D 484 -79.37 20.71 17.88
CA LYS D 484 -78.27 21.65 18.07
C LYS D 484 -77.27 21.63 16.92
N MET D 485 -77.49 20.79 15.92
CA MET D 485 -76.59 20.72 14.78
C MET D 485 -76.61 22.05 14.02
N ARG D 486 -75.44 22.43 13.50
CA ARG D 486 -75.39 23.59 12.62
C ARG D 486 -76.08 23.26 11.30
N ASP D 487 -76.70 24.28 10.70
CA ASP D 487 -77.50 24.09 9.51
C ASP D 487 -76.68 23.66 8.30
N GLU D 488 -75.39 23.97 8.27
CA GLU D 488 -74.54 23.52 7.17
C GLU D 488 -74.21 22.03 7.30
N ASP D 489 -74.00 21.55 8.52
CA ASP D 489 -73.62 20.16 8.71
C ASP D 489 -74.82 19.22 8.57
N ARG D 490 -76.00 19.67 8.97
CA ARG D 490 -77.18 18.81 8.95
C ARG D 490 -77.63 18.48 7.53
N VAL D 491 -77.37 19.38 6.58
CA VAL D 491 -77.88 19.19 5.22
C VAL D 491 -77.05 18.17 4.47
N ALA D 492 -75.87 17.82 4.97
CA ALA D 492 -75.02 16.86 4.28
C ALA D 492 -75.54 15.43 4.38
N ILE D 493 -76.57 15.19 5.20
CA ILE D 493 -77.10 13.85 5.42
C ILE D 493 -78.26 13.53 4.48
N HIS D 494 -78.71 14.50 3.68
CA HIS D 494 -79.92 14.32 2.88
C HIS D 494 -79.76 13.20 1.86
N GLU D 495 -78.66 13.20 1.11
CA GLU D 495 -78.41 12.15 0.14
C GLU D 495 -78.16 10.79 0.78
N ALA D 496 -77.43 10.73 1.89
CA ALA D 496 -77.13 9.46 2.52
C ALA D 496 -78.39 8.82 3.10
N MET D 497 -79.33 9.64 3.58
CA MET D 497 -80.53 9.08 4.21
C MET D 497 -81.38 8.29 3.23
N GLU D 498 -81.52 8.79 1.99
CA GLU D 498 -82.40 8.16 1.02
C GLU D 498 -81.67 7.45 -0.11
N GLN D 499 -80.80 8.16 -0.84
CA GLN D 499 -80.09 7.54 -1.95
C GLN D 499 -79.00 6.60 -1.48
N GLN D 500 -78.61 6.67 -0.21
CA GLN D 500 -77.64 5.75 0.39
C GLN D 500 -76.30 5.75 -0.33
N THR D 501 -75.90 6.94 -0.80
CA THR D 501 -74.60 7.12 -1.43
C THR D 501 -74.03 8.46 -1.00
N ILE D 502 -72.70 8.59 -1.10
CA ILE D 502 -71.98 9.81 -0.77
C ILE D 502 -71.14 10.19 -1.97
N SER D 503 -71.39 11.36 -2.54
CA SER D 503 -70.68 11.83 -3.72
C SER D 503 -69.61 12.83 -3.33
N ILE D 504 -68.36 12.56 -3.70
CA ILE D 504 -67.24 13.44 -3.42
C ILE D 504 -66.61 13.85 -4.74
N ALA D 505 -66.42 15.16 -4.90
CA ALA D 505 -65.91 15.76 -6.14
C ALA D 505 -64.84 16.79 -5.80
N LYS D 506 -63.87 16.38 -5.00
CA LYS D 506 -62.89 17.30 -4.43
C LYS D 506 -61.46 16.90 -4.81
N ALA D 507 -60.66 17.91 -5.16
CA ALA D 507 -59.21 17.76 -5.32
C ALA D 507 -58.84 16.66 -6.31
N GLY D 508 -59.48 16.67 -7.48
CA GLY D 508 -59.20 15.68 -8.49
C GLY D 508 -59.75 14.30 -8.21
N ILE D 509 -60.45 14.12 -7.11
CA ILE D 509 -61.08 12.84 -6.76
C ILE D 509 -62.59 13.02 -6.93
N THR D 510 -63.17 12.25 -7.84
CA THR D 510 -64.61 12.28 -8.10
C THR D 510 -65.15 10.86 -8.05
N THR D 511 -65.71 10.49 -6.90
CA THR D 511 -66.22 9.13 -6.69
C THR D 511 -67.54 9.19 -5.95
N VAL D 512 -68.21 8.04 -5.92
CA VAL D 512 -69.45 7.84 -5.17
C VAL D 512 -69.29 6.59 -4.32
N LEU D 513 -69.45 6.75 -3.00
CA LEU D 513 -69.24 5.70 -2.03
C LEU D 513 -70.57 5.19 -1.51
N ASN D 514 -70.63 3.89 -1.19
CA ASN D 514 -71.85 3.29 -0.67
C ASN D 514 -71.99 3.55 0.82
N SER D 515 -73.23 3.77 1.26
CA SER D 515 -73.53 3.94 2.67
C SER D 515 -74.96 3.54 2.98
N ARG D 516 -75.14 2.33 3.51
CA ARG D 516 -76.48 1.80 3.80
C ARG D 516 -76.65 1.73 5.31
N THR D 517 -77.16 2.81 5.90
CA THR D 517 -77.26 2.92 7.34
C THR D 517 -78.64 3.42 7.74
N SER D 518 -79.00 3.17 8.99
CA SER D 518 -80.23 3.66 9.60
C SER D 518 -79.89 4.76 10.58
N VAL D 519 -80.82 5.69 10.77
CA VAL D 519 -80.60 6.87 11.59
C VAL D 519 -81.59 6.87 12.75
N LEU D 520 -81.07 7.01 13.96
CA LEU D 520 -81.88 7.17 15.17
C LEU D 520 -81.51 8.51 15.79
N ALA D 521 -82.48 9.42 15.86
CA ALA D 521 -82.21 10.79 16.29
C ALA D 521 -83.11 11.17 17.46
N ALA D 522 -82.57 12.02 18.33
CA ALA D 522 -83.30 12.55 19.48
C ALA D 522 -83.06 14.06 19.57
N ALA D 523 -84.11 14.79 19.95
CA ALA D 523 -84.02 16.24 20.02
C ALA D 523 -85.09 16.78 20.96
N ASN D 524 -84.92 18.03 21.35
CA ASN D 524 -85.87 18.77 22.16
C ASN D 524 -86.56 19.84 21.31
N PRO D 525 -87.78 20.21 21.65
CA PRO D 525 -88.45 21.31 20.95
C PRO D 525 -87.90 22.66 21.38
N ILE D 526 -88.35 23.70 20.68
CA ILE D 526 -88.04 25.05 21.10
C ILE D 526 -88.74 25.32 22.43
N TYR D 527 -88.13 26.15 23.26
CA TYR D 527 -88.55 26.52 24.61
C TYR D 527 -88.38 25.37 25.60
N GLY D 528 -87.84 24.22 25.17
CA GLY D 528 -87.65 23.10 26.06
C GLY D 528 -88.82 22.14 26.09
N ARG D 529 -89.97 22.60 26.56
CA ARG D 529 -91.19 21.81 26.58
C ARG D 529 -91.99 22.07 25.31
N TYR D 530 -92.96 21.18 25.05
CA TYR D 530 -93.73 21.29 23.82
C TYR D 530 -94.62 22.52 23.82
N ASP D 531 -95.06 22.98 24.99
CA ASP D 531 -95.88 24.17 25.10
C ASP D 531 -97.14 24.03 24.26
N ASP D 532 -98.01 23.10 24.65
CA ASP D 532 -99.20 22.74 23.88
C ASP D 532 -100.12 23.94 23.66
N LEU D 533 -99.87 25.06 24.33
CA LEU D 533 -100.67 26.26 24.13
C LEU D 533 -100.42 26.92 22.78
N LYS D 534 -99.23 26.75 22.21
CA LYS D 534 -98.87 27.41 20.96
C LYS D 534 -98.98 26.45 19.79
N SER D 535 -98.84 27.01 18.58
CA SER D 535 -99.04 26.26 17.36
C SER D 535 -97.89 25.27 17.15
N PRO D 536 -98.17 24.13 16.49
CA PRO D 536 -97.10 23.18 16.18
C PRO D 536 -96.00 23.77 15.31
N GLY D 537 -96.36 24.69 14.39
CA GLY D 537 -95.36 25.28 13.53
C GLY D 537 -94.39 26.19 14.28
N ASP D 538 -94.82 26.71 15.43
CA ASP D 538 -93.96 27.53 16.28
C ASP D 538 -93.19 26.70 17.31
N ASN D 539 -93.26 25.37 17.22
CA ASN D 539 -92.60 24.50 18.18
C ASN D 539 -91.53 23.61 17.56
N ILE D 540 -91.66 23.25 16.30
CA ILE D 540 -90.70 22.37 15.62
C ILE D 540 -89.93 23.21 14.61
N ASP D 541 -88.61 23.25 14.76
CA ASP D 541 -87.74 24.02 13.89
C ASP D 541 -87.20 23.23 12.72
N PHE D 542 -87.58 21.96 12.60
CA PHE D 542 -87.11 21.15 11.47
C PHE D 542 -87.97 21.40 10.24
N GLN D 543 -87.32 21.63 9.11
CA GLN D 543 -88.04 21.92 7.88
C GLN D 543 -88.67 20.66 7.31
N THR D 544 -89.56 20.86 6.34
CA THR D 544 -90.26 19.73 5.72
C THR D 544 -89.31 18.81 4.96
N THR D 545 -88.19 19.35 4.48
CA THR D 545 -87.25 18.55 3.70
C THR D 545 -86.64 17.43 4.55
N ILE D 546 -86.28 17.74 5.80
CA ILE D 546 -85.65 16.74 6.66
C ILE D 546 -86.68 15.83 7.31
N LEU D 547 -87.87 16.37 7.60
CA LEU D 547 -88.90 15.60 8.29
C LEU D 547 -89.57 14.56 7.40
N SER D 548 -89.39 14.62 6.09
CA SER D 548 -89.96 13.63 5.19
C SER D 548 -89.11 12.37 5.08
N ARG D 549 -87.88 12.39 5.58
CA ARG D 549 -86.98 11.25 5.51
C ARG D 549 -87.02 10.38 6.75
N PHE D 550 -87.92 10.67 7.68
CA PHE D 550 -88.07 9.90 8.90
C PHE D 550 -89.34 9.07 8.80
N ASP D 551 -89.21 7.75 8.93
CA ASP D 551 -90.38 6.88 8.81
C ASP D 551 -91.31 7.03 9.99
N MET D 552 -90.76 7.19 11.20
CA MET D 552 -91.56 7.33 12.41
C MET D 552 -91.04 8.48 13.24
N ILE D 553 -91.95 9.35 13.68
CA ILE D 553 -91.64 10.51 14.50
C ILE D 553 -92.46 10.38 15.78
N PHE D 554 -91.79 10.43 16.93
CA PHE D 554 -92.45 10.31 18.22
C PHE D 554 -92.34 11.63 18.97
N ILE D 555 -93.48 12.23 19.28
CA ILE D 555 -93.53 13.40 20.15
C ILE D 555 -93.86 12.93 21.56
N VAL D 556 -92.98 13.24 22.51
CA VAL D 556 -93.04 12.70 23.86
C VAL D 556 -93.42 13.81 24.82
N LYS D 557 -94.41 13.55 25.67
CA LYS D 557 -94.90 14.51 26.63
C LYS D 557 -95.09 13.84 27.99
N ASP D 558 -95.11 14.67 29.03
CA ASP D 558 -95.37 14.21 30.40
C ASP D 558 -96.81 14.54 30.76
N ASP D 559 -97.47 13.61 31.45
CA ASP D 559 -98.88 13.81 31.78
C ASP D 559 -99.08 14.14 33.25
N HIS D 560 -98.05 13.92 34.08
CA HIS D 560 -98.07 14.27 35.49
C HIS D 560 -99.19 13.56 36.26
N ASN D 561 -99.42 12.28 35.96
CA ASN D 561 -100.39 11.50 36.71
C ASN D 561 -99.76 10.93 37.96
N GLU D 562 -100.57 10.81 39.02
CA GLU D 562 -100.04 10.35 40.31
C GLU D 562 -99.69 8.87 40.28
N GLU D 563 -100.57 8.04 39.72
CA GLU D 563 -100.33 6.60 39.69
C GLU D 563 -99.06 6.28 38.90
N ARG D 564 -98.92 6.90 37.72
CA ARG D 564 -97.72 6.67 36.91
C ARG D 564 -96.49 7.18 37.64
N ASP D 565 -96.60 8.31 38.33
CA ASP D 565 -95.46 8.85 39.07
C ASP D 565 -95.02 7.90 40.18
N ILE D 566 -95.95 7.34 40.93
CA ILE D 566 -95.60 6.35 41.95
C ILE D 566 -95.00 5.08 41.35
N SER D 567 -95.56 4.58 40.25
CA SER D 567 -94.98 3.39 39.63
C SER D 567 -93.56 3.64 39.17
N ILE D 568 -93.31 4.78 38.52
CA ILE D 568 -91.98 5.10 38.05
C ILE D 568 -91.02 5.31 39.23
N ALA D 569 -91.50 5.95 40.30
CA ALA D 569 -90.65 6.15 41.46
C ALA D 569 -90.22 4.83 42.07
N ASN D 570 -91.16 3.90 42.22
CA ASN D 570 -90.80 2.58 42.75
C ASN D 570 -89.83 1.86 41.82
N HIS D 571 -90.08 1.92 40.51
CA HIS D 571 -89.20 1.23 39.57
C HIS D 571 -87.78 1.79 39.64
N VAL D 572 -87.64 3.12 39.71
CA VAL D 572 -86.33 3.75 39.80
C VAL D 572 -85.63 3.47 41.12
N ILE D 573 -86.35 3.48 42.24
CA ILE D 573 -85.75 3.16 43.53
C ILE D 573 -85.28 1.70 43.59
N ASN D 574 -86.02 0.77 42.97
CA ASN D 574 -85.57 -0.62 42.93
C ASN D 574 -84.23 -0.74 42.19
N ILE D 575 -84.04 0.07 41.14
CA ILE D 575 -82.78 0.07 40.41
C ILE D 575 -81.63 0.49 41.31
N HIS D 576 -81.82 1.55 42.09
CA HIS D 576 -80.75 2.09 42.93
C HIS D 576 -80.45 1.24 44.14
N THR D 577 -81.46 0.61 44.75
CA THR D 577 -81.25 -0.15 45.97
C THR D 577 -80.72 -1.56 45.73
N GLY D 578 -80.49 -1.95 44.48
CA GLY D 578 -79.95 -3.24 44.16
C GLY D 578 -80.97 -4.34 43.91
N ASN D 579 -82.26 -4.05 44.08
CA ASN D 579 -83.31 -5.03 43.82
C ASN D 579 -83.50 -5.31 42.34
N ALA D 580 -82.86 -4.55 41.45
CA ALA D 580 -83.04 -4.75 40.02
C ALA D 580 -82.47 -6.08 39.56
N ASN D 581 -81.16 -6.27 39.72
CA ASN D 581 -80.51 -7.48 39.21
C ASN D 581 -81.11 -8.73 39.83
N ALA D 582 -81.38 -8.69 41.14
CA ALA D 582 -81.92 -9.85 41.83
C ALA D 582 -83.22 -10.34 41.22
N MET D 583 -83.89 -9.47 40.46
CA MET D 583 -85.04 -9.91 39.68
C MET D 583 -84.65 -10.29 38.26
N GLN D 584 -83.89 -9.42 37.58
CA GLN D 584 -83.79 -9.50 36.12
C GLN D 584 -83.26 -10.84 35.66
N ASN D 585 -82.19 -11.33 36.30
CA ASN D 585 -81.61 -12.60 35.90
C ASN D 585 -82.68 -13.68 35.78
N GLN D 586 -83.55 -13.77 36.78
CA GLN D 586 -84.58 -14.81 36.78
C GLN D 586 -85.39 -14.79 35.49
N GLN D 587 -85.90 -13.62 35.10
CA GLN D 587 -86.70 -13.59 33.87
C GLN D 587 -85.83 -13.93 32.67
N GLU D 588 -84.60 -13.39 32.64
CA GLU D 588 -83.68 -13.73 31.55
C GLU D 588 -83.41 -15.22 31.53
N GLU D 589 -83.51 -15.87 32.69
CA GLU D 589 -83.34 -17.31 32.74
C GLU D 589 -84.54 -18.04 32.16
N ASN D 590 -85.77 -17.60 32.50
CA ASN D 590 -86.88 -18.54 32.35
C ASN D 590 -87.42 -18.64 30.93
N GLY D 591 -88.16 -17.64 30.47
CA GLY D 591 -88.64 -17.65 29.10
C GLY D 591 -88.93 -16.32 28.47
N SER D 592 -88.65 -15.22 29.18
CA SER D 592 -89.22 -13.93 28.82
C SER D 592 -88.20 -12.93 28.31
N GLU D 593 -86.90 -13.16 28.54
CA GLU D 593 -85.88 -12.24 28.09
C GLU D 593 -84.70 -13.02 27.56
N ILE D 594 -83.92 -12.36 26.71
CA ILE D 594 -82.69 -12.93 26.16
C ILE D 594 -81.57 -11.91 26.34
N SER D 595 -80.34 -12.41 26.35
CA SER D 595 -79.18 -11.57 26.56
C SER D 595 -78.89 -10.74 25.31
N ILE D 596 -77.98 -9.78 25.46
CA ILE D 596 -77.63 -8.90 24.35
C ILE D 596 -76.97 -9.68 23.23
N GLU D 597 -76.04 -10.57 23.57
CA GLU D 597 -75.34 -11.34 22.54
C GLU D 597 -76.26 -12.27 21.78
N LYS D 598 -77.20 -12.94 22.47
CA LYS D 598 -78.15 -13.80 21.78
C LYS D 598 -79.03 -13.01 20.83
N MET D 599 -79.49 -11.84 21.26
CA MET D 599 -80.33 -11.01 20.39
C MET D 599 -79.54 -10.47 19.21
N LYS D 600 -78.26 -10.14 19.43
CA LYS D 600 -77.40 -9.72 18.33
C LYS D 600 -77.26 -10.81 17.29
N ARG D 601 -77.01 -12.04 17.75
CA ARG D 601 -76.87 -13.16 16.82
C ARG D 601 -78.18 -13.44 16.09
N TYR D 602 -79.31 -13.32 16.80
CA TYR D 602 -80.60 -13.50 16.14
C TYR D 602 -80.82 -12.44 15.07
N ILE D 603 -80.46 -11.18 15.38
CA ILE D 603 -80.62 -10.10 14.41
C ILE D 603 -79.79 -10.36 13.16
N THR D 604 -78.53 -10.74 13.34
CA THR D 604 -77.68 -10.96 12.16
C THR D 604 -78.15 -12.17 11.37
N TYR D 605 -78.59 -13.24 12.04
CA TYR D 605 -79.11 -14.41 11.32
C TYR D 605 -80.34 -14.04 10.51
N CYS D 606 -81.27 -13.30 11.12
CA CYS D 606 -82.50 -12.92 10.42
C CYS D 606 -82.19 -12.01 9.23
N ARG D 607 -81.26 -11.07 9.40
CA ARG D 607 -80.96 -10.14 8.32
C ARG D 607 -80.23 -10.83 7.17
N LEU D 608 -79.39 -11.82 7.48
CA LEU D 608 -78.66 -12.53 6.44
C LEU D 608 -79.41 -13.72 5.86
N LYS D 609 -80.56 -14.09 6.43
CA LYS D 609 -81.32 -15.23 5.91
C LYS D 609 -82.61 -14.87 5.20
N CYS D 610 -83.37 -13.89 5.67
CA CYS D 610 -84.73 -13.68 5.20
C CYS D 610 -84.88 -12.31 4.55
N ALA D 611 -85.81 -12.22 3.60
CA ALA D 611 -86.19 -10.96 2.97
C ALA D 611 -87.61 -11.13 2.44
N PRO D 612 -88.62 -10.84 3.26
CA PRO D 612 -89.99 -11.21 2.90
C PRO D 612 -90.55 -10.41 1.74
N ARG D 613 -91.76 -10.79 1.32
CA ARG D 613 -92.46 -10.17 0.22
C ARG D 613 -93.93 -9.99 0.57
N LEU D 614 -94.57 -9.01 -0.05
CA LEU D 614 -95.97 -8.73 0.22
C LEU D 614 -96.88 -9.68 -0.54
N SER D 615 -98.12 -9.77 -0.07
CA SER D 615 -99.21 -10.54 -0.66
C SER D 615 -100.17 -9.60 -1.37
N PRO D 616 -100.96 -10.13 -2.33
CA PRO D 616 -101.90 -9.25 -3.04
C PRO D 616 -102.89 -8.54 -2.14
N GLN D 617 -103.34 -9.18 -1.06
CA GLN D 617 -104.30 -8.55 -0.16
C GLN D 617 -103.65 -7.48 0.69
N ALA D 618 -102.36 -7.65 1.01
CA ALA D 618 -101.65 -6.65 1.80
C ALA D 618 -101.57 -5.33 1.06
N ALA D 619 -101.30 -5.37 -0.25
CA ALA D 619 -101.25 -4.15 -1.05
C ALA D 619 -102.60 -3.45 -1.06
N GLU D 620 -103.68 -4.22 -1.21
CA GLU D 620 -105.02 -3.65 -1.18
C GLU D 620 -105.34 -3.00 0.15
N LYS D 621 -104.94 -3.63 1.26
CA LYS D 621 -105.17 -3.02 2.57
C LYS D 621 -104.31 -1.79 2.79
N LEU D 622 -103.10 -1.75 2.21
CA LEU D 622 -102.23 -0.60 2.41
C LEU D 622 -102.66 0.60 1.58
N SER D 623 -103.16 0.36 0.36
CA SER D 623 -103.55 1.46 -0.50
C SER D 623 -104.69 2.27 0.10
N SER D 624 -105.70 1.59 0.63
CA SER D 624 -106.83 2.26 1.27
C SER D 624 -106.41 3.06 2.49
N ASN D 625 -105.52 2.52 3.33
CA ASN D 625 -104.98 3.27 4.44
C ASN D 625 -104.21 4.50 4.00
N PHE D 626 -103.41 4.39 2.94
CA PHE D 626 -102.74 5.58 2.41
C PHE D 626 -103.74 6.63 1.96
N VAL D 627 -104.78 6.22 1.25
CA VAL D 627 -105.79 7.17 0.79
C VAL D 627 -106.47 7.85 1.98
N THR D 628 -106.78 7.08 3.03
CA THR D 628 -107.44 7.66 4.20
C THR D 628 -106.53 8.67 4.91
N ILE D 629 -105.29 8.27 5.19
CA ILE D 629 -104.39 9.15 5.93
C ILE D 629 -103.98 10.37 5.10
N ARG D 630 -104.07 10.30 3.78
CA ARG D 630 -103.79 11.46 2.95
C ARG D 630 -105.01 12.35 2.77
N LYS D 631 -106.23 11.77 2.80
CA LYS D 631 -107.42 12.59 2.82
C LYS D 631 -107.54 13.39 4.10
N GLN D 632 -107.26 12.78 5.26
CA GLN D 632 -107.43 13.49 6.52
C GLN D 632 -106.60 14.77 6.57
N LEU D 633 -105.39 14.72 6.01
CA LEU D 633 -104.51 15.89 6.01
C LEU D 633 -105.14 17.06 5.28
N LEU D 634 -105.90 16.78 4.21
CA LEU D 634 -106.54 17.86 3.46
C LEU D 634 -107.58 18.59 4.30
N ILE D 635 -108.42 17.85 5.03
CA ILE D 635 -109.39 18.49 5.91
C ILE D 635 -108.70 19.28 7.01
N ASN D 636 -107.65 18.70 7.59
CA ASN D 636 -106.93 19.43 8.65
C ASN D 636 -106.33 20.72 8.12
N GLU D 637 -105.72 20.68 6.94
CA GLU D 637 -105.08 21.88 6.39
C GLU D 637 -106.10 22.92 5.97
N LEU D 638 -107.26 22.47 5.45
CA LEU D 638 -108.31 23.41 5.07
C LEU D 638 -108.93 24.07 6.30
N GLU D 639 -109.07 23.31 7.39
CA GLU D 639 -109.63 23.88 8.61
C GLU D 639 -108.65 24.86 9.26
N SER D 640 -107.37 24.49 9.33
CA SER D 640 -106.41 25.33 10.02
C SER D 640 -105.83 26.40 9.08
N THR D 641 -106.24 26.39 7.81
CA THR D 641 -105.85 27.35 6.77
C THR D 641 -104.34 27.61 6.75
N GLU D 642 -103.55 26.66 7.23
CA GLU D 642 -102.10 26.74 7.17
C GLU D 642 -101.54 25.35 6.90
N ARG D 643 -100.37 25.30 6.25
CA ARG D 643 -99.81 24.02 5.85
C ARG D 643 -99.33 23.24 7.07
N SER D 644 -99.36 21.91 6.94
CA SER D 644 -98.96 21.03 8.01
C SER D 644 -97.44 20.99 8.16
N SER D 645 -96.98 21.02 9.41
CA SER D 645 -95.54 20.95 9.65
C SER D 645 -95.00 19.54 9.44
N ILE D 646 -95.74 18.53 9.88
CA ILE D 646 -95.39 17.14 9.64
C ILE D 646 -96.02 16.70 8.33
N PRO D 647 -95.23 16.37 7.31
CA PRO D 647 -95.79 16.04 6.00
C PRO D 647 -96.10 14.56 5.83
N ILE D 648 -97.07 14.29 4.96
CA ILE D 648 -97.44 12.94 4.56
C ILE D 648 -97.21 12.84 3.05
N THR D 649 -96.36 11.90 2.64
CA THR D 649 -96.02 11.75 1.22
C THR D 649 -95.94 10.28 0.83
N ILE D 650 -95.40 10.00 -0.36
CA ILE D 650 -95.22 8.63 -0.81
C ILE D 650 -94.22 7.91 0.07
N ARG D 651 -93.21 8.62 0.58
CA ARG D 651 -92.28 8.02 1.53
C ARG D 651 -93.00 7.47 2.74
N GLN D 652 -94.15 8.04 3.10
CA GLN D 652 -94.90 7.52 4.25
C GLN D 652 -95.60 6.22 3.91
N LEU D 653 -95.93 5.99 2.63
CA LEU D 653 -96.42 4.68 2.21
C LEU D 653 -95.29 3.66 2.19
N GLU D 654 -94.14 4.05 1.65
CA GLU D 654 -93.00 3.13 1.60
C GLU D 654 -92.53 2.78 3.01
N ALA D 655 -92.67 3.71 3.96
CA ALA D 655 -92.32 3.44 5.34
C ALA D 655 -93.19 2.35 5.93
N ILE D 656 -94.49 2.39 5.65
CA ILE D 656 -95.39 1.37 6.18
C ILE D 656 -95.10 0.03 5.52
N ILE D 657 -94.77 0.04 4.22
CA ILE D 657 -94.35 -1.20 3.56
C ILE D 657 -93.12 -1.78 4.25
N ARG D 658 -92.13 -0.93 4.54
CA ARG D 658 -90.91 -1.38 5.20
C ARG D 658 -91.20 -1.94 6.59
N ILE D 659 -92.09 -1.28 7.33
CA ILE D 659 -92.41 -1.76 8.67
C ILE D 659 -93.12 -3.11 8.60
N THR D 660 -94.01 -3.29 7.63
CA THR D 660 -94.68 -4.57 7.46
C THR D 660 -93.66 -5.68 7.18
N GLU D 661 -92.71 -5.41 6.27
CA GLU D 661 -91.71 -6.43 5.96
C GLU D 661 -90.78 -6.68 7.13
N SER D 662 -90.46 -5.64 7.90
CA SER D 662 -89.64 -5.81 9.09
C SER D 662 -90.35 -6.68 10.13
N LEU D 663 -91.65 -6.48 10.30
CA LEU D 663 -92.43 -7.32 11.21
C LEU D 663 -92.45 -8.76 10.73
N ALA D 664 -92.58 -8.97 9.41
CA ALA D 664 -92.52 -10.33 8.88
C ALA D 664 -91.15 -10.96 9.09
N LYS D 665 -90.09 -10.14 9.09
CA LYS D 665 -88.74 -10.67 9.21
C LYS D 665 -88.50 -11.36 10.53
N LEU D 666 -89.22 -10.95 11.59
CA LEU D 666 -88.97 -11.50 12.92
C LEU D 666 -89.21 -13.00 12.96
N GLU D 667 -90.29 -13.46 12.33
CA GLU D 667 -90.70 -14.85 12.37
C GLU D 667 -90.04 -15.70 11.29
N LEU D 668 -89.12 -15.13 10.52
CA LEU D 668 -88.49 -15.81 9.39
C LEU D 668 -89.52 -16.27 8.36
N SER D 669 -90.64 -15.55 8.28
CA SER D 669 -91.69 -15.87 7.33
C SER D 669 -91.29 -15.41 5.93
N PRO D 670 -91.60 -16.20 4.90
CA PRO D 670 -91.29 -15.81 3.52
C PRO D 670 -92.34 -14.94 2.85
N ILE D 671 -93.38 -14.52 3.55
CA ILE D 671 -94.45 -13.72 2.97
C ILE D 671 -95.06 -12.85 4.06
N ALA D 672 -95.42 -11.61 3.70
CA ALA D 672 -96.06 -10.69 4.64
C ALA D 672 -97.55 -10.67 4.37
N GLN D 673 -98.36 -10.73 5.43
CA GLN D 673 -99.80 -10.86 5.32
C GLN D 673 -100.50 -9.77 6.12
N GLU D 674 -101.83 -9.87 6.19
CA GLU D 674 -102.63 -8.80 6.78
C GLU D 674 -102.39 -8.68 8.28
N ARG D 675 -101.97 -9.78 8.92
CA ARG D 675 -101.65 -9.74 10.34
C ARG D 675 -100.56 -8.72 10.62
N HIS D 676 -99.52 -8.72 9.78
CA HIS D 676 -98.43 -7.75 9.95
C HIS D 676 -98.87 -6.36 9.50
N VAL D 677 -99.74 -6.30 8.50
CA VAL D 677 -100.20 -5.00 7.98
C VAL D 677 -100.96 -4.24 9.05
N ASP D 678 -101.82 -4.93 9.80
CA ASP D 678 -102.56 -4.26 10.86
C ASP D 678 -101.64 -3.65 11.91
N GLU D 679 -100.62 -4.41 12.34
CA GLU D 679 -99.71 -3.90 13.36
C GLU D 679 -98.86 -2.75 12.83
N ALA D 680 -98.43 -2.84 11.57
CA ALA D 680 -97.68 -1.73 10.97
C ALA D 680 -98.54 -0.48 10.90
N ILE D 681 -99.81 -0.62 10.50
CA ILE D 681 -100.71 0.53 10.45
C ILE D 681 -100.90 1.12 11.83
N ARG D 682 -101.08 0.27 12.85
CA ARG D 682 -101.27 0.78 14.20
C ARG D 682 -100.03 1.52 14.69
N LEU D 683 -98.85 1.00 14.40
CA LEU D 683 -97.61 1.69 14.77
C LEU D 683 -97.51 3.04 14.08
N PHE D 684 -97.85 3.10 12.79
CA PHE D 684 -97.81 4.38 12.09
C PHE D 684 -98.79 5.37 12.68
N GLN D 685 -99.99 4.91 13.03
CA GLN D 685 -100.96 5.80 13.67
C GLN D 685 -100.46 6.31 15.01
N ALA D 686 -99.84 5.44 15.80
CA ALA D 686 -99.28 5.86 17.08
C ALA D 686 -98.13 6.83 16.93
N SER D 687 -97.35 6.72 15.85
CA SER D 687 -96.12 7.50 15.73
C SER D 687 -96.40 8.79 14.99
N THR D 688 -96.80 8.74 13.71
CA THR D 688 -96.75 9.94 12.89
C THR D 688 -98.11 10.64 12.79
N MET D 689 -99.19 9.87 12.69
CA MET D 689 -100.52 10.49 12.60
C MET D 689 -100.87 11.18 13.91
N ASP D 690 -100.40 10.64 15.04
CA ASP D 690 -100.62 11.30 16.32
C ASP D 690 -99.89 12.64 16.37
N ALA D 691 -98.65 12.69 15.85
CA ALA D 691 -97.90 13.92 15.84
C ALA D 691 -98.54 14.96 14.90
N ALA D 692 -99.00 14.51 13.74
CA ALA D 692 -99.67 15.42 12.81
C ALA D 692 -100.96 15.95 13.40
N SER D 693 -101.73 15.10 14.05
CA SER D 693 -103.03 15.48 14.60
C SER D 693 -102.83 15.96 16.04
N GLN D 694 -102.26 17.15 16.17
CA GLN D 694 -102.13 17.78 17.48
C GLN D 694 -103.46 18.33 17.99
N ASP D 695 -104.38 18.67 17.09
CA ASP D 695 -105.72 19.13 17.42
C ASP D 695 -105.69 20.30 18.39
N PRO D 696 -105.27 21.49 17.96
CA PRO D 696 -105.26 22.64 18.86
C PRO D 696 -106.66 23.01 19.31
N ILE D 697 -106.83 23.14 20.63
CA ILE D 697 -108.12 23.55 21.18
C ILE D 697 -108.47 24.96 20.73
N GLY D 698 -107.50 25.87 20.81
CA GLY D 698 -107.69 27.23 20.39
C GLY D 698 -106.40 27.95 20.09
N GLY D 699 -106.31 28.61 18.94
CA GLY D 699 -105.11 29.32 18.55
C GLY D 699 -105.34 30.81 18.37
N LEU D 700 -106.60 31.23 18.39
CA LEU D 700 -106.98 32.63 18.23
C LEU D 700 -106.43 33.22 16.93
N ASN D 701 -106.42 32.40 15.88
CA ASN D 701 -105.95 32.82 14.57
C ASN D 701 -107.13 33.18 13.66
N GLN D 702 -106.83 33.43 12.39
CA GLN D 702 -107.88 33.77 11.44
C GLN D 702 -108.85 32.62 11.26
N ALA D 703 -108.35 31.38 11.24
CA ALA D 703 -109.22 30.22 11.17
C ALA D 703 -110.16 30.20 12.36
N SER D 704 -111.45 29.94 12.08
CA SER D 704 -112.50 29.99 13.09
C SER D 704 -112.55 31.36 13.78
N GLY D 705 -112.34 32.43 12.99
CA GLY D 705 -112.37 33.77 13.56
C GLY D 705 -113.73 34.16 14.10
N THR D 706 -114.79 33.89 13.32
CA THR D 706 -116.14 34.09 13.83
C THR D 706 -116.43 33.17 15.00
N SER D 707 -115.83 31.98 14.99
CA SER D 707 -116.04 31.04 16.08
C SER D 707 -115.56 31.59 17.42
N LEU D 708 -114.65 32.58 17.42
CA LEU D 708 -114.19 33.15 18.67
C LEU D 708 -115.34 33.68 19.51
N SER D 709 -116.42 34.12 18.86
CA SER D 709 -117.63 34.53 19.56
C SER D 709 -118.76 33.51 19.40
N GLU D 710 -118.79 32.80 18.28
CA GLU D 710 -119.85 31.83 18.05
C GLU D 710 -119.77 30.67 19.04
N ILE D 711 -118.57 30.35 19.54
CA ILE D 711 -118.44 29.27 20.51
C ILE D 711 -119.18 29.62 21.79
N ARG D 712 -118.92 30.82 22.31
CA ARG D 712 -119.63 31.28 23.51
C ARG D 712 -121.12 31.42 23.23
N ARG D 713 -121.48 31.92 22.05
CA ARG D 713 -122.90 32.06 21.71
C ARG D 713 -123.60 30.71 21.74
N PHE D 714 -123.03 29.71 21.08
CA PHE D 714 -123.64 28.39 21.05
C PHE D 714 -123.64 27.73 22.42
N GLU D 715 -122.58 27.94 23.20
CA GLU D 715 -122.56 27.38 24.56
C GLU D 715 -123.68 27.95 25.40
N GLN D 716 -123.89 29.26 25.33
CA GLN D 716 -124.99 29.87 26.08
C GLN D 716 -126.35 29.39 25.59
N GLU D 717 -126.51 29.29 24.26
CA GLU D 717 -127.78 28.85 23.71
C GLU D 717 -128.08 27.40 24.11
N LEU D 718 -127.06 26.56 24.18
CA LEU D 718 -127.22 25.18 24.59
C LEU D 718 -127.46 25.03 26.09
N LYS D 719 -126.79 25.83 26.91
CA LYS D 719 -126.95 25.73 28.35
C LYS D 719 -128.23 26.39 28.85
N ARG D 720 -128.83 27.30 28.07
CA ARG D 720 -130.14 27.81 28.44
C ARG D 720 -131.28 26.90 27.96
N ARG D 721 -131.06 26.17 26.87
CA ARG D 721 -132.08 25.25 26.39
C ARG D 721 -132.17 24.00 27.26
N LEU D 722 -131.03 23.50 27.72
CA LEU D 722 -130.95 22.21 28.37
C LEU D 722 -130.53 22.35 29.82
N PRO D 723 -131.43 22.13 30.79
CA PRO D 723 -131.02 22.18 32.20
C PRO D 723 -130.02 21.09 32.56
N ILE D 724 -129.61 21.06 33.84
CA ILE D 724 -128.53 20.19 34.29
C ILE D 724 -128.90 18.71 34.19
N GLY D 725 -130.19 18.40 34.05
CA GLY D 725 -130.61 17.04 33.80
C GLY D 725 -131.05 16.88 32.35
N TRP D 726 -131.41 15.64 32.01
CA TRP D 726 -132.05 15.34 30.72
C TRP D 726 -131.05 15.39 29.57
N SER D 727 -131.44 14.90 28.41
CA SER D 727 -130.52 14.75 27.29
C SER D 727 -131.20 15.20 26.00
N THR D 728 -130.40 15.28 24.93
CA THR D 728 -130.85 15.66 23.60
C THR D 728 -130.17 14.73 22.60
N SER D 729 -130.24 15.08 21.32
CA SER D 729 -129.61 14.29 20.27
C SER D 729 -128.86 15.20 19.32
N TYR D 730 -127.83 14.65 18.68
CA TYR D 730 -127.09 15.42 17.68
C TYR D 730 -127.97 15.75 16.49
N GLN D 731 -128.87 14.83 16.13
CA GLN D 731 -129.79 15.08 15.02
C GLN D 731 -130.63 16.33 15.27
N THR D 732 -131.23 16.42 16.46
CA THR D 732 -132.04 17.59 16.78
C THR D 732 -131.19 18.83 16.96
N LEU D 733 -130.09 18.74 17.71
CA LEU D 733 -129.20 19.87 17.91
C LEU D 733 -128.62 20.40 16.60
N ARG D 734 -128.60 19.59 15.55
CA ARG D 734 -128.23 20.06 14.23
C ARG D 734 -129.43 20.66 13.50
N ARG D 735 -130.51 19.89 13.34
CA ARG D 735 -131.61 20.34 12.50
C ARG D 735 -132.21 21.66 13.01
N GLU D 736 -132.54 21.71 14.30
CA GLU D 736 -133.25 22.88 14.82
C GLU D 736 -132.34 24.09 14.94
N PHE D 737 -131.10 23.90 15.39
CA PHE D 737 -130.18 25.02 15.53
C PHE D 737 -129.58 25.45 14.20
N VAL D 738 -129.82 24.69 13.13
CA VAL D 738 -129.33 25.07 11.81
C VAL D 738 -130.45 25.60 10.92
N ASP D 739 -131.72 25.28 11.22
CA ASP D 739 -132.83 25.91 10.51
C ASP D 739 -132.75 27.44 10.61
N THR D 740 -132.20 27.95 11.72
CA THR D 740 -131.95 29.38 11.87
C THR D 740 -130.65 29.83 11.21
N HIS D 741 -129.99 28.95 10.45
CA HIS D 741 -128.80 29.28 9.69
C HIS D 741 -127.64 29.70 10.58
N ARG D 742 -127.45 29.04 11.71
CA ARG D 742 -126.33 29.28 12.59
C ARG D 742 -125.22 28.24 12.44
N PHE D 743 -125.30 27.39 11.42
CA PHE D 743 -124.32 26.31 11.25
C PHE D 743 -122.97 26.88 10.83
N SER D 744 -121.90 26.24 11.31
CA SER D 744 -120.54 26.65 11.01
C SER D 744 -119.68 25.56 10.42
N GLN D 745 -120.17 24.32 10.36
CA GLN D 745 -119.50 23.12 9.88
C GLN D 745 -118.36 22.68 10.81
N LEU D 746 -118.05 23.44 11.86
CA LEU D 746 -116.98 23.10 12.78
C LEU D 746 -117.50 22.82 14.19
N ALA D 747 -118.78 22.53 14.34
CA ALA D 747 -119.37 22.25 15.65
C ALA D 747 -119.12 20.83 16.11
N LEU D 748 -118.47 20.00 15.30
CA LEU D 748 -118.17 18.63 15.71
C LEU D 748 -117.25 18.60 16.91
N ASP D 749 -116.23 19.46 16.92
CA ASP D 749 -115.30 19.53 18.05
C ASP D 749 -115.75 20.48 19.14
N LYS D 750 -116.76 21.31 18.90
CA LYS D 750 -117.27 22.18 19.95
C LYS D 750 -117.92 21.37 21.07
N ALA D 751 -118.65 20.32 20.70
CA ALA D 751 -119.23 19.44 21.71
C ALA D 751 -118.15 18.76 22.54
N LEU D 752 -117.06 18.33 21.88
CA LEU D 752 -115.97 17.70 22.61
C LEU D 752 -115.25 18.71 23.52
N TYR D 753 -115.12 19.95 23.06
CA TYR D 753 -114.51 20.99 23.90
C TYR D 753 -115.38 21.27 25.12
N ALA D 754 -116.70 21.31 24.95
CA ALA D 754 -117.60 21.45 26.09
C ALA D 754 -117.49 20.25 27.01
N LEU D 755 -117.33 19.05 26.43
CA LEU D 755 -117.11 17.85 27.25
C LEU D 755 -115.83 17.96 28.06
N GLU D 756 -114.81 18.63 27.50
CA GLU D 756 -113.53 18.75 28.19
C GLU D 756 -113.67 19.50 29.50
N LYS D 757 -114.72 20.33 29.62
CA LYS D 757 -114.99 21.02 30.87
C LYS D 757 -115.49 20.06 31.94
N HIS D 758 -115.79 18.81 31.57
CA HIS D 758 -116.18 17.73 32.48
C HIS D 758 -117.56 17.96 33.06
N GLU D 759 -118.21 19.04 32.66
CA GLU D 759 -119.55 19.36 33.15
C GLU D 759 -120.57 19.62 32.05
N THR D 760 -120.18 20.27 30.95
CA THR D 760 -121.17 20.73 29.99
C THR D 760 -121.81 19.58 29.22
N ILE D 761 -121.01 18.67 28.68
CA ILE D 761 -121.51 17.68 27.72
C ILE D 761 -120.93 16.31 28.06
N GLN D 762 -121.75 15.28 27.90
CA GLN D 762 -121.31 13.89 27.87
C GLN D 762 -121.96 13.23 26.67
N LEU D 763 -121.26 12.27 26.08
CA LEU D 763 -121.76 11.51 24.94
C LEU D 763 -121.97 10.07 25.36
N ARG D 764 -123.17 9.55 25.12
CA ARG D 764 -123.52 8.19 25.52
C ARG D 764 -124.28 7.51 24.41
N HIS D 765 -124.48 6.20 24.58
CA HIS D 765 -125.30 5.38 23.69
C HIS D 765 -124.77 5.43 22.25
N GLN D 766 -123.53 4.97 22.08
CA GLN D 766 -122.85 4.93 20.79
C GLN D 766 -122.72 6.32 20.17
N GLY D 767 -122.61 7.35 21.01
CA GLY D 767 -122.45 8.71 20.54
C GLY D 767 -123.72 9.40 20.08
N GLN D 768 -124.87 8.73 20.17
CA GLN D 768 -126.13 9.35 19.74
C GLN D 768 -126.64 10.34 20.78
N ASN D 769 -126.49 10.01 22.07
CA ASN D 769 -127.13 10.75 23.14
C ASN D 769 -126.18 11.80 23.71
N ILE D 770 -126.65 13.04 23.83
CA ILE D 770 -125.88 14.14 24.39
C ILE D 770 -126.52 14.50 25.72
N TYR D 771 -125.78 14.30 26.80
CA TYR D 771 -126.28 14.45 28.15
C TYR D 771 -125.64 15.65 28.84
N ARG D 772 -126.46 16.51 29.43
CA ARG D 772 -125.98 17.61 30.25
C ARG D 772 -125.67 17.07 31.64
N SER D 773 -124.41 17.19 32.06
CA SER D 773 -123.95 16.60 33.31
C SER D 773 -123.63 17.60 34.41
N GLY D 774 -123.31 18.85 34.07
CA GLY D 774 -122.95 19.81 35.10
C GLY D 774 -122.96 21.22 34.55
N VAL D 775 -122.55 22.15 35.40
CA VAL D 775 -122.51 23.56 35.03
C VAL D 775 -121.50 23.79 33.91
N LYS E 102 9.96 32.79 19.92
CA LYS E 102 8.71 33.19 19.29
C LYS E 102 8.70 34.69 19.02
N VAL E 103 8.08 35.08 17.90
CA VAL E 103 8.06 36.48 17.52
C VAL E 103 7.12 37.26 18.44
N ASP E 104 7.62 38.37 18.97
CA ASP E 104 6.85 39.25 19.84
C ASP E 104 6.67 40.62 19.20
N ASP E 105 5.73 41.38 19.75
CA ASP E 105 5.41 42.71 19.25
C ASP E 105 5.99 43.78 20.17
N VAL E 106 6.30 44.93 19.59
CA VAL E 106 6.90 46.04 20.30
C VAL E 106 5.88 47.13 20.60
N THR E 107 5.00 47.43 19.64
CA THR E 107 3.94 48.40 19.89
C THR E 107 2.97 47.88 20.95
N GLY E 108 2.67 46.58 20.92
CA GLY E 108 1.78 46.01 21.92
C GLY E 108 2.34 46.16 23.32
N GLU E 109 3.66 45.99 23.48
CA GLU E 109 4.28 46.20 24.78
C GLU E 109 4.14 47.65 25.25
N LYS E 110 4.32 48.61 24.34
CA LYS E 110 4.14 50.01 24.68
C LYS E 110 2.71 50.32 25.10
N VAL E 111 1.72 49.79 24.37
CA VAL E 111 0.33 49.95 24.78
C VAL E 111 0.07 49.30 26.13
N ARG E 112 0.64 48.13 26.38
CA ARG E 112 0.45 47.44 27.66
C ARG E 112 1.00 48.25 28.81
N GLU E 113 2.19 48.83 28.67
CA GLU E 113 2.75 49.62 29.76
C GLU E 113 2.02 50.94 29.91
N ALA E 114 1.57 51.53 28.80
CA ALA E 114 0.82 52.78 28.87
C ALA E 114 -0.51 52.59 29.58
N PHE E 115 -1.19 51.46 29.34
CA PHE E 115 -2.45 51.20 30.03
C PHE E 115 -2.23 51.01 31.52
N GLU E 116 -1.15 50.32 31.90
CA GLU E 116 -0.81 50.16 33.31
C GLU E 116 -0.55 51.51 33.96
N GLN E 117 0.20 52.39 33.27
CA GLN E 117 0.43 53.73 33.80
C GLN E 117 -0.87 54.53 33.92
N PHE E 118 -1.77 54.41 32.94
CA PHE E 118 -3.05 55.10 33.01
C PHE E 118 -3.86 54.62 34.21
N LEU E 119 -3.91 53.31 34.43
CA LEU E 119 -4.64 52.76 35.56
C LEU E 119 -4.04 53.19 36.89
N GLU E 120 -2.71 53.21 36.99
CA GLU E 120 -2.04 53.51 38.24
C GLU E 120 -1.94 55.00 38.55
N ASP E 121 -2.07 55.86 37.55
CA ASP E 121 -1.63 57.23 37.78
C ASP E 121 -2.72 58.29 37.61
N PHE E 122 -3.84 57.96 36.97
CA PHE E 122 -4.83 58.99 36.60
C PHE E 122 -5.24 59.84 37.79
N SER E 123 -5.94 59.23 38.77
CA SER E 123 -6.14 59.81 40.09
C SER E 123 -6.84 61.17 40.10
N VAL E 124 -7.27 61.65 38.94
CA VAL E 124 -7.83 63.00 38.85
C VAL E 124 -9.33 62.96 39.16
N GLN E 125 -9.74 63.80 40.11
CA GLN E 125 -11.16 63.91 40.45
C GLN E 125 -11.60 65.37 40.44
N VAL E 132 -6.29 64.18 44.04
CA VAL E 132 -5.79 62.82 43.99
C VAL E 132 -6.71 61.87 44.74
N GLU E 133 -7.47 61.05 43.99
CA GLU E 133 -8.41 60.12 44.57
C GLU E 133 -8.18 58.68 44.13
N LYS E 134 -7.37 58.47 43.08
CA LYS E 134 -7.16 57.14 42.50
C LYS E 134 -8.49 56.48 42.15
N VAL E 135 -9.18 57.12 41.20
CA VAL E 135 -10.55 56.72 40.88
C VAL E 135 -10.61 55.29 40.37
N TYR E 136 -9.62 54.87 39.58
CA TYR E 136 -9.63 53.51 39.06
C TYR E 136 -9.20 52.52 40.13
N ARG E 137 -8.26 52.92 41.00
CA ARG E 137 -7.97 52.09 42.17
C ARG E 137 -9.16 52.06 43.13
N ALA E 138 -9.92 53.15 43.22
CA ALA E 138 -11.16 53.10 43.99
C ALA E 138 -12.14 52.10 43.37
N GLN E 139 -12.23 52.07 42.04
CA GLN E 139 -13.10 51.10 41.38
C GLN E 139 -12.63 49.67 41.62
N ILE E 140 -11.31 49.45 41.62
CA ILE E 140 -10.81 48.09 41.85
C ILE E 140 -11.06 47.66 43.29
N GLU E 141 -10.98 48.61 44.24
CA GLU E 141 -11.32 48.29 45.62
C GLU E 141 -12.81 47.97 45.74
N PHE E 142 -13.64 48.73 45.04
CA PHE E 142 -15.08 48.47 45.05
C PHE E 142 -15.39 47.10 44.46
N MET E 143 -14.69 46.71 43.39
CA MET E 143 -14.85 45.38 42.83
C MET E 143 -14.40 44.31 43.82
N LYS E 144 -13.29 44.56 44.52
CA LYS E 144 -12.80 43.58 45.49
C LYS E 144 -13.81 43.36 46.60
N ILE E 145 -14.44 44.43 47.09
CA ILE E 145 -15.37 44.30 48.20
C ILE E 145 -16.72 43.74 47.71
N TYR E 146 -17.11 44.05 46.48
CA TYR E 146 -18.40 43.62 45.96
C TYR E 146 -18.32 42.40 45.03
N ASP E 147 -17.11 41.92 44.73
CA ASP E 147 -16.91 40.74 43.89
C ASP E 147 -17.54 40.94 42.50
N LEU E 148 -17.03 41.91 41.77
CA LEU E 148 -17.44 42.19 40.41
C LEU E 148 -16.40 41.69 39.42
N ASN E 149 -16.80 41.56 38.15
CA ASN E 149 -15.97 40.96 37.13
C ASN E 149 -15.77 41.85 35.91
N THR E 150 -16.15 43.12 35.97
CA THR E 150 -15.97 44.03 34.84
C THR E 150 -15.50 45.39 35.34
N ILE E 151 -14.67 46.05 34.53
CA ILE E 151 -14.18 47.39 34.84
C ILE E 151 -14.74 48.35 33.80
N TYR E 152 -14.81 49.63 34.16
CA TYR E 152 -15.31 50.67 33.28
C TYR E 152 -14.23 51.73 33.09
N ILE E 153 -13.89 52.02 31.83
CA ILE E 153 -12.88 53.00 31.48
C ILE E 153 -13.56 54.05 30.60
N ASP E 154 -13.42 55.32 30.98
CA ASP E 154 -14.00 56.41 30.20
C ASP E 154 -13.01 56.86 29.13
N TYR E 155 -13.56 57.22 27.96
CA TYR E 155 -12.70 57.67 26.86
C TYR E 155 -12.15 59.07 27.11
N GLN E 156 -12.98 59.95 27.67
CA GLN E 156 -12.54 61.32 27.94
C GLN E 156 -11.40 61.35 28.94
N HIS E 157 -11.44 60.47 29.94
CA HIS E 157 -10.36 60.35 30.91
C HIS E 157 -9.07 59.96 30.21
N LEU E 158 -9.16 59.02 29.27
CA LEU E 158 -7.99 58.61 28.50
C LEU E 158 -7.64 59.61 27.42
N SER E 159 -8.55 60.55 27.12
CA SER E 159 -8.36 61.47 26.01
C SER E 159 -7.45 62.63 26.38
N MET E 160 -6.93 62.64 27.60
CA MET E 160 -6.03 63.70 28.05
C MET E 160 -4.62 63.22 28.34
N ARG E 161 -4.37 61.91 28.44
CA ARG E 161 -3.02 61.41 28.61
C ARG E 161 -2.41 61.10 27.24
N GLU E 162 -1.15 61.51 27.06
CA GLU E 162 -0.36 61.32 25.84
C GLU E 162 -0.95 62.09 24.66
N ASN E 163 -1.84 63.05 24.90
CA ASN E 163 -2.45 63.86 23.83
C ASN E 163 -3.17 62.98 22.81
N GLY E 164 -3.79 61.91 23.29
CA GLY E 164 -4.53 61.01 22.43
C GLY E 164 -3.68 59.98 21.71
N ALA E 165 -2.37 59.94 21.96
CA ALA E 165 -1.53 58.95 21.31
C ALA E 165 -1.92 57.54 21.72
N LEU E 166 -2.21 57.33 23.01
CA LEU E 166 -2.69 56.03 23.46
C LEU E 166 -4.14 55.80 23.04
N ALA E 167 -4.98 56.84 23.15
CA ALA E 167 -6.39 56.67 22.85
C ALA E 167 -6.62 56.31 21.39
N MET E 168 -5.95 57.01 20.47
CA MET E 168 -6.13 56.71 19.05
C MET E 168 -5.54 55.35 18.69
N ALA E 169 -4.42 54.99 19.31
CA ALA E 169 -3.84 53.68 19.08
C ALA E 169 -4.79 52.57 19.53
N ILE E 170 -5.42 52.74 20.69
CA ILE E 170 -6.39 51.76 21.16
C ILE E 170 -7.60 51.72 20.25
N SER E 171 -8.10 52.89 19.83
CA SER E 171 -9.31 52.95 19.03
C SER E 171 -9.12 52.30 17.67
N GLU E 172 -7.99 52.56 17.01
CA GLU E 172 -7.80 52.09 15.64
C GLU E 172 -7.67 50.57 15.58
N GLN E 173 -6.99 49.97 16.56
CA GLN E 173 -6.64 48.55 16.52
C GLN E 173 -7.02 47.89 17.85
N TYR E 174 -8.27 48.12 18.27
CA TYR E 174 -8.78 47.51 19.49
C TYR E 174 -8.64 46.00 19.48
N TYR E 175 -8.89 45.38 18.33
CA TYR E 175 -8.88 43.92 18.24
C TYR E 175 -7.51 43.34 18.58
N ARG E 176 -6.44 43.94 18.08
CA ARG E 176 -5.10 43.42 18.35
C ARG E 176 -4.52 43.89 19.67
N PHE E 177 -5.06 44.96 20.25
CA PHE E 177 -4.53 45.50 21.49
C PHE E 177 -5.27 45.01 22.73
N LEU E 178 -6.43 44.40 22.58
CA LEU E 178 -7.19 43.91 23.73
C LEU E 178 -6.40 42.87 24.56
N PRO E 179 -5.73 41.89 23.93
CA PRO E 179 -4.94 40.94 24.74
C PRO E 179 -3.88 41.59 25.61
N PHE E 180 -3.25 42.67 25.14
CA PHE E 180 -2.24 43.35 25.95
C PHE E 180 -2.90 44.19 27.04
N LEU E 181 -4.06 44.78 26.76
CA LEU E 181 -4.77 45.52 27.79
C LEU E 181 -5.17 44.61 28.94
N GLN E 182 -5.70 43.42 28.61
CA GLN E 182 -6.04 42.47 29.66
C GLN E 182 -4.80 41.98 30.41
N LYS E 183 -3.68 41.79 29.71
CA LYS E 183 -2.45 41.37 30.37
C LYS E 183 -1.97 42.42 31.35
N GLY E 184 -2.02 43.70 30.98
CA GLY E 184 -1.65 44.76 31.90
C GLY E 184 -2.61 44.86 33.08
N LEU E 185 -3.91 44.69 32.81
CA LEU E 185 -4.89 44.71 33.89
C LEU E 185 -4.62 43.58 34.88
N ARG E 186 -4.20 42.42 34.38
CA ARG E 186 -3.87 41.31 35.28
C ARG E 186 -2.73 41.68 36.22
N ARG E 187 -1.68 42.32 35.70
CA ARG E 187 -0.57 42.74 36.55
C ARG E 187 -1.00 43.78 37.55
N VAL E 188 -1.84 44.73 37.13
CA VAL E 188 -2.32 45.75 38.06
C VAL E 188 -3.12 45.10 39.19
N VAL E 189 -4.01 44.16 38.83
CA VAL E 189 -4.81 43.48 39.84
C VAL E 189 -3.92 42.70 40.80
N ARG E 190 -2.92 41.99 40.26
CA ARG E 190 -2.01 41.23 41.12
C ARG E 190 -1.26 42.15 42.07
N LYS E 191 -0.80 43.31 41.58
CA LYS E 191 -0.03 44.21 42.42
C LYS E 191 -0.88 44.86 43.51
N TYR E 192 -2.12 45.23 43.20
CA TYR E 192 -2.91 46.03 44.12
C TYR E 192 -4.04 45.29 44.81
N ALA E 193 -4.50 44.16 44.26
CA ALA E 193 -5.61 43.42 44.88
C ALA E 193 -5.55 41.97 44.44
N PRO E 194 -4.75 41.15 45.12
CA PRO E 194 -4.65 39.73 44.73
C PRO E 194 -5.95 38.96 44.89
N GLU E 195 -6.86 39.43 45.75
CA GLU E 195 -8.10 38.68 46.00
C GLU E 195 -8.95 38.57 44.74
N LEU E 196 -8.85 39.57 43.84
CA LEU E 196 -9.57 39.54 42.58
C LEU E 196 -8.83 38.74 41.51
N LEU E 197 -7.87 37.91 41.89
CA LEU E 197 -7.12 37.09 40.94
C LEU E 197 -7.69 35.68 40.83
N ASN E 198 -8.54 35.29 41.79
CA ASN E 198 -9.12 33.95 41.78
C ASN E 198 -10.59 34.06 42.16
N THR E 199 -11.35 33.06 41.72
CA THR E 199 -12.78 32.99 41.97
C THR E 199 -13.03 32.27 43.31
N SER E 200 -14.28 31.93 43.58
CA SER E 200 -14.63 31.23 44.81
C SER E 200 -14.05 29.83 44.84
N GLU E 260 -9.86 31.64 38.01
CA GLU E 260 -9.65 33.07 37.80
C GLU E 260 -10.88 33.71 37.16
N ARG E 261 -11.13 34.97 37.51
CA ARG E 261 -12.26 35.71 36.96
C ARG E 261 -11.89 36.22 35.58
N VAL E 262 -12.60 35.76 34.55
CA VAL E 262 -12.41 36.28 33.21
C VAL E 262 -12.90 37.73 33.20
N PHE E 263 -11.97 38.68 33.02
CA PHE E 263 -12.30 40.07 33.19
C PHE E 263 -12.83 40.67 31.89
N GLN E 264 -13.53 41.79 32.03
CA GLN E 264 -14.05 42.53 30.88
C GLN E 264 -13.78 44.00 31.09
N ILE E 265 -13.55 44.71 29.98
CA ILE E 265 -13.29 46.14 29.99
C ILE E 265 -14.41 46.80 29.20
N SER E 266 -15.07 47.79 29.81
CA SER E 266 -16.20 48.47 29.19
C SER E 266 -15.83 49.92 28.93
N PHE E 267 -15.87 50.33 27.66
CA PHE E 267 -15.60 51.69 27.26
C PHE E 267 -16.93 52.40 27.02
N PHE E 268 -16.96 53.71 27.29
CA PHE E 268 -18.13 54.52 27.01
C PHE E 268 -17.72 55.97 26.80
N ASN E 269 -18.72 56.81 26.53
CA ASN E 269 -18.52 58.24 26.33
C ASN E 269 -17.56 58.50 25.17
N LEU E 270 -17.83 57.87 24.03
CA LEU E 270 -17.05 58.16 22.84
C LEU E 270 -17.45 59.52 22.26
N PRO E 271 -16.54 60.19 21.56
CA PRO E 271 -16.85 61.55 21.08
C PRO E 271 -18.01 61.60 20.09
N THR E 272 -17.99 60.74 19.08
CA THR E 272 -19.00 60.77 18.03
C THR E 272 -19.72 59.43 17.95
N VAL E 273 -20.99 59.48 17.54
CA VAL E 273 -21.80 58.30 17.40
C VAL E 273 -22.06 58.06 15.91
N HIS E 274 -22.23 56.79 15.55
CA HIS E 274 -22.48 56.40 14.17
C HIS E 274 -23.89 55.85 14.04
N ARG E 275 -24.43 55.95 12.82
CA ARG E 275 -25.69 55.30 12.49
C ARG E 275 -25.39 53.95 11.83
N ILE E 276 -26.44 53.15 11.66
CA ILE E 276 -26.29 51.82 11.05
C ILE E 276 -25.88 51.90 9.59
N ARG E 277 -26.21 52.99 8.89
CA ARG E 277 -25.90 53.13 7.48
C ARG E 277 -24.51 53.69 7.23
N ASP E 278 -23.72 53.91 8.28
CA ASP E 278 -22.33 54.31 8.15
C ASP E 278 -21.37 53.14 8.34
N ILE E 279 -21.90 51.92 8.39
CA ILE E 279 -21.09 50.74 8.66
C ILE E 279 -20.45 50.29 7.35
N ARG E 280 -19.14 50.50 7.23
CA ARG E 280 -18.37 50.06 6.08
C ARG E 280 -17.27 49.10 6.56
N SER E 281 -16.74 48.34 5.60
CA SER E 281 -15.75 47.31 5.93
C SER E 281 -14.40 47.90 6.33
N GLU E 282 -14.20 49.20 6.13
CA GLU E 282 -12.90 49.81 6.45
C GLU E 282 -12.75 50.16 7.93
N LYS E 283 -13.79 50.00 8.74
CA LYS E 283 -13.71 50.12 10.19
C LYS E 283 -13.71 48.79 10.92
N ILE E 284 -13.54 47.66 10.22
CA ILE E 284 -13.53 46.36 10.85
C ILE E 284 -12.35 46.24 11.81
N GLY E 285 -12.64 45.98 13.08
CA GLY E 285 -11.59 45.88 14.08
C GLY E 285 -11.45 47.10 14.94
N SER E 286 -12.17 48.16 14.60
CA SER E 286 -12.08 49.43 15.32
C SER E 286 -13.12 49.53 16.42
N LEU E 287 -12.87 50.45 17.36
CA LEU E 287 -13.79 50.69 18.47
C LEU E 287 -14.78 51.77 18.08
N LEU E 288 -16.07 51.43 18.12
CA LEU E 288 -17.12 52.33 17.66
C LEU E 288 -18.27 52.35 18.65
N SER E 289 -19.18 53.29 18.46
CA SER E 289 -20.46 53.36 19.16
C SER E 289 -21.57 53.59 18.15
N ILE E 290 -22.67 52.87 18.32
CA ILE E 290 -23.79 52.89 17.40
C ILE E 290 -25.08 53.07 18.20
N SER E 291 -26.15 53.44 17.51
CA SER E 291 -27.45 53.63 18.16
C SER E 291 -28.52 52.96 17.33
N GLY E 292 -29.52 52.38 18.01
CA GLY E 292 -30.60 51.75 17.27
C GLY E 292 -31.70 51.26 18.19
N THR E 293 -32.80 50.83 17.57
CA THR E 293 -33.95 50.32 18.28
C THR E 293 -33.96 48.80 18.24
N VAL E 294 -34.06 48.18 19.42
CA VAL E 294 -34.03 46.73 19.52
C VAL E 294 -35.37 46.16 19.09
N THR E 295 -35.33 45.08 18.31
CA THR E 295 -36.54 44.45 17.82
C THR E 295 -36.61 42.95 18.07
N ARG E 296 -35.57 42.33 18.62
CA ARG E 296 -35.59 40.91 18.92
C ARG E 296 -34.41 40.56 19.81
N THR E 297 -34.65 39.70 20.80
CA THR E 297 -33.61 39.18 21.67
C THR E 297 -33.78 37.68 21.80
N SER E 298 -32.68 36.99 22.10
CA SER E 298 -32.66 35.55 22.20
C SER E 298 -32.35 35.12 23.63
N GLU E 299 -32.25 33.81 23.82
CA GLU E 299 -31.96 33.25 25.14
C GLU E 299 -30.49 33.44 25.50
N VAL E 300 -30.20 33.37 26.80
CA VAL E 300 -28.84 33.48 27.31
C VAL E 300 -28.22 32.09 27.24
N ARG E 301 -27.50 31.81 26.16
CA ARG E 301 -26.88 30.51 25.95
C ARG E 301 -25.45 30.50 26.47
N PRO E 302 -24.94 29.34 26.88
CA PRO E 302 -23.54 29.27 27.31
C PRO E 302 -22.57 29.08 26.17
N GLU E 303 -21.54 29.91 26.10
CA GLU E 303 -20.52 29.86 25.07
C GLU E 303 -19.24 29.25 25.63
N LEU E 304 -18.58 28.43 24.82
CA LEU E 304 -17.36 27.75 25.23
C LEU E 304 -16.18 28.70 25.10
N TYR E 305 -15.49 28.95 26.23
CA TYR E 305 -14.41 29.92 26.29
C TYR E 305 -13.03 29.28 26.35
N LYS E 306 -12.80 28.42 27.35
CA LYS E 306 -11.52 27.74 27.53
C LYS E 306 -11.79 26.24 27.56
N ALA E 307 -11.42 25.55 26.48
CA ALA E 307 -11.76 24.14 26.36
C ALA E 307 -10.71 23.27 27.05
N SER E 308 -11.13 22.07 27.42
CA SER E 308 -10.26 21.08 28.05
C SER E 308 -10.59 19.71 27.47
N PHE E 309 -9.57 18.95 27.11
CA PHE E 309 -9.74 17.64 26.50
C PHE E 309 -8.84 16.61 27.17
N THR E 310 -9.10 15.34 26.86
CA THR E 310 -8.28 14.22 27.32
C THR E 310 -7.98 13.33 26.14
N CYS E 311 -6.70 13.00 25.94
CA CYS E 311 -6.31 12.05 24.90
C CYS E 311 -6.95 10.70 25.19
N ASP E 312 -7.44 10.05 24.13
CA ASP E 312 -8.15 8.79 24.29
C ASP E 312 -7.24 7.70 24.83
N MET E 313 -6.00 7.65 24.34
CA MET E 313 -5.06 6.58 24.70
C MET E 313 -4.18 6.94 25.89
N CYS E 314 -3.50 8.09 25.86
CA CYS E 314 -2.62 8.47 26.95
C CYS E 314 -3.41 8.82 28.20
N ARG E 315 -4.61 9.36 28.04
CA ARG E 315 -5.46 9.98 29.06
C ARG E 315 -4.85 11.31 29.49
N ALA E 316 -3.90 11.86 28.74
CA ALA E 316 -3.31 13.14 29.07
C ALA E 316 -4.33 14.26 28.92
N ILE E 317 -4.16 15.30 29.73
CA ILE E 317 -5.14 16.38 29.83
C ILE E 317 -4.57 17.62 29.16
N VAL E 318 -5.31 18.16 28.20
CA VAL E 318 -4.99 19.46 27.62
C VAL E 318 -6.02 20.47 28.10
N ASP E 319 -5.57 21.72 28.29
CA ASP E 319 -6.44 22.76 28.82
C ASP E 319 -6.15 24.07 28.11
N ASN E 320 -7.13 24.98 28.18
CA ASN E 320 -6.97 26.34 27.67
C ASN E 320 -6.78 26.34 26.15
N VAL E 321 -7.63 25.60 25.45
CA VAL E 321 -7.58 25.53 23.99
C VAL E 321 -8.54 26.59 23.46
N GLU E 322 -7.98 27.68 22.94
CA GLU E 322 -8.80 28.79 22.48
C GLU E 322 -9.64 28.38 21.27
N GLN E 323 -10.85 28.93 21.19
CA GLN E 323 -11.76 28.71 20.08
C GLN E 323 -12.25 30.03 19.54
N SER E 324 -12.23 30.16 18.21
CA SER E 324 -12.60 31.43 17.58
C SER E 324 -14.07 31.45 17.15
N PHE E 325 -14.45 30.56 16.22
CA PHE E 325 -15.79 30.56 15.67
C PHE E 325 -16.37 29.16 15.48
N LYS E 326 -15.62 28.11 15.82
CA LYS E 326 -16.10 26.75 15.64
C LYS E 326 -15.41 25.84 16.66
N TYR E 327 -15.99 24.67 16.86
CA TYR E 327 -15.48 23.68 17.80
C TYR E 327 -14.09 23.23 17.38
N THR E 328 -13.08 23.62 18.14
CA THR E 328 -11.68 23.36 17.81
C THR E 328 -11.08 22.44 18.87
N GLU E 329 -10.61 21.28 18.44
CA GLU E 329 -9.92 20.33 19.30
C GLU E 329 -8.42 20.46 19.08
N PRO E 330 -7.60 20.02 20.05
CA PRO E 330 -6.15 20.12 19.88
C PRO E 330 -5.61 19.17 18.82
N THR E 331 -4.35 19.37 18.42
CA THR E 331 -3.77 18.58 17.35
C THR E 331 -2.67 17.66 17.86
N PHE E 332 -1.55 18.26 18.24
CA PHE E 332 -0.38 17.49 18.60
C PHE E 332 -0.45 17.16 20.03
N CYS E 333 -0.25 15.90 20.34
CA CYS E 333 -0.41 15.45 21.70
C CYS E 333 0.59 15.99 22.67
N PRO E 334 0.29 15.97 23.94
CA PRO E 334 1.07 16.57 25.02
C PRO E 334 2.55 16.21 25.33
N ASN E 335 2.81 15.37 26.32
CA ASN E 335 4.22 15.19 26.69
C ASN E 335 4.97 13.87 26.39
N PRO E 336 4.29 12.91 25.79
CA PRO E 336 4.99 11.64 25.61
C PRO E 336 5.46 11.34 24.20
N SER E 337 5.30 10.05 23.88
CA SER E 337 5.63 9.52 22.60
C SER E 337 4.35 9.35 21.81
N CYS E 338 3.21 9.28 22.50
CA CYS E 338 1.99 9.03 21.76
C CYS E 338 1.68 10.00 20.62
N GLU E 339 1.32 9.38 19.50
CA GLU E 339 0.97 10.03 18.24
C GLU E 339 -0.55 9.97 18.08
N ASN E 340 -1.18 11.13 17.83
CA ASN E 340 -2.63 11.21 17.79
C ASN E 340 -3.02 12.56 17.19
N ARG E 341 -3.88 12.51 16.17
CA ARG E 341 -4.34 13.72 15.50
C ARG E 341 -5.76 14.10 15.87
N ALA E 342 -6.52 13.18 16.46
CA ALA E 342 -7.94 13.38 16.70
C ALA E 342 -8.44 12.48 17.82
N PHE E 343 -9.76 12.30 17.91
CA PHE E 343 -10.39 11.43 18.90
C PHE E 343 -10.10 11.90 20.32
N TRP E 344 -10.59 13.09 20.62
CA TRP E 344 -10.50 13.68 21.94
C TRP E 344 -11.86 13.59 22.63
N THR E 345 -11.89 13.87 23.93
CA THR E 345 -13.13 13.84 24.70
C THR E 345 -13.15 15.11 25.56
N LEU E 346 -14.06 16.02 25.21
CA LEU E 346 -14.21 17.27 25.96
C LEU E 346 -14.58 16.98 27.40
N ASN E 347 -13.87 17.61 28.33
CA ASN E 347 -14.20 17.56 29.75
C ASN E 347 -15.05 18.79 30.05
N VAL E 348 -16.36 18.62 29.91
CA VAL E 348 -17.30 19.73 29.98
C VAL E 348 -17.32 20.34 31.37
N THR E 349 -16.92 19.55 32.38
CA THR E 349 -16.88 20.05 33.75
C THR E 349 -15.71 21.01 33.96
N ARG E 350 -14.54 20.68 33.41
CA ARG E 350 -13.36 21.52 33.63
C ARG E 350 -13.40 22.78 32.77
N SER E 351 -14.08 22.73 31.63
CA SER E 351 -14.07 23.85 30.69
C SER E 351 -14.79 25.06 31.29
N ARG E 352 -14.36 26.24 30.86
CA ARG E 352 -14.98 27.50 31.27
C ARG E 352 -16.01 27.92 30.23
N PHE E 353 -17.14 28.46 30.69
CA PHE E 353 -18.20 28.93 29.81
C PHE E 353 -18.52 30.38 30.11
N LEU E 354 -19.25 31.01 29.18
CA LEU E 354 -19.66 32.40 29.33
C LEU E 354 -21.07 32.57 28.76
N ASP E 355 -21.73 33.63 29.19
CA ASP E 355 -23.07 33.94 28.73
C ASP E 355 -23.03 34.56 27.34
N TRP E 356 -24.02 34.24 26.53
CA TRP E 356 -24.06 34.66 25.13
C TRP E 356 -25.49 35.02 24.75
N GLN E 357 -25.63 36.11 24.00
CA GLN E 357 -26.93 36.60 23.56
C GLN E 357 -26.78 37.31 22.24
N LYS E 358 -27.78 37.14 21.36
CA LYS E 358 -27.83 37.81 20.07
C LYS E 358 -29.09 38.67 20.02
N VAL E 359 -28.92 39.94 19.64
CA VAL E 359 -30.02 40.89 19.55
C VAL E 359 -30.04 41.50 18.15
N ARG E 360 -31.23 41.75 17.64
CA ARG E 360 -31.42 42.36 16.34
C ARG E 360 -31.89 43.81 16.51
N ILE E 361 -31.24 44.73 15.81
CA ILE E 361 -31.58 46.15 15.89
C ILE E 361 -31.82 46.68 14.49
N GLN E 362 -32.54 47.80 14.42
CA GLN E 362 -32.85 48.46 13.16
C GLN E 362 -32.68 49.97 13.34
N GLU E 363 -32.87 50.71 12.25
CA GLU E 363 -32.63 52.14 12.27
C GLU E 363 -33.75 52.88 13.00
N ASN E 364 -33.40 54.05 13.51
CA ASN E 364 -34.35 54.90 14.23
C ASN E 364 -35.36 55.50 13.25
N ALA E 365 -36.45 56.01 13.81
CA ALA E 365 -37.52 56.58 13.00
C ALA E 365 -37.12 57.85 12.26
N ASN E 366 -36.16 58.61 12.77
CA ASN E 366 -35.73 59.84 12.14
C ASN E 366 -34.67 59.61 11.07
N GLU E 367 -33.74 58.69 11.33
CA GLU E 367 -32.71 58.37 10.36
C GLU E 367 -33.27 57.66 9.13
N ILE E 368 -34.47 57.09 9.23
CA ILE E 368 -35.07 56.43 8.07
C ILE E 368 -35.46 57.48 7.04
N PRO E 369 -35.04 57.35 5.78
CA PRO E 369 -35.46 58.30 4.75
C PRO E 369 -36.96 58.28 4.52
N THR E 370 -37.41 59.15 3.61
CA THR E 370 -38.84 59.28 3.33
C THR E 370 -39.43 57.96 2.88
N GLY E 371 -38.75 57.27 1.97
CA GLY E 371 -39.12 55.93 1.55
C GLY E 371 -37.95 54.99 1.69
N SER E 372 -38.08 54.02 2.61
CA SER E 372 -36.95 53.16 2.95
C SER E 372 -37.45 51.87 3.56
N MET E 373 -36.75 50.77 3.26
CA MET E 373 -36.90 49.52 3.98
C MET E 373 -35.79 49.46 5.01
N PRO E 374 -36.09 49.41 6.31
CA PRO E 374 -35.05 49.63 7.33
C PRO E 374 -33.93 48.61 7.25
N ARG E 375 -32.72 49.08 7.48
CA ARG E 375 -31.55 48.22 7.53
C ARG E 375 -31.44 47.57 8.92
N THR E 376 -30.80 46.40 8.97
CA THR E 376 -30.70 45.62 10.20
C THR E 376 -29.24 45.27 10.47
N LEU E 377 -29.01 44.75 11.67
CA LEU E 377 -27.67 44.37 12.11
C LEU E 377 -27.79 43.35 13.22
N ASP E 378 -26.74 42.56 13.40
CA ASP E 378 -26.66 41.56 14.48
C ASP E 378 -25.62 42.01 15.48
N VAL E 379 -26.07 42.29 16.71
CA VAL E 379 -25.21 42.73 17.79
C VAL E 379 -25.08 41.61 18.81
N ILE E 380 -23.84 41.33 19.23
CA ILE E 380 -23.55 40.24 20.15
C ILE E 380 -23.23 40.83 21.52
N LEU E 381 -24.03 40.46 22.51
CA LEU E 381 -23.80 40.81 23.90
C LEU E 381 -23.23 39.59 24.61
N ARG E 382 -22.20 39.80 25.43
CA ARG E 382 -21.51 38.69 26.08
C ARG E 382 -21.11 39.11 27.48
N GLY E 383 -21.12 38.12 28.38
CA GLY E 383 -20.71 38.35 29.76
C GLY E 383 -21.81 38.91 30.64
N ASP E 384 -21.55 40.08 31.23
CA ASP E 384 -22.48 40.71 32.17
C ASP E 384 -23.47 41.62 31.45
N SER E 385 -23.37 41.73 30.13
CA SER E 385 -24.20 42.65 29.35
C SER E 385 -25.47 42.00 28.83
N VAL E 386 -25.77 40.78 29.26
CA VAL E 386 -26.94 40.07 28.76
C VAL E 386 -28.20 40.65 29.38
N GLU E 387 -29.28 40.67 28.60
CA GLU E 387 -30.63 41.08 29.00
C GLU E 387 -30.74 42.56 29.32
N ARG E 388 -29.70 43.35 29.08
CA ARG E 388 -29.76 44.79 29.32
C ARG E 388 -30.43 45.55 28.19
N ALA E 389 -30.74 44.89 27.08
CA ALA E 389 -31.45 45.50 25.96
C ALA E 389 -32.75 44.74 25.76
N LYS E 390 -33.86 45.47 25.83
CA LYS E 390 -35.18 44.87 25.71
C LYS E 390 -35.87 45.32 24.43
N PRO E 391 -36.64 44.44 23.79
CA PRO E 391 -37.25 44.79 22.51
C PRO E 391 -38.17 46.00 22.63
N GLY E 392 -38.16 46.82 21.58
CA GLY E 392 -38.92 48.04 21.52
C GLY E 392 -38.20 49.25 22.08
N ASP E 393 -37.14 49.05 22.85
CA ASP E 393 -36.41 50.16 23.43
C ASP E 393 -35.38 50.69 22.43
N ARG E 394 -34.92 51.91 22.69
CA ARG E 394 -33.88 52.55 21.90
C ARG E 394 -32.60 52.58 22.72
N CYS E 395 -31.55 51.93 22.21
CA CYS E 395 -30.34 51.73 22.97
C CYS E 395 -29.12 52.15 22.16
N LYS E 396 -28.10 52.61 22.87
CA LYS E 396 -26.82 52.96 22.29
C LYS E 396 -25.80 51.91 22.73
N PHE E 397 -25.23 51.22 21.75
CA PHE E 397 -24.25 50.17 21.97
C PHE E 397 -22.87 50.74 21.71
N THR E 398 -21.84 50.14 22.32
CA THR E 398 -20.47 50.46 21.96
C THR E 398 -19.62 49.20 22.03
N GLY E 399 -18.73 49.03 21.05
CA GLY E 399 -17.90 47.85 20.99
C GLY E 399 -16.95 47.84 19.82
N VAL E 400 -16.73 46.67 19.22
CA VAL E 400 -15.81 46.50 18.10
C VAL E 400 -16.58 45.89 16.93
N GLU E 401 -16.33 46.43 15.74
CA GLU E 401 -16.96 45.90 14.53
C GLU E 401 -16.14 44.73 14.00
N ILE E 402 -16.77 43.56 13.90
CA ILE E 402 -16.08 42.34 13.50
C ILE E 402 -16.69 41.81 12.22
N VAL E 403 -16.15 40.70 11.72
CA VAL E 403 -16.68 40.00 10.56
C VAL E 403 -16.77 38.52 10.90
N VAL E 404 -17.85 37.88 10.49
CA VAL E 404 -18.17 36.51 10.88
C VAL E 404 -18.22 35.65 9.63
N PRO E 405 -17.44 34.57 9.55
CA PRO E 405 -17.51 33.69 8.39
C PRO E 405 -18.63 32.67 8.50
N ASP E 406 -18.81 31.92 7.41
CA ASP E 406 -19.77 30.82 7.38
C ASP E 406 -19.05 29.55 7.82
N VAL E 407 -19.35 29.07 9.03
CA VAL E 407 -18.62 27.94 9.58
C VAL E 407 -19.06 26.62 8.99
N THR E 408 -20.25 26.57 8.38
CA THR E 408 -20.76 25.31 7.86
C THR E 408 -19.85 24.71 6.81
N GLN E 409 -19.31 25.55 5.92
CA GLN E 409 -18.37 25.11 4.91
C GLN E 409 -16.93 25.15 5.38
N LEU E 410 -16.70 25.34 6.68
CA LEU E 410 -15.37 25.23 7.27
C LEU E 410 -15.11 23.87 7.87
N GLY E 411 -15.93 22.86 7.52
CA GLY E 411 -15.73 21.52 8.03
C GLY E 411 -16.10 21.34 9.49
N LEU E 412 -17.39 21.48 9.81
CA LEU E 412 -17.82 21.20 11.18
C LEU E 412 -17.77 19.69 11.45
N PRO E 413 -17.40 19.28 12.66
CA PRO E 413 -17.21 17.84 12.93
C PRO E 413 -18.42 16.97 12.62
N GLY E 414 -19.59 17.37 13.14
CA GLY E 414 -20.75 16.52 13.04
C GLY E 414 -21.31 16.46 11.63
N VAL E 415 -22.13 15.42 11.40
CA VAL E 415 -22.85 15.29 10.14
C VAL E 415 -24.13 16.11 10.17
N LYS E 416 -24.49 16.64 11.33
CA LYS E 416 -25.71 17.45 11.46
C LYS E 416 -25.74 18.64 10.50
N PRO E 417 -24.65 19.41 10.29
CA PRO E 417 -24.72 20.50 9.30
C PRO E 417 -25.12 20.02 7.92
N SER E 418 -24.63 18.85 7.52
CA SER E 418 -25.04 18.18 6.28
C SER E 418 -24.82 19.08 5.06
N SER E 419 -23.73 19.85 5.07
CA SER E 419 -23.33 20.69 3.95
C SER E 419 -24.44 21.66 3.55
N THR E 420 -24.76 22.56 4.48
CA THR E 420 -25.68 23.69 4.24
C THR E 420 -27.07 23.20 3.82
N LEU E 421 -27.73 22.46 4.71
CA LEU E 421 -29.13 22.12 4.49
C LEU E 421 -29.98 23.38 4.61
N ASP E 422 -30.94 23.53 3.70
CA ASP E 422 -31.74 24.74 3.62
C ASP E 422 -33.22 24.39 3.50
N THR E 423 -34.05 25.32 3.93
CA THR E 423 -35.51 25.20 3.82
C THR E 423 -36.07 26.22 2.82
N ARG E 424 -35.35 27.30 2.56
CA ARG E 424 -35.81 28.33 1.64
C ARG E 424 -34.78 28.47 0.52
N GLY E 425 -35.20 29.12 -0.56
CA GLY E 425 -34.36 29.31 -1.72
C GLY E 425 -33.51 30.57 -1.59
N ILE E 426 -32.21 30.42 -1.85
CA ILE E 426 -31.30 31.55 -1.77
C ILE E 426 -31.52 32.48 -2.97
N SER E 427 -31.00 33.70 -2.85
CA SER E 427 -31.19 34.70 -3.89
C SER E 427 -30.40 34.32 -5.15
N LYS E 428 -31.09 34.29 -6.28
CA LYS E 428 -30.41 34.03 -7.55
C LYS E 428 -29.63 35.24 -8.01
N THR E 429 -30.05 36.44 -7.61
CA THR E 429 -29.37 37.66 -8.01
C THR E 429 -27.93 37.68 -7.53
N THR E 430 -27.71 37.28 -6.27
CA THR E 430 -26.38 37.23 -5.68
C THR E 430 -25.74 35.85 -5.77
N GLU E 431 -26.16 35.03 -6.74
CA GLU E 431 -25.56 33.71 -6.95
C GLU E 431 -24.35 33.87 -7.86
N GLY E 432 -23.15 33.83 -7.27
CA GLY E 432 -21.93 34.11 -7.97
C GLY E 432 -21.49 35.54 -7.87
N LEU E 433 -22.40 36.46 -7.51
CA LEU E 433 -22.06 37.86 -7.28
C LEU E 433 -21.39 38.09 -5.95
N ASN E 434 -21.77 37.33 -4.92
CA ASN E 434 -21.11 37.41 -3.62
C ASN E 434 -19.73 36.79 -3.72
N SER E 435 -18.70 37.61 -3.57
CA SER E 435 -17.32 37.20 -3.79
C SER E 435 -16.85 36.30 -2.66
N GLY E 436 -16.59 35.04 -2.99
CA GLY E 436 -16.10 34.07 -2.03
C GLY E 436 -14.67 33.68 -2.36
N VAL E 437 -13.85 33.61 -1.33
CA VAL E 437 -12.43 33.29 -1.49
C VAL E 437 -12.23 31.79 -1.42
N THR E 438 -11.31 31.28 -2.22
CA THR E 438 -10.98 29.87 -2.25
C THR E 438 -9.47 29.70 -2.18
N GLY E 439 -9.04 28.44 -2.05
CA GLY E 439 -7.62 28.14 -2.02
C GLY E 439 -7.18 27.44 -0.75
N LEU E 440 -7.77 27.82 0.38
CA LEU E 440 -7.38 27.26 1.68
C LEU E 440 -7.62 25.76 1.72
N ARG E 441 -6.74 25.03 2.41
CA ARG E 441 -6.86 23.57 2.48
C ARG E 441 -8.04 23.13 3.32
N SER E 442 -8.35 23.85 4.40
CA SER E 442 -9.50 23.50 5.23
C SER E 442 -10.79 23.61 4.43
N LEU E 443 -10.92 24.66 3.63
CA LEU E 443 -12.08 24.81 2.76
C LEU E 443 -12.17 23.68 1.75
N GLY E 444 -11.03 23.31 1.16
CA GLY E 444 -11.02 22.39 0.05
C GLY E 444 -11.25 23.13 -1.25
N VAL E 445 -12.23 22.68 -2.03
CA VAL E 445 -12.65 23.41 -3.23
C VAL E 445 -13.80 24.36 -2.93
N ARG E 446 -14.18 24.52 -1.67
CA ARG E 446 -15.31 25.35 -1.28
C ARG E 446 -14.92 26.83 -1.33
N ASP E 447 -15.90 27.70 -1.12
CA ASP E 447 -15.71 29.15 -1.11
C ASP E 447 -16.19 29.71 0.22
N LEU E 448 -15.33 30.46 0.90
CA LEU E 448 -15.69 31.05 2.18
C LEU E 448 -16.31 32.43 1.98
N THR E 449 -17.35 32.71 2.77
CA THR E 449 -18.08 33.97 2.67
C THR E 449 -18.09 34.66 4.03
N TYR E 450 -18.28 35.98 4.01
CA TYR E 450 -18.22 36.81 5.20
C TYR E 450 -19.43 37.75 5.25
N LYS E 451 -19.78 38.16 6.47
CA LYS E 451 -20.81 39.16 6.69
C LYS E 451 -20.44 39.99 7.91
N ILE E 452 -20.93 41.22 7.97
CA ILE E 452 -20.54 42.15 9.02
C ILE E 452 -21.53 42.06 10.18
N SER E 453 -20.99 41.92 11.39
CA SER E 453 -21.78 41.95 12.62
C SER E 453 -21.08 42.87 13.61
N PHE E 454 -21.74 43.12 14.73
CA PHE E 454 -21.21 43.99 15.77
C PHE E 454 -21.06 43.21 17.08
N LEU E 455 -20.00 43.49 17.81
CA LEU E 455 -19.78 42.91 19.13
C LEU E 455 -19.73 44.04 20.15
N ALA E 456 -20.62 44.00 21.13
CA ALA E 456 -20.80 45.12 22.04
C ALA E 456 -20.27 44.79 23.42
N CYS E 457 -19.62 45.78 24.03
CA CYS E 457 -19.08 45.65 25.38
C CYS E 457 -19.77 46.53 26.40
N HIS E 458 -20.58 47.51 25.98
CA HIS E 458 -21.29 48.38 26.89
C HIS E 458 -22.57 48.85 26.22
N VAL E 459 -23.65 48.88 27.01
CA VAL E 459 -25.00 49.17 26.53
C VAL E 459 -25.59 50.27 27.39
N ILE E 460 -26.19 51.27 26.76
CA ILE E 460 -26.93 52.29 27.48
C ILE E 460 -28.24 52.54 26.74
N SER E 461 -29.23 53.11 27.41
CA SER E 461 -30.55 53.34 26.84
C SER E 461 -30.76 54.83 26.63
N ILE E 462 -31.22 55.21 25.44
CA ILE E 462 -31.46 56.60 25.10
C ILE E 462 -32.88 56.82 24.61
N GLY E 463 -33.79 55.89 24.88
CA GLY E 463 -35.16 56.01 24.46
C GLY E 463 -36.02 54.83 24.88
N GLU E 498 -40.95 48.51 47.25
CA GLU E 498 -40.62 47.85 48.52
C GLU E 498 -41.16 48.64 49.70
N ARG E 499 -42.22 48.13 50.31
CA ARG E 499 -42.86 48.79 51.46
C ARG E 499 -42.20 48.32 52.75
N ASP E 500 -40.90 48.60 52.85
CA ASP E 500 -40.13 48.36 54.07
C ASP E 500 -39.45 49.67 54.44
N GLN E 501 -39.72 50.16 55.65
CA GLN E 501 -39.27 51.49 56.04
C GLN E 501 -37.76 51.52 56.26
N GLU E 502 -37.20 50.47 56.89
CA GLU E 502 -35.79 50.48 57.23
C GLU E 502 -34.91 50.55 55.99
N VAL E 503 -35.23 49.76 54.97
CA VAL E 503 -34.43 49.78 53.75
C VAL E 503 -34.65 51.09 53.00
N PHE E 504 -35.85 51.66 53.10
CA PHE E 504 -36.13 52.92 52.42
C PHE E 504 -35.29 54.06 53.01
N LEU E 505 -35.17 54.11 54.34
CA LEU E 505 -34.40 55.18 54.95
C LEU E 505 -32.91 55.08 54.64
N ASN E 506 -32.45 53.91 54.19
CA ASN E 506 -31.02 53.74 53.91
C ASN E 506 -30.60 54.46 52.63
N SER E 507 -31.42 54.38 51.58
CA SER E 507 -31.01 54.88 50.27
C SER E 507 -30.90 56.40 50.27
N LEU E 508 -31.84 57.09 50.92
CA LEU E 508 -31.89 58.54 50.85
C LEU E 508 -30.71 59.18 51.57
N SER E 509 -30.33 60.37 51.12
CA SER E 509 -29.24 61.11 51.74
C SER E 509 -29.71 61.79 53.02
N SER E 510 -28.73 62.28 53.80
CA SER E 510 -29.04 62.89 55.10
C SER E 510 -29.89 64.15 54.94
N ASP E 511 -29.57 64.97 53.94
CA ASP E 511 -30.38 66.17 53.70
C ASP E 511 -31.81 65.79 53.33
N GLU E 512 -31.97 64.80 52.46
CA GLU E 512 -33.30 64.34 52.10
C GLU E 512 -34.04 63.76 53.29
N ILE E 513 -33.34 63.00 54.13
CA ILE E 513 -33.97 62.42 55.32
C ILE E 513 -34.44 63.50 56.27
N ASN E 514 -33.64 64.53 56.51
CA ASN E 514 -34.06 65.62 57.39
C ASN E 514 -35.19 66.43 56.78
N GLU E 515 -35.13 66.69 55.47
CA GLU E 515 -36.20 67.43 54.80
C GLU E 515 -37.53 66.67 54.89
N LEU E 516 -37.49 65.36 54.69
CA LEU E 516 -38.72 64.57 54.77
C LEU E 516 -39.32 64.60 56.17
N LYS E 517 -38.48 64.47 57.20
CA LYS E 517 -39.01 64.45 58.56
C LYS E 517 -39.49 65.83 58.99
N GLU E 518 -38.90 66.90 58.46
CA GLU E 518 -39.44 68.23 58.72
C GLU E 518 -40.74 68.45 57.97
N MET E 519 -40.85 67.87 56.77
CA MET E 519 -42.10 67.92 56.02
C MET E 519 -43.23 67.24 56.77
N VAL E 520 -42.94 66.08 57.36
CA VAL E 520 -43.96 65.31 58.09
C VAL E 520 -44.47 66.09 59.30
N LYS E 521 -43.60 66.84 59.96
CA LYS E 521 -43.91 67.46 61.26
C LYS E 521 -45.12 68.39 61.20
N ASP E 522 -45.17 69.28 60.21
CA ASP E 522 -46.22 70.29 60.15
C ASP E 522 -47.59 69.65 59.99
N GLU E 523 -48.58 70.20 60.70
CA GLU E 523 -49.94 69.67 60.66
C GLU E 523 -50.72 70.11 59.44
N HIS E 524 -50.25 71.12 58.71
CA HIS E 524 -50.95 71.59 57.52
C HIS E 524 -50.62 70.78 56.28
N ILE E 525 -49.74 69.78 56.42
CA ILE E 525 -49.18 69.05 55.30
C ILE E 525 -50.26 68.50 54.37
N TYR E 526 -51.31 67.93 54.96
CA TYR E 526 -52.40 67.38 54.16
C TYR E 526 -52.97 68.45 53.22
N ASP E 527 -53.31 69.61 53.79
CA ASP E 527 -53.89 70.69 52.99
C ASP E 527 -52.92 71.12 51.89
N LYS E 528 -51.62 70.96 52.13
CA LYS E 528 -50.64 71.30 51.10
C LYS E 528 -50.63 70.26 49.99
N LEU E 529 -50.73 68.98 50.35
CA LEU E 529 -50.58 67.91 49.36
C LEU E 529 -51.66 67.98 48.29
N VAL E 530 -52.91 68.24 48.70
CA VAL E 530 -54.02 68.29 47.75
C VAL E 530 -53.82 69.48 46.81
N ARG E 531 -52.98 70.42 47.21
CA ARG E 531 -52.68 71.55 46.34
C ARG E 531 -51.53 71.25 45.39
N SER E 532 -50.67 70.29 45.75
CA SER E 532 -49.52 69.97 44.89
C SER E 532 -49.92 69.09 43.72
N ILE E 533 -51.08 68.43 43.80
CA ILE E 533 -51.52 67.56 42.72
C ILE E 533 -52.02 68.40 41.55
N ALA E 534 -51.46 68.16 40.37
CA ALA E 534 -51.86 68.85 39.15
C ALA E 534 -51.87 70.36 39.31
N PRO E 535 -50.70 71.01 39.45
CA PRO E 535 -50.68 72.46 39.63
C PRO E 535 -50.98 73.25 38.36
N ALA E 536 -51.29 72.59 37.24
CA ALA E 536 -51.52 73.25 35.97
C ALA E 536 -53.00 73.35 35.63
N VAL E 537 -53.87 73.22 36.62
CA VAL E 537 -55.31 73.33 36.41
C VAL E 537 -55.89 74.27 37.46
N PHE E 538 -57.08 74.78 37.18
CA PHE E 538 -57.78 75.72 38.05
C PHE E 538 -59.02 75.06 38.61
N GLY E 539 -59.15 75.08 39.93
CA GLY E 539 -60.32 74.51 40.58
C GLY E 539 -60.23 73.00 40.72
N HIS E 540 -61.37 72.42 41.11
CA HIS E 540 -61.51 70.98 41.30
C HIS E 540 -60.53 70.45 42.34
N GLU E 541 -60.67 70.96 43.57
CA GLU E 541 -59.86 70.47 44.68
C GLU E 541 -60.28 69.08 45.12
N ALA E 542 -61.57 68.75 45.03
CA ALA E 542 -62.03 67.41 45.38
C ALA E 542 -61.42 66.35 44.47
N VAL E 543 -61.29 66.67 43.18
CA VAL E 543 -60.64 65.75 42.25
C VAL E 543 -59.19 65.53 42.65
N LYS E 544 -58.49 66.60 43.05
CA LYS E 544 -57.11 66.46 43.49
C LYS E 544 -57.01 65.57 44.73
N LYS E 545 -57.91 65.78 45.69
CA LYS E 545 -57.90 64.96 46.89
C LYS E 545 -58.17 63.49 46.56
N GLY E 546 -59.13 63.24 45.66
CA GLY E 546 -59.42 61.87 45.27
C GLY E 546 -58.25 61.20 44.57
N ILE E 547 -57.57 61.95 43.69
CA ILE E 547 -56.41 61.40 42.99
C ILE E 547 -55.29 61.10 43.97
N LEU E 548 -55.07 61.97 44.94
CA LEU E 548 -54.04 61.71 45.94
C LEU E 548 -54.37 60.48 46.76
N LEU E 549 -55.63 60.33 47.18
CA LEU E 549 -56.02 59.15 47.93
C LEU E 549 -55.86 57.88 47.10
N GLN E 550 -56.17 57.96 45.80
CA GLN E 550 -55.96 56.82 44.91
C GLN E 550 -54.49 56.45 44.83
N MET E 551 -53.62 57.44 44.69
CA MET E 551 -52.19 57.15 44.55
C MET E 551 -51.61 56.57 45.84
N LEU E 552 -52.07 57.06 47.00
CA LEU E 552 -51.60 56.50 48.26
C LEU E 552 -52.01 55.04 48.41
N GLY E 553 -53.27 54.73 48.10
CA GLY E 553 -53.73 53.36 48.09
C GLY E 553 -54.14 52.86 49.47
N GLY E 554 -54.62 51.61 49.48
CA GLY E 554 -55.04 50.97 50.70
C GLY E 554 -54.30 49.67 50.92
N VAL E 555 -54.50 49.11 52.12
CA VAL E 555 -53.77 47.90 52.49
C VAL E 555 -54.45 46.68 51.90
N HIS E 556 -53.65 45.70 51.49
CA HIS E 556 -54.14 44.45 50.94
C HIS E 556 -53.98 43.34 51.97
N LYS E 557 -55.04 42.58 52.19
CA LYS E 557 -55.07 41.59 53.25
C LYS E 557 -55.47 40.23 52.69
N SER E 558 -54.99 39.17 53.35
CA SER E 558 -55.32 37.81 52.97
C SER E 558 -55.83 37.07 54.20
N THR E 559 -56.96 36.39 54.05
CA THR E 559 -57.57 35.65 55.14
C THR E 559 -56.99 34.24 55.20
N VAL E 560 -57.09 33.61 56.38
CA VAL E 560 -56.56 32.27 56.57
C VAL E 560 -57.21 31.27 55.62
N GLU E 561 -58.45 31.53 55.22
CA GLU E 561 -59.15 30.64 54.29
C GLU E 561 -58.66 30.79 52.86
N GLY E 562 -57.89 31.82 52.56
CA GLY E 562 -57.33 32.01 51.24
C GLY E 562 -58.05 33.00 50.35
N ILE E 563 -59.07 33.70 50.87
CA ILE E 563 -59.74 34.72 50.07
C ILE E 563 -59.02 36.06 50.23
N LYS E 564 -58.87 36.76 49.11
CA LYS E 564 -58.11 38.01 49.04
C LYS E 564 -59.06 39.19 49.16
N LEU E 565 -58.72 40.15 50.01
CA LEU E 565 -59.50 41.37 50.14
C LEU E 565 -58.86 42.51 49.37
N ARG E 566 -59.65 43.17 48.53
CA ARG E 566 -59.17 44.18 47.61
C ARG E 566 -58.63 45.40 48.35
N GLY E 567 -57.63 46.03 47.74
CA GLY E 567 -57.04 47.22 48.31
C GLY E 567 -56.73 48.30 47.29
N ASP E 568 -57.47 48.31 46.19
CA ASP E 568 -57.28 49.27 45.11
C ASP E 568 -58.49 50.17 45.01
N ILE E 569 -58.25 51.46 44.82
CA ILE E 569 -59.32 52.45 44.75
C ILE E 569 -59.59 52.81 43.30
N ASN E 570 -60.85 52.72 42.89
CA ASN E 570 -61.29 53.05 41.53
C ASN E 570 -62.08 54.34 41.57
N ILE E 571 -61.80 55.25 40.64
CA ILE E 571 -62.47 56.55 40.60
C ILE E 571 -63.10 56.76 39.22
N CYS E 572 -64.29 57.36 39.22
CA CYS E 572 -64.96 57.73 37.98
C CYS E 572 -65.30 59.22 38.04
N VAL E 573 -64.90 59.96 37.01
CA VAL E 573 -65.13 61.39 36.93
C VAL E 573 -65.99 61.66 35.69
N VAL E 574 -67.11 62.36 35.89
CA VAL E 574 -68.03 62.66 34.81
C VAL E 574 -68.29 64.16 34.77
N GLY E 575 -68.77 64.61 33.62
CA GLY E 575 -69.08 66.01 33.43
C GLY E 575 -69.25 66.33 31.95
N ASP E 576 -69.75 67.53 31.70
CA ASP E 576 -69.97 68.06 30.36
C ASP E 576 -68.66 68.50 29.74
N PRO E 577 -68.60 68.60 28.41
CA PRO E 577 -67.30 68.81 27.74
C PRO E 577 -66.61 70.10 28.15
N SER E 578 -65.29 70.14 27.92
CA SER E 578 -64.43 71.28 28.20
C SER E 578 -64.36 71.59 29.69
N THR E 579 -64.32 70.57 30.53
CA THR E 579 -64.18 70.72 31.97
C THR E 579 -62.83 70.24 32.48
N SER E 580 -61.84 70.11 31.61
CA SER E 580 -60.49 69.68 31.97
C SER E 580 -60.47 68.30 32.61
N LYS E 581 -61.33 67.40 32.14
CA LYS E 581 -61.32 66.03 32.65
C LYS E 581 -60.15 65.24 32.08
N SER E 582 -59.69 65.59 30.88
CA SER E 582 -58.60 64.89 30.24
C SER E 582 -57.23 65.37 30.65
N GLN E 583 -57.14 66.50 31.36
CA GLN E 583 -55.85 66.96 31.85
C GLN E 583 -55.41 66.15 33.07
N PHE E 584 -56.37 65.74 33.91
CA PHE E 584 -56.05 64.94 35.07
C PHE E 584 -55.48 63.59 34.66
N LEU E 585 -56.04 62.98 33.61
CA LEU E 585 -55.54 61.69 33.14
C LEU E 585 -54.10 61.82 32.66
N LYS E 586 -53.79 62.89 31.91
CA LYS E 586 -52.43 63.10 31.44
C LYS E 586 -51.48 63.35 32.61
N TYR E 587 -51.91 64.12 33.62
CA TYR E 587 -51.06 64.34 34.78
C TYR E 587 -50.76 63.02 35.48
N VAL E 588 -51.77 62.18 35.67
CA VAL E 588 -51.56 60.91 36.34
C VAL E 588 -50.63 60.00 35.53
N VAL E 589 -50.85 59.92 34.22
CA VAL E 589 -50.03 59.02 33.40
C VAL E 589 -48.60 59.54 33.32
N GLY E 590 -48.40 60.85 33.46
CA GLY E 590 -47.05 61.39 33.45
C GLY E 590 -46.36 61.25 34.78
N PHE E 591 -47.13 61.23 35.87
CA PHE E 591 -46.54 61.27 37.21
C PHE E 591 -46.55 59.94 37.93
N ALA E 592 -47.52 59.05 37.63
CA ALA E 592 -47.64 57.79 38.37
C ALA E 592 -46.86 56.69 37.69
N PRO E 593 -45.99 55.99 38.41
CA PRO E 593 -45.24 54.88 37.80
C PRO E 593 -46.15 53.73 37.40
N ARG E 594 -45.75 53.00 36.36
CA ARG E 594 -46.44 51.81 35.88
C ARG E 594 -47.90 52.09 35.53
N SER E 595 -48.15 53.29 35.01
CA SER E 595 -49.49 53.70 34.63
C SER E 595 -49.62 53.71 33.11
N VAL E 596 -50.81 53.40 32.61
CA VAL E 596 -51.06 53.37 31.18
C VAL E 596 -52.28 54.22 30.88
N TYR E 597 -52.36 54.66 29.62
CA TYR E 597 -53.45 55.49 29.13
C TYR E 597 -54.14 54.75 27.99
N THR E 598 -55.47 54.79 27.98
CA THR E 598 -56.22 54.13 26.93
C THR E 598 -57.59 54.76 26.81
N SER E 599 -58.25 54.47 25.68
CA SER E 599 -59.59 54.96 25.42
C SER E 599 -60.59 53.81 25.46
N GLY E 600 -61.87 54.15 25.35
CA GLY E 600 -62.92 53.15 25.36
C GLY E 600 -62.80 52.15 24.23
N LYS E 601 -62.94 52.62 23.00
CA LYS E 601 -62.79 51.74 21.85
C LYS E 601 -61.30 51.61 21.51
N ALA E 602 -60.85 50.36 21.34
CA ALA E 602 -59.44 50.07 21.10
C ALA E 602 -59.27 49.35 19.76
N SER E 603 -58.23 49.75 19.02
CA SER E 603 -57.99 49.14 17.72
C SER E 603 -57.37 47.76 17.85
N SER E 604 -56.65 47.49 18.94
CA SER E 604 -55.97 46.22 19.12
C SER E 604 -56.97 45.09 19.31
N ALA E 605 -56.55 43.88 18.92
CA ALA E 605 -57.39 42.70 19.13
C ALA E 605 -57.60 42.44 20.62
N ALA E 606 -56.55 42.56 21.42
CA ALA E 606 -56.66 42.53 22.88
C ALA E 606 -57.00 43.94 23.32
N GLY E 607 -58.28 44.31 23.17
CA GLY E 607 -58.67 45.69 23.37
C GLY E 607 -58.38 46.20 24.78
N LEU E 608 -58.89 45.48 25.79
CA LEU E 608 -58.68 45.94 27.16
C LEU E 608 -58.34 44.81 28.13
N THR E 609 -58.57 43.54 27.78
CA THR E 609 -58.25 42.48 28.74
C THR E 609 -57.14 41.55 28.25
N ALA E 610 -57.36 40.89 27.11
CA ALA E 610 -56.43 39.88 26.62
C ALA E 610 -56.92 39.33 25.29
N ALA E 611 -56.00 38.71 24.56
CA ALA E 611 -56.32 37.98 23.34
C ALA E 611 -55.35 36.83 23.19
N VAL E 612 -55.77 35.82 22.43
CA VAL E 612 -54.97 34.61 22.21
C VAL E 612 -54.51 34.64 20.76
N VAL E 613 -53.20 34.62 20.55
CA VAL E 613 -52.60 34.71 19.22
C VAL E 613 -51.54 33.61 19.10
N ARG E 614 -51.45 33.03 17.91
CA ARG E 614 -50.45 32.01 17.65
C ARG E 614 -49.05 32.62 17.61
N ASP E 615 -48.05 31.78 17.92
CA ASP E 615 -46.68 32.25 17.98
C ASP E 615 -46.18 32.67 16.61
N GLU E 616 -45.45 33.78 16.56
CA GLU E 616 -44.87 34.24 15.31
C GLU E 616 -43.66 33.40 14.91
N GLU E 617 -42.92 32.89 15.91
CA GLU E 617 -41.72 32.10 15.65
C GLU E 617 -41.69 30.82 16.47
N GLY E 618 -42.86 30.34 16.93
CA GLY E 618 -42.92 29.13 17.72
C GLY E 618 -44.12 28.29 17.32
N GLY E 619 -44.24 27.14 17.98
CA GLY E 619 -45.33 26.22 17.71
C GLY E 619 -46.31 26.11 18.86
N ASP E 620 -46.65 27.25 19.47
CA ASP E 620 -47.51 27.26 20.64
C ASP E 620 -48.43 28.48 20.54
N TYR E 621 -49.45 28.51 21.39
CA TYR E 621 -50.36 29.65 21.50
C TYR E 621 -49.86 30.55 22.62
N THR E 622 -49.74 31.84 22.34
CA THR E 622 -49.33 32.79 23.36
C THR E 622 -50.51 33.70 23.70
N ILE E 623 -50.29 34.65 24.62
CA ILE E 623 -51.34 35.55 25.08
C ILE E 623 -50.81 36.98 24.96
N GLU E 624 -51.57 37.83 24.27
CA GLU E 624 -51.22 39.24 24.20
C GLU E 624 -51.74 39.98 25.43
N ALA E 625 -51.29 41.22 25.59
CA ALA E 625 -51.57 42.02 26.76
C ALA E 625 -52.50 43.18 26.41
N GLY E 626 -53.59 43.31 27.14
CA GLY E 626 -54.44 44.48 27.04
C GLY E 626 -53.98 45.59 27.94
N ALA E 627 -54.71 46.70 27.90
CA ALA E 627 -54.34 47.85 28.72
C ALA E 627 -54.45 47.54 30.20
N LEU E 628 -55.44 46.71 30.58
CA LEU E 628 -55.58 46.34 31.99
C LEU E 628 -54.40 45.49 32.45
N MET E 629 -53.92 44.58 31.59
CA MET E 629 -52.81 43.72 31.96
C MET E 629 -51.51 44.49 32.06
N LEU E 630 -51.30 45.48 31.20
CA LEU E 630 -50.06 46.23 31.16
C LEU E 630 -49.96 47.23 32.29
N ALA E 631 -50.92 47.18 33.23
CA ALA E 631 -50.94 48.14 34.33
C ALA E 631 -50.91 47.46 35.69
N ASP E 632 -50.40 46.23 35.78
CA ASP E 632 -50.34 45.54 37.06
C ASP E 632 -49.55 46.36 38.06
N ASN E 633 -50.12 46.50 39.26
CA ASN E 633 -49.56 47.38 40.29
C ASN E 633 -49.40 48.80 39.75
N GLY E 634 -50.40 49.28 39.02
CA GLY E 634 -50.36 50.61 38.44
C GLY E 634 -51.74 51.12 38.15
N ILE E 635 -51.80 52.35 37.66
CA ILE E 635 -53.07 53.00 37.37
C ILE E 635 -53.35 52.92 35.87
N CYS E 636 -54.58 52.55 35.52
CA CYS E 636 -55.04 52.56 34.14
C CYS E 636 -56.01 53.72 33.97
N CYS E 637 -55.71 54.63 33.04
CA CYS E 637 -56.51 55.82 32.80
C CYS E 637 -57.36 55.57 31.56
N ILE E 638 -58.66 55.37 31.76
CA ILE E 638 -59.60 55.08 30.68
C ILE E 638 -60.35 56.36 30.33
N ASP E 639 -60.34 56.70 29.04
CA ASP E 639 -61.05 57.85 28.53
C ASP E 639 -62.14 57.41 27.57
N GLU E 640 -63.20 58.21 27.48
CA GLU E 640 -64.37 57.88 26.67
C GLU E 640 -64.94 56.53 27.08
N PHE E 641 -65.20 56.39 28.38
CA PHE E 641 -65.60 55.14 29.00
C PHE E 641 -67.00 54.70 28.60
N ASP E 642 -67.78 55.56 27.94
CA ASP E 642 -69.15 55.22 27.58
C ASP E 642 -69.22 54.20 26.46
N LYS E 643 -68.37 54.36 25.45
CA LYS E 643 -68.50 53.62 24.19
C LYS E 643 -67.80 52.27 24.22
N MET E 644 -67.62 51.67 25.39
CA MET E 644 -67.00 50.35 25.47
C MET E 644 -67.93 49.28 24.87
N ASP E 645 -67.33 48.19 24.41
CA ASP E 645 -68.06 47.06 23.88
C ASP E 645 -68.58 46.19 25.02
N ILE E 646 -69.76 45.60 24.80
CA ILE E 646 -70.43 44.83 25.86
C ILE E 646 -69.58 43.63 26.28
N SER E 647 -68.93 42.97 25.31
CA SER E 647 -68.05 41.85 25.63
C SER E 647 -66.86 42.27 26.48
N ASP E 648 -66.56 43.57 26.55
CA ASP E 648 -65.55 44.10 27.45
C ASP E 648 -66.14 44.56 28.78
N GLN E 649 -67.35 45.10 28.79
CA GLN E 649 -68.01 45.44 30.05
C GLN E 649 -68.24 44.19 30.89
N VAL E 650 -68.66 43.09 30.25
CA VAL E 650 -68.82 41.84 30.99
C VAL E 650 -67.46 41.29 31.42
N ALA E 651 -66.41 41.56 30.63
CA ALA E 651 -65.09 41.05 30.98
C ALA E 651 -64.51 41.77 32.18
N ILE E 652 -64.79 43.06 32.33
CA ILE E 652 -64.22 43.85 33.41
C ILE E 652 -64.94 43.52 34.72
N HIS E 653 -66.04 42.76 34.64
CA HIS E 653 -66.74 42.32 35.83
C HIS E 653 -65.87 41.49 36.77
N GLU E 654 -64.79 40.89 36.26
CA GLU E 654 -63.86 40.12 37.07
C GLU E 654 -62.65 40.91 37.50
N ALA E 655 -62.16 41.83 36.65
CA ALA E 655 -60.92 42.54 36.95
C ALA E 655 -61.11 43.56 38.08
N MET E 656 -62.28 44.19 38.15
CA MET E 656 -62.48 45.22 39.17
C MET E 656 -62.54 44.63 40.58
N GLU E 657 -63.10 43.42 40.73
CA GLU E 657 -63.30 42.87 42.06
C GLU E 657 -62.32 41.76 42.40
N GLN E 658 -62.23 40.71 41.59
CA GLN E 658 -61.29 39.62 41.83
C GLN E 658 -59.89 39.90 41.30
N GLN E 659 -59.74 40.95 40.49
CA GLN E 659 -58.43 41.37 39.97
C GLN E 659 -57.72 40.25 39.21
N THR E 660 -58.51 39.48 38.45
CA THR E 660 -57.98 38.42 37.62
C THR E 660 -58.74 38.38 36.31
N ILE E 661 -58.13 37.77 35.30
CA ILE E 661 -58.78 37.47 34.03
C ILE E 661 -58.59 36.00 33.74
N SER E 662 -59.71 35.30 33.48
CA SER E 662 -59.70 33.85 33.30
C SER E 662 -60.31 33.53 31.94
N ILE E 663 -59.50 32.99 31.04
CA ILE E 663 -59.93 32.64 29.69
C ILE E 663 -59.77 31.14 29.48
N ALA E 664 -60.62 30.57 28.64
CA ALA E 664 -60.51 29.16 28.29
C ALA E 664 -61.02 28.92 26.87
N LYS E 665 -60.11 28.93 25.90
CA LYS E 665 -60.45 28.72 24.50
C LYS E 665 -59.68 27.51 23.96
N ALA E 666 -59.72 27.31 22.64
CA ALA E 666 -59.16 26.10 22.06
C ALA E 666 -57.66 25.98 22.32
N GLY E 667 -56.94 27.10 22.22
CA GLY E 667 -55.50 27.03 22.36
C GLY E 667 -55.05 26.89 23.81
N ILE E 668 -55.33 27.91 24.63
CA ILE E 668 -54.71 28.02 25.94
C ILE E 668 -55.77 28.23 27.02
N HIS E 669 -55.46 27.82 28.25
CA HIS E 669 -56.29 28.12 29.41
C HIS E 669 -55.38 28.72 30.48
N ALA E 670 -55.78 29.86 31.04
CA ALA E 670 -54.94 30.53 32.01
C ALA E 670 -55.79 31.44 32.89
N THR E 671 -55.25 31.79 34.04
CA THR E 671 -55.83 32.77 34.96
C THR E 671 -54.84 33.92 35.08
N LEU E 672 -55.09 34.98 34.32
CA LEU E 672 -54.15 36.10 34.23
C LEU E 672 -54.29 36.98 35.47
N ASN E 673 -53.45 38.02 35.55
CA ASN E 673 -53.42 38.89 36.72
C ASN E 673 -53.57 40.34 36.28
N ALA E 674 -54.58 41.02 36.86
CA ALA E 674 -54.78 42.44 36.66
C ALA E 674 -55.07 43.09 38.02
N ARG E 675 -54.01 43.43 38.74
CA ARG E 675 -54.13 44.13 40.03
C ARG E 675 -53.89 45.62 39.82
N THR E 676 -54.82 46.24 39.10
CA THR E 676 -54.70 47.61 38.66
C THR E 676 -55.86 48.46 39.18
N SER E 677 -55.55 49.69 39.57
CA SER E 677 -56.57 50.68 39.85
C SER E 677 -57.02 51.33 38.54
N ILE E 678 -58.26 51.82 38.55
CA ILE E 678 -58.89 52.37 37.35
C ILE E 678 -59.32 53.80 37.64
N LEU E 679 -58.90 54.73 36.77
CA LEU E 679 -59.39 56.09 36.78
C LEU E 679 -60.09 56.33 35.45
N ALA E 680 -61.41 56.51 35.50
CA ALA E 680 -62.21 56.55 34.29
C ALA E 680 -62.84 57.92 34.11
N ALA E 681 -62.97 58.32 32.85
CA ALA E 681 -63.63 59.57 32.49
C ALA E 681 -64.80 59.26 31.57
N ALA E 682 -65.96 59.84 31.87
CA ALA E 682 -67.17 59.53 31.13
C ALA E 682 -67.98 60.80 30.92
N ASN E 683 -68.79 60.79 29.86
CA ASN E 683 -69.69 61.89 29.55
C ASN E 683 -71.14 61.49 29.82
N PRO E 684 -71.97 62.45 30.22
CA PRO E 684 -73.40 62.14 30.42
C PRO E 684 -74.08 61.78 29.11
N VAL E 685 -75.08 60.93 29.23
CA VAL E 685 -75.88 60.52 28.08
C VAL E 685 -76.78 61.68 27.67
N GLY E 686 -76.79 61.99 26.38
CA GLY E 686 -77.54 63.12 25.87
C GLY E 686 -76.73 64.38 25.65
N GLY E 687 -75.48 64.40 26.09
CA GLY E 687 -74.61 65.53 25.82
C GLY E 687 -74.35 66.43 27.01
N ARG E 688 -75.38 66.69 27.82
CA ARG E 688 -75.25 67.63 28.92
C ARG E 688 -75.86 67.05 30.19
N TYR E 689 -75.26 67.42 31.32
CA TYR E 689 -75.78 67.04 32.62
C TYR E 689 -77.12 67.72 32.89
N ASN E 690 -78.02 67.00 33.53
CA ASN E 690 -79.28 67.56 34.00
C ASN E 690 -79.24 67.62 35.52
N ARG E 691 -79.48 68.80 36.08
CA ARG E 691 -79.31 69.03 37.50
C ARG E 691 -80.49 68.58 38.34
N LYS E 692 -81.40 67.77 37.79
CA LYS E 692 -82.48 67.19 38.57
C LYS E 692 -82.57 65.67 38.43
N LEU E 693 -81.93 65.09 37.42
CA LEU E 693 -81.81 63.64 37.33
C LEU E 693 -80.61 63.16 38.13
N SER E 694 -80.68 61.91 38.58
CA SER E 694 -79.61 61.33 39.38
C SER E 694 -78.44 60.91 38.51
N LEU E 695 -77.41 60.35 39.15
CA LEU E 695 -76.27 59.82 38.41
C LEU E 695 -76.69 58.65 37.53
N ARG E 696 -77.63 57.84 38.01
CA ARG E 696 -78.01 56.62 37.29
C ARG E 696 -78.67 56.93 35.96
N GLY E 697 -79.67 57.81 35.96
CA GLY E 697 -80.43 58.11 34.76
C GLY E 697 -79.59 58.80 33.72
N ASN E 698 -78.72 59.70 34.16
CA ASN E 698 -77.87 60.44 33.23
C ASN E 698 -76.75 59.55 32.69
N LEU E 699 -76.20 58.68 33.51
CA LEU E 699 -75.19 57.73 33.08
C LEU E 699 -75.84 56.50 32.45
N ASN E 700 -75.00 55.64 31.89
CA ASN E 700 -75.48 54.47 31.17
C ASN E 700 -75.02 53.16 31.81
N MET E 701 -74.09 53.21 32.78
CA MET E 701 -73.57 52.00 33.40
C MET E 701 -74.65 51.26 34.17
N THR E 702 -74.51 49.95 34.27
CA THR E 702 -75.44 49.12 35.04
C THR E 702 -75.03 49.07 36.50
N ALA E 703 -75.97 48.67 37.36
CA ALA E 703 -75.72 48.61 38.78
C ALA E 703 -74.55 47.72 39.17
N PRO E 704 -74.34 46.54 38.57
CA PRO E 704 -73.09 45.82 38.84
C PRO E 704 -71.84 46.67 38.68
N ILE E 705 -71.64 47.28 37.50
CA ILE E 705 -70.44 48.08 37.27
C ILE E 705 -70.41 49.35 38.10
N MET E 706 -71.55 50.01 38.29
CA MET E 706 -71.61 51.25 39.05
C MET E 706 -71.26 51.07 40.51
N SER E 707 -71.56 49.91 41.10
CA SER E 707 -71.28 49.68 42.51
C SER E 707 -69.83 49.34 42.80
N ARG E 708 -69.02 49.11 41.76
CA ARG E 708 -67.61 48.77 41.93
C ARG E 708 -66.70 49.99 41.89
N PHE E 709 -67.25 51.19 41.74
CA PHE E 709 -66.45 52.40 41.72
C PHE E 709 -66.46 53.05 43.09
N ASP E 710 -65.27 53.24 43.67
CA ASP E 710 -65.17 53.75 45.03
C ASP E 710 -65.67 55.19 45.12
N LEU E 711 -65.31 56.03 44.15
CA LEU E 711 -65.69 57.44 44.19
C LEU E 711 -66.25 57.89 42.85
N PHE E 712 -67.32 58.66 42.91
CA PHE E 712 -67.90 59.34 41.76
C PHE E 712 -67.71 60.84 41.93
N PHE E 713 -67.17 61.50 40.91
CA PHE E 713 -66.96 62.93 40.95
C PHE E 713 -67.61 63.58 39.73
N VAL E 714 -68.65 64.38 39.99
CA VAL E 714 -69.37 65.11 38.95
C VAL E 714 -68.84 66.53 38.95
N ILE E 715 -68.23 66.95 37.85
CA ILE E 715 -67.67 68.28 37.73
C ILE E 715 -68.48 69.06 36.69
N LEU E 716 -68.95 70.24 37.08
CA LEU E 716 -69.87 71.04 36.28
C LEU E 716 -69.31 72.44 36.13
N ASP E 717 -69.33 72.95 34.90
CA ASP E 717 -68.98 74.34 34.66
C ASP E 717 -70.25 75.19 34.52
N ASP E 718 -70.11 76.47 34.83
CA ASP E 718 -71.23 77.40 34.78
C ASP E 718 -70.83 78.64 34.00
N CYS E 719 -71.78 79.18 33.24
CA CYS E 719 -71.54 80.32 32.37
C CYS E 719 -72.00 81.59 33.08
N ASN E 720 -71.09 82.22 33.81
CA ASN E 720 -71.34 83.51 34.45
C ASN E 720 -70.20 84.45 34.07
N GLU E 721 -70.47 85.76 34.14
CA GLU E 721 -69.55 86.76 33.62
C GLU E 721 -68.20 86.77 34.32
N LYS E 722 -68.15 86.38 35.60
CA LYS E 722 -66.94 86.59 36.37
C LYS E 722 -66.00 85.38 36.37
N ILE E 723 -66.53 84.18 36.54
CA ILE E 723 -65.67 82.99 36.62
C ILE E 723 -64.97 82.75 35.29
N ASP E 724 -65.66 83.03 34.18
CA ASP E 724 -65.06 82.86 32.87
C ASP E 724 -63.85 83.75 32.70
N THR E 725 -63.91 84.99 33.22
CA THR E 725 -62.75 85.87 33.18
C THR E 725 -61.57 85.28 33.92
N GLU E 726 -61.80 84.72 35.12
CA GLU E 726 -60.72 84.13 35.89
C GLU E 726 -60.12 82.93 35.17
N LEU E 727 -60.99 82.07 34.60
CA LEU E 727 -60.49 80.89 33.90
C LEU E 727 -59.67 81.29 32.68
N ALA E 728 -60.16 82.24 31.89
CA ALA E 728 -59.42 82.68 30.72
C ALA E 728 -58.10 83.31 31.12
N SER E 729 -58.11 84.15 32.16
CA SER E 729 -56.88 84.79 32.60
C SER E 729 -55.86 83.74 33.06
N HIS E 730 -56.31 82.75 33.83
CA HIS E 730 -55.40 81.71 34.30
C HIS E 730 -54.82 80.92 33.14
N ILE E 731 -55.66 80.53 32.18
CA ILE E 731 -55.18 79.70 31.08
C ILE E 731 -54.25 80.50 30.18
N VAL E 732 -54.40 81.83 30.16
CA VAL E 732 -53.55 82.63 29.28
C VAL E 732 -52.33 83.21 29.98
N ASP E 733 -52.24 83.11 31.32
CA ASP E 733 -50.98 83.46 31.98
C ASP E 733 -49.85 82.55 31.52
N LEU E 734 -50.19 81.32 31.11
CA LEU E 734 -49.22 80.48 30.43
C LEU E 734 -48.97 81.02 29.02
N HIS E 735 -48.04 80.37 28.32
CA HIS E 735 -47.67 80.68 26.95
C HIS E 735 -46.87 81.98 26.85
N MET E 736 -46.72 82.71 27.96
CA MET E 736 -45.71 83.76 28.01
C MET E 736 -44.56 83.38 28.95
N LYS E 737 -44.89 82.93 30.15
CA LYS E 737 -43.89 82.43 31.09
C LYS E 737 -44.24 80.98 31.41
N ARG E 738 -43.41 80.05 30.91
CA ARG E 738 -43.76 78.64 30.95
C ARG E 738 -43.60 78.06 32.35
N ASP E 739 -42.77 78.68 33.19
CA ASP E 739 -42.44 78.13 34.50
C ASP E 739 -42.97 78.94 35.68
N GLU E 740 -42.99 80.27 35.57
CA GLU E 740 -43.39 81.10 36.70
C GLU E 740 -44.90 81.27 36.81
N ALA E 741 -45.68 80.70 35.89
CA ALA E 741 -47.13 80.86 35.94
C ALA E 741 -47.74 80.15 37.14
N ILE E 742 -47.18 78.99 37.51
CA ILE E 742 -47.75 78.14 38.55
C ILE E 742 -46.71 77.95 39.64
N GLU E 743 -47.17 77.97 40.90
CA GLU E 743 -46.30 77.84 42.06
C GLU E 743 -46.96 76.95 43.10
N PRO E 744 -46.59 75.67 43.15
CA PRO E 744 -47.15 74.77 44.16
C PRO E 744 -46.28 74.74 45.40
N PRO E 745 -46.83 74.31 46.54
CA PRO E 745 -46.01 74.21 47.76
C PRO E 745 -44.86 73.23 47.63
N PHE E 746 -45.03 72.15 46.88
CA PHE E 746 -44.01 71.14 46.71
C PHE E 746 -43.81 70.82 45.23
N SER E 747 -42.56 70.58 44.86
CA SER E 747 -42.25 70.20 43.49
C SER E 747 -42.66 68.75 43.23
N ALA E 748 -42.47 68.32 41.99
CA ALA E 748 -42.83 66.96 41.61
C ALA E 748 -42.01 65.93 42.38
N GLU E 749 -40.72 66.18 42.54
CA GLU E 749 -39.85 65.20 43.17
C GLU E 749 -40.14 65.04 44.65
N GLN E 750 -40.42 66.14 45.36
CA GLN E 750 -40.74 66.04 46.78
C GLN E 750 -42.02 65.26 46.99
N LEU E 751 -43.05 65.51 46.16
CA LEU E 751 -44.29 64.75 46.26
C LEU E 751 -44.05 63.28 45.93
N ARG E 752 -43.27 63.01 44.89
CA ARG E 752 -42.97 61.63 44.51
C ARG E 752 -42.23 60.87 45.58
N ARG E 753 -41.34 61.54 46.32
CA ARG E 753 -40.65 60.93 47.46
C ARG E 753 -41.57 60.74 48.64
N TYR E 754 -42.43 61.72 48.92
CA TYR E 754 -43.34 61.62 50.06
C TYR E 754 -44.35 60.49 49.87
N ILE E 755 -44.87 60.31 48.66
CA ILE E 755 -45.81 59.23 48.41
C ILE E 755 -45.15 57.88 48.66
N LYS E 756 -43.93 57.71 48.15
CA LYS E 756 -43.22 56.44 48.34
C LYS E 756 -42.91 56.19 49.81
N TYR E 757 -42.55 57.24 50.54
CA TYR E 757 -42.29 57.06 51.97
C TYR E 757 -43.57 56.75 52.74
N ALA E 758 -44.69 57.37 52.36
CA ALA E 758 -45.93 57.17 53.08
C ALA E 758 -46.52 55.79 52.82
N ARG E 759 -46.28 55.24 51.62
CA ARG E 759 -46.82 53.91 51.32
C ARG E 759 -46.18 52.80 52.16
N THR E 760 -45.08 53.09 52.87
CA THR E 760 -44.49 52.07 53.72
C THR E 760 -45.36 51.75 54.92
N PHE E 761 -46.08 52.75 55.43
CA PHE E 761 -46.94 52.55 56.59
C PHE E 761 -48.10 51.63 56.25
N LYS E 762 -48.58 50.90 57.25
CA LYS E 762 -49.75 50.03 57.12
C LYS E 762 -50.62 50.20 58.36
N PRO E 763 -51.64 51.04 58.32
CA PRO E 763 -52.41 51.35 59.54
C PRO E 763 -53.25 50.18 60.01
N ILE E 764 -53.64 50.25 61.28
CA ILE E 764 -54.55 49.29 61.90
C ILE E 764 -55.76 50.04 62.42
N LEU E 765 -56.77 49.29 62.90
CA LEU E 765 -58.01 49.88 63.39
C LEU E 765 -58.07 49.75 64.90
N THR E 766 -58.56 50.80 65.55
CA THR E 766 -58.67 50.82 67.01
C THR E 766 -60.02 50.25 67.45
N LYS E 767 -60.28 50.35 68.76
CA LYS E 767 -61.50 49.77 69.31
C LYS E 767 -62.73 50.62 68.99
N GLU E 768 -62.62 51.94 69.13
CA GLU E 768 -63.78 52.80 68.87
C GLU E 768 -64.01 52.99 67.38
N ALA E 769 -62.95 52.83 66.57
CA ALA E 769 -63.09 52.97 65.13
C ALA E 769 -64.04 51.92 64.55
N ARG E 770 -63.97 50.70 65.06
CA ARG E 770 -64.85 49.64 64.58
C ARG E 770 -66.31 49.95 64.90
N SER E 771 -66.58 50.42 66.12
CA SER E 771 -67.94 50.79 66.49
C SER E 771 -68.46 51.94 65.63
N TYR E 772 -67.62 52.94 65.40
CA TYR E 772 -68.04 54.05 64.54
C TYR E 772 -68.31 53.57 63.13
N LEU E 773 -67.47 52.66 62.62
CA LEU E 773 -67.66 52.13 61.28
C LEU E 773 -68.98 51.39 61.15
N VAL E 774 -69.30 50.52 62.12
CA VAL E 774 -70.54 49.76 62.01
C VAL E 774 -71.74 50.69 62.15
N GLU E 775 -71.64 51.72 63.02
CA GLU E 775 -72.73 52.67 63.16
C GLU E 775 -72.97 53.43 61.86
N LYS E 776 -71.90 53.88 61.21
CA LYS E 776 -72.04 54.62 59.96
C LYS E 776 -72.60 53.74 58.85
N TYR E 777 -72.16 52.48 58.78
CA TYR E 777 -72.71 51.57 57.79
C TYR E 777 -74.20 51.36 58.00
N LYS E 778 -74.62 51.16 59.26
CA LYS E 778 -76.04 50.99 59.55
C LYS E 778 -76.83 52.23 59.17
N GLU E 779 -76.30 53.42 59.48
CA GLU E 779 -77.00 54.65 59.13
C GLU E 779 -77.11 54.81 57.61
N LEU E 780 -76.04 54.50 56.87
CA LEU E 780 -76.09 54.61 55.42
C LEU E 780 -77.09 53.64 54.82
N ARG E 781 -77.12 52.41 55.34
CA ARG E 781 -78.09 51.43 54.85
C ARG E 781 -79.52 51.87 55.13
N LYS E 782 -79.75 52.44 56.32
CA LYS E 782 -81.08 52.96 56.64
C LYS E 782 -81.47 54.10 55.69
N ASP E 783 -80.53 55.00 55.42
CA ASP E 783 -80.82 56.14 54.57
C ASP E 783 -81.09 55.71 53.13
N ASP E 784 -80.42 54.65 52.68
CA ASP E 784 -80.62 54.19 51.30
C ASP E 784 -82.05 53.74 51.06
N ALA E 785 -82.63 53.01 52.01
CA ALA E 785 -83.98 52.48 51.86
C ALA E 785 -85.02 53.61 51.88
N SER E 792 -82.38 47.71 49.89
CA SER E 792 -81.00 47.57 49.43
C SER E 792 -80.92 47.61 47.91
N TYR E 793 -80.59 48.78 47.37
CA TYR E 793 -80.59 48.96 45.93
C TYR E 793 -79.23 49.46 45.45
N ARG E 794 -78.61 50.38 46.20
CA ARG E 794 -77.31 50.95 45.86
C ARG E 794 -76.24 50.67 46.89
N ILE E 795 -76.59 50.32 48.13
CA ILE E 795 -75.64 50.18 49.22
C ILE E 795 -75.49 48.70 49.54
N THR E 796 -74.25 48.22 49.55
CA THR E 796 -73.92 46.83 49.84
C THR E 796 -72.71 46.79 50.76
N VAL E 797 -72.20 45.57 50.99
CA VAL E 797 -71.00 45.39 51.81
C VAL E 797 -69.81 46.08 51.16
N ARG E 798 -69.78 46.11 49.83
CA ARG E 798 -68.68 46.74 49.10
C ARG E 798 -68.51 48.21 49.50
N GLN E 799 -69.61 48.89 49.85
CA GLN E 799 -69.49 50.27 50.30
C GLN E 799 -68.77 50.36 51.63
N LEU E 800 -69.06 49.44 52.56
CA LEU E 800 -68.34 49.42 53.83
C LEU E 800 -66.86 49.12 53.61
N GLU E 801 -66.55 48.18 52.73
CA GLU E 801 -65.15 47.88 52.42
C GLU E 801 -64.45 49.08 51.82
N SER E 802 -65.13 49.80 50.92
CA SER E 802 -64.56 51.01 50.33
C SER E 802 -64.35 52.09 51.37
N MET E 803 -65.25 52.22 52.34
CA MET E 803 -65.05 53.17 53.42
C MET E 803 -63.83 52.82 54.26
N ILE E 804 -63.64 51.52 54.52
CA ILE E 804 -62.43 51.08 55.22
C ILE E 804 -61.18 51.45 54.42
N ARG E 805 -61.22 51.21 53.11
CA ARG E 805 -60.08 51.54 52.25
C ARG E 805 -59.77 53.02 52.28
N LEU E 806 -60.81 53.86 52.17
CA LEU E 806 -60.60 55.31 52.18
C LEU E 806 -60.06 55.78 53.53
N SER E 807 -60.54 55.19 54.63
CA SER E 807 -60.01 55.55 55.94
C SER E 807 -58.53 55.19 56.04
N GLU E 808 -58.15 54.00 55.54
CA GLU E 808 -56.75 53.61 55.58
C GLU E 808 -55.89 54.53 54.73
N ALA E 809 -56.38 54.92 53.55
CA ALA E 809 -55.62 55.85 52.71
C ALA E 809 -55.46 57.21 53.37
N ILE E 810 -56.52 57.73 53.98
CA ILE E 810 -56.44 59.02 54.65
C ILE E 810 -55.47 58.94 55.83
N ALA E 811 -55.46 57.81 56.55
CA ALA E 811 -54.47 57.60 57.59
C ALA E 811 -53.05 57.55 57.04
N ARG E 812 -52.84 56.92 55.87
CA ARG E 812 -51.53 56.93 55.25
C ARG E 812 -51.10 58.34 54.87
N ALA E 813 -52.06 59.20 54.54
CA ALA E 813 -51.74 60.57 54.18
C ALA E 813 -51.08 61.32 55.34
N ASN E 814 -51.57 61.09 56.55
CA ASN E 814 -51.08 61.80 57.73
C ASN E 814 -49.86 61.14 58.37
N CYS E 815 -49.37 60.04 57.81
CA CYS E 815 -48.22 59.30 58.33
C CYS E 815 -48.47 58.87 59.77
N VAL E 816 -49.61 58.22 59.98
CA VAL E 816 -50.01 57.70 61.28
C VAL E 816 -50.37 56.23 61.13
N ASP E 817 -49.90 55.42 62.09
CA ASP E 817 -50.10 53.98 62.06
C ASP E 817 -51.36 53.54 62.81
N GLU E 818 -52.14 54.50 63.31
CA GLU E 818 -53.38 54.21 63.99
C GLU E 818 -54.50 55.04 63.36
N ILE E 819 -55.70 54.48 63.34
CA ILE E 819 -56.85 55.09 62.69
C ILE E 819 -57.78 55.66 63.76
N THR E 820 -58.14 56.94 63.60
CA THR E 820 -58.99 57.75 64.46
C THR E 820 -60.37 57.91 63.83
N PRO E 821 -61.44 57.93 64.64
CA PRO E 821 -62.79 58.07 64.06
C PRO E 821 -62.99 59.31 63.20
N SER E 822 -62.14 60.33 63.35
CA SER E 822 -62.20 61.48 62.44
C SER E 822 -61.96 61.05 61.00
N PHE E 823 -61.02 60.11 60.80
CA PHE E 823 -60.76 59.61 59.45
C PHE E 823 -61.99 58.89 58.89
N ILE E 824 -62.67 58.09 59.73
CA ILE E 824 -63.89 57.43 59.27
C ILE E 824 -64.98 58.45 58.95
N ALA E 825 -65.05 59.53 59.73
CA ALA E 825 -66.01 60.58 59.43
C ALA E 825 -65.70 61.24 58.09
N GLU E 826 -64.42 61.50 57.81
CA GLU E 826 -64.04 62.06 56.53
C GLU E 826 -64.39 61.12 55.38
N ALA E 827 -64.12 59.84 55.54
CA ALA E 827 -64.45 58.86 54.50
C ALA E 827 -65.96 58.77 54.29
N TYR E 828 -66.72 58.82 55.38
CA TYR E 828 -68.17 58.80 55.28
C TYR E 828 -68.69 60.02 54.54
N ASP E 829 -68.11 61.19 54.82
CA ASP E 829 -68.51 62.40 54.09
C ASP E 829 -68.17 62.28 52.61
N LEU E 830 -67.00 61.73 52.29
CA LEU E 830 -66.64 61.54 50.88
C LEU E 830 -67.59 60.58 50.17
N LEU E 831 -67.99 59.50 50.86
CA LEU E 831 -68.96 58.58 50.27
C LEU E 831 -70.32 59.25 50.08
N ARG E 832 -70.74 60.05 51.05
CA ARG E 832 -72.05 60.68 50.96
C ARG E 832 -72.09 61.75 49.87
N GLN E 833 -70.96 62.43 49.65
CA GLN E 833 -70.90 63.48 48.63
C GLN E 833 -71.15 62.93 47.23
N SER E 834 -70.94 61.63 47.02
CA SER E 834 -71.10 61.02 45.70
C SER E 834 -72.34 60.14 45.61
N ILE E 835 -73.31 60.31 46.50
CA ILE E 835 -74.54 59.53 46.45
C ILE E 835 -75.68 60.32 47.09
N ALA F 4 -17.33 -6.91 -25.98
CA ALA F 4 -17.32 -5.46 -25.81
C ALA F 4 -18.53 -4.83 -26.50
N LEU F 5 -18.27 -4.12 -27.58
CA LEU F 5 -19.32 -3.45 -28.36
C LEU F 5 -19.47 -4.17 -29.70
N PRO F 6 -20.58 -4.88 -29.92
CA PRO F 6 -20.78 -5.56 -31.20
C PRO F 6 -20.91 -4.56 -32.35
N SER F 7 -20.76 -5.08 -33.56
CA SER F 7 -20.75 -4.26 -34.76
C SER F 7 -21.88 -4.66 -35.69
N ILE F 8 -22.47 -3.66 -36.33
CA ILE F 8 -23.58 -3.87 -37.26
C ILE F 8 -23.25 -3.15 -38.56
N GLN F 9 -23.83 -3.64 -39.65
CA GLN F 9 -23.59 -3.10 -40.99
C GLN F 9 -24.78 -2.24 -41.40
N LEU F 10 -24.50 -0.99 -41.77
CA LEU F 10 -25.53 -0.08 -42.24
C LEU F 10 -25.21 0.40 -43.66
N PRO F 11 -26.24 0.55 -44.50
CA PRO F 11 -25.96 0.92 -45.91
C PRO F 11 -25.23 2.23 -46.08
N VAL F 12 -25.46 3.21 -45.20
CA VAL F 12 -24.96 4.56 -45.42
C VAL F 12 -23.44 4.61 -45.26
N ASP F 13 -22.77 5.28 -46.20
CA ASP F 13 -21.35 5.57 -46.14
C ASP F 13 -21.17 7.07 -46.29
N TYR F 14 -20.39 7.68 -45.39
CA TYR F 14 -20.33 9.14 -45.33
C TYR F 14 -19.34 9.72 -46.33
N ASN F 15 -18.46 8.88 -46.89
CA ASN F 15 -17.47 9.36 -47.85
C ASN F 15 -18.13 9.84 -49.14
N ASN F 16 -18.99 8.99 -49.71
CA ASN F 16 -19.70 9.37 -50.93
C ASN F 16 -20.64 10.53 -50.66
N LEU F 17 -21.23 10.57 -49.47
CA LEU F 17 -22.08 11.70 -49.11
C LEU F 17 -21.29 13.00 -49.11
N PHE F 18 -20.09 12.98 -48.51
CA PHE F 18 -19.26 14.18 -48.47
C PHE F 18 -18.84 14.59 -49.88
N ASN F 19 -18.51 13.61 -50.72
CA ASN F 19 -18.19 13.91 -52.11
C ASN F 19 -19.35 14.59 -52.82
N GLU F 20 -20.58 14.09 -52.59
CA GLU F 20 -21.74 14.68 -53.26
C GLU F 20 -22.05 16.07 -52.72
N ILE F 21 -21.83 16.31 -51.42
CA ILE F 21 -22.01 17.67 -50.90
C ILE F 21 -21.02 18.63 -51.55
N THR F 22 -19.75 18.20 -51.66
CA THR F 22 -18.76 19.05 -52.31
C THR F 22 -19.12 19.32 -53.76
N ASP F 23 -19.65 18.31 -54.46
CA ASP F 23 -20.07 18.51 -55.85
C ASP F 23 -21.28 19.44 -55.93
N PHE F 24 -22.22 19.31 -54.98
CA PHE F 24 -23.44 20.12 -55.01
C PHE F 24 -23.15 21.58 -54.73
N LEU F 25 -22.22 21.86 -53.82
CA LEU F 25 -21.88 23.25 -53.51
C LEU F 25 -21.30 23.97 -54.73
N VAL F 26 -20.52 23.27 -55.55
CA VAL F 26 -19.87 23.94 -56.68
C VAL F 26 -20.78 23.95 -57.91
N THR F 27 -21.44 22.83 -58.19
CA THR F 27 -22.10 22.66 -59.48
C THR F 27 -23.44 23.39 -59.53
N PHE F 28 -24.16 23.43 -58.41
CA PHE F 28 -25.57 23.84 -58.43
C PHE F 28 -25.74 25.25 -58.98
N LYS F 29 -26.69 25.39 -59.90
CA LYS F 29 -27.04 26.66 -60.51
C LYS F 29 -28.56 26.80 -60.53
N GLN F 30 -29.04 28.03 -60.33
CA GLN F 30 -30.47 28.30 -60.30
C GLN F 30 -30.98 28.41 -61.74
N ASP F 31 -31.91 27.53 -62.11
CA ASP F 31 -32.31 27.42 -63.51
C ASP F 31 -33.24 28.56 -63.92
N THR F 32 -34.08 29.02 -63.02
CA THR F 32 -35.16 30.00 -63.27
C THR F 32 -35.76 29.91 -64.67
N GLU F 58 -27.74 37.67 -61.44
CA GLU F 58 -26.43 37.09 -61.22
C GLU F 58 -26.36 35.68 -61.80
N LYS F 59 -25.14 35.27 -62.19
CA LYS F 59 -24.92 33.96 -62.78
C LYS F 59 -23.89 33.22 -61.95
N GLY F 60 -23.75 31.91 -62.23
CA GLY F 60 -22.81 31.09 -61.53
C GLY F 60 -23.47 30.26 -60.43
N PRO F 61 -22.65 29.66 -59.56
CA PRO F 61 -23.21 28.87 -58.45
C PRO F 61 -24.06 29.73 -57.53
N LYS F 62 -25.14 29.12 -57.02
CA LYS F 62 -26.04 29.87 -56.13
C LYS F 62 -25.40 30.13 -54.78
N TYR F 63 -24.67 29.15 -54.25
CA TYR F 63 -24.16 29.24 -52.88
C TYR F 63 -22.76 29.86 -52.79
N MET F 64 -21.94 29.78 -53.84
CA MET F 64 -20.65 30.46 -53.80
C MET F 64 -20.83 31.97 -53.92
N ALA F 65 -21.98 32.42 -54.41
CA ALA F 65 -22.29 33.84 -54.34
C ALA F 65 -22.52 34.28 -52.91
N MET F 66 -23.35 33.54 -52.16
CA MET F 66 -23.64 33.93 -50.78
C MET F 66 -22.45 33.67 -49.86
N LEU F 67 -21.58 32.71 -50.22
CA LEU F 67 -20.35 32.54 -49.45
C LEU F 67 -19.42 33.74 -49.60
N GLN F 68 -19.27 34.25 -50.83
CA GLN F 68 -18.51 35.49 -51.03
C GLN F 68 -19.18 36.64 -50.30
N LYS F 69 -20.51 36.66 -50.27
CA LYS F 69 -21.23 37.68 -49.51
C LYS F 69 -20.92 37.57 -48.02
N VAL F 70 -20.83 36.34 -47.51
CA VAL F 70 -20.49 36.11 -46.10
C VAL F 70 -19.08 36.59 -45.81
N ALA F 71 -18.13 36.30 -46.70
CA ALA F 71 -16.73 36.60 -46.45
C ALA F 71 -16.48 38.08 -46.25
N ASN F 72 -17.39 38.94 -46.71
CA ASN F 72 -17.26 40.38 -46.58
C ASN F 72 -17.88 40.92 -45.30
N ARG F 73 -18.05 40.07 -44.29
CA ARG F 73 -18.54 40.46 -42.97
C ARG F 73 -19.91 41.16 -43.05
N GLU F 74 -20.79 40.63 -43.90
CA GLU F 74 -22.12 41.19 -44.10
C GLU F 74 -23.23 40.20 -43.77
N LEU F 75 -23.10 38.96 -44.23
CA LEU F 75 -24.11 37.93 -43.95
C LEU F 75 -23.66 37.08 -42.77
N ASN F 76 -24.59 36.87 -41.83
CA ASN F 76 -24.30 36.13 -40.61
C ASN F 76 -24.91 34.74 -40.59
N SER F 77 -25.67 34.36 -41.61
CA SER F 77 -26.37 33.09 -41.60
C SER F 77 -26.34 32.44 -42.97
N VAL F 78 -26.25 31.11 -42.98
CA VAL F 78 -26.31 30.30 -44.19
C VAL F 78 -27.50 29.37 -44.06
N ILE F 79 -28.40 29.40 -45.05
CA ILE F 79 -29.62 28.60 -45.04
C ILE F 79 -29.61 27.72 -46.28
N ILE F 80 -29.65 26.41 -46.07
CA ILE F 80 -29.70 25.46 -47.17
C ILE F 80 -31.15 25.07 -47.44
N ASP F 81 -31.48 24.89 -48.73
CA ASP F 81 -32.80 24.45 -49.16
C ASP F 81 -32.71 23.03 -49.69
N LEU F 82 -33.59 22.16 -49.18
CA LEU F 82 -33.68 20.80 -49.72
C LEU F 82 -34.38 20.74 -51.06
N ASP F 83 -35.18 21.75 -51.41
CA ASP F 83 -35.66 21.87 -52.78
C ASP F 83 -34.50 22.01 -53.76
N ASP F 84 -33.51 22.83 -53.39
CA ASP F 84 -32.32 22.98 -54.23
C ASP F 84 -31.55 21.68 -54.34
N ILE F 85 -31.45 20.93 -53.24
CA ILE F 85 -30.75 19.64 -53.27
C ILE F 85 -31.49 18.66 -54.17
N LEU F 86 -32.83 18.65 -54.10
CA LEU F 86 -33.60 17.85 -55.05
C LEU F 86 -33.36 18.30 -56.47
N GLN F 87 -33.16 19.60 -56.69
CA GLN F 87 -32.85 20.07 -58.04
C GLN F 87 -31.53 19.51 -58.54
N TYR F 88 -30.51 19.45 -57.68
CA TYR F 88 -29.24 18.84 -58.08
C TYR F 88 -29.40 17.35 -58.34
N GLN F 89 -30.18 16.66 -57.51
CA GLN F 89 -30.46 15.25 -57.75
C GLN F 89 -31.18 15.05 -59.08
N ASN F 90 -32.11 15.94 -59.40
CA ASN F 90 -32.84 15.84 -60.67
C ASN F 90 -31.93 16.12 -61.85
N GLU F 91 -30.99 17.06 -61.70
CA GLU F 91 -29.99 17.28 -62.74
C GLU F 91 -29.15 16.04 -62.97
N LYS F 92 -28.70 15.40 -61.88
CA LYS F 92 -27.91 14.19 -62.01
C LYS F 92 -28.74 13.06 -62.64
N PHE F 93 -30.03 12.99 -62.31
CA PHE F 93 -30.90 12.00 -62.94
C PHE F 93 -31.07 12.29 -64.43
N LEU F 94 -31.10 13.57 -64.81
CA LEU F 94 -31.11 13.93 -66.22
C LEU F 94 -29.84 13.43 -66.89
N GLN F 95 -28.69 13.60 -66.22
CA GLN F 95 -27.48 12.95 -66.70
C GLN F 95 -27.58 11.43 -66.57
N GLY F 96 -28.34 10.95 -65.58
CA GLY F 96 -28.56 9.54 -65.39
C GLY F 96 -27.64 8.84 -64.42
N THR F 97 -26.61 9.51 -63.93
CA THR F 97 -25.70 8.89 -62.97
C THR F 97 -26.39 8.71 -61.62
N GLN F 98 -25.99 7.67 -60.90
CA GLN F 98 -26.60 7.35 -59.62
C GLN F 98 -26.31 8.43 -58.59
N ALA F 99 -27.20 8.54 -57.60
CA ALA F 99 -27.06 9.49 -56.52
C ALA F 99 -27.24 8.75 -55.19
N ASP F 100 -27.07 9.49 -54.10
CA ASP F 100 -27.16 8.92 -52.76
C ASP F 100 -28.37 9.41 -51.99
N ASP F 101 -29.38 9.94 -52.68
CA ASP F 101 -30.60 10.48 -52.07
C ASP F 101 -30.28 11.30 -50.81
N LEU F 102 -29.52 12.37 -50.98
CA LEU F 102 -29.08 13.21 -49.88
C LEU F 102 -30.26 13.76 -49.08
N VAL F 103 -31.38 14.01 -49.76
CA VAL F 103 -32.54 14.58 -49.09
C VAL F 103 -33.10 13.61 -48.05
N SER F 104 -33.11 12.31 -48.35
CA SER F 104 -33.59 11.32 -47.38
C SER F 104 -32.61 11.17 -46.23
N ALA F 105 -31.31 11.22 -46.52
CA ALA F 105 -30.30 11.11 -45.48
C ALA F 105 -30.39 12.28 -44.51
N ILE F 106 -30.66 13.48 -45.02
CA ILE F 106 -30.84 14.64 -44.15
C ILE F 106 -32.07 14.47 -43.27
N GLN F 107 -33.19 14.01 -43.84
CA GLN F 107 -34.40 13.83 -43.05
C GLN F 107 -34.23 12.79 -41.96
N GLN F 108 -33.63 11.64 -42.30
CA GLN F 108 -33.50 10.56 -41.32
C GLN F 108 -32.55 10.94 -40.18
N ASN F 109 -31.49 11.68 -40.50
CA ASN F 109 -30.50 12.07 -39.50
C ASN F 109 -29.92 13.42 -39.90
N ALA F 110 -29.99 14.39 -39.00
CA ALA F 110 -29.59 15.76 -39.31
C ALA F 110 -28.60 16.36 -38.34
N ASN F 111 -28.27 15.69 -37.24
CA ASN F 111 -27.34 16.28 -36.27
C ASN F 111 -25.90 16.17 -36.78
N HIS F 112 -25.63 15.21 -37.66
CA HIS F 112 -24.27 15.00 -38.16
C HIS F 112 -24.05 15.77 -39.46
N PHE F 113 -25.10 15.89 -40.27
CA PHE F 113 -24.98 16.59 -41.54
C PHE F 113 -24.72 18.06 -41.34
N THR F 114 -25.10 18.63 -40.19
CA THR F 114 -24.76 20.01 -39.91
C THR F 114 -23.25 20.19 -39.83
N GLU F 115 -22.56 19.29 -39.12
CA GLU F 115 -21.10 19.37 -39.05
C GLU F 115 -20.46 19.07 -40.38
N LEU F 116 -21.00 18.10 -41.13
CA LEU F 116 -20.48 17.83 -42.47
C LEU F 116 -20.56 19.06 -43.35
N PHE F 117 -21.72 19.74 -43.35
CA PHE F 117 -21.89 20.92 -44.19
C PHE F 117 -21.01 22.07 -43.71
N CYS F 118 -20.82 22.20 -42.38
CA CYS F 118 -19.93 23.22 -41.87
C CYS F 118 -18.50 23.01 -42.35
N ARG F 119 -18.03 21.75 -42.33
CA ARG F 119 -16.70 21.47 -42.84
C ARG F 119 -16.60 21.76 -44.34
N ALA F 120 -17.65 21.40 -45.09
CA ALA F 120 -17.64 21.66 -46.53
C ALA F 120 -17.59 23.16 -46.82
N ILE F 121 -18.34 23.95 -46.04
CA ILE F 121 -18.27 25.40 -46.18
C ILE F 121 -16.89 25.93 -45.83
N ASP F 122 -16.29 25.40 -44.76
CA ASP F 122 -14.97 25.87 -44.35
C ASP F 122 -13.92 25.58 -45.40
N ASN F 123 -14.01 24.44 -46.08
CA ASN F 123 -13.02 24.09 -47.10
C ASN F 123 -13.06 25.05 -48.28
N ASN F 124 -14.24 25.45 -48.73
CA ASN F 124 -14.40 26.25 -49.94
C ASN F 124 -14.73 27.71 -49.66
N MET F 125 -14.30 28.24 -48.52
CA MET F 125 -14.60 29.63 -48.19
C MET F 125 -13.82 30.58 -49.11
N PRO F 126 -14.48 31.48 -49.81
CA PRO F 126 -13.78 32.41 -50.70
C PRO F 126 -12.99 33.45 -49.91
N LEU F 127 -12.01 34.04 -50.60
CA LEU F 127 -11.18 35.06 -50.00
C LEU F 127 -11.95 36.38 -49.87
N PRO F 128 -11.61 37.21 -48.88
CA PRO F 128 -12.22 38.54 -48.78
C PRO F 128 -11.88 39.39 -49.98
N THR F 129 -12.90 39.80 -50.75
CA THR F 129 -12.65 40.48 -52.01
C THR F 129 -12.48 41.98 -51.81
N LYS F 130 -13.05 42.55 -50.75
CA LYS F 130 -13.05 44.00 -50.59
C LYS F 130 -13.36 44.37 -49.15
N GLU F 131 -12.86 45.53 -48.74
CA GLU F 131 -13.15 46.12 -47.44
C GLU F 131 -12.84 45.16 -46.30
N ILE F 132 -11.54 44.89 -46.11
CA ILE F 132 -11.09 44.04 -45.02
C ILE F 132 -11.56 44.60 -43.68
N ASP F 133 -11.27 45.88 -43.43
CA ASP F 133 -11.86 46.65 -42.33
C ASP F 133 -11.64 45.99 -40.98
N TYR F 134 -10.38 45.90 -40.57
CA TYR F 134 -10.06 45.49 -39.21
C TYR F 134 -9.99 46.71 -38.31
N LYS F 135 -10.96 46.84 -37.39
CA LYS F 135 -11.00 48.06 -36.61
C LYS F 135 -10.73 47.84 -35.11
N ASP F 136 -11.60 47.10 -34.43
CA ASP F 136 -11.44 46.88 -32.99
C ASP F 136 -11.89 45.50 -32.55
N ASP F 137 -11.83 44.51 -33.45
CA ASP F 137 -12.34 43.19 -33.11
C ASP F 137 -11.32 42.47 -32.23
N VAL F 138 -11.73 42.17 -30.99
CA VAL F 138 -10.81 41.60 -30.01
C VAL F 138 -10.30 40.23 -30.45
N LEU F 139 -11.20 39.38 -30.95
CA LEU F 139 -10.77 38.08 -31.46
C LEU F 139 -9.80 38.23 -32.62
N ASP F 140 -10.05 39.22 -33.49
CA ASP F 140 -9.15 39.48 -34.61
C ASP F 140 -7.77 39.89 -34.10
N VAL F 141 -7.74 40.76 -33.08
CA VAL F 141 -6.46 41.19 -32.52
C VAL F 141 -5.71 40.02 -31.91
N ILE F 142 -6.44 39.15 -31.19
CA ILE F 142 -5.80 37.97 -30.60
C ILE F 142 -5.23 37.07 -31.69
N LEU F 143 -6.01 36.79 -32.74
CA LEU F 143 -5.56 35.90 -33.79
C LEU F 143 -4.36 36.48 -34.53
N ASN F 144 -4.39 37.80 -34.79
CA ASN F 144 -3.26 38.44 -35.48
C ASN F 144 -2.02 38.44 -34.61
N GLN F 145 -2.17 38.65 -33.30
CA GLN F 145 -1.03 38.60 -32.40
C GLN F 145 -0.47 37.18 -32.30
N ARG F 146 -1.32 36.17 -32.47
CA ARG F 146 -0.83 34.80 -32.43
C ARG F 146 0.16 34.53 -33.58
N ARG F 147 -0.13 35.08 -34.76
CA ARG F 147 0.63 34.73 -35.95
C ARG F 147 2.09 35.11 -35.81
N LEU F 148 2.37 36.34 -35.33
CA LEU F 148 3.75 36.80 -35.26
C LEU F 148 4.58 35.92 -34.33
N ARG F 149 4.07 35.65 -33.12
CA ARG F 149 4.84 34.90 -32.15
C ARG F 149 4.96 33.43 -32.56
N ASN F 150 3.91 32.87 -33.17
CA ASN F 150 3.97 31.47 -33.58
C ASN F 150 4.95 31.28 -34.73
N GLU F 151 4.94 32.18 -35.72
CA GLU F 151 5.83 32.03 -36.86
C GLU F 151 7.27 32.37 -36.50
N ARG F 152 7.48 33.45 -35.73
CA ARG F 152 8.83 33.87 -35.39
C ARG F 152 9.51 32.85 -34.48
N MET F 153 8.77 32.33 -33.50
CA MET F 153 9.34 31.36 -32.56
C MET F 153 9.14 29.93 -33.07
N LEU F 191 -4.44 24.75 -36.03
CA LEU F 191 -4.48 23.62 -35.11
C LEU F 191 -5.52 23.86 -34.02
N PHE F 192 -5.84 25.13 -33.78
CA PHE F 192 -6.89 25.47 -32.84
C PHE F 192 -8.25 25.02 -33.38
N PRO F 193 -9.23 24.81 -32.51
CA PRO F 193 -10.56 24.36 -32.96
C PRO F 193 -11.13 25.32 -34.00
N PRO F 194 -11.54 24.80 -35.16
CA PRO F 194 -12.01 25.68 -36.24
C PRO F 194 -13.23 26.51 -35.86
N ASN F 195 -14.09 25.99 -34.99
CA ASN F 195 -15.34 26.68 -34.66
C ASN F 195 -15.07 28.07 -34.09
N LEU F 196 -13.89 28.29 -33.50
CA LEU F 196 -13.55 29.60 -32.98
C LEU F 196 -13.50 30.65 -34.08
N THR F 197 -12.95 30.29 -35.24
CA THR F 197 -12.85 31.21 -36.36
C THR F 197 -14.16 31.36 -37.13
N ARG F 198 -15.16 30.54 -36.84
CA ARG F 198 -16.42 30.59 -37.56
C ARG F 198 -17.27 31.77 -37.10
N ARG F 199 -18.03 32.34 -38.03
CA ARG F 199 -19.07 33.32 -37.71
C ARG F 199 -20.44 32.95 -38.22
N TYR F 200 -20.53 32.28 -39.37
CA TYR F 200 -21.83 31.96 -39.95
C TYR F 200 -22.53 30.88 -39.14
N PHE F 201 -23.86 30.86 -39.25
CA PHE F 201 -24.70 29.85 -38.63
C PHE F 201 -25.42 29.09 -39.73
N LEU F 202 -25.46 27.77 -39.60
CA LEU F 202 -26.02 26.90 -40.63
C LEU F 202 -27.40 26.41 -40.20
N TYR F 203 -28.40 26.64 -41.04
CA TYR F 203 -29.77 26.23 -40.82
C TYR F 203 -30.28 25.47 -42.03
N PHE F 204 -31.16 24.51 -41.81
CA PHE F 204 -31.82 23.81 -42.90
C PHE F 204 -33.21 24.37 -43.13
N LYS F 205 -33.72 24.21 -44.34
CA LYS F 205 -35.06 24.64 -44.69
C LYS F 205 -35.90 23.44 -45.10
N PRO F 206 -37.06 23.24 -44.50
CA PRO F 206 -37.85 22.04 -44.79
C PRO F 206 -38.29 21.98 -46.24
N LEU F 207 -38.74 20.80 -46.64
CA LEU F 207 -39.17 20.59 -48.02
C LEU F 207 -40.47 21.34 -48.30
N SER F 208 -40.77 21.49 -49.58
CA SER F 208 -42.01 22.10 -50.03
C SER F 208 -42.88 21.08 -50.73
N GLN F 209 -44.16 21.07 -50.37
CA GLN F 209 -45.09 20.12 -50.99
C GLN F 209 -45.24 20.40 -52.49
N ASN F 210 -45.15 21.67 -52.88
CA ASN F 210 -45.29 22.03 -54.29
C ASN F 210 -44.17 21.41 -55.12
N CYS F 211 -42.92 21.57 -54.68
CA CYS F 211 -41.80 20.95 -55.37
C CYS F 211 -41.89 19.42 -55.25
N ALA F 212 -42.29 18.93 -54.08
CA ALA F 212 -42.47 17.49 -53.90
C ALA F 212 -43.49 16.95 -54.90
N ARG F 213 -44.69 17.52 -54.92
CA ARG F 213 -45.69 17.08 -55.89
C ARG F 213 -45.20 17.25 -57.31
N ARG F 214 -44.34 18.24 -57.55
CA ARG F 214 -43.74 18.39 -58.87
C ARG F 214 -42.86 17.21 -59.24
N TYR F 215 -42.13 16.65 -58.27
CA TYR F 215 -41.30 15.48 -58.52
C TYR F 215 -41.65 14.29 -57.63
N ARG F 216 -42.88 14.24 -57.11
CA ARG F 216 -43.37 13.12 -56.30
C ARG F 216 -42.52 13.00 -55.04
N LYS F 217 -41.98 11.80 -54.77
CA LYS F 217 -41.00 11.55 -53.71
C LYS F 217 -41.61 11.74 -52.33
N LYS F 218 -42.85 12.25 -52.27
CA LYS F 218 -43.56 12.50 -51.02
C LYS F 218 -42.77 13.47 -50.13
N ALA F 219 -43.27 13.77 -48.93
CA ALA F 219 -42.56 14.66 -48.03
C ALA F 219 -42.96 14.36 -46.60
N ILE F 220 -41.99 14.40 -45.70
CA ILE F 220 -42.24 14.14 -44.28
C ILE F 220 -41.76 15.26 -43.38
N SER F 221 -40.76 16.06 -43.77
CA SER F 221 -40.13 16.98 -42.83
C SER F 221 -40.99 18.20 -42.57
N SER F 222 -41.84 18.58 -43.53
CA SER F 222 -42.59 19.84 -43.44
C SER F 222 -44.05 19.63 -43.11
N LYS F 223 -44.47 18.40 -42.82
CA LYS F 223 -45.87 18.16 -42.52
C LYS F 223 -46.23 18.76 -41.15
N PRO F 224 -47.29 19.56 -41.07
CA PRO F 224 -47.67 20.21 -39.81
C PRO F 224 -48.24 19.25 -38.78
N LEU F 225 -47.36 18.54 -38.08
CA LEU F 225 -47.80 17.70 -36.98
C LEU F 225 -48.10 18.56 -35.75
N SER F 226 -48.66 17.91 -34.74
CA SER F 226 -48.93 18.56 -33.46
C SER F 226 -47.94 18.07 -32.40
N VAL F 227 -48.09 18.60 -31.19
CA VAL F 227 -47.28 18.14 -30.07
C VAL F 227 -47.64 16.71 -29.71
N ARG F 228 -48.92 16.36 -29.83
CA ARG F 228 -49.38 15.04 -29.40
C ARG F 228 -48.97 13.97 -30.40
N GLN F 229 -48.96 14.29 -31.69
CA GLN F 229 -48.57 13.32 -32.72
C GLN F 229 -47.07 13.06 -32.76
N ILE F 230 -46.29 13.69 -31.88
CA ILE F 230 -44.85 13.46 -31.85
C ILE F 230 -44.58 12.23 -30.99
N LYS F 231 -44.27 11.11 -31.64
CA LYS F 231 -43.97 9.88 -30.94
C LYS F 231 -42.46 9.75 -30.74
N GLY F 232 -42.03 8.67 -30.10
CA GLY F 232 -40.63 8.39 -29.92
C GLY F 232 -39.94 7.80 -31.12
N ASP F 233 -40.68 7.50 -32.18
CA ASP F 233 -40.11 6.98 -33.42
C ASP F 233 -39.57 8.09 -34.31
N PHE F 234 -39.90 9.34 -34.03
CA PHE F 234 -39.45 10.48 -34.83
C PHE F 234 -38.20 11.15 -34.26
N LEU F 235 -37.62 10.58 -33.21
CA LEU F 235 -36.43 11.17 -32.61
C LEU F 235 -35.25 11.13 -33.59
N GLY F 236 -34.47 12.20 -33.59
CA GLY F 236 -33.32 12.29 -34.47
C GLY F 236 -33.64 12.60 -35.91
N GLN F 237 -34.82 13.16 -36.20
CA GLN F 237 -35.21 13.50 -37.55
C GLN F 237 -35.54 14.99 -37.62
N LEU F 238 -35.80 15.45 -38.85
CA LEU F 238 -36.21 16.82 -39.11
C LEU F 238 -37.72 16.84 -39.34
N ILE F 239 -38.46 17.51 -38.45
CA ILE F 239 -39.91 17.55 -38.50
C ILE F 239 -40.38 18.97 -38.23
N THR F 240 -41.68 19.18 -38.44
CA THR F 240 -42.32 20.47 -38.25
C THR F 240 -43.51 20.31 -37.31
N VAL F 241 -43.73 21.31 -36.45
CA VAL F 241 -44.77 21.28 -35.43
C VAL F 241 -45.57 22.57 -35.51
N ARG F 242 -46.90 22.46 -35.45
CA ARG F 242 -47.79 23.61 -35.45
C ARG F 242 -48.36 23.79 -34.05
N GLY F 243 -48.29 25.02 -33.54
CA GLY F 243 -48.80 25.32 -32.21
C GLY F 243 -48.74 26.80 -31.94
N ILE F 244 -49.01 27.17 -30.70
CA ILE F 244 -48.99 28.55 -30.23
C ILE F 244 -47.89 28.70 -29.19
N ILE F 245 -47.12 29.78 -29.31
CA ILE F 245 -46.04 30.03 -28.36
C ILE F 245 -46.61 30.65 -27.10
N THR F 246 -46.25 30.09 -25.95
CA THR F 246 -46.75 30.56 -24.66
C THR F 246 -45.71 31.27 -23.83
N ARG F 247 -44.48 30.75 -23.76
CA ARG F 247 -43.45 31.35 -22.93
C ARG F 247 -42.16 31.48 -23.71
N VAL F 248 -41.49 32.62 -23.58
CA VAL F 248 -40.19 32.88 -24.17
C VAL F 248 -39.30 33.52 -23.12
N SER F 249 -38.05 33.07 -23.07
CA SER F 249 -37.09 33.51 -22.07
C SER F 249 -36.10 34.51 -22.67
N ASP F 250 -35.30 35.11 -21.80
CA ASP F 250 -34.31 36.09 -22.24
C ASP F 250 -33.16 35.41 -22.95
N VAL F 251 -32.34 36.21 -23.62
CA VAL F 251 -31.19 35.69 -24.36
C VAL F 251 -29.97 35.70 -23.44
N LYS F 252 -29.31 34.55 -23.36
CA LYS F 252 -28.14 34.36 -22.52
C LYS F 252 -27.01 33.76 -23.33
N PRO F 253 -25.76 33.96 -22.93
CA PRO F 253 -24.64 33.41 -23.69
C PRO F 253 -24.27 31.99 -23.28
N ALA F 254 -24.05 31.13 -24.26
CA ALA F 254 -23.62 29.75 -24.03
C ALA F 254 -22.23 29.57 -24.62
N VAL F 255 -21.34 28.95 -23.85
CA VAL F 255 -19.95 28.81 -24.27
C VAL F 255 -19.85 27.72 -25.35
N GLU F 256 -19.00 27.96 -26.34
CA GLU F 256 -18.69 26.98 -27.36
C GLU F 256 -17.22 26.59 -27.37
N VAL F 257 -16.33 27.58 -27.34
CA VAL F 257 -14.89 27.35 -27.19
C VAL F 257 -14.41 28.21 -26.04
N ILE F 258 -13.73 27.59 -25.07
CA ILE F 258 -13.25 28.27 -23.87
C ILE F 258 -11.74 28.39 -23.95
N ALA F 259 -11.23 29.59 -23.69
CA ALA F 259 -9.81 29.88 -23.75
C ALA F 259 -9.29 30.19 -22.35
N TYR F 260 -8.23 29.50 -21.95
CA TYR F 260 -7.58 29.70 -20.67
C TYR F 260 -6.20 30.34 -20.87
N THR F 261 -5.92 31.34 -20.05
CA THR F 261 -4.61 32.00 -20.04
C THR F 261 -3.76 31.37 -18.95
N CYS F 262 -2.47 31.19 -19.26
CA CYS F 262 -1.58 30.38 -18.42
C CYS F 262 -0.32 31.18 -18.08
N ASP F 263 -0.43 32.05 -17.08
CA ASP F 263 0.70 32.63 -16.33
C ASP F 263 1.94 32.84 -17.21
N GLN F 264 1.72 33.38 -18.42
CA GLN F 264 2.77 33.48 -19.43
C GLN F 264 3.51 32.17 -19.61
N CYS F 265 2.77 31.06 -19.61
CA CYS F 265 3.31 29.73 -19.88
C CYS F 265 2.82 29.29 -21.26
N GLY F 266 3.74 29.21 -22.21
CA GLY F 266 3.32 28.89 -23.57
C GLY F 266 2.35 29.92 -24.08
N TYR F 267 1.08 29.51 -24.19
CA TYR F 267 0.01 30.43 -24.57
C TYR F 267 -1.33 29.82 -24.19
N GLU F 268 -2.39 30.60 -24.44
CA GLU F 268 -3.73 30.21 -24.02
C GLU F 268 -4.17 28.90 -24.68
N VAL F 269 -4.89 28.08 -23.93
CA VAL F 269 -5.35 26.79 -24.42
C VAL F 269 -6.85 26.87 -24.68
N PHE F 270 -7.30 26.11 -25.67
CA PHE F 270 -8.69 26.11 -26.11
C PHE F 270 -9.30 24.74 -25.84
N GLN F 271 -10.51 24.72 -25.29
CA GLN F 271 -11.29 23.49 -25.18
C GLN F 271 -12.69 23.71 -25.73
N GLU F 272 -13.20 22.71 -26.44
CA GLU F 272 -14.58 22.76 -26.92
C GLU F 272 -15.51 22.14 -25.88
N VAL F 273 -16.76 22.64 -25.87
CA VAL F 273 -17.80 22.14 -24.99
C VAL F 273 -18.96 21.68 -25.88
N ASN F 274 -19.33 20.40 -25.75
CA ASN F 274 -20.41 19.83 -26.54
C ASN F 274 -21.58 19.39 -25.66
N SER F 275 -21.60 19.82 -24.41
CA SER F 275 -22.70 19.49 -23.51
C SER F 275 -23.17 20.74 -22.77
N ARG F 276 -24.13 20.57 -21.86
CA ARG F 276 -24.61 21.65 -21.03
C ARG F 276 -23.80 21.82 -19.75
N THR F 277 -22.76 21.00 -19.56
CA THR F 277 -22.02 20.96 -18.31
C THR F 277 -20.60 20.51 -18.60
N PHE F 278 -19.63 21.14 -17.94
CA PHE F 278 -18.22 20.92 -18.27
C PHE F 278 -17.37 21.09 -17.03
N THR F 279 -16.06 20.81 -17.20
CA THR F 279 -15.09 20.96 -16.12
C THR F 279 -13.90 21.78 -16.59
N PRO F 280 -13.40 22.70 -15.77
CA PRO F 280 -12.23 23.50 -16.17
C PRO F 280 -10.96 22.66 -16.24
N LEU F 281 -10.02 23.11 -17.07
CA LEU F 281 -8.76 22.37 -17.23
C LEU F 281 -7.86 22.56 -16.01
N SER F 282 -7.43 23.79 -15.75
CA SER F 282 -6.66 24.15 -14.56
C SER F 282 -5.36 23.33 -14.43
N GLU F 283 -4.67 23.13 -15.56
CA GLU F 283 -3.36 22.52 -15.54
C GLU F 283 -2.68 22.79 -16.87
N CYS F 284 -1.49 23.39 -16.81
CA CYS F 284 -0.78 23.83 -18.02
C CYS F 284 0.14 22.71 -18.48
N THR F 285 -0.07 22.24 -19.71
CA THR F 285 0.65 21.11 -20.26
C THR F 285 1.60 21.48 -21.39
N SER F 286 1.89 22.76 -21.58
CA SER F 286 2.76 23.17 -22.67
C SER F 286 4.20 22.71 -22.41
N GLU F 287 5.00 22.74 -23.48
CA GLU F 287 6.39 22.28 -23.37
C GLU F 287 7.17 23.10 -22.35
N GLU F 288 6.99 24.43 -22.37
CA GLU F 288 7.64 25.26 -21.36
C GLU F 288 7.02 25.04 -19.98
N CYS F 289 5.73 24.68 -19.94
CA CYS F 289 5.05 24.42 -18.68
C CYS F 289 5.30 23.02 -18.14
N SER F 290 6.11 22.21 -18.84
CA SER F 290 6.39 20.86 -18.39
C SER F 290 7.31 20.82 -17.17
N GLN F 291 7.87 21.96 -16.78
CA GLN F 291 8.79 22.00 -15.65
C GLN F 291 8.06 21.65 -14.35
N ASN F 292 8.78 21.00 -13.44
CA ASN F 292 8.14 20.24 -12.37
C ASN F 292 7.58 21.15 -11.26
N GLN F 293 8.11 22.36 -11.13
CA GLN F 293 7.74 23.21 -10.00
C GLN F 293 6.25 23.53 -10.01
N THR F 294 5.64 23.47 -8.82
CA THR F 294 4.24 23.87 -8.68
C THR F 294 4.11 25.36 -8.95
N LYS F 295 3.20 25.71 -9.86
CA LYS F 295 3.23 27.01 -10.50
C LYS F 295 1.87 27.71 -10.60
N GLY F 296 0.78 26.98 -10.48
CA GLY F 296 -0.52 27.64 -10.53
C GLY F 296 -1.40 27.08 -11.62
N GLN F 297 -2.71 27.16 -11.40
CA GLN F 297 -3.68 26.60 -12.33
C GLN F 297 -4.08 27.63 -13.39
N LEU F 298 -4.92 27.19 -14.32
CA LEU F 298 -5.39 28.04 -15.40
C LEU F 298 -6.47 28.99 -14.94
N PHE F 299 -6.52 30.16 -15.57
CA PHE F 299 -7.57 31.15 -15.35
C PHE F 299 -8.27 31.42 -16.67
N MET F 300 -9.59 31.50 -16.64
CA MET F 300 -10.36 31.68 -17.86
C MET F 300 -10.27 33.13 -18.36
N SER F 301 -10.23 33.28 -19.67
CA SER F 301 -10.24 34.59 -20.33
C SER F 301 -11.48 34.68 -21.19
N THR F 302 -12.36 35.64 -20.87
CA THR F 302 -13.64 35.74 -21.57
C THR F 302 -13.47 36.32 -22.97
N ARG F 303 -12.48 37.19 -23.16
CA ARG F 303 -12.35 37.89 -24.43
C ARG F 303 -11.95 36.94 -25.56
N ALA F 304 -11.09 35.98 -25.27
CA ALA F 304 -10.61 35.03 -26.28
C ALA F 304 -11.52 33.82 -26.41
N SER F 305 -12.62 33.77 -25.68
CA SER F 305 -13.56 32.65 -25.75
C SER F 305 -14.74 33.00 -26.66
N LYS F 306 -15.33 31.97 -27.25
CA LYS F 306 -16.43 32.14 -28.20
C LYS F 306 -17.74 31.80 -27.50
N PHE F 307 -18.70 32.72 -27.54
CA PHE F 307 -20.01 32.52 -26.98
C PHE F 307 -21.06 32.41 -28.09
N SER F 308 -22.29 32.13 -27.68
CA SER F 308 -23.39 32.02 -28.62
C SER F 308 -24.69 32.43 -27.93
N ALA F 309 -25.62 32.98 -28.71
CA ALA F 309 -26.91 33.36 -28.19
C ALA F 309 -27.83 32.16 -28.12
N PHE F 310 -28.43 31.94 -26.95
CA PHE F 310 -29.29 30.79 -26.70
C PHE F 310 -30.64 31.27 -26.18
N GLN F 311 -31.71 30.60 -26.60
CA GLN F 311 -33.04 30.93 -26.13
C GLN F 311 -33.89 29.68 -26.09
N GLU F 312 -34.77 29.60 -25.08
CA GLU F 312 -35.66 28.46 -24.89
C GLU F 312 -37.09 28.93 -24.82
N CYS F 313 -38.00 28.18 -25.44
CA CYS F 313 -39.41 28.53 -25.50
C CYS F 313 -40.24 27.27 -25.31
N LYS F 314 -41.52 27.46 -25.03
CA LYS F 314 -42.47 26.36 -24.87
C LYS F 314 -43.65 26.57 -25.81
N ILE F 315 -43.99 25.54 -26.57
CA ILE F 315 -45.11 25.58 -27.51
C ILE F 315 -46.20 24.65 -27.00
N GLN F 316 -47.45 25.07 -27.17
CA GLN F 316 -48.59 24.35 -26.61
C GLN F 316 -49.57 23.99 -27.71
N GLU F 317 -50.24 22.86 -27.52
CA GLU F 317 -51.15 22.35 -28.55
C GLU F 317 -52.39 23.22 -28.66
N LEU F 318 -52.85 23.43 -29.90
CA LEU F 318 -54.02 24.25 -30.14
C LEU F 318 -55.29 23.54 -29.68
N SER F 319 -56.27 24.34 -29.26
CA SER F 319 -57.50 23.78 -28.70
C SER F 319 -58.27 22.95 -29.71
N GLN F 320 -58.11 23.24 -31.00
CA GLN F 320 -58.85 22.50 -32.02
C GLN F 320 -58.38 21.07 -32.12
N GLN F 321 -57.10 20.82 -31.88
CA GLN F 321 -56.49 19.52 -32.10
C GLN F 321 -56.53 18.61 -30.87
N VAL F 322 -56.98 19.11 -29.73
CA VAL F 322 -57.07 18.28 -28.53
C VAL F 322 -58.31 17.41 -28.61
N PRO F 323 -58.22 16.11 -28.39
CA PRO F 323 -59.42 15.27 -28.31
C PRO F 323 -60.20 15.53 -27.03
N VAL F 324 -61.45 15.07 -27.04
CA VAL F 324 -62.35 15.32 -25.93
C VAL F 324 -61.89 14.57 -24.69
N GLY F 325 -61.96 15.24 -23.53
CA GLY F 325 -61.61 14.63 -22.28
C GLY F 325 -60.14 14.67 -21.92
N HIS F 326 -59.30 15.28 -22.75
CA HIS F 326 -57.86 15.31 -22.53
C HIS F 326 -57.38 16.72 -22.23
N ILE F 327 -56.13 16.80 -21.76
CA ILE F 327 -55.50 18.07 -21.43
C ILE F 327 -54.36 18.31 -22.43
N PRO F 328 -54.20 19.52 -22.95
CA PRO F 328 -53.16 19.76 -23.97
C PRO F 328 -51.76 19.56 -23.42
N ARG F 329 -50.87 19.11 -24.29
CA ARG F 329 -49.47 18.89 -23.95
C ARG F 329 -48.61 20.08 -24.40
N SER F 330 -47.33 20.01 -24.09
CA SER F 330 -46.39 21.08 -24.40
C SER F 330 -45.07 20.49 -24.87
N LEU F 331 -44.32 21.30 -25.62
CA LEU F 331 -43.03 20.89 -26.17
C LEU F 331 -42.03 22.01 -25.97
N ASN F 332 -40.76 21.65 -25.82
CA ASN F 332 -39.71 22.64 -25.60
C ASN F 332 -38.89 22.88 -26.87
N ILE F 333 -38.55 24.13 -27.12
CA ILE F 333 -37.81 24.54 -28.30
C ILE F 333 -36.56 25.29 -27.86
N HIS F 334 -35.41 24.92 -28.45
CA HIS F 334 -34.14 25.60 -28.23
C HIS F 334 -33.69 26.23 -29.54
N VAL F 335 -33.29 27.50 -29.49
CA VAL F 335 -32.84 28.21 -30.67
C VAL F 335 -31.49 28.88 -30.36
N ASN F 336 -30.53 28.71 -31.26
CA ASN F 336 -29.20 29.29 -31.15
C ASN F 336 -28.85 30.00 -32.45
N GLY F 337 -28.22 31.17 -32.35
CA GLY F 337 -27.73 31.85 -33.52
C GLY F 337 -28.46 33.13 -33.84
N THR F 338 -28.52 33.47 -35.14
CA THR F 338 -29.22 34.68 -35.56
C THR F 338 -30.73 34.46 -35.56
N LEU F 339 -31.18 33.21 -35.50
CA LEU F 339 -32.60 32.91 -35.47
C LEU F 339 -33.24 33.31 -34.14
N VAL F 340 -32.44 33.67 -33.14
CA VAL F 340 -32.97 34.09 -31.85
C VAL F 340 -33.86 35.31 -32.01
N ARG F 341 -34.90 35.40 -31.18
CA ARG F 341 -35.88 36.48 -31.08
C ARG F 341 -36.90 36.42 -32.21
N SER F 342 -36.98 35.31 -32.96
CA SER F 342 -37.96 35.21 -34.04
C SER F 342 -39.36 34.91 -33.51
N LEU F 343 -39.46 34.37 -32.30
CA LEU F 343 -40.72 33.97 -31.71
C LEU F 343 -41.01 34.82 -30.48
N SER F 344 -42.27 35.21 -30.33
CA SER F 344 -42.76 35.99 -29.20
C SER F 344 -44.00 35.32 -28.64
N PRO F 345 -44.31 35.55 -27.36
CA PRO F 345 -45.50 34.92 -26.77
C PRO F 345 -46.77 35.34 -27.48
N GLY F 346 -47.69 34.39 -27.63
CA GLY F 346 -48.97 34.65 -28.25
C GLY F 346 -49.02 34.49 -29.75
N ASP F 347 -48.02 33.85 -30.37
CA ASP F 347 -47.97 33.69 -31.81
C ASP F 347 -48.25 32.23 -32.18
N ILE F 348 -49.08 32.05 -33.21
CA ILE F 348 -49.34 30.73 -33.79
C ILE F 348 -48.41 30.55 -34.97
N VAL F 349 -47.48 29.60 -34.86
CA VAL F 349 -46.37 29.48 -35.81
C VAL F 349 -46.21 28.03 -36.20
N ASP F 350 -45.41 27.80 -37.24
CA ASP F 350 -45.04 26.46 -37.69
C ASP F 350 -43.52 26.36 -37.66
N VAL F 351 -42.99 25.64 -36.67
CA VAL F 351 -41.57 25.61 -36.39
C VAL F 351 -41.00 24.29 -36.87
N THR F 352 -39.88 24.37 -37.60
CA THR F 352 -39.16 23.20 -38.09
C THR F 352 -37.86 23.05 -37.31
N GLY F 353 -37.44 21.80 -37.10
CA GLY F 353 -36.21 21.58 -36.38
C GLY F 353 -35.92 20.11 -36.20
N ILE F 354 -34.88 19.84 -35.42
CA ILE F 354 -34.44 18.49 -35.11
C ILE F 354 -34.93 18.10 -33.71
N PHE F 355 -35.53 16.93 -33.61
CA PHE F 355 -36.11 16.44 -32.35
C PHE F 355 -35.09 15.56 -31.65
N LEU F 356 -34.54 16.04 -30.52
CA LEU F 356 -33.40 15.39 -29.90
C LEU F 356 -33.69 15.03 -28.46
N PRO F 357 -33.01 13.99 -27.93
CA PRO F 357 -33.22 13.60 -26.54
C PRO F 357 -32.33 14.37 -25.58
N ALA F 358 -32.92 14.93 -24.53
CA ALA F 358 -32.15 15.59 -23.48
C ALA F 358 -31.56 14.55 -22.53
N PRO F 359 -30.44 14.86 -21.88
CA PRO F 359 -29.80 13.83 -21.05
C PRO F 359 -30.49 13.57 -19.73
N TYR F 360 -31.22 14.54 -19.19
CA TYR F 360 -32.00 14.38 -17.94
C TYR F 360 -31.12 14.04 -16.75
N THR F 361 -29.82 14.30 -16.83
CA THR F 361 -28.89 13.89 -15.78
C THR F 361 -29.03 14.82 -14.56
N GLY F 362 -28.15 14.61 -13.60
CA GLY F 362 -28.21 15.32 -12.34
C GLY F 362 -29.05 14.59 -11.32
N PHE F 363 -29.79 15.36 -10.53
CA PHE F 363 -30.73 14.78 -9.60
C PHE F 363 -31.92 14.20 -10.35
N LYS F 364 -32.67 13.32 -9.68
CA LYS F 364 -33.90 12.69 -10.15
C LYS F 364 -33.69 11.94 -11.47
N ALA F 365 -32.43 11.77 -11.87
CA ALA F 365 -32.15 10.93 -13.04
C ALA F 365 -32.18 9.46 -12.68
N LEU F 366 -31.80 9.12 -11.45
CA LEU F 366 -31.72 7.73 -11.03
C LEU F 366 -33.08 7.05 -11.05
N LYS F 367 -34.11 7.75 -10.56
CA LYS F 367 -35.44 7.17 -10.51
C LYS F 367 -35.98 6.84 -11.89
N ALA F 368 -35.72 7.73 -12.87
CA ALA F 368 -36.17 7.45 -14.22
C ALA F 368 -35.42 6.27 -14.82
N GLY F 369 -34.10 6.26 -14.72
CA GLY F 369 -33.32 5.15 -15.22
C GLY F 369 -33.08 5.21 -16.72
N LEU F 370 -34.11 4.92 -17.51
CA LEU F 370 -34.02 4.94 -18.96
C LEU F 370 -35.01 5.91 -19.58
N LEU F 371 -35.62 6.77 -18.77
CA LEU F 371 -36.54 7.80 -19.27
C LEU F 371 -35.76 9.08 -19.54
N THR F 372 -36.06 9.73 -20.66
CA THR F 372 -35.36 10.92 -21.09
C THR F 372 -36.35 12.05 -21.37
N GLU F 373 -35.86 13.27 -21.26
CA GLU F 373 -36.59 14.45 -21.72
C GLU F 373 -36.43 14.55 -23.24
N THR F 374 -36.89 15.66 -23.80
CA THR F 374 -36.73 15.90 -25.23
C THR F 374 -36.85 17.38 -25.49
N TYR F 375 -36.39 17.79 -26.68
CA TYR F 375 -36.49 19.17 -27.11
C TYR F 375 -36.35 19.24 -28.61
N LEU F 376 -36.64 20.42 -29.17
CA LEU F 376 -36.56 20.65 -30.60
C LEU F 376 -35.59 21.79 -30.87
N GLU F 377 -34.50 21.47 -31.57
CA GLU F 377 -33.55 22.48 -32.04
C GLU F 377 -34.15 23.15 -33.27
N ALA F 378 -34.49 24.43 -33.15
CA ALA F 378 -35.23 25.12 -34.20
C ALA F 378 -34.30 25.60 -35.31
N GLN F 379 -34.80 25.56 -36.55
CA GLN F 379 -34.03 25.99 -37.70
C GLN F 379 -34.81 26.84 -38.68
N PHE F 380 -36.14 26.90 -38.58
CA PHE F 380 -36.93 27.73 -39.49
C PHE F 380 -38.21 28.14 -38.77
N VAL F 381 -38.73 29.30 -39.17
CA VAL F 381 -39.95 29.85 -38.57
C VAL F 381 -40.87 30.33 -39.69
N ARG F 382 -42.14 29.94 -39.62
CA ARG F 382 -43.17 30.36 -40.57
C ARG F 382 -44.38 30.85 -39.77
N GLN F 383 -44.44 32.15 -39.50
CA GLN F 383 -45.59 32.71 -38.83
C GLN F 383 -46.79 32.72 -39.77
N HIS F 384 -47.92 32.19 -39.30
CA HIS F 384 -49.09 32.06 -40.15
C HIS F 384 -49.65 33.43 -40.55
N LYS F 385 -49.73 34.35 -39.61
CA LYS F 385 -50.28 35.67 -39.89
C LYS F 385 -49.51 36.77 -39.16
N SER F 392 -48.32 53.18 -39.90
CA SER F 392 -47.39 53.53 -40.97
C SER F 392 -47.89 54.73 -41.76
N LEU F 393 -46.96 55.55 -42.26
CA LEU F 393 -47.28 56.73 -43.05
C LEU F 393 -46.75 56.51 -44.47
N THR F 394 -47.67 56.35 -45.42
CA THR F 394 -47.32 56.09 -46.81
C THR F 394 -48.43 56.67 -47.67
N SER F 395 -48.13 56.87 -48.96
CA SER F 395 -49.12 57.43 -49.88
C SER F 395 -50.39 56.58 -49.91
N ASP F 396 -50.26 55.27 -49.70
CA ASP F 396 -51.43 54.40 -49.70
C ASP F 396 -52.40 54.78 -48.60
N VAL F 397 -51.91 54.88 -47.35
CA VAL F 397 -52.79 55.27 -46.26
C VAL F 397 -53.13 56.76 -46.35
N GLU F 398 -52.31 57.54 -47.07
CA GLU F 398 -52.65 58.93 -47.31
C GLU F 398 -53.87 59.04 -48.22
N GLU F 399 -54.04 58.08 -49.14
CA GLU F 399 -55.17 58.06 -50.05
C GLU F 399 -56.37 57.31 -49.49
N ARG F 400 -56.16 56.37 -48.57
CA ARG F 400 -57.29 55.67 -47.96
C ARG F 400 -58.20 56.62 -47.20
N VAL F 401 -57.61 57.55 -46.43
CA VAL F 401 -58.41 58.50 -45.67
C VAL F 401 -59.16 59.44 -46.61
N MET F 402 -58.51 59.85 -47.71
CA MET F 402 -59.20 60.68 -48.70
C MET F 402 -60.35 59.94 -49.34
N GLU F 403 -60.17 58.65 -49.63
CA GLU F 403 -61.26 57.85 -50.18
C GLU F 403 -62.42 57.75 -49.21
N LEU F 404 -62.12 57.53 -47.93
CA LEU F 404 -63.19 57.43 -46.94
C LEU F 404 -63.90 58.78 -46.74
N ILE F 405 -63.15 59.88 -46.88
CA ILE F 405 -63.76 61.20 -46.83
C ILE F 405 -64.70 61.40 -48.00
N THR F 406 -64.26 61.02 -49.21
CA THR F 406 -65.11 61.15 -50.40
C THR F 406 -66.31 60.22 -50.30
N SER F 407 -66.21 59.14 -49.52
CA SER F 407 -67.35 58.25 -49.33
C SER F 407 -68.52 58.99 -48.68
N GLY F 408 -68.23 59.82 -47.68
CA GLY F 408 -69.27 60.56 -47.00
C GLY F 408 -70.00 59.73 -45.96
N ASP F 409 -70.84 60.43 -45.19
CA ASP F 409 -71.60 59.82 -44.12
C ASP F 409 -70.70 59.06 -43.16
N VAL F 410 -69.55 59.65 -42.82
CA VAL F 410 -68.55 58.96 -42.01
C VAL F 410 -69.11 58.64 -40.63
N TYR F 411 -69.81 59.60 -40.02
CA TYR F 411 -70.32 59.43 -38.66
C TYR F 411 -71.26 58.23 -38.58
N ASN F 412 -72.35 58.27 -39.36
CA ASN F 412 -73.38 57.24 -39.28
C ASN F 412 -72.83 55.88 -39.69
N ARG F 413 -72.05 55.83 -40.78
CA ARG F 413 -71.54 54.56 -41.26
C ARG F 413 -70.54 53.96 -40.27
N LEU F 414 -69.67 54.80 -39.69
CA LEU F 414 -68.73 54.32 -38.69
C LEU F 414 -69.46 53.76 -37.48
N ALA F 415 -70.51 54.46 -37.02
CA ALA F 415 -71.28 53.95 -35.88
C ALA F 415 -72.00 52.65 -36.24
N LYS F 416 -72.56 52.58 -37.46
CA LYS F 416 -73.41 51.46 -37.84
C LYS F 416 -72.61 50.19 -38.05
N SER F 417 -71.44 50.28 -38.70
CA SER F 417 -70.69 49.08 -39.02
C SER F 417 -70.17 48.38 -37.77
N ILE F 418 -70.18 49.07 -36.63
CA ILE F 418 -69.79 48.44 -35.37
C ILE F 418 -70.80 47.35 -35.02
N ALA F 419 -70.33 46.10 -35.02
CA ALA F 419 -71.14 44.93 -34.69
C ALA F 419 -72.42 44.91 -35.52
N PRO F 420 -72.34 44.64 -36.83
CA PRO F 420 -73.53 44.66 -37.67
C PRO F 420 -74.58 43.59 -37.33
N GLU F 421 -74.21 42.56 -36.55
CA GLU F 421 -75.20 41.57 -36.14
C GLU F 421 -76.30 42.21 -35.30
N ILE F 422 -75.91 43.06 -34.36
CA ILE F 422 -76.88 43.64 -33.43
C ILE F 422 -77.65 44.77 -34.10
N TYR F 423 -78.97 44.69 -34.03
CA TYR F 423 -79.89 45.60 -34.72
C TYR F 423 -80.47 46.55 -33.69
N GLY F 424 -80.23 47.84 -33.85
CA GLY F 424 -80.68 48.85 -32.92
C GLY F 424 -79.56 49.44 -32.10
N ASN F 425 -79.97 50.22 -31.09
CA ASN F 425 -79.04 50.88 -30.15
C ASN F 425 -78.02 51.73 -30.90
N LEU F 426 -78.53 52.51 -31.86
CA LEU F 426 -77.66 53.29 -32.74
C LEU F 426 -76.97 54.44 -32.00
N ASP F 427 -77.65 55.06 -31.04
CA ASP F 427 -77.03 56.12 -30.26
C ASP F 427 -75.88 55.59 -29.41
N VAL F 428 -76.04 54.38 -28.87
CA VAL F 428 -74.95 53.73 -28.16
C VAL F 428 -73.76 53.54 -29.08
N LYS F 429 -74.02 53.18 -30.34
CA LYS F 429 -72.94 53.00 -31.31
C LYS F 429 -72.28 54.34 -31.65
N LYS F 430 -73.05 55.43 -31.68
CA LYS F 430 -72.43 56.74 -31.80
C LYS F 430 -71.51 57.05 -30.63
N ALA F 431 -71.93 56.74 -29.41
CA ALA F 431 -71.13 57.05 -28.23
C ALA F 431 -69.88 56.18 -28.12
N LEU F 432 -69.97 54.93 -28.55
CA LEU F 432 -68.79 54.07 -28.56
C LEU F 432 -67.71 54.60 -29.49
N LEU F 433 -68.12 55.23 -30.61
CA LEU F 433 -67.16 55.88 -31.48
C LEU F 433 -66.43 57.02 -30.76
N LEU F 434 -67.18 57.85 -30.04
CA LEU F 434 -66.54 58.95 -29.30
C LEU F 434 -65.62 58.40 -28.21
N LEU F 435 -65.97 57.27 -27.61
CA LEU F 435 -65.08 56.64 -26.65
C LEU F 435 -63.82 56.11 -27.33
N LEU F 436 -63.95 55.61 -28.57
CA LEU F 436 -62.79 55.09 -29.29
C LEU F 436 -61.75 56.19 -29.53
N VAL F 437 -62.20 57.38 -29.91
CA VAL F 437 -61.32 58.52 -30.05
C VAL F 437 -61.12 59.10 -28.65
N GLY F 438 -60.11 59.94 -28.47
CA GLY F 438 -59.81 60.50 -27.17
C GLY F 438 -59.83 62.01 -27.22
N GLY F 439 -60.24 62.61 -26.11
CA GLY F 439 -60.24 64.05 -26.00
C GLY F 439 -58.85 64.61 -25.77
N VAL F 440 -58.78 65.94 -25.66
CA VAL F 440 -57.50 66.61 -25.50
C VAL F 440 -56.99 66.39 -24.07
N ASP F 441 -55.71 66.05 -23.96
CA ASP F 441 -55.01 65.97 -22.69
C ASP F 441 -54.04 67.14 -22.63
N LYS F 442 -54.44 68.21 -21.95
CA LYS F 442 -53.64 69.43 -21.86
C LYS F 442 -53.02 69.54 -20.48
N ARG F 443 -51.71 69.75 -20.45
CA ARG F 443 -50.97 69.90 -19.19
C ARG F 443 -50.89 71.37 -18.84
N VAL F 444 -51.75 71.81 -17.92
CA VAL F 444 -51.76 73.20 -17.49
C VAL F 444 -50.59 73.45 -16.54
N GLY F 445 -50.06 74.66 -16.57
CA GLY F 445 -48.97 75.01 -15.69
C GLY F 445 -49.39 75.01 -14.23
N ASP F 446 -48.38 75.02 -13.36
CA ASP F 446 -48.51 75.02 -11.89
C ASP F 446 -49.07 73.71 -11.37
N GLY F 447 -49.06 72.64 -12.16
CA GLY F 447 -49.47 71.34 -11.69
C GLY F 447 -50.85 70.89 -12.11
N MET F 448 -51.67 71.77 -12.67
CA MET F 448 -53.02 71.40 -13.06
C MET F 448 -52.99 70.48 -14.29
N LYS F 449 -53.83 69.44 -14.25
CA LYS F 449 -53.98 68.53 -15.37
C LYS F 449 -55.47 68.30 -15.62
N ILE F 450 -55.80 68.06 -16.88
CA ILE F 450 -57.17 67.80 -17.30
C ILE F 450 -57.17 66.56 -18.18
N ARG F 451 -58.15 65.68 -17.98
CA ARG F 451 -58.22 64.40 -18.66
C ARG F 451 -59.00 64.52 -19.96
N GLY F 452 -58.58 63.76 -20.96
CA GLY F 452 -59.30 63.69 -22.23
C GLY F 452 -59.91 62.33 -22.47
N ASP F 453 -59.63 61.38 -21.59
CA ASP F 453 -60.17 60.03 -21.73
C ASP F 453 -61.67 60.02 -21.46
N ILE F 454 -62.34 58.98 -21.97
CA ILE F 454 -63.80 58.90 -21.96
C ILE F 454 -64.22 57.81 -20.97
N ASN F 455 -65.24 58.11 -20.17
CA ASN F 455 -65.81 57.18 -19.22
C ASN F 455 -67.27 56.96 -19.59
N VAL F 456 -67.58 55.81 -20.16
CA VAL F 456 -68.93 55.49 -20.61
C VAL F 456 -69.42 54.26 -19.88
N CYS F 457 -70.54 54.38 -19.19
CA CYS F 457 -71.18 53.26 -18.51
C CYS F 457 -72.52 52.98 -19.18
N LEU F 458 -72.80 51.68 -19.38
CA LEU F 458 -73.99 51.24 -20.06
C LEU F 458 -74.79 50.35 -19.11
N MET F 459 -75.90 50.89 -18.61
CA MET F 459 -76.78 50.14 -17.72
C MET F 459 -78.00 49.65 -18.48
N GLY F 460 -78.71 48.72 -17.88
CA GLY F 460 -79.95 48.26 -18.48
C GLY F 460 -80.26 46.82 -18.10
N ASP F 461 -81.49 46.43 -18.43
CA ASP F 461 -82.01 45.13 -18.04
C ASP F 461 -81.22 44.00 -18.71
N PRO F 462 -81.21 42.82 -18.11
CA PRO F 462 -80.51 41.68 -18.71
C PRO F 462 -81.16 41.26 -20.02
N GLY F 463 -80.35 40.62 -20.86
CA GLY F 463 -80.84 40.17 -22.15
C GLY F 463 -81.18 41.29 -23.11
N VAL F 464 -80.33 42.30 -23.21
CA VAL F 464 -80.47 43.36 -24.20
C VAL F 464 -79.23 43.45 -25.08
N ALA F 465 -78.46 42.37 -25.24
CA ALA F 465 -77.14 42.37 -25.94
C ALA F 465 -76.13 43.17 -25.15
N LYS F 466 -76.08 42.97 -23.85
CA LYS F 466 -75.22 43.83 -23.01
C LYS F 466 -73.76 43.52 -23.31
N SER F 467 -73.45 42.24 -23.51
CA SER F 467 -72.09 41.73 -23.34
C SER F 467 -71.61 41.17 -24.65
N GLN F 468 -72.12 41.67 -25.78
CA GLN F 468 -71.55 41.35 -27.10
C GLN F 468 -71.03 42.70 -27.51
N LEU F 469 -71.73 43.72 -27.08
CA LEU F 469 -71.41 45.07 -27.54
C LEU F 469 -70.04 45.34 -27.06
N LEU F 470 -69.80 44.91 -25.84
CA LEU F 470 -68.52 45.28 -25.21
C LEU F 470 -67.42 44.51 -25.93
N LYS F 471 -67.58 43.20 -25.90
CA LYS F 471 -66.56 42.38 -26.53
C LYS F 471 -66.22 42.89 -27.93
N ALA F 472 -67.23 43.34 -28.68
CA ALA F 472 -67.00 43.76 -30.04
C ALA F 472 -66.12 45.01 -30.09
N ILE F 473 -66.34 45.95 -29.17
CA ILE F 473 -65.51 47.16 -29.14
C ILE F 473 -64.04 46.84 -28.87
N CYS F 474 -63.76 45.76 -28.15
CA CYS F 474 -62.37 45.41 -27.85
C CYS F 474 -61.60 45.06 -29.13
N LYS F 475 -62.29 44.56 -30.15
CA LYS F 475 -61.62 44.19 -31.39
C LYS F 475 -61.03 45.40 -32.10
N ILE F 476 -61.75 46.53 -32.07
CA ILE F 476 -61.35 47.69 -32.87
C ILE F 476 -59.99 48.22 -32.44
N SER F 477 -59.77 48.37 -31.13
CA SER F 477 -58.53 48.97 -30.67
C SER F 477 -57.57 47.89 -30.17
N PRO F 478 -56.31 47.93 -30.61
CA PRO F 478 -55.34 46.92 -30.16
C PRO F 478 -55.05 47.03 -28.67
N ARG F 479 -54.98 48.25 -28.15
CA ARG F 479 -54.71 48.48 -26.73
C ARG F 479 -56.02 48.43 -25.97
N GLY F 480 -56.38 47.24 -25.51
CA GLY F 480 -57.62 47.08 -24.76
C GLY F 480 -57.63 45.75 -24.04
N VAL F 481 -58.25 45.75 -22.87
CA VAL F 481 -58.34 44.56 -22.02
C VAL F 481 -59.78 44.39 -21.57
N TYR F 482 -60.28 43.15 -21.68
CA TYR F 482 -61.61 42.80 -21.23
C TYR F 482 -61.49 42.13 -19.86
N THR F 483 -61.87 42.86 -18.82
CA THR F 483 -61.79 42.38 -17.45
C THR F 483 -63.19 42.09 -16.92
N THR F 484 -63.34 40.95 -16.25
CA THR F 484 -64.64 40.50 -15.78
C THR F 484 -64.68 40.45 -14.25
N GLY F 485 -65.72 39.84 -13.70
CA GLY F 485 -65.95 39.85 -12.27
C GLY F 485 -64.91 39.09 -11.47
N LYS F 486 -65.31 38.72 -10.24
CA LYS F 486 -64.38 38.18 -9.24
C LYS F 486 -63.79 36.83 -9.62
N GLY F 487 -64.08 36.29 -10.81
CA GLY F 487 -63.42 35.07 -11.23
C GLY F 487 -61.91 35.20 -11.27
N SER F 488 -61.41 36.35 -11.74
CA SER F 488 -59.99 36.67 -11.69
C SER F 488 -59.83 38.10 -11.23
N SER F 489 -58.68 38.38 -10.60
CA SER F 489 -58.37 39.70 -10.07
C SER F 489 -57.30 40.35 -10.94
N GLY F 490 -57.74 41.20 -11.86
CA GLY F 490 -56.83 41.90 -12.74
C GLY F 490 -57.00 43.40 -12.75
N VAL F 491 -58.16 43.87 -12.30
CA VAL F 491 -58.44 45.31 -12.31
C VAL F 491 -57.49 46.03 -11.36
N GLY F 492 -57.39 45.55 -10.13
CA GLY F 492 -56.52 46.14 -9.13
C GLY F 492 -55.26 45.37 -8.80
N LEU F 493 -54.85 44.42 -9.63
CA LEU F 493 -53.67 43.60 -9.34
C LEU F 493 -52.40 44.33 -9.74
N THR F 494 -52.15 45.45 -9.06
CA THR F 494 -50.88 46.16 -9.17
C THR F 494 -49.93 45.71 -8.06
N ALA F 495 -49.78 44.39 -7.98
CA ALA F 495 -48.98 43.78 -6.92
C ALA F 495 -47.49 44.00 -7.18
N ALA F 496 -46.72 43.97 -6.10
CA ALA F 496 -45.27 44.09 -6.17
C ALA F 496 -44.55 42.78 -5.90
N VAL F 497 -45.28 41.68 -5.79
CA VAL F 497 -44.70 40.36 -5.53
C VAL F 497 -45.11 39.44 -6.66
N MET F 498 -44.14 38.69 -7.19
CA MET F 498 -44.39 37.72 -8.27
C MET F 498 -43.48 36.52 -8.02
N LYS F 499 -44.08 35.41 -7.60
CA LYS F 499 -43.32 34.18 -7.32
C LYS F 499 -43.13 33.40 -8.62
N ASP F 500 -42.30 33.96 -9.49
CA ASP F 500 -42.04 33.34 -10.77
C ASP F 500 -41.22 32.06 -10.57
N PRO F 501 -41.67 30.92 -11.09
CA PRO F 501 -40.96 29.66 -10.82
C PRO F 501 -39.54 29.62 -11.35
N VAL F 502 -39.21 30.43 -12.36
CA VAL F 502 -37.92 30.29 -13.03
C VAL F 502 -36.78 30.68 -12.10
N THR F 503 -36.98 31.70 -11.26
CA THR F 503 -35.91 32.22 -10.42
C THR F 503 -36.31 32.49 -8.97
N ASP F 504 -37.61 32.48 -8.65
CA ASP F 504 -38.09 32.67 -7.28
C ASP F 504 -37.62 34.01 -6.70
N GLU F 505 -37.78 35.07 -7.48
CA GLU F 505 -37.55 36.43 -7.02
C GLU F 505 -38.77 37.27 -7.36
N MET F 506 -38.93 38.40 -6.66
CA MET F 506 -40.10 39.24 -6.88
C MET F 506 -39.95 40.04 -8.17
N ILE F 507 -41.06 40.19 -8.89
CA ILE F 507 -41.14 41.05 -10.07
C ILE F 507 -42.34 41.97 -9.89
N LEU F 508 -42.13 43.27 -10.12
CA LEU F 508 -43.24 44.21 -10.09
C LEU F 508 -44.18 43.95 -11.24
N GLU F 509 -45.43 43.60 -10.92
CA GLU F 509 -46.43 43.20 -11.91
C GLU F 509 -47.55 44.22 -11.92
N GLY F 510 -47.73 44.89 -13.06
CA GLY F 510 -48.79 45.86 -13.18
C GLY F 510 -50.14 45.23 -13.48
N GLY F 511 -51.19 45.98 -13.14
CA GLY F 511 -52.55 45.52 -13.35
C GLY F 511 -53.04 45.78 -14.76
N ALA F 512 -54.31 45.42 -14.99
CA ALA F 512 -54.93 45.65 -16.28
C ALA F 512 -55.16 47.13 -16.57
N LEU F 513 -55.48 47.90 -15.53
CA LEU F 513 -55.70 49.34 -15.69
C LEU F 513 -54.41 50.02 -16.17
N VAL F 514 -53.27 49.63 -15.58
CA VAL F 514 -51.99 50.17 -16.01
C VAL F 514 -51.63 49.66 -17.41
N LEU F 515 -51.98 48.40 -17.68
CA LEU F 515 -51.57 47.78 -18.94
C LEU F 515 -52.11 48.54 -20.15
N ALA F 516 -53.36 49.00 -20.08
CA ALA F 516 -53.98 49.72 -21.19
C ALA F 516 -53.70 51.20 -21.02
N ASP F 517 -52.62 51.68 -21.64
CA ASP F 517 -52.30 53.09 -21.68
C ASP F 517 -52.68 53.65 -23.04
N ASN F 518 -53.39 54.79 -23.03
CA ASN F 518 -53.99 55.35 -24.24
C ASN F 518 -54.97 54.37 -24.88
N GLY F 519 -55.56 53.50 -24.06
CA GLY F 519 -56.44 52.46 -24.55
C GLY F 519 -57.77 52.39 -23.83
N ILE F 520 -58.51 51.32 -24.06
CA ILE F 520 -59.87 51.16 -23.53
C ILE F 520 -59.88 49.96 -22.58
N CYS F 521 -60.43 50.15 -21.39
CA CYS F 521 -60.60 49.07 -20.42
C CYS F 521 -62.07 48.70 -20.36
N CYS F 522 -62.41 47.48 -20.81
CA CYS F 522 -63.79 47.02 -20.87
C CYS F 522 -64.08 46.18 -19.63
N ILE F 523 -64.80 46.78 -18.68
CA ILE F 523 -65.07 46.13 -17.39
C ILE F 523 -66.48 45.57 -17.47
N ASP F 524 -66.56 44.27 -17.73
CA ASP F 524 -67.86 43.59 -17.75
C ASP F 524 -68.24 43.15 -16.34
N GLU F 525 -69.56 43.08 -16.09
CA GLU F 525 -70.11 42.70 -14.80
C GLU F 525 -69.52 43.55 -13.69
N PHE F 526 -69.60 44.87 -13.87
CA PHE F 526 -69.03 45.82 -12.91
C PHE F 526 -69.78 45.84 -11.58
N ASP F 527 -71.03 45.38 -11.56
CA ASP F 527 -71.79 45.34 -10.32
C ASP F 527 -71.16 44.41 -9.29
N LYS F 528 -70.76 43.21 -9.71
CA LYS F 528 -70.26 42.21 -8.79
C LYS F 528 -68.80 42.43 -8.39
N MET F 529 -68.12 43.39 -9.01
CA MET F 529 -66.71 43.60 -8.72
C MET F 529 -66.55 44.30 -7.37
N ASP F 530 -65.51 43.89 -6.64
CA ASP F 530 -65.35 44.21 -5.22
C ASP F 530 -64.80 45.62 -5.05
N GLU F 531 -64.95 46.15 -3.83
CA GLU F 531 -64.50 47.50 -3.48
C GLU F 531 -62.99 47.66 -3.60
N SER F 532 -62.26 46.54 -3.51
CA SER F 532 -60.81 46.59 -3.67
C SER F 532 -60.44 47.14 -5.05
N ASP F 533 -61.17 46.70 -6.07
CA ASP F 533 -60.98 47.27 -7.40
C ASP F 533 -61.64 48.63 -7.51
N ARG F 534 -62.69 48.88 -6.70
CA ARG F 534 -63.34 50.19 -6.71
C ARG F 534 -62.36 51.28 -6.29
N THR F 535 -61.42 50.95 -5.41
CA THR F 535 -60.39 51.93 -5.04
C THR F 535 -59.57 52.36 -6.25
N ALA F 536 -59.11 51.39 -7.05
CA ALA F 536 -58.34 51.71 -8.23
C ALA F 536 -59.17 52.49 -9.26
N ILE F 537 -60.43 52.08 -9.44
CA ILE F 537 -61.30 52.78 -10.38
C ILE F 537 -61.52 54.22 -9.92
N HIS F 538 -61.68 54.42 -8.62
CA HIS F 538 -61.81 55.76 -8.06
C HIS F 538 -60.57 56.60 -8.32
N GLU F 539 -59.38 56.00 -8.14
CA GLU F 539 -58.17 56.79 -8.22
C GLU F 539 -57.78 57.11 -9.67
N VAL F 540 -58.04 56.18 -10.60
CA VAL F 540 -57.68 56.43 -12.00
C VAL F 540 -58.43 57.63 -12.54
N MET F 541 -59.74 57.69 -12.30
CA MET F 541 -60.54 58.80 -12.82
C MET F 541 -60.11 60.12 -12.19
N GLU F 542 -59.47 60.06 -11.02
CA GLU F 542 -59.04 61.29 -10.35
C GLU F 542 -57.71 61.77 -10.89
N GLN F 543 -56.69 60.90 -10.91
CA GLN F 543 -55.34 61.32 -11.27
C GLN F 543 -54.64 60.45 -12.31
N GLN F 544 -55.16 59.27 -12.63
CA GLN F 544 -54.63 58.40 -13.68
C GLN F 544 -53.21 57.91 -13.37
N THR F 545 -52.80 57.92 -12.11
CA THR F 545 -51.46 57.48 -11.72
C THR F 545 -51.60 56.50 -10.57
N ILE F 546 -51.39 55.21 -10.86
CA ILE F 546 -51.59 54.16 -9.88
C ILE F 546 -50.43 54.13 -8.89
N SER F 547 -50.77 54.24 -7.60
CA SER F 547 -49.81 53.94 -6.55
C SER F 547 -49.67 52.42 -6.41
N ILE F 548 -48.47 51.98 -6.06
CA ILE F 548 -48.15 50.55 -6.15
C ILE F 548 -48.16 49.93 -4.76
N SER F 549 -48.05 48.60 -4.70
CA SER F 549 -48.11 47.87 -3.45
C SER F 549 -47.02 48.32 -2.49
N LYS F 550 -47.17 47.90 -1.23
CA LYS F 550 -46.32 48.36 -0.13
C LYS F 550 -45.10 47.47 0.08
N ALA F 551 -44.62 46.80 -0.97
CA ALA F 551 -43.44 45.93 -0.86
C ALA F 551 -42.15 46.73 -1.03
N GLY F 552 -42.08 47.84 -0.31
CA GLY F 552 -40.87 48.63 -0.20
C GLY F 552 -40.29 49.13 -1.51
N ILE F 553 -41.14 49.62 -2.41
CA ILE F 553 -40.67 50.22 -3.66
C ILE F 553 -41.17 51.64 -3.88
N ASN F 554 -42.34 52.01 -3.33
CA ASN F 554 -42.85 53.37 -3.41
C ASN F 554 -42.84 53.89 -4.85
N THR F 555 -43.62 53.22 -5.71
CA THR F 555 -43.62 53.51 -7.14
C THR F 555 -45.00 54.01 -7.58
N THR F 556 -45.01 55.01 -8.45
CA THR F 556 -46.21 55.51 -9.08
C THR F 556 -46.11 55.30 -10.59
N LEU F 557 -47.13 54.68 -11.17
CA LEU F 557 -47.10 54.29 -12.58
C LEU F 557 -48.19 55.01 -13.36
N ASN F 558 -47.84 55.48 -14.55
CA ASN F 558 -48.80 56.13 -15.42
C ASN F 558 -49.92 55.17 -15.81
N ALA F 559 -51.16 55.65 -15.71
CA ALA F 559 -52.30 54.80 -16.04
C ALA F 559 -53.39 55.52 -16.82
N ARG F 560 -53.05 56.49 -17.67
CA ARG F 560 -54.05 57.19 -18.47
C ARG F 560 -54.83 56.20 -19.34
N THR F 561 -56.13 56.07 -19.07
CA THR F 561 -56.94 55.10 -19.80
C THR F 561 -58.39 55.58 -19.83
N SER F 562 -59.15 55.03 -20.76
CA SER F 562 -60.57 55.27 -20.90
C SER F 562 -61.32 54.04 -20.42
N ILE F 563 -62.51 54.24 -19.85
CA ILE F 563 -63.25 53.19 -19.18
C ILE F 563 -64.58 52.96 -19.89
N LEU F 564 -64.86 51.69 -20.19
CA LEU F 564 -66.14 51.27 -20.76
C LEU F 564 -66.73 50.22 -19.83
N ALA F 565 -67.77 50.59 -19.10
CA ALA F 565 -68.34 49.74 -18.06
C ALA F 565 -69.71 49.25 -18.48
N ALA F 566 -70.02 48.00 -18.16
CA ALA F 566 -71.33 47.41 -18.38
C ALA F 566 -71.93 47.05 -17.03
N ALA F 567 -73.20 47.43 -16.82
CA ALA F 567 -73.83 47.29 -15.52
C ALA F 567 -75.08 46.42 -15.62
N ASN F 568 -75.44 45.83 -14.48
CA ASN F 568 -76.60 44.98 -14.24
C ASN F 568 -77.40 45.52 -13.07
N PRO F 569 -78.65 45.94 -13.30
CA PRO F 569 -79.43 46.53 -12.21
C PRO F 569 -79.73 45.51 -11.11
N LEU F 570 -79.89 46.03 -9.91
CA LEU F 570 -80.10 45.18 -8.74
C LEU F 570 -81.41 44.41 -8.86
N TYR F 571 -81.37 43.14 -8.44
CA TYR F 571 -82.52 42.22 -8.45
C TYR F 571 -83.35 42.34 -9.72
N GLY F 572 -82.73 42.14 -10.87
CA GLY F 572 -83.48 41.96 -12.10
C GLY F 572 -83.46 43.12 -13.08
N ARG F 573 -84.61 43.79 -13.23
CA ARG F 573 -84.81 44.77 -14.28
C ARG F 573 -85.05 46.13 -13.65
N TYR F 574 -85.46 47.08 -14.48
CA TYR F 574 -85.83 48.40 -13.98
C TYR F 574 -87.05 48.28 -13.08
N ASN F 575 -87.10 49.15 -12.08
CA ASN F 575 -88.10 49.10 -11.01
C ASN F 575 -88.73 50.49 -10.96
N PRO F 576 -90.06 50.61 -10.87
CA PRO F 576 -90.65 51.95 -10.72
C PRO F 576 -90.19 52.70 -9.48
N ARG F 577 -89.31 52.13 -8.67
CA ARG F 577 -88.54 52.92 -7.73
C ARG F 577 -87.88 54.08 -8.47
N LEU F 578 -88.07 55.29 -7.93
CA LEU F 578 -87.76 56.49 -8.70
C LEU F 578 -86.26 56.74 -8.80
N SER F 579 -85.51 56.45 -7.75
CA SER F 579 -84.10 56.85 -7.72
C SER F 579 -83.26 55.91 -8.58
N PRO F 580 -82.49 56.45 -9.54
CA PRO F 580 -81.51 55.59 -10.23
C PRO F 580 -80.49 54.98 -9.30
N LEU F 581 -80.20 55.64 -8.18
CA LEU F 581 -79.29 55.08 -7.19
C LEU F 581 -79.86 53.80 -6.58
N ASP F 582 -81.18 53.65 -6.60
CA ASP F 582 -81.79 52.44 -6.06
C ASP F 582 -81.67 51.28 -7.04
N ASN F 583 -81.55 51.57 -8.34
CA ASN F 583 -81.50 50.51 -9.34
C ASN F 583 -80.21 49.72 -9.26
N ILE F 584 -79.09 50.39 -8.96
CA ILE F 584 -77.78 49.74 -8.91
C ILE F 584 -77.11 50.09 -7.59
N ASN F 585 -76.11 49.28 -7.24
CA ASN F 585 -75.35 49.44 -6.00
C ASN F 585 -74.33 50.56 -6.08
N LEU F 586 -73.98 51.01 -7.29
CA LEU F 586 -72.86 51.93 -7.48
C LEU F 586 -73.09 53.23 -6.72
N PRO F 587 -72.06 53.77 -6.07
CA PRO F 587 -72.24 55.03 -5.35
C PRO F 587 -72.48 56.19 -6.31
N ALA F 588 -73.06 57.27 -5.79
CA ALA F 588 -73.30 58.45 -6.61
C ALA F 588 -71.98 59.09 -7.05
N ALA F 589 -70.99 59.13 -6.16
CA ALA F 589 -69.70 59.73 -6.52
C ALA F 589 -69.03 58.96 -7.65
N LEU F 590 -69.10 57.63 -7.62
CA LEU F 590 -68.50 56.83 -8.68
C LEU F 590 -69.19 57.09 -10.02
N LEU F 591 -70.52 57.17 -10.02
CA LEU F 591 -71.26 57.45 -11.24
C LEU F 591 -71.06 58.86 -11.75
N SER F 592 -70.80 59.82 -10.87
CA SER F 592 -70.59 61.20 -11.32
C SER F 592 -69.33 61.34 -12.16
N ARG F 593 -68.28 60.59 -11.83
CA ARG F 593 -67.02 60.68 -12.58
C ARG F 593 -67.17 60.12 -13.98
N PHE F 594 -68.13 59.23 -14.21
CA PHE F 594 -68.38 58.72 -15.55
C PHE F 594 -68.86 59.84 -16.46
N ASP F 595 -68.28 59.89 -17.66
CA ASP F 595 -68.66 60.95 -18.61
C ASP F 595 -70.09 60.78 -19.06
N ILE F 596 -70.50 59.57 -19.46
CA ILE F 596 -71.84 59.33 -19.98
C ILE F 596 -72.41 58.05 -19.37
N LEU F 597 -73.71 58.10 -19.09
CA LEU F 597 -74.48 56.97 -18.60
C LEU F 597 -75.58 56.66 -19.61
N PHE F 598 -75.72 55.38 -19.97
CA PHE F 598 -76.75 54.93 -20.93
C PHE F 598 -77.62 53.87 -20.27
N LEU F 599 -78.92 54.14 -20.23
CA LEU F 599 -79.89 53.13 -19.83
C LEU F 599 -80.56 52.52 -21.05
N MET F 600 -80.45 51.19 -21.18
CA MET F 600 -81.15 50.45 -22.23
C MET F 600 -82.09 49.47 -21.54
N LEU F 601 -83.34 49.89 -21.37
CA LEU F 601 -84.37 49.08 -20.73
C LEU F 601 -85.11 48.28 -21.79
N ASP F 602 -85.45 47.04 -21.45
CA ASP F 602 -86.18 46.14 -22.35
C ASP F 602 -87.67 46.35 -22.14
N ILE F 603 -88.30 47.08 -23.05
CA ILE F 603 -89.73 47.36 -23.00
C ILE F 603 -90.41 46.53 -24.08
N PRO F 604 -91.43 45.75 -23.75
CA PRO F 604 -92.06 44.89 -24.76
C PRO F 604 -92.93 45.70 -25.71
N SER F 605 -92.64 45.59 -27.01
CA SER F 605 -93.42 46.23 -28.06
C SER F 605 -93.62 45.23 -29.18
N ARG F 606 -94.86 45.12 -29.67
CA ARG F 606 -95.19 44.06 -30.60
C ARG F 606 -94.47 44.21 -31.93
N ASP F 607 -94.20 45.44 -32.34
CA ASP F 607 -93.52 45.66 -33.63
C ASP F 607 -92.06 45.26 -33.56
N ASP F 608 -91.36 45.67 -32.49
CA ASP F 608 -89.92 45.46 -32.42
C ASP F 608 -89.55 43.99 -32.30
N ASP F 609 -90.39 43.22 -31.61
CA ASP F 609 -90.09 41.80 -31.42
C ASP F 609 -90.09 41.06 -32.75
N GLU F 610 -90.99 41.42 -33.66
CA GLU F 610 -91.02 40.77 -34.96
C GLU F 610 -89.72 40.97 -35.73
N LYS F 611 -89.26 42.22 -35.84
CA LYS F 611 -88.02 42.47 -36.56
C LYS F 611 -86.82 41.84 -35.86
N LEU F 612 -86.79 41.86 -34.52
CA LEU F 612 -85.68 41.23 -33.80
C LEU F 612 -85.65 39.73 -34.07
N ALA F 613 -86.81 39.07 -34.01
CA ALA F 613 -86.86 37.63 -34.27
C ALA F 613 -86.45 37.31 -35.70
N GLU F 614 -86.91 38.10 -36.66
CA GLU F 614 -86.53 37.88 -38.06
C GLU F 614 -85.04 38.04 -38.25
N HIS F 615 -84.46 39.09 -37.66
CA HIS F 615 -83.02 39.32 -37.78
C HIS F 615 -82.22 38.20 -37.16
N VAL F 616 -82.64 37.72 -35.99
CA VAL F 616 -81.91 36.64 -35.33
C VAL F 616 -82.03 35.34 -36.13
N THR F 617 -83.21 35.04 -36.66
CA THR F 617 -83.42 33.79 -37.36
C THR F 617 -82.77 33.75 -38.74
N TYR F 618 -82.62 34.90 -39.40
CA TYR F 618 -81.93 34.89 -40.69
C TYR F 618 -80.48 34.43 -40.53
N VAL F 619 -79.83 34.84 -39.44
CA VAL F 619 -78.47 34.41 -39.15
C VAL F 619 -78.37 32.91 -38.94
N HIS F 620 -79.37 32.29 -38.32
CA HIS F 620 -79.38 30.84 -38.12
C HIS F 620 -79.68 30.08 -39.40
N MET F 621 -80.62 30.56 -40.22
CA MET F 621 -80.89 29.89 -41.48
C MET F 621 -79.68 29.96 -42.40
N HIS F 622 -79.25 31.16 -42.77
CA HIS F 622 -78.00 31.38 -43.50
C HIS F 622 -76.99 32.05 -42.58
N ASN F 623 -75.79 31.47 -42.51
CA ASN F 623 -74.75 31.99 -41.63
C ASN F 623 -74.40 33.44 -41.94
N LYS F 624 -74.56 33.87 -43.19
CA LYS F 624 -74.30 35.26 -43.55
C LYS F 624 -75.32 36.19 -42.89
N GLN F 625 -74.86 37.39 -42.55
CA GLN F 625 -75.73 38.40 -41.97
C GLN F 625 -76.72 38.88 -43.03
N PRO F 626 -77.91 39.35 -42.62
CA PRO F 626 -78.93 39.73 -43.60
C PRO F 626 -78.51 40.88 -44.50
N ASP F 627 -78.49 40.63 -45.81
CA ASP F 627 -78.07 41.65 -46.77
C ASP F 627 -79.03 42.83 -46.73
N LEU F 628 -78.48 44.04 -46.76
CA LEU F 628 -79.27 45.26 -46.66
C LEU F 628 -78.52 46.37 -47.38
N ASP F 629 -79.24 47.46 -47.65
CA ASP F 629 -78.63 48.60 -48.34
C ASP F 629 -77.45 49.15 -47.55
N PHE F 630 -77.46 48.97 -46.23
CA PHE F 630 -76.33 49.40 -45.42
C PHE F 630 -75.07 48.63 -45.80
N THR F 631 -73.97 49.36 -46.00
CA THR F 631 -72.73 48.72 -46.41
C THR F 631 -71.77 48.57 -45.25
N PRO F 632 -71.29 47.35 -44.96
CA PRO F 632 -70.29 47.17 -43.91
C PRO F 632 -68.92 47.61 -44.39
N VAL F 633 -68.41 48.69 -43.79
CA VAL F 633 -67.08 49.17 -44.16
C VAL F 633 -66.03 48.18 -43.67
N GLU F 634 -64.94 48.08 -44.43
CA GLU F 634 -63.91 47.09 -44.15
C GLU F 634 -63.20 47.42 -42.83
N PRO F 635 -63.01 46.43 -41.94
CA PRO F 635 -62.46 46.74 -40.59
C PRO F 635 -61.08 47.36 -40.59
N SER F 636 -60.20 46.97 -41.51
CA SER F 636 -58.88 47.57 -41.55
C SER F 636 -58.97 49.06 -41.85
N LYS F 637 -59.94 49.45 -42.69
CA LYS F 637 -60.22 50.87 -42.89
C LYS F 637 -60.71 51.52 -41.60
N MET F 638 -61.54 50.82 -40.82
CA MET F 638 -61.93 51.32 -39.50
C MET F 638 -60.70 51.66 -38.66
N ARG F 639 -59.77 50.71 -38.54
CA ARG F 639 -58.59 50.92 -37.72
C ARG F 639 -57.73 52.05 -38.28
N GLU F 640 -57.56 52.09 -39.61
CA GLU F 640 -56.73 53.12 -40.21
C GLU F 640 -57.28 54.51 -39.98
N TYR F 641 -58.61 54.66 -40.09
CA TYR F 641 -59.20 55.98 -39.85
C TYR F 641 -59.17 56.33 -38.37
N ILE F 642 -59.41 55.36 -37.49
CA ILE F 642 -59.42 55.62 -36.06
C ILE F 642 -58.05 56.08 -35.59
N ALA F 643 -57.00 55.39 -36.02
CA ALA F 643 -55.65 55.77 -35.63
C ALA F 643 -55.28 57.14 -36.17
N TYR F 644 -55.63 57.41 -37.42
CA TYR F 644 -55.32 58.71 -38.03
C TYR F 644 -56.03 59.84 -37.31
N ALA F 645 -57.29 59.61 -36.93
CA ALA F 645 -58.01 60.61 -36.14
C ALA F 645 -57.36 60.80 -34.77
N LYS F 646 -56.90 59.71 -34.15
CA LYS F 646 -56.26 59.81 -32.85
C LYS F 646 -54.98 60.64 -32.92
N THR F 647 -54.20 60.49 -34.00
CA THR F 647 -52.98 61.25 -34.13
C THR F 647 -53.25 62.75 -34.27
N LYS F 648 -54.43 63.11 -34.78
CA LYS F 648 -54.74 64.52 -35.01
C LYS F 648 -54.93 65.26 -33.69
N ARG F 649 -54.58 66.55 -33.70
CA ARG F 649 -54.69 67.40 -32.52
C ARG F 649 -55.54 68.62 -32.84
N PRO F 650 -56.75 68.70 -32.30
CA PRO F 650 -57.61 69.87 -32.52
C PRO F 650 -57.05 71.14 -31.89
N VAL F 651 -57.84 72.21 -32.02
CA VAL F 651 -57.57 73.47 -31.33
C VAL F 651 -58.88 74.23 -31.26
N MET F 652 -59.02 75.09 -30.25
CA MET F 652 -60.27 75.80 -29.99
C MET F 652 -60.07 77.30 -30.15
N SER F 653 -61.19 78.01 -30.19
CA SER F 653 -61.22 79.45 -30.35
C SER F 653 -62.04 80.08 -29.22
N GLU F 654 -61.85 81.37 -29.03
CA GLU F 654 -62.53 82.07 -27.93
C GLU F 654 -64.02 82.23 -28.22
N ALA F 655 -64.38 82.36 -29.50
CA ALA F 655 -65.78 82.56 -29.85
C ALA F 655 -66.61 81.31 -29.59
N VAL F 656 -66.05 80.13 -29.86
CA VAL F 656 -66.80 78.89 -29.71
C VAL F 656 -67.17 78.65 -28.24
N ASN F 657 -66.22 78.85 -27.33
CA ASN F 657 -66.42 78.57 -25.92
C ASN F 657 -67.34 79.57 -25.23
N ASP F 658 -67.66 80.69 -25.90
CA ASP F 658 -68.58 81.65 -25.29
C ASP F 658 -70.00 81.10 -25.22
N TYR F 659 -70.43 80.39 -26.26
CA TYR F 659 -71.76 79.78 -26.26
C TYR F 659 -71.85 78.64 -25.25
N VAL F 660 -70.71 78.04 -24.89
CA VAL F 660 -70.71 76.95 -23.91
C VAL F 660 -71.15 77.47 -22.54
N VAL F 661 -70.77 78.71 -22.21
CA VAL F 661 -71.17 79.30 -20.94
C VAL F 661 -72.69 79.47 -20.90
N GLN F 662 -73.28 79.96 -22.00
CA GLN F 662 -74.73 80.10 -22.05
C GLN F 662 -75.41 78.75 -21.96
N ALA F 663 -74.87 77.74 -22.64
CA ALA F 663 -75.43 76.40 -22.55
C ALA F 663 -75.39 75.90 -21.11
N TYR F 664 -74.27 76.10 -20.42
CA TYR F 664 -74.13 75.60 -19.07
C TYR F 664 -75.05 76.34 -18.10
N ILE F 665 -75.20 77.65 -18.25
CA ILE F 665 -76.08 78.36 -17.34
C ILE F 665 -77.53 77.98 -17.58
N ARG F 666 -77.91 77.74 -18.85
CA ARG F 666 -79.26 77.24 -19.11
C ARG F 666 -79.46 75.86 -18.50
N LEU F 667 -78.45 74.99 -18.61
CA LEU F 667 -78.56 73.65 -18.02
C LEU F 667 -78.69 73.73 -16.50
N ARG F 668 -77.92 74.62 -15.86
CA ARG F 668 -78.01 74.74 -14.41
C ARG F 668 -79.34 75.33 -13.97
N GLN F 669 -79.84 76.34 -14.70
CA GLN F 669 -81.15 76.90 -14.38
C GLN F 669 -82.26 75.89 -14.61
N ASP F 670 -82.06 74.95 -15.52
CA ASP F 670 -82.98 73.82 -15.62
C ASP F 670 -82.82 72.88 -14.43
N SER F 671 -81.58 72.60 -14.04
CA SER F 671 -81.31 71.62 -12.99
C SER F 671 -81.83 72.06 -11.64
N LYS F 672 -81.89 73.37 -11.39
CA LYS F 672 -82.40 73.85 -10.11
C LYS F 672 -83.86 73.45 -9.93
N ARG F 673 -84.64 73.47 -11.01
CA ARG F 673 -86.02 73.00 -10.98
C ARG F 673 -86.17 71.58 -11.50
N GLU F 674 -85.12 71.01 -12.09
CA GLU F 674 -85.21 69.65 -12.62
C GLU F 674 -85.31 68.61 -11.51
N MET F 675 -84.94 68.96 -10.28
CA MET F 675 -85.08 68.04 -9.16
C MET F 675 -86.54 67.63 -9.01
N ASP F 676 -86.81 66.36 -9.32
CA ASP F 676 -88.19 65.88 -9.36
C ASP F 676 -88.22 64.49 -8.75
N SER F 677 -89.41 63.87 -8.80
CA SER F 677 -89.60 62.57 -8.19
C SER F 677 -88.78 61.49 -8.90
N LYS F 678 -88.90 61.41 -10.22
CA LYS F 678 -88.38 60.25 -10.94
C LYS F 678 -87.20 60.58 -11.86
N PHE F 679 -87.33 61.61 -12.70
CA PHE F 679 -86.36 61.83 -13.76
C PHE F 679 -85.11 62.53 -13.23
N SER F 680 -84.00 62.31 -13.96
CA SER F 680 -82.72 63.00 -13.76
C SER F 680 -81.96 62.44 -12.56
N PHE F 681 -80.64 62.63 -12.56
CA PHE F 681 -79.75 62.15 -11.50
C PHE F 681 -79.10 63.35 -10.83
N GLY F 682 -79.61 63.73 -9.66
CA GLY F 682 -79.08 64.86 -8.94
C GLY F 682 -79.15 66.17 -9.70
N GLN F 683 -78.07 66.93 -9.69
CA GLN F 683 -78.00 68.20 -10.40
C GLN F 683 -76.71 68.24 -11.21
N ALA F 684 -76.66 69.17 -12.15
CA ALA F 684 -75.48 69.33 -12.99
C ALA F 684 -74.31 69.87 -12.18
N THR F 685 -73.11 69.48 -12.57
CA THR F 685 -71.86 69.85 -11.91
C THR F 685 -70.91 70.44 -12.93
N PRO F 686 -69.91 71.22 -12.53
CA PRO F 686 -68.91 71.68 -13.51
C PRO F 686 -68.24 70.55 -14.26
N ARG F 687 -68.20 69.35 -13.69
CA ARG F 687 -67.72 68.19 -14.44
C ARG F 687 -68.54 67.95 -15.69
N THR F 688 -69.83 68.29 -15.67
CA THR F 688 -70.63 68.21 -16.89
C THR F 688 -70.13 69.17 -17.95
N LEU F 689 -69.80 70.40 -17.55
CA LEU F 689 -69.20 71.34 -18.50
C LEU F 689 -67.89 70.80 -19.05
N LEU F 690 -67.07 70.20 -18.19
CA LEU F 690 -65.80 69.65 -18.64
C LEU F 690 -66.02 68.52 -19.65
N GLY F 691 -66.99 67.65 -19.37
CA GLY F 691 -67.27 66.54 -20.26
C GLY F 691 -67.89 66.98 -21.57
N ILE F 692 -68.61 68.11 -21.57
CA ILE F 692 -69.14 68.65 -22.82
C ILE F 692 -67.99 68.97 -23.78
N ILE F 693 -66.99 69.69 -23.29
CA ILE F 693 -65.83 70.01 -24.12
C ILE F 693 -65.07 68.75 -24.49
N ARG F 694 -64.94 67.83 -23.52
CA ARG F 694 -64.22 66.59 -23.77
C ARG F 694 -64.87 65.77 -24.89
N LEU F 695 -66.21 65.75 -24.93
CA LEU F 695 -66.90 65.03 -26.00
C LEU F 695 -66.85 65.80 -27.31
N SER F 696 -66.90 67.13 -27.25
CA SER F 696 -66.75 67.91 -28.47
C SER F 696 -65.38 67.66 -29.11
N GLN F 697 -64.38 67.34 -28.27
CA GLN F 697 -63.06 67.00 -28.81
C GLN F 697 -63.14 65.87 -29.82
N ALA F 698 -63.77 64.75 -29.45
CA ALA F 698 -63.82 63.59 -30.33
C ALA F 698 -64.64 63.87 -31.57
N LEU F 699 -65.77 64.56 -31.43
CA LEU F 699 -66.60 64.87 -32.59
C LEU F 699 -65.87 65.80 -33.55
N ALA F 700 -65.01 66.68 -33.03
CA ALA F 700 -64.18 67.50 -33.91
C ALA F 700 -63.10 66.67 -34.58
N LYS F 701 -62.48 65.76 -33.83
CA LYS F 701 -61.42 64.92 -34.40
C LYS F 701 -61.97 63.97 -35.46
N LEU F 702 -63.27 63.68 -35.41
CA LEU F 702 -63.84 62.67 -36.31
C LEU F 702 -63.59 63.02 -37.78
N ARG F 703 -63.91 64.25 -38.18
CA ARG F 703 -63.71 64.63 -39.57
C ARG F 703 -62.99 65.97 -39.70
N LEU F 704 -63.16 66.84 -38.72
CA LEU F 704 -62.68 68.20 -38.84
C LEU F 704 -61.23 68.33 -38.36
N ALA F 705 -60.72 69.55 -38.42
CA ALA F 705 -59.39 69.90 -37.93
C ALA F 705 -59.41 71.34 -37.46
N ASP F 706 -58.25 71.80 -36.97
CA ASP F 706 -58.01 73.17 -36.48
C ASP F 706 -59.17 73.59 -35.58
N MET F 707 -59.78 74.75 -35.80
CA MET F 707 -60.83 75.22 -34.90
C MET F 707 -62.07 74.34 -35.00
N VAL F 708 -62.80 74.23 -33.88
CA VAL F 708 -63.98 73.38 -33.82
C VAL F 708 -65.20 74.16 -34.29
N ASP F 709 -66.12 73.47 -34.96
CA ASP F 709 -67.34 74.10 -35.42
C ASP F 709 -68.31 74.33 -34.26
N ILE F 710 -69.20 75.31 -34.43
CA ILE F 710 -70.21 75.59 -33.42
C ILE F 710 -71.24 74.46 -33.37
N ASP F 711 -71.55 73.86 -34.53
CA ASP F 711 -72.53 72.77 -34.56
C ASP F 711 -71.99 71.52 -33.87
N ASP F 712 -70.67 71.44 -33.68
CA ASP F 712 -70.08 70.33 -32.96
C ASP F 712 -70.57 70.30 -31.51
N VAL F 713 -70.62 71.48 -30.88
CA VAL F 713 -71.15 71.59 -29.52
C VAL F 713 -72.60 71.16 -29.49
N GLU F 714 -73.37 71.53 -30.52
CA GLU F 714 -74.77 71.11 -30.60
C GLU F 714 -74.88 69.60 -30.69
N GLU F 715 -74.02 68.96 -31.49
CA GLU F 715 -74.04 67.51 -31.59
C GLU F 715 -73.71 66.85 -30.26
N ALA F 716 -72.68 67.36 -29.56
CA ALA F 716 -72.29 66.82 -28.27
C ALA F 716 -73.43 66.96 -27.26
N LEU F 717 -74.06 68.14 -27.23
CA LEU F 717 -75.17 68.41 -26.34
C LEU F 717 -76.33 67.48 -26.64
N ARG F 718 -76.60 67.25 -27.93
CA ARG F 718 -77.67 66.35 -28.32
C ARG F 718 -77.41 64.94 -27.84
N LEU F 719 -76.18 64.45 -27.99
CA LEU F 719 -75.85 63.11 -27.54
C LEU F 719 -75.99 62.99 -26.03
N VAL F 720 -75.49 63.99 -25.29
CA VAL F 720 -75.61 63.99 -23.84
C VAL F 720 -77.08 64.02 -23.42
N ARG F 721 -77.89 64.82 -24.12
CA ARG F 721 -79.29 64.96 -23.76
C ARG F 721 -80.07 63.69 -24.05
N VAL F 722 -79.75 63.00 -25.15
CA VAL F 722 -80.38 61.72 -25.42
C VAL F 722 -80.01 60.70 -24.36
N SER F 723 -78.73 60.67 -23.96
CA SER F 723 -78.33 59.77 -22.88
C SER F 723 -79.06 60.10 -21.59
N LYS F 724 -79.23 61.39 -21.28
CA LYS F 724 -79.94 61.79 -20.08
C LYS F 724 -81.41 61.39 -20.15
N GLU F 725 -82.04 61.58 -21.29
CA GLU F 725 -83.43 61.22 -21.50
C GLU F 725 -83.64 59.71 -21.57
N SER F 726 -82.55 58.94 -21.65
CA SER F 726 -82.67 57.49 -21.60
C SER F 726 -83.15 56.98 -20.25
N LEU F 727 -83.17 57.84 -19.22
CA LEU F 727 -83.58 57.39 -17.89
C LEU F 727 -85.03 56.91 -17.90
N TYR F 728 -85.92 57.62 -18.59
CA TYR F 728 -87.29 57.13 -18.76
C TYR F 728 -87.31 55.94 -19.70
N GLN F 729 -86.62 56.04 -20.83
CA GLN F 729 -86.65 55.00 -21.84
C GLN F 729 -85.65 53.89 -21.51
N MET I 36 -87.86 -40.30 -15.25
CA MET I 36 -89.24 -40.72 -15.45
C MET I 36 -89.92 -40.99 -14.12
N GLY I 37 -89.65 -40.15 -13.13
CA GLY I 37 -90.27 -40.25 -11.82
C GLY I 37 -91.48 -39.35 -11.75
N TYR I 38 -92.66 -39.96 -11.74
CA TYR I 38 -93.91 -39.20 -11.72
C TYR I 38 -94.03 -38.39 -10.44
N TYR I 39 -93.68 -38.98 -9.30
CA TYR I 39 -93.91 -38.33 -8.01
C TYR I 39 -92.67 -37.61 -7.49
N ASP I 40 -91.58 -37.56 -8.24
CA ASP I 40 -90.40 -36.84 -7.82
C ASP I 40 -90.67 -35.33 -7.84
N ILE I 41 -90.38 -34.66 -6.72
CA ILE I 41 -90.63 -33.23 -6.64
C ILE I 41 -89.63 -32.46 -7.49
N ASP I 42 -88.36 -32.84 -7.44
CA ASP I 42 -87.33 -32.09 -8.15
C ASP I 42 -87.47 -32.23 -9.66
N ASP I 43 -87.88 -33.41 -10.13
CA ASP I 43 -88.14 -33.57 -11.56
C ASP I 43 -89.30 -32.69 -12.01
N VAL I 44 -90.35 -32.61 -11.19
CA VAL I 44 -91.49 -31.76 -11.51
C VAL I 44 -91.06 -30.30 -11.60
N LEU I 45 -90.25 -29.85 -10.63
CA LEU I 45 -89.77 -28.47 -10.67
C LEU I 45 -88.88 -28.22 -11.88
N ALA I 46 -87.93 -29.11 -12.15
CA ALA I 46 -87.00 -28.90 -13.25
C ALA I 46 -87.68 -28.98 -14.60
N ASP I 47 -88.82 -29.66 -14.67
CA ASP I 47 -89.54 -29.84 -15.91
C ASP I 47 -90.40 -28.61 -16.24
N GLY I 48 -90.41 -27.60 -15.38
CA GLY I 48 -91.19 -26.41 -15.60
C GLY I 48 -90.38 -25.21 -16.04
N THR I 49 -89.14 -25.43 -16.46
CA THR I 49 -88.31 -24.33 -16.93
C THR I 49 -88.74 -23.89 -18.32
N GLU I 50 -88.34 -22.68 -18.70
CA GLU I 50 -88.75 -22.06 -19.94
C GLU I 50 -87.63 -22.18 -20.97
N PHE I 51 -87.97 -22.69 -22.15
CA PHE I 51 -87.03 -22.80 -23.26
C PHE I 51 -87.48 -21.94 -24.42
N PRO I 52 -86.56 -21.32 -25.15
CA PRO I 52 -86.94 -20.57 -26.36
C PRO I 52 -87.48 -21.48 -27.44
N CYS I 53 -88.40 -20.98 -28.27
CA CYS I 53 -88.93 -21.76 -29.37
C CYS I 53 -89.60 -20.81 -30.36
N LYS I 54 -89.84 -21.31 -31.56
CA LYS I 54 -90.41 -20.53 -32.66
C LYS I 54 -91.61 -21.27 -33.24
N PHE I 55 -92.72 -20.58 -33.40
CA PHE I 55 -93.86 -21.17 -34.09
C PHE I 55 -93.59 -21.26 -35.60
N GLN I 56 -93.89 -22.43 -36.16
CA GLN I 56 -93.64 -22.70 -37.58
C GLN I 56 -94.91 -22.63 -38.42
N TYR I 57 -96.07 -22.45 -37.78
CA TYR I 57 -97.34 -22.31 -38.48
C TYR I 57 -97.96 -20.97 -38.09
N ASP I 58 -99.09 -20.67 -38.71
CA ASP I 58 -99.91 -19.52 -38.36
C ASP I 58 -101.27 -20.01 -37.90
N ILE I 59 -101.62 -19.72 -36.65
CA ILE I 59 -102.83 -20.26 -36.05
C ILE I 59 -103.54 -19.20 -35.21
N PRO I 60 -104.87 -19.08 -35.33
CA PRO I 60 -105.62 -18.21 -34.45
C PRO I 60 -106.08 -18.93 -33.19
N GLY I 61 -106.63 -18.15 -32.26
CA GLY I 61 -107.16 -18.66 -31.02
C GLY I 61 -106.19 -18.66 -29.86
N LEU I 62 -104.89 -18.71 -30.13
CA LEU I 62 -103.90 -18.61 -29.07
C LEU I 62 -103.69 -17.15 -28.67
N GLY I 63 -102.71 -16.92 -27.80
CA GLY I 63 -102.40 -15.58 -27.40
C GLY I 63 -102.16 -15.44 -25.91
N TYR I 64 -102.82 -16.28 -25.11
CA TYR I 64 -102.53 -16.30 -23.67
C TYR I 64 -101.12 -16.83 -23.41
N LEU I 65 -100.51 -17.49 -24.38
CA LEU I 65 -99.09 -17.83 -24.29
C LEU I 65 -98.25 -16.55 -24.28
N GLU I 66 -98.64 -15.57 -25.10
CA GLU I 66 -98.00 -14.26 -25.14
C GLU I 66 -98.56 -13.28 -24.12
N ASN I 67 -99.52 -13.71 -23.30
CA ASN I 67 -100.25 -12.82 -22.39
C ASN I 67 -101.05 -11.80 -23.16
N ASN I 68 -101.29 -12.06 -24.45
CA ASN I 68 -102.14 -11.23 -25.29
C ASN I 68 -103.41 -11.99 -25.61
N PRO I 69 -104.47 -11.82 -24.81
CA PRO I 69 -105.64 -12.71 -24.92
C PRO I 69 -106.30 -12.74 -26.30
N GLY I 70 -106.72 -11.58 -26.79
CA GLY I 70 -107.48 -11.55 -28.04
C GLY I 70 -106.59 -11.71 -29.26
N ARG I 71 -105.33 -11.32 -29.16
CA ARG I 71 -104.47 -11.31 -30.33
C ARG I 71 -104.08 -12.73 -30.72
N PRO I 72 -104.36 -13.15 -31.95
CA PRO I 72 -103.89 -14.46 -32.41
C PRO I 72 -102.40 -14.44 -32.74
N ILE I 73 -101.78 -15.61 -32.63
CA ILE I 73 -100.34 -15.70 -32.86
C ILE I 73 -100.07 -15.80 -34.35
N THR I 74 -98.96 -15.19 -34.77
CA THR I 74 -98.55 -15.19 -36.17
C THR I 74 -97.52 -16.28 -36.45
N LYS I 75 -96.97 -16.30 -37.65
CA LYS I 75 -95.96 -17.26 -38.05
C LYS I 75 -94.58 -16.69 -37.76
N ASN I 76 -93.63 -17.58 -37.48
CA ASN I 76 -92.25 -17.22 -37.16
C ASN I 76 -92.20 -16.26 -35.98
N THR I 77 -92.80 -16.69 -34.86
CA THR I 77 -92.82 -15.92 -33.63
C THR I 77 -92.00 -16.66 -32.58
N LYS I 78 -91.15 -15.92 -31.87
CA LYS I 78 -90.20 -16.49 -30.92
C LYS I 78 -90.71 -16.22 -29.50
N LEU I 79 -91.05 -17.29 -28.78
CA LEU I 79 -91.52 -17.18 -27.40
C LEU I 79 -90.81 -18.21 -26.52
N SER I 80 -90.81 -17.94 -25.22
CA SER I 80 -90.25 -18.84 -24.23
C SER I 80 -91.38 -19.66 -23.62
N LEU I 81 -91.39 -20.97 -23.91
CA LEU I 81 -92.47 -21.81 -23.42
C LEU I 81 -91.95 -22.81 -22.39
N PRO I 82 -92.78 -23.23 -21.44
CA PRO I 82 -92.34 -24.21 -20.44
C PRO I 82 -92.05 -25.57 -21.08
N LEU I 83 -91.20 -26.33 -20.40
CA LEU I 83 -90.68 -27.57 -20.95
C LEU I 83 -91.71 -28.69 -21.05
N TRP I 84 -92.75 -28.69 -20.21
CA TRP I 84 -93.77 -29.73 -20.32
C TRP I 84 -94.65 -29.49 -21.54
N LEU I 85 -94.59 -28.31 -22.14
CA LEU I 85 -95.35 -27.98 -23.33
C LEU I 85 -94.48 -27.99 -24.59
N ALA I 86 -93.28 -27.41 -24.51
CA ALA I 86 -92.42 -27.30 -25.69
C ALA I 86 -91.90 -28.67 -26.11
N ARG I 87 -91.73 -29.59 -25.16
CA ARG I 87 -91.28 -30.93 -25.51
C ARG I 87 -92.29 -31.64 -26.40
N ILE I 88 -93.58 -31.49 -26.10
CA ILE I 88 -94.61 -32.19 -26.86
C ILE I 88 -94.93 -31.44 -28.15
N LEU I 89 -94.98 -30.11 -28.08
CA LEU I 89 -95.31 -29.31 -29.27
C LEU I 89 -94.27 -29.47 -30.38
N ALA I 90 -93.07 -29.95 -30.08
CA ALA I 90 -92.03 -30.15 -31.07
C ALA I 90 -92.05 -31.55 -31.66
N ILE I 91 -93.00 -32.39 -31.28
CA ILE I 91 -93.08 -33.76 -31.78
C ILE I 91 -94.27 -33.95 -32.72
N VAL I 92 -95.42 -33.38 -32.36
CA VAL I 92 -96.63 -33.52 -33.17
C VAL I 92 -96.59 -32.51 -34.30
N GLY I 93 -97.03 -32.96 -35.48
CA GLY I 93 -97.04 -32.10 -36.65
C GLY I 93 -98.45 -31.81 -37.16
N PRO I 103 -92.87 -35.10 -41.84
CA PRO I 103 -93.67 -33.93 -41.48
C PRO I 103 -92.90 -32.93 -40.63
N VAL I 104 -93.41 -31.71 -40.52
CA VAL I 104 -92.78 -30.65 -39.74
C VAL I 104 -93.66 -30.37 -38.52
N PRO I 105 -93.09 -30.30 -37.32
CA PRO I 105 -93.91 -30.03 -36.14
C PRO I 105 -94.42 -28.60 -36.11
N PHE I 106 -95.32 -28.35 -35.17
CA PHE I 106 -95.88 -27.00 -35.01
C PHE I 106 -94.84 -25.99 -34.55
N VAL I 107 -93.90 -26.40 -33.70
CA VAL I 107 -92.96 -25.48 -33.06
C VAL I 107 -91.56 -26.07 -33.17
N GLU I 108 -90.57 -25.19 -33.36
CA GLU I 108 -89.17 -25.57 -33.43
C GLU I 108 -88.48 -25.10 -32.16
N LEU I 109 -87.66 -25.97 -31.58
CA LEU I 109 -86.91 -25.65 -30.37
C LEU I 109 -85.62 -24.94 -30.75
N LEU I 110 -85.36 -23.79 -30.12
CA LEU I 110 -84.16 -23.02 -30.40
C LEU I 110 -83.05 -23.37 -29.41
N PRO I 111 -81.79 -23.19 -29.80
CA PRO I 111 -80.68 -23.43 -28.87
C PRO I 111 -80.82 -22.63 -27.61
N PRO I 112 -80.61 -23.25 -26.45
CA PRO I 112 -80.78 -22.53 -25.18
C PRO I 112 -79.60 -21.63 -24.88
N ASP I 113 -79.83 -20.67 -23.97
CA ASP I 113 -78.75 -19.77 -23.56
C ASP I 113 -77.80 -20.45 -22.59
N MET I 114 -78.29 -21.45 -21.85
CA MET I 114 -77.46 -22.16 -20.87
C MET I 114 -76.55 -23.20 -21.50
N PHE I 115 -76.70 -23.48 -22.79
CA PHE I 115 -75.83 -24.41 -23.51
C PHE I 115 -75.05 -23.73 -24.61
N SER I 116 -74.68 -22.46 -24.43
CA SER I 116 -73.92 -21.71 -25.40
C SER I 116 -72.45 -22.16 -25.38
N THR I 117 -71.67 -21.58 -26.29
CA THR I 117 -70.25 -21.90 -26.35
C THR I 117 -69.49 -21.30 -25.17
N LYS I 118 -69.96 -20.16 -24.66
CA LYS I 118 -69.30 -19.54 -23.51
C LYS I 118 -69.37 -20.44 -22.29
N VAL I 119 -70.53 -21.04 -22.03
CA VAL I 119 -70.69 -21.89 -20.85
C VAL I 119 -69.83 -23.15 -20.98
N MET I 120 -69.77 -23.73 -22.18
CA MET I 120 -68.91 -24.89 -22.39
C MET I 120 -67.44 -24.55 -22.18
N ASN I 121 -67.00 -23.40 -22.70
CA ASN I 121 -65.61 -22.99 -22.52
C ASN I 121 -65.29 -22.75 -21.04
N ALA I 122 -66.22 -22.12 -20.31
CA ALA I 122 -66.01 -21.90 -18.89
C ALA I 122 -65.97 -23.22 -18.12
N ILE I 123 -66.82 -24.18 -18.51
CA ILE I 123 -66.79 -25.49 -17.86
C ILE I 123 -65.45 -26.17 -18.12
N LYS I 124 -64.97 -26.11 -19.36
CA LYS I 124 -63.72 -26.80 -19.71
C LYS I 124 -62.53 -26.17 -19.01
N THR I 125 -62.49 -24.84 -18.92
CA THR I 125 -61.32 -24.17 -18.37
C THR I 125 -61.11 -24.48 -16.90
N ASP I 126 -62.15 -24.32 -16.09
CA ASP I 126 -62.06 -24.53 -14.64
C ASP I 126 -63.39 -25.05 -14.11
N PRO I 127 -63.48 -26.36 -13.88
CA PRO I 127 -64.77 -26.92 -13.43
C PRO I 127 -65.14 -26.55 -12.00
N VAL I 128 -64.18 -26.57 -11.08
CA VAL I 128 -64.50 -26.39 -9.67
C VAL I 128 -64.94 -24.97 -9.38
N ALA I 129 -64.27 -23.98 -9.96
CA ALA I 129 -64.52 -22.59 -9.57
C ALA I 129 -65.83 -22.07 -10.16
N LEU I 130 -66.36 -22.74 -11.18
CA LEU I 130 -67.55 -22.25 -11.86
C LEU I 130 -68.76 -22.29 -10.94
N ASP I 131 -69.61 -21.26 -11.05
CA ASP I 131 -70.84 -21.14 -10.27
C ASP I 131 -72.00 -21.66 -11.12
N LEU I 132 -72.33 -22.94 -10.93
CA LEU I 132 -73.43 -23.52 -11.70
C LEU I 132 -74.78 -23.05 -11.18
N HIS I 133 -74.85 -22.63 -9.92
CA HIS I 133 -76.12 -22.17 -9.36
C HIS I 133 -76.62 -20.93 -10.10
N SER I 134 -75.71 -20.01 -10.45
CA SER I 134 -76.11 -18.81 -11.16
C SER I 134 -76.58 -19.14 -12.57
N ILE I 135 -75.95 -20.11 -13.23
CA ILE I 135 -76.36 -20.49 -14.58
C ILE I 135 -77.78 -21.02 -14.58
N ASN I 136 -78.05 -21.99 -13.71
CA ASN I 136 -79.39 -22.57 -13.54
C ASN I 136 -79.34 -23.49 -12.34
N SER I 137 -80.44 -23.48 -11.57
CA SER I 137 -80.53 -24.29 -10.36
C SER I 137 -80.77 -25.77 -10.65
N HIS I 138 -81.05 -26.13 -11.90
CA HIS I 138 -81.34 -27.51 -12.29
C HIS I 138 -80.54 -27.88 -13.53
N PHE I 139 -79.23 -27.61 -13.51
CA PHE I 139 -78.41 -27.77 -14.70
C PHE I 139 -78.37 -29.22 -15.17
N PHE I 140 -78.16 -30.16 -14.24
CA PHE I 140 -77.90 -31.54 -14.64
C PHE I 140 -79.15 -32.22 -15.20
N SER I 141 -80.30 -32.04 -14.54
CA SER I 141 -81.52 -32.69 -15.03
C SER I 141 -81.85 -32.21 -16.44
N LEU I 142 -81.78 -30.90 -16.66
CA LEU I 142 -82.02 -30.38 -18.01
C LEU I 142 -80.94 -30.84 -18.97
N ALA I 143 -79.73 -31.07 -18.49
CA ALA I 143 -78.66 -31.55 -19.36
C ALA I 143 -78.97 -32.95 -19.89
N ILE I 144 -79.32 -33.88 -19.01
CA ILE I 144 -79.71 -35.21 -19.47
C ILE I 144 -80.97 -35.14 -20.34
N LYS I 145 -81.91 -34.25 -20.01
CA LYS I 145 -83.09 -34.13 -20.86
C LYS I 145 -82.73 -33.69 -22.27
N TRP I 146 -81.86 -32.67 -22.39
CA TRP I 146 -81.44 -32.18 -23.70
C TRP I 146 -80.68 -33.24 -24.47
N ILE I 147 -79.85 -34.02 -23.77
CA ILE I 147 -79.14 -35.12 -24.44
C ILE I 147 -80.13 -36.16 -24.93
N MET I 148 -81.19 -36.41 -24.17
CA MET I 148 -82.18 -37.42 -24.57
C MET I 148 -82.97 -36.99 -25.80
N LEU I 149 -83.51 -35.76 -25.79
CA LEU I 149 -84.27 -35.31 -26.96
C LEU I 149 -83.40 -35.25 -28.20
N PHE I 150 -82.25 -34.58 -28.11
CA PHE I 150 -81.32 -34.45 -29.22
C PHE I 150 -80.04 -35.18 -28.84
N SER I 151 -79.72 -36.26 -29.57
CA SER I 151 -78.53 -37.03 -29.27
C SER I 151 -77.29 -36.21 -29.53
N GLU I 152 -76.63 -35.76 -28.47
CA GLU I 152 -75.42 -34.95 -28.55
C GLU I 152 -74.32 -35.63 -27.76
N LYS I 153 -73.34 -36.20 -28.47
CA LYS I 153 -72.21 -36.84 -27.82
C LYS I 153 -71.23 -35.84 -27.23
N GLU I 154 -71.15 -34.64 -27.79
CA GLU I 154 -70.22 -33.64 -27.25
C GLU I 154 -70.62 -33.22 -25.83
N LEU I 155 -71.92 -32.99 -25.60
CA LEU I 155 -72.36 -32.57 -24.28
C LEU I 155 -72.19 -33.67 -23.25
N ALA I 156 -72.41 -34.93 -23.67
CA ALA I 156 -72.22 -36.06 -22.76
C ALA I 156 -70.76 -36.24 -22.35
N ASN I 157 -69.82 -35.78 -23.17
CA ASN I 157 -68.40 -35.84 -22.82
C ASN I 157 -67.97 -34.69 -21.92
N VAL I 158 -68.75 -33.62 -21.85
CA VAL I 158 -68.36 -32.47 -21.05
C VAL I 158 -69.03 -32.53 -19.68
N VAL I 159 -70.31 -32.89 -19.65
CA VAL I 159 -71.03 -32.95 -18.37
C VAL I 159 -70.44 -34.04 -17.48
N SER I 160 -70.05 -35.17 -18.07
CA SER I 160 -69.46 -36.25 -17.29
C SER I 160 -68.17 -35.81 -16.64
N GLU I 161 -67.30 -35.12 -17.39
CA GLU I 161 -66.05 -34.64 -16.83
C GLU I 161 -66.29 -33.60 -15.75
N LEU I 162 -67.26 -32.69 -15.98
CA LEU I 162 -67.58 -31.69 -14.96
C LEU I 162 -68.02 -32.35 -13.65
N LEU I 163 -68.93 -33.33 -13.75
CA LEU I 163 -69.39 -34.03 -12.55
C LEU I 163 -68.25 -34.77 -11.86
N LEU I 164 -67.41 -35.44 -12.65
CA LEU I 164 -66.30 -36.20 -12.07
C LEU I 164 -65.31 -35.30 -11.34
N GLN I 165 -65.01 -34.13 -11.91
CA GLN I 165 -64.08 -33.22 -11.26
C GLN I 165 -64.69 -32.49 -10.06
N ARG I 166 -66.00 -32.27 -10.04
CA ARG I 166 -66.62 -31.65 -8.88
C ARG I 166 -66.89 -32.63 -7.75
N ALA I 167 -66.98 -33.93 -8.05
CA ALA I 167 -67.19 -34.93 -7.03
C ALA I 167 -66.04 -34.97 -6.03
N GLN I 168 -64.81 -34.76 -6.50
CA GLN I 168 -63.66 -34.80 -5.61
C GLN I 168 -63.74 -33.68 -4.56
N GLU I 169 -64.05 -32.46 -5.00
CA GLU I 169 -64.22 -31.36 -4.05
C GLU I 169 -65.40 -31.60 -3.13
N LEU I 170 -66.49 -32.17 -3.66
CA LEU I 170 -67.63 -32.49 -2.81
C LEU I 170 -67.22 -33.45 -1.69
N ASN I 171 -66.48 -34.50 -2.03
CA ASN I 171 -66.03 -35.45 -1.01
C ASN I 171 -65.07 -34.80 -0.02
N HIS I 172 -64.17 -33.95 -0.52
CA HIS I 172 -63.21 -33.29 0.37
C HIS I 172 -63.94 -32.42 1.40
N HIS I 173 -64.96 -31.69 0.95
CA HIS I 173 -65.68 -30.83 1.89
C HIS I 173 -66.62 -31.63 2.78
N ALA I 174 -67.11 -32.77 2.30
CA ALA I 174 -68.02 -33.57 3.12
C ALA I 174 -67.27 -34.34 4.20
N SER I 175 -66.01 -34.70 3.94
CA SER I 175 -65.26 -35.49 4.90
C SER I 175 -64.67 -34.67 6.03
N SER I 176 -64.70 -33.35 5.93
CA SER I 176 -64.06 -32.48 6.93
C SER I 176 -64.99 -32.23 8.12
N LEU I 177 -64.94 -33.16 9.07
CA LEU I 177 -65.72 -33.03 10.29
C LEU I 177 -64.96 -32.19 11.30
N SER I 178 -65.60 -31.16 11.84
CA SER I 178 -64.94 -30.24 12.74
C SER I 178 -64.68 -30.89 14.10
N ILE I 179 -63.57 -30.51 14.72
CA ILE I 179 -63.17 -30.98 16.04
C ILE I 179 -63.14 -29.79 16.99
N ASP I 180 -63.80 -29.94 18.13
CA ASP I 180 -63.85 -28.90 19.15
C ASP I 180 -62.69 -29.07 20.10
N LEU I 181 -62.06 -27.95 20.49
CA LEU I 181 -60.93 -27.99 21.40
C LEU I 181 -60.98 -26.84 22.40
N ASN I 194 -64.45 -23.38 7.77
CA ASN I 194 -63.61 -22.38 7.11
C ASN I 194 -64.41 -21.64 6.05
N ILE I 195 -63.81 -20.59 5.49
CA ILE I 195 -64.46 -19.83 4.42
C ILE I 195 -64.64 -20.69 3.18
N ALA I 196 -63.77 -21.69 3.01
CA ALA I 196 -63.81 -22.50 1.80
C ALA I 196 -65.11 -23.28 1.70
N THR I 197 -65.56 -23.88 2.81
CA THR I 197 -66.80 -24.66 2.77
C THR I 197 -68.00 -23.78 2.48
N SER I 198 -68.09 -22.62 3.14
CA SER I 198 -69.21 -21.72 2.90
C SER I 198 -69.21 -21.21 1.48
N THR I 199 -68.03 -20.88 0.94
CA THR I 199 -67.95 -20.42 -0.44
C THR I 199 -68.35 -21.52 -1.42
N PHE I 200 -67.92 -22.76 -1.17
CA PHE I 200 -68.16 -23.83 -2.13
C PHE I 200 -69.61 -24.29 -2.10
N LEU I 201 -70.24 -24.38 -0.93
CA LEU I 201 -71.61 -24.88 -0.86
C LEU I 201 -72.63 -23.90 -1.43
N LEU I 202 -72.23 -22.66 -1.73
CA LEU I 202 -73.11 -21.72 -2.41
C LEU I 202 -73.02 -21.82 -3.92
N LYS I 203 -72.18 -22.72 -4.45
CA LYS I 203 -72.03 -22.91 -5.88
C LYS I 203 -72.56 -24.27 -6.32
N LEU I 204 -73.33 -24.93 -5.47
CA LEU I 204 -73.74 -26.31 -5.69
C LEU I 204 -75.10 -26.35 -6.37
N GLU I 205 -75.25 -27.28 -7.30
CA GLU I 205 -76.55 -27.52 -7.93
C GLU I 205 -77.53 -28.10 -6.92
N GLU I 206 -78.80 -28.16 -7.34
CA GLU I 206 -79.82 -28.75 -6.46
C GLU I 206 -79.56 -30.23 -6.24
N MET I 207 -79.09 -30.94 -7.26
CA MET I 207 -78.80 -32.36 -7.11
C MET I 207 -77.61 -32.61 -6.20
N GLU I 208 -76.59 -31.74 -6.28
CA GLU I 208 -75.36 -32.00 -5.54
C GLU I 208 -75.54 -31.77 -4.04
N LYS I 209 -76.50 -30.93 -3.65
CA LYS I 209 -76.75 -30.72 -2.24
C LYS I 209 -77.25 -31.98 -1.55
N GLU I 210 -78.06 -32.78 -2.25
CA GLU I 210 -78.54 -34.04 -1.70
C GLU I 210 -77.37 -34.99 -1.41
N ILE I 211 -76.44 -35.10 -2.36
CA ILE I 211 -75.29 -35.97 -2.18
C ILE I 211 -74.42 -35.46 -1.05
N TYR I 212 -74.21 -34.14 -0.98
CA TYR I 212 -73.44 -33.58 0.11
C TYR I 212 -74.07 -33.89 1.46
N LYS I 213 -75.39 -33.74 1.58
CA LYS I 213 -76.07 -34.00 2.83
C LYS I 213 -75.94 -35.47 3.22
N LYS I 214 -76.13 -36.38 2.26
CA LYS I 214 -76.02 -37.80 2.56
C LYS I 214 -74.62 -38.16 3.03
N SER I 215 -73.59 -37.72 2.30
CA SER I 215 -72.22 -38.03 2.68
C SER I 215 -71.87 -37.45 4.03
N HIS I 216 -72.26 -36.20 4.27
CA HIS I 216 -71.96 -35.57 5.55
C HIS I 216 -72.61 -36.32 6.70
N GLU I 217 -73.89 -36.69 6.55
CA GLU I 217 -74.57 -37.40 7.62
C GLU I 217 -73.93 -38.75 7.89
N SER I 218 -73.57 -39.48 6.83
CA SER I 218 -72.92 -40.78 7.03
C SER I 218 -71.59 -40.64 7.76
N TYR I 219 -70.79 -39.64 7.37
CA TYR I 219 -69.51 -39.44 8.04
C TYR I 219 -69.71 -39.08 9.51
N LYS I 220 -70.67 -38.19 9.80
CA LYS I 220 -70.89 -37.82 11.20
C LYS I 220 -71.35 -39.00 12.04
N ASP I 221 -72.25 -39.84 11.51
CA ASP I 221 -72.67 -41.01 12.27
C ASP I 221 -71.51 -41.97 12.51
N THR I 222 -70.67 -42.19 11.50
CA THR I 222 -69.53 -43.08 11.69
C THR I 222 -68.59 -42.55 12.76
N LYS I 223 -68.27 -41.24 12.69
CA LYS I 223 -67.40 -40.64 13.69
C LYS I 223 -68.02 -40.70 15.08
N ARG I 224 -69.34 -40.47 15.17
CA ARG I 224 -70.02 -40.51 16.46
C ARG I 224 -69.94 -41.89 17.07
N TRP I 225 -70.16 -42.93 16.27
CA TRP I 225 -70.11 -44.29 16.81
C TRP I 225 -68.69 -44.68 17.18
N MET I 226 -67.69 -44.21 16.43
CA MET I 226 -66.31 -44.58 16.73
C MET I 226 -65.86 -44.02 18.08
N PHE I 227 -66.28 -42.80 18.42
CA PHE I 227 -65.78 -42.10 19.60
C PHE I 227 -66.86 -41.89 20.65
N LYS I 228 -67.68 -42.91 20.89
CA LYS I 228 -68.76 -42.83 21.87
C LYS I 228 -68.23 -43.41 23.18
N LYS I 229 -68.11 -42.56 24.19
CA LYS I 229 -67.63 -42.99 25.50
C LYS I 229 -68.60 -42.57 26.60
N TYR J 53 -80.25 -79.80 5.70
CA TYR J 53 -81.01 -79.06 6.69
C TYR J 53 -80.91 -79.72 8.06
N VAL J 54 -81.97 -79.54 8.86
CA VAL J 54 -82.07 -80.11 10.21
C VAL J 54 -80.88 -79.57 11.00
N SER J 55 -80.57 -78.30 10.81
CA SER J 55 -79.49 -77.63 11.53
C SER J 55 -79.98 -76.25 11.94
N PRO J 56 -80.14 -75.97 13.24
CA PRO J 56 -80.62 -74.64 13.65
C PRO J 56 -79.64 -73.51 13.35
N GLN J 57 -78.36 -73.80 13.15
CA GLN J 57 -77.40 -72.76 12.82
C GLN J 57 -77.55 -72.29 11.38
N GLN J 58 -77.81 -73.22 10.46
CA GLN J 58 -78.00 -72.86 9.07
C GLN J 58 -79.27 -72.06 8.83
N ASP J 59 -80.31 -72.29 9.63
CA ASP J 59 -81.51 -71.44 9.52
C ASP J 59 -81.17 -69.99 9.85
N PHE J 60 -80.41 -69.75 10.91
CA PHE J 60 -80.00 -68.40 11.25
C PHE J 60 -79.06 -67.79 10.22
N SER J 61 -78.15 -68.59 9.66
CA SER J 61 -77.30 -68.08 8.59
C SER J 61 -78.11 -67.69 7.36
N ASP J 62 -79.08 -68.51 6.97
CA ASP J 62 -79.91 -68.21 5.80
C ASP J 62 -80.77 -66.99 6.04
N LEU J 63 -81.33 -66.84 7.24
CA LEU J 63 -82.11 -65.66 7.55
C LEU J 63 -81.27 -64.39 7.45
N MET J 64 -80.04 -64.45 7.98
CA MET J 64 -79.17 -63.29 7.94
C MET J 64 -78.78 -62.94 6.50
N LYS J 65 -78.46 -63.94 5.69
CA LYS J 65 -78.10 -63.64 4.30
C LYS J 65 -79.29 -63.09 3.53
N SER J 66 -80.50 -63.60 3.80
CA SER J 66 -81.69 -63.07 3.15
C SER J 66 -81.94 -61.62 3.55
N TRP J 67 -81.78 -61.30 4.84
CA TRP J 67 -81.96 -59.92 5.29
C TRP J 67 -80.93 -58.99 4.63
N LYS J 68 -79.67 -59.42 4.59
CA LYS J 68 -78.62 -58.58 4.00
C LYS J 68 -78.86 -58.37 2.51
N ASN J 69 -79.30 -59.41 1.80
CA ASN J 69 -79.63 -59.23 0.39
C ASN J 69 -80.85 -58.34 0.21
N GLU J 70 -81.82 -58.45 1.13
CA GLU J 70 -83.04 -57.66 1.01
C GLU J 70 -82.75 -56.16 1.15
N ARG J 71 -81.94 -55.78 2.14
CA ARG J 71 -81.75 -54.34 2.38
C ARG J 71 -81.10 -53.65 1.20
N CYS J 72 -80.11 -54.28 0.58
CA CYS J 72 -79.32 -53.63 -0.47
C CYS J 72 -79.85 -53.89 -1.88
N SER J 73 -80.95 -54.62 -2.02
CA SER J 73 -81.34 -54.90 -3.40
C SER J 73 -82.44 -53.94 -3.84
N PRO J 74 -82.48 -53.59 -5.14
CA PRO J 74 -83.54 -52.69 -5.60
C PRO J 74 -84.89 -53.36 -5.77
N GLU J 75 -84.92 -54.62 -6.21
CA GLU J 75 -86.16 -55.30 -6.53
C GLU J 75 -86.80 -55.88 -5.27
N LEU J 76 -87.90 -56.60 -5.48
CA LEU J 76 -88.62 -57.28 -4.41
C LEU J 76 -88.32 -58.77 -4.50
N LEU J 77 -87.45 -59.25 -3.62
CA LEU J 77 -86.94 -60.62 -3.69
C LEU J 77 -88.02 -61.63 -3.34
N PRO J 78 -87.90 -62.86 -3.84
CA PRO J 78 -88.89 -63.90 -3.50
C PRO J 78 -88.87 -64.25 -2.02
N TYR J 79 -90.02 -64.68 -1.52
CA TYR J 79 -90.18 -64.94 -0.10
C TYR J 79 -89.73 -66.36 0.24
N PRO J 80 -88.80 -66.53 1.18
CA PRO J 80 -88.43 -67.88 1.63
C PRO J 80 -89.48 -68.50 2.53
N HIS J 81 -90.48 -69.16 1.92
CA HIS J 81 -91.66 -69.59 2.65
C HIS J 81 -91.32 -70.57 3.78
N GLN J 82 -90.49 -71.57 3.49
CA GLN J 82 -90.23 -72.63 4.46
C GLN J 82 -89.40 -72.14 5.64
N LEU J 83 -88.39 -71.32 5.37
CA LEU J 83 -87.49 -70.85 6.41
C LEU J 83 -88.25 -70.05 7.47
N MET J 84 -89.13 -69.17 7.02
CA MET J 84 -89.91 -68.35 7.95
C MET J 84 -90.82 -69.21 8.81
N LYS J 85 -91.46 -70.23 8.20
CA LYS J 85 -92.31 -71.14 8.97
C LYS J 85 -91.50 -71.87 10.04
N ARG J 86 -90.33 -72.39 9.67
CA ARG J 86 -89.50 -73.10 10.65
C ARG J 86 -89.07 -72.18 11.78
N LEU J 87 -88.63 -70.96 11.46
CA LEU J 87 -88.22 -70.03 12.50
C LEU J 87 -89.37 -69.61 13.41
N LEU J 88 -90.56 -69.37 12.85
CA LEU J 88 -91.70 -69.01 13.70
C LEU J 88 -92.09 -70.16 14.61
N ASN J 89 -92.06 -71.39 14.09
CA ASN J 89 -92.35 -72.55 14.94
C ASN J 89 -91.33 -72.68 16.07
N ARG J 90 -90.05 -72.47 15.74
CA ARG J 90 -89.00 -72.56 16.75
C ARG J 90 -89.18 -71.50 17.83
N ILE J 91 -89.50 -70.26 17.43
CA ILE J 91 -89.75 -69.20 18.40
C ILE J 91 -90.95 -69.54 19.28
N SER J 92 -92.02 -70.05 18.67
CA SER J 92 -93.22 -70.38 19.44
C SER J 92 -92.93 -71.45 20.49
N MET J 93 -92.18 -72.49 20.10
CA MET J 93 -91.83 -73.52 21.07
C MET J 93 -90.89 -72.99 22.16
N GLN J 94 -89.91 -72.17 21.77
CA GLN J 94 -88.93 -71.70 22.73
C GLN J 94 -89.56 -70.79 23.78
N SER J 95 -90.45 -69.89 23.36
CA SER J 95 -91.12 -69.03 24.33
C SER J 95 -91.90 -69.84 25.35
N GLN J 96 -92.61 -70.87 24.88
CA GLN J 96 -93.30 -71.78 25.78
C GLN J 96 -92.32 -72.45 26.75
N LEU J 97 -91.14 -72.81 26.25
CA LEU J 97 -90.13 -73.46 27.09
C LEU J 97 -89.68 -72.56 28.24
N ILE J 98 -89.23 -71.34 27.91
CA ILE J 98 -88.83 -70.42 28.98
C ILE J 98 -89.99 -70.12 29.93
N GLU J 99 -91.21 -69.98 29.39
CA GLU J 99 -92.35 -69.79 30.27
C GLU J 99 -92.53 -70.96 31.22
N ASN J 100 -92.29 -72.17 30.72
CA ASN J 100 -92.46 -73.37 31.55
C ASN J 100 -91.47 -73.40 32.70
N ILE J 101 -90.18 -73.16 32.41
CA ILE J 101 -89.20 -73.13 33.49
C ILE J 101 -89.50 -72.00 34.47
N SER J 102 -89.92 -70.84 33.96
CA SER J 102 -90.23 -69.72 34.86
C SER J 102 -91.37 -70.08 35.80
N MET J 103 -92.44 -70.67 35.26
CA MET J 103 -93.57 -71.08 36.10
C MET J 103 -93.15 -72.14 37.11
N GLY J 104 -92.37 -73.13 36.66
CA GLY J 104 -91.94 -74.18 37.57
C GLY J 104 -91.10 -73.65 38.72
N PHE J 105 -90.22 -72.68 38.43
CA PHE J 105 -89.42 -72.08 39.49
C PHE J 105 -90.27 -71.23 40.42
N LEU J 106 -91.28 -70.54 39.88
CA LEU J 106 -92.09 -69.66 40.72
C LEU J 106 -93.01 -70.46 41.64
N ASP J 107 -93.63 -71.52 41.13
CA ASP J 107 -94.64 -72.23 41.91
C ASP J 107 -94.04 -72.88 43.15
N MET J 108 -92.86 -73.51 43.01
CA MET J 108 -92.25 -74.20 44.14
C MET J 108 -91.82 -73.22 45.23
N GLN J 109 -91.45 -72.00 44.83
CA GLN J 109 -90.95 -71.02 45.79
C GLN J 109 -91.99 -70.67 46.85
N ASN J 110 -93.24 -70.44 46.43
CA ASN J 110 -94.25 -69.94 47.34
C ASN J 110 -94.82 -71.05 48.23
N ALA J 111 -94.58 -72.31 47.86
CA ALA J 111 -95.25 -73.42 48.53
C ALA J 111 -94.83 -73.53 50.00
N SER J 112 -93.53 -73.59 50.26
CA SER J 112 -93.02 -73.83 51.61
C SER J 112 -91.81 -72.94 51.88
N ASN J 113 -91.92 -71.66 51.50
CA ASN J 113 -90.86 -70.66 51.66
C ASN J 113 -89.48 -71.22 51.32
N ALA J 114 -89.42 -71.99 50.23
CA ALA J 114 -88.18 -72.62 49.83
C ALA J 114 -87.19 -71.57 49.31
N ASN J 115 -85.94 -71.99 49.15
CA ASN J 115 -84.92 -71.09 48.64
C ASN J 115 -85.19 -70.78 47.17
N PRO J 116 -84.79 -69.60 46.71
CA PRO J 116 -84.90 -69.28 45.27
C PRO J 116 -84.01 -70.19 44.46
N PRO J 117 -84.13 -70.16 43.13
CA PRO J 117 -83.20 -70.94 42.30
C PRO J 117 -81.76 -70.64 42.67
N MET J 118 -81.03 -71.68 43.06
CA MET J 118 -79.69 -71.49 43.58
C MET J 118 -78.81 -70.85 42.51
N PRO J 119 -78.09 -69.77 42.84
CA PRO J 119 -77.53 -68.89 41.79
C PRO J 119 -76.62 -69.60 40.80
N ASN J 120 -75.82 -70.58 41.24
CA ASN J 120 -74.87 -71.22 40.33
C ASN J 120 -75.60 -72.07 39.30
N GLU J 121 -75.04 -72.11 38.09
CA GLU J 121 -75.63 -72.76 36.89
C GLU J 121 -77.14 -72.55 36.78
N SER J 122 -77.61 -71.37 37.20
CA SER J 122 -79.04 -71.11 37.11
C SER J 122 -79.38 -69.91 36.23
N LYS J 123 -78.84 -68.74 36.58
CA LYS J 123 -79.33 -67.50 35.97
C LYS J 123 -78.83 -67.33 34.55
N LEU J 124 -77.54 -67.63 34.31
CA LEU J 124 -76.94 -67.35 33.00
C LEU J 124 -77.61 -68.10 31.86
N PRO J 125 -77.92 -69.40 31.97
CA PRO J 125 -78.64 -70.07 30.87
C PRO J 125 -79.93 -69.36 30.48
N LEU J 126 -80.79 -69.07 31.45
CA LEU J 126 -82.09 -68.48 31.14
C LEU J 126 -81.93 -67.06 30.59
N LEU J 127 -80.98 -66.30 31.14
CA LEU J 127 -80.69 -64.98 30.59
C LEU J 127 -80.27 -65.07 29.13
N CYS J 128 -79.46 -66.08 28.80
CA CYS J 128 -79.06 -66.28 27.42
C CYS J 128 -80.24 -66.63 26.52
N MET J 129 -81.14 -67.49 27.01
CA MET J 129 -82.36 -67.76 26.25
C MET J 129 -83.09 -66.47 25.91
N GLU J 130 -83.31 -65.64 26.92
CA GLU J 130 -84.07 -64.41 26.71
C GLU J 130 -83.38 -63.50 25.69
N THR J 131 -82.08 -63.26 25.85
CA THR J 131 -81.40 -62.32 24.96
C THR J 131 -81.33 -62.87 23.54
N GLU J 132 -81.13 -64.18 23.38
CA GLU J 132 -81.10 -64.78 22.06
C GLU J 132 -82.44 -64.62 21.35
N LEU J 133 -83.54 -64.90 22.07
CA LEU J 133 -84.86 -64.69 21.49
C LEU J 133 -85.07 -63.24 21.09
N GLU J 134 -84.61 -62.31 21.94
CA GLU J 134 -84.77 -60.89 21.66
C GLU J 134 -84.04 -60.50 20.37
N ARG J 135 -82.82 -61.00 20.18
CA ARG J 135 -82.09 -60.68 18.96
C ARG J 135 -82.77 -61.25 17.72
N LEU J 136 -83.21 -62.51 17.81
CA LEU J 136 -83.85 -63.13 16.64
C LEU J 136 -85.13 -62.39 16.25
N LYS J 137 -85.94 -62.00 17.24
CA LYS J 137 -87.16 -61.27 16.96
C LYS J 137 -86.87 -59.94 16.29
N PHE J 138 -85.83 -59.24 16.73
CA PHE J 138 -85.43 -57.99 16.09
C PHE J 138 -85.05 -58.22 14.63
N VAL J 139 -84.27 -59.25 14.35
CA VAL J 139 -83.86 -59.50 12.97
C VAL J 139 -85.07 -59.72 12.07
N ILE J 140 -86.01 -60.56 12.53
CA ILE J 140 -87.17 -60.85 11.71
C ILE J 140 -88.05 -59.61 11.54
N ARG J 141 -88.18 -58.81 12.61
CA ARG J 141 -88.98 -57.59 12.52
C ARG J 141 -88.40 -56.62 11.48
N SER J 142 -87.08 -56.42 11.51
CA SER J 142 -86.47 -55.52 10.53
C SER J 142 -86.65 -56.03 9.11
N TYR J 143 -86.46 -57.33 8.90
CA TYR J 143 -86.68 -57.91 7.59
C TYR J 143 -88.10 -57.64 7.08
N ILE J 144 -89.10 -57.92 7.94
CA ILE J 144 -90.49 -57.80 7.52
C ILE J 144 -90.82 -56.34 7.21
N ARG J 145 -90.39 -55.41 8.06
CA ARG J 145 -90.75 -54.01 7.82
C ARG J 145 -90.06 -53.46 6.57
N CYS J 146 -88.81 -53.85 6.33
CA CYS J 146 -88.15 -53.41 5.10
C CYS J 146 -88.89 -53.91 3.86
N ARG J 147 -89.29 -55.18 3.85
CA ARG J 147 -89.99 -55.67 2.67
C ARG J 147 -91.38 -55.05 2.54
N LEU J 148 -92.01 -54.71 3.67
CA LEU J 148 -93.29 -54.01 3.59
C LEU J 148 -93.14 -52.63 2.97
N SER J 149 -92.08 -51.90 3.33
CA SER J 149 -91.83 -50.62 2.70
C SER J 149 -91.61 -50.77 1.20
N LYS J 150 -90.81 -51.78 0.81
CA LYS J 150 -90.60 -52.01 -0.62
C LYS J 150 -91.90 -52.38 -1.32
N ILE J 151 -92.80 -53.10 -0.65
CA ILE J 151 -94.12 -53.38 -1.21
C ILE J 151 -94.90 -52.08 -1.42
N ASP J 152 -94.85 -51.19 -0.43
CA ASP J 152 -95.51 -49.89 -0.57
C ASP J 152 -95.01 -49.14 -1.80
N LYS J 153 -93.71 -49.21 -2.06
CA LYS J 153 -93.15 -48.39 -3.14
C LYS J 153 -93.62 -48.86 -4.52
N PHE J 154 -93.88 -50.17 -4.68
CA PHE J 154 -94.14 -50.77 -5.98
C PHE J 154 -95.53 -51.39 -6.09
N SER J 155 -96.57 -50.68 -5.64
CA SER J 155 -97.91 -51.25 -5.65
C SER J 155 -98.43 -51.43 -7.08
N LEU J 156 -98.35 -50.39 -7.89
CA LEU J 156 -98.91 -50.45 -9.24
C LEU J 156 -98.17 -51.45 -10.12
N TYR J 157 -96.84 -51.51 -9.97
CA TYR J 157 -96.06 -52.48 -10.74
C TYR J 157 -96.46 -53.91 -10.40
N LEU J 158 -96.64 -54.20 -9.10
CA LEU J 158 -97.10 -55.52 -8.69
C LEU J 158 -98.49 -55.82 -9.23
N ARG J 159 -99.40 -54.83 -9.19
CA ARG J 159 -100.72 -55.04 -9.74
C ARG J 159 -100.66 -55.38 -11.22
N GLN J 160 -99.83 -54.65 -11.97
CA GLN J 160 -99.71 -54.92 -13.41
C GLN J 160 -99.11 -56.30 -13.66
N LEU J 161 -98.15 -56.71 -12.83
CA LEU J 161 -97.60 -58.05 -12.95
C LEU J 161 -98.68 -59.10 -12.72
N ASN J 162 -99.53 -58.91 -11.71
CA ASN J 162 -100.56 -59.90 -11.41
C ASN J 162 -101.61 -59.95 -12.51
N GLU J 163 -101.91 -58.82 -13.13
CA GLU J 163 -102.96 -58.75 -14.13
C GLU J 163 -102.51 -59.28 -15.49
N ASP J 164 -101.21 -59.49 -15.69
CA ASP J 164 -100.68 -59.94 -16.98
C ASP J 164 -100.76 -61.46 -17.05
N GLU J 165 -101.38 -61.97 -18.12
CA GLU J 165 -101.55 -63.41 -18.27
C GLU J 165 -100.22 -64.10 -18.54
N ASN J 166 -99.44 -63.58 -19.49
CA ASN J 166 -98.19 -64.22 -19.89
C ASN J 166 -97.01 -63.66 -19.07
N SER J 167 -97.11 -63.86 -17.75
CA SER J 167 -96.08 -63.43 -16.81
C SER J 167 -95.79 -64.59 -15.86
N LEU J 168 -94.56 -65.11 -15.92
CA LEU J 168 -94.18 -66.19 -15.03
C LEU J 168 -94.17 -65.74 -13.58
N ILE J 169 -93.91 -64.46 -13.35
CA ILE J 169 -93.95 -63.92 -12.00
C ILE J 169 -95.39 -63.84 -11.52
N SER J 170 -95.67 -64.47 -10.37
CA SER J 170 -96.99 -64.47 -9.78
C SER J 170 -96.89 -64.06 -8.32
N LEU J 171 -97.91 -63.35 -7.85
CA LEU J 171 -97.87 -62.81 -6.49
C LEU J 171 -97.99 -63.91 -5.44
N THR J 172 -98.49 -65.09 -5.80
CA THR J 172 -98.61 -66.17 -4.81
C THR J 172 -97.24 -66.66 -4.38
N ASP J 173 -96.21 -66.46 -5.21
CA ASP J 173 -94.88 -66.91 -4.86
C ASP J 173 -94.02 -65.76 -4.34
N LEU J 174 -94.12 -64.60 -4.97
CA LEU J 174 -93.31 -63.44 -4.60
C LEU J 174 -93.82 -62.72 -3.36
N LEU J 175 -95.07 -62.94 -2.96
CA LEU J 175 -95.67 -62.19 -1.87
C LEU J 175 -96.26 -63.16 -0.86
N SER J 176 -96.08 -62.86 0.42
CA SER J 176 -96.70 -63.64 1.48
C SER J 176 -98.18 -63.30 1.59
N LYS J 177 -98.93 -64.19 2.23
CA LYS J 177 -100.38 -64.02 2.33
C LYS J 177 -100.72 -62.74 3.11
N ASP J 178 -100.06 -62.51 4.24
CA ASP J 178 -100.27 -61.27 4.98
C ASP J 178 -99.87 -60.08 4.14
N GLU J 179 -98.79 -60.21 3.37
CA GLU J 179 -98.40 -59.15 2.45
C GLU J 179 -99.44 -58.94 1.36
N ILE J 180 -100.12 -60.02 0.92
CA ILE J 180 -101.20 -59.86 -0.04
C ILE J 180 -102.36 -59.07 0.57
N LYS J 181 -102.74 -59.39 1.80
CA LYS J 181 -103.79 -58.61 2.46
C LYS J 181 -103.38 -57.15 2.61
N TYR J 182 -102.14 -56.91 3.02
CA TYR J 182 -101.64 -55.55 3.16
C TYR J 182 -101.72 -54.80 1.84
N HIS J 183 -101.25 -55.42 0.76
CA HIS J 183 -101.28 -54.78 -0.56
C HIS J 183 -102.70 -54.44 -0.96
N ASP J 184 -103.63 -55.39 -0.83
CA ASP J 184 -105.00 -55.16 -1.25
C ASP J 184 -105.65 -54.04 -0.45
N THR J 185 -105.46 -54.06 0.88
CA THR J 185 -106.10 -53.04 1.71
C THR J 185 -105.51 -51.66 1.44
N HIS J 186 -104.18 -51.56 1.38
CA HIS J 186 -103.54 -50.27 1.17
C HIS J 186 -103.90 -49.67 -0.18
N SER J 187 -103.96 -50.51 -1.22
CA SER J 187 -104.31 -50.01 -2.54
C SER J 187 -105.71 -49.39 -2.54
N LEU J 188 -106.68 -50.09 -1.92
CA LEU J 188 -108.04 -49.56 -1.88
C LEU J 188 -108.11 -48.28 -1.07
N ILE J 189 -107.41 -48.22 0.05
CA ILE J 189 -107.47 -47.01 0.89
C ILE J 189 -106.88 -45.82 0.14
N TRP J 190 -105.73 -46.01 -0.50
CA TRP J 190 -105.09 -44.93 -1.24
C TRP J 190 -105.95 -44.50 -2.43
N LEU J 191 -106.57 -45.46 -3.12
CA LEU J 191 -107.46 -45.12 -4.22
C LEU J 191 -108.65 -44.30 -3.73
N LYS J 192 -109.24 -44.69 -2.60
CA LYS J 192 -110.34 -43.90 -2.04
C LYS J 192 -109.89 -42.48 -1.73
N LEU J 193 -108.71 -42.34 -1.11
CA LEU J 193 -108.22 -41.00 -0.77
C LEU J 193 -108.07 -40.14 -2.02
N VAL J 194 -107.39 -40.66 -3.04
CA VAL J 194 -107.12 -39.85 -4.23
C VAL J 194 -108.40 -39.56 -4.99
N ASN J 195 -109.33 -40.53 -5.03
CA ASN J 195 -110.59 -40.30 -5.74
C ASN J 195 -111.44 -39.24 -5.05
N ASP J 196 -111.49 -39.26 -3.72
CA ASP J 196 -112.27 -38.27 -3.00
C ASP J 196 -111.62 -36.90 -3.10
N SER J 197 -110.28 -36.85 -3.10
CA SER J 197 -109.60 -35.56 -3.05
C SER J 197 -109.49 -34.86 -4.39
N ILE J 198 -108.95 -35.53 -5.41
CA ILE J 198 -108.53 -34.84 -6.62
C ILE J 198 -109.21 -35.38 -7.88
N LEU J 199 -109.21 -36.70 -8.04
CA LEU J 199 -109.49 -37.30 -9.34
C LEU J 199 -110.95 -37.14 -9.74
N LYS J 200 -111.82 -36.76 -8.81
CA LYS J 200 -113.25 -36.65 -9.14
C LYS J 200 -113.52 -35.46 -10.03
N TYR J 201 -112.67 -34.42 -9.96
CA TYR J 201 -112.91 -33.20 -10.71
C TYR J 201 -112.18 -33.20 -12.05
N MET J 202 -111.95 -34.38 -12.61
CA MET J 202 -111.11 -34.52 -13.80
C MET J 202 -111.91 -35.10 -14.95
N PRO J 203 -111.55 -34.77 -16.19
CA PRO J 203 -112.28 -35.30 -17.34
C PRO J 203 -112.13 -36.81 -17.44
N GLU J 204 -113.16 -37.45 -18.02
CA GLU J 204 -113.16 -38.90 -18.17
C GLU J 204 -112.00 -39.39 -19.03
N GLU J 205 -111.44 -38.53 -19.88
CA GLU J 205 -110.30 -38.93 -20.70
C GLU J 205 -109.12 -39.35 -19.85
N LEU J 206 -108.86 -38.61 -18.77
CA LEU J 206 -107.76 -38.92 -17.85
C LEU J 206 -108.31 -38.96 -16.42
N GLN J 207 -108.76 -40.15 -16.02
CA GLN J 207 -109.19 -40.41 -14.64
C GLN J 207 -108.53 -41.66 -14.08
N ALA J 208 -107.54 -42.20 -14.78
CA ALA J 208 -106.88 -43.43 -14.37
C ALA J 208 -105.58 -43.10 -13.64
N ILE J 209 -105.38 -43.75 -12.49
CA ILE J 209 -104.16 -43.56 -11.71
C ILE J 209 -102.99 -44.31 -12.32
N ASN J 210 -103.24 -45.20 -13.27
CA ASN J 210 -102.19 -45.92 -13.99
C ASN J 210 -102.36 -45.66 -15.48
N ASP J 211 -101.46 -44.88 -16.05
CA ASP J 211 -101.53 -44.50 -17.46
C ASP J 211 -100.16 -44.68 -18.09
N THR J 212 -100.02 -45.69 -18.94
CA THR J 212 -98.76 -45.98 -19.61
C THR J 212 -98.63 -45.29 -20.96
N GLU J 213 -99.65 -44.56 -21.39
CA GLU J 213 -99.67 -43.92 -22.71
C GLU J 213 -99.60 -42.40 -22.62
N GLY J 214 -99.58 -41.85 -21.41
CA GLY J 214 -99.54 -40.42 -21.20
C GLY J 214 -98.16 -39.83 -21.44
N SER J 215 -98.04 -38.54 -21.15
CA SER J 215 -96.76 -37.86 -21.35
C SER J 215 -95.68 -38.46 -20.47
N VAL J 216 -96.00 -38.76 -19.22
CA VAL J 216 -95.07 -39.38 -18.28
C VAL J 216 -95.70 -40.67 -17.77
N ASN J 217 -94.92 -41.75 -17.79
CA ASN J 217 -95.41 -43.03 -17.30
C ASN J 217 -95.71 -42.95 -15.80
N MET J 218 -96.93 -43.32 -15.43
CA MET J 218 -97.38 -43.23 -14.04
C MET J 218 -97.06 -44.47 -13.23
N ILE J 219 -96.54 -45.52 -13.85
CA ILE J 219 -96.19 -46.76 -13.17
C ILE J 219 -94.67 -46.82 -13.05
N ASP J 220 -94.18 -46.79 -11.82
CA ASP J 220 -92.75 -46.87 -11.57
C ASP J 220 -92.32 -48.33 -11.42
N GLU J 221 -91.15 -48.65 -11.97
CA GLU J 221 -90.61 -49.99 -11.97
C GLU J 221 -89.23 -49.98 -11.33
N PRO J 222 -88.78 -51.10 -10.80
CA PRO J 222 -87.49 -51.13 -10.11
C PRO J 222 -86.33 -50.77 -11.05
N ASP J 223 -85.33 -50.11 -10.48
CA ASP J 223 -84.12 -49.79 -11.22
C ASP J 223 -83.27 -51.04 -11.40
N TRP J 224 -83.13 -51.49 -12.65
CA TRP J 224 -82.45 -52.73 -12.95
C TRP J 224 -80.96 -52.56 -13.16
N ASN J 225 -80.44 -51.34 -13.11
CA ASN J 225 -79.01 -51.09 -13.29
C ASN J 225 -78.38 -50.37 -12.12
N LYS J 226 -78.97 -50.46 -10.93
CA LYS J 226 -78.40 -49.83 -9.76
C LYS J 226 -77.04 -50.45 -9.43
N PHE J 227 -76.14 -49.63 -8.91
CA PHE J 227 -74.77 -50.03 -8.58
C PHE J 227 -74.75 -50.54 -7.15
N VAL J 228 -74.21 -51.74 -6.96
CA VAL J 228 -74.18 -52.36 -5.64
C VAL J 228 -72.79 -52.94 -5.38
N PHE J 229 -72.50 -53.11 -4.09
CA PHE J 229 -71.29 -53.77 -3.61
C PHE J 229 -71.57 -55.26 -3.47
N ILE J 230 -70.70 -56.09 -4.02
CA ILE J 230 -70.86 -57.54 -3.97
C ILE J 230 -69.55 -58.20 -3.56
N HIS J 231 -69.67 -59.38 -2.96
CA HIS J 231 -68.54 -60.22 -2.57
C HIS J 231 -68.69 -61.57 -3.25
N VAL J 232 -67.60 -62.08 -3.80
CA VAL J 232 -67.62 -63.31 -4.58
C VAL J 232 -67.32 -64.47 -3.64
N ASN J 233 -68.37 -65.18 -3.20
CA ASN J 233 -68.18 -66.34 -2.35
C ASN J 233 -67.65 -67.53 -3.14
N GLY J 234 -68.14 -67.71 -4.37
CA GLY J 234 -67.81 -68.87 -5.15
C GLY J 234 -68.93 -69.89 -5.12
N PRO J 235 -68.58 -71.17 -5.21
CA PRO J 235 -69.60 -72.23 -5.10
C PRO J 235 -70.31 -72.15 -3.77
N PRO J 236 -71.64 -72.39 -3.75
CA PRO J 236 -72.37 -72.30 -2.48
C PRO J 236 -71.87 -73.27 -1.42
N ASP J 237 -71.45 -74.46 -1.82
CA ASP J 237 -70.99 -75.47 -0.87
C ASP J 237 -69.57 -75.96 -1.18
N GLY J 238 -69.24 -76.15 -2.45
CA GLY J 238 -67.93 -76.67 -2.82
C GLY J 238 -67.95 -77.34 -4.18
N LYS J 239 -67.07 -78.32 -4.37
CA LYS J 239 -66.94 -79.04 -5.64
C LYS J 239 -66.73 -78.06 -6.80
N TRP J 240 -65.58 -77.38 -6.76
CA TRP J 240 -65.27 -76.34 -7.72
C TRP J 240 -65.24 -76.87 -9.14
N ASN J 241 -64.90 -78.16 -9.30
CA ASN J 241 -64.92 -78.76 -10.63
C ASN J 241 -66.34 -78.96 -11.13
N GLU J 242 -67.29 -79.15 -10.21
CA GLU J 242 -68.68 -79.42 -10.60
C GLU J 242 -69.31 -78.22 -11.28
N ASP J 243 -69.02 -77.02 -10.79
CA ASP J 243 -69.67 -75.82 -11.31
C ASP J 243 -69.22 -75.57 -12.75
N PRO J 244 -70.14 -75.50 -13.71
CA PRO J 244 -69.74 -75.28 -15.11
C PRO J 244 -69.37 -73.84 -15.38
N LEU J 245 -69.92 -72.91 -14.59
CA LEU J 245 -69.66 -71.49 -14.84
C LEU J 245 -68.24 -71.10 -14.47
N LEU J 246 -67.65 -71.77 -13.48
CA LEU J 246 -66.27 -71.50 -13.12
C LEU J 246 -65.32 -71.77 -14.28
N GLN J 247 -64.42 -70.83 -14.53
CA GLN J 247 -63.37 -70.98 -15.52
C GLN J 247 -62.09 -70.39 -14.95
N GLU J 248 -61.00 -71.14 -15.09
CA GLU J 248 -59.72 -70.72 -14.52
C GLU J 248 -59.13 -69.57 -15.32
N ASN J 249 -58.26 -68.82 -14.66
CA ASN J 249 -57.53 -67.72 -15.28
C ASN J 249 -56.04 -67.88 -14.99
N GLU J 250 -55.25 -66.99 -15.60
CA GLU J 250 -53.80 -67.09 -15.48
C GLU J 250 -53.34 -66.82 -14.06
N PHE J 251 -52.53 -67.74 -13.53
CA PHE J 251 -51.88 -67.64 -12.22
C PHE J 251 -52.83 -67.15 -11.13
N GLY J 252 -54.10 -67.57 -11.22
CA GLY J 252 -55.10 -67.13 -10.26
C GLY J 252 -56.17 -68.16 -10.05
N LYS J 253 -56.95 -67.94 -8.99
CA LYS J 253 -58.10 -68.79 -8.70
C LYS J 253 -59.17 -68.60 -9.77
N PRO J 254 -60.05 -69.59 -9.94
CA PRO J 254 -61.08 -69.48 -10.98
C PRO J 254 -61.96 -68.26 -10.76
N CYS J 255 -62.38 -67.65 -11.87
CA CYS J 255 -63.14 -66.41 -11.86
C CYS J 255 -64.39 -66.56 -12.71
N TYR J 256 -65.48 -65.94 -12.26
CA TYR J 256 -66.70 -65.89 -13.07
C TYR J 256 -66.54 -64.86 -14.19
N THR J 257 -67.35 -65.02 -15.23
CA THR J 257 -67.39 -64.07 -16.33
C THR J 257 -68.82 -63.58 -16.53
N VAL J 258 -68.94 -62.27 -16.78
CA VAL J 258 -70.22 -61.64 -17.09
C VAL J 258 -70.01 -60.70 -18.27
N THR J 259 -71.11 -60.33 -18.91
CA THR J 259 -71.06 -59.43 -20.05
C THR J 259 -71.97 -58.24 -19.80
N ILE J 260 -71.48 -57.05 -20.13
CA ILE J 260 -72.29 -55.84 -20.13
C ILE J 260 -72.62 -55.50 -21.59
N PRO J 261 -73.88 -55.63 -22.02
CA PRO J 261 -74.18 -55.44 -23.44
C PRO J 261 -74.21 -53.98 -23.87
N ASP J 262 -74.70 -53.08 -23.00
CA ASP J 262 -74.72 -51.67 -23.34
C ASP J 262 -73.31 -51.14 -23.56
N LEU J 263 -72.39 -51.50 -22.66
CA LEU J 263 -70.98 -51.20 -22.87
C LEU J 263 -70.34 -52.20 -23.83
N LYS J 264 -70.94 -53.38 -24.00
CA LYS J 264 -70.41 -54.45 -24.85
C LYS J 264 -69.00 -54.82 -24.41
N GLU J 265 -68.88 -55.34 -23.19
CA GLU J 265 -67.59 -55.76 -22.66
C GLU J 265 -67.76 -56.98 -21.78
N GLU J 266 -66.65 -57.67 -21.53
CA GLU J 266 -66.62 -58.84 -20.68
C GLU J 266 -65.85 -58.52 -19.41
N VAL J 267 -66.47 -58.79 -18.26
CA VAL J 267 -65.91 -58.47 -16.95
C VAL J 267 -65.71 -59.78 -16.20
N GLU J 268 -64.50 -59.96 -15.65
CA GLU J 268 -64.17 -61.16 -14.89
C GLU J 268 -64.15 -60.83 -13.40
N LEU J 269 -64.84 -61.65 -12.61
CA LEU J 269 -64.93 -61.48 -11.16
C LEU J 269 -64.12 -62.61 -10.52
N THR J 270 -63.01 -62.24 -9.88
CA THR J 270 -62.18 -63.22 -9.20
C THR J 270 -62.72 -63.49 -7.80
N ILE J 271 -62.55 -64.73 -7.34
CA ILE J 271 -63.08 -65.13 -6.04
C ILE J 271 -62.27 -64.49 -4.93
N GLY J 272 -62.97 -63.94 -3.94
CA GLY J 272 -62.34 -63.32 -2.80
C GLY J 272 -62.16 -61.82 -2.91
N SER J 273 -62.69 -61.20 -3.96
CA SER J 273 -62.57 -59.76 -4.18
C SER J 273 -63.92 -59.09 -4.07
N ILE J 274 -63.92 -57.83 -3.67
CA ILE J 274 -65.16 -57.06 -3.56
C ILE J 274 -65.30 -56.14 -4.77
N TYR J 275 -66.49 -56.12 -5.33
CA TYR J 275 -66.73 -55.39 -6.58
C TYR J 275 -67.87 -54.41 -6.39
N VAL J 276 -67.82 -53.33 -7.17
CA VAL J 276 -68.94 -52.40 -7.34
C VAL J 276 -69.44 -52.58 -8.77
N MET J 277 -70.66 -53.10 -8.91
CA MET J 277 -71.13 -53.64 -10.16
C MET J 277 -72.61 -53.32 -10.37
N ARG J 278 -73.04 -53.43 -11.62
CA ARG J 278 -74.45 -53.29 -11.95
C ARG J 278 -75.26 -54.46 -11.41
N TYR J 279 -76.53 -54.20 -11.10
CA TYR J 279 -77.38 -55.22 -10.50
C TYR J 279 -77.90 -56.25 -11.50
N GLU J 280 -78.14 -55.85 -12.76
CA GLU J 280 -78.75 -56.78 -13.71
C GLU J 280 -77.80 -57.90 -14.11
N VAL J 281 -76.54 -57.58 -14.34
CA VAL J 281 -75.60 -58.58 -14.88
C VAL J 281 -75.26 -59.63 -13.83
N ILE J 282 -75.62 -59.37 -12.57
CA ILE J 282 -75.27 -60.27 -11.47
C ILE J 282 -76.50 -60.91 -10.84
N ARG J 283 -77.67 -60.82 -11.48
CA ARG J 283 -78.88 -61.36 -10.88
C ARG J 283 -78.82 -62.88 -10.74
N ASP J 284 -78.32 -63.56 -11.77
CA ASP J 284 -78.29 -65.02 -11.73
C ASP J 284 -77.34 -65.54 -10.66
N LEU J 285 -76.17 -64.91 -10.53
CA LEU J 285 -75.21 -65.35 -9.51
C LEU J 285 -75.76 -65.15 -8.11
N LEU J 286 -76.42 -64.01 -7.86
CA LEU J 286 -77.03 -63.78 -6.56
C LEU J 286 -78.17 -64.77 -6.30
N ARG J 287 -78.96 -65.06 -7.34
CA ARG J 287 -80.03 -66.04 -7.19
C ARG J 287 -79.48 -67.43 -6.86
N ASP J 288 -78.29 -67.75 -7.37
CA ASP J 288 -77.67 -69.05 -7.13
C ASP J 288 -76.63 -69.02 -6.03
N ASP J 289 -76.52 -67.93 -5.28
CA ASP J 289 -75.73 -67.77 -4.05
C ASP J 289 -74.25 -67.70 -4.36
N LYS J 290 -73.87 -67.53 -5.64
CA LYS J 290 -72.45 -67.38 -5.97
C LYS J 290 -71.89 -66.08 -5.44
N VAL J 291 -72.68 -65.02 -5.38
CA VAL J 291 -72.26 -63.72 -4.89
C VAL J 291 -73.19 -63.29 -3.77
N ALA J 292 -72.69 -62.44 -2.87
CA ALA J 292 -73.45 -61.94 -1.74
C ALA J 292 -73.35 -60.42 -1.69
N LEU J 293 -74.49 -59.76 -1.55
CA LEU J 293 -74.49 -58.31 -1.41
C LEU J 293 -73.97 -57.91 -0.04
N ILE J 294 -73.03 -56.97 -0.02
CA ILE J 294 -72.42 -56.52 1.22
C ILE J 294 -73.00 -55.16 1.60
N MET K 1 -76.11 -53.54 69.68
CA MET K 1 -75.13 -54.45 69.10
C MET K 1 -75.74 -55.28 67.99
N TYR K 2 -76.65 -54.70 67.22
CA TYR K 2 -77.39 -55.48 66.24
C TYR K 2 -76.45 -56.03 65.16
N TYR K 3 -75.66 -55.15 64.55
CA TYR K 3 -74.67 -55.55 63.54
C TYR K 3 -73.37 -54.84 63.85
N GLY K 4 -72.41 -55.59 64.39
CA GLY K 4 -71.13 -55.02 64.74
C GLY K 4 -70.27 -54.72 63.53
N ILE K 5 -69.09 -54.13 63.80
CA ILE K 5 -68.17 -53.80 62.72
C ILE K 5 -67.72 -55.07 62.00
N SER K 6 -67.46 -56.14 62.74
CA SER K 6 -67.02 -57.39 62.13
C SER K 6 -68.17 -58.08 61.40
N GLN K 7 -69.40 -57.88 61.87
CA GLN K 7 -70.56 -58.60 61.33
C GLN K 7 -71.05 -58.05 60.00
N PHE K 8 -70.58 -56.86 59.59
CA PHE K 8 -71.06 -56.19 58.39
C PHE K 8 -71.18 -57.12 57.18
N SER K 9 -70.35 -58.16 57.11
CA SER K 9 -70.38 -59.05 55.95
C SER K 9 -71.69 -59.82 55.85
N GLU K 10 -72.14 -60.46 56.94
CA GLU K 10 -73.24 -61.40 56.82
C GLU K 10 -74.52 -60.72 56.37
N ALA K 11 -74.78 -59.51 56.87
CA ALA K 11 -75.94 -58.75 56.40
C ALA K 11 -75.93 -58.62 54.89
N TYR K 12 -74.76 -58.31 54.31
CA TYR K 12 -74.62 -58.26 52.87
C TYR K 12 -75.11 -59.55 52.22
N ASN K 13 -74.68 -60.70 52.76
CA ASN K 13 -75.10 -61.98 52.21
C ASN K 13 -76.62 -62.10 52.22
N LYS K 14 -77.26 -61.60 53.28
CA LYS K 14 -78.72 -61.62 53.30
C LYS K 14 -79.30 -60.84 52.13
N ILE K 15 -78.75 -59.65 51.86
CA ILE K 15 -79.20 -58.88 50.71
C ILE K 15 -78.93 -59.62 49.42
N LEU K 16 -77.88 -60.45 49.37
CA LEU K 16 -77.62 -61.23 48.17
C LEU K 16 -78.62 -62.38 48.03
N ARG K 17 -79.19 -62.84 49.15
CA ARG K 17 -80.07 -64.00 49.09
C ARG K 17 -81.51 -63.60 48.81
N ASN K 18 -82.02 -62.61 49.55
CA ASN K 18 -83.43 -62.25 49.44
C ASN K 18 -83.71 -61.43 48.19
N SER K 19 -82.79 -60.54 47.82
CA SER K 19 -83.07 -59.51 46.82
C SER K 19 -82.65 -59.88 45.41
N SER K 20 -81.49 -60.53 45.25
CA SER K 20 -80.95 -60.77 43.92
C SER K 20 -81.87 -61.68 43.11
N SER K 21 -82.19 -61.26 41.90
CA SER K 21 -83.03 -62.02 40.99
C SER K 21 -82.94 -61.38 39.61
N HIS K 22 -83.10 -62.21 38.58
CA HIS K 22 -83.05 -61.76 37.20
C HIS K 22 -84.42 -61.44 36.62
N SER K 23 -85.48 -61.53 37.43
CA SER K 23 -86.83 -61.31 36.93
C SER K 23 -87.65 -60.39 37.82
N SER K 24 -87.05 -59.76 38.82
CA SER K 24 -87.79 -58.86 39.70
C SER K 24 -86.81 -57.94 40.42
N CYS K 25 -87.30 -56.76 40.78
CA CYS K 25 -86.55 -55.80 41.58
C CYS K 25 -87.15 -55.76 42.98
N GLN K 26 -86.34 -56.09 43.98
CA GLN K 26 -86.81 -56.23 45.36
C GLN K 26 -85.90 -55.51 46.36
N LEU K 27 -85.18 -54.48 45.91
CA LEU K 27 -84.32 -53.69 46.77
C LEU K 27 -84.61 -52.21 46.54
N VAL K 28 -84.85 -51.46 47.62
CA VAL K 28 -85.13 -50.03 47.52
C VAL K 28 -84.23 -49.29 48.50
N ILE K 29 -83.60 -48.22 48.02
CA ILE K 29 -82.71 -47.40 48.85
C ILE K 29 -83.31 -46.00 48.96
N PHE K 30 -83.58 -45.58 50.19
CA PHE K 30 -84.01 -44.21 50.50
C PHE K 30 -82.80 -43.47 51.07
N VAL K 31 -82.32 -42.48 50.33
CA VAL K 31 -81.11 -41.74 50.70
C VAL K 31 -81.48 -40.31 51.04
N SER K 32 -80.86 -39.78 52.08
CA SER K 32 -81.08 -38.40 52.50
C SER K 32 -80.38 -37.46 51.52
N CYS K 33 -81.16 -36.59 50.89
CA CYS K 33 -80.58 -35.57 50.01
C CYS K 33 -79.93 -34.48 50.84
N LEU K 34 -79.35 -33.50 50.14
CA LEU K 34 -78.61 -32.41 50.76
C LEU K 34 -77.51 -32.91 51.69
N ASN K 35 -76.83 -33.98 51.32
CA ASN K 35 -75.78 -34.58 52.13
C ASN K 35 -74.77 -35.24 51.21
N ILE K 36 -73.49 -35.03 51.49
CA ILE K 36 -72.44 -35.54 50.61
C ILE K 36 -72.00 -36.94 51.00
N ASP K 37 -71.88 -37.23 52.29
CA ASP K 37 -71.48 -38.56 52.74
C ASP K 37 -72.48 -39.62 52.28
N ALA K 38 -73.77 -39.33 52.43
CA ALA K 38 -74.79 -40.26 51.98
C ALA K 38 -74.72 -40.46 50.47
N LEU K 39 -74.46 -39.39 49.73
CA LEU K 39 -74.38 -39.49 48.26
C LEU K 39 -73.21 -40.37 47.84
N CYS K 40 -72.05 -40.18 48.47
CA CYS K 40 -70.89 -41.02 48.15
C CYS K 40 -71.12 -42.48 48.52
N ALA K 41 -71.73 -42.72 49.69
CA ALA K 41 -72.01 -44.09 50.10
C ALA K 41 -73.01 -44.76 49.15
N THR K 42 -74.02 -44.01 48.71
CA THR K 42 -74.98 -44.54 47.74
C THR K 42 -74.30 -44.85 46.41
N LYS K 43 -73.36 -44.00 45.99
CA LYS K 43 -72.62 -44.29 44.77
C LYS K 43 -71.83 -45.60 44.90
N MET K 44 -71.14 -45.77 46.03
CA MET K 44 -70.38 -47.00 46.23
C MET K 44 -71.28 -48.22 46.25
N LEU K 45 -72.41 -48.13 46.94
CA LEU K 45 -73.35 -49.26 46.99
C LEU K 45 -73.91 -49.56 45.61
N SER K 46 -74.22 -48.52 44.83
CA SER K 46 -74.74 -48.73 43.48
C SER K 46 -73.72 -49.44 42.61
N LEU K 47 -72.45 -49.04 42.67
CA LEU K 47 -71.44 -49.74 41.89
C LEU K 47 -71.28 -51.18 42.34
N LEU K 48 -71.29 -51.42 43.65
CA LEU K 48 -71.17 -52.79 44.16
C LEU K 48 -72.31 -53.66 43.64
N PHE K 49 -73.54 -53.17 43.75
CA PHE K 49 -74.68 -53.96 43.30
C PHE K 49 -74.69 -54.12 41.78
N LYS K 50 -74.16 -53.13 41.06
CA LYS K 50 -74.05 -53.26 39.62
C LYS K 50 -73.09 -54.37 39.23
N LYS K 51 -72.01 -54.54 40.00
CA LYS K 51 -71.05 -55.59 39.67
C LYS K 51 -71.67 -56.98 39.79
N GLN K 52 -72.48 -57.21 40.83
CA GLN K 52 -73.09 -58.51 41.07
C GLN K 52 -74.45 -58.68 40.40
N LEU K 53 -74.87 -57.72 39.58
CA LEU K 53 -76.12 -57.80 38.83
C LEU K 53 -77.32 -57.96 39.76
N VAL K 54 -77.51 -56.97 40.62
CA VAL K 54 -78.69 -56.88 41.48
C VAL K 54 -79.45 -55.62 41.11
N GLN K 55 -80.70 -55.78 40.68
CA GLN K 55 -81.52 -54.65 40.28
C GLN K 55 -81.85 -53.80 41.50
N SER K 56 -81.83 -52.48 41.29
CA SER K 56 -81.97 -51.55 42.40
C SER K 56 -82.69 -50.28 41.95
N GLN K 57 -83.20 -49.55 42.94
CA GLN K 57 -83.84 -48.26 42.75
C GLN K 57 -83.33 -47.30 43.82
N ILE K 58 -83.06 -46.06 43.42
CA ILE K 58 -82.59 -45.02 44.34
C ILE K 58 -83.60 -43.89 44.34
N VAL K 59 -84.12 -43.55 45.51
CA VAL K 59 -85.16 -42.55 45.67
C VAL K 59 -84.68 -41.48 46.65
N PRO K 60 -84.37 -40.26 46.18
CA PRO K 60 -83.96 -39.20 47.11
C PRO K 60 -85.15 -38.53 47.77
N ILE K 61 -85.18 -38.51 49.10
CA ILE K 61 -86.27 -37.92 49.87
C ILE K 61 -85.72 -36.77 50.70
N PHE K 62 -86.61 -35.84 51.06
CA PHE K 62 -86.19 -34.63 51.75
C PHE K 62 -86.47 -34.64 53.24
N GLY K 63 -87.64 -35.11 53.66
CA GLY K 63 -88.04 -35.04 55.04
C GLY K 63 -88.72 -36.31 55.51
N TYR K 64 -89.09 -36.31 56.79
CA TYR K 64 -89.74 -37.47 57.39
C TYR K 64 -91.14 -37.69 56.81
N SER K 65 -91.85 -36.62 56.48
CA SER K 65 -93.17 -36.75 55.88
C SER K 65 -93.09 -37.45 54.54
N GLU K 66 -92.08 -37.11 53.73
CA GLU K 66 -91.88 -37.79 52.46
C GLU K 66 -91.63 -39.28 52.66
N LEU K 67 -90.81 -39.63 53.65
CA LEU K 67 -90.55 -41.04 53.93
C LEU K 67 -91.81 -41.77 54.35
N ARG K 68 -92.62 -41.15 55.21
CA ARG K 68 -93.85 -41.77 55.67
C ARG K 68 -94.83 -41.97 54.52
N ARG K 69 -94.94 -40.97 53.63
CA ARG K 69 -95.83 -41.11 52.49
C ARG K 69 -95.32 -42.17 51.51
N HIS K 70 -94.01 -42.25 51.32
CA HIS K 70 -93.46 -43.20 50.36
C HIS K 70 -93.53 -44.63 50.87
N TYR K 71 -93.44 -44.83 52.19
CA TYR K 71 -93.47 -46.18 52.73
C TYR K 71 -94.80 -46.87 52.48
N SER K 72 -95.91 -46.13 52.52
CA SER K 72 -97.22 -46.73 52.29
C SER K 72 -97.36 -47.24 50.86
N GLN K 73 -96.93 -46.45 49.88
CA GLN K 73 -96.99 -46.86 48.48
C GLN K 73 -96.09 -48.05 48.17
N LEU K 74 -95.08 -48.30 49.01
CA LEU K 74 -94.16 -49.39 48.77
C LEU K 74 -94.88 -50.74 48.91
N ASP K 75 -94.61 -51.64 47.97
CA ASP K 75 -95.31 -52.91 47.90
C ASP K 75 -94.68 -53.92 48.85
N ASP K 76 -95.28 -55.10 48.95
CA ASP K 76 -94.73 -56.20 49.73
C ASP K 76 -93.76 -57.06 48.93
N ASN K 77 -93.64 -56.79 47.64
CA ASN K 77 -92.66 -57.51 46.82
C ASN K 77 -91.24 -57.06 47.15
N ILE K 78 -91.10 -55.86 47.70
CA ILE K 78 -89.79 -55.29 48.04
C ILE K 78 -89.34 -55.85 49.38
N ASN K 79 -88.41 -56.80 49.36
CA ASN K 79 -87.97 -57.46 50.57
C ASN K 79 -86.94 -56.67 51.35
N SER K 80 -86.22 -55.74 50.71
CA SER K 80 -85.09 -55.07 51.34
C SER K 80 -85.21 -53.56 51.18
N LEU K 81 -85.06 -52.85 52.29
CA LEU K 81 -85.08 -51.40 52.33
C LEU K 81 -83.78 -50.93 52.98
N LEU K 82 -83.17 -49.89 52.40
CA LEU K 82 -81.93 -49.33 52.90
C LEU K 82 -82.10 -47.84 53.15
N LEU K 83 -82.09 -47.42 54.42
CA LEU K 83 -82.26 -46.03 54.80
C LEU K 83 -80.90 -45.44 55.11
N VAL K 84 -80.41 -44.56 54.22
CA VAL K 84 -79.07 -44.01 54.30
C VAL K 84 -79.16 -42.54 54.69
N GLY K 85 -78.48 -42.16 55.76
CA GLY K 85 -78.39 -40.78 56.18
C GLY K 85 -79.36 -40.37 57.28
N PHE K 86 -80.22 -41.27 57.75
CA PHE K 86 -81.27 -40.91 58.69
C PHE K 86 -81.87 -42.16 59.29
N GLY K 87 -82.80 -41.96 60.23
CA GLY K 87 -83.61 -43.01 60.79
C GLY K 87 -83.16 -43.51 62.14
N GLY K 88 -81.92 -43.24 62.54
CA GLY K 88 -81.42 -43.76 63.81
C GLY K 88 -82.08 -43.13 65.02
N VAL K 89 -82.29 -41.82 64.98
CA VAL K 89 -82.74 -41.10 66.17
C VAL K 89 -84.20 -41.43 66.51
N ILE K 90 -85.06 -41.54 65.50
CA ILE K 90 -86.49 -41.69 65.76
C ILE K 90 -86.87 -43.16 65.84
N ASP K 91 -88.04 -43.42 66.42
CA ASP K 91 -88.60 -44.77 66.52
C ASP K 91 -89.27 -45.09 65.19
N LEU K 92 -88.68 -46.02 64.44
CA LEU K 92 -89.15 -46.29 63.09
C LEU K 92 -90.46 -47.07 63.09
N GLU K 93 -90.59 -48.06 63.97
CA GLU K 93 -91.78 -48.89 63.98
C GLU K 93 -93.03 -48.08 64.31
N ALA K 94 -92.93 -47.19 65.31
CA ALA K 94 -94.07 -46.34 65.63
C ALA K 94 -94.33 -45.34 64.52
N PHE K 95 -93.27 -44.80 63.92
CA PHE K 95 -93.44 -43.79 62.87
C PHE K 95 -94.11 -44.38 61.63
N LEU K 96 -93.71 -45.59 61.24
CA LEU K 96 -94.21 -46.23 60.03
C LEU K 96 -95.41 -47.14 60.28
N GLU K 97 -95.90 -47.19 61.52
CA GLU K 97 -97.02 -48.05 61.92
C GLU K 97 -96.75 -49.50 61.52
N ILE K 98 -95.59 -50.00 61.93
CA ILE K 98 -95.18 -51.36 61.63
C ILE K 98 -95.64 -52.28 62.74
N ASP K 99 -96.44 -53.29 62.39
CA ASP K 99 -96.91 -54.29 63.33
C ASP K 99 -96.01 -55.52 63.22
N PRO K 100 -95.28 -55.90 64.27
CA PRO K 100 -94.37 -57.06 64.15
C PRO K 100 -95.09 -58.34 63.77
N GLN K 101 -96.30 -58.56 64.29
CA GLN K 101 -97.01 -59.80 63.99
C GLN K 101 -97.61 -59.80 62.59
N GLU K 102 -97.77 -58.62 61.98
CA GLU K 102 -98.34 -58.55 60.65
C GLU K 102 -97.32 -58.95 59.58
N TYR K 103 -96.03 -58.81 59.88
CA TYR K 103 -94.99 -59.02 58.88
C TYR K 103 -94.45 -60.44 58.86
N VAL K 104 -95.01 -61.36 59.64
CA VAL K 104 -94.52 -62.74 59.66
C VAL K 104 -95.16 -63.56 58.54
N ILE K 105 -94.38 -63.84 57.50
CA ILE K 105 -94.86 -64.72 56.45
C ILE K 105 -94.15 -66.07 56.52
N ASP K 106 -92.93 -66.08 57.04
CA ASP K 106 -92.17 -67.32 57.20
C ASP K 106 -92.24 -67.77 58.66
N THR K 107 -93.34 -68.45 58.98
CA THR K 107 -93.57 -68.94 60.33
C THR K 107 -92.55 -70.01 60.70
N ASP K 108 -92.21 -70.06 61.98
CA ASP K 108 -91.23 -71.02 62.47
C ASP K 108 -91.80 -71.81 63.65
N GLU K 113 -87.71 -68.06 65.91
CA GLU K 113 -88.04 -66.65 65.76
C GLU K 113 -88.93 -66.43 64.54
N GLN K 114 -88.85 -65.23 63.96
CA GLN K 114 -89.65 -64.89 62.78
C GLN K 114 -88.71 -64.37 61.70
N SER K 115 -88.74 -64.99 60.53
CA SER K 115 -87.90 -64.52 59.43
C SER K 115 -88.40 -63.18 58.89
N PHE K 116 -89.71 -62.96 58.94
CA PHE K 116 -90.36 -61.68 58.64
C PHE K 116 -90.43 -61.44 57.13
N ARG K 117 -91.43 -60.65 56.72
CA ARG K 117 -91.66 -60.43 55.29
C ARG K 117 -90.65 -59.45 54.69
N ARG K 118 -90.26 -58.43 55.44
CA ARG K 118 -89.44 -57.35 54.90
C ARG K 118 -88.35 -57.01 55.90
N ASP K 119 -87.20 -56.58 55.38
CA ASP K 119 -86.04 -56.22 56.19
C ASP K 119 -85.66 -54.78 55.90
N ILE K 120 -85.56 -53.99 56.97
CA ILE K 120 -85.19 -52.58 56.87
C ILE K 120 -83.84 -52.37 57.54
N TYR K 121 -82.86 -51.89 56.77
CA TYR K 121 -81.52 -51.60 57.27
C TYR K 121 -81.37 -50.10 57.44
N VAL K 122 -80.72 -49.69 58.53
CA VAL K 122 -80.48 -48.29 58.84
C VAL K 122 -78.98 -48.05 58.84
N LEU K 123 -78.53 -47.08 58.05
CA LEU K 123 -77.11 -46.76 57.92
C LEU K 123 -76.96 -45.28 58.22
N ASP K 124 -76.75 -44.96 59.50
CA ASP K 124 -76.79 -43.58 59.97
C ASP K 124 -75.65 -43.35 60.96
N ALA K 125 -75.31 -42.08 61.14
CA ALA K 125 -74.24 -41.69 62.05
C ALA K 125 -74.63 -40.57 63.01
N HIS K 126 -75.92 -40.33 63.22
CA HIS K 126 -76.38 -39.26 64.12
C HIS K 126 -76.77 -39.87 65.47
N ARG K 127 -75.90 -39.66 66.45
CA ARG K 127 -76.17 -40.09 67.81
C ARG K 127 -76.92 -39.01 68.56
N PRO K 128 -77.63 -39.36 69.66
CA PRO K 128 -77.74 -40.69 70.29
C PRO K 128 -78.70 -41.63 69.58
N TRP K 129 -78.44 -42.93 69.70
CA TRP K 129 -79.32 -43.95 69.15
C TRP K 129 -80.67 -43.93 69.86
N ASN K 130 -81.67 -44.52 69.21
CA ASN K 130 -82.95 -44.78 69.85
C ASN K 130 -82.89 -46.17 70.47
N LEU K 131 -83.15 -46.24 71.78
CA LEU K 131 -83.02 -47.51 72.49
C LEU K 131 -83.99 -48.55 71.94
N ASP K 132 -85.17 -48.12 71.50
CA ASP K 132 -86.15 -49.06 70.95
C ASP K 132 -85.59 -49.79 69.73
N ASN K 133 -85.03 -49.04 68.78
CA ASN K 133 -84.51 -49.65 67.56
C ASN K 133 -83.33 -50.58 67.88
N ILE K 134 -82.46 -50.17 68.81
CA ILE K 134 -81.27 -50.95 69.10
C ILE K 134 -81.62 -52.24 69.84
N PHE K 135 -82.49 -52.16 70.83
CA PHE K 135 -82.63 -53.23 71.81
C PHE K 135 -83.97 -53.93 71.80
N GLY K 136 -84.98 -53.43 71.11
CA GLY K 136 -86.31 -53.99 71.27
C GLY K 136 -86.99 -54.43 69.99
N SER K 137 -86.46 -54.04 68.83
CA SER K 137 -87.08 -54.35 67.55
C SER K 137 -86.28 -55.39 66.80
N GLN K 138 -87.00 -56.15 65.97
CA GLN K 138 -86.40 -57.19 65.14
C GLN K 138 -86.52 -56.92 63.65
N ILE K 139 -87.56 -56.22 63.20
CA ILE K 139 -87.66 -55.85 61.79
C ILE K 139 -86.63 -54.79 61.46
N ILE K 140 -86.44 -53.81 62.34
CA ILE K 140 -85.48 -52.74 62.13
C ILE K 140 -84.11 -53.23 62.55
N GLN K 141 -83.14 -53.13 61.64
CA GLN K 141 -81.76 -53.53 61.91
C GLN K 141 -80.82 -52.42 61.46
N CYS K 142 -79.76 -52.18 62.24
CA CYS K 142 -78.88 -51.05 62.04
C CYS K 142 -77.45 -51.51 61.87
N PHE K 143 -76.67 -50.71 61.14
CA PHE K 143 -75.24 -50.96 60.92
C PHE K 143 -74.46 -50.17 61.96
N ASP K 144 -74.22 -50.79 63.11
CA ASP K 144 -73.54 -50.11 64.19
C ASP K 144 -72.02 -50.17 63.99
N ASP K 145 -71.32 -49.18 64.57
CA ASP K 145 -69.88 -49.08 64.40
C ASP K 145 -69.12 -49.16 65.72
N GLY K 146 -69.77 -49.56 66.81
CA GLY K 146 -69.11 -49.69 68.10
C GLY K 146 -69.54 -48.69 69.14
N THR K 147 -70.68 -48.01 68.96
CA THR K 147 -71.18 -47.13 70.01
C THR K 147 -71.82 -47.93 71.13
N VAL K 148 -72.61 -48.96 70.78
CA VAL K 148 -73.39 -49.67 71.78
C VAL K 148 -72.49 -50.52 72.67
N ASP K 149 -71.49 -51.20 72.09
CA ASP K 149 -70.72 -52.18 72.84
C ASP K 149 -69.95 -51.53 73.99
N ASP K 150 -69.66 -50.24 73.87
CA ASP K 150 -68.90 -49.54 74.89
C ASP K 150 -69.74 -48.52 75.66
N THR K 151 -70.39 -47.59 74.96
CA THR K 151 -71.11 -46.51 75.63
C THR K 151 -72.36 -47.02 76.33
N LEU K 152 -73.16 -47.84 75.65
CA LEU K 152 -74.45 -48.30 76.19
C LEU K 152 -74.27 -49.65 76.84
N GLY K 153 -73.71 -49.64 78.05
CA GLY K 153 -73.58 -50.85 78.84
C GLY K 153 -74.71 -50.99 79.85
N GLU K 154 -74.97 -49.91 80.60
CA GLU K 154 -76.04 -49.95 81.60
C GLU K 154 -77.40 -49.74 80.96
N GLN K 155 -77.45 -49.07 79.80
CA GLN K 155 -78.72 -48.80 79.14
C GLN K 155 -79.39 -50.09 78.67
N LYS K 156 -78.60 -51.04 78.14
CA LYS K 156 -79.15 -52.32 77.73
C LYS K 156 -79.77 -53.06 78.90
N GLU K 157 -79.06 -53.12 80.02
CA GLU K 157 -79.58 -53.74 81.23
C GLU K 157 -80.87 -53.06 81.66
N ALA K 158 -80.86 -51.73 81.73
CA ALA K 158 -82.04 -51.00 82.15
C ALA K 158 -83.24 -51.30 81.26
N TYR K 159 -83.05 -51.25 79.94
CA TYR K 159 -84.17 -51.48 79.02
C TYR K 159 -84.72 -52.89 79.15
N TYR K 160 -83.88 -53.91 79.02
CA TYR K 160 -84.37 -55.29 79.04
C TYR K 160 -84.96 -55.64 80.41
N LYS K 161 -84.28 -55.25 81.48
CA LYS K 161 -84.70 -55.61 82.82
C LYS K 161 -85.92 -54.81 83.28
N LEU K 162 -86.14 -53.62 82.70
CA LEU K 162 -87.38 -52.91 82.97
C LEU K 162 -88.53 -53.52 82.18
N LEU K 163 -88.25 -53.99 80.97
CA LEU K 163 -89.29 -54.68 80.20
C LEU K 163 -89.73 -55.95 80.90
N GLU K 164 -88.77 -56.72 81.42
CA GLU K 164 -89.12 -57.98 82.07
C GLU K 164 -89.64 -57.76 83.48
N LEU K 165 -89.22 -56.67 84.13
CA LEU K 165 -89.55 -56.46 85.54
C LEU K 165 -91.00 -56.03 85.71
N ASP K 166 -91.62 -55.52 84.65
CA ASP K 166 -93.00 -55.07 84.72
C ASP K 166 -93.95 -56.22 85.05
N ARG K 230 -91.94 -55.45 98.44
CA ARG K 230 -93.03 -54.78 97.74
C ARG K 230 -92.71 -53.30 97.50
N LYS K 231 -91.87 -52.73 98.37
CA LYS K 231 -91.40 -51.35 98.20
C LYS K 231 -90.15 -51.28 97.33
N GLN K 232 -89.36 -52.35 97.31
CA GLN K 232 -88.19 -52.40 96.45
C GLN K 232 -88.57 -52.26 94.99
N ARG K 233 -89.74 -52.80 94.61
CA ARG K 233 -90.20 -52.66 93.23
C ARG K 233 -90.40 -51.20 92.87
N LYS K 234 -91.12 -50.46 93.72
CA LYS K 234 -91.36 -49.04 93.44
C LYS K 234 -90.07 -48.25 93.44
N LYS K 235 -89.14 -48.56 94.36
CA LYS K 235 -87.87 -47.85 94.38
C LYS K 235 -87.09 -48.11 93.10
N GLN K 236 -86.93 -49.39 92.73
CA GLN K 236 -86.07 -49.75 91.61
C GLN K 236 -86.65 -49.25 90.28
N ILE K 237 -87.96 -49.36 90.08
CA ILE K 237 -88.54 -48.92 88.81
C ILE K 237 -88.28 -47.44 88.60
N HIS K 238 -88.42 -46.64 89.67
CA HIS K 238 -88.16 -45.21 89.55
C HIS K 238 -86.68 -44.92 89.31
N GLU K 239 -85.78 -45.58 90.04
CA GLU K 239 -84.36 -45.24 89.89
C GLU K 239 -83.77 -45.83 88.62
N TYR K 240 -84.51 -46.70 87.93
CA TYR K 240 -84.10 -47.12 86.59
C TYR K 240 -84.75 -46.30 85.48
N GLU K 241 -86.00 -45.87 85.64
CA GLU K 241 -86.54 -44.93 84.66
C GLU K 241 -85.78 -43.61 84.71
N GLY K 242 -85.20 -43.29 85.87
CA GLY K 242 -84.30 -42.15 85.94
C GLY K 242 -83.09 -42.31 85.03
N VAL K 243 -82.48 -43.48 85.02
CA VAL K 243 -81.36 -43.74 84.13
C VAL K 243 -81.81 -43.69 82.67
N LEU K 244 -83.00 -44.25 82.40
CA LEU K 244 -83.52 -44.24 81.03
C LEU K 244 -83.73 -42.82 80.53
N GLU K 245 -84.26 -41.93 81.37
CA GLU K 245 -84.43 -40.54 80.96
C GLU K 245 -83.09 -39.81 80.95
N GLU K 246 -82.13 -40.26 81.73
CA GLU K 246 -80.79 -39.68 81.69
C GLU K 246 -80.11 -39.96 80.36
N TYR K 247 -80.37 -41.14 79.78
CA TYR K 247 -79.84 -41.43 78.46
C TYR K 247 -80.33 -40.41 77.43
N TYR K 248 -81.61 -40.07 77.46
CA TYR K 248 -82.16 -39.03 76.61
C TYR K 248 -81.84 -37.67 77.23
N SER K 249 -82.48 -36.62 76.72
CA SER K 249 -82.21 -35.24 77.12
C SER K 249 -80.76 -34.85 76.86
N GLN K 250 -80.17 -35.37 75.80
CA GLN K 250 -78.79 -35.09 75.43
C GLN K 250 -78.74 -34.58 74.00
N GLY K 251 -77.78 -33.70 73.73
CA GLY K 251 -77.65 -33.13 72.41
C GLY K 251 -77.15 -34.13 71.39
N THR K 252 -77.18 -33.72 70.12
CA THR K 252 -76.83 -34.60 69.03
C THR K 252 -75.55 -34.14 68.34
N THR K 253 -74.70 -35.11 67.97
CA THR K 253 -73.49 -34.86 67.21
C THR K 253 -73.32 -35.98 66.21
N VAL K 254 -72.23 -35.91 65.45
CA VAL K 254 -71.83 -36.94 64.50
C VAL K 254 -70.45 -37.42 64.89
N VAL K 255 -70.27 -38.73 64.96
CA VAL K 255 -69.02 -39.32 65.45
C VAL K 255 -68.31 -40.18 64.40
N ASN K 256 -68.91 -40.43 63.25
CA ASN K 256 -68.28 -41.26 62.23
C ASN K 256 -68.88 -40.92 60.88
N SER K 257 -68.34 -41.55 59.83
CA SER K 257 -68.77 -41.31 58.47
C SER K 257 -69.29 -42.60 57.83
N ILE K 258 -70.32 -42.46 57.01
CA ILE K 258 -70.93 -43.62 56.36
C ILE K 258 -69.98 -44.24 55.34
N SER K 259 -69.25 -43.40 54.61
CA SER K 259 -68.37 -43.91 53.56
C SER K 259 -67.28 -44.80 54.14
N ALA K 260 -66.80 -44.47 55.34
CA ALA K 260 -65.81 -45.33 56.00
C ALA K 260 -66.38 -46.71 56.28
N GLN K 261 -67.63 -46.77 56.74
CA GLN K 261 -68.26 -48.06 57.03
C GLN K 261 -68.48 -48.86 55.75
N ILE K 262 -68.90 -48.19 54.68
CA ILE K 262 -69.05 -48.90 53.41
C ILE K 262 -67.72 -49.40 52.90
N TYR K 263 -66.65 -48.62 53.08
CA TYR K 263 -65.32 -49.08 52.70
C TYR K 263 -64.87 -50.26 53.54
N SER K 264 -65.24 -50.28 54.82
CA SER K 264 -64.98 -51.44 55.66
C SER K 264 -65.68 -52.67 55.12
N LEU K 265 -66.94 -52.50 54.68
CA LEU K 265 -67.65 -53.60 54.04
C LEU K 265 -66.93 -54.07 52.79
N LEU K 266 -66.45 -53.13 51.97
CA LEU K 266 -65.71 -53.48 50.76
C LEU K 266 -64.46 -54.28 51.08
N SER K 267 -63.71 -53.84 52.10
CA SER K 267 -62.48 -54.54 52.48
C SER K 267 -62.79 -55.94 53.02
N ALA K 268 -63.87 -56.07 53.80
CA ALA K 268 -64.26 -57.38 54.30
C ALA K 268 -64.62 -58.31 53.15
N ILE K 269 -65.40 -57.82 52.17
CA ILE K 269 -65.72 -58.63 51.00
C ILE K 269 -64.49 -58.81 50.11
N GLY K 270 -63.72 -57.74 49.92
CA GLY K 270 -62.53 -57.79 49.11
C GLY K 270 -62.61 -57.13 47.74
N GLU K 271 -63.36 -56.03 47.61
CA GLU K 271 -63.57 -55.38 46.32
C GLU K 271 -63.05 -53.95 46.30
N THR K 272 -61.95 -53.67 47.00
CA THR K 272 -61.41 -52.33 47.08
C THR K 272 -60.61 -51.99 45.83
N ASN K 273 -60.72 -50.74 45.37
CA ASN K 273 -59.95 -50.23 44.26
C ASN K 273 -59.72 -48.74 44.45
N LEU K 274 -59.23 -48.09 43.39
CA LEU K 274 -58.90 -46.67 43.48
C LEU K 274 -60.16 -45.80 43.50
N SER K 275 -61.19 -46.17 42.75
CA SER K 275 -62.42 -45.38 42.72
C SER K 275 -63.10 -45.39 44.09
N ASN K 276 -63.16 -46.55 44.74
CA ASN K 276 -63.76 -46.63 46.07
C ASN K 276 -62.96 -45.81 47.07
N LEU K 277 -61.63 -45.85 46.97
CA LEU K 277 -60.81 -45.05 47.87
C LEU K 277 -61.04 -43.56 47.67
N TRP K 278 -61.16 -43.14 46.40
CA TRP K 278 -61.45 -41.74 46.11
C TRP K 278 -62.80 -41.33 46.69
N LEU K 279 -63.82 -42.18 46.54
CA LEU K 279 -65.12 -41.87 47.10
C LEU K 279 -65.10 -41.82 48.63
N ASN K 280 -64.34 -42.73 49.26
CA ASN K 280 -64.19 -42.69 50.71
C ASN K 280 -63.53 -41.40 51.16
N ILE K 281 -62.47 -40.97 50.46
CA ILE K 281 -61.81 -39.72 50.80
C ILE K 281 -62.77 -38.55 50.64
N LEU K 282 -63.54 -38.55 49.56
CA LEU K 282 -64.52 -37.48 49.33
C LEU K 282 -65.55 -37.43 50.44
N GLY K 283 -66.05 -38.59 50.88
CA GLY K 283 -67.02 -38.62 51.96
C GLY K 283 -66.43 -38.15 53.27
N THR K 284 -65.19 -38.55 53.57
CA THR K 284 -64.58 -38.16 54.84
C THR K 284 -64.24 -36.68 54.86
N THR K 285 -63.85 -36.11 53.72
CA THR K 285 -63.40 -34.72 53.69
C THR K 285 -64.52 -33.75 54.04
N SER K 286 -65.77 -34.09 53.69
CA SER K 286 -66.88 -33.18 53.89
C SER K 286 -67.13 -32.88 55.36
N LEU K 287 -66.63 -33.71 56.27
CA LEU K 287 -66.82 -33.50 57.70
C LEU K 287 -65.80 -32.56 58.32
N ASP K 288 -64.84 -32.05 57.53
CA ASP K 288 -63.75 -31.26 58.09
C ASP K 288 -64.26 -29.97 58.72
N ILE K 289 -65.18 -29.29 58.05
CA ILE K 289 -65.60 -27.97 58.50
C ILE K 289 -66.35 -28.03 59.83
N ALA K 290 -67.25 -29.01 59.99
CA ALA K 290 -68.09 -29.08 61.17
C ALA K 290 -67.56 -29.99 62.27
N TYR K 291 -66.96 -31.13 61.92
CA TYR K 291 -66.47 -32.10 62.90
C TYR K 291 -65.01 -32.45 62.56
N ALA K 292 -64.09 -31.65 63.10
CA ALA K 292 -62.67 -31.88 62.83
C ALA K 292 -62.15 -33.13 63.53
N GLN K 293 -62.73 -33.47 64.68
CA GLN K 293 -62.22 -34.60 65.45
C GLN K 293 -62.37 -35.91 64.68
N VAL K 294 -63.50 -36.10 63.99
CA VAL K 294 -63.71 -37.32 63.21
C VAL K 294 -62.68 -37.41 62.09
N TYR K 295 -62.42 -36.29 61.41
CA TYR K 295 -61.43 -36.28 60.34
C TYR K 295 -60.05 -36.63 60.89
N ASN K 296 -59.68 -36.05 62.04
CA ASN K 296 -58.37 -36.34 62.62
C ASN K 296 -58.27 -37.79 63.08
N ARG K 297 -59.40 -38.39 63.46
CA ARG K 297 -59.39 -39.81 63.83
C ARG K 297 -59.22 -40.70 62.60
N LEU K 298 -59.93 -40.39 61.52
CA LEU K 298 -59.96 -41.26 60.35
C LEU K 298 -58.83 -41.02 59.36
N TYR K 299 -58.06 -39.93 59.51
CA TYR K 299 -57.03 -39.61 58.52
C TYR K 299 -55.92 -40.65 58.42
N PRO K 300 -55.32 -41.15 59.51
CA PRO K 300 -54.22 -42.12 59.35
C PRO K 300 -54.60 -43.38 58.60
N LEU K 301 -55.82 -43.90 58.79
CA LEU K 301 -56.26 -45.06 58.03
C LEU K 301 -56.39 -44.77 56.55
N LEU K 302 -56.87 -43.58 56.19
CA LEU K 302 -56.90 -43.19 54.78
C LEU K 302 -55.48 -43.12 54.21
N GLN K 303 -54.53 -42.58 54.98
CA GLN K 303 -53.15 -42.55 54.53
C GLN K 303 -52.63 -43.96 54.28
N ASP K 304 -52.92 -44.88 55.20
CA ASP K 304 -52.45 -46.26 55.04
C ASP K 304 -53.07 -46.92 53.81
N GLU K 305 -54.37 -46.72 53.59
CA GLU K 305 -55.02 -47.34 52.44
C GLU K 305 -54.54 -46.73 51.13
N VAL K 306 -54.16 -45.46 51.13
CA VAL K 306 -53.60 -44.84 49.92
C VAL K 306 -52.28 -45.49 49.56
N LYS K 307 -51.41 -45.71 50.55
CA LYS K 307 -50.12 -46.34 50.29
C LYS K 307 -50.28 -47.80 49.90
N ARG K 308 -51.31 -48.46 50.44
CA ARG K 308 -51.54 -49.86 50.09
C ARG K 308 -51.88 -50.02 48.61
N LEU K 309 -52.65 -49.09 48.05
CA LEU K 309 -53.19 -49.23 46.70
C LEU K 309 -52.36 -48.52 45.64
N THR K 310 -51.15 -48.05 45.98
CA THR K 310 -50.28 -47.47 44.97
C THR K 310 -49.91 -48.52 43.94
N PRO K 311 -49.93 -48.19 42.65
CA PRO K 311 -49.67 -49.23 41.63
C PRO K 311 -48.28 -49.81 41.71
N SER K 312 -47.24 -48.99 41.63
CA SER K 312 -45.87 -49.46 41.65
C SER K 312 -44.89 -48.30 41.83
N SER K 313 -43.60 -48.59 41.73
CA SER K 313 -42.56 -47.58 41.80
C SER K 313 -41.95 -47.38 40.42
N ARG K 314 -41.31 -46.23 40.20
CA ARG K 314 -40.64 -45.91 38.94
C ARG K 314 -41.63 -45.94 37.78
N ASN K 315 -42.59 -45.03 37.77
CA ASN K 315 -43.48 -44.83 36.63
C ASN K 315 -42.66 -44.24 35.50
N SER K 316 -42.52 -45.00 34.41
CA SER K 316 -41.58 -44.63 33.35
C SER K 316 -41.97 -43.32 32.68
N VAL K 317 -43.21 -43.24 32.21
CA VAL K 317 -43.67 -42.07 31.47
C VAL K 317 -45.12 -41.79 31.83
N LYS K 318 -45.54 -40.55 31.62
CA LYS K 318 -46.94 -40.20 31.77
C LYS K 318 -47.70 -40.52 30.49
N THR K 319 -48.63 -41.46 30.57
CA THR K 319 -49.47 -41.84 29.45
C THR K 319 -50.90 -41.38 29.67
N PRO K 320 -51.69 -41.21 28.61
CA PRO K 320 -53.03 -40.65 28.78
C PRO K 320 -53.97 -41.49 29.62
N ASP K 321 -53.55 -42.66 30.09
CA ASP K 321 -54.41 -43.54 30.86
C ASP K 321 -53.94 -43.73 32.30
N THR K 322 -52.89 -43.04 32.72
CA THR K 322 -52.44 -43.17 34.10
C THR K 322 -53.38 -42.45 35.05
N LEU K 323 -53.55 -43.02 36.24
CA LEU K 323 -54.27 -42.39 37.33
C LEU K 323 -53.32 -42.26 38.51
N THR K 324 -53.36 -41.11 39.18
CA THR K 324 -52.40 -40.81 40.24
C THR K 324 -53.14 -40.27 41.44
N LEU K 325 -53.04 -40.99 42.56
CA LEU K 325 -53.52 -40.53 43.86
C LEU K 325 -52.31 -40.30 44.75
N ASN K 326 -52.01 -39.03 45.05
CA ASN K 326 -50.79 -38.68 45.75
C ASN K 326 -51.09 -37.88 47.00
N ILE K 327 -50.24 -38.06 48.01
CA ILE K 327 -50.30 -37.28 49.23
C ILE K 327 -49.31 -36.14 49.09
N GLN K 328 -49.81 -34.97 48.74
CA GLN K 328 -49.02 -33.77 48.52
C GLN K 328 -49.47 -32.70 49.49
N PRO K 329 -48.58 -31.76 49.84
CA PRO K 329 -48.97 -30.73 50.82
C PRO K 329 -49.91 -29.71 50.20
N ASP K 330 -51.00 -29.45 50.91
CA ASP K 330 -52.00 -28.46 50.50
C ASP K 330 -52.21 -27.45 51.63
N TYR K 331 -53.15 -26.54 51.40
CA TYR K 331 -53.33 -25.41 52.31
C TYR K 331 -54.82 -25.16 52.51
N TYR K 332 -55.13 -24.51 53.64
CA TYR K 332 -56.50 -24.14 53.99
C TYR K 332 -56.90 -22.90 53.20
N LEU K 333 -56.88 -23.05 51.88
CA LEU K 333 -57.15 -21.96 50.96
C LEU K 333 -58.29 -22.35 50.03
N PHE K 334 -59.11 -21.37 49.68
CA PHE K 334 -60.33 -21.61 48.92
C PHE K 334 -60.02 -21.67 47.44
N LEU K 335 -60.04 -22.89 46.88
CA LEU K 335 -59.91 -23.11 45.44
C LEU K 335 -58.61 -22.51 44.89
N LEU K 336 -57.49 -23.06 45.36
CA LEU K 336 -56.19 -22.52 44.98
C LEU K 336 -55.88 -22.80 43.52
N ARG K 337 -56.12 -24.02 43.05
CA ARG K 337 -55.67 -24.42 41.72
C ARG K 337 -56.61 -23.96 40.61
N HIS K 338 -57.74 -23.35 40.95
CA HIS K 338 -58.66 -22.84 39.94
C HIS K 338 -58.90 -21.35 40.05
N SER K 339 -58.09 -20.64 40.82
CA SER K 339 -58.18 -19.19 40.93
C SER K 339 -56.81 -18.65 41.29
N SER K 340 -56.74 -17.35 41.54
CA SER K 340 -55.47 -16.73 41.86
C SER K 340 -55.09 -16.98 43.32
N LEU K 341 -53.87 -16.58 43.68
CA LEU K 341 -53.41 -16.71 45.06
C LEU K 341 -54.07 -15.66 45.95
N TYR K 342 -54.21 -14.44 45.44
CA TYR K 342 -54.86 -13.37 46.20
C TYR K 342 -56.31 -13.73 46.49
N ASP K 343 -57.01 -14.33 45.52
CA ASP K 343 -58.38 -14.76 45.74
C ASP K 343 -58.45 -15.87 46.78
N SER K 344 -57.49 -16.80 46.77
CA SER K 344 -57.47 -17.86 47.76
C SER K 344 -57.28 -17.31 49.17
N PHE K 345 -56.39 -16.32 49.32
CA PHE K 345 -56.20 -15.73 50.64
C PHE K 345 -57.37 -14.84 51.04
N TYR K 346 -58.07 -14.27 50.06
CA TYR K 346 -59.13 -13.31 50.36
C TYR K 346 -60.38 -14.00 50.87
N TYR K 347 -60.82 -15.08 50.21
CA TYR K 347 -62.10 -15.70 50.48
C TYR K 347 -61.98 -16.91 51.39
N SER K 348 -61.01 -16.93 52.28
CA SER K 348 -60.80 -18.03 53.20
C SER K 348 -61.41 -17.70 54.55
N ASN K 349 -62.12 -18.67 55.14
CA ASN K 349 -62.71 -18.45 56.46
C ASN K 349 -61.65 -18.25 57.52
N TYR K 350 -60.59 -19.05 57.49
CA TYR K 350 -59.57 -18.99 58.54
C TYR K 350 -58.77 -17.69 58.44
N VAL K 351 -58.38 -17.31 57.23
CA VAL K 351 -57.62 -16.07 57.05
C VAL K 351 -58.47 -14.87 57.44
N ASN K 352 -59.75 -14.88 57.05
CA ASN K 352 -60.64 -13.79 57.44
C ASN K 352 -60.82 -13.71 58.95
N ALA K 353 -60.93 -14.85 59.60
CA ALA K 353 -61.05 -14.86 61.06
C ALA K 353 -59.78 -14.33 61.72
N LYS K 354 -58.62 -14.70 61.20
CA LYS K 354 -57.35 -14.32 61.81
C LYS K 354 -56.88 -12.92 61.46
N LEU K 355 -57.43 -12.30 60.42
CA LEU K 355 -56.95 -10.99 59.99
C LEU K 355 -58.04 -9.94 59.85
N SER K 356 -59.32 -10.32 59.91
CA SER K 356 -60.45 -9.39 59.82
C SER K 356 -60.40 -8.61 58.51
N LEU K 357 -60.59 -9.34 57.40
CA LEU K 357 -60.49 -8.74 56.08
C LEU K 357 -61.71 -7.93 55.70
N TRP K 358 -62.79 -7.97 56.47
CA TRP K 358 -64.03 -7.30 56.07
C TRP K 358 -63.88 -5.78 56.09
N ASN K 359 -62.95 -5.27 56.90
CA ASN K 359 -62.66 -3.83 56.92
C ASN K 359 -61.33 -3.54 56.24
N GLU K 360 -60.92 -2.27 56.29
CA GLU K 360 -59.76 -1.82 55.53
C GLU K 360 -58.45 -2.32 56.15
N ASN K 361 -58.42 -2.45 57.47
CA ASN K 361 -57.19 -2.84 58.15
C ASN K 361 -56.74 -4.24 57.73
N GLY K 362 -57.69 -5.17 57.60
CA GLY K 362 -57.33 -6.51 57.17
C GLY K 362 -56.77 -6.55 55.77
N LYS K 363 -57.37 -5.79 54.86
CA LYS K 363 -56.85 -5.72 53.49
C LYS K 363 -55.44 -5.12 53.46
N LYS K 364 -55.21 -4.07 54.26
CA LYS K 364 -53.88 -3.48 54.34
C LYS K 364 -52.86 -4.47 54.89
N ARG K 365 -53.27 -5.23 55.92
CA ARG K 365 -52.36 -6.24 56.49
C ARG K 365 -52.04 -7.32 55.47
N LEU K 366 -53.04 -7.75 54.69
CA LEU K 366 -52.79 -8.74 53.65
C LEU K 366 -51.84 -8.21 52.58
N HIS K 367 -52.00 -6.94 52.19
CA HIS K 367 -51.08 -6.35 51.23
C HIS K 367 -49.66 -6.28 51.79
N LYS K 368 -49.52 -5.92 53.06
CA LYS K 368 -48.20 -5.90 53.69
C LYS K 368 -47.58 -7.29 53.72
N MET K 369 -48.38 -8.31 54.04
CA MET K 369 -47.88 -9.67 54.05
C MET K 369 -47.38 -10.10 52.67
N PHE K 370 -48.18 -9.83 51.63
CA PHE K 370 -47.78 -10.20 50.29
C PHE K 370 -46.52 -9.44 49.85
N ALA K 371 -46.40 -8.18 50.27
CA ALA K 371 -45.19 -7.42 49.98
C ALA K 371 -43.97 -8.03 50.68
N ARG K 372 -44.12 -8.41 51.94
CA ARG K 372 -42.99 -8.99 52.67
C ARG K 372 -42.55 -10.32 52.08
N MET K 373 -43.51 -11.16 51.69
CA MET K 373 -43.19 -12.50 51.23
C MET K 373 -42.32 -12.49 49.97
N GLY K 374 -42.33 -11.41 49.21
CA GLY K 374 -41.54 -11.32 48.00
C GLY K 374 -42.29 -11.56 46.71
N ILE K 375 -43.59 -11.77 46.77
CA ILE K 375 -44.40 -11.99 45.57
C ILE K 375 -44.97 -10.64 45.12
N PRO K 376 -44.69 -10.19 43.90
CA PRO K 376 -45.30 -8.95 43.43
C PRO K 376 -46.81 -9.06 43.39
N LEU K 377 -47.47 -7.94 43.68
CA LEU K 377 -48.93 -7.94 43.73
C LEU K 377 -49.54 -8.23 42.37
N SER K 378 -48.82 -7.91 41.28
CA SER K 378 -49.30 -8.25 39.96
C SER K 378 -49.25 -9.75 39.69
N THR K 379 -48.19 -10.41 40.15
CA THR K 379 -48.05 -11.85 39.95
C THR K 379 -49.01 -12.66 40.79
N ALA K 380 -49.31 -12.23 42.02
CA ALA K 380 -50.21 -12.97 42.89
C ALA K 380 -51.66 -12.94 42.40
N GLN K 381 -51.98 -12.11 41.42
CA GLN K 381 -53.34 -12.01 40.89
C GLN K 381 -53.51 -12.75 39.57
N GLU K 382 -52.50 -13.49 39.12
CA GLU K 382 -52.60 -14.27 37.91
C GLU K 382 -53.20 -15.65 38.19
N THR K 383 -53.64 -16.31 37.13
CA THR K 383 -54.20 -17.65 37.24
C THR K 383 -53.10 -18.63 37.66
N TRP K 384 -53.50 -19.67 38.38
CA TRP K 384 -52.54 -20.62 38.93
C TRP K 384 -51.74 -21.31 37.83
N LEU K 385 -52.39 -21.68 36.73
CA LEU K 385 -51.67 -22.34 35.64
C LEU K 385 -50.62 -21.41 35.04
N TYR K 386 -50.95 -20.13 34.87
CA TYR K 386 -50.07 -19.18 34.21
C TYR K 386 -49.22 -18.39 35.21
N MET K 387 -49.22 -18.78 36.48
CA MET K 387 -48.37 -18.13 37.47
C MET K 387 -46.91 -18.48 37.21
N ASP K 388 -46.02 -17.60 37.66
CA ASP K 388 -44.60 -17.78 37.42
C ASP K 388 -44.11 -19.09 38.01
N HIS K 389 -43.32 -19.82 37.22
CA HIS K 389 -42.86 -21.15 37.63
C HIS K 389 -41.93 -21.06 38.84
N SER K 390 -41.06 -20.06 38.87
CA SER K 390 -40.10 -19.94 39.97
C SER K 390 -40.80 -19.68 41.30
N ILE K 391 -41.84 -18.83 41.28
CA ILE K 391 -42.59 -18.58 42.51
C ILE K 391 -43.33 -19.82 42.96
N LYS K 392 -43.95 -20.55 42.01
CA LYS K 392 -44.69 -21.76 42.36
C LYS K 392 -43.77 -22.82 42.94
N ARG K 393 -42.53 -22.90 42.45
CA ARG K 393 -41.61 -23.93 42.91
C ARG K 393 -41.24 -23.70 44.38
N GLU K 394 -41.03 -22.46 44.78
CA GLU K 394 -40.57 -22.14 46.13
C GLU K 394 -41.68 -21.66 47.06
N LEU K 395 -42.94 -22.03 46.78
CA LEU K 395 -44.04 -21.55 47.62
C LEU K 395 -43.94 -22.09 49.04
N GLY K 396 -43.47 -23.33 49.19
CA GLY K 396 -43.43 -23.94 50.51
C GLY K 396 -42.49 -23.23 51.47
N ILE K 397 -41.29 -22.90 51.00
CA ILE K 397 -40.33 -22.21 51.85
C ILE K 397 -40.85 -20.82 52.23
N ILE K 398 -41.42 -20.11 51.26
CA ILE K 398 -41.96 -18.78 51.51
C ILE K 398 -43.07 -18.83 52.54
N PHE K 399 -43.97 -19.82 52.43
CA PHE K 399 -44.99 -20.00 53.45
C PHE K 399 -44.36 -20.29 54.81
N ASP K 400 -43.43 -21.24 54.86
CA ASP K 400 -42.89 -21.68 56.14
C ASP K 400 -42.19 -20.55 56.88
N LYS K 401 -41.44 -19.71 56.16
CA LYS K 401 -40.61 -18.73 56.85
C LYS K 401 -41.38 -17.44 57.19
N ASN K 402 -42.50 -17.19 56.51
CA ASN K 402 -43.23 -15.95 56.78
C ASN K 402 -44.56 -16.11 57.51
N LEU K 403 -45.23 -17.27 57.42
CA LEU K 403 -46.60 -17.34 57.92
C LEU K 403 -46.67 -17.18 59.44
N ASP K 404 -45.55 -17.38 60.13
CA ASP K 404 -45.58 -17.38 61.59
C ASP K 404 -45.80 -15.98 62.16
N ARG K 405 -45.40 -14.93 61.44
CA ARG K 405 -45.50 -13.58 61.98
C ARG K 405 -46.95 -13.14 62.14
N TYR K 406 -47.81 -13.56 61.22
CA TYR K 406 -49.20 -13.11 61.20
C TYR K 406 -50.17 -14.12 61.80
N GLY K 407 -49.67 -15.18 62.44
CA GLY K 407 -50.55 -16.15 63.06
C GLY K 407 -51.24 -17.10 62.12
N LEU K 408 -50.75 -17.23 60.88
CA LEU K 408 -51.37 -18.08 59.88
C LEU K 408 -50.56 -19.35 59.61
N GLN K 409 -49.79 -19.82 60.61
CA GLN K 409 -48.98 -21.02 60.43
C GLN K 409 -49.82 -22.29 60.39
N ASP K 410 -51.11 -22.21 60.69
CA ASP K 410 -51.98 -23.37 60.70
C ASP K 410 -52.56 -23.70 59.33
N ILE K 411 -52.22 -22.93 58.29
CA ILE K 411 -52.80 -23.13 56.97
C ILE K 411 -52.08 -24.23 56.19
N ILE K 412 -50.99 -24.78 56.71
CA ILE K 412 -50.19 -25.77 56.00
C ILE K 412 -50.63 -27.15 56.47
N ARG K 413 -50.93 -28.04 55.52
CA ARG K 413 -51.38 -29.37 55.87
C ARG K 413 -51.10 -30.30 54.70
N ASP K 414 -51.53 -31.56 54.85
CA ASP K 414 -51.39 -32.56 53.79
C ASP K 414 -52.76 -33.09 53.42
N GLY K 415 -52.93 -33.37 52.14
CA GLY K 415 -54.20 -33.84 51.62
C GLY K 415 -53.99 -34.87 50.53
N PHE K 416 -55.00 -35.03 49.68
CA PHE K 416 -54.99 -36.02 48.61
C PHE K 416 -55.26 -35.33 47.30
N VAL K 417 -54.43 -35.61 46.29
CA VAL K 417 -54.55 -34.99 44.97
C VAL K 417 -54.64 -36.09 43.93
N ARG K 418 -55.60 -35.96 43.01
CA ARG K 418 -55.87 -36.96 42.00
C ARG K 418 -55.64 -36.37 40.62
N THR K 419 -54.96 -37.12 39.76
CA THR K 419 -54.63 -36.68 38.41
C THR K 419 -54.92 -37.80 37.43
N LEU K 420 -55.48 -37.43 36.26
CA LEU K 420 -55.87 -38.38 35.23
C LEU K 420 -55.34 -37.91 33.89
N GLY K 421 -54.19 -38.44 33.48
CA GLY K 421 -53.66 -38.14 32.16
C GLY K 421 -53.25 -36.69 32.02
N TYR K 422 -53.37 -36.18 30.79
CA TYR K 422 -52.98 -34.80 30.49
C TYR K 422 -54.16 -33.85 30.72
N ARG K 423 -54.71 -33.90 31.93
CA ARG K 423 -55.91 -33.14 32.24
C ARG K 423 -55.67 -32.04 33.28
N GLY K 424 -55.10 -32.38 34.42
CA GLY K 424 -54.90 -31.41 35.49
C GLY K 424 -55.23 -32.04 36.83
N SER K 425 -54.67 -31.45 37.88
CA SER K 425 -54.77 -31.99 39.22
C SER K 425 -55.94 -31.38 39.96
N ILE K 426 -56.61 -32.20 40.77
CA ILE K 426 -57.74 -31.78 41.60
C ILE K 426 -57.52 -32.32 43.01
N SER K 427 -57.82 -31.48 44.00
CA SER K 427 -57.75 -31.89 45.39
C SER K 427 -59.14 -32.24 45.91
N ALA K 428 -59.16 -33.00 47.01
CA ALA K 428 -60.44 -33.45 47.57
C ALA K 428 -61.29 -32.28 48.03
N SER K 429 -60.67 -31.28 48.66
CA SER K 429 -61.43 -30.13 49.15
C SER K 429 -62.14 -29.40 48.02
N GLU K 430 -61.42 -29.13 46.94
CA GLU K 430 -62.05 -28.45 45.81
C GLU K 430 -63.19 -29.28 45.24
N PHE K 431 -63.02 -30.61 45.21
CA PHE K 431 -64.07 -31.48 44.70
C PHE K 431 -65.32 -31.39 45.56
N VAL K 432 -65.17 -31.41 46.88
CA VAL K 432 -66.35 -31.36 47.75
C VAL K 432 -67.01 -29.98 47.68
N GLU K 433 -66.23 -28.90 47.54
CA GLU K 433 -66.86 -27.60 47.35
C GLU K 433 -67.62 -27.51 46.04
N ALA K 434 -67.08 -28.11 44.97
CA ALA K 434 -67.81 -28.13 43.71
C ALA K 434 -69.11 -28.92 43.85
N LEU K 435 -69.06 -30.06 44.54
CA LEU K 435 -70.28 -30.84 44.76
C LEU K 435 -71.31 -30.07 45.58
N THR K 436 -70.86 -29.38 46.63
CA THR K 436 -71.78 -28.61 47.46
C THR K 436 -72.40 -27.46 46.65
N ALA K 437 -71.59 -26.81 45.82
CA ALA K 437 -72.12 -25.75 44.96
C ALA K 437 -73.15 -26.29 43.99
N LEU K 438 -72.91 -27.48 43.43
CA LEU K 438 -73.90 -28.09 42.56
C LEU K 438 -75.19 -28.42 43.32
N LEU K 439 -75.05 -28.84 44.58
CA LEU K 439 -76.23 -29.09 45.40
C LEU K 439 -77.03 -27.81 45.64
N GLU K 440 -76.35 -26.70 45.96
CA GLU K 440 -77.06 -25.49 46.35
C GLU K 440 -77.81 -24.87 45.18
N VAL K 441 -77.10 -24.49 44.13
CA VAL K 441 -77.69 -23.90 42.93
C VAL K 441 -77.39 -24.78 41.74
N GLY K 442 -78.38 -24.96 40.87
CA GLY K 442 -78.22 -25.79 39.70
C GLY K 442 -79.42 -25.64 38.79
N ASN K 443 -79.45 -26.49 37.76
CA ASN K 443 -80.56 -26.54 36.81
C ASN K 443 -80.75 -25.22 36.09
N ASN K 468 -101.92 -21.32 49.43
CA ASN K 468 -101.24 -21.02 48.18
C ASN K 468 -99.72 -21.05 48.36
N SER K 469 -99.28 -21.22 49.61
CA SER K 469 -97.86 -21.31 49.90
C SER K 469 -97.35 -22.74 49.94
N ALA K 470 -98.25 -23.71 50.12
CA ALA K 470 -97.84 -25.12 50.14
C ALA K 470 -97.25 -25.53 48.80
N GLN K 471 -97.88 -25.10 47.70
CA GLN K 471 -97.33 -25.39 46.37
C GLN K 471 -96.00 -24.67 46.18
N LYS K 472 -95.87 -23.45 46.70
CA LYS K 472 -94.62 -22.72 46.59
C LYS K 472 -93.48 -23.47 47.28
N LEU K 473 -93.74 -24.01 48.47
CA LEU K 473 -92.73 -24.81 49.14
C LEU K 473 -92.48 -26.14 48.44
N THR K 474 -93.53 -26.73 47.86
CA THR K 474 -93.39 -28.00 47.18
C THR K 474 -92.49 -27.87 45.95
N ASN K 475 -92.63 -26.78 45.20
CA ASN K 475 -91.78 -26.59 44.03
C ASN K 475 -90.32 -26.42 44.44
N LEU K 476 -90.06 -25.67 45.52
CA LEU K 476 -88.71 -25.52 46.01
C LEU K 476 -88.11 -26.85 46.42
N ARG K 477 -88.88 -27.66 47.14
CA ARG K 477 -88.39 -28.96 47.57
C ARG K 477 -88.16 -29.88 46.37
N LYS K 478 -89.01 -29.78 45.35
CA LYS K 478 -88.81 -30.57 44.14
C LYS K 478 -87.53 -30.18 43.41
N ARG K 479 -87.24 -28.88 43.35
CA ARG K 479 -85.98 -28.44 42.74
C ARG K 479 -84.78 -28.93 43.56
N TRP K 480 -84.90 -28.90 44.88
CA TRP K 480 -83.82 -29.40 45.73
C TRP K 480 -83.59 -30.89 45.49
N VAL K 481 -84.67 -31.65 45.28
CA VAL K 481 -84.53 -33.05 44.92
C VAL K 481 -83.87 -33.19 43.55
N SER K 482 -84.21 -32.31 42.61
CA SER K 482 -83.67 -32.39 41.27
C SER K 482 -82.15 -32.16 41.26
N ASN K 483 -81.66 -31.27 42.11
CA ASN K 483 -80.23 -30.97 42.16
C ASN K 483 -79.39 -32.20 42.55
N PHE K 484 -80.02 -33.20 43.17
CA PHE K 484 -79.28 -34.38 43.60
C PHE K 484 -78.66 -35.11 42.41
N TRP K 485 -79.40 -35.23 41.31
CA TRP K 485 -78.85 -35.92 40.15
C TRP K 485 -77.76 -35.11 39.46
N LEU K 486 -77.85 -33.78 39.50
CA LEU K 486 -76.76 -32.95 38.98
C LEU K 486 -75.49 -33.19 39.78
N SER K 487 -75.59 -33.27 41.11
CA SER K 487 -74.41 -33.57 41.90
C SER K 487 -73.94 -35.01 41.68
N TRP K 488 -74.88 -35.92 41.44
CA TRP K 488 -74.55 -37.32 41.19
C TRP K 488 -73.76 -37.49 39.90
N ASP K 489 -74.12 -36.74 38.86
CA ASP K 489 -73.47 -36.89 37.56
C ASP K 489 -72.01 -36.45 37.61
N ALA K 490 -71.70 -35.49 38.46
CA ALA K 490 -70.35 -34.93 38.52
C ALA K 490 -69.32 -35.90 39.10
N LEU K 491 -69.76 -37.01 39.69
CA LEU K 491 -68.83 -38.01 40.22
C LEU K 491 -68.31 -38.96 39.16
N ASP K 492 -68.81 -38.87 37.93
CA ASP K 492 -68.36 -39.72 36.83
C ASP K 492 -67.28 -39.01 36.05
N ASP K 493 -66.25 -39.77 35.65
CA ASP K 493 -65.08 -39.15 35.04
C ASP K 493 -65.40 -38.57 33.67
N ARG K 494 -66.48 -39.04 33.04
CA ARG K 494 -66.82 -38.56 31.69
C ARG K 494 -67.34 -37.13 31.73
N LYS K 495 -68.00 -36.75 32.82
CA LYS K 495 -68.66 -35.44 32.91
C LYS K 495 -67.82 -34.45 33.71
N VAL K 496 -66.90 -33.78 33.01
CA VAL K 496 -65.99 -32.85 33.66
C VAL K 496 -66.48 -31.41 33.51
N GLU K 497 -67.24 -31.14 32.45
CA GLU K 497 -67.81 -29.81 32.26
C GLU K 497 -68.73 -29.45 33.42
N LEU K 498 -69.47 -30.43 33.94
CA LEU K 498 -70.32 -30.18 35.09
C LEU K 498 -69.50 -29.86 36.33
N LEU K 499 -68.33 -30.49 36.48
CA LEU K 499 -67.44 -30.16 37.58
C LEU K 499 -66.92 -28.72 37.47
N ASN K 500 -66.56 -28.30 36.25
CA ASN K 500 -66.13 -26.91 36.05
C ASN K 500 -67.25 -25.93 36.36
N ARG K 501 -68.47 -26.26 35.93
CA ARG K 501 -69.63 -25.44 36.26
C ARG K 501 -69.82 -25.34 37.77
N GLY K 502 -69.64 -26.46 38.47
CA GLY K 502 -69.73 -26.44 39.93
C GLY K 502 -68.68 -25.55 40.57
N ILE K 503 -67.46 -25.56 40.01
CA ILE K 503 -66.40 -24.70 40.53
C ILE K 503 -66.78 -23.23 40.38
N GLN K 504 -67.29 -22.85 39.21
CA GLN K 504 -67.71 -21.47 39.01
C GLN K 504 -68.84 -21.08 39.96
N LEU K 505 -69.81 -21.98 40.13
CA LEU K 505 -70.92 -21.72 41.04
C LEU K 505 -70.41 -21.54 42.48
N ALA K 506 -69.42 -22.35 42.88
CA ALA K 506 -68.86 -22.21 44.22
C ALA K 506 -68.19 -20.86 44.40
N GLN K 507 -67.45 -20.40 43.39
CA GLN K 507 -66.82 -19.08 43.49
C GLN K 507 -67.88 -17.99 43.67
N ASP K 508 -68.93 -18.02 42.85
CA ASP K 508 -69.98 -17.01 42.96
C ASP K 508 -70.66 -17.07 44.33
N LEU K 509 -70.95 -18.27 44.81
CA LEU K 509 -71.63 -18.42 46.09
C LEU K 509 -70.78 -17.89 47.23
N GLN K 510 -69.48 -18.18 47.23
CA GLN K 510 -68.62 -17.66 48.29
C GLN K 510 -68.53 -16.15 48.23
N ARG K 511 -68.48 -15.58 47.03
CA ARG K 511 -68.50 -14.12 46.93
C ARG K 511 -69.75 -13.54 47.55
N ALA K 512 -70.92 -14.14 47.27
CA ALA K 512 -72.17 -13.65 47.84
C ALA K 512 -72.18 -13.77 49.36
N ILE K 513 -71.68 -14.89 49.88
CA ILE K 513 -71.62 -15.08 51.33
C ILE K 513 -70.75 -14.02 51.98
N PHE K 514 -69.58 -13.74 51.39
CA PHE K 514 -68.70 -12.70 51.93
C PHE K 514 -69.41 -11.34 51.92
N ASN K 515 -70.09 -11.03 50.82
CA ASN K 515 -70.77 -9.74 50.70
C ASN K 515 -71.85 -9.58 51.77
N THR K 516 -72.61 -10.64 52.04
CA THR K 516 -73.63 -10.56 53.08
C THR K 516 -72.99 -10.49 54.47
N GLY K 517 -71.90 -11.22 54.69
CA GLY K 517 -71.29 -11.25 56.00
C GLY K 517 -70.70 -9.91 56.40
N VAL K 518 -70.10 -9.19 55.45
CA VAL K 518 -69.53 -7.88 55.79
C VAL K 518 -70.65 -6.91 56.20
N ALA K 519 -71.80 -6.99 55.51
CA ALA K 519 -72.94 -6.16 55.88
C ALA K 519 -73.46 -6.52 57.26
N ILE K 520 -73.52 -7.82 57.56
CA ILE K 520 -73.98 -8.24 58.88
C ILE K 520 -73.03 -7.73 59.97
N LEU K 521 -71.73 -7.84 59.74
CA LEU K 521 -70.73 -7.47 60.75
C LEU K 521 -70.57 -5.97 60.93
N GLU K 522 -70.79 -5.16 59.88
CA GLU K 522 -70.58 -3.72 59.98
C GLU K 522 -71.72 -2.99 60.67
N LYS K 523 -72.96 -3.46 60.49
CA LYS K 523 -74.12 -2.79 61.07
C LYS K 523 -74.48 -3.30 62.45
N LYS K 524 -73.70 -4.23 63.01
CA LYS K 524 -73.93 -4.78 64.35
C LYS K 524 -75.32 -5.40 64.47
N LEU K 525 -75.67 -6.26 63.50
CA LEU K 525 -76.97 -6.92 63.52
C LEU K 525 -77.02 -8.04 64.54
N ILE K 526 -75.87 -8.54 64.97
CA ILE K 526 -75.84 -9.63 65.94
C ILE K 526 -76.18 -9.08 67.32
N LYS K 527 -77.21 -9.66 67.95
CA LYS K 527 -77.67 -9.24 69.26
C LYS K 527 -77.27 -10.29 70.28
N HIS K 528 -76.62 -9.84 71.36
CA HIS K 528 -76.08 -10.75 72.37
C HIS K 528 -77.08 -10.84 73.51
N LEU K 529 -77.91 -11.87 73.48
CA LEU K 529 -78.77 -12.18 74.60
C LEU K 529 -78.02 -13.05 75.61
N ARG K 530 -78.61 -13.22 76.79
CA ARG K 530 -77.94 -13.95 77.86
C ARG K 530 -77.71 -15.41 77.49
N ILE K 531 -78.70 -16.04 76.84
CA ILE K 531 -78.64 -17.47 76.61
C ILE K 531 -78.06 -17.80 75.25
N TYR K 532 -78.40 -17.01 74.24
CA TYR K 532 -77.92 -17.24 72.88
C TYR K 532 -77.70 -15.90 72.19
N ARG K 533 -77.19 -15.97 70.95
CA ARG K 533 -76.96 -14.79 70.13
C ARG K 533 -77.86 -14.85 68.90
N LEU K 534 -78.62 -13.80 68.66
CA LEU K 534 -79.64 -13.77 67.63
C LEU K 534 -79.16 -12.98 66.42
N CYS K 535 -79.53 -13.44 65.23
CA CYS K 535 -79.26 -12.71 63.99
C CYS K 535 -80.41 -12.97 63.02
N VAL K 536 -81.18 -11.93 62.72
CA VAL K 536 -82.35 -12.02 61.86
C VAL K 536 -82.13 -11.12 60.66
N LEU K 537 -82.19 -11.69 59.45
CA LEU K 537 -81.98 -10.93 58.21
C LEU K 537 -83.34 -10.64 57.60
N GLN K 538 -83.80 -9.39 57.76
CA GLN K 538 -85.11 -9.00 57.27
C GLN K 538 -85.06 -8.21 55.97
N ASP K 539 -84.01 -7.42 55.76
CA ASP K 539 -83.90 -6.58 54.57
C ASP K 539 -82.52 -6.75 53.95
N GLY K 540 -82.46 -6.53 52.65
CA GLY K 540 -81.22 -6.61 51.92
C GLY K 540 -81.38 -7.26 50.57
N PRO K 541 -80.32 -7.25 49.76
CA PRO K 541 -80.36 -7.94 48.47
C PRO K 541 -80.17 -9.44 48.65
N ASP K 542 -80.50 -10.16 47.57
CA ASP K 542 -80.31 -11.62 47.41
C ASP K 542 -80.57 -12.41 48.69
N LEU K 543 -81.77 -12.22 49.25
CA LEU K 543 -82.29 -13.09 50.29
C LEU K 543 -82.94 -14.35 49.73
N ASP K 544 -83.00 -14.49 48.40
CA ASP K 544 -83.53 -15.69 47.78
C ASP K 544 -82.51 -16.82 47.70
N LEU K 545 -81.26 -16.56 48.06
CA LEU K 545 -80.25 -17.61 48.16
C LEU K 545 -80.29 -18.35 49.48
N TYR K 546 -80.93 -17.79 50.50
CA TYR K 546 -80.93 -18.37 51.84
C TYR K 546 -82.21 -19.17 52.13
N ARG K 547 -83.01 -19.44 51.11
CA ARG K 547 -84.14 -20.34 51.26
C ARG K 547 -83.72 -21.80 51.32
N ASN K 548 -82.51 -22.13 50.86
CA ASN K 548 -81.81 -23.40 50.91
C ASN K 548 -81.02 -23.52 52.21
N PRO K 549 -81.19 -24.62 52.94
CA PRO K 549 -80.48 -24.77 54.21
C PRO K 549 -78.97 -24.72 54.09
N LEU K 550 -78.42 -25.18 52.96
CA LEU K 550 -76.97 -25.26 52.81
C LEU K 550 -76.34 -23.87 52.75
N THR K 551 -76.98 -22.92 52.07
CA THR K 551 -76.44 -21.57 52.01
C THR K 551 -76.47 -20.89 53.38
N LEU K 552 -77.55 -21.08 54.14
CA LEU K 552 -77.59 -20.55 55.48
C LEU K 552 -76.55 -21.20 56.38
N LEU K 553 -76.28 -22.49 56.17
CA LEU K 553 -75.19 -23.14 56.91
C LEU K 553 -73.84 -22.57 56.51
N ARG K 554 -73.67 -22.21 55.24
CA ARG K 554 -72.45 -21.54 54.79
C ARG K 554 -72.25 -20.22 55.54
N LEU K 555 -73.29 -19.39 55.58
CA LEU K 555 -73.18 -18.11 56.26
C LEU K 555 -72.96 -18.29 57.76
N GLY K 556 -73.62 -19.30 58.35
CA GLY K 556 -73.42 -19.57 59.76
C GLY K 556 -72.01 -20.05 60.06
N ASN K 557 -71.44 -20.88 59.19
CA ASN K 557 -70.05 -21.30 59.34
C ASN K 557 -69.09 -20.14 59.20
N TRP K 558 -69.38 -19.19 58.31
CA TRP K 558 -68.59 -17.96 58.24
C TRP K 558 -68.64 -17.20 59.56
N LEU K 559 -69.84 -16.99 60.10
CA LEU K 559 -69.97 -16.19 61.31
C LEU K 559 -69.36 -16.89 62.53
N ILE K 560 -69.55 -18.21 62.65
CA ILE K 560 -68.98 -18.93 63.78
C ILE K 560 -67.46 -18.94 63.70
N GLU K 561 -66.92 -19.10 62.50
CA GLU K 561 -65.47 -19.02 62.34
C GLU K 561 -64.95 -17.64 62.73
N CYS K 562 -65.68 -16.59 62.34
CA CYS K 562 -65.28 -15.24 62.73
C CYS K 562 -65.34 -15.03 64.23
N CYS K 563 -66.32 -15.62 64.91
CA CYS K 563 -66.49 -15.44 66.35
C CYS K 563 -65.53 -16.30 67.16
N ALA K 564 -65.12 -17.46 66.64
CA ALA K 564 -64.26 -18.37 67.39
C ALA K 564 -62.90 -17.74 67.67
N GLU K 565 -62.33 -17.07 66.67
CA GLU K 565 -61.02 -16.44 66.83
C GLU K 565 -61.10 -15.06 67.49
N SER K 566 -62.30 -14.58 67.80
CA SER K 566 -62.44 -13.34 68.54
C SER K 566 -61.89 -13.50 69.95
N GLU K 567 -61.32 -12.42 70.48
CA GLU K 567 -60.72 -12.48 71.81
C GLU K 567 -61.76 -12.74 72.89
N ASP K 568 -63.02 -12.41 72.62
CA ASP K 568 -64.09 -12.68 73.57
C ASP K 568 -64.26 -14.18 73.77
N LYS K 569 -64.25 -14.61 75.02
CA LYS K 569 -64.31 -16.02 75.38
C LYS K 569 -65.73 -16.38 75.77
N GLN K 570 -66.44 -17.06 74.88
CA GLN K 570 -67.79 -17.53 75.16
C GLN K 570 -68.11 -18.66 74.20
N LEU K 571 -69.11 -19.47 74.58
CA LEU K 571 -69.52 -20.62 73.79
C LEU K 571 -71.05 -20.63 73.68
N LEU K 572 -71.63 -19.48 73.37
CA LEU K 572 -73.08 -19.44 73.27
C LEU K 572 -73.54 -19.89 71.89
N PRO K 573 -74.61 -20.68 71.82
CA PRO K 573 -75.16 -21.05 70.52
C PRO K 573 -75.73 -19.84 69.80
N MET K 574 -75.83 -19.95 68.48
CA MET K 574 -76.30 -18.85 67.65
C MET K 574 -77.58 -19.25 66.93
N VAL K 575 -78.45 -18.27 66.71
CA VAL K 575 -79.70 -18.46 65.97
C VAL K 575 -79.66 -17.55 64.76
N LEU K 576 -79.92 -18.12 63.58
CA LEU K 576 -79.90 -17.39 62.33
C LEU K 576 -81.25 -17.54 61.65
N ALA K 577 -81.90 -16.41 61.34
CA ALA K 577 -83.23 -16.41 60.75
C ALA K 577 -83.21 -15.62 59.45
N SER K 578 -83.90 -16.16 58.43
CA SER K 578 -83.98 -15.51 57.13
C SER K 578 -85.42 -15.54 56.62
N ILE K 579 -85.86 -14.41 56.06
CA ILE K 579 -87.23 -14.24 55.58
C ILE K 579 -87.32 -14.63 54.11
N ASP K 580 -88.48 -15.20 53.74
CA ASP K 580 -88.86 -15.39 52.34
C ASP K 580 -90.16 -14.64 52.10
N GLU K 581 -90.11 -13.59 51.26
CA GLU K 581 -91.28 -12.77 51.03
C GLU K 581 -92.41 -13.55 50.37
N ASN K 582 -92.08 -14.42 49.42
CA ASN K 582 -93.10 -15.15 48.67
C ASN K 582 -93.91 -16.05 49.59
N THR K 583 -93.25 -16.71 50.55
CA THR K 583 -93.96 -17.61 51.45
C THR K 583 -94.34 -16.90 52.74
N ASP K 584 -93.74 -15.74 53.00
CA ASP K 584 -93.94 -14.99 54.25
C ASP K 584 -93.57 -15.84 55.46
N THR K 585 -92.50 -16.62 55.34
CA THR K 585 -92.03 -17.48 56.42
C THR K 585 -90.56 -17.20 56.69
N TYR K 586 -90.17 -17.30 57.96
CA TYR K 586 -88.78 -17.33 58.34
C TYR K 586 -88.28 -18.76 58.37
N LEU K 587 -87.08 -18.96 57.85
CA LEU K 587 -86.34 -20.21 58.02
C LEU K 587 -85.32 -19.94 59.11
N VAL K 588 -85.36 -20.75 60.17
CA VAL K 588 -84.58 -20.50 61.38
C VAL K 588 -83.69 -21.72 61.65
N ALA K 589 -82.41 -21.45 61.88
CA ALA K 589 -81.41 -22.49 62.13
C ALA K 589 -80.65 -22.18 63.40
N GLY K 590 -80.40 -23.22 64.19
CA GLY K 590 -79.57 -23.12 65.38
C GLY K 590 -78.20 -23.73 65.11
N LEU K 591 -77.16 -23.02 65.53
CA LEU K 591 -75.79 -23.38 65.24
C LEU K 591 -74.99 -23.46 66.53
N THR K 592 -74.17 -24.51 66.64
CA THR K 592 -73.39 -24.74 67.85
C THR K 592 -72.08 -23.96 67.80
N PRO K 593 -71.55 -23.57 68.96
CA PRO K 593 -70.25 -22.90 68.98
C PRO K 593 -69.11 -23.87 68.70
N ARG K 594 -67.97 -23.30 68.29
CA ARG K 594 -66.80 -24.09 67.94
C ARG K 594 -65.56 -23.48 68.58
N TYR K 595 -64.67 -24.34 69.05
CA TYR K 595 -63.39 -23.92 69.59
C TYR K 595 -62.47 -23.46 68.46
N PRO K 596 -61.44 -22.67 68.79
CA PRO K 596 -60.48 -22.27 67.75
C PRO K 596 -59.81 -23.48 67.12
N ARG K 597 -59.51 -23.35 65.82
CA ARG K 597 -59.02 -24.49 65.04
C ARG K 597 -57.68 -24.99 65.59
N GLY K 598 -56.78 -24.08 65.93
CA GLY K 598 -55.46 -24.44 66.40
C GLY K 598 -55.31 -24.64 67.89
N LEU K 599 -56.41 -24.63 68.64
CA LEU K 599 -56.33 -24.75 70.09
C LEU K 599 -55.91 -26.17 70.49
N ASP K 600 -55.38 -26.28 71.71
CA ASP K 600 -54.81 -27.53 72.19
C ASP K 600 -55.90 -28.60 72.36
N THR K 601 -55.45 -29.81 72.69
CA THR K 601 -56.33 -30.96 72.84
C THR K 601 -56.78 -31.18 74.28
N ILE K 602 -56.43 -30.30 75.21
CA ILE K 602 -56.86 -30.47 76.59
C ILE K 602 -58.38 -30.34 76.70
N HIS K 603 -58.96 -29.44 75.92
CA HIS K 603 -60.41 -29.30 75.88
C HIS K 603 -61.06 -30.32 74.96
N THR K 604 -60.29 -31.00 74.13
CA THR K 604 -60.84 -31.92 73.15
C THR K 604 -61.60 -33.05 73.82
N LYS K 605 -62.81 -33.31 73.34
CA LYS K 605 -63.70 -34.31 73.88
C LYS K 605 -64.75 -34.57 72.81
N LYS K 606 -65.82 -35.26 73.17
CA LYS K 606 -66.99 -35.25 72.32
C LYS K 606 -67.46 -33.81 72.16
N PRO K 607 -67.60 -33.31 70.92
CA PRO K 607 -67.81 -31.86 70.74
C PRO K 607 -69.10 -31.35 71.37
N ILE K 608 -69.26 -30.03 71.39
CA ILE K 608 -70.42 -29.43 72.03
C ILE K 608 -71.70 -29.94 71.38
N LEU K 609 -72.66 -30.31 72.23
CA LEU K 609 -73.87 -30.99 71.81
C LEU K 609 -74.93 -29.98 71.38
N ASN K 610 -75.69 -30.34 70.35
CA ASN K 610 -76.74 -29.46 69.84
C ASN K 610 -78.05 -29.74 70.55
N ASN K 611 -78.55 -28.75 71.30
CA ASN K 611 -79.74 -28.90 72.11
C ASN K 611 -80.95 -28.13 71.56
N PHE K 612 -80.94 -27.78 70.28
CA PHE K 612 -82.03 -26.99 69.73
C PHE K 612 -83.24 -27.85 69.38
N SER K 613 -83.02 -29.12 69.09
CA SER K 613 -84.13 -30.00 68.73
C SER K 613 -85.09 -30.18 69.90
N MET K 614 -84.57 -30.49 71.09
CA MET K 614 -85.42 -30.68 72.25
C MET K 614 -86.13 -29.40 72.64
N ALA K 615 -85.44 -28.26 72.58
CA ALA K 615 -86.06 -26.99 72.92
C ALA K 615 -87.18 -26.65 71.93
N PHE K 616 -86.94 -26.86 70.64
CA PHE K 616 -87.96 -26.58 69.64
C PHE K 616 -89.18 -27.49 69.84
N GLN K 617 -88.95 -28.77 70.11
CA GLN K 617 -90.07 -29.68 70.35
C GLN K 617 -90.85 -29.28 71.61
N GLN K 618 -90.12 -28.89 72.67
CA GLN K 618 -90.79 -28.49 73.90
C GLN K 618 -91.65 -27.25 73.70
N ILE K 619 -91.15 -26.26 72.95
CA ILE K 619 -91.94 -25.06 72.71
C ILE K 619 -93.12 -25.37 71.78
N THR K 620 -92.90 -26.20 70.76
CA THR K 620 -93.97 -26.51 69.81
C THR K 620 -95.10 -27.30 70.47
N ALA K 621 -94.77 -28.22 71.37
CA ALA K 621 -95.80 -29.03 72.00
C ALA K 621 -96.71 -28.18 72.89
N GLU K 622 -96.13 -27.22 73.63
CA GLU K 622 -96.90 -26.50 74.63
C GLU K 622 -97.80 -25.44 74.02
N THR K 623 -97.40 -24.86 72.89
CA THR K 623 -98.15 -23.77 72.28
C THR K 623 -98.54 -24.12 70.86
N ASP K 624 -99.64 -23.53 70.40
CA ASP K 624 -100.18 -23.79 69.06
C ASP K 624 -99.53 -22.84 68.04
N ALA K 625 -98.20 -22.87 68.02
CA ALA K 625 -97.45 -22.08 67.06
C ALA K 625 -97.50 -22.73 65.68
N LYS K 626 -97.53 -21.88 64.65
CA LYS K 626 -97.55 -22.36 63.26
C LYS K 626 -96.11 -22.56 62.78
N VAL K 627 -95.49 -23.61 63.31
CA VAL K 627 -94.12 -23.96 62.97
C VAL K 627 -94.12 -25.27 62.20
N ARG K 628 -93.11 -25.45 61.36
CA ARG K 628 -92.92 -26.65 60.57
C ARG K 628 -91.54 -27.21 60.93
N ILE K 629 -91.55 -28.35 61.63
CA ILE K 629 -90.34 -29.11 61.90
C ILE K 629 -90.45 -30.42 61.11
N ASP K 630 -89.94 -30.42 59.88
CA ASP K 630 -90.06 -31.57 59.00
C ASP K 630 -88.77 -31.91 58.27
N ASN K 631 -87.71 -31.12 58.44
CA ASN K 631 -86.45 -31.43 57.80
C ASN K 631 -85.73 -32.56 58.56
N PHE K 632 -84.82 -33.23 57.86
CA PHE K 632 -84.03 -34.28 58.49
C PHE K 632 -83.18 -33.71 59.62
N GLU K 633 -82.58 -32.55 59.39
CA GLU K 633 -81.86 -31.85 60.45
C GLU K 633 -82.88 -31.20 61.37
N SER K 634 -82.89 -31.62 62.63
CA SER K 634 -83.88 -31.16 63.60
C SER K 634 -83.62 -29.75 64.09
N SER K 635 -82.49 -29.14 63.72
CA SER K 635 -82.17 -27.79 64.15
C SER K 635 -82.63 -26.72 63.16
N ILE K 636 -83.34 -27.11 62.11
CA ILE K 636 -83.83 -26.18 61.09
C ILE K 636 -85.36 -26.26 61.07
N ILE K 637 -86.01 -25.11 61.27
CA ILE K 637 -87.47 -25.05 61.30
C ILE K 637 -87.93 -23.92 60.39
N GLU K 638 -89.22 -23.97 60.04
CA GLU K 638 -89.86 -22.93 59.24
C GLU K 638 -91.03 -22.35 60.04
N ILE K 639 -90.92 -21.10 60.45
CA ILE K 639 -91.93 -20.48 61.31
C ILE K 639 -92.57 -19.31 60.58
N ARG K 640 -93.87 -19.16 60.74
CA ARG K 640 -94.57 -18.05 60.08
C ARG K 640 -94.08 -16.72 60.63
N ARG K 641 -94.25 -15.67 59.81
CA ARG K 641 -93.71 -14.36 60.14
C ARG K 641 -94.28 -13.83 61.45
N GLU K 642 -95.57 -14.03 61.68
CA GLU K 642 -96.23 -13.45 62.83
C GLU K 642 -95.73 -14.07 64.14
N ASP K 643 -95.38 -15.35 64.10
CA ASP K 643 -95.04 -16.07 65.32
C ASP K 643 -93.59 -15.94 65.74
N LEU K 644 -92.74 -15.29 64.93
CA LEU K 644 -91.32 -15.29 65.21
C LEU K 644 -91.00 -14.58 66.53
N SER K 645 -91.49 -13.34 66.68
CA SER K 645 -91.14 -12.54 67.85
C SER K 645 -91.64 -13.16 69.17
N PRO K 646 -92.86 -13.70 69.26
CA PRO K 646 -93.24 -14.36 70.52
C PRO K 646 -92.48 -15.65 70.77
N PHE K 647 -92.39 -16.52 69.75
CA PHE K 647 -91.72 -17.80 69.89
C PHE K 647 -90.32 -17.64 70.47
N LEU K 648 -89.52 -16.75 69.89
CA LEU K 648 -88.16 -16.54 70.40
C LEU K 648 -88.18 -16.17 71.87
N GLU K 649 -89.12 -15.31 72.29
CA GLU K 649 -89.24 -14.98 73.70
C GLU K 649 -89.38 -16.23 74.55
N LYS K 650 -90.26 -17.15 74.13
CA LYS K 650 -90.41 -18.42 74.84
C LYS K 650 -89.09 -19.16 74.88
N LEU K 651 -88.37 -19.18 73.76
CA LEU K 651 -87.06 -19.83 73.73
C LEU K 651 -86.13 -19.24 74.78
N THR K 652 -86.22 -17.93 75.02
CA THR K 652 -85.38 -17.29 76.02
C THR K 652 -85.58 -17.91 77.39
N LEU K 653 -86.83 -18.27 77.71
CA LEU K 653 -87.12 -18.93 78.98
C LEU K 653 -87.10 -20.44 78.89
N SER K 654 -86.84 -21.01 77.71
CA SER K 654 -86.89 -22.46 77.56
C SER K 654 -85.76 -23.14 78.32
N GLY K 655 -84.54 -22.61 78.19
CA GLY K 655 -83.38 -23.22 78.80
C GLY K 655 -82.71 -24.23 77.87
N LEU K 656 -81.80 -25.00 78.45
CA LEU K 656 -81.07 -26.06 77.76
C LEU K 656 -80.16 -25.50 76.68
N LEU K 657 -80.05 -24.19 76.60
CA LEU K 657 -79.20 -23.55 75.58
C LEU K 657 -78.02 -22.83 76.24
N PHE L 2 -120.38 -63.39 33.76
CA PHE L 2 -119.92 -64.36 32.77
C PHE L 2 -119.88 -65.77 33.35
N GLY L 3 -121.05 -66.35 33.57
CA GLY L 3 -121.15 -67.70 34.09
C GLY L 3 -121.17 -67.74 35.61
N SER L 4 -121.72 -68.83 36.12
CA SER L 4 -121.82 -69.06 37.56
C SER L 4 -122.10 -70.54 37.80
N GLY L 5 -122.29 -70.90 39.07
CA GLY L 5 -122.63 -72.26 39.43
C GLY L 5 -121.46 -73.15 39.79
N ASN L 6 -120.25 -72.60 39.88
CA ASN L 6 -119.10 -73.41 40.26
C ASN L 6 -119.12 -73.71 41.75
N VAL L 7 -118.04 -74.35 42.22
CA VAL L 7 -118.01 -74.86 43.59
C VAL L 7 -118.04 -73.71 44.60
N LEU L 8 -117.05 -72.81 44.53
CA LEU L 8 -116.96 -71.68 45.44
C LEU L 8 -115.82 -70.75 45.02
N PRO L 9 -115.89 -69.47 45.37
CA PRO L 9 -114.82 -68.53 44.98
C PRO L 9 -113.60 -68.61 45.87
N VAL L 10 -112.66 -69.52 45.56
CA VAL L 10 -111.42 -69.60 46.31
C VAL L 10 -110.65 -68.30 46.15
N LYS L 11 -109.99 -67.87 47.22
CA LYS L 11 -109.20 -66.64 47.21
C LYS L 11 -107.74 -66.99 46.97
N ILE L 12 -107.14 -66.33 45.99
CA ILE L 12 -105.73 -66.51 45.65
C ILE L 12 -105.09 -65.15 45.50
N GLN L 13 -103.79 -65.06 45.77
CA GLN L 13 -103.08 -63.79 45.66
C GLN L 13 -102.81 -63.45 44.19
N PRO L 14 -102.85 -62.17 43.84
CA PRO L 14 -102.57 -61.77 42.45
C PRO L 14 -101.19 -62.17 41.97
N PRO L 15 -100.15 -62.24 42.86
CA PRO L 15 -98.84 -62.73 42.41
C PRO L 15 -98.86 -63.95 41.50
N LEU L 16 -99.84 -64.85 41.68
CA LEU L 16 -99.97 -66.04 40.85
C LEU L 16 -100.92 -65.82 39.68
N LEU L 17 -101.41 -64.59 39.50
CA LEU L 17 -102.32 -64.25 38.42
C LEU L 17 -101.76 -63.22 37.44
N ARG L 18 -100.83 -62.37 37.88
CA ARG L 18 -100.37 -61.29 37.03
C ARG L 18 -99.60 -61.70 35.77
N PRO L 19 -98.88 -62.84 35.71
CA PRO L 19 -98.14 -63.12 34.46
C PRO L 19 -99.04 -63.29 33.24
N LEU L 20 -100.16 -64.00 33.37
CA LEU L 20 -101.06 -64.18 32.23
C LEU L 20 -101.65 -62.85 31.78
N ALA L 21 -102.12 -62.05 32.73
CA ALA L 21 -102.67 -60.75 32.39
C ALA L 21 -101.63 -59.87 31.72
N TYR L 22 -100.40 -59.89 32.23
CA TYR L 22 -99.34 -59.11 31.62
C TYR L 22 -99.09 -59.54 30.18
N ARG L 23 -98.90 -60.84 29.94
CA ARG L 23 -98.62 -61.28 28.59
C ARG L 23 -99.76 -60.94 27.63
N VAL L 24 -101.01 -61.11 28.07
CA VAL L 24 -102.12 -60.84 27.17
C VAL L 24 -102.27 -59.36 26.89
N LEU L 25 -102.13 -58.52 27.91
CA LEU L 25 -102.45 -57.10 27.76
C LEU L 25 -101.22 -56.25 27.43
N SER L 26 -100.24 -56.22 28.32
CA SER L 26 -99.15 -55.27 28.21
C SER L 26 -98.29 -55.53 26.97
N ARG L 27 -97.97 -56.80 26.73
CA ARG L 27 -97.08 -57.13 25.62
C ARG L 27 -97.75 -56.87 24.27
N LYS L 28 -98.88 -57.52 24.02
CA LYS L 28 -99.48 -57.52 22.68
C LYS L 28 -100.22 -56.22 22.39
N TYR L 29 -101.27 -55.92 23.15
CA TYR L 29 -102.13 -54.76 22.89
C TYR L 29 -102.64 -54.23 24.23
N GLY L 30 -102.30 -52.97 24.53
CA GLY L 30 -102.66 -52.35 25.78
C GLY L 30 -101.49 -52.41 26.74
N LEU L 31 -101.68 -51.82 27.92
CA LEU L 31 -100.62 -51.73 28.92
C LEU L 31 -101.12 -51.17 30.25
N SER L 32 -100.22 -50.99 31.20
CA SER L 32 -100.50 -50.35 32.48
C SER L 32 -101.58 -51.09 33.27
N ILE L 33 -101.22 -52.31 33.70
CA ILE L 33 -102.02 -53.04 34.71
C ILE L 33 -101.49 -52.60 36.06
N LYS L 34 -102.22 -51.67 36.69
CA LYS L 34 -101.81 -51.14 37.99
C LYS L 34 -102.03 -52.18 39.07
N SER L 35 -101.38 -51.97 40.22
CA SER L 35 -101.48 -52.92 41.33
C SER L 35 -102.91 -53.00 41.86
N ASP L 36 -103.55 -51.85 42.08
CA ASP L 36 -104.93 -51.85 42.56
C ASP L 36 -105.87 -52.45 41.51
N GLY L 37 -105.65 -52.11 40.25
CA GLY L 37 -106.43 -52.71 39.19
C GLY L 37 -106.22 -54.22 39.09
N LEU L 38 -104.97 -54.66 39.29
CA LEU L 38 -104.70 -56.09 39.30
C LEU L 38 -105.45 -56.79 40.43
N SER L 39 -105.44 -56.18 41.62
CA SER L 39 -106.18 -56.76 42.74
C SER L 39 -107.68 -56.80 42.44
N ALA L 40 -108.19 -55.76 41.78
CA ALA L 40 -109.59 -55.75 41.39
C ALA L 40 -109.92 -56.87 40.42
N LEU L 41 -109.05 -57.12 39.44
CA LEU L 41 -109.25 -58.20 38.47
C LEU L 41 -109.05 -59.59 39.07
N ALA L 42 -108.81 -59.72 40.37
CA ALA L 42 -108.72 -61.02 41.01
C ALA L 42 -110.08 -61.59 41.38
N GLU L 43 -111.02 -60.75 41.78
CA GLU L 43 -112.32 -61.21 42.28
C GLU L 43 -113.15 -61.91 41.21
N PHE L 44 -113.27 -61.32 40.02
CA PHE L 44 -114.15 -61.91 39.01
C PHE L 44 -113.55 -63.20 38.46
N VAL L 45 -112.23 -63.25 38.32
CA VAL L 45 -111.60 -64.48 37.86
C VAL L 45 -111.61 -65.53 38.96
N GLY L 46 -111.71 -65.10 40.22
CA GLY L 46 -111.90 -66.04 41.30
C GLY L 46 -113.34 -66.48 41.49
N THR L 47 -114.29 -65.78 40.89
CA THR L 47 -115.68 -66.19 40.97
C THR L 47 -115.87 -67.57 40.34
N ASN L 48 -115.26 -67.81 39.19
CA ASN L 48 -115.25 -69.12 38.54
C ASN L 48 -113.89 -69.81 38.66
N ILE L 49 -113.25 -69.72 39.84
CA ILE L 49 -111.86 -70.13 39.98
C ILE L 49 -111.73 -71.65 39.89
N GLY L 50 -112.82 -72.38 40.10
CA GLY L 50 -112.75 -73.83 40.20
C GLY L 50 -112.10 -74.53 39.03
N ALA L 51 -111.02 -75.28 39.33
CA ALA L 51 -110.29 -76.05 38.31
C ALA L 51 -109.80 -75.16 37.17
N ASN L 52 -108.95 -74.20 37.51
CA ASN L 52 -108.40 -73.27 36.53
C ASN L 52 -106.94 -73.00 36.82
N TRP L 53 -106.34 -72.16 35.97
CA TRP L 53 -104.91 -71.88 35.84
C TRP L 53 -104.16 -73.05 35.24
N ARG L 54 -104.83 -74.19 35.03
CA ARG L 54 -104.35 -75.25 34.17
C ARG L 54 -105.34 -75.55 33.05
N GLN L 55 -106.43 -74.79 32.96
CA GLN L 55 -107.47 -75.01 31.96
C GLN L 55 -107.04 -74.46 30.60
N GLY L 56 -107.99 -74.48 29.67
CA GLY L 56 -107.74 -74.03 28.32
C GLY L 56 -108.10 -72.57 28.10
N PRO L 57 -109.17 -72.34 27.34
CA PRO L 57 -109.43 -70.98 26.82
C PRO L 57 -109.92 -69.97 27.84
N ALA L 58 -110.48 -70.40 28.97
CA ALA L 58 -111.33 -69.53 29.78
C ALA L 58 -110.63 -68.22 30.17
N THR L 59 -109.44 -68.32 30.75
CA THR L 59 -108.75 -67.11 31.22
C THR L 59 -108.37 -66.20 30.05
N ILE L 60 -107.90 -66.80 28.95
CA ILE L 60 -107.52 -66.02 27.77
C ILE L 60 -108.73 -65.27 27.22
N LYS L 61 -109.89 -65.94 27.15
CA LYS L 61 -111.09 -65.29 26.67
C LYS L 61 -111.55 -64.19 27.62
N PHE L 62 -111.38 -64.39 28.92
CA PHE L 62 -111.71 -63.33 29.87
C PHE L 62 -110.84 -62.10 29.64
N LEU L 63 -109.54 -62.29 29.44
CA LEU L 63 -108.65 -61.16 29.18
C LEU L 63 -108.97 -60.51 27.83
N GLU L 64 -109.33 -61.33 26.84
CA GLU L 64 -109.78 -60.79 25.56
C GLU L 64 -111.01 -59.91 25.73
N GLN L 65 -111.98 -60.36 26.52
CA GLN L 65 -113.18 -59.58 26.73
C GLN L 65 -112.90 -58.30 27.48
N PHE L 66 -112.00 -58.35 28.47
CA PHE L 66 -111.61 -57.13 29.16
C PHE L 66 -110.93 -56.15 28.23
N ALA L 67 -110.17 -56.65 27.25
CA ALA L 67 -109.56 -55.77 26.27
C ALA L 67 -110.60 -55.15 25.34
N ALA L 68 -111.73 -55.83 25.14
CA ALA L 68 -112.76 -55.34 24.23
C ALA L 68 -113.31 -54.01 24.68
N VAL L 69 -113.52 -53.83 25.98
CA VAL L 69 -114.02 -52.55 26.50
C VAL L 69 -113.01 -51.45 26.21
N TRP L 70 -111.73 -51.72 26.42
CA TRP L 70 -110.72 -50.67 26.27
C TRP L 70 -110.46 -50.34 24.80
N LYS L 71 -110.72 -51.25 23.87
CA LYS L 71 -110.75 -50.83 22.47
C LYS L 71 -112.02 -50.04 22.18
N GLN L 72 -113.16 -50.46 22.73
CA GLN L 72 -114.40 -49.76 22.46
C GLN L 72 -114.40 -48.37 23.10
N GLN L 73 -114.32 -48.31 24.43
CA GLN L 73 -114.27 -47.02 25.10
C GLN L 73 -112.87 -46.42 25.01
N GLU L 74 -112.80 -45.08 25.03
CA GLU L 74 -111.51 -44.42 24.95
C GLU L 74 -110.68 -44.67 26.20
N ARG L 75 -111.28 -44.51 27.38
CA ARG L 75 -110.66 -44.79 28.67
C ARG L 75 -109.30 -44.10 28.79
N GLY L 76 -108.23 -44.90 28.91
CA GLY L 76 -106.90 -44.35 29.11
C GLY L 76 -105.82 -45.42 29.10
N LEU L 77 -104.86 -45.30 30.03
CA LEU L 77 -103.75 -46.25 30.09
C LEU L 77 -103.85 -47.00 31.41
N PHE L 78 -103.88 -46.31 32.55
CA PHE L 78 -103.81 -47.01 33.83
C PHE L 78 -105.14 -47.70 34.15
N ILE L 79 -105.04 -48.88 34.75
CA ILE L 79 -106.21 -49.66 35.16
C ILE L 79 -106.41 -49.45 36.65
N ASP L 80 -107.57 -48.91 37.02
CA ASP L 80 -107.82 -48.57 38.42
C ASP L 80 -108.99 -49.36 38.97
N GLN L 81 -109.46 -49.01 40.17
CA GLN L 81 -110.56 -49.70 40.82
C GLN L 81 -111.82 -49.75 39.98
N SER L 82 -111.88 -49.03 38.86
CA SER L 82 -112.99 -49.14 37.93
C SER L 82 -113.01 -50.47 37.20
N GLY L 83 -111.96 -51.28 37.31
CA GLY L 83 -111.90 -52.52 36.55
C GLY L 83 -113.13 -53.38 36.72
N VAL L 84 -113.72 -53.37 37.92
CA VAL L 84 -115.03 -54.01 38.11
C VAL L 84 -116.12 -53.20 37.41
N LYS L 85 -115.95 -51.89 37.30
CA LYS L 85 -116.98 -51.08 36.66
C LYS L 85 -117.09 -51.40 35.17
N GLU L 86 -115.97 -51.74 34.51
CA GLU L 86 -116.10 -52.15 33.12
C GLU L 86 -116.65 -53.57 32.99
N VAL L 87 -116.40 -54.46 33.97
CA VAL L 87 -116.99 -55.78 33.85
C VAL L 87 -118.50 -55.72 34.09
N ILE L 88 -118.96 -54.74 34.85
CA ILE L 88 -120.40 -54.49 34.94
C ILE L 88 -120.96 -54.14 33.57
N GLN L 89 -120.23 -53.31 32.82
CA GLN L 89 -120.65 -52.99 31.45
C GLN L 89 -120.63 -54.24 30.56
N GLU L 90 -119.63 -55.10 30.75
CA GLU L 90 -119.55 -56.31 29.94
C GLU L 90 -120.75 -57.22 30.19
N MET L 91 -121.13 -57.39 31.47
CA MET L 91 -122.30 -58.22 31.75
C MET L 91 -123.58 -57.52 31.32
N LYS L 92 -123.57 -56.18 31.26
CA LYS L 92 -124.69 -55.46 30.66
C LYS L 92 -124.81 -55.78 29.18
N GLU L 93 -123.68 -55.91 28.48
CA GLU L 93 -123.71 -56.18 27.04
C GLU L 93 -124.40 -57.51 26.75
N ARG L 94 -124.11 -58.53 27.54
CA ARG L 94 -124.73 -59.84 27.35
C ARG L 94 -126.05 -59.94 28.11
N ARG L 167 -137.29 -45.16 25.00
CA ARG L 167 -136.20 -44.73 24.15
C ARG L 167 -135.01 -44.22 24.97
N ASP L 168 -133.94 -43.86 24.27
CA ASP L 168 -132.71 -43.42 24.90
C ASP L 168 -132.00 -42.48 23.94
N TYR L 169 -130.88 -41.91 24.39
CA TYR L 169 -129.99 -41.12 23.55
C TYR L 169 -130.65 -39.80 23.13
N PHE L 170 -131.65 -39.35 23.88
CA PHE L 170 -132.34 -38.10 23.58
C PHE L 170 -132.14 -37.16 24.76
N LYS L 171 -131.99 -35.87 24.47
CA LYS L 171 -131.67 -34.90 25.51
C LYS L 171 -132.31 -33.56 25.17
N VAL L 172 -132.32 -32.68 26.17
CA VAL L 172 -132.77 -31.30 26.02
C VAL L 172 -131.61 -30.41 26.47
N ILE L 173 -131.11 -29.58 25.56
CA ILE L 173 -129.93 -28.75 25.81
C ILE L 173 -130.41 -27.32 26.05
N ASN L 174 -130.02 -26.78 27.20
CA ASN L 174 -130.33 -25.40 27.55
C ASN L 174 -129.34 -24.45 26.88
N ALA L 175 -129.57 -23.15 27.09
CA ALA L 175 -128.66 -22.16 26.55
C ALA L 175 -127.30 -22.22 27.25
N SER L 176 -127.30 -22.43 28.56
CA SER L 176 -126.06 -22.36 29.33
C SER L 176 -125.18 -23.59 29.09
N GLN L 177 -125.80 -24.77 29.00
CA GLN L 177 -125.05 -26.01 28.88
C GLN L 177 -124.61 -26.32 27.44
N GLN L 178 -125.00 -25.50 26.48
CA GLN L 178 -124.61 -25.76 25.09
C GLN L 178 -123.13 -25.47 24.89
N GLN L 179 -122.49 -26.31 24.08
CA GLN L 179 -121.07 -26.15 23.81
C GLN L 179 -120.81 -24.92 22.96
N ARG L 180 -119.67 -24.27 23.19
CA ARG L 180 -119.31 -23.03 22.49
C ARG L 180 -118.27 -23.32 21.41
N PHE L 181 -118.46 -22.70 20.25
CA PHE L 181 -117.54 -22.87 19.12
C PHE L 181 -117.32 -21.51 18.46
N SER L 182 -116.06 -21.12 18.31
CA SER L 182 -115.71 -19.92 17.58
C SER L 182 -115.38 -20.29 16.14
N TYR L 183 -115.17 -19.27 15.30
CA TYR L 183 -114.91 -19.48 13.89
C TYR L 183 -113.70 -18.63 13.50
N ASN L 184 -112.73 -19.25 12.81
CA ASN L 184 -111.56 -18.52 12.36
C ASN L 184 -111.68 -18.24 10.88
N PRO L 185 -111.88 -16.97 10.47
CA PRO L 185 -111.99 -16.67 9.03
C PRO L 185 -110.74 -17.01 8.25
N HIS L 186 -109.56 -16.90 8.87
CA HIS L 186 -108.34 -17.24 8.17
C HIS L 186 -108.28 -18.72 7.83
N LYS L 187 -108.85 -19.56 8.69
CA LYS L 187 -108.77 -21.00 8.50
C LYS L 187 -110.06 -21.64 7.99
N MET L 188 -111.15 -20.88 7.85
CA MET L 188 -112.42 -21.42 7.38
C MET L 188 -112.88 -22.61 8.22
N GLN L 189 -112.69 -22.51 9.54
CA GLN L 189 -112.92 -23.66 10.40
C GLN L 189 -113.34 -23.23 11.80
N PHE L 190 -114.02 -24.13 12.49
CA PHE L 190 -114.52 -23.86 13.83
C PHE L 190 -113.53 -24.35 14.89
N ILE L 191 -113.29 -23.48 15.86
CA ILE L 191 -112.29 -23.79 16.92
C ILE L 191 -113.06 -23.95 18.22
N PHE L 192 -112.64 -24.87 19.04
CA PHE L 192 -113.43 -25.12 20.25
C PHE L 192 -113.13 -24.04 21.27
N VAL L 193 -114.06 -23.79 22.17
CA VAL L 193 -113.77 -22.83 23.26
C VAL L 193 -113.94 -23.58 24.55
N PRO L 194 -112.96 -23.73 25.46
CA PRO L 194 -113.20 -24.40 26.75
C PRO L 194 -114.22 -23.63 27.57
N ASN L 195 -115.09 -24.38 28.25
CA ASN L 195 -116.12 -23.77 29.07
C ASN L 195 -115.53 -23.30 30.39
N LYS L 196 -115.89 -22.08 30.79
CA LYS L 196 -115.30 -21.49 31.99
C LYS L 196 -115.80 -22.17 33.26
N LYS L 197 -116.97 -22.83 33.19
CA LYS L 197 -117.54 -23.45 34.38
C LYS L 197 -116.72 -24.65 34.82
N GLN L 198 -116.24 -25.45 33.86
CA GLN L 198 -115.55 -26.70 34.21
C GLN L 198 -114.22 -26.43 34.91
N ASN L 199 -113.40 -25.54 34.34
CA ASN L 199 -112.07 -25.30 34.87
C ASN L 199 -111.97 -24.08 35.77
N GLY L 200 -112.65 -22.99 35.42
CA GLY L 200 -112.64 -21.81 36.27
C GLY L 200 -113.34 -22.07 37.59
N LEU L 201 -112.86 -21.40 38.66
CA LEU L 201 -113.46 -21.59 39.97
C LEU L 201 -114.93 -21.19 39.98
N GLY L 202 -115.21 -19.96 39.55
CA GLY L 202 -116.59 -19.51 39.43
C GLY L 202 -117.39 -19.60 40.70
N GLY L 203 -116.71 -19.58 41.85
CA GLY L 203 -117.42 -19.68 43.12
C GLY L 203 -118.22 -18.44 43.43
N ILE L 204 -117.77 -17.29 42.94
CA ILE L 204 -118.42 -16.01 43.20
C ILE L 204 -118.91 -15.31 41.95
N ALA L 205 -118.13 -15.32 40.87
CA ALA L 205 -118.55 -14.70 39.61
C ALA L 205 -117.79 -15.37 38.48
N GLY L 206 -118.46 -16.30 37.79
CA GLY L 206 -117.84 -17.00 36.68
C GLY L 206 -118.70 -17.02 35.44
N PHE L 207 -119.96 -16.62 35.58
CA PHE L 207 -120.85 -16.54 34.43
C PHE L 207 -120.62 -15.26 33.65
N LEU L 208 -120.08 -14.24 34.32
CA LEU L 208 -119.89 -12.92 33.75
C LEU L 208 -118.91 -12.97 32.58
N PRO L 209 -119.25 -12.37 31.45
CA PRO L 209 -118.35 -12.41 30.28
C PRO L 209 -117.15 -11.50 30.45
N ASP L 210 -116.32 -11.42 29.41
CA ASP L 210 -115.20 -10.50 29.37
C ASP L 210 -115.43 -9.50 28.24
N ILE L 211 -114.81 -8.33 28.36
CA ILE L 211 -115.09 -7.23 27.44
C ILE L 211 -114.73 -7.57 26.00
N GLU L 212 -113.77 -8.47 25.79
CA GLU L 212 -113.34 -8.78 24.43
C GLU L 212 -114.45 -9.41 23.60
N ASP L 213 -115.45 -10.02 24.24
CA ASP L 213 -116.57 -10.60 23.50
C ASP L 213 -117.45 -9.52 22.88
N LYS L 214 -117.55 -8.36 23.54
CA LYS L 214 -118.33 -7.25 22.98
C LYS L 214 -117.74 -6.76 21.68
N VAL L 215 -116.42 -6.90 21.52
CA VAL L 215 -115.74 -6.43 20.31
C VAL L 215 -115.88 -7.42 19.16
N GLN L 216 -116.18 -8.69 19.43
CA GLN L 216 -116.23 -9.71 18.40
C GLN L 216 -117.65 -10.23 18.17
N MET L 217 -118.63 -9.73 18.95
CA MET L 217 -120.00 -10.23 18.85
C MET L 217 -120.53 -10.15 17.43
N PHE L 218 -120.44 -8.98 16.79
CA PHE L 218 -120.93 -8.81 15.43
C PHE L 218 -119.92 -9.24 14.37
N LEU L 219 -118.62 -9.22 14.68
CA LEU L 219 -117.63 -9.74 13.75
C LEU L 219 -117.86 -11.22 13.48
N THR L 220 -118.21 -11.98 14.52
CA THR L 220 -118.53 -13.38 14.33
C THR L 220 -119.73 -13.58 13.41
N ARG L 221 -120.78 -12.78 13.56
CA ARG L 221 -121.93 -12.88 12.65
C ARG L 221 -121.54 -12.56 11.21
N TYR L 222 -120.77 -11.48 11.04
CA TYR L 222 -120.35 -11.08 9.70
C TYR L 222 -119.52 -12.18 9.03
N TYR L 223 -118.61 -12.80 9.78
CA TYR L 223 -117.78 -13.83 9.18
C TYR L 223 -118.60 -15.02 8.72
N LEU L 224 -119.53 -15.49 9.57
CA LEU L 224 -120.37 -16.62 9.18
C LEU L 224 -121.23 -16.29 7.96
N THR L 225 -121.83 -15.10 7.92
CA THR L 225 -122.69 -14.79 6.78
C THR L 225 -121.88 -14.58 5.51
N ASN L 226 -120.70 -13.95 5.62
CA ASN L 226 -119.91 -13.67 4.43
C ASN L 226 -119.32 -14.94 3.84
N ASP L 227 -118.93 -15.90 4.69
CA ASP L 227 -118.47 -17.18 4.17
C ASP L 227 -119.55 -17.83 3.32
N ARG L 228 -120.78 -17.86 3.83
CA ARG L 228 -121.89 -18.45 3.08
C ARG L 228 -122.16 -17.70 1.79
N VAL L 229 -122.12 -16.37 1.83
CA VAL L 229 -122.37 -15.58 0.63
C VAL L 229 -121.30 -15.85 -0.43
N MET L 230 -120.03 -15.92 -0.02
CA MET L 230 -118.94 -16.16 -0.94
C MET L 230 -118.86 -17.60 -1.45
N ARG L 231 -119.52 -18.55 -0.77
CA ARG L 231 -119.57 -19.92 -1.27
C ARG L 231 -120.83 -20.20 -2.07
N ASN L 232 -121.68 -19.22 -2.32
CA ASN L 232 -122.87 -19.45 -3.12
C ASN L 232 -122.49 -19.71 -4.58
N GLU L 233 -123.41 -20.35 -5.30
CA GLU L 233 -123.15 -20.70 -6.69
C GLU L 233 -123.19 -19.47 -7.59
N ASN L 234 -124.19 -18.61 -7.39
CA ASN L 234 -124.36 -17.46 -8.28
C ASN L 234 -123.17 -16.51 -8.20
N PHE L 235 -122.69 -16.23 -7.00
CA PHE L 235 -121.55 -15.34 -6.86
C PHE L 235 -120.24 -16.12 -7.05
N GLN L 236 -119.31 -15.50 -7.76
CA GLN L 236 -118.02 -16.12 -8.05
C GLN L 236 -116.92 -15.07 -8.14
N MET L 266 -121.03 -10.04 -10.18
CA MET L 266 -120.00 -9.29 -9.47
C MET L 266 -119.73 -9.89 -8.10
N SER L 267 -118.48 -9.79 -7.65
CA SER L 267 -118.12 -10.28 -6.33
C SER L 267 -118.22 -9.16 -5.30
N ILE L 268 -118.30 -9.55 -4.03
CA ILE L 268 -118.44 -8.58 -2.95
C ILE L 268 -117.10 -7.92 -2.68
N THR L 269 -117.12 -6.58 -2.63
CA THR L 269 -115.91 -5.78 -2.47
C THR L 269 -115.91 -5.11 -1.11
N PRO L 270 -114.78 -5.07 -0.40
CA PRO L 270 -114.74 -4.32 0.86
C PRO L 270 -115.02 -2.83 0.62
N ILE L 271 -115.60 -2.19 1.64
CA ILE L 271 -116.09 -0.83 1.48
C ILE L 271 -114.94 0.15 1.26
N LYS L 272 -113.86 0.02 2.02
CA LYS L 272 -112.76 0.97 1.88
C LYS L 272 -112.08 0.90 0.52
N ASN L 273 -112.31 -0.17 -0.25
CA ASN L 273 -111.81 -0.22 -1.62
C ASN L 273 -112.55 0.75 -2.53
N LEU L 274 -113.46 1.57 -2.00
CA LEU L 274 -114.25 2.52 -2.77
C LEU L 274 -113.79 3.96 -2.55
N LEU L 275 -112.68 4.18 -1.87
CA LEU L 275 -112.32 5.52 -1.43
C LEU L 275 -111.71 6.38 -2.53
N GLY L 276 -111.32 5.80 -3.66
CA GLY L 276 -110.73 6.58 -4.72
C GLY L 276 -111.51 6.50 -6.02
N ARG L 277 -112.43 5.55 -6.09
CA ARG L 277 -113.23 5.35 -7.29
C ARG L 277 -114.29 6.44 -7.41
N ASP L 278 -114.53 6.87 -8.65
CA ASP L 278 -115.55 7.87 -8.94
C ASP L 278 -116.71 7.31 -9.75
N ALA L 279 -116.64 6.05 -10.16
CA ALA L 279 -117.64 5.44 -11.03
C ALA L 279 -117.75 3.95 -10.74
N GLN L 280 -118.30 3.20 -11.70
CA GLN L 280 -118.36 1.74 -11.69
C GLN L 280 -119.44 1.23 -10.75
N ASN L 281 -119.50 -0.09 -10.57
CA ASN L 281 -120.50 -0.73 -9.74
C ASN L 281 -119.80 -1.58 -8.69
N PHE L 282 -120.47 -1.76 -7.56
CA PHE L 282 -119.92 -2.53 -6.47
C PHE L 282 -121.02 -3.30 -5.77
N LEU L 283 -120.67 -4.45 -5.21
CA LEU L 283 -121.59 -5.29 -4.46
C LEU L 283 -121.14 -5.28 -3.00
N LEU L 284 -121.87 -4.53 -2.17
CA LEU L 284 -121.49 -4.31 -0.78
C LEU L 284 -122.36 -5.16 0.12
N LEU L 285 -121.74 -5.82 1.10
CA LEU L 285 -122.44 -6.61 2.11
C LEU L 285 -122.07 -6.09 3.48
N GLY L 286 -123.08 -5.78 4.30
CA GLY L 286 -122.79 -5.32 5.64
C GLY L 286 -124.04 -4.99 6.43
N LEU L 287 -123.81 -4.64 7.69
CA LEU L 287 -124.89 -4.20 8.57
C LEU L 287 -125.55 -2.94 8.04
N LEU L 288 -126.88 -2.93 8.07
CA LEU L 288 -127.66 -1.74 7.80
C LEU L 288 -128.03 -1.09 9.14
N ASN L 289 -127.68 0.17 9.31
CA ASN L 289 -127.95 0.84 10.57
C ASN L 289 -128.06 2.34 10.34
N LYS L 290 -128.10 3.08 11.44
CA LYS L 290 -128.12 4.53 11.40
C LYS L 290 -126.88 5.09 12.09
N ASN L 291 -126.23 6.04 11.42
CA ASN L 291 -125.03 6.67 11.95
C ASN L 291 -125.41 7.55 13.14
N PHE L 292 -124.39 8.02 13.87
CA PHE L 292 -124.68 8.88 15.01
C PHE L 292 -125.24 10.23 14.58
N LYS L 293 -125.17 10.53 13.28
CA LYS L 293 -125.78 11.74 12.73
C LYS L 293 -127.23 11.52 12.32
N GLY L 294 -127.72 10.28 12.32
CA GLY L 294 -129.08 10.00 11.95
C GLY L 294 -129.30 9.60 10.51
N ASN L 295 -128.24 9.30 9.77
CA ASN L 295 -128.34 8.95 8.37
C ASN L 295 -128.17 7.45 8.19
N TRP L 296 -128.88 6.88 7.22
CA TRP L 296 -128.78 5.45 6.96
C TRP L 296 -127.40 5.11 6.42
N SER L 297 -126.84 4.01 6.91
CA SER L 297 -125.46 3.66 6.58
C SER L 297 -125.29 2.15 6.58
N LEU L 298 -124.22 1.72 5.92
CA LEU L 298 -123.82 0.33 5.82
C LEU L 298 -122.43 0.18 6.42
N GLU L 299 -122.21 -0.90 7.16
CA GLU L 299 -120.97 -1.09 7.90
C GLU L 299 -120.44 -2.51 7.72
N ASP L 300 -119.15 -2.63 7.45
CA ASP L 300 -118.42 -3.88 7.37
C ASP L 300 -117.17 -3.76 8.20
N PRO L 301 -116.51 -4.89 8.54
CA PRO L 301 -115.30 -4.80 9.37
C PRO L 301 -114.25 -3.86 8.81
N SER L 302 -114.23 -3.64 7.50
CA SER L 302 -113.27 -2.70 6.92
C SER L 302 -113.62 -1.27 7.26
N GLY L 303 -114.90 -0.90 7.21
CA GLY L 303 -115.27 0.49 7.42
C GLY L 303 -116.77 0.69 7.36
N SER L 304 -117.17 1.88 6.93
CA SER L 304 -118.58 2.25 6.86
C SER L 304 -118.80 3.27 5.75
N VAL L 305 -120.04 3.37 5.30
CA VAL L 305 -120.41 4.30 4.23
C VAL L 305 -121.87 4.70 4.41
N GLU L 306 -122.20 5.91 3.99
CA GLU L 306 -123.59 6.37 4.00
C GLU L 306 -124.33 5.82 2.79
N ILE L 307 -125.65 5.71 2.92
CA ILE L 307 -126.48 5.03 1.93
C ILE L 307 -127.63 5.95 1.54
N ASP L 308 -127.94 5.99 0.24
CA ASP L 308 -129.04 6.79 -0.28
C ASP L 308 -130.16 5.85 -0.75
N ILE L 309 -131.36 6.06 -0.21
CA ILE L 309 -132.51 5.21 -0.52
C ILE L 309 -133.51 5.93 -1.43
N SER L 310 -133.17 7.13 -1.91
CA SER L 310 -134.14 7.96 -2.61
C SER L 310 -134.68 7.30 -3.87
N GLN L 311 -133.90 6.42 -4.50
CA GLN L 311 -134.33 5.76 -5.74
C GLN L 311 -133.99 4.27 -5.69
N THR L 312 -134.29 3.64 -4.56
CA THR L 312 -134.03 2.22 -4.37
C THR L 312 -135.26 1.39 -4.70
N ILE L 313 -135.03 0.28 -5.39
CA ILE L 313 -136.08 -0.67 -5.73
C ILE L 313 -135.76 -1.99 -5.04
N PRO L 314 -136.36 -2.26 -3.89
CA PRO L 314 -136.04 -3.47 -3.14
C PRO L 314 -136.68 -4.71 -3.74
N THR L 315 -136.12 -5.87 -3.39
CA THR L 315 -136.67 -7.15 -3.79
C THR L 315 -137.75 -7.57 -2.80
N GLN L 316 -139.01 -7.53 -3.23
CA GLN L 316 -140.10 -7.89 -2.33
C GLN L 316 -140.06 -9.37 -1.98
N GLY L 317 -140.49 -9.70 -0.77
CA GLY L 317 -140.55 -11.07 -0.34
C GLY L 317 -139.95 -11.33 1.02
N HIS L 318 -139.41 -10.29 1.65
CA HIS L 318 -138.78 -10.42 2.96
C HIS L 318 -138.79 -9.05 3.63
N TYR L 319 -138.15 -8.97 4.80
CA TYR L 319 -138.20 -7.80 5.67
C TYR L 319 -136.84 -7.14 5.71
N TYR L 320 -136.84 -5.81 5.71
CA TYR L 320 -135.61 -5.01 5.75
C TYR L 320 -135.62 -4.19 7.04
N VAL L 321 -135.10 -4.79 8.11
CA VAL L 321 -135.07 -4.17 9.42
C VAL L 321 -133.63 -3.79 9.75
N PRO L 322 -133.38 -2.65 10.40
CA PRO L 322 -132.02 -2.31 10.80
C PRO L 322 -131.42 -3.37 11.72
N GLY L 323 -130.14 -3.64 11.54
CA GLY L 323 -129.43 -4.63 12.33
C GLY L 323 -129.22 -5.97 11.67
N CYS L 324 -129.33 -6.04 10.34
CA CYS L 324 -129.23 -7.30 9.62
C CYS L 324 -128.36 -7.12 8.38
N MET L 325 -127.75 -8.22 7.93
CA MET L 325 -126.90 -8.21 6.75
C MET L 325 -127.76 -8.00 5.50
N VAL L 326 -127.28 -7.18 4.58
CA VAL L 326 -128.00 -6.87 3.35
C VAL L 326 -127.02 -6.86 2.18
N LEU L 327 -127.41 -7.48 1.06
CA LEU L 327 -126.69 -7.35 -0.18
C LEU L 327 -127.20 -6.14 -0.95
N VAL L 328 -126.30 -5.26 -1.38
CA VAL L 328 -126.68 -4.01 -2.01
C VAL L 328 -125.82 -3.77 -3.25
N GLU L 329 -126.37 -3.01 -4.19
CA GLU L 329 -125.71 -2.69 -5.44
C GLU L 329 -125.96 -1.24 -5.80
N GLY L 330 -124.94 -0.59 -6.35
CA GLY L 330 -125.08 0.80 -6.76
C GLY L 330 -123.82 1.44 -7.31
N ILE L 331 -123.69 2.75 -7.13
CA ILE L 331 -122.56 3.51 -7.64
C ILE L 331 -122.10 4.48 -6.56
N TYR L 332 -120.78 4.63 -6.41
CA TYR L 332 -120.19 5.46 -5.38
C TYR L 332 -119.80 6.81 -5.97
N TYR L 333 -120.15 7.89 -5.27
CA TYR L 333 -119.83 9.24 -5.71
C TYR L 333 -118.83 9.87 -4.74
N SER L 334 -117.71 10.33 -5.28
CA SER L 334 -116.65 10.90 -4.46
C SER L 334 -116.78 12.40 -4.25
N VAL L 335 -117.73 13.06 -4.91
CA VAL L 335 -117.97 14.48 -4.63
C VAL L 335 -118.38 14.66 -3.17
N GLY L 336 -119.21 13.75 -2.67
CA GLY L 336 -119.41 13.57 -1.25
C GLY L 336 -118.87 12.22 -0.86
N ASN L 337 -119.55 11.52 0.05
CA ASN L 337 -119.25 10.12 0.36
C ASN L 337 -120.61 9.40 0.41
N LYS L 338 -121.08 8.95 -0.74
CA LYS L 338 -122.41 8.36 -0.83
C LYS L 338 -122.43 7.24 -1.85
N PHE L 339 -123.06 6.13 -1.46
CA PHE L 339 -123.29 4.98 -2.32
C PHE L 339 -124.75 4.99 -2.75
N HIS L 340 -125.02 5.48 -3.95
CA HIS L 340 -126.39 5.60 -4.46
C HIS L 340 -126.89 4.20 -4.83
N VAL L 341 -127.87 3.71 -4.08
CA VAL L 341 -128.34 2.34 -4.24
C VAL L 341 -129.32 2.24 -5.39
N THR L 342 -129.22 1.16 -6.15
CA THR L 342 -130.19 0.83 -7.19
C THR L 342 -130.87 -0.51 -6.99
N SER L 343 -130.39 -1.37 -6.09
CA SER L 343 -130.99 -2.67 -5.84
C SER L 343 -130.67 -3.09 -4.41
N MET L 344 -131.58 -3.86 -3.81
CA MET L 344 -131.39 -4.33 -2.43
C MET L 344 -132.01 -5.71 -2.29
N THR L 345 -131.33 -6.59 -1.57
CA THR L 345 -131.78 -7.96 -1.38
C THR L 345 -131.23 -8.43 -0.03
N LEU L 346 -131.39 -9.71 0.27
CA LEU L 346 -130.86 -10.33 1.48
C LEU L 346 -130.00 -11.52 1.07
N PRO L 347 -129.02 -11.88 1.87
CA PRO L 347 -128.15 -13.02 1.54
C PRO L 347 -128.96 -14.30 1.35
N PRO L 348 -128.60 -15.12 0.38
CA PRO L 348 -129.34 -16.37 0.17
C PRO L 348 -129.13 -17.35 1.32
N GLY L 349 -130.10 -18.25 1.48
CA GLY L 349 -130.06 -19.27 2.50
C GLY L 349 -129.43 -20.54 1.99
N GLU L 350 -128.93 -21.34 2.94
CA GLU L 350 -128.25 -22.58 2.63
C GLU L 350 -128.86 -23.73 3.42
N ARG L 351 -129.11 -24.84 2.73
CA ARG L 351 -129.64 -26.04 3.36
C ARG L 351 -128.59 -26.68 4.26
N ARG L 352 -129.06 -27.45 5.25
CA ARG L 352 -128.12 -28.03 6.20
C ARG L 352 -127.33 -29.20 5.62
N GLU L 353 -127.87 -29.89 4.61
CA GLU L 353 -127.12 -30.99 4.02
C GLU L 353 -125.88 -30.49 3.28
N ILE L 354 -125.98 -29.34 2.61
CA ILE L 354 -124.81 -28.77 1.95
C ILE L 354 -123.94 -28.01 2.94
N THR L 355 -124.51 -27.54 4.04
CA THR L 355 -123.75 -26.85 5.07
C THR L 355 -122.88 -27.80 5.90
N LEU L 356 -123.40 -28.99 6.18
CA LEU L 356 -122.66 -29.95 7.01
C LEU L 356 -121.36 -30.37 6.33
N GLU L 357 -121.40 -30.62 5.02
CA GLU L 357 -120.21 -31.10 4.32
C GLU L 357 -119.06 -30.11 4.44
N THR L 358 -119.36 -28.81 4.39
CA THR L 358 -118.31 -27.81 4.56
C THR L 358 -117.71 -27.87 5.95
N ILE L 359 -118.54 -28.11 6.97
CA ILE L 359 -118.08 -28.13 8.35
C ILE L 359 -117.68 -29.55 8.73
N GLY L 360 -117.73 -30.46 7.76
CA GLY L 360 -117.35 -31.84 8.02
C GLY L 360 -118.50 -32.63 8.60
N ASN L 361 -118.29 -33.18 9.78
CA ASN L 361 -119.34 -33.88 10.54
C ASN L 361 -119.26 -33.52 12.00
N LEU L 362 -119.03 -32.24 12.31
CA LEU L 362 -118.87 -31.81 13.68
C LEU L 362 -120.14 -32.08 14.49
N ASP L 363 -119.96 -32.64 15.68
CA ASP L 363 -121.06 -32.93 16.59
C ASP L 363 -121.29 -31.68 17.43
N LEU L 364 -121.87 -30.65 16.81
CA LEU L 364 -122.15 -29.39 17.49
C LEU L 364 -123.06 -29.63 18.68
N LEU L 365 -124.27 -30.11 18.41
CA LEU L 365 -125.14 -30.64 19.46
C LEU L 365 -124.82 -32.12 19.68
N GLY L 366 -123.57 -32.36 20.09
CA GLY L 366 -123.02 -33.70 20.08
C GLY L 366 -123.69 -34.65 21.05
N ILE L 367 -124.49 -35.57 20.50
CA ILE L 367 -125.05 -36.62 21.34
C ILE L 367 -124.23 -37.91 21.17
N HIS L 368 -123.51 -38.03 20.05
CA HIS L 368 -122.58 -39.14 19.87
C HIS L 368 -121.51 -39.16 20.96
N GLY L 369 -120.97 -37.99 21.27
CA GLY L 369 -119.97 -37.86 22.31
C GLY L 369 -119.75 -36.40 22.66
N ILE L 370 -118.59 -36.07 23.20
CA ILE L 370 -118.25 -34.69 23.53
C ILE L 370 -116.88 -34.35 22.97
N SER L 371 -116.58 -33.06 22.87
CA SER L 371 -115.32 -32.59 22.33
C SER L 371 -114.64 -31.68 23.34
N ASN L 372 -113.31 -31.70 23.32
CA ASN L 372 -112.48 -30.90 24.21
C ASN L 372 -111.47 -30.13 23.37
N ASN L 373 -110.53 -29.47 24.06
CA ASN L 373 -109.53 -28.67 23.37
C ASN L 373 -108.58 -29.53 22.53
N ASN L 374 -108.50 -30.82 22.81
CA ASN L 374 -107.56 -31.68 22.07
C ASN L 374 -108.11 -32.08 20.71
N PHE L 375 -109.22 -32.81 20.69
CA PHE L 375 -109.75 -33.37 19.46
C PHE L 375 -111.25 -33.14 19.36
N ILE L 376 -111.77 -33.26 18.15
CA ILE L 376 -113.19 -33.09 17.86
C ILE L 376 -113.77 -34.43 17.47
N ALA L 377 -115.10 -34.49 17.30
CA ALA L 377 -115.77 -35.76 17.05
C ALA L 377 -116.59 -35.66 15.77
N ARG L 378 -116.57 -36.75 15.00
CA ARG L 378 -117.36 -36.87 13.79
C ARG L 378 -117.89 -38.30 13.70
N LEU L 379 -119.00 -38.47 13.00
CA LEU L 379 -119.66 -39.76 12.88
C LEU L 379 -120.62 -39.73 11.71
N ASP L 380 -120.52 -40.75 10.85
CA ASP L 380 -121.35 -40.79 9.64
C ASP L 380 -122.13 -42.09 9.50
N LYS L 381 -121.52 -43.21 9.90
CA LYS L 381 -122.14 -44.53 9.65
C LYS L 381 -123.37 -44.74 10.52
N ASP L 382 -123.37 -44.18 11.73
CA ASP L 382 -124.49 -44.37 12.64
C ASP L 382 -125.73 -43.61 12.16
N LEU L 383 -125.51 -42.55 11.36
CA LEU L 383 -126.63 -41.72 10.93
C LEU L 383 -127.60 -42.52 10.07
N LYS L 384 -127.09 -43.39 9.20
CA LYS L 384 -127.96 -44.19 8.35
C LYS L 384 -128.83 -45.13 9.18
N ILE L 385 -128.21 -45.83 10.13
CA ILE L 385 -128.97 -46.79 10.91
C ILE L 385 -129.96 -46.07 11.83
N ARG L 386 -129.63 -44.85 12.27
CA ARG L 386 -130.56 -44.18 13.17
C ARG L 386 -131.67 -43.47 12.41
N LEU L 387 -131.42 -43.10 11.15
CA LEU L 387 -132.51 -42.74 10.26
C LEU L 387 -133.42 -43.94 10.01
N HIS L 388 -132.83 -45.13 9.89
CA HIS L 388 -133.64 -46.35 9.79
C HIS L 388 -134.51 -46.53 11.03
N LEU L 389 -133.93 -46.32 12.22
CA LEU L 389 -134.68 -46.48 13.45
C LEU L 389 -135.75 -45.42 13.62
N LEU L 390 -135.48 -44.19 13.15
CA LEU L 390 -136.50 -43.14 13.20
C LEU L 390 -137.78 -43.59 12.48
N GLU L 391 -137.63 -44.29 11.36
CA GLU L 391 -138.76 -44.74 10.56
C GLU L 391 -139.09 -46.21 10.79
N LYS L 392 -138.50 -46.84 11.79
CA LYS L 392 -138.72 -48.27 12.07
C LYS L 392 -140.00 -48.43 12.89
N GLU L 393 -141.11 -48.05 12.28
CA GLU L 393 -142.45 -48.22 12.85
C GLU L 393 -142.55 -47.61 14.25
N LEU L 394 -141.91 -46.46 14.45
CA LEU L 394 -141.97 -45.75 15.72
C LEU L 394 -142.94 -44.57 15.67
N THR L 395 -144.04 -44.69 14.93
CA THR L 395 -145.04 -43.64 14.87
C THR L 395 -145.80 -43.48 16.18
N ASP L 396 -145.64 -44.42 17.13
CA ASP L 396 -146.31 -44.30 18.42
C ASP L 396 -145.81 -43.09 19.21
N HIS L 397 -144.57 -42.68 18.97
CA HIS L 397 -144.04 -41.50 19.63
C HIS L 397 -144.85 -40.28 19.27
N LYS L 398 -145.20 -39.48 20.28
CA LYS L 398 -146.16 -38.40 20.14
C LYS L 398 -145.86 -37.34 21.20
N PHE L 399 -145.31 -36.21 20.78
CA PHE L 399 -145.05 -35.12 21.71
C PHE L 399 -145.77 -33.87 21.25
N VAL L 400 -146.28 -33.11 22.23
CA VAL L 400 -147.30 -32.09 22.02
C VAL L 400 -146.81 -30.76 22.58
N ILE L 401 -146.98 -29.70 21.78
CA ILE L 401 -146.68 -28.33 22.19
C ILE L 401 -148.03 -27.64 22.43
N LEU L 402 -148.22 -27.14 23.64
CA LEU L 402 -149.44 -26.42 23.96
C LEU L 402 -149.42 -25.01 23.36
N GLY L 403 -150.61 -24.41 23.30
CA GLY L 403 -150.70 -23.02 22.89
C GLY L 403 -149.96 -22.12 23.87
N ALA L 404 -149.20 -21.18 23.32
CA ALA L 404 -148.36 -20.32 24.15
C ALA L 404 -149.22 -19.34 24.95
N ASN L 405 -148.59 -18.76 25.98
CA ASN L 405 -149.19 -17.74 26.82
C ASN L 405 -150.45 -18.25 27.53
N LEU L 406 -150.29 -19.25 28.40
CA LEU L 406 -151.39 -19.77 29.21
C LEU L 406 -151.24 -19.20 30.63
N PHE L 407 -152.33 -18.67 31.16
CA PHE L 407 -152.30 -17.97 32.45
C PHE L 407 -152.80 -18.90 33.55
N LEU L 408 -151.97 -19.12 34.57
CA LEU L 408 -152.36 -19.97 35.68
C LEU L 408 -153.31 -19.26 36.64
N ASP L 409 -153.18 -17.95 36.79
CA ASP L 409 -154.01 -17.22 37.74
C ASP L 409 -155.48 -17.19 37.29
N ASP L 410 -155.71 -17.16 35.99
CA ASP L 410 -157.08 -17.22 35.49
C ASP L 410 -157.69 -18.59 35.77
N LEU L 411 -159.00 -18.60 36.05
CA LEU L 411 -159.68 -19.84 36.41
C LEU L 411 -160.14 -20.61 35.18
N LYS L 412 -160.65 -19.90 34.17
CA LYS L 412 -161.12 -20.55 32.96
C LYS L 412 -159.98 -21.28 32.25
N ILE L 413 -158.79 -20.67 32.24
CA ILE L 413 -157.63 -21.33 31.64
C ILE L 413 -157.31 -22.63 32.38
N MET L 414 -157.39 -22.60 33.71
CA MET L 414 -157.11 -23.81 34.49
C MET L 414 -158.14 -24.89 34.21
N THR L 415 -159.42 -24.51 34.10
CA THR L 415 -160.45 -25.50 33.78
C THR L 415 -160.22 -26.10 32.39
N ALA L 416 -159.88 -25.25 31.41
CA ALA L 416 -159.61 -25.76 30.07
C ALA L 416 -158.41 -26.69 30.06
N LEU L 417 -157.36 -26.35 30.82
CA LEU L 417 -156.20 -27.23 30.93
C LEU L 417 -156.56 -28.55 31.57
N SER L 418 -157.43 -28.54 32.57
CA SER L 418 -157.90 -29.80 33.16
C SER L 418 -158.65 -30.64 32.13
N LYS L 419 -159.54 -30.01 31.36
CA LYS L 419 -160.25 -30.74 30.31
C LYS L 419 -159.31 -31.31 29.26
N ILE L 420 -158.25 -30.57 28.91
CA ILE L 420 -157.27 -31.05 27.93
C ILE L 420 -156.46 -32.22 28.48
N LEU L 421 -155.99 -32.11 29.72
CA LEU L 421 -155.26 -33.21 30.34
C LEU L 421 -156.15 -34.43 30.51
N GLN L 422 -157.47 -34.24 30.62
CA GLN L 422 -158.39 -35.38 30.66
C GLN L 422 -158.21 -36.27 29.44
N LYS L 423 -158.11 -35.66 28.25
CA LYS L 423 -157.90 -36.45 27.04
C LYS L 423 -156.45 -36.89 26.91
N LEU L 424 -155.51 -36.05 27.34
CA LEU L 424 -154.09 -36.43 27.27
C LEU L 424 -153.79 -37.66 28.12
N ASN L 425 -154.58 -37.87 29.17
CA ASN L 425 -154.36 -39.04 30.03
C ASN L 425 -154.58 -40.34 29.26
N ASP L 426 -155.55 -40.35 28.35
CA ASP L 426 -155.89 -41.56 27.60
C ASP L 426 -154.70 -42.11 26.83
N ASP L 427 -154.07 -41.25 26.02
CA ASP L 427 -152.85 -41.61 25.30
C ASP L 427 -151.74 -40.65 25.72
N PRO L 428 -150.87 -41.06 26.64
CA PRO L 428 -149.87 -40.14 27.18
C PRO L 428 -148.88 -39.71 26.11
N PRO L 429 -148.69 -38.40 25.93
CA PRO L 429 -147.70 -37.93 24.98
C PRO L 429 -146.29 -38.33 25.39
N THR L 430 -145.42 -38.49 24.39
CA THR L 430 -144.02 -38.79 24.67
C THR L 430 -143.36 -37.63 25.39
N LEU L 431 -143.57 -36.41 24.90
CA LEU L 431 -143.13 -35.18 25.57
C LEU L 431 -144.29 -34.21 25.57
N LEU L 432 -144.38 -33.39 26.62
CA LEU L 432 -145.41 -32.37 26.73
C LEU L 432 -144.71 -31.06 27.07
N ILE L 433 -144.80 -30.08 26.18
CA ILE L 433 -144.07 -28.82 26.36
C ILE L 433 -145.06 -27.74 26.79
N TRP L 434 -144.95 -27.32 28.04
CA TRP L 434 -145.71 -26.19 28.56
C TRP L 434 -144.90 -24.92 28.34
N GLN L 435 -145.45 -23.99 27.57
CA GLN L 435 -144.74 -22.82 27.08
C GLN L 435 -145.55 -21.57 27.42
N GLY L 436 -144.93 -20.42 27.25
CA GLY L 436 -145.59 -19.14 27.46
C GLY L 436 -145.43 -18.62 28.87
N SER L 437 -145.85 -17.38 29.07
CA SER L 437 -145.78 -16.78 30.39
C SER L 437 -146.80 -17.44 31.32
N PHE L 438 -146.34 -17.83 32.51
CA PHE L 438 -147.18 -18.51 33.49
C PHE L 438 -147.91 -17.54 34.41
N THR L 439 -147.76 -16.23 34.20
CA THR L 439 -148.44 -15.23 34.98
C THR L 439 -149.01 -14.18 34.04
N SER L 440 -150.18 -13.64 34.41
CA SER L 440 -150.82 -12.61 33.61
C SER L 440 -150.37 -11.20 33.97
N VAL L 441 -149.57 -11.04 35.02
CA VAL L 441 -149.04 -9.74 35.42
C VAL L 441 -147.57 -9.91 35.76
N PRO L 442 -146.69 -8.99 35.36
CA PRO L 442 -145.30 -9.05 35.80
C PRO L 442 -145.20 -9.04 37.33
N VAL L 443 -144.24 -9.80 37.86
CA VAL L 443 -144.01 -9.90 39.29
C VAL L 443 -142.76 -9.08 39.62
N PHE L 444 -142.94 -8.05 40.44
CA PHE L 444 -141.83 -7.18 40.85
C PHE L 444 -141.81 -7.01 42.36
N ALA L 445 -141.00 -6.06 42.85
CA ALA L 445 -140.65 -6.00 44.27
C ALA L 445 -141.88 -5.85 45.16
N SER L 446 -142.94 -5.23 44.64
CA SER L 446 -144.23 -5.14 45.33
C SER L 446 -144.09 -4.52 46.71
N MET L 447 -143.80 -3.21 46.76
CA MET L 447 -143.52 -2.55 48.03
C MET L 447 -144.69 -2.68 49.01
N SER L 448 -145.92 -2.72 48.51
CA SER L 448 -147.06 -2.82 49.39
C SER L 448 -147.18 -4.24 49.94
N SER L 449 -147.17 -4.36 51.27
CA SER L 449 -147.26 -5.65 51.95
C SER L 449 -148.63 -5.86 52.60
N ARG L 450 -149.58 -4.94 52.38
CA ARG L 450 -150.92 -5.14 52.89
C ARG L 450 -151.54 -6.39 52.28
N ASN L 451 -151.39 -6.56 50.97
CA ASN L 451 -151.79 -7.78 50.30
C ASN L 451 -150.66 -8.81 50.35
N ILE L 452 -150.93 -9.99 49.82
CA ILE L 452 -149.93 -11.05 49.79
C ILE L 452 -148.92 -10.74 48.68
N SER L 453 -147.65 -11.08 48.93
CA SER L 453 -146.59 -10.73 48.01
C SER L 453 -146.76 -11.44 46.66
N SER L 454 -146.30 -10.78 45.61
CA SER L 454 -146.40 -11.32 44.26
C SER L 454 -145.49 -12.52 44.03
N SER L 455 -144.36 -12.59 44.74
CA SER L 455 -143.52 -13.79 44.66
C SER L 455 -144.18 -14.97 45.36
N THR L 456 -144.80 -14.72 46.51
CA THR L 456 -145.59 -15.76 47.17
C THR L 456 -146.79 -16.15 46.32
N GLN L 457 -147.40 -15.20 45.63
CA GLN L 457 -148.48 -15.53 44.70
C GLN L 457 -147.97 -16.37 43.53
N PHE L 458 -146.78 -16.05 43.01
CA PHE L 458 -146.15 -16.89 42.00
C PHE L 458 -145.95 -18.31 42.51
N LYS L 459 -145.49 -18.44 43.75
CA LYS L 459 -145.32 -19.76 44.35
C LYS L 459 -146.66 -20.49 44.46
N ASN L 460 -147.70 -19.79 44.93
CA ASN L 460 -149.00 -20.41 45.13
C ASN L 460 -149.60 -20.88 43.82
N ASN L 461 -149.47 -20.09 42.76
CA ASN L 461 -150.00 -20.46 41.46
C ASN L 461 -149.30 -21.69 40.87
N PHE L 462 -148.09 -22.01 41.31
CA PHE L 462 -147.41 -23.23 40.93
C PHE L 462 -147.70 -24.39 41.88
N ASP L 463 -148.49 -24.15 42.93
CA ASP L 463 -148.94 -25.21 43.81
C ASP L 463 -150.28 -25.81 43.40
N ALA L 464 -151.13 -25.03 42.71
CA ALA L 464 -152.36 -25.59 42.17
C ALA L 464 -152.09 -26.56 41.04
N LEU L 465 -151.00 -26.36 40.30
CA LEU L 465 -150.63 -27.31 39.26
C LEU L 465 -150.42 -28.71 39.84
N ALA L 466 -149.84 -28.82 41.03
CA ALA L 466 -149.66 -30.12 41.65
C ALA L 466 -151.00 -30.80 41.91
N THR L 467 -151.97 -30.04 42.42
CA THR L 467 -153.29 -30.61 42.68
C THR L 467 -153.96 -31.06 41.38
N LEU L 468 -153.88 -30.23 40.34
CA LEU L 468 -154.54 -30.59 39.10
C LEU L 468 -153.82 -31.73 38.37
N LEU L 469 -152.53 -31.92 38.66
CA LEU L 469 -151.76 -32.92 37.92
C LEU L 469 -151.73 -34.26 38.65
N SER L 470 -151.88 -34.25 39.98
CA SER L 470 -151.77 -35.49 40.73
C SER L 470 -152.91 -36.44 40.44
N ARG L 471 -154.02 -35.92 39.90
CA ARG L 471 -155.16 -36.77 39.57
C ARG L 471 -154.81 -37.78 38.49
N PHE L 472 -154.05 -37.34 37.48
CA PHE L 472 -153.81 -38.13 36.28
C PHE L 472 -152.48 -38.86 36.44
N ASP L 473 -152.56 -40.10 36.94
CA ASP L 473 -151.35 -40.83 37.33
C ASP L 473 -150.56 -41.33 36.13
N ASN L 474 -151.23 -41.76 35.06
CA ASN L 474 -150.52 -42.28 33.90
C ASN L 474 -149.68 -41.19 33.23
N LEU L 475 -150.25 -40.00 33.09
CA LEU L 475 -149.51 -38.89 32.50
C LEU L 475 -148.25 -38.58 33.30
N THR L 476 -148.33 -38.68 34.62
CA THR L 476 -147.13 -38.60 35.44
C THR L 476 -146.18 -39.73 35.14
N GLU L 477 -146.70 -40.96 35.02
CA GLU L 477 -145.85 -42.14 34.98
C GLU L 477 -145.01 -42.21 33.71
N ASN L 478 -145.63 -41.97 32.54
CA ASN L 478 -144.91 -42.16 31.29
C ASN L 478 -144.98 -40.94 30.37
N THR L 479 -144.71 -39.74 30.89
CA THR L 479 -144.60 -38.53 30.10
C THR L 479 -143.58 -37.59 30.70
N THR L 480 -142.76 -36.99 29.84
CA THR L 480 -141.75 -36.02 30.23
C THR L 480 -142.23 -34.63 29.84
N MET L 481 -142.16 -33.69 30.79
CA MET L 481 -142.65 -32.33 30.59
C MET L 481 -141.49 -31.36 30.47
N ILE L 482 -141.61 -30.41 29.55
CA ILE L 482 -140.59 -29.41 29.27
C ILE L 482 -141.18 -28.05 29.54
N PHE L 483 -140.54 -27.27 30.40
CA PHE L 483 -141.05 -25.97 30.82
C PHE L 483 -140.28 -24.86 30.13
N ILE L 484 -141.01 -24.03 29.38
CA ILE L 484 -140.46 -22.87 28.68
C ILE L 484 -140.86 -21.60 29.44
N PRO L 485 -139.95 -20.67 29.69
CA PRO L 485 -140.34 -19.44 30.39
C PRO L 485 -141.04 -18.45 29.48
N GLY L 486 -141.34 -17.26 30.00
CA GLY L 486 -141.98 -16.22 29.23
C GLY L 486 -141.58 -14.84 29.72
N PRO L 487 -142.15 -13.80 29.10
CA PRO L 487 -141.75 -12.43 29.46
C PRO L 487 -142.02 -12.05 30.91
N ASN L 488 -143.08 -12.58 31.53
CA ASN L 488 -143.51 -12.12 32.85
C ASN L 488 -143.09 -13.06 33.97
N ASP L 489 -142.12 -13.94 33.73
CA ASP L 489 -141.67 -14.83 34.78
C ASP L 489 -140.84 -14.06 35.80
N LEU L 490 -140.26 -14.79 36.75
CA LEU L 490 -139.83 -14.17 38.01
C LEU L 490 -138.66 -13.22 37.80
N TRP L 491 -137.51 -13.72 37.34
CA TRP L 491 -136.30 -12.91 37.45
C TRP L 491 -136.29 -11.77 36.43
N GLY L 492 -136.72 -12.03 35.20
CA GLY L 492 -136.69 -10.99 34.19
C GLY L 492 -137.62 -9.83 34.52
N SER L 493 -138.84 -10.14 34.93
CA SER L 493 -139.82 -9.09 35.22
C SER L 493 -139.40 -8.23 36.41
N MET L 494 -138.44 -8.68 37.20
CA MET L 494 -137.95 -7.85 38.29
C MET L 494 -137.22 -6.63 37.77
N VAL L 495 -136.75 -6.67 36.53
CA VAL L 495 -136.04 -5.54 35.92
C VAL L 495 -136.81 -4.98 34.73
N SER L 496 -137.20 -5.84 33.80
CA SER L 496 -137.86 -5.36 32.58
C SER L 496 -139.29 -4.93 32.84
N LEU L 497 -139.87 -5.35 33.97
CA LEU L 497 -141.25 -5.02 34.34
C LEU L 497 -142.24 -5.41 33.26
N GLY L 498 -142.08 -6.60 32.68
CA GLY L 498 -142.95 -7.08 31.63
C GLY L 498 -142.45 -6.86 30.22
N ALA L 499 -141.51 -5.94 30.02
CA ALA L 499 -140.93 -5.75 28.71
C ALA L 499 -140.01 -6.92 28.36
N SER L 500 -139.57 -6.96 27.11
CA SER L 500 -138.69 -8.02 26.63
C SER L 500 -137.25 -7.50 26.59
N GLY L 501 -136.36 -8.23 27.26
CA GLY L 501 -134.98 -7.79 27.37
C GLY L 501 -133.97 -8.78 26.82
N THR L 502 -133.06 -9.26 27.68
CA THR L 502 -132.01 -10.15 27.24
C THR L 502 -132.58 -11.45 26.68
N LEU L 503 -132.02 -11.91 25.57
CA LEU L 503 -132.54 -13.08 24.87
C LEU L 503 -132.24 -14.37 25.62
N PRO L 504 -131.02 -14.63 26.09
CA PRO L 504 -130.80 -15.82 26.92
C PRO L 504 -131.46 -15.64 28.28
N GLN L 505 -132.59 -16.32 28.47
CA GLN L 505 -133.38 -16.22 29.68
C GLN L 505 -133.26 -17.51 30.48
N ASP L 506 -132.83 -17.37 31.74
CA ASP L 506 -132.55 -18.48 32.62
C ASP L 506 -133.84 -19.19 33.04
N PRO L 507 -133.75 -20.46 33.40
CA PRO L 507 -134.94 -21.21 33.80
C PRO L 507 -135.59 -20.64 35.06
N ILE L 508 -136.81 -21.09 35.31
CA ILE L 508 -137.54 -20.68 36.52
C ILE L 508 -136.79 -21.18 37.75
N PRO L 509 -136.66 -20.39 38.81
CA PRO L 509 -135.90 -20.84 39.98
C PRO L 509 -136.53 -22.07 40.62
N SER L 510 -135.68 -22.96 41.11
CA SER L 510 -136.16 -24.19 41.75
C SER L 510 -136.71 -23.93 43.14
N ALA L 511 -136.49 -22.75 43.70
CA ALA L 511 -136.94 -22.48 45.06
C ALA L 511 -138.45 -22.34 45.13
N PHE L 512 -139.05 -21.63 44.17
CA PHE L 512 -140.49 -21.35 44.25
C PHE L 512 -141.31 -22.46 43.60
N THR L 513 -140.65 -23.40 42.94
CA THR L 513 -141.33 -24.59 42.40
C THR L 513 -140.54 -25.81 42.85
N LYS L 514 -141.05 -26.50 43.88
CA LYS L 514 -140.32 -27.59 44.51
C LYS L 514 -141.03 -28.93 44.46
N LYS L 515 -142.34 -28.99 44.75
CA LYS L 515 -143.03 -30.26 44.80
C LYS L 515 -143.72 -30.65 43.50
N ILE L 516 -143.59 -29.85 42.45
CA ILE L 516 -144.05 -30.32 41.14
C ILE L 516 -143.06 -31.33 40.59
N ASN L 517 -141.83 -31.34 41.10
CA ASN L 517 -140.88 -32.38 40.73
C ASN L 517 -141.24 -33.70 41.37
N LYS L 518 -142.02 -33.66 42.46
CA LYS L 518 -142.43 -34.88 43.13
C LYS L 518 -143.70 -35.46 42.50
N VAL L 519 -144.70 -34.60 42.27
CA VAL L 519 -145.98 -35.08 41.75
C VAL L 519 -145.82 -35.64 40.34
N CYS L 520 -144.94 -35.03 39.56
CA CYS L 520 -144.64 -35.53 38.23
C CYS L 520 -143.29 -36.26 38.22
N LYS L 521 -143.14 -37.19 37.28
CA LYS L 521 -141.96 -38.05 37.27
C LYS L 521 -140.81 -37.37 36.54
N ASN L 522 -141.02 -37.00 35.28
CA ASN L 522 -139.98 -36.35 34.49
C ASN L 522 -140.39 -34.92 34.15
N VAL L 523 -139.71 -33.95 34.76
CA VAL L 523 -139.92 -32.53 34.49
C VAL L 523 -138.57 -31.88 34.30
N VAL L 524 -138.43 -31.09 33.22
CA VAL L 524 -137.20 -30.37 32.94
C VAL L 524 -137.55 -28.91 32.68
N TRP L 525 -136.88 -28.01 33.39
CA TRP L 525 -136.98 -26.57 33.15
C TRP L 525 -135.91 -26.19 32.13
N SER L 526 -136.28 -25.36 31.15
CA SER L 526 -135.35 -25.03 30.10
C SER L 526 -135.40 -23.53 29.82
N SER L 527 -134.32 -23.03 29.21
CA SER L 527 -134.21 -21.62 28.89
C SER L 527 -135.19 -21.22 27.79
N ASN L 528 -135.22 -19.93 27.47
CA ASN L 528 -136.13 -19.48 26.42
C ASN L 528 -135.75 -20.04 25.06
N PRO L 529 -134.50 -19.92 24.56
CA PRO L 529 -134.10 -20.73 23.41
C PRO L 529 -133.49 -22.05 23.88
N THR L 530 -134.02 -23.18 23.42
CA THR L 530 -133.47 -24.47 23.79
C THR L 530 -133.40 -25.39 22.58
N ARG L 531 -132.68 -26.49 22.73
CA ARG L 531 -132.47 -27.43 21.63
C ARG L 531 -132.78 -28.85 22.08
N ILE L 532 -133.87 -29.41 21.56
CA ILE L 532 -134.24 -30.80 21.81
C ILE L 532 -133.52 -31.67 20.80
N ALA L 533 -132.64 -32.53 21.27
CA ALA L 533 -131.92 -33.47 20.44
C ALA L 533 -132.61 -34.83 20.56
N TYR L 534 -133.34 -35.21 19.51
CA TYR L 534 -134.08 -36.47 19.47
C TYR L 534 -133.53 -37.32 18.33
N LEU L 535 -132.74 -38.33 18.69
CA LEU L 535 -132.11 -39.23 17.74
C LEU L 535 -131.37 -38.44 16.67
N SER L 536 -131.71 -38.63 15.40
CA SER L 536 -131.09 -37.85 14.33
C SER L 536 -131.94 -36.63 13.98
N GLN L 537 -132.33 -35.86 14.99
CA GLN L 537 -133.16 -34.67 14.78
C GLN L 537 -132.81 -33.62 15.82
N GLU L 538 -132.82 -32.37 15.39
CA GLU L 538 -132.58 -31.23 16.27
C GLU L 538 -133.75 -30.26 16.12
N ILE L 539 -134.38 -29.92 17.23
CA ILE L 539 -135.53 -29.01 17.26
C ILE L 539 -135.17 -27.83 18.14
N VAL L 540 -135.60 -26.63 17.74
CA VAL L 540 -135.29 -25.41 18.47
C VAL L 540 -136.57 -24.80 19.02
N ILE L 541 -136.56 -24.52 20.31
CA ILE L 541 -137.70 -23.92 21.01
C ILE L 541 -137.35 -22.46 21.27
N PHE L 542 -138.20 -21.55 20.76
CA PHE L 542 -138.03 -20.12 20.90
C PHE L 542 -139.40 -19.48 21.11
N ARG L 543 -139.48 -18.55 22.06
CA ARG L 543 -140.74 -17.91 22.43
C ARG L 543 -140.54 -16.40 22.51
N ASP L 544 -141.05 -15.68 21.52
CA ASP L 544 -141.13 -14.22 21.56
C ASP L 544 -142.08 -13.74 20.48
N ASP L 545 -142.41 -12.46 20.53
CA ASP L 545 -143.29 -11.82 19.55
C ASP L 545 -142.41 -11.22 18.46
N LEU L 546 -142.30 -11.91 17.33
CA LEU L 546 -141.47 -11.47 16.21
C LEU L 546 -142.21 -10.59 15.22
N SER L 547 -143.46 -10.91 14.90
CA SER L 547 -144.20 -10.18 13.89
C SER L 547 -144.42 -8.72 14.26
N GLY L 548 -144.75 -8.43 15.51
CA GLY L 548 -144.95 -7.04 15.92
C GLY L 548 -143.69 -6.22 15.75
N ARG L 549 -142.55 -6.77 16.16
CA ARG L 549 -141.29 -6.04 16.06
C ARG L 549 -140.84 -5.88 14.61
N PHE L 550 -141.08 -6.89 13.77
CA PHE L 550 -140.84 -6.71 12.34
C PHE L 550 -141.71 -5.60 11.77
N LYS L 551 -143.01 -5.60 12.07
CA LYS L 551 -143.90 -4.61 11.51
C LYS L 551 -143.54 -3.20 11.97
N ARG L 552 -143.20 -3.06 13.26
CA ARG L 552 -142.92 -1.73 13.80
C ARG L 552 -141.65 -1.14 13.19
N HIS L 553 -140.63 -1.95 12.96
CA HIS L 553 -139.32 -1.49 12.51
C HIS L 553 -139.08 -2.00 11.08
N ARG L 554 -139.41 -1.17 10.09
CA ARG L 554 -139.12 -1.45 8.70
C ARG L 554 -138.43 -0.25 8.08
N LEU L 555 -137.69 -0.51 6.99
CA LEU L 555 -136.94 0.57 6.36
C LEU L 555 -137.85 1.59 5.69
N GLU L 556 -139.00 1.16 5.18
CA GLU L 556 -140.00 2.05 4.59
C GLU L 556 -139.41 2.84 3.41
N PHE L 557 -139.10 2.10 2.35
CA PHE L 557 -138.49 2.65 1.15
C PHE L 557 -139.36 3.76 0.56
N PRO L 558 -138.80 4.93 0.24
CA PRO L 558 -139.55 5.91 -0.52
C PRO L 558 -139.88 5.38 -1.91
N PHE L 559 -141.17 5.21 -2.18
CA PHE L 559 -141.62 4.63 -3.44
C PHE L 559 -142.30 5.71 -4.28
N GLN L 594 -154.61 -14.19 2.79
CA GLN L 594 -153.70 -13.17 2.27
C GLN L 594 -152.72 -12.72 3.36
N LYS L 595 -153.19 -12.71 4.60
CA LYS L 595 -152.34 -12.36 5.73
C LYS L 595 -151.27 -13.41 6.00
N VAL L 596 -151.43 -14.62 5.45
CA VAL L 596 -150.42 -15.66 5.61
C VAL L 596 -149.14 -15.35 4.85
N GLN L 597 -149.16 -14.37 3.94
CA GLN L 597 -147.93 -13.96 3.28
C GLN L 597 -146.91 -13.42 4.27
N GLU L 598 -147.39 -12.73 5.30
CA GLU L 598 -146.51 -12.26 6.37
C GLU L 598 -145.78 -13.40 7.06
N THR L 599 -146.46 -14.55 7.24
CA THR L 599 -145.80 -15.70 7.85
C THR L 599 -144.64 -16.20 6.98
N ARG L 600 -144.86 -16.29 5.67
CA ARG L 600 -143.78 -16.70 4.78
C ARG L 600 -142.64 -15.69 4.77
N LYS L 601 -142.97 -14.39 4.80
CA LYS L 601 -141.94 -13.38 4.86
C LYS L 601 -141.09 -13.52 6.13
N LEU L 602 -141.76 -13.69 7.28
CA LEU L 602 -141.05 -13.87 8.53
C LEU L 602 -140.16 -15.09 8.51
N VAL L 603 -140.69 -16.21 7.99
CA VAL L 603 -139.90 -17.44 7.93
C VAL L 603 -138.68 -17.25 7.05
N LYS L 604 -138.86 -16.62 5.88
CA LYS L 604 -137.76 -16.45 4.96
C LYS L 604 -136.68 -15.55 5.55
N THR L 605 -137.06 -14.45 6.20
CA THR L 605 -136.05 -13.59 6.82
C THR L 605 -135.30 -14.33 7.92
N ILE L 606 -136.03 -14.99 8.82
CA ILE L 606 -135.38 -15.67 9.94
C ILE L 606 -134.44 -16.75 9.43
N LEU L 607 -134.81 -17.44 8.36
CA LEU L 607 -134.03 -18.57 7.89
C LEU L 607 -132.84 -18.13 7.03
N ASP L 608 -133.03 -17.10 6.21
CA ASP L 608 -131.93 -16.63 5.37
C ASP L 608 -130.89 -15.87 6.19
N GLN L 609 -131.32 -15.11 7.19
CA GLN L 609 -130.35 -14.42 8.02
C GLN L 609 -129.58 -15.38 8.93
N GLY L 610 -130.07 -16.60 9.12
CA GLY L 610 -129.36 -17.59 9.89
C GLY L 610 -129.20 -17.24 11.35
N HIS L 611 -130.04 -16.31 11.83
CA HIS L 611 -129.95 -15.82 13.19
C HIS L 611 -131.35 -15.51 13.70
N LEU L 612 -131.58 -15.78 14.97
CA LEU L 612 -132.88 -15.56 15.59
C LEU L 612 -133.07 -14.13 16.08
N SER L 613 -132.04 -13.30 16.00
CA SER L 613 -132.11 -11.90 16.45
C SER L 613 -131.50 -10.98 15.40
N PRO L 614 -132.25 -10.71 14.32
CA PRO L 614 -131.79 -9.77 13.29
C PRO L 614 -131.93 -8.30 13.72
N PHE L 615 -131.48 -8.01 14.93
CA PHE L 615 -131.67 -6.70 15.54
C PHE L 615 -130.38 -6.24 16.20
N LEU L 616 -130.23 -4.92 16.31
CA LEU L 616 -129.07 -4.35 16.95
C LEU L 616 -129.12 -4.58 18.45
N ASP L 617 -127.99 -4.32 19.12
CA ASP L 617 -127.95 -4.44 20.57
C ASP L 617 -128.87 -3.42 21.25
N SER L 618 -129.28 -2.37 20.52
CA SER L 618 -130.16 -1.37 21.10
C SER L 618 -131.55 -1.94 21.35
N LEU L 619 -132.12 -2.62 20.35
CA LEU L 619 -133.48 -3.14 20.49
C LEU L 619 -133.52 -4.29 21.50
N ARG L 620 -132.57 -5.21 21.42
CA ARG L 620 -132.53 -6.32 22.37
C ARG L 620 -131.10 -6.57 22.81
N PRO L 621 -130.78 -6.36 24.08
CA PRO L 621 -129.46 -6.74 24.58
C PRO L 621 -129.27 -8.25 24.53
N ILE L 622 -128.02 -8.66 24.34
CA ILE L 622 -127.67 -10.07 24.22
C ILE L 622 -126.48 -10.36 25.12
N SER L 623 -126.55 -11.49 25.83
CA SER L 623 -125.41 -11.97 26.59
C SER L 623 -124.27 -12.26 25.61
N TRP L 624 -123.08 -11.71 25.90
CA TRP L 624 -122.01 -11.68 24.92
C TRP L 624 -121.49 -13.09 24.61
N ASP L 625 -121.32 -13.93 25.62
CA ASP L 625 -120.71 -15.23 25.41
C ASP L 625 -121.72 -16.31 25.02
N LEU L 626 -123.02 -15.98 24.99
CA LEU L 626 -124.05 -16.97 24.70
C LEU L 626 -124.68 -16.75 23.32
N ASP L 627 -124.13 -15.83 22.53
CA ASP L 627 -124.67 -15.49 21.22
C ASP L 627 -124.70 -16.69 20.28
N HIS L 628 -123.80 -17.65 20.45
CA HIS L 628 -123.80 -18.83 19.58
C HIS L 628 -125.10 -19.62 19.72
N THR L 629 -125.79 -19.45 20.85
CA THR L 629 -127.08 -20.11 21.05
C THR L 629 -128.12 -19.62 20.04
N LEU L 630 -127.97 -18.40 19.54
CA LEU L 630 -128.96 -17.75 18.70
C LEU L 630 -128.60 -17.76 17.23
N THR L 631 -127.51 -18.42 16.84
CA THR L 631 -127.03 -18.41 15.47
C THR L 631 -127.34 -19.76 14.82
N LEU L 632 -128.14 -19.73 13.76
CA LEU L 632 -128.52 -20.94 13.03
C LEU L 632 -127.71 -21.05 11.74
N CYS L 633 -126.45 -21.47 11.90
CA CYS L 633 -125.67 -21.69 10.68
C CYS L 633 -126.08 -23.03 10.07
N PRO L 634 -126.18 -24.12 10.83
CA PRO L 634 -126.88 -25.31 10.32
C PRO L 634 -128.38 -25.16 10.58
N ILE L 635 -129.16 -25.19 9.52
CA ILE L 635 -130.61 -24.99 9.68
C ILE L 635 -131.20 -26.15 10.47
N PRO L 636 -131.95 -25.89 11.55
CA PRO L 636 -132.56 -26.99 12.30
C PRO L 636 -133.58 -27.75 11.46
N SER L 637 -133.69 -29.04 11.74
CA SER L 637 -134.65 -29.87 11.01
C SER L 637 -136.09 -29.45 11.30
N THR L 638 -136.38 -29.15 12.57
CA THR L 638 -137.73 -28.77 12.98
C THR L 638 -137.62 -27.54 13.87
N MET L 639 -138.53 -26.57 13.65
CA MET L 639 -138.48 -25.29 14.34
C MET L 639 -139.78 -25.04 15.08
N VAL L 640 -139.68 -24.66 16.35
CA VAL L 640 -140.83 -24.21 17.13
C VAL L 640 -140.73 -22.69 17.29
N LEU L 641 -141.58 -21.96 16.56
CA LEU L 641 -141.53 -20.50 16.54
C LEU L 641 -142.93 -19.97 16.87
N CYS L 642 -143.16 -19.71 18.16
CA CYS L 642 -144.48 -19.27 18.61
C CYS L 642 -144.54 -17.75 18.75
N ASP L 643 -145.60 -17.16 18.21
CA ASP L 643 -145.79 -15.71 18.25
C ASP L 643 -147.29 -15.45 18.42
N THR L 644 -147.65 -14.80 19.53
CA THR L 644 -149.06 -14.49 19.78
C THR L 644 -149.59 -13.45 18.80
N THR L 645 -148.70 -12.64 18.22
CA THR L 645 -149.09 -11.60 17.28
C THR L 645 -149.18 -12.10 15.84
N SER L 646 -148.93 -13.39 15.60
CA SER L 646 -148.96 -13.96 14.26
C SER L 646 -149.87 -15.18 14.28
N ALA L 647 -150.66 -15.34 13.22
CA ALA L 647 -151.56 -16.48 13.12
C ALA L 647 -150.76 -17.78 12.94
N GLN L 648 -151.38 -18.88 13.34
CA GLN L 648 -150.77 -20.18 13.21
C GLN L 648 -150.53 -20.53 11.74
N PHE L 649 -149.42 -21.24 11.49
CA PHE L 649 -149.08 -21.63 10.14
C PHE L 649 -148.25 -22.91 10.19
N ASP L 650 -147.98 -23.46 9.00
CA ASP L 650 -147.17 -24.66 8.85
C ASP L 650 -146.44 -24.55 7.50
N LEU L 651 -145.19 -24.08 7.56
CA LEU L 651 -144.46 -23.82 6.33
C LEU L 651 -143.22 -24.72 6.25
N THR L 652 -142.79 -24.96 5.01
CA THR L 652 -141.58 -25.70 4.70
C THR L 652 -140.65 -24.80 3.91
N TYR L 653 -139.35 -24.98 4.10
CA TYR L 653 -138.35 -24.16 3.43
C TYR L 653 -137.14 -25.05 3.22
N ASN L 654 -135.95 -24.48 3.01
CA ASN L 654 -134.79 -25.23 2.56
C ASN L 654 -134.34 -26.19 3.67
N GLY L 655 -135.02 -27.33 3.73
CA GLY L 655 -134.62 -28.44 4.58
C GLY L 655 -135.17 -28.43 5.98
N CYS L 656 -136.23 -27.67 6.25
CA CYS L 656 -136.76 -27.54 7.60
C CYS L 656 -138.28 -27.46 7.58
N LYS L 657 -138.85 -27.41 8.78
CA LYS L 657 -140.29 -27.27 9.00
C LYS L 657 -140.51 -26.28 10.12
N VAL L 658 -141.38 -25.30 9.89
CA VAL L 658 -141.64 -24.23 10.86
C VAL L 658 -143.11 -24.30 11.25
N ILE L 659 -143.38 -24.45 12.54
CA ILE L 659 -144.73 -24.50 13.07
C ILE L 659 -144.92 -23.35 14.06
N ASN L 660 -146.14 -22.85 14.17
CA ASN L 660 -146.43 -21.71 15.04
C ASN L 660 -147.61 -22.01 15.95
N PRO L 661 -147.40 -22.63 17.11
CA PRO L 661 -148.41 -22.59 18.16
C PRO L 661 -148.53 -21.18 18.71
N GLY L 662 -149.73 -20.82 19.15
CA GLY L 662 -149.91 -19.49 19.73
C GLY L 662 -151.29 -19.23 20.26
N SER L 663 -151.41 -18.29 21.21
CA SER L 663 -152.71 -17.85 21.72
C SER L 663 -153.51 -19.03 22.25
N PHE L 664 -153.04 -19.62 23.36
CA PHE L 664 -153.67 -20.81 23.94
C PHE L 664 -155.20 -20.71 23.91
N ILE L 665 -155.74 -19.57 24.31
CA ILE L 665 -157.18 -19.32 24.28
C ILE L 665 -157.45 -18.21 23.27
N HIS L 666 -158.47 -18.39 22.43
CA HIS L 666 -158.86 -17.42 21.43
C HIS L 666 -160.29 -17.66 21.01
N ASN L 667 -161.11 -16.60 21.04
CA ASN L 667 -162.51 -16.67 20.65
C ASN L 667 -163.24 -17.76 21.43
N ARG L 668 -163.04 -17.77 22.75
CA ARG L 668 -163.60 -18.75 23.68
C ARG L 668 -163.19 -20.17 23.34
N ARG L 669 -162.11 -20.34 22.58
CA ARG L 669 -161.62 -21.64 22.13
C ARG L 669 -160.20 -21.85 22.62
N ALA L 670 -159.94 -23.03 23.19
CA ALA L 670 -158.62 -23.42 23.65
C ALA L 670 -158.03 -24.44 22.69
N ARG L 671 -156.91 -24.07 22.07
CA ARG L 671 -156.31 -24.87 21.01
C ARG L 671 -154.92 -25.35 21.42
N TYR L 672 -154.57 -26.55 20.95
CA TYR L 672 -153.25 -27.13 21.14
C TYR L 672 -152.99 -28.10 20.00
N MET L 673 -151.75 -28.12 19.51
CA MET L 673 -151.43 -28.85 18.30
C MET L 673 -150.48 -30.00 18.61
N GLU L 674 -150.59 -31.06 17.81
CA GLU L 674 -149.76 -32.23 17.88
C GLU L 674 -148.82 -32.28 16.69
N TYR L 675 -147.60 -32.77 16.92
CA TYR L 675 -146.64 -32.98 15.85
C TYR L 675 -145.93 -34.31 16.06
N VAL L 676 -145.66 -35.01 14.97
CA VAL L 676 -145.10 -36.35 14.98
C VAL L 676 -143.75 -36.30 14.26
N PRO L 677 -142.72 -36.98 14.77
CA PRO L 677 -141.40 -36.93 14.11
C PRO L 677 -141.39 -37.45 12.68
N SER L 678 -142.50 -38.04 12.22
CA SER L 678 -142.64 -38.47 10.84
C SER L 678 -143.22 -37.38 9.96
N SER L 679 -143.17 -36.13 10.43
CA SER L 679 -143.55 -34.95 9.64
C SER L 679 -145.05 -34.94 9.29
N LYS L 680 -145.89 -35.25 10.29
CA LYS L 680 -147.32 -35.01 10.21
C LYS L 680 -147.76 -34.32 11.50
N LYS L 681 -148.77 -33.47 11.39
CA LYS L 681 -149.25 -32.69 12.52
C LYS L 681 -150.76 -32.75 12.60
N THR L 682 -151.28 -32.35 13.76
CA THR L 682 -152.73 -32.33 13.99
C THR L 682 -153.04 -31.14 14.91
N ILE L 683 -154.24 -30.59 14.75
CA ILE L 683 -154.71 -29.51 15.61
C ILE L 683 -155.92 -30.01 16.38
N GLN L 684 -155.85 -29.91 17.72
CA GLN L 684 -156.90 -30.44 18.58
C GLN L 684 -157.43 -29.28 19.43
N GLU L 685 -158.75 -29.10 19.40
CA GLU L 685 -159.42 -27.99 20.07
C GLU L 685 -160.37 -28.51 21.13
N GLU L 686 -160.50 -27.74 22.23
CA GLU L 686 -161.45 -28.05 23.32
C GLU L 686 -162.05 -26.77 23.88
N ILE L 687 -162.99 -26.12 23.19
CA ILE L 687 -163.72 -24.91 23.66
C ILE L 687 -163.22 -24.47 25.04
N MET M 1 -98.57 -20.78 -18.05
CA MET M 1 -99.65 -19.83 -17.83
C MET M 1 -100.73 -20.44 -16.93
N TYR M 2 -101.45 -21.42 -17.47
CA TYR M 2 -102.50 -22.08 -16.71
C TYR M 2 -101.91 -22.84 -15.52
N GLY M 3 -100.82 -23.56 -15.72
CA GLY M 3 -100.22 -24.35 -14.66
C GLY M 3 -99.29 -23.60 -13.74
N ASP M 4 -99.04 -22.31 -14.03
CA ASP M 4 -98.07 -21.54 -13.25
C ASP M 4 -98.44 -21.48 -11.78
N LEU M 5 -99.73 -21.53 -11.44
CA LEU M 5 -100.12 -21.56 -10.03
C LEU M 5 -99.74 -22.89 -9.39
N GLY M 6 -99.97 -24.00 -10.08
CA GLY M 6 -99.71 -25.31 -9.49
C GLY M 6 -98.26 -25.49 -9.09
N ASN M 7 -97.34 -24.90 -9.87
CA ASN M 7 -95.93 -24.93 -9.50
C ASN M 7 -95.72 -24.43 -8.08
N LYS M 8 -96.39 -23.34 -7.71
CA LYS M 8 -96.29 -22.84 -6.33
C LYS M 8 -96.62 -23.94 -5.34
N LEU M 9 -97.71 -24.67 -5.58
CA LEU M 9 -98.06 -25.79 -4.71
C LEU M 9 -96.90 -26.76 -4.59
N VAL M 10 -96.31 -27.15 -5.71
CA VAL M 10 -95.18 -28.07 -5.68
C VAL M 10 -94.06 -27.49 -4.83
N LEU M 11 -93.79 -26.18 -4.99
CA LEU M 11 -92.76 -25.54 -4.19
C LEU M 11 -93.03 -25.75 -2.70
N GLU M 12 -94.28 -25.57 -2.27
CA GLU M 12 -94.61 -25.77 -0.87
C GLU M 12 -94.24 -27.19 -0.44
N ALA M 13 -94.56 -28.18 -1.27
CA ALA M 13 -94.20 -29.56 -0.97
C ALA M 13 -92.71 -29.67 -0.67
N LYS M 14 -91.88 -29.05 -1.51
CA LYS M 14 -90.44 -29.11 -1.29
C LYS M 14 -90.09 -28.66 0.12
N ARG M 15 -90.65 -27.54 0.56
CA ARG M 15 -90.34 -27.05 1.90
C ARG M 15 -90.69 -28.08 2.95
N THR M 16 -91.87 -28.69 2.82
CA THR M 16 -92.26 -29.73 3.78
C THR M 16 -91.25 -30.85 3.79
N LYS M 17 -90.78 -31.27 2.61
CA LYS M 17 -89.80 -32.33 2.54
C LYS M 17 -88.57 -31.99 3.36
N GLN M 18 -88.14 -30.73 3.31
CA GLN M 18 -86.97 -30.32 4.10
C GLN M 18 -87.23 -30.55 5.58
N LEU M 19 -88.41 -30.14 6.06
CA LEU M 19 -88.75 -30.39 7.46
C LEU M 19 -88.77 -31.88 7.76
N TYR M 20 -89.16 -32.69 6.77
CA TYR M 20 -89.11 -34.14 6.94
C TYR M 20 -87.66 -34.62 6.92
N ALA M 21 -86.83 -34.02 6.07
CA ALA M 21 -85.44 -34.46 5.96
C ALA M 21 -84.63 -34.02 7.17
N ARG M 22 -84.77 -32.75 7.58
CA ARG M 22 -84.05 -32.23 8.73
C ARG M 22 -84.95 -32.31 9.97
N SER M 23 -85.07 -33.54 10.48
CA SER M 23 -85.96 -33.84 11.60
C SER M 23 -85.23 -34.76 12.56
N ASN M 24 -84.61 -34.19 13.59
CA ASN M 24 -84.04 -35.01 14.65
C ASN M 24 -85.13 -35.77 15.40
N GLN M 25 -86.27 -35.12 15.63
CA GLN M 25 -87.44 -35.76 16.21
C GLN M 25 -88.62 -35.61 15.27
N ASP M 26 -89.71 -36.28 15.60
CA ASP M 26 -90.90 -36.24 14.75
C ASP M 26 -91.48 -34.83 14.72
N VAL M 27 -91.98 -34.44 13.55
CA VAL M 27 -92.51 -33.09 13.34
C VAL M 27 -93.99 -33.17 12.96
N ASN M 28 -94.61 -32.01 12.76
CA ASN M 28 -96.02 -31.94 12.40
C ASN M 28 -96.15 -31.35 11.01
N LEU M 29 -97.11 -31.83 10.25
CA LEU M 29 -97.36 -31.26 8.93
C LEU M 29 -97.92 -29.85 9.06
N PRO M 30 -97.55 -28.94 8.18
CA PRO M 30 -98.14 -27.59 8.20
C PRO M 30 -99.60 -27.63 7.80
N MET M 31 -100.18 -26.44 7.70
CA MET M 31 -101.59 -26.31 7.33
C MET M 31 -101.83 -26.82 5.91
N TYR M 32 -103.02 -27.35 5.69
CA TYR M 32 -103.44 -27.80 4.37
C TYR M 32 -103.51 -26.61 3.41
N HIS M 33 -103.61 -26.86 2.12
CA HIS M 33 -103.60 -25.80 1.12
C HIS M 33 -104.86 -25.86 0.28
N GLU M 34 -106.01 -25.95 0.96
CA GLU M 34 -107.29 -26.15 0.27
C GLU M 34 -107.62 -25.00 -0.66
N ASP M 35 -107.15 -23.79 -0.36
CA ASP M 35 -107.44 -22.64 -1.21
C ASP M 35 -106.70 -22.73 -2.55
N ILE M 36 -105.40 -23.03 -2.52
CA ILE M 36 -104.68 -23.21 -3.78
C ILE M 36 -105.26 -24.37 -4.56
N ILE M 37 -105.53 -25.49 -3.88
CA ILE M 37 -106.09 -26.67 -4.55
C ILE M 37 -107.42 -26.33 -5.20
N ARG M 38 -108.26 -25.55 -4.51
CA ARG M 38 -109.53 -25.14 -5.09
C ARG M 38 -109.32 -24.23 -6.28
N ASN M 39 -108.24 -23.44 -6.28
CA ASN M 39 -107.95 -22.60 -7.44
C ASN M 39 -107.58 -23.45 -8.66
N ILE M 40 -106.73 -24.47 -8.47
CA ILE M 40 -106.46 -25.39 -9.57
C ILE M 40 -107.75 -26.11 -10.00
N LEU M 41 -108.62 -26.45 -9.05
CA LEU M 41 -109.88 -27.07 -9.41
C LEU M 41 -110.72 -26.16 -10.29
N LYS M 42 -110.78 -24.88 -9.94
CA LYS M 42 -111.53 -23.92 -10.74
C LYS M 42 -110.93 -23.78 -12.14
N GLU M 43 -109.60 -23.72 -12.24
CA GLU M 43 -109.00 -23.52 -13.56
C GLU M 43 -109.12 -24.76 -14.43
N VAL M 44 -109.07 -25.95 -13.83
CA VAL M 44 -109.26 -27.16 -14.63
C VAL M 44 -110.71 -27.29 -15.06
N SER M 45 -111.65 -26.81 -14.22
CA SER M 45 -113.04 -26.75 -14.64
C SER M 45 -113.22 -25.80 -15.83
N ASN M 46 -112.55 -24.65 -15.80
CA ASN M 46 -112.60 -23.74 -16.93
C ASN M 46 -111.98 -24.38 -18.17
N LEU M 47 -110.90 -25.14 -18.00
CA LEU M 47 -110.32 -25.86 -19.12
C LEU M 47 -111.31 -26.88 -19.70
N ARG M 48 -112.05 -27.56 -18.83
CA ARG M 48 -113.07 -28.49 -19.30
C ARG M 48 -114.15 -27.76 -20.11
N LYS M 49 -114.58 -26.60 -19.63
CA LYS M 49 -115.54 -25.80 -20.37
C LYS M 49 -114.98 -25.39 -21.73
N ASN M 50 -113.70 -25.02 -21.77
CA ASN M 50 -113.08 -24.64 -23.03
C ASN M 50 -113.01 -25.82 -23.99
N THR M 51 -112.69 -27.00 -23.48
CA THR M 51 -112.67 -28.20 -24.34
C THR M 51 -114.04 -28.50 -24.89
N GLU M 52 -115.08 -28.38 -24.05
CA GLU M 52 -116.44 -28.55 -24.55
C GLU M 52 -116.74 -27.57 -25.67
N TYR M 53 -116.47 -26.28 -25.43
CA TYR M 53 -116.73 -25.24 -26.42
C TYR M 53 -116.00 -25.53 -27.73
N LEU M 54 -114.74 -25.97 -27.64
CA LEU M 54 -114.02 -26.37 -28.84
C LEU M 54 -114.72 -27.53 -29.52
N LYS M 55 -115.27 -28.47 -28.75
CA LYS M 55 -115.97 -29.61 -29.33
C LYS M 55 -117.14 -29.15 -30.18
N GLU M 56 -118.03 -28.31 -29.62
CA GLU M 56 -119.15 -27.83 -30.43
C GLU M 56 -118.68 -27.00 -31.61
N GLN M 57 -117.72 -26.09 -31.37
CA GLN M 57 -117.32 -25.16 -32.43
C GLN M 57 -116.68 -25.91 -33.59
N GLN M 58 -116.01 -27.03 -33.29
CA GLN M 58 -115.50 -27.90 -34.36
C GLN M 58 -116.62 -28.68 -35.02
N GLN M 59 -117.59 -29.16 -34.23
CA GLN M 59 -118.57 -30.06 -34.83
C GLN M 59 -119.67 -29.33 -35.60
N LEU M 60 -119.76 -28.01 -35.49
CA LEU M 60 -120.55 -27.23 -36.45
C LEU M 60 -119.78 -26.95 -37.73
N GLY M 61 -118.48 -27.18 -37.74
CA GLY M 61 -117.70 -27.02 -38.96
C GLY M 61 -117.45 -25.60 -39.41
N MET M 62 -117.02 -24.73 -38.50
CA MET M 62 -116.56 -23.39 -38.86
C MET M 62 -115.04 -23.26 -38.88
N LEU M 63 -114.32 -24.18 -38.24
CA LEU M 63 -112.88 -24.06 -38.08
C LEU M 63 -112.18 -25.27 -38.69
N ASP M 64 -110.95 -25.03 -39.15
CA ASP M 64 -110.09 -26.09 -39.66
C ASP M 64 -109.70 -27.05 -38.53
N ASP M 65 -109.52 -28.32 -38.89
CA ASP M 65 -109.19 -29.34 -37.90
C ASP M 65 -107.78 -29.14 -37.35
N LYS M 66 -106.83 -28.82 -38.23
CA LYS M 66 -105.44 -28.63 -37.79
C LYS M 66 -105.34 -27.52 -36.77
N VAL M 67 -106.16 -26.47 -36.93
CA VAL M 67 -106.18 -25.38 -35.95
C VAL M 67 -106.69 -25.87 -34.61
N ALA M 68 -107.82 -26.60 -34.60
CA ALA M 68 -108.43 -27.00 -33.35
C ALA M 68 -107.55 -28.00 -32.59
N LYS M 69 -106.77 -28.80 -33.32
CA LYS M 69 -105.93 -29.81 -32.68
C LYS M 69 -104.95 -29.16 -31.70
N CYS M 70 -104.42 -27.99 -32.05
CA CYS M 70 -103.40 -27.36 -31.22
C CYS M 70 -103.96 -26.95 -29.85
N GLN M 71 -105.09 -26.24 -29.83
CA GLN M 71 -105.66 -25.86 -28.55
C GLN M 71 -106.18 -27.07 -27.79
N TYR M 72 -106.67 -28.09 -28.50
CA TYR M 72 -107.05 -29.31 -27.80
C TYR M 72 -105.85 -29.90 -27.05
N PHE M 73 -104.72 -29.99 -27.73
CA PHE M 73 -103.51 -30.53 -27.11
C PHE M 73 -103.06 -29.66 -25.95
N VAL M 74 -103.15 -28.33 -26.11
CA VAL M 74 -102.71 -27.42 -25.04
C VAL M 74 -103.57 -27.62 -23.79
N THR M 75 -104.90 -27.67 -23.95
CA THR M 75 -105.77 -27.87 -22.80
C THR M 75 -105.51 -29.21 -22.13
N LEU M 76 -105.35 -30.27 -22.94
CA LEU M 76 -105.06 -31.58 -22.38
C LEU M 76 -103.77 -31.58 -21.58
N LEU M 77 -102.73 -30.93 -22.12
CA LEU M 77 -101.43 -30.90 -21.45
C LEU M 77 -101.51 -30.11 -20.15
N CYS M 78 -102.24 -28.98 -20.16
CA CYS M 78 -102.38 -28.20 -18.92
C CYS M 78 -103.11 -29.00 -17.85
N MET M 79 -104.17 -29.71 -18.22
CA MET M 79 -104.87 -30.53 -17.24
C MET M 79 -103.97 -31.64 -16.70
N GLU M 80 -103.16 -32.26 -17.57
CA GLU M 80 -102.25 -33.30 -17.13
C GLU M 80 -101.21 -32.74 -16.14
N ARG M 81 -100.68 -31.55 -16.42
CA ARG M 81 -99.72 -30.93 -15.52
C ARG M 81 -100.34 -30.64 -14.16
N ASN M 82 -101.58 -30.12 -14.15
CA ASN M 82 -102.23 -29.83 -12.88
C ASN M 82 -102.48 -31.11 -12.08
N LYS M 83 -102.90 -32.18 -12.76
CA LYS M 83 -103.07 -33.47 -12.10
C LYS M 83 -101.76 -33.95 -11.49
N ARG M 84 -100.66 -33.82 -12.24
CA ARG M 84 -99.37 -34.27 -11.73
C ARG M 84 -98.98 -33.53 -10.46
N CYS M 85 -99.13 -32.19 -10.47
CA CYS M 85 -98.77 -31.42 -9.29
C CYS M 85 -99.60 -31.82 -8.07
N LEU M 86 -100.92 -31.92 -8.27
CA LEU M 86 -101.79 -32.29 -7.15
C LEU M 86 -101.45 -33.67 -6.61
N LEU M 87 -101.22 -34.64 -7.49
CA LEU M 87 -100.92 -36.00 -7.06
C LEU M 87 -99.60 -36.07 -6.31
N ALA M 88 -98.58 -35.33 -6.77
CA ALA M 88 -97.30 -35.33 -6.08
C ALA M 88 -97.44 -34.76 -4.67
N TYR M 89 -98.14 -33.64 -4.52
CA TYR M 89 -98.36 -33.07 -3.20
C TYR M 89 -99.09 -34.06 -2.30
N GLN M 90 -100.15 -34.68 -2.81
CA GLN M 90 -100.94 -35.61 -2.01
C GLN M 90 -100.10 -36.81 -1.57
N ARG M 91 -99.27 -37.34 -2.48
CA ARG M 91 -98.47 -38.52 -2.13
C ARG M 91 -97.42 -38.19 -1.08
N LEU M 92 -96.80 -37.01 -1.16
CA LEU M 92 -95.83 -36.66 -0.12
C LEU M 92 -96.51 -36.56 1.25
N ARG M 93 -97.66 -35.87 1.30
CA ARG M 93 -98.35 -35.76 2.58
C ARG M 93 -98.80 -37.13 3.08
N THR M 94 -99.21 -38.01 2.18
CA THR M 94 -99.63 -39.36 2.55
C THR M 94 -98.46 -40.15 3.13
N ASP M 95 -97.28 -40.04 2.52
CA ASP M 95 -96.12 -40.77 3.01
C ASP M 95 -95.74 -40.33 4.42
N ILE M 96 -95.77 -39.02 4.68
CA ILE M 96 -95.45 -38.55 6.03
C ILE M 96 -96.46 -39.09 7.04
N LEU M 97 -97.75 -39.08 6.68
CA LEU M 97 -98.78 -39.62 7.56
C LEU M 97 -98.56 -41.09 7.85
N ASP M 98 -98.21 -41.87 6.82
CA ASP M 98 -97.94 -43.29 7.03
C ASP M 98 -96.77 -43.49 7.98
N SER M 99 -95.71 -42.69 7.81
CA SER M 99 -94.56 -42.80 8.70
C SER M 99 -94.95 -42.53 10.14
N MET M 100 -95.72 -41.46 10.39
CA MET M 100 -96.14 -41.19 11.76
C MET M 100 -97.01 -42.32 12.30
N ALA M 101 -97.94 -42.82 11.49
CA ALA M 101 -98.84 -43.88 11.94
C ALA M 101 -98.05 -45.12 12.35
N TRP M 102 -97.02 -45.47 11.58
CA TRP M 102 -96.16 -46.57 11.98
C TRP M 102 -95.33 -46.25 13.22
N ASN M 103 -94.93 -45.00 13.42
CA ASN M 103 -94.05 -44.64 14.53
C ASN M 103 -94.79 -44.31 15.82
N ASN M 104 -96.01 -44.82 16.01
CA ASN M 104 -96.73 -44.70 17.27
C ASN M 104 -97.23 -46.03 17.79
N ASN M 105 -96.55 -47.13 17.46
CA ASN M 105 -96.90 -48.47 17.93
C ASN M 105 -98.34 -48.83 17.57
N GLY M 106 -98.69 -48.57 16.32
CA GLY M 106 -100.06 -48.80 15.88
C GLY M 106 -101.00 -47.83 16.57
N LEU M 107 -102.03 -48.38 17.23
CA LEU M 107 -102.99 -47.63 18.03
C LEU M 107 -103.84 -46.75 17.12
N ASP M 108 -104.86 -46.10 17.66
CA ASP M 108 -105.82 -45.35 16.86
C ASP M 108 -105.40 -43.90 16.66
N LEU M 109 -104.21 -43.52 17.14
CA LEU M 109 -103.66 -42.16 17.00
C LEU M 109 -104.60 -41.17 17.65
N MET M 110 -105.32 -40.34 16.90
CA MET M 110 -105.88 -39.11 17.47
C MET M 110 -107.04 -39.39 18.42
N SER M 111 -107.82 -40.43 18.16
CA SER M 111 -108.94 -40.76 19.03
C SER M 111 -108.44 -41.12 20.43
N SER M 112 -107.47 -42.03 20.51
CA SER M 112 -106.88 -42.39 21.79
C SER M 112 -105.79 -41.38 22.16
N ILE M 113 -105.02 -41.73 23.18
CA ILE M 113 -103.92 -40.86 23.61
C ILE M 113 -102.85 -40.83 22.52
N THR M 114 -102.41 -39.62 22.18
CA THR M 114 -101.40 -39.44 21.16
C THR M 114 -100.17 -38.80 21.81
N PHE M 115 -99.01 -38.88 21.14
CA PHE M 115 -97.78 -38.30 21.64
C PHE M 115 -97.71 -36.78 21.42
N SER M 116 -98.85 -36.15 21.10
CA SER M 116 -98.97 -34.70 20.93
C SER M 116 -98.08 -34.17 19.81
N GLN M 117 -97.70 -35.01 18.85
CA GLN M 117 -96.83 -34.53 17.77
C GLN M 117 -97.60 -33.70 16.76
N GLN M 118 -98.88 -33.98 16.57
CA GLN M 118 -99.67 -33.39 15.51
C GLN M 118 -100.98 -32.84 16.06
N ASP M 119 -101.37 -31.66 15.57
CA ASP M 119 -102.67 -31.10 15.92
C ASP M 119 -103.75 -31.68 15.02
N THR M 120 -104.98 -31.75 15.55
CA THR M 120 -106.08 -32.32 14.79
C THR M 120 -106.38 -31.56 13.51
N ASN M 121 -106.34 -30.23 13.55
CA ASN M 121 -106.91 -29.43 12.48
C ASN M 121 -105.98 -29.25 11.29
N ASN M 122 -104.71 -29.63 11.41
CA ASN M 122 -103.80 -29.54 10.26
C ASN M 122 -104.24 -30.46 9.14
N LEU M 123 -104.65 -31.68 9.47
CA LEU M 123 -104.97 -32.66 8.45
C LEU M 123 -106.34 -32.40 7.84
N SER M 124 -106.49 -32.80 6.58
CA SER M 124 -107.78 -32.73 5.92
C SER M 124 -108.68 -33.86 6.38
N HIS M 125 -109.98 -33.72 6.13
CA HIS M 125 -110.94 -34.73 6.56
C HIS M 125 -110.67 -36.07 5.88
N GLN M 126 -110.41 -36.05 4.57
CA GLN M 126 -110.06 -37.28 3.88
C GLN M 126 -108.75 -37.87 4.40
N GLU M 127 -107.78 -37.02 4.74
CA GLU M 127 -106.55 -37.52 5.36
C GLU M 127 -106.84 -38.12 6.73
N GLN M 128 -107.73 -37.51 7.51
CA GLN M 128 -108.10 -38.05 8.81
C GLN M 128 -108.74 -39.43 8.68
N GLU M 129 -109.62 -39.60 7.68
CA GLU M 129 -110.21 -40.90 7.39
C GLU M 129 -109.15 -41.93 6.96
N TYR M 130 -108.30 -41.54 6.01
CA TYR M 130 -107.23 -42.41 5.53
C TYR M 130 -106.36 -42.90 6.68
N LEU M 131 -106.01 -42.00 7.60
CA LEU M 131 -105.19 -42.38 8.73
C LEU M 131 -105.89 -43.43 9.58
N LYS M 132 -107.22 -43.30 9.75
CA LYS M 132 -107.95 -44.26 10.55
C LYS M 132 -107.91 -45.66 9.93
N GLU M 133 -108.18 -45.77 8.63
CA GLU M 133 -108.14 -47.12 8.05
C GLU M 133 -106.71 -47.66 7.99
N TYR M 134 -105.72 -46.78 7.81
CA TYR M 134 -104.34 -47.27 7.83
C TYR M 134 -103.96 -47.80 9.20
N CYS M 135 -104.40 -47.13 10.27
CA CYS M 135 -104.16 -47.64 11.62
C CYS M 135 -104.85 -48.97 11.86
N ASP M 136 -106.09 -49.12 11.37
CA ASP M 136 -106.78 -50.40 11.48
C ASP M 136 -106.03 -51.50 10.73
N LEU M 137 -105.47 -51.17 9.56
CA LEU M 137 -104.68 -52.13 8.82
C LEU M 137 -103.44 -52.54 9.59
N ILE M 138 -102.75 -51.58 10.22
CA ILE M 138 -101.62 -51.94 11.06
C ILE M 138 -102.07 -52.86 12.19
N THR M 139 -103.22 -52.56 12.80
CA THR M 139 -103.71 -53.34 13.91
C THR M 139 -103.98 -54.79 13.52
N ASP M 140 -104.65 -55.01 12.38
CA ASP M 140 -104.96 -56.40 12.03
C ASP M 140 -103.80 -57.08 11.31
N LEU M 141 -102.75 -56.31 10.97
CA LEU M 141 -101.46 -56.94 10.69
C LEU M 141 -100.84 -57.51 11.96
N LYS M 142 -100.84 -56.73 13.04
CA LYS M 142 -100.12 -57.13 14.24
C LYS M 142 -100.73 -58.36 14.88
N SER M 143 -101.96 -58.72 14.52
CA SER M 143 -102.62 -59.92 15.00
C SER M 143 -102.56 -61.07 14.02
N GLY M 144 -101.73 -60.96 12.97
CA GLY M 144 -101.63 -61.98 11.95
C GLY M 144 -100.84 -63.20 12.41
N ASP M 145 -100.07 -63.76 11.47
CA ASP M 145 -99.25 -64.92 11.81
C ASP M 145 -98.06 -64.51 12.69
N LEU M 146 -97.66 -63.25 12.63
CA LEU M 146 -96.51 -62.75 13.38
C LEU M 146 -96.93 -62.13 14.71
N VAL M 147 -97.61 -62.94 15.52
CA VAL M 147 -98.03 -62.47 16.84
C VAL M 147 -96.84 -62.32 17.77
N ASP M 148 -95.93 -63.30 17.78
CA ASP M 148 -94.82 -63.30 18.72
C ASP M 148 -93.90 -62.11 18.48
N ILE M 149 -93.65 -61.79 17.21
CA ILE M 149 -92.82 -60.64 16.88
C ILE M 149 -93.68 -59.38 16.89
N ASP M 150 -93.18 -58.34 17.56
CA ASP M 150 -93.89 -57.07 17.66
C ASP M 150 -93.48 -56.22 16.47
N LEU M 151 -94.33 -56.20 15.44
CA LEU M 151 -94.01 -55.49 14.21
C LEU M 151 -93.90 -53.98 14.41
N SER M 152 -94.38 -53.45 15.53
CA SER M 152 -94.28 -52.03 15.84
C SER M 152 -93.25 -51.76 16.93
N GLY M 153 -92.32 -52.69 17.13
CA GLY M 153 -91.31 -52.55 18.17
C GLY M 153 -90.17 -51.65 17.76
N SER M 154 -89.14 -51.65 18.61
CA SER M 154 -87.97 -50.80 18.38
C SER M 154 -87.14 -51.33 17.22
N LEU M 155 -86.50 -50.42 16.50
CA LEU M 155 -85.70 -50.75 15.32
C LEU M 155 -84.21 -50.48 15.51
N VAL M 156 -83.76 -50.37 16.76
CA VAL M 156 -82.33 -50.27 17.07
C VAL M 156 -81.91 -51.60 17.70
N PRO M 157 -80.80 -52.19 17.27
CA PRO M 157 -80.45 -53.54 17.72
C PRO M 157 -80.19 -53.58 19.21
N PRO M 158 -80.51 -54.70 19.87
CA PRO M 158 -80.23 -54.82 21.31
C PRO M 158 -78.79 -55.23 21.56
N SER M 159 -78.06 -54.44 22.35
CA SER M 159 -76.66 -54.73 22.63
C SER M 159 -76.28 -54.49 24.09
N ASP M 160 -77.24 -54.19 24.97
CA ASP M 160 -76.97 -53.94 26.37
C ASP M 160 -78.06 -54.60 27.19
N VAL M 161 -77.68 -55.62 27.98
CA VAL M 161 -78.67 -56.39 28.72
C VAL M 161 -79.25 -55.56 29.87
N PHE M 162 -78.41 -54.87 30.62
CA PHE M 162 -78.83 -54.11 31.79
C PHE M 162 -78.53 -52.63 31.57
N ILE M 163 -79.52 -51.78 31.80
CA ILE M 163 -79.41 -50.36 31.55
C ILE M 163 -79.86 -49.57 32.78
N ASP M 164 -79.42 -48.32 32.84
CA ASP M 164 -79.84 -47.37 33.86
C ASP M 164 -80.87 -46.43 33.26
N VAL M 165 -82.00 -46.27 33.95
CA VAL M 165 -83.07 -45.40 33.45
C VAL M 165 -83.49 -44.44 34.55
N ARG M 166 -84.05 -43.31 34.11
CA ARG M 166 -84.55 -42.27 35.00
C ARG M 166 -85.96 -41.89 34.59
N VAL M 167 -86.81 -41.67 35.59
CA VAL M 167 -88.23 -41.42 35.37
C VAL M 167 -88.39 -39.94 35.03
N LEU M 168 -89.21 -39.66 34.01
CA LEU M 168 -89.45 -38.28 33.61
C LEU M 168 -90.73 -37.74 34.23
N LYS M 169 -91.82 -38.51 34.19
CA LYS M 169 -93.12 -38.09 34.67
C LYS M 169 -93.58 -39.01 35.79
N ASP M 170 -94.30 -38.44 36.75
CA ASP M 170 -94.76 -39.20 37.90
C ASP M 170 -95.91 -40.11 37.51
N ALA M 171 -96.02 -41.24 38.22
CA ALA M 171 -97.05 -42.23 37.96
C ALA M 171 -97.18 -43.13 39.18
N GLY M 172 -98.07 -44.12 39.08
CA GLY M 172 -98.28 -45.07 40.15
C GLY M 172 -97.55 -46.39 39.90
N GLU M 173 -97.84 -47.35 40.77
CA GLU M 173 -97.24 -48.68 40.64
C GLU M 173 -97.74 -49.37 39.39
N ILE M 174 -96.83 -49.96 38.63
CA ILE M 174 -97.15 -50.71 37.42
C ILE M 174 -96.61 -52.12 37.57
N GLN M 175 -97.49 -53.11 37.40
CA GLN M 175 -97.08 -54.50 37.40
C GLN M 175 -96.43 -54.87 36.08
N THR M 176 -95.34 -55.64 36.18
CA THR M 176 -94.68 -56.23 35.04
C THR M 176 -94.56 -57.73 35.30
N GLU M 177 -94.19 -58.47 34.26
CA GLU M 177 -94.09 -59.92 34.38
C GLU M 177 -93.11 -60.27 35.50
N TYR M 178 -93.65 -60.81 36.58
CA TYR M 178 -92.96 -61.30 37.79
C TYR M 178 -92.52 -60.19 38.73
N GLY M 179 -93.06 -58.98 38.64
CA GLY M 179 -92.62 -57.94 39.55
C GLY M 179 -93.44 -56.67 39.40
N VAL M 180 -92.95 -55.62 40.06
CA VAL M 180 -93.63 -54.32 40.11
C VAL M 180 -92.59 -53.22 40.03
N PHE M 181 -92.93 -52.17 39.27
CA PHE M 181 -92.13 -50.95 39.22
C PHE M 181 -92.91 -49.82 39.85
N ASN M 182 -92.28 -49.09 40.76
CA ASN M 182 -92.88 -47.95 41.43
C ASN M 182 -92.30 -46.68 40.83
N LEU M 183 -93.13 -45.92 40.13
CA LEU M 183 -92.66 -44.76 39.35
C LEU M 183 -92.72 -43.47 40.17
N ILE M 184 -91.83 -43.40 41.17
CA ILE M 184 -91.63 -42.15 41.89
C ILE M 184 -90.72 -41.24 41.09
N LYS M 185 -91.16 -40.00 40.89
CA LYS M 185 -90.42 -39.07 40.05
C LYS M 185 -89.07 -38.74 40.66
N ASP M 186 -88.09 -38.47 39.79
CA ASP M 186 -86.72 -38.17 40.19
C ASP M 186 -86.08 -39.35 40.93
N SER M 187 -86.33 -40.56 40.44
CA SER M 187 -85.73 -41.77 40.96
C SER M 187 -85.08 -42.55 39.82
N GLN M 188 -84.05 -43.32 40.14
CA GLN M 188 -83.27 -44.03 39.15
C GLN M 188 -83.45 -45.54 39.32
N PHE M 189 -83.49 -46.24 38.19
CA PHE M 189 -83.65 -47.68 38.16
C PHE M 189 -82.47 -48.32 37.44
N PHE M 190 -82.06 -49.50 37.94
CA PHE M 190 -81.13 -50.37 37.24
C PHE M 190 -81.85 -51.68 36.96
N VAL M 191 -82.28 -51.88 35.72
CA VAL M 191 -83.15 -53.00 35.39
C VAL M 191 -82.87 -53.43 33.94
N ARG M 192 -83.39 -54.60 33.55
CA ARG M 192 -83.19 -55.13 32.21
C ARG M 192 -83.84 -54.23 31.17
N GLN M 193 -83.26 -54.20 29.96
CA GLN M 193 -83.71 -53.29 28.92
C GLN M 193 -85.09 -53.66 28.38
N SER M 194 -85.39 -54.96 28.35
CA SER M 194 -86.64 -55.40 27.72
C SER M 194 -87.86 -54.92 28.48
N ASP M 195 -87.76 -54.80 29.80
CA ASP M 195 -88.92 -54.44 30.60
C ASP M 195 -89.36 -52.99 30.35
N VAL M 196 -88.41 -52.10 30.08
CA VAL M 196 -88.68 -50.67 30.06
C VAL M 196 -88.71 -50.08 28.66
N GLU M 197 -88.67 -50.91 27.61
CA GLU M 197 -88.76 -50.39 26.25
C GLU M 197 -90.08 -49.67 26.03
N ARG M 198 -91.18 -50.28 26.48
CA ARG M 198 -92.49 -49.66 26.33
C ARG M 198 -92.57 -48.33 27.04
N LEU M 199 -92.07 -48.27 28.28
CA LEU M 199 -92.15 -47.05 29.06
C LEU M 199 -91.23 -45.95 28.53
N ILE M 200 -90.06 -46.31 27.99
CA ILE M 200 -89.20 -45.33 27.35
C ILE M 200 -89.86 -44.79 26.08
N GLN M 201 -90.51 -45.66 25.31
CA GLN M 201 -91.14 -45.22 24.07
C GLN M 201 -92.27 -44.22 24.34
N GLN M 202 -92.94 -44.36 25.48
CA GLN M 202 -94.08 -43.50 25.80
C GLN M 202 -93.70 -42.27 26.63
N GLY M 203 -92.43 -42.05 26.89
CA GLY M 203 -91.98 -40.83 27.54
C GLY M 203 -92.01 -40.82 29.05
N TYR M 204 -92.23 -41.96 29.69
CA TYR M 204 -92.18 -42.06 31.14
C TYR M 204 -90.79 -42.38 31.68
N LEU M 205 -89.82 -42.63 30.82
CA LEU M 205 -88.47 -42.95 31.24
C LEU M 205 -87.48 -42.27 30.31
N GLN M 206 -86.26 -42.06 30.83
CA GLN M 206 -85.19 -41.40 30.11
C GLN M 206 -83.96 -42.29 30.11
N LYS M 207 -83.09 -42.07 29.13
CA LYS M 207 -81.76 -42.67 29.05
C LYS M 207 -81.86 -44.13 28.63
N ILE M 208 -80.72 -44.78 28.42
CA ILE M 208 -80.69 -46.17 27.99
C ILE M 208 -79.31 -46.74 28.31
N SER N 2 -86.24 -49.50 9.46
CA SER N 2 -86.51 -49.72 8.05
C SER N 2 -86.70 -48.41 7.31
N LEU N 3 -87.90 -47.84 7.43
CA LEU N 3 -88.24 -46.60 6.77
C LEU N 3 -87.67 -45.37 7.48
N PRO N 4 -87.89 -45.17 8.78
CA PRO N 4 -87.48 -43.92 9.42
C PRO N 4 -85.96 -43.80 9.52
N ALA N 5 -85.52 -42.54 9.59
CA ALA N 5 -84.10 -42.20 9.75
C ALA N 5 -83.25 -42.82 8.65
N HIS N 6 -83.59 -42.51 7.40
CA HIS N 6 -82.96 -43.08 6.22
C HIS N 6 -83.13 -44.60 6.30
N LEU N 7 -82.06 -45.38 6.46
CA LEU N 7 -82.09 -46.84 6.61
C LEU N 7 -82.68 -47.55 5.40
N GLN N 8 -83.02 -46.83 4.32
CA GLN N 8 -83.62 -47.48 3.16
C GLN N 8 -82.65 -48.43 2.48
N GLN N 9 -81.40 -47.99 2.28
CA GLN N 9 -80.45 -48.73 1.46
C GLN N 9 -79.04 -48.74 2.03
N THR N 10 -78.87 -48.43 3.31
CA THR N 10 -77.56 -48.39 3.95
C THR N 10 -77.72 -48.83 5.39
N PHE N 11 -76.69 -49.52 5.90
CA PHE N 11 -76.70 -49.99 7.27
C PHE N 11 -76.18 -48.93 8.22
N SER N 12 -76.76 -48.89 9.42
CA SER N 12 -76.27 -48.03 10.49
C SER N 12 -75.07 -48.66 11.17
N PRO N 13 -74.25 -47.86 11.86
CA PRO N 13 -73.09 -48.45 12.56
C PRO N 13 -73.48 -49.50 13.60
N GLU N 14 -74.63 -49.33 14.24
CA GLU N 14 -75.06 -50.30 15.25
C GLU N 14 -75.37 -51.65 14.62
N GLU N 15 -75.95 -51.66 13.42
CA GLU N 15 -76.21 -52.92 12.74
C GLU N 15 -74.91 -53.60 12.31
N ILE N 16 -73.92 -52.81 11.91
CA ILE N 16 -72.60 -53.36 11.61
C ILE N 16 -71.99 -53.98 12.86
N GLN N 17 -72.15 -53.32 14.00
CA GLN N 17 -71.67 -53.88 15.26
C GLN N 17 -72.39 -55.19 15.59
N PHE N 18 -73.71 -55.24 15.34
CA PHE N 18 -74.47 -56.48 15.51
C PHE N 18 -73.87 -57.61 14.67
N ILE N 19 -73.64 -57.34 13.39
CA ILE N 19 -73.07 -58.35 12.50
C ILE N 19 -71.70 -58.80 13.01
N VAL N 20 -70.89 -57.86 13.50
CA VAL N 20 -69.58 -58.21 14.02
C VAL N 20 -69.71 -59.11 15.25
N GLU N 21 -70.59 -58.75 16.18
CA GLU N 21 -70.79 -59.57 17.38
C GLU N 21 -71.45 -60.90 17.09
N ASN N 22 -71.94 -61.12 15.87
CA ASN N 22 -72.46 -62.42 15.49
C ASN N 22 -71.37 -63.38 15.00
N GLU N 23 -70.13 -63.19 15.47
CA GLU N 23 -68.98 -63.94 15.00
C GLU N 23 -68.24 -64.58 16.18
N PRO N 24 -67.61 -65.74 15.98
CA PRO N 24 -67.01 -66.47 17.11
C PRO N 24 -65.77 -65.79 17.68
N ILE N 25 -65.41 -66.19 18.91
CA ILE N 25 -64.22 -65.71 19.60
C ILE N 25 -63.79 -66.77 20.61
N LYS N 26 -62.51 -66.72 21.00
CA LYS N 26 -61.94 -67.66 21.95
C LYS N 26 -61.90 -67.07 23.35
N ILE N 27 -62.03 -67.95 24.35
CA ILE N 27 -62.13 -67.53 25.75
C ILE N 27 -61.42 -68.54 26.65
N PHE N 28 -61.15 -68.11 27.87
CA PHE N 28 -60.70 -68.99 28.96
C PHE N 28 -61.72 -68.95 30.08
N PRO N 29 -62.58 -69.97 30.17
CA PRO N 29 -63.58 -70.02 31.25
C PRO N 29 -62.97 -70.00 32.65
N ARG N 30 -63.62 -69.31 33.58
CA ARG N 30 -63.23 -69.35 34.98
C ARG N 30 -64.17 -70.22 35.81
N ILE N 31 -65.08 -70.93 35.15
CA ILE N 31 -66.03 -71.82 35.81
C ILE N 31 -66.02 -73.16 35.10
N THR N 32 -66.46 -74.20 35.82
CA THR N 32 -66.57 -75.54 35.28
C THR N 32 -68.03 -75.96 35.29
N THR N 33 -68.61 -76.15 34.10
CA THR N 33 -69.98 -76.62 33.96
C THR N 33 -70.05 -78.00 33.32
N ARG N 34 -69.04 -78.84 33.53
CA ARG N 34 -69.04 -80.18 32.97
C ARG N 34 -70.19 -80.99 33.57
N GLN N 35 -70.80 -81.83 32.73
CA GLN N 35 -71.94 -82.63 33.17
C GLN N 35 -71.51 -83.63 34.24
N LYS N 36 -72.40 -83.83 35.21
CA LYS N 36 -72.13 -84.76 36.30
C LYS N 36 -72.09 -86.19 35.77
N ILE N 37 -71.20 -87.00 36.33
CA ILE N 37 -71.06 -88.39 35.94
C ILE N 37 -71.44 -89.31 37.10
N THR N 48 -80.59 -77.62 34.62
CA THR N 48 -80.64 -76.49 33.70
C THR N 48 -79.49 -76.54 32.70
N ARG N 49 -79.83 -76.48 31.41
CA ARG N 49 -78.83 -76.52 30.35
C ARG N 49 -79.19 -75.48 29.30
N TRP N 50 -78.19 -75.11 28.50
CA TRP N 50 -78.29 -73.90 27.70
C TRP N 50 -79.30 -74.05 26.56
N GLN N 51 -79.20 -75.12 25.78
CA GLN N 51 -80.16 -75.42 24.72
C GLN N 51 -80.47 -74.21 23.83
N LEU N 52 -79.47 -73.70 23.12
CA LEU N 52 -79.62 -72.51 22.29
C LEU N 52 -80.22 -72.87 20.94
N ILE N 53 -80.81 -71.87 20.26
CA ILE N 53 -81.52 -72.11 19.01
C ILE N 53 -80.84 -71.50 17.79
N THR N 54 -79.91 -70.57 17.97
CA THR N 54 -79.20 -69.98 16.84
C THR N 54 -77.71 -70.27 16.85
N THR N 55 -77.17 -70.78 17.95
CA THR N 55 -75.75 -71.10 18.04
C THR N 55 -75.61 -72.47 18.69
N ASP N 56 -74.57 -73.19 18.27
CA ASP N 56 -74.28 -74.51 18.83
C ASP N 56 -73.85 -74.35 20.28
N ASP N 57 -74.49 -75.13 21.16
CA ASP N 57 -74.28 -75.03 22.59
C ASP N 57 -73.37 -76.13 23.15
N LYS N 58 -72.74 -76.92 22.28
CA LYS N 58 -71.94 -78.04 22.74
C LYS N 58 -70.78 -77.58 23.59
N ALA N 59 -70.10 -76.51 23.17
CA ALA N 59 -68.98 -75.99 23.96
C ALA N 59 -69.46 -75.40 25.28
N LEU N 60 -70.58 -74.67 25.25
CA LEU N 60 -71.08 -74.04 26.47
C LEU N 60 -71.53 -75.08 27.49
N ASN N 61 -72.18 -76.15 27.04
CA ASN N 61 -72.58 -77.20 27.97
C ASN N 61 -71.38 -77.90 28.58
N ASN N 62 -70.36 -78.20 27.77
CA ASN N 62 -69.18 -78.92 28.23
C ASN N 62 -68.05 -77.92 28.43
N MET N 63 -67.98 -77.36 29.63
CA MET N 63 -66.97 -76.37 29.97
C MET N 63 -66.14 -76.87 31.15
N VAL N 64 -64.84 -76.69 31.05
CA VAL N 64 -63.89 -77.02 32.11
C VAL N 64 -62.97 -75.84 32.32
N ALA N 65 -62.65 -75.56 33.58
CA ALA N 65 -61.85 -74.39 33.91
C ALA N 65 -60.43 -74.52 33.37
N MET N 66 -59.83 -73.37 33.08
CA MET N 66 -58.44 -73.27 32.64
C MET N 66 -58.19 -74.09 31.38
N ARG N 67 -59.15 -74.07 30.47
CA ARG N 67 -59.01 -74.70 29.16
C ARG N 67 -59.60 -73.78 28.09
N SER N 68 -59.11 -73.93 26.86
CA SER N 68 -59.47 -73.04 25.77
C SER N 68 -60.67 -73.58 25.02
N THR N 69 -61.71 -72.74 24.89
CA THR N 69 -62.90 -73.03 24.11
C THR N 69 -63.26 -71.80 23.30
N GLU N 70 -64.19 -71.95 22.37
CA GLU N 70 -64.64 -70.84 21.54
C GLU N 70 -66.16 -70.78 21.53
N VAL N 71 -66.70 -69.57 21.66
CA VAL N 71 -68.13 -69.31 21.59
C VAL N 71 -68.36 -68.07 20.75
N VAL N 72 -69.63 -67.68 20.63
CA VAL N 72 -69.98 -66.46 19.92
C VAL N 72 -69.61 -65.25 20.78
N LEU N 73 -69.44 -64.09 20.12
CA LEU N 73 -68.85 -62.95 20.79
C LEU N 73 -69.75 -62.39 21.89
N TRP N 74 -71.06 -62.25 21.61
CA TRP N 74 -71.93 -61.57 22.56
C TRP N 74 -72.08 -62.36 23.86
N ILE N 75 -72.07 -63.68 23.78
CA ILE N 75 -72.06 -64.48 25.00
C ILE N 75 -70.79 -64.24 25.79
N ALA N 76 -69.66 -64.07 25.09
CA ALA N 76 -68.41 -63.76 25.78
C ALA N 76 -68.49 -62.41 26.50
N LEU N 77 -69.06 -61.39 25.85
CA LEU N 77 -69.23 -60.11 26.52
C LEU N 77 -70.17 -60.22 27.72
N LEU N 78 -71.26 -60.98 27.59
CA LEU N 78 -72.18 -61.15 28.70
C LEU N 78 -71.49 -61.86 29.86
N LEU N 79 -70.64 -62.84 29.57
CA LEU N 79 -69.91 -63.53 30.62
C LEU N 79 -68.88 -62.63 31.29
N LYS N 80 -68.18 -61.81 30.50
CA LYS N 80 -67.19 -60.90 31.07
C LYS N 80 -67.85 -59.76 31.83
N GLN N 81 -69.13 -59.50 31.58
CA GLN N 81 -69.87 -58.59 32.45
C GLN N 81 -69.85 -59.10 33.88
N GLN N 82 -69.99 -60.41 34.07
CA GLN N 82 -69.74 -61.06 35.34
C GLN N 82 -68.24 -61.36 35.44
N SER N 83 -67.84 -62.18 36.41
CA SER N 83 -66.44 -62.54 36.59
C SER N 83 -66.16 -63.97 36.16
N LYS N 84 -66.81 -64.43 35.08
CA LYS N 84 -66.76 -65.83 34.68
C LYS N 84 -66.13 -66.05 33.32
N CYS N 85 -65.31 -65.13 32.83
CA CYS N 85 -64.73 -65.26 31.50
C CYS N 85 -63.46 -64.43 31.39
N SER N 86 -62.68 -64.70 30.34
CA SER N 86 -61.51 -63.91 29.98
C SER N 86 -61.22 -64.11 28.49
N ILE N 87 -61.52 -63.10 27.68
CA ILE N 87 -61.44 -63.22 26.23
C ILE N 87 -60.01 -62.99 25.78
N VAL N 88 -59.51 -63.86 24.92
CA VAL N 88 -58.17 -63.72 24.37
C VAL N 88 -58.26 -62.97 23.04
N ALA N 89 -57.55 -61.85 22.94
CA ALA N 89 -57.58 -61.06 21.73
C ALA N 89 -56.94 -61.81 20.56
N PRO N 90 -57.40 -61.56 19.34
CA PRO N 90 -56.83 -62.26 18.19
C PRO N 90 -55.36 -61.91 18.00
N GLN N 91 -54.64 -62.82 17.32
CA GLN N 91 -53.20 -62.67 17.15
C GLN N 91 -52.81 -61.44 16.36
N TRP N 92 -53.72 -60.89 15.55
CA TRP N 92 -53.37 -59.71 14.77
C TRP N 92 -53.37 -58.44 15.62
N LEU N 93 -53.95 -58.52 16.83
CA LEU N 93 -53.92 -57.40 17.77
C LEU N 93 -52.64 -57.45 18.60
N THR N 94 -51.52 -57.36 17.91
CA THR N 94 -50.22 -57.30 18.56
C THR N 94 -49.38 -56.24 17.87
N THR N 95 -48.41 -55.69 18.61
CA THR N 95 -47.55 -54.66 18.06
C THR N 95 -46.72 -55.19 16.90
N LYS N 96 -46.20 -56.41 17.02
CA LYS N 96 -45.39 -56.99 15.95
C LYS N 96 -46.20 -57.17 14.67
N GLU N 97 -47.36 -57.80 14.78
CA GLU N 97 -48.20 -58.05 13.62
C GLU N 97 -48.81 -56.78 13.04
N LEU N 98 -48.97 -55.74 13.85
CA LEU N 98 -49.41 -54.45 13.33
C LEU N 98 -48.28 -53.71 12.61
N ASP N 99 -47.06 -53.78 13.14
CA ASP N 99 -45.92 -53.18 12.45
C ASP N 99 -45.59 -53.90 11.14
N ARG N 100 -45.82 -55.20 11.06
CA ARG N 100 -45.65 -55.88 9.78
C ARG N 100 -46.64 -55.37 8.74
N LYS N 101 -47.90 -55.19 9.14
CA LYS N 101 -48.91 -54.67 8.23
C LYS N 101 -48.66 -53.21 7.86
N ILE N 102 -48.13 -52.42 8.79
CA ILE N 102 -47.78 -51.03 8.45
C ILE N 102 -46.71 -51.00 7.37
N GLN N 103 -45.68 -51.84 7.51
CA GLN N 103 -44.63 -51.90 6.49
C GLN N 103 -45.17 -52.39 5.16
N TYR N 104 -46.00 -53.44 5.18
CA TYR N 104 -46.63 -53.91 3.94
C TYR N 104 -47.46 -52.81 3.31
N GLU N 105 -48.13 -52.00 4.14
CA GLU N 105 -48.95 -50.90 3.65
C GLU N 105 -48.08 -49.83 2.98
N LYS N 106 -46.93 -49.54 3.60
CA LYS N 106 -46.00 -48.55 3.05
C LYS N 106 -45.41 -49.01 1.72
N THR N 107 -44.99 -50.28 1.62
CA THR N 107 -44.24 -50.72 0.46
C THR N 107 -45.11 -50.79 -0.79
N HIS N 108 -46.36 -51.21 -0.64
CA HIS N 108 -47.24 -51.35 -1.80
C HIS N 108 -48.28 -50.25 -1.79
N PRO N 109 -48.11 -49.21 -2.61
CA PRO N 109 -49.02 -48.06 -2.55
C PRO N 109 -50.23 -48.19 -3.47
N ASP N 110 -50.46 -49.37 -4.04
CA ASP N 110 -51.58 -49.57 -4.96
C ASP N 110 -52.44 -50.77 -4.61
N ARG N 111 -52.25 -51.38 -3.43
CA ARG N 111 -53.12 -52.43 -2.95
C ARG N 111 -53.33 -52.24 -1.46
N PHE N 112 -54.44 -52.79 -0.97
CA PHE N 112 -54.77 -52.76 0.45
C PHE N 112 -54.22 -53.98 1.15
N SER N 113 -53.76 -53.76 2.39
CA SER N 113 -53.24 -54.87 3.18
C SER N 113 -54.37 -55.81 3.59
N GLU N 114 -53.99 -57.05 3.90
CA GLU N 114 -54.97 -58.09 4.22
C GLU N 114 -55.23 -58.08 5.72
N LEU N 115 -56.24 -57.33 6.13
CA LEU N 115 -56.74 -57.29 7.49
C LEU N 115 -58.14 -57.89 7.53
N PRO N 116 -58.54 -58.46 8.66
CA PRO N 116 -59.90 -59.03 8.74
C PRO N 116 -60.96 -57.95 8.57
N TRP N 117 -62.10 -58.37 8.03
CA TRP N 117 -63.17 -57.46 7.65
C TRP N 117 -63.89 -56.83 8.84
N ASN N 118 -63.41 -57.04 10.07
CA ASN N 118 -64.02 -56.44 11.24
C ASN N 118 -62.98 -55.86 12.20
N TRP N 119 -61.82 -55.45 11.68
CA TRP N 119 -60.71 -55.10 12.56
C TRP N 119 -61.00 -53.84 13.38
N LEU N 120 -61.61 -52.83 12.76
CA LEU N 120 -61.91 -51.60 13.49
C LEU N 120 -62.97 -51.84 14.57
N VAL N 121 -64.08 -52.51 14.21
CA VAL N 121 -65.15 -52.75 15.16
C VAL N 121 -64.67 -53.65 16.29
N LEU N 122 -63.95 -54.73 15.95
CA LEU N 122 -63.44 -55.63 16.97
C LEU N 122 -62.45 -54.92 17.89
N ALA N 123 -61.57 -54.08 17.32
CA ALA N 123 -60.61 -53.35 18.14
C ALA N 123 -61.32 -52.42 19.11
N ARG N 124 -62.31 -51.67 18.63
CA ARG N 124 -63.03 -50.76 19.53
C ARG N 124 -63.76 -51.52 20.63
N ILE N 125 -64.44 -52.61 20.26
CA ILE N 125 -65.21 -53.37 21.24
C ILE N 125 -64.27 -53.97 22.29
N LEU N 126 -63.15 -54.55 21.86
CA LEU N 126 -62.23 -55.18 22.80
C LEU N 126 -61.55 -54.15 23.69
N PHE N 127 -61.21 -52.98 23.14
CA PHE N 127 -60.63 -51.93 23.98
C PHE N 127 -61.63 -51.46 25.02
N ASN N 128 -62.90 -51.34 24.64
CA ASN N 128 -63.91 -50.88 25.59
C ASN N 128 -64.18 -51.91 26.68
N LYS N 129 -64.35 -53.19 26.31
CA LYS N 129 -64.82 -54.17 27.27
C LYS N 129 -63.68 -54.89 27.98
N ALA N 130 -62.82 -55.56 27.21
CA ALA N 130 -61.74 -56.38 27.79
C ALA N 130 -60.41 -55.63 27.76
N LYS N 131 -60.30 -54.61 28.61
CA LYS N 131 -59.07 -53.81 28.64
C LYS N 131 -57.94 -54.55 29.36
N ASP N 132 -58.29 -55.41 30.32
CA ASP N 132 -57.26 -56.04 31.13
C ASP N 132 -56.58 -57.19 30.40
N ASP N 133 -57.26 -57.78 29.42
CA ASP N 133 -56.79 -59.03 28.84
C ASP N 133 -55.61 -58.83 27.90
N PHE N 134 -55.40 -57.62 27.39
CA PHE N 134 -54.30 -57.40 26.46
C PHE N 134 -52.96 -57.54 27.16
N HIS N 135 -51.97 -58.05 26.42
CA HIS N 135 -50.63 -58.19 26.98
C HIS N 135 -49.80 -56.93 26.75
N ASP N 136 -49.86 -56.37 25.55
CA ASP N 136 -49.16 -55.13 25.25
C ASP N 136 -49.87 -53.95 25.88
N PRO N 137 -49.15 -52.85 26.14
CA PRO N 137 -49.83 -51.63 26.59
C PRO N 137 -50.85 -51.17 25.56
N ILE N 138 -52.00 -50.70 26.06
CA ILE N 138 -53.13 -50.45 25.17
C ILE N 138 -52.94 -49.16 24.38
N HIS N 139 -52.20 -48.20 24.93
CA HIS N 139 -52.00 -46.94 24.22
C HIS N 139 -51.17 -47.12 22.96
N GLU N 140 -50.18 -48.02 23.00
CA GLU N 140 -49.39 -48.29 21.80
C GLU N 140 -50.25 -48.89 20.69
N LEU N 141 -51.10 -49.86 21.03
CA LEU N 141 -51.98 -50.46 20.04
C LEU N 141 -52.97 -49.43 19.50
N ARG N 142 -53.47 -48.55 20.37
CA ARG N 142 -54.40 -47.52 19.94
C ARG N 142 -53.75 -46.56 18.97
N GLY N 143 -52.48 -46.22 19.20
CA GLY N 143 -51.75 -45.41 18.23
C GLY N 143 -51.50 -46.13 16.91
N LYS N 144 -51.17 -47.42 16.98
CA LYS N 144 -50.92 -48.19 15.75
C LYS N 144 -52.17 -48.28 14.89
N ILE N 145 -53.34 -48.45 15.51
CA ILE N 145 -54.59 -48.49 14.75
C ILE N 145 -54.84 -47.21 13.97
N GLN N 146 -54.65 -46.05 14.61
CA GLN N 146 -54.73 -44.77 13.91
C GLN N 146 -53.71 -44.63 12.81
N ASP N 147 -52.48 -45.09 13.05
CA ASP N 147 -51.45 -45.05 12.00
C ASP N 147 -51.87 -45.83 10.77
N LEU N 148 -52.44 -47.02 10.95
CA LEU N 148 -52.96 -47.79 9.82
C LEU N 148 -54.13 -47.09 9.13
N ARG N 149 -55.06 -46.55 9.92
CA ARG N 149 -56.25 -45.94 9.34
C ARG N 149 -55.92 -44.74 8.48
N GLU N 150 -54.96 -43.92 8.89
CA GLU N 150 -54.61 -42.75 8.10
C GLU N 150 -54.08 -43.14 6.72
N ILE N 151 -53.20 -44.13 6.65
CA ILE N 151 -52.66 -44.55 5.36
C ILE N 151 -53.74 -45.15 4.49
N ARG N 152 -54.64 -45.94 5.08
CA ARG N 152 -55.74 -46.48 4.30
C ARG N 152 -56.62 -45.37 3.74
N GLN N 153 -56.83 -44.31 4.53
CA GLN N 153 -57.60 -43.17 4.03
C GLN N 153 -56.90 -42.49 2.86
N ILE N 154 -55.57 -42.34 2.94
CA ILE N 154 -54.84 -41.75 1.81
C ILE N 154 -55.04 -42.58 0.54
N LYS N 155 -54.93 -43.91 0.67
CA LYS N 155 -55.10 -44.76 -0.51
C LYS N 155 -56.53 -44.67 -1.05
N VAL N 156 -57.52 -44.61 -0.18
CA VAL N 156 -58.91 -44.48 -0.65
C VAL N 156 -59.09 -43.16 -1.39
N LEU N 157 -58.53 -42.07 -0.85
CA LEU N 157 -58.63 -40.78 -1.52
C LEU N 157 -57.98 -40.81 -2.89
N LYS N 158 -56.82 -41.44 -3.03
CA LYS N 158 -56.22 -41.54 -4.35
C LYS N 158 -57.05 -42.42 -5.29
N GLY N 159 -57.64 -43.49 -4.78
CA GLY N 159 -58.38 -44.40 -5.63
C GLY N 159 -59.72 -43.86 -6.08
N LEU N 160 -60.26 -42.87 -5.37
CA LEU N 160 -61.56 -42.32 -5.75
C LEU N 160 -61.51 -41.58 -7.09
N LYS N 161 -60.32 -41.29 -7.62
CA LYS N 161 -60.25 -40.54 -8.87
C LYS N 161 -60.68 -41.39 -10.06
N TYR N 162 -60.55 -42.71 -9.96
CA TYR N 162 -60.85 -43.61 -11.08
C TYR N 162 -62.28 -44.13 -11.01
N LEU N 163 -63.22 -43.20 -11.04
CA LEU N 163 -64.64 -43.53 -11.09
C LEU N 163 -65.15 -43.46 -12.52
N ASN N 164 -65.98 -44.44 -12.89
CA ASN N 164 -66.51 -44.53 -14.24
C ASN N 164 -67.90 -45.15 -14.17
N GLU N 165 -68.36 -45.63 -15.33
CA GLU N 165 -69.69 -46.19 -15.46
C GLU N 165 -69.70 -47.71 -15.52
N SER N 166 -68.55 -48.37 -15.57
CA SER N 166 -68.52 -49.81 -15.82
C SER N 166 -68.52 -50.63 -14.55
N HIS N 167 -67.47 -50.51 -13.75
CA HIS N 167 -67.31 -51.31 -12.54
C HIS N 167 -66.06 -50.87 -11.79
N LEU N 168 -66.06 -51.11 -10.48
CA LEU N 168 -64.88 -50.89 -9.66
C LEU N 168 -64.53 -52.13 -8.86
N GLN N 169 -63.28 -52.20 -8.41
CA GLN N 169 -62.78 -53.31 -7.62
C GLN N 169 -62.09 -52.76 -6.39
N LEU N 170 -62.57 -53.16 -5.22
CA LEU N 170 -61.97 -52.76 -3.94
C LEU N 170 -61.71 -54.05 -3.16
N ASP N 171 -60.52 -54.63 -3.36
CA ASP N 171 -60.31 -56.03 -3.01
C ASP N 171 -60.41 -56.28 -1.51
N ASN N 172 -59.73 -55.48 -0.69
CA ASN N 172 -59.60 -55.79 0.72
C ASN N 172 -60.11 -54.67 1.64
N LEU N 173 -61.05 -53.85 1.16
CA LEU N 173 -61.57 -52.78 1.99
C LEU N 173 -62.44 -53.34 3.10
N SER N 174 -62.37 -52.71 4.28
CA SER N 174 -63.07 -53.19 5.45
C SER N 174 -64.55 -52.85 5.40
N LEU N 175 -65.32 -53.44 6.31
CA LEU N 175 -66.77 -53.26 6.32
C LEU N 175 -67.16 -51.82 6.66
N LEU N 176 -66.56 -51.25 7.71
CA LEU N 176 -66.90 -49.88 8.09
C LEU N 176 -66.47 -48.89 7.02
N GLU N 177 -65.30 -49.13 6.40
CA GLU N 177 -64.84 -48.25 5.35
C GLU N 177 -65.76 -48.28 4.14
N ILE N 178 -66.26 -49.47 3.80
CA ILE N 178 -67.23 -49.60 2.71
C ILE N 178 -68.53 -48.89 3.08
N ASN N 179 -68.98 -49.05 4.32
CA ASN N 179 -70.25 -48.47 4.73
C ASN N 179 -70.21 -46.95 4.71
N GLU N 180 -69.10 -46.35 5.17
CA GLU N 180 -69.04 -44.90 5.23
C GLU N 180 -68.87 -44.27 3.85
N LEU N 181 -68.57 -45.07 2.83
CA LEU N 181 -68.33 -44.55 1.49
C LEU N 181 -69.41 -44.96 0.48
N ARG N 182 -70.28 -45.90 0.83
CA ARG N 182 -71.26 -46.38 -0.14
C ARG N 182 -72.17 -45.32 -0.74
N PRO N 183 -72.83 -44.43 0.03
CA PRO N 183 -73.78 -43.50 -0.60
C PRO N 183 -73.15 -42.58 -1.63
N PHE N 184 -71.93 -42.11 -1.40
CA PHE N 184 -71.26 -41.26 -2.38
C PHE N 184 -70.93 -42.01 -3.65
N ILE N 185 -70.29 -43.18 -3.51
CA ILE N 185 -69.81 -43.94 -4.66
C ILE N 185 -70.97 -44.38 -5.53
N THR N 186 -72.00 -44.97 -4.91
CA THR N 186 -73.11 -45.51 -5.67
C THR N 186 -73.83 -44.40 -6.45
N GLU N 187 -74.08 -43.26 -5.81
CA GLU N 187 -74.83 -42.20 -6.47
C GLU N 187 -74.01 -41.55 -7.59
N ILE N 188 -72.70 -41.34 -7.37
CA ILE N 188 -71.89 -40.76 -8.43
C ILE N 188 -71.87 -41.67 -9.65
N MET N 189 -71.64 -42.97 -9.45
CA MET N 189 -71.63 -43.86 -10.60
C MET N 189 -73.00 -43.99 -11.24
N ASP N 190 -74.08 -43.92 -10.45
CA ASP N 190 -75.42 -43.98 -11.03
C ASP N 190 -75.66 -42.78 -11.94
N LYS N 191 -75.30 -41.58 -11.48
CA LYS N 191 -75.49 -40.40 -12.32
C LYS N 191 -74.65 -40.47 -13.58
N LEU N 192 -73.40 -40.93 -13.46
CA LEU N 192 -72.56 -41.10 -14.65
C LEU N 192 -73.18 -42.09 -15.62
N ARG N 193 -73.75 -43.19 -15.10
CA ARG N 193 -74.39 -44.18 -15.95
C ARG N 193 -75.60 -43.62 -16.67
N GLU N 194 -76.42 -42.82 -15.99
CA GLU N 194 -77.55 -42.19 -16.67
C GLU N 194 -77.07 -41.25 -17.77
N ILE N 195 -76.03 -40.46 -17.49
CA ILE N 195 -75.52 -39.55 -18.53
C ILE N 195 -75.02 -40.33 -19.74
N HIS N 196 -74.32 -41.44 -19.52
CA HIS N 196 -73.83 -42.23 -20.64
C HIS N 196 -74.99 -42.88 -21.40
N THR N 197 -75.97 -43.42 -20.68
CA THR N 197 -77.08 -44.11 -21.31
C THR N 197 -77.90 -43.16 -22.17
N ALA N 198 -78.07 -41.92 -21.71
CA ALA N 198 -78.90 -40.95 -22.44
C ALA N 198 -78.36 -40.71 -23.86
N SER N 199 -77.04 -40.71 -24.02
CA SER N 199 -76.43 -40.38 -25.30
C SER N 199 -76.47 -41.53 -26.30
N LEU N 200 -76.88 -42.73 -25.89
CA LEU N 200 -76.92 -43.87 -26.81
C LEU N 200 -78.12 -43.77 -27.74
N MET O 36 64.74 -12.56 -72.90
CA MET O 36 65.83 -12.83 -73.83
C MET O 36 66.89 -11.75 -73.78
N GLY O 37 67.19 -11.28 -72.58
CA GLY O 37 68.22 -10.29 -72.36
C GLY O 37 69.53 -10.95 -72.02
N TYR O 38 70.47 -10.91 -72.98
CA TYR O 38 71.76 -11.56 -72.77
C TYR O 38 72.53 -10.93 -71.62
N TYR O 39 72.52 -9.61 -71.54
CA TYR O 39 73.35 -8.91 -70.56
C TYR O 39 72.59 -8.53 -69.30
N ASP O 40 71.32 -8.94 -69.16
CA ASP O 40 70.58 -8.66 -67.94
C ASP O 40 71.14 -9.48 -66.79
N ILE O 41 71.45 -8.82 -65.67
CA ILE O 41 72.00 -9.53 -64.52
C ILE O 41 70.94 -10.39 -63.87
N ASP O 42 69.73 -9.86 -63.68
CA ASP O 42 68.69 -10.58 -62.96
C ASP O 42 68.22 -11.81 -63.74
N ASP O 43 68.16 -11.71 -65.07
CA ASP O 43 67.82 -12.88 -65.87
C ASP O 43 68.88 -13.97 -65.73
N VAL O 44 70.15 -13.57 -65.72
CA VAL O 44 71.25 -14.53 -65.55
C VAL O 44 71.13 -15.23 -64.19
N LEU O 45 70.86 -14.46 -63.13
CA LEU O 45 70.71 -15.06 -61.82
C LEU O 45 69.50 -15.99 -61.75
N ALA O 46 68.35 -15.55 -62.26
CA ALA O 46 67.14 -16.35 -62.19
C ALA O 46 67.24 -17.60 -63.05
N ASP O 47 68.10 -17.58 -64.07
CA ASP O 47 68.23 -18.71 -64.98
C ASP O 47 69.14 -19.79 -64.39
N GLY O 48 69.68 -19.57 -63.20
CA GLY O 48 70.56 -20.54 -62.57
C GLY O 48 69.92 -21.32 -61.45
N THR O 49 68.60 -21.26 -61.34
CA THR O 49 67.90 -22.00 -60.30
C THR O 49 67.86 -23.49 -60.64
N GLU O 50 67.61 -24.31 -59.62
CA GLU O 50 67.63 -25.77 -59.75
C GLU O 50 66.22 -26.30 -59.85
N PHE O 51 65.96 -27.11 -60.87
CA PHE O 51 64.68 -27.75 -61.07
C PHE O 51 64.83 -29.27 -60.97
N PRO O 52 63.85 -29.96 -60.39
CA PRO O 52 63.89 -31.44 -60.39
C PRO O 52 63.78 -32.01 -61.79
N CYS O 53 64.40 -33.16 -62.02
CA CYS O 53 64.30 -33.83 -63.32
C CYS O 53 64.73 -35.28 -63.16
N LYS O 54 64.38 -36.10 -64.16
CA LYS O 54 64.64 -37.53 -64.14
C LYS O 54 65.34 -37.93 -65.43
N PHE O 55 66.44 -38.67 -65.32
CA PHE O 55 67.08 -39.22 -66.51
C PHE O 55 66.25 -40.36 -67.09
N GLN O 56 66.04 -40.32 -68.41
CA GLN O 56 65.24 -41.31 -69.10
C GLN O 56 66.09 -42.34 -69.85
N TYR O 57 67.40 -42.17 -69.87
CA TYR O 57 68.31 -43.12 -70.48
C TYR O 57 69.30 -43.61 -69.43
N ASP O 58 70.15 -44.54 -69.84
CA ASP O 58 71.26 -45.02 -69.03
C ASP O 58 72.56 -44.70 -69.75
N ILE O 59 73.41 -43.89 -69.13
CA ILE O 59 74.61 -43.40 -69.80
C ILE O 59 75.80 -43.39 -68.84
N PRO O 60 76.96 -43.86 -69.27
CA PRO O 60 78.17 -43.74 -68.45
C PRO O 60 78.91 -42.43 -68.73
N GLY O 61 79.91 -42.17 -67.90
CA GLY O 61 80.75 -41.00 -68.03
C GLY O 61 80.31 -39.80 -67.21
N LEU O 62 79.03 -39.71 -66.89
CA LEU O 62 78.57 -38.64 -66.03
C LEU O 62 78.84 -38.98 -64.56
N GLY O 63 78.34 -38.14 -63.67
CA GLY O 63 78.49 -38.40 -62.25
C GLY O 63 78.86 -37.17 -61.45
N TYR O 64 79.58 -36.24 -62.08
CA TYR O 64 79.85 -34.96 -61.43
C TYR O 64 78.59 -34.14 -61.24
N LEU O 65 77.52 -34.48 -61.97
CA LEU O 65 76.21 -33.92 -61.70
C LEU O 65 75.72 -34.35 -60.32
N GLU O 66 75.99 -35.60 -59.96
CA GLU O 66 75.66 -36.14 -58.64
C GLU O 66 76.76 -35.91 -57.61
N ASN O 67 77.85 -35.23 -58.00
CA ASN O 67 79.04 -35.07 -57.15
C ASN O 67 79.68 -36.43 -56.89
N ASN O 68 79.35 -37.43 -57.71
CA ASN O 68 79.98 -38.74 -57.66
C ASN O 68 80.84 -38.93 -58.89
N PRO O 69 82.14 -38.59 -58.83
CA PRO O 69 82.96 -38.52 -60.04
C PRO O 69 83.02 -39.80 -60.85
N GLY O 70 83.47 -40.89 -60.23
CA GLY O 70 83.67 -42.12 -60.98
C GLY O 70 82.38 -42.86 -61.28
N ARG O 71 81.37 -42.68 -60.45
CA ARG O 71 80.15 -43.46 -60.60
C ARG O 71 79.35 -42.98 -61.81
N PRO O 72 79.04 -43.87 -62.75
CA PRO O 72 78.17 -43.49 -63.86
C PRO O 72 76.72 -43.43 -63.43
N ILE O 73 75.94 -42.60 -64.14
CA ILE O 73 74.55 -42.41 -63.78
C ILE O 73 73.70 -43.55 -64.36
N THR O 74 72.68 -43.95 -63.61
CA THR O 74 71.79 -45.03 -64.03
C THR O 74 70.52 -44.47 -64.67
N LYS O 75 69.57 -45.35 -64.96
CA LYS O 75 68.30 -44.95 -65.56
C LYS O 75 67.29 -44.67 -64.46
N ASN O 76 66.35 -43.77 -64.76
CA ASN O 76 65.31 -43.36 -63.82
C ASN O 76 65.92 -42.84 -62.52
N THR O 77 66.79 -41.85 -62.66
CA THR O 77 67.44 -41.19 -61.53
C THR O 77 66.93 -39.76 -61.44
N LYS O 78 66.58 -39.34 -60.22
CA LYS O 78 65.98 -38.04 -59.97
C LYS O 78 67.02 -37.10 -59.36
N LEU O 79 67.37 -36.05 -60.10
CA LEU O 79 68.33 -35.06 -59.64
C LEU O 79 67.83 -33.65 -59.89
N SER O 80 68.38 -32.70 -59.14
CA SER O 80 68.05 -31.29 -59.29
C SER O 80 69.12 -30.64 -60.15
N LEU O 81 68.75 -30.23 -61.37
CA LEU O 81 69.73 -29.65 -62.28
C LEU O 81 69.44 -28.18 -62.52
N PRO O 82 70.46 -27.36 -62.80
CA PRO O 82 70.23 -25.94 -63.06
C PRO O 82 69.44 -25.74 -64.35
N LEU O 83 68.77 -24.59 -64.42
CA LEU O 83 67.82 -24.30 -65.49
C LEU O 83 68.49 -24.09 -66.85
N TRP O 84 69.73 -23.62 -66.89
CA TRP O 84 70.39 -23.44 -68.18
C TRP O 84 70.77 -24.77 -68.80
N LEU O 85 70.74 -25.84 -68.01
CA LEU O 85 71.05 -27.19 -68.49
C LEU O 85 69.79 -28.04 -68.68
N ALA O 86 68.86 -27.98 -67.72
CA ALA O 86 67.66 -28.81 -67.79
C ALA O 86 66.74 -28.36 -68.92
N ARG O 87 66.75 -27.07 -69.25
CA ARG O 87 65.93 -26.59 -70.35
C ARG O 87 66.35 -27.22 -71.68
N ILE O 88 67.66 -27.34 -71.90
CA ILE O 88 68.14 -27.87 -73.17
C ILE O 88 68.11 -29.39 -73.17
N LEU O 89 68.47 -30.01 -72.04
CA LEU O 89 68.48 -31.46 -71.96
C LEU O 89 67.10 -32.09 -72.16
N ALA O 90 66.03 -31.31 -72.00
CA ALA O 90 64.68 -31.80 -72.19
C ALA O 90 64.16 -31.60 -73.61
N ILE O 91 64.98 -31.08 -74.52
CA ILE O 91 64.58 -30.84 -75.89
C ILE O 91 65.26 -31.79 -76.85
N VAL O 92 66.55 -32.06 -76.66
CA VAL O 92 67.31 -32.94 -77.53
C VAL O 92 67.06 -34.39 -77.14
N GLY O 93 66.90 -35.25 -78.13
CA GLY O 93 66.67 -36.66 -77.89
C GLY O 93 67.79 -37.56 -78.36
N PRO O 103 60.31 -38.52 -80.95
CA PRO O 103 61.42 -39.00 -80.11
C PRO O 103 61.25 -38.59 -78.66
N VAL O 104 62.00 -39.24 -77.77
CA VAL O 104 61.97 -38.96 -76.35
C VAL O 104 63.27 -38.29 -75.94
N PRO O 105 63.23 -37.19 -75.19
CA PRO O 105 64.46 -36.52 -74.79
C PRO O 105 65.24 -37.34 -73.77
N PHE O 106 66.47 -36.88 -73.51
CA PHE O 106 67.31 -37.55 -72.52
C PHE O 106 66.76 -37.43 -71.11
N VAL O 107 66.15 -36.30 -70.77
CA VAL O 107 65.74 -36.00 -69.40
C VAL O 107 64.31 -35.47 -69.42
N GLU O 108 63.55 -35.84 -68.41
CA GLU O 108 62.17 -35.38 -68.23
C GLU O 108 62.12 -34.39 -67.08
N LEU O 109 61.42 -33.28 -67.28
CA LEU O 109 61.27 -32.24 -66.26
C LEU O 109 60.11 -32.62 -65.34
N LEU O 110 60.37 -32.61 -64.03
CA LEU O 110 59.34 -32.94 -63.06
C LEU O 110 58.65 -31.68 -62.54
N PRO O 111 57.40 -31.81 -62.09
CA PRO O 111 56.69 -30.65 -61.52
C PRO O 111 57.47 -30.02 -60.38
N PRO O 112 57.59 -28.70 -60.37
CA PRO O 112 58.38 -28.03 -59.33
C PRO O 112 57.61 -27.95 -58.02
N ASP O 113 58.36 -27.73 -56.93
CA ASP O 113 57.74 -27.58 -55.62
C ASP O 113 57.11 -26.21 -55.45
N MET O 114 57.61 -25.21 -56.17
CA MET O 114 57.10 -23.85 -56.07
C MET O 114 55.82 -23.64 -56.87
N PHE O 115 55.40 -24.62 -57.68
CA PHE O 115 54.15 -24.54 -58.42
C PHE O 115 53.18 -25.63 -58.01
N SER O 116 53.18 -26.02 -56.74
CA SER O 116 52.28 -27.02 -56.22
C SER O 116 50.87 -26.45 -56.04
N THR O 117 49.94 -27.31 -55.64
CA THR O 117 48.57 -26.87 -55.42
C THR O 117 48.46 -26.00 -54.16
N LYS O 118 49.32 -26.26 -53.17
CA LYS O 118 49.30 -25.45 -51.95
C LYS O 118 49.62 -23.99 -52.24
N VAL O 119 50.64 -23.74 -53.07
CA VAL O 119 51.04 -22.38 -53.37
C VAL O 119 49.96 -21.66 -54.16
N MET O 120 49.34 -22.36 -55.11
CA MET O 120 48.24 -21.76 -55.85
C MET O 120 47.06 -21.42 -54.95
N ASN O 121 46.72 -22.31 -54.02
CA ASN O 121 45.62 -22.03 -53.11
C ASN O 121 45.94 -20.85 -52.21
N ALA O 122 47.19 -20.77 -51.71
CA ALA O 122 47.58 -19.64 -50.89
C ALA O 122 47.56 -18.33 -51.67
N ILE O 123 47.97 -18.38 -52.94
CA ILE O 123 47.91 -17.19 -53.78
C ILE O 123 46.47 -16.74 -53.96
N LYS O 124 45.57 -17.69 -54.24
CA LYS O 124 44.17 -17.36 -54.50
C LYS O 124 43.49 -16.81 -53.26
N THR O 125 43.78 -17.38 -52.09
CA THR O 125 43.07 -16.99 -50.87
C THR O 125 43.37 -15.55 -50.48
N ASP O 126 44.65 -15.19 -50.40
CA ASP O 126 45.07 -13.86 -49.95
C ASP O 126 46.36 -13.48 -50.68
N PRO O 127 46.26 -12.65 -51.72
CA PRO O 127 47.46 -12.30 -52.48
C PRO O 127 48.41 -11.37 -51.74
N VAL O 128 47.89 -10.37 -51.03
CA VAL O 128 48.75 -9.34 -50.44
C VAL O 128 49.58 -9.91 -49.29
N ALA O 129 48.95 -10.74 -48.44
CA ALA O 129 49.62 -11.17 -47.21
C ALA O 129 50.69 -12.22 -47.49
N LEU O 130 50.64 -12.87 -48.65
CA LEU O 130 51.56 -13.96 -48.94
C LEU O 130 52.99 -13.46 -49.05
N ASP O 131 53.93 -14.26 -48.54
CA ASP O 131 55.35 -13.95 -48.58
C ASP O 131 55.97 -14.66 -49.77
N LEU O 132 56.06 -13.96 -50.90
CA LEU O 132 56.64 -14.56 -52.10
C LEU O 132 58.15 -14.68 -51.99
N HIS O 133 58.79 -13.85 -51.16
CA HIS O 133 60.23 -13.92 -51.00
C HIS O 133 60.67 -15.27 -50.44
N SER O 134 59.91 -15.79 -49.48
CA SER O 134 60.26 -17.08 -48.90
C SER O 134 60.08 -18.21 -49.91
N ILE O 135 59.07 -18.12 -50.77
CA ILE O 135 58.83 -19.17 -51.76
C ILE O 135 60.00 -19.23 -52.74
N ASN O 136 60.38 -18.09 -53.30
CA ASN O 136 61.51 -17.97 -54.21
C ASN O 136 61.74 -16.49 -54.48
N SER O 137 63.01 -16.12 -54.58
CA SER O 137 63.39 -14.73 -54.81
C SER O 137 63.17 -14.29 -56.25
N HIS O 138 62.87 -15.21 -57.16
CA HIS O 138 62.70 -14.92 -58.58
C HIS O 138 61.43 -15.58 -59.09
N PHE O 139 60.32 -15.39 -58.38
CA PHE O 139 59.09 -16.12 -58.69
C PHE O 139 58.57 -15.78 -60.08
N PHE O 140 58.54 -14.49 -60.42
CA PHE O 140 57.86 -14.07 -61.64
C PHE O 140 58.63 -14.50 -62.89
N SER O 141 59.95 -14.31 -62.91
CA SER O 141 60.73 -14.67 -64.08
C SER O 141 60.60 -16.16 -64.37
N LEU O 142 60.72 -17.00 -63.34
CA LEU O 142 60.54 -18.43 -63.51
C LEU O 142 59.10 -18.76 -63.89
N ALA O 143 58.14 -17.95 -63.45
CA ALA O 143 56.75 -18.19 -63.82
C ALA O 143 56.53 -18.01 -65.32
N ILE O 144 56.99 -16.90 -65.88
CA ILE O 144 56.88 -16.72 -67.32
C ILE O 144 57.70 -17.77 -68.06
N LYS O 145 58.86 -18.15 -67.54
CA LYS O 145 59.64 -19.20 -68.20
C LYS O 145 58.86 -20.51 -68.25
N TRP O 146 58.25 -20.91 -67.14
CA TRP O 146 57.49 -22.15 -67.09
C TRP O 146 56.28 -22.08 -68.00
N ILE O 147 55.63 -20.92 -68.09
CA ILE O 147 54.51 -20.77 -69.02
C ILE O 147 54.99 -20.90 -70.46
N MET O 148 56.19 -20.39 -70.75
CA MET O 148 56.70 -20.44 -72.11
C MET O 148 57.05 -21.88 -72.53
N LEU O 149 57.80 -22.61 -71.70
CA LEU O 149 58.14 -23.99 -72.06
C LEU O 149 56.90 -24.85 -72.19
N PHE O 150 56.04 -24.82 -71.17
CA PHE O 150 54.80 -25.61 -71.16
C PHE O 150 53.64 -24.62 -71.15
N SER O 151 52.86 -24.63 -72.23
CA SER O 151 51.73 -23.70 -72.33
C SER O 151 50.68 -24.05 -71.28
N GLU O 152 50.59 -23.22 -70.25
CA GLU O 152 49.64 -23.42 -69.15
C GLU O 152 48.80 -22.16 -69.01
N LYS O 153 47.53 -22.25 -69.41
CA LYS O 153 46.62 -21.12 -69.28
C LYS O 153 46.17 -20.89 -67.85
N GLU O 154 46.14 -21.94 -67.02
CA GLU O 154 45.73 -21.77 -65.63
C GLU O 154 46.71 -20.90 -64.87
N LEU O 155 48.01 -21.11 -65.05
CA LEU O 155 49.00 -20.32 -64.32
C LEU O 155 49.00 -18.87 -64.78
N ALA O 156 48.77 -18.64 -66.08
CA ALA O 156 48.71 -17.29 -66.61
C ALA O 156 47.52 -16.50 -66.07
N ASN O 157 46.45 -17.20 -65.66
CA ASN O 157 45.30 -16.55 -65.06
C ASN O 157 45.48 -16.26 -63.57
N VAL O 158 46.44 -16.93 -62.93
CA VAL O 158 46.64 -16.74 -61.49
C VAL O 158 47.75 -15.72 -61.24
N VAL O 159 48.84 -15.82 -62.01
CA VAL O 159 49.96 -14.89 -61.82
C VAL O 159 49.53 -13.46 -62.16
N SER O 160 48.73 -13.30 -63.20
CA SER O 160 48.26 -11.97 -63.58
C SER O 160 47.42 -11.34 -62.47
N GLU O 161 46.51 -12.11 -61.89
CA GLU O 161 45.69 -11.59 -60.80
C GLU O 161 46.55 -11.27 -59.57
N LEU O 162 47.52 -12.13 -59.26
CA LEU O 162 48.40 -11.85 -58.13
C LEU O 162 49.16 -10.54 -58.33
N LEU O 163 49.73 -10.33 -59.51
CA LEU O 163 50.46 -9.10 -59.79
C LEU O 163 49.53 -7.89 -59.73
N LEU O 164 48.32 -8.02 -60.30
CA LEU O 164 47.39 -6.89 -60.31
C LEU O 164 46.96 -6.51 -58.90
N GLN O 165 46.73 -7.49 -58.03
CA GLN O 165 46.33 -7.19 -56.66
C GLN O 165 47.48 -6.69 -55.80
N ARG O 166 48.72 -7.09 -56.09
CA ARG O 166 49.86 -6.57 -55.32
C ARG O 166 50.31 -5.20 -55.79
N ALA O 167 49.99 -4.84 -57.04
CA ALA O 167 50.37 -3.52 -57.54
C ALA O 167 49.70 -2.40 -56.77
N GLN O 168 48.46 -2.62 -56.33
CA GLN O 168 47.75 -1.58 -55.58
C GLN O 168 48.45 -1.28 -54.25
N GLU O 169 48.83 -2.32 -53.51
CA GLU O 169 49.57 -2.12 -52.28
C GLU O 169 50.94 -1.51 -52.53
N LEU O 170 51.60 -1.92 -53.63
CA LEU O 170 52.88 -1.31 -53.97
C LEU O 170 52.73 0.19 -54.19
N ASN O 171 51.71 0.61 -54.94
CA ASN O 171 51.49 2.02 -55.17
C ASN O 171 51.14 2.75 -53.87
N HIS O 172 50.32 2.13 -53.03
CA HIS O 172 49.93 2.77 -51.77
C HIS O 172 51.15 3.03 -50.90
N HIS O 173 52.06 2.06 -50.82
CA HIS O 173 53.25 2.24 -49.99
C HIS O 173 54.27 3.16 -50.65
N ALA O 174 54.29 3.21 -51.98
CA ALA O 174 55.24 4.07 -52.67
C ALA O 174 54.81 5.53 -52.61
N SER O 175 53.51 5.80 -52.55
CA SER O 175 53.03 7.17 -52.56
C SER O 175 53.10 7.85 -51.20
N SER O 176 53.36 7.09 -50.13
CA SER O 176 53.35 7.64 -48.78
C SER O 176 54.69 8.30 -48.44
N LEU O 177 54.81 9.56 -48.82
CA LEU O 177 56.00 10.34 -48.51
C LEU O 177 55.87 10.94 -47.12
N SER O 178 56.88 10.73 -46.28
CA SER O 178 56.81 11.19 -44.90
C SER O 178 56.96 12.70 -44.81
N ILE O 179 56.28 13.29 -43.84
CA ILE O 179 56.32 14.72 -43.56
C ILE O 179 56.89 14.93 -42.18
N ASP O 180 57.90 15.80 -42.08
CA ASP O 180 58.54 16.11 -40.81
C ASP O 180 57.82 17.27 -40.15
N LEU O 181 57.64 17.18 -38.84
CA LEU O 181 56.95 18.24 -38.09
C LEU O 181 57.62 18.48 -36.75
N ASN O 194 55.95 3.73 -40.93
CA ASN O 194 55.15 2.88 -40.05
C ASN O 194 55.63 1.43 -40.14
N ILE O 195 55.10 0.58 -39.26
CA ILE O 195 55.45 -0.83 -39.28
C ILE O 195 54.95 -1.48 -40.57
N ALA O 196 53.88 -0.94 -41.16
CA ALA O 196 53.29 -1.54 -42.35
C ALA O 196 54.27 -1.54 -43.51
N THR O 197 54.96 -0.43 -43.74
CA THR O 197 55.90 -0.35 -44.85
C THR O 197 57.06 -1.33 -44.68
N SER O 198 57.63 -1.37 -43.47
CA SER O 198 58.75 -2.27 -43.21
C SER O 198 58.32 -3.73 -43.36
N THR O 199 57.13 -4.06 -42.87
CA THR O 199 56.62 -5.42 -43.00
C THR O 199 56.38 -5.79 -44.45
N PHE O 200 55.82 -4.86 -45.24
CA PHE O 200 55.46 -5.18 -46.61
C PHE O 200 56.68 -5.27 -47.52
N LEU O 201 57.66 -4.39 -47.35
CA LEU O 201 58.81 -4.41 -48.25
C LEU O 201 59.72 -5.61 -48.02
N LEU O 202 59.51 -6.38 -46.96
CA LEU O 202 60.25 -7.62 -46.75
C LEU O 202 59.58 -8.81 -47.41
N LYS O 203 58.43 -8.61 -48.06
CA LYS O 203 57.70 -9.67 -48.75
C LYS O 203 57.74 -9.50 -50.27
N LEU O 204 58.61 -8.64 -50.76
CA LEU O 204 58.61 -8.22 -52.16
C LEU O 204 59.57 -9.10 -52.96
N GLU O 205 59.15 -9.44 -54.18
CA GLU O 205 60.03 -10.16 -55.09
C GLU O 205 61.18 -9.26 -55.54
N GLU O 206 62.15 -9.86 -56.22
CA GLU O 206 63.28 -9.09 -56.73
C GLU O 206 62.81 -8.09 -57.80
N MET O 207 61.85 -8.48 -58.62
CA MET O 207 61.35 -7.59 -59.66
C MET O 207 60.56 -6.43 -59.07
N GLU O 208 59.80 -6.68 -58.00
CA GLU O 208 58.91 -5.65 -57.47
C GLU O 208 59.69 -4.56 -56.74
N LYS O 209 60.88 -4.87 -56.24
CA LYS O 209 61.69 -3.86 -55.58
C LYS O 209 62.13 -2.77 -56.57
N GLU O 210 62.42 -3.15 -57.81
CA GLU O 210 62.79 -2.16 -58.82
C GLU O 210 61.65 -1.19 -59.08
N ILE O 211 60.44 -1.71 -59.21
CA ILE O 211 59.28 -0.85 -59.45
C ILE O 211 59.02 0.04 -58.25
N TYR O 212 59.15 -0.51 -57.04
CA TYR O 212 58.99 0.31 -55.84
C TYR O 212 60.00 1.44 -55.81
N LYS O 213 61.26 1.14 -56.11
CA LYS O 213 62.30 2.18 -56.08
C LYS O 213 62.02 3.26 -57.12
N LYS O 214 61.63 2.86 -58.32
CA LYS O 214 61.34 3.85 -59.37
C LYS O 214 60.18 4.75 -58.97
N SER O 215 59.08 4.15 -58.51
CA SER O 215 57.92 4.95 -58.14
C SER O 215 58.24 5.88 -56.97
N HIS O 216 58.94 5.36 -55.96
CA HIS O 216 59.29 6.18 -54.81
C HIS O 216 60.16 7.37 -55.23
N GLU O 217 61.17 7.12 -56.06
CA GLU O 217 62.04 8.21 -56.49
C GLU O 217 61.27 9.25 -57.27
N SER O 218 60.39 8.83 -58.18
CA SER O 218 59.62 9.78 -58.97
C SER O 218 58.73 10.63 -58.07
N TYR O 219 58.06 10.00 -57.09
CA TYR O 219 57.20 10.76 -56.18
C TYR O 219 58.01 11.76 -55.36
N LYS O 220 59.18 11.35 -54.85
CA LYS O 220 59.99 12.27 -54.06
C LYS O 220 60.47 13.45 -54.89
N ASP O 221 60.90 13.22 -56.14
CA ASP O 221 61.33 14.34 -56.97
C ASP O 221 60.16 15.29 -57.26
N THR O 222 58.97 14.75 -57.54
CA THR O 222 57.83 15.61 -57.80
C THR O 222 57.50 16.47 -56.58
N LYS O 223 57.47 15.84 -55.40
CA LYS O 223 57.18 16.58 -54.17
C LYS O 223 58.26 17.61 -53.89
N ARG O 224 59.53 17.27 -54.14
CA ARG O 224 60.62 18.20 -53.91
C ARG O 224 60.50 19.43 -54.80
N TRP O 225 60.16 19.23 -56.07
CA TRP O 225 60.04 20.37 -56.98
C TRP O 225 58.81 21.20 -56.64
N MET O 226 57.73 20.57 -56.19
CA MET O 226 56.52 21.33 -55.87
C MET O 226 56.74 22.28 -54.69
N PHE O 227 57.51 21.86 -53.69
CA PHE O 227 57.64 22.61 -52.44
C PHE O 227 59.06 23.14 -52.25
N LYS O 228 59.68 23.65 -53.31
CA LYS O 228 61.04 24.18 -53.24
C LYS O 228 60.94 25.68 -53.02
N LYS O 229 61.39 26.13 -51.86
CA LYS O 229 61.36 27.56 -51.52
C LYS O 229 62.74 28.04 -51.09
N TYR P 53 57.45 26.37 -95.00
CA TYR P 53 58.66 26.66 -94.25
C TYR P 53 58.96 28.15 -94.21
N VAL P 54 60.24 28.49 -94.15
CA VAL P 54 60.72 29.86 -94.11
C VAL P 54 60.06 30.55 -92.91
N SER P 55 59.97 29.82 -91.81
CA SER P 55 59.43 30.35 -90.56
C SER P 55 60.32 29.88 -89.41
N PRO P 56 61.01 30.79 -88.73
CA PRO P 56 61.88 30.37 -87.61
C PRO P 56 61.13 29.78 -86.43
N GLN P 57 59.83 30.06 -86.28
CA GLN P 57 59.06 29.49 -85.19
C GLN P 57 58.76 28.01 -85.42
N GLN P 58 58.44 27.65 -86.66
CA GLN P 58 58.15 26.26 -86.98
C GLN P 58 59.38 25.37 -86.87
N ASP P 59 60.58 25.90 -87.12
CA ASP P 59 61.79 25.12 -86.89
C ASP P 59 61.91 24.74 -85.42
N PHE P 60 61.68 25.69 -84.52
CA PHE P 60 61.74 25.40 -83.10
C PHE P 60 60.62 24.46 -82.65
N SER P 61 59.42 24.60 -83.22
CA SER P 61 58.37 23.65 -82.91
C SER P 61 58.71 22.23 -83.36
N ASP P 62 59.26 22.10 -84.57
CA ASP P 62 59.63 20.78 -85.08
C ASP P 62 60.75 20.16 -84.27
N LEU P 63 61.74 20.97 -83.87
CA LEU P 63 62.81 20.45 -83.04
C LEU P 63 62.29 19.94 -81.70
N MET P 64 61.38 20.70 -81.09
CA MET P 64 60.81 20.28 -79.81
C MET P 64 60.00 19.00 -79.95
N LYS P 65 59.19 18.88 -81.00
CA LYS P 65 58.39 17.67 -81.17
C LYS P 65 59.30 16.47 -81.45
N SER P 66 60.38 16.67 -82.21
CA SER P 66 61.32 15.59 -82.46
C SER P 66 62.01 15.14 -81.17
N TRP P 67 62.41 16.09 -80.33
CA TRP P 67 63.03 15.75 -79.05
C TRP P 67 62.06 14.97 -78.16
N LYS P 68 60.82 15.45 -78.07
CA LYS P 68 59.83 14.79 -77.23
C LYS P 68 59.53 13.37 -77.72
N ASN P 69 59.43 13.19 -79.04
CA ASN P 69 59.23 11.85 -79.59
C ASN P 69 60.45 10.98 -79.34
N GLU P 70 61.64 11.57 -79.42
CA GLU P 70 62.87 10.79 -79.25
C GLU P 70 62.99 10.23 -77.84
N ARG P 71 62.71 11.06 -76.82
CA ARG P 71 62.94 10.59 -75.46
C ARG P 71 62.05 9.40 -75.10
N CYS P 72 60.79 9.43 -75.52
CA CYS P 72 59.81 8.42 -75.10
C CYS P 72 59.70 7.25 -76.06
N SER P 73 60.48 7.24 -77.15
CA SER P 73 60.27 6.13 -78.07
C SER P 73 61.29 5.03 -77.85
N PRO P 74 60.91 3.76 -78.08
CA PRO P 74 61.88 2.67 -77.89
C PRO P 74 62.89 2.56 -79.01
N GLU P 75 62.48 2.81 -80.26
CA GLU P 75 63.34 2.59 -81.41
C GLU P 75 64.26 3.77 -81.64
N LEU P 76 65.03 3.71 -82.73
CA LEU P 76 65.93 4.78 -83.13
C LEU P 76 65.31 5.51 -84.32
N LEU P 77 64.76 6.69 -84.06
CA LEU P 77 63.98 7.43 -85.04
C LEU P 77 64.88 7.97 -86.15
N PRO P 78 64.32 8.20 -87.34
CA PRO P 78 65.11 8.76 -88.44
C PRO P 78 65.59 10.17 -88.13
N TYR P 79 66.73 10.53 -88.72
CA TYR P 79 67.35 11.82 -88.43
C TYR P 79 66.77 12.91 -89.33
N PRO P 80 66.25 14.00 -88.75
CA PRO P 80 65.79 15.14 -89.57
C PRO P 80 66.95 15.95 -90.13
N HIS P 81 67.48 15.53 -91.28
CA HIS P 81 68.73 16.08 -91.78
C HIS P 81 68.64 17.58 -92.03
N GLN P 82 67.57 18.04 -92.69
CA GLN P 82 67.49 19.44 -93.10
C GLN P 82 67.29 20.37 -91.92
N LEU P 83 66.45 19.97 -90.95
CA LEU P 83 66.13 20.83 -89.82
C LEU P 83 67.38 21.13 -89.00
N MET P 84 68.21 20.11 -88.76
CA MET P 84 69.43 20.31 -87.99
C MET P 84 70.40 21.23 -88.71
N LYS P 85 70.52 21.09 -90.03
CA LYS P 85 71.38 21.98 -90.81
C LYS P 85 70.91 23.42 -90.70
N ARG P 86 69.60 23.65 -90.86
CA ARG P 86 69.07 25.01 -90.76
C ARG P 86 69.31 25.60 -89.37
N LEU P 87 69.05 24.82 -88.32
CA LEU P 87 69.26 25.33 -86.97
C LEU P 87 70.74 25.61 -86.68
N LEU P 88 71.65 24.75 -87.12
CA LEU P 88 73.07 25.01 -86.91
C LEU P 88 73.52 26.25 -87.65
N ASN P 89 73.05 26.45 -88.89
CA ASN P 89 73.39 27.66 -89.62
C ASN P 89 72.86 28.90 -88.90
N ARG P 90 71.62 28.83 -88.40
CA ARG P 90 71.04 29.96 -87.69
C ARG P 90 71.84 30.29 -86.42
N ILE P 91 72.24 29.26 -85.67
CA ILE P 91 73.06 29.50 -84.48
C ILE P 91 74.39 30.12 -84.85
N SER P 92 75.03 29.61 -85.92
CA SER P 92 76.33 30.14 -86.33
C SER P 92 76.23 31.61 -86.70
N MET P 93 75.19 31.99 -87.45
CA MET P 93 75.02 33.39 -87.81
C MET P 93 74.70 34.25 -86.58
N GLN P 94 73.85 33.75 -85.69
CA GLN P 94 73.42 34.54 -84.55
C GLN P 94 74.57 34.82 -83.60
N SER P 95 75.42 33.82 -83.34
CA SER P 95 76.56 34.05 -82.47
C SER P 95 77.48 35.12 -83.03
N GLN P 96 77.73 35.07 -84.34
CA GLN P 96 78.50 36.12 -85.00
C GLN P 96 77.84 37.47 -84.83
N LEU P 97 76.51 37.52 -84.89
CA LEU P 97 75.79 38.78 -84.74
C LEU P 97 75.99 39.40 -83.36
N ILE P 98 75.73 38.63 -82.29
CA ILE P 98 75.97 39.15 -80.95
C ILE P 98 77.43 39.52 -80.75
N GLU P 99 78.35 38.73 -81.28
CA GLU P 99 79.77 39.09 -81.18
C GLU P 99 80.03 40.43 -81.86
N ASN P 100 79.37 40.68 -83.00
CA ASN P 100 79.58 41.92 -83.73
C ASN P 100 79.12 43.13 -82.94
N ILE P 101 77.90 43.07 -82.39
CA ILE P 101 77.44 44.19 -81.57
C ILE P 101 78.31 44.38 -80.33
N SER P 102 78.75 43.27 -79.71
CA SER P 102 79.60 43.40 -78.54
C SER P 102 80.91 44.09 -78.87
N MET P 103 81.56 43.68 -79.96
CA MET P 103 82.79 44.32 -80.40
C MET P 103 82.57 45.79 -80.73
N GLY P 104 81.49 46.08 -81.46
CA GLY P 104 81.22 47.47 -81.82
C GLY P 104 81.01 48.36 -80.61
N PHE P 105 80.33 47.84 -79.59
CA PHE P 105 80.13 48.61 -78.37
C PHE P 105 81.43 48.78 -77.60
N LEU P 106 82.27 47.74 -77.60
CA LEU P 106 83.51 47.81 -76.83
C LEU P 106 84.52 48.78 -77.45
N ASP P 107 84.67 48.73 -78.79
CA ASP P 107 85.72 49.50 -79.44
C ASP P 107 85.50 51.00 -79.28
N MET P 108 84.26 51.46 -79.43
CA MET P 108 83.98 52.89 -79.33
C MET P 108 84.21 53.42 -77.93
N GLN P 109 83.99 52.57 -76.92
CA GLN P 109 84.11 53.01 -75.52
C GLN P 109 85.52 53.46 -75.19
N ASN P 110 86.53 52.71 -75.63
CA ASN P 110 87.90 52.98 -75.21
C ASN P 110 88.51 54.14 -75.99
N ALA P 111 87.89 54.51 -77.12
CA ALA P 111 88.52 55.48 -78.01
C ALA P 111 88.67 56.85 -77.38
N SER P 112 87.57 57.40 -76.85
CA SER P 112 87.58 58.77 -76.32
C SER P 112 86.78 58.85 -75.02
N ASN P 113 87.01 57.86 -74.15
CA ASN P 113 86.33 57.74 -72.85
C ASN P 113 84.84 58.05 -72.95
N ALA P 114 84.21 57.54 -74.01
CA ALA P 114 82.80 57.81 -74.24
C ALA P 114 81.94 57.09 -73.21
N ASN P 115 80.66 57.47 -73.16
CA ASN P 115 79.74 56.82 -72.25
C ASN P 115 79.50 55.38 -72.67
N PRO P 116 79.21 54.50 -71.72
CA PRO P 116 78.84 53.11 -72.06
C PRO P 116 77.53 53.09 -72.83
N PRO P 117 77.14 51.94 -73.38
CA PRO P 117 75.82 51.85 -74.02
C PRO P 117 74.73 52.35 -73.09
N MET P 118 74.00 53.36 -73.54
CA MET P 118 73.02 54.02 -72.69
C MET P 118 71.97 53.01 -72.25
N PRO P 119 71.68 52.92 -70.95
CA PRO P 119 70.95 51.74 -70.43
C PRO P 119 69.61 51.46 -71.09
N ASN P 120 68.85 52.50 -71.45
CA ASN P 120 67.52 52.30 -71.99
C ASN P 120 67.60 51.69 -73.40
N GLU P 121 66.62 50.82 -73.71
CA GLU P 121 66.57 50.02 -74.94
C GLU P 121 67.94 49.46 -75.36
N SER P 122 68.77 49.12 -74.37
CA SER P 122 70.08 48.57 -74.71
C SER P 122 70.31 47.17 -74.18
N LYS P 123 70.20 47.00 -72.85
CA LYS P 123 70.67 45.76 -72.23
C LYS P 123 69.72 44.59 -72.48
N LEU P 124 68.41 44.84 -72.36
CA LEU P 124 67.43 43.76 -72.41
C LEU P 124 67.44 43.02 -73.75
N PRO P 125 67.49 43.69 -74.92
CA PRO P 125 67.58 42.93 -76.17
C PRO P 125 68.74 41.95 -76.21
N LEU P 126 69.95 42.42 -75.90
CA LEU P 126 71.13 41.56 -75.98
C LEU P 126 71.08 40.44 -74.97
N LEU P 127 70.59 40.74 -73.76
CA LEU P 127 70.40 39.70 -72.76
C LEU P 127 69.45 38.62 -73.26
N CYS P 128 68.38 39.03 -73.94
CA CYS P 128 67.44 38.06 -74.52
C CYS P 128 68.10 37.22 -75.60
N MET P 129 68.92 37.84 -76.46
CA MET P 129 69.67 37.05 -77.44
C MET P 129 70.48 35.96 -76.76
N GLU P 130 71.24 36.34 -75.73
CA GLU P 130 72.09 35.37 -75.06
C GLU P 130 71.29 34.23 -74.45
N THR P 131 70.22 34.56 -73.70
CA THR P 131 69.47 33.50 -73.02
C THR P 131 68.75 32.60 -74.02
N GLU P 132 68.25 33.18 -75.12
CA GLU P 132 67.58 32.37 -76.15
C GLU P 132 68.56 31.38 -76.79
N LEU P 133 69.76 31.86 -77.13
CA LEU P 133 70.77 30.97 -77.68
C LEU P 133 71.12 29.87 -76.68
N GLU P 134 71.23 30.23 -75.40
CA GLU P 134 71.55 29.24 -74.37
C GLU P 134 70.51 28.15 -74.30
N ARG P 135 69.22 28.52 -74.34
CA ARG P 135 68.17 27.51 -74.29
C ARG P 135 68.19 26.61 -75.51
N LEU P 136 68.36 27.19 -76.70
CA LEU P 136 68.36 26.38 -77.91
C LEU P 136 69.51 25.39 -77.91
N LYS P 137 70.70 25.84 -77.49
CA LYS P 137 71.86 24.96 -77.44
C LYS P 137 71.62 23.79 -76.48
N PHE P 138 71.00 24.06 -75.34
CA PHE P 138 70.66 22.99 -74.39
C PHE P 138 69.73 21.98 -75.03
N VAL P 139 68.69 22.44 -75.73
CA VAL P 139 67.74 21.50 -76.32
C VAL P 139 68.46 20.59 -77.31
N ILE P 140 69.29 21.16 -78.18
CA ILE P 140 69.98 20.35 -79.19
C ILE P 140 70.95 19.39 -78.52
N ARG P 141 71.65 19.85 -77.48
CA ARG P 141 72.60 18.99 -76.77
C ARG P 141 71.89 17.78 -76.17
N SER P 142 70.75 18.00 -75.50
CA SER P 142 70.02 16.88 -74.90
C SER P 142 69.55 15.91 -75.97
N TYR P 143 69.01 16.42 -77.08
CA TYR P 143 68.59 15.56 -78.18
C TYR P 143 69.74 14.68 -78.66
N ILE P 144 70.89 15.29 -78.93
CA ILE P 144 72.02 14.55 -79.49
C ILE P 144 72.52 13.49 -78.52
N ARG P 145 72.65 13.84 -77.24
CA ARG P 145 73.18 12.86 -76.29
C ARG P 145 72.20 11.71 -76.06
N CYS P 146 70.89 11.99 -76.05
CA CYS P 146 69.93 10.90 -75.92
C CYS P 146 70.02 9.94 -77.09
N ARG P 147 70.11 10.48 -78.32
CA ARG P 147 70.19 9.57 -79.46
C ARG P 147 71.51 8.84 -79.49
N LEU P 148 72.59 9.45 -78.99
CA LEU P 148 73.86 8.74 -78.91
C LEU P 148 73.78 7.56 -77.93
N SER P 149 73.12 7.76 -76.79
CA SER P 149 72.93 6.65 -75.87
C SER P 149 72.12 5.52 -76.52
N LYS P 150 71.05 5.88 -77.23
CA LYS P 150 70.27 4.85 -77.92
C LYS P 150 71.09 4.15 -78.98
N ILE P 151 72.01 4.86 -79.64
CA ILE P 151 72.93 4.22 -80.58
C ILE P 151 73.81 3.21 -79.87
N ASP P 152 74.34 3.61 -78.70
CA ASP P 152 75.16 2.69 -77.91
C ASP P 152 74.40 1.41 -77.59
N LYS P 153 73.11 1.53 -77.26
CA LYS P 153 72.37 0.35 -76.80
C LYS P 153 72.17 -0.68 -77.93
N PHE P 154 72.08 -0.22 -79.17
CA PHE P 154 71.69 -1.07 -80.29
C PHE P 154 72.76 -1.18 -81.37
N SER P 155 74.02 -1.40 -80.98
CA SER P 155 75.11 -1.44 -81.96
C SER P 155 75.00 -2.66 -82.87
N LEU P 156 74.84 -3.85 -82.27
CA LEU P 156 74.83 -5.07 -83.08
C LEU P 156 73.61 -5.13 -84.00
N TYR P 157 72.45 -4.67 -83.51
CA TYR P 157 71.26 -4.64 -84.34
C TYR P 157 71.45 -3.74 -85.55
N LEU P 158 72.04 -2.56 -85.34
CA LEU P 158 72.32 -1.67 -86.46
C LEU P 158 73.32 -2.29 -87.44
N ARG P 159 74.35 -2.96 -86.92
CA ARG P 159 75.30 -3.63 -87.80
C ARG P 159 74.60 -4.69 -88.65
N GLN P 160 73.73 -5.48 -88.04
CA GLN P 160 73.02 -6.51 -88.78
C GLN P 160 72.09 -5.90 -89.83
N LEU P 161 71.46 -4.78 -89.48
CA LEU P 161 70.63 -4.08 -90.48
C LEU P 161 71.46 -3.61 -91.67
N ASN P 162 72.65 -3.06 -91.40
CA ASN P 162 73.48 -2.56 -92.49
C ASN P 162 74.02 -3.70 -93.35
N GLU P 163 74.29 -4.85 -92.75
CA GLU P 163 74.87 -5.98 -93.49
C GLU P 163 73.84 -6.73 -94.31
N ASP P 164 72.55 -6.50 -94.09
CA ASP P 164 71.49 -7.23 -94.79
C ASP P 164 71.21 -6.55 -96.12
N GLU P 165 71.25 -7.33 -97.21
CA GLU P 165 71.04 -6.78 -98.53
C GLU P 165 69.59 -6.35 -98.74
N ASN P 166 68.64 -7.22 -98.40
CA ASN P 166 67.22 -6.94 -98.63
C ASN P 166 66.61 -6.26 -97.41
N SER P 167 67.14 -5.08 -97.09
CA SER P 167 66.66 -4.27 -95.98
C SER P 167 66.50 -2.84 -96.47
N LEU P 168 65.27 -2.35 -96.48
CA LEU P 168 65.03 -0.96 -96.91
C LEU P 168 65.67 0.02 -95.94
N ILE P 169 65.80 -0.37 -94.67
CA ILE P 169 66.46 0.49 -93.69
C ILE P 169 67.96 0.51 -93.97
N SER P 170 68.50 1.71 -94.13
CA SER P 170 69.92 1.90 -94.38
C SER P 170 70.46 2.94 -93.42
N LEU P 171 71.72 2.75 -93.00
CA LEU P 171 72.31 3.62 -92.01
C LEU P 171 72.59 5.02 -92.54
N THR P 172 72.65 5.19 -93.86
CA THR P 172 72.90 6.52 -94.42
C THR P 172 71.72 7.46 -94.16
N ASP P 173 70.52 6.89 -93.95
CA ASP P 173 69.35 7.72 -93.69
C ASP P 173 69.03 7.79 -92.21
N LEU P 174 69.12 6.66 -91.52
CA LEU P 174 68.78 6.57 -90.10
C LEU P 174 69.86 7.13 -89.19
N LEU P 175 71.09 7.28 -89.67
CA LEU P 175 72.21 7.69 -88.84
C LEU P 175 72.92 8.88 -89.46
N SER P 176 73.30 9.84 -88.63
CA SER P 176 74.09 10.97 -89.08
C SER P 176 75.54 10.54 -89.30
N LYS P 177 76.26 11.35 -90.07
CA LYS P 177 77.65 11.01 -90.40
C LYS P 177 78.52 10.94 -89.16
N ASP P 178 78.41 11.93 -88.26
CA ASP P 178 79.14 11.87 -87.01
C ASP P 178 78.70 10.68 -86.18
N GLU P 179 77.41 10.34 -86.22
CA GLU P 179 76.95 9.14 -85.54
C GLU P 179 77.52 7.89 -86.19
N ILE P 180 77.72 7.89 -87.51
CA ILE P 180 78.38 6.76 -88.16
C ILE P 180 79.81 6.60 -87.67
N LYS P 181 80.57 7.71 -87.59
CA LYS P 181 81.92 7.63 -87.05
C LYS P 181 81.93 7.12 -85.62
N TYR P 182 81.00 7.64 -84.79
CA TYR P 182 80.89 7.19 -83.41
C TYR P 182 80.62 5.69 -83.34
N HIS P 183 79.66 5.21 -84.12
CA HIS P 183 79.32 3.79 -84.12
C HIS P 183 80.53 2.95 -84.51
N ASP P 184 81.21 3.31 -85.60
CA ASP P 184 82.34 2.53 -86.07
C ASP P 184 83.46 2.49 -85.04
N THR P 185 83.79 3.65 -84.47
CA THR P 185 84.90 3.69 -83.50
C THR P 185 84.56 2.91 -82.23
N HIS P 186 83.36 3.12 -81.70
CA HIS P 186 82.97 2.46 -80.46
C HIS P 186 82.91 0.96 -80.63
N SER P 187 82.39 0.48 -81.77
CA SER P 187 82.33 -0.96 -82.01
C SER P 187 83.72 -1.58 -82.00
N LEU P 188 84.67 -0.96 -82.69
CA LEU P 188 86.03 -1.49 -82.73
C LEU P 188 86.67 -1.48 -81.35
N ILE P 189 86.48 -0.40 -80.59
CA ILE P 189 87.10 -0.32 -79.27
C ILE P 189 86.54 -1.40 -78.35
N TRP P 190 85.22 -1.57 -78.36
CA TRP P 190 84.59 -2.58 -77.50
C TRP P 190 85.01 -3.98 -77.93
N LEU P 191 85.10 -4.23 -79.23
CA LEU P 191 85.56 -5.52 -79.71
C LEU P 191 86.99 -5.80 -79.27
N LYS P 192 87.86 -4.80 -79.34
CA LYS P 192 89.23 -4.99 -78.87
C LYS P 192 89.25 -5.32 -77.39
N LEU P 193 88.45 -4.61 -76.59
CA LEU P 193 88.42 -4.87 -75.15
C LEU P 193 87.99 -6.31 -74.86
N VAL P 194 86.88 -6.74 -75.46
CA VAL P 194 86.37 -8.07 -75.15
C VAL P 194 87.29 -9.15 -75.70
N ASN P 195 87.92 -8.92 -76.86
CA ASN P 195 88.82 -9.92 -77.41
C ASN P 195 90.07 -10.08 -76.55
N ASP P 196 90.62 -8.96 -76.06
CA ASP P 196 91.81 -9.05 -75.23
C ASP P 196 91.48 -9.64 -73.86
N SER P 197 90.29 -9.36 -73.34
CA SER P 197 89.95 -9.80 -71.98
C SER P 197 89.49 -11.25 -71.90
N ILE P 198 88.48 -11.64 -72.67
CA ILE P 198 87.79 -12.90 -72.41
C ILE P 198 87.81 -13.83 -73.62
N LEU P 199 87.47 -13.30 -74.79
CA LEU P 199 87.11 -14.17 -75.91
C LEU P 199 88.30 -14.93 -76.48
N LYS P 200 89.53 -14.54 -76.10
CA LYS P 200 90.70 -15.20 -76.67
C LYS P 200 90.87 -16.61 -76.11
N TYR P 201 90.35 -16.86 -74.91
CA TYR P 201 90.54 -18.15 -74.26
C TYR P 201 89.37 -19.09 -74.53
N MET P 202 88.70 -18.93 -75.67
CA MET P 202 87.47 -19.65 -75.95
C MET P 202 87.63 -20.51 -77.19
N PRO P 203 86.91 -21.63 -77.27
CA PRO P 203 87.01 -22.49 -78.45
C PRO P 203 86.52 -21.79 -79.70
N GLU P 204 87.09 -22.20 -80.85
CA GLU P 204 86.74 -21.61 -82.13
C GLU P 204 85.26 -21.81 -82.45
N GLU P 205 84.61 -22.82 -81.86
CA GLU P 205 83.19 -23.04 -82.12
C GLU P 205 82.36 -21.84 -81.69
N LEU P 206 82.69 -21.24 -80.55
CA LEU P 206 81.98 -20.06 -80.04
C LEU P 206 83.01 -18.97 -79.70
N GLN P 207 83.33 -18.15 -80.71
CA GLN P 207 84.18 -16.98 -80.53
C GLN P 207 83.53 -15.73 -81.14
N ALA P 208 82.26 -15.81 -81.50
CA ALA P 208 81.55 -14.71 -82.12
C ALA P 208 80.73 -13.96 -81.08
N ILE P 209 80.86 -12.63 -81.09
CA ILE P 209 80.08 -11.79 -80.19
C ILE P 209 78.64 -11.65 -80.63
N ASN P 210 78.30 -12.06 -81.85
CA ASN P 210 76.94 -12.05 -82.36
C ASN P 210 76.59 -13.47 -82.78
N ASP P 211 75.72 -14.13 -82.03
CA ASP P 211 75.33 -15.50 -82.31
C ASP P 211 73.82 -15.63 -82.20
N THR P 212 73.16 -15.80 -83.34
CA THR P 212 71.72 -15.92 -83.39
C THR P 212 71.23 -17.36 -83.31
N GLU P 213 72.14 -18.33 -83.23
CA GLU P 213 71.79 -19.74 -83.23
C GLU P 213 72.10 -20.41 -81.89
N GLY P 214 72.65 -19.67 -80.94
CA GLY P 214 72.99 -20.20 -79.64
C GLY P 214 71.79 -20.38 -78.74
N SER P 215 72.06 -20.74 -77.49
CA SER P 215 70.98 -20.95 -76.53
C SER P 215 70.21 -19.66 -76.28
N VAL P 216 70.91 -18.54 -76.16
CA VAL P 216 70.29 -17.23 -75.97
C VAL P 216 70.78 -16.31 -77.08
N ASN P 217 69.84 -15.60 -77.71
CA ASN P 217 70.20 -14.67 -78.78
C ASN P 217 71.04 -13.54 -78.21
N MET P 218 72.21 -13.32 -78.82
CA MET P 218 73.16 -12.32 -78.35
C MET P 218 72.92 -10.94 -78.97
N ILE P 219 71.98 -10.83 -79.90
CA ILE P 219 71.67 -9.56 -80.54
C ILE P 219 70.34 -9.07 -79.99
N ASP P 220 70.36 -7.94 -79.29
CA ASP P 220 69.15 -7.35 -78.75
C ASP P 220 68.51 -6.40 -79.75
N GLU P 221 67.19 -6.43 -79.80
CA GLU P 221 66.40 -5.64 -80.74
C GLU P 221 65.41 -4.80 -79.97
N PRO P 222 64.97 -3.68 -80.55
CA PRO P 222 64.05 -2.79 -79.82
C PRO P 222 62.74 -3.48 -79.47
N ASP P 223 62.19 -3.10 -78.33
CA ASP P 223 60.89 -3.60 -77.90
C ASP P 223 59.80 -2.92 -78.72
N TRP P 224 59.10 -3.72 -79.54
CA TRP P 224 58.10 -3.18 -80.46
C TRP P 224 56.71 -3.10 -79.85
N ASN P 225 56.54 -3.54 -78.62
CA ASN P 225 55.23 -3.48 -77.97
C ASN P 225 55.25 -2.72 -76.65
N LYS P 226 56.22 -1.81 -76.48
CA LYS P 226 56.28 -1.00 -75.27
C LYS P 226 55.04 -0.11 -75.16
N PHE P 227 54.60 0.12 -73.93
CA PHE P 227 53.42 0.91 -73.65
C PHE P 227 53.83 2.37 -73.49
N VAL P 228 53.16 3.26 -74.22
CA VAL P 228 53.50 4.67 -74.21
C VAL P 228 52.22 5.51 -74.08
N PHE P 229 52.41 6.74 -73.60
CA PHE P 229 51.36 7.74 -73.53
C PHE P 229 51.36 8.53 -74.83
N ILE P 230 50.18 8.70 -75.43
CA ILE P 230 50.04 9.42 -76.69
C ILE P 230 48.88 10.40 -76.60
N HIS P 231 48.96 11.46 -77.39
CA HIS P 231 47.92 12.46 -77.53
C HIS P 231 47.51 12.53 -79.01
N VAL P 232 46.21 12.58 -79.25
CA VAL P 232 45.66 12.54 -80.61
C VAL P 232 45.51 13.98 -81.09
N ASN P 233 46.47 14.44 -81.90
CA ASN P 233 46.37 15.78 -82.47
C ASN P 233 45.35 15.83 -83.59
N GLY P 234 45.28 14.78 -84.41
CA GLY P 234 44.43 14.78 -85.57
C GLY P 234 45.24 15.05 -86.83
N PRO P 235 44.64 15.70 -87.82
CA PRO P 235 45.37 16.07 -89.03
C PRO P 235 46.53 16.98 -88.70
N PRO P 236 47.67 16.81 -89.37
CA PRO P 236 48.83 17.65 -89.06
C PRO P 236 48.58 19.14 -89.28
N ASP P 237 47.80 19.50 -90.28
CA ASP P 237 47.52 20.90 -90.58
C ASP P 237 46.03 21.22 -90.60
N GLY P 238 45.21 20.33 -91.15
CA GLY P 238 43.78 20.59 -91.26
C GLY P 238 43.14 19.78 -92.37
N LYS P 239 42.07 20.31 -92.95
CA LYS P 239 41.32 19.64 -94.01
C LYS P 239 40.90 18.23 -93.57
N TRP P 240 40.02 18.19 -92.56
CA TRP P 240 39.59 16.94 -91.95
C TRP P 240 38.92 16.03 -92.96
N ASN P 241 38.29 16.61 -93.98
CA ASN P 241 37.66 15.80 -95.02
C ASN P 241 38.72 15.15 -95.92
N GLU P 242 39.89 15.79 -96.05
CA GLU P 242 40.92 15.27 -96.94
C GLU P 242 41.50 13.96 -96.44
N ASP P 243 41.68 13.84 -95.12
CA ASP P 243 42.31 12.66 -94.56
C ASP P 243 41.42 11.44 -94.76
N PRO P 244 41.90 10.38 -95.42
CA PRO P 244 41.07 9.20 -95.64
C PRO P 244 40.92 8.34 -94.40
N LEU P 245 41.91 8.42 -93.50
CA LEU P 245 41.89 7.56 -92.32
C LEU P 245 40.83 8.00 -91.33
N LEU P 246 40.53 9.31 -91.28
CA LEU P 246 39.48 9.80 -90.40
C LEU P 246 38.13 9.17 -90.75
N GLN P 247 37.43 8.71 -89.73
CA GLN P 247 36.07 8.21 -89.86
C GLN P 247 35.25 8.69 -88.67
N GLU P 248 34.06 9.20 -88.96
CA GLU P 248 33.23 9.76 -87.92
C GLU P 248 32.63 8.66 -87.06
N ASN P 249 32.25 9.05 -85.83
CA ASN P 249 31.59 8.15 -84.89
C ASN P 249 30.33 8.82 -84.37
N GLU P 250 29.57 8.05 -83.58
CA GLU P 250 28.29 8.54 -83.08
C GLU P 250 28.47 9.70 -82.12
N PHE P 251 27.74 10.79 -82.39
CA PHE P 251 27.68 11.99 -81.54
C PHE P 251 29.06 12.44 -81.04
N GLY P 252 30.07 12.27 -81.89
CA GLY P 252 31.42 12.61 -81.50
C GLY P 252 32.25 13.06 -82.69
N LYS P 253 33.40 13.65 -82.36
CA LYS P 253 34.36 14.05 -83.37
C LYS P 253 34.97 12.81 -84.03
N PRO P 254 35.49 12.95 -85.26
CA PRO P 254 36.04 11.79 -85.95
C PRO P 254 37.18 11.16 -85.17
N CYS P 255 37.27 9.83 -85.25
CA CYS P 255 38.23 9.05 -84.47
C CYS P 255 38.99 8.12 -85.40
N TYR P 256 40.27 7.93 -85.10
CA TYR P 256 41.08 6.94 -85.82
C TYR P 256 40.74 5.53 -85.34
N THR P 257 41.03 4.55 -86.19
CA THR P 257 40.86 3.16 -85.84
C THR P 257 42.17 2.40 -86.03
N VAL P 258 42.47 1.52 -85.07
CA VAL P 258 43.63 0.66 -85.14
C VAL P 258 43.20 -0.74 -84.74
N THR P 259 44.02 -1.73 -85.08
CA THR P 259 43.74 -3.12 -84.76
C THR P 259 44.91 -3.72 -83.99
N ILE P 260 44.60 -4.47 -82.95
CA ILE P 260 45.58 -5.26 -82.23
C ILE P 260 45.39 -6.72 -82.65
N PRO P 261 46.34 -7.31 -83.38
CA PRO P 261 46.10 -8.67 -83.90
C PRO P 261 46.29 -9.75 -82.85
N ASP P 262 47.24 -9.60 -81.93
CA ASP P 262 47.43 -10.59 -80.88
C ASP P 262 46.19 -10.70 -80.01
N LEU P 263 45.63 -9.55 -79.61
CA LEU P 263 44.34 -9.55 -78.95
C LEU P 263 43.19 -9.71 -79.93
N LYS P 264 43.42 -9.40 -81.21
CA LYS P 264 42.39 -9.46 -82.25
C LYS P 264 41.20 -8.57 -81.88
N GLU P 265 41.45 -7.27 -81.78
CA GLU P 265 40.39 -6.32 -81.45
C GLU P 265 40.63 -5.01 -82.18
N GLU P 266 39.57 -4.20 -82.26
CA GLU P 266 39.62 -2.90 -82.89
C GLU P 266 39.47 -1.82 -81.84
N VAL P 267 40.42 -0.88 -81.82
CA VAL P 267 40.46 0.20 -80.84
C VAL P 267 40.29 1.52 -81.56
N GLU P 268 39.38 2.36 -81.07
CA GLU P 268 39.12 3.66 -81.65
C GLU P 268 39.73 4.75 -80.77
N LEU P 269 40.49 5.65 -81.39
CA LEU P 269 41.14 6.75 -80.71
C LEU P 269 40.41 8.04 -81.10
N THR P 270 39.73 8.66 -80.14
CA THR P 270 39.03 9.90 -80.39
C THR P 270 39.99 11.09 -80.24
N ILE P 271 39.75 12.12 -81.05
CA ILE P 271 40.63 13.28 -81.07
C ILE P 271 40.47 14.08 -79.78
N GLY P 272 41.59 14.48 -79.18
CA GLY P 272 41.58 15.26 -77.97
C GLY P 272 41.70 14.47 -76.68
N SER P 273 41.91 13.16 -76.77
CA SER P 273 42.02 12.30 -75.61
C SER P 273 43.43 11.73 -75.50
N ILE P 274 43.85 11.43 -74.28
CA ILE P 274 45.16 10.86 -74.03
C ILE P 274 45.02 9.36 -73.80
N TYR P 275 45.89 8.59 -74.44
CA TYR P 275 45.78 7.14 -74.41
C TYR P 275 47.10 6.53 -73.93
N VAL P 276 46.98 5.36 -73.31
CA VAL P 276 48.12 4.50 -73.02
C VAL P 276 47.99 3.28 -73.91
N MET P 277 48.93 3.13 -74.84
CA MET P 277 48.77 2.24 -75.98
C MET P 277 50.09 1.56 -76.32
N ARG P 278 49.99 0.47 -77.08
CA ARG P 278 51.16 -0.21 -77.62
C ARG P 278 51.84 0.65 -78.67
N TYR P 279 53.16 0.48 -78.79
CA TYR P 279 53.94 1.28 -79.73
C TYR P 279 53.80 0.84 -81.18
N GLU P 280 53.63 -0.46 -81.44
CA GLU P 280 53.63 -0.94 -82.81
C GLU P 280 52.38 -0.49 -83.57
N VAL P 281 51.21 -0.55 -82.93
CA VAL P 281 49.97 -0.29 -83.64
C VAL P 281 49.84 1.19 -83.99
N ILE P 282 50.69 2.04 -83.40
CA ILE P 282 50.60 3.47 -83.58
C ILE P 282 51.81 4.03 -84.32
N ARG P 283 52.64 3.18 -84.93
CA ARG P 283 53.85 3.66 -85.59
C ARG P 283 53.52 4.55 -86.78
N ASP P 284 52.53 4.15 -87.59
CA ASP P 284 52.21 4.92 -88.80
C ASP P 284 51.67 6.29 -88.45
N LEU P 285 50.77 6.37 -87.45
CA LEU P 285 50.21 7.66 -87.06
C LEU P 285 51.28 8.60 -86.53
N LEU P 286 52.21 8.09 -85.71
CA LEU P 286 53.30 8.92 -85.23
C LEU P 286 54.22 9.35 -86.36
N ARG P 287 54.48 8.45 -87.32
CA ARG P 287 55.28 8.82 -88.48
C ARG P 287 54.61 9.90 -89.31
N ASP P 288 53.29 9.92 -89.35
CA ASP P 288 52.54 10.91 -90.12
C ASP P 288 52.02 12.07 -89.28
N ASP P 289 52.44 12.16 -88.02
CA ASP P 289 52.23 13.30 -87.12
C ASP P 289 50.78 13.35 -86.63
N LYS P 290 50.00 12.29 -86.86
CA LYS P 290 48.63 12.27 -86.35
C LYS P 290 48.60 12.20 -84.82
N VAL P 291 49.57 11.53 -84.21
CA VAL P 291 49.64 11.40 -82.76
C VAL P 291 51.00 11.90 -82.29
N ALA P 292 51.06 12.34 -81.04
CA ALA P 292 52.29 12.86 -80.45
C ALA P 292 52.53 12.18 -79.11
N LEU P 293 53.75 11.69 -78.92
CA LEU P 293 54.12 11.09 -77.64
C LEU P 293 54.25 12.16 -76.57
N ILE P 294 53.61 11.93 -75.43
CA ILE P 294 53.62 12.88 -74.33
C ILE P 294 54.58 12.40 -73.24
N MET Q 1 83.49 67.73 -45.88
CA MET Q 1 82.20 67.93 -46.50
C MET Q 1 82.14 67.27 -47.88
N TYR Q 2 82.79 66.11 -48.03
CA TYR Q 2 82.91 65.51 -49.35
C TYR Q 2 81.55 65.11 -49.89
N TYR Q 3 80.79 64.35 -49.11
CA TYR Q 3 79.45 63.93 -49.48
C TYR Q 3 78.53 64.14 -48.29
N GLY Q 4 77.71 65.20 -48.36
CA GLY Q 4 76.81 65.51 -47.27
C GLY Q 4 75.65 64.54 -47.18
N ILE Q 5 74.81 64.75 -46.16
CA ILE Q 5 73.64 63.90 -45.97
C ILE Q 5 72.69 64.03 -47.16
N SER Q 6 72.52 65.26 -47.66
CA SER Q 6 71.63 65.46 -48.81
C SER Q 6 72.24 64.92 -50.09
N GLN Q 7 73.57 64.92 -50.19
CA GLN Q 7 74.25 64.57 -51.43
C GLN Q 7 74.31 63.07 -51.68
N PHE Q 8 73.98 62.24 -50.67
CA PHE Q 8 74.10 60.79 -50.76
C PHE Q 8 73.55 60.21 -52.06
N SER Q 9 72.56 60.87 -52.67
CA SER Q 9 71.96 60.33 -53.89
C SER Q 9 72.94 60.33 -55.06
N GLU Q 10 73.62 61.46 -55.32
CA GLU Q 10 74.38 61.57 -56.57
C GLU Q 10 75.50 60.54 -56.63
N ALA Q 11 76.18 60.30 -55.52
CA ALA Q 11 77.21 59.26 -55.49
C ALA Q 11 76.64 57.94 -55.98
N TYR Q 12 75.44 57.58 -55.52
CA TYR Q 12 74.79 56.37 -56.01
C TYR Q 12 74.69 56.37 -57.53
N ASN Q 13 74.27 57.49 -58.12
CA ASN Q 13 74.18 57.56 -59.57
C ASN Q 13 75.52 57.28 -60.22
N LYS Q 14 76.61 57.76 -59.62
CA LYS Q 14 77.93 57.45 -60.16
C LYS Q 14 78.17 55.96 -60.18
N ILE Q 15 77.83 55.27 -59.08
CA ILE Q 15 77.97 53.82 -59.06
C ILE Q 15 77.07 53.16 -60.10
N LEU Q 16 75.94 53.79 -60.43
CA LEU Q 16 75.09 53.23 -61.48
C LEU Q 16 75.68 53.46 -62.86
N ARG Q 17 76.52 54.49 -63.01
CA ARG Q 17 77.05 54.81 -64.33
C ARG Q 17 78.32 54.03 -64.63
N ASN Q 18 79.27 54.04 -63.69
CA ASN Q 18 80.57 53.45 -63.96
C ASN Q 18 80.53 51.91 -63.86
N SER Q 19 79.75 51.38 -62.92
CA SER Q 19 79.85 49.97 -62.55
C SER Q 19 78.84 49.08 -63.28
N SER Q 20 77.61 49.54 -63.46
CA SER Q 20 76.56 48.67 -64.00
C SER Q 20 76.90 48.24 -65.43
N SER Q 21 76.82 46.94 -65.67
CA SER Q 21 77.06 46.36 -66.98
C SER Q 21 76.61 44.91 -66.97
N HIS Q 22 76.19 44.42 -68.13
CA HIS Q 22 75.70 43.06 -68.27
C HIS Q 22 76.79 42.10 -68.73
N SER Q 23 78.03 42.57 -68.87
CA SER Q 23 79.12 41.74 -69.38
C SER Q 23 80.38 41.83 -68.56
N SER Q 24 80.35 42.49 -67.40
CA SER Q 24 81.54 42.60 -66.57
C SER Q 24 81.13 42.97 -65.16
N CYS Q 25 81.95 42.58 -64.19
CA CYS Q 25 81.78 42.93 -62.79
C CYS Q 25 82.86 43.94 -62.42
N GLN Q 26 82.44 45.13 -61.99
CA GLN Q 26 83.35 46.24 -61.74
C GLN Q 26 83.06 46.93 -60.41
N LEU Q 27 82.47 46.22 -59.45
CA LEU Q 27 82.18 46.74 -58.13
C LEU Q 27 82.67 45.74 -57.10
N VAL Q 28 83.45 46.21 -56.12
CA VAL Q 28 83.96 45.36 -55.06
C VAL Q 28 83.69 46.02 -53.71
N ILE Q 29 83.17 45.24 -52.77
CA ILE Q 29 82.86 45.73 -51.43
C ILE Q 29 83.73 44.98 -50.43
N PHE Q 30 84.53 45.74 -49.68
CA PHE Q 30 85.32 45.22 -48.57
C PHE Q 30 84.60 45.60 -47.27
N VAL Q 31 84.10 44.61 -46.55
CA VAL Q 31 83.31 44.83 -45.35
C VAL Q 31 84.08 44.31 -44.14
N SER Q 32 84.02 45.07 -43.05
CA SER Q 32 84.67 44.68 -41.81
C SER Q 32 83.87 43.56 -41.16
N CYS Q 33 84.52 42.41 -40.95
CA CYS Q 33 83.88 41.31 -40.24
C CYS Q 33 83.85 41.62 -38.75
N LEU Q 34 83.26 40.68 -37.99
CA LEU Q 34 83.05 40.82 -36.55
C LEU Q 34 82.31 42.11 -36.19
N ASN Q 35 81.32 42.49 -37.01
CA ASN Q 35 80.56 43.70 -36.81
C ASN Q 35 79.16 43.50 -37.36
N ILE Q 36 78.16 43.93 -36.61
CA ILE Q 36 76.78 43.70 -36.99
C ILE Q 36 76.23 44.83 -37.86
N ASP Q 37 76.56 46.08 -37.54
CA ASP Q 37 76.07 47.20 -38.34
C ASP Q 37 76.57 47.12 -39.78
N ALA Q 38 77.86 46.79 -39.95
CA ALA Q 38 78.41 46.64 -41.29
C ALA Q 38 77.73 45.50 -42.02
N LEU Q 39 77.45 44.40 -41.33
CA LEU Q 39 76.80 43.25 -41.96
C LEU Q 39 75.40 43.61 -42.44
N CYS Q 40 74.63 44.32 -41.61
CA CYS Q 40 73.29 44.74 -42.02
C CYS Q 40 73.33 45.71 -43.18
N ALA Q 41 74.27 46.68 -43.14
CA ALA Q 41 74.39 47.62 -44.24
C ALA Q 41 74.79 46.94 -45.54
N THR Q 42 75.68 45.96 -45.45
CA THR Q 42 76.07 45.19 -46.63
C THR Q 42 74.90 44.40 -47.18
N LYS Q 43 74.07 43.83 -46.30
CA LYS Q 43 72.87 43.13 -46.75
C LYS Q 43 71.94 44.07 -47.51
N MET Q 44 71.71 45.27 -46.96
CA MET Q 44 70.83 46.23 -47.62
C MET Q 44 71.39 46.64 -48.99
N LEU Q 45 72.70 46.91 -49.04
CA LEU Q 45 73.31 47.28 -50.31
C LEU Q 45 73.24 46.15 -51.32
N SER Q 46 73.44 44.91 -50.87
CA SER Q 46 73.36 43.77 -51.77
C SER Q 46 71.96 43.64 -52.35
N LEU Q 47 70.92 43.77 -51.52
CA LEU Q 47 69.56 43.70 -52.05
C LEU Q 47 69.29 44.84 -53.03
N LEU Q 48 69.75 46.06 -52.70
CA LEU Q 48 69.54 47.19 -53.61
C LEU Q 48 70.18 46.92 -54.97
N PHE Q 49 71.43 46.48 -54.97
CA PHE Q 49 72.13 46.23 -56.23
C PHE Q 49 71.53 45.05 -56.97
N LYS Q 50 70.99 44.07 -56.23
CA LYS Q 50 70.31 42.95 -56.87
C LYS Q 50 69.07 43.41 -57.62
N LYS Q 51 68.35 44.38 -57.05
CA LYS Q 51 67.14 44.86 -57.72
C LYS Q 51 67.45 45.51 -59.06
N GLN Q 52 68.52 46.29 -59.14
CA GLN Q 52 68.89 47.01 -60.36
C GLN Q 52 69.81 46.21 -61.27
N LEU Q 53 70.10 44.96 -60.95
CA LEU Q 53 70.91 44.08 -61.77
C LEU Q 53 72.32 44.64 -61.97
N VAL Q 54 73.02 44.83 -60.87
CA VAL Q 54 74.43 45.22 -60.88
C VAL Q 54 75.25 44.12 -60.23
N GLN Q 55 76.17 43.54 -61.00
CA GLN Q 55 77.00 42.45 -60.52
C GLN Q 55 77.94 42.97 -59.43
N SER Q 56 78.13 42.15 -58.39
CA SER Q 56 78.86 42.57 -57.22
C SER Q 56 79.61 41.40 -56.60
N GLN Q 57 80.60 41.74 -55.78
CA GLN Q 57 81.38 40.80 -55.00
C GLN Q 57 81.53 41.33 -53.57
N ILE Q 58 81.40 40.45 -52.60
CA ILE Q 58 81.54 40.81 -51.18
C ILE Q 58 82.69 40.01 -50.60
N VAL Q 59 83.67 40.69 -50.02
CA VAL Q 59 84.88 40.09 -49.51
C VAL Q 59 85.05 40.48 -48.05
N PRO Q 60 84.84 39.56 -47.10
CA PRO Q 60 85.07 39.90 -45.68
C PRO Q 60 86.53 39.84 -45.29
N ILE Q 61 87.05 40.94 -44.75
CA ILE Q 61 88.46 41.04 -44.35
C ILE Q 61 88.52 41.28 -42.85
N PHE Q 62 89.65 40.92 -42.25
CA PHE Q 62 89.79 40.98 -40.79
C PHE Q 62 90.61 42.18 -40.32
N GLY Q 63 91.73 42.48 -40.98
CA GLY Q 63 92.62 43.51 -40.51
C GLY Q 63 93.14 44.37 -41.64
N TYR Q 64 93.96 45.35 -41.26
CA TYR Q 64 94.53 46.28 -42.25
C TYR Q 64 95.51 45.58 -43.17
N SER Q 65 96.26 44.61 -42.65
CA SER Q 65 97.20 43.86 -43.49
C SER Q 65 96.47 43.10 -44.58
N GLU Q 66 95.33 42.51 -44.25
CA GLU Q 66 94.52 41.82 -45.26
C GLU Q 66 94.05 42.79 -46.33
N LEU Q 67 93.61 43.99 -45.94
CA LEU Q 67 93.19 44.98 -46.92
C LEU Q 67 94.33 45.39 -47.83
N ARG Q 68 95.52 45.61 -47.25
CA ARG Q 68 96.67 46.02 -48.05
C ARG Q 68 97.07 44.92 -49.03
N ARG Q 69 97.04 43.67 -48.58
CA ARG Q 69 97.38 42.57 -49.48
C ARG Q 69 96.34 42.40 -50.58
N HIS Q 70 95.07 42.60 -50.25
CA HIS Q 70 94.00 42.38 -51.23
C HIS Q 70 93.94 43.51 -52.25
N TYR Q 71 94.33 44.72 -51.85
CA TYR Q 71 94.27 45.85 -52.78
C TYR Q 71 95.24 45.67 -53.96
N SER Q 72 96.40 45.07 -53.72
CA SER Q 72 97.37 44.88 -54.80
C SER Q 72 96.85 43.91 -55.85
N GLN Q 73 96.26 42.80 -55.42
CA GLN Q 73 95.70 41.82 -56.34
C GLN Q 73 94.52 42.36 -57.13
N LEU Q 74 93.87 43.42 -56.64
CA LEU Q 74 92.71 43.97 -57.32
C LEU Q 74 93.13 44.59 -58.66
N ASP Q 75 92.34 44.32 -59.69
CA ASP Q 75 92.68 44.73 -61.05
C ASP Q 75 92.25 46.17 -61.29
N ASP Q 76 92.58 46.71 -62.46
CA ASP Q 76 92.15 48.04 -62.87
C ASP Q 76 90.80 48.02 -63.55
N ASN Q 77 90.24 46.84 -63.81
CA ASN Q 77 88.90 46.74 -64.38
C ASN Q 77 87.84 47.12 -63.34
N ILE Q 78 88.18 47.02 -62.06
CA ILE Q 78 87.26 47.32 -60.98
C ILE Q 78 87.24 48.83 -60.75
N ASN Q 79 86.19 49.49 -61.21
CA ASN Q 79 86.11 50.94 -61.12
C ASN Q 79 85.63 51.44 -59.77
N SER Q 80 84.95 50.61 -58.99
CA SER Q 80 84.31 51.07 -57.76
C SER Q 80 84.67 50.15 -56.59
N LEU Q 81 85.12 50.77 -55.50
CA LEU Q 81 85.46 50.08 -54.26
C LEU Q 81 84.63 50.68 -53.13
N LEU Q 82 84.08 49.82 -52.27
CA LEU Q 82 83.27 50.26 -51.15
C LEU Q 82 83.84 49.69 -49.85
N LEU Q 83 84.39 50.54 -49.01
CA LEU Q 83 84.99 50.12 -47.74
C LEU Q 83 84.00 50.40 -46.61
N VAL Q 84 83.43 49.34 -46.05
CA VAL Q 84 82.35 49.45 -45.07
C VAL Q 84 82.90 49.01 -43.72
N GLY Q 85 82.76 49.88 -42.72
CA GLY Q 85 83.14 49.58 -41.35
C GLY Q 85 84.51 50.06 -40.94
N PHE Q 86 85.27 50.69 -41.82
CA PHE Q 86 86.65 51.06 -41.52
C PHE Q 86 87.15 52.04 -42.56
N GLY Q 87 88.39 52.51 -42.34
CA GLY Q 87 89.12 53.31 -43.30
C GLY Q 87 89.11 54.80 -43.03
N GLY Q 88 88.20 55.28 -42.18
CA GLY Q 88 88.12 56.71 -41.94
C GLY Q 88 89.30 57.26 -41.16
N VAL Q 89 89.76 56.52 -40.15
CA VAL Q 89 90.77 57.05 -39.24
C VAL Q 89 92.13 57.16 -39.91
N ILE Q 90 92.51 56.17 -40.72
CA ILE Q 90 93.86 56.13 -41.27
C ILE Q 90 93.92 56.84 -42.60
N ASP Q 91 95.14 57.19 -43.02
CA ASP Q 91 95.40 57.80 -44.32
C ASP Q 91 95.44 56.70 -45.36
N LEU Q 92 94.43 56.68 -46.23
CA LEU Q 92 94.28 55.57 -47.16
C LEU Q 92 95.29 55.65 -48.30
N GLU Q 93 95.53 56.85 -48.83
CA GLU Q 93 96.44 57.00 -49.97
C GLU Q 93 97.86 56.57 -49.60
N ALA Q 94 98.34 56.99 -48.44
CA ALA Q 94 99.66 56.57 -47.99
C ALA Q 94 99.69 55.07 -47.69
N PHE Q 95 98.62 54.55 -47.09
CA PHE Q 95 98.58 53.13 -46.72
C PHE Q 95 98.60 52.24 -47.96
N LEU Q 96 97.83 52.61 -49.00
CA LEU Q 96 97.70 51.79 -50.19
C LEU Q 96 98.67 52.19 -51.29
N GLU Q 97 99.58 53.13 -51.01
CA GLU Q 97 100.55 53.62 -51.99
C GLU Q 97 99.85 54.08 -53.27
N ILE Q 98 98.86 54.94 -53.10
CA ILE Q 98 98.09 55.45 -54.22
C ILE Q 98 98.72 56.74 -54.72
N ASP Q 99 99.09 56.76 -56.00
CA ASP Q 99 99.67 57.94 -56.63
C ASP Q 99 98.55 58.66 -57.40
N PRO Q 100 98.21 59.90 -57.02
CA PRO Q 100 97.10 60.58 -57.71
C PRO Q 100 97.33 60.74 -59.20
N GLN Q 101 98.57 61.00 -59.63
CA GLN Q 101 98.84 61.21 -61.05
C GLN Q 101 98.85 59.90 -61.82
N GLU Q 102 99.01 58.77 -61.13
CA GLU Q 102 99.03 57.48 -61.82
C GLU Q 102 97.63 57.02 -62.20
N TYR Q 103 96.62 57.50 -61.50
CA TYR Q 103 95.25 57.02 -61.69
C TYR Q 103 94.45 57.85 -62.69
N VAL Q 104 95.07 58.81 -63.36
CA VAL Q 104 94.33 59.63 -64.33
C VAL Q 104 94.32 58.96 -65.69
N ILE Q 105 93.16 58.40 -66.07
CA ILE Q 105 93.01 57.85 -67.41
C ILE Q 105 92.11 58.75 -68.25
N ASP Q 106 91.21 59.49 -67.61
CA ASP Q 106 90.32 60.40 -68.30
C ASP Q 106 90.83 61.84 -68.14
N THR Q 107 91.80 62.18 -68.98
CA THR Q 107 92.42 63.50 -68.94
C THR Q 107 91.42 64.58 -69.31
N ASP Q 108 91.58 65.75 -68.71
CA ASP Q 108 90.68 66.87 -68.98
C ASP Q 108 91.48 68.12 -69.38
N GLU Q 113 89.44 69.09 -63.83
CA GLU Q 113 89.97 68.19 -62.82
C GLU Q 113 90.36 66.84 -63.45
N GLN Q 114 90.32 65.79 -62.64
CA GLN Q 114 90.66 64.45 -63.12
C GLN Q 114 89.53 63.51 -62.76
N SER Q 115 88.97 62.83 -63.77
CA SER Q 115 87.90 61.87 -63.51
C SER Q 115 88.43 60.64 -62.78
N PHE Q 116 89.68 60.27 -63.05
CA PHE Q 116 90.41 59.22 -62.34
C PHE Q 116 89.98 57.83 -62.76
N ARG Q 117 90.87 56.85 -62.62
CA ARG Q 117 90.58 55.50 -63.09
C ARG Q 117 89.65 54.75 -62.14
N ARG Q 118 89.81 54.95 -60.83
CA ARG Q 118 89.10 54.17 -59.84
C ARG Q 118 88.57 55.09 -58.77
N ASP Q 119 87.42 54.70 -58.18
CA ASP Q 119 86.76 55.47 -57.14
C ASP Q 119 86.62 54.60 -55.89
N ILE Q 120 87.09 55.12 -54.76
CA ILE Q 120 87.01 54.42 -53.49
C ILE Q 120 86.10 55.21 -52.55
N TYR Q 121 85.03 54.55 -52.10
CA TYR Q 121 84.08 55.13 -51.17
C TYR Q 121 84.32 54.56 -49.78
N VAL Q 122 84.23 55.42 -48.77
CA VAL Q 122 84.43 55.04 -47.38
C VAL Q 122 83.13 55.28 -46.63
N LEU Q 123 82.64 54.23 -45.97
CA LEU Q 123 81.38 54.29 -45.23
C LEU Q 123 81.67 53.85 -43.81
N ASP Q 124 82.02 54.80 -42.94
CA ASP Q 124 82.54 54.51 -41.62
C ASP Q 124 81.93 55.48 -40.62
N ALA Q 125 81.95 55.08 -39.35
CA ALA Q 125 81.42 55.89 -38.27
C ALA Q 125 82.37 56.05 -37.08
N HIS Q 126 83.67 55.81 -37.27
CA HIS Q 126 84.65 55.92 -36.18
C HIS Q 126 85.38 57.25 -36.30
N ARG Q 127 85.02 58.17 -35.41
CA ARG Q 127 85.67 59.46 -35.33
C ARG Q 127 86.88 59.38 -34.40
N PRO Q 128 87.85 60.31 -34.51
CA PRO Q 128 87.91 61.46 -35.42
C PRO Q 128 88.30 61.12 -36.85
N TRP Q 129 87.84 61.92 -37.79
CA TRP Q 129 88.21 61.76 -39.19
C TRP Q 129 89.70 62.03 -39.38
N ASN Q 130 90.23 61.55 -40.50
CA ASN Q 130 91.57 61.91 -40.93
C ASN Q 130 91.46 63.14 -41.84
N LEU Q 131 92.16 64.21 -41.47
CA LEU Q 131 92.05 65.46 -42.22
C LEU Q 131 92.50 65.30 -43.66
N ASP Q 132 93.49 64.43 -43.91
CA ASP Q 132 93.96 64.22 -45.27
C ASP Q 132 92.85 63.69 -46.16
N ASN Q 133 92.14 62.65 -45.71
CA ASN Q 133 91.07 62.07 -46.51
C ASN Q 133 89.94 63.06 -46.74
N ILE Q 134 89.59 63.84 -45.70
CA ILE Q 134 88.46 64.75 -45.81
C ILE Q 134 88.77 65.92 -46.72
N PHE Q 135 89.96 66.51 -46.59
CA PHE Q 135 90.23 67.83 -47.15
C PHE Q 135 91.28 67.86 -48.24
N GLY Q 136 92.04 66.79 -48.45
CA GLY Q 136 93.18 66.90 -49.35
C GLY Q 136 93.22 65.88 -50.47
N SER Q 137 92.39 64.86 -50.42
CA SER Q 137 92.40 63.79 -51.41
C SER Q 137 91.17 63.87 -52.30
N GLN Q 138 91.34 63.37 -53.52
CA GLN Q 138 90.27 63.35 -54.51
C GLN Q 138 89.87 61.94 -54.93
N ILE Q 139 90.78 60.97 -54.90
CA ILE Q 139 90.43 59.59 -55.18
C ILE Q 139 89.59 59.02 -54.04
N ILE Q 140 89.96 59.31 -52.81
CA ILE Q 140 89.24 58.83 -51.64
C ILE Q 140 88.06 59.75 -51.39
N GLN Q 141 86.86 59.18 -51.31
CA GLN Q 141 85.63 59.91 -51.03
C GLN Q 141 84.86 59.20 -49.93
N CYS Q 142 84.26 59.98 -49.04
CA CYS Q 142 83.62 59.45 -47.84
C CYS Q 142 82.16 59.88 -47.78
N PHE Q 143 81.36 59.05 -47.10
CA PHE Q 143 79.94 59.33 -46.87
C PHE Q 143 79.80 59.99 -45.52
N ASP Q 144 79.88 61.31 -45.49
CA ASP Q 144 79.82 62.03 -44.23
C ASP Q 144 78.36 62.26 -43.82
N ASP Q 145 78.16 62.40 -42.50
CA ASP Q 145 76.81 62.55 -41.94
C ASP Q 145 76.62 63.87 -41.21
N GLY Q 146 77.53 64.83 -41.36
CA GLY Q 146 77.40 66.12 -40.71
C GLY Q 146 78.39 66.40 -39.61
N THR Q 147 79.48 65.64 -39.52
CA THR Q 147 80.52 65.97 -38.56
C THR Q 147 81.36 67.16 -39.02
N VAL Q 148 81.71 67.19 -40.30
CA VAL Q 148 82.65 68.20 -40.79
C VAL Q 148 82.00 69.57 -40.83
N ASP Q 149 80.73 69.65 -41.26
CA ASP Q 149 80.11 70.95 -41.50
C ASP Q 149 79.98 71.76 -40.22
N ASP Q 150 79.96 71.09 -39.08
CA ASP Q 150 79.81 71.78 -37.79
C ASP Q 150 81.08 71.71 -36.93
N THR Q 151 81.59 70.51 -36.68
CA THR Q 151 82.72 70.37 -35.77
C THR Q 151 84.01 70.92 -36.37
N LEU Q 152 84.30 70.57 -37.62
CA LEU Q 152 85.56 70.94 -38.26
C LEU Q 152 85.37 72.21 -39.08
N GLY Q 153 85.31 73.34 -38.38
CA GLY Q 153 85.25 74.63 -39.03
C GLY Q 153 86.60 75.28 -39.16
N GLU Q 154 87.36 75.31 -38.06
CA GLU Q 154 88.68 75.91 -38.08
C GLU Q 154 89.72 74.95 -38.66
N GLN Q 155 89.46 73.65 -38.57
CA GLN Q 155 90.41 72.67 -39.07
C GLN Q 155 90.57 72.76 -40.59
N LYS Q 156 89.47 72.98 -41.31
CA LYS Q 156 89.54 73.13 -42.75
C LYS Q 156 90.38 74.33 -43.14
N GLU Q 157 90.14 75.47 -42.47
CA GLU Q 157 90.94 76.66 -42.71
C GLU Q 157 92.40 76.39 -42.43
N ALA Q 158 92.71 75.78 -41.28
CA ALA Q 158 94.09 75.50 -40.93
C ALA Q 158 94.77 74.63 -41.98
N TYR Q 159 94.11 73.54 -42.39
CA TYR Q 159 94.71 72.62 -43.36
C TYR Q 159 94.97 73.30 -44.70
N TYR Q 160 93.94 73.90 -45.30
CA TYR Q 160 94.11 74.49 -46.63
C TYR Q 160 95.07 75.67 -46.60
N LYS Q 161 94.95 76.52 -45.59
CA LYS Q 161 95.76 77.73 -45.52
C LYS Q 161 97.20 77.42 -45.10
N LEU Q 162 97.42 76.30 -44.41
CA LEU Q 162 98.80 75.88 -44.16
C LEU Q 162 99.41 75.25 -45.41
N LEU Q 163 98.61 74.54 -46.20
CA LEU Q 163 99.11 74.00 -47.45
C LEU Q 163 99.50 75.12 -48.41
N GLU Q 164 98.66 76.16 -48.50
CA GLU Q 164 98.96 77.25 -49.42
C GLU Q 164 100.01 78.20 -48.87
N LEU Q 165 100.10 78.30 -47.53
CA LEU Q 165 100.97 79.30 -46.92
C LEU Q 165 102.44 78.88 -47.02
N ASP Q 166 102.70 77.60 -47.23
CA ASP Q 166 104.07 77.10 -47.33
C ASP Q 166 104.81 77.73 -48.51
N ARG Q 230 108.23 88.99 -41.79
CA ARG Q 230 109.09 87.82 -41.90
C ARG Q 230 109.02 86.97 -40.64
N LYS Q 231 108.70 87.60 -39.50
CA LYS Q 231 108.52 86.88 -38.25
C LYS Q 231 107.08 86.41 -38.08
N GLN Q 232 106.13 87.12 -38.71
CA GLN Q 232 104.74 86.70 -38.65
C GLN Q 232 104.56 85.32 -39.27
N ARG Q 233 105.35 85.00 -40.30
CA ARG Q 233 105.28 83.67 -40.90
C ARG Q 233 105.63 82.59 -39.88
N LYS Q 234 106.76 82.77 -39.18
CA LYS Q 234 107.17 81.77 -38.19
C LYS Q 234 106.17 81.69 -37.05
N LYS Q 235 105.62 82.81 -36.61
CA LYS Q 235 104.63 82.78 -35.54
C LYS Q 235 103.38 82.03 -35.98
N GLN Q 236 102.83 82.39 -37.14
CA GLN Q 236 101.56 81.82 -37.59
C GLN Q 236 101.69 80.34 -37.90
N ILE Q 237 102.78 79.93 -38.55
CA ILE Q 237 102.89 78.51 -38.90
C ILE Q 237 102.91 77.65 -37.64
N HIS Q 238 103.60 78.11 -36.60
CA HIS Q 238 103.62 77.37 -35.35
C HIS Q 238 102.26 77.38 -34.66
N GLU Q 239 101.58 78.52 -34.60
CA GLU Q 239 100.33 78.55 -33.85
C GLU Q 239 99.18 77.93 -34.64
N TYR Q 240 99.41 77.61 -35.91
CA TYR Q 240 98.45 76.79 -36.66
C TYR Q 240 98.78 75.32 -36.64
N GLU Q 241 100.06 74.92 -36.68
CA GLU Q 241 100.38 73.52 -36.47
C GLU Q 241 99.98 73.09 -35.06
N GLY Q 242 99.98 74.03 -34.11
CA GLY Q 242 99.43 73.73 -32.80
C GLY Q 242 97.97 73.33 -32.86
N VAL Q 243 97.16 74.05 -33.63
CA VAL Q 243 95.76 73.69 -33.79
C VAL Q 243 95.63 72.34 -34.49
N LEU Q 244 96.46 72.12 -35.51
CA LEU Q 244 96.43 70.86 -36.23
C LEU Q 244 96.73 69.68 -35.31
N GLU Q 245 97.71 69.82 -34.43
CA GLU Q 245 98.00 68.74 -33.48
C GLU Q 245 96.95 68.67 -32.38
N GLU Q 246 96.28 69.78 -32.10
CA GLU Q 246 95.19 69.78 -31.14
C GLU Q 246 94.01 68.96 -31.65
N TYR Q 247 93.78 69.00 -32.97
CA TYR Q 247 92.74 68.16 -33.55
C TYR Q 247 93.00 66.69 -33.28
N TYR Q 248 94.24 66.25 -33.46
CA TYR Q 248 94.63 64.89 -33.11
C TYR Q 248 94.87 64.81 -31.60
N SER Q 249 95.48 63.71 -31.16
CA SER Q 249 95.68 63.41 -29.74
C SER Q 249 94.35 63.35 -28.98
N GLN Q 250 93.30 62.85 -29.63
CA GLN Q 250 91.99 62.73 -29.05
C GLN Q 250 91.51 61.29 -29.16
N GLY Q 251 90.72 60.85 -28.18
CA GLY Q 251 90.23 59.49 -28.18
C GLY Q 251 89.18 59.25 -29.25
N THR Q 252 88.82 57.99 -29.42
CA THR Q 252 87.89 57.60 -30.47
C THR Q 252 86.58 57.08 -29.88
N THR Q 253 85.48 57.46 -30.54
CA THR Q 253 84.15 56.98 -30.19
C THR Q 253 83.37 56.75 -31.48
N VAL Q 254 82.12 56.32 -31.31
CA VAL Q 254 81.18 56.14 -32.41
C VAL Q 254 79.98 57.03 -32.16
N VAL Q 255 79.57 57.78 -33.18
CA VAL Q 255 78.51 58.77 -33.02
C VAL Q 255 77.29 58.49 -33.89
N ASN Q 256 77.34 57.51 -34.78
CA ASN Q 256 76.21 57.23 -35.65
C ASN Q 256 76.31 55.78 -36.12
N SER Q 257 75.30 55.36 -36.88
CA SER Q 257 75.22 54.00 -37.38
C SER Q 257 75.18 53.98 -38.90
N ILE Q 258 75.82 52.97 -39.49
CA ILE Q 258 75.89 52.86 -40.95
C ILE Q 258 74.51 52.56 -41.53
N SER Q 259 73.74 51.69 -40.86
CA SER Q 259 72.45 51.28 -41.37
C SER Q 259 71.50 52.46 -41.49
N ALA Q 260 71.59 53.42 -40.56
CA ALA Q 260 70.77 54.62 -40.66
C ALA Q 260 71.09 55.42 -41.91
N GLN Q 261 72.39 55.53 -42.25
CA GLN Q 261 72.78 56.27 -43.44
C GLN Q 261 72.33 55.56 -44.71
N ILE Q 262 72.44 54.22 -44.72
CA ILE Q 262 71.96 53.48 -45.89
C ILE Q 262 70.45 53.61 -46.02
N TYR Q 263 69.73 53.62 -44.90
CA TYR Q 263 68.28 53.84 -44.95
C TYR Q 263 67.95 55.24 -45.46
N SER Q 264 68.76 56.24 -45.08
CA SER Q 264 68.59 57.57 -45.63
C SER Q 264 68.76 57.56 -47.14
N LEU Q 265 69.76 56.83 -47.63
CA LEU Q 265 69.94 56.67 -49.07
C LEU Q 265 68.71 56.03 -49.71
N LEU Q 266 68.17 54.99 -49.06
CA LEU Q 266 66.97 54.32 -49.58
C LEU Q 266 65.80 55.29 -49.66
N SER Q 267 65.59 56.09 -48.61
CA SER Q 267 64.49 57.05 -48.60
C SER Q 267 64.67 58.11 -49.67
N ALA Q 268 65.90 58.58 -49.86
CA ALA Q 268 66.17 59.56 -50.91
C ALA Q 268 65.86 58.97 -52.29
N ILE Q 269 66.30 57.75 -52.54
CA ILE Q 269 65.97 57.09 -53.81
C ILE Q 269 64.50 56.72 -53.86
N GLY Q 270 63.95 56.21 -52.77
CA GLY Q 270 62.56 55.83 -52.70
C GLY Q 270 62.26 54.35 -52.71
N GLU Q 271 63.12 53.51 -52.12
CA GLU Q 271 62.96 52.06 -52.15
C GLU Q 271 62.79 51.45 -50.76
N THR Q 272 62.11 52.15 -49.86
CA THR Q 272 61.94 51.68 -48.50
C THR Q 272 60.82 50.65 -48.41
N ASN Q 273 61.02 49.62 -47.59
CA ASN Q 273 60.00 48.61 -47.33
C ASN Q 273 60.19 48.09 -45.91
N LEU Q 274 59.48 47.00 -45.61
CA LEU Q 274 59.52 46.44 -44.26
C LEU Q 274 60.85 45.74 -43.98
N SER Q 275 61.41 45.05 -44.97
CA SER Q 275 62.68 44.35 -44.76
C SER Q 275 63.81 45.34 -44.47
N ASN Q 276 63.86 46.44 -45.22
CA ASN Q 276 64.89 47.45 -44.97
C ASN Q 276 64.72 48.07 -43.59
N LEU Q 277 63.48 48.31 -43.17
CA LEU Q 277 63.25 48.87 -41.84
C LEU Q 277 63.70 47.89 -40.75
N TRP Q 278 63.41 46.60 -40.94
CA TRP Q 278 63.85 45.59 -39.99
C TRP Q 278 65.38 45.55 -39.91
N LEU Q 279 66.06 45.61 -41.05
CA LEU Q 279 67.52 45.62 -41.05
C LEU Q 279 68.08 46.88 -40.39
N ASN Q 280 67.44 48.04 -40.63
CA ASN Q 280 67.86 49.26 -39.96
C ASN Q 280 67.71 49.15 -38.45
N ILE Q 281 66.59 48.60 -37.99
CA ILE Q 281 66.39 48.42 -36.55
C ILE Q 281 67.43 47.48 -35.98
N LEU Q 282 67.73 46.40 -36.70
CA LEU Q 282 68.74 45.45 -36.24
C LEU Q 282 70.10 46.11 -36.14
N GLY Q 283 70.47 46.93 -37.13
CA GLY Q 283 71.75 47.62 -37.07
C GLY Q 283 71.82 48.63 -35.93
N THR Q 284 70.72 49.36 -35.70
CA THR Q 284 70.74 50.37 -34.65
C THR Q 284 70.76 49.73 -33.26
N THR Q 285 70.10 48.59 -33.10
CA THR Q 285 69.98 47.98 -31.78
C THR Q 285 71.32 47.53 -31.23
N SER Q 286 72.23 47.11 -32.12
CA SER Q 286 73.51 46.57 -31.67
C SER Q 286 74.35 47.59 -30.92
N LEU Q 287 74.07 48.88 -31.07
CA LEU Q 287 74.83 49.91 -30.40
C LEU Q 287 74.34 50.20 -28.99
N ASP Q 288 73.29 49.53 -28.53
CA ASP Q 288 72.69 49.85 -27.24
C ASP Q 288 73.66 49.61 -26.09
N ILE Q 289 74.39 48.50 -26.12
CA ILE Q 289 75.21 48.13 -24.98
C ILE Q 289 76.37 49.09 -24.78
N ALA Q 290 77.04 49.50 -25.87
CA ALA Q 290 78.23 50.32 -25.77
C ALA Q 290 77.97 51.82 -25.90
N TYR Q 291 77.05 52.24 -26.78
CA TYR Q 291 76.77 53.65 -27.03
C TYR Q 291 75.27 53.88 -26.92
N ALA Q 292 74.80 54.16 -25.70
CA ALA Q 292 73.37 54.37 -25.48
C ALA Q 292 72.90 55.69 -26.05
N GLN Q 293 73.78 56.69 -26.10
CA GLN Q 293 73.39 58.02 -26.56
C GLN Q 293 72.94 57.99 -28.02
N VAL Q 294 73.67 57.25 -28.86
CA VAL Q 294 73.30 57.15 -30.28
C VAL Q 294 71.93 56.50 -30.44
N TYR Q 295 71.68 55.44 -29.66
CA TYR Q 295 70.38 54.79 -29.72
C TYR Q 295 69.27 55.73 -29.28
N ASN Q 296 69.49 56.49 -28.21
CA ASN Q 296 68.47 57.42 -27.74
C ASN Q 296 68.25 58.55 -28.75
N ARG Q 297 69.29 58.89 -29.51
CA ARG Q 297 69.12 59.91 -30.55
C ARG Q 297 68.31 59.37 -31.72
N LEU Q 298 68.60 58.14 -32.16
CA LEU Q 298 68.00 57.59 -33.37
C LEU Q 298 66.66 56.91 -33.14
N TYR Q 299 66.25 56.69 -31.89
CA TYR Q 299 65.03 55.93 -31.64
C TYR Q 299 63.76 56.63 -32.16
N PRO Q 300 63.53 57.93 -31.91
CA PRO Q 300 62.27 58.54 -32.39
C PRO Q 300 62.06 58.45 -33.90
N LEU Q 301 63.12 58.58 -34.70
CA LEU Q 301 62.98 58.42 -36.14
C LEU Q 301 62.61 57.01 -36.53
N LEU Q 302 63.15 55.99 -35.85
CA LEU Q 302 62.73 54.62 -36.09
C LEU Q 302 61.25 54.45 -35.74
N GLN Q 303 60.81 55.03 -34.63
CA GLN Q 303 59.39 54.97 -34.28
C GLN Q 303 58.53 55.58 -35.38
N ASP Q 304 58.94 56.74 -35.89
CA ASP Q 304 58.17 57.40 -36.95
C ASP Q 304 58.12 56.56 -38.21
N GLU Q 305 59.25 55.98 -38.61
CA GLU Q 305 59.27 55.16 -39.83
C GLU Q 305 58.48 53.88 -39.67
N VAL Q 306 58.40 53.34 -38.45
CA VAL Q 306 57.57 52.16 -38.22
C VAL Q 306 56.10 52.49 -38.43
N LYS Q 307 55.65 53.62 -37.89
CA LYS Q 307 54.26 54.02 -38.05
C LYS Q 307 53.95 54.38 -39.50
N ARG Q 308 54.93 54.92 -40.22
CA ARG Q 308 54.72 55.27 -41.62
C ARG Q 308 54.42 54.04 -42.47
N LEU Q 309 55.10 52.93 -42.19
CA LEU Q 309 55.05 51.74 -43.05
C LEU Q 309 54.05 50.70 -42.56
N THR Q 310 53.20 51.04 -41.60
CA THR Q 310 52.15 50.11 -41.18
C THR Q 310 51.19 49.86 -42.35
N PRO Q 311 50.81 48.61 -42.59
CA PRO Q 311 49.97 48.33 -43.77
C PRO Q 311 48.61 49.02 -43.73
N SER Q 312 47.82 48.78 -42.68
CA SER Q 312 46.49 49.35 -42.57
C SER Q 312 45.92 49.15 -41.17
N SER Q 313 44.66 49.51 -40.98
CA SER Q 313 43.96 49.31 -39.72
C SER Q 313 42.94 48.20 -39.89
N ARG Q 314 42.53 47.61 -38.77
CA ARG Q 314 41.52 46.54 -38.76
C ARG Q 314 41.96 45.36 -39.61
N ASN Q 315 43.02 44.67 -39.20
CA ASN Q 315 43.43 43.41 -39.80
C ASN Q 315 42.38 42.37 -39.46
N SER Q 316 41.68 41.87 -40.49
CA SER Q 316 40.51 41.02 -40.25
C SER Q 316 40.89 39.72 -39.56
N VAL Q 317 41.84 38.99 -40.14
CA VAL Q 317 42.23 37.68 -39.61
C VAL Q 317 43.73 37.51 -39.76
N LYS Q 318 44.29 36.62 -38.96
CA LYS Q 318 45.70 36.24 -39.11
C LYS Q 318 45.82 35.15 -40.16
N THR Q 319 46.48 35.47 -41.27
CA THR Q 319 46.74 34.52 -42.35
C THR Q 319 48.21 34.15 -42.39
N PRO Q 320 48.56 32.99 -42.96
CA PRO Q 320 49.95 32.53 -42.91
C PRO Q 320 50.94 33.44 -43.62
N ASP Q 321 50.48 34.51 -44.26
CA ASP Q 321 51.36 35.40 -45.02
C ASP Q 321 51.44 36.80 -44.44
N THR Q 322 50.81 37.06 -43.30
CA THR Q 322 50.89 38.38 -42.69
C THR Q 322 52.25 38.60 -42.05
N LEU Q 323 52.73 39.83 -42.12
CA LEU Q 323 53.93 40.27 -41.42
C LEU Q 323 53.55 41.41 -40.50
N THR Q 324 54.08 41.38 -39.27
CA THR Q 324 53.68 42.34 -38.25
C THR Q 324 54.91 42.91 -37.58
N LEU Q 325 55.10 44.22 -37.71
CA LEU Q 325 56.12 44.97 -36.97
C LEU Q 325 55.42 45.88 -35.99
N ASN Q 326 55.53 45.57 -34.69
CA ASN Q 326 54.76 46.26 -33.68
C ASN Q 326 55.68 46.84 -32.61
N ILE Q 327 55.26 47.97 -32.05
CA ILE Q 327 55.94 48.60 -30.93
C ILE Q 327 55.23 48.13 -29.66
N GLN Q 328 55.81 47.14 -29.00
CA GLN Q 328 55.26 46.54 -27.79
C GLN Q 328 56.26 46.73 -26.66
N PRO Q 329 55.80 46.76 -25.41
CA PRO Q 329 56.72 46.96 -24.30
C PRO Q 329 57.56 45.73 -24.03
N ASP Q 330 58.87 45.93 -23.92
CA ASP Q 330 59.82 44.87 -23.62
C ASP Q 330 60.65 45.26 -22.40
N TYR Q 331 61.60 44.39 -22.06
CA TYR Q 331 62.34 44.54 -20.82
C TYR Q 331 63.82 44.24 -21.07
N TYR Q 332 64.66 44.79 -20.19
CA TYR Q 332 66.11 44.58 -20.23
C TYR Q 332 66.44 43.21 -19.65
N LEU Q 333 65.88 42.18 -20.31
CA LEU Q 333 66.02 40.81 -19.85
C LEU Q 333 66.61 39.96 -20.96
N PHE Q 334 67.43 38.98 -20.58
CA PHE Q 334 68.19 38.19 -21.53
C PHE Q 334 67.32 37.05 -22.07
N LEU Q 335 66.87 37.18 -23.31
CA LEU Q 335 66.17 36.13 -24.03
C LEU Q 335 64.91 35.67 -23.27
N LEU Q 336 63.96 36.60 -23.13
CA LEU Q 336 62.76 36.32 -22.36
C LEU Q 336 61.88 35.30 -23.06
N ARG Q 337 61.65 35.48 -24.36
CA ARG Q 337 60.66 34.66 -25.06
C ARG Q 337 61.18 33.29 -25.46
N HIS Q 338 62.46 33.00 -25.23
CA HIS Q 338 63.02 31.69 -25.54
C HIS Q 338 63.59 30.98 -24.32
N SER Q 339 63.31 31.46 -23.12
CA SER Q 339 63.74 30.81 -21.89
C SER Q 339 62.74 31.17 -20.80
N SER Q 340 63.05 30.75 -19.57
CA SER Q 340 62.16 31.00 -18.46
C SER Q 340 62.33 32.43 -17.96
N LEU Q 341 61.44 32.82 -17.03
CA LEU Q 341 61.53 34.13 -16.42
C LEU Q 341 62.68 34.21 -15.43
N TYR Q 342 62.87 33.14 -14.65
CA TYR Q 342 63.96 33.09 -13.69
C TYR Q 342 65.31 33.18 -14.41
N ASP Q 343 65.44 32.50 -15.55
CA ASP Q 343 66.66 32.58 -16.33
C ASP Q 343 66.89 33.99 -16.87
N SER Q 344 65.83 34.67 -17.30
CA SER Q 344 65.96 36.03 -17.79
C SER Q 344 66.44 36.97 -16.70
N PHE Q 345 65.91 36.82 -15.48
CA PHE Q 345 66.35 37.67 -14.39
C PHE Q 345 67.74 37.28 -13.91
N TYR Q 346 68.13 36.01 -14.07
CA TYR Q 346 69.40 35.54 -13.54
C TYR Q 346 70.58 36.02 -14.37
N TYR Q 347 70.49 35.89 -15.70
CA TYR Q 347 71.63 36.13 -16.58
C TYR Q 347 71.60 37.52 -17.20
N SER Q 348 71.06 38.51 -16.50
CA SER Q 348 70.98 39.87 -16.99
C SER Q 348 72.12 40.70 -16.39
N ASN Q 349 72.77 41.50 -17.23
CA ASN Q 349 73.85 42.36 -16.74
C ASN Q 349 73.33 43.39 -15.75
N TYR Q 350 72.19 44.02 -16.05
CA TYR Q 350 71.68 45.09 -15.21
C TYR Q 350 71.20 44.56 -13.86
N VAL Q 351 70.47 43.45 -13.88
CA VAL Q 351 69.99 42.85 -12.63
C VAL Q 351 71.16 42.39 -11.78
N ASN Q 352 72.17 41.77 -12.41
CA ASN Q 352 73.34 41.33 -11.67
C ASN Q 352 74.08 42.51 -11.06
N ALA Q 353 74.19 43.62 -11.81
CA ALA Q 353 74.84 44.80 -11.28
C ALA Q 353 74.07 45.39 -10.11
N LYS Q 354 72.74 45.40 -10.20
CA LYS Q 354 71.92 46.03 -9.17
C LYS Q 354 71.66 45.15 -7.96
N LEU Q 355 71.88 43.84 -8.06
CA LEU Q 355 71.58 42.94 -6.95
C LEU Q 355 72.73 42.05 -6.53
N SER Q 356 73.82 42.00 -7.29
CA SER Q 356 74.99 41.19 -6.95
C SER Q 356 74.63 39.71 -6.80
N LEU Q 357 74.21 39.11 -7.92
CA LEU Q 357 73.76 37.72 -7.91
C LEU Q 357 74.89 36.71 -7.82
N TRP Q 358 76.15 37.13 -7.95
CA TRP Q 358 77.24 36.17 -7.99
C TRP Q 358 77.45 35.48 -6.65
N ASN Q 359 77.02 36.11 -5.56
CA ASN Q 359 77.08 35.49 -4.25
C ASN Q 359 75.68 35.08 -3.78
N GLU Q 360 75.60 34.59 -2.54
CA GLU Q 360 74.36 34.00 -2.04
C GLU Q 360 73.31 35.06 -1.73
N ASN Q 361 73.75 36.25 -1.30
CA ASN Q 361 72.81 37.30 -0.91
C ASN Q 361 71.97 37.75 -2.10
N GLY Q 362 72.56 37.88 -3.27
CA GLY Q 362 71.80 38.27 -4.45
C GLY Q 362 70.75 37.25 -4.84
N LYS Q 363 71.10 35.96 -4.78
CA LYS Q 363 70.14 34.92 -5.07
C LYS Q 363 68.99 34.92 -4.07
N LYS Q 364 69.31 35.12 -2.78
CA LYS Q 364 68.26 35.20 -1.76
C LYS Q 364 67.35 36.39 -2.00
N ARG Q 365 67.93 37.55 -2.38
CA ARG Q 365 67.12 38.73 -2.67
C ARG Q 365 66.22 38.50 -3.87
N LEU Q 366 66.73 37.82 -4.91
CA LEU Q 366 65.90 37.51 -6.06
C LEU Q 366 64.75 36.57 -5.69
N HIS Q 367 65.02 35.57 -4.85
CA HIS Q 367 63.95 34.69 -4.39
C HIS Q 367 62.91 35.45 -3.59
N LYS Q 368 63.33 36.38 -2.73
CA LYS Q 368 62.38 37.19 -1.98
C LYS Q 368 61.55 38.06 -2.91
N MET Q 369 62.17 38.63 -3.94
CA MET Q 369 61.42 39.44 -4.90
C MET Q 369 60.37 38.62 -5.61
N PHE Q 370 60.75 37.44 -6.10
CA PHE Q 370 59.80 36.59 -6.81
C PHE Q 370 58.67 36.14 -5.88
N ALA Q 371 58.98 35.90 -4.61
CA ALA Q 371 57.95 35.56 -3.64
C ALA Q 371 56.97 36.72 -3.43
N ARG Q 372 57.51 37.94 -3.30
CA ARG Q 372 56.65 39.10 -3.08
C ARG Q 372 55.75 39.36 -4.28
N MET Q 373 56.30 39.23 -5.49
CA MET Q 373 55.53 39.59 -6.68
C MET Q 373 54.29 38.74 -6.87
N GLY Q 374 54.24 37.56 -6.26
CA GLY Q 374 53.08 36.70 -6.38
C GLY Q 374 53.22 35.56 -7.37
N ILE Q 375 54.37 35.40 -7.99
CA ILE Q 375 54.59 34.32 -8.96
C ILE Q 375 55.22 33.16 -8.21
N PRO Q 376 54.61 31.97 -8.22
CA PRO Q 376 55.24 30.81 -7.58
C PRO Q 376 56.57 30.49 -8.24
N LEU Q 377 57.51 30.01 -7.42
CA LEU Q 377 58.84 29.71 -7.93
C LEU Q 377 58.81 28.59 -8.95
N SER Q 378 57.82 27.69 -8.85
CA SER Q 378 57.68 26.63 -9.84
C SER Q 378 57.22 27.17 -11.18
N THR Q 379 56.30 28.13 -11.18
CA THR Q 379 55.78 28.71 -12.41
C THR Q 379 56.80 29.60 -13.11
N ALA Q 380 57.62 30.33 -12.36
CA ALA Q 380 58.61 31.21 -12.97
C ALA Q 380 59.74 30.46 -13.66
N GLN Q 381 59.83 29.14 -13.48
CA GLN Q 381 60.87 28.34 -14.10
C GLN Q 381 60.37 27.56 -15.31
N GLU Q 382 59.14 27.80 -15.75
CA GLU Q 382 58.60 27.14 -16.93
C GLU Q 382 58.96 27.93 -18.20
N THR Q 383 58.82 27.26 -19.33
CA THR Q 383 59.07 27.89 -20.62
C THR Q 383 58.04 28.99 -20.87
N TRP Q 384 58.45 30.01 -21.61
CA TRP Q 384 57.59 31.18 -21.84
C TRP Q 384 56.30 30.79 -22.56
N LEU Q 385 56.40 29.89 -23.55
CA LEU Q 385 55.20 29.48 -24.27
C LEU Q 385 54.22 28.76 -23.36
N TYR Q 386 54.72 27.91 -22.46
CA TYR Q 386 53.89 27.10 -21.60
C TYR Q 386 53.66 27.73 -20.23
N MET Q 387 54.06 28.98 -20.05
CA MET Q 387 53.82 29.68 -18.80
C MET Q 387 52.33 29.98 -18.66
N ASP Q 388 51.88 30.14 -17.42
CA ASP Q 388 50.47 30.35 -17.14
C ASP Q 388 49.96 31.61 -17.83
N HIS Q 389 48.80 31.50 -18.48
CA HIS Q 389 48.27 32.61 -19.26
C HIS Q 389 47.90 33.79 -18.37
N SER Q 390 47.33 33.53 -17.19
CA SER Q 390 46.92 34.61 -16.31
C SER Q 390 48.11 35.42 -15.81
N ILE Q 391 49.22 34.75 -15.49
CA ILE Q 391 50.41 35.47 -15.05
C ILE Q 391 50.99 36.29 -16.19
N LYS Q 392 51.03 35.72 -17.40
CA LYS Q 392 51.57 36.43 -18.55
C LYS Q 392 50.74 37.66 -18.88
N ARG Q 393 49.42 37.58 -18.70
CA ARG Q 393 48.55 38.70 -19.03
C ARG Q 393 48.81 39.90 -18.13
N GLU Q 394 49.04 39.67 -16.84
CA GLU Q 394 49.21 40.74 -15.86
C GLU Q 394 50.66 41.02 -15.50
N LEU Q 395 51.61 40.67 -16.38
CA LEU Q 395 53.02 40.88 -16.05
C LEU Q 395 53.36 42.35 -15.90
N GLY Q 396 52.72 43.21 -16.72
CA GLY Q 396 53.06 44.62 -16.69
C GLY Q 396 52.73 45.29 -15.37
N ILE Q 397 51.54 45.02 -14.83
CA ILE Q 397 51.14 45.61 -13.55
C ILE Q 397 52.04 45.12 -12.43
N ILE Q 398 52.34 43.81 -12.43
CA ILE Q 398 53.21 43.23 -11.40
C ILE Q 398 54.59 43.86 -11.45
N PHE Q 399 55.14 44.05 -12.65
CA PHE Q 399 56.41 44.75 -12.76
C PHE Q 399 56.30 46.18 -12.24
N ASP Q 400 55.27 46.92 -12.68
CA ASP Q 400 55.18 48.33 -12.34
C ASP Q 400 55.07 48.55 -10.84
N LYS Q 401 54.30 47.70 -10.15
CA LYS Q 401 54.02 47.98 -8.74
C LYS Q 401 55.11 47.45 -7.81
N ASN Q 402 55.93 46.50 -8.27
CA ASN Q 402 56.95 45.93 -7.39
C ASN Q 402 58.38 46.32 -7.72
N LEU Q 403 58.71 46.66 -8.97
CA LEU Q 403 60.12 46.79 -9.33
C LEU Q 403 60.79 47.97 -8.63
N ASP Q 404 60.00 48.91 -8.10
CA ASP Q 404 60.58 50.12 -7.52
C ASP Q 404 61.30 49.84 -6.21
N ARG Q 405 60.88 48.81 -5.47
CA ARG Q 405 61.45 48.57 -4.15
C ARG Q 405 62.91 48.15 -4.25
N TYR Q 406 63.26 47.39 -5.28
CA TYR Q 406 64.59 46.82 -5.43
C TYR Q 406 65.48 47.60 -6.39
N GLY Q 407 65.05 48.77 -6.84
CA GLY Q 407 65.87 49.57 -7.73
C GLY Q 407 65.93 49.09 -9.16
N LEU Q 408 64.99 48.24 -9.58
CA LEU Q 408 64.99 47.68 -10.92
C LEU Q 408 63.90 48.29 -11.80
N GLN Q 409 63.49 49.53 -11.51
CA GLN Q 409 62.43 50.16 -12.29
C GLN Q 409 62.89 50.56 -13.69
N ASP Q 410 64.20 50.46 -13.97
CA ASP Q 410 64.73 50.86 -15.27
C ASP Q 410 64.68 49.74 -16.31
N ILE Q 411 64.14 48.58 -15.95
CA ILE Q 411 64.11 47.43 -16.85
C ILE Q 411 62.94 47.49 -17.83
N ILE Q 412 62.04 48.45 -17.68
CA ILE Q 412 60.84 48.55 -18.50
C ILE Q 412 61.11 49.52 -19.63
N ARG Q 413 60.84 49.10 -20.87
CA ARG Q 413 61.11 49.95 -22.03
C ARG Q 413 60.21 49.50 -23.17
N ASP Q 414 60.38 50.14 -24.31
CA ASP Q 414 59.65 49.80 -25.53
C ASP Q 414 60.63 49.44 -26.63
N GLY Q 415 60.24 48.46 -27.44
CA GLY Q 415 61.08 47.96 -28.51
C GLY Q 415 60.27 47.61 -29.72
N PHE Q 416 60.82 46.74 -30.57
CA PHE Q 416 60.20 46.35 -31.82
C PHE Q 416 60.09 44.84 -31.87
N VAL Q 417 58.90 44.34 -32.19
CA VAL Q 417 58.64 42.90 -32.24
C VAL Q 417 58.10 42.55 -33.62
N ARG Q 418 58.64 41.50 -34.22
CA ARG Q 418 58.29 41.09 -35.57
C ARG Q 418 57.69 39.69 -35.54
N THR Q 419 56.59 39.51 -36.27
CA THR Q 419 55.88 38.24 -36.31
C THR Q 419 55.53 37.91 -37.76
N LEU Q 420 55.67 36.63 -38.11
CA LEU Q 420 55.43 36.14 -39.47
C LEU Q 420 54.54 34.90 -39.41
N GLY Q 421 53.24 35.10 -39.60
CA GLY Q 421 52.33 33.97 -39.69
C GLY Q 421 52.20 33.22 -38.37
N TYR Q 422 51.96 31.92 -38.46
CA TYR Q 422 51.79 31.07 -37.29
C TYR Q 422 53.14 30.52 -36.83
N ARG Q 423 54.09 31.43 -36.58
CA ARG Q 423 55.45 31.02 -36.26
C ARG Q 423 55.85 31.41 -34.84
N GLY Q 424 55.69 32.66 -34.45
CA GLY Q 424 56.13 33.12 -33.15
C GLY Q 424 56.80 34.47 -33.26
N SER Q 425 56.81 35.19 -32.14
CA SER Q 425 57.29 36.56 -32.10
C SER Q 425 58.77 36.59 -31.71
N ILE Q 426 59.50 37.52 -32.33
CA ILE Q 426 60.91 37.74 -32.05
C ILE Q 426 61.15 39.23 -31.87
N SER Q 427 61.96 39.58 -30.89
CA SER Q 427 62.35 40.96 -30.64
C SER Q 427 63.71 41.24 -31.24
N ALA Q 428 63.99 42.53 -31.45
CA ALA Q 428 65.25 42.93 -32.07
C ALA Q 428 66.45 42.53 -31.21
N SER Q 429 66.34 42.70 -29.89
CA SER Q 429 67.45 42.37 -29.01
C SER Q 429 67.82 40.90 -29.09
N GLU Q 430 66.82 40.01 -29.04
CA GLU Q 430 67.10 38.59 -29.16
C GLU Q 430 67.74 38.25 -30.50
N PHE Q 431 67.29 38.94 -31.56
CA PHE Q 431 67.86 38.70 -32.89
C PHE Q 431 69.34 39.08 -32.93
N VAL Q 432 69.69 40.23 -32.35
CA VAL Q 432 71.09 40.65 -32.40
C VAL Q 432 71.95 39.76 -31.50
N GLU Q 433 71.41 39.29 -30.38
CA GLU Q 433 72.19 38.34 -29.58
C GLU Q 433 72.40 37.02 -30.31
N ALA Q 434 71.38 36.54 -31.03
CA ALA Q 434 71.58 35.33 -31.83
C ALA Q 434 72.63 35.53 -32.91
N LEU Q 435 72.61 36.69 -33.57
CA LEU Q 435 73.61 36.98 -34.59
C LEU Q 435 75.02 37.05 -33.99
N THR Q 436 75.15 37.68 -32.83
CA THR Q 436 76.47 37.77 -32.18
C THR Q 436 76.96 36.39 -31.77
N ALA Q 437 76.05 35.55 -31.25
CA ALA Q 437 76.42 34.18 -30.90
C ALA Q 437 76.88 33.40 -32.12
N LEU Q 438 76.20 33.58 -33.25
CA LEU Q 438 76.63 32.92 -34.48
C LEU Q 438 78.00 33.42 -34.91
N LEU Q 439 78.27 34.73 -34.72
CA LEU Q 439 79.60 35.26 -35.03
C LEU Q 439 80.67 34.62 -34.15
N GLU Q 440 80.41 34.51 -32.85
CA GLU Q 440 81.46 34.06 -31.92
C GLU Q 440 81.82 32.60 -32.15
N VAL Q 441 80.85 31.70 -32.00
CA VAL Q 441 81.07 30.26 -32.18
C VAL Q 441 80.16 29.78 -33.30
N GLY Q 442 80.69 28.91 -34.15
CA GLY Q 442 79.93 28.38 -35.27
C GLY Q 442 80.69 27.27 -35.93
N ASN Q 443 80.15 26.82 -37.06
CA ASN Q 443 80.78 25.80 -37.90
C ASN Q 443 80.96 24.48 -37.15
N ASN Q 468 105.92 28.74 -36.27
CA ASN Q 468 104.89 27.72 -36.27
C ASN Q 468 103.58 28.23 -35.67
N SER Q 469 103.62 29.46 -35.16
CA SER Q 469 102.42 30.08 -34.59
C SER Q 469 101.68 30.95 -35.61
N ALA Q 470 102.36 31.38 -36.67
CA ALA Q 470 101.70 32.18 -37.70
C ALA Q 470 100.57 31.40 -38.36
N GLN Q 471 100.81 30.12 -38.67
CA GLN Q 471 99.75 29.29 -39.24
C GLN Q 471 98.62 29.08 -38.23
N LYS Q 472 98.97 28.94 -36.96
CA LYS Q 472 97.95 28.78 -35.92
C LYS Q 472 97.04 29.99 -35.85
N LEU Q 473 97.60 31.19 -35.94
CA LEU Q 473 96.78 32.39 -35.96
C LEU Q 473 96.00 32.52 -37.28
N THR Q 474 96.61 32.09 -38.39
CA THR Q 474 95.96 32.18 -39.68
C THR Q 474 94.71 31.31 -39.73
N ASN Q 475 94.78 30.10 -39.16
CA ASN Q 475 93.61 29.22 -39.15
C ASN Q 475 92.48 29.83 -38.31
N LEU Q 476 92.82 30.42 -37.17
CA LEU Q 476 91.81 31.07 -36.34
C LEU Q 476 91.15 32.21 -37.08
N ARG Q 477 91.96 33.04 -37.76
CA ARG Q 477 91.38 34.16 -38.51
C ARG Q 477 90.54 33.67 -39.67
N LYS Q 478 90.94 32.56 -40.30
CA LYS Q 478 90.14 31.99 -41.38
C LYS Q 478 88.79 31.49 -40.87
N ARG Q 479 88.77 30.86 -39.70
CA ARG Q 479 87.51 30.43 -39.12
C ARG Q 479 86.63 31.63 -38.76
N TRP Q 480 87.25 32.70 -38.25
CA TRP Q 480 86.48 33.91 -37.94
C TRP Q 480 85.88 34.50 -39.20
N VAL Q 481 86.61 34.45 -40.31
CA VAL Q 481 86.05 34.88 -41.60
C VAL Q 481 84.91 33.97 -42.01
N SER Q 482 85.05 32.67 -41.76
CA SER Q 482 84.02 31.71 -42.18
C SER Q 482 82.72 31.93 -41.43
N ASN Q 483 82.78 32.31 -40.16
CA ASN Q 483 81.56 32.54 -39.38
C ASN Q 483 80.70 33.67 -39.94
N PHE Q 484 81.29 34.55 -40.77
CA PHE Q 484 80.53 35.68 -41.32
C PHE Q 484 79.37 35.19 -42.17
N TRP Q 485 79.59 34.15 -42.98
CA TRP Q 485 78.51 33.65 -43.83
C TRP Q 485 77.44 32.93 -43.02
N LEU Q 486 77.83 32.28 -41.92
CA LEU Q 486 76.82 31.69 -41.04
C LEU Q 486 75.92 32.77 -40.45
N SER Q 487 76.51 33.90 -40.03
CA SER Q 487 75.67 35.00 -39.53
C SER Q 487 74.87 35.63 -40.66
N TRP Q 488 75.43 35.66 -41.87
CA TRP Q 488 74.74 36.22 -43.03
C TRP Q 488 73.50 35.42 -43.39
N ASP Q 489 73.60 34.08 -43.31
CA ASP Q 489 72.48 33.23 -43.72
C ASP Q 489 71.28 33.39 -42.79
N ALA Q 490 71.51 33.70 -41.52
CA ALA Q 490 70.45 33.80 -40.53
C ALA Q 490 69.54 35.00 -40.75
N LEU Q 491 69.92 35.94 -41.61
CA LEU Q 491 69.08 37.09 -41.89
C LEU Q 491 68.00 36.80 -42.94
N ASP Q 492 68.00 35.61 -43.53
CA ASP Q 492 67.01 35.23 -44.51
C ASP Q 492 65.89 34.47 -43.83
N ASP Q 493 64.65 34.75 -44.26
CA ASP Q 493 63.48 34.20 -43.56
C ASP Q 493 63.39 32.69 -43.73
N ARG Q 494 64.02 32.16 -44.77
CA ARG Q 494 63.92 30.72 -45.02
C ARG Q 494 64.71 29.91 -44.01
N LYS Q 495 65.79 30.48 -43.49
CA LYS Q 495 66.70 29.75 -42.60
C LYS Q 495 66.45 30.11 -41.13
N VAL Q 496 65.49 29.42 -40.52
CA VAL Q 496 65.13 29.71 -39.13
C VAL Q 496 65.81 28.75 -38.16
N GLU Q 497 66.15 27.54 -38.64
CA GLU Q 497 66.88 26.60 -37.80
C GLU Q 497 68.23 27.18 -37.37
N LEU Q 498 68.88 27.93 -38.27
CA LEU Q 498 70.13 28.57 -37.90
C LEU Q 498 69.93 29.64 -36.84
N LEU Q 499 68.79 30.34 -36.88
CA LEU Q 499 68.48 31.30 -35.83
C LEU Q 499 68.27 30.62 -34.49
N ASN Q 500 67.58 29.48 -34.48
CA ASN Q 500 67.41 28.72 -33.25
C ASN Q 500 68.75 28.24 -32.70
N ARG Q 501 69.62 27.75 -33.59
CA ARG Q 501 70.96 27.34 -33.18
C ARG Q 501 71.72 28.51 -32.58
N GLY Q 502 71.59 29.70 -33.17
CA GLY Q 502 72.23 30.88 -32.61
C GLY Q 502 71.70 31.22 -31.23
N ILE Q 503 70.40 31.04 -31.01
CA ILE Q 503 69.82 31.30 -29.69
C ILE Q 503 70.42 30.36 -28.65
N GLN Q 504 70.51 29.06 -28.99
CA GLN Q 504 71.11 28.11 -28.06
C GLN Q 504 72.57 28.45 -27.77
N LEU Q 505 73.33 28.82 -28.81
CA LEU Q 505 74.72 29.19 -28.62
C LEU Q 505 74.84 30.41 -27.73
N ALA Q 506 73.94 31.39 -27.88
CA ALA Q 506 73.96 32.57 -27.03
C ALA Q 506 73.71 32.20 -25.58
N GLN Q 507 72.77 31.30 -25.33
CA GLN Q 507 72.51 30.88 -23.95
C GLN Q 507 73.76 30.23 -23.34
N ASP Q 508 74.39 29.32 -24.08
CA ASP Q 508 75.59 28.66 -23.56
C ASP Q 508 76.72 29.67 -23.31
N LEU Q 509 76.91 30.61 -24.24
CA LEU Q 509 77.98 31.60 -24.10
C LEU Q 509 77.75 32.49 -22.89
N GLN Q 510 76.52 32.93 -22.66
CA GLN Q 510 76.24 33.76 -21.49
C GLN Q 510 76.46 32.98 -20.21
N ARG Q 511 76.09 31.70 -20.19
CA ARG Q 511 76.37 30.89 -19.01
C ARG Q 511 77.87 30.82 -18.73
N ALA Q 512 78.68 30.61 -19.77
CA ALA Q 512 80.13 30.55 -19.58
C ALA Q 512 80.68 31.88 -19.09
N ILE Q 513 80.19 32.99 -19.64
CA ILE Q 513 80.64 34.32 -19.20
C ILE Q 513 80.33 34.53 -17.73
N PHE Q 514 79.12 34.18 -17.30
CA PHE Q 514 78.75 34.31 -15.90
C PHE Q 514 79.66 33.47 -15.01
N ASN Q 515 79.94 32.23 -15.44
CA ASN Q 515 80.78 31.33 -14.64
C ASN Q 515 82.18 31.88 -14.49
N THR Q 516 82.75 32.47 -15.55
CA THR Q 516 84.08 33.06 -15.43
C THR Q 516 84.05 34.33 -14.59
N GLY Q 517 82.99 35.13 -14.72
CA GLY Q 517 82.93 36.39 -14.00
C GLY Q 517 82.83 36.20 -12.49
N VAL Q 518 82.09 35.19 -12.05
CA VAL Q 518 81.98 34.95 -10.61
C VAL Q 518 83.34 34.55 -10.04
N ALA Q 519 84.11 33.75 -10.79
CA ALA Q 519 85.45 33.37 -10.36
C ALA Q 519 86.36 34.58 -10.31
N ILE Q 520 86.26 35.46 -11.30
CA ILE Q 520 87.08 36.68 -11.30
C ILE Q 520 86.75 37.54 -10.09
N LEU Q 521 85.46 37.72 -9.79
CA LEU Q 521 85.03 38.60 -8.72
C LEU Q 521 85.27 38.04 -7.33
N GLU Q 522 85.24 36.72 -7.15
CA GLU Q 522 85.39 36.14 -5.82
C GLU Q 522 86.83 36.08 -5.35
N LYS Q 523 87.78 35.87 -6.26
CA LYS Q 523 89.19 35.75 -5.90
C LYS Q 523 89.93 37.08 -5.90
N LYS Q 524 89.24 38.19 -6.18
CA LYS Q 524 89.85 39.53 -6.18
C LYS Q 524 91.00 39.61 -7.17
N LEU Q 525 90.77 39.15 -8.40
CA LEU Q 525 91.80 39.18 -9.42
C LEU Q 525 92.00 40.58 -9.99
N ILE Q 526 91.02 41.47 -9.81
CA ILE Q 526 91.14 42.83 -10.33
C ILE Q 526 92.08 43.62 -9.45
N LYS Q 527 93.12 44.19 -10.05
CA LYS Q 527 94.12 44.97 -9.34
C LYS Q 527 93.93 46.44 -9.68
N HIS Q 528 93.84 47.27 -8.65
CA HIS Q 528 93.54 48.69 -8.79
C HIS Q 528 94.86 49.47 -8.78
N LEU Q 529 95.38 49.75 -9.96
CA LEU Q 529 96.52 50.64 -10.09
C LEU Q 529 96.03 52.09 -10.15
N ARG Q 530 96.98 53.02 -10.04
CA ARG Q 530 96.63 54.43 -9.98
C ARG Q 530 95.97 54.91 -11.28
N ILE Q 531 96.47 54.44 -12.42
CA ILE Q 531 96.03 54.99 -13.70
C ILE Q 531 94.92 54.14 -14.30
N TYR Q 532 95.01 52.82 -14.16
CA TYR Q 532 94.02 51.92 -14.73
C TYR Q 532 93.84 50.72 -13.80
N ARG Q 533 92.91 49.84 -14.15
CA ARG Q 533 92.63 48.62 -13.41
C ARG Q 533 92.96 47.43 -14.29
N LEU Q 534 93.78 46.52 -13.76
CA LEU Q 534 94.32 45.41 -14.54
C LEU Q 534 93.61 44.11 -14.17
N CYS Q 535 93.37 43.26 -15.18
CA CYS Q 535 92.83 41.92 -14.95
C CYS Q 535 93.44 40.98 -15.97
N VAL Q 536 94.25 40.03 -15.51
CA VAL Q 536 94.94 39.08 -16.36
C VAL Q 536 94.49 37.68 -15.99
N LEU Q 537 93.98 36.94 -16.97
CA LEU Q 537 93.47 35.58 -16.75
C LEU Q 537 94.53 34.60 -17.25
N GLN Q 538 95.26 34.01 -16.30
CA GLN Q 538 96.35 33.09 -16.65
C GLN Q 538 95.97 31.63 -16.48
N ASP Q 539 95.11 31.31 -15.52
CA ASP Q 539 94.75 29.93 -15.25
C ASP Q 539 93.23 29.82 -15.13
N GLY Q 540 92.72 28.62 -15.44
CA GLY Q 540 91.31 28.35 -15.35
C GLY Q 540 90.81 27.50 -16.49
N PRO Q 541 89.55 27.07 -16.42
CA PRO Q 541 88.95 26.33 -17.53
C PRO Q 541 88.53 27.27 -18.66
N ASP Q 542 88.27 26.65 -19.81
CA ASP Q 542 87.73 27.29 -21.02
C ASP Q 542 88.28 28.69 -21.28
N LEU Q 543 89.61 28.77 -21.33
CA LEU Q 543 90.29 29.96 -21.85
C LEU Q 543 90.38 29.97 -23.36
N ASP Q 544 89.92 28.91 -24.03
CA ASP Q 544 89.91 28.87 -25.47
C ASP Q 544 88.72 29.60 -26.09
N LEU Q 545 87.77 30.07 -25.27
CA LEU Q 545 86.69 30.90 -25.75
C LEU Q 545 87.07 32.37 -25.86
N TYR Q 546 88.14 32.79 -25.21
CA TYR Q 546 88.53 34.20 -25.18
C TYR Q 546 89.62 34.54 -26.18
N ARG Q 547 89.90 33.64 -27.12
CA ARG Q 547 90.79 33.95 -28.23
C ARG Q 547 90.12 34.83 -29.28
N ASN Q 548 88.79 34.88 -29.29
CA ASN Q 548 87.91 35.72 -30.09
C ASN Q 548 87.66 37.04 -29.39
N PRO Q 549 87.85 38.16 -30.08
CA PRO Q 549 87.67 39.48 -29.44
C PRO Q 549 86.27 39.69 -28.90
N LEU Q 550 85.25 39.11 -29.53
CA LEU Q 550 83.88 39.37 -29.12
C LEU Q 550 83.57 38.77 -27.75
N THR Q 551 84.10 37.58 -27.46
CA THR Q 551 83.88 36.98 -26.14
C THR Q 551 84.56 37.78 -25.05
N LEU Q 552 85.78 38.26 -25.31
CA LEU Q 552 86.45 39.11 -24.32
C LEU Q 552 85.70 40.42 -24.14
N LEU Q 553 85.10 40.96 -25.21
CA LEU Q 553 84.28 42.15 -25.07
C LEU Q 553 83.02 41.84 -24.25
N ARG Q 554 82.46 40.65 -24.40
CA ARG Q 554 81.34 40.23 -23.55
C ARG Q 554 81.72 40.25 -22.09
N LEU Q 555 82.85 39.62 -21.75
CA LEU Q 555 83.27 39.57 -20.35
C LEU Q 555 83.60 40.98 -19.83
N GLY Q 556 84.21 41.80 -20.68
CA GLY Q 556 84.50 43.17 -20.28
C GLY Q 556 83.25 43.99 -20.04
N ASN Q 557 82.23 43.80 -20.89
CA ASN Q 557 80.95 44.47 -20.67
C ASN Q 557 80.28 44.01 -19.39
N TRP Q 558 80.40 42.71 -19.06
CA TRP Q 558 79.92 42.22 -17.77
C TRP Q 558 80.62 42.94 -16.62
N LEU Q 559 81.96 43.01 -16.66
CA LEU Q 559 82.71 43.59 -15.55
C LEU Q 559 82.46 45.09 -15.43
N ILE Q 560 82.41 45.81 -16.55
CA ILE Q 560 82.16 47.25 -16.52
C ILE Q 560 80.77 47.53 -15.99
N GLU Q 561 79.78 46.75 -16.41
CA GLU Q 561 78.43 46.92 -15.88
C GLU Q 561 78.41 46.67 -14.37
N CYS Q 562 79.14 45.66 -13.91
CA CYS Q 562 79.21 45.40 -12.48
C CYS Q 562 79.88 46.54 -11.71
N CYS Q 563 80.89 47.16 -12.31
CA CYS Q 563 81.63 48.23 -11.64
C CYS Q 563 80.90 49.57 -11.69
N ALA Q 564 80.07 49.80 -12.73
CA ALA Q 564 79.40 51.08 -12.88
C ALA Q 564 78.41 51.32 -11.74
N GLU Q 565 77.65 50.29 -11.36
CA GLU Q 565 76.68 50.40 -10.29
C GLU Q 565 77.29 50.26 -8.90
N SER Q 566 78.59 50.00 -8.81
CA SER Q 566 79.25 49.96 -7.51
C SER Q 566 79.27 51.35 -6.89
N GLU Q 567 79.18 51.40 -5.57
CA GLU Q 567 79.12 52.68 -4.87
C GLU Q 567 80.42 53.46 -5.03
N ASP Q 568 81.52 52.77 -5.33
CA ASP Q 568 82.78 53.46 -5.56
C ASP Q 568 82.70 54.33 -6.81
N LYS Q 569 83.07 55.60 -6.67
CA LYS Q 569 82.95 56.58 -7.74
C LYS Q 569 84.31 56.76 -8.39
N GLN Q 570 84.47 56.18 -9.58
CA GLN Q 570 85.69 56.33 -10.36
C GLN Q 570 85.38 56.03 -11.81
N LEU Q 571 86.25 56.51 -12.70
CA LEU Q 571 86.09 56.33 -14.14
C LEU Q 571 87.41 55.88 -14.75
N LEU Q 572 88.06 54.91 -14.11
CA LEU Q 572 89.35 54.48 -14.65
C LEU Q 572 89.14 53.43 -15.75
N PRO Q 573 89.90 53.52 -16.84
CA PRO Q 573 89.83 52.49 -17.88
C PRO Q 573 90.33 51.15 -17.34
N MET Q 574 89.89 50.08 -18.00
CA MET Q 574 90.24 48.73 -17.57
C MET Q 574 91.04 48.03 -18.66
N VAL Q 575 91.95 47.16 -18.24
CA VAL Q 575 92.75 46.34 -19.15
C VAL Q 575 92.45 44.88 -18.86
N LEU Q 576 92.11 44.12 -19.90
CA LEU Q 576 91.78 42.71 -19.79
C LEU Q 576 92.71 41.91 -20.68
N ALA Q 577 93.41 40.93 -20.09
CA ALA Q 577 94.39 40.14 -20.81
C ALA Q 577 94.05 38.65 -20.66
N SER Q 578 94.16 37.91 -21.76
CA SER Q 578 93.89 36.49 -21.77
C SER Q 578 94.98 35.73 -22.51
N ILE Q 579 95.41 34.60 -21.95
CA ILE Q 579 96.49 33.80 -22.51
C ILE Q 579 95.94 32.74 -23.46
N ASP Q 580 96.73 32.45 -24.50
CA ASP Q 580 96.49 31.28 -25.35
C ASP Q 580 97.74 30.40 -25.29
N GLU Q 581 97.60 29.19 -24.73
CA GLU Q 581 98.75 28.32 -24.56
C GLU Q 581 99.35 27.90 -25.90
N ASN Q 582 98.49 27.61 -26.88
CA ASN Q 582 98.99 27.10 -28.16
C ASN Q 582 99.88 28.13 -28.85
N THR Q 583 99.49 29.41 -28.79
CA THR Q 583 100.28 30.45 -29.44
C THR Q 583 101.27 31.09 -28.46
N ASP Q 584 101.07 30.87 -27.17
CA ASP Q 584 101.87 31.49 -26.12
C ASP Q 584 101.82 33.01 -26.21
N THR Q 585 100.65 33.55 -26.53
CA THR Q 585 100.45 34.99 -26.65
C THR Q 585 99.28 35.42 -25.77
N TYR Q 586 99.40 36.62 -25.21
CA TYR Q 586 98.27 37.27 -24.56
C TYR Q 586 97.54 38.12 -25.58
N LEU Q 587 96.21 38.08 -25.51
CA LEU Q 587 95.35 39.01 -26.22
C LEU Q 587 94.90 40.04 -25.18
N VAL Q 588 95.16 41.31 -25.46
CA VAL Q 588 94.97 42.38 -24.49
C VAL Q 588 94.02 43.41 -25.08
N ALA Q 589 93.01 43.77 -24.29
CA ALA Q 589 91.99 44.74 -24.71
C ALA Q 589 91.84 45.83 -23.66
N GLY Q 590 91.70 47.06 -24.13
CA GLY Q 590 91.42 48.19 -23.26
C GLY Q 590 89.96 48.59 -23.38
N LEU Q 591 89.33 48.83 -22.24
CA LEU Q 591 87.90 49.09 -22.16
C LEU Q 591 87.66 50.40 -21.42
N THR Q 592 86.74 51.20 -21.96
CA THR Q 592 86.45 52.50 -21.38
C THR Q 592 85.41 52.38 -20.27
N PRO Q 593 85.45 53.27 -19.29
CA PRO Q 593 84.43 53.27 -18.24
C PRO Q 593 83.09 53.78 -18.75
N ARG Q 594 82.04 53.43 -18.02
CA ARG Q 594 80.68 53.79 -18.40
C ARG Q 594 79.94 54.32 -17.18
N TYR Q 595 79.13 55.35 -17.39
CA TYR Q 595 78.27 55.89 -16.35
C TYR Q 595 77.11 54.93 -16.08
N PRO Q 596 76.47 55.05 -14.91
CA PRO Q 596 75.30 54.21 -14.63
C PRO Q 596 74.20 54.44 -15.66
N ARG Q 597 73.47 53.36 -15.96
CA ARG Q 597 72.49 53.40 -17.04
C ARG Q 597 71.38 54.41 -16.76
N GLY Q 598 70.89 54.46 -15.53
CA GLY Q 598 69.80 55.33 -15.17
C GLY Q 598 70.19 56.72 -14.68
N LEU Q 599 71.47 57.08 -14.78
CA LEU Q 599 71.92 58.37 -14.26
C LEU Q 599 71.39 59.51 -15.15
N ASP Q 600 71.35 60.70 -14.57
CA ASP Q 600 70.76 61.86 -15.22
C ASP Q 600 71.57 62.28 -16.44
N THR Q 601 71.03 63.26 -17.16
CA THR Q 601 71.64 63.76 -18.39
C THR Q 601 72.55 64.96 -18.18
N ILE Q 602 72.77 65.38 -16.93
CA ILE Q 602 73.64 66.53 -16.68
C ILE Q 602 75.07 66.19 -17.08
N HIS Q 603 75.50 64.95 -16.85
CA HIS Q 603 76.82 64.52 -17.27
C HIS Q 603 76.85 64.11 -18.74
N THR Q 604 75.69 63.93 -19.36
CA THR Q 604 75.62 63.44 -20.73
C THR Q 604 76.32 64.40 -21.69
N LYS Q 605 77.17 63.83 -22.53
CA LYS Q 605 77.97 64.58 -23.49
C LYS Q 605 78.46 63.56 -24.52
N LYS Q 606 79.41 63.95 -25.35
CA LYS Q 606 80.14 62.96 -26.11
C LYS Q 606 80.82 62.00 -25.13
N PRO Q 607 80.58 60.69 -25.25
CA PRO Q 607 81.00 59.76 -24.19
C PRO Q 607 82.51 59.74 -23.98
N ILE Q 608 82.95 59.05 -22.92
CA ILE Q 608 84.36 59.02 -22.58
C ILE Q 608 85.16 58.45 -23.74
N LEU Q 609 86.26 59.10 -24.06
CA LEU Q 609 87.05 58.82 -25.24
C LEU Q 609 88.05 57.70 -24.96
N ASN Q 610 88.27 56.84 -25.94
CA ASN Q 610 89.22 55.74 -25.79
C ASN Q 610 90.61 56.16 -26.21
N ASN Q 611 91.55 56.17 -25.27
CA ASN Q 611 92.90 56.66 -25.51
C ASN Q 611 93.94 55.53 -25.52
N PHE Q 612 93.52 54.28 -25.73
CA PHE Q 612 94.47 53.17 -25.68
C PHE Q 612 95.25 53.04 -26.99
N SER Q 613 94.66 53.48 -28.10
CA SER Q 613 95.34 53.35 -29.39
C SER Q 613 96.61 54.19 -29.41
N MET Q 614 96.52 55.46 -29.02
CA MET Q 614 97.69 56.33 -29.03
C MET Q 614 98.76 55.85 -28.04
N ALA Q 615 98.34 55.40 -26.86
CA ALA Q 615 99.31 54.89 -25.88
C ALA Q 615 100.02 53.65 -26.40
N PHE Q 616 99.26 52.72 -27.01
CA PHE Q 616 99.87 51.52 -27.55
C PHE Q 616 100.84 51.85 -28.67
N GLN Q 617 100.47 52.77 -29.57
CA GLN Q 617 101.38 53.16 -30.63
C GLN Q 617 102.63 53.83 -30.08
N GLN Q 618 102.47 54.69 -29.07
CA GLN Q 618 103.62 55.36 -28.48
C GLN Q 618 104.58 54.38 -27.83
N ILE Q 619 104.06 53.37 -27.12
CA ILE Q 619 104.94 52.39 -26.50
C ILE Q 619 105.58 51.50 -27.56
N THR Q 620 104.83 51.11 -28.58
CA THR Q 620 105.36 50.22 -29.61
C THR Q 620 106.46 50.89 -30.43
N ALA Q 621 106.30 52.18 -30.72
CA ALA Q 621 107.31 52.87 -31.52
C ALA Q 621 108.64 52.97 -30.79
N GLU Q 622 108.59 53.25 -29.49
CA GLU Q 622 109.82 53.55 -28.75
C GLU Q 622 110.63 52.30 -28.43
N THR Q 623 109.96 51.16 -28.25
CA THR Q 623 110.64 49.94 -27.84
C THR Q 623 110.38 48.82 -28.85
N ASP Q 624 111.33 47.90 -28.94
CA ASP Q 624 111.24 46.78 -29.88
C ASP Q 624 110.48 45.61 -29.26
N ALA Q 625 109.27 45.91 -28.81
CA ALA Q 625 108.39 44.89 -28.25
C ALA Q 625 107.77 44.06 -29.37
N LYS Q 626 107.59 42.76 -29.08
CA LYS Q 626 106.99 41.84 -30.04
C LYS Q 626 105.47 41.87 -29.88
N VAL Q 627 104.88 42.98 -30.31
CA VAL Q 627 103.44 43.20 -30.24
C VAL Q 627 102.88 43.19 -31.66
N ARG Q 628 101.61 42.82 -31.78
CA ARG Q 628 100.88 42.81 -33.03
C ARG Q 628 99.66 43.71 -32.85
N ILE Q 629 99.69 44.86 -33.53
CA ILE Q 629 98.54 45.75 -33.64
C ILE Q 629 98.06 45.72 -35.07
N ASP Q 630 97.14 44.81 -35.39
CA ASP Q 630 96.66 44.62 -36.74
C ASP Q 630 95.16 44.46 -36.86
N ASN Q 631 94.44 44.48 -35.74
CA ASN Q 631 92.99 44.40 -35.79
C ASN Q 631 92.40 45.75 -36.18
N PHE Q 632 91.16 45.71 -36.68
CA PHE Q 632 90.48 46.95 -37.03
C PHE Q 632 90.25 47.81 -35.80
N GLU Q 633 89.87 47.18 -34.68
CA GLU Q 633 89.78 47.88 -33.41
C GLU Q 633 91.18 48.09 -32.86
N SER Q 634 91.58 49.35 -32.72
CA SER Q 634 92.93 49.70 -32.32
C SER Q 634 93.19 49.47 -30.83
N SER Q 635 92.16 49.12 -30.05
CA SER Q 635 92.30 48.87 -28.63
C SER Q 635 92.57 47.41 -28.30
N ILE Q 636 92.74 46.56 -29.30
CA ILE Q 636 92.99 45.13 -29.11
C ILE Q 636 94.34 44.81 -29.73
N ILE Q 637 95.25 44.25 -28.93
CA ILE Q 637 96.58 43.90 -29.40
C ILE Q 637 96.90 42.47 -28.99
N GLU Q 638 97.92 41.90 -29.64
CA GLU Q 638 98.41 40.57 -29.31
C GLU Q 638 99.90 40.68 -28.94
N ILE Q 639 100.21 40.41 -27.68
CA ILE Q 639 101.58 40.59 -27.18
C ILE Q 639 102.13 39.24 -26.72
N ARG Q 640 103.40 38.99 -27.01
CA ARG Q 640 104.01 37.74 -26.59
C ARG Q 640 104.05 37.64 -25.07
N ARG Q 641 104.12 36.40 -24.58
CA ARG Q 641 104.04 36.15 -23.15
C ARG Q 641 105.16 36.85 -22.38
N GLU Q 642 106.37 36.83 -22.94
CA GLU Q 642 107.53 37.36 -22.23
C GLU Q 642 107.44 38.87 -22.05
N ASP Q 643 106.83 39.56 -23.01
CA ASP Q 643 106.84 41.02 -23.02
C ASP Q 643 105.72 41.64 -22.20
N LEU Q 644 104.79 40.85 -21.67
CA LEU Q 644 103.60 41.41 -21.04
C LEU Q 644 103.96 42.22 -19.79
N SER Q 645 104.72 41.63 -18.87
CA SER Q 645 105.03 42.29 -17.61
C SER Q 645 105.84 43.58 -17.79
N PRO Q 646 106.87 43.64 -18.64
CA PRO Q 646 107.55 44.93 -18.84
C PRO Q 646 106.67 45.96 -19.55
N PHE Q 647 106.02 45.56 -20.65
CA PHE Q 647 105.20 46.47 -21.43
C PHE Q 647 104.19 47.21 -20.56
N LEU Q 648 103.44 46.47 -19.74
CA LEU Q 648 102.46 47.11 -18.87
C LEU Q 648 103.11 48.15 -17.97
N GLU Q 649 104.30 47.85 -17.44
CA GLU Q 649 105.01 48.83 -16.63
C GLU Q 649 105.20 50.13 -17.41
N LYS Q 650 105.63 50.03 -18.66
CA LYS Q 650 105.76 51.22 -19.49
C LYS Q 650 104.44 51.95 -19.62
N LEU Q 651 103.35 51.18 -19.82
CA LEU Q 651 102.03 51.78 -19.90
C LEU Q 651 101.71 52.58 -18.64
N THR Q 652 102.16 52.10 -17.48
CA THR Q 652 101.91 52.82 -16.24
C THR Q 652 102.49 54.23 -16.29
N LEU Q 653 103.65 54.39 -16.93
CA LEU Q 653 104.26 55.70 -17.08
C LEU Q 653 103.89 56.39 -18.38
N SER Q 654 103.09 55.74 -19.23
CA SER Q 654 102.77 56.33 -20.53
C SER Q 654 101.89 57.56 -20.38
N GLY Q 655 100.86 57.48 -19.54
CA GLY Q 655 99.91 58.56 -19.39
C GLY Q 655 98.75 58.45 -20.36
N LEU Q 656 97.98 59.53 -20.45
CA LEU Q 656 96.84 59.65 -21.35
C LEU Q 656 95.72 58.68 -20.98
N LEU Q 657 95.87 57.98 -19.86
CA LEU Q 657 94.86 57.02 -19.43
C LEU Q 657 94.19 57.48 -18.13
N PHE R 2 107.70 32.27 -84.66
CA PHE R 2 106.70 32.03 -85.70
C PHE R 2 106.58 33.23 -86.63
N GLY R 3 107.60 33.43 -87.46
CA GLY R 3 107.61 34.51 -88.42
C GLY R 3 108.19 35.80 -87.86
N SER R 4 108.65 36.65 -88.78
CA SER R 4 109.23 37.93 -88.43
C SER R 4 109.26 38.80 -89.69
N GLY R 5 109.83 39.99 -89.56
CA GLY R 5 109.99 40.89 -90.68
C GLY R 5 108.89 41.90 -90.85
N ASN R 6 107.95 41.99 -89.92
CA ASN R 6 106.88 42.98 -90.04
C ASN R 6 107.39 44.37 -89.69
N VAL R 7 106.46 45.34 -89.65
CA VAL R 7 106.85 46.74 -89.52
C VAL R 7 107.49 47.02 -88.16
N LEU R 8 106.77 46.73 -87.07
CA LEU R 8 107.28 46.96 -85.71
C LEU R 8 106.29 46.42 -84.69
N PRO R 9 106.75 46.04 -83.49
CA PRO R 9 105.85 45.50 -82.47
C PRO R 9 105.05 46.58 -81.73
N VAL R 10 103.92 46.99 -82.29
CA VAL R 10 103.05 47.94 -81.61
C VAL R 10 102.58 47.34 -80.29
N LYS R 11 102.48 48.18 -79.26
CA LYS R 11 102.03 47.74 -77.94
C LYS R 11 100.54 48.05 -77.79
N ILE R 12 99.77 47.05 -77.41
CA ILE R 12 98.33 47.19 -77.19
C ILE R 12 97.99 46.53 -75.87
N GLN R 13 96.94 47.01 -75.21
CA GLN R 13 96.53 46.46 -73.93
C GLN R 13 95.81 45.12 -74.14
N PRO R 14 95.97 44.18 -73.21
CA PRO R 14 95.28 42.89 -73.32
C PRO R 14 93.77 43.01 -73.34
N PRO R 15 93.15 44.03 -72.67
CA PRO R 15 91.69 44.20 -72.79
C PRO R 15 91.11 44.05 -74.19
N LEU R 16 91.88 44.42 -75.22
CA LEU R 16 91.42 44.28 -76.60
C LEU R 16 91.89 42.97 -77.23
N LEU R 17 92.51 42.10 -76.44
CA LEU R 17 93.01 40.81 -76.91
C LEU R 17 92.35 39.62 -76.25
N ARG R 18 91.86 39.78 -75.01
CA ARG R 18 91.35 38.64 -74.26
C ARG R 18 90.09 37.97 -74.84
N PRO R 19 89.18 38.65 -75.56
CA PRO R 19 87.98 37.93 -76.03
C PRO R 19 88.29 36.77 -76.97
N LEU R 20 89.20 36.97 -77.93
CA LEU R 20 89.54 35.91 -78.88
C LEU R 20 90.18 34.73 -78.16
N ALA R 21 91.14 35.01 -77.27
CA ALA R 21 91.79 33.95 -76.52
C ALA R 21 90.78 33.20 -75.66
N TYR R 22 89.86 33.93 -75.02
CA TYR R 22 88.84 33.28 -74.22
C TYR R 22 87.98 32.34 -75.06
N ARG R 23 87.44 32.84 -76.19
CA ARG R 23 86.57 31.99 -76.99
C ARG R 23 87.31 30.77 -77.50
N VAL R 24 88.57 30.91 -77.93
CA VAL R 24 89.29 29.77 -78.48
C VAL R 24 89.63 28.76 -77.39
N LEU R 25 90.08 29.24 -76.22
CA LEU R 25 90.60 28.33 -75.21
C LEU R 25 89.56 27.91 -74.18
N SER R 26 89.01 28.88 -73.43
CA SER R 26 88.19 28.56 -72.28
C SER R 26 86.89 27.85 -72.68
N ARG R 27 86.24 28.36 -73.73
CA ARG R 27 84.94 27.81 -74.13
C ARG R 27 85.09 26.39 -74.69
N LYS R 28 85.88 26.25 -75.75
CA LYS R 28 85.92 24.99 -76.49
C LYS R 28 86.75 23.92 -75.79
N TYR R 29 88.05 24.16 -75.61
CA TYR R 29 88.97 23.17 -75.06
C TYR R 29 90.05 23.89 -74.27
N GLY R 30 90.12 23.60 -72.97
CA GLY R 30 91.05 24.26 -72.07
C GLY R 30 90.35 25.36 -71.32
N LEU R 31 91.09 26.01 -70.42
CA LEU R 31 90.53 27.04 -69.56
C LEU R 31 91.61 27.76 -68.75
N SER R 32 91.19 28.68 -67.88
CA SER R 32 92.07 29.36 -66.93
C SER R 32 93.17 30.16 -67.64
N ILE R 33 92.76 31.19 -68.36
CA ILE R 33 93.71 32.20 -68.87
C ILE R 33 93.84 33.24 -67.76
N LYS R 34 94.92 33.13 -67.00
CA LYS R 34 95.16 34.04 -65.89
C LYS R 34 95.55 35.42 -66.41
N SER R 35 95.44 36.43 -65.53
CA SER R 35 95.76 37.80 -65.93
C SER R 35 97.22 37.95 -66.31
N ASP R 36 98.13 37.42 -65.49
CA ASP R 36 99.56 37.50 -65.80
C ASP R 36 99.87 36.70 -67.06
N GLY R 37 99.27 35.52 -67.20
CA GLY R 37 99.45 34.76 -68.42
C GLY R 37 98.90 35.48 -69.64
N LEU R 38 97.76 36.15 -69.48
CA LEU R 38 97.21 36.93 -70.59
C LEU R 38 98.17 38.06 -70.98
N SER R 39 98.74 38.75 -70.00
CA SER R 39 99.71 39.80 -70.31
C SER R 39 100.93 39.22 -71.01
N ALA R 40 101.36 38.03 -70.59
CA ALA R 40 102.48 37.37 -71.25
C ALA R 40 102.17 37.04 -72.70
N LEU R 41 100.97 36.54 -72.97
CA LEU R 41 100.55 36.24 -74.35
C LEU R 41 100.30 37.46 -75.21
N ALA R 42 100.55 38.66 -74.70
CA ALA R 42 100.43 39.87 -75.50
C ALA R 42 101.68 40.15 -76.34
N GLU R 43 102.86 39.86 -75.82
CA GLU R 43 104.13 40.18 -76.48
C GLU R 43 104.32 39.45 -77.79
N PHE R 44 104.10 38.13 -77.82
CA PHE R 44 104.38 37.38 -79.04
C PHE R 44 103.36 37.69 -80.13
N VAL R 45 102.10 37.91 -79.74
CA VAL R 45 101.09 38.29 -80.73
C VAL R 45 101.31 39.73 -81.18
N GLY R 46 101.97 40.55 -80.35
CA GLY R 46 102.34 41.88 -80.78
C GLY R 46 103.62 41.93 -81.60
N THR R 47 104.39 40.84 -81.59
CA THR R 47 105.59 40.79 -82.43
C THR R 47 105.23 40.90 -83.90
N ASN R 48 104.20 40.20 -84.34
CA ASN R 48 103.66 40.32 -85.69
C ASN R 48 102.35 41.09 -85.73
N ILE R 49 102.23 42.15 -84.95
CA ILE R 49 100.95 42.82 -84.73
C ILE R 49 100.46 43.52 -86.00
N GLY R 50 101.38 43.80 -86.93
CA GLY R 50 101.05 44.63 -88.08
C GLY R 50 99.87 44.16 -88.90
N ALA R 51 98.85 45.02 -89.01
CA ALA R 51 97.65 44.74 -89.80
C ALA R 51 96.96 43.46 -89.34
N ASN R 52 96.52 43.46 -88.08
CA ASN R 52 95.86 42.30 -87.49
C ASN R 52 94.70 42.75 -86.61
N TRP R 53 94.02 41.76 -86.03
CA TRP R 53 92.75 41.85 -85.32
C TRP R 53 91.59 42.12 -86.27
N ARG R 54 91.88 42.34 -87.55
CA ARG R 54 90.90 42.26 -88.62
C ARG R 54 91.30 41.25 -89.67
N GLN R 55 92.40 40.53 -89.46
CA GLN R 55 92.92 39.58 -90.43
C GLN R 55 92.14 38.26 -90.36
N GLY R 56 92.64 37.27 -91.09
CA GLY R 56 91.99 35.97 -91.15
C GLY R 56 92.54 34.98 -90.15
N PRO R 57 93.28 33.99 -90.65
CA PRO R 57 93.58 32.81 -89.80
C PRO R 57 94.64 33.04 -88.73
N ALA R 58 95.48 34.08 -88.84
CA ALA R 58 96.74 34.12 -88.10
C ALA R 58 96.54 33.95 -86.59
N THR R 59 95.66 34.76 -85.99
CA THR R 59 95.46 34.71 -84.55
C THR R 59 94.87 33.37 -84.12
N ILE R 60 93.91 32.86 -84.88
CA ILE R 60 93.29 31.59 -84.55
C ILE R 60 94.32 30.46 -84.59
N LYS R 61 95.20 30.48 -85.60
CA LYS R 61 96.25 29.47 -85.69
C LYS R 61 97.24 29.60 -84.55
N PHE R 62 97.55 30.83 -84.13
CA PHE R 62 98.42 31.03 -82.99
C PHE R 62 97.82 30.42 -81.73
N LEU R 63 96.53 30.65 -81.50
CA LEU R 63 95.87 30.08 -80.33
C LEU R 63 95.79 28.56 -80.43
N GLU R 64 95.56 28.04 -81.64
CA GLU R 64 95.59 26.60 -81.88
C GLU R 64 96.95 26.02 -81.51
N GLN R 65 98.02 26.68 -81.91
CA GLN R 65 99.37 26.18 -81.63
C GLN R 65 99.66 26.25 -80.14
N PHE R 66 99.21 27.31 -79.47
CA PHE R 66 99.39 27.38 -78.02
C PHE R 66 98.62 26.25 -77.31
N ALA R 67 97.46 25.87 -77.86
CA ALA R 67 96.72 24.75 -77.28
C ALA R 67 97.44 23.42 -77.51
N ALA R 68 98.24 23.34 -78.58
CA ALA R 68 98.93 22.09 -78.90
C ALA R 68 99.88 21.67 -77.79
N VAL R 69 100.60 22.61 -77.20
CA VAL R 69 101.51 22.29 -76.11
C VAL R 69 100.74 21.74 -74.92
N TRP R 70 99.60 22.36 -74.60
CA TRP R 70 98.86 21.94 -73.42
C TRP R 70 98.13 20.62 -73.62
N LYS R 71 97.81 20.23 -74.86
CA LYS R 71 97.41 18.84 -75.06
C LYS R 71 98.61 17.90 -74.99
N GLN R 72 99.76 18.31 -75.54
CA GLN R 72 100.93 17.44 -75.50
C GLN R 72 101.46 17.29 -74.09
N GLN R 73 101.90 18.39 -73.47
CA GLN R 73 102.39 18.32 -72.10
C GLN R 73 101.22 18.27 -71.13
N GLU R 74 101.44 17.64 -69.97
CA GLU R 74 100.39 17.55 -68.96
C GLU R 74 100.07 18.92 -68.39
N ARG R 75 101.09 19.68 -68.00
CA ARG R 75 100.95 21.04 -67.49
C ARG R 75 99.91 21.12 -66.37
N GLY R 76 98.84 21.87 -66.59
CA GLY R 76 97.82 22.07 -65.57
C GLY R 76 96.62 22.85 -66.08
N LEU R 77 96.13 23.78 -65.26
CA LEU R 77 94.95 24.56 -65.62
C LEU R 77 95.38 26.01 -65.76
N PHE R 78 95.99 26.63 -64.75
CA PHE R 78 96.27 28.05 -64.79
C PHE R 78 97.43 28.35 -65.73
N ILE R 79 97.33 29.46 -66.45
CA ILE R 79 98.36 29.92 -67.37
C ILE R 79 99.15 31.02 -66.68
N ASP R 80 100.45 30.79 -66.49
CA ASP R 80 101.28 31.72 -65.74
C ASP R 80 102.38 32.31 -66.62
N GLN R 81 103.33 33.03 -66.01
CA GLN R 81 104.43 33.66 -66.74
C GLN R 81 105.24 32.67 -67.57
N SER R 82 105.00 31.37 -67.44
CA SER R 82 105.63 30.39 -68.31
C SER R 82 105.10 30.44 -69.73
N GLY R 83 104.02 31.18 -69.98
CA GLY R 83 103.41 31.19 -71.30
C GLY R 83 104.41 31.46 -72.41
N VAL R 84 105.40 32.31 -72.14
CA VAL R 84 106.51 32.49 -73.06
C VAL R 84 107.39 31.25 -73.08
N LYS R 85 107.48 30.54 -71.94
CA LYS R 85 108.34 29.36 -71.91
C LYS R 85 107.81 28.26 -72.81
N GLU R 86 106.48 28.13 -72.94
CA GLU R 86 105.98 27.15 -73.90
C GLU R 86 106.13 27.62 -75.34
N VAL R 87 106.09 28.93 -75.61
CA VAL R 87 106.29 29.36 -76.99
C VAL R 87 107.74 29.17 -77.39
N ILE R 88 108.67 29.22 -76.42
CA ILE R 88 110.05 28.83 -76.71
C ILE R 88 110.10 27.37 -77.15
N GLN R 89 109.34 26.50 -76.49
CA GLN R 89 109.27 25.10 -76.93
C GLN R 89 108.65 24.99 -78.32
N GLU R 90 107.63 25.81 -78.61
CA GLU R 90 107.00 25.75 -79.92
C GLU R 90 107.99 26.14 -81.02
N MET R 91 108.77 27.19 -80.80
CA MET R 91 109.76 27.57 -81.81
C MET R 91 110.91 26.57 -81.86
N LYS R 92 111.15 25.86 -80.75
CA LYS R 92 112.08 24.73 -80.80
C LYS R 92 111.57 23.63 -81.71
N GLU R 93 110.26 23.37 -81.68
CA GLU R 93 109.69 22.29 -82.49
C GLU R 93 109.91 22.55 -83.98
N ARG R 94 109.74 23.79 -84.42
CA ARG R 94 109.95 24.14 -85.81
C ARG R 94 111.41 24.51 -86.07
N ARG R 167 123.50 11.93 -78.99
CA ARG R 167 122.27 11.26 -78.56
C ARG R 167 121.62 11.97 -77.38
N ASP R 168 120.47 11.46 -76.97
CA ASP R 168 119.69 12.05 -75.89
C ASP R 168 118.89 10.95 -75.22
N TYR R 169 118.17 11.30 -74.16
CA TYR R 169 117.21 10.42 -73.50
C TYR R 169 117.93 9.26 -72.80
N PHE R 170 119.21 9.42 -72.49
CA PHE R 170 119.99 8.39 -71.80
C PHE R 170 120.45 8.96 -70.47
N LYS R 171 120.48 8.11 -69.46
CA LYS R 171 120.78 8.57 -68.11
C LYS R 171 121.52 7.48 -67.34
N VAL R 172 122.10 7.86 -66.21
CA VAL R 172 122.73 6.95 -65.27
C VAL R 172 122.05 7.15 -63.92
N ILE R 173 121.43 6.10 -63.41
CA ILE R 173 120.65 6.17 -62.18
C ILE R 173 121.46 5.55 -61.06
N ASN R 174 121.65 6.33 -59.99
CA ASN R 174 122.36 5.86 -58.81
C ASN R 174 121.42 5.06 -57.91
N ALA R 175 121.98 4.54 -56.83
CA ALA R 175 121.16 3.80 -55.87
C ALA R 175 120.20 4.73 -55.14
N SER R 176 120.66 5.94 -54.81
CA SER R 176 119.83 6.83 -53.99
C SER R 176 118.69 7.45 -54.79
N GLN R 177 118.95 7.81 -56.05
CA GLN R 177 117.97 8.51 -56.87
C GLN R 177 116.97 7.57 -57.54
N GLN R 178 117.13 6.25 -57.38
CA GLN R 178 116.21 5.32 -58.00
C GLN R 178 114.85 5.36 -57.30
N GLN R 179 113.79 5.24 -58.09
CA GLN R 179 112.44 5.28 -57.55
C GLN R 179 112.15 4.01 -56.75
N ARG R 180 111.35 4.15 -55.70
CA ARG R 180 111.03 3.03 -54.82
C ARG R 180 109.62 2.52 -55.11
N PHE R 181 109.47 1.20 -55.11
CA PHE R 181 108.19 0.54 -55.37
C PHE R 181 108.03 -0.63 -54.42
N SER R 182 106.93 -0.65 -53.68
CA SER R 182 106.57 -1.78 -52.83
C SER R 182 105.66 -2.72 -53.61
N TYR R 183 105.37 -3.87 -53.01
CA TYR R 183 104.55 -4.90 -53.64
C TYR R 183 103.50 -5.36 -52.65
N ASN R 184 102.24 -5.40 -53.09
CA ASN R 184 101.16 -5.87 -52.22
C ASN R 184 100.76 -7.27 -52.62
N PRO R 185 101.07 -8.29 -51.80
CA PRO R 185 100.68 -9.66 -52.16
C PRO R 185 99.19 -9.86 -52.29
N HIS R 186 98.39 -9.12 -51.53
CA HIS R 186 96.94 -9.25 -51.64
C HIS R 186 96.45 -8.78 -53.01
N LYS R 187 97.11 -7.78 -53.58
CA LYS R 187 96.66 -7.19 -54.83
C LYS R 187 97.49 -7.62 -56.05
N MET R 188 98.59 -8.36 -55.86
CA MET R 188 99.45 -8.78 -56.98
C MET R 188 99.92 -7.59 -57.79
N GLN R 189 100.27 -6.50 -57.11
CA GLN R 189 100.55 -5.26 -57.82
C GLN R 189 101.56 -4.41 -57.07
N PHE R 190 102.24 -3.53 -57.80
CA PHE R 190 103.26 -2.67 -57.21
C PHE R 190 102.67 -1.31 -56.83
N ILE R 191 102.99 -0.87 -55.63
CA ILE R 191 102.43 0.40 -55.10
C ILE R 191 103.58 1.37 -55.00
N PHE R 192 103.33 2.62 -55.30
CA PHE R 192 104.43 3.58 -55.31
C PHE R 192 104.79 3.96 -53.89
N VAL R 193 106.01 4.37 -53.66
CA VAL R 193 106.36 4.87 -52.31
C VAL R 193 106.85 6.29 -52.49
N PRO R 194 106.27 7.34 -51.89
CA PRO R 194 106.84 8.68 -52.03
C PRO R 194 108.23 8.77 -51.43
N ASN R 195 109.11 9.50 -52.11
CA ASN R 195 110.48 9.64 -51.64
C ASN R 195 110.55 10.65 -50.50
N LYS R 196 111.28 10.29 -49.44
CA LYS R 196 111.33 11.14 -48.26
C LYS R 196 112.13 12.42 -48.51
N LYS R 197 113.00 12.41 -49.51
CA LYS R 197 113.84 13.58 -49.78
C LYS R 197 113.01 14.74 -50.31
N GLN R 198 112.05 14.45 -51.19
CA GLN R 198 111.29 15.52 -51.84
C GLN R 198 110.42 16.28 -50.86
N ASN R 199 109.65 15.56 -50.04
CA ASN R 199 108.70 16.19 -49.14
C ASN R 199 109.21 16.36 -47.72
N GLY R 200 109.92 15.37 -47.18
CA GLY R 200 110.49 15.49 -45.86
C GLY R 200 111.56 16.56 -45.78
N LEU R 201 111.67 17.23 -44.63
CA LEU R 201 112.67 18.28 -44.50
C LEU R 201 114.08 17.74 -44.68
N GLY R 202 114.43 16.72 -43.93
CA GLY R 202 115.73 16.06 -44.11
C GLY R 202 116.92 16.98 -43.96
N GLY R 203 116.74 18.09 -43.24
CA GLY R 203 117.84 19.03 -43.09
C GLY R 203 118.95 18.50 -42.20
N ILE R 204 118.59 17.61 -41.28
CA ILE R 204 119.54 17.06 -40.32
C ILE R 204 119.66 15.54 -40.42
N ALA R 205 118.55 14.83 -40.56
CA ALA R 205 118.58 13.37 -40.70
C ALA R 205 117.33 12.93 -41.45
N GLY R 206 117.47 12.66 -42.74
CA GLY R 206 116.35 12.23 -43.54
C GLY R 206 116.65 11.00 -44.36
N PHE R 207 117.92 10.62 -44.43
CA PHE R 207 118.30 9.42 -45.15
C PHE R 207 118.07 8.18 -44.30
N LEU R 208 118.06 8.36 -42.98
CA LEU R 208 117.95 7.27 -42.02
C LEU R 208 116.61 6.55 -42.17
N PRO R 209 116.62 5.22 -42.25
CA PRO R 209 115.36 4.49 -42.42
C PRO R 209 114.53 4.45 -41.15
N ASP R 210 113.41 3.74 -41.20
CA ASP R 210 112.58 3.50 -40.02
C ASP R 210 112.57 2.01 -39.72
N ILE R 211 112.31 1.67 -38.46
CA ILE R 211 112.44 0.29 -38.00
C ILE R 211 111.50 -0.66 -38.73
N GLU R 212 110.36 -0.16 -39.22
CA GLU R 212 109.40 -1.04 -39.87
C GLU R 212 109.96 -1.69 -41.13
N ASP R 213 110.97 -1.08 -41.76
CA ASP R 213 111.58 -1.67 -42.95
C ASP R 213 112.35 -2.94 -42.61
N LYS R 214 112.95 -2.98 -41.40
CA LYS R 214 113.67 -4.17 -40.99
C LYS R 214 112.74 -5.38 -40.87
N VAL R 215 111.47 -5.13 -40.57
CA VAL R 215 110.51 -6.21 -40.42
C VAL R 215 109.99 -6.73 -41.75
N GLN R 216 110.08 -5.92 -42.82
CA GLN R 216 109.53 -6.30 -44.11
C GLN R 216 110.61 -6.56 -45.16
N MET R 217 111.88 -6.39 -44.79
CA MET R 217 112.97 -6.54 -45.74
C MET R 217 112.93 -7.90 -46.44
N PHE R 218 112.86 -8.99 -45.68
CA PHE R 218 112.82 -10.33 -46.26
C PHE R 218 111.43 -10.76 -46.67
N LEU R 219 110.38 -10.20 -46.06
CA LEU R 219 109.02 -10.48 -46.50
C LEU R 219 108.81 -10.03 -47.93
N THR R 220 109.36 -8.86 -48.28
CA THR R 220 109.28 -8.41 -49.67
C THR R 220 109.97 -9.35 -50.64
N ARG R 221 111.14 -9.87 -50.29
CA ARG R 221 111.81 -10.85 -51.14
C ARG R 221 110.99 -12.12 -51.30
N TYR R 222 110.46 -12.62 -50.19
CA TYR R 222 109.66 -13.85 -50.24
C TYR R 222 108.43 -13.66 -51.11
N TYR R 223 107.75 -12.52 -51.02
CA TYR R 223 106.55 -12.30 -51.82
C TYR R 223 106.88 -12.29 -53.31
N LEU R 224 107.92 -11.56 -53.70
CA LEU R 224 108.30 -11.52 -55.11
C LEU R 224 108.67 -12.91 -55.63
N THR R 225 109.46 -13.67 -54.87
CA THR R 225 109.87 -14.98 -55.38
C THR R 225 108.70 -15.97 -55.41
N ASN R 226 107.81 -15.90 -54.40
CA ASN R 226 106.70 -16.85 -54.35
C ASN R 226 105.68 -16.57 -55.45
N ASP R 227 105.45 -15.30 -55.77
CA ASP R 227 104.57 -14.99 -56.89
C ASP R 227 105.09 -15.63 -58.16
N ARG R 228 106.39 -15.48 -58.44
CA ARG R 228 106.97 -16.06 -59.64
C ARG R 228 106.89 -17.57 -59.62
N VAL R 229 107.15 -18.19 -58.46
CA VAL R 229 107.08 -19.65 -58.38
C VAL R 229 105.66 -20.15 -58.64
N MET R 230 104.66 -19.47 -58.08
CA MET R 230 103.28 -19.88 -58.24
C MET R 230 102.72 -19.56 -59.62
N ARG R 231 103.35 -18.67 -60.39
CA ARG R 231 102.93 -18.43 -61.76
C ARG R 231 103.70 -19.26 -62.79
N ASN R 232 104.58 -20.15 -62.36
CA ASN R 232 105.30 -20.98 -63.31
C ASN R 232 104.35 -21.98 -63.97
N GLU R 233 104.78 -22.48 -65.14
CA GLU R 233 103.94 -23.41 -65.90
C GLU R 233 103.90 -24.78 -65.23
N ASN R 234 105.06 -25.27 -64.78
CA ASN R 234 105.12 -26.64 -64.24
C ASN R 234 104.28 -26.76 -62.97
N PHE R 235 104.35 -25.78 -62.08
CA PHE R 235 103.56 -25.83 -60.87
C PHE R 235 102.15 -25.30 -61.12
N GLN R 236 101.18 -25.99 -60.53
CA GLN R 236 99.78 -25.62 -60.70
C GLN R 236 98.96 -25.96 -59.45
N MET R 266 102.97 -31.13 -57.53
CA MET R 266 102.47 -30.67 -56.25
C MET R 266 102.61 -29.16 -56.11
N SER R 267 101.68 -28.54 -55.39
CA SER R 267 101.75 -27.11 -55.14
C SER R 267 102.47 -26.84 -53.82
N ILE R 268 102.94 -25.59 -53.68
CA ILE R 268 103.68 -25.20 -52.48
C ILE R 268 102.72 -25.00 -51.32
N THR R 269 103.03 -25.62 -50.19
CA THR R 269 102.17 -25.61 -49.02
C THR R 269 102.83 -24.81 -47.90
N PRO R 270 102.09 -23.97 -47.18
CA PRO R 270 102.68 -23.29 -46.01
C PRO R 270 103.16 -24.27 -44.97
N ILE R 271 104.20 -23.89 -44.24
CA ILE R 271 104.88 -24.82 -43.34
C ILE R 271 103.97 -25.23 -42.19
N LYS R 272 103.25 -24.26 -41.59
CA LYS R 272 102.41 -24.59 -40.44
C LYS R 272 101.27 -25.54 -40.80
N ASN R 273 100.96 -25.70 -42.09
CA ASN R 273 99.98 -26.71 -42.49
C ASN R 273 100.50 -28.13 -42.31
N LEU R 274 101.70 -28.30 -41.74
CA LEU R 274 102.31 -29.60 -41.54
C LEU R 274 102.29 -30.03 -40.08
N LEU R 275 101.59 -29.31 -39.21
CA LEU R 275 101.72 -29.53 -37.77
C LEU R 275 100.94 -30.73 -37.26
N GLY R 276 100.04 -31.28 -38.06
CA GLY R 276 99.27 -32.43 -37.62
C GLY R 276 99.47 -33.65 -38.49
N ARG R 277 100.07 -33.46 -39.66
CA ARG R 277 100.29 -34.55 -40.59
C ARG R 277 101.42 -35.44 -40.11
N ASP R 278 101.27 -36.75 -40.33
CA ASP R 278 102.29 -37.72 -39.97
C ASP R 278 102.91 -38.40 -41.19
N ALA R 279 102.43 -38.08 -42.39
CA ALA R 279 102.87 -38.74 -43.61
C ALA R 279 102.76 -37.79 -44.80
N GLN R 280 102.74 -38.34 -46.01
CA GLN R 280 102.48 -37.62 -47.26
C GLN R 280 103.70 -36.83 -47.70
N ASN R 281 103.54 -36.05 -48.76
CA ASN R 281 104.63 -35.27 -49.33
C ASN R 281 104.21 -33.81 -49.38
N PHE R 282 105.21 -32.93 -49.33
CA PHE R 282 104.95 -31.50 -49.34
C PHE R 282 106.06 -30.80 -50.11
N LEU R 283 105.71 -29.67 -50.72
CA LEU R 283 106.64 -28.84 -51.47
C LEU R 283 106.80 -27.53 -50.72
N LEU R 284 107.91 -27.37 -50.01
CA LEU R 284 108.14 -26.24 -49.13
C LEU R 284 109.10 -25.25 -49.81
N LEU R 285 108.76 -23.97 -49.75
CA LEU R 285 109.60 -22.90 -50.27
C LEU R 285 109.91 -21.92 -49.15
N GLY R 286 111.19 -21.63 -48.93
CA GLY R 286 111.54 -20.68 -47.90
C GLY R 286 113.03 -20.47 -47.77
N LEU R 287 113.38 -19.54 -46.88
CA LEU R 287 114.77 -19.26 -46.56
C LEU R 287 115.44 -20.49 -45.94
N LEU R 288 116.65 -20.78 -46.42
CA LEU R 288 117.50 -21.78 -45.81
C LEU R 288 118.48 -21.07 -44.87
N ASN R 289 118.50 -21.49 -43.60
CA ASN R 289 119.36 -20.83 -42.64
C ASN R 289 119.69 -21.79 -41.51
N LYS R 290 120.30 -21.25 -40.47
CA LYS R 290 120.61 -22.01 -39.26
C LYS R 290 119.87 -21.43 -38.07
N ASN R 291 119.24 -22.30 -37.30
CA ASN R 291 118.48 -21.90 -36.12
C ASN R 291 119.46 -21.41 -35.04
N PHE R 292 118.92 -20.81 -33.99
CA PHE R 292 119.80 -20.35 -32.91
C PHE R 292 120.42 -21.52 -32.16
N LYS R 293 119.94 -22.73 -32.39
CA LYS R 293 120.53 -23.93 -31.82
C LYS R 293 121.64 -24.52 -32.69
N GLY R 294 121.81 -24.00 -33.91
CA GLY R 294 122.85 -24.48 -34.79
C GLY R 294 122.41 -25.55 -35.78
N ASN R 295 121.12 -25.77 -35.94
CA ASN R 295 120.60 -26.79 -36.84
C ASN R 295 120.06 -26.16 -38.11
N TRP R 296 120.21 -26.85 -39.24
CA TRP R 296 119.71 -26.33 -40.51
C TRP R 296 118.19 -26.29 -40.50
N SER R 297 117.65 -25.20 -41.03
CA SER R 297 116.21 -24.98 -40.95
C SER R 297 115.73 -24.19 -42.15
N LEU R 298 114.42 -24.28 -42.39
CA LEU R 298 113.73 -23.57 -43.45
C LEU R 298 112.67 -22.67 -42.83
N GLU R 299 112.53 -21.47 -43.37
CA GLU R 299 111.64 -20.46 -42.77
C GLU R 299 110.81 -19.78 -43.85
N ASP R 300 109.51 -19.65 -43.58
CA ASP R 300 108.57 -18.93 -44.41
C ASP R 300 107.77 -17.99 -43.51
N PRO R 301 107.07 -17.00 -44.09
CA PRO R 301 106.31 -16.06 -43.24
C PRO R 301 105.35 -16.75 -42.29
N SER R 302 104.88 -17.95 -42.62
CA SER R 302 103.99 -18.67 -41.71
C SER R 302 104.75 -19.19 -40.49
N GLY R 303 105.95 -19.72 -40.67
CA GLY R 303 106.66 -20.32 -39.55
C GLY R 303 108.03 -20.82 -39.97
N SER R 304 108.49 -21.86 -39.27
CA SER R 304 109.81 -22.44 -39.51
C SER R 304 109.80 -23.91 -39.17
N VAL R 305 110.78 -24.64 -39.72
CA VAL R 305 110.90 -26.08 -39.50
C VAL R 305 112.37 -26.47 -39.63
N GLU R 306 112.77 -27.50 -38.90
CA GLU R 306 114.11 -28.05 -39.02
C GLU R 306 114.20 -28.95 -40.23
N ILE R 307 115.42 -29.10 -40.76
CA ILE R 307 115.66 -29.79 -42.02
C ILE R 307 116.73 -30.84 -41.82
N ASP R 308 116.53 -32.02 -42.41
CA ASP R 308 117.50 -33.11 -42.36
C ASP R 308 118.12 -33.29 -43.74
N ILE R 309 119.45 -33.22 -43.80
CA ILE R 309 120.20 -33.33 -45.05
C ILE R 309 120.91 -34.68 -45.17
N SER R 310 120.68 -35.59 -44.23
CA SER R 310 121.46 -36.82 -44.17
C SER R 310 121.33 -37.68 -45.42
N GLN R 311 120.21 -37.57 -46.13
CA GLN R 311 119.98 -38.38 -47.33
C GLN R 311 119.39 -37.53 -48.44
N THR R 312 119.94 -36.33 -48.63
CA THR R 312 119.47 -35.41 -49.66
C THR R 312 120.29 -35.56 -50.94
N ILE R 313 119.58 -35.53 -52.06
CA ILE R 313 120.19 -35.59 -53.38
C ILE R 313 119.89 -34.27 -54.10
N PRO R 314 120.81 -33.33 -54.09
CA PRO R 314 120.54 -32.02 -54.69
C PRO R 314 120.64 -32.05 -56.20
N THR R 315 120.02 -31.06 -56.82
CA THR R 315 120.09 -30.89 -58.27
C THR R 315 121.34 -30.10 -58.63
N GLN R 316 122.32 -30.76 -59.22
CA GLN R 316 123.58 -30.10 -59.57
C GLN R 316 123.36 -29.06 -60.66
N GLY R 317 124.13 -27.99 -60.60
CA GLY R 317 124.06 -26.96 -61.62
C GLY R 317 123.98 -25.55 -61.06
N HIS R 318 123.95 -25.42 -59.74
CA HIS R 318 123.85 -24.11 -59.10
C HIS R 318 124.41 -24.23 -57.69
N TYR R 319 124.29 -23.14 -56.92
CA TYR R 319 124.91 -23.01 -55.61
C TYR R 319 123.83 -22.99 -54.53
N TYR R 320 124.12 -23.64 -53.41
CA TYR R 320 123.20 -23.73 -52.28
C TYR R 320 123.86 -23.06 -51.08
N VAL R 321 123.67 -21.75 -50.97
CA VAL R 321 124.28 -20.96 -49.91
C VAL R 321 123.19 -20.53 -48.94
N PRO R 322 123.46 -20.50 -47.64
CA PRO R 322 122.44 -20.01 -46.68
C PRO R 322 122.03 -18.58 -47.00
N GLY R 323 120.74 -18.30 -46.82
CA GLY R 323 120.20 -16.99 -47.08
C GLY R 323 119.48 -16.83 -48.40
N CYS R 324 119.06 -17.91 -49.03
CA CYS R 324 118.42 -17.87 -50.34
C CYS R 324 117.22 -18.79 -50.36
N MET R 325 116.26 -18.47 -51.24
CA MET R 325 115.05 -19.27 -51.38
C MET R 325 115.39 -20.61 -52.02
N VAL R 326 114.78 -21.68 -51.53
CA VAL R 326 115.03 -23.03 -52.02
C VAL R 326 113.71 -23.78 -52.13
N LEU R 327 113.52 -24.50 -53.23
CA LEU R 327 112.41 -25.44 -53.35
C LEU R 327 112.84 -26.79 -52.83
N VAL R 328 112.05 -27.38 -51.93
CA VAL R 328 112.43 -28.62 -51.27
C VAL R 328 111.23 -29.56 -51.25
N GLU R 329 111.53 -30.87 -51.18
CA GLU R 329 110.53 -31.92 -51.18
C GLU R 329 110.93 -33.00 -50.19
N GLY R 330 109.94 -33.55 -49.49
CA GLY R 330 110.21 -34.61 -48.53
C GLY R 330 109.00 -35.10 -47.76
N ILE R 331 109.23 -35.57 -46.53
CA ILE R 331 108.17 -36.10 -45.68
C ILE R 331 108.37 -35.57 -44.27
N TYR R 332 107.28 -35.22 -43.61
CA TYR R 332 107.31 -34.63 -42.28
C TYR R 332 107.02 -35.70 -41.24
N TYR R 333 107.83 -35.73 -40.18
CA TYR R 333 107.66 -36.70 -39.10
C TYR R 333 107.26 -35.98 -37.83
N SER R 334 106.14 -36.39 -37.23
CA SER R 334 105.62 -35.74 -36.05
C SER R 334 106.13 -36.35 -34.74
N VAL R 335 106.88 -37.45 -34.79
CA VAL R 335 107.50 -37.97 -33.58
C VAL R 335 108.46 -36.94 -33.00
N GLY R 336 109.22 -36.27 -33.87
CA GLY R 336 109.89 -35.03 -33.52
C GLY R 336 109.26 -33.91 -34.31
N ASN R 337 110.08 -32.96 -34.78
CA ASN R 337 109.63 -31.95 -35.73
C ASN R 337 110.71 -31.85 -36.79
N LYS R 338 110.62 -32.71 -37.81
CA LYS R 338 111.64 -32.80 -38.84
C LYS R 338 111.04 -33.09 -40.20
N PHE R 339 111.53 -32.36 -41.20
CA PHE R 339 111.16 -32.57 -42.59
C PHE R 339 112.32 -33.27 -43.30
N HIS R 340 112.21 -34.58 -43.46
CA HIS R 340 113.28 -35.37 -44.06
C HIS R 340 113.28 -35.12 -45.56
N VAL R 341 114.35 -34.47 -46.03
CA VAL R 341 114.42 -34.03 -47.43
C VAL R 341 114.85 -35.17 -48.33
N THR R 342 114.24 -35.25 -49.51
CA THR R 342 114.65 -36.18 -50.54
C THR R 342 115.07 -35.51 -51.84
N SER R 343 114.78 -34.22 -52.03
CA SER R 343 115.15 -33.50 -53.24
C SER R 343 115.31 -32.02 -52.92
N MET R 344 116.19 -31.34 -53.65
CA MET R 344 116.44 -29.92 -53.43
C MET R 344 116.76 -29.26 -54.76
N THR R 345 116.24 -28.07 -54.97
CA THR R 345 116.42 -27.32 -56.21
C THR R 345 116.34 -25.84 -55.86
N LEU R 346 116.33 -24.98 -56.88
CA LEU R 346 116.17 -23.55 -56.72
C LEU R 346 114.99 -23.09 -57.57
N PRO R 347 114.32 -22.00 -57.20
CA PRO R 347 113.18 -21.53 -57.97
C PRO R 347 113.57 -21.23 -59.41
N PRO R 348 112.71 -21.55 -60.37
CA PRO R 348 113.02 -21.27 -61.78
C PRO R 348 113.07 -19.78 -62.06
N GLY R 349 113.82 -19.42 -63.10
CA GLY R 349 113.95 -18.06 -63.54
C GLY R 349 112.91 -17.70 -64.60
N GLU R 350 112.65 -16.40 -64.70
CA GLU R 350 111.66 -15.88 -65.62
C GLU R 350 112.27 -14.78 -66.49
N ARG R 351 111.99 -14.86 -67.79
CA ARG R 351 112.46 -13.87 -68.74
C ARG R 351 111.72 -12.55 -68.54
N ARG R 352 112.35 -11.45 -68.96
CA ARG R 352 111.74 -10.15 -68.72
C ARG R 352 110.56 -9.88 -69.65
N GLU R 353 110.52 -10.50 -70.83
CA GLU R 353 109.39 -10.27 -71.72
C GLU R 353 108.09 -10.84 -71.13
N ILE R 354 108.18 -12.01 -70.48
CA ILE R 354 106.99 -12.56 -69.84
C ILE R 354 106.74 -11.92 -68.48
N THR R 355 107.77 -11.35 -67.86
CA THR R 355 107.62 -10.65 -66.58
C THR R 355 106.96 -9.30 -66.74
N LEU R 356 107.27 -8.58 -67.83
CA LEU R 356 106.72 -7.25 -68.03
C LEU R 356 105.20 -7.29 -68.18
N GLU R 357 104.69 -8.28 -68.92
CA GLU R 357 103.26 -8.35 -69.17
C GLU R 357 102.47 -8.47 -67.87
N THR R 358 102.99 -9.23 -66.91
CA THR R 358 102.33 -9.34 -65.62
C THR R 358 102.30 -8.00 -64.90
N ILE R 359 103.38 -7.23 -64.98
CA ILE R 359 103.48 -5.95 -64.29
C ILE R 359 102.97 -4.84 -65.19
N GLY R 360 102.46 -5.21 -66.37
CA GLY R 360 101.91 -4.22 -67.28
C GLY R 360 103.00 -3.60 -68.14
N ASN R 361 103.14 -2.29 -68.04
CA ASN R 361 104.22 -1.56 -68.71
C ASN R 361 104.79 -0.49 -67.80
N LEU R 362 104.96 -0.83 -66.52
CA LEU R 362 105.44 0.14 -65.55
C LEU R 362 106.83 0.65 -65.91
N ASP R 363 106.99 1.97 -65.85
CA ASP R 363 108.27 2.62 -66.12
C ASP R 363 109.06 2.64 -64.83
N LEU R 364 109.56 1.47 -64.42
CA LEU R 364 110.34 1.35 -63.19
C LEU R 364 111.56 2.25 -63.25
N LEU R 365 112.45 1.99 -64.20
CA LEU R 365 113.52 2.92 -64.55
C LEU R 365 113.00 3.92 -65.59
N GLY R 366 111.99 4.67 -65.17
CA GLY R 366 111.21 5.46 -66.10
C GLY R 366 111.96 6.59 -66.77
N ILE R 367 112.27 6.40 -68.04
CA ILE R 367 112.87 7.49 -68.81
C ILE R 367 111.80 8.18 -69.64
N HIS R 368 110.70 7.47 -69.93
CA HIS R 368 109.57 8.09 -70.61
C HIS R 368 109.01 9.25 -69.80
N GLY R 369 108.89 9.06 -68.48
CA GLY R 369 108.41 10.10 -67.59
C GLY R 369 108.65 9.71 -66.14
N ILE R 370 107.87 10.27 -65.23
CA ILE R 370 108.00 9.95 -63.82
C ILE R 370 106.62 9.62 -63.26
N SER R 371 106.58 8.97 -62.09
CA SER R 371 105.34 8.58 -61.45
C SER R 371 105.31 9.13 -60.03
N ASN R 372 104.10 9.44 -59.58
CA ASN R 372 103.85 9.97 -58.26
C ASN R 372 102.79 9.13 -57.57
N ASN R 373 102.34 9.60 -56.40
CA ASN R 373 101.34 8.85 -55.64
C ASN R 373 99.99 8.80 -56.33
N ASN R 374 99.75 9.69 -57.30
CA ASN R 374 98.44 9.73 -57.96
C ASN R 374 98.35 8.65 -59.03
N PHE R 375 99.18 8.75 -60.06
CA PHE R 375 99.07 7.88 -61.23
C PHE R 375 100.44 7.34 -61.61
N ILE R 376 100.42 6.25 -62.39
CA ILE R 376 101.62 5.59 -62.88
C ILE R 376 101.72 5.80 -64.39
N ALA R 377 102.84 5.38 -64.98
CA ALA R 377 103.08 5.64 -66.39
C ALA R 377 103.35 4.34 -67.12
N ARG R 378 102.81 4.24 -68.34
CA ARG R 378 103.04 3.10 -69.21
C ARG R 378 103.17 3.62 -70.64
N LEU R 379 103.89 2.85 -71.46
CA LEU R 379 104.15 3.24 -72.84
C LEU R 379 104.59 2.03 -73.64
N ASP R 380 103.96 1.83 -74.80
CA ASP R 380 104.24 0.66 -75.62
C ASP R 380 104.62 1.02 -77.05
N LYS R 381 103.97 2.04 -77.62
CA LYS R 381 104.16 2.33 -79.03
C LYS R 381 105.55 2.88 -79.32
N ASP R 382 106.12 3.62 -78.37
CA ASP R 382 107.44 4.21 -78.59
C ASP R 382 108.53 3.14 -78.57
N LEU R 383 108.27 2.00 -77.93
CA LEU R 383 109.28 0.96 -77.81
C LEU R 383 109.67 0.41 -79.18
N LYS R 384 108.69 0.23 -80.07
CA LYS R 384 108.98 -0.29 -81.40
C LYS R 384 109.87 0.68 -82.18
N ILE R 385 109.54 1.96 -82.16
CA ILE R 385 110.33 2.92 -82.94
C ILE R 385 111.70 3.09 -82.33
N ARG R 386 111.83 2.95 -81.01
CA ARG R 386 113.16 3.14 -80.43
C ARG R 386 114.01 1.88 -80.53
N LEU R 387 113.39 0.71 -80.64
CA LEU R 387 114.12 -0.47 -81.08
C LEU R 387 114.58 -0.29 -82.53
N HIS R 388 113.76 0.33 -83.36
CA HIS R 388 114.18 0.67 -84.72
C HIS R 388 115.40 1.60 -84.70
N LEU R 389 115.36 2.62 -83.84
CA LEU R 389 116.47 3.56 -83.75
C LEU R 389 117.73 2.90 -83.19
N LEU R 390 117.57 1.97 -82.25
CA LEU R 390 118.74 1.25 -81.72
C LEU R 390 119.52 0.58 -82.83
N GLU R 391 118.81 0.03 -83.82
CA GLU R 391 119.43 -0.68 -84.93
C GLU R 391 119.50 0.16 -86.20
N LYS R 392 119.21 1.46 -86.12
CA LYS R 392 119.22 2.34 -87.28
C LYS R 392 120.65 2.82 -87.55
N GLU R 393 121.51 1.84 -87.88
CA GLU R 393 122.89 2.10 -88.29
C GLU R 393 123.63 2.95 -87.26
N LEU R 394 123.38 2.68 -85.98
CA LEU R 394 124.07 3.37 -84.89
C LEU R 394 125.17 2.52 -84.28
N THR R 395 125.86 1.71 -85.08
CA THR R 395 126.96 0.91 -84.58
C THR R 395 128.18 1.74 -84.20
N ASP R 396 128.18 3.04 -84.56
CA ASP R 396 129.31 3.89 -84.19
C ASP R 396 129.41 4.07 -82.68
N HIS R 397 128.28 3.96 -81.97
CA HIS R 397 128.31 4.06 -80.52
C HIS R 397 129.17 2.94 -79.93
N LYS R 398 130.02 3.32 -78.98
CA LYS R 398 131.07 2.44 -78.48
C LYS R 398 131.43 2.86 -77.07
N PHE R 399 131.01 2.08 -76.08
CA PHE R 399 131.36 2.37 -74.69
C PHE R 399 132.11 1.20 -74.09
N VAL R 400 133.09 1.52 -73.24
CA VAL R 400 134.14 0.60 -72.84
C VAL R 400 134.20 0.52 -71.33
N ILE R 401 134.27 -0.70 -70.81
CA ILE R 401 134.45 -0.98 -69.39
C ILE R 401 135.90 -1.43 -69.20
N LEU R 402 136.64 -0.72 -68.35
CA LEU R 402 138.01 -1.11 -68.09
C LEU R 402 138.07 -2.30 -67.14
N GLY R 403 139.24 -2.92 -67.08
CA GLY R 403 139.46 -3.97 -66.11
C GLY R 403 139.35 -3.44 -64.69
N ALA R 404 138.66 -4.18 -63.84
CA ALA R 404 138.41 -3.72 -62.49
C ALA R 404 139.68 -3.74 -61.65
N ASN R 405 139.63 -3.02 -60.52
CA ASN R 405 140.71 -2.97 -59.55
C ASN R 405 142.00 -2.42 -60.16
N LEU R 406 141.97 -1.16 -60.58
CA LEU R 406 143.16 -0.48 -61.10
C LEU R 406 143.68 0.46 -60.02
N PHE R 407 144.98 0.39 -59.74
CA PHE R 407 145.58 1.12 -58.64
C PHE R 407 146.26 2.38 -59.16
N LEU R 408 145.86 3.54 -58.63
CA LEU R 408 146.45 4.80 -59.05
C LEU R 408 147.81 5.03 -58.42
N ASP R 409 148.03 4.53 -57.21
CA ASP R 409 149.29 4.77 -56.52
C ASP R 409 150.45 4.04 -57.21
N ASP R 410 150.18 2.88 -57.79
CA ASP R 410 151.20 2.17 -58.54
C ASP R 410 151.57 2.95 -59.80
N LEU R 411 152.85 2.87 -60.18
CA LEU R 411 153.34 3.64 -61.32
C LEU R 411 153.12 2.88 -62.63
N LYS R 412 153.35 1.56 -62.61
CA LYS R 412 153.18 0.76 -63.82
C LYS R 412 151.74 0.81 -64.30
N ILE R 413 150.79 0.77 -63.36
CA ILE R 413 149.37 0.88 -63.73
C ILE R 413 149.09 2.21 -64.41
N MET R 414 149.67 3.30 -63.88
CA MET R 414 149.46 4.61 -64.48
C MET R 414 150.05 4.66 -65.89
N THR R 415 151.24 4.09 -66.08
CA THR R 415 151.84 4.07 -67.41
C THR R 415 150.99 3.26 -68.38
N ALA R 416 150.49 2.11 -67.94
CA ALA R 416 149.62 1.29 -68.80
C ALA R 416 148.33 2.03 -69.15
N LEU R 417 147.76 2.74 -68.18
CA LEU R 417 146.56 3.54 -68.45
C LEU R 417 146.85 4.66 -69.45
N SER R 418 148.03 5.29 -69.35
CA SER R 418 148.40 6.29 -70.34
C SER R 418 148.51 5.67 -71.73
N LYS R 419 149.16 4.51 -71.85
CA LYS R 419 149.24 3.83 -73.14
C LYS R 419 147.87 3.46 -73.68
N ILE R 420 146.95 3.05 -72.82
CA ILE R 420 145.59 2.69 -73.26
C ILE R 420 144.82 3.92 -73.73
N LEU R 421 144.88 5.01 -72.96
CA LEU R 421 144.22 6.25 -73.38
C LEU R 421 144.84 6.80 -74.66
N GLN R 422 146.10 6.48 -74.93
CA GLN R 422 146.71 6.86 -76.21
C GLN R 422 145.89 6.33 -77.38
N LYS R 423 145.49 5.05 -77.32
CA LYS R 423 144.67 4.49 -78.38
C LYS R 423 143.23 4.94 -78.27
N LEU R 424 142.71 5.10 -77.05
CA LEU R 424 141.33 5.55 -76.88
C LEU R 424 141.12 6.96 -77.46
N ASN R 425 142.18 7.76 -77.52
CA ASN R 425 142.06 9.10 -78.07
C ASN R 425 141.70 9.06 -79.55
N ASP R 426 142.23 8.07 -80.29
CA ASP R 426 141.99 7.97 -81.72
C ASP R 426 140.51 7.87 -82.05
N ASP R 427 139.82 6.92 -81.42
CA ASP R 427 138.37 6.78 -81.57
C ASP R 427 137.73 6.92 -80.19
N PRO R 428 137.21 8.09 -79.85
CA PRO R 428 136.70 8.31 -78.49
C PRO R 428 135.51 7.44 -78.19
N PRO R 429 135.54 6.68 -77.10
CA PRO R 429 134.38 5.88 -76.71
C PRO R 429 133.19 6.76 -76.37
N THR R 430 132.00 6.21 -76.60
CA THR R 430 130.77 6.91 -76.22
C THR R 430 130.70 7.10 -74.71
N LEU R 431 130.96 6.03 -73.95
CA LEU R 431 131.08 6.08 -72.51
C LEU R 431 132.33 5.32 -72.11
N LEU R 432 132.97 5.77 -71.03
CA LEU R 432 134.17 5.12 -70.50
C LEU R 432 133.95 4.92 -69.01
N ILE R 433 133.89 3.66 -68.57
CA ILE R 433 133.57 3.35 -67.18
C ILE R 433 134.84 2.94 -66.46
N TRP R 434 135.32 3.81 -65.57
CA TRP R 434 136.44 3.50 -64.69
C TRP R 434 135.89 2.87 -63.42
N GLN R 435 136.30 1.63 -63.15
CA GLN R 435 135.72 0.81 -62.10
C GLN R 435 136.84 0.29 -61.21
N GLY R 436 136.47 -0.29 -60.07
CA GLY R 436 137.40 -0.91 -59.16
C GLY R 436 137.90 0.07 -58.10
N SER R 437 138.62 -0.49 -57.13
CA SER R 437 139.20 0.34 -56.08
C SER R 437 140.31 1.20 -56.63
N PHE R 438 140.27 2.49 -56.31
CA PHE R 438 141.26 3.45 -56.80
C PHE R 438 142.47 3.56 -55.89
N THR R 439 142.52 2.78 -54.82
CA THR R 439 143.66 2.77 -53.91
C THR R 439 144.03 1.33 -53.60
N SER R 440 145.34 1.09 -53.44
CA SER R 440 145.84 -0.23 -53.12
C SER R 440 145.86 -0.52 -51.63
N VAL R 441 145.57 0.45 -50.78
CA VAL R 441 145.52 0.27 -49.34
C VAL R 441 144.28 0.99 -48.80
N PRO R 442 143.54 0.40 -47.86
CA PRO R 442 142.43 1.13 -47.23
C PRO R 442 142.92 2.41 -46.58
N VAL R 443 142.11 3.45 -46.67
CA VAL R 443 142.42 4.75 -46.09
C VAL R 443 141.59 4.92 -44.81
N PHE R 444 142.28 5.04 -43.68
CA PHE R 444 141.62 5.22 -42.38
C PHE R 444 142.21 6.40 -41.63
N ALA R 445 141.86 6.52 -40.35
CA ALA R 445 142.10 7.76 -39.60
C ALA R 445 143.58 8.14 -39.57
N SER R 446 144.47 7.14 -39.64
CA SER R 446 145.90 7.38 -39.76
C SER R 446 146.44 8.26 -38.63
N MET R 447 146.47 7.73 -37.41
CA MET R 447 146.85 8.52 -36.24
C MET R 447 148.23 9.12 -36.38
N SER R 448 149.14 8.44 -37.07
CA SER R 448 150.49 8.96 -37.22
C SER R 448 150.51 10.09 -38.24
N SER R 449 150.97 11.28 -37.81
CA SER R 449 151.05 12.46 -38.66
C SER R 449 152.47 12.79 -39.07
N ARG R 450 153.43 11.93 -38.73
CA ARG R 450 154.80 12.14 -39.19
C ARG R 450 154.87 12.11 -40.72
N ASN R 451 154.20 11.13 -41.31
CA ASN R 451 154.05 11.09 -42.76
C ASN R 451 152.82 11.89 -43.19
N ILE R 452 152.62 11.98 -44.50
CA ILE R 452 151.48 12.72 -45.03
C ILE R 452 150.22 11.88 -44.85
N SER R 453 149.10 12.55 -44.57
CA SER R 453 147.86 11.85 -44.25
C SER R 453 147.35 11.05 -45.44
N SER R 454 146.68 9.93 -45.15
CA SER R 454 146.14 9.05 -46.17
C SER R 454 144.99 9.68 -46.94
N SER R 455 144.22 10.57 -46.31
CA SER R 455 143.18 11.29 -47.04
C SER R 455 143.80 12.31 -47.99
N THR R 456 144.85 13.01 -47.55
CA THR R 456 145.59 13.89 -48.45
C THR R 456 146.25 13.09 -49.56
N GLN R 457 146.75 11.90 -49.25
CA GLN R 457 147.30 11.03 -50.30
C GLN R 457 146.22 10.60 -51.29
N PHE R 458 145.02 10.27 -50.79
CA PHE R 458 143.89 10.00 -51.67
C PHE R 458 143.61 11.18 -52.58
N LYS R 459 143.63 12.39 -52.03
CA LYS R 459 143.43 13.58 -52.84
C LYS R 459 144.52 13.72 -53.91
N ASN R 460 145.78 13.53 -53.50
CA ASN R 460 146.90 13.70 -54.43
C ASN R 460 146.84 12.70 -55.57
N ASN R 461 146.49 11.45 -55.26
CA ASN R 461 146.39 10.42 -56.29
C ASN R 461 145.29 10.71 -57.30
N PHE R 462 144.29 11.52 -56.95
CA PHE R 462 143.27 11.97 -57.90
C PHE R 462 143.65 13.27 -58.59
N ASP R 463 144.81 13.84 -58.27
CA ASP R 463 145.32 15.01 -58.97
C ASP R 463 146.25 14.64 -60.12
N ALA R 464 146.92 13.48 -60.05
CA ALA R 464 147.71 13.02 -61.18
C ALA R 464 146.83 12.63 -62.37
N LEU R 465 145.61 12.15 -62.09
CA LEU R 465 144.67 11.85 -63.16
C LEU R 465 144.42 13.07 -64.04
N ALA R 466 144.32 14.26 -63.43
CA ALA R 466 144.11 15.47 -64.22
C ALA R 466 145.27 15.71 -65.17
N THR R 467 146.51 15.54 -64.69
CA THR R 467 147.67 15.72 -65.55
C THR R 467 147.70 14.71 -66.69
N LEU R 468 147.40 13.44 -66.38
CA LEU R 468 147.45 12.43 -67.42
C LEU R 468 146.29 12.56 -68.40
N LEU R 469 145.19 13.19 -67.98
CA LEU R 469 144.00 13.25 -68.82
C LEU R 469 143.97 14.53 -69.65
N SER R 470 144.61 15.60 -69.16
CA SER R 470 144.53 16.88 -69.87
C SER R 470 145.25 16.84 -71.21
N ARG R 471 146.16 15.87 -71.39
CA ARG R 471 146.88 15.76 -72.65
C ARG R 471 145.93 15.43 -73.80
N PHE R 472 144.97 14.55 -73.56
CA PHE R 472 144.12 14.00 -74.62
C PHE R 472 142.83 14.80 -74.68
N ASP R 473 142.82 15.82 -75.55
CA ASP R 473 141.74 16.79 -75.57
C ASP R 473 140.46 16.21 -76.17
N ASN R 474 140.57 15.38 -77.21
CA ASN R 474 139.38 14.84 -77.85
C ASN R 474 138.60 13.94 -76.90
N LEU R 475 139.32 13.09 -76.16
CA LEU R 475 138.66 12.22 -75.18
C LEU R 475 137.90 13.03 -74.15
N THR R 476 138.45 14.17 -73.74
CA THR R 476 137.70 15.09 -72.89
C THR R 476 136.48 15.63 -73.62
N GLU R 477 136.65 16.01 -74.89
CA GLU R 477 135.62 16.77 -75.59
C GLU R 477 134.36 15.94 -75.85
N ASN R 478 134.53 14.70 -76.34
CA ASN R 478 133.36 13.91 -76.74
C ASN R 478 133.33 12.52 -76.10
N THR R 479 133.55 12.43 -74.79
CA THR R 479 133.41 11.19 -74.06
C THR R 479 132.91 11.46 -72.64
N THR R 480 131.97 10.64 -72.18
CA THR R 480 131.42 10.70 -70.84
C THR R 480 131.99 9.58 -70.00
N MET R 481 132.49 9.92 -68.82
CA MET R 481 133.15 8.97 -67.93
C MET R 481 132.26 8.66 -66.74
N ILE R 482 132.23 7.38 -66.36
CA ILE R 482 131.41 6.90 -65.24
C ILE R 482 132.34 6.29 -64.20
N PHE R 483 132.25 6.78 -62.97
CA PHE R 483 133.15 6.37 -61.90
C PHE R 483 132.43 5.42 -60.96
N ILE R 484 132.97 4.21 -60.82
CA ILE R 484 132.46 3.18 -59.93
C ILE R 484 133.38 3.08 -58.72
N PRO R 485 132.84 3.04 -57.49
CA PRO R 485 133.72 2.93 -56.32
C PRO R 485 134.23 1.51 -56.10
N GLY R 486 134.94 1.29 -55.00
CA GLY R 486 135.45 -0.02 -54.66
C GLY R 486 135.56 -0.21 -53.17
N PRO R 487 136.06 -1.38 -52.75
CA PRO R 487 136.14 -1.68 -51.31
C PRO R 487 137.00 -0.71 -50.51
N ASN R 488 138.08 -0.18 -51.09
CA ASN R 488 139.06 0.59 -50.35
C ASN R 488 138.91 2.10 -50.53
N ASP R 489 137.76 2.56 -51.01
CA ASP R 489 137.56 3.99 -51.18
C ASP R 489 137.36 4.66 -49.81
N LEU R 490 137.05 5.95 -49.84
CA LEU R 490 137.25 6.79 -48.66
C LEU R 490 136.33 6.41 -47.52
N TRP R 491 135.01 6.55 -47.70
CA TRP R 491 134.14 6.52 -46.53
C TRP R 491 133.99 5.11 -45.98
N GLY R 492 133.85 4.11 -46.85
CA GLY R 492 133.66 2.75 -46.37
C GLY R 492 134.86 2.23 -45.60
N SER R 493 136.07 2.44 -46.14
CA SER R 493 137.27 1.93 -45.51
C SER R 493 137.53 2.59 -44.15
N MET R 494 136.88 3.71 -43.86
CA MET R 494 137.01 4.32 -42.55
C MET R 494 136.42 3.44 -41.46
N VAL R 495 135.52 2.54 -41.82
CA VAL R 495 134.89 1.64 -40.85
C VAL R 495 135.25 0.19 -41.14
N SER R 496 135.06 -0.26 -42.38
CA SER R 496 135.30 -1.67 -42.69
C SER R 496 136.78 -2.00 -42.76
N LEU R 497 137.64 -0.99 -42.86
CA LEU R 497 139.09 -1.16 -42.95
C LEU R 497 139.50 -2.10 -44.07
N GLY R 498 138.87 -1.96 -45.25
CA GLY R 498 139.17 -2.81 -46.39
C GLY R 498 138.23 -3.97 -46.58
N ALA R 499 137.50 -4.37 -45.55
CA ALA R 499 136.51 -5.43 -45.70
C ALA R 499 135.31 -4.92 -46.47
N SER R 500 134.43 -5.84 -46.85
CA SER R 500 133.23 -5.52 -47.61
C SER R 500 132.03 -5.47 -46.67
N GLY R 501 131.33 -4.34 -46.67
CA GLY R 501 130.21 -4.13 -45.77
C GLY R 501 128.89 -3.88 -46.46
N THR R 502 128.29 -2.71 -46.18
CA THR R 502 126.99 -2.39 -46.73
C THR R 502 127.03 -2.33 -48.24
N LEU R 503 125.99 -2.90 -48.87
CA LEU R 503 125.95 -3.02 -50.33
C LEU R 503 125.70 -1.68 -51.00
N PRO R 504 124.72 -0.87 -50.58
CA PRO R 504 124.59 0.46 -51.17
C PRO R 504 125.74 1.35 -50.73
N GLN R 505 126.67 1.58 -51.64
CA GLN R 505 127.87 2.36 -51.35
C GLN R 505 127.79 3.69 -52.07
N ASP R 506 127.91 4.77 -51.30
CA ASP R 506 127.76 6.13 -51.77
C ASP R 506 128.92 6.53 -52.67
N PRO R 507 128.70 7.50 -53.57
CA PRO R 507 129.77 7.92 -54.48
C PRO R 507 130.96 8.53 -53.73
N ILE R 508 132.06 8.69 -54.46
CA ILE R 508 133.26 9.33 -53.90
C ILE R 508 132.93 10.77 -53.56
N PRO R 509 133.39 11.29 -52.42
CA PRO R 509 133.06 12.67 -52.05
C PRO R 509 133.59 13.67 -53.06
N SER R 510 132.82 14.73 -53.31
CA SER R 510 133.24 15.75 -54.26
C SER R 510 134.33 16.67 -53.70
N ALA R 511 134.58 16.59 -52.39
CA ALA R 511 135.57 17.49 -51.78
C ALA R 511 136.99 17.13 -52.20
N PHE R 512 137.31 15.83 -52.20
CA PHE R 512 138.69 15.43 -52.46
C PHE R 512 138.95 15.24 -53.94
N THR R 513 137.92 15.30 -54.77
CA THR R 513 138.06 15.29 -56.22
C THR R 513 137.27 16.46 -56.79
N LYS R 514 137.97 17.54 -57.13
CA LYS R 514 137.33 18.78 -57.53
C LYS R 514 137.66 19.24 -58.94
N LYS R 515 138.93 19.20 -59.36
CA LYS R 515 139.30 19.72 -60.66
C LYS R 515 139.36 18.66 -61.75
N ILE R 516 139.00 17.41 -61.45
CA ILE R 516 138.83 16.45 -62.54
C ILE R 516 137.51 16.72 -63.26
N ASN R 517 136.60 17.44 -62.60
CA ASN R 517 135.37 17.88 -63.27
C ASN R 517 135.67 18.98 -64.27
N LYS R 518 136.78 19.69 -64.08
CA LYS R 518 137.16 20.77 -65.00
C LYS R 518 137.94 20.22 -66.19
N VAL R 519 138.93 19.37 -65.93
CA VAL R 519 139.80 18.88 -67.01
C VAL R 519 139.00 18.02 -67.98
N CYS R 520 138.02 17.27 -67.46
CA CYS R 520 137.15 16.47 -68.30
C CYS R 520 135.78 17.15 -68.42
N LYS R 521 135.09 16.86 -69.53
CA LYS R 521 133.84 17.56 -69.82
C LYS R 521 132.67 16.87 -69.12
N ASN R 522 132.47 15.58 -69.39
CA ASN R 522 131.37 14.85 -68.79
C ASN R 522 131.90 13.75 -67.86
N VAL R 523 131.73 13.94 -66.56
CA VAL R 523 132.12 12.97 -65.55
C VAL R 523 130.97 12.79 -64.57
N VAL R 524 130.60 11.54 -64.30
CA VAL R 524 129.55 11.23 -63.35
C VAL R 524 130.06 10.20 -62.35
N TRP R 525 129.92 10.50 -61.07
CA TRP R 525 130.22 9.56 -59.99
C TRP R 525 128.96 8.78 -59.68
N SER R 526 129.10 7.47 -59.51
CA SER R 526 127.93 6.63 -59.31
C SER R 526 128.19 5.63 -58.18
N SER R 527 127.09 5.13 -57.61
CA SER R 527 127.17 4.19 -56.51
C SER R 527 127.73 2.85 -56.98
N ASN R 528 127.90 1.93 -56.02
CA ASN R 528 128.42 0.61 -56.40
C ASN R 528 127.44 -0.16 -57.27
N PRO R 529 126.16 -0.34 -56.91
CA PRO R 529 125.19 -0.80 -57.91
C PRO R 529 124.54 0.39 -58.61
N THR R 530 124.60 0.44 -59.94
CA THR R 530 123.97 1.53 -60.68
C THR R 530 123.26 0.98 -61.91
N ARG R 531 122.43 1.82 -62.51
CA ARG R 531 121.62 1.42 -63.66
C ARG R 531 121.78 2.43 -64.79
N ILE R 532 122.44 2.02 -65.86
CA ILE R 532 122.58 2.83 -67.07
C ILE R 532 121.35 2.59 -67.95
N ALA R 533 120.56 3.63 -68.16
CA ALA R 533 119.39 3.56 -69.02
C ALA R 533 119.77 4.17 -70.36
N TYR R 534 119.95 3.32 -71.37
CA TYR R 534 120.34 3.73 -72.72
C TYR R 534 119.23 3.34 -73.68
N LEU R 535 118.44 4.33 -74.10
CA LEU R 535 117.32 4.13 -75.01
C LEU R 535 116.42 3.02 -74.49
N SER R 536 116.21 1.98 -75.29
CA SER R 536 115.41 0.83 -74.84
C SER R 536 116.29 -0.27 -74.25
N GLN R 537 117.20 0.10 -73.34
CA GLN R 537 118.12 -0.85 -72.74
C GLN R 537 118.43 -0.43 -71.31
N GLU R 538 118.53 -1.41 -70.43
CA GLU R 538 118.89 -1.19 -69.03
C GLU R 538 120.09 -2.07 -68.70
N ILE R 539 121.16 -1.46 -68.20
CA ILE R 539 122.39 -2.16 -67.85
C ILE R 539 122.66 -1.93 -66.37
N VAL R 540 123.14 -2.95 -65.69
CA VAL R 540 123.39 -2.88 -64.25
C VAL R 540 124.88 -3.03 -63.99
N ILE R 541 125.43 -2.07 -63.22
CA ILE R 541 126.84 -2.06 -62.86
C ILE R 541 126.95 -2.49 -61.40
N PHE R 542 127.71 -3.56 -61.16
CA PHE R 542 127.91 -4.12 -59.83
C PHE R 542 129.35 -4.59 -59.71
N ARG R 543 129.99 -4.28 -58.58
CA ARG R 543 131.40 -4.57 -58.35
C ARG R 543 131.57 -5.21 -56.97
N ASP R 544 131.81 -6.53 -56.96
CA ASP R 544 132.20 -7.22 -55.74
C ASP R 544 132.75 -8.60 -56.12
N ASP R 545 133.33 -9.26 -55.13
CA ASP R 545 133.89 -10.61 -55.32
C ASP R 545 132.82 -11.62 -54.91
N LEU R 546 132.15 -12.19 -55.91
CA LEU R 546 131.07 -13.15 -55.69
C LEU R 546 131.54 -14.59 -55.60
N SER R 547 132.48 -14.99 -56.47
CA SER R 547 132.93 -16.38 -56.52
C SER R 547 133.57 -16.84 -55.22
N GLY R 548 134.40 -16.00 -54.61
CA GLY R 548 135.03 -16.40 -53.35
C GLY R 548 134.01 -16.66 -52.26
N ARG R 549 133.02 -15.78 -52.14
CA ARG R 549 132.00 -15.92 -51.10
C ARG R 549 131.08 -17.11 -51.40
N PHE R 550 130.76 -17.37 -52.66
CA PHE R 550 130.04 -18.61 -52.99
C PHE R 550 130.85 -19.84 -52.61
N LYS R 551 132.13 -19.87 -52.96
CA LYS R 551 132.94 -21.06 -52.67
C LYS R 551 133.09 -21.28 -51.17
N ARG R 552 133.29 -20.21 -50.42
CA ARG R 552 133.51 -20.35 -48.98
C ARG R 552 132.27 -20.86 -48.26
N HIS R 553 131.09 -20.39 -48.66
CA HIS R 553 129.84 -20.70 -47.98
C HIS R 553 128.98 -21.59 -48.89
N ARG R 554 129.08 -22.90 -48.70
CA ARG R 554 128.23 -23.86 -49.39
C ARG R 554 127.62 -24.81 -48.38
N LEU R 555 126.50 -25.42 -48.76
CA LEU R 555 125.80 -26.30 -47.82
C LEU R 555 126.59 -27.59 -47.57
N GLU R 556 127.34 -28.06 -48.56
CA GLU R 556 128.21 -29.24 -48.40
C GLU R 556 127.40 -30.47 -48.00
N PHE R 557 126.57 -30.92 -48.93
CA PHE R 557 125.68 -32.06 -48.72
C PHE R 557 126.47 -33.31 -48.34
N PRO R 558 126.09 -34.01 -47.28
CA PRO R 558 126.68 -35.33 -47.03
C PRO R 558 126.35 -36.29 -48.16
N PHE R 559 127.37 -36.73 -48.87
CA PHE R 559 127.17 -37.61 -50.02
C PHE R 559 127.71 -39.01 -49.70
N GLN R 594 137.25 -26.09 -68.12
CA GLN R 594 136.46 -26.80 -67.13
C GLN R 594 136.07 -25.90 -65.97
N LYS R 595 136.98 -24.97 -65.62
CA LYS R 595 136.70 -24.01 -64.57
C LYS R 595 135.62 -23.01 -64.97
N VAL R 596 135.30 -22.90 -66.25
CA VAL R 596 134.23 -22.02 -66.70
C VAL R 596 132.85 -22.50 -66.29
N GLN R 597 132.73 -23.74 -65.81
CA GLN R 597 131.46 -24.23 -65.30
C GLN R 597 131.04 -23.42 -64.08
N GLU R 598 132.01 -23.01 -63.25
CA GLU R 598 131.72 -22.15 -62.11
C GLU R 598 131.08 -20.83 -62.53
N THR R 599 131.51 -20.28 -63.67
CA THR R 599 130.90 -19.04 -64.16
C THR R 599 129.43 -19.24 -64.49
N ARG R 600 129.11 -20.34 -65.18
CA ARG R 600 127.71 -20.65 -65.49
C ARG R 600 126.90 -20.88 -64.23
N LYS R 601 127.48 -21.58 -63.24
CA LYS R 601 126.78 -21.79 -61.98
C LYS R 601 126.48 -20.46 -61.30
N LEU R 602 127.48 -19.58 -61.23
CA LEU R 602 127.27 -18.27 -60.60
C LEU R 602 126.20 -17.48 -61.32
N VAL R 603 126.24 -17.47 -62.66
CA VAL R 603 125.25 -16.73 -63.44
C VAL R 603 123.85 -17.29 -63.18
N LYS R 604 123.71 -18.61 -63.18
CA LYS R 604 122.40 -19.21 -63.00
C LYS R 604 121.84 -18.91 -61.62
N THR R 605 122.67 -19.00 -60.57
CA THR R 605 122.18 -18.67 -59.23
C THR R 605 121.76 -17.21 -59.14
N ILE R 606 122.62 -16.30 -59.60
CA ILE R 606 122.32 -14.88 -59.50
C ILE R 606 121.04 -14.54 -60.26
N LEU R 607 120.83 -15.19 -61.40
CA LEU R 607 119.71 -14.83 -62.25
C LEU R 607 118.41 -15.48 -61.79
N ASP R 608 118.48 -16.73 -61.33
CA ASP R 608 117.28 -17.41 -60.86
C ASP R 608 116.81 -16.85 -59.53
N GLN R 609 117.74 -16.51 -58.63
CA GLN R 609 117.32 -15.92 -57.37
C GLN R 609 116.78 -14.51 -57.52
N GLY R 610 117.02 -13.86 -58.65
CA GLY R 610 116.46 -12.55 -58.94
C GLY R 610 116.95 -11.47 -57.99
N HIS R 611 118.07 -11.72 -57.33
CA HIS R 611 118.61 -10.81 -56.33
C HIS R 611 120.13 -10.88 -56.39
N LEU R 612 120.77 -9.72 -56.19
CA LEU R 612 122.22 -9.62 -56.23
C LEU R 612 122.88 -9.97 -54.90
N SER R 613 122.10 -10.22 -53.86
CA SER R 613 122.62 -10.54 -52.53
C SER R 613 121.88 -11.74 -51.96
N PRO R 614 122.20 -12.95 -52.42
CA PRO R 614 121.60 -14.18 -51.87
C PRO R 614 122.19 -14.57 -50.54
N PHE R 615 122.31 -13.60 -49.63
CA PHE R 615 122.99 -13.79 -48.36
C PHE R 615 122.18 -13.17 -47.24
N LEU R 616 122.36 -13.69 -46.04
CA LEU R 616 121.67 -13.17 -44.87
C LEU R 616 122.25 -11.81 -44.48
N ASP R 617 121.54 -11.12 -43.58
CA ASP R 617 122.03 -9.84 -43.08
C ASP R 617 123.32 -10.00 -42.30
N SER R 618 123.63 -11.22 -41.86
CA SER R 618 124.86 -11.44 -41.11
C SER R 618 126.10 -11.28 -41.99
N LEU R 619 126.09 -11.92 -43.17
CA LEU R 619 127.25 -11.84 -44.05
C LEU R 619 127.43 -10.44 -44.63
N ARG R 620 126.34 -9.83 -45.09
CA ARG R 620 126.43 -8.48 -45.63
C ARG R 620 125.26 -7.64 -45.15
N PRO R 621 125.49 -6.62 -44.34
CA PRO R 621 124.40 -5.70 -43.98
C PRO R 621 123.91 -4.95 -45.20
N ILE R 622 122.62 -4.61 -45.17
CA ILE R 622 121.96 -3.93 -46.27
C ILE R 622 121.17 -2.75 -45.72
N SER R 623 121.25 -1.61 -46.41
CA SER R 623 120.40 -0.48 -46.09
C SER R 623 118.95 -0.87 -46.31
N TRP R 624 118.12 -0.63 -45.30
CA TRP R 624 116.78 -1.22 -45.29
C TRP R 624 115.89 -0.66 -46.41
N ASP R 625 115.95 0.64 -46.64
CA ASP R 625 115.04 1.26 -47.60
C ASP R 625 115.57 1.23 -49.03
N LEU R 626 116.80 0.74 -49.24
CA LEU R 626 117.42 0.74 -50.56
C LEU R 626 117.51 -0.66 -51.16
N ASP R 627 116.91 -1.64 -50.49
CA ASP R 627 116.97 -3.03 -50.93
C ASP R 627 116.39 -3.23 -52.33
N HIS R 628 115.44 -2.40 -52.74
CA HIS R 628 114.86 -2.54 -54.08
C HIS R 628 115.93 -2.33 -55.15
N THR R 629 117.01 -1.64 -54.81
CA THR R 629 118.10 -1.45 -55.77
C THR R 629 118.75 -2.77 -56.13
N LEU R 630 118.69 -3.76 -55.24
CA LEU R 630 119.41 -5.01 -55.41
C LEU R 630 118.52 -6.16 -55.86
N THR R 631 117.25 -5.91 -56.18
CA THR R 631 116.31 -6.94 -56.54
C THR R 631 116.05 -6.88 -58.05
N LEU R 632 116.37 -7.97 -58.74
CA LEU R 632 116.19 -8.06 -60.19
C LEU R 632 114.95 -8.90 -60.50
N CYS R 633 113.78 -8.27 -60.33
CA CYS R 633 112.57 -8.98 -60.71
C CYS R 633 112.42 -8.93 -62.24
N PRO R 634 112.57 -7.77 -62.89
CA PRO R 634 112.76 -7.78 -64.34
C PRO R 634 114.24 -7.97 -64.66
N ILE R 635 114.55 -9.04 -65.39
CA ILE R 635 115.95 -9.34 -65.68
C ILE R 635 116.54 -8.25 -66.57
N PRO R 636 117.67 -7.64 -66.19
CA PRO R 636 118.27 -6.61 -67.05
C PRO R 636 118.71 -7.17 -68.38
N SER R 637 118.64 -6.32 -69.41
CA SER R 637 119.06 -6.74 -70.74
C SER R 637 120.55 -7.04 -70.80
N THR R 638 121.36 -6.20 -70.16
CA THR R 638 122.80 -6.37 -70.15
C THR R 638 123.31 -6.21 -68.72
N MET R 639 124.25 -7.08 -68.33
CA MET R 639 124.73 -7.13 -66.97
C MET R 639 126.24 -6.94 -66.94
N VAL R 640 126.72 -6.06 -66.07
CA VAL R 640 128.14 -5.89 -65.81
C VAL R 640 128.43 -6.48 -64.43
N LEU R 641 129.07 -7.66 -64.41
CA LEU R 641 129.34 -8.39 -63.18
C LEU R 641 130.83 -8.72 -63.10
N CYS R 642 131.58 -7.82 -62.45
CA CYS R 642 133.04 -7.96 -62.39
C CYS R 642 133.46 -8.62 -61.09
N ASP R 643 134.33 -9.62 -61.19
CA ASP R 643 134.84 -10.34 -60.02
C ASP R 643 136.30 -10.68 -60.27
N THR R 644 137.19 -10.16 -59.42
CA THR R 644 138.61 -10.44 -59.58
C THR R 644 138.94 -11.90 -59.29
N THR R 645 138.09 -12.58 -58.51
CA THR R 645 138.30 -13.97 -58.16
C THR R 645 137.74 -14.95 -59.18
N SER R 646 137.15 -14.44 -60.26
CA SER R 646 136.56 -15.29 -61.29
C SER R 646 137.11 -14.88 -62.65
N ALA R 647 137.39 -15.87 -63.50
CA ALA R 647 137.92 -15.59 -64.81
C ALA R 647 136.87 -14.93 -65.69
N GLN R 648 137.35 -14.18 -66.68
CA GLN R 648 136.46 -13.49 -67.60
C GLN R 648 135.62 -14.49 -68.39
N PHE R 649 134.38 -14.09 -68.69
CA PHE R 649 133.47 -14.94 -69.43
C PHE R 649 132.47 -14.07 -70.18
N ASP R 650 131.66 -14.72 -71.02
CA ASP R 650 130.62 -14.07 -71.80
C ASP R 650 129.47 -15.08 -71.97
N LEU R 651 128.47 -14.98 -71.10
CA LEU R 651 127.39 -15.95 -71.11
C LEU R 651 126.06 -15.29 -71.43
N THR R 652 125.16 -16.11 -71.98
CA THR R 652 123.79 -15.71 -72.28
C THR R 652 122.84 -16.60 -71.50
N TYR R 653 121.71 -16.04 -71.09
CA TYR R 653 120.73 -16.79 -70.32
C TYR R 653 119.37 -16.24 -70.70
N ASN R 654 118.34 -16.41 -69.88
CA ASN R 654 116.97 -16.14 -70.27
C ASN R 654 116.77 -14.64 -70.46
N GLY R 655 117.17 -14.18 -71.64
CA GLY R 655 116.89 -12.82 -72.09
C GLY R 655 117.92 -11.78 -71.72
N CYS R 656 119.14 -12.18 -71.37
CA CYS R 656 120.15 -11.25 -70.91
C CYS R 656 121.54 -11.65 -71.40
N LYS R 657 122.51 -10.81 -71.09
CA LYS R 657 123.91 -11.04 -71.42
C LYS R 657 124.76 -10.64 -70.22
N VAL R 658 125.67 -11.53 -69.80
CA VAL R 658 126.48 -11.30 -68.61
C VAL R 658 127.95 -11.30 -69.05
N ILE R 659 128.64 -10.20 -68.76
CA ILE R 659 130.06 -10.05 -69.08
C ILE R 659 130.84 -9.83 -67.79
N ASN R 660 132.10 -10.29 -67.78
CA ASN R 660 132.92 -10.20 -66.58
C ASN R 660 134.27 -9.56 -66.89
N PRO R 661 134.38 -8.23 -66.88
CA PRO R 661 135.70 -7.61 -66.80
C PRO R 661 136.31 -7.87 -65.43
N GLY R 662 137.64 -7.97 -65.38
CA GLY R 662 138.30 -8.18 -64.11
C GLY R 662 139.80 -8.19 -64.18
N SER R 663 140.46 -7.89 -63.06
CA SER R 663 141.92 -8.00 -62.96
C SER R 663 142.60 -7.15 -64.03
N PHE R 664 142.47 -5.82 -63.92
CA PHE R 664 143.01 -4.90 -64.91
C PHE R 664 144.39 -5.32 -65.40
N ILE R 665 145.27 -5.70 -64.48
CA ILE R 665 146.61 -6.17 -64.81
C ILE R 665 146.71 -7.63 -64.38
N HIS R 666 147.27 -8.48 -65.24
CA HIS R 666 147.44 -9.89 -64.96
C HIS R 666 148.53 -10.46 -65.85
N ASN R 667 149.50 -11.15 -65.25
CA ASN R 667 150.61 -11.77 -65.97
C ASN R 667 151.33 -10.75 -66.84
N ARG R 668 151.64 -9.59 -66.24
CA ARG R 668 152.29 -8.46 -66.92
C ARG R 668 151.48 -7.94 -68.10
N ARG R 669 150.19 -8.24 -68.14
CA ARG R 669 149.31 -7.85 -69.24
C ARG R 669 148.17 -7.00 -68.71
N ALA R 670 147.91 -5.89 -69.37
CA ALA R 670 146.80 -5.01 -69.03
C ALA R 670 145.69 -5.16 -70.05
N ARG R 671 144.52 -5.59 -69.59
CA ARG R 671 143.41 -5.94 -70.46
C ARG R 671 142.22 -5.03 -70.20
N TYR R 672 141.47 -4.75 -71.26
CA TYR R 672 140.22 -4.00 -71.19
C TYR R 672 139.36 -4.40 -72.37
N MET R 673 138.06 -4.51 -72.13
CA MET R 673 137.15 -5.08 -73.11
C MET R 673 136.17 -4.03 -73.60
N GLU R 674 135.74 -4.20 -74.85
CA GLU R 674 134.77 -3.36 -75.51
C GLU R 674 133.45 -4.11 -75.68
N TYR R 675 132.33 -3.40 -75.55
CA TYR R 675 131.02 -3.96 -75.82
C TYR R 675 130.19 -2.95 -76.58
N VAL R 676 129.38 -3.45 -77.50
CA VAL R 676 128.60 -2.66 -78.44
C VAL R 676 127.13 -2.96 -78.18
N PRO R 677 126.24 -1.95 -78.16
CA PRO R 677 124.81 -2.22 -77.91
C PRO R 677 124.15 -3.15 -78.92
N SER R 678 124.86 -3.49 -80.00
CA SER R 678 124.36 -4.47 -80.96
C SER R 678 124.79 -5.89 -80.60
N SER R 679 125.19 -6.12 -79.35
CA SER R 679 125.48 -7.45 -78.81
C SER R 679 126.69 -8.08 -79.49
N LYS R 680 127.76 -7.30 -79.67
CA LYS R 680 129.08 -7.81 -80.01
C LYS R 680 130.10 -7.18 -79.08
N LYS R 681 131.16 -7.93 -78.78
CA LYS R 681 132.18 -7.48 -77.84
C LYS R 681 133.56 -7.75 -78.41
N THR R 682 134.56 -7.10 -77.81
CA THR R 682 135.96 -7.24 -78.23
C THR R 682 136.82 -7.15 -76.98
N ILE R 683 137.97 -7.83 -77.01
CA ILE R 683 138.95 -7.77 -75.93
C ILE R 683 140.22 -7.15 -76.50
N GLN R 684 140.68 -6.07 -75.85
CA GLN R 684 141.84 -5.33 -76.33
C GLN R 684 142.89 -5.33 -75.23
N GLU R 685 144.10 -5.76 -75.56
CA GLU R 685 145.19 -5.90 -74.60
C GLU R 685 146.34 -4.98 -74.96
N GLU R 686 147.05 -4.48 -73.92
CA GLU R 686 148.25 -3.63 -74.10
C GLU R 686 149.27 -3.94 -73.01
N ILE R 687 149.99 -5.06 -73.09
CA ILE R 687 151.10 -5.43 -72.14
C ILE R 687 151.25 -4.39 -71.04
N THR S 1321 181.84 -13.03 -41.02
CA THR S 1321 180.96 -12.01 -40.46
C THR S 1321 180.82 -10.83 -41.42
N TRP S 1322 179.58 -10.47 -41.74
CA TRP S 1322 179.27 -9.40 -42.67
C TRP S 1322 178.39 -8.36 -42.01
N GLU S 1323 178.63 -7.09 -42.35
CA GLU S 1323 177.82 -5.97 -41.90
C GLU S 1323 176.94 -5.54 -43.06
N VAL S 1324 175.71 -6.03 -43.09
CA VAL S 1324 174.76 -5.65 -44.14
C VAL S 1324 174.21 -4.27 -43.80
N LEU S 1325 174.20 -3.38 -44.78
CA LEU S 1325 173.73 -2.02 -44.57
C LEU S 1325 172.30 -1.80 -45.02
N GLN S 1326 171.94 -2.25 -46.23
CA GLN S 1326 170.61 -1.95 -46.76
C GLN S 1326 170.13 -3.15 -47.59
N TYR S 1327 169.31 -4.00 -46.96
CA TYR S 1327 168.57 -5.01 -47.69
C TYR S 1327 167.62 -4.34 -48.68
N LYS S 1328 167.60 -4.84 -49.91
CA LYS S 1328 166.73 -4.28 -50.92
C LYS S 1328 166.37 -5.35 -51.94
N ASP S 1329 165.09 -5.43 -52.28
CA ASP S 1329 164.59 -6.40 -53.24
C ASP S 1329 164.53 -5.80 -54.63
N SER S 1330 164.07 -6.59 -55.59
CA SER S 1330 163.96 -6.13 -56.97
C SER S 1330 162.80 -6.82 -57.68
N GLY S 1331 162.77 -6.72 -59.01
CA GLY S 1331 161.72 -7.34 -59.79
C GLY S 1331 161.69 -8.85 -59.70
N GLU S 1332 162.87 -9.47 -59.76
CA GLU S 1332 162.96 -10.92 -59.70
C GLU S 1332 162.58 -11.39 -58.28
N PRO S 1333 161.65 -12.33 -58.16
CA PRO S 1333 161.27 -12.82 -56.83
C PRO S 1333 162.41 -13.59 -56.17
N GLY S 1334 162.42 -13.52 -54.84
CA GLY S 1334 163.46 -14.19 -54.07
C GLY S 1334 164.85 -13.69 -54.35
N VAL S 1335 165.00 -12.40 -54.61
CA VAL S 1335 166.29 -11.78 -54.89
C VAL S 1335 166.41 -10.56 -53.98
N LEU S 1336 167.50 -10.49 -53.23
CA LEU S 1336 167.74 -9.39 -52.29
C LEU S 1336 169.12 -8.79 -52.59
N GLU S 1337 169.13 -7.57 -53.11
CA GLU S 1337 170.38 -6.85 -53.32
C GLU S 1337 170.83 -6.25 -52.00
N VAL S 1338 172.07 -6.54 -51.60
CA VAL S 1338 172.59 -6.15 -50.30
C VAL S 1338 173.82 -5.28 -50.51
N PHE S 1339 173.82 -4.09 -49.92
CA PHE S 1339 174.99 -3.22 -49.89
C PHE S 1339 175.77 -3.50 -48.61
N VAL S 1340 176.48 -4.62 -48.62
CA VAL S 1340 177.14 -5.13 -47.42
C VAL S 1340 178.48 -4.43 -47.26
N THR S 1341 179.07 -4.52 -46.07
CA THR S 1341 180.40 -3.97 -45.82
C THR S 1341 181.34 -5.10 -45.41
N ILE S 1342 182.35 -5.35 -46.24
CA ILE S 1342 183.39 -6.30 -45.93
C ILE S 1342 184.54 -5.55 -45.28
N ASN S 1343 185.40 -6.30 -44.58
CA ASN S 1343 186.50 -5.71 -43.82
C ASN S 1343 187.28 -4.68 -44.63
N GLY S 1344 187.33 -4.87 -45.95
CA GLY S 1344 187.91 -3.87 -46.82
C GLY S 1344 187.06 -2.63 -46.92
N LYS S 1345 185.88 -2.75 -47.55
CA LYS S 1345 185.04 -1.59 -47.81
C LYS S 1345 183.63 -2.06 -48.16
N VAL S 1346 182.78 -1.17 -48.66
CA VAL S 1346 181.41 -1.48 -49.05
C VAL S 1346 181.45 -2.23 -50.38
N GLN S 1347 180.53 -3.20 -50.53
CA GLN S 1347 180.44 -4.00 -51.74
C GLN S 1347 178.98 -4.44 -51.89
N ASN S 1348 178.64 -4.89 -53.10
CA ASN S 1348 177.28 -5.32 -53.41
C ASN S 1348 177.23 -6.83 -53.60
N ILE S 1349 176.33 -7.48 -52.87
CA ILE S 1349 176.11 -8.92 -53.00
C ILE S 1349 174.61 -9.18 -53.12
N THR S 1350 174.24 -10.41 -53.45
CA THR S 1350 172.84 -10.75 -53.65
C THR S 1350 172.51 -12.04 -52.90
N PHE S 1351 171.32 -12.07 -52.33
CA PHE S 1351 170.81 -13.22 -51.59
C PHE S 1351 169.58 -13.80 -52.28
N HIS S 1352 169.42 -15.11 -52.15
CA HIS S 1352 168.27 -15.83 -52.68
C HIS S 1352 167.47 -16.38 -51.52
N ILE S 1353 166.17 -16.09 -51.48
CA ILE S 1353 165.31 -16.45 -50.37
C ILE S 1353 164.12 -17.24 -50.91
N PRO S 1354 163.93 -18.48 -50.50
CA PRO S 1354 162.72 -19.22 -50.90
C PRO S 1354 161.49 -18.72 -50.16
N LYS S 1355 160.32 -19.02 -50.72
CA LYS S 1355 159.06 -18.61 -50.13
C LYS S 1355 158.44 -19.77 -49.37
N THR S 1356 158.13 -19.53 -48.10
CA THR S 1356 157.51 -20.53 -47.24
C THR S 1356 156.06 -20.13 -46.99
N ILE S 1357 155.12 -21.04 -47.25
CA ILE S 1357 153.70 -20.76 -47.18
C ILE S 1357 153.04 -21.77 -46.26
N TYR S 1358 151.92 -21.37 -45.67
CA TYR S 1358 151.17 -22.21 -44.75
C TYR S 1358 149.82 -22.55 -45.35
N MET S 1359 149.58 -23.85 -45.53
CA MET S 1359 148.37 -24.38 -46.17
C MET S 1359 147.48 -25.03 -45.12
N LYS S 1360 146.23 -24.60 -45.07
CA LYS S 1360 145.17 -25.40 -44.44
C LYS S 1360 144.16 -25.76 -45.52
N PHE S 1361 144.06 -27.06 -45.84
CA PHE S 1361 143.12 -27.51 -46.85
C PHE S 1361 142.74 -28.96 -46.59
N LYS S 1362 141.57 -29.35 -47.12
CA LYS S 1362 141.02 -30.69 -46.99
C LYS S 1362 140.76 -31.05 -45.53
N SER S 1363 140.27 -32.26 -45.30
CA SER S 1363 140.11 -32.80 -43.95
C SER S 1363 141.03 -33.99 -43.67
N GLN S 1364 141.42 -34.72 -44.70
CA GLN S 1364 142.37 -35.81 -44.57
C GLN S 1364 143.02 -36.10 -45.92
N THR S 1365 143.95 -37.07 -45.94
CA THR S 1365 144.63 -37.52 -47.16
C THR S 1365 145.51 -36.39 -47.68
N MET S 1366 146.28 -36.63 -48.75
CA MET S 1366 147.17 -35.63 -49.31
C MET S 1366 147.08 -35.69 -50.83
N PRO S 1367 147.35 -34.59 -51.53
CA PRO S 1367 147.16 -34.58 -52.99
C PRO S 1367 148.03 -35.59 -53.73
N LEU S 1368 149.24 -35.86 -53.26
CA LEU S 1368 150.15 -36.81 -53.92
C LEU S 1368 150.41 -36.43 -55.38
N GLN S 1369 150.73 -35.16 -55.60
CA GLN S 1369 150.90 -34.68 -56.98
C GLN S 1369 152.32 -34.90 -57.49
N LYS S 1370 153.34 -34.64 -56.65
CA LYS S 1370 154.74 -34.83 -56.99
C LYS S 1370 155.22 -33.99 -58.16
N ILE S 1371 154.36 -33.12 -58.70
CA ILE S 1371 154.72 -32.41 -59.92
C ILE S 1371 155.66 -31.24 -59.62
N LYS S 1372 155.60 -30.71 -58.41
CA LYS S 1372 156.38 -29.54 -58.03
C LYS S 1372 157.59 -29.96 -57.19
N ASN S 1373 158.75 -29.37 -57.48
CA ASN S 1373 159.97 -29.64 -56.73
C ASN S 1373 160.01 -28.76 -55.48
N CYS S 1374 159.14 -29.09 -54.54
CA CYS S 1374 159.01 -28.34 -53.30
C CYS S 1374 159.18 -29.29 -52.12
N LEU S 1375 158.97 -28.77 -50.90
CA LEU S 1375 159.02 -29.60 -49.69
C LEU S 1375 157.74 -29.36 -48.90
N ILE S 1376 156.88 -30.36 -48.85
CA ILE S 1376 155.68 -30.30 -48.03
C ILE S 1376 155.82 -31.24 -46.84
N GLU S 1377 155.12 -30.89 -45.74
CA GLU S 1377 155.24 -31.66 -44.52
C GLU S 1377 154.10 -31.30 -43.56
N LYS S 1378 153.46 -32.31 -42.99
CA LYS S 1378 152.36 -32.05 -42.05
C LYS S 1378 152.91 -31.44 -40.76
N SER S 1379 152.30 -30.34 -40.33
CA SER S 1379 152.79 -29.59 -39.19
C SER S 1379 151.66 -29.40 -38.17
N SER S 1380 152.05 -28.97 -36.96
CA SER S 1380 151.12 -28.70 -35.89
C SER S 1380 151.20 -27.28 -35.36
N ALA S 1381 151.44 -26.28 -36.22
CA ALA S 1381 151.59 -24.90 -35.78
C ALA S 1381 150.31 -24.39 -35.13
N SER S 1382 150.47 -23.55 -34.11
CA SER S 1382 149.33 -22.97 -33.42
C SER S 1382 148.72 -21.85 -34.23
N LEU S 1383 147.50 -22.07 -34.71
CA LEU S 1383 146.79 -21.09 -35.52
C LEU S 1383 146.24 -19.96 -34.68
N PRO S 1384 146.01 -18.79 -35.30
CA PRO S 1384 145.24 -17.73 -34.63
C PRO S 1384 143.81 -18.17 -34.37
N ASN S 1385 143.04 -17.33 -33.66
CA ASN S 1385 141.68 -17.68 -33.25
C ASN S 1385 140.69 -16.60 -33.71
N ASN S 1386 140.24 -16.70 -34.96
CA ASN S 1386 139.21 -15.82 -35.45
C ASN S 1386 137.87 -16.20 -34.84
N PRO S 1387 137.08 -15.21 -34.41
CA PRO S 1387 135.80 -15.55 -33.76
C PRO S 1387 134.85 -16.35 -34.62
N LYS S 1388 134.84 -16.11 -35.93
CA LYS S 1388 133.92 -16.85 -36.80
C LYS S 1388 134.34 -18.31 -36.92
N THR S 1389 135.62 -18.56 -37.16
CA THR S 1389 136.14 -19.91 -37.28
C THR S 1389 136.28 -20.51 -35.89
N SER S 1390 135.38 -21.41 -35.51
CA SER S 1390 135.37 -21.96 -34.17
C SER S 1390 135.31 -23.49 -34.18
N ASN S 1391 134.84 -24.07 -35.28
CA ASN S 1391 134.72 -25.52 -35.38
C ASN S 1391 136.08 -26.20 -35.41
N PRO S 1392 136.31 -27.17 -34.52
CA PRO S 1392 137.62 -27.85 -34.51
C PRO S 1392 137.86 -28.72 -35.74
N ALA S 1393 136.92 -29.61 -36.05
CA ALA S 1393 137.04 -30.57 -37.16
C ALA S 1393 138.32 -31.36 -36.95
N GLY S 1394 139.24 -31.40 -37.91
CA GLY S 1394 140.50 -32.11 -37.73
C GLY S 1394 141.70 -31.22 -37.97
N GLY S 1395 142.90 -31.79 -37.86
CA GLY S 1395 144.12 -31.03 -38.09
C GLY S 1395 145.03 -31.65 -39.13
N GLN S 1396 145.21 -30.95 -40.25
CA GLN S 1396 146.05 -31.39 -41.36
C GLN S 1396 146.80 -30.21 -41.98
N LEU S 1397 147.23 -29.27 -41.13
CA LEU S 1397 148.04 -28.14 -41.57
C LEU S 1397 149.34 -28.62 -42.22
N PHE S 1398 149.80 -27.87 -43.21
CA PHE S 1398 151.01 -28.25 -43.94
C PHE S 1398 152.02 -27.09 -43.94
N LYS S 1399 153.27 -27.43 -44.26
CA LYS S 1399 154.38 -26.50 -44.20
C LYS S 1399 155.10 -26.39 -45.54
N ILE S 1400 154.36 -26.11 -46.61
CA ILE S 1400 154.92 -26.12 -47.96
C ILE S 1400 155.95 -25.00 -48.14
N THR S 1401 157.19 -25.38 -48.45
CA THR S 1401 158.22 -24.44 -48.86
C THR S 1401 158.54 -24.69 -50.33
N LEU S 1402 158.66 -23.61 -51.10
CA LEU S 1402 158.72 -23.63 -52.55
C LEU S 1402 159.24 -22.30 -53.03
N PRO S 1403 160.25 -22.27 -53.91
CA PRO S 1403 160.83 -20.99 -54.34
C PRO S 1403 159.82 -20.14 -55.12
N GLU S 1404 159.95 -18.81 -54.99
CA GLU S 1404 158.90 -17.91 -55.47
C GLU S 1404 158.79 -17.88 -56.99
N SER S 1405 159.87 -18.21 -57.72
CA SER S 1405 159.80 -18.18 -59.18
C SER S 1405 158.84 -19.25 -59.70
N VAL S 1406 159.00 -20.50 -59.24
CA VAL S 1406 158.08 -21.53 -59.67
C VAL S 1406 156.71 -21.33 -59.02
N PHE S 1407 156.62 -20.55 -57.94
CA PHE S 1407 155.31 -20.19 -57.40
C PHE S 1407 154.58 -19.25 -58.35
N LEU S 1408 155.29 -18.25 -58.90
CA LEU S 1408 154.71 -17.40 -59.93
C LEU S 1408 154.34 -18.23 -61.15
N GLU S 1409 155.17 -19.22 -61.50
CA GLU S 1409 154.84 -20.11 -62.61
C GLU S 1409 153.56 -20.89 -62.33
N GLU S 1410 153.41 -21.41 -61.11
CA GLU S 1410 152.23 -22.18 -60.75
C GLU S 1410 150.98 -21.30 -60.67
N LYS S 1411 151.16 -20.00 -60.46
CA LYS S 1411 150.02 -19.09 -60.50
C LYS S 1411 149.30 -19.18 -61.85
N GLU S 1412 150.04 -19.50 -62.91
CA GLU S 1412 149.47 -19.49 -64.25
C GLU S 1412 148.46 -20.61 -64.46
N ASN S 1413 148.83 -21.84 -64.12
CA ASN S 1413 148.01 -22.99 -64.47
C ASN S 1413 146.78 -23.09 -63.57
N CYS S 1414 145.71 -23.71 -64.10
CA CYS S 1414 144.48 -23.82 -63.34
C CYS S 1414 144.57 -24.88 -62.24
N THR S 1415 145.16 -26.02 -62.55
CA THR S 1415 145.21 -27.16 -61.62
C THR S 1415 146.52 -27.13 -60.84
N SER S 1416 146.41 -26.94 -59.53
CA SER S 1416 147.54 -26.98 -58.61
C SER S 1416 147.00 -27.02 -57.20
N ILE S 1417 147.85 -27.48 -56.27
CA ILE S 1417 147.38 -27.75 -54.91
C ILE S 1417 146.94 -26.46 -54.23
N PHE S 1418 147.61 -25.33 -54.52
CA PHE S 1418 147.30 -24.10 -53.81
C PHE S 1418 145.94 -23.55 -54.23
N ASN S 1419 145.51 -23.84 -55.46
CA ASN S 1419 144.16 -23.48 -55.93
C ASN S 1419 143.45 -24.74 -56.40
N ASP S 1420 142.73 -25.37 -55.49
CA ASP S 1420 141.88 -26.53 -55.79
C ASP S 1420 140.70 -26.50 -54.84
N GLU S 1421 139.91 -27.58 -54.87
CA GLU S 1421 138.75 -27.69 -54.00
C GLU S 1421 139.20 -27.98 -52.57
N ASN S 1422 138.32 -27.62 -51.62
CA ASN S 1422 138.54 -27.88 -50.20
C ASN S 1422 139.84 -27.26 -49.70
N VAL S 1423 140.03 -25.97 -50.00
CA VAL S 1423 141.16 -25.20 -49.50
C VAL S 1423 140.62 -24.21 -48.48
N LEU S 1424 141.08 -24.35 -47.23
CA LEU S 1424 140.58 -23.48 -46.17
C LEU S 1424 141.30 -22.14 -46.17
N GLY S 1425 142.61 -22.14 -46.34
CA GLY S 1425 143.34 -20.88 -46.34
C GLY S 1425 144.82 -20.98 -46.55
N VAL S 1426 145.37 -19.86 -47.02
CA VAL S 1426 146.80 -19.59 -47.10
C VAL S 1426 147.12 -18.58 -46.00
N PHE S 1427 148.13 -18.88 -45.19
CA PHE S 1427 148.26 -18.11 -43.94
C PHE S 1427 149.45 -17.16 -43.90
N GLU S 1428 150.48 -17.35 -44.71
CA GLU S 1428 151.63 -16.46 -44.69
C GLU S 1428 152.08 -16.09 -46.09
N GLY S 1429 151.13 -15.70 -46.95
CA GLY S 1429 151.49 -15.26 -48.29
C GLY S 1429 151.93 -13.81 -48.36
N THR S 1430 151.78 -13.06 -47.28
CA THR S 1430 152.05 -11.62 -47.33
C THR S 1430 153.52 -11.29 -47.12
N ILE S 1431 154.26 -12.17 -46.42
CA ILE S 1431 155.63 -11.84 -46.05
C ILE S 1431 156.54 -11.90 -47.27
N THR S 1432 157.32 -10.81 -47.50
CA THR S 1432 158.27 -10.64 -48.59
C THR S 1432 159.62 -11.24 -48.24
N PRO S 1433 160.43 -11.58 -49.26
CA PRO S 1433 161.78 -12.10 -48.99
C PRO S 1433 162.63 -11.16 -48.14
N HIS S 1434 162.47 -9.85 -48.35
CA HIS S 1434 163.18 -8.86 -47.55
C HIS S 1434 162.90 -9.07 -46.06
N GLN S 1435 161.62 -9.18 -45.71
CA GLN S 1435 161.25 -9.38 -44.31
C GLN S 1435 161.73 -10.72 -43.79
N ARG S 1436 161.67 -11.77 -44.63
CA ARG S 1436 162.12 -13.08 -44.20
C ARG S 1436 163.60 -13.06 -43.86
N ALA S 1437 164.42 -12.41 -44.69
CA ALA S 1437 165.85 -12.34 -44.41
C ALA S 1437 166.16 -11.42 -43.23
N ILE S 1438 165.45 -10.29 -43.11
CA ILE S 1438 165.74 -9.37 -42.01
C ILE S 1438 165.29 -9.97 -40.69
N MET S 1439 164.36 -10.93 -40.72
CA MET S 1439 163.93 -11.59 -39.49
C MET S 1439 164.79 -12.81 -39.18
N ASP S 1440 165.23 -13.53 -40.21
CA ASP S 1440 165.99 -14.77 -39.99
C ASP S 1440 167.46 -14.48 -39.74
N LEU S 1441 168.13 -13.83 -40.69
CA LEU S 1441 169.57 -13.62 -40.59
C LEU S 1441 169.90 -12.45 -39.67
N GLY S 1442 169.42 -11.26 -40.01
CA GLY S 1442 169.71 -10.07 -39.25
C GLY S 1442 170.86 -9.27 -39.84
N ALA S 1443 171.42 -8.39 -39.01
CA ALA S 1443 172.50 -7.54 -39.46
C ALA S 1443 173.82 -8.30 -39.58
N SER S 1444 174.11 -9.19 -38.63
CA SER S 1444 175.40 -9.89 -38.59
C SER S 1444 175.22 -11.28 -39.20
N VAL S 1445 175.28 -11.33 -40.53
CA VAL S 1445 175.23 -12.59 -41.25
C VAL S 1445 176.64 -13.01 -41.62
N THR S 1446 176.90 -14.32 -41.57
CA THR S 1446 178.20 -14.88 -41.88
C THR S 1446 178.05 -16.07 -42.81
N PHE S 1447 179.17 -16.51 -43.37
CA PHE S 1447 179.21 -17.61 -44.33
C PHE S 1447 179.79 -18.85 -43.65
N ARG S 1448 179.02 -19.93 -43.63
CA ARG S 1448 179.47 -21.24 -43.14
C ARG S 1448 179.52 -22.26 -44.28
N SER S 1449 179.96 -21.83 -45.46
CA SER S 1449 179.87 -22.66 -46.66
C SER S 1449 180.67 -23.94 -46.51
N LYS S 1450 181.99 -23.82 -46.35
CA LYS S 1450 182.93 -24.96 -46.33
C LYS S 1450 182.69 -25.75 -47.63
N ALA S 1451 182.63 -27.07 -47.60
CA ALA S 1451 182.40 -27.93 -48.78
C ALA S 1451 183.39 -27.52 -49.87
N MET S 1452 182.95 -27.30 -51.11
CA MET S 1452 183.84 -26.83 -52.15
C MET S 1452 183.97 -25.31 -52.07
N GLY S 1453 185.14 -24.82 -52.48
CA GLY S 1453 185.44 -23.40 -52.38
C GLY S 1453 184.68 -22.56 -53.38
N ALA S 1454 183.36 -22.46 -53.20
CA ALA S 1454 182.50 -21.72 -54.11
C ALA S 1454 182.30 -20.27 -53.70
N LEU S 1455 183.25 -19.68 -52.97
CA LEU S 1455 183.16 -18.28 -52.60
C LEU S 1455 183.15 -17.41 -53.85
N GLY S 1456 184.06 -17.72 -54.79
CA GLY S 1456 184.06 -17.05 -56.07
C GLY S 1456 182.80 -17.34 -56.86
N LYS S 1457 182.39 -18.61 -56.86
CA LYS S 1457 181.13 -18.98 -57.50
C LYS S 1457 179.96 -18.30 -56.82
N GLY S 1458 180.00 -18.18 -55.50
CA GLY S 1458 178.94 -17.51 -54.79
C GLY S 1458 178.86 -16.02 -55.08
N ILE S 1459 180.02 -15.40 -55.33
CA ILE S 1459 180.03 -13.95 -55.53
C ILE S 1459 179.72 -13.59 -56.97
N GLN S 1460 180.08 -14.47 -57.91
CA GLN S 1460 179.77 -14.17 -59.32
C GLN S 1460 178.28 -14.33 -59.59
N GLN S 1461 177.67 -15.39 -59.07
CA GLN S 1461 176.23 -15.56 -59.15
C GLN S 1461 175.56 -15.02 -57.89
N GLY S 1462 174.27 -15.32 -57.72
CA GLY S 1462 173.57 -14.96 -56.51
C GLY S 1462 173.66 -16.05 -55.45
N PHE S 1463 174.24 -15.72 -54.30
CA PHE S 1463 174.43 -16.71 -53.24
C PHE S 1463 173.09 -17.17 -52.68
N GLU S 1464 172.74 -18.43 -52.93
CA GLU S 1464 171.54 -19.01 -52.35
C GLU S 1464 171.75 -19.22 -50.86
N MET S 1465 170.80 -18.75 -50.05
CA MET S 1465 171.01 -18.66 -48.62
C MET S 1465 170.29 -19.75 -47.82
N LYS S 1466 169.33 -20.45 -48.43
CA LYS S 1466 168.54 -21.42 -47.68
C LYS S 1466 169.41 -22.56 -47.15
N ASP S 1467 170.27 -23.12 -48.01
CA ASP S 1467 171.09 -24.24 -47.59
C ASP S 1467 172.12 -23.85 -46.54
N LEU S 1468 172.80 -22.73 -46.75
CA LEU S 1468 173.86 -22.31 -45.83
C LEU S 1468 173.52 -20.94 -45.25
N SER S 1469 173.43 -20.89 -43.92
CA SER S 1469 173.10 -19.64 -43.22
C SER S 1469 173.51 -19.79 -41.77
N MET S 1470 173.92 -18.66 -41.18
CA MET S 1470 174.18 -18.57 -39.76
C MET S 1470 174.20 -17.10 -39.37
N ALA S 1471 173.74 -16.83 -38.15
CA ALA S 1471 173.61 -15.47 -37.63
C ALA S 1471 174.60 -15.30 -36.48
N GLU S 1472 175.71 -14.61 -36.74
CA GLU S 1472 176.74 -14.37 -35.75
C GLU S 1472 176.28 -13.25 -34.80
N ASN S 1473 176.91 -13.19 -33.63
CA ASN S 1473 176.58 -12.18 -32.62
C ASN S 1473 176.90 -10.79 -33.16
N GLU S 1474 176.00 -9.84 -32.91
CA GLU S 1474 176.12 -8.47 -33.40
C GLU S 1474 176.38 -7.46 -32.28
N ARG S 1475 177.12 -7.85 -31.23
CA ARG S 1475 177.29 -7.00 -30.06
C ARG S 1475 177.94 -5.66 -30.40
N TYR S 1476 178.83 -5.64 -31.40
CA TYR S 1476 179.44 -4.41 -31.89
C TYR S 1476 179.32 -4.41 -33.41
N LEU S 1477 178.35 -3.64 -33.92
CA LEU S 1477 178.09 -3.65 -35.36
C LEU S 1477 179.22 -2.97 -36.14
N SER S 1478 179.62 -1.77 -35.74
CA SER S 1478 180.52 -0.97 -36.55
C SER S 1478 181.27 0.04 -35.70
N GLY S 1479 182.57 0.18 -35.98
CA GLY S 1479 183.32 1.35 -35.57
C GLY S 1479 183.29 2.35 -36.72
N PHE S 1480 182.40 3.33 -36.61
CA PHE S 1480 182.01 4.14 -37.75
C PHE S 1480 183.16 5.01 -38.25
N SER S 1481 183.39 4.96 -39.56
CA SER S 1481 184.30 5.88 -40.24
C SER S 1481 183.87 5.94 -41.70
N MET S 1482 183.11 6.97 -42.07
CA MET S 1482 182.53 7.02 -43.40
C MET S 1482 181.95 8.41 -43.67
N ASP S 1483 181.83 8.80 -44.94
CA ASP S 1483 181.38 10.14 -45.33
C ASP S 1483 179.86 10.17 -45.38
N ILE S 1484 179.28 11.30 -44.98
CA ILE S 1484 177.83 11.48 -44.90
C ILE S 1484 177.46 12.72 -45.70
N GLY S 1485 176.32 12.67 -46.39
CA GLY S 1485 175.85 13.78 -47.19
C GLY S 1485 174.42 14.15 -46.87
N TYR S 1486 173.93 15.16 -47.60
CA TYR S 1486 172.57 15.68 -47.44
C TYR S 1486 171.83 15.72 -48.77
N LEU S 1487 170.51 15.69 -48.66
CA LEU S 1487 169.62 15.98 -49.79
C LEU S 1487 168.25 16.31 -49.20
N LEU S 1488 167.81 17.56 -49.35
CA LEU S 1488 166.60 18.03 -48.68
C LEU S 1488 165.70 18.77 -49.66
N HIS S 1489 164.39 18.70 -49.40
CA HIS S 1489 163.37 19.37 -50.21
C HIS S 1489 162.43 20.11 -49.27
N PHE S 1490 162.06 21.34 -49.65
CA PHE S 1490 161.16 22.18 -48.85
C PHE S 1490 160.07 22.76 -49.75
N PRO S 1491 159.13 21.94 -50.22
CA PRO S 1491 158.04 22.41 -51.08
C PRO S 1491 157.10 23.37 -50.35
N PHE S 1588 178.36 5.65 -51.18
CA PHE S 1588 178.25 6.72 -50.20
C PHE S 1588 176.88 6.71 -49.51
N LEU S 1589 176.89 6.82 -48.19
CA LEU S 1589 175.69 6.70 -47.36
C LEU S 1589 175.03 8.08 -47.28
N LEU S 1590 174.32 8.45 -48.34
CA LEU S 1590 173.56 9.69 -48.34
C LEU S 1590 172.35 9.57 -47.43
N LEU S 1591 171.94 10.69 -46.84
CA LEU S 1591 170.74 10.75 -46.01
C LEU S 1591 169.67 11.52 -46.77
N LEU S 1592 168.51 10.88 -46.96
CA LEU S 1592 167.41 11.44 -47.72
C LEU S 1592 166.39 12.04 -46.78
N GLN S 1593 166.19 13.36 -46.89
CA GLN S 1593 165.24 14.12 -46.08
C GLN S 1593 164.30 14.85 -47.03
N SER S 1594 163.24 14.15 -47.45
CA SER S 1594 162.31 14.74 -48.41
C SER S 1594 160.88 14.40 -48.06
N PRO S 1595 159.93 15.31 -48.32
CA PRO S 1595 158.51 14.97 -48.08
C PRO S 1595 158.02 13.79 -48.90
N PHE S 1596 158.51 13.63 -50.13
CA PHE S 1596 158.07 12.57 -51.03
C PHE S 1596 159.27 11.71 -51.41
N ILE S 1597 159.46 10.61 -50.67
CA ILE S 1597 160.56 9.70 -50.97
C ILE S 1597 160.36 9.03 -52.32
N THR S 1598 159.14 8.54 -52.58
CA THR S 1598 158.88 7.79 -53.81
C THR S 1598 159.05 8.66 -55.04
N LYS S 1599 158.56 9.90 -54.99
CA LYS S 1599 158.64 10.77 -56.15
C LYS S 1599 160.10 11.09 -56.50
N LEU S 1600 160.91 11.44 -55.49
CA LEU S 1600 162.31 11.75 -55.75
C LEU S 1600 163.06 10.50 -56.23
N LEU S 1601 162.74 9.34 -55.65
CA LEU S 1601 163.40 8.11 -56.08
C LEU S 1601 163.06 7.78 -57.52
N GLY S 1602 161.80 7.97 -57.91
CA GLY S 1602 161.39 7.65 -59.27
C GLY S 1602 161.91 8.63 -60.30
N THR S 1603 161.91 9.93 -59.96
CA THR S 1603 162.33 10.94 -60.93
C THR S 1603 163.79 10.76 -61.32
N ILE S 1604 164.66 10.50 -60.35
CA ILE S 1604 166.08 10.27 -60.62
C ILE S 1604 166.31 8.76 -60.44
N ARG S 1605 166.37 8.05 -61.56
CA ARG S 1605 166.56 6.60 -61.51
C ARG S 1605 167.93 6.25 -60.94
N LEU S 1606 168.92 7.12 -61.16
CA LEU S 1606 170.26 6.86 -60.64
C LEU S 1606 170.28 6.89 -59.11
N LEU S 1607 169.29 7.52 -58.50
CA LEU S 1607 169.23 7.58 -57.04
C LEU S 1607 169.00 6.20 -56.43
N ASN S 1608 168.40 5.28 -57.18
CA ASN S 1608 168.08 3.96 -56.64
C ASN S 1608 169.35 3.17 -56.33
N GLN S 1609 170.34 3.24 -57.21
CA GLN S 1609 171.54 2.41 -57.08
C GLN S 1609 172.45 2.82 -55.93
N MET S 1610 172.19 3.95 -55.28
CA MET S 1610 173.07 4.34 -54.18
C MET S 1610 172.39 4.07 -52.84
N PRO S 1611 173.17 3.78 -51.79
CA PRO S 1611 172.58 3.52 -50.47
C PRO S 1611 172.15 4.82 -49.82
N ILE S 1612 170.93 4.83 -49.29
CA ILE S 1612 170.35 6.02 -48.68
C ILE S 1612 169.70 5.64 -47.36
N VAL S 1613 169.89 6.49 -46.35
CA VAL S 1613 169.19 6.39 -45.08
C VAL S 1613 168.05 7.40 -45.13
N LYS S 1614 166.82 6.90 -45.11
CA LYS S 1614 165.64 7.72 -45.42
C LYS S 1614 165.02 8.20 -44.10
N LEU S 1615 165.26 9.46 -43.77
CA LEU S 1615 164.65 10.10 -42.61
C LEU S 1615 163.77 11.24 -43.12
N SER S 1616 162.48 11.18 -42.81
CA SER S 1616 161.50 12.07 -43.41
C SER S 1616 160.84 12.95 -42.37
N LEU S 1617 161.12 14.25 -42.43
CA LEU S 1617 160.32 15.26 -41.75
C LEU S 1617 159.48 15.98 -42.80
N ASN S 1618 158.17 16.07 -42.57
CA ASN S 1618 157.24 16.38 -43.63
C ASN S 1618 156.41 17.61 -43.27
N GLU S 1619 155.58 18.03 -44.22
CA GLU S 1619 154.60 19.11 -44.02
C GLU S 1619 155.25 20.42 -43.60
N VAL S 1620 156.06 20.99 -44.50
CA VAL S 1620 156.59 22.32 -44.27
C VAL S 1620 155.47 23.35 -44.43
N LEU S 1621 155.46 24.34 -43.55
CA LEU S 1621 154.44 25.38 -43.55
C LEU S 1621 155.10 26.75 -43.49
N LEU S 1622 154.39 27.76 -43.96
CA LEU S 1622 154.92 29.12 -44.05
C LEU S 1622 153.92 30.11 -43.49
N PRO S 1623 154.40 31.19 -42.88
CA PRO S 1623 153.48 32.26 -42.43
C PRO S 1623 152.99 33.16 -43.56
N GLN S 1624 153.55 33.01 -44.76
CA GLN S 1624 153.23 33.74 -45.99
C GLN S 1624 153.81 35.16 -45.98
N LEU S 1625 154.37 35.64 -44.88
CA LEU S 1625 155.00 36.95 -44.82
C LEU S 1625 156.39 36.82 -44.21
N ASN S 1626 157.38 37.41 -44.87
CA ASN S 1626 158.77 37.41 -44.41
C ASN S 1626 159.25 35.99 -44.11
N TRP S 1627 159.21 35.13 -45.14
CA TRP S 1627 159.49 33.72 -44.93
C TRP S 1627 160.98 33.39 -45.05
N GLN S 1628 161.80 34.35 -45.49
CA GLN S 1628 163.24 34.09 -45.58
C GLN S 1628 163.87 33.77 -44.22
N PRO S 1629 163.64 34.53 -43.14
CA PRO S 1629 164.22 34.14 -41.85
C PRO S 1629 163.78 32.76 -41.38
N THR S 1630 162.50 32.40 -41.58
CA THR S 1630 162.04 31.11 -41.08
C THR S 1630 162.59 29.96 -41.93
N LEU S 1631 162.78 30.18 -43.24
CA LEU S 1631 163.50 29.20 -44.04
C LEU S 1631 164.93 29.02 -43.55
N LEU S 1632 165.60 30.13 -43.23
CA LEU S 1632 166.97 30.04 -42.73
C LEU S 1632 167.02 29.25 -41.42
N LYS S 1633 166.10 29.54 -40.51
CA LYS S 1633 166.07 28.83 -39.22
C LYS S 1633 165.74 27.35 -39.41
N LYS S 1634 164.82 27.03 -40.32
CA LYS S 1634 164.47 25.64 -40.57
C LYS S 1634 165.63 24.89 -41.21
N LEU S 1635 166.47 25.59 -41.98
CA LEU S 1635 167.62 24.95 -42.59
C LEU S 1635 168.76 24.75 -41.59
N VAL S 1636 168.91 25.67 -40.63
CA VAL S 1636 170.06 25.64 -39.73
C VAL S 1636 170.07 24.37 -38.88
N ASN S 1637 168.93 24.03 -38.28
CA ASN S 1637 168.90 22.89 -37.37
C ASN S 1637 169.12 21.58 -38.12
N HIS S 1638 168.54 21.46 -39.33
CA HIS S 1638 168.78 20.28 -40.14
C HIS S 1638 170.24 20.19 -40.57
N VAL S 1639 170.90 21.33 -40.78
CA VAL S 1639 172.33 21.30 -41.07
C VAL S 1639 173.11 20.79 -39.86
N LEU S 1640 172.77 21.27 -38.67
CA LEU S 1640 173.58 21.03 -37.48
C LEU S 1640 173.24 19.75 -36.72
N SER S 1641 172.17 19.04 -37.08
CA SER S 1641 171.77 17.87 -36.30
C SER S 1641 172.35 16.56 -36.82
N SER S 1642 173.29 16.61 -37.78
CA SER S 1642 173.81 15.39 -38.38
C SER S 1642 174.48 14.49 -37.36
N GLY S 1643 175.30 15.07 -36.47
CA GLY S 1643 175.97 14.27 -35.46
C GLY S 1643 174.99 13.54 -34.57
N SER S 1644 173.86 14.17 -34.25
CA SER S 1644 172.86 13.53 -33.40
C SER S 1644 172.14 12.41 -34.16
N TRP S 1645 171.81 12.65 -35.43
CA TRP S 1645 171.02 11.67 -36.17
C TRP S 1645 171.74 10.32 -36.25
N ILE S 1646 172.98 10.33 -36.70
CA ILE S 1646 173.77 9.11 -36.91
C ILE S 1646 174.01 8.42 -35.57
N SER S 1647 174.31 9.22 -34.53
CA SER S 1647 174.55 8.64 -33.22
C SER S 1647 173.34 7.89 -32.70
N HIS S 1648 172.16 8.52 -32.80
CA HIS S 1648 170.95 7.85 -32.32
C HIS S 1648 170.61 6.64 -33.17
N LEU S 1649 170.82 6.74 -34.49
CA LEU S 1649 170.58 5.61 -35.37
C LEU S 1649 171.44 4.42 -35.00
N ILE S 1650 172.74 4.65 -34.76
CA ILE S 1650 173.63 3.56 -34.36
C ILE S 1650 173.23 3.02 -32.99
N LYS S 1651 172.82 3.90 -32.08
CA LYS S 1651 172.42 3.45 -30.75
C LYS S 1651 171.23 2.51 -30.82
N LEU S 1652 170.25 2.83 -31.67
CA LEU S 1652 169.12 1.91 -31.83
C LEU S 1652 169.53 0.65 -32.57
N SER S 1653 170.38 0.77 -33.60
CA SER S 1653 170.70 -0.38 -34.44
C SER S 1653 171.51 -1.42 -33.67
N GLN S 1654 172.41 -0.98 -32.77
CA GLN S 1654 173.27 -1.93 -32.08
C GLN S 1654 172.47 -2.89 -31.21
N TYR S 1655 171.30 -2.45 -30.71
CA TYR S 1655 170.43 -3.33 -29.95
C TYR S 1655 169.40 -4.01 -30.84
N SER S 1656 168.99 -3.34 -31.92
CA SER S 1656 167.86 -3.77 -32.73
C SER S 1656 168.17 -4.98 -33.60
N ASN S 1657 169.40 -5.05 -34.15
CA ASN S 1657 169.87 -6.12 -35.03
C ASN S 1657 169.26 -5.95 -36.43
N ILE S 1658 168.37 -4.98 -36.59
CA ILE S 1658 167.95 -4.56 -37.94
C ILE S 1658 169.05 -3.71 -38.58
N PRO S 1659 169.33 -3.87 -39.87
CA PRO S 1659 170.35 -3.04 -40.52
C PRO S 1659 169.99 -1.56 -40.46
N ILE S 1660 171.05 -0.73 -40.47
CA ILE S 1660 170.93 0.70 -40.20
C ILE S 1660 170.07 1.40 -41.24
N CYS S 1661 170.25 1.07 -42.52
CA CYS S 1661 169.55 1.80 -43.56
C CYS S 1661 168.07 1.41 -43.66
N ASN S 1662 167.75 0.14 -43.40
CA ASN S 1662 166.35 -0.26 -43.38
C ASN S 1662 165.61 0.41 -42.24
N LEU S 1663 166.25 0.51 -41.07
CA LEU S 1663 165.63 1.11 -39.91
C LEU S 1663 165.50 2.62 -40.07
N ARG S 1664 164.40 3.16 -39.53
CA ARG S 1664 164.14 4.59 -39.47
C ARG S 1664 164.07 5.01 -38.01
N LEU S 1665 164.20 6.31 -37.77
CA LEU S 1665 164.27 6.82 -36.40
C LEU S 1665 162.89 6.92 -35.77
N ASP S 1666 161.98 7.67 -36.42
CA ASP S 1666 160.64 7.85 -35.88
C ASP S 1666 159.88 6.54 -35.80
N SER S 1667 160.16 5.61 -36.72
CA SER S 1667 159.53 4.30 -36.71
C SER S 1667 159.91 3.54 -35.44
N MET S 1668 158.92 3.25 -34.60
CA MET S 1668 159.18 2.56 -33.34
C MET S 1668 158.39 1.26 -33.28
N ASP S 1669 157.27 1.21 -34.00
CA ASP S 1669 156.46 0.00 -34.02
C ASP S 1669 157.15 -1.11 -34.81
N TYR S 1670 158.05 -0.73 -35.73
CA TYR S 1670 158.74 -1.73 -36.55
C TYR S 1670 159.65 -2.59 -35.69
N ILE S 1671 160.34 -1.98 -34.72
CA ILE S 1671 161.19 -2.73 -33.81
C ILE S 1671 160.37 -3.75 -33.04
N ILE S 1672 159.23 -3.33 -32.50
CA ILE S 1672 158.36 -4.23 -31.75
C ILE S 1672 157.89 -5.36 -32.65
N ASP S 1673 157.54 -5.02 -33.89
CA ASP S 1673 157.03 -6.04 -34.82
C ASP S 1673 158.09 -7.09 -35.11
N VAL S 1674 159.31 -6.67 -35.42
CA VAL S 1674 160.36 -7.64 -35.74
C VAL S 1674 160.70 -8.50 -34.53
N LEU S 1675 160.88 -7.87 -33.36
CA LEU S 1675 161.24 -8.64 -32.17
C LEU S 1675 160.15 -9.65 -31.82
N TYR S 1676 158.89 -9.21 -31.83
CA TYR S 1676 157.78 -10.08 -31.46
C TYR S 1676 157.61 -11.20 -32.47
N ALA S 1677 157.78 -10.89 -33.76
CA ALA S 1677 157.67 -11.91 -34.79
C ALA S 1677 158.77 -12.96 -34.67
N ARG S 1678 160.02 -12.55 -34.41
CA ARG S 1678 161.08 -13.55 -34.35
C ARG S 1678 161.00 -14.37 -33.07
N LYS S 1679 160.60 -13.76 -31.95
CA LYS S 1679 160.43 -14.54 -30.73
C LYS S 1679 159.19 -15.42 -30.80
N LEU S 1680 158.24 -15.09 -31.68
CA LEU S 1680 157.15 -16.01 -31.97
C LEU S 1680 157.63 -17.16 -32.84
N LYS S 1681 158.48 -16.86 -33.83
CA LYS S 1681 159.01 -17.91 -34.69
C LYS S 1681 159.92 -18.86 -33.92
N LYS S 1682 160.51 -18.39 -32.81
CA LYS S 1682 161.17 -19.32 -31.90
C LYS S 1682 160.21 -20.40 -31.44
N GLU S 1683 158.94 -20.05 -31.26
CA GLU S 1683 157.88 -21.01 -31.00
C GLU S 1683 157.25 -21.42 -32.34
N ASN S 1684 156.27 -22.32 -32.27
CA ASN S 1684 155.64 -22.85 -33.48
C ASN S 1684 154.43 -22.04 -33.92
N ILE S 1685 154.14 -20.91 -33.28
CA ILE S 1685 152.95 -20.11 -33.56
C ILE S 1685 153.08 -19.46 -34.94
N VAL S 1686 151.97 -19.36 -35.66
CA VAL S 1686 151.92 -18.73 -36.98
C VAL S 1686 151.90 -17.22 -36.81
N LEU S 1687 152.58 -16.53 -37.72
CA LEU S 1687 152.81 -15.09 -37.60
C LEU S 1687 151.55 -14.24 -37.74
N TRP S 1688 150.64 -14.61 -38.63
CA TRP S 1688 149.54 -13.78 -39.10
C TRP S 1688 150.00 -12.43 -39.60
N TRP S 1689 151.27 -12.32 -39.99
CA TRP S 1689 151.88 -11.09 -40.45
C TRP S 1689 151.20 -10.59 -41.70
N ASN S 1690 150.91 -9.29 -41.75
CA ASN S 1690 150.26 -8.67 -42.90
C ASN S 1690 150.93 -7.34 -43.18
N GLU S 1691 151.16 -7.05 -44.46
CA GLU S 1691 151.98 -5.91 -44.86
C GLU S 1691 151.11 -4.85 -45.52
N LYS S 1692 151.30 -3.59 -45.11
CA LYS S 1692 150.50 -2.43 -45.51
C LYS S 1692 149.02 -2.75 -45.63
N ALA S 1693 148.48 -3.39 -44.60
CA ALA S 1693 147.06 -3.69 -44.54
C ALA S 1693 146.58 -3.52 -43.10
N PRO S 1694 145.50 -2.77 -42.87
CA PRO S 1694 145.05 -2.53 -41.49
C PRO S 1694 144.49 -3.75 -40.79
N LEU S 1695 144.18 -4.83 -41.52
CA LEU S 1695 143.58 -5.99 -40.90
C LEU S 1695 144.55 -7.16 -40.89
N PRO S 1696 144.45 -8.06 -39.91
CA PRO S 1696 145.34 -9.23 -39.87
C PRO S 1696 145.10 -10.16 -41.04
N ASP S 1697 146.10 -10.97 -41.39
CA ASP S 1697 145.98 -11.97 -42.44
C ASP S 1697 145.61 -13.30 -41.79
N HIS S 1698 144.32 -13.63 -41.82
CA HIS S 1698 143.80 -14.84 -41.20
C HIS S 1698 143.50 -15.94 -42.22
N GLY S 1699 143.96 -15.79 -43.46
CA GLY S 1699 143.67 -16.75 -44.50
C GLY S 1699 142.55 -16.39 -45.43
N GLY S 1700 142.01 -15.18 -45.35
CA GLY S 1700 140.93 -14.74 -46.21
C GLY S 1700 139.58 -14.62 -45.52
N ILE S 1701 139.42 -15.21 -44.34
CA ILE S 1701 138.18 -15.06 -43.59
C ILE S 1701 138.00 -13.65 -43.05
N GLN S 1702 139.07 -12.86 -43.02
CA GLN S 1702 139.05 -11.49 -42.53
C GLN S 1702 138.44 -10.51 -43.52
N ASN S 1703 138.03 -10.97 -44.71
CA ASN S 1703 137.43 -10.11 -45.73
C ASN S 1703 135.91 -10.18 -45.72
N ASP S 1704 135.31 -10.66 -44.63
CA ASP S 1704 133.87 -10.79 -44.53
C ASP S 1704 133.37 -10.12 -43.26
N PHE S 1705 132.17 -9.55 -43.36
CA PHE S 1705 131.54 -8.89 -42.22
C PHE S 1705 131.13 -9.93 -41.17
N ASP S 1706 131.47 -9.65 -39.91
CA ASP S 1706 131.08 -10.49 -38.80
C ASP S 1706 130.59 -9.61 -37.66
N LEU S 1707 129.58 -10.09 -36.95
CA LEU S 1707 128.97 -9.28 -35.89
C LEU S 1707 129.90 -9.13 -34.69
N ASN S 1708 130.55 -10.22 -34.29
CA ASN S 1708 131.45 -10.16 -33.13
C ASN S 1708 132.63 -9.23 -33.40
N THR S 1709 133.23 -9.31 -34.59
CA THR S 1709 134.33 -8.42 -34.93
C THR S 1709 133.87 -6.97 -34.94
N SER S 1710 132.70 -6.70 -35.53
CA SER S 1710 132.18 -5.34 -35.56
C SER S 1710 131.94 -4.80 -34.16
N TRP S 1711 131.49 -5.65 -33.23
CA TRP S 1711 131.30 -5.19 -31.86
C TRP S 1711 132.64 -4.94 -31.18
N ILE S 1712 133.61 -5.85 -31.36
CA ILE S 1712 134.88 -5.73 -30.64
C ILE S 1712 135.77 -4.61 -31.16
N MET S 1713 135.64 -4.21 -32.42
CA MET S 1713 136.37 -3.04 -32.88
C MET S 1713 135.60 -1.73 -32.70
N ASN S 1714 134.37 -1.78 -32.18
CA ASN S 1714 133.59 -0.58 -31.93
C ASN S 1714 133.38 -0.33 -30.44
N ASP S 1715 134.19 -0.95 -29.57
CA ASP S 1715 134.10 -0.77 -28.12
C ASP S 1715 135.42 -0.17 -27.63
N SER S 1716 135.48 1.16 -27.59
CA SER S 1716 136.65 1.87 -27.11
C SER S 1716 136.32 2.87 -26.01
N GLU S 1717 135.16 2.72 -25.38
CA GLU S 1717 134.71 3.62 -24.31
C GLU S 1717 135.16 3.07 -22.96
N PHE S 1718 135.64 3.96 -22.09
CA PHE S 1718 136.09 3.49 -20.80
C PHE S 1718 135.13 3.92 -19.70
N PRO S 1719 134.89 3.09 -18.69
CA PRO S 1719 134.01 3.47 -17.59
C PRO S 1719 134.64 4.56 -16.74
N LYS S 1720 133.78 5.25 -15.99
CA LYS S 1720 134.22 6.34 -15.14
C LYS S 1720 133.34 6.42 -13.91
N ILE S 1721 133.86 7.06 -12.87
CA ILE S 1721 133.14 7.31 -11.62
C ILE S 1721 133.10 8.81 -11.40
N ASN S 1722 131.90 9.33 -11.13
CA ASN S 1722 131.69 10.78 -11.05
C ASN S 1722 130.84 11.13 -9.82
N ASN S 1723 131.23 10.62 -8.66
CA ASN S 1723 130.45 10.90 -7.46
C ASN S 1723 130.53 12.38 -7.10
N SER S 1724 129.39 13.06 -7.10
CA SER S 1724 129.33 14.51 -6.98
C SER S 1724 128.84 14.93 -5.60
N GLY S 1725 129.23 16.15 -5.22
CA GLY S 1725 128.82 16.69 -3.94
C GLY S 1725 129.82 17.71 -3.45
N VAL S 1726 129.63 18.12 -2.21
CA VAL S 1726 130.53 19.05 -1.54
C VAL S 1726 131.16 18.29 -0.37
N TYR S 1727 132.48 18.23 -0.34
CA TYR S 1727 133.19 17.45 0.67
C TYR S 1727 133.94 18.35 1.63
N ASP S 1728 133.70 18.15 2.92
CA ASP S 1728 134.33 18.95 3.98
C ASP S 1728 135.56 18.27 4.57
N ASN S 1729 135.96 17.12 4.03
CA ASN S 1729 137.18 16.45 4.43
C ASN S 1729 138.26 16.70 3.38
N VAL S 1730 139.44 16.16 3.62
CA VAL S 1730 140.53 16.33 2.67
C VAL S 1730 140.38 15.35 1.51
N VAL S 1731 140.74 15.82 0.32
CA VAL S 1731 140.64 15.06 -0.91
C VAL S 1731 142.03 15.00 -1.55
N LEU S 1732 142.42 13.79 -1.94
CA LEU S 1732 143.71 13.54 -2.57
C LEU S 1732 143.54 13.37 -4.07
N ASP S 1733 144.48 13.95 -4.82
CA ASP S 1733 144.46 13.94 -6.28
C ASP S 1733 145.70 13.17 -6.77
N VAL S 1734 145.56 11.86 -6.93
CA VAL S 1734 146.70 11.05 -7.35
C VAL S 1734 146.65 10.81 -8.85
N GLY S 1735 147.82 10.61 -9.44
CA GLY S 1735 147.92 10.32 -10.85
C GLY S 1735 148.51 8.96 -11.14
N VAL S 1736 147.72 8.07 -11.72
CA VAL S 1736 148.15 6.69 -11.94
C VAL S 1736 148.78 6.54 -13.33
N ASP S 1737 150.10 6.37 -13.37
CA ASP S 1737 150.81 6.11 -14.60
C ASP S 1737 151.25 4.65 -14.67
N ASN S 1738 151.49 4.17 -15.88
CA ASN S 1738 151.89 2.80 -16.21
C ASN S 1738 150.77 1.79 -15.96
N LEU S 1739 149.51 2.16 -16.26
CA LEU S 1739 148.41 1.25 -16.04
C LEU S 1739 148.44 0.07 -17.01
N THR S 1740 148.66 0.35 -18.30
CA THR S 1740 148.60 -0.70 -19.30
C THR S 1740 149.74 -1.70 -19.15
N VAL S 1741 150.97 -1.20 -18.93
CA VAL S 1741 152.11 -2.10 -18.79
C VAL S 1741 151.98 -2.93 -17.52
N ASN S 1742 151.47 -2.33 -16.44
CA ASN S 1742 151.22 -3.10 -15.23
C ASN S 1742 150.18 -4.19 -15.47
N THR S 1743 149.12 -3.85 -16.21
CA THR S 1743 148.10 -4.84 -16.52
C THR S 1743 148.68 -5.99 -17.31
N ILE S 1744 149.54 -5.69 -18.29
CA ILE S 1744 150.14 -6.76 -19.10
C ILE S 1744 151.07 -7.62 -18.25
N LEU S 1745 151.92 -6.97 -17.45
CA LEU S 1745 152.92 -7.71 -16.67
C LEU S 1745 152.26 -8.57 -15.59
N THR S 1746 151.21 -8.06 -14.96
CA THR S 1746 150.57 -8.80 -13.88
C THR S 1746 149.89 -10.07 -14.40
N SER S 1747 149.07 -9.93 -15.45
CA SER S 1747 148.37 -11.08 -16.02
C SER S 1747 147.89 -10.76 -17.44
N GLU S 1777 138.60 -22.44 -25.44
CA GLU S 1777 137.62 -23.24 -26.17
C GLU S 1777 136.23 -22.59 -26.13
N PHE S 1778 135.70 -22.44 -24.92
CA PHE S 1778 134.37 -21.86 -24.75
C PHE S 1778 134.34 -20.41 -25.20
N VAL S 1779 135.36 -19.65 -24.85
CA VAL S 1779 135.43 -18.24 -25.22
C VAL S 1779 135.85 -18.14 -26.68
N HIS S 1780 135.05 -17.42 -27.47
CA HIS S 1780 135.30 -17.27 -28.90
C HIS S 1780 135.84 -15.88 -29.24
N ASP S 1781 136.05 -15.01 -28.26
CA ASP S 1781 136.40 -13.62 -28.51
C ASP S 1781 137.68 -13.24 -27.78
N ALA S 1782 138.55 -14.22 -27.51
CA ALA S 1782 139.75 -13.98 -26.73
C ALA S 1782 140.99 -14.20 -27.58
N PHE S 1783 142.06 -13.48 -27.22
CA PHE S 1783 143.34 -13.66 -27.87
C PHE S 1783 144.00 -14.96 -27.40
N SER S 1784 144.86 -15.51 -28.26
CA SER S 1784 145.56 -16.74 -27.92
C SER S 1784 146.42 -16.56 -26.68
N ASN S 1785 146.34 -17.53 -25.77
CA ASN S 1785 147.05 -17.41 -24.49
C ASN S 1785 148.56 -17.54 -24.67
N ASP S 1786 148.99 -18.36 -25.63
CA ASP S 1786 150.43 -18.56 -25.83
C ASP S 1786 151.12 -17.27 -26.26
N ALA S 1787 150.54 -16.58 -27.26
CA ALA S 1787 151.11 -15.29 -27.68
C ALA S 1787 151.04 -14.27 -26.56
N LEU S 1788 149.99 -14.33 -25.73
CA LEU S 1788 149.89 -13.43 -24.60
C LEU S 1788 151.03 -13.66 -23.61
N ASN S 1789 151.36 -14.92 -23.35
CA ASN S 1789 152.47 -15.23 -22.46
C ASN S 1789 153.80 -14.82 -23.06
N VAL S 1790 153.94 -14.97 -24.38
CA VAL S 1790 155.15 -14.51 -25.06
C VAL S 1790 155.32 -13.01 -24.89
N LEU S 1791 154.24 -12.26 -25.07
CA LEU S 1791 154.28 -10.81 -24.89
C LEU S 1791 154.60 -10.45 -23.44
N ARG S 1792 154.03 -11.21 -22.49
CA ARG S 1792 154.31 -10.97 -21.08
C ARG S 1792 155.79 -11.15 -20.77
N GLY S 1793 156.39 -12.24 -21.27
CA GLY S 1793 157.81 -12.46 -21.07
C GLY S 1793 158.66 -11.38 -21.71
N MET S 1794 158.29 -10.97 -22.93
CA MET S 1794 159.00 -9.88 -23.59
C MET S 1794 158.97 -8.61 -22.76
N LEU S 1795 157.78 -8.24 -22.26
CA LEU S 1795 157.67 -7.03 -21.47
C LEU S 1795 158.45 -7.15 -20.16
N LYS S 1796 158.42 -8.32 -19.53
CA LYS S 1796 159.17 -8.50 -18.29
C LYS S 1796 160.66 -8.32 -18.50
N GLU S 1797 161.21 -8.98 -19.54
CA GLU S 1797 162.63 -8.84 -19.79
C GLU S 1797 162.99 -7.41 -20.18
N TRP S 1798 162.14 -6.76 -20.98
CA TRP S 1798 162.39 -5.37 -21.35
C TRP S 1798 162.42 -4.47 -20.13
N TRP S 1799 161.47 -4.66 -19.21
CA TRP S 1799 161.43 -3.85 -18.00
C TRP S 1799 162.67 -4.08 -17.14
N ASP S 1800 163.09 -5.34 -16.99
CA ASP S 1800 164.27 -5.63 -16.19
C ASP S 1800 165.52 -5.01 -16.78
N GLU S 1801 165.71 -5.09 -18.10
CA GLU S 1801 166.87 -4.44 -18.70
C GLU S 1801 166.76 -2.92 -18.65
N ALA S 1802 165.53 -2.39 -18.72
CA ALA S 1802 165.34 -0.95 -18.62
C ALA S 1802 165.69 -0.44 -17.24
N LEU S 1803 165.48 -1.27 -16.21
CA LEU S 1803 165.89 -0.88 -14.86
C LEU S 1803 167.40 -0.68 -14.77
N LYS S 1804 168.17 -1.48 -15.50
CA LYS S 1804 169.63 -1.41 -15.44
C LYS S 1804 170.19 -0.40 -16.44
N GLU S 1805 169.65 0.82 -16.44
CA GLU S 1805 170.17 1.93 -17.23
C GLU S 1805 170.31 1.57 -18.71
N ASN S 1806 169.18 1.23 -19.34
CA ASN S 1806 169.12 0.97 -20.76
C ASN S 1806 168.12 1.94 -21.40
N SER S 1807 168.60 2.76 -22.33
CA SER S 1807 167.73 3.74 -22.97
C SER S 1807 166.79 3.09 -23.96
N THR S 1808 167.29 2.15 -24.76
CA THR S 1808 166.46 1.51 -25.77
C THR S 1808 165.35 0.69 -25.14
N ALA S 1809 165.65 -0.02 -24.06
CA ALA S 1809 164.62 -0.79 -23.37
C ALA S 1809 163.54 0.12 -22.81
N ASP S 1810 163.95 1.26 -22.24
CA ASP S 1810 162.97 2.22 -21.73
C ASP S 1810 162.09 2.75 -22.85
N LEU S 1811 162.69 3.04 -24.01
CA LEU S 1811 161.91 3.51 -25.15
C LEU S 1811 160.92 2.45 -25.61
N LEU S 1812 161.35 1.19 -25.66
CA LEU S 1812 160.43 0.11 -26.06
C LEU S 1812 159.28 -0.03 -25.07
N VAL S 1813 159.58 0.04 -23.78
CA VAL S 1813 158.53 -0.07 -22.77
C VAL S 1813 157.54 1.07 -22.90
N ASN S 1814 158.05 2.29 -23.13
CA ASN S 1814 157.15 3.43 -23.29
C ASN S 1814 156.30 3.31 -24.55
N SER S 1815 156.86 2.78 -25.63
CA SER S 1815 156.17 2.76 -26.92
C SER S 1815 155.29 1.52 -27.11
N LEU S 1816 155.35 0.54 -26.21
CA LEU S 1816 154.51 -0.63 -26.34
C LEU S 1816 153.02 -0.27 -26.32
N ALA S 1817 152.62 0.63 -25.41
CA ALA S 1817 151.22 1.02 -25.33
C ALA S 1817 150.75 1.69 -26.61
N SER S 1818 151.59 2.53 -27.21
CA SER S 1818 151.25 3.13 -28.50
C SER S 1818 151.17 2.07 -29.58
N TRP S 1819 152.06 1.08 -29.54
CA TRP S 1819 152.05 0.01 -30.55
C TRP S 1819 150.76 -0.80 -30.48
N VAL S 1820 150.24 -1.03 -29.27
CA VAL S 1820 149.09 -1.91 -29.12
C VAL S 1820 147.88 -1.40 -29.90
N GLN S 1821 147.64 -0.10 -29.86
CA GLN S 1821 146.41 0.47 -30.42
C GLN S 1821 146.53 0.91 -31.87
N ASN S 1822 147.69 0.74 -32.50
CA ASN S 1822 147.92 1.26 -33.83
C ASN S 1822 147.63 0.17 -34.86
N PRO S 1823 146.67 0.36 -35.77
CA PRO S 1823 146.47 -0.64 -36.83
C PRO S 1823 147.59 -0.61 -37.87
N ASN S 1824 148.16 0.56 -38.13
CA ASN S 1824 149.20 0.66 -39.14
C ASN S 1824 150.43 -0.16 -38.78
N ALA S 1825 150.68 -0.36 -37.49
CA ALA S 1825 151.71 -1.29 -37.06
C ALA S 1825 151.34 -2.71 -37.46
N LYS S 1826 152.32 -3.46 -37.91
CA LYS S 1826 152.09 -4.83 -38.34
C LYS S 1826 151.85 -5.72 -37.13
N LEU S 1827 151.39 -6.94 -37.40
CA LEU S 1827 151.03 -7.92 -36.38
C LEU S 1827 149.92 -7.43 -35.46
N PHE S 1828 149.15 -6.42 -35.88
CA PHE S 1828 148.12 -5.81 -35.07
C PHE S 1828 146.86 -6.65 -35.13
N ASP S 1829 146.27 -6.94 -33.97
CA ASP S 1829 145.05 -7.73 -33.88
C ASP S 1829 144.03 -6.99 -33.04
N GLY S 1830 142.80 -6.93 -33.55
CA GLY S 1830 141.72 -6.31 -32.79
C GLY S 1830 141.41 -7.07 -31.51
N LEU S 1831 141.57 -8.40 -31.54
CA LEU S 1831 141.38 -9.19 -30.34
C LEU S 1831 142.39 -8.84 -29.26
N LEU S 1832 143.63 -8.55 -29.64
CA LEU S 1832 144.63 -8.12 -28.67
C LEU S 1832 144.23 -6.80 -28.01
N ARG S 1833 143.77 -5.83 -28.80
CA ARG S 1833 143.34 -4.56 -28.26
C ARG S 1833 142.16 -4.72 -27.31
N TYR S 1834 141.19 -5.55 -27.71
CA TYR S 1834 140.04 -5.80 -26.84
C TYR S 1834 140.47 -6.48 -25.55
N HIS S 1835 141.40 -7.44 -25.64
CA HIS S 1835 141.89 -8.13 -24.45
C HIS S 1835 142.56 -7.16 -23.50
N VAL S 1836 143.40 -6.28 -24.03
CA VAL S 1836 144.12 -5.32 -23.18
C VAL S 1836 143.13 -4.36 -22.53
N HIS S 1837 142.18 -3.82 -23.30
CA HIS S 1837 141.20 -2.92 -22.73
C HIS S 1837 140.36 -3.58 -21.66
N ASN S 1838 139.93 -4.82 -21.91
CA ASN S 1838 139.10 -5.52 -20.94
C ASN S 1838 139.84 -5.83 -19.65
N LEU S 1839 141.12 -6.19 -19.72
CA LEU S 1839 141.87 -6.40 -18.48
C LEU S 1839 142.18 -5.09 -17.77
N THR S 1840 142.41 -4.00 -18.51
CA THR S 1840 142.62 -2.71 -17.86
C THR S 1840 141.36 -2.25 -17.13
N LYS S 1841 140.19 -2.52 -17.72
CA LYS S 1841 138.93 -2.15 -17.08
C LYS S 1841 138.77 -2.88 -15.75
N LYS S 1842 139.11 -4.17 -15.72
CA LYS S 1842 139.04 -4.92 -14.46
C LYS S 1842 140.07 -4.41 -13.47
N ALA S 1843 141.27 -4.07 -13.95
CA ALA S 1843 142.33 -3.60 -13.07
C ALA S 1843 141.95 -2.30 -12.38
N LEU S 1844 141.31 -1.38 -13.10
CA LEU S 1844 140.92 -0.11 -12.47
C LEU S 1844 139.90 -0.34 -11.36
N LEU S 1845 138.91 -1.20 -11.60
CA LEU S 1845 137.93 -1.51 -10.56
C LEU S 1845 138.59 -2.18 -9.37
N GLN S 1846 139.56 -3.08 -9.62
CA GLN S 1846 140.27 -3.72 -8.52
C GLN S 1846 141.08 -2.69 -7.72
N LEU S 1847 141.67 -1.71 -8.41
CA LEU S 1847 142.41 -0.67 -7.70
C LEU S 1847 141.49 0.20 -6.85
N VAL S 1848 140.31 0.51 -7.37
CA VAL S 1848 139.34 1.27 -6.59
C VAL S 1848 138.90 0.48 -5.37
N ASN S 1849 138.67 -0.83 -5.53
CA ASN S 1849 138.31 -1.68 -4.40
C ASN S 1849 139.45 -1.75 -3.38
N GLU S 1850 140.69 -1.80 -3.85
CA GLU S 1850 141.84 -1.82 -2.95
C GLU S 1850 141.92 -0.53 -2.15
N PHE S 1851 141.67 0.61 -2.79
CA PHE S 1851 141.58 1.87 -2.05
C PHE S 1851 140.42 1.85 -1.08
N SER S 1852 139.34 1.14 -1.42
CA SER S 1852 138.18 1.04 -0.55
C SER S 1852 138.46 0.21 0.70
N ALA S 1853 139.58 -0.51 0.75
CA ALA S 1853 139.91 -1.29 1.93
C ALA S 1853 140.13 -0.42 3.16
N LEU S 1854 140.81 0.71 3.01
CA LEU S 1854 141.01 1.67 4.09
C LEU S 1854 139.90 2.72 4.05
N GLY S 1855 139.72 3.41 5.17
CA GLY S 1855 138.70 4.44 5.25
C GLY S 1855 138.96 5.57 4.27
N SER S 1856 138.17 5.60 3.19
CA SER S 1856 138.29 6.55 2.09
C SER S 1856 137.15 6.26 1.12
N THR S 1857 136.85 7.23 0.27
CA THR S 1857 135.79 7.06 -0.71
C THR S 1857 136.22 7.60 -2.07
N ILE S 1858 135.97 6.83 -3.12
CA ILE S 1858 136.31 7.27 -4.47
C ILE S 1858 135.38 8.41 -4.88
N VAL S 1859 135.93 9.39 -5.61
CA VAL S 1859 135.13 10.49 -6.11
C VAL S 1859 135.15 10.50 -7.63
N TYR S 1860 136.27 10.08 -8.21
CA TYR S 1860 136.50 10.21 -9.65
C TYR S 1860 137.57 9.21 -10.07
N ALA S 1861 137.51 8.81 -11.34
CA ALA S 1861 138.47 7.88 -11.91
C ALA S 1861 138.50 8.05 -13.42
N ASP S 1862 139.69 8.35 -13.97
CA ASP S 1862 139.76 8.64 -15.40
C ASP S 1862 141.01 8.03 -16.05
N ARG S 1863 141.62 7.00 -15.46
CA ARG S 1863 142.80 6.32 -15.98
C ARG S 1863 144.06 7.16 -15.85
N ASN S 1864 143.91 8.42 -15.44
CA ASN S 1864 145.05 9.29 -15.20
C ASN S 1864 144.89 10.13 -13.94
N GLN S 1865 143.68 10.24 -13.39
CA GLN S 1865 143.44 11.02 -12.18
C GLN S 1865 142.48 10.24 -11.31
N ILE S 1866 142.80 10.17 -10.02
CA ILE S 1866 141.94 9.53 -9.04
C ILE S 1866 141.80 10.45 -7.83
N LEU S 1867 140.56 10.70 -7.42
CA LEU S 1867 140.27 11.58 -6.30
C LEU S 1867 139.73 10.75 -5.13
N ILE S 1868 140.32 10.93 -3.95
CA ILE S 1868 140.05 10.10 -2.79
C ILE S 1868 139.60 11.00 -1.64
N LYS S 1869 138.53 10.59 -0.97
CA LYS S 1869 137.99 11.27 0.20
C LYS S 1869 138.55 10.60 1.44
N THR S 1870 139.19 11.40 2.30
CA THR S 1870 139.81 10.86 3.50
C THR S 1870 138.92 11.10 4.72
N ASN S 1871 139.15 10.30 5.77
CA ASN S 1871 138.40 10.46 7.01
C ASN S 1871 138.83 11.71 7.78
N LYS S 1872 140.09 12.09 7.70
CA LYS S 1872 140.60 13.22 8.48
C LYS S 1872 140.04 14.52 7.94
N TYR S 1873 140.15 15.57 8.77
CA TYR S 1873 139.54 16.86 8.49
C TYR S 1873 140.52 17.96 8.11
N SER S 1874 141.78 17.86 8.52
CA SER S 1874 142.75 18.90 8.24
C SER S 1874 143.85 18.36 7.33
N PRO S 1875 144.25 19.11 6.31
CA PRO S 1875 145.34 18.63 5.43
C PRO S 1875 146.65 18.42 6.16
N GLU S 1876 146.89 19.18 7.25
CA GLU S 1876 148.16 19.08 7.96
C GLU S 1876 148.32 17.75 8.69
N ASN S 1877 147.23 16.97 8.83
CA ASN S 1877 147.26 15.74 9.58
C ASN S 1877 147.20 14.49 8.71
N CYS S 1878 147.46 14.63 7.40
CA CYS S 1878 147.39 13.50 6.49
C CYS S 1878 148.73 13.20 5.81
N TYR S 1879 149.83 13.73 6.34
CA TYR S 1879 151.14 13.41 5.76
C TYR S 1879 151.47 11.93 5.92
N ALA S 1880 151.21 11.36 7.10
CA ALA S 1880 151.56 9.98 7.35
C ALA S 1880 150.59 9.03 6.66
N TYR S 1881 149.30 9.39 6.64
CA TYR S 1881 148.30 8.47 6.11
C TYR S 1881 148.44 8.32 4.59
N SER S 1882 148.79 9.41 3.89
CA SER S 1882 149.02 9.32 2.46
C SER S 1882 150.18 8.38 2.14
N GLN S 1883 151.28 8.51 2.89
CA GLN S 1883 152.42 7.64 2.68
C GLN S 1883 152.07 6.19 3.00
N TYR S 1884 151.30 5.97 4.07
CA TYR S 1884 150.90 4.62 4.42
C TYR S 1884 150.04 4.00 3.33
N MET S 1885 149.10 4.78 2.78
CA MET S 1885 148.26 4.26 1.70
C MET S 1885 149.09 3.97 0.45
N MET S 1886 150.03 4.84 0.12
CA MET S 1886 150.88 4.60 -1.04
C MET S 1886 151.70 3.31 -0.87
N LYS S 1887 152.29 3.14 0.31
CA LYS S 1887 153.07 1.93 0.57
C LYS S 1887 152.19 0.69 0.53
N ALA S 1888 150.98 0.76 1.10
CA ALA S 1888 150.08 -0.38 1.08
C ALA S 1888 149.67 -0.74 -0.35
N VAL S 1889 149.35 0.26 -1.16
CA VAL S 1889 148.95 0.00 -2.54
C VAL S 1889 150.11 -0.61 -3.33
N ARG S 1890 151.31 -0.06 -3.16
CA ARG S 1890 152.47 -0.57 -3.91
C ARG S 1890 152.85 -1.97 -3.43
N THR S 1891 152.56 -2.30 -2.17
CA THR S 1891 152.95 -3.59 -1.63
C THR S 1891 152.21 -4.73 -2.31
N ASN S 1892 150.97 -4.48 -2.75
CA ASN S 1892 150.17 -5.52 -3.35
C ASN S 1892 150.81 -6.01 -4.64
N PRO S 1893 150.94 -7.32 -4.86
CA PRO S 1893 151.52 -7.81 -6.12
C PRO S 1893 150.73 -7.38 -7.34
N MET S 1894 149.42 -7.13 -7.18
CA MET S 1894 148.60 -6.71 -8.31
C MET S 1894 149.08 -5.40 -8.90
N PHE S 1895 149.53 -4.48 -8.06
CA PHE S 1895 149.90 -3.14 -8.51
C PHE S 1895 151.33 -2.80 -8.15
N SER S 1896 152.26 -3.73 -8.40
CA SER S 1896 153.65 -3.51 -8.03
C SER S 1896 154.33 -2.51 -8.97
N TYR S 1897 153.86 -2.43 -10.21
CA TYR S 1897 154.52 -1.62 -11.23
C TYR S 1897 153.80 -0.31 -11.54
N LEU S 1898 152.80 0.06 -10.73
CA LEU S 1898 152.09 1.31 -10.96
C LEU S 1898 152.86 2.49 -10.38
N ASP S 1899 152.75 3.64 -11.04
CA ASP S 1899 153.36 4.87 -10.57
C ASP S 1899 152.27 5.80 -10.05
N LEU S 1900 152.35 6.13 -8.76
CA LEU S 1900 151.35 6.98 -8.11
C LEU S 1900 152.04 8.21 -7.53
N ASN S 1901 151.51 9.38 -7.85
CA ASN S 1901 152.02 10.64 -7.31
C ASN S 1901 150.85 11.53 -6.93
N ILE S 1902 150.93 12.15 -5.75
CA ILE S 1902 149.88 13.04 -5.28
C ILE S 1902 150.16 14.44 -5.83
N LYS S 1903 149.18 15.00 -6.54
CA LYS S 1903 149.39 16.29 -7.18
C LYS S 1903 148.94 17.45 -6.30
N ARG S 1904 147.80 17.30 -5.63
CA ARG S 1904 147.23 18.41 -4.86
C ARG S 1904 146.53 17.86 -3.62
N TYR S 1905 146.41 18.72 -2.61
CA TYR S 1905 145.57 18.45 -1.45
C TYR S 1905 144.43 19.45 -1.41
N TRP S 1906 143.22 18.97 -1.16
CA TRP S 1906 142.03 19.81 -1.15
C TRP S 1906 141.51 19.97 0.27
N ASP S 1907 141.21 21.21 0.64
CA ASP S 1907 140.60 21.47 1.95
C ASP S 1907 139.08 21.47 1.86
N LEU S 1908 138.53 22.12 0.83
CA LEU S 1908 137.10 22.18 0.61
C LEU S 1908 136.86 22.05 -0.89
N LEU S 1909 136.06 21.08 -1.30
CA LEU S 1909 135.88 20.77 -2.71
C LEU S 1909 134.41 20.67 -3.06
N ILE S 1910 134.03 21.35 -4.15
CA ILE S 1910 132.69 21.29 -4.73
C ILE S 1910 132.82 20.62 -6.09
N TRP S 1911 132.22 19.44 -6.24
CA TRP S 1911 132.41 18.62 -7.43
C TRP S 1911 131.07 18.34 -8.09
N MET S 1912 130.95 18.72 -9.36
CA MET S 1912 129.85 18.33 -10.23
C MET S 1912 130.32 17.43 -11.36
N ASP S 1913 131.31 17.88 -12.13
CA ASP S 1913 132.04 17.03 -13.06
C ASP S 1913 133.43 17.64 -13.23
N LYS S 1914 134.23 17.02 -14.10
CA LYS S 1914 135.61 17.46 -14.25
C LYS S 1914 135.69 18.88 -14.81
N PHE S 1915 134.68 19.31 -15.57
CA PHE S 1915 134.67 20.64 -16.15
C PHE S 1915 133.99 21.69 -15.27
N ASN S 1916 133.37 21.28 -14.16
CA ASN S 1916 132.71 22.21 -13.25
C ASN S 1916 133.11 21.85 -11.82
N PHE S 1917 134.01 22.63 -11.24
CA PHE S 1917 134.42 22.43 -9.86
C PHE S 1917 134.98 23.73 -9.31
N SER S 1918 135.12 23.76 -7.99
CA SER S 1918 135.70 24.91 -7.29
C SER S 1918 136.13 24.46 -5.90
N GLY S 1919 137.03 25.23 -5.30
CA GLY S 1919 137.44 24.94 -3.95
C GLY S 1919 138.78 25.56 -3.63
N LEU S 1920 139.38 25.04 -2.56
CA LEU S 1920 140.63 25.53 -2.00
C LEU S 1920 141.63 24.38 -1.94
N ALA S 1921 142.82 24.61 -2.49
CA ALA S 1921 143.81 23.55 -2.62
C ALA S 1921 145.20 24.06 -2.27
N CYS S 1922 146.06 23.14 -1.85
CA CYS S 1922 147.47 23.40 -1.60
C CYS S 1922 148.31 22.38 -2.35
N ILE S 1923 149.41 22.85 -2.95
CA ILE S 1923 150.23 21.98 -3.78
C ILE S 1923 150.94 20.93 -2.93
N GLU S 1924 151.46 21.34 -1.78
CA GLU S 1924 152.21 20.43 -0.92
C GLU S 1924 152.27 21.01 0.48
N ILE S 1925 152.11 20.14 1.47
CA ILE S 1925 152.06 20.59 2.87
C ILE S 1925 153.48 20.78 3.40
N GLU S 1926 153.67 21.83 4.19
CA GLU S 1926 154.97 22.19 4.74
C GLU S 1926 154.93 22.07 6.26
N GLU S 1927 156.03 22.45 6.89
CA GLU S 1927 156.21 22.28 8.33
C GLU S 1927 156.30 23.64 9.02
N LYS S 1928 155.61 23.77 10.15
CA LYS S 1928 155.66 24.91 11.06
C LYS S 1928 155.18 26.21 10.43
N GLU S 1929 154.73 26.16 9.18
CA GLU S 1929 154.16 27.31 8.50
C GLU S 1929 152.72 27.01 8.14
N ASN S 1930 151.82 27.96 8.39
CA ASN S 1930 150.43 27.79 7.97
C ASN S 1930 150.38 27.59 6.47
N GLN S 1931 149.74 26.51 6.05
CA GLN S 1931 149.80 26.10 4.65
C GLN S 1931 149.19 27.16 3.74
N ASP S 1932 149.90 27.50 2.68
CA ASP S 1932 149.37 28.42 1.70
C ASP S 1932 148.31 27.72 0.85
N TYR S 1933 147.17 28.39 0.69
CA TYR S 1933 146.05 27.83 -0.03
C TYR S 1933 145.66 28.75 -1.19
N THR S 1934 145.46 28.14 -2.35
CA THR S 1934 144.96 28.85 -3.52
C THR S 1934 143.53 28.42 -3.81
N ALA S 1935 142.72 29.39 -4.26
CA ALA S 1935 141.32 29.15 -4.54
C ALA S 1935 141.13 29.03 -6.05
N VAL S 1936 140.54 27.91 -6.48
CA VAL S 1936 140.32 27.63 -7.89
C VAL S 1936 138.82 27.54 -8.14
N SER S 1937 138.40 27.98 -9.32
CA SER S 1937 136.99 27.93 -9.71
C SER S 1937 136.90 27.82 -11.23
N GLN S 1938 136.64 26.59 -11.73
CA GLN S 1938 136.47 26.33 -13.14
C GLN S 1938 135.02 25.93 -13.37
N TRP S 1939 134.22 26.86 -13.90
CA TRP S 1939 132.80 26.67 -14.11
C TRP S 1939 132.48 26.92 -15.57
N GLN S 1940 132.28 25.85 -16.34
CA GLN S 1940 131.76 25.96 -17.70
C GLN S 1940 130.29 26.37 -17.71
N LEU S 1941 129.58 26.18 -16.60
CA LEU S 1941 128.17 26.55 -16.51
C LEU S 1941 127.98 28.04 -16.69
N LYS S 1942 129.01 28.83 -16.37
CA LYS S 1942 128.91 30.28 -16.51
C LYS S 1942 128.84 30.72 -17.97
N LYS S 1943 129.45 29.96 -18.87
CA LYS S 1943 129.58 30.39 -20.26
C LYS S 1943 128.22 30.53 -20.94
N PHE S 1944 127.21 29.79 -20.47
CA PHE S 1944 125.88 29.85 -21.07
C PHE S 1944 125.00 30.94 -20.47
N LEU S 1945 125.57 31.89 -19.75
CA LEU S 1945 124.80 32.97 -19.14
C LEU S 1945 124.93 34.27 -19.94
N SER S 1946 124.04 35.20 -19.64
CA SER S 1946 124.09 36.51 -20.25
C SER S 1946 125.31 37.29 -19.76
N PRO S 1947 125.90 38.13 -20.62
CA PRO S 1947 127.13 38.84 -20.23
C PRO S 1947 127.01 39.66 -18.95
N ILE S 1948 125.83 40.18 -18.65
CA ILE S 1948 125.67 41.03 -17.47
C ILE S 1948 125.65 40.19 -16.19
N TYR S 1949 125.35 38.90 -16.31
CA TYR S 1949 125.22 38.05 -15.13
C TYR S 1949 126.41 37.14 -14.89
N GLN S 1950 127.30 36.98 -15.87
CA GLN S 1950 128.50 36.18 -15.68
C GLN S 1950 129.39 36.70 -14.56
N PRO S 1951 129.69 38.00 -14.45
CA PRO S 1951 130.42 38.47 -13.26
C PRO S 1951 129.69 38.18 -11.96
N GLU S 1952 128.37 38.29 -11.95
CA GLU S 1952 127.60 38.03 -10.73
C GLU S 1952 127.72 36.58 -10.29
N PHE S 1953 127.73 35.65 -11.25
CA PHE S 1953 127.88 34.23 -10.92
C PHE S 1953 129.18 34.00 -10.15
N GLU S 1954 130.30 34.50 -10.68
CA GLU S 1954 131.58 34.33 -10.02
C GLU S 1954 131.62 35.05 -8.69
N ASP S 1955 131.07 36.27 -8.62
CA ASP S 1955 131.09 37.03 -7.39
C ASP S 1955 130.34 36.31 -6.27
N TRP S 1956 129.20 35.71 -6.60
CA TRP S 1956 128.41 35.04 -5.57
C TRP S 1956 129.02 33.69 -5.20
N MET S 1957 129.65 33.00 -6.15
CA MET S 1957 130.40 31.81 -5.77
C MET S 1957 131.56 32.12 -4.84
N MET S 1958 132.25 33.24 -5.06
CA MET S 1958 133.31 33.66 -4.15
C MET S 1958 132.81 34.00 -2.75
N ILE S 1959 131.52 34.28 -2.60
CA ILE S 1959 130.95 34.50 -1.27
C ILE S 1959 130.53 33.17 -0.66
N ILE S 1960 129.97 32.28 -1.48
CA ILE S 1960 129.58 30.95 -0.98
C ILE S 1960 130.78 30.22 -0.43
N LEU S 1961 131.89 30.23 -1.18
CA LEU S 1961 133.09 29.52 -0.73
C LEU S 1961 133.64 30.11 0.57
N ASP S 1962 133.66 31.44 0.67
CA ASP S 1962 134.18 32.07 1.88
C ASP S 1962 133.31 31.74 3.09
N SER S 1963 131.98 31.79 2.91
CA SER S 1963 131.08 31.46 4.01
C SER S 1963 131.25 30.01 4.45
N MET S 1964 131.37 29.09 3.48
CA MET S 1964 131.55 27.69 3.81
C MET S 1964 132.86 27.46 4.57
N LEU S 1965 133.93 28.13 4.13
CA LEU S 1965 135.20 28.02 4.84
C LEU S 1965 135.08 28.55 6.26
N LYS S 1966 134.41 29.68 6.44
CA LYS S 1966 134.27 30.25 7.78
C LYS S 1966 133.48 29.33 8.70
N THR S 1967 132.38 28.77 8.19
CA THR S 1967 131.57 27.89 9.05
C THR S 1967 132.30 26.58 9.35
N LYS S 1968 133.08 26.09 8.39
CA LYS S 1968 133.88 24.90 8.65
C LYS S 1968 134.92 25.16 9.74
N GLN S 1969 135.58 26.32 9.67
CA GLN S 1969 136.56 26.67 10.69
C GLN S 1969 135.88 26.81 12.06
N SER S 1970 134.70 27.42 12.09
CA SER S 1970 133.97 27.55 13.35
C SER S 1970 133.60 26.18 13.93
N TYR S 1971 133.14 25.27 13.09
CA TYR S 1971 132.78 23.94 13.57
C TYR S 1971 134.01 23.19 14.07
N LEU S 1972 135.14 23.31 13.38
CA LEU S 1972 136.36 22.67 13.86
C LEU S 1972 136.80 23.24 15.19
N LYS S 1973 136.70 24.57 15.35
CA LYS S 1973 137.13 25.19 16.60
C LYS S 1973 136.21 24.82 17.76
N LEU S 1974 134.90 24.68 17.50
CA LEU S 1974 133.95 24.44 18.58
C LEU S 1974 134.24 23.13 19.29
N ASN S 1975 134.54 22.07 18.54
CA ASN S 1975 134.82 20.77 19.14
C ASN S 1975 136.32 20.52 19.24
N SER S 1995 125.03 11.34 10.21
CA SER S 1995 124.05 11.49 9.14
C SER S 1995 124.23 12.82 8.41
N VAL S 1996 124.73 13.81 9.13
CA VAL S 1996 124.94 15.15 8.59
C VAL S 1996 126.41 15.53 8.84
N GLU S 1997 127.04 16.12 7.84
CA GLU S 1997 128.38 16.69 7.97
C GLU S 1997 128.25 18.09 8.56
N ASN S 1998 128.22 18.14 9.89
CA ASN S 1998 127.88 19.38 10.59
C ASN S 1998 128.89 20.51 10.36
N SER S 1999 129.96 20.25 9.60
CA SER S 1999 130.89 21.34 9.28
C SER S 1999 130.24 22.38 8.40
N LEU S 2000 129.21 22.00 7.63
CA LEU S 2000 128.61 22.87 6.63
C LEU S 2000 127.12 23.09 6.86
N ASN S 2001 126.65 23.01 8.10
CA ASN S 2001 125.26 23.34 8.42
C ASN S 2001 125.18 24.78 8.89
N GLY S 2002 124.34 25.57 8.22
CA GLY S 2002 124.13 26.95 8.59
C GLY S 2002 124.98 27.97 7.85
N PHE S 2003 125.65 27.58 6.76
CA PHE S 2003 126.48 28.54 6.04
C PHE S 2003 125.63 29.50 5.22
N SER S 2004 124.40 29.10 4.89
CA SER S 2004 123.56 29.94 4.03
C SER S 2004 123.01 31.13 4.77
N HIS S 2005 123.03 31.11 6.10
CA HIS S 2005 122.44 32.19 6.88
C HIS S 2005 123.20 33.49 6.71
N LEU S 2006 124.49 33.40 6.38
CA LEU S 2006 125.32 34.60 6.33
C LEU S 2006 125.07 35.42 5.06
N PHE S 2007 124.78 34.75 3.94
CA PHE S 2007 124.67 35.42 2.65
C PHE S 2007 123.27 35.35 2.04
N SER S 2008 122.25 35.01 2.83
CA SER S 2008 120.91 34.91 2.28
C SER S 2008 120.25 36.27 2.10
N LYS S 2009 120.28 37.09 3.15
CA LYS S 2009 119.65 38.40 3.16
C LYS S 2009 120.23 39.32 2.08
N PRO S 2010 121.56 39.44 1.94
CA PRO S 2010 122.07 40.24 0.82
C PRO S 2010 121.66 39.69 -0.54
N LEU S 2011 121.60 38.37 -0.68
CA LEU S 2011 121.27 37.77 -1.97
C LEU S 2011 119.85 38.10 -2.37
N MET S 2012 118.91 38.06 -1.41
CA MET S 2012 117.52 38.39 -1.73
C MET S 2012 117.40 39.82 -2.25
N LYS S 2013 118.03 40.78 -1.57
CA LYS S 2013 117.96 42.17 -1.99
C LYS S 2013 118.62 42.37 -3.35
N ARG S 2014 119.77 41.72 -3.57
CA ARG S 2014 120.43 41.84 -4.86
C ARG S 2014 119.57 41.29 -5.98
N VAL S 2015 118.91 40.15 -5.74
CA VAL S 2015 118.05 39.57 -6.76
C VAL S 2015 116.87 40.50 -7.06
N LYS S 2016 116.29 41.09 -6.02
CA LYS S 2016 115.19 42.04 -6.25
C LYS S 2016 115.64 43.24 -7.08
N LYS S 2017 116.80 43.81 -6.75
CA LYS S 2017 117.31 44.96 -7.51
C LYS S 2017 117.59 44.58 -8.95
N LEU S 2018 118.22 43.41 -9.17
CA LEU S 2018 118.51 42.97 -10.53
C LEU S 2018 117.23 42.75 -11.32
N PHE S 2019 116.21 42.18 -10.69
CA PHE S 2019 114.93 41.98 -11.38
C PHE S 2019 114.30 43.32 -11.75
N LYS S 2020 114.34 44.30 -10.85
CA LYS S 2020 113.79 45.62 -11.18
C LYS S 2020 114.53 46.25 -12.36
N ASN S 2021 115.87 46.17 -12.35
CA ASN S 2021 116.64 46.73 -13.46
C ASN S 2021 116.33 45.99 -14.77
N GLN S 2022 116.17 44.68 -14.71
CA GLN S 2022 115.83 43.92 -15.91
C GLN S 2022 114.47 44.32 -16.45
N GLN S 2023 113.48 44.46 -15.57
CA GLN S 2023 112.15 44.92 -16.01
C GLN S 2023 112.24 46.30 -16.64
N GLU S 2024 113.14 47.15 -16.13
CA GLU S 2024 113.24 48.50 -16.65
C GLU S 2024 113.92 48.55 -18.02
N PHE S 2025 114.97 47.73 -18.22
CA PHE S 2025 115.83 47.88 -19.38
C PHE S 2025 115.74 46.76 -20.40
N ILE S 2026 114.85 45.77 -20.21
CA ILE S 2026 114.86 44.61 -21.12
C ILE S 2026 114.39 45.00 -22.51
N LEU S 2027 113.44 45.93 -22.62
CA LEU S 2027 112.90 46.36 -23.90
C LEU S 2027 113.61 47.56 -24.50
N ASP S 2028 114.65 48.06 -23.85
CA ASP S 2028 115.35 49.23 -24.38
C ASP S 2028 116.29 48.82 -25.50
N PRO S 2029 116.10 49.35 -26.72
CA PRO S 2029 117.00 48.96 -27.82
C PRO S 2029 118.44 49.40 -27.61
N GLN S 2030 118.68 50.43 -26.79
CA GLN S 2030 120.04 50.86 -26.52
C GLN S 2030 120.81 49.80 -25.76
N TYR S 2031 120.16 49.14 -24.81
CA TYR S 2031 120.77 48.09 -23.99
C TYR S 2031 120.65 46.71 -24.64
N GLU S 2032 120.46 46.67 -25.95
CA GLU S 2032 120.32 45.40 -26.64
C GLU S 2032 121.62 44.59 -26.62
N ALA S 2033 122.75 45.27 -26.37
CA ALA S 2033 124.02 44.55 -26.25
C ALA S 2033 123.98 43.58 -25.08
N ASP S 2034 123.42 44.00 -23.95
CA ASP S 2034 123.19 43.09 -22.84
C ASP S 2034 122.01 42.18 -23.15
N TYR S 2035 121.78 41.22 -22.25
CA TYR S 2035 120.64 40.31 -22.33
C TYR S 2035 120.62 39.51 -23.63
N VAL S 2036 121.79 39.14 -24.14
CA VAL S 2036 121.90 38.31 -25.33
C VAL S 2036 122.42 36.94 -24.91
N ILE S 2037 121.64 35.90 -25.22
CA ILE S 2037 122.01 34.53 -24.85
C ILE S 2037 123.01 34.01 -25.88
N PRO S 2038 124.21 33.61 -25.44
CA PRO S 2038 125.23 33.19 -26.40
C PRO S 2038 124.88 31.86 -27.06
N VAL S 2039 125.49 31.65 -28.22
CA VAL S 2039 125.40 30.37 -28.94
C VAL S 2039 126.77 29.70 -28.88
N LEU S 2040 126.80 28.49 -28.36
CA LEU S 2040 128.01 27.72 -28.10
C LEU S 2040 127.84 26.33 -28.69
N PRO S 2041 128.94 25.64 -28.97
CA PRO S 2041 128.84 24.25 -29.44
C PRO S 2041 128.26 23.37 -28.34
N GLY S 2042 127.23 22.60 -28.69
CA GLY S 2042 126.57 21.74 -27.74
C GLY S 2042 125.43 22.38 -26.98
N SER S 2043 125.00 23.58 -27.34
CA SER S 2043 123.89 24.25 -26.70
C SER S 2043 122.58 23.83 -27.36
N HIS S 2044 121.62 23.43 -26.53
CA HIS S 2044 120.36 22.91 -27.04
C HIS S 2044 119.15 23.61 -26.44
N LEU S 2045 119.28 24.09 -25.20
CA LEU S 2045 118.15 24.69 -24.51
C LEU S 2045 117.76 26.02 -25.16
N ASN S 2046 116.45 26.24 -25.29
CA ASN S 2046 115.90 27.50 -25.78
C ASN S 2046 115.10 28.16 -24.66
N VAL S 2047 115.68 29.19 -24.05
CA VAL S 2047 115.23 29.70 -22.76
C VAL S 2047 115.01 31.21 -22.87
N LYS S 2048 114.13 31.74 -22.01
CA LYS S 2048 113.56 33.07 -22.17
C LYS S 2048 114.04 34.12 -21.18
N ASN S 2049 114.16 33.81 -19.89
CA ASN S 2049 114.35 34.84 -18.87
C ASN S 2049 115.76 34.81 -18.31
N PRO S 2050 116.64 35.75 -18.67
CA PRO S 2050 118.06 35.65 -18.30
C PRO S 2050 118.36 35.55 -16.81
N LEU S 2051 117.63 36.27 -15.95
CA LEU S 2051 117.95 36.25 -14.52
C LEU S 2051 117.54 34.93 -13.88
N LEU S 2052 116.52 34.29 -14.44
CA LEU S 2052 116.08 33.00 -13.93
C LEU S 2052 117.19 31.95 -14.09
N GLU S 2053 117.93 32.01 -15.20
CA GLU S 2053 119.01 31.05 -15.41
C GLU S 2053 120.12 31.25 -14.38
N LEU S 2054 120.43 32.51 -14.08
CA LEU S 2054 121.44 32.78 -13.06
C LEU S 2054 121.00 32.25 -11.70
N VAL S 2055 119.74 32.50 -11.33
CA VAL S 2055 119.30 32.04 -10.01
C VAL S 2055 119.22 30.52 -9.96
N LYS S 2056 118.79 29.87 -11.05
CA LYS S 2056 118.72 28.41 -11.08
C LYS S 2056 120.11 27.80 -10.98
N SER S 2057 121.07 28.32 -11.74
CA SER S 2057 122.41 27.75 -11.73
C SER S 2057 123.12 28.06 -10.41
N LEU S 2058 122.77 29.16 -9.76
CA LEU S 2058 123.35 29.45 -8.45
C LEU S 2058 122.78 28.54 -7.38
N CYS S 2059 121.49 28.20 -7.48
CA CYS S 2059 120.88 27.31 -6.48
C CYS S 2059 121.30 25.86 -6.71
N HIS S 2060 121.52 25.47 -7.97
CA HIS S 2060 121.92 24.09 -8.25
C HIS S 2060 123.28 23.77 -7.64
N VAL S 2061 124.19 24.75 -7.63
CA VAL S 2061 125.50 24.55 -7.02
C VAL S 2061 125.38 24.31 -5.53
N MET S 2062 124.54 25.11 -4.86
CA MET S 2062 124.30 24.88 -3.43
C MET S 2062 123.61 23.56 -3.17
N LEU S 2063 122.76 23.11 -4.10
CA LEU S 2063 121.95 21.92 -3.85
C LEU S 2063 122.80 20.66 -3.72
N LEU S 2064 123.97 20.63 -4.34
CA LEU S 2064 124.83 19.46 -4.20
C LEU S 2064 125.50 19.46 -2.83
N SER S 2065 124.75 19.10 -1.80
CA SER S 2065 125.31 19.00 -0.47
C SER S 2065 124.95 17.69 0.21
N LYS S 2066 123.71 17.23 0.00
CA LYS S 2066 123.14 16.02 0.60
C LYS S 2066 123.03 16.13 2.11
N SER S 2067 123.40 17.25 2.73
CA SER S 2067 123.30 17.43 4.17
C SER S 2067 122.59 18.71 4.58
N THR S 2068 122.35 19.62 3.64
CA THR S 2068 121.64 20.87 3.89
C THR S 2068 120.47 21.04 2.92
N ILE S 2069 119.78 19.94 2.62
CA ILE S 2069 118.75 19.98 1.58
C ILE S 2069 117.62 20.93 1.97
N LEU S 2070 117.09 20.78 3.19
CA LEU S 2070 115.93 21.58 3.59
C LEU S 2070 116.27 23.06 3.64
N GLU S 2071 117.44 23.40 4.18
CA GLU S 2071 117.82 24.80 4.30
C GLU S 2071 117.96 25.47 2.94
N ILE S 2072 118.57 24.77 1.97
CA ILE S 2072 118.72 25.34 0.64
C ILE S 2072 117.37 25.40 -0.08
N ARG S 2073 116.53 24.38 0.11
CA ARG S 2073 115.24 24.35 -0.57
C ARG S 2073 114.28 25.41 -0.05
N THR S 2074 114.40 25.82 1.21
CA THR S 2074 113.61 26.94 1.69
C THR S 2074 114.03 28.24 1.01
N LEU S 2075 115.35 28.47 0.93
CA LEU S 2075 115.87 29.67 0.27
C LEU S 2075 115.50 29.69 -1.20
N ARG S 2076 115.53 28.53 -1.86
CA ARG S 2076 115.16 28.47 -3.27
C ARG S 2076 113.72 28.89 -3.48
N LYS S 2077 112.81 28.41 -2.63
CA LYS S 2077 111.41 28.79 -2.74
C LYS S 2077 111.24 30.28 -2.48
N GLU S 2078 111.93 30.81 -1.46
CA GLU S 2078 111.81 32.24 -1.17
C GLU S 2078 112.31 33.08 -2.33
N LEU S 2079 113.42 32.67 -2.96
CA LEU S 2079 113.94 33.41 -4.11
C LEU S 2079 112.99 33.30 -5.30
N LEU S 2080 112.40 32.13 -5.51
CA LEU S 2080 111.45 31.94 -6.60
C LEU S 2080 110.12 32.64 -6.34
N LYS S 2081 109.88 33.11 -5.11
CA LYS S 2081 108.71 33.94 -4.82
C LYS S 2081 108.84 35.34 -5.40
N ILE S 2082 110.07 35.83 -5.62
CA ILE S 2082 110.25 37.13 -6.26
C ILE S 2082 109.66 37.10 -7.67
N PHE S 2083 109.95 36.06 -8.43
CA PHE S 2083 109.25 35.78 -9.66
C PHE S 2083 107.88 35.19 -9.32
N GLU S 2084 106.99 35.18 -10.31
CA GLU S 2084 105.68 34.56 -10.12
C GLU S 2084 105.77 33.12 -10.59
N LEU S 2085 106.46 32.29 -9.80
CA LEU S 2085 106.66 30.89 -10.13
C LEU S 2085 106.52 30.07 -8.85
N ARG S 2086 106.14 28.80 -9.01
CA ARG S 2086 105.96 27.90 -7.90
C ARG S 2086 107.15 26.96 -7.78
N GLU S 2087 107.33 26.37 -6.60
CA GLU S 2087 108.54 25.64 -6.25
C GLU S 2087 108.72 24.38 -7.07
N PHE S 2088 107.66 23.88 -7.70
CA PHE S 2088 107.74 22.62 -8.44
C PHE S 2088 107.44 22.81 -9.91
N ALA S 2089 107.46 24.05 -10.37
CA ALA S 2089 107.19 24.32 -11.78
C ALA S 2089 108.25 23.70 -12.66
N LYS S 2090 107.83 23.20 -13.82
CA LYS S 2090 108.78 22.56 -14.74
C LYS S 2090 109.78 23.55 -15.29
N VAL S 2091 109.42 24.84 -15.33
CA VAL S 2091 110.26 25.87 -15.91
C VAL S 2091 111.35 26.25 -14.91
N ALA S 2092 111.22 25.78 -13.67
CA ALA S 2092 112.13 26.15 -12.59
C ALA S 2092 113.06 25.00 -12.21
N GLU S 2093 113.27 24.05 -13.10
CA GLU S 2093 114.17 22.93 -12.87
C GLU S 2093 115.44 23.09 -13.69
N PHE S 2094 116.54 22.61 -13.13
CA PHE S 2094 117.85 22.80 -13.74
C PHE S 2094 118.19 21.62 -14.65
N LYS S 2095 118.63 21.93 -15.87
CA LYS S 2095 119.14 20.94 -16.81
C LYS S 2095 120.51 21.40 -17.29
N ASP S 2096 121.36 20.46 -17.67
CA ASP S 2096 122.69 20.80 -18.13
C ASP S 2096 122.61 21.54 -19.46
N PRO S 2097 123.17 22.75 -19.56
CA PRO S 2097 123.04 23.53 -20.80
C PRO S 2097 123.78 22.94 -21.99
N SER S 2098 124.73 22.03 -21.79
CA SER S 2098 125.61 21.58 -22.85
C SER S 2098 125.47 20.08 -23.09
N LEU S 2099 125.70 19.68 -24.34
CA LEU S 2099 125.75 18.29 -24.73
C LEU S 2099 127.18 17.77 -24.60
N SER S 2100 127.44 16.58 -25.13
CA SER S 2100 128.78 15.99 -25.05
C SER S 2100 129.08 15.22 -26.32
N LEU S 2101 130.32 15.33 -26.79
CA LEU S 2101 130.81 14.62 -27.98
C LEU S 2101 132.26 14.21 -27.67
N VAL S 2102 132.43 12.99 -27.16
CA VAL S 2102 133.73 12.56 -26.65
C VAL S 2102 134.37 11.62 -27.68
N VAL S 2103 135.55 12.01 -28.16
CA VAL S 2103 136.37 11.16 -29.02
C VAL S 2103 137.41 10.48 -28.14
N PRO S 2104 137.40 9.16 -28.01
CA PRO S 2104 138.30 8.51 -27.05
C PRO S 2104 139.68 8.21 -27.63
N ASP S 2105 140.66 8.17 -26.73
CA ASP S 2105 141.99 7.65 -27.02
C ASP S 2105 142.69 8.38 -28.17
N PHE S 2106 142.98 9.66 -27.98
CA PHE S 2106 143.80 10.41 -28.93
C PHE S 2106 145.25 10.40 -28.47
N LEU S 2107 146.16 10.19 -29.41
CA LEU S 2107 147.58 10.03 -29.13
C LEU S 2107 148.31 11.36 -29.30
N CYS S 2108 149.14 11.69 -28.31
CA CYS S 2108 150.12 12.76 -28.43
C CYS S 2108 151.44 12.13 -28.88
N GLU S 2109 151.91 12.51 -30.07
CA GLU S 2109 153.10 11.86 -30.62
C GLU S 2109 154.36 12.23 -29.85
N TYR S 2110 154.44 13.45 -29.34
CA TYR S 2110 155.61 13.92 -28.61
C TYR S 2110 155.49 13.73 -27.10
N CYS S 2111 154.43 13.08 -26.64
CA CYS S 2111 154.16 13.00 -25.21
C CYS S 2111 153.82 11.58 -24.77
N PHE S 2112 153.39 10.74 -25.72
CA PHE S 2112 152.96 9.37 -25.43
C PHE S 2112 151.87 9.34 -24.37
N PHE S 2113 150.83 10.15 -24.54
CA PHE S 2113 149.76 10.29 -23.55
C PHE S 2113 148.43 9.89 -24.17
N ILE S 2114 147.65 9.11 -23.43
CA ILE S 2114 146.30 8.72 -23.83
C ILE S 2114 145.33 9.68 -23.18
N SER S 2115 144.61 10.44 -24.01
CA SER S 2115 143.64 11.41 -23.52
C SER S 2115 142.35 11.29 -24.31
N ASP S 2116 141.24 11.47 -23.60
CA ASP S 2116 139.92 11.50 -24.20
C ASP S 2116 139.47 12.95 -24.32
N ILE S 2117 139.10 13.36 -25.52
CA ILE S 2117 138.79 14.75 -25.82
C ILE S 2117 137.29 14.87 -26.11
N ASP S 2118 136.64 15.80 -25.41
CA ASP S 2118 135.23 16.10 -25.64
C ASP S 2118 135.12 17.46 -26.31
N PHE S 2119 134.48 17.50 -27.46
CA PHE S 2119 134.48 18.68 -28.31
C PHE S 2119 133.42 19.71 -27.94
N CYS S 2120 132.61 19.44 -26.93
CA CYS S 2120 131.55 20.36 -26.52
C CYS S 2120 131.86 21.02 -25.18
N LYS S 2121 132.13 20.23 -24.14
CA LYS S 2121 132.32 20.81 -22.81
C LYS S 2121 133.69 21.48 -22.67
N ALA S 2122 134.72 20.88 -23.26
CA ALA S 2122 136.07 21.39 -23.08
C ALA S 2122 136.24 22.75 -23.75
N ALA S 2123 136.86 23.67 -23.01
CA ALA S 2123 137.11 25.00 -23.53
C ALA S 2123 138.24 24.97 -24.57
N PRO S 2124 138.32 25.98 -25.43
CA PRO S 2124 139.46 26.05 -26.36
C PRO S 2124 140.79 26.13 -25.62
N GLU S 2125 141.88 26.04 -26.40
CA GLU S 2125 143.25 25.95 -25.91
C GLU S 2125 143.49 24.56 -25.33
N SER S 2126 142.43 23.76 -25.25
CA SER S 2126 142.52 22.36 -24.87
C SER S 2126 142.12 21.40 -25.98
N ILE S 2127 141.27 21.84 -26.91
CA ILE S 2127 140.89 21.00 -28.03
C ILE S 2127 142.07 20.78 -28.96
N PHE S 2128 142.91 21.81 -29.13
CA PHE S 2128 144.00 21.77 -30.10
C PHE S 2128 145.38 21.78 -29.45
N SER S 2129 145.49 21.24 -28.23
CA SER S 2129 146.78 21.20 -27.53
C SER S 2129 146.76 20.10 -26.50
N CYS S 2130 147.87 19.38 -26.37
CA CYS S 2130 147.98 18.31 -25.39
C CYS S 2130 148.06 18.89 -23.98
N VAL S 2131 147.70 18.05 -23.00
CA VAL S 2131 147.57 18.48 -21.62
C VAL S 2131 148.93 18.50 -20.93
N ARG S 2132 149.60 17.36 -20.90
CA ARG S 2132 150.89 17.25 -20.23
C ARG S 2132 151.91 18.21 -20.81
N CYS S 2133 152.07 18.19 -22.14
CA CYS S 2133 152.93 19.11 -22.85
C CYS S 2133 152.07 19.97 -23.77
N HIS S 2134 152.30 21.28 -23.75
CA HIS S 2134 151.47 22.18 -24.54
C HIS S 2134 151.89 22.18 -26.00
N LYS S 2135 151.76 21.01 -26.64
CA LYS S 2135 152.11 20.88 -28.06
C LYS S 2135 150.85 20.81 -28.90
N ALA S 2136 150.79 21.63 -29.96
CA ALA S 2136 149.59 21.72 -30.77
C ALA S 2136 149.36 20.44 -31.56
N PHE S 2137 148.09 20.14 -31.82
CA PHE S 2137 147.68 18.99 -32.62
C PHE S 2137 147.58 19.36 -34.09
N ASN S 2138 147.28 18.36 -34.90
CA ASN S 2138 147.07 18.54 -36.33
C ASN S 2138 145.57 18.43 -36.61
N GLN S 2139 145.00 19.46 -37.24
CA GLN S 2139 143.55 19.62 -37.29
C GLN S 2139 142.88 18.57 -38.18
N VAL S 2140 143.48 18.29 -39.34
CA VAL S 2140 142.85 17.36 -40.27
C VAL S 2140 142.73 15.98 -39.64
N LEU S 2141 143.67 15.63 -38.76
CA LEU S 2141 143.57 14.38 -38.02
C LEU S 2141 142.32 14.37 -37.13
N LEU S 2142 142.07 15.49 -36.44
CA LEU S 2142 140.88 15.60 -35.61
C LEU S 2142 139.62 15.46 -36.45
N GLN S 2143 139.61 16.09 -37.62
CA GLN S 2143 138.44 15.98 -38.50
C GLN S 2143 138.23 14.55 -38.97
N GLU S 2144 139.31 13.85 -39.31
CA GLU S 2144 139.19 12.46 -39.74
C GLU S 2144 138.68 11.58 -38.61
N HIS S 2145 139.14 11.81 -37.39
CA HIS S 2145 138.62 11.04 -36.25
C HIS S 2145 137.14 11.32 -36.02
N LEU S 2146 136.71 12.58 -36.16
CA LEU S 2146 135.29 12.89 -36.04
C LEU S 2146 134.47 12.19 -37.11
N ILE S 2147 134.98 12.16 -38.35
CA ILE S 2147 134.29 11.45 -39.41
C ILE S 2147 134.20 9.96 -39.11
N GLN S 2148 135.29 9.39 -38.59
CA GLN S 2148 135.27 7.98 -38.21
C GLN S 2148 134.19 7.72 -37.17
N LYS S 2149 134.08 8.60 -36.17
CA LYS S 2149 133.05 8.45 -35.15
C LYS S 2149 131.65 8.50 -35.78
N LEU S 2150 131.42 9.45 -36.67
CA LEU S 2150 130.10 9.58 -37.30
C LEU S 2150 129.73 8.34 -38.10
N ARG S 2151 130.63 7.88 -38.97
CA ARG S 2151 130.32 6.72 -39.79
C ARG S 2151 130.15 5.46 -38.94
N SER S 2152 130.96 5.31 -37.89
CA SER S 2152 130.81 4.17 -37.00
C SER S 2152 129.46 4.20 -36.29
N ASP S 2153 129.01 5.39 -35.88
CA ASP S 2153 127.70 5.50 -35.24
C ASP S 2153 126.58 5.13 -36.20
N ILE S 2154 126.68 5.58 -37.46
CA ILE S 2154 125.65 5.21 -38.44
C ILE S 2154 125.64 3.71 -38.66
N GLU S 2155 126.83 3.09 -38.78
CA GLU S 2155 126.90 1.65 -38.95
C GLU S 2155 126.29 0.92 -37.76
N SER S 2156 126.61 1.37 -36.54
CA SER S 2156 126.08 0.72 -35.34
C SER S 2156 124.56 0.81 -35.28
N TYR S 2157 124.01 1.95 -35.71
CA TYR S 2157 122.56 2.03 -35.81
C TYR S 2157 122.02 1.06 -36.85
N LEU S 2158 122.72 0.91 -37.98
CA LEU S 2158 122.25 0.04 -39.05
C LEU S 2158 122.38 -1.45 -38.75
N ILE S 2159 123.17 -1.84 -37.74
CA ILE S 2159 123.34 -3.26 -37.45
C ILE S 2159 122.78 -3.62 -36.07
N GLN S 2160 121.72 -2.95 -35.63
CA GLN S 2160 121.19 -3.19 -34.30
C GLN S 2160 120.27 -4.41 -34.27
N ASP S 2161 119.75 -4.72 -33.08
CA ASP S 2161 118.88 -5.86 -32.84
C ASP S 2161 117.49 -5.38 -32.48
N LEU S 2162 116.48 -6.24 -32.65
CA LEU S 2162 115.11 -5.86 -32.35
C LEU S 2162 114.68 -6.46 -31.02
N ARG S 2163 113.59 -5.92 -30.46
CA ARG S 2163 113.11 -6.31 -29.15
C ARG S 2163 111.58 -6.22 -29.10
N CYS S 2164 110.98 -6.95 -28.18
CA CYS S 2164 109.54 -6.84 -27.93
C CYS S 2164 109.29 -5.73 -26.92
N SER S 2165 108.22 -4.96 -27.15
CA SER S 2165 107.94 -3.80 -26.30
C SER S 2165 107.59 -4.23 -24.88
N ARG S 2166 106.98 -5.39 -24.72
CA ARG S 2166 106.62 -5.90 -23.40
C ARG S 2166 107.53 -7.03 -22.96
N CYS S 2167 107.74 -8.04 -23.80
CA CYS S 2167 108.71 -9.11 -23.53
C CYS S 2167 110.11 -8.64 -23.94
N HIS S 2168 110.83 -8.05 -23.01
CA HIS S 2168 112.15 -7.57 -23.37
C HIS S 2168 113.03 -8.75 -23.72
N LYS S 2169 113.16 -8.99 -25.03
CA LYS S 2169 113.72 -10.22 -25.58
C LYS S 2169 114.21 -9.93 -26.99
N VAL S 2170 115.02 -10.82 -27.51
CA VAL S 2170 115.62 -10.63 -28.83
C VAL S 2170 114.80 -11.38 -29.87
N LYS S 2171 114.60 -10.73 -31.02
CA LYS S 2171 113.94 -11.35 -32.15
C LYS S 2171 114.84 -12.43 -32.74
N ARG S 2172 114.32 -13.65 -32.84
CA ARG S 2172 115.08 -14.79 -33.34
C ARG S 2172 114.56 -15.31 -34.66
N ASP S 2173 113.90 -14.47 -35.45
CA ASP S 2173 113.32 -14.86 -36.73
C ASP S 2173 113.72 -13.86 -37.80
N TYR S 2174 113.75 -14.32 -39.05
CA TYR S 2174 114.05 -13.42 -40.16
C TYR S 2174 112.77 -12.84 -40.76
N MET S 2175 111.66 -13.57 -40.62
CA MET S 2175 110.36 -13.12 -41.14
C MET S 2175 109.31 -13.38 -40.06
N SER S 2176 108.87 -12.30 -39.41
CA SER S 2176 107.80 -12.40 -38.43
C SER S 2176 107.14 -11.03 -38.30
N ALA S 2177 105.89 -11.04 -37.81
CA ALA S 2177 105.14 -9.80 -37.63
C ALA S 2177 105.29 -9.22 -36.23
N HIS S 2178 105.26 -10.05 -35.20
CA HIS S 2178 105.39 -9.59 -33.83
C HIS S 2178 105.78 -10.76 -32.95
N CYS S 2179 105.91 -10.47 -31.66
CA CYS S 2179 106.27 -11.49 -30.68
C CYS S 2179 105.19 -12.57 -30.65
N PRO S 2180 105.52 -13.79 -30.20
CA PRO S 2180 104.46 -14.72 -29.80
C PRO S 2180 103.57 -14.09 -28.72
N CYS S 2181 104.18 -13.34 -27.82
CA CYS S 2181 103.47 -12.32 -27.07
C CYS S 2181 102.78 -11.33 -28.00
N ALA S 2182 101.56 -10.94 -27.67
CA ALA S 2182 100.94 -9.86 -28.41
C ALA S 2182 101.69 -8.57 -28.13
N GLY S 2183 102.50 -8.14 -29.09
CA GLY S 2183 103.33 -6.96 -28.89
C GLY S 2183 103.78 -6.40 -30.21
N ALA S 2184 104.90 -5.68 -30.17
CA ALA S 2184 105.48 -5.07 -31.36
C ALA S 2184 106.99 -5.10 -31.27
N TRP S 2185 107.63 -5.05 -32.44
CA TRP S 2185 109.09 -5.02 -32.54
C TRP S 2185 109.57 -3.57 -32.50
N GLU S 2186 110.38 -3.24 -31.52
CA GLU S 2186 111.01 -1.93 -31.40
C GLU S 2186 112.52 -2.09 -31.45
N GLY S 2187 113.22 -0.96 -31.59
CA GLY S 2187 114.65 -0.99 -31.76
C GLY S 2187 115.41 -0.80 -30.47
N THR S 2188 116.60 -1.41 -30.41
CA THR S 2188 117.47 -1.24 -29.25
C THR S 2188 118.09 0.15 -29.24
N LEU S 2189 118.31 0.73 -30.42
CA LEU S 2189 118.81 2.10 -30.54
C LEU S 2189 117.75 2.95 -31.25
N PRO S 2190 116.98 3.76 -30.52
CA PRO S 2190 115.93 4.55 -31.16
C PRO S 2190 116.48 5.62 -32.09
N ARG S 2191 115.63 6.02 -33.05
CA ARG S 2191 116.05 6.96 -34.08
C ARG S 2191 116.37 8.33 -33.49
N GLU S 2192 115.68 8.72 -32.42
CA GLU S 2192 115.86 10.06 -31.87
C GLU S 2192 117.29 10.28 -31.39
N SER S 2193 117.89 9.24 -30.79
CA SER S 2193 119.25 9.36 -30.30
C SER S 2193 120.23 9.65 -31.43
N ILE S 2194 120.14 8.90 -32.54
CA ILE S 2194 121.07 9.09 -33.64
C ILE S 2194 120.79 10.41 -34.35
N VAL S 2195 119.53 10.85 -34.35
CA VAL S 2195 119.21 12.17 -34.92
C VAL S 2195 119.88 13.27 -34.10
N GLN S 2196 119.81 13.18 -32.76
CA GLN S 2196 120.47 14.17 -31.92
C GLN S 2196 121.99 14.13 -32.10
N LYS S 2197 122.55 12.92 -32.27
CA LYS S 2197 123.97 12.78 -32.50
C LYS S 2197 124.39 13.43 -33.82
N LEU S 2198 123.59 13.26 -34.87
CA LEU S 2198 123.87 13.96 -36.13
C LEU S 2198 123.69 15.46 -35.99
N ASN S 2199 122.77 15.88 -35.11
CA ASN S 2199 122.58 17.31 -34.86
C ASN S 2199 123.82 17.95 -34.25
N VAL S 2200 124.41 17.29 -33.24
CA VAL S 2200 125.50 17.93 -32.52
C VAL S 2200 126.74 18.05 -33.39
N PHE S 2201 126.95 17.09 -34.30
CA PHE S 2201 128.10 17.14 -35.20
C PHE S 2201 128.04 18.38 -36.09
N LYS S 2202 126.84 18.74 -36.56
CA LYS S 2202 126.70 19.92 -37.40
C LYS S 2202 127.16 21.19 -36.67
N GLN S 2203 126.74 21.38 -35.42
CA GLN S 2203 127.18 22.53 -34.64
C GLN S 2203 128.67 22.51 -34.36
N VAL S 2204 129.23 21.33 -34.05
CA VAL S 2204 130.66 21.23 -33.78
C VAL S 2204 131.46 21.58 -35.04
N ALA S 2205 130.97 21.17 -36.20
CA ALA S 2205 131.65 21.47 -37.46
C ALA S 2205 131.53 22.93 -37.87
N LYS S 2206 130.64 23.70 -37.26
CA LYS S 2206 130.47 25.11 -37.61
C LYS S 2206 131.12 26.06 -36.63
N TYR S 2207 131.14 25.73 -35.33
CA TYR S 2207 131.83 26.61 -34.39
C TYR S 2207 133.32 26.69 -34.71
N TYR S 2208 133.98 25.53 -34.81
CA TYR S 2208 135.35 25.44 -35.28
C TYR S 2208 135.30 25.16 -36.78
N GLY S 2209 136.32 25.59 -37.50
CA GLY S 2209 136.31 25.41 -38.93
C GLY S 2209 136.81 24.04 -39.35
N PHE S 2210 135.87 23.12 -39.60
CA PHE S 2210 136.18 21.77 -40.08
C PHE S 2210 135.46 21.59 -41.41
N ASP S 2211 136.19 21.82 -42.50
CA ASP S 2211 135.57 21.75 -43.83
C ASP S 2211 135.26 20.33 -44.24
N ILE S 2212 136.14 19.38 -43.88
CA ILE S 2212 135.96 18.00 -44.31
C ILE S 2212 134.72 17.37 -43.68
N LEU S 2213 134.54 17.59 -42.37
CA LEU S 2213 133.34 17.05 -41.72
C LEU S 2213 132.08 17.74 -42.21
N LEU S 2214 132.16 19.05 -42.51
CA LEU S 2214 131.01 19.73 -43.08
C LEU S 2214 130.64 19.16 -44.43
N SER S 2215 131.64 18.82 -45.26
CA SER S 2215 131.36 18.16 -46.52
C SER S 2215 130.75 16.78 -46.30
N CYS S 2216 131.28 16.04 -45.32
CA CYS S 2216 130.75 14.70 -45.04
C CYS S 2216 129.30 14.75 -44.62
N ILE S 2217 128.91 15.77 -43.86
CA ILE S 2217 127.50 15.92 -43.47
C ILE S 2217 126.59 16.15 -44.67
N ALA S 2218 127.06 16.88 -45.69
CA ALA S 2218 126.23 17.24 -46.82
C ALA S 2218 126.21 16.21 -47.94
N ASP S 2219 127.04 15.17 -47.87
CA ASP S 2219 127.00 14.09 -48.84
C ASP S 2219 126.10 12.94 -48.41
N LEU S 2220 125.44 13.07 -47.27
CA LEU S 2220 124.55 12.02 -46.78
C LEU S 2220 123.21 12.04 -47.51
N MET T 1 77.47 -27.11 -61.50
CA MET T 1 78.74 -27.65 -61.01
C MET T 1 79.92 -26.86 -61.55
N TYR T 2 80.14 -26.99 -62.87
CA TYR T 2 81.24 -26.26 -63.50
C TYR T 2 81.01 -24.75 -63.45
N GLY T 3 79.79 -24.31 -63.75
CA GLY T 3 79.49 -22.89 -63.76
C GLY T 3 79.16 -22.28 -62.42
N ASP T 4 79.08 -23.10 -61.36
CA ASP T 4 78.68 -22.61 -60.05
C ASP T 4 79.58 -21.49 -59.54
N LEU T 5 80.86 -21.48 -59.93
CA LEU T 5 81.73 -20.39 -59.54
C LEU T 5 81.36 -19.10 -60.25
N GLY T 6 81.06 -19.18 -61.55
CA GLY T 6 80.78 -17.98 -62.32
C GLY T 6 79.59 -17.21 -61.78
N ASN T 7 78.59 -17.94 -61.26
CA ASN T 7 77.45 -17.29 -60.62
C ASN T 7 77.90 -16.30 -59.56
N LYS T 8 78.88 -16.69 -58.74
CA LYS T 8 79.42 -15.77 -57.74
C LYS T 8 79.86 -14.46 -58.38
N LEU T 9 80.60 -14.56 -59.50
CA LEU T 9 81.00 -13.36 -60.21
C LEU T 9 79.79 -12.49 -60.56
N VAL T 10 78.75 -13.10 -61.12
CA VAL T 10 77.55 -12.35 -61.47
C VAL T 10 76.98 -11.68 -60.22
N LEU T 11 76.96 -12.39 -59.10
CA LEU T 11 76.48 -11.79 -57.86
C LEU T 11 77.23 -10.51 -57.54
N GLU T 12 78.56 -10.54 -57.68
CA GLU T 12 79.35 -9.35 -57.42
C GLU T 12 78.87 -8.19 -58.30
N ALA T 13 78.64 -8.47 -59.58
CA ALA T 13 78.13 -7.45 -60.48
C ALA T 13 76.89 -6.79 -59.92
N LYS T 14 75.95 -7.61 -59.42
CA LYS T 14 74.72 -7.06 -58.86
C LYS T 14 75.03 -6.02 -57.79
N ARG T 15 75.95 -6.35 -56.88
CA ARG T 15 76.28 -5.41 -55.81
C ARG T 15 76.78 -4.10 -56.40
N THR T 16 77.66 -4.17 -57.39
CA THR T 16 78.15 -2.95 -58.02
C THR T 16 77.00 -2.14 -58.59
N LYS T 17 76.05 -2.82 -59.23
CA LYS T 17 74.91 -2.11 -59.81
C LYS T 17 74.19 -1.30 -58.74
N GLN T 18 74.05 -1.88 -57.54
CA GLN T 18 73.38 -1.15 -56.47
C GLN T 18 74.12 0.14 -56.16
N LEU T 19 75.45 0.07 -56.06
CA LEU T 19 76.24 1.28 -55.82
C LEU T 19 76.05 2.26 -56.97
N TYR T 20 75.86 1.75 -58.19
CA TYR T 20 75.56 2.63 -59.32
C TYR T 20 74.16 3.18 -59.21
N ALA T 21 73.21 2.37 -58.74
CA ALA T 21 71.83 2.82 -58.64
C ALA T 21 71.65 3.80 -57.49
N ARG T 22 72.20 3.49 -56.32
CA ARG T 22 72.10 4.35 -55.15
C ARG T 22 73.36 5.21 -55.06
N SER T 23 73.40 6.22 -55.93
CA SER T 23 74.56 7.10 -56.06
C SER T 23 74.07 8.54 -56.19
N ASN T 24 74.03 9.26 -55.07
CA ASN T 24 73.74 10.69 -55.13
C ASN T 24 74.85 11.44 -55.87
N GLN T 25 76.09 11.03 -55.65
CA GLN T 25 77.24 11.57 -56.38
C GLN T 25 77.97 10.43 -57.06
N ASP T 26 78.94 10.78 -57.90
CA ASP T 26 79.70 9.77 -58.63
C ASP T 26 80.50 8.91 -57.67
N VAL T 27 80.60 7.62 -57.98
CA VAL T 27 81.29 6.66 -57.13
C VAL T 27 82.45 6.04 -57.89
N ASN T 28 83.18 5.15 -57.22
CA ASN T 28 84.34 4.48 -57.81
C ASN T 28 84.05 2.99 -57.91
N LEU T 29 84.53 2.37 -58.99
CA LEU T 29 84.37 0.93 -59.12
C LEU T 29 85.22 0.21 -58.08
N PRO T 30 84.75 -0.90 -57.53
CA PRO T 30 85.57 -1.69 -56.61
C PRO T 30 86.74 -2.35 -57.34
N MET T 31 87.48 -3.16 -56.59
CA MET T 31 88.62 -3.86 -57.14
C MET T 31 88.18 -4.85 -58.22
N TYR T 32 89.08 -5.05 -59.19
CA TYR T 32 88.85 -6.03 -60.25
C TYR T 32 88.81 -7.43 -59.65
N HIS T 33 88.36 -8.41 -60.43
CA HIS T 33 88.20 -9.77 -59.92
C HIS T 33 89.00 -10.74 -60.77
N GLU T 34 90.28 -10.40 -60.99
CA GLU T 34 91.13 -11.16 -61.90
C GLU T 34 91.31 -12.60 -61.42
N ASP T 35 91.26 -12.84 -60.11
CA ASP T 35 91.44 -14.20 -59.59
C ASP T 35 90.25 -15.10 -59.93
N ILE T 36 89.02 -14.61 -59.70
CA ILE T 36 87.86 -15.40 -60.09
C ILE T 36 87.85 -15.62 -61.60
N ILE T 37 88.10 -14.55 -62.36
CA ILE T 37 88.11 -14.66 -63.82
C ILE T 37 89.14 -15.69 -64.28
N ARG T 38 90.31 -15.68 -63.66
CA ARG T 38 91.33 -16.67 -64.00
C ARG T 38 90.88 -18.08 -63.64
N ASN T 39 90.08 -18.21 -62.57
CA ASN T 39 89.55 -19.53 -62.23
C ASN T 39 88.58 -20.04 -63.29
N ILE T 40 87.67 -19.18 -63.76
CA ILE T 40 86.82 -19.57 -64.89
C ILE T 40 87.66 -19.88 -66.13
N LEU T 41 88.73 -19.12 -66.35
CA LEU T 41 89.60 -19.41 -67.49
C LEU T 41 90.21 -20.79 -67.37
N LYS T 42 90.68 -21.15 -66.18
CA LYS T 42 91.25 -22.48 -65.97
C LYS T 42 90.21 -23.57 -66.19
N GLU T 43 88.99 -23.37 -65.69
CA GLU T 43 88.00 -24.43 -65.83
C GLU T 43 87.51 -24.57 -67.26
N VAL T 44 87.43 -23.46 -68.01
CA VAL T 44 87.04 -23.58 -69.41
C VAL T 44 88.17 -24.21 -70.22
N SER T 45 89.42 -23.97 -69.83
CA SER T 45 90.54 -24.68 -70.46
C SER T 45 90.44 -26.17 -70.20
N ASN T 46 90.11 -26.57 -68.97
CA ASN T 46 89.91 -27.98 -68.67
C ASN T 46 88.75 -28.56 -69.47
N LEU T 47 87.69 -27.78 -69.66
CA LEU T 47 86.58 -28.22 -70.50
C LEU T 47 87.04 -28.42 -71.95
N ARG T 48 87.89 -27.53 -72.45
CA ARG T 48 88.43 -27.71 -73.79
C ARG T 48 89.25 -28.99 -73.89
N LYS T 49 90.07 -29.27 -72.87
CA LYS T 49 90.83 -30.51 -72.86
C LYS T 49 89.89 -31.72 -72.86
N ASN T 50 88.81 -31.65 -72.08
CA ASN T 50 87.84 -32.74 -72.03
C ASN T 50 87.17 -32.94 -73.39
N THR T 51 86.82 -31.85 -74.06
CA THR T 51 86.22 -31.96 -75.40
C THR T 51 87.20 -32.60 -76.39
N GLU T 52 88.47 -32.19 -76.33
CA GLU T 52 89.47 -32.85 -77.16
C GLU T 52 89.52 -34.35 -76.88
N TYR T 53 89.65 -34.72 -75.61
CA TYR T 53 89.72 -36.13 -75.23
C TYR T 53 88.52 -36.90 -75.73
N LEU T 54 87.32 -36.32 -75.61
CA LEU T 54 86.13 -36.95 -76.16
C LEU T 54 86.25 -37.11 -77.67
N LYS T 55 86.84 -36.12 -78.33
CA LYS T 55 87.02 -36.20 -79.78
C LYS T 55 87.85 -37.42 -80.17
N GLU T 56 89.03 -37.58 -79.56
CA GLU T 56 89.84 -38.75 -79.89
C GLU T 56 89.14 -40.04 -79.48
N GLN T 57 88.57 -40.08 -78.27
CA GLN T 57 88.00 -41.33 -77.77
C GLN T 57 86.83 -41.77 -78.64
N GLN T 58 86.10 -40.81 -79.21
CA GLN T 58 85.06 -41.15 -80.17
C GLN T 58 85.65 -41.57 -81.51
N GLN T 59 86.71 -40.90 -81.95
CA GLN T 59 87.18 -41.19 -83.31
C GLN T 59 88.04 -42.44 -83.41
N LEU T 60 88.44 -43.04 -82.28
CA LEU T 60 88.95 -44.41 -82.30
C LEU T 60 87.83 -45.44 -82.29
N GLY T 61 86.60 -45.02 -82.02
CA GLY T 61 85.47 -45.94 -82.08
C GLY T 61 85.39 -46.97 -80.98
N MET T 62 85.53 -46.55 -79.72
CA MET T 62 85.26 -47.40 -78.57
C MET T 62 83.91 -47.12 -77.92
N LEU T 63 83.31 -45.96 -78.18
CA LEU T 63 82.09 -45.56 -77.48
C LEU T 63 80.97 -45.30 -78.48
N ASP T 64 79.75 -45.51 -78.00
CA ASP T 64 78.56 -45.21 -78.80
C ASP T 64 78.42 -43.70 -79.01
N ASP T 65 77.86 -43.33 -80.16
CA ASP T 65 77.72 -41.91 -80.50
C ASP T 65 76.70 -41.22 -79.60
N LYS T 66 75.57 -41.89 -79.33
CA LYS T 66 74.54 -41.31 -78.49
C LYS T 66 75.06 -40.97 -77.11
N VAL T 67 75.96 -41.82 -76.59
CA VAL T 67 76.58 -41.55 -75.29
C VAL T 67 77.45 -40.31 -75.36
N ALA T 68 78.31 -40.21 -76.37
CA ALA T 68 79.25 -39.09 -76.44
C ALA T 68 78.54 -37.76 -76.66
N LYS T 69 77.39 -37.79 -77.34
CA LYS T 69 76.67 -36.56 -77.61
C LYS T 69 76.29 -35.83 -76.33
N CYS T 70 75.92 -36.59 -75.29
CA CYS T 70 75.45 -35.96 -74.06
C CYS T 70 76.55 -35.16 -73.37
N GLN T 71 77.73 -35.76 -73.17
CA GLN T 71 78.82 -35.02 -72.55
C GLN T 71 79.32 -33.90 -73.45
N TYR T 72 79.28 -34.09 -74.78
CA TYR T 72 79.62 -32.99 -75.67
C TYR T 72 78.70 -31.79 -75.43
N PHE T 73 77.39 -32.05 -75.36
CA PHE T 73 76.43 -30.98 -75.12
C PHE T 73 76.65 -30.34 -73.76
N VAL T 74 76.95 -31.15 -72.74
CA VAL T 74 77.16 -30.62 -71.39
C VAL T 74 78.36 -29.67 -71.37
N THR T 75 79.48 -30.09 -71.97
CA THR T 75 80.66 -29.24 -71.99
C THR T 75 80.40 -27.94 -72.77
N LEU T 76 79.72 -28.05 -73.91
CA LEU T 76 79.40 -26.87 -74.69
C LEU T 76 78.54 -25.90 -73.89
N LEU T 77 77.53 -26.43 -73.19
CA LEU T 77 76.63 -25.58 -72.42
C LEU T 77 77.35 -24.91 -71.26
N CYS T 78 78.24 -25.64 -70.59
CA CYS T 78 79.00 -25.04 -69.49
C CYS T 78 79.89 -23.91 -69.99
N MET T 79 80.57 -24.12 -71.13
CA MET T 79 81.39 -23.05 -71.69
C MET T 79 80.54 -21.84 -72.07
N GLU T 80 79.36 -22.08 -72.65
CA GLU T 80 78.48 -20.97 -73.00
C GLU T 80 78.04 -20.18 -71.77
N ARG T 81 77.71 -20.88 -70.69
CA ARG T 81 77.32 -20.21 -69.45
C ARG T 81 78.46 -19.36 -68.90
N ASN T 82 79.68 -19.91 -68.89
CA ASN T 82 80.81 -19.14 -68.39
C ASN T 82 81.06 -17.90 -69.24
N LYS T 83 80.97 -18.04 -70.57
CA LYS T 83 81.09 -16.88 -71.45
C LYS T 83 80.04 -15.82 -71.13
N ARG T 84 78.79 -16.25 -70.92
CA ARG T 84 77.72 -15.31 -70.62
C ARG T 84 78.01 -14.53 -69.35
N CYS T 85 78.43 -15.23 -68.29
CA CYS T 85 78.71 -14.54 -67.03
C CYS T 85 79.84 -13.53 -67.19
N LEU T 86 80.94 -13.94 -67.84
CA LEU T 86 82.07 -13.03 -68.01
C LEU T 86 81.66 -11.81 -68.83
N LEU T 87 80.92 -12.02 -69.92
CA LEU T 87 80.53 -10.91 -70.78
C LEU T 87 79.60 -9.93 -70.06
N ALA T 88 78.67 -10.46 -69.25
CA ALA T 88 77.78 -9.56 -68.50
C ALA T 88 78.55 -8.70 -67.52
N TYR T 89 79.48 -9.32 -66.77
CA TYR T 89 80.30 -8.54 -65.85
C TYR T 89 81.09 -7.46 -66.58
N GLN T 90 81.71 -7.84 -67.70
CA GLN T 90 82.53 -6.88 -68.45
C GLN T 90 81.69 -5.72 -68.97
N ARG T 91 80.49 -6.02 -69.47
CA ARG T 91 79.65 -4.97 -70.03
C ARG T 91 79.16 -4.00 -68.96
N LEU T 92 78.82 -4.51 -67.78
CA LEU T 92 78.43 -3.60 -66.71
C LEU T 92 79.57 -2.66 -66.33
N ARG T 93 80.77 -3.22 -66.15
CA ARG T 93 81.91 -2.38 -65.80
C ARG T 93 82.21 -1.38 -66.91
N THR T 94 82.05 -1.80 -68.17
CA THR T 94 82.28 -0.90 -69.30
C THR T 94 81.28 0.25 -69.32
N ASP T 95 80.01 -0.04 -69.03
CA ASP T 95 79.00 1.00 -69.03
C ASP T 95 79.28 2.05 -67.95
N ILE T 96 79.68 1.60 -66.76
CA ILE T 96 80.00 2.58 -65.71
C ILE T 96 81.18 3.45 -66.13
N LEU T 97 82.21 2.85 -66.75
CA LEU T 97 83.36 3.60 -67.22
C LEU T 97 82.95 4.63 -68.26
N ASP T 98 82.10 4.25 -69.20
CA ASP T 98 81.63 5.19 -70.21
C ASP T 98 80.88 6.35 -69.58
N SER T 99 80.04 6.06 -68.58
CA SER T 99 79.31 7.12 -67.89
C SER T 99 80.26 8.10 -67.23
N MET T 100 81.28 7.60 -66.52
CA MET T 100 82.24 8.52 -65.90
C MET T 100 82.99 9.33 -66.95
N ALA T 101 83.41 8.68 -68.04
CA ALA T 101 84.16 9.38 -69.07
C ALA T 101 83.34 10.51 -69.67
N TRP T 102 82.05 10.29 -69.88
CA TRP T 102 81.19 11.37 -70.34
C TRP T 102 80.99 12.45 -69.28
N ASN T 103 80.97 12.08 -68.00
CA ASN T 103 80.67 13.03 -66.93
C ASN T 103 81.90 13.78 -66.41
N ASN T 104 82.95 13.90 -67.21
CA ASN T 104 84.10 14.73 -66.86
C ASN T 104 84.47 15.71 -67.97
N ASN T 105 83.50 16.14 -68.78
CA ASN T 105 83.71 17.12 -69.84
C ASN T 105 84.80 16.65 -70.81
N GLY T 106 84.70 15.40 -71.22
CA GLY T 106 85.72 14.83 -72.09
C GLY T 106 87.03 14.70 -71.35
N LEU T 107 88.09 15.29 -71.92
CA LEU T 107 89.41 15.35 -71.32
C LEU T 107 90.02 13.95 -71.26
N ASP T 108 91.29 13.85 -70.87
CA ASP T 108 92.01 12.59 -70.90
C ASP T 108 91.86 11.79 -69.60
N LEU T 109 91.06 12.28 -68.66
CA LEU T 109 90.80 11.62 -67.38
C LEU T 109 92.10 11.45 -66.62
N MET T 110 92.64 10.24 -66.49
CA MET T 110 93.61 9.97 -65.43
C MET T 110 94.95 10.64 -65.70
N SER T 111 95.33 10.75 -66.98
CA SER T 111 96.61 11.39 -67.32
C SER T 111 96.61 12.84 -66.88
N SER T 112 95.58 13.59 -67.26
CA SER T 112 95.46 14.97 -66.82
C SER T 112 94.83 15.04 -65.43
N ILE T 113 94.44 16.25 -65.04
CA ILE T 113 93.81 16.44 -63.74
C ILE T 113 92.44 15.76 -63.75
N THR T 114 92.16 14.98 -62.72
CA THR T 114 90.90 14.26 -62.60
C THR T 114 90.17 14.78 -61.35
N PHE T 115 88.86 14.53 -61.26
CA PHE T 115 88.06 14.95 -60.12
C PHE T 115 88.24 14.02 -58.91
N SER T 116 89.28 13.18 -58.92
CA SER T 116 89.63 12.29 -57.82
C SER T 116 88.52 11.30 -57.49
N GLN T 117 87.63 10.99 -58.44
CA GLN T 117 86.54 10.06 -58.15
C GLN T 117 87.03 8.62 -58.13
N GLN T 118 88.06 8.32 -58.92
CA GLN T 118 88.49 6.94 -59.13
C GLN T 118 89.99 6.82 -58.93
N ASP T 119 90.41 5.75 -58.28
CA ASP T 119 91.83 5.45 -58.14
C ASP T 119 92.35 4.73 -59.38
N THR T 120 93.64 4.91 -59.67
CA THR T 120 94.23 4.31 -60.85
C THR T 120 94.16 2.79 -60.84
N ASN T 121 94.42 2.17 -59.69
CA ASN T 121 94.70 0.74 -59.65
C ASN T 121 93.45 -0.12 -59.63
N ASN T 122 92.27 0.47 -59.45
CA ASN T 122 91.04 -0.32 -59.49
C ASN T 122 90.82 -0.90 -60.88
N LEU T 123 91.06 -0.12 -61.92
CA LEU T 123 90.74 -0.56 -63.28
C LEU T 123 91.81 -1.51 -63.79
N SER T 124 91.38 -2.41 -64.68
CA SER T 124 92.31 -3.30 -65.36
C SER T 124 93.05 -2.55 -66.46
N HIS T 125 94.15 -3.15 -66.92
CA HIS T 125 94.97 -2.50 -67.95
C HIS T 125 94.19 -2.34 -69.24
N GLN T 126 93.46 -3.38 -69.65
CA GLN T 126 92.62 -3.27 -70.83
C GLN T 126 91.52 -2.23 -70.65
N GLU T 127 90.95 -2.14 -69.44
CA GLU T 127 89.98 -1.09 -69.17
C GLU T 127 90.62 0.29 -69.23
N GLN T 128 91.85 0.42 -68.73
CA GLN T 128 92.57 1.69 -68.80
C GLN T 128 92.80 2.11 -70.25
N GLU T 129 93.18 1.17 -71.11
CA GLU T 129 93.32 1.42 -72.54
C GLU T 129 91.99 1.83 -73.18
N TYR T 130 90.95 1.04 -72.93
CA TYR T 130 89.61 1.32 -73.46
C TYR T 130 89.15 2.73 -73.09
N LEU T 131 89.38 3.13 -71.84
CA LEU T 131 88.99 4.47 -71.40
C LEU T 131 89.72 5.53 -72.21
N LYS T 132 91.00 5.30 -72.52
CA LYS T 132 91.78 6.27 -73.29
C LYS T 132 91.20 6.47 -74.68
N GLU T 133 90.93 5.37 -75.39
CA GLU T 133 90.39 5.56 -76.74
C GLU T 133 88.96 6.11 -76.70
N TYR T 134 88.20 5.77 -75.67
CA TYR T 134 86.85 6.34 -75.57
C TYR T 134 86.91 7.85 -75.34
N CYS T 135 87.86 8.30 -74.51
CA CYS T 135 88.04 9.73 -74.31
C CYS T 135 88.48 10.42 -75.58
N ASP T 136 89.37 9.80 -76.36
CA ASP T 136 89.76 10.39 -77.64
C ASP T 136 88.58 10.47 -78.59
N LEU T 137 87.70 9.46 -78.57
CA LEU T 137 86.50 9.50 -79.40
C LEU T 137 85.58 10.65 -78.98
N ILE T 138 85.41 10.85 -77.67
CA ILE T 138 84.64 12.01 -77.22
C ILE T 138 85.27 13.30 -77.71
N THR T 139 86.60 13.38 -77.63
CA THR T 139 87.30 14.60 -78.03
C THR T 139 87.08 14.92 -79.50
N ASP T 140 87.21 13.93 -80.39
CA ASP T 140 87.06 14.24 -81.81
C ASP T 140 85.59 14.25 -82.23
N LEU T 141 84.68 13.83 -81.35
CA LEU T 141 83.29 14.21 -81.52
C LEU T 141 83.09 15.70 -81.27
N LYS T 142 83.66 16.21 -80.17
CA LYS T 142 83.39 17.59 -79.77
C LYS T 142 83.92 18.60 -80.78
N SER T 143 84.81 18.18 -81.67
CA SER T 143 85.33 19.04 -82.72
C SER T 143 84.66 18.79 -84.07
N GLY T 144 83.54 18.07 -84.08
CA GLY T 144 82.85 17.73 -85.31
C GLY T 144 82.06 18.90 -85.87
N ASP T 145 80.89 18.59 -86.43
CA ASP T 145 80.03 19.64 -86.97
C ASP T 145 79.37 20.45 -85.85
N LEU T 146 79.26 19.85 -84.66
CA LEU T 146 78.61 20.50 -83.53
C LEU T 146 79.62 21.21 -82.62
N VAL T 147 80.38 22.14 -83.22
CA VAL T 147 81.36 22.91 -82.47
C VAL T 147 80.66 23.89 -81.53
N ASP T 148 79.65 24.59 -82.03
CA ASP T 148 78.99 25.64 -81.25
C ASP T 148 78.33 25.07 -80.00
N ILE T 149 77.69 23.91 -80.14
CA ILE T 149 77.06 23.26 -79.01
C ILE T 149 78.10 22.43 -78.25
N ASP T 150 78.13 22.58 -76.94
CA ASP T 150 79.08 21.88 -76.09
C ASP T 150 78.44 20.54 -75.69
N LEU T 151 78.82 19.48 -76.40
CA LEU T 151 78.21 18.17 -76.16
C LEU T 151 78.51 17.61 -74.79
N SER T 152 79.48 18.18 -74.07
CA SER T 152 79.81 17.76 -72.71
C SER T 152 79.35 18.77 -71.67
N GLY T 153 78.38 19.62 -72.02
CA GLY T 153 77.91 20.65 -71.14
C GLY T 153 76.90 20.12 -70.12
N SER T 154 76.31 21.07 -69.41
CA SER T 154 75.34 20.73 -68.37
C SER T 154 74.04 20.22 -68.96
N LEU T 155 73.38 19.32 -68.25
CA LEU T 155 72.15 18.69 -68.71
C LEU T 155 70.94 19.06 -67.86
N VAL T 156 71.02 20.15 -67.10
CA VAL T 156 69.88 20.70 -66.38
C VAL T 156 69.45 21.98 -67.08
N PRO T 157 68.17 22.18 -67.35
CA PRO T 157 67.74 23.31 -68.18
C PRO T 157 68.06 24.64 -67.52
N PRO T 158 68.35 25.67 -68.31
CA PRO T 158 68.62 26.99 -67.75
C PRO T 158 67.34 27.75 -67.46
N SER T 159 67.14 28.18 -66.22
CA SER T 159 65.92 28.89 -65.83
C SER T 159 66.19 30.08 -64.91
N ASP T 160 67.44 30.43 -64.67
CA ASP T 160 67.79 31.54 -63.79
C ASP T 160 68.95 32.31 -64.42
N VAL T 161 68.68 33.56 -64.83
CA VAL T 161 69.69 34.33 -65.53
C VAL T 161 70.83 34.75 -64.60
N PHE T 162 70.50 35.22 -63.40
CA PHE T 162 71.47 35.72 -62.45
C PHE T 162 71.44 34.87 -61.20
N ILE T 163 72.61 34.42 -60.75
CA ILE T 163 72.71 33.52 -59.60
C ILE T 163 73.75 34.04 -58.62
N ASP T 164 73.63 33.58 -57.38
CA ASP T 164 74.60 33.86 -56.33
C ASP T 164 75.50 32.65 -56.16
N VAL T 165 76.82 32.88 -56.16
CA VAL T 165 77.77 31.79 -56.02
C VAL T 165 78.78 32.12 -54.92
N ARG T 166 79.36 31.07 -54.35
CA ARG T 166 80.35 31.17 -53.31
C ARG T 166 81.56 30.32 -53.67
N VAL T 167 82.74 30.85 -53.40
CA VAL T 167 83.99 30.20 -53.79
C VAL T 167 84.33 29.14 -52.74
N LEU T 168 84.74 27.96 -53.21
CA LEU T 168 85.09 26.88 -52.29
C LEU T 168 86.61 26.83 -52.06
N LYS T 169 87.39 26.93 -53.12
CA LYS T 169 88.84 26.82 -53.05
C LYS T 169 89.49 28.10 -53.55
N ASP T 170 90.61 28.46 -52.94
CA ASP T 170 91.30 29.69 -53.30
C ASP T 170 92.00 29.55 -54.65
N ALA T 171 92.13 30.67 -55.34
CA ALA T 171 92.75 30.70 -56.66
C ALA T 171 93.15 32.15 -56.97
N GLY T 172 93.69 32.34 -58.17
CA GLY T 172 94.08 33.66 -58.63
C GLY T 172 93.05 34.29 -59.56
N GLU T 173 93.43 35.42 -60.13
CA GLU T 173 92.57 36.11 -61.07
C GLU T 173 92.40 35.29 -62.35
N ILE T 174 91.16 35.17 -62.81
CA ILE T 174 90.84 34.45 -64.04
C ILE T 174 90.11 35.40 -64.98
N GLN T 175 90.62 35.55 -66.19
CA GLN T 175 89.97 36.34 -67.22
C GLN T 175 88.80 35.57 -67.83
N THR T 176 87.70 36.29 -68.02
CA THR T 176 86.54 35.78 -68.74
C THR T 176 86.21 36.77 -69.85
N GLU T 177 85.33 36.36 -70.76
CA GLU T 177 84.98 37.22 -71.88
C GLU T 177 84.45 38.54 -71.39
N TYR T 178 85.22 39.60 -71.59
CA TYR T 178 84.96 41.01 -71.28
C TYR T 178 85.14 41.35 -69.80
N GLY T 179 85.86 40.54 -69.02
CA GLY T 179 86.03 40.89 -67.62
C GLY T 179 86.98 39.94 -66.91
N VAL T 180 87.01 40.08 -65.58
CA VAL T 180 87.92 39.33 -64.73
C VAL T 180 87.18 38.94 -63.45
N PHE T 181 87.42 37.71 -62.99
CA PHE T 181 86.94 37.25 -61.69
C PHE T 181 88.13 37.03 -60.78
N ASN T 182 88.05 37.57 -59.56
CA ASN T 182 89.10 37.42 -58.56
C ASN T 182 88.62 36.43 -57.52
N LEU T 183 89.26 35.26 -57.47
CA LEU T 183 88.79 34.15 -56.64
C LEU T 183 89.42 34.18 -55.25
N ILE T 184 89.00 35.19 -54.46
CA ILE T 184 89.38 35.23 -53.05
C ILE T 184 88.45 34.31 -52.27
N LYS T 185 89.03 33.43 -51.46
CA LYS T 185 88.24 32.43 -50.74
C LYS T 185 87.32 33.10 -49.73
N ASP T 186 86.17 32.46 -49.49
CA ASP T 186 85.14 32.96 -48.58
C ASP T 186 84.60 34.32 -49.04
N SER T 187 84.39 34.45 -50.35
CA SER T 187 83.78 35.64 -50.94
C SER T 187 82.61 35.22 -51.82
N GLN T 188 81.63 36.11 -51.95
CA GLN T 188 80.40 35.83 -52.67
C GLN T 188 80.30 36.67 -53.93
N PHE T 189 79.77 36.06 -54.99
CA PHE T 189 79.60 36.72 -56.28
C PHE T 189 78.13 36.72 -56.66
N PHE T 190 77.69 37.81 -57.30
CA PHE T 190 76.41 37.87 -57.98
C PHE T 190 76.67 38.14 -59.45
N VAL T 191 76.55 37.08 -60.27
CA VAL T 191 76.96 37.16 -61.67
C VAL T 191 76.08 36.24 -62.50
N ARG T 192 76.15 36.37 -63.82
CA ARG T 192 75.35 35.56 -64.74
C ARG T 192 75.73 34.08 -64.63
N GLN T 193 74.75 33.21 -64.88
CA GLN T 193 74.96 31.78 -64.69
C GLN T 193 75.92 31.20 -65.73
N SER T 194 75.92 31.73 -66.94
CA SER T 194 76.70 31.15 -68.02
C SER T 194 78.19 31.25 -67.76
N ASP T 195 78.62 32.31 -67.09
CA ASP T 195 80.05 32.53 -66.89
C ASP T 195 80.66 31.50 -65.94
N VAL T 196 79.88 31.06 -64.95
CA VAL T 196 80.43 30.26 -63.85
C VAL T 196 80.05 28.79 -63.93
N GLU T 197 79.45 28.35 -65.03
CA GLU T 197 79.11 26.92 -65.16
C GLU T 197 80.37 26.07 -65.12
N ARG T 198 81.41 26.49 -65.85
CA ARG T 198 82.67 25.75 -65.89
C ARG T 198 83.29 25.67 -64.50
N LEU T 199 83.32 26.79 -63.78
CA LEU T 199 83.94 26.81 -62.46
C LEU T 199 83.15 26.04 -61.43
N ILE T 200 81.81 26.04 -61.52
CA ILE T 200 81.01 25.22 -60.62
C ILE T 200 81.23 23.74 -60.91
N GLN T 201 81.35 23.38 -62.20
CA GLN T 201 81.54 21.98 -62.55
C GLN T 201 82.86 21.45 -62.03
N GLN T 202 83.88 22.30 -61.92
CA GLN T 202 85.20 21.88 -61.49
C GLN T 202 85.44 22.05 -59.99
N GLY T 203 84.43 22.45 -59.22
CA GLY T 203 84.54 22.49 -57.79
C GLY T 203 85.14 23.74 -57.19
N TYR T 204 85.32 24.80 -57.97
CA TYR T 204 85.83 26.07 -57.46
C TYR T 204 84.71 27.00 -57.01
N LEU T 205 83.45 26.63 -57.21
CA LEU T 205 82.33 27.45 -56.80
C LEU T 205 81.22 26.58 -56.25
N GLN T 206 80.36 27.19 -55.43
CA GLN T 206 79.27 26.51 -54.76
C GLN T 206 77.97 27.24 -55.06
N LYS T 207 76.86 26.52 -54.94
CA LYS T 207 75.50 27.06 -55.00
C LYS T 207 75.13 27.40 -56.43
N ILE T 208 73.89 27.82 -56.65
CA ILE T 208 73.40 28.16 -57.98
C ILE T 208 72.16 29.03 -57.83
N SER U 2 70.69 13.04 -70.19
CA SER U 2 70.34 11.92 -71.04
C SER U 2 70.51 10.59 -70.31
N LEU U 3 71.76 10.14 -70.21
CA LEU U 3 72.09 8.87 -69.55
C LEU U 3 72.09 9.00 -68.02
N PRO U 4 72.83 9.94 -67.42
CA PRO U 4 72.96 9.93 -65.97
C PRO U 4 71.66 10.32 -65.26
N ALA U 5 71.56 9.86 -64.01
CA ALA U 5 70.42 10.15 -63.15
C ALA U 5 69.11 9.75 -63.80
N HIS U 6 69.01 8.47 -64.16
CA HIS U 6 67.86 7.91 -64.88
C HIS U 6 67.72 8.69 -66.19
N LEU U 7 66.66 9.46 -66.39
CA LEU U 7 66.43 10.30 -67.58
C LEU U 7 66.36 9.51 -68.87
N GLN U 8 66.41 8.18 -68.81
CA GLN U 8 66.37 7.39 -70.05
C GLN U 8 65.03 7.52 -70.76
N GLN U 9 63.93 7.43 -70.02
CA GLN U 9 62.61 7.33 -70.62
C GLN U 9 61.55 8.14 -69.89
N THR U 10 61.96 9.09 -69.05
CA THR U 10 61.02 9.91 -68.28
C THR U 10 61.61 11.30 -68.13
N PHE U 11 60.73 12.31 -68.13
CA PHE U 11 61.15 13.69 -67.99
C PHE U 11 61.27 14.07 -66.53
N SER U 12 62.25 14.92 -66.23
CA SER U 12 62.41 15.49 -64.90
C SER U 12 61.45 16.66 -64.73
N PRO U 13 61.14 17.04 -63.48
CA PRO U 13 60.24 18.18 -63.28
C PRO U 13 60.75 19.48 -63.88
N GLU U 14 62.07 19.67 -63.90
CA GLU U 14 62.63 20.89 -64.47
C GLU U 14 62.39 20.97 -65.97
N GLU U 15 62.45 19.83 -66.66
CA GLU U 15 62.16 19.83 -68.10
C GLU U 15 60.69 20.11 -68.37
N ILE U 16 59.81 19.61 -67.50
CA ILE U 16 58.40 19.95 -67.60
C ILE U 16 58.19 21.44 -67.40
N GLN U 17 58.90 22.03 -66.44
CA GLN U 17 58.82 23.48 -66.25
C GLN U 17 59.33 24.23 -67.48
N PHE U 18 60.39 23.74 -68.09
CA PHE U 18 60.89 24.31 -69.34
C PHE U 18 59.79 24.32 -70.41
N ILE U 19 59.15 23.16 -70.61
CA ILE U 19 58.09 23.06 -71.61
C ILE U 19 56.96 24.03 -71.29
N VAL U 20 56.61 24.16 -70.00
CA VAL U 20 55.55 25.09 -69.61
C VAL U 20 55.94 26.53 -69.92
N GLU U 21 57.17 26.92 -69.58
CA GLU U 21 57.62 28.28 -69.85
C GLU U 21 57.82 28.55 -71.34
N ASN U 22 57.77 27.52 -72.18
CA ASN U 22 57.81 27.74 -73.63
C ASN U 22 56.43 28.05 -74.22
N GLU U 23 55.53 28.64 -73.42
CA GLU U 23 54.16 28.90 -73.82
C GLU U 23 53.81 30.37 -73.62
N PRO U 24 52.92 30.93 -74.45
CA PRO U 24 52.66 32.37 -74.39
C PRO U 24 51.90 32.80 -73.13
N ILE U 25 51.95 34.12 -72.85
CA ILE U 25 51.24 34.72 -71.74
C ILE U 25 51.01 36.20 -72.07
N LYS U 26 50.03 36.80 -71.40
CA LYS U 26 49.65 38.19 -71.61
C LYS U 26 50.28 39.08 -70.54
N ILE U 27 50.60 40.32 -70.93
CA ILE U 27 51.31 41.27 -70.06
C ILE U 27 50.79 42.68 -70.29
N PHE U 28 51.10 43.55 -69.33
CA PHE U 28 50.91 45.01 -69.48
C PHE U 28 52.27 45.69 -69.37
N PRO U 29 52.86 46.07 -70.51
CA PRO U 29 54.16 46.74 -70.48
C PRO U 29 54.14 48.05 -69.69
N ARG U 30 55.23 48.33 -68.97
CA ARG U 30 55.40 49.62 -68.29
C ARG U 30 56.37 50.52 -69.06
N ILE U 31 56.79 50.11 -70.24
CA ILE U 31 57.71 50.89 -71.07
C ILE U 31 57.16 50.97 -72.48
N THR U 32 57.61 51.97 -73.23
CA THR U 32 57.20 52.16 -74.62
C THR U 32 58.44 52.03 -75.49
N THR U 33 58.47 51.01 -76.34
CA THR U 33 59.56 50.80 -77.29
C THR U 33 59.09 50.94 -78.74
N ARG U 34 58.07 51.76 -78.98
CA ARG U 34 57.59 51.98 -80.34
C ARG U 34 58.68 52.60 -81.21
N GLN U 35 58.74 52.18 -82.46
CA GLN U 35 59.75 52.67 -83.38
C GLN U 35 59.57 54.17 -83.63
N LYS U 36 60.68 54.87 -83.75
CA LYS U 36 60.65 56.30 -83.99
C LYS U 36 60.12 56.59 -85.40
N ILE U 37 59.36 57.67 -85.53
CA ILE U 37 58.79 58.06 -86.80
C ILE U 37 59.37 59.40 -87.24
N THR U 48 69.15 49.37 -81.74
CA THR U 48 69.09 48.02 -81.18
C THR U 48 67.67 47.48 -81.21
N ARG U 49 67.50 46.30 -81.79
CA ARG U 49 66.19 45.67 -81.88
C ARG U 49 66.33 44.20 -81.56
N TRP U 50 65.21 43.58 -81.19
CA TRP U 50 65.26 42.28 -80.54
C TRP U 50 65.70 41.17 -81.49
N GLN U 51 65.09 41.07 -82.67
CA GLN U 51 65.49 40.10 -83.68
C GLN U 51 65.68 38.69 -83.14
N LEU U 52 64.62 38.07 -82.62
CA LEU U 52 64.69 36.75 -82.01
C LEU U 52 64.65 35.66 -83.08
N ILE U 53 65.13 34.47 -82.72
CA ILE U 53 65.25 33.38 -83.68
C ILE U 53 64.31 32.21 -83.41
N THR U 54 63.74 32.11 -82.20
CA THR U 54 62.80 31.04 -81.90
C THR U 54 61.39 31.54 -81.59
N THR U 55 61.21 32.85 -81.38
CA THR U 55 59.90 33.41 -81.10
C THR U 55 59.72 34.66 -81.94
N ASP U 56 58.48 34.92 -82.34
CA ASP U 56 58.15 36.11 -83.12
C ASP U 56 58.35 37.35 -82.26
N ASP U 57 59.09 38.31 -82.79
CA ASP U 57 59.46 39.52 -82.06
C ASP U 57 58.62 40.73 -82.43
N LYS U 58 57.56 40.55 -83.21
CA LYS U 58 56.78 41.68 -83.69
C LYS U 58 56.15 42.44 -82.53
N ALA U 59 55.60 41.71 -81.55
CA ALA U 59 55.01 42.36 -80.39
C ALA U 59 56.07 43.06 -79.54
N LEU U 60 57.22 42.42 -79.35
CA LEU U 60 58.26 43.01 -78.52
C LEU U 60 58.83 44.27 -79.14
N ASN U 61 59.01 44.27 -80.46
CA ASN U 61 59.51 45.48 -81.12
C ASN U 61 58.51 46.62 -81.03
N ASN U 62 57.23 46.33 -81.24
CA ASN U 62 56.17 47.35 -81.23
C ASN U 62 55.45 47.29 -79.89
N MET U 63 55.96 48.03 -78.91
CA MET U 63 55.39 48.05 -77.57
C MET U 63 54.98 49.48 -77.22
N VAL U 64 53.80 49.60 -76.62
CA VAL U 64 53.28 50.87 -76.15
C VAL U 64 52.78 50.68 -74.72
N ALA U 65 53.03 51.67 -73.88
CA ALA U 65 52.69 51.55 -72.46
C ALA U 65 51.18 51.49 -72.27
N MET U 66 50.77 50.82 -71.20
CA MET U 66 49.37 50.73 -70.79
C MET U 66 48.49 50.15 -71.89
N ARG U 67 49.02 49.15 -72.59
CA ARG U 67 48.26 48.40 -73.58
C ARG U 67 48.58 46.92 -73.45
N SER U 68 47.65 46.08 -73.89
CA SER U 68 47.75 44.64 -73.70
C SER U 68 48.44 44.00 -74.90
N THR U 69 49.49 43.24 -74.63
CA THR U 69 50.20 42.44 -75.62
C THR U 69 50.49 41.06 -75.03
N GLU U 70 50.95 40.16 -75.88
CA GLU U 70 51.27 38.80 -75.44
C GLU U 70 52.65 38.40 -75.95
N VAL U 71 53.43 37.78 -75.07
CA VAL U 71 54.76 37.27 -75.40
C VAL U 71 54.91 35.89 -74.77
N VAL U 72 56.10 35.31 -74.96
CA VAL U 72 56.39 34.02 -74.34
C VAL U 72 56.65 34.22 -72.86
N LEU U 73 56.49 33.14 -72.08
CA LEU U 73 56.45 33.27 -70.63
C LEU U 73 57.80 33.70 -70.05
N TRP U 74 58.90 33.09 -70.52
CA TRP U 74 60.19 33.33 -69.89
C TRP U 74 60.65 34.77 -70.08
N ILE U 75 60.32 35.37 -71.23
CA ILE U 75 60.61 36.79 -71.43
C ILE U 75 59.82 37.63 -70.42
N ALA U 76 58.58 37.22 -70.15
CA ALA U 76 57.78 37.93 -69.16
C ALA U 76 58.40 37.85 -67.77
N LEU U 77 58.88 36.66 -67.39
CA LEU U 77 59.57 36.55 -66.10
C LEU U 77 60.84 37.39 -66.05
N LEU U 78 61.61 37.40 -67.14
CA LEU U 78 62.82 38.20 -67.18
C LEU U 78 62.49 39.69 -67.06
N LEU U 79 61.41 40.12 -67.69
CA LEU U 79 61.01 41.53 -67.59
C LEU U 79 60.52 41.87 -66.19
N LYS U 80 59.76 40.96 -65.56
CA LYS U 80 59.28 41.23 -64.21
C LYS U 80 60.40 41.13 -63.19
N GLN U 81 61.52 40.49 -63.53
CA GLN U 81 62.70 40.60 -62.69
C GLN U 81 63.12 42.06 -62.54
N GLN U 82 63.05 42.82 -63.62
CA GLN U 82 63.16 44.27 -63.57
C GLN U 82 61.78 44.85 -63.23
N SER U 83 61.61 46.17 -63.39
CA SER U 83 60.34 46.82 -63.11
C SER U 83 59.63 47.24 -64.39
N LYS U 84 59.70 46.42 -65.43
CA LYS U 84 59.22 46.79 -66.75
C LYS U 84 58.08 45.91 -67.25
N CYS U 85 57.35 45.24 -66.37
CA CYS U 85 56.30 44.33 -66.80
C CYS U 85 55.30 44.11 -65.67
N SER U 86 54.14 43.56 -66.05
CA SER U 86 53.11 43.14 -65.10
C SER U 86 52.25 42.06 -65.75
N ILE U 87 52.43 40.81 -65.33
CA ILE U 87 51.78 39.68 -65.98
C ILE U 87 50.37 39.51 -65.44
N VAL U 88 49.41 39.35 -66.34
CA VAL U 88 48.02 39.13 -65.95
C VAL U 88 47.76 37.64 -65.89
N ALA U 89 47.30 37.16 -64.73
CA ALA U 89 47.05 35.75 -64.55
C ALA U 89 45.88 35.30 -65.42
N PRO U 90 45.88 34.04 -65.86
CA PRO U 90 44.78 33.55 -66.70
C PRO U 90 43.45 33.57 -65.94
N GLN U 91 42.36 33.62 -66.71
CA GLN U 91 41.03 33.76 -66.13
C GLN U 91 40.64 32.57 -65.27
N TRP U 92 41.27 31.40 -65.45
CA TRP U 92 40.92 30.24 -64.65
C TRP U 92 41.50 30.33 -63.25
N LEU U 93 42.46 31.23 -63.04
CA LEU U 93 43.04 31.47 -61.72
C LEU U 93 42.19 32.49 -60.96
N THR U 94 40.93 32.12 -60.74
CA THR U 94 40.02 32.94 -59.97
C THR U 94 39.23 32.03 -59.04
N THR U 95 38.75 32.62 -57.93
CA THR U 95 37.98 31.84 -56.96
C THR U 95 36.69 31.32 -57.57
N LYS U 96 36.00 32.16 -58.36
CA LYS U 96 34.75 31.73 -58.98
C LYS U 96 34.95 30.57 -59.93
N GLU U 97 35.90 30.71 -60.85
CA GLU U 97 36.18 29.67 -61.83
C GLU U 97 36.77 28.41 -61.21
N LEU U 98 37.45 28.53 -60.07
CA LEU U 98 37.91 27.35 -59.36
C LEU U 98 36.79 26.64 -58.60
N ASP U 99 35.86 27.41 -58.01
CA ASP U 99 34.71 26.79 -57.36
C ASP U 99 33.77 26.13 -58.36
N ARG U 100 33.66 26.67 -59.58
CA ARG U 100 32.88 25.97 -60.61
C ARG U 100 33.50 24.62 -60.94
N LYS U 101 34.82 24.57 -61.10
CA LYS U 101 35.48 23.31 -61.39
C LYS U 101 35.43 22.34 -60.22
N ILE U 102 35.47 22.84 -58.99
CA ILE U 102 35.32 21.95 -57.84
C ILE U 102 33.95 21.29 -57.84
N GLN U 103 32.90 22.06 -58.12
CA GLN U 103 31.56 21.48 -58.19
C GLN U 103 31.44 20.48 -59.34
N TYR U 104 31.98 20.83 -60.51
CA TYR U 104 31.97 19.88 -61.62
C TYR U 104 32.71 18.61 -61.26
N GLU U 105 33.79 18.75 -60.50
CA GLU U 105 34.59 17.60 -60.06
C GLU U 105 33.78 16.72 -59.11
N LYS U 106 33.03 17.35 -58.21
CA LYS U 106 32.21 16.61 -57.26
C LYS U 106 31.07 15.87 -57.95
N THR U 107 30.39 16.52 -58.90
CA THR U 107 29.18 15.94 -59.47
C THR U 107 29.47 14.74 -60.35
N HIS U 108 30.57 14.78 -61.08
CA HIS U 108 30.90 13.67 -61.99
C HIS U 108 32.07 12.88 -61.43
N PRO U 109 31.82 11.72 -60.83
CA PRO U 109 32.91 10.99 -60.18
C PRO U 109 33.62 10.01 -61.08
N ASP U 110 33.37 10.07 -62.40
CA ASP U 110 33.97 9.13 -63.34
C ASP U 110 34.63 9.83 -64.52
N ARG U 111 34.78 11.15 -64.49
CA ARG U 111 35.53 11.88 -65.51
C ARG U 111 36.32 12.98 -64.83
N PHE U 112 37.39 13.40 -65.51
CA PHE U 112 38.24 14.49 -65.03
C PHE U 112 37.74 15.83 -65.57
N SER U 113 37.83 16.86 -64.73
CA SER U 113 37.43 18.18 -65.15
C SER U 113 38.40 18.73 -66.20
N GLU U 114 37.93 19.69 -66.98
CA GLU U 114 38.70 20.25 -68.08
C GLU U 114 39.51 21.43 -67.56
N LEU U 115 40.74 21.17 -67.14
CA LEU U 115 41.70 22.18 -66.75
C LEU U 115 42.86 22.18 -67.74
N PRO U 116 43.52 23.31 -67.93
CA PRO U 116 44.66 23.34 -68.87
C PRO U 116 45.78 22.42 -68.42
N TRP U 117 46.52 21.91 -69.40
CA TRP U 117 47.53 20.89 -69.18
C TRP U 117 48.76 21.40 -68.44
N ASN U 118 48.74 22.64 -67.95
CA ASN U 118 49.86 23.18 -67.20
C ASN U 118 49.41 23.93 -65.95
N TRP U 119 48.27 23.57 -65.39
CA TRP U 119 47.66 24.38 -64.34
C TRP U 119 48.51 24.37 -63.06
N LEU U 120 49.04 23.21 -62.68
CA LEU U 120 49.85 23.15 -61.47
C LEU U 120 51.16 23.92 -61.63
N VAL U 121 51.87 23.68 -62.72
CA VAL U 121 53.15 24.36 -62.94
C VAL U 121 52.95 25.86 -63.08
N LEU U 122 51.95 26.27 -63.86
CA LEU U 122 51.68 27.70 -64.02
C LEU U 122 51.28 28.34 -62.70
N ALA U 123 50.46 27.65 -61.90
CA ALA U 123 50.06 28.19 -60.61
C ALA U 123 51.25 28.39 -59.69
N ARG U 124 52.14 27.38 -59.62
CA ARG U 124 53.31 27.50 -58.75
C ARG U 124 54.22 28.63 -59.23
N ILE U 125 54.47 28.71 -60.54
CA ILE U 125 55.36 29.74 -61.06
C ILE U 125 54.80 31.12 -60.81
N LEU U 126 53.50 31.31 -61.05
CA LEU U 126 52.89 32.63 -60.88
C LEU U 126 52.84 33.02 -59.41
N PHE U 127 52.57 32.06 -58.52
CA PHE U 127 52.59 32.37 -57.10
C PHE U 127 53.98 32.77 -56.63
N ASN U 128 55.01 32.09 -57.15
CA ASN U 128 56.38 32.42 -56.76
C ASN U 128 56.81 33.78 -57.29
N LYS U 129 56.56 34.06 -58.57
CA LYS U 129 57.14 35.25 -59.21
C LYS U 129 56.21 36.46 -59.10
N ALA U 130 55.01 36.36 -59.65
CA ALA U 130 54.09 37.50 -59.72
C ALA U 130 53.03 37.42 -58.61
N LYS U 131 53.47 37.65 -57.38
CA LYS U 131 52.55 37.57 -56.24
C LYS U 131 51.65 38.79 -56.17
N ASP U 132 52.14 39.94 -56.64
CA ASP U 132 51.38 41.18 -56.46
C ASP U 132 50.26 41.30 -57.48
N ASP U 133 50.37 40.60 -58.61
CA ASP U 133 49.46 40.86 -59.72
C ASP U 133 48.08 40.25 -59.49
N PHE U 134 47.96 39.28 -58.61
CA PHE U 134 46.67 38.64 -58.38
C PHE U 134 45.69 39.61 -57.73
N HIS U 135 44.41 39.48 -58.10
CA HIS U 135 43.38 40.33 -57.50
C HIS U 135 42.81 39.71 -56.24
N ASP U 136 42.54 38.41 -56.26
CA ASP U 136 42.06 37.70 -55.09
C ASP U 136 43.19 37.48 -54.10
N PRO U 137 42.88 37.32 -52.81
CA PRO U 137 43.91 36.93 -51.85
C PRO U 137 44.54 35.60 -52.25
N ILE U 138 45.85 35.50 -52.08
CA ILE U 138 46.59 34.37 -52.63
C ILE U 138 46.40 33.12 -51.80
N HIS U 139 46.14 33.28 -50.49
CA HIS U 139 45.96 32.11 -49.64
C HIS U 139 44.70 31.33 -50.00
N GLU U 140 43.63 32.04 -50.37
CA GLU U 140 42.41 31.36 -50.79
C GLU U 140 42.64 30.54 -52.05
N LEU U 141 43.32 31.10 -53.04
CA LEU U 141 43.62 30.36 -54.26
C LEU U 141 44.52 29.17 -53.97
N ARG U 142 45.49 29.35 -53.07
CA ARG U 142 46.39 28.26 -52.71
C ARG U 142 45.63 27.11 -52.05
N GLY U 143 44.64 27.44 -51.22
CA GLY U 143 43.79 26.40 -50.66
C GLY U 143 42.93 25.72 -51.70
N LYS U 144 42.37 26.48 -52.64
CA LYS U 144 41.52 25.90 -53.68
C LYS U 144 42.30 24.94 -54.56
N ILE U 145 43.55 25.26 -54.88
CA ILE U 145 44.38 24.35 -55.67
C ILE U 145 44.59 23.01 -55.00
N GLN U 146 44.90 23.01 -53.70
CA GLN U 146 44.99 21.78 -52.93
C GLN U 146 43.67 21.02 -52.89
N ASP U 147 42.55 21.74 -52.72
CA ASP U 147 41.24 21.09 -52.73
C ASP U 147 40.99 20.35 -54.02
N LEU U 148 41.33 20.95 -55.16
CA LEU U 148 41.19 20.27 -56.44
C LEU U 148 42.14 19.07 -56.56
N ARG U 149 43.39 19.24 -56.14
CA ARG U 149 44.38 18.18 -56.29
C ARG U 149 44.00 16.93 -55.50
N GLU U 150 43.47 17.11 -54.29
CA GLU U 150 43.09 15.94 -53.49
C GLU U 150 42.03 15.10 -54.18
N ILE U 151 41.00 15.75 -54.73
CA ILE U 151 39.92 15.01 -55.39
C ILE U 151 40.44 14.32 -56.64
N ARG U 152 41.31 15.00 -57.40
CA ARG U 152 41.89 14.36 -58.57
C ARG U 152 42.71 13.14 -58.18
N GLN U 153 43.42 13.21 -57.05
CA GLN U 153 44.16 12.05 -56.56
C GLN U 153 43.23 10.90 -56.20
N ILE U 154 42.10 11.21 -55.56
CA ILE U 154 41.14 10.14 -55.25
C ILE U 154 40.66 9.45 -56.52
N LYS U 155 40.33 10.24 -57.55
CA LYS U 155 39.86 9.63 -58.79
C LYS U 155 40.94 8.80 -59.47
N VAL U 156 42.20 9.27 -59.43
CA VAL U 156 43.30 8.49 -60.01
C VAL U 156 43.47 7.17 -59.27
N LEU U 157 43.39 7.21 -57.93
CA LEU U 157 43.50 5.99 -57.15
C LEU U 157 42.40 5.00 -57.48
N LYS U 158 41.16 5.48 -57.64
CA LYS U 158 40.09 4.56 -58.04
C LYS U 158 40.30 4.02 -59.45
N GLY U 159 40.80 4.85 -60.37
CA GLY U 159 40.95 4.41 -61.74
C GLY U 159 42.11 3.45 -61.95
N LEU U 160 43.07 3.44 -61.03
CA LEU U 160 44.21 2.53 -61.19
C LEU U 160 43.82 1.05 -61.10
N LYS U 161 42.61 0.74 -60.63
CA LYS U 161 42.22 -0.66 -60.47
C LYS U 161 41.98 -1.33 -61.82
N TYR U 162 41.63 -0.56 -62.84
CA TYR U 162 41.28 -1.12 -64.15
C TYR U 162 42.49 -1.13 -65.08
N LEU U 163 43.53 -1.84 -64.66
CA LEU U 163 44.72 -2.04 -65.47
C LEU U 163 44.64 -3.39 -66.17
N ASN U 164 45.04 -3.41 -67.44
CA ASN U 164 44.99 -4.61 -68.25
C ASN U 164 46.13 -4.58 -69.26
N GLU U 165 46.02 -5.41 -70.28
CA GLU U 165 47.04 -5.56 -71.30
C GLU U 165 46.71 -4.84 -72.62
N SER U 166 45.51 -4.30 -72.75
CA SER U 166 45.09 -3.79 -74.07
C SER U 166 45.40 -2.31 -74.24
N HIS U 167 44.77 -1.45 -73.44
CA HIS U 167 44.93 0.00 -73.57
C HIS U 167 44.18 0.69 -72.45
N LEU U 168 44.61 1.90 -72.12
CA LEU U 168 43.91 2.75 -71.17
C LEU U 168 43.64 4.13 -71.78
N GLN U 169 42.66 4.82 -71.21
CA GLN U 169 42.27 6.15 -71.64
C GLN U 169 42.23 7.07 -70.43
N LEU U 170 43.03 8.14 -70.47
CA LEU U 170 43.06 9.15 -69.41
C LEU U 170 42.84 10.50 -70.09
N ASP U 171 41.58 10.89 -70.22
CA ASP U 171 41.22 11.94 -71.19
C ASP U 171 41.83 13.29 -70.83
N ASN U 172 41.70 13.73 -69.59
CA ASN U 172 42.05 15.10 -69.23
C ASN U 172 43.08 15.19 -68.12
N LEU U 173 43.93 14.17 -67.96
CA LEU U 173 44.93 14.20 -66.92
C LEU U 173 46.02 15.21 -67.26
N SER U 174 46.53 15.89 -66.24
CA SER U 174 47.51 16.95 -66.43
C SER U 174 48.89 16.38 -66.70
N LEU U 175 49.81 17.27 -67.11
CA LEU U 175 51.15 16.85 -67.49
C LEU U 175 51.93 16.32 -66.29
N LEU U 176 51.92 17.06 -65.18
CA LEU U 176 52.66 16.61 -63.99
C LEU U 176 52.07 15.32 -63.43
N GLU U 177 50.74 15.20 -63.45
CA GLU U 177 50.10 13.99 -62.96
C GLU U 177 50.48 12.78 -63.80
N ILE U 178 50.54 12.97 -65.13
CA ILE U 178 50.99 11.90 -66.01
C ILE U 178 52.44 11.55 -65.75
N ASN U 179 53.28 12.55 -65.56
CA ASN U 179 54.71 12.32 -65.37
C ASN U 179 54.98 11.55 -64.08
N GLU U 180 54.28 11.90 -62.99
CA GLU U 180 54.56 11.25 -61.73
C GLU U 180 54.03 9.81 -61.68
N LEU U 181 53.20 9.43 -62.66
CA LEU U 181 52.59 8.10 -62.67
C LEU U 181 53.08 7.22 -63.81
N ARG U 182 53.80 7.77 -64.78
CA ARG U 182 54.22 6.98 -65.93
C ARG U 182 55.04 5.72 -65.60
N PRO U 183 56.10 5.78 -64.78
CA PRO U 183 56.92 4.56 -64.61
C PRO U 183 56.16 3.38 -64.01
N PHE U 184 55.24 3.63 -63.08
CA PHE U 184 54.45 2.55 -62.50
C PHE U 184 53.52 1.94 -63.53
N ILE U 185 52.75 2.79 -64.22
CA ILE U 185 51.71 2.32 -65.13
C ILE U 185 52.34 1.54 -66.29
N THR U 186 53.37 2.11 -66.91
CA THR U 186 53.98 1.47 -68.07
C THR U 186 54.56 0.12 -67.71
N GLU U 187 55.27 0.02 -66.59
CA GLU U 187 55.91 -1.23 -66.23
C GLU U 187 54.90 -2.29 -65.83
N ILE U 188 53.85 -1.91 -65.10
CA ILE U 188 52.84 -2.90 -64.73
C ILE U 188 52.17 -3.46 -65.97
N MET U 189 51.76 -2.59 -66.90
CA MET U 189 51.12 -3.11 -68.11
C MET U 189 52.10 -3.90 -68.97
N ASP U 190 53.37 -3.52 -68.99
CA ASP U 190 54.35 -4.29 -69.76
C ASP U 190 54.48 -5.70 -69.21
N LYS U 191 54.59 -5.84 -67.88
CA LYS U 191 54.69 -7.17 -67.29
C LYS U 191 53.43 -7.99 -67.55
N LEU U 192 52.25 -7.36 -67.43
CA LEU U 192 51.02 -8.08 -67.74
C LEU U 192 51.00 -8.54 -69.20
N ARG U 193 51.47 -7.70 -70.11
CA ARG U 193 51.51 -8.06 -71.52
C ARG U 193 52.46 -9.23 -71.78
N GLU U 194 53.63 -9.24 -71.13
CA GLU U 194 54.51 -10.39 -71.29
C GLU U 194 53.86 -11.66 -70.76
N ILE U 195 53.20 -11.59 -69.61
CA ILE U 195 52.55 -12.78 -69.06
C ILE U 195 51.48 -13.29 -70.01
N HIS U 196 50.69 -12.38 -70.60
CA HIS U 196 49.66 -12.82 -71.55
C HIS U 196 50.28 -13.40 -72.82
N THR U 197 51.32 -12.76 -73.34
CA THR U 197 51.94 -13.22 -74.59
C THR U 197 52.55 -14.59 -74.42
N ALA U 198 53.14 -14.86 -73.26
CA ALA U 198 53.80 -16.14 -73.03
C ALA U 198 52.84 -17.32 -73.20
N SER U 199 51.59 -17.14 -72.79
CA SER U 199 50.62 -18.24 -72.80
C SER U 199 50.04 -18.52 -74.17
N LEU U 200 50.31 -17.68 -75.16
CA LEU U 200 49.75 -17.88 -76.50
C LEU U 200 50.51 -18.99 -77.25
N THR V 1321 -181.83 11.57 41.37
CA THR V 1321 -180.60 11.34 42.11
C THR V 1321 -180.54 9.91 42.66
N TRP V 1322 -179.47 9.21 42.35
CA TRP V 1322 -179.28 7.83 42.77
C TRP V 1322 -178.00 7.67 43.57
N GLU V 1323 -178.05 6.81 44.58
CA GLU V 1323 -176.89 6.46 45.39
C GLU V 1323 -176.42 5.08 44.95
N VAL V 1324 -175.43 5.05 44.06
CA VAL V 1324 -174.87 3.78 43.62
C VAL V 1324 -173.93 3.25 44.69
N LEU V 1325 -174.07 1.98 45.03
CA LEU V 1325 -173.24 1.39 46.09
C LEU V 1325 -172.08 0.58 45.54
N GLN V 1326 -172.30 -0.27 44.55
CA GLN V 1326 -171.23 -1.15 44.08
C GLN V 1326 -171.38 -1.34 42.57
N TYR V 1327 -170.60 -0.58 41.81
CA TYR V 1327 -170.45 -0.85 40.38
C TYR V 1327 -169.79 -2.21 40.19
N LYS V 1328 -170.34 -3.00 39.27
CA LYS V 1328 -169.79 -4.32 39.01
C LYS V 1328 -170.09 -4.72 37.58
N ASP V 1329 -169.07 -5.23 36.88
CA ASP V 1329 -169.20 -5.66 35.51
C ASP V 1329 -169.53 -7.15 35.44
N SER V 1330 -169.64 -7.66 34.21
CA SER V 1330 -169.94 -9.08 34.00
C SER V 1330 -169.32 -9.57 32.70
N GLY V 1331 -169.75 -10.74 32.25
CA GLY V 1331 -169.22 -11.32 31.02
C GLY V 1331 -169.54 -10.50 29.78
N GLU V 1332 -170.75 -9.99 29.69
CA GLU V 1332 -171.14 -9.19 28.55
C GLU V 1332 -170.41 -7.85 28.56
N PRO V 1333 -169.75 -7.48 27.48
CA PRO V 1333 -169.03 -6.19 27.46
C PRO V 1333 -169.99 -5.02 27.52
N GLY V 1334 -169.51 -3.93 28.10
CA GLY V 1334 -170.32 -2.72 28.23
C GLY V 1334 -171.55 -2.92 29.07
N VAL V 1335 -171.48 -3.75 30.11
CA VAL V 1335 -172.60 -4.02 31.00
C VAL V 1335 -172.09 -3.83 32.42
N LEU V 1336 -172.78 -3.01 33.20
CA LEU V 1336 -172.41 -2.71 34.58
C LEU V 1336 -173.61 -2.97 35.47
N GLU V 1337 -173.53 -4.02 36.30
CA GLU V 1337 -174.56 -4.28 37.29
C GLU V 1337 -174.35 -3.37 38.49
N VAL V 1338 -175.38 -2.63 38.86
CA VAL V 1338 -175.29 -1.61 39.92
C VAL V 1338 -176.27 -1.97 41.01
N PHE V 1339 -175.77 -2.07 42.24
CA PHE V 1339 -176.62 -2.24 43.43
C PHE V 1339 -176.91 -0.85 44.01
N VAL V 1340 -177.82 -0.14 43.34
CA VAL V 1340 -178.09 1.26 43.63
C VAL V 1340 -179.07 1.32 44.79
N THR V 1341 -179.21 2.49 45.41
CA THR V 1341 -180.18 2.72 46.48
C THR V 1341 -181.13 3.82 46.06
N ILE V 1342 -182.41 3.46 45.89
CA ILE V 1342 -183.46 4.42 45.61
C ILE V 1342 -184.07 4.84 46.93
N ASN V 1343 -184.77 5.98 46.91
CA ASN V 1343 -185.34 6.56 48.13
C ASN V 1343 -186.10 5.53 48.95
N GLY V 1344 -186.68 4.53 48.30
CA GLY V 1344 -187.29 3.42 49.00
C GLY V 1344 -186.27 2.53 49.68
N LYS V 1345 -185.46 1.82 48.88
CA LYS V 1345 -184.52 0.85 49.43
C LYS V 1345 -183.49 0.49 48.36
N VAL V 1346 -182.70 -0.56 48.59
CA VAL V 1346 -181.69 -1.03 47.65
C VAL V 1346 -182.37 -1.76 46.51
N GLN V 1347 -181.84 -1.60 45.30
CA GLN V 1347 -182.38 -2.24 44.10
C GLN V 1347 -181.23 -2.46 43.12
N ASN V 1348 -181.46 -3.32 42.14
CA ASN V 1348 -180.46 -3.65 41.14
C ASN V 1348 -180.85 -3.09 39.78
N ILE V 1349 -179.91 -2.33 39.19
CA ILE V 1349 -180.09 -1.77 37.86
C ILE V 1349 -178.85 -2.05 37.03
N THR V 1350 -178.92 -1.80 35.72
CA THR V 1350 -177.81 -2.10 34.82
C THR V 1350 -177.54 -0.90 33.94
N PHE V 1351 -176.26 -0.65 33.67
CA PHE V 1351 -175.81 0.44 32.82
C PHE V 1351 -175.09 -0.12 31.60
N HIS V 1352 -175.19 0.61 30.49
CA HIS V 1352 -174.52 0.26 29.24
C HIS V 1352 -173.51 1.36 28.94
N ILE V 1353 -172.26 0.96 28.71
CA ILE V 1353 -171.15 1.90 28.53
C ILE V 1353 -170.46 1.58 27.20
N PRO V 1354 -170.44 2.51 26.25
CA PRO V 1354 -169.67 2.28 25.02
C PRO V 1354 -168.17 2.39 25.27
N LYS V 1355 -167.40 1.82 24.35
CA LYS V 1355 -165.94 1.85 24.44
C LYS V 1355 -165.38 2.94 23.55
N THR V 1356 -164.57 3.81 24.13
CA THR V 1356 -163.93 4.90 23.40
C THR V 1356 -162.45 4.61 23.30
N ILE V 1357 -161.91 4.65 22.08
CA ILE V 1357 -160.54 4.27 21.80
C ILE V 1357 -159.85 5.41 21.08
N TYR V 1358 -158.53 5.46 21.22
CA TYR V 1358 -157.71 6.50 20.61
C TYR V 1358 -156.79 5.88 19.57
N MET V 1359 -156.94 6.31 18.32
CA MET V 1359 -156.21 5.80 17.17
C MET V 1359 -155.17 6.81 16.71
N LYS V 1360 -153.93 6.37 16.61
CA LYS V 1360 -152.94 7.07 15.80
C LYS V 1360 -152.50 6.14 14.67
N PHE V 1361 -152.84 6.48 13.44
CA PHE V 1361 -152.47 5.66 12.29
C PHE V 1361 -152.37 6.52 11.05
N LYS V 1362 -151.60 6.02 10.07
CA LYS V 1362 -151.36 6.68 8.79
C LYS V 1362 -150.68 8.04 8.97
N SER V 1363 -150.44 8.73 7.87
CA SER V 1363 -149.93 10.10 7.89
C SER V 1363 -150.93 11.11 7.37
N GLN V 1364 -151.84 10.68 6.49
CA GLN V 1364 -152.90 11.55 5.98
C GLN V 1364 -154.04 10.70 5.45
N THR V 1365 -155.11 11.36 4.98
CA THR V 1365 -156.27 10.70 4.39
C THR V 1365 -156.99 9.88 5.45
N MET V 1366 -158.13 9.26 5.12
CA MET V 1366 -158.91 8.49 6.07
C MET V 1366 -159.39 7.23 5.37
N PRO V 1367 -159.63 6.13 6.12
CA PRO V 1367 -160.01 4.87 5.47
C PRO V 1367 -161.29 4.93 4.66
N LEU V 1368 -162.27 5.72 5.08
CA LEU V 1368 -163.55 5.83 4.37
C LEU V 1368 -164.23 4.47 4.20
N GLN V 1369 -164.32 3.71 5.29
CA GLN V 1369 -164.85 2.36 5.21
C GLN V 1369 -166.38 2.34 5.36
N LYS V 1370 -166.91 3.13 6.30
CA LYS V 1370 -168.35 3.24 6.54
C LYS V 1370 -169.01 1.92 6.95
N ILE V 1371 -168.23 0.86 7.14
CA ILE V 1371 -168.83 -0.45 7.38
C ILE V 1371 -169.30 -0.57 8.83
N LYS V 1372 -168.67 0.18 9.74
CA LYS V 1372 -168.98 0.08 11.16
C LYS V 1372 -169.85 1.26 11.59
N ASN V 1373 -170.86 0.96 12.42
CA ASN V 1373 -171.75 1.98 12.95
C ASN V 1373 -171.13 2.60 14.20
N CYS V 1374 -170.08 3.38 13.97
CA CYS V 1374 -169.32 4.02 15.05
C CYS V 1374 -169.28 5.52 14.79
N LEU V 1375 -168.53 6.24 15.62
CA LEU V 1375 -168.32 7.69 15.43
C LEU V 1375 -166.82 7.96 15.47
N ILE V 1376 -166.26 8.32 14.32
CA ILE V 1376 -164.86 8.72 14.25
C ILE V 1376 -164.77 10.22 13.99
N GLU V 1377 -163.67 10.82 14.45
CA GLU V 1377 -163.50 12.26 14.34
C GLU V 1377 -162.04 12.65 14.59
N LYS V 1378 -161.49 13.49 13.74
CA LYS V 1378 -160.11 13.91 13.92
C LYS V 1378 -159.98 14.82 15.14
N SER V 1379 -159.02 14.50 16.00
CA SER V 1379 -158.86 15.19 17.27
C SER V 1379 -157.44 15.71 17.41
N SER V 1380 -157.25 16.60 18.40
CA SER V 1380 -155.94 17.16 18.69
C SER V 1380 -155.50 16.92 20.13
N ALA V 1381 -155.79 15.75 20.71
CA ALA V 1381 -155.44 15.48 22.10
C ALA V 1381 -153.92 15.50 22.30
N SER V 1382 -153.51 15.96 23.47
CA SER V 1382 -152.09 16.02 23.80
C SER V 1382 -151.57 14.64 24.18
N LEU V 1383 -150.71 14.09 23.34
CA LEU V 1383 -150.14 12.78 23.56
C LEU V 1383 -149.06 12.79 24.64
N PRO V 1384 -148.81 11.65 25.28
CA PRO V 1384 -147.63 11.52 26.14
C PRO V 1384 -146.34 11.66 25.34
N ASN V 1385 -145.20 11.68 26.02
CA ASN V 1385 -143.90 11.90 25.38
C ASN V 1385 -142.92 10.77 25.73
N ASN V 1386 -143.00 9.68 24.98
CA ASN V 1386 -142.04 8.60 25.12
C ASN V 1386 -140.70 9.02 24.54
N PRO V 1387 -139.59 8.72 25.24
CA PRO V 1387 -138.28 9.17 24.74
C PRO V 1387 -137.93 8.64 23.36
N LYS V 1388 -138.34 7.42 23.03
CA LYS V 1388 -138.02 6.85 21.73
C LYS V 1388 -138.77 7.56 20.61
N THR V 1389 -140.08 7.76 20.80
CA THR V 1389 -140.91 8.46 19.81
C THR V 1389 -140.66 9.95 19.93
N SER V 1390 -139.93 10.52 18.98
CA SER V 1390 -139.55 11.93 19.06
C SER V 1390 -139.85 12.66 17.76
N ASN V 1391 -139.97 11.92 16.66
CA ASN V 1391 -140.24 12.54 15.35
C ASN V 1391 -141.63 13.14 15.28
N PRO V 1392 -141.74 14.42 14.91
CA PRO V 1392 -143.07 15.05 14.85
C PRO V 1392 -143.94 14.50 13.72
N ALA V 1393 -143.42 14.48 12.50
CA ALA V 1393 -144.15 14.04 11.31
C ALA V 1393 -145.42 14.88 11.21
N GLY V 1394 -146.61 14.30 11.15
CA GLY V 1394 -147.84 15.07 11.10
C GLY V 1394 -148.81 14.68 12.21
N GLY V 1395 -149.99 15.30 12.22
CA GLY V 1395 -150.99 15.00 13.23
C GLY V 1395 -152.34 14.62 12.65
N GLN V 1396 -152.74 13.37 12.84
CA GLN V 1396 -154.01 12.83 12.36
C GLN V 1396 -154.63 11.89 13.38
N LEU V 1397 -154.49 12.22 14.66
CA LEU V 1397 -155.11 11.45 15.73
C LEU V 1397 -156.63 11.43 15.57
N PHE V 1398 -157.24 10.32 15.97
CA PHE V 1398 -158.68 10.15 15.83
C PHE V 1398 -159.31 9.79 17.17
N LYS V 1399 -160.64 9.94 17.23
CA LYS V 1399 -161.40 9.78 18.46
C LYS V 1399 -162.52 8.75 18.29
N ILE V 1400 -162.19 7.54 17.82
CA ILE V 1400 -163.18 6.54 17.48
C ILE V 1400 -163.91 6.05 18.73
N THR V 1401 -165.23 6.24 18.76
CA THR V 1401 -166.08 5.64 19.77
C THR V 1401 -166.97 4.60 19.10
N LEU V 1402 -167.10 3.44 19.74
CA LEU V 1402 -167.70 2.25 19.16
C LEU V 1402 -168.03 1.28 20.29
N PRO V 1403 -169.25 0.76 20.34
CA PRO V 1403 -169.63 -0.13 21.45
C PRO V 1403 -168.81 -1.42 21.48
N GLU V 1404 -168.57 -1.95 22.67
CA GLU V 1404 -167.59 -3.02 22.84
C GLU V 1404 -168.04 -4.34 22.23
N SER V 1405 -169.35 -4.56 22.07
CA SER V 1405 -169.81 -5.81 21.48
C SER V 1405 -169.39 -5.91 20.02
N VAL V 1406 -169.66 -4.89 19.23
CA VAL V 1406 -169.23 -4.93 17.83
C VAL V 1406 -167.71 -4.77 17.75
N PHE V 1407 -167.06 -4.27 18.80
CA PHE V 1407 -165.60 -4.28 18.82
C PHE V 1407 -165.06 -5.69 18.95
N LEU V 1408 -165.66 -6.49 19.83
CA LEU V 1408 -165.32 -7.91 19.91
C LEU V 1408 -165.63 -8.61 18.59
N GLU V 1409 -166.73 -8.23 17.95
CA GLU V 1409 -167.05 -8.79 16.63
C GLU V 1409 -165.97 -8.44 15.60
N GLU V 1410 -165.52 -7.18 15.59
CA GLU V 1410 -164.50 -6.76 14.65
C GLU V 1410 -163.16 -7.39 14.95
N LYS V 1411 -162.92 -7.82 16.20
CA LYS V 1411 -161.70 -8.56 16.49
C LYS V 1411 -161.57 -9.79 15.61
N GLU V 1412 -162.70 -10.37 15.20
CA GLU V 1412 -162.66 -11.63 14.46
C GLU V 1412 -162.10 -11.45 13.05
N ASN V 1413 -162.59 -10.47 12.31
CA ASN V 1413 -162.24 -10.38 10.89
C ASN V 1413 -160.83 -9.82 10.70
N CYS V 1414 -160.21 -10.19 9.58
CA CYS V 1414 -158.84 -9.76 9.32
C CYS V 1414 -158.78 -8.29 8.91
N THR V 1415 -159.69 -7.85 8.05
CA THR V 1415 -159.66 -6.49 7.49
C THR V 1415 -160.55 -5.58 8.32
N SER V 1416 -159.92 -4.58 8.96
CA SER V 1416 -160.62 -3.56 9.72
C SER V 1416 -159.62 -2.46 10.06
N ILE V 1417 -160.15 -1.27 10.35
CA ILE V 1417 -159.29 -0.10 10.49
C ILE V 1417 -158.35 -0.26 11.67
N PHE V 1418 -158.80 -0.92 12.75
CA PHE V 1418 -157.98 -1.01 13.95
C PHE V 1418 -156.77 -1.93 13.72
N ASN V 1419 -156.90 -2.91 12.84
CA ASN V 1419 -155.79 -3.76 12.44
C ASN V 1419 -155.60 -3.68 10.93
N ASP V 1420 -154.76 -2.75 10.48
CA ASP V 1420 -154.38 -2.62 9.09
C ASP V 1420 -152.96 -2.08 9.03
N GLU V 1421 -152.52 -1.74 7.82
CA GLU V 1421 -151.19 -1.19 7.65
C GLU V 1421 -151.13 0.25 8.15
N ASN V 1422 -149.91 0.68 8.48
CA ASN V 1422 -149.65 2.06 8.92
C ASN V 1422 -150.48 2.44 10.14
N VAL V 1423 -150.47 1.59 11.15
CA VAL V 1423 -151.13 1.86 12.43
C VAL V 1423 -150.04 2.12 13.46
N LEU V 1424 -150.02 3.34 14.01
CA LEU V 1424 -148.98 3.69 14.98
C LEU V 1424 -149.31 3.18 16.36
N GLY V 1425 -150.57 3.31 16.80
CA GLY V 1425 -150.92 2.84 18.12
C GLY V 1425 -152.36 3.02 18.52
N VAL V 1426 -152.77 2.18 19.47
CA VAL V 1426 -154.02 2.28 20.21
C VAL V 1426 -153.68 2.78 21.60
N PHE V 1427 -154.36 3.82 22.08
CA PHE V 1427 -153.83 4.51 23.25
C PHE V 1427 -154.66 4.34 24.51
N GLU V 1428 -155.93 3.97 24.42
CA GLU V 1428 -156.76 3.78 25.61
C GLU V 1428 -157.58 2.52 25.52
N GLY V 1429 -156.96 1.39 25.16
CA GLY V 1429 -157.68 0.13 25.12
C GLY V 1429 -157.76 -0.56 26.47
N THR V 1430 -157.04 -0.06 27.47
CA THR V 1430 -156.97 -0.76 28.75
C THR V 1430 -158.14 -0.42 29.67
N ILE V 1431 -158.76 0.75 29.50
CA ILE V 1431 -159.78 1.19 30.45
C ILE V 1431 -161.05 0.39 30.24
N THR V 1432 -161.59 -0.19 31.35
CA THR V 1432 -162.80 -0.99 31.42
C THR V 1432 -164.03 -0.11 31.59
N PRO V 1433 -165.22 -0.61 31.19
CA PRO V 1433 -166.46 0.15 31.38
C PRO V 1433 -166.68 0.58 32.82
N HIS V 1434 -166.31 -0.28 33.77
CA HIS V 1434 -166.44 0.05 35.19
C HIS V 1434 -165.68 1.34 35.50
N GLN V 1435 -164.43 1.42 35.06
CA GLN V 1435 -163.64 2.62 35.31
C GLN V 1435 -164.20 3.82 34.58
N ARG V 1436 -164.69 3.62 33.35
CA ARG V 1436 -165.24 4.74 32.60
C ARG V 1436 -166.46 5.34 33.31
N ALA V 1437 -167.34 4.49 33.82
CA ALA V 1437 -168.51 4.99 34.54
C ALA V 1437 -168.14 5.58 35.90
N ILE V 1438 -167.20 4.97 36.62
CA ILE V 1438 -166.84 5.50 37.94
C ILE V 1438 -166.09 6.82 37.80
N MET V 1439 -165.49 7.07 36.63
CA MET V 1439 -164.80 8.34 36.40
C MET V 1439 -165.75 9.39 35.83
N ASP V 1440 -166.70 8.98 34.99
CA ASP V 1440 -167.59 9.93 34.34
C ASP V 1440 -168.75 10.32 35.23
N LEU V 1441 -169.56 9.34 35.64
CA LEU V 1441 -170.77 9.62 36.41
C LEU V 1441 -170.44 9.89 37.87
N GLY V 1442 -169.86 8.91 38.55
CA GLY V 1442 -169.56 9.01 39.96
C GLY V 1442 -170.63 8.36 40.82
N ALA V 1443 -170.62 8.74 42.10
CA ALA V 1443 -171.57 8.17 43.05
C ALA V 1443 -172.98 8.72 42.86
N SER V 1444 -173.11 10.03 42.60
CA SER V 1444 -174.41 10.68 42.51
C SER V 1444 -174.80 10.82 41.05
N VAL V 1445 -175.35 9.74 40.50
CA VAL V 1445 -175.86 9.75 39.14
C VAL V 1445 -177.37 9.95 39.18
N THR V 1446 -177.89 10.70 38.20
CA THR V 1446 -179.31 11.00 38.11
C THR V 1446 -179.78 10.77 36.68
N PHE V 1447 -181.10 10.76 36.50
CA PHE V 1447 -181.75 10.50 35.22
C PHE V 1447 -182.32 11.81 34.68
N ARG V 1448 -181.86 12.21 33.49
CA ARG V 1448 -182.39 13.36 32.77
C ARG V 1448 -183.08 12.93 31.48
N SER V 1449 -183.82 11.82 31.53
CA SER V 1449 -184.37 11.19 30.33
C SER V 1449 -185.34 12.14 29.61
N LYS V 1450 -186.44 12.48 30.28
CA LYS V 1450 -187.54 13.26 29.69
C LYS V 1450 -188.00 12.51 28.43
N ALA V 1451 -188.23 13.19 27.30
CA ALA V 1451 -188.66 12.57 26.04
C ALA V 1451 -189.85 11.66 26.32
N MET V 1452 -189.86 10.42 25.84
CA MET V 1452 -190.93 9.50 26.15
C MET V 1452 -190.67 8.83 27.50
N GLY V 1453 -191.75 8.49 28.20
CA GLY V 1453 -191.65 7.94 29.54
C GLY V 1453 -191.14 6.51 29.55
N ALA V 1454 -189.87 6.33 29.21
CA ALA V 1454 -189.25 5.01 29.13
C ALA V 1454 -188.57 4.60 30.44
N LEU V 1455 -189.03 5.13 31.57
CA LEU V 1455 -188.48 4.72 32.86
C LEU V 1455 -188.74 3.23 33.09
N GLY V 1456 -189.96 2.78 32.80
CA GLY V 1456 -190.27 1.38 32.85
C GLY V 1456 -189.49 0.59 31.82
N LYS V 1457 -189.43 1.13 30.60
CA LYS V 1457 -188.62 0.51 29.56
C LYS V 1457 -187.14 0.49 29.96
N GLY V 1458 -186.67 1.56 30.60
CA GLY V 1458 -185.29 1.60 31.04
C GLY V 1458 -184.99 0.60 32.13
N ILE V 1459 -185.97 0.32 33.00
CA ILE V 1459 -185.71 -0.55 34.13
C ILE V 1459 -185.89 -2.02 33.73
N GLN V 1460 -186.76 -2.31 32.76
CA GLN V 1460 -186.92 -3.69 32.34
C GLN V 1460 -185.72 -4.17 31.53
N GLN V 1461 -185.22 -3.33 30.62
CA GLN V 1461 -183.99 -3.61 29.90
C GLN V 1461 -182.80 -2.96 30.60
N GLY V 1462 -181.66 -2.94 29.93
CA GLY V 1462 -180.50 -2.24 30.45
C GLY V 1462 -180.44 -0.81 30.00
N PHE V 1463 -180.48 0.12 30.94
CA PHE V 1463 -180.48 1.55 30.62
C PHE V 1463 -179.19 1.97 29.94
N GLU V 1464 -179.26 2.30 28.66
CA GLU V 1464 -178.10 2.83 27.95
C GLU V 1464 -177.79 4.23 28.46
N MET V 1465 -176.53 4.48 28.81
CA MET V 1465 -176.17 5.69 29.54
C MET V 1465 -175.49 6.74 28.67
N LYS V 1466 -175.00 6.37 27.49
CA LYS V 1466 -174.24 7.33 26.67
C LYS V 1466 -175.10 8.52 26.26
N ASP V 1467 -176.33 8.25 25.78
CA ASP V 1467 -177.18 9.33 25.31
C ASP V 1467 -177.62 10.25 26.45
N LEU V 1468 -178.05 9.66 27.57
CA LEU V 1468 -178.58 10.44 28.68
C LEU V 1468 -177.73 10.18 29.91
N SER V 1469 -177.15 11.25 30.46
CA SER V 1469 -176.31 11.15 31.66
C SER V 1469 -176.18 12.54 32.28
N MET V 1470 -176.08 12.55 33.60
CA MET V 1470 -175.78 13.77 34.34
C MET V 1470 -175.30 13.36 35.73
N ALA V 1471 -174.37 14.16 36.28
CA ALA V 1471 -173.76 13.88 37.58
C ALA V 1471 -174.18 14.99 38.54
N GLU V 1472 -175.12 14.65 39.42
CA GLU V 1472 -175.63 15.59 40.42
C GLU V 1472 -174.62 15.73 41.56
N ASN V 1473 -174.73 16.82 42.32
CA ASN V 1473 -173.83 17.10 43.44
C ASN V 1473 -173.99 16.02 44.50
N GLU V 1474 -172.86 15.56 45.07
CA GLU V 1474 -172.84 14.50 46.06
C GLU V 1474 -172.43 15.00 47.44
N ARG V 1475 -172.80 16.22 47.81
CA ARG V 1475 -172.32 16.83 49.05
C ARG V 1475 -172.73 16.00 50.27
N TYR V 1476 -173.88 15.34 50.23
CA TYR V 1476 -174.32 14.44 51.30
C TYR V 1476 -174.77 13.14 50.65
N LEU V 1477 -173.91 12.12 50.72
CA LEU V 1477 -174.20 10.86 50.05
C LEU V 1477 -175.34 10.12 50.72
N SER V 1478 -175.28 9.93 52.04
CA SER V 1478 -176.20 9.05 52.73
C SER V 1478 -176.33 9.43 54.19
N GLY V 1479 -177.56 9.39 54.69
CA GLY V 1479 -177.82 9.31 56.11
C GLY V 1479 -177.97 7.85 56.48
N PHE V 1480 -176.90 7.25 57.01
CA PHE V 1480 -176.78 5.81 57.08
C PHE V 1480 -177.79 5.20 58.03
N SER V 1481 -178.50 4.17 57.56
CA SER V 1481 -179.35 3.34 58.41
C SER V 1481 -179.49 1.99 57.72
N MET V 1482 -178.70 1.01 58.13
CA MET V 1482 -178.64 -0.27 57.43
C MET V 1482 -177.89 -1.30 58.27
N ASP V 1483 -178.15 -2.59 58.04
CA ASP V 1483 -177.58 -3.67 58.83
C ASP V 1483 -176.22 -4.06 58.26
N ILE V 1484 -175.29 -4.41 59.14
CA ILE V 1484 -173.92 -4.74 58.77
C ILE V 1484 -173.58 -6.11 59.35
N GLY V 1485 -172.82 -6.91 58.60
CA GLY V 1485 -172.43 -8.24 59.04
C GLY V 1485 -170.93 -8.46 58.93
N TYR V 1486 -170.51 -9.67 59.30
CA TYR V 1486 -169.12 -10.07 59.29
C TYR V 1486 -168.92 -11.37 58.51
N LEU V 1487 -167.70 -11.55 58.02
CA LEU V 1487 -167.24 -12.83 57.49
C LEU V 1487 -165.72 -12.79 57.48
N LEU V 1488 -165.09 -13.63 58.28
CA LEU V 1488 -163.65 -13.56 58.49
C LEU V 1488 -163.01 -14.94 58.37
N HIS V 1489 -161.76 -14.97 57.93
CA HIS V 1489 -160.98 -16.19 57.79
C HIS V 1489 -159.61 -15.98 58.42
N PHE V 1490 -159.13 -16.97 59.15
CA PHE V 1490 -157.84 -16.93 59.83
C PHE V 1490 -157.04 -18.19 59.55
N PRO V 1491 -156.55 -18.38 58.31
CA PRO V 1491 -155.77 -19.57 57.96
C PRO V 1491 -154.45 -19.64 58.68
N PHE V 1588 -178.04 -7.00 51.60
CA PHE V 1588 -177.33 -6.74 52.84
C PHE V 1588 -175.86 -6.45 52.59
N LEU V 1589 -175.36 -5.38 53.21
CA LEU V 1589 -174.00 -4.89 53.00
C LEU V 1589 -173.05 -5.64 53.93
N LEU V 1590 -172.71 -6.87 53.54
CA LEU V 1590 -171.74 -7.65 54.30
C LEU V 1590 -170.34 -7.08 54.10
N LEU V 1591 -169.50 -7.22 55.12
CA LEU V 1591 -168.10 -6.82 55.05
C LEU V 1591 -167.23 -8.06 54.97
N LEU V 1592 -166.41 -8.14 53.93
CA LEU V 1592 -165.56 -9.30 53.68
C LEU V 1592 -164.15 -9.03 54.17
N GLN V 1593 -163.71 -9.81 55.15
CA GLN V 1593 -162.38 -9.71 55.75
C GLN V 1593 -161.71 -11.07 55.62
N SER V 1594 -161.07 -11.32 54.47
CA SER V 1594 -160.45 -12.61 54.24
C SER V 1594 -159.11 -12.44 53.54
N PRO V 1595 -158.14 -13.32 53.84
CA PRO V 1595 -156.86 -13.25 53.11
C PRO V 1595 -156.98 -13.45 51.61
N PHE V 1596 -157.91 -14.30 51.18
CA PHE V 1596 -158.09 -14.63 49.77
C PHE V 1596 -159.52 -14.26 49.35
N ILE V 1597 -159.67 -13.06 48.80
CA ILE V 1597 -160.99 -12.62 48.34
C ILE V 1597 -161.45 -13.48 47.16
N THR V 1598 -160.57 -13.70 46.19
CA THR V 1598 -160.96 -14.41 44.98
C THR V 1598 -161.35 -15.84 45.27
N LYS V 1599 -160.60 -16.52 46.14
CA LYS V 1599 -160.90 -17.92 46.44
C LYS V 1599 -162.26 -18.06 47.12
N LEU V 1600 -162.54 -17.22 48.13
CA LEU V 1600 -163.83 -17.28 48.80
C LEU V 1600 -164.97 -16.91 47.87
N LEU V 1601 -164.75 -15.91 47.00
CA LEU V 1601 -165.79 -15.53 46.05
C LEU V 1601 -166.08 -16.65 45.07
N GLY V 1602 -165.04 -17.34 44.59
CA GLY V 1602 -165.24 -18.40 43.62
C GLY V 1602 -165.86 -19.66 44.24
N THR V 1603 -165.44 -20.01 45.45
CA THR V 1603 -165.93 -21.23 46.08
C THR V 1603 -167.43 -21.17 46.31
N ILE V 1604 -167.92 -20.04 46.82
CA ILE V 1604 -169.35 -19.85 47.04
C ILE V 1604 -169.85 -18.90 45.96
N ARG V 1605 -170.47 -19.48 44.92
CA ARG V 1605 -170.97 -18.67 43.81
C ARG V 1605 -172.08 -17.73 44.25
N LEU V 1606 -172.84 -18.13 45.28
CA LEU V 1606 -173.92 -17.28 45.78
C LEU V 1606 -173.38 -16.01 46.42
N LEU V 1607 -172.10 -16.02 46.81
CA LEU V 1607 -171.51 -14.83 47.42
C LEU V 1607 -171.40 -13.68 46.44
N ASN V 1608 -171.35 -13.98 45.13
CA ASN V 1608 -171.17 -12.93 44.13
C ASN V 1608 -172.39 -12.01 44.07
N GLN V 1609 -173.59 -12.58 44.16
CA GLN V 1609 -174.82 -11.81 43.96
C GLN V 1609 -175.11 -10.85 45.11
N MET V 1610 -174.39 -10.92 46.21
CA MET V 1610 -174.68 -10.00 47.31
C MET V 1610 -173.64 -8.88 47.36
N PRO V 1611 -174.04 -7.69 47.84
CA PRO V 1611 -173.09 -6.58 47.92
C PRO V 1611 -172.15 -6.77 49.10
N ILE V 1612 -170.85 -6.59 48.86
CA ILE V 1612 -169.82 -6.79 49.88
C ILE V 1612 -168.85 -5.62 49.84
N VAL V 1613 -168.45 -5.17 51.02
CA VAL V 1613 -167.38 -4.19 51.18
C VAL V 1613 -166.15 -4.97 51.57
N LYS V 1614 -165.13 -4.97 50.70
CA LYS V 1614 -164.00 -5.88 50.82
C LYS V 1614 -162.85 -5.15 51.51
N LEU V 1615 -162.65 -5.45 52.80
CA LEU V 1615 -161.52 -4.92 53.55
C LEU V 1615 -160.65 -6.10 53.96
N SER V 1616 -159.38 -6.08 53.56
CA SER V 1616 -158.51 -7.25 53.68
C SER V 1616 -157.34 -6.94 54.59
N LEU V 1617 -157.30 -7.58 55.75
CA LEU V 1617 -156.10 -7.68 56.56
C LEU V 1617 -155.57 -9.11 56.43
N ASN V 1618 -154.28 -9.23 56.11
CA ASN V 1618 -153.75 -10.48 55.58
C ASN V 1618 -152.58 -10.95 56.44
N GLU V 1619 -152.08 -12.14 56.10
CA GLU V 1619 -150.88 -12.72 56.70
C GLU V 1619 -151.00 -12.87 58.22
N VAL V 1620 -151.92 -13.74 58.64
CA VAL V 1620 -152.00 -14.10 60.05
C VAL V 1620 -150.83 -14.99 60.43
N LEU V 1621 -150.26 -14.74 61.60
CA LEU V 1621 -149.10 -15.49 62.08
C LEU V 1621 -149.35 -15.96 63.50
N LEU V 1622 -148.64 -17.02 63.89
CA LEU V 1622 -148.84 -17.65 65.18
C LEU V 1622 -147.50 -17.89 65.86
N PRO V 1623 -147.45 -17.81 67.19
CA PRO V 1623 -146.21 -18.16 67.90
C PRO V 1623 -145.98 -19.66 68.02
N GLN V 1624 -146.95 -20.48 67.64
CA GLN V 1624 -146.94 -21.94 67.62
C GLN V 1624 -147.12 -22.52 69.03
N LEU V 1625 -147.13 -21.71 70.09
CA LEU V 1625 -147.36 -22.18 71.44
C LEU V 1625 -148.42 -21.31 72.11
N ASN V 1626 -149.42 -21.95 72.72
CA ASN V 1626 -150.50 -21.26 73.42
C ASN V 1626 -151.16 -20.20 72.54
N TRP V 1627 -151.70 -20.65 71.40
CA TRP V 1627 -152.20 -19.71 70.41
C TRP V 1627 -153.67 -19.34 70.65
N GLN V 1628 -154.34 -20.00 71.58
CA GLN V 1628 -155.72 -19.65 71.88
C GLN V 1628 -155.89 -18.21 72.38
N PRO V 1629 -155.09 -17.74 73.36
CA PRO V 1629 -155.24 -16.33 73.77
C PRO V 1629 -154.99 -15.34 72.65
N THR V 1630 -154.00 -15.60 71.78
CA THR V 1630 -153.70 -14.64 70.72
C THR V 1630 -154.78 -14.67 69.64
N LEU V 1631 -155.37 -15.83 69.37
CA LEU V 1631 -156.54 -15.87 68.50
C LEU V 1631 -157.69 -15.08 69.09
N LEU V 1632 -157.93 -15.21 70.40
CA LEU V 1632 -159.00 -14.44 71.03
C LEU V 1632 -158.75 -12.94 70.91
N LYS V 1633 -157.52 -12.51 71.18
CA LYS V 1633 -157.19 -11.09 71.08
C LYS V 1633 -157.31 -10.58 69.66
N LYS V 1634 -156.88 -11.39 68.68
CA LYS V 1634 -156.99 -10.97 67.28
C LYS V 1634 -158.44 -10.89 66.84
N LEU V 1635 -159.31 -11.71 67.43
CA LEU V 1635 -160.73 -11.66 67.09
C LEU V 1635 -161.43 -10.48 67.75
N VAL V 1636 -160.99 -10.10 68.96
CA VAL V 1636 -161.71 -9.09 69.73
C VAL V 1636 -161.72 -7.74 69.01
N ASN V 1637 -160.55 -7.29 68.54
CA ASN V 1637 -160.45 -5.98 67.93
C ASN V 1637 -161.23 -5.92 66.62
N HIS V 1638 -161.18 -6.99 65.83
CA HIS V 1638 -161.96 -7.04 64.60
C HIS V 1638 -163.46 -7.04 64.90
N VAL V 1639 -163.86 -7.64 66.02
CA VAL V 1639 -165.27 -7.57 66.42
C VAL V 1639 -165.64 -6.14 66.78
N LEU V 1640 -164.79 -5.44 67.52
CA LEU V 1640 -165.14 -4.15 68.11
C LEU V 1640 -164.87 -2.95 67.21
N SER V 1641 -164.19 -3.13 66.08
CA SER V 1641 -163.82 -1.97 65.26
C SER V 1641 -164.84 -1.63 64.17
N SER V 1642 -166.02 -2.26 64.19
CA SER V 1642 -167.00 -2.05 63.12
C SER V 1642 -167.44 -0.61 63.03
N GLY V 1643 -167.71 0.03 64.17
CA GLY V 1643 -168.14 1.42 64.16
C GLY V 1643 -167.10 2.33 63.54
N SER V 1644 -165.82 2.04 63.77
CA SER V 1644 -164.76 2.86 63.19
C SER V 1644 -164.65 2.63 61.69
N TRP V 1645 -164.77 1.36 61.25
CA TRP V 1645 -164.54 1.06 59.84
C TRP V 1645 -165.53 1.82 58.96
N ILE V 1646 -166.82 1.70 59.26
CA ILE V 1646 -167.88 2.30 58.45
C ILE V 1646 -167.77 3.82 58.50
N SER V 1647 -167.47 4.36 59.68
CA SER V 1647 -167.36 5.81 59.82
C SER V 1647 -166.25 6.35 58.95
N HIS V 1648 -165.07 5.71 58.98
CA HIS V 1648 -163.96 6.19 58.16
C HIS V 1648 -164.25 6.00 56.68
N LEU V 1649 -164.90 4.88 56.32
CA LEU V 1649 -165.27 4.66 54.92
C LEU V 1649 -166.19 5.75 54.40
N ILE V 1650 -167.21 6.11 55.18
CA ILE V 1650 -168.12 7.17 54.78
C ILE V 1650 -167.40 8.51 54.73
N LYS V 1651 -166.49 8.75 55.66
CA LYS V 1651 -165.74 10.01 55.67
C LYS V 1651 -164.92 10.16 54.40
N LEU V 1652 -164.27 9.09 53.96
CA LEU V 1652 -163.53 9.16 52.70
C LEU V 1652 -164.46 9.26 51.50
N SER V 1653 -165.57 8.51 51.51
CA SER V 1653 -166.44 8.45 50.35
C SER V 1653 -167.13 9.79 50.08
N GLN V 1654 -167.51 10.51 51.14
CA GLN V 1654 -168.25 11.75 50.97
C GLN V 1654 -167.43 12.79 50.20
N TYR V 1655 -166.11 12.75 50.33
CA TYR V 1655 -165.25 13.63 49.57
C TYR V 1655 -164.80 13.01 48.26
N SER V 1656 -164.67 11.67 48.24
CA SER V 1656 -164.05 10.96 47.12
C SER V 1656 -164.93 10.91 45.88
N ASN V 1657 -166.25 10.74 46.06
CA ASN V 1657 -167.25 10.62 44.99
C ASN V 1657 -167.17 9.24 44.35
N ILE V 1658 -166.20 8.42 44.77
CA ILE V 1658 -166.22 7.00 44.42
C ILE V 1658 -167.23 6.28 45.29
N PRO V 1659 -168.00 5.32 44.74
CA PRO V 1659 -168.97 4.58 45.57
C PRO V 1659 -168.28 3.82 46.69
N ILE V 1660 -169.04 3.62 47.78
CA ILE V 1660 -168.50 3.12 49.04
C ILE V 1660 -167.94 1.71 48.89
N CYS V 1661 -168.65 0.84 48.17
CA CYS V 1661 -168.22 -0.56 48.09
C CYS V 1661 -167.02 -0.75 47.17
N ASN V 1662 -166.93 0.02 46.08
CA ASN V 1662 -165.75 -0.05 45.23
C ASN V 1662 -164.51 0.42 45.97
N LEU V 1663 -164.64 1.49 46.76
CA LEU V 1663 -163.51 2.02 47.50
C LEU V 1663 -163.11 1.10 48.64
N ARG V 1664 -161.80 1.06 48.89
CA ARG V 1664 -161.21 0.35 50.01
C ARG V 1664 -160.50 1.36 50.91
N LEU V 1665 -160.23 0.94 52.15
CA LEU V 1665 -159.68 1.86 53.13
C LEU V 1665 -158.18 2.04 52.96
N ASP V 1666 -157.43 0.93 52.98
CA ASP V 1666 -155.97 1.02 52.84
C ASP V 1666 -155.58 1.57 51.49
N SER V 1667 -156.38 1.31 50.46
CA SER V 1667 -156.11 1.85 49.12
C SER V 1667 -156.17 3.37 49.13
N MET V 1668 -155.04 4.01 48.87
CA MET V 1668 -154.97 5.47 48.88
C MET V 1668 -154.54 6.00 47.52
N ASP V 1669 -153.80 5.18 46.77
CA ASP V 1669 -153.37 5.60 45.43
C ASP V 1669 -154.54 5.63 44.46
N TYR V 1670 -155.59 4.86 44.75
CA TYR V 1670 -156.74 4.80 43.86
C TYR V 1670 -157.46 6.16 43.82
N ILE V 1671 -157.58 6.81 44.98
CA ILE V 1671 -158.19 8.14 45.04
C ILE V 1671 -157.41 9.11 44.17
N ILE V 1672 -156.09 9.12 44.32
CA ILE V 1672 -155.24 10.01 43.54
C ILE V 1672 -155.41 9.71 42.05
N ASP V 1673 -155.46 8.42 41.70
CA ASP V 1673 -155.59 8.06 40.30
C ASP V 1673 -156.89 8.56 39.70
N VAL V 1674 -158.02 8.35 40.39
CA VAL V 1674 -159.30 8.77 39.85
C VAL V 1674 -159.36 10.30 39.75
N LEU V 1675 -158.95 11.00 40.80
CA LEU V 1675 -159.02 12.46 40.76
C LEU V 1675 -158.14 13.02 39.65
N TYR V 1676 -156.91 12.53 39.54
CA TYR V 1676 -155.97 13.04 38.55
C TYR V 1676 -156.46 12.71 37.14
N ALA V 1677 -157.01 11.51 36.95
CA ALA V 1677 -157.52 11.13 35.64
C ALA V 1677 -158.72 11.98 35.23
N ARG V 1678 -159.64 12.26 36.15
CA ARG V 1678 -160.81 13.04 35.73
C ARG V 1678 -160.47 14.51 35.53
N LYS V 1679 -159.55 15.06 36.34
CA LYS V 1679 -159.15 16.44 36.11
C LYS V 1679 -158.25 16.56 34.87
N LEU V 1680 -157.65 15.45 34.45
CA LEU V 1680 -156.98 15.43 33.15
C LEU V 1680 -158.00 15.37 32.02
N LYS V 1681 -159.06 14.57 32.19
CA LYS V 1681 -160.10 14.48 31.18
C LYS V 1681 -160.85 15.80 31.03
N LYS V 1682 -160.87 16.62 32.09
CA LYS V 1682 -161.35 17.99 31.93
C LYS V 1682 -160.58 18.71 30.84
N GLU V 1683 -159.29 18.42 30.73
CA GLU V 1683 -158.46 18.89 29.63
C GLU V 1683 -158.47 17.84 28.52
N ASN V 1684 -157.78 18.14 27.42
CA ASN V 1684 -157.76 17.24 26.26
C ASN V 1684 -156.65 16.21 26.30
N ILE V 1685 -155.89 16.13 27.39
CA ILE V 1685 -154.75 15.24 27.50
C ILE V 1685 -155.21 13.79 27.54
N VAL V 1686 -154.43 12.89 26.91
CA VAL V 1686 -154.74 11.47 26.90
C VAL V 1686 -154.29 10.84 28.21
N LEU V 1687 -155.08 9.88 28.69
CA LEU V 1687 -154.91 9.32 30.02
C LEU V 1687 -153.64 8.51 30.20
N TRP V 1688 -153.24 7.74 29.19
CA TRP V 1688 -152.20 6.71 29.28
C TRP V 1688 -152.50 5.71 30.39
N TRP V 1689 -153.75 5.60 30.80
CA TRP V 1689 -154.18 4.74 31.88
C TRP V 1689 -153.91 3.28 31.54
N ASN V 1690 -153.36 2.53 32.49
CA ASN V 1690 -153.04 1.12 32.31
C ASN V 1690 -153.44 0.36 33.57
N GLU V 1691 -154.05 -0.81 33.38
CA GLU V 1691 -154.67 -1.54 34.49
C GLU V 1691 -153.88 -2.80 34.78
N LYS V 1692 -153.62 -3.04 36.07
CA LYS V 1692 -152.76 -4.13 36.59
C LYS V 1692 -151.55 -4.37 35.69
N ALA V 1693 -150.83 -3.31 35.37
CA ALA V 1693 -149.60 -3.41 34.61
C ALA V 1693 -148.60 -2.38 35.13
N PRO V 1694 -147.37 -2.80 35.45
CA PRO V 1694 -146.41 -1.85 36.03
C PRO V 1694 -145.93 -0.77 35.07
N LEU V 1695 -146.17 -0.92 33.77
CA LEU V 1695 -145.67 0.06 32.82
C LEU V 1695 -146.82 0.86 32.21
N PRO V 1696 -146.57 2.11 31.81
CA PRO V 1696 -147.64 2.91 31.20
C PRO V 1696 -148.07 2.34 29.85
N ASP V 1697 -149.29 2.66 29.43
CA ASP V 1697 -149.80 2.25 28.12
C ASP V 1697 -149.54 3.38 27.13
N HIS V 1698 -148.47 3.24 26.35
CA HIS V 1698 -148.06 4.26 25.39
C HIS V 1698 -148.41 3.87 23.95
N GLY V 1699 -149.24 2.86 23.76
CA GLY V 1699 -149.60 2.40 22.43
C GLY V 1699 -148.82 1.20 21.93
N GLY V 1700 -148.03 0.55 22.78
CA GLY V 1700 -147.27 -0.62 22.39
C GLY V 1700 -145.79 -0.39 22.26
N ILE V 1701 -145.34 0.87 22.18
CA ILE V 1701 -143.91 1.17 22.13
C ILE V 1701 -143.22 0.87 23.45
N GLN V 1702 -144.00 0.74 24.54
CA GLN V 1702 -143.47 0.46 25.86
C GLN V 1702 -143.06 -0.99 26.05
N ASN V 1703 -143.24 -1.85 25.04
CA ASN V 1703 -142.86 -3.25 25.13
C ASN V 1703 -141.51 -3.53 24.49
N ASP V 1704 -140.68 -2.50 24.30
CA ASP V 1704 -139.37 -2.66 23.69
C ASP V 1704 -138.30 -2.04 24.57
N PHE V 1705 -137.12 -2.67 24.56
CA PHE V 1705 -135.98 -2.16 25.32
C PHE V 1705 -135.48 -0.85 24.71
N ASP V 1706 -135.25 0.14 25.58
CA ASP V 1706 -134.70 1.42 25.17
C ASP V 1706 -133.63 1.83 26.18
N LEU V 1707 -132.56 2.46 25.68
CA LEU V 1707 -131.45 2.81 26.54
C LEU V 1707 -131.81 3.94 27.49
N ASN V 1708 -132.51 4.97 26.99
CA ASN V 1708 -132.88 6.09 27.84
C ASN V 1708 -133.82 5.66 28.96
N THR V 1709 -134.82 4.82 28.64
CA THR V 1709 -135.72 4.33 29.67
C THR V 1709 -134.98 3.50 30.70
N SER V 1710 -134.07 2.63 30.25
CA SER V 1710 -133.30 1.82 31.17
C SER V 1710 -132.44 2.67 32.09
N TRP V 1711 -131.90 3.78 31.59
CA TRP V 1711 -131.12 4.65 32.45
C TRP V 1711 -132.02 5.40 33.44
N ILE V 1712 -133.17 5.90 32.97
CA ILE V 1712 -134.02 6.72 33.84
C ILE V 1712 -134.75 5.92 34.90
N MET V 1713 -135.00 4.62 34.69
CA MET V 1713 -135.55 3.79 35.75
C MET V 1713 -134.49 3.15 36.63
N ASN V 1714 -133.20 3.34 36.33
CA ASN V 1714 -132.12 2.79 37.14
C ASN V 1714 -131.33 3.89 37.86
N ASP V 1715 -131.90 5.08 38.00
CA ASP V 1715 -131.25 6.20 38.69
C ASP V 1715 -132.11 6.60 39.88
N SER V 1716 -131.84 5.99 41.03
CA SER V 1716 -132.56 6.28 42.27
C SER V 1716 -131.61 6.64 43.41
N GLU V 1717 -130.38 7.00 43.10
CA GLU V 1717 -129.38 7.36 44.10
C GLU V 1717 -129.41 8.85 44.35
N PHE V 1718 -129.32 9.25 45.62
CA PHE V 1718 -129.36 10.67 45.91
C PHE V 1718 -127.99 11.17 46.36
N PRO V 1719 -127.61 12.38 45.96
CA PRO V 1719 -126.32 12.93 46.40
C PRO V 1719 -126.32 13.24 47.89
N LYS V 1720 -125.12 13.35 48.44
CA LYS V 1720 -124.95 13.61 49.86
C LYS V 1720 -123.68 14.42 50.07
N ILE V 1721 -123.63 15.09 51.22
CA ILE V 1721 -122.47 15.86 51.65
C ILE V 1721 -122.00 15.28 52.97
N ASN V 1722 -120.69 15.00 53.08
CA ASN V 1722 -120.13 14.31 54.23
C ASN V 1722 -118.84 14.97 54.69
N ASN V 1723 -118.87 16.29 54.88
CA ASN V 1723 -117.67 17.00 55.29
C ASN V 1723 -117.27 16.59 56.71
N SER V 1724 -116.09 16.00 56.84
CA SER V 1724 -115.65 15.36 58.08
C SER V 1724 -114.61 16.21 58.80
N GLY V 1725 -114.53 16.01 60.11
CA GLY V 1725 -113.56 16.74 60.92
C GLY V 1725 -114.06 16.85 62.34
N VAL V 1726 -113.33 17.65 63.12
CA VAL V 1726 -113.69 17.95 64.50
C VAL V 1726 -114.00 19.44 64.56
N TYR V 1727 -115.19 19.78 65.02
CA TYR V 1727 -115.65 21.17 65.04
C TYR V 1727 -115.76 21.68 66.46
N ASP V 1728 -115.12 22.82 66.73
CA ASP V 1728 -115.12 23.43 68.05
C ASP V 1728 -116.16 24.54 68.18
N ASN V 1729 -116.99 24.74 67.16
CA ASN V 1729 -118.10 25.66 67.22
C ASN V 1729 -119.39 24.88 67.43
N VAL V 1730 -120.50 25.61 67.50
CA VAL V 1730 -121.79 24.96 67.68
C VAL V 1730 -122.30 24.44 66.35
N VAL V 1731 -122.96 23.28 66.40
CA VAL V 1731 -123.50 22.59 65.23
C VAL V 1731 -124.99 22.39 65.45
N LEU V 1732 -125.77 22.74 64.44
CA LEU V 1732 -127.22 22.61 64.47
C LEU V 1732 -127.66 21.39 63.67
N ASP V 1733 -128.65 20.67 64.20
CA ASP V 1733 -129.17 19.45 63.60
C ASP V 1733 -130.64 19.68 63.24
N VAL V 1734 -130.88 20.17 62.02
CA VAL V 1734 -132.25 20.47 61.61
C VAL V 1734 -132.81 19.31 60.79
N GLY V 1735 -134.13 19.17 60.83
CA GLY V 1735 -134.80 18.14 60.08
C GLY V 1735 -135.76 18.70 59.05
N VAL V 1736 -135.46 18.49 57.76
CA VAL V 1736 -136.25 19.08 56.69
C VAL V 1736 -137.35 18.12 56.24
N ASP V 1737 -138.59 18.45 56.59
CA ASP V 1737 -139.74 17.69 56.14
C ASP V 1737 -140.51 18.47 55.07
N ASN V 1738 -141.28 17.72 54.27
CA ASN V 1738 -142.08 18.21 53.16
C ASN V 1738 -141.22 18.68 51.99
N LEU V 1739 -140.12 17.99 51.70
CA LEU V 1739 -139.25 18.39 50.60
C LEU V 1739 -139.91 18.17 49.24
N THR V 1740 -140.51 16.99 49.05
CA THR V 1740 -141.07 16.66 47.75
C THR V 1740 -142.28 17.52 47.41
N VAL V 1741 -143.18 17.72 48.37
CA VAL V 1741 -144.37 18.53 48.11
C VAL V 1741 -143.99 19.98 47.87
N ASN V 1742 -143.00 20.49 48.62
CA ASN V 1742 -142.51 21.83 48.37
C ASN V 1742 -141.90 21.95 46.97
N THR V 1743 -141.15 20.93 46.55
CA THR V 1743 -140.57 20.95 45.21
C THR V 1743 -141.65 20.98 44.15
N ILE V 1744 -142.72 20.19 44.33
CA ILE V 1744 -143.79 20.17 43.35
C ILE V 1744 -144.53 21.50 43.33
N LEU V 1745 -144.85 22.04 44.51
CA LEU V 1745 -145.64 23.27 44.58
C LEU V 1745 -144.85 24.46 44.03
N THR V 1746 -143.55 24.53 44.33
CA THR V 1746 -142.76 25.68 43.88
C THR V 1746 -142.63 25.71 42.36
N SER V 1747 -142.25 24.59 41.75
CA SER V 1747 -142.09 24.53 40.31
C SER V 1747 -142.10 23.08 39.82
N GLU V 1777 -139.38 20.18 23.36
CA GLU V 1777 -138.95 19.76 22.03
C GLU V 1777 -137.54 19.19 22.07
N PHE V 1778 -136.58 20.02 22.47
CA PHE V 1778 -135.19 19.59 22.51
C PHE V 1778 -134.99 18.48 23.54
N VAL V 1779 -135.60 18.61 24.70
CA VAL V 1779 -135.46 17.61 25.76
C VAL V 1779 -136.35 16.42 25.42
N HIS V 1780 -135.76 15.24 25.40
CA HIS V 1780 -136.47 14.02 25.06
C HIS V 1780 -136.76 13.14 26.27
N ASP V 1781 -136.38 13.58 27.47
CA ASP V 1781 -136.45 12.76 28.67
C ASP V 1781 -137.27 13.45 29.76
N ALA V 1782 -138.17 14.34 29.38
CA ALA V 1782 -138.91 15.15 30.34
C ALA V 1782 -140.39 14.80 30.29
N PHE V 1783 -141.05 14.97 31.44
CA PHE V 1783 -142.49 14.78 31.51
C PHE V 1783 -143.21 15.96 30.87
N SER V 1784 -144.44 15.71 30.40
CA SER V 1784 -145.23 16.74 29.76
C SER V 1784 -145.51 17.88 30.73
N ASN V 1785 -145.34 19.11 30.26
CA ASN V 1785 -145.48 20.27 31.14
C ASN V 1785 -146.93 20.51 31.53
N ASP V 1786 -147.86 20.20 30.63
CA ASP V 1786 -149.28 20.44 30.93
C ASP V 1786 -149.76 19.58 32.09
N ALA V 1787 -149.45 18.27 32.05
CA ALA V 1787 -149.81 17.40 33.16
C ALA V 1787 -149.09 17.82 34.45
N LEU V 1788 -147.86 18.32 34.32
CA LEU V 1788 -147.14 18.81 35.49
C LEU V 1788 -147.87 19.99 36.12
N ASN V 1789 -148.36 20.92 35.29
CA ASN V 1789 -149.10 22.05 35.82
C ASN V 1789 -150.43 21.61 36.42
N VAL V 1790 -151.08 20.62 35.82
CA VAL V 1790 -152.31 20.07 36.39
C VAL V 1790 -152.05 19.51 37.79
N LEU V 1791 -150.96 18.75 37.92
CA LEU V 1791 -150.59 18.19 39.22
C LEU V 1791 -150.26 19.30 40.22
N ARG V 1792 -149.59 20.35 39.76
CA ARG V 1792 -149.27 21.48 40.62
C ARG V 1792 -150.53 22.15 41.16
N GLY V 1793 -151.51 22.38 40.27
CA GLY V 1793 -152.76 22.97 40.71
C GLY V 1793 -153.52 22.08 41.67
N MET V 1794 -153.53 20.78 41.39
CA MET V 1794 -154.16 19.82 42.31
C MET V 1794 -153.52 19.88 43.69
N LEU V 1795 -152.19 19.86 43.75
CA LEU V 1795 -151.51 19.91 45.03
C LEU V 1795 -151.76 21.23 45.74
N LYS V 1796 -151.79 22.33 45.01
CA LYS V 1796 -152.04 23.63 45.64
C LYS V 1796 -153.43 23.68 46.26
N GLU V 1797 -154.45 23.25 45.51
CA GLU V 1797 -155.80 23.27 46.07
C GLU V 1797 -155.93 22.31 47.24
N TRP V 1798 -155.29 21.13 47.15
CA TRP V 1798 -155.35 20.19 48.25
C TRP V 1798 -154.71 20.76 49.50
N TRP V 1799 -153.56 21.43 49.35
CA TRP V 1799 -152.90 22.04 50.49
C TRP V 1799 -153.75 23.14 51.11
N ASP V 1800 -154.36 23.98 50.27
CA ASP V 1800 -155.21 25.05 50.80
C ASP V 1800 -156.40 24.51 51.56
N GLU V 1801 -157.07 23.48 51.04
CA GLU V 1801 -158.19 22.90 51.78
C GLU V 1801 -157.71 22.16 53.02
N ALA V 1802 -156.51 21.58 52.98
CA ALA V 1802 -155.96 20.90 54.15
C ALA V 1802 -155.66 21.89 55.26
N LEU V 1803 -155.29 23.11 54.90
CA LEU V 1803 -155.07 24.15 55.92
C LEU V 1803 -156.35 24.44 56.68
N LYS V 1804 -157.50 24.39 56.02
CA LYS V 1804 -158.77 24.71 56.66
C LYS V 1804 -159.41 23.49 57.31
N GLU V 1805 -158.64 22.77 58.13
CA GLU V 1805 -159.14 21.66 58.93
C GLU V 1805 -159.89 20.63 58.09
N ASN V 1806 -159.18 20.03 57.13
CA ASN V 1806 -159.70 18.94 56.33
C ASN V 1806 -158.82 17.73 56.50
N SER V 1807 -159.39 16.62 57.00
CA SER V 1807 -158.61 15.43 57.24
C SER V 1807 -158.27 14.71 55.93
N THR V 1808 -159.25 14.60 55.03
CA THR V 1808 -159.02 13.90 53.77
C THR V 1808 -157.98 14.60 52.92
N ALA V 1809 -158.02 15.93 52.87
CA ALA V 1809 -157.01 16.68 52.11
C ALA V 1809 -155.62 16.47 52.70
N ASP V 1810 -155.51 16.47 54.02
CA ASP V 1810 -154.22 16.21 54.66
C ASP V 1810 -153.71 14.82 54.32
N LEU V 1811 -154.61 13.82 54.34
CA LEU V 1811 -154.21 12.47 53.97
C LEU V 1811 -153.73 12.40 52.53
N LEU V 1812 -154.44 13.08 51.61
CA LEU V 1812 -154.02 13.08 50.21
C LEU V 1812 -152.65 13.73 50.05
N VAL V 1813 -152.43 14.86 50.73
CA VAL V 1813 -151.14 15.54 50.64
C VAL V 1813 -150.03 14.64 51.18
N ASN V 1814 -150.28 13.95 52.29
CA ASN V 1814 -149.27 13.06 52.84
C ASN V 1814 -148.98 11.88 51.93
N SER V 1815 -150.01 11.34 51.26
CA SER V 1815 -149.87 10.13 50.46
C SER V 1815 -149.43 10.40 49.02
N LEU V 1816 -149.39 11.66 48.59
CA LEU V 1816 -148.95 11.95 47.23
C LEU V 1816 -147.52 11.47 46.99
N ALA V 1817 -146.62 11.70 47.95
CA ALA V 1817 -145.23 11.29 47.77
C ALA V 1817 -145.12 9.77 47.65
N SER V 1818 -145.90 9.04 48.43
CA SER V 1818 -145.93 7.58 48.29
C SER V 1818 -146.49 7.18 46.93
N TRP V 1819 -147.51 7.90 46.45
CA TRP V 1819 -148.12 7.58 45.17
C TRP V 1819 -147.13 7.76 44.03
N VAL V 1820 -146.26 8.78 44.12
CA VAL V 1820 -145.38 9.10 43.01
C VAL V 1820 -144.46 7.94 42.66
N GLN V 1821 -143.92 7.27 43.68
CA GLN V 1821 -142.88 6.26 43.46
C GLN V 1821 -143.42 4.85 43.30
N ASN V 1822 -144.73 4.64 43.35
CA ASN V 1822 -145.32 3.31 43.33
C ASN V 1822 -145.67 2.93 41.91
N PRO V 1823 -145.10 1.87 41.34
CA PRO V 1823 -145.54 1.44 40.02
C PRO V 1823 -146.91 0.78 40.04
N ASN V 1824 -147.26 0.10 41.14
CA ASN V 1824 -148.55 -0.59 41.20
C ASN V 1824 -149.71 0.39 41.13
N ALA V 1825 -149.51 1.63 41.57
CA ALA V 1825 -150.50 2.67 41.35
C ALA V 1825 -150.64 2.97 39.87
N LYS V 1826 -151.87 3.16 39.43
CA LYS V 1826 -152.14 3.44 38.02
C LYS V 1826 -151.68 4.85 37.68
N LEU V 1827 -151.65 5.13 36.37
CA LEU V 1827 -151.19 6.41 35.83
C LEU V 1827 -149.73 6.69 36.19
N PHE V 1828 -148.97 5.67 36.58
CA PHE V 1828 -147.60 5.84 37.02
C PHE V 1828 -146.67 5.93 35.81
N ASP V 1829 -145.79 6.92 35.81
CA ASP V 1829 -144.85 7.13 34.72
C ASP V 1829 -143.44 7.26 35.28
N GLY V 1830 -142.49 6.54 34.67
CA GLY V 1830 -141.12 6.65 35.08
C GLY V 1830 -140.55 8.03 34.84
N LEU V 1831 -141.01 8.70 33.78
CA LEU V 1831 -140.57 10.06 33.52
C LEU V 1831 -141.00 11.01 34.63
N LEU V 1832 -142.20 10.82 35.19
CA LEU V 1832 -142.65 11.63 36.32
C LEU V 1832 -141.74 11.45 37.53
N ARG V 1833 -141.39 10.20 37.84
CA ARG V 1833 -140.50 9.93 38.96
C ARG V 1833 -139.14 10.56 38.75
N TYR V 1834 -138.60 10.43 37.53
CA TYR V 1834 -137.31 11.04 37.24
C TYR V 1834 -137.37 12.56 37.35
N HIS V 1835 -138.47 13.16 36.86
CA HIS V 1835 -138.64 14.60 36.95
C HIS V 1835 -138.66 15.06 38.40
N VAL V 1836 -139.42 14.36 39.24
CA VAL V 1836 -139.53 14.74 40.65
C VAL V 1836 -138.18 14.60 41.35
N HIS V 1837 -137.48 13.49 41.11
CA HIS V 1837 -136.18 13.31 41.73
C HIS V 1837 -135.18 14.38 41.28
N ASN V 1838 -135.17 14.68 39.99
CA ASN V 1838 -134.23 15.67 39.48
C ASN V 1838 -134.51 17.07 40.01
N LEU V 1839 -135.78 17.45 40.17
CA LEU V 1839 -136.04 18.75 40.77
C LEU V 1839 -135.75 18.77 42.27
N THR V 1840 -135.98 17.65 42.97
CA THR V 1840 -135.62 17.60 44.38
C THR V 1840 -134.11 17.72 44.58
N LYS V 1841 -133.34 17.10 43.68
CA LYS V 1841 -131.89 17.20 43.76
C LYS V 1841 -131.42 18.65 43.63
N LYS V 1842 -132.01 19.39 42.69
CA LYS V 1842 -131.68 20.80 42.54
C LYS V 1842 -132.13 21.61 43.75
N ALA V 1843 -133.30 21.28 44.29
CA ALA V 1843 -133.82 22.02 45.44
C ALA V 1843 -132.92 21.87 46.66
N LEU V 1844 -132.39 20.66 46.90
CA LEU V 1844 -131.52 20.48 48.05
C LEU V 1844 -130.24 21.31 47.92
N LEU V 1845 -129.65 21.33 46.73
CA LEU V 1845 -128.46 22.16 46.52
C LEU V 1845 -128.78 23.64 46.69
N GLN V 1846 -129.94 24.07 46.21
CA GLN V 1846 -130.33 25.47 46.38
C GLN V 1846 -130.53 25.80 47.85
N LEU V 1847 -131.08 24.87 48.63
CA LEU V 1847 -131.26 25.08 50.06
C LEU V 1847 -129.91 25.19 50.77
N VAL V 1848 -128.96 24.34 50.38
CA VAL V 1848 -127.62 24.40 50.96
C VAL V 1848 -126.96 25.74 50.62
N ASN V 1849 -127.13 26.20 49.37
CA ASN V 1849 -126.58 27.49 48.99
C ASN V 1849 -127.25 28.63 49.76
N GLU V 1850 -128.56 28.52 50.00
CA GLU V 1850 -129.26 29.54 50.78
C GLU V 1850 -128.75 29.59 52.21
N PHE V 1851 -128.49 28.42 52.80
CA PHE V 1851 -127.85 28.40 54.12
C PHE V 1851 -126.45 28.99 54.06
N SER V 1852 -125.76 28.81 52.91
CA SER V 1852 -124.42 29.36 52.74
C SER V 1852 -124.41 30.88 52.65
N ALA V 1853 -125.58 31.52 52.49
CA ALA V 1853 -125.63 32.97 52.44
C ALA V 1853 -125.17 33.61 53.74
N LEU V 1854 -125.57 33.07 54.89
CA LEU V 1854 -125.13 33.55 56.18
C LEU V 1854 -123.90 32.76 56.62
N GLY V 1855 -123.17 33.32 57.58
CA GLY V 1855 -121.98 32.65 58.09
C GLY V 1855 -122.31 31.32 58.73
N SER V 1856 -121.98 30.24 58.03
CA SER V 1856 -122.27 28.86 58.43
C SER V 1856 -121.66 27.95 57.37
N THR V 1857 -121.47 26.68 57.73
CA THR V 1857 -120.92 25.71 56.80
C THR V 1857 -121.68 24.40 56.88
N ILE V 1858 -122.02 23.84 55.71
CA ILE V 1858 -122.72 22.56 55.68
C ILE V 1858 -121.76 21.45 56.12
N VAL V 1859 -122.30 20.47 56.85
CA VAL V 1859 -121.49 19.33 57.26
C VAL V 1859 -122.07 18.05 56.66
N TYR V 1860 -123.39 18.01 56.52
CA TYR V 1860 -124.09 16.79 56.14
C TYR V 1860 -125.44 17.15 55.54
N ALA V 1861 -125.94 16.27 54.68
CA ALA V 1861 -127.24 16.46 54.03
C ALA V 1861 -127.77 15.11 53.58
N ASP V 1862 -128.97 14.75 54.07
CA ASP V 1862 -129.50 13.42 53.77
C ASP V 1862 -131.00 13.44 53.47
N ARG V 1863 -131.57 14.57 53.07
CA ARG V 1863 -132.99 14.74 52.74
C ARG V 1863 -133.88 14.70 53.98
N ASN V 1864 -133.30 14.38 55.13
CA ASN V 1864 -134.03 14.39 56.39
C ASN V 1864 -133.23 15.00 57.53
N GLN V 1865 -131.92 15.15 57.39
CA GLN V 1865 -131.08 15.72 58.42
C GLN V 1865 -130.07 16.64 57.76
N ILE V 1866 -129.91 17.84 58.33
CA ILE V 1866 -128.92 18.79 57.86
C ILE V 1866 -128.15 19.31 59.06
N LEU V 1867 -126.82 19.29 58.97
CA LEU V 1867 -125.94 19.72 60.04
C LEU V 1867 -125.22 21.00 59.61
N ILE V 1868 -125.29 22.02 60.45
CA ILE V 1868 -124.80 23.36 60.13
C ILE V 1868 -123.78 23.78 61.16
N LYS V 1869 -122.66 24.32 60.68
CA LYS V 1869 -121.58 24.85 61.51
C LYS V 1869 -121.80 26.36 61.66
N THR V 1870 -121.88 26.82 62.90
CA THR V 1870 -122.12 28.23 63.17
C THR V 1870 -120.82 28.95 63.52
N ASN V 1871 -120.82 30.27 63.36
CA ASN V 1871 -119.66 31.08 63.71
C ASN V 1871 -119.47 31.19 65.22
N LYS V 1872 -120.56 31.21 65.98
CA LYS V 1872 -120.46 31.40 67.43
C LYS V 1872 -119.85 30.18 68.10
N TYR V 1873 -119.40 30.38 69.34
CA TYR V 1873 -118.65 29.37 70.08
C TYR V 1873 -119.42 28.72 71.21
N SER V 1874 -120.42 29.39 71.77
CA SER V 1874 -121.17 28.85 72.89
C SER V 1874 -122.61 28.58 72.49
N PRO V 1875 -123.17 27.42 72.85
CA PRO V 1875 -124.57 27.15 72.53
C PRO V 1875 -125.54 28.15 73.15
N GLU V 1876 -125.19 28.74 74.30
CA GLU V 1876 -126.08 29.65 74.98
C GLU V 1876 -126.27 30.96 74.21
N ASN V 1877 -125.43 31.24 73.22
CA ASN V 1877 -125.47 32.50 72.49
C ASN V 1877 -126.03 32.37 71.09
N CYS V 1878 -126.70 31.25 70.77
CA CYS V 1878 -127.25 31.02 69.44
C CYS V 1878 -128.76 30.89 69.42
N TYR V 1879 -129.45 31.31 70.49
CA TYR V 1879 -130.90 31.26 70.49
C TYR V 1879 -131.49 32.20 69.44
N ALA V 1880 -130.96 33.41 69.34
CA ALA V 1880 -131.51 34.39 68.42
C ALA V 1880 -131.11 34.08 66.98
N TYR V 1881 -129.87 33.60 66.78
CA TYR V 1881 -129.38 33.39 65.43
C TYR V 1881 -130.10 32.24 64.76
N SER V 1882 -130.40 31.18 65.52
CA SER V 1882 -131.16 30.06 64.96
C SER V 1882 -132.54 30.50 64.49
N GLN V 1883 -133.22 31.30 65.31
CA GLN V 1883 -134.54 31.82 64.93
C GLN V 1883 -134.44 32.72 63.72
N TYR V 1884 -133.41 33.57 63.67
CA TYR V 1884 -133.23 34.45 62.52
C TYR V 1884 -133.00 33.66 61.25
N MET V 1885 -132.18 32.61 61.31
CA MET V 1885 -131.94 31.78 60.14
C MET V 1885 -133.20 31.05 59.71
N MET V 1886 -133.97 30.54 60.67
CA MET V 1886 -135.23 29.86 60.31
C MET V 1886 -136.19 30.82 59.63
N LYS V 1887 -136.33 32.03 60.17
CA LYS V 1887 -137.22 33.02 59.56
C LYS V 1887 -136.74 33.40 58.17
N ALA V 1888 -135.43 33.60 58.01
CA ALA V 1888 -134.89 33.96 56.71
C ALA V 1888 -135.12 32.85 55.67
N VAL V 1889 -134.90 31.60 56.08
CA VAL V 1889 -135.11 30.48 55.15
C VAL V 1889 -136.58 30.37 54.77
N ARG V 1890 -137.47 30.49 55.75
CA ARG V 1890 -138.90 30.37 55.46
C ARG V 1890 -139.40 31.54 54.63
N THR V 1891 -138.75 32.70 54.75
CA THR V 1891 -139.21 33.89 54.03
C THR V 1891 -139.05 33.72 52.53
N ASN V 1892 -138.05 32.97 52.10
CA ASN V 1892 -137.79 32.81 50.67
C ASN V 1892 -138.95 32.09 49.99
N PRO V 1893 -139.44 32.59 48.86
CA PRO V 1893 -140.54 31.90 48.18
C PRO V 1893 -140.18 30.49 47.73
N MET V 1894 -138.88 30.23 47.53
CA MET V 1894 -138.46 28.90 47.10
C MET V 1894 -138.81 27.84 48.15
N PHE V 1895 -138.69 28.19 49.43
CA PHE V 1895 -138.86 27.22 50.51
C PHE V 1895 -139.96 27.67 51.48
N SER V 1896 -141.09 28.12 50.94
CA SER V 1896 -142.16 28.61 51.81
C SER V 1896 -142.88 27.46 52.52
N TYR V 1897 -142.90 26.28 51.92
CA TYR V 1897 -143.67 25.16 52.44
C TYR V 1897 -142.82 24.10 53.14
N LEU V 1898 -141.55 24.37 53.40
CA LEU V 1898 -140.70 23.41 54.07
C LEU V 1898 -140.90 23.48 55.59
N ASP V 1899 -140.77 22.33 56.24
CA ASP V 1899 -140.87 22.23 57.69
C ASP V 1899 -139.48 21.98 58.26
N LEU V 1900 -139.00 22.92 59.08
CA LEU V 1900 -137.67 22.83 59.66
C LEU V 1900 -137.79 22.86 61.18
N ASN V 1901 -137.15 21.89 61.85
CA ASN V 1901 -137.12 21.83 63.29
C ASN V 1901 -135.72 21.45 63.75
N ILE V 1902 -135.22 22.16 64.76
CA ILE V 1902 -133.89 21.89 65.31
C ILE V 1902 -134.01 20.79 66.36
N LYS V 1903 -133.26 19.71 66.17
CA LYS V 1903 -133.39 18.57 67.07
C LYS V 1903 -132.39 18.64 68.23
N ARG V 1904 -131.15 19.03 67.94
CA ARG V 1904 -130.09 19.01 68.95
C ARG V 1904 -129.14 20.17 68.74
N TYR V 1905 -128.46 20.59 69.80
CA TYR V 1905 -127.35 21.51 69.72
C TYR V 1905 -126.07 20.79 70.14
N TRP V 1906 -125.00 21.00 69.38
CA TRP V 1906 -123.73 20.33 69.63
C TRP V 1906 -122.70 21.34 70.14
N ASP V 1907 -122.00 20.97 71.21
CA ASP V 1907 -120.92 21.80 71.71
C ASP V 1907 -119.58 21.42 71.10
N LEU V 1908 -119.30 20.11 71.03
CA LEU V 1908 -118.08 19.58 70.44
C LEU V 1908 -118.45 18.33 69.65
N LEU V 1909 -118.11 18.31 68.37
CA LEU V 1909 -118.53 17.23 67.49
C LEU V 1909 -117.35 16.68 66.71
N ILE V 1910 -117.26 15.35 66.69
CA ILE V 1910 -116.27 14.60 65.91
C ILE V 1910 -117.04 13.82 64.85
N TRP V 1911 -116.84 14.15 63.59
CA TRP V 1911 -117.63 13.60 62.49
C TRP V 1911 -116.72 12.90 61.50
N MET V 1912 -116.99 11.62 61.26
CA MET V 1912 -116.41 10.84 60.17
C MET V 1912 -117.46 10.45 59.15
N ASP V 1913 -118.52 9.79 59.60
CA ASP V 1913 -119.72 9.58 58.79
C ASP V 1913 -120.90 9.42 59.75
N LYS V 1914 -122.08 9.18 59.19
CA LYS V 1914 -123.28 9.11 60.01
C LYS V 1914 -123.22 7.96 61.01
N PHE V 1915 -122.48 6.90 60.69
CA PHE V 1915 -122.37 5.73 61.56
C PHE V 1915 -121.20 5.82 62.54
N ASN V 1916 -120.34 6.82 62.40
CA ASN V 1916 -119.18 6.98 63.29
C ASN V 1916 -119.11 8.45 63.71
N PHE V 1917 -119.53 8.74 64.93
CA PHE V 1917 -119.44 10.09 65.47
C PHE V 1917 -119.45 10.03 66.99
N SER V 1918 -119.08 11.15 67.59
CA SER V 1918 -119.08 11.29 69.04
C SER V 1918 -119.06 12.76 69.39
N GLY V 1919 -119.47 13.08 70.62
CA GLY V 1919 -119.42 14.45 71.07
C GLY V 1919 -120.36 14.70 72.23
N LEU V 1920 -120.63 15.98 72.44
CA LEU V 1920 -121.44 16.47 73.55
C LEU V 1920 -122.59 17.31 72.99
N ALA V 1921 -123.81 16.99 73.41
CA ALA V 1921 -125.01 17.61 72.85
C ALA V 1921 -126.01 17.94 73.94
N CYS V 1922 -126.84 18.94 73.66
CA CYS V 1922 -127.95 19.32 74.52
C CYS V 1922 -129.23 19.37 73.69
N ILE V 1923 -130.32 18.86 74.24
CA ILE V 1923 -131.57 18.78 73.50
C ILE V 1923 -132.15 20.16 73.23
N GLU V 1924 -132.09 21.04 74.23
CA GLU V 1924 -132.67 22.37 74.10
C GLU V 1924 -132.08 23.27 75.17
N ILE V 1925 -131.77 24.51 74.77
CA ILE V 1925 -131.12 25.44 75.68
C ILE V 1925 -132.15 26.10 76.59
N GLU V 1926 -131.79 26.29 77.86
CA GLU V 1926 -132.68 26.85 78.86
C GLU V 1926 -132.11 28.17 79.36
N GLU V 1927 -132.78 28.74 80.35
CA GLU V 1927 -132.47 30.08 80.85
C GLU V 1927 -131.98 30.01 82.28
N LYS V 1928 -130.91 30.75 82.58
CA LYS V 1928 -130.36 30.96 83.92
C LYS V 1928 -129.85 29.68 84.57
N GLU V 1929 -129.91 28.55 83.87
CA GLU V 1929 -129.38 27.28 84.35
C GLU V 1929 -128.29 26.82 83.39
N ASN V 1930 -127.16 26.39 83.95
CA ASN V 1930 -126.11 25.82 83.12
C ASN V 1930 -126.65 24.64 82.34
N GLN V 1931 -126.49 24.68 81.02
CA GLN V 1931 -127.14 23.73 80.14
C GLN V 1931 -126.66 22.31 80.44
N ASP V 1932 -127.62 21.39 80.56
CA ASP V 1932 -127.28 19.99 80.74
C ASP V 1932 -126.80 19.40 79.42
N TYR V 1933 -125.67 18.70 79.48
CA TYR V 1933 -125.06 18.13 78.30
C TYR V 1933 -124.93 16.63 78.46
N THR V 1934 -125.30 15.89 77.42
CA THR V 1934 -125.12 14.45 77.35
C THR V 1934 -124.03 14.12 76.33
N ALA V 1935 -123.24 13.10 76.66
CA ALA V 1935 -122.14 12.68 75.81
C ALA V 1935 -122.55 11.44 75.04
N VAL V 1936 -122.44 11.50 73.71
CA VAL V 1936 -122.82 10.40 72.83
C VAL V 1936 -121.58 9.93 72.09
N SER V 1937 -121.52 8.62 71.82
CA SER V 1937 -120.42 8.02 71.10
C SER V 1937 -120.92 6.79 70.36
N GLN V 1938 -121.14 6.92 69.05
CA GLN V 1938 -121.58 5.82 68.20
C GLN V 1938 -120.44 5.52 67.22
N TRP V 1939 -119.71 4.45 67.50
CA TRP V 1939 -118.54 4.06 66.70
C TRP V 1939 -118.73 2.63 66.21
N GLN V 1940 -119.08 2.48 64.94
CA GLN V 1940 -119.07 1.18 64.29
C GLN V 1940 -117.66 0.65 64.07
N LEU V 1941 -116.66 1.53 64.08
CA LEU V 1941 -115.28 1.12 63.90
C LEU V 1941 -114.82 0.18 65.00
N LYS V 1942 -115.44 0.27 66.18
CA LYS V 1942 -115.07 -0.58 67.30
C LYS V 1942 -115.44 -2.04 67.05
N LYS V 1943 -116.49 -2.29 66.28
CA LYS V 1943 -117.01 -3.65 66.14
C LYS V 1943 -116.00 -4.58 65.47
N PHE V 1944 -115.09 -4.03 64.66
CA PHE V 1944 -114.11 -4.84 63.97
C PHE V 1944 -112.84 -5.07 64.79
N LEU V 1945 -112.87 -4.82 66.10
CA LEU V 1945 -111.70 -5.00 66.94
C LEU V 1945 -111.81 -6.28 67.75
N SER V 1946 -110.67 -6.69 68.32
CA SER V 1946 -110.64 -7.85 69.18
C SER V 1946 -111.37 -7.57 70.49
N PRO V 1947 -112.02 -8.58 71.08
CA PRO V 1947 -112.82 -8.34 72.29
C PRO V 1947 -112.06 -7.70 73.43
N ILE V 1948 -110.75 -7.96 73.55
CA ILE V 1948 -109.99 -7.42 74.66
C ILE V 1948 -109.70 -5.94 74.47
N TYR V 1949 -109.77 -5.45 73.23
CA TYR V 1949 -109.41 -4.07 72.93
C TYR V 1949 -110.62 -3.16 72.73
N GLN V 1950 -111.81 -3.73 72.53
CA GLN V 1950 -113.02 -2.90 72.39
C GLN V 1950 -113.28 -2.03 73.62
N PRO V 1951 -113.21 -2.52 74.86
CA PRO V 1951 -113.33 -1.60 76.00
C PRO V 1951 -112.27 -0.51 76.01
N GLU V 1952 -111.03 -0.85 75.59
CA GLU V 1952 -109.97 0.14 75.58
C GLU V 1952 -110.25 1.26 74.58
N PHE V 1953 -110.82 0.92 73.43
CA PHE V 1953 -111.17 1.93 72.43
C PHE V 1953 -112.11 2.98 73.04
N GLU V 1954 -113.20 2.51 73.66
CA GLU V 1954 -114.16 3.42 74.27
C GLU V 1954 -113.54 4.21 75.43
N ASP V 1955 -112.73 3.53 76.26
CA ASP V 1955 -112.13 4.20 77.40
C ASP V 1955 -111.20 5.33 76.96
N TRP V 1956 -110.44 5.11 75.89
CA TRP V 1956 -109.51 6.14 75.43
C TRP V 1956 -110.24 7.26 74.70
N MET V 1957 -111.31 6.94 73.97
CA MET V 1957 -112.13 8.01 73.41
C MET V 1957 -112.77 8.88 74.49
N MET V 1958 -113.20 8.29 75.60
CA MET V 1958 -113.73 9.07 76.71
C MET V 1958 -112.68 9.97 77.36
N ILE V 1959 -111.39 9.68 77.17
CA ILE V 1959 -110.35 10.58 77.67
C ILE V 1959 -110.06 11.66 76.64
N ILE V 1960 -110.06 11.30 75.36
CA ILE V 1960 -109.83 12.29 74.31
C ILE V 1960 -110.90 13.37 74.36
N LEU V 1961 -112.17 12.98 74.50
CA LEU V 1961 -113.25 13.96 74.53
C LEU V 1961 -113.12 14.87 75.74
N ASP V 1962 -112.81 14.31 76.91
CA ASP V 1962 -112.68 15.12 78.11
C ASP V 1962 -111.53 16.11 77.99
N SER V 1963 -110.38 15.66 77.46
CA SER V 1963 -109.25 16.56 77.29
C SER V 1963 -109.58 17.68 76.30
N MET V 1964 -110.26 17.34 75.21
CA MET V 1964 -110.62 18.37 74.23
C MET V 1964 -111.59 19.38 74.84
N LEU V 1965 -112.56 18.92 75.63
CA LEU V 1965 -113.46 19.84 76.29
C LEU V 1965 -112.71 20.75 77.26
N LYS V 1966 -111.78 20.19 78.03
CA LYS V 1966 -111.03 21.00 78.99
C LYS V 1966 -110.20 22.07 78.27
N THR V 1967 -109.52 21.69 77.19
CA THR V 1967 -108.68 22.67 76.50
C THR V 1967 -109.53 23.72 75.79
N LYS V 1968 -110.71 23.34 75.30
CA LYS V 1968 -111.61 24.32 74.71
C LYS V 1968 -112.10 25.31 75.76
N GLN V 1969 -112.44 24.82 76.95
CA GLN V 1969 -112.86 25.72 78.03
C GLN V 1969 -111.74 26.66 78.43
N SER V 1970 -110.50 26.13 78.50
CA SER V 1970 -109.36 26.98 78.84
C SER V 1970 -109.14 28.06 77.79
N TYR V 1971 -109.24 27.71 76.50
CA TYR V 1971 -109.05 28.69 75.45
C TYR V 1971 -110.14 29.75 75.50
N LEU V 1972 -111.39 29.35 75.74
CA LEU V 1972 -112.47 30.33 75.86
C LEU V 1972 -112.24 31.26 77.04
N LYS V 1973 -111.78 30.71 78.18
CA LYS V 1973 -111.56 31.54 79.36
C LYS V 1973 -110.41 32.51 79.15
N LEU V 1974 -109.36 32.08 78.45
CA LEU V 1974 -108.16 32.91 78.31
C LEU V 1974 -108.46 34.23 77.61
N ASN V 1975 -109.25 34.18 76.54
CA ASN V 1975 -109.59 35.39 75.80
C ASN V 1975 -110.96 35.91 76.20
N SER V 1995 -106.23 30.49 60.65
CA SER V 1995 -105.71 29.31 59.98
C SER V 1995 -105.83 28.07 60.87
N VAL V 1996 -105.78 28.30 62.18
CA VAL V 1996 -105.86 27.22 63.17
C VAL V 1996 -107.00 27.54 64.13
N GLU V 1997 -107.79 26.54 64.46
CA GLU V 1997 -108.83 26.66 65.49
C GLU V 1997 -108.16 26.43 66.85
N ASN V 1998 -107.65 27.52 67.42
CA ASN V 1998 -106.79 27.42 68.61
C ASN V 1998 -107.52 26.88 69.84
N SER V 1999 -108.82 26.59 69.73
CA SER V 1999 -109.52 25.98 70.85
C SER V 1999 -109.01 24.59 71.13
N LEU V 2000 -108.46 23.91 70.12
CA LEU V 2000 -108.07 22.51 70.22
C LEU V 2000 -106.60 22.27 69.92
N ASN V 2001 -105.74 23.26 70.17
CA ASN V 2001 -104.30 23.07 70.05
C ASN V 2001 -103.71 22.73 71.41
N GLY V 2002 -103.02 21.60 71.49
CA GLY V 2002 -102.38 21.17 72.71
C GLY V 2002 -103.16 20.23 73.59
N PHE V 2003 -104.26 19.65 73.08
CA PHE V 2003 -105.05 18.74 73.91
C PHE V 2003 -104.36 17.39 74.06
N SER V 2004 -103.47 17.05 73.13
CA SER V 2004 -102.83 15.74 73.17
C SER V 2004 -101.78 15.65 74.26
N HIS V 2005 -101.32 16.79 74.78
CA HIS V 2005 -100.24 16.78 75.76
C HIS V 2005 -100.70 16.15 77.08
N LEU V 2006 -101.99 16.18 77.36
CA LEU V 2006 -102.47 15.72 78.66
C LEU V 2006 -102.53 14.19 78.73
N PHE V 2007 -102.83 13.53 77.62
CA PHE V 2007 -103.05 12.09 77.63
C PHE V 2007 -102.03 11.31 76.79
N SER V 2008 -100.89 11.92 76.44
CA SER V 2008 -99.91 11.23 75.62
C SER V 2008 -99.07 10.26 76.45
N LYS V 2009 -98.52 10.74 77.56
CA LYS V 2009 -97.64 9.96 78.41
C LYS V 2009 -98.34 8.71 78.97
N PRO V 2010 -99.56 8.83 79.52
CA PRO V 2010 -100.26 7.59 79.93
C PRO V 2010 -100.50 6.64 78.79
N LEU V 2011 -100.82 7.16 77.60
CA LEU V 2011 -101.12 6.30 76.46
C LEU V 2011 -99.90 5.50 76.02
N MET V 2012 -98.72 6.12 76.04
CA MET V 2012 -97.51 5.40 75.65
C MET V 2012 -97.25 4.23 76.59
N LYS V 2013 -97.35 4.47 77.90
CA LYS V 2013 -97.12 3.40 78.87
C LYS V 2013 -98.16 2.30 78.75
N ARG V 2014 -99.43 2.67 78.55
CA ARG V 2014 -100.47 1.67 78.39
C ARG V 2014 -100.24 0.82 77.15
N VAL V 2015 -99.82 1.45 76.05
CA VAL V 2015 -99.55 0.70 74.83
C VAL V 2015 -98.38 -0.26 75.05
N LYS V 2016 -97.33 0.18 75.74
CA LYS V 2016 -96.21 -0.71 76.03
C LYS V 2016 -96.64 -1.90 76.86
N LYS V 2017 -97.43 -1.66 77.91
CA LYS V 2017 -97.88 -2.77 78.75
C LYS V 2017 -98.77 -3.74 77.97
N LEU V 2018 -99.68 -3.21 77.15
CA LEU V 2018 -100.55 -4.07 76.35
C LEU V 2018 -99.74 -4.89 75.35
N PHE V 2019 -98.72 -4.29 74.75
CA PHE V 2019 -97.86 -5.04 73.83
C PHE V 2019 -97.11 -6.16 74.56
N LYS V 2020 -96.60 -5.88 75.75
CA LYS V 2020 -95.92 -6.94 76.51
C LYS V 2020 -96.86 -8.08 76.84
N ASN V 2021 -98.08 -7.76 77.29
CA ASN V 2021 -99.05 -8.81 77.60
C ASN V 2021 -99.41 -9.60 76.36
N GLN V 2022 -99.56 -8.92 75.21
CA GLN V 2022 -99.88 -9.63 73.97
C GLN V 2022 -98.75 -10.57 73.58
N GLN V 2023 -97.50 -10.11 73.67
CA GLN V 2023 -96.37 -10.99 73.38
C GLN V 2023 -96.36 -12.20 74.32
N GLU V 2024 -96.78 -11.99 75.57
CA GLU V 2024 -96.74 -13.09 76.53
C GLU V 2024 -97.84 -14.12 76.28
N PHE V 2025 -99.05 -13.66 75.92
CA PHE V 2025 -100.22 -14.52 75.91
C PHE V 2025 -100.78 -14.85 74.51
N ILE V 2026 -100.13 -14.38 73.44
CA ILE V 2026 -100.74 -14.56 72.11
C ILE V 2026 -100.73 -16.03 71.70
N LEU V 2027 -99.70 -16.79 72.09
CA LEU V 2027 -99.57 -18.19 71.71
C LEU V 2027 -100.16 -19.15 72.75
N ASP V 2028 -100.74 -18.63 73.83
CA ASP V 2028 -101.29 -19.50 74.86
C ASP V 2028 -102.65 -20.04 74.41
N PRO V 2029 -102.80 -21.37 74.31
CA PRO V 2029 -104.10 -21.91 73.89
C PRO V 2029 -105.22 -21.65 74.88
N GLN V 2030 -104.89 -21.42 76.15
CA GLN V 2030 -105.92 -21.12 77.13
C GLN V 2030 -106.59 -19.79 76.85
N TYR V 2031 -105.81 -18.79 76.42
CA TYR V 2031 -106.32 -17.46 76.11
C TYR V 2031 -106.75 -17.34 74.66
N GLU V 2032 -107.07 -18.47 74.02
CA GLU V 2032 -107.50 -18.45 72.63
C GLU V 2032 -108.84 -17.75 72.46
N ALA V 2033 -109.62 -17.64 73.55
CA ALA V 2033 -110.87 -16.91 73.48
C ALA V 2033 -110.64 -15.44 73.12
N ASP V 2034 -109.63 -14.83 73.71
CA ASP V 2034 -109.23 -13.49 73.30
C ASP V 2034 -108.49 -13.54 71.97
N TYR V 2035 -108.18 -12.36 71.44
CA TYR V 2035 -107.39 -12.22 70.22
C TYR V 2035 -108.04 -12.91 69.02
N VAL V 2036 -109.37 -12.91 68.96
CA VAL V 2036 -110.10 -13.48 67.83
C VAL V 2036 -110.72 -12.34 67.05
N ILE V 2037 -110.38 -12.24 65.77
CA ILE V 2037 -110.91 -11.18 64.91
C ILE V 2037 -112.30 -11.56 64.45
N PRO V 2038 -113.31 -10.75 64.74
CA PRO V 2038 -114.69 -11.12 64.38
C PRO V 2038 -114.92 -11.09 62.88
N VAL V 2039 -115.94 -11.84 62.47
CA VAL V 2039 -116.42 -11.82 61.09
C VAL V 2039 -117.79 -11.15 61.08
N LEU V 2040 -117.91 -10.11 60.27
CA LEU V 2040 -119.09 -9.25 60.20
C LEU V 2040 -119.48 -9.09 58.74
N PRO V 2041 -120.74 -8.74 58.46
CA PRO V 2041 -121.14 -8.47 57.07
C PRO V 2041 -120.43 -7.22 56.56
N GLY V 2042 -119.80 -7.36 55.39
CA GLY V 2042 -119.06 -6.28 54.80
C GLY V 2042 -117.61 -6.19 55.20
N SER V 2043 -117.08 -7.19 55.89
CA SER V 2043 -115.67 -7.22 56.28
C SER V 2043 -114.83 -7.84 55.18
N HIS V 2044 -113.76 -7.15 54.81
CA HIS V 2044 -112.93 -7.58 53.70
C HIS V 2044 -111.46 -7.69 54.08
N LEU V 2045 -111.01 -6.85 55.01
CA LEU V 2045 -109.60 -6.81 55.36
C LEU V 2045 -109.18 -8.10 56.06
N ASN V 2046 -107.99 -8.59 55.71
CA ASN V 2046 -107.38 -9.76 56.34
C ASN V 2046 -106.10 -9.31 57.04
N VAL V 2047 -106.16 -9.18 58.38
CA VAL V 2047 -105.16 -8.45 59.14
C VAL V 2047 -104.64 -9.34 60.27
N LYS V 2048 -103.42 -9.06 60.73
CA LYS V 2048 -102.65 -9.99 61.56
C LYS V 2048 -102.48 -9.57 63.02
N ASN V 2049 -102.17 -8.30 63.32
CA ASN V 2049 -101.74 -7.93 64.65
C ASN V 2049 -102.81 -7.14 65.38
N PRO V 2050 -103.52 -7.72 66.36
CA PRO V 2050 -104.69 -7.05 66.96
C PRO V 2050 -104.44 -5.69 67.59
N LEU V 2051 -103.30 -5.48 68.25
CA LEU V 2051 -103.07 -4.20 68.92
C LEU V 2051 -102.77 -3.09 67.92
N LEU V 2052 -102.21 -3.46 66.78
CA LEU V 2052 -101.94 -2.48 65.73
C LEU V 2052 -103.23 -1.87 65.22
N GLU V 2053 -104.28 -2.66 65.11
CA GLU V 2053 -105.56 -2.13 64.62
C GLU V 2053 -106.14 -1.14 65.62
N LEU V 2054 -106.02 -1.44 66.92
CA LEU V 2054 -106.49 -0.51 67.94
C LEU V 2054 -105.72 0.80 67.87
N VAL V 2055 -104.39 0.73 67.73
CA VAL V 2055 -103.62 1.97 67.72
C VAL V 2055 -103.90 2.76 66.43
N LYS V 2056 -104.05 2.07 65.29
CA LYS V 2056 -104.34 2.75 64.05
C LYS V 2056 -105.70 3.45 64.09
N SER V 2057 -106.72 2.75 64.59
CA SER V 2057 -108.06 3.32 64.62
C SER V 2057 -108.14 4.43 65.67
N LEU V 2058 -107.32 4.35 66.72
CA LEU V 2058 -107.31 5.43 67.71
C LEU V 2058 -106.62 6.66 67.16
N CYS V 2059 -105.57 6.48 66.36
CA CYS V 2059 -104.87 7.63 65.77
C CYS V 2059 -105.67 8.25 64.63
N HIS V 2060 -106.42 7.44 63.88
CA HIS V 2060 -107.20 7.97 62.77
C HIS V 2060 -108.28 8.92 63.26
N VAL V 2061 -108.86 8.63 64.43
CA VAL V 2061 -109.87 9.52 65.00
C VAL V 2061 -109.27 10.87 65.35
N MET V 2062 -108.08 10.87 65.96
CA MET V 2062 -107.40 12.13 66.26
C MET V 2062 -107.00 12.86 64.99
N LEU V 2063 -106.67 12.12 63.92
CA LEU V 2063 -106.14 12.75 62.73
C LEU V 2063 -107.13 13.66 62.04
N LEU V 2064 -108.43 13.42 62.22
CA LEU V 2064 -109.43 14.29 61.63
C LEU V 2064 -109.54 15.58 62.42
N SER V 2065 -108.56 16.47 62.24
CA SER V 2065 -108.60 17.77 62.91
C SER V 2065 -108.33 18.91 61.94
N LYS V 2066 -107.40 18.70 61.01
CA LYS V 2066 -106.95 19.68 60.02
C LYS V 2066 -106.27 20.88 60.67
N SER V 2067 -106.13 20.92 62.00
CA SER V 2067 -105.46 22.03 62.68
C SER V 2067 -104.38 21.58 63.64
N THR V 2068 -104.29 20.28 63.94
CA THR V 2068 -103.27 19.72 64.81
C THR V 2068 -102.53 18.57 64.13
N ILE V 2069 -102.26 18.71 62.84
CA ILE V 2069 -101.71 17.61 62.06
C ILE V 2069 -100.32 17.23 62.57
N LEU V 2070 -99.44 18.21 62.74
CA LEU V 2070 -98.07 17.91 63.12
C LEU V 2070 -97.99 17.28 64.52
N GLU V 2071 -98.78 17.81 65.45
CA GLU V 2071 -98.76 17.30 66.82
C GLU V 2071 -99.22 15.85 66.88
N ILE V 2072 -100.29 15.52 66.15
CA ILE V 2072 -100.78 14.14 66.14
C ILE V 2072 -99.81 13.23 65.40
N ARG V 2073 -99.21 13.71 64.31
CA ARG V 2073 -98.31 12.88 63.53
C ARG V 2073 -97.01 12.58 64.25
N THR V 2074 -96.56 13.47 65.14
CA THR V 2074 -95.41 13.15 65.97
C THR V 2074 -95.74 12.02 66.95
N LEU V 2075 -96.90 12.11 67.61
CA LEU V 2075 -97.32 11.07 68.54
C LEU V 2075 -97.53 9.75 67.83
N ARG V 2076 -98.07 9.78 66.61
CA ARG V 2076 -98.27 8.55 65.86
C ARG V 2076 -96.94 7.85 65.57
N LYS V 2077 -95.93 8.62 65.17
CA LYS V 2077 -94.62 8.03 64.92
C LYS V 2077 -94.01 7.48 66.20
N GLU V 2078 -94.14 8.22 67.31
CA GLU V 2078 -93.59 7.73 68.57
C GLU V 2078 -94.27 6.44 69.01
N LEU V 2079 -95.60 6.35 68.84
CA LEU V 2079 -96.31 5.13 69.18
C LEU V 2079 -95.92 3.97 68.26
N LEU V 2080 -95.74 4.26 66.97
CA LEU V 2080 -95.32 3.23 66.03
C LEU V 2080 -93.88 2.82 66.21
N LYS V 2081 -93.10 3.57 67.00
CA LYS V 2081 -91.75 3.15 67.36
C LYS V 2081 -91.75 1.99 68.37
N ILE V 2082 -92.81 1.83 69.14
CA ILE V 2082 -92.91 0.67 70.04
C ILE V 2082 -92.89 -0.62 69.24
N PHE V 2083 -93.68 -0.67 68.16
CA PHE V 2083 -93.57 -1.72 67.17
C PHE V 2083 -92.35 -1.43 66.31
N GLU V 2084 -91.90 -2.44 65.56
CA GLU V 2084 -90.80 -2.27 64.63
C GLU V 2084 -91.39 -1.92 63.27
N LEU V 2085 -91.92 -0.69 63.15
CA LEU V 2085 -92.54 -0.23 61.94
C LEU V 2085 -92.15 1.22 61.71
N ARG V 2086 -92.16 1.64 60.44
CA ARG V 2086 -91.79 3.00 60.05
C ARG V 2086 -93.05 3.81 59.77
N GLU V 2087 -92.91 5.13 59.82
CA GLU V 2087 -94.05 6.04 59.80
C GLU V 2087 -94.82 6.02 58.48
N PHE V 2088 -94.19 5.51 57.41
CA PHE V 2088 -94.84 5.54 56.11
C PHE V 2088 -95.06 4.14 55.56
N ALA V 2089 -94.96 3.13 56.43
CA ALA V 2089 -95.16 1.76 55.99
C ALA V 2089 -96.59 1.56 55.52
N LYS V 2090 -96.74 0.73 54.47
CA LYS V 2090 -98.08 0.48 53.93
C LYS V 2090 -98.96 -0.25 54.93
N VAL V 2091 -98.35 -1.01 55.83
CA VAL V 2091 -99.08 -1.83 56.79
C VAL V 2091 -99.61 -0.95 57.92
N ALA V 2092 -99.14 0.30 57.97
CA ALA V 2092 -99.48 1.22 59.05
C ALA V 2092 -100.45 2.31 58.60
N GLU V 2093 -101.18 2.07 57.52
CA GLU V 2093 -102.17 3.02 57.02
C GLU V 2093 -103.57 2.51 57.32
N PHE V 2094 -104.48 3.46 57.56
CA PHE V 2094 -105.84 3.13 57.96
C PHE V 2094 -106.75 3.02 56.75
N LYS V 2095 -107.52 1.94 56.69
CA LYS V 2095 -108.55 1.75 55.68
C LYS V 2095 -109.86 1.41 56.39
N ASP V 2096 -110.99 1.73 55.77
CA ASP V 2096 -112.27 1.46 56.37
C ASP V 2096 -112.51 -0.05 56.44
N PRO V 2097 -112.76 -0.62 57.62
CA PRO V 2097 -112.93 -2.07 57.73
C PRO V 2097 -114.16 -2.63 57.03
N SER V 2098 -115.15 -1.80 56.71
CA SER V 2098 -116.44 -2.28 56.25
C SER V 2098 -116.75 -1.78 54.85
N LEU V 2099 -117.52 -2.58 54.11
CA LEU V 2099 -118.02 -2.20 52.80
C LEU V 2099 -119.39 -1.52 52.96
N SER V 2100 -120.10 -1.32 51.86
CA SER V 2100 -121.40 -0.69 51.90
C SER V 2100 -122.31 -1.32 50.86
N LEU V 2101 -123.59 -1.49 51.24
CA LEU V 2101 -124.63 -2.03 50.36
C LEU V 2101 -125.92 -1.27 50.69
N VAL V 2102 -126.18 -0.20 49.94
CA VAL V 2102 -127.25 0.73 50.26
C VAL V 2102 -128.42 0.46 49.33
N VAL V 2103 -129.58 0.12 49.90
CA VAL V 2103 -130.83 -0.01 49.15
C VAL V 2103 -131.60 1.29 49.34
N PRO V 2104 -131.85 2.06 48.28
CA PRO V 2104 -132.46 3.37 48.45
C PRO V 2104 -133.99 3.32 48.49
N ASP V 2105 -134.55 4.31 49.19
CA ASP V 2105 -135.98 4.61 49.15
C ASP V 2105 -136.86 3.43 49.56
N PHE V 2106 -136.76 3.01 50.82
CA PHE V 2106 -137.67 2.01 51.37
C PHE V 2106 -138.80 2.70 52.11
N LEU V 2107 -140.02 2.22 51.88
CA LEU V 2107 -141.23 2.84 52.41
C LEU V 2107 -141.65 2.19 53.73
N CYS V 2108 -141.95 3.03 54.72
CA CYS V 2108 -142.63 2.60 55.93
C CYS V 2108 -144.13 2.81 55.72
N GLU V 2109 -144.90 1.73 55.75
CA GLU V 2109 -146.32 1.84 55.43
C GLU V 2109 -147.09 2.57 56.53
N TYR V 2110 -146.69 2.41 57.79
CA TYR V 2110 -147.37 3.04 58.91
C TYR V 2110 -146.76 4.38 59.30
N CYS V 2111 -145.78 4.87 58.54
CA CYS V 2111 -145.03 6.05 58.94
C CYS V 2111 -144.91 7.06 57.80
N PHE V 2112 -145.05 6.59 56.55
CA PHE V 2112 -144.89 7.41 55.36
C PHE V 2112 -143.53 8.09 55.36
N PHE V 2113 -142.46 7.33 55.57
CA PHE V 2113 -141.11 7.86 55.68
C PHE V 2113 -140.22 7.26 54.59
N ILE V 2114 -139.44 8.11 53.94
CA ILE V 2114 -138.45 7.68 52.95
C ILE V 2114 -137.12 7.53 53.64
N SER V 2115 -136.59 6.31 53.67
CA SER V 2115 -135.31 6.04 54.31
C SER V 2115 -134.46 5.16 53.41
N ASP V 2116 -133.16 5.42 53.41
CA ASP V 2116 -132.18 4.63 52.71
C ASP V 2116 -131.48 3.71 53.69
N ILE V 2117 -131.50 2.42 53.42
CA ILE V 2117 -130.99 1.41 54.34
C ILE V 2117 -129.73 0.79 53.77
N ASP V 2118 -128.68 0.77 54.57
CA ASP V 2118 -127.42 0.14 54.21
C ASP V 2118 -127.23 -1.13 55.03
N PHE V 2119 -127.07 -2.26 54.35
CA PHE V 2119 -127.11 -3.56 55.01
C PHE V 2119 -125.78 -3.97 55.62
N CYS V 2120 -124.74 -3.17 55.48
CA CYS V 2120 -123.43 -3.49 56.01
C CYS V 2120 -123.06 -2.64 57.21
N LYS V 2121 -123.11 -1.31 57.08
CA LYS V 2121 -122.66 -0.44 58.16
C LYS V 2121 -123.68 -0.37 59.29
N ALA V 2122 -124.96 -0.36 58.94
CA ALA V 2122 -126.00 -0.17 59.95
C ALA V 2122 -126.07 -1.38 60.89
N ALA V 2123 -126.15 -1.08 62.19
CA ALA V 2123 -126.26 -2.12 63.19
C ALA V 2123 -127.66 -2.73 63.17
N PRO V 2124 -127.82 -3.95 63.70
CA PRO V 2124 -129.16 -4.53 63.83
C PRO V 2124 -130.07 -3.67 64.69
N GLU V 2125 -131.35 -4.05 64.72
CA GLU V 2125 -132.44 -3.30 65.35
C GLU V 2125 -132.77 -2.07 64.52
N SER V 2126 -131.97 -1.82 63.48
CA SER V 2126 -132.24 -0.78 62.49
C SER V 2126 -132.51 -1.32 61.11
N ILE V 2127 -131.97 -2.50 60.77
CA ILE V 2127 -132.24 -3.12 59.48
C ILE V 2127 -133.70 -3.54 59.37
N PHE V 2128 -134.28 -4.01 60.48
CA PHE V 2128 -135.62 -4.57 60.47
C PHE V 2128 -136.61 -3.74 61.27
N SER V 2129 -136.41 -2.43 61.35
CA SER V 2129 -137.32 -1.55 62.08
C SER V 2129 -137.17 -0.13 61.56
N CYS V 2130 -138.30 0.56 61.43
CA CYS V 2130 -138.29 1.94 60.97
C CYS V 2130 -137.71 2.86 62.04
N VAL V 2131 -137.23 4.03 61.59
CA VAL V 2131 -136.50 4.94 62.46
C VAL V 2131 -137.47 5.79 63.27
N ARG V 2132 -138.34 6.54 62.58
CA ARG V 2132 -139.27 7.44 63.24
C ARG V 2132 -140.19 6.68 64.20
N CYS V 2133 -140.80 5.61 63.71
CA CYS V 2133 -141.64 4.74 64.53
C CYS V 2133 -141.00 3.35 64.55
N HIS V 2134 -140.89 2.77 65.74
CA HIS V 2134 -140.22 1.48 65.87
C HIS V 2134 -141.14 0.33 65.43
N LYS V 2135 -141.53 0.35 64.16
CA LYS V 2135 -142.39 -0.70 63.61
C LYS V 2135 -141.57 -1.64 62.74
N ALA V 2136 -141.72 -2.94 62.98
CA ALA V 2136 -140.91 -3.93 62.27
C ALA V 2136 -141.29 -4.01 60.80
N PHE V 2137 -140.31 -4.36 59.98
CA PHE V 2137 -140.51 -4.53 58.55
C PHE V 2137 -140.86 -5.98 58.23
N ASN V 2138 -141.12 -6.22 56.95
CA ASN V 2138 -141.40 -7.56 56.44
C ASN V 2138 -140.19 -8.06 55.68
N GLN V 2139 -139.67 -9.22 56.08
CA GLN V 2139 -138.34 -9.65 55.65
C GLN V 2139 -138.31 -10.03 54.17
N VAL V 2140 -139.33 -10.73 53.69
CA VAL V 2140 -139.33 -11.18 52.29
C VAL V 2140 -139.32 -9.99 51.35
N LEU V 2141 -139.92 -8.88 51.77
CA LEU V 2141 -139.84 -7.66 50.98
C LEU V 2141 -138.40 -7.16 50.86
N LEU V 2142 -137.67 -7.20 51.97
CA LEU V 2142 -136.26 -6.81 51.94
C LEU V 2142 -135.46 -7.72 51.01
N GLN V 2143 -135.73 -9.02 51.06
CA GLN V 2143 -135.03 -9.95 50.19
C GLN V 2143 -135.35 -9.67 48.72
N GLU V 2144 -136.61 -9.37 48.42
CA GLU V 2144 -136.98 -9.08 47.03
C GLU V 2144 -136.31 -7.80 46.54
N HIS V 2145 -136.23 -6.79 47.41
CA HIS V 2145 -135.52 -5.56 47.02
C HIS V 2145 -134.03 -5.81 46.79
N LEU V 2146 -133.42 -6.65 47.62
CA LEU V 2146 -132.01 -7.00 47.39
C LEU V 2146 -131.84 -7.73 46.07
N ILE V 2147 -132.74 -8.64 45.75
CA ILE V 2147 -132.68 -9.34 44.46
C ILE V 2147 -132.84 -8.36 43.31
N GLN V 2148 -133.76 -7.40 43.45
CA GLN V 2148 -133.93 -6.39 42.41
C GLN V 2148 -132.64 -5.62 42.21
N LYS V 2149 -131.98 -5.24 43.30
CA LYS V 2149 -130.70 -4.52 43.19
C LYS V 2149 -129.67 -5.36 42.45
N LEU V 2150 -129.57 -6.65 42.80
CA LEU V 2150 -128.57 -7.51 42.17
C LEU V 2150 -128.82 -7.65 40.67
N ARG V 2151 -130.07 -7.96 40.28
CA ARG V 2151 -130.36 -8.14 38.86
C ARG V 2151 -130.19 -6.84 38.09
N SER V 2152 -130.57 -5.70 38.69
CA SER V 2152 -130.36 -4.42 38.03
C SER V 2152 -128.88 -4.13 37.83
N ASP V 2153 -128.05 -4.47 38.82
CA ASP V 2153 -126.61 -4.27 38.68
C ASP V 2153 -126.05 -5.12 37.55
N ILE V 2154 -126.48 -6.39 37.46
CA ILE V 2154 -126.00 -7.25 36.38
C ILE V 2154 -126.43 -6.69 35.01
N GLU V 2155 -127.68 -6.23 34.92
CA GLU V 2155 -128.15 -5.63 33.67
C GLU V 2155 -127.33 -4.40 33.31
N SER V 2156 -127.07 -3.53 34.29
CA SER V 2156 -126.31 -2.32 34.03
C SER V 2156 -124.90 -2.64 33.55
N TYR V 2157 -124.29 -3.68 34.11
CA TYR V 2157 -122.99 -4.11 33.59
C TYR V 2157 -123.12 -4.62 32.16
N LEU V 2158 -124.20 -5.34 31.85
CA LEU V 2158 -124.36 -5.90 30.52
C LEU V 2158 -124.73 -4.88 29.45
N ILE V 2159 -125.16 -3.68 29.82
CA ILE V 2159 -125.53 -2.69 28.82
C ILE V 2159 -124.61 -1.47 28.85
N GLN V 2160 -123.34 -1.65 29.18
CA GLN V 2160 -122.42 -0.53 29.32
C GLN V 2160 -121.88 -0.09 27.96
N ASP V 2161 -121.04 0.95 27.98
CA ASP V 2161 -120.45 1.53 26.79
C ASP V 2161 -118.94 1.30 26.82
N LEU V 2162 -118.31 1.38 25.65
CA LEU V 2162 -116.87 1.15 25.56
C LEU V 2162 -116.13 2.48 25.43
N ARG V 2163 -114.82 2.44 25.69
CA ARG V 2163 -114.00 3.64 25.71
C ARG V 2163 -112.58 3.31 25.23
N CYS V 2164 -111.87 4.33 24.75
CA CYS V 2164 -110.46 4.17 24.41
C CYS V 2164 -109.60 4.41 25.64
N SER V 2165 -108.55 3.61 25.79
CA SER V 2165 -107.71 3.69 26.98
C SER V 2165 -106.98 5.03 27.07
N ARG V 2166 -106.63 5.62 25.93
CA ARG V 2166 -105.95 6.90 25.89
C ARG V 2166 -106.88 8.03 25.47
N CYS V 2167 -107.62 7.86 24.37
CA CYS V 2167 -108.64 8.83 23.95
C CYS V 2167 -109.94 8.54 24.69
N HIS V 2168 -110.10 9.19 25.84
CA HIS V 2168 -111.31 8.92 26.60
C HIS V 2168 -112.51 9.40 25.80
N LYS V 2169 -113.17 8.46 25.14
CA LYS V 2169 -114.16 8.73 24.10
C LYS V 2169 -115.04 7.50 23.97
N VAL V 2170 -116.17 7.68 23.32
CA VAL V 2170 -117.15 6.59 23.18
C VAL V 2170 -116.98 5.91 21.83
N LYS V 2171 -117.06 4.59 21.84
CA LYS V 2171 -117.03 3.80 20.61
C LYS V 2171 -118.30 4.04 19.82
N ARG V 2172 -118.15 4.45 18.57
CA ARG V 2172 -119.28 4.76 17.70
C ARG V 2172 -119.42 3.79 16.54
N ASP V 2173 -118.92 2.57 16.68
CA ASP V 2173 -118.95 1.56 15.63
C ASP V 2173 -119.47 0.24 16.18
N TYR V 2174 -120.07 -0.57 15.31
CA TYR V 2174 -120.53 -1.89 15.73
C TYR V 2174 -119.46 -2.94 15.49
N MET V 2175 -118.58 -2.71 14.52
CA MET V 2175 -117.50 -3.63 14.20
C MET V 2175 -116.21 -2.83 14.02
N SER V 2176 -115.32 -2.89 15.00
CA SER V 2176 -114.02 -2.26 14.91
C SER V 2176 -113.06 -2.98 15.86
N ALA V 2177 -111.77 -2.82 15.58
CA ALA V 2177 -110.74 -3.44 16.40
C ALA V 2177 -110.22 -2.53 17.49
N HIS V 2178 -110.00 -1.25 17.20
CA HIS V 2178 -109.51 -0.31 18.19
C HIS V 2178 -109.83 1.10 17.70
N CYS V 2179 -109.41 2.08 18.50
CA CYS V 2179 -109.61 3.48 18.17
C CYS V 2179 -108.87 3.82 16.89
N PRO V 2180 -109.30 4.87 16.17
CA PRO V 2180 -108.40 5.45 15.15
C PRO V 2180 -107.07 5.85 15.76
N CYS V 2181 -107.10 6.36 17.00
CA CYS V 2181 -105.95 6.34 17.87
C CYS V 2181 -105.45 4.92 18.07
N ALA V 2182 -104.13 4.73 18.06
CA ALA V 2182 -103.60 3.44 18.43
C ALA V 2182 -103.87 3.20 19.91
N GLY V 2183 -104.85 2.35 20.19
CA GLY V 2183 -105.25 2.12 21.57
C GLY V 2183 -106.00 0.81 21.68
N ALA V 2184 -106.84 0.73 22.71
CA ALA V 2184 -107.64 -0.45 22.97
C ALA V 2184 -108.99 -0.04 23.56
N TRP V 2185 -109.97 -0.91 23.38
CA TRP V 2185 -111.31 -0.70 23.92
C TRP V 2185 -111.40 -1.29 25.32
N GLU V 2186 -111.69 -0.45 26.30
CA GLU V 2186 -111.91 -0.87 27.67
C GLU V 2186 -113.32 -0.51 28.09
N GLY V 2187 -113.74 -1.05 29.24
CA GLY V 2187 -115.09 -0.88 29.69
C GLY V 2187 -115.27 0.28 30.66
N THR V 2188 -116.46 0.88 30.62
CA THR V 2188 -116.79 1.96 31.56
C THR V 2188 -117.01 1.41 32.96
N LEU V 2189 -117.50 0.17 33.06
CA LEU V 2189 -117.68 -0.51 34.34
C LEU V 2189 -116.78 -1.75 34.35
N PRO V 2190 -115.63 -1.70 35.03
CA PRO V 2190 -114.73 -2.85 35.04
C PRO V 2190 -115.32 -4.05 35.77
N ARG V 2191 -114.81 -5.23 35.40
CA ARG V 2191 -115.34 -6.48 35.94
C ARG V 2191 -115.11 -6.61 37.44
N GLU V 2192 -114.00 -6.04 37.93
CA GLU V 2192 -113.64 -6.22 39.34
C GLU V 2192 -114.70 -5.61 40.26
N SER V 2193 -115.27 -4.46 39.85
CA SER V 2193 -116.29 -3.82 40.67
C SER V 2193 -117.52 -4.72 40.83
N ILE V 2194 -118.02 -5.28 39.72
CA ILE V 2194 -119.21 -6.12 39.80
C ILE V 2194 -118.90 -7.42 40.51
N VAL V 2195 -117.67 -7.92 40.40
CA VAL V 2195 -117.28 -9.10 41.15
C VAL V 2195 -117.33 -8.82 42.65
N GLN V 2196 -116.81 -7.68 43.08
CA GLN V 2196 -116.86 -7.31 44.49
C GLN V 2196 -118.31 -7.13 44.95
N LYS V 2197 -119.15 -6.54 44.09
CA LYS V 2197 -120.55 -6.37 44.43
C LYS V 2197 -121.25 -7.72 44.61
N LEU V 2198 -120.95 -8.69 43.75
CA LEU V 2198 -121.51 -10.03 43.93
C LEU V 2198 -120.94 -10.70 45.17
N ASN V 2199 -119.70 -10.36 45.53
CA ASN V 2199 -119.10 -10.91 46.74
C ASN V 2199 -119.84 -10.45 47.99
N VAL V 2200 -120.15 -9.15 48.07
CA VAL V 2200 -120.73 -8.62 49.31
C VAL V 2200 -122.14 -9.16 49.53
N PHE V 2201 -122.88 -9.39 48.44
CA PHE V 2201 -124.24 -9.93 48.56
C PHE V 2201 -124.22 -11.32 49.22
N LYS V 2202 -123.23 -12.14 48.88
CA LYS V 2202 -123.14 -13.47 49.48
C LYS V 2202 -122.98 -13.39 51.00
N GLN V 2203 -122.10 -12.52 51.49
CA GLN V 2203 -121.94 -12.35 52.93
C GLN V 2203 -123.19 -11.77 53.59
N VAL V 2204 -123.85 -10.81 52.94
CA VAL V 2204 -125.07 -10.24 53.51
C VAL V 2204 -126.15 -11.30 53.61
N ALA V 2205 -126.25 -12.17 52.61
CA ALA V 2205 -127.25 -13.23 52.62
C ALA V 2205 -126.95 -14.33 53.63
N LYS V 2206 -125.74 -14.39 54.18
CA LYS V 2206 -125.39 -15.43 55.14
C LYS V 2206 -125.39 -14.93 56.58
N TYR V 2207 -125.01 -13.68 56.84
CA TYR V 2207 -125.09 -13.18 58.21
C TYR V 2207 -126.53 -13.16 58.70
N TYR V 2208 -127.43 -12.54 57.95
CA TYR V 2208 -128.86 -12.60 58.20
C TYR V 2208 -129.42 -13.73 57.36
N GLY V 2209 -130.51 -14.33 57.81
CA GLY V 2209 -131.07 -15.45 57.08
C GLY V 2209 -131.98 -15.01 55.96
N PHE V 2210 -131.45 -14.96 54.74
CA PHE V 2210 -132.21 -14.62 53.54
C PHE V 2210 -132.10 -15.81 52.59
N ASP V 2211 -133.10 -16.69 52.61
CA ASP V 2211 -133.05 -17.90 51.81
C ASP V 2211 -133.25 -17.60 50.32
N ILE V 2212 -134.13 -16.65 50.01
CA ILE V 2212 -134.45 -16.36 48.61
C ILE V 2212 -133.25 -15.78 47.88
N LEU V 2213 -132.55 -14.82 48.51
CA LEU V 2213 -131.36 -14.26 47.87
C LEU V 2213 -130.25 -15.29 47.77
N LEU V 2214 -130.11 -16.17 48.76
CA LEU V 2214 -129.12 -17.24 48.69
C LEU V 2214 -129.42 -18.18 47.52
N SER V 2215 -130.70 -18.49 47.30
CA SER V 2215 -131.07 -19.28 46.13
C SER V 2215 -130.77 -18.53 44.83
N CYS V 2216 -131.06 -17.23 44.81
CA CYS V 2216 -130.80 -16.44 43.60
C CYS V 2216 -129.31 -16.41 43.25
N ILE V 2217 -128.44 -16.36 44.27
CA ILE V 2217 -127.01 -16.41 44.02
C ILE V 2217 -126.58 -17.73 43.38
N ALA V 2218 -127.19 -18.85 43.77
CA ALA V 2218 -126.77 -20.17 43.30
C ALA V 2218 -127.40 -20.59 41.99
N ASP V 2219 -128.36 -19.84 41.46
CA ASP V 2219 -128.95 -20.12 40.16
C ASP V 2219 -128.25 -19.38 39.03
N LEU V 2220 -127.20 -18.63 39.33
CA LEU V 2220 -126.46 -17.88 38.33
C LEU V 2220 -125.52 -18.79 37.54
N GLU W 180 33.18 44.27 23.67
CA GLU W 180 34.48 43.61 23.60
C GLU W 180 34.94 43.14 24.97
N LEU W 181 35.82 42.14 24.99
CA LEU W 181 36.34 41.58 26.22
C LEU W 181 37.82 41.95 26.35
N THR W 182 38.43 41.49 27.45
CA THR W 182 39.82 41.77 27.77
C THR W 182 40.48 40.47 28.22
N LEU W 183 41.81 40.44 28.19
CA LEU W 183 42.53 39.24 28.61
C LEU W 183 42.16 38.83 30.03
N GLU W 184 41.77 39.79 30.87
CA GLU W 184 41.30 39.46 32.21
C GLU W 184 39.95 38.75 32.16
N SER W 185 39.12 39.10 31.18
CA SER W 185 37.77 38.56 31.07
C SER W 185 37.72 37.15 30.49
N LEU W 186 38.80 36.71 29.83
CA LEU W 186 38.82 35.35 29.30
C LEU W 186 39.03 34.31 30.41
N SER W 187 39.42 34.76 31.61
CA SER W 187 39.62 33.82 32.71
C SER W 187 38.30 33.19 33.13
N ASN W 188 37.27 34.00 33.33
CA ASN W 188 35.96 33.48 33.66
C ASN W 188 35.35 32.74 32.47
N VAL W 189 34.73 31.60 32.76
CA VAL W 189 34.22 30.73 31.69
C VAL W 189 32.73 30.51 31.91
N LYS W 190 31.99 30.31 30.81
CA LYS W 190 30.57 30.01 30.85
C LYS W 190 30.35 28.78 29.99
N ALA W 191 29.08 28.38 29.88
CA ALA W 191 28.57 27.24 29.10
C ALA W 191 29.05 25.91 29.66
N ASN W 192 29.79 25.89 30.78
CA ASN W 192 30.23 24.67 31.45
C ASN W 192 31.12 23.80 30.56
N SER W 193 31.57 24.34 29.44
CA SER W 193 32.47 23.64 28.53
C SER W 193 33.39 24.66 27.87
N TYR W 194 34.67 24.31 27.75
CA TYR W 194 35.63 25.25 27.18
C TYR W 194 35.43 25.41 25.67
N SER W 195 35.02 24.33 24.99
CA SER W 195 34.84 24.42 23.54
C SER W 195 33.77 25.43 23.16
N GLU W 196 32.63 25.38 23.85
CA GLU W 196 31.55 26.33 23.57
C GLU W 196 31.97 27.75 23.95
N TRP W 197 32.74 27.88 25.03
CA TRP W 197 33.23 29.20 25.42
C TRP W 197 34.14 29.79 24.37
N ILE W 198 35.00 28.96 23.77
CA ILE W 198 35.92 29.43 22.74
C ILE W 198 35.16 29.78 21.45
N THR W 199 34.15 28.97 21.10
CA THR W 199 33.53 29.14 19.80
C THR W 199 32.49 30.26 19.78
N GLN W 200 32.27 30.94 20.90
CA GLN W 200 31.30 32.04 20.91
C GLN W 200 31.82 33.21 20.06
N PRO W 201 30.94 33.91 19.36
CA PRO W 201 31.41 34.97 18.43
C PRO W 201 32.19 36.09 19.11
N ASN W 202 31.81 36.47 20.33
CA ASN W 202 32.50 37.58 20.98
C ASN W 202 33.86 37.17 21.51
N VAL W 203 33.98 35.93 21.99
CA VAL W 203 35.25 35.44 22.51
C VAL W 203 36.25 35.23 21.37
N SER W 204 35.78 34.70 20.24
CA SER W 204 36.64 34.40 19.11
C SER W 204 37.18 35.65 18.41
N ARG W 205 36.65 36.84 18.71
CA ARG W 205 37.21 38.08 18.20
C ARG W 205 38.32 38.62 19.09
N THR W 206 38.21 38.45 20.40
CA THR W 206 39.30 38.78 21.30
C THR W 206 40.48 37.81 21.18
N ILE W 207 40.17 36.52 20.99
CA ILE W 207 41.23 35.53 20.83
C ILE W 207 42.08 35.83 19.60
N ALA W 208 41.43 36.15 18.48
CA ALA W 208 42.17 36.45 17.26
C ALA W 208 43.06 37.67 17.42
N ARG W 209 42.54 38.73 18.03
CA ARG W 209 43.33 39.94 18.24
C ARG W 209 44.52 39.67 19.16
N GLU W 210 44.30 38.93 20.24
CA GLU W 210 45.41 38.62 21.14
C GLU W 210 46.47 37.77 20.46
N LEU W 211 46.04 36.80 19.65
CA LEU W 211 46.99 35.96 18.92
C LEU W 211 47.78 36.78 17.91
N LYS W 212 47.12 37.72 17.22
CA LYS W 212 47.84 38.58 16.28
C LYS W 212 48.82 39.49 17.00
N SER W 213 48.45 40.02 18.16
CA SER W 213 49.38 40.83 18.94
C SER W 213 50.58 40.01 19.39
N PHE W 214 50.34 38.76 19.78
CA PHE W 214 51.45 37.88 20.15
C PHE W 214 52.37 37.64 18.96
N LEU W 215 51.79 37.39 17.78
CA LEU W 215 52.60 37.15 16.59
C LEU W 215 53.42 38.38 16.21
N LEU W 216 52.85 39.57 16.36
CA LEU W 216 53.52 40.77 15.85
C LEU W 216 54.52 41.33 16.85
N GLU W 217 54.20 41.30 18.14
CA GLU W 217 54.90 42.11 19.13
C GLU W 217 55.86 41.32 20.02
N TYR W 218 55.95 40.00 19.85
CA TYR W 218 56.83 39.23 20.72
C TYR W 218 58.30 39.49 20.40
N THR W 219 59.10 39.66 21.45
CA THR W 219 60.54 39.84 21.33
C THR W 219 61.24 38.98 22.37
N ASP W 220 62.41 38.48 22.01
CA ASP W 220 63.22 37.69 22.91
C ASP W 220 64.17 38.60 23.70
N GLU W 221 65.16 38.01 24.37
CA GLU W 221 66.07 38.78 25.20
C GLU W 221 66.84 39.81 24.39
N THR W 222 67.32 39.42 23.20
CA THR W 222 68.12 40.33 22.40
C THR W 222 67.31 41.44 21.76
N GLY W 223 65.97 41.34 21.77
CA GLY W 223 65.13 42.41 21.28
C GLY W 223 64.70 42.30 19.83
N ARG W 224 64.87 41.14 19.20
CA ARG W 224 64.48 40.95 17.80
C ARG W 224 63.22 40.09 17.72
N SER W 225 62.24 40.54 16.95
CA SER W 225 61.02 39.78 16.75
C SER W 225 61.34 38.53 15.93
N VAL W 226 61.02 37.36 16.49
CA VAL W 226 61.39 36.10 15.85
C VAL W 226 60.35 35.69 14.81
N TYR W 227 59.07 35.93 15.08
CA TYR W 227 58.03 35.46 14.17
C TYR W 227 57.98 36.29 12.90
N GLY W 228 58.36 37.57 12.98
CA GLY W 228 58.51 38.36 11.77
C GLY W 228 59.57 37.80 10.85
N ALA W 229 60.71 37.40 11.42
CA ALA W 229 61.77 36.77 10.62
C ALA W 229 61.32 35.44 10.05
N ARG W 230 60.59 34.65 10.85
CA ARG W 230 60.09 33.37 10.34
C ARG W 230 59.12 33.58 9.18
N ILE W 231 58.24 34.58 9.28
CA ILE W 231 57.33 34.89 8.19
C ILE W 231 58.10 35.36 6.96
N ARG W 232 59.16 36.17 7.16
CA ARG W 232 59.98 36.61 6.03
C ARG W 232 60.61 35.42 5.32
N THR W 233 61.15 34.46 6.07
CA THR W 233 61.72 33.26 5.48
C THR W 233 60.68 32.37 4.82
N LEU W 234 59.45 32.35 5.35
CA LEU W 234 58.40 31.50 4.82
C LEU W 234 58.15 31.78 3.35
N GLY W 235 57.97 33.05 2.98
CA GLY W 235 57.73 33.39 1.59
C GLY W 235 58.93 33.10 0.71
N GLU W 236 60.14 33.37 1.22
CA GLU W 236 61.34 33.07 0.45
C GLU W 236 61.42 31.59 0.09
N MET W 237 61.16 30.72 1.05
CA MET W 237 61.25 29.29 0.82
C MET W 237 60.00 28.70 0.18
N ASN W 238 58.98 29.53 -0.08
CA ASN W 238 57.68 29.07 -0.57
C ASN W 238 57.10 28.01 0.35
N SER W 239 57.27 28.21 1.65
CA SER W 239 56.78 27.27 2.65
C SER W 239 55.27 27.42 2.82
N GLU W 240 54.67 26.43 3.46
CA GLU W 240 53.24 26.38 3.68
C GLU W 240 52.90 26.26 5.16
N SER W 241 53.93 26.29 6.02
CA SER W 241 53.73 26.05 7.44
C SER W 241 54.52 27.06 8.26
N LEU W 242 54.04 27.31 9.47
CA LEU W 242 54.70 28.19 10.43
C LEU W 242 54.91 27.43 11.74
N GLU W 243 56.10 27.59 12.33
CA GLU W 243 56.45 26.91 13.56
C GLU W 243 56.37 27.90 14.71
N VAL W 244 55.57 27.57 15.72
CA VAL W 244 55.35 28.42 16.88
C VAL W 244 55.74 27.63 18.12
N ASN W 245 56.58 28.22 18.96
CA ASN W 245 57.01 27.55 20.18
C ASN W 245 55.97 27.71 21.28
N TYR W 246 55.74 26.63 22.03
CA TYR W 246 54.73 26.66 23.08
C TYR W 246 55.20 27.46 24.29
N ARG W 247 56.52 27.45 24.55
CA ARG W 247 57.05 28.19 25.69
C ARG W 247 56.85 29.69 25.52
N HIS W 248 57.02 30.20 24.30
CA HIS W 248 56.82 31.62 24.05
C HIS W 248 55.38 32.03 24.32
N LEU W 249 54.43 31.23 23.86
CA LEU W 249 53.02 31.58 24.02
C LEU W 249 52.52 31.25 25.42
N ALA W 250 53.28 30.47 26.18
CA ALA W 250 52.92 30.21 27.57
C ALA W 250 53.47 31.28 28.49
N GLU W 251 54.68 31.79 28.20
CA GLU W 251 55.29 32.81 29.05
C GLU W 251 54.45 34.08 29.07
N SER W 252 53.94 34.50 27.92
CA SER W 252 53.01 35.61 27.80
C SER W 252 51.71 35.10 27.20
N LYS W 253 50.59 35.56 27.75
CA LYS W 253 49.26 35.09 27.35
C LYS W 253 49.10 33.61 27.65
N ALA W 254 49.23 33.27 28.95
CA ALA W 254 49.19 31.88 29.37
C ALA W 254 47.80 31.28 29.26
N ILE W 255 46.76 32.13 29.30
CA ILE W 255 45.40 31.62 29.16
C ILE W 255 45.19 31.03 27.78
N LEU W 256 45.73 31.68 26.74
CA LEU W 256 45.66 31.12 25.40
C LEU W 256 46.42 29.82 25.31
N ALA W 257 47.54 29.71 26.05
CA ALA W 257 48.29 28.45 26.08
C ALA W 257 47.45 27.33 26.69
N LEU W 258 46.76 27.61 27.80
CA LEU W 258 45.91 26.60 28.41
C LEU W 258 44.77 26.21 27.46
N PHE W 259 44.17 27.20 26.80
CA PHE W 259 43.09 26.92 25.86
C PHE W 259 43.57 26.05 24.71
N LEU W 260 44.77 26.34 24.18
CA LEU W 260 45.34 25.50 23.13
C LEU W 260 45.63 24.09 23.64
N ALA W 261 46.10 23.98 24.89
CA ALA W 261 46.39 22.67 25.46
C ALA W 261 45.14 21.82 25.57
N LYS W 262 44.02 22.41 26.01
CA LYS W 262 42.82 21.60 26.24
C LYS W 262 42.00 21.42 24.96
N CYS W 263 41.85 22.48 24.16
CA CYS W 263 40.99 22.46 22.97
C CYS W 263 41.82 22.81 21.73
N PRO W 264 42.42 21.81 21.09
CA PRO W 264 43.27 22.10 19.92
C PRO W 264 42.48 22.44 18.66
N GLU W 265 41.39 21.71 18.39
CA GLU W 265 40.76 21.80 17.07
C GLU W 265 40.21 23.19 16.80
N GLU W 266 39.54 23.81 17.76
CA GLU W 266 38.96 25.11 17.53
C GLU W 266 40.01 26.22 17.57
N MET W 267 41.03 26.06 18.42
CA MET W 267 42.09 27.07 18.47
C MET W 267 42.91 27.10 17.19
N LEU W 268 43.20 25.93 16.62
CA LEU W 268 44.04 25.85 15.43
C LEU W 268 43.39 26.49 14.21
N LYS W 269 42.07 26.38 14.05
CA LYS W 269 41.40 27.04 12.93
C LYS W 269 41.57 28.56 13.00
N ILE W 270 41.39 29.14 14.18
CA ILE W 270 41.57 30.58 14.34
C ILE W 270 43.02 30.96 14.15
N PHE W 271 43.94 30.15 14.68
CA PHE W 271 45.35 30.54 14.66
C PHE W 271 45.91 30.45 13.26
N ASP W 272 45.43 29.51 12.44
CA ASP W 272 45.83 29.46 11.04
C ASP W 272 45.38 30.71 10.29
N LEU W 273 44.15 31.16 10.53
CA LEU W 273 43.65 32.36 9.87
C LEU W 273 44.46 33.58 10.26
N VAL W 274 44.74 33.73 11.56
CA VAL W 274 45.51 34.90 11.99
C VAL W 274 46.94 34.81 11.47
N ALA W 275 47.47 33.58 11.34
CA ALA W 275 48.81 33.42 10.77
C ALA W 275 48.84 33.85 9.31
N MET W 276 47.81 33.49 8.53
CA MET W 276 47.77 33.93 7.14
C MET W 276 47.61 35.45 7.05
N GLU W 277 46.79 36.03 7.93
CA GLU W 277 46.64 37.49 7.94
C GLU W 277 47.98 38.17 8.27
N ALA W 278 48.73 37.64 9.22
CA ALA W 278 50.03 38.19 9.55
C ALA W 278 51.02 38.01 8.40
N THR W 279 50.94 36.88 7.70
CA THR W 279 51.81 36.63 6.56
C THR W 279 51.53 37.58 5.41
N GLU W 280 50.28 37.97 5.20
CA GLU W 280 49.95 38.88 4.11
C GLU W 280 50.28 40.33 4.41
N LEU W 281 51.08 40.59 5.46
CA LEU W 281 51.62 41.91 5.72
C LEU W 281 53.05 42.08 5.22
N HIS W 282 53.76 40.97 4.97
CA HIS W 282 55.07 40.99 4.35
C HIS W 282 55.04 40.60 2.88
N TYR W 283 54.13 39.71 2.49
CA TYR W 283 54.00 39.28 1.10
C TYR W 283 52.55 39.43 0.69
N PRO W 284 52.13 40.62 0.29
CA PRO W 284 50.81 40.78 -0.32
C PRO W 284 50.73 40.00 -1.62
N ASP W 285 49.52 39.55 -1.94
CA ASP W 285 49.21 38.70 -3.09
C ASP W 285 49.81 37.30 -2.93
N TYR W 286 50.16 36.90 -1.71
CA TYR W 286 50.70 35.56 -1.49
C TYR W 286 49.65 34.47 -1.67
N ALA W 287 48.37 34.84 -1.76
CA ALA W 287 47.32 33.85 -1.94
C ALA W 287 47.41 33.15 -3.28
N ARG W 288 48.16 33.71 -4.24
CA ARG W 288 48.33 33.04 -5.52
C ARG W 288 49.33 31.89 -5.44
N ILE W 289 50.19 31.87 -4.42
CA ILE W 289 51.08 30.74 -4.21
C ILE W 289 50.40 29.66 -3.38
N HIS W 290 50.05 29.99 -2.13
CA HIS W 290 49.37 29.07 -1.24
C HIS W 290 48.15 29.76 -0.65
N SER W 291 47.07 29.00 -0.49
CA SER W 291 45.80 29.56 -0.04
C SER W 291 45.61 29.51 1.47
N GLU W 292 46.29 28.60 2.17
CA GLU W 292 46.19 28.52 3.63
C GLU W 292 47.58 28.35 4.22
N ILE W 293 47.75 28.86 5.44
CA ILE W 293 48.99 28.71 6.20
C ILE W 293 48.70 27.80 7.39
N HIS W 294 49.49 26.74 7.53
CA HIS W 294 49.34 25.80 8.63
C HIS W 294 50.32 26.14 9.75
N VAL W 295 49.94 25.80 10.97
CA VAL W 295 50.73 26.13 12.16
C VAL W 295 51.21 24.83 12.81
N ARG W 296 52.50 24.77 13.10
CA ARG W 296 53.14 23.59 13.68
C ARG W 296 53.57 23.92 15.10
N ILE W 297 52.99 23.24 16.08
CA ILE W 297 53.30 23.51 17.47
C ILE W 297 54.56 22.76 17.87
N SER W 298 55.38 23.38 18.70
CA SER W 298 56.68 22.83 19.09
C SER W 298 56.86 22.92 20.60
N ASP W 299 57.65 21.98 21.12
CA ASP W 299 58.07 21.98 22.52
C ASP W 299 56.88 21.97 23.48
N PHE W 300 55.97 21.03 23.28
CA PHE W 300 54.91 20.80 24.25
C PHE W 300 55.52 20.28 25.56
N PRO W 301 55.10 20.80 26.71
CA PRO W 301 55.81 20.46 27.96
C PRO W 301 55.70 19.00 28.37
N THR W 302 54.50 18.42 28.34
CA THR W 302 54.28 17.06 28.83
C THR W 302 54.45 16.05 27.71
N ILE W 303 55.27 15.04 27.96
CA ILE W 303 55.53 13.97 27.00
C ILE W 303 54.97 12.68 27.57
N TYR W 304 54.16 11.98 26.78
CA TYR W 304 53.55 10.72 27.19
C TYR W 304 54.19 9.56 26.44
N SER W 305 53.94 8.36 26.96
CA SER W 305 54.26 7.12 26.26
C SER W 305 52.95 6.48 25.79
N LEU W 306 53.07 5.60 24.79
CA LEU W 306 51.88 4.96 24.24
C LEU W 306 51.21 4.07 25.26
N ARG W 307 51.96 3.60 26.26
CA ARG W 307 51.40 2.71 27.27
C ARG W 307 50.51 3.44 28.26
N GLU W 308 50.69 4.75 28.44
CA GLU W 308 50.00 5.51 29.47
C GLU W 308 48.92 6.44 28.90
N LEU W 309 48.40 6.13 27.73
CA LEU W 309 47.29 6.89 27.16
C LEU W 309 45.97 6.34 27.70
N ARG W 310 45.13 7.23 28.22
CA ARG W 310 43.84 6.85 28.79
C ARG W 310 42.74 7.70 28.18
N GLU W 311 41.52 7.50 28.67
CA GLU W 311 40.37 8.20 28.12
C GLU W 311 40.31 9.67 28.53
N SER W 312 41.05 10.06 29.57
CA SER W 312 41.06 11.45 29.98
C SER W 312 41.81 12.34 28.99
N ASN W 313 42.59 11.74 28.10
CA ASN W 313 43.35 12.48 27.10
C ASN W 313 42.58 12.62 25.79
N LEU W 314 41.32 12.22 25.76
CA LEU W 314 40.51 12.31 24.55
C LEU W 314 40.26 13.76 24.17
N SER W 315 40.40 14.05 22.88
CA SER W 315 40.20 15.39 22.33
C SER W 315 41.11 16.41 23.02
N SER W 316 42.40 16.11 23.04
CA SER W 316 43.38 17.02 23.61
C SER W 316 44.71 16.84 22.89
N LEU W 317 45.57 17.84 23.03
CA LEU W 317 46.89 17.79 22.39
C LEU W 317 47.84 16.95 23.23
N VAL W 318 48.54 16.04 22.57
CA VAL W 318 49.45 15.11 23.23
C VAL W 318 50.76 15.05 22.46
N ARG W 319 51.81 14.60 23.14
CA ARG W 319 53.15 14.45 22.59
C ARG W 319 53.59 13.01 22.85
N VAL W 320 53.88 12.25 21.79
CA VAL W 320 54.14 10.83 21.90
C VAL W 320 55.34 10.46 21.04
N THR W 321 56.26 9.69 21.60
CA THR W 321 57.43 9.18 20.90
C THR W 321 57.17 7.75 20.46
N GLY W 322 57.73 7.38 19.31
CA GLY W 322 57.53 6.03 18.81
C GLY W 322 58.48 5.71 17.69
N VAL W 323 58.29 4.54 17.09
CA VAL W 323 59.10 4.06 15.99
C VAL W 323 58.19 3.78 14.81
N VAL W 324 58.47 4.40 13.67
CA VAL W 324 57.68 4.17 12.46
C VAL W 324 57.89 2.73 12.01
N THR W 325 56.79 2.08 11.65
CA THR W 325 56.83 0.68 11.21
C THR W 325 56.36 0.48 9.78
N ARG W 326 55.20 1.03 9.40
CA ARG W 326 54.63 0.80 8.08
C ARG W 326 53.91 2.07 7.62
N ARG W 327 53.97 2.32 6.31
CA ARG W 327 53.43 3.54 5.72
C ARG W 327 52.56 3.19 4.53
N THR W 328 51.35 3.77 4.50
CA THR W 328 50.38 3.37 3.47
C THR W 328 50.75 3.92 2.10
N GLY W 329 51.20 5.16 2.03
CA GLY W 329 51.41 5.82 0.76
C GLY W 329 50.44 6.97 0.55
N VAL W 330 50.77 7.81 -0.43
CA VAL W 330 50.07 9.08 -0.62
C VAL W 330 48.92 8.89 -1.61
N PHE W 331 47.72 9.26 -1.18
CA PHE W 331 46.52 9.29 -2.02
C PHE W 331 45.81 10.63 -1.84
N PRO W 332 45.12 11.09 -2.88
CA PRO W 332 44.30 12.31 -2.73
C PRO W 332 43.03 12.03 -1.93
N GLN W 333 42.63 13.01 -1.13
CA GLN W 333 41.44 12.91 -0.30
C GLN W 333 40.58 14.14 -0.48
N LEU W 334 39.26 13.94 -0.47
CA LEU W 334 38.32 15.04 -0.63
C LEU W 334 38.43 16.02 0.54
N LYS W 335 38.26 17.30 0.23
CA LYS W 335 38.32 18.36 1.24
C LYS W 335 36.97 19.02 1.44
N TYR W 336 36.35 19.53 0.38
CA TYR W 336 35.00 20.09 0.43
C TYR W 336 34.08 19.16 -0.34
N VAL W 337 33.34 18.32 0.38
CA VAL W 337 32.50 17.29 -0.22
C VAL W 337 31.17 17.91 -0.62
N LYS W 338 30.69 17.53 -1.81
CA LYS W 338 29.44 18.02 -2.37
C LYS W 338 28.52 16.84 -2.69
N PHE W 339 27.22 17.10 -2.72
CA PHE W 339 26.24 16.09 -3.10
C PHE W 339 25.18 16.70 -4.01
N ASN W 340 24.60 15.85 -4.85
CA ASN W 340 23.55 16.23 -5.78
C ASN W 340 22.40 15.21 -5.69
N CYS W 341 21.18 15.73 -5.65
CA CYS W 341 19.97 14.92 -5.62
C CYS W 341 19.19 15.14 -6.91
N LEU W 342 18.67 14.06 -7.49
CA LEU W 342 18.18 14.10 -8.87
C LEU W 342 16.74 14.56 -8.95
N LYS W 343 15.86 14.02 -8.09
CA LYS W 343 14.44 14.31 -8.22
C LYS W 343 14.13 15.77 -7.95
N CYS W 344 14.87 16.39 -7.02
CA CYS W 344 14.81 17.83 -6.82
C CYS W 344 15.99 18.54 -7.46
N GLY W 345 16.97 17.79 -7.96
CA GLY W 345 18.14 18.39 -8.59
C GLY W 345 18.91 19.30 -7.67
N SER W 346 18.87 19.04 -6.37
CA SER W 346 19.47 19.95 -5.41
C SER W 346 20.97 19.72 -5.29
N ILE W 347 21.71 20.83 -5.17
CA ILE W 347 23.14 20.79 -4.88
C ILE W 347 23.33 21.21 -3.44
N LEU W 348 24.05 20.40 -2.67
CA LEU W 348 24.25 20.65 -1.26
C LEU W 348 25.51 21.48 -1.03
N GLY W 349 25.52 22.24 0.05
CA GLY W 349 26.64 23.09 0.38
C GLY W 349 27.88 22.29 0.70
N PRO W 350 29.05 22.92 0.58
CA PRO W 350 30.30 22.20 0.86
C PRO W 350 30.34 21.69 2.29
N PHE W 351 30.85 20.48 2.46
CA PHE W 351 30.98 19.87 3.78
C PHE W 351 32.46 19.58 4.05
N PHE W 352 32.93 19.95 5.23
CA PHE W 352 34.30 19.68 5.62
C PHE W 352 34.39 18.25 6.15
N GLN W 353 35.21 17.42 5.50
CA GLN W 353 35.30 16.02 5.86
C GLN W 353 36.19 15.84 7.10
N ASP W 354 35.80 14.91 7.96
CA ASP W 354 36.50 14.72 9.23
C ASP W 354 37.86 14.07 9.02
N SER W 355 38.08 13.48 7.84
CA SER W 355 39.31 12.78 7.47
C SER W 355 39.42 11.43 8.19
N ASN W 356 38.46 11.13 9.06
CA ASN W 356 38.36 9.81 9.67
C ASN W 356 36.93 9.29 9.75
N GLU W 357 35.94 10.09 9.34
CA GLU W 357 34.55 9.66 9.33
C GLU W 357 33.90 10.14 8.03
N GLU W 358 33.22 9.22 7.36
CA GLU W 358 32.57 9.55 6.10
C GLU W 358 31.45 10.54 6.31
N ILE W 359 31.36 11.53 5.43
CA ILE W 359 30.28 12.52 5.51
C ILE W 359 28.95 11.83 5.26
N ARG W 360 28.04 11.95 6.21
CA ARG W 360 26.74 11.31 6.15
C ARG W 360 25.66 12.39 6.04
N ILE W 361 24.93 12.38 4.94
CA ILE W 361 23.83 13.31 4.71
C ILE W 361 22.65 12.54 4.17
N SER W 362 21.47 12.74 4.76
CA SER W 362 20.26 12.08 4.31
C SER W 362 19.08 13.02 4.11
N PHE W 363 19.11 14.23 4.65
CA PHE W 363 18.00 15.16 4.57
C PHE W 363 18.27 16.24 3.53
N CYS W 364 17.23 16.60 2.79
CA CYS W 364 17.29 17.63 1.75
C CYS W 364 16.67 18.91 2.27
N THR W 365 17.32 20.04 1.98
CA THR W 365 16.71 21.34 2.28
C THR W 365 15.60 21.65 1.30
N ASN W 366 15.63 21.05 0.11
CA ASN W 366 14.65 21.30 -0.94
C ASN W 366 13.78 20.08 -1.25
N CYS W 367 14.40 18.91 -1.41
CA CYS W 367 13.65 17.70 -1.78
C CYS W 367 12.70 17.26 -0.67
N LYS W 368 12.99 17.65 0.58
CA LYS W 368 12.20 17.32 1.76
C LYS W 368 12.09 15.83 2.02
N SER W 369 12.83 14.98 1.30
CA SER W 369 12.69 13.55 1.46
C SER W 369 13.99 12.88 1.04
N LYS W 370 14.06 11.57 1.31
CA LYS W 370 15.23 10.79 0.93
C LYS W 370 15.39 10.76 -0.58
N GLY W 371 16.62 11.00 -1.04
CA GLY W 371 16.91 10.99 -2.45
C GLY W 371 18.32 10.50 -2.74
N PRO W 372 18.53 9.93 -3.93
CA PRO W 372 19.87 9.49 -4.32
C PRO W 372 20.86 10.65 -4.30
N PHE W 373 22.08 10.41 -3.82
CA PHE W 373 23.09 11.45 -3.67
C PHE W 373 24.31 11.07 -4.49
N ARG W 374 24.73 11.97 -5.37
CA ARG W 374 25.95 11.78 -6.15
C ARG W 374 27.12 12.45 -5.44
N VAL W 375 28.32 12.26 -6.00
CA VAL W 375 29.54 12.84 -5.46
C VAL W 375 29.84 14.20 -6.07
N ASN W 376 28.98 14.67 -6.98
CA ASN W 376 29.21 15.91 -7.73
C ASN W 376 30.56 15.86 -8.45
N GLY W 377 30.65 14.95 -9.43
CA GLY W 377 31.87 14.70 -10.16
C GLY W 377 32.55 15.95 -10.68
N GLU W 378 33.87 16.03 -10.47
CA GLU W 378 34.71 17.15 -10.88
C GLU W 378 34.35 18.42 -10.10
N LYS W 379 35.15 19.47 -10.27
CA LYS W 379 34.98 20.73 -9.54
C LYS W 379 35.01 20.47 -8.04
N THR W 380 36.19 20.09 -7.54
CA THR W 380 36.39 19.81 -6.13
C THR W 380 37.85 19.99 -5.76
N VAL W 381 38.11 20.14 -4.46
CA VAL W 381 39.45 20.37 -3.94
C VAL W 381 39.90 19.16 -3.15
N TYR W 382 41.14 18.75 -3.36
CA TYR W 382 41.72 17.57 -2.72
C TYR W 382 42.85 17.96 -1.78
N ARG W 383 43.22 17.02 -0.91
CA ARG W 383 44.37 17.15 -0.04
C ARG W 383 45.16 15.85 -0.07
N ASN W 384 46.43 15.93 0.35
CA ASN W 384 47.26 14.74 0.44
C ASN W 384 47.04 14.05 1.78
N TYR W 385 46.87 12.73 1.75
CA TYR W 385 46.57 11.93 2.92
C TYR W 385 47.50 10.73 2.99
N GLN W 386 47.92 10.39 4.21
CA GLN W 386 48.77 9.23 4.41
C GLN W 386 48.55 8.70 5.82
N ARG W 387 48.86 7.43 6.03
CA ARG W 387 48.68 6.78 7.32
C ARG W 387 49.92 5.98 7.70
N VAL W 388 50.25 6.02 8.99
CA VAL W 388 51.43 5.36 9.52
C VAL W 388 51.08 4.69 10.85
N THR W 389 51.89 3.73 11.24
CA THR W 389 51.72 3.00 12.51
C THR W 389 52.96 3.23 13.37
N LEU W 390 52.75 3.66 14.62
CA LEU W 390 53.85 3.90 15.54
C LEU W 390 53.86 2.83 16.63
N GLN W 391 54.94 2.06 16.68
CA GLN W 391 55.20 1.16 17.78
C GLN W 391 55.99 1.88 18.87
N GLU W 392 56.03 1.28 20.05
CA GLU W 392 56.85 1.84 21.11
C GLU W 392 58.33 1.54 20.87
N ALA W 393 59.17 2.50 21.23
CA ALA W 393 60.60 2.33 21.07
C ALA W 393 61.12 1.25 22.01
N PRO W 394 62.10 0.44 21.55
CA PRO W 394 62.62 -0.62 22.42
C PRO W 394 63.21 -0.12 23.72
N GLY W 395 63.82 1.07 23.71
CA GLY W 395 64.37 1.62 24.94
C GLY W 395 63.30 1.96 25.97
N THR W 396 62.18 2.51 25.51
CA THR W 396 61.09 2.88 26.40
C THR W 396 60.37 1.68 26.98
N VAL W 397 60.20 0.62 26.19
CA VAL W 397 59.48 -0.58 26.61
C VAL W 397 60.22 -1.22 27.78
N PRO W 398 59.51 -1.62 28.84
CA PRO W 398 60.15 -2.36 29.93
C PRO W 398 60.77 -3.65 29.41
N PRO W 399 61.89 -4.07 29.99
CA PRO W 399 62.58 -5.26 29.47
C PRO W 399 61.72 -6.51 29.61
N GLY W 400 61.37 -7.11 28.47
CA GLY W 400 60.65 -8.36 28.43
C GLY W 400 59.16 -8.26 28.22
N ARG W 401 58.63 -7.07 27.95
CA ARG W 401 57.20 -6.87 27.77
C ARG W 401 56.89 -6.57 26.31
N LEU W 402 55.64 -6.86 25.93
CA LEU W 402 55.20 -6.66 24.55
C LEU W 402 54.95 -5.17 24.28
N PRO W 403 55.30 -4.69 23.10
CA PRO W 403 55.08 -3.27 22.79
C PRO W 403 53.64 -2.98 22.42
N ARG W 404 53.31 -1.70 22.38
CA ARG W 404 52.01 -1.22 21.98
C ARG W 404 52.14 -0.35 20.74
N HIS W 405 51.05 -0.26 19.97
CA HIS W 405 51.08 0.47 18.72
C HIS W 405 49.82 1.31 18.58
N ARG W 406 49.92 2.35 17.75
CA ARG W 406 48.81 3.26 17.47
C ARG W 406 48.91 3.72 16.03
N GLU W 407 47.80 4.28 15.53
CA GLU W 407 47.70 4.75 14.16
C GLU W 407 47.72 6.27 14.10
N VAL W 408 48.44 6.80 13.12
CA VAL W 408 48.63 8.25 12.96
C VAL W 408 48.29 8.62 11.53
N ILE W 409 47.50 9.68 11.38
CA ILE W 409 47.09 10.21 10.09
C ILE W 409 47.89 11.48 9.80
N LEU W 410 48.58 11.48 8.66
CA LEU W 410 49.39 12.60 8.21
C LEU W 410 48.66 13.28 7.06
N LEU W 411 48.44 14.58 7.17
CA LEU W 411 47.76 15.34 6.15
C LEU W 411 48.77 16.03 5.23
N ALA W 412 48.28 16.96 4.41
CA ALA W 412 49.13 17.64 3.44
C ALA W 412 50.24 18.41 4.15
N ASP W 413 51.38 18.51 3.48
CA ASP W 413 52.62 19.16 3.90
C ASP W 413 53.38 18.28 4.89
N LEU W 414 52.75 17.21 5.39
CA LEU W 414 53.40 16.31 6.34
C LEU W 414 53.63 14.92 5.76
N VAL W 415 53.33 14.71 4.48
CA VAL W 415 53.48 13.39 3.88
C VAL W 415 54.94 13.17 3.49
N ASP W 416 55.41 11.94 3.66
CA ASP W 416 56.74 11.45 3.32
C ASP W 416 57.84 12.07 4.17
N VAL W 417 57.49 12.79 5.24
CA VAL W 417 58.53 13.33 6.13
C VAL W 417 59.17 12.19 6.92
N SER W 418 58.36 11.28 7.45
CA SER W 418 58.85 10.16 8.24
C SER W 418 59.04 8.94 7.34
N LYS W 419 60.07 8.15 7.63
CA LYS W 419 60.40 7.02 6.78
C LYS W 419 60.32 5.72 7.57
N PRO W 420 60.02 4.60 6.91
CA PRO W 420 59.88 3.33 7.65
C PRO W 420 61.20 2.84 8.23
N GLY W 421 61.29 2.87 9.56
CA GLY W 421 62.49 2.43 10.24
C GLY W 421 63.04 3.48 11.19
N GLU W 422 62.67 4.74 10.97
CA GLU W 422 63.15 5.83 11.81
C GLU W 422 62.38 5.85 13.14
N GLU W 423 62.93 6.60 14.09
CA GLU W 423 62.29 6.84 15.38
C GLU W 423 61.90 8.32 15.45
N VAL W 424 60.64 8.58 15.78
CA VAL W 424 60.03 9.88 15.57
C VAL W 424 59.30 10.30 16.85
N GLU W 425 59.04 11.60 16.97
CA GLU W 425 58.22 12.17 18.02
C GLU W 425 57.12 12.99 17.36
N VAL W 426 55.87 12.69 17.70
CA VAL W 426 54.72 13.30 17.05
C VAL W 426 53.89 14.04 18.09
N THR W 427 53.54 15.28 17.78
CA THR W 427 52.55 16.03 18.55
C THR W 427 51.25 16.05 17.76
N GLY W 428 50.15 15.71 18.43
CA GLY W 428 48.90 15.57 17.71
C GLY W 428 47.70 15.60 18.62
N ILE W 429 46.56 15.20 18.07
CA ILE W 429 45.28 15.19 18.77
C ILE W 429 44.81 13.75 18.89
N TYR W 430 44.38 13.36 20.08
CA TYR W 430 43.94 11.99 20.33
C TYR W 430 42.42 11.92 20.23
N LYS W 431 41.93 11.07 19.34
CA LYS W 431 40.52 11.04 18.98
C LYS W 431 39.97 9.62 19.14
N ASN W 432 38.64 9.51 19.02
CA ASN W 432 37.93 8.25 19.11
C ASN W 432 36.89 8.14 18.01
N ASN W 433 36.54 6.91 17.65
CA ASN W 433 35.57 6.66 16.59
C ASN W 433 34.93 5.29 16.84
N TYR W 434 33.73 5.11 16.30
CA TYR W 434 32.96 3.89 16.50
C TYR W 434 33.27 2.88 15.40
N ASP W 435 33.60 1.65 15.79
CA ASP W 435 33.93 0.58 14.85
C ASP W 435 33.03 -0.61 15.13
N GLY W 436 32.37 -1.12 14.08
CA GLY W 436 31.48 -2.25 14.25
C GLY W 436 32.20 -3.55 14.59
N ASN W 437 33.32 -3.80 13.92
CA ASN W 437 34.07 -5.04 14.17
C ASN W 437 34.63 -5.08 15.58
N LEU W 438 35.11 -3.95 16.08
CA LEU W 438 35.65 -3.91 17.44
C LEU W 438 34.58 -4.24 18.47
N ASN W 439 33.36 -3.74 18.28
CA ASN W 439 32.23 -4.08 19.14
C ASN W 439 31.79 -5.52 18.96
N ALA W 440 31.91 -6.06 17.75
CA ALA W 440 31.46 -7.42 17.50
C ALA W 440 32.38 -8.45 18.13
N LYS W 441 33.71 -8.25 18.00
CA LYS W 441 34.66 -9.24 18.49
C LYS W 441 34.76 -9.22 20.01
N ASN W 442 35.05 -8.05 20.58
CA ASN W 442 35.24 -7.95 22.03
C ASN W 442 33.95 -8.26 22.78
N GLY W 443 32.82 -7.76 22.28
CA GLY W 443 31.54 -7.98 22.92
C GLY W 443 31.04 -6.85 23.78
N PHE W 444 31.74 -5.71 23.81
CA PHE W 444 31.37 -4.53 24.58
C PHE W 444 31.47 -3.32 23.69
N PRO W 445 30.71 -2.25 23.99
CA PRO W 445 30.72 -1.05 23.13
C PRO W 445 32.02 -0.25 23.26
N VAL W 446 33.12 -0.83 22.83
CA VAL W 446 34.41 -0.16 22.87
C VAL W 446 34.64 0.59 21.56
N PHE W 447 35.50 1.61 21.61
CA PHE W 447 35.75 2.49 20.49
C PHE W 447 37.20 2.41 20.05
N ALA W 448 37.43 2.76 18.79
CA ALA W 448 38.78 2.80 18.25
C ALA W 448 39.37 4.20 18.40
N THR W 449 40.69 4.25 18.53
CA THR W 449 41.41 5.50 18.72
C THR W 449 42.43 5.69 17.61
N ILE W 450 42.75 6.95 17.32
CA ILE W 450 43.70 7.30 16.26
C ILE W 450 44.20 8.72 16.55
N ILE W 451 45.39 9.03 16.05
CA ILE W 451 46.02 10.33 16.31
C ILE W 451 46.16 11.06 14.98
N GLU W 452 45.66 12.29 14.91
CA GLU W 452 45.87 13.15 13.75
C GLU W 452 47.10 14.00 13.99
N ALA W 453 48.15 13.79 13.18
CA ALA W 453 49.45 14.37 13.45
C ALA W 453 49.46 15.87 13.19
N ASN W 454 50.06 16.61 14.12
CA ASN W 454 50.30 18.04 13.97
C ASN W 454 51.75 18.39 13.72
N SER W 455 52.67 17.84 14.52
CA SER W 455 54.09 18.16 14.40
C SER W 455 54.90 16.87 14.43
N ILE W 456 56.01 16.87 13.69
CA ILE W 456 56.90 15.72 13.56
C ILE W 456 58.32 16.19 13.86
N LYS W 457 59.02 15.45 14.72
CA LYS W 457 60.42 15.71 15.01
C LYS W 457 61.21 14.41 14.96
N ARG W 458 62.33 14.43 14.24
CA ARG W 458 63.16 13.23 14.12
C ARG W 458 64.13 13.11 15.27
N ARG W 459 64.29 11.89 15.78
CA ARG W 459 65.17 11.59 16.89
C ARG W 459 66.04 10.37 16.61
N GLU W 460 66.35 10.12 15.34
CA GLU W 460 67.13 8.95 14.95
C GLU W 460 68.62 9.29 15.06
N GLY W 461 69.28 8.74 16.08
CA GLY W 461 70.68 9.01 16.32
C GLY W 461 70.95 10.19 17.23
N ASN W 462 69.92 10.90 17.66
CA ASN W 462 70.07 12.14 18.43
C ASN W 462 70.08 11.80 19.93
N THR W 463 71.18 12.12 20.60
CA THR W 463 71.22 12.11 22.06
C THR W 463 71.20 13.51 22.66
N ALA W 464 71.27 14.55 21.84
CA ALA W 464 71.17 15.93 22.31
C ALA W 464 69.73 16.36 22.56
N ASN W 465 68.78 15.43 22.56
CA ASN W 465 67.39 15.78 22.83
C ASN W 465 67.17 16.23 24.26
N GLU W 466 68.17 16.04 25.14
CA GLU W 466 68.04 16.51 26.52
C GLU W 466 67.83 18.02 26.58
N GLY W 467 68.49 18.75 25.69
CA GLY W 467 68.28 20.19 25.59
C GLY W 467 67.74 20.60 24.24
N GLU W 468 67.96 21.87 23.87
CA GLU W 468 67.66 22.39 22.54
C GLU W 468 66.16 22.58 22.34
N GLU W 469 65.78 23.56 21.51
CA GLU W 469 64.39 23.89 21.27
C GLU W 469 64.12 23.97 19.77
N GLY W 470 63.00 23.41 19.35
CA GLY W 470 62.61 23.45 17.95
C GLY W 470 62.32 22.09 17.36
N LEU W 471 61.90 22.07 16.09
CA LEU W 471 61.63 20.82 15.39
C LEU W 471 62.84 20.25 14.68
N ASP W 472 63.82 21.09 14.33
CA ASP W 472 65.05 20.66 13.70
C ASP W 472 66.20 21.49 14.25
N VAL W 473 67.11 20.85 14.96
CA VAL W 473 68.24 21.55 15.58
C VAL W 473 69.42 21.71 14.64
N PHE W 474 69.30 21.24 13.40
CA PHE W 474 70.34 21.41 12.39
C PHE W 474 70.01 22.51 11.39
N SER W 475 68.98 23.31 11.67
CA SER W 475 68.56 24.39 10.79
C SER W 475 68.95 25.72 11.41
N TRP W 476 69.17 26.71 10.54
CA TRP W 476 69.74 27.98 10.94
C TRP W 476 68.80 29.12 10.58
N THR W 477 68.96 30.23 11.29
CA THR W 477 68.27 31.48 11.00
C THR W 477 69.23 32.45 10.32
N GLU W 478 68.70 33.61 9.95
CA GLU W 478 69.49 34.58 9.18
C GLU W 478 70.66 35.12 10.00
N GLU W 479 70.42 35.48 11.26
CA GLU W 479 71.51 35.99 12.10
C GLU W 479 72.56 34.91 12.35
N GLU W 480 72.13 33.65 12.41
CA GLU W 480 73.09 32.56 12.59
C GLU W 480 73.96 32.38 11.35
N GLU W 481 73.36 32.50 10.16
CA GLU W 481 74.15 32.45 8.94
C GLU W 481 75.13 33.62 8.85
N ARG W 482 74.70 34.79 9.28
CA ARG W 482 75.59 35.94 9.30
C ARG W 482 76.75 35.72 10.27
N GLU W 483 76.46 35.12 11.42
CA GLU W 483 77.53 34.77 12.36
C GLU W 483 78.48 33.73 11.78
N PHE W 484 77.94 32.76 11.04
CA PHE W 484 78.80 31.80 10.34
C PHE W 484 79.77 32.52 9.41
N ARG W 485 79.24 33.41 8.57
CA ARG W 485 80.11 34.11 7.64
C ARG W 485 81.06 35.07 8.35
N LYS W 486 80.69 35.53 9.55
CA LYS W 486 81.60 36.38 10.31
C LYS W 486 82.77 35.59 10.87
N ILE W 487 82.50 34.41 11.44
CA ILE W 487 83.57 33.62 12.04
C ILE W 487 84.33 32.81 11.00
N SER W 488 83.83 32.75 9.77
CA SER W 488 84.51 31.95 8.75
C SER W 488 85.74 32.67 8.19
N ARG W 489 85.82 33.98 8.35
CA ARG W 489 86.96 34.72 7.79
C ARG W 489 88.08 34.95 8.80
N ASP W 490 87.95 34.45 10.02
CA ASP W 490 89.06 34.52 10.96
C ASP W 490 90.16 33.56 10.55
N ARG W 491 91.41 34.00 10.70
CA ARG W 491 92.53 33.13 10.44
C ARG W 491 92.65 32.06 11.53
N GLY W 492 92.94 30.84 11.11
CA GLY W 492 93.00 29.74 12.02
C GLY W 492 91.67 29.13 12.39
N ILE W 493 90.66 29.25 11.54
CA ILE W 493 89.37 28.62 11.81
C ILE W 493 89.50 27.11 11.79
N ILE W 494 90.38 26.59 10.93
CA ILE W 494 90.57 25.14 10.85
C ILE W 494 91.15 24.61 12.15
N ASP W 495 92.10 25.34 12.74
CA ASP W 495 92.68 24.91 14.01
C ASP W 495 91.64 24.86 15.12
N LYS W 496 90.78 25.88 15.22
CA LYS W 496 89.72 25.86 16.22
C LYS W 496 88.70 24.76 15.98
N ILE W 497 88.34 24.52 14.71
CA ILE W 497 87.43 23.43 14.41
C ILE W 497 88.01 22.09 14.83
N ILE W 498 89.29 21.87 14.55
CA ILE W 498 89.94 20.62 14.96
C ILE W 498 89.99 20.53 16.48
N SER W 499 90.35 21.62 17.15
CA SER W 499 90.42 21.61 18.61
C SER W 499 89.08 21.38 19.27
N SER W 500 87.98 21.72 18.59
CA SER W 500 86.65 21.56 19.15
C SER W 500 86.08 20.16 18.96
N MET W 501 86.79 19.27 18.29
CA MET W 501 86.32 17.90 18.10
C MET W 501 86.66 17.07 19.33
N ALA W 502 85.64 16.52 19.99
CA ALA W 502 85.79 15.72 21.20
C ALA W 502 86.68 16.43 22.21
N PRO W 503 86.25 17.56 22.76
CA PRO W 503 87.15 18.36 23.60
C PRO W 503 87.65 17.65 24.84
N SER W 504 86.86 16.76 25.44
CA SER W 504 87.25 16.18 26.72
C SER W 504 88.28 15.07 26.55
N ILE W 505 88.44 14.56 25.33
CA ILE W 505 89.51 13.61 25.07
C ILE W 505 90.82 14.37 24.90
N TYR W 506 91.88 13.86 25.54
CA TYR W 506 93.17 14.54 25.56
C TYR W 506 94.08 13.97 24.48
N GLY W 507 94.68 14.83 23.69
CA GLY W 507 95.61 14.41 22.67
C GLY W 507 94.93 13.81 21.46
N HIS W 508 95.68 12.96 20.76
CA HIS W 508 95.21 12.27 19.55
C HIS W 508 94.70 13.26 18.50
N ARG W 509 95.52 14.27 18.22
CA ARG W 509 95.14 15.33 17.30
C ARG W 509 94.99 14.84 15.87
N ASP W 510 95.77 13.84 15.44
CA ASP W 510 95.59 13.30 14.10
C ASP W 510 94.24 12.62 13.92
N ILE W 511 93.78 11.91 14.96
CA ILE W 511 92.45 11.31 14.91
C ILE W 511 91.38 12.39 14.79
N LYS W 512 91.54 13.48 15.55
CA LYS W 512 90.58 14.58 15.48
C LYS W 512 90.58 15.23 14.11
N THR W 513 91.75 15.41 13.51
CA THR W 513 91.82 15.98 12.16
C THR W 513 91.14 15.06 11.15
N ALA W 514 91.37 13.76 11.24
CA ALA W 514 90.72 12.82 10.33
C ALA W 514 89.21 12.84 10.51
N VAL W 515 88.75 12.90 11.76
CA VAL W 515 87.32 12.95 12.04
C VAL W 515 86.69 14.20 11.45
N ALA W 516 87.36 15.35 11.63
CA ALA W 516 86.84 16.60 11.06
C ALA W 516 86.79 16.54 9.54
N CYS W 517 87.84 16.00 8.92
CA CYS W 517 87.86 15.90 7.46
C CYS W 517 86.75 14.99 6.95
N SER W 518 86.52 13.87 7.64
CA SER W 518 85.42 12.99 7.25
C SER W 518 84.07 13.67 7.44
N LEU W 519 83.90 14.42 8.54
CA LEU W 519 82.63 15.06 8.82
C LEU W 519 82.28 16.12 7.78
N PHE W 520 83.26 16.96 7.42
CA PHE W 520 82.96 18.00 6.43
C PHE W 520 82.81 17.42 5.03
N GLY W 521 83.71 16.51 4.64
CA GLY W 521 83.54 15.78 3.40
C GLY W 521 84.06 16.51 2.18
N GLY W 522 84.10 15.76 1.07
CA GLY W 522 84.54 16.29 -0.20
C GLY W 522 83.40 16.67 -1.11
N VAL W 523 83.67 16.67 -2.41
CA VAL W 523 82.72 17.07 -3.44
C VAL W 523 82.61 15.95 -4.47
N PRO W 524 81.45 15.35 -4.67
CA PRO W 524 81.29 14.37 -5.74
C PRO W 524 81.33 15.04 -7.10
N LYS W 525 81.68 14.26 -8.13
CA LYS W 525 81.82 14.82 -9.46
C LYS W 525 81.25 13.87 -10.50
N ASN W 526 80.85 14.45 -11.63
CA ASN W 526 80.41 13.69 -12.80
C ASN W 526 80.98 14.37 -14.04
N VAL W 527 81.74 13.64 -14.83
CA VAL W 527 82.45 14.17 -15.99
C VAL W 527 81.68 13.75 -17.23
N ASN W 528 81.01 14.70 -17.86
CA ASN W 528 80.28 14.51 -19.11
C ASN W 528 79.14 13.51 -18.99
N GLY W 529 78.69 13.23 -17.76
CA GLY W 529 77.58 12.33 -17.56
C GLY W 529 77.86 10.87 -17.83
N LYS W 530 79.12 10.45 -17.81
CA LYS W 530 79.44 9.05 -18.08
C LYS W 530 80.49 8.52 -17.11
N HIS W 531 81.13 9.40 -16.35
CA HIS W 531 82.19 9.04 -15.42
C HIS W 531 81.93 9.69 -14.08
N SER W 532 81.58 8.89 -13.08
CA SER W 532 81.20 9.38 -11.76
C SER W 532 82.33 9.17 -10.78
N ILE W 533 82.63 10.20 -9.98
CA ILE W 533 83.72 10.17 -9.01
C ILE W 533 83.16 10.46 -7.62
N ARG W 534 83.46 9.56 -6.69
CA ARG W 534 83.02 9.64 -5.30
C ARG W 534 83.68 10.83 -4.60
N GLY W 535 82.99 11.35 -3.59
CA GLY W 535 83.48 12.50 -2.86
C GLY W 535 83.37 12.43 -1.35
N ASP W 536 83.52 11.23 -0.77
CA ASP W 536 83.44 11.07 0.68
C ASP W 536 84.71 10.40 1.21
N ILE W 537 85.08 10.74 2.44
CA ILE W 537 86.31 10.25 3.06
C ILE W 537 85.95 9.18 4.09
N ASN W 538 86.64 8.06 4.03
CA ASN W 538 86.47 6.97 5.00
C ASN W 538 87.69 6.92 5.90
N VAL W 539 87.47 6.58 7.17
CA VAL W 539 88.52 6.64 8.20
C VAL W 539 88.59 5.31 8.93
N LEU W 540 89.81 4.86 9.23
CA LEU W 540 90.03 3.65 10.00
C LEU W 540 90.92 3.96 11.20
N LEU W 541 90.56 3.40 12.36
CA LEU W 541 91.31 3.57 13.60
C LEU W 541 91.73 2.22 14.12
N LEU W 542 93.04 1.94 14.06
CA LEU W 542 93.60 0.68 14.55
C LEU W 542 94.50 1.03 15.73
N GLY W 543 94.16 0.54 16.92
CA GLY W 543 94.90 0.95 18.10
C GLY W 543 94.77 -0.02 19.26
N ASP W 544 95.57 0.26 20.29
CA ASP W 544 95.61 -0.53 21.51
C ASP W 544 94.34 -0.33 22.31
N PRO W 545 93.96 -1.26 23.18
CA PRO W 545 92.77 -1.08 24.02
C PRO W 545 92.95 0.04 25.03
N GLY W 546 91.83 0.69 25.34
CA GLY W 546 91.82 1.77 26.30
C GLY W 546 92.34 3.10 25.79
N THR W 547 92.11 3.41 24.52
CA THR W 547 92.58 4.67 23.93
C THR W 547 91.43 5.54 23.42
N ALA W 548 90.22 5.36 23.95
CA ALA W 548 89.07 6.20 23.67
C ALA W 548 88.66 6.24 22.20
N LYS W 549 88.71 5.10 21.49
CA LYS W 549 88.22 5.07 20.12
C LYS W 549 86.68 5.05 20.09
N SER W 550 86.07 4.25 20.96
CA SER W 550 84.61 4.13 20.97
C SER W 550 83.95 5.44 21.38
N GLN W 551 84.57 6.17 22.32
CA GLN W 551 84.00 7.45 22.72
C GLN W 551 84.05 8.46 21.58
N ILE W 552 85.12 8.44 20.78
CA ILE W 552 85.18 9.26 19.58
C ILE W 552 84.11 8.86 18.58
N LEU W 553 83.87 7.57 18.39
CA LEU W 553 82.77 7.15 17.52
C LEU W 553 81.43 7.64 18.03
N LYS W 554 81.20 7.60 19.34
CA LYS W 554 79.94 8.09 19.89
C LYS W 554 79.80 9.60 19.68
N TYR W 555 80.90 10.35 19.83
CA TYR W 555 80.86 11.78 19.55
C TYR W 555 80.51 12.05 18.09
N VAL W 556 81.11 11.30 17.17
CA VAL W 556 80.78 11.46 15.76
C VAL W 556 79.31 11.13 15.50
N GLU W 557 78.79 10.10 16.17
CA GLU W 557 77.37 9.80 16.04
C GLU W 557 76.51 10.96 16.51
N LYS W 558 76.86 11.56 17.65
CA LYS W 558 76.08 12.68 18.17
C LYS W 558 76.13 13.91 17.26
N THR W 559 77.29 14.24 16.72
CA THR W 559 77.43 15.47 15.94
C THR W 559 76.85 15.35 14.54
N ALA W 560 76.92 14.17 13.93
CA ALA W 560 76.48 14.01 12.54
C ALA W 560 74.98 14.21 12.42
N HIS W 561 74.56 14.73 11.26
CA HIS W 561 73.14 14.95 11.01
C HIS W 561 72.40 13.61 10.86
N ARG W 562 72.93 12.72 10.05
CA ARG W 562 72.39 11.36 9.89
C ARG W 562 73.48 10.37 10.26
N ALA W 563 73.21 9.54 11.26
CA ALA W 563 74.20 8.60 11.75
C ALA W 563 73.55 7.25 12.03
N VAL W 564 74.31 6.20 11.75
CA VAL W 564 73.91 4.83 12.07
C VAL W 564 75.06 4.15 12.78
N PHE W 565 74.75 3.32 13.77
CA PHE W 565 75.74 2.63 14.57
C PHE W 565 75.56 1.12 14.47
N ALA W 566 76.67 0.40 14.34
CA ALA W 566 76.67 -1.05 14.32
C ALA W 566 77.97 -1.54 14.95
N THR W 567 77.96 -2.80 15.41
CA THR W 567 79.11 -3.36 16.12
C THR W 567 79.19 -4.87 15.88
N GLY W 568 80.32 -5.31 15.32
CA GLY W 568 80.71 -6.71 15.33
C GLY W 568 79.74 -7.72 14.76
N GLN W 569 79.37 -8.70 15.58
CA GLN W 569 78.52 -9.80 15.18
C GLN W 569 77.04 -9.46 15.22
N GLY W 570 76.68 -8.25 15.65
CA GLY W 570 75.31 -7.80 15.68
C GLY W 570 74.77 -7.32 14.36
N ALA W 571 75.57 -7.36 13.30
CA ALA W 571 75.14 -6.92 11.98
C ALA W 571 75.28 -8.07 10.99
N SER W 572 74.41 -8.08 9.99
CA SER W 572 74.36 -9.14 9.00
C SER W 572 74.62 -8.58 7.62
N ALA W 573 74.61 -9.48 6.62
CA ALA W 573 74.84 -9.07 5.25
C ALA W 573 73.74 -8.15 4.74
N VAL W 574 72.47 -8.47 5.06
CA VAL W 574 71.35 -7.65 4.62
C VAL W 574 70.88 -6.67 5.67
N GLY W 575 71.57 -6.59 6.80
CA GLY W 575 71.24 -5.60 7.82
C GLY W 575 71.98 -4.30 7.59
N LEU W 576 73.03 -4.37 6.78
CA LEU W 576 73.80 -3.20 6.35
C LEU W 576 73.54 -2.91 4.88
N THR W 577 72.50 -3.51 4.34
CA THR W 577 72.21 -3.47 2.92
C THR W 577 70.69 -3.56 2.77
N ALA W 578 70.17 -3.76 1.56
CA ALA W 578 68.74 -3.86 1.33
C ALA W 578 68.30 -5.30 1.47
N SER W 579 67.12 -5.49 2.06
CA SER W 579 66.54 -6.81 2.26
C SER W 579 65.25 -6.91 1.46
N VAL W 580 64.79 -8.14 1.25
CA VAL W 580 63.60 -8.40 0.45
C VAL W 580 62.56 -9.05 1.34
N ARG W 581 61.36 -8.49 1.35
CA ARG W 581 60.29 -8.95 2.23
C ARG W 581 58.99 -9.02 1.45
N LYS W 582 58.10 -9.91 1.88
CA LYS W 582 56.77 -9.97 1.30
C LYS W 582 55.85 -8.99 2.00
N ASP W 583 55.27 -8.07 1.24
CA ASP W 583 54.39 -7.06 1.78
C ASP W 583 53.15 -7.72 2.38
N PRO W 584 52.84 -7.46 3.65
CA PRO W 584 51.64 -8.07 4.26
C PRO W 584 50.34 -7.70 3.56
N ILE W 585 50.24 -6.51 2.99
CA ILE W 585 48.99 -6.06 2.37
C ILE W 585 48.98 -6.42 0.89
N THR W 586 49.95 -5.91 0.14
CA THR W 586 49.95 -6.09 -1.31
C THR W 586 50.31 -7.53 -1.69
N LYS W 587 51.05 -8.22 -0.82
CA LYS W 587 51.56 -9.56 -1.08
C LYS W 587 52.41 -9.60 -2.35
N GLU W 588 53.31 -8.63 -2.48
CA GLU W 588 54.30 -8.62 -3.55
C GLU W 588 55.67 -8.43 -2.90
N TRP W 589 56.68 -9.07 -3.48
CA TRP W 589 58.04 -8.88 -3.00
C TRP W 589 58.45 -7.42 -3.09
N THR W 590 59.01 -6.89 -2.02
CA THR W 590 59.37 -5.49 -1.93
C THR W 590 60.73 -5.36 -1.25
N LEU W 591 61.36 -4.20 -1.46
CA LEU W 591 62.65 -3.87 -0.89
C LEU W 591 62.46 -3.08 0.39
N GLU W 592 63.26 -3.38 1.40
CA GLU W 592 63.28 -2.64 2.65
C GLU W 592 64.70 -2.15 2.94
N GLY W 593 64.79 -1.10 3.76
CA GLY W 593 66.03 -0.41 3.98
C GLY W 593 67.00 -1.16 4.89
N GLY W 594 68.16 -0.55 5.08
CA GLY W 594 69.20 -1.11 5.92
C GLY W 594 70.00 -0.01 6.57
N ALA W 595 71.12 -0.39 7.21
CA ALA W 595 71.94 0.58 7.92
C ALA W 595 72.60 1.57 6.96
N LEU W 596 73.11 1.08 5.83
CA LEU W 596 73.79 1.97 4.89
C LEU W 596 72.80 2.84 4.13
N VAL W 597 71.56 2.40 3.99
CA VAL W 597 70.54 3.21 3.32
C VAL W 597 69.92 4.22 4.27
N LEU W 598 69.81 3.88 5.56
CA LEU W 598 69.31 4.82 6.54
C LEU W 598 70.27 5.99 6.74
N ALA W 599 71.54 5.79 6.38
CA ALA W 599 72.55 6.82 6.56
C ALA W 599 73.02 7.38 5.22
N ASP W 600 72.09 7.51 4.27
CA ASP W 600 72.42 8.16 3.01
C ASP W 600 72.72 9.63 3.28
N LYS W 601 73.80 10.13 2.68
CA LYS W 601 74.33 11.46 2.98
C LYS W 601 74.57 11.63 4.48
N GLY W 602 75.08 10.57 5.11
CA GLY W 602 75.36 10.58 6.51
C GLY W 602 76.61 9.79 6.82
N VAL W 603 76.65 9.21 8.02
CA VAL W 603 77.80 8.46 8.49
C VAL W 603 77.34 7.14 9.09
N CYS W 604 77.99 6.05 8.69
CA CYS W 604 77.80 4.73 9.27
C CYS W 604 79.05 4.38 10.07
N LEU W 605 78.86 4.04 11.35
CA LEU W 605 79.95 3.73 12.26
C LEU W 605 79.90 2.24 12.58
N ILE W 606 81.05 1.59 12.49
CA ILE W 606 81.15 0.15 12.73
C ILE W 606 82.23 -0.13 13.77
N ASP W 607 81.82 -0.29 15.02
CA ASP W 607 82.76 -0.60 16.09
C ASP W 607 83.12 -2.07 16.06
N GLU W 608 84.36 -2.37 16.45
CA GLU W 608 84.90 -3.73 16.43
C GLU W 608 84.75 -4.36 15.04
N PHE W 609 85.43 -3.72 14.08
CA PHE W 609 85.31 -4.04 12.67
C PHE W 609 86.11 -5.28 12.29
N ASP W 610 87.02 -5.74 13.13
CA ASP W 610 87.80 -6.94 12.86
C ASP W 610 87.16 -8.21 13.40
N LYS W 611 86.29 -8.09 14.41
CA LYS W 611 85.56 -9.23 14.97
C LYS W 611 84.23 -9.35 14.24
N MET W 612 84.30 -9.72 12.96
CA MET W 612 83.15 -9.70 12.07
C MET W 612 83.33 -10.78 11.02
N ASN W 613 82.23 -11.40 10.61
CA ASN W 613 82.30 -12.42 9.58
C ASN W 613 82.74 -11.80 8.26
N ASP W 614 83.45 -12.60 7.46
CA ASP W 614 83.91 -12.13 6.16
C ASP W 614 82.74 -11.91 5.20
N GLN W 615 81.71 -12.76 5.26
CA GLN W 615 80.56 -12.58 4.39
C GLN W 615 79.80 -11.29 4.70
N ASP W 616 79.73 -10.92 5.98
CA ASP W 616 79.10 -9.65 6.33
C ASP W 616 79.98 -8.46 6.01
N ARG W 617 81.30 -8.62 6.19
CA ARG W 617 82.21 -7.52 5.90
C ARG W 617 82.27 -7.21 4.41
N THR W 618 82.20 -8.24 3.57
CA THR W 618 82.33 -8.05 2.13
C THR W 618 81.11 -7.42 1.49
N SER W 619 80.03 -7.20 2.25
CA SER W 619 78.83 -6.63 1.68
C SER W 619 78.96 -5.14 1.40
N ILE W 620 79.92 -4.46 2.04
CA ILE W 620 80.08 -3.02 1.87
C ILE W 620 81.09 -2.64 0.80
N HIS W 621 81.61 -3.62 0.05
CA HIS W 621 82.60 -3.33 -0.97
C HIS W 621 82.04 -2.41 -2.05
N GLU W 622 80.82 -2.67 -2.51
CA GLU W 622 80.21 -1.83 -3.52
C GLU W 622 79.82 -0.46 -2.99
N ALA W 623 79.36 -0.40 -1.74
CA ALA W 623 78.89 0.87 -1.19
C ALA W 623 80.04 1.80 -0.83
N MET W 624 81.22 1.23 -0.51
CA MET W 624 82.33 2.08 -0.09
C MET W 624 82.91 2.90 -1.24
N GLU W 625 82.88 2.37 -2.46
CA GLU W 625 83.49 3.04 -3.59
C GLU W 625 82.48 3.53 -4.63
N GLN W 626 81.61 2.64 -5.12
CA GLN W 626 80.63 3.01 -6.13
C GLN W 626 79.44 3.76 -5.55
N GLN W 627 79.25 3.73 -4.23
CA GLN W 627 78.18 4.45 -3.56
C GLN W 627 76.81 4.07 -4.13
N SER W 628 76.59 2.76 -4.27
CA SER W 628 75.32 2.24 -4.75
C SER W 628 75.17 0.80 -4.30
N ILE W 629 73.93 0.33 -4.32
CA ILE W 629 73.61 -1.05 -3.94
C ILE W 629 72.75 -1.65 -5.04
N SER W 630 73.14 -2.85 -5.50
CA SER W 630 72.43 -3.54 -6.57
C SER W 630 71.84 -4.84 -6.04
N ILE W 631 70.56 -5.06 -6.30
CA ILE W 631 69.85 -6.25 -5.83
C ILE W 631 69.18 -6.93 -7.02
N SER W 632 69.33 -8.26 -7.10
CA SER W 632 68.64 -9.09 -8.07
C SER W 632 68.09 -10.32 -7.35
N LYS W 633 66.88 -10.19 -6.82
CA LYS W 633 66.25 -11.24 -6.02
C LYS W 633 64.76 -11.29 -6.27
N ALA W 634 64.25 -12.50 -6.52
CA ALA W 634 62.81 -12.77 -6.57
C ALA W 634 62.07 -11.84 -7.53
N GLY W 635 62.65 -11.65 -8.72
CA GLY W 635 62.04 -10.81 -9.73
C GLY W 635 62.27 -9.33 -9.57
N ILE W 636 63.00 -8.90 -8.56
CA ILE W 636 63.35 -7.50 -8.36
C ILE W 636 64.79 -7.30 -8.80
N VAL W 637 64.99 -6.43 -9.78
CA VAL W 637 66.31 -6.11 -10.32
C VAL W 637 66.46 -4.60 -10.23
N THR W 638 67.07 -4.11 -9.16
CA THR W 638 67.12 -2.67 -8.91
C THR W 638 68.51 -2.27 -8.45
N THR W 639 68.77 -0.97 -8.51
CA THR W 639 69.99 -0.37 -7.98
C THR W 639 69.61 0.79 -7.09
N LEU W 640 70.12 0.78 -5.86
CA LEU W 640 69.82 1.83 -4.89
C LEU W 640 70.98 2.82 -4.83
N GLN W 641 70.90 3.76 -3.90
CA GLN W 641 71.94 4.77 -3.72
C GLN W 641 72.28 4.89 -2.24
N ALA W 642 73.57 4.79 -1.92
CA ALA W 642 74.05 4.94 -0.54
C ALA W 642 75.30 5.82 -0.57
N ARG W 643 75.10 7.13 -0.49
CA ARG W 643 76.20 8.09 -0.42
C ARG W 643 76.60 8.26 1.04
N CYS W 644 77.34 7.28 1.55
CA CYS W 644 77.66 7.20 2.96
C CYS W 644 79.16 7.15 3.18
N SER W 645 79.58 7.66 4.33
CA SER W 645 80.97 7.65 4.76
C SER W 645 81.11 6.70 5.95
N ILE W 646 82.21 5.97 5.98
CA ILE W 646 82.42 4.93 7.00
C ILE W 646 83.64 5.29 7.85
N ILE W 647 83.44 5.34 9.15
CA ILE W 647 84.50 5.45 10.14
C ILE W 647 84.48 4.18 10.97
N ALA W 648 85.57 3.41 10.89
CA ALA W 648 85.63 2.09 11.52
C ALA W 648 86.74 2.06 12.56
N ALA W 649 86.54 1.25 13.60
CA ALA W 649 87.51 1.04 14.65
C ALA W 649 87.78 -0.45 14.78
N ALA W 650 89.05 -0.81 14.93
CA ALA W 650 89.45 -2.22 14.98
C ALA W 650 90.54 -2.41 16.02
N ASN W 651 90.81 -3.68 16.33
CA ASN W 651 91.89 -4.07 17.21
C ASN W 651 92.94 -4.87 16.43
N PRO W 652 94.22 -4.70 16.72
CA PRO W 652 95.24 -5.46 15.99
C PRO W 652 95.31 -6.90 16.46
N ASN W 653 96.02 -7.73 15.69
CA ASN W 653 96.20 -9.13 16.06
C ASN W 653 96.93 -9.23 17.38
N GLY W 654 96.45 -10.10 18.26
CA GLY W 654 96.96 -10.19 19.61
C GLY W 654 96.46 -9.12 20.55
N GLY W 655 95.61 -8.21 20.08
CA GLY W 655 95.06 -7.15 20.87
C GLY W 655 95.91 -5.90 20.92
N ARG W 656 97.12 -5.97 20.40
CA ARG W 656 98.16 -4.96 20.57
C ARG W 656 99.06 -4.89 19.34
N TYR W 657 99.61 -3.71 19.11
CA TYR W 657 100.36 -3.42 17.89
C TYR W 657 101.84 -3.67 18.10
N ASN W 658 102.44 -4.42 17.18
CA ASN W 658 103.87 -4.67 17.16
C ASN W 658 104.53 -3.69 16.20
N SER W 659 105.29 -2.76 16.74
CA SER W 659 105.92 -1.69 15.96
C SER W 659 107.14 -2.18 15.19
N THR W 660 107.58 -3.41 15.43
CA THR W 660 108.69 -3.99 14.71
C THR W 660 108.24 -4.81 13.50
N LEU W 661 106.95 -4.80 13.19
CA LEU W 661 106.38 -5.56 12.09
C LEU W 661 105.65 -4.63 11.13
N PRO W 662 105.57 -4.99 9.85
CA PRO W 662 104.78 -4.17 8.91
C PRO W 662 103.29 -4.32 9.17
N LEU W 663 102.51 -3.45 8.52
CA LEU W 663 101.08 -3.40 8.77
C LEU W 663 100.37 -4.68 8.36
N ALA W 664 100.78 -5.29 7.25
CA ALA W 664 100.08 -6.44 6.71
C ALA W 664 100.07 -7.64 7.64
N GLN W 665 100.98 -7.69 8.60
CA GLN W 665 101.02 -8.78 9.57
C GLN W 665 100.49 -8.38 10.94
N ASN W 666 99.93 -7.18 11.06
CA ASN W 666 99.26 -6.74 12.28
C ASN W 666 97.74 -6.76 12.15
N VAL W 667 97.21 -7.00 10.95
CA VAL W 667 95.79 -7.05 10.70
C VAL W 667 95.49 -8.25 9.83
N SER W 668 94.21 -8.64 9.80
CA SER W 668 93.76 -9.74 8.96
C SER W 668 93.16 -9.27 7.65
N LEU W 669 92.82 -8.00 7.53
CA LEU W 669 92.21 -7.49 6.30
C LEU W 669 93.19 -7.52 5.15
N THR W 670 92.68 -7.73 3.95
CA THR W 670 93.48 -7.78 2.74
C THR W 670 93.45 -6.42 2.03
N GLU W 671 94.15 -6.33 0.90
CA GLU W 671 94.29 -5.13 0.11
C GLU W 671 92.97 -4.56 -0.41
N PRO W 672 92.03 -5.37 -0.92
CA PRO W 672 90.81 -4.78 -1.50
C PRO W 672 90.01 -3.91 -0.54
N ILE W 673 90.05 -4.22 0.77
CA ILE W 673 89.30 -3.41 1.72
C ILE W 673 90.18 -2.33 2.34
N LEU W 674 91.49 -2.55 2.37
CA LEU W 674 92.39 -1.53 2.90
C LEU W 674 92.57 -0.37 1.93
N SER W 675 92.44 -0.64 0.62
CA SER W 675 92.60 0.42 -0.36
C SER W 675 91.46 1.43 -0.30
N ARG W 676 90.25 0.97 0.06
CA ARG W 676 89.08 1.83 0.06
C ARG W 676 89.08 2.85 1.19
N PHE W 677 89.94 2.71 2.18
CA PHE W 677 90.04 3.66 3.28
C PHE W 677 90.99 4.79 2.90
N ASP W 678 90.60 6.02 3.27
CA ASP W 678 91.39 7.20 2.94
C ASP W 678 92.44 7.51 4.00
N ILE W 679 92.05 7.53 5.26
CA ILE W 679 92.94 7.87 6.37
C ILE W 679 92.98 6.68 7.33
N LEU W 680 94.19 6.30 7.73
CA LEU W 680 94.41 5.22 8.68
C LEU W 680 95.20 5.77 9.86
N CYS W 681 94.67 5.60 11.07
CA CYS W 681 95.29 6.11 12.28
C CYS W 681 95.69 4.95 13.17
N VAL W 682 96.99 4.80 13.37
CA VAL W 682 97.54 3.76 14.25
C VAL W 682 97.77 4.40 15.61
N VAL W 683 97.13 3.84 16.63
CA VAL W 683 97.18 4.38 17.99
C VAL W 683 98.02 3.42 18.82
N ARG W 684 99.11 3.93 19.39
CA ARG W 684 100.01 3.14 20.22
C ARG W 684 100.02 3.67 21.64
N ASP W 685 100.04 2.75 22.60
CA ASP W 685 100.17 3.08 24.01
C ASP W 685 101.60 2.77 24.45
N LEU W 686 102.30 3.78 24.93
CA LEU W 686 103.69 3.67 25.33
C LEU W 686 103.88 4.21 26.73
N VAL W 687 104.95 3.73 27.38
CA VAL W 687 105.24 4.11 28.75
C VAL W 687 105.97 5.45 28.75
N ASP W 688 105.40 6.44 29.43
CA ASP W 688 105.98 7.77 29.54
C ASP W 688 105.42 8.42 30.79
N GLU W 689 106.31 8.82 31.70
CA GLU W 689 105.84 9.33 33.00
C GLU W 689 105.13 10.66 32.87
N GLU W 690 105.72 11.60 32.13
CA GLU W 690 105.11 12.93 31.99
C GLU W 690 103.78 12.85 31.23
N ALA W 691 103.74 12.04 30.17
CA ALA W 691 102.50 11.88 29.42
C ALA W 691 101.41 11.27 30.30
N ASP W 692 101.76 10.26 31.09
CA ASP W 692 100.79 9.66 32.01
C ASP W 692 100.31 10.66 33.04
N GLU W 693 101.22 11.48 33.57
CA GLU W 693 100.83 12.49 34.54
C GLU W 693 99.86 13.49 33.95
N ARG W 694 100.15 13.99 32.74
CA ARG W 694 99.25 14.93 32.10
C ARG W 694 97.89 14.32 31.79
N LEU W 695 97.88 13.08 31.28
CA LEU W 695 96.61 12.43 30.97
C LEU W 695 95.79 12.22 32.24
N ALA W 696 96.43 11.78 33.32
CA ALA W 696 95.71 11.57 34.58
C ALA W 696 95.17 12.87 35.14
N THR W 697 95.94 13.95 35.09
CA THR W 697 95.45 15.25 35.54
C THR W 697 94.24 15.69 34.73
N PHE W 698 94.31 15.53 33.40
CA PHE W 698 93.19 15.93 32.55
C PHE W 698 91.95 15.09 32.85
N VAL W 699 92.11 13.78 33.04
CA VAL W 699 90.97 12.92 33.30
C VAL W 699 90.33 13.23 34.65
N VAL W 700 91.16 13.46 35.68
CA VAL W 700 90.61 13.79 36.98
C VAL W 700 89.89 15.13 36.94
N ASP W 701 90.45 16.11 36.24
CA ASP W 701 89.76 17.39 36.11
C ASP W 701 88.44 17.23 35.37
N SER W 702 88.42 16.36 34.35
CA SER W 702 87.17 16.10 33.62
C SER W 702 86.11 15.49 34.53
N HIS W 703 86.51 14.52 35.36
CA HIS W 703 85.56 13.93 36.31
C HIS W 703 85.07 14.97 37.31
N VAL W 704 85.95 15.89 37.72
CA VAL W 704 85.53 16.97 38.61
C VAL W 704 84.50 17.87 37.93
N ARG W 705 84.73 18.21 36.67
CA ARG W 705 83.82 19.11 35.96
C ARG W 705 82.45 18.49 35.76
N SER W 706 82.39 17.20 35.42
CA SER W 706 81.14 16.56 35.03
C SER W 706 80.28 16.12 36.20
N HIS W 707 80.74 16.32 37.44
CA HIS W 707 79.96 15.91 38.59
C HIS W 707 78.63 16.66 38.61
N PRO W 708 77.50 15.98 38.79
CA PRO W 708 76.22 16.68 38.64
C PRO W 708 75.89 17.62 39.80
N GLU W 709 76.57 17.48 40.93
CA GLU W 709 76.34 18.38 42.05
C GLU W 709 77.37 19.52 42.03
N LEU W 738 66.93 37.22 37.46
CA LEU W 738 66.23 36.76 36.27
C LEU W 738 65.70 35.34 36.45
N ASN W 739 65.34 34.69 35.34
CA ASN W 739 64.76 33.36 35.36
C ASN W 739 65.84 32.33 35.64
N ALA W 740 65.49 31.32 36.46
CA ALA W 740 66.45 30.27 36.79
C ALA W 740 66.76 29.39 35.57
N ARG W 741 65.82 29.25 34.66
CA ARG W 741 66.03 28.42 33.47
C ARG W 741 67.07 29.00 32.54
N GLN W 742 67.40 30.29 32.67
CA GLN W 742 68.52 30.89 31.95
C GLN W 742 69.80 30.92 32.78
N ARG W 743 69.68 30.95 34.10
CA ARG W 743 70.85 30.70 34.95
C ARG W 743 71.42 29.33 34.66
N ARG W 744 70.56 28.34 34.44
CA ARG W 744 71.05 27.02 34.04
C ARG W 744 71.84 27.09 32.75
N LEU W 745 71.35 27.83 31.76
CA LEU W 745 72.06 27.96 30.48
C LEU W 745 73.40 28.64 30.66
N GLN W 746 73.47 29.71 31.44
CA GLN W 746 74.74 30.40 31.61
C GLN W 746 75.74 29.55 32.39
N ARG W 747 75.28 28.80 33.39
CA ARG W 747 76.18 27.89 34.08
C ARG W 747 76.67 26.78 33.16
N GLN W 748 75.81 26.25 32.30
CA GLN W 748 76.21 25.20 31.37
C GLN W 748 77.12 25.73 30.26
N ARG W 749 77.03 27.02 29.95
CA ARG W 749 77.98 27.67 29.05
C ARG W 749 79.33 27.93 29.68
N LYS W 750 79.37 28.28 30.97
CA LYS W 750 80.64 28.49 31.65
C LYS W 750 81.51 27.24 31.62
N LYS W 751 80.90 26.06 31.78
CA LYS W 751 81.67 24.81 31.70
C LYS W 751 82.16 24.54 30.29
N GLU W 752 81.37 24.92 29.28
CA GLU W 752 81.81 24.77 27.90
C GLU W 752 82.92 25.75 27.53
N GLU W 753 83.05 26.86 28.26
CA GLU W 753 84.06 27.85 27.92
C GLU W 753 85.47 27.29 27.95
N GLU W 754 85.79 26.46 28.95
CA GLU W 754 87.18 26.08 29.17
C GLU W 754 87.74 25.24 28.02
N ILE W 755 87.03 24.19 27.62
CA ILE W 755 87.61 23.17 26.73
C ILE W 755 87.05 23.25 25.33
N SER W 756 86.16 24.20 25.04
CA SER W 756 85.61 24.28 23.70
C SER W 756 85.75 25.69 23.15
N PRO W 757 86.58 25.90 22.12
CA PRO W 757 86.69 27.24 21.54
C PRO W 757 85.39 27.78 20.98
N ILE W 758 84.54 26.91 20.45
CA ILE W 758 83.23 27.29 19.93
C ILE W 758 82.19 26.34 20.49
N PRO W 759 80.96 26.79 20.74
CA PRO W 759 79.95 25.88 21.30
C PRO W 759 79.54 24.80 20.31
N GLN W 760 79.07 23.68 20.87
CA GLN W 760 78.72 22.53 20.03
C GLN W 760 77.46 22.79 19.22
N GLU W 761 76.48 23.49 19.80
CA GLU W 761 75.25 23.77 19.07
C GLU W 761 75.51 24.68 17.87
N LEU W 762 76.42 25.64 18.02
CA LEU W 762 76.81 26.47 16.89
C LEU W 762 77.55 25.63 15.84
N LEU W 763 78.41 24.72 16.31
CA LEU W 763 79.23 23.93 15.40
C LEU W 763 78.39 22.98 14.56
N MET W 764 77.33 22.42 15.14
CA MET W 764 76.46 21.52 14.38
C MET W 764 75.84 22.24 13.19
N LYS W 765 75.27 23.42 13.43
CA LYS W 765 74.67 24.19 12.35
C LYS W 765 75.74 24.65 11.36
N TYR W 766 76.95 24.96 11.85
CA TYR W 766 78.04 25.33 10.95
C TYR W 766 78.36 24.20 9.99
N ILE W 767 78.49 22.97 10.51
CA ILE W 767 78.81 21.82 9.66
C ILE W 767 77.68 21.58 8.66
N HIS W 768 76.43 21.65 9.13
CA HIS W 768 75.31 21.42 8.23
C HIS W 768 75.25 22.44 7.11
N TYR W 769 75.43 23.73 7.44
CA TYR W 769 75.42 24.77 6.43
C TYR W 769 76.56 24.60 5.44
N ALA W 770 77.76 24.27 5.94
CA ALA W 770 78.90 24.09 5.06
C ALA W 770 78.67 22.93 4.10
N ARG W 771 78.13 21.82 4.59
CA ARG W 771 77.87 20.68 3.72
C ARG W 771 76.77 20.98 2.72
N THR W 772 75.77 21.76 3.12
CA THR W 772 74.62 21.99 2.24
C THR W 772 74.93 23.00 1.15
N LYS W 773 75.70 24.05 1.46
CA LYS W 773 75.82 25.20 0.56
C LYS W 773 77.10 25.22 -0.27
N ILE W 774 78.23 24.83 0.30
CA ILE W 774 79.53 25.10 -0.33
C ILE W 774 79.91 23.96 -1.26
N TYR W 775 80.51 24.31 -2.40
CA TYR W 775 81.03 23.34 -3.36
C TYR W 775 82.30 23.89 -3.99
N PRO W 776 83.44 23.74 -3.32
CA PRO W 776 84.68 24.33 -3.83
C PRO W 776 85.21 23.59 -5.05
N LYS W 777 86.06 24.29 -5.81
CA LYS W 777 86.66 23.77 -7.04
C LYS W 777 88.18 23.83 -6.95
N LEU W 778 88.83 23.33 -8.00
CA LEU W 778 90.28 23.12 -8.05
C LEU W 778 90.88 23.75 -9.30
N HIS W 779 90.56 25.02 -9.57
CA HIS W 779 91.00 25.65 -10.81
C HIS W 779 92.52 25.75 -10.89
N GLN W 780 93.13 26.49 -9.96
CA GLN W 780 94.57 26.74 -9.98
C GLN W 780 95.22 25.94 -8.85
N MET W 781 96.16 25.07 -9.22
CA MET W 781 96.87 24.24 -8.24
C MET W 781 98.14 23.72 -8.89
N ASP W 782 99.03 23.19 -8.05
CA ASP W 782 100.31 22.68 -8.50
C ASP W 782 100.17 21.19 -8.82
N MET W 783 100.16 20.86 -10.11
CA MET W 783 100.04 19.46 -10.53
C MET W 783 101.33 18.69 -10.30
N ASP W 784 102.47 19.34 -10.52
CA ASP W 784 103.76 18.66 -10.43
C ASP W 784 104.05 18.15 -9.02
N LYS W 785 103.74 18.94 -8.00
CA LYS W 785 103.97 18.49 -6.63
C LYS W 785 103.16 17.25 -6.31
N VAL W 786 101.89 17.24 -6.71
CA VAL W 786 101.03 16.09 -6.44
C VAL W 786 101.51 14.86 -7.21
N SER W 787 101.90 15.05 -8.47
CA SER W 787 102.40 13.92 -9.25
C SER W 787 103.67 13.35 -8.65
N ARG W 788 104.59 14.21 -8.22
CA ARG W 788 105.82 13.74 -7.59
C ARG W 788 105.54 13.01 -6.30
N VAL W 789 104.62 13.53 -5.49
CA VAL W 789 104.27 12.89 -4.22
C VAL W 789 103.68 11.50 -4.47
N TYR W 790 102.78 11.40 -5.45
CA TYR W 790 102.17 10.11 -5.76
C TYR W 790 103.22 9.11 -6.26
N ALA W 791 104.11 9.56 -7.14
CA ALA W 791 105.14 8.66 -7.66
C ALA W 791 106.09 8.20 -6.56
N ASP W 792 106.48 9.11 -5.67
CA ASP W 792 107.36 8.73 -4.56
C ASP W 792 106.67 7.76 -3.61
N LEU W 793 105.38 8.00 -3.30
CA LEU W 793 104.64 7.09 -2.45
C LEU W 793 104.52 5.71 -3.09
N ARG W 794 104.28 5.65 -4.39
CA ARG W 794 104.21 4.36 -5.07
C ARG W 794 105.56 3.66 -5.04
N ARG W 795 106.66 4.39 -5.24
CA ARG W 795 107.98 3.77 -5.25
C ARG W 795 108.34 3.23 -3.88
N GLU W 796 108.08 3.98 -2.81
CA GLU W 796 108.50 3.59 -1.47
C GLU W 796 107.57 2.56 -0.83
N SER W 797 106.67 1.94 -1.59
CA SER W 797 105.76 0.94 -1.06
C SER W 797 106.20 -0.48 -1.40
N ILE W 798 106.43 -0.76 -2.68
CA ILE W 798 106.90 -2.09 -3.08
C ILE W 798 108.32 -2.32 -2.57
N SER W 799 109.14 -1.27 -2.55
CA SER W 799 110.51 -1.42 -2.10
C SER W 799 110.57 -1.80 -0.62
N THR W 800 109.88 -1.03 0.23
CA THR W 800 109.78 -1.37 1.65
C THR W 800 108.48 -0.82 2.23
N GLY W 801 107.45 -1.66 2.31
CA GLY W 801 106.19 -1.22 2.87
C GLY W 801 105.11 -2.25 2.61
N SER W 802 104.04 -2.15 3.40
CA SER W 802 102.91 -3.06 3.30
C SER W 802 101.61 -2.27 3.41
N PHE W 803 101.60 -1.08 2.81
CA PHE W 803 100.40 -0.25 2.76
C PHE W 803 100.06 -0.06 1.29
N PRO W 804 98.98 -0.68 0.79
CA PRO W 804 98.69 -0.64 -0.65
C PRO W 804 98.37 0.76 -1.17
N ILE W 805 99.13 1.21 -2.16
CA ILE W 805 98.93 2.51 -2.79
C ILE W 805 98.59 2.30 -4.25
N THR W 806 97.47 2.86 -4.69
CA THR W 806 97.03 2.77 -6.08
C THR W 806 96.64 4.17 -6.52
N VAL W 807 96.01 4.26 -7.71
CA VAL W 807 95.42 5.52 -8.16
C VAL W 807 94.34 6.02 -7.22
N ARG W 808 93.72 5.12 -6.48
CA ARG W 808 92.67 5.45 -5.51
C ARG W 808 93.15 6.34 -4.39
N HIS W 809 94.46 6.35 -4.10
CA HIS W 809 95.02 7.24 -3.08
C HIS W 809 95.43 8.60 -3.62
N LEU W 810 95.53 8.76 -4.94
CA LEU W 810 95.80 10.07 -5.50
C LEU W 810 94.63 11.02 -5.31
N GLU W 811 93.40 10.51 -5.44
CA GLU W 811 92.19 11.32 -5.34
C GLU W 811 91.87 11.71 -3.90
N SER W 812 92.34 10.95 -2.91
CA SER W 812 92.11 11.30 -1.52
C SER W 812 92.77 12.61 -1.12
N ILE W 813 93.94 12.93 -1.69
CA ILE W 813 94.57 14.22 -1.42
C ILE W 813 93.67 15.36 -1.89
N LEU W 814 93.10 15.23 -3.10
CA LEU W 814 92.21 16.26 -3.61
C LEU W 814 90.93 16.36 -2.78
N ARG W 815 90.40 15.21 -2.34
CA ARG W 815 89.22 15.24 -1.48
C ARG W 815 89.50 15.94 -0.16
N ILE W 816 90.65 15.66 0.46
CA ILE W 816 90.99 16.32 1.72
C ILE W 816 91.22 17.80 1.51
N ALA W 817 91.81 18.19 0.36
CA ALA W 817 91.95 19.61 0.05
C ALA W 817 90.60 20.29 -0.06
N GLU W 818 89.65 19.66 -0.74
CA GLU W 818 88.31 20.22 -0.84
C GLU W 818 87.63 20.29 0.53
N SER W 819 87.86 19.31 1.40
CA SER W 819 87.31 19.36 2.74
C SER W 819 87.87 20.54 3.53
N PHE W 820 89.19 20.74 3.47
CA PHE W 820 89.80 21.87 4.17
C PHE W 820 89.31 23.20 3.59
N ALA W 821 89.03 23.24 2.29
CA ALA W 821 88.41 24.42 1.70
C ALA W 821 87.01 24.64 2.25
N LYS W 822 86.24 23.55 2.40
CA LYS W 822 84.89 23.67 2.98
C LYS W 822 84.94 24.21 4.39
N MET W 823 85.96 23.81 5.18
CA MET W 823 86.05 24.27 6.55
C MET W 823 86.09 25.78 6.64
N ARG W 824 86.63 26.44 5.62
CA ARG W 824 86.77 27.89 5.60
C ARG W 824 85.60 28.60 4.93
N LEU W 825 84.60 27.84 4.47
CA LEU W 825 83.47 28.41 3.71
C LEU W 825 83.96 29.18 2.49
N SER W 826 84.94 28.62 1.79
CA SER W 826 85.50 29.21 0.59
C SER W 826 85.09 28.40 -0.62
N GLU W 827 84.92 29.08 -1.76
CA GLU W 827 84.49 28.44 -2.99
C GLU W 827 85.65 28.01 -3.89
N PHE W 828 86.89 28.23 -3.46
CA PHE W 828 88.05 27.86 -4.25
C PHE W 828 89.13 27.30 -3.33
N VAL W 829 89.77 26.23 -3.76
CA VAL W 829 90.84 25.61 -2.99
C VAL W 829 92.14 26.36 -3.22
N SER W 830 92.84 26.69 -2.14
CA SER W 830 94.08 27.45 -2.18
C SER W 830 95.27 26.50 -2.04
N SER W 831 96.47 27.06 -1.95
CA SER W 831 97.70 26.29 -1.80
C SER W 831 97.87 25.75 -0.38
N TYR W 832 97.44 26.51 0.62
CA TYR W 832 97.58 26.06 2.01
C TYR W 832 96.80 24.77 2.24
N ASP W 833 95.57 24.69 1.71
CA ASP W 833 94.76 23.50 1.94
C ASP W 833 95.36 22.28 1.25
N LEU W 834 95.86 22.45 0.03
CA LEU W 834 96.49 21.33 -0.68
C LEU W 834 97.76 20.87 0.04
N ASP W 835 98.56 21.82 0.51
CA ASP W 835 99.77 21.46 1.26
C ASP W 835 99.42 20.73 2.55
N ARG W 836 98.37 21.19 3.24
CA ARG W 836 97.93 20.53 4.47
C ARG W 836 97.44 19.11 4.19
N ALA W 837 96.71 18.93 3.08
CA ALA W 837 96.27 17.60 2.70
C ALA W 837 97.44 16.68 2.40
N ILE W 838 98.44 17.19 1.67
CA ILE W 838 99.62 16.39 1.38
C ILE W 838 100.35 16.01 2.66
N LYS W 839 100.47 16.96 3.60
CA LYS W 839 101.11 16.66 4.87
C LYS W 839 100.36 15.58 5.63
N VAL W 840 99.02 15.66 5.66
CA VAL W 840 98.22 14.67 6.36
C VAL W 840 98.42 13.29 5.75
N VAL W 841 98.38 13.21 4.41
CA VAL W 841 98.54 11.92 3.75
C VAL W 841 99.92 11.34 3.99
N VAL W 842 100.96 12.20 3.96
CA VAL W 842 102.32 11.72 4.17
C VAL W 842 102.52 11.23 5.59
N ASP W 843 102.01 11.97 6.59
CA ASP W 843 102.09 11.55 7.97
C ASP W 843 101.29 10.30 8.26
N SER W 844 100.19 10.07 7.53
CA SER W 844 99.42 8.85 7.69
C SER W 844 100.12 7.62 7.13
N PHE W 845 101.07 7.80 6.21
CA PHE W 845 101.82 6.70 5.62
C PHE W 845 103.12 6.42 6.33
N VAL W 846 103.81 7.48 6.80
CA VAL W 846 105.11 7.28 7.43
C VAL W 846 104.98 6.56 8.77
N ASP W 847 103.92 6.86 9.54
CA ASP W 847 103.78 6.34 10.89
C ASP W 847 103.20 4.93 10.95
N ALA W 848 103.05 4.28 9.80
CA ALA W 848 102.58 2.90 9.75
C ALA W 848 103.68 1.97 9.23
N GLN W 849 104.93 2.34 9.47
CA GLN W 849 106.08 1.59 9.00
C GLN W 849 106.75 0.86 10.17
N LYS W 850 107.82 0.15 9.87
CA LYS W 850 108.65 -0.45 10.89
C LYS W 850 109.57 0.61 11.50
N VAL W 851 110.01 0.34 12.73
CA VAL W 851 110.87 1.30 13.43
C VAL W 851 112.23 1.41 12.75
N SER W 852 112.60 0.39 11.96
CA SER W 852 113.91 0.40 11.31
C SER W 852 113.96 1.42 10.17
N VAL W 853 112.93 1.45 9.32
CA VAL W 853 112.95 2.30 8.13
C VAL W 853 112.17 3.60 8.30
N ARG W 854 111.51 3.79 9.45
CA ARG W 854 110.68 4.97 9.63
C ARG W 854 111.50 6.24 9.63
N ARG W 855 112.68 6.22 10.28
CA ARG W 855 113.52 7.41 10.33
C ARG W 855 114.04 7.80 8.96
N GLN W 856 114.36 6.83 8.12
CA GLN W 856 114.81 7.15 6.77
C GLN W 856 113.65 7.65 5.90
N LEU W 857 112.48 7.02 6.01
CA LEU W 857 111.34 7.43 5.21
C LEU W 857 110.89 8.85 5.57
N ARG W 858 110.88 9.17 6.86
CA ARG W 858 110.46 10.50 7.29
C ARG W 858 111.39 11.57 6.73
N ARG W 859 112.70 11.32 6.76
CA ARG W 859 113.65 12.25 6.19
C ARG W 859 113.49 12.36 4.68
N SER W 860 113.23 11.24 4.00
CA SER W 860 113.10 11.27 2.55
C SER W 860 111.85 12.04 2.12
N PHE W 861 110.77 11.96 2.90
CA PHE W 861 109.52 12.62 2.54
C PHE W 861 109.40 14.02 3.13
N ALA W 862 110.45 14.53 3.79
CA ALA W 862 110.32 15.79 4.51
C ALA W 862 110.45 17.01 3.60
N ILE W 863 110.96 16.85 2.37
CA ILE W 863 111.15 18.01 1.50
C ILE W 863 109.82 18.56 1.02
N TYR W 864 108.81 17.71 0.86
CA TYR W 864 107.52 18.16 0.33
C TYR W 864 106.80 19.05 1.33
N THR W 865 106.87 18.71 2.62
CA THR W 865 106.19 19.46 3.67
C THR W 865 107.18 20.43 4.31
N LEU W 866 107.57 21.45 3.53
CA LEU W 866 108.52 22.44 4.02
C LEU W 866 107.87 23.37 5.03
N GLY W 867 106.64 23.78 4.80
CA GLY W 867 105.94 24.67 5.70
C GLY W 867 105.59 24.04 7.02
N ASP X 53 15.27 -15.52 -41.20
CA ASP X 53 14.06 -15.35 -41.99
C ASP X 53 14.31 -15.69 -43.46
N ALA X 54 14.27 -14.68 -44.31
CA ALA X 54 14.53 -14.91 -45.73
C ALA X 54 16.00 -15.20 -46.00
N VAL X 55 16.89 -14.48 -45.32
CA VAL X 55 18.32 -14.69 -45.51
C VAL X 55 18.72 -16.08 -45.03
N PHE X 56 18.13 -16.54 -43.92
CA PHE X 56 18.43 -17.86 -43.40
C PHE X 56 18.06 -18.94 -44.42
N GLY X 57 16.86 -18.85 -44.99
CA GLY X 57 16.45 -19.83 -45.98
C GLY X 57 17.28 -19.75 -47.26
N ASP X 58 17.63 -18.55 -47.69
CA ASP X 58 18.46 -18.39 -48.87
C ASP X 58 19.83 -19.04 -48.67
N ARG X 59 20.43 -18.83 -47.50
CA ARG X 59 21.73 -19.45 -47.22
C ARG X 59 21.61 -20.96 -47.09
N VAL X 60 20.51 -21.45 -46.52
CA VAL X 60 20.28 -22.90 -46.47
C VAL X 60 20.21 -23.46 -47.88
N ARG X 61 19.50 -22.77 -48.78
CA ARG X 61 19.42 -23.23 -50.16
C ARG X 61 20.79 -23.22 -50.83
N ARG X 62 21.59 -22.18 -50.59
CA ARG X 62 22.92 -22.10 -51.17
C ARG X 62 23.78 -23.27 -50.72
N PHE X 63 23.78 -23.56 -49.42
CA PHE X 63 24.59 -24.66 -48.92
C PHE X 63 24.06 -26.00 -49.42
N GLN X 64 22.74 -26.13 -49.55
CA GLN X 64 22.16 -27.34 -50.11
C GLN X 64 22.65 -27.57 -51.54
N GLU X 65 22.68 -26.52 -52.35
CA GLU X 65 23.23 -26.63 -53.70
C GLU X 65 24.71 -27.02 -53.67
N PHE X 66 25.48 -26.42 -52.77
CA PHE X 66 26.89 -26.76 -52.63
C PHE X 66 27.06 -28.24 -52.32
N LEU X 67 26.19 -28.80 -51.48
CA LEU X 67 26.33 -30.20 -51.09
C LEU X 67 26.12 -31.18 -52.24
N ASP X 68 25.15 -30.94 -53.12
CA ASP X 68 25.01 -31.86 -54.24
C ASP X 68 25.90 -31.51 -55.41
N THR X 69 26.53 -30.33 -55.40
CA THR X 69 27.54 -30.06 -56.41
C THR X 69 28.76 -30.98 -56.26
N PHE X 70 29.29 -31.10 -55.04
CA PHE X 70 30.42 -32.00 -54.76
C PHE X 70 29.88 -33.23 -54.05
N THR X 71 30.06 -34.39 -54.66
CA THR X 71 29.42 -35.61 -54.16
C THR X 71 30.21 -36.29 -53.06
N SER X 72 31.41 -35.83 -52.74
CA SER X 72 32.24 -36.52 -51.74
C SER X 72 31.60 -36.47 -50.36
N TYR X 73 31.07 -35.32 -49.97
CA TYR X 73 30.47 -35.17 -48.65
C TYR X 73 29.25 -36.07 -48.51
N ARG X 74 28.44 -36.16 -49.56
CA ARG X 74 27.28 -37.04 -49.56
C ARG X 74 27.67 -38.51 -49.42
N ASP X 75 28.78 -38.94 -50.02
CA ASP X 75 29.27 -40.29 -49.83
C ASP X 75 29.81 -40.54 -48.43
N SER X 76 30.50 -39.56 -47.83
CA SER X 76 30.98 -39.73 -46.47
C SER X 76 29.82 -39.82 -45.49
N VAL X 77 28.77 -39.02 -45.70
CA VAL X 77 27.59 -39.11 -44.85
C VAL X 77 27.01 -40.52 -44.90
N ARG X 78 26.87 -41.08 -46.11
CA ARG X 78 26.32 -42.41 -46.24
C ARG X 78 27.23 -43.46 -45.61
N SER X 79 28.54 -43.31 -45.76
CA SER X 79 29.45 -44.27 -45.14
C SER X 79 29.30 -44.28 -43.63
N ILE X 80 29.28 -43.09 -43.01
CA ILE X 80 29.10 -43.02 -41.56
C ILE X 80 27.74 -43.61 -41.16
N GLN X 81 26.69 -43.29 -41.93
CA GLN X 81 25.36 -43.75 -41.59
C GLN X 81 25.27 -45.27 -41.64
N VAL X 82 25.79 -45.88 -42.71
CA VAL X 82 25.70 -47.33 -42.86
C VAL X 82 26.57 -48.02 -41.81
N TYR X 83 27.74 -47.43 -41.49
CA TYR X 83 28.57 -47.99 -40.43
C TYR X 83 27.82 -48.02 -39.11
N ASN X 84 27.25 -46.88 -38.71
CA ASN X 84 26.53 -46.82 -37.44
C ASN X 84 25.31 -47.75 -37.45
N SER X 85 24.62 -47.84 -38.59
CA SER X 85 23.44 -48.67 -38.67
C SER X 85 23.77 -50.15 -38.54
N ASN X 86 24.74 -50.64 -39.32
CA ASN X 86 25.01 -52.07 -39.31
C ASN X 86 25.85 -52.47 -38.11
N ASN X 87 26.45 -51.50 -37.41
CA ASN X 87 27.08 -51.83 -36.13
C ASN X 87 26.08 -52.23 -35.08
N ALA X 88 24.94 -51.53 -35.00
CA ALA X 88 23.94 -51.84 -33.99
C ALA X 88 23.23 -53.16 -34.25
N ALA X 89 23.25 -53.64 -35.51
CA ALA X 89 22.61 -54.90 -35.84
C ALA X 89 23.45 -56.13 -35.47
N ASN X 90 24.70 -55.92 -35.09
CA ASN X 90 25.58 -57.03 -34.71
C ASN X 90 25.35 -57.35 -33.23
N TYR X 91 24.37 -58.21 -32.99
CA TYR X 91 24.05 -58.62 -31.63
C TYR X 91 25.23 -59.36 -30.98
N ASN X 92 25.86 -60.26 -31.74
CA ASN X 92 27.08 -60.92 -31.28
C ASN X 92 28.29 -60.05 -31.62
N ASP X 93 28.41 -58.96 -30.87
CA ASP X 93 29.45 -57.98 -31.14
C ASP X 93 30.83 -58.54 -30.80
N ASP X 94 31.85 -57.90 -31.38
CA ASP X 94 33.24 -58.30 -31.16
C ASP X 94 33.68 -58.00 -29.74
N ASN X 125 33.70 -46.90 -30.95
CA ASN X 125 32.69 -47.86 -31.39
C ASN X 125 31.62 -47.19 -32.23
N ILE X 126 31.29 -45.94 -31.89
CA ILE X 126 30.27 -45.16 -32.57
C ILE X 126 30.93 -43.93 -33.17
N LEU X 127 30.76 -43.74 -34.47
CA LEU X 127 31.38 -42.61 -35.14
C LEU X 127 30.54 -41.36 -34.94
N PRO X 128 31.15 -40.24 -34.55
CA PRO X 128 30.38 -39.00 -34.35
C PRO X 128 29.90 -38.42 -35.67
N HIS X 129 28.86 -37.58 -35.56
CA HIS X 129 28.26 -36.94 -36.73
C HIS X 129 29.01 -35.63 -36.99
N ARG X 130 30.12 -35.75 -37.70
CA ARG X 130 30.95 -34.57 -38.01
C ARG X 130 31.75 -34.85 -39.28
N ILE X 131 31.72 -33.89 -40.21
CA ILE X 131 32.47 -34.00 -41.46
C ILE X 131 33.52 -32.89 -41.50
N ILE X 132 34.49 -33.03 -42.39
CA ILE X 132 35.51 -32.01 -42.62
C ILE X 132 35.41 -31.56 -44.07
N ILE X 133 35.02 -30.31 -44.29
CA ILE X 133 34.89 -29.75 -45.62
C ILE X 133 36.10 -28.86 -45.87
N SER X 134 36.47 -28.72 -47.14
CA SER X 134 37.59 -27.86 -47.49
C SER X 134 37.11 -26.47 -47.84
N LEU X 135 37.72 -25.45 -47.21
CA LEU X 135 37.39 -24.07 -47.53
C LEU X 135 37.77 -23.73 -48.97
N ASP X 136 38.78 -24.43 -49.51
CA ASP X 136 39.24 -24.13 -50.86
C ASP X 136 38.13 -24.34 -51.88
N ASP X 137 37.48 -25.51 -51.85
CA ASP X 137 36.44 -25.82 -52.82
C ASP X 137 35.29 -24.83 -52.74
N LEU X 138 34.90 -24.46 -51.51
CA LEU X 138 33.89 -23.44 -51.33
C LEU X 138 34.34 -22.11 -51.94
N ARG X 139 35.64 -21.85 -51.94
CA ARG X 139 36.14 -20.61 -52.54
C ARG X 139 35.86 -20.56 -54.04
N GLU X 140 36.06 -21.66 -54.77
CA GLU X 140 35.70 -21.64 -56.19
C GLU X 140 34.19 -21.66 -56.37
N PHE X 141 33.46 -22.37 -55.50
CA PHE X 141 32.02 -22.49 -55.70
C PHE X 141 31.31 -21.15 -55.53
N ASP X 142 31.39 -20.56 -54.34
CA ASP X 142 30.73 -19.30 -54.05
C ASP X 142 31.68 -18.43 -53.25
N ARG X 143 32.17 -17.35 -53.86
CA ARG X 143 33.07 -16.45 -53.16
C ARG X 143 32.35 -15.74 -52.02
N SER X 144 31.09 -15.38 -52.22
CA SER X 144 30.34 -14.66 -51.17
C SER X 144 30.15 -15.51 -49.93
N PHE X 145 29.78 -16.79 -50.09
CA PHE X 145 29.56 -17.65 -48.95
C PHE X 145 30.87 -17.94 -48.20
N TRP X 146 31.96 -18.14 -48.94
CA TRP X 146 33.27 -18.35 -48.34
C TRP X 146 33.71 -17.12 -47.55
N SER X 147 33.53 -15.94 -48.13
CA SER X 147 33.86 -14.70 -47.45
C SER X 147 33.00 -14.52 -46.21
N GLY X 148 31.72 -14.90 -46.29
CA GLY X 148 30.86 -14.81 -45.13
C GLY X 148 31.30 -15.73 -44.00
N ILE X 149 31.68 -16.96 -44.33
CA ILE X 149 32.13 -17.89 -43.31
C ILE X 149 33.42 -17.39 -42.66
N LEU X 150 34.37 -16.92 -43.47
CA LEU X 150 35.64 -16.47 -42.91
C LEU X 150 35.51 -15.17 -42.11
N VAL X 151 34.60 -14.28 -42.52
CA VAL X 151 34.53 -12.96 -41.90
C VAL X 151 33.43 -12.90 -40.86
N GLU X 152 32.26 -13.48 -41.15
CA GLU X 152 31.09 -13.41 -40.28
C GLU X 152 30.57 -14.82 -40.03
N PRO X 153 31.31 -15.62 -39.26
CA PRO X 153 30.93 -17.03 -39.07
C PRO X 153 29.58 -17.22 -38.39
N ALA X 154 29.23 -16.32 -37.47
CA ALA X 154 28.03 -16.47 -36.64
C ALA X 154 26.74 -16.33 -37.44
N TYR X 155 26.80 -15.88 -38.69
CA TYR X 155 25.62 -15.76 -39.52
C TYR X 155 25.64 -16.70 -40.72
N PHE X 156 26.67 -17.53 -40.86
CA PHE X 156 26.76 -18.45 -41.98
C PHE X 156 27.01 -19.89 -41.58
N ILE X 157 27.47 -20.16 -40.36
CA ILE X 157 27.67 -21.55 -39.94
C ILE X 157 26.34 -22.20 -39.52
N PRO X 158 25.50 -21.55 -38.70
CA PRO X 158 24.21 -22.17 -38.34
C PRO X 158 23.34 -22.49 -39.54
N PRO X 159 23.25 -21.61 -40.56
CA PRO X 159 22.51 -22.02 -41.77
C PRO X 159 23.09 -23.23 -42.46
N ALA X 160 24.41 -23.39 -42.43
CA ALA X 160 25.05 -24.54 -43.08
C ALA X 160 24.77 -25.82 -42.31
N GLU X 161 24.78 -25.75 -40.98
CA GLU X 161 24.54 -26.94 -40.17
C GLU X 161 23.13 -27.49 -40.36
N LYS X 162 22.13 -26.60 -40.47
CA LYS X 162 20.77 -27.07 -40.71
C LYS X 162 20.65 -27.80 -42.05
N ALA X 163 21.30 -27.25 -43.09
CA ALA X 163 21.27 -27.91 -44.40
C ALA X 163 21.96 -29.27 -44.35
N LEU X 164 23.09 -29.35 -43.64
CA LEU X 164 23.77 -30.64 -43.51
C LEU X 164 22.90 -31.65 -42.77
N THR X 165 22.22 -31.20 -41.71
CA THR X 165 21.30 -32.08 -40.99
C THR X 165 20.17 -32.54 -41.89
N ASP X 166 19.63 -31.64 -42.72
CA ASP X 166 18.55 -32.01 -43.63
C ASP X 166 19.01 -33.06 -44.64
N LEU X 167 20.20 -32.88 -45.21
CA LEU X 167 20.72 -33.86 -46.15
C LEU X 167 20.91 -35.22 -45.48
N ALA X 168 21.49 -35.21 -44.27
CA ALA X 168 21.71 -36.46 -43.56
C ALA X 168 20.38 -37.15 -43.23
N ASP X 169 19.37 -36.38 -42.84
CA ASP X 169 18.06 -36.95 -42.57
C ASP X 169 17.44 -37.55 -43.83
N SER X 170 17.63 -36.87 -44.98
CA SER X 170 17.12 -37.40 -46.24
C SER X 170 17.80 -38.70 -46.62
N MET X 171 19.10 -38.84 -46.36
CA MET X 171 19.80 -40.07 -46.72
C MET X 171 19.26 -41.27 -45.96
N ASP X 172 19.00 -41.11 -44.66
CA ASP X 172 18.61 -42.24 -43.80
C ASP X 172 17.18 -42.67 -44.15
N ASP X 173 17.10 -43.68 -45.01
CA ASP X 173 15.80 -44.24 -45.38
C ASP X 173 15.32 -45.26 -44.36
N VAL X 174 16.25 -46.01 -43.78
CA VAL X 174 15.86 -47.07 -42.84
C VAL X 174 15.27 -46.44 -41.58
N PRO X 175 14.15 -46.94 -41.06
CA PRO X 175 13.59 -46.38 -39.83
C PRO X 175 14.39 -46.80 -38.61
N HIS X 176 14.36 -45.96 -37.57
CA HIS X 176 15.01 -46.25 -36.30
C HIS X 176 14.04 -45.96 -35.16
N PRO X 177 13.05 -46.84 -34.95
CA PRO X 177 12.10 -46.63 -33.83
C PRO X 177 12.71 -46.98 -32.48
N ASN X 178 13.78 -46.27 -32.12
CA ASN X 178 14.47 -46.55 -30.87
C ASN X 178 13.66 -46.02 -29.69
N ALA X 179 13.96 -46.56 -28.51
CA ALA X 179 13.20 -46.21 -27.31
C ALA X 179 13.35 -44.74 -26.96
N SER X 180 14.57 -44.19 -27.07
CA SER X 180 14.82 -42.83 -26.63
C SER X 180 15.64 -42.01 -27.61
N ALA X 181 16.02 -42.57 -28.76
CA ALA X 181 16.81 -41.79 -29.72
C ALA X 181 15.94 -40.78 -30.45
N VAL X 182 14.62 -40.91 -30.35
CA VAL X 182 13.69 -39.98 -30.98
C VAL X 182 13.81 -38.60 -30.35
N SER X 183 14.07 -38.56 -29.04
CA SER X 183 14.13 -37.29 -28.32
C SER X 183 15.40 -36.53 -28.67
N SER X 184 16.54 -37.23 -28.74
CA SER X 184 17.82 -36.61 -29.00
C SER X 184 18.24 -36.89 -30.44
N ARG X 185 18.31 -35.83 -31.25
CA ARG X 185 18.64 -35.97 -32.66
C ARG X 185 20.13 -36.03 -32.95
N HIS X 186 20.96 -35.47 -32.07
CA HIS X 186 22.40 -35.35 -32.31
C HIS X 186 22.68 -34.70 -33.65
N PRO X 187 22.44 -33.38 -33.78
CA PRO X 187 22.57 -32.72 -35.08
C PRO X 187 23.98 -32.79 -35.62
N TRP X 188 24.08 -32.84 -36.95
CA TRP X 188 25.37 -32.90 -37.62
C TRP X 188 26.09 -31.56 -37.56
N LYS X 189 27.40 -31.61 -37.44
CA LYS X 189 28.24 -30.42 -37.36
C LYS X 189 29.30 -30.44 -38.45
N LEU X 190 30.08 -29.36 -38.51
CA LEU X 190 31.03 -29.15 -39.59
C LEU X 190 32.43 -28.87 -39.06
N SER X 191 33.42 -29.20 -39.88
CA SER X 191 34.82 -28.88 -39.63
C SER X 191 35.44 -28.36 -40.92
N PHE X 192 36.51 -27.58 -40.78
CA PHE X 192 37.09 -26.88 -41.91
C PHE X 192 38.57 -27.20 -42.05
N LYS X 193 39.07 -27.05 -43.28
CA LYS X 193 40.47 -27.26 -43.63
C LYS X 193 40.77 -26.38 -44.84
N GLY X 194 42.03 -26.39 -45.28
CA GLY X 194 42.43 -25.58 -46.42
C GLY X 194 43.39 -24.48 -46.03
N SER X 195 43.31 -23.37 -46.76
CA SER X 195 44.13 -22.20 -46.50
C SER X 195 43.29 -21.13 -45.84
N PHE X 196 43.83 -20.55 -44.76
CA PHE X 196 43.14 -19.51 -44.00
C PHE X 196 43.66 -18.12 -44.30
N GLY X 197 44.70 -18.00 -45.12
CA GLY X 197 45.23 -16.69 -45.47
C GLY X 197 45.80 -15.98 -44.25
N ALA X 198 45.24 -14.82 -43.94
CA ALA X 198 45.71 -13.99 -42.84
C ALA X 198 45.10 -14.39 -41.50
N HIS X 199 44.25 -15.42 -41.47
CA HIS X 199 43.59 -15.85 -40.25
C HIS X 199 44.39 -16.91 -39.49
N ALA X 200 45.59 -17.25 -39.95
CA ALA X 200 46.47 -18.15 -39.22
C ALA X 200 47.36 -17.33 -38.30
N LEU X 201 47.16 -17.47 -37.00
CA LEU X 201 47.80 -16.60 -36.02
C LEU X 201 48.33 -17.47 -34.87
N SER X 202 48.77 -16.79 -33.81
CA SER X 202 49.28 -17.40 -32.60
C SER X 202 48.66 -16.70 -31.40
N PRO X 203 48.72 -17.28 -30.20
CA PRO X 203 48.12 -16.60 -29.03
C PRO X 203 48.66 -15.21 -28.75
N ARG X 204 49.72 -14.77 -29.43
CA ARG X 204 50.26 -13.44 -29.21
C ARG X 204 49.75 -12.41 -30.22
N THR X 205 49.59 -12.80 -31.48
CA THR X 205 49.13 -11.88 -32.52
C THR X 205 47.62 -11.81 -32.62
N LEU X 206 46.91 -12.28 -31.60
CA LEU X 206 45.45 -12.28 -31.59
C LEU X 206 44.98 -11.10 -30.74
N THR X 207 44.30 -10.14 -31.39
CA THR X 207 43.86 -8.92 -30.71
C THR X 207 42.37 -8.70 -30.87
N ALA X 208 41.89 -7.51 -30.49
CA ALA X 208 40.48 -7.18 -30.55
C ALA X 208 39.96 -6.99 -31.98
N GLN X 209 40.86 -6.98 -32.96
CA GLN X 209 40.48 -6.86 -34.35
C GLN X 209 40.00 -8.18 -34.95
N HIS X 210 40.22 -9.30 -34.26
CA HIS X 210 39.87 -10.63 -34.77
C HIS X 210 38.63 -11.20 -34.10
N LEU X 211 37.94 -10.45 -33.26
CA LEU X 211 36.77 -10.98 -32.57
C LEU X 211 35.64 -11.25 -33.55
N ASN X 212 34.86 -12.30 -33.27
CA ASN X 212 33.78 -12.76 -34.14
C ASN X 212 34.29 -13.11 -35.53
N LYS X 213 35.43 -13.79 -35.58
CA LYS X 213 36.04 -14.24 -36.83
C LYS X 213 36.51 -15.68 -36.67
N LEU X 214 36.60 -16.38 -37.80
CA LEU X 214 37.10 -17.75 -37.81
C LEU X 214 38.62 -17.73 -37.89
N VAL X 215 39.28 -18.30 -36.89
CA VAL X 215 40.72 -18.25 -36.77
C VAL X 215 41.26 -19.64 -36.47
N SER X 216 42.57 -19.78 -36.65
CA SER X 216 43.31 -20.98 -36.25
C SER X 216 44.54 -20.55 -35.47
N VAL X 217 44.76 -21.19 -34.32
CA VAL X 217 45.88 -20.86 -33.44
C VAL X 217 46.73 -22.10 -33.21
N GLU X 218 48.04 -21.91 -33.24
CA GLU X 218 49.01 -22.98 -33.03
C GLU X 218 49.69 -22.79 -31.69
N GLY X 219 49.86 -23.88 -30.94
CA GLY X 219 50.49 -23.73 -29.65
C GLY X 219 50.69 -25.06 -28.96
N ILE X 220 50.95 -24.97 -27.65
CA ILE X 220 51.22 -26.11 -26.80
C ILE X 220 50.20 -26.12 -25.68
N VAL X 221 49.58 -27.28 -25.44
CA VAL X 221 48.60 -27.42 -24.38
C VAL X 221 49.33 -27.49 -23.03
N THR X 222 48.87 -26.69 -22.08
CA THR X 222 49.44 -26.67 -20.73
C THR X 222 48.49 -27.21 -19.67
N LYS X 223 47.23 -26.77 -19.69
CA LYS X 223 46.26 -27.18 -18.69
C LYS X 223 44.98 -27.65 -19.36
N THR X 224 44.32 -28.63 -18.74
CA THR X 224 43.02 -29.10 -19.16
C THR X 224 42.12 -29.22 -17.93
N SER X 225 40.81 -29.06 -18.15
CA SER X 225 39.86 -29.20 -17.05
C SER X 225 39.20 -30.57 -17.10
N LEU X 226 38.53 -30.92 -16.00
CA LEU X 226 37.83 -32.19 -15.90
C LEU X 226 36.58 -32.18 -16.77
N VAL X 227 36.23 -33.34 -17.31
CA VAL X 227 35.07 -33.44 -18.19
C VAL X 227 33.79 -33.52 -17.36
N ARG X 228 32.86 -32.61 -17.64
CA ARG X 228 31.62 -32.51 -16.91
C ARG X 228 30.46 -32.63 -17.89
N PRO X 229 29.30 -33.09 -17.43
CA PRO X 229 28.11 -33.09 -18.31
C PRO X 229 27.28 -31.83 -18.16
N LYS X 230 26.73 -31.34 -19.26
CA LYS X 230 25.93 -30.12 -19.29
C LYS X 230 24.57 -30.41 -19.91
N LEU X 231 23.53 -29.85 -19.30
CA LEU X 231 22.15 -30.09 -19.68
C LEU X 231 21.78 -29.23 -20.88
N ILE X 232 21.11 -29.82 -21.86
CA ILE X 232 20.67 -29.09 -23.04
C ILE X 232 19.15 -29.12 -23.22
N ARG X 233 18.46 -30.17 -22.77
CA ARG X 233 17.02 -30.26 -22.88
C ARG X 233 16.52 -31.19 -21.78
N SER X 234 15.41 -30.81 -21.15
CA SER X 234 14.83 -31.58 -20.05
C SER X 234 13.42 -32.01 -20.44
N VAL X 235 13.06 -33.23 -20.09
CA VAL X 235 11.77 -33.81 -20.41
C VAL X 235 11.07 -34.21 -19.11
N HIS X 236 9.80 -33.85 -18.99
CA HIS X 236 9.02 -34.07 -17.79
C HIS X 236 7.72 -34.78 -18.16
N TYR X 237 7.25 -35.64 -17.26
CA TYR X 237 6.03 -36.41 -17.44
C TYR X 237 4.95 -35.85 -16.53
N ALA X 238 3.73 -35.72 -17.06
CA ALA X 238 2.61 -35.16 -16.34
C ALA X 238 1.61 -36.27 -15.99
N ALA X 239 1.28 -36.38 -14.72
CA ALA X 239 0.26 -37.34 -14.30
C ALA X 239 -1.12 -36.83 -14.65
N LYS X 240 -2.09 -37.75 -14.64
CA LYS X 240 -3.51 -37.47 -14.87
C LYS X 240 -3.77 -37.06 -16.32
N THR X 241 -2.72 -36.95 -17.13
CA THR X 241 -2.90 -36.60 -18.54
C THR X 241 -2.10 -37.52 -19.44
N GLY X 242 -0.93 -37.95 -18.97
CA GLY X 242 -0.13 -38.92 -19.69
C GLY X 242 0.73 -38.36 -20.80
N ARG X 243 0.82 -37.05 -20.96
CA ARG X 243 1.65 -36.45 -21.99
C ARG X 243 2.94 -35.90 -21.40
N PHE X 244 3.94 -35.72 -22.26
CA PHE X 244 5.25 -35.22 -21.88
C PHE X 244 5.39 -33.76 -22.27
N HIS X 245 6.29 -33.05 -21.58
CA HIS X 245 6.60 -31.66 -21.88
C HIS X 245 8.11 -31.45 -21.78
N TYR X 246 8.68 -30.70 -22.73
CA TYR X 246 10.11 -30.50 -22.76
C TYR X 246 10.46 -29.01 -22.65
N ARG X 247 11.57 -28.73 -21.99
CA ARG X 247 12.13 -27.39 -21.85
C ARG X 247 13.54 -27.38 -22.41
N ASP X 248 13.86 -26.36 -23.21
CA ASP X 248 15.15 -26.24 -23.85
C ASP X 248 16.02 -25.27 -23.06
N TYR X 249 17.34 -25.48 -23.10
CA TYR X 249 18.30 -24.63 -22.42
C TYR X 249 19.41 -24.24 -23.40
N THR X 250 19.89 -23.01 -23.24
CA THR X 250 20.99 -22.49 -24.05
C THR X 250 21.95 -21.73 -23.15
N ASP X 251 23.20 -21.64 -23.62
CA ASP X 251 24.24 -20.94 -22.89
C ASP X 251 25.08 -20.14 -23.87
N ALA X 252 25.88 -19.21 -23.35
CA ALA X 252 26.74 -18.40 -24.19
C ALA X 252 27.76 -19.25 -24.94
N THR X 253 28.35 -20.24 -24.26
CA THR X 253 29.34 -21.09 -24.90
C THR X 253 28.69 -22.16 -25.78
N THR X 254 27.41 -22.42 -25.58
CA THR X 254 26.75 -23.49 -26.34
C THR X 254 26.50 -23.07 -27.79
N THR X 255 26.01 -21.86 -28.00
CA THR X 255 25.56 -21.41 -29.32
C THR X 255 26.37 -20.20 -29.77
N LEU X 256 26.37 -19.97 -31.08
CA LEU X 256 27.08 -18.87 -31.70
C LEU X 256 26.29 -17.57 -31.69
N THR X 257 25.02 -17.61 -31.32
CA THR X 257 24.16 -16.43 -31.30
C THR X 257 23.69 -16.17 -29.87
N THR X 258 23.71 -14.89 -29.48
CA THR X 258 23.28 -14.48 -28.15
C THR X 258 21.77 -14.58 -28.05
N ARG X 259 21.29 -15.17 -26.95
CA ARG X 259 19.86 -15.34 -26.73
C ARG X 259 19.54 -15.01 -25.28
N ILE X 260 18.25 -15.05 -24.96
CA ILE X 260 17.81 -14.82 -23.58
C ILE X 260 18.30 -15.96 -22.71
N PRO X 261 18.95 -15.70 -21.58
CA PRO X 261 19.53 -16.79 -20.78
C PRO X 261 18.45 -17.63 -20.09
N THR X 262 18.87 -18.82 -19.66
CA THR X 262 18.00 -19.77 -19.00
C THR X 262 18.51 -20.06 -17.59
N PRO X 263 17.62 -20.19 -16.61
CA PRO X 263 18.05 -20.37 -15.22
C PRO X 263 18.42 -21.79 -14.83
N ALA X 264 18.27 -22.77 -15.73
CA ALA X 264 18.60 -24.16 -15.47
C ALA X 264 17.87 -24.72 -14.24
N ILE X 265 16.58 -24.44 -14.12
CA ILE X 265 15.76 -24.96 -13.02
C ILE X 265 14.65 -25.79 -13.66
N TYR X 266 14.50 -27.02 -13.19
CA TYR X 266 13.53 -27.94 -13.77
C TYR X 266 12.11 -27.46 -13.50
N PRO X 267 11.24 -27.42 -14.51
CA PRO X 267 9.83 -27.11 -14.26
C PRO X 267 9.20 -28.13 -13.33
N THR X 268 8.33 -27.64 -12.44
CA THR X 268 7.68 -28.49 -11.45
C THR X 268 6.16 -28.49 -11.60
N GLU X 269 5.59 -27.43 -12.15
CA GLU X 269 4.14 -27.29 -12.28
C GLU X 269 3.77 -27.21 -13.76
N ASP X 270 2.73 -27.97 -14.13
CA ASP X 270 2.21 -27.91 -15.49
C ASP X 270 1.46 -26.59 -15.69
N THR X 271 1.06 -26.34 -16.94
CA THR X 271 0.27 -25.16 -17.24
C THR X 271 -1.08 -25.20 -16.52
N GLU X 272 -1.64 -26.40 -16.32
CA GLU X 272 -2.88 -26.57 -15.59
C GLU X 272 -2.65 -26.83 -14.10
N GLY X 273 -1.40 -26.87 -13.64
CA GLY X 273 -1.11 -27.09 -12.25
C GLY X 273 -0.82 -28.52 -11.86
N ASN X 274 -0.85 -29.46 -12.81
CA ASN X 274 -0.54 -30.84 -12.51
C ASN X 274 0.95 -31.00 -12.19
N LYS X 275 1.25 -31.90 -11.26
CA LYS X 275 2.62 -32.13 -10.86
C LYS X 275 3.42 -32.75 -12.00
N LEU X 276 4.64 -32.26 -12.19
CA LEU X 276 5.53 -32.74 -13.23
C LEU X 276 6.67 -33.53 -12.60
N THR X 277 7.01 -34.66 -13.23
CA THR X 277 8.10 -35.52 -12.74
C THR X 277 9.21 -35.56 -13.78
N THR X 278 10.43 -35.26 -13.36
CA THR X 278 11.56 -35.31 -14.27
C THR X 278 11.91 -36.76 -14.61
N GLU X 279 12.09 -37.01 -15.90
CA GLU X 279 12.35 -38.36 -16.43
C GLU X 279 13.75 -38.38 -17.05
N TYR X 280 14.75 -38.65 -16.23
CA TYR X 280 16.09 -38.85 -16.75
C TYR X 280 16.12 -40.08 -17.65
N GLY X 281 16.97 -40.05 -18.66
CA GLY X 281 17.00 -41.06 -19.69
C GLY X 281 16.34 -40.63 -20.98
N TYR X 282 15.55 -39.57 -20.94
CA TYR X 282 15.05 -38.92 -22.15
C TYR X 282 15.62 -37.53 -22.36
N SER X 283 16.32 -36.98 -21.38
CA SER X 283 16.93 -35.67 -21.50
C SER X 283 18.23 -35.76 -22.30
N THR X 284 18.83 -34.60 -22.55
CA THR X 284 20.05 -34.51 -23.36
C THR X 284 21.16 -33.85 -22.55
N PHE X 285 22.32 -34.50 -22.50
CA PHE X 285 23.51 -33.96 -21.86
C PHE X 285 24.68 -34.06 -22.83
N ILE X 286 25.60 -33.10 -22.72
CA ILE X 286 26.76 -33.02 -23.58
C ILE X 286 28.00 -32.79 -22.73
N ASP X 287 29.09 -33.48 -23.08
CA ASP X 287 30.35 -33.36 -22.37
C ASP X 287 31.02 -32.03 -22.68
N HIS X 288 31.64 -31.43 -21.67
CA HIS X 288 32.23 -30.10 -21.77
C HIS X 288 33.62 -30.10 -21.18
N GLN X 289 34.56 -29.44 -21.86
CA GLN X 289 35.93 -29.35 -21.38
C GLN X 289 36.53 -28.00 -21.77
N ARG X 290 37.54 -27.57 -21.01
CA ARG X 290 38.26 -26.33 -21.28
C ARG X 290 39.76 -26.60 -21.23
N ILE X 291 40.46 -26.21 -22.29
CA ILE X 291 41.90 -26.38 -22.36
C ILE X 291 42.56 -25.01 -22.51
N THR X 292 43.85 -24.96 -22.20
CA THR X 292 44.65 -23.75 -22.33
C THR X 292 45.80 -24.02 -23.30
N VAL X 293 45.94 -23.16 -24.29
CA VAL X 293 46.95 -23.29 -25.34
C VAL X 293 47.93 -22.14 -25.22
N GLN X 294 49.21 -22.45 -25.06
CA GLN X 294 50.26 -21.46 -24.88
C GLN X 294 51.10 -21.36 -26.15
N GLU X 295 51.72 -20.21 -26.34
CA GLU X 295 52.57 -19.99 -27.49
C GLU X 295 53.85 -20.83 -27.38
N MET X 296 54.39 -21.21 -28.53
CA MET X 296 55.66 -21.92 -28.54
C MET X 296 56.76 -21.00 -28.01
N PRO X 297 57.51 -21.42 -26.99
CA PRO X 297 58.50 -20.52 -26.39
C PRO X 297 59.64 -20.14 -27.32
N GLU X 298 59.86 -20.91 -28.38
CA GLU X 298 60.97 -20.63 -29.28
C GLU X 298 60.68 -19.43 -30.18
N MET X 299 59.41 -19.09 -30.36
CA MET X 299 59.02 -17.99 -31.24
C MET X 299 58.76 -16.68 -30.48
N ALA X 300 58.97 -16.66 -29.17
CA ALA X 300 58.67 -15.47 -28.39
C ALA X 300 59.68 -14.36 -28.69
N PRO X 301 59.27 -13.10 -28.59
CA PRO X 301 60.21 -12.00 -28.77
C PRO X 301 61.25 -11.95 -27.66
N ALA X 302 62.26 -11.11 -27.86
CA ALA X 302 63.34 -10.99 -26.90
C ALA X 302 62.85 -10.33 -25.62
N GLY X 303 63.18 -10.93 -24.48
CA GLY X 303 62.86 -10.37 -23.19
C GLY X 303 61.42 -10.52 -22.76
N GLN X 304 60.61 -11.31 -23.47
CA GLN X 304 59.20 -11.46 -23.17
C GLN X 304 58.88 -12.92 -22.91
N LEU X 305 57.86 -13.15 -22.06
CA LEU X 305 57.39 -14.49 -21.72
C LEU X 305 56.21 -14.88 -22.61
N PRO X 306 56.05 -16.17 -22.91
CA PRO X 306 54.98 -16.59 -23.82
C PRO X 306 53.59 -16.35 -23.22
N ARG X 307 52.62 -16.08 -24.09
CA ARG X 307 51.25 -15.82 -23.70
C ARG X 307 50.35 -16.99 -24.10
N SER X 308 49.22 -17.10 -23.43
CA SER X 308 48.32 -18.24 -23.58
C SER X 308 46.88 -17.77 -23.78
N ILE X 309 46.06 -18.68 -24.29
CA ILE X 309 44.65 -18.43 -24.56
C ILE X 309 43.85 -19.66 -24.13
N ASP X 310 42.54 -19.49 -24.03
CA ASP X 310 41.64 -20.54 -23.55
C ASP X 310 40.74 -21.01 -24.69
N VAL X 311 40.54 -22.33 -24.78
CA VAL X 311 39.70 -22.94 -25.80
C VAL X 311 38.69 -23.83 -25.11
N ILE X 312 37.45 -23.83 -25.60
CA ILE X 312 36.38 -24.64 -25.04
C ILE X 312 36.02 -25.73 -26.04
N LEU X 313 36.05 -26.98 -25.59
CA LEU X 313 35.73 -28.14 -26.40
C LEU X 313 34.45 -28.79 -25.89
N ASP X 314 33.66 -29.35 -26.81
CA ASP X 314 32.37 -29.90 -26.45
C ASP X 314 32.06 -31.10 -27.32
N ASP X 315 31.11 -31.91 -26.84
CA ASP X 315 30.58 -33.07 -27.55
C ASP X 315 31.67 -34.11 -27.82
N ASP X 316 32.05 -34.26 -29.09
CA ASP X 316 32.97 -35.31 -29.50
C ASP X 316 34.42 -34.87 -29.53
N LEU X 317 34.71 -33.62 -29.19
CA LEU X 317 36.07 -33.09 -29.21
C LEU X 317 36.76 -33.27 -27.86
N VAL X 318 36.12 -33.94 -26.91
CA VAL X 318 36.62 -34.03 -25.54
C VAL X 318 37.70 -35.09 -25.45
N ASP X 319 38.76 -34.78 -24.70
CA ASP X 319 39.86 -35.70 -24.42
C ASP X 319 40.60 -36.13 -25.68
N LYS X 320 40.76 -35.20 -26.63
CA LYS X 320 41.61 -35.43 -27.79
C LYS X 320 42.98 -34.79 -27.63
N THR X 321 43.24 -34.13 -26.50
CA THR X 321 44.51 -33.48 -26.23
C THR X 321 44.92 -33.77 -24.80
N LYS X 322 46.23 -33.72 -24.56
CA LYS X 322 46.82 -33.88 -23.24
C LYS X 322 47.85 -32.78 -23.04
N PRO X 323 48.16 -32.45 -21.78
CA PRO X 323 49.15 -31.39 -21.53
C PRO X 323 50.51 -31.75 -22.14
N GLY X 324 51.17 -30.73 -22.68
CA GLY X 324 52.44 -30.88 -23.34
C GLY X 324 52.35 -31.11 -24.84
N ASP X 325 51.16 -31.38 -25.35
CA ASP X 325 51.00 -31.65 -26.78
C ASP X 325 51.12 -30.36 -27.59
N ARG X 326 51.51 -30.51 -28.84
CA ARG X 326 51.55 -29.41 -29.80
C ARG X 326 50.34 -29.55 -30.71
N VAL X 327 49.46 -28.54 -30.67
CA VAL X 327 48.16 -28.62 -31.34
C VAL X 327 47.92 -27.37 -32.18
N ASN X 328 46.98 -27.50 -33.10
CA ASN X 328 46.48 -26.39 -33.92
C ASN X 328 44.96 -26.44 -33.87
N VAL X 329 44.35 -25.41 -33.30
CA VAL X 329 42.92 -25.37 -33.04
C VAL X 329 42.27 -24.35 -33.95
N VAL X 330 41.26 -24.79 -34.70
CA VAL X 330 40.46 -23.92 -35.57
C VAL X 330 39.11 -23.70 -34.93
N GLY X 331 38.74 -22.44 -34.75
CA GLY X 331 37.45 -22.13 -34.14
C GLY X 331 37.15 -20.64 -34.26
N VAL X 332 36.07 -20.25 -33.60
CA VAL X 332 35.56 -18.88 -33.66
C VAL X 332 36.04 -18.12 -32.43
N PHE X 333 36.65 -16.95 -32.65
CA PHE X 333 37.09 -16.10 -31.56
C PHE X 333 35.92 -15.23 -31.11
N LYS X 334 35.56 -15.33 -29.83
CA LYS X 334 34.29 -14.81 -29.33
C LYS X 334 34.49 -14.04 -28.05
N SER X 335 33.64 -13.03 -27.83
CA SER X 335 33.61 -12.31 -26.58
C SER X 335 32.46 -12.82 -25.70
N LEU X 336 32.52 -12.48 -24.41
CA LEU X 336 31.58 -13.04 -23.46
C LEU X 336 31.49 -12.13 -22.25
N GLY X 337 30.35 -12.16 -21.58
CA GLY X 337 30.15 -11.49 -20.31
C GLY X 337 29.48 -10.13 -20.46
N ALA X 338 29.68 -9.30 -19.44
CA ALA X 338 29.21 -7.92 -19.45
C ALA X 338 30.33 -6.90 -19.54
N GLY X 339 31.55 -7.25 -19.17
CA GLY X 339 32.69 -6.36 -19.37
C GLY X 339 32.64 -5.09 -18.54
N GLY X 340 32.14 -5.18 -17.32
CA GLY X 340 32.20 -4.07 -16.40
C GLY X 340 31.46 -2.82 -16.83
N MET X 341 30.54 -2.92 -17.77
CA MET X 341 29.71 -1.81 -18.22
C MET X 341 28.32 -1.89 -17.61
N ASN X 342 28.26 -2.29 -16.34
CA ASN X 342 26.99 -2.69 -15.73
C ASN X 342 26.88 -2.13 -14.32
N GLN X 343 25.99 -2.72 -13.52
CA GLN X 343 25.68 -2.17 -12.19
C GLN X 343 26.93 -2.00 -11.34
N SER X 344 27.96 -2.81 -11.58
CA SER X 344 29.20 -2.70 -10.84
C SER X 344 29.82 -1.31 -11.05
N ASN X 345 30.75 -0.96 -10.15
CA ASN X 345 31.35 0.35 -10.17
C ASN X 345 32.22 0.55 -11.41
N SER X 346 32.30 1.78 -11.88
CA SER X 346 33.14 2.10 -13.03
C SER X 346 34.61 1.95 -12.67
N ASN X 347 35.36 1.25 -13.52
CA ASN X 347 36.76 0.96 -13.25
C ASN X 347 37.51 0.82 -14.57
N THR X 348 38.75 1.31 -14.59
CA THR X 348 39.56 1.24 -15.80
C THR X 348 40.23 -0.13 -15.94
N LEU X 349 40.23 -0.91 -14.86
CA LEU X 349 40.91 -2.20 -14.83
C LEU X 349 40.03 -3.35 -15.31
N ILE X 350 38.81 -3.07 -15.75
CA ILE X 350 37.84 -4.10 -16.10
C ILE X 350 37.62 -4.08 -17.60
N GLY X 351 37.83 -5.23 -18.24
CA GLY X 351 37.55 -5.39 -19.65
C GLY X 351 36.69 -6.59 -19.91
N PHE X 352 36.51 -6.95 -21.19
CA PHE X 352 35.70 -8.11 -21.54
C PHE X 352 36.56 -9.37 -21.53
N LYS X 353 35.89 -10.52 -21.55
CA LYS X 353 36.54 -11.82 -21.56
C LYS X 353 36.43 -12.44 -22.95
N THR X 354 37.51 -13.08 -23.38
CA THR X 354 37.61 -13.63 -24.72
C THR X 354 37.79 -15.13 -24.66
N LEU X 355 37.24 -15.83 -25.64
CA LEU X 355 37.25 -17.28 -25.68
C LEU X 355 37.22 -17.74 -27.13
N ILE X 356 37.52 -19.02 -27.34
CA ILE X 356 37.47 -19.64 -28.65
C ILE X 356 36.58 -20.88 -28.57
N LEU X 357 35.59 -20.95 -29.45
CA LEU X 357 34.75 -22.13 -29.60
C LEU X 357 35.36 -23.01 -30.69
N GLY X 358 36.20 -23.95 -30.28
CA GLY X 358 36.94 -24.73 -31.26
C GLY X 358 36.04 -25.62 -32.09
N ASN X 359 36.23 -25.54 -33.42
CA ASN X 359 35.59 -26.44 -34.35
C ASN X 359 36.42 -27.69 -34.60
N THR X 360 37.73 -27.53 -34.76
CA THR X 360 38.60 -28.65 -35.13
C THR X 360 39.91 -28.55 -34.37
N VAL X 361 40.53 -29.69 -34.12
CA VAL X 361 41.85 -29.77 -33.52
C VAL X 361 42.71 -30.70 -34.38
N TYR X 362 43.91 -30.24 -34.72
CA TYR X 362 44.86 -31.01 -35.52
C TYR X 362 46.18 -31.15 -34.78
N PRO X 363 46.69 -32.37 -34.61
CA PRO X 363 48.03 -32.53 -34.04
C PRO X 363 49.11 -32.18 -35.07
N LEU X 364 49.97 -31.24 -34.70
CA LEU X 364 51.05 -30.83 -35.59
C LEU X 364 52.06 -31.96 -35.79
N ARG X 374 52.62 -39.74 -34.72
CA ARG X 374 52.41 -40.93 -35.55
C ARG X 374 52.46 -40.57 -37.03
N GLN X 375 53.56 -40.91 -37.68
CA GLN X 375 53.74 -40.69 -39.11
C GLN X 375 53.28 -41.92 -39.86
N MET X 376 52.12 -41.82 -40.51
CA MET X 376 51.58 -42.95 -41.25
C MET X 376 52.51 -43.35 -42.39
N LEU X 377 52.71 -44.66 -42.55
CA LEU X 377 53.64 -45.20 -43.52
C LEU X 377 52.89 -45.88 -44.66
N THR X 378 53.34 -45.62 -45.89
CA THR X 378 52.77 -46.23 -47.07
C THR X 378 53.49 -47.54 -47.37
N ASP X 379 53.15 -48.20 -48.47
CA ASP X 379 53.83 -49.42 -48.87
C ASP X 379 55.22 -49.17 -49.43
N PHE X 380 55.46 -48.02 -50.06
CA PHE X 380 56.80 -47.67 -50.52
C PHE X 380 57.77 -47.55 -49.35
N ASP X 381 57.34 -46.86 -48.28
CA ASP X 381 58.20 -46.69 -47.12
C ASP X 381 58.49 -48.03 -46.43
N ILE X 382 57.46 -48.85 -46.28
CA ILE X 382 57.64 -50.16 -45.63
C ILE X 382 58.53 -51.06 -46.47
N ARG X 383 58.34 -51.05 -47.79
CA ARG X 383 59.20 -51.84 -48.66
C ARG X 383 60.65 -51.37 -48.58
N ASN X 384 60.88 -50.06 -48.53
CA ASN X 384 62.24 -49.56 -48.37
C ASN X 384 62.83 -49.99 -47.03
N ILE X 385 62.02 -49.96 -45.97
CA ILE X 385 62.51 -50.38 -44.66
C ILE X 385 62.90 -51.86 -44.69
N ASN X 386 62.07 -52.70 -45.28
CA ASN X 386 62.38 -54.13 -45.35
C ASN X 386 63.60 -54.39 -46.23
N LYS X 387 63.77 -53.60 -47.29
CA LYS X 387 64.94 -53.77 -48.15
C LYS X 387 66.22 -53.34 -47.42
N LEU X 388 66.16 -52.24 -46.67
CA LEU X 388 67.32 -51.75 -45.95
C LEU X 388 67.63 -52.61 -44.72
N SER X 389 66.65 -53.38 -44.24
CA SER X 389 66.89 -54.27 -43.11
C SER X 389 67.90 -55.36 -43.46
N LYS X 390 67.84 -55.89 -44.68
CA LYS X 390 68.65 -57.05 -45.04
C LYS X 390 70.13 -56.72 -45.21
N LYS X 391 70.49 -55.44 -45.26
CA LYS X 391 71.90 -55.09 -45.38
C LYS X 391 72.67 -55.50 -44.13
N LYS X 392 73.87 -56.02 -44.33
CA LYS X 392 74.65 -56.56 -43.22
C LYS X 392 75.06 -55.47 -42.24
N ASP X 393 75.59 -54.36 -42.75
CA ASP X 393 76.05 -53.26 -41.90
C ASP X 393 74.97 -52.19 -41.77
N ILE X 394 73.84 -52.60 -41.19
CA ILE X 394 72.75 -51.67 -40.94
C ILE X 394 72.87 -50.99 -39.58
N PHE X 395 73.35 -51.69 -38.57
CA PHE X 395 73.52 -51.10 -37.24
C PHE X 395 74.51 -49.95 -37.27
N ASP X 396 75.63 -50.12 -37.98
CA ASP X 396 76.63 -49.06 -38.06
C ASP X 396 76.08 -47.83 -38.77
N ILE X 397 75.36 -48.01 -39.88
CA ILE X 397 74.77 -46.88 -40.58
C ILE X 397 73.77 -46.16 -39.70
N LEU X 398 72.88 -46.92 -39.05
CA LEU X 398 71.86 -46.30 -38.22
C LEU X 398 72.48 -45.53 -37.06
N SER X 399 73.52 -46.09 -36.44
CA SER X 399 74.16 -45.40 -35.32
C SER X 399 74.92 -44.16 -35.79
N GLN X 400 75.59 -44.25 -36.95
CA GLN X 400 76.37 -43.11 -37.43
C GLN X 400 75.49 -41.99 -37.96
N SER X 401 74.26 -42.30 -38.38
CA SER X 401 73.37 -41.26 -38.89
C SER X 401 72.94 -40.31 -37.78
N LEU X 402 73.07 -40.72 -36.52
CA LEU X 402 72.71 -39.84 -35.42
C LEU X 402 73.72 -38.71 -35.27
N ALA X 403 73.21 -37.49 -35.18
CA ALA X 403 74.02 -36.29 -34.95
C ALA X 403 75.24 -36.23 -35.86
N PRO X 404 75.07 -36.00 -37.16
CA PRO X 404 76.24 -35.96 -38.07
C PRO X 404 77.16 -34.78 -37.82
N SER X 405 76.81 -33.86 -36.93
CA SER X 405 77.65 -32.71 -36.62
C SER X 405 78.55 -32.95 -35.41
N ILE X 406 78.56 -34.16 -34.87
CA ILE X 406 79.42 -34.53 -33.75
C ILE X 406 80.51 -35.45 -34.30
N TYR X 407 81.77 -35.12 -34.02
CA TYR X 407 82.89 -35.92 -34.48
C TYR X 407 83.26 -36.97 -33.43
N GLY X 408 83.14 -38.24 -33.81
CA GLY X 408 83.48 -39.32 -32.90
C GLY X 408 82.31 -39.76 -32.04
N HIS X 409 82.64 -40.30 -30.87
CA HIS X 409 81.67 -40.83 -29.92
C HIS X 409 80.76 -41.86 -30.57
N ASP X 410 81.39 -42.81 -31.25
CA ASP X 410 80.65 -43.86 -31.96
C ASP X 410 79.89 -44.78 -31.00
N HIS X 411 80.52 -45.19 -29.91
CA HIS X 411 79.87 -46.14 -29.00
C HIS X 411 78.70 -45.50 -28.27
N ILE X 412 78.82 -44.23 -27.88
CA ILE X 412 77.70 -43.54 -27.25
C ILE X 412 76.55 -43.39 -28.24
N LYS X 413 76.88 -43.16 -29.51
CA LYS X 413 75.84 -43.03 -30.52
C LYS X 413 75.15 -44.37 -30.77
N LYS X 414 75.89 -45.47 -30.63
CA LYS X 414 75.25 -46.79 -30.70
C LYS X 414 74.34 -47.01 -29.50
N ALA X 415 74.78 -46.59 -28.31
CA ALA X 415 73.97 -46.75 -27.11
C ALA X 415 72.68 -45.94 -27.19
N ILE X 416 72.74 -44.73 -27.75
CA ILE X 416 71.55 -43.92 -27.92
C ILE X 416 70.55 -44.61 -28.86
N LEU X 417 71.06 -45.18 -29.96
CA LEU X 417 70.19 -45.90 -30.88
C LEU X 417 69.53 -47.08 -30.19
N LEU X 418 70.30 -47.81 -29.37
CA LEU X 418 69.70 -48.93 -28.64
C LEU X 418 68.66 -48.43 -27.64
N MET X 419 68.86 -47.24 -27.07
CA MET X 419 67.82 -46.64 -26.25
C MET X 419 66.55 -46.38 -27.05
N LEU X 420 66.70 -45.88 -28.27
CA LEU X 420 65.53 -45.52 -29.07
C LEU X 420 64.64 -46.73 -29.31
N MET X 421 65.24 -47.90 -29.53
CA MET X 421 64.50 -49.15 -29.69
C MET X 421 64.62 -49.94 -28.39
N GLY X 422 63.69 -49.70 -27.48
CA GLY X 422 63.77 -50.27 -26.16
C GLY X 422 63.56 -51.78 -26.14
N GLY X 423 63.83 -52.36 -24.97
CA GLY X 423 63.66 -53.79 -24.80
C GLY X 423 62.21 -54.16 -24.57
N VAL X 424 61.98 -55.47 -24.46
CA VAL X 424 60.64 -56.01 -24.27
C VAL X 424 60.36 -56.16 -22.78
N GLU X 425 59.28 -55.54 -22.31
CA GLU X 425 58.93 -55.56 -20.91
C GLU X 425 58.17 -56.85 -20.57
N LYS X 426 58.57 -57.47 -19.46
CA LYS X 426 58.01 -58.75 -19.03
C LYS X 426 57.19 -58.52 -17.77
N ASN X 427 55.89 -58.83 -17.84
CA ASN X 427 55.04 -58.77 -16.67
C ASN X 427 55.08 -60.10 -15.93
N LEU X 428 55.42 -60.05 -14.65
CA LEU X 428 55.67 -61.24 -13.85
C LEU X 428 54.75 -61.25 -12.63
N GLU X 429 54.53 -62.46 -12.11
CA GLU X 429 53.65 -62.67 -10.97
C GLU X 429 54.13 -61.88 -9.75
N ASN X 430 53.28 -61.87 -8.73
CA ASN X 430 53.41 -61.01 -7.55
C ASN X 430 53.25 -59.54 -7.91
N GLY X 431 52.62 -59.24 -9.03
CA GLY X 431 52.42 -57.86 -9.45
C GLY X 431 53.72 -57.14 -9.77
N SER X 432 54.62 -57.78 -10.50
CA SER X 432 55.91 -57.21 -10.81
C SER X 432 56.06 -57.03 -12.32
N HIS X 433 57.03 -56.19 -12.70
CA HIS X 433 57.38 -56.02 -14.10
C HIS X 433 58.87 -55.78 -14.22
N LEU X 434 59.52 -56.48 -15.15
CA LEU X 434 60.91 -56.20 -15.47
C LEU X 434 60.98 -55.04 -16.46
N ARG X 435 61.73 -54.01 -16.10
CA ARG X 435 61.77 -52.82 -16.92
C ARG X 435 62.45 -53.11 -18.26
N GLY X 436 61.91 -52.51 -19.32
CA GLY X 436 62.47 -52.60 -20.64
C GLY X 436 63.22 -51.38 -21.11
N ASP X 437 63.45 -50.42 -20.24
CA ASP X 437 64.10 -49.17 -20.64
C ASP X 437 65.61 -49.27 -20.40
N ILE X 438 66.37 -48.56 -21.24
CA ILE X 438 67.82 -48.49 -21.11
C ILE X 438 68.18 -47.08 -20.63
N ASN X 439 68.92 -47.00 -19.54
CA ASN X 439 69.28 -45.75 -18.91
C ASN X 439 70.78 -45.54 -19.02
N ILE X 440 71.19 -44.37 -19.51
CA ILE X 440 72.60 -44.09 -19.77
C ILE X 440 73.03 -42.83 -19.03
N LEU X 441 74.22 -42.90 -18.45
CA LEU X 441 74.85 -41.77 -17.78
C LEU X 441 76.18 -41.47 -18.46
N MET X 442 76.48 -40.18 -18.63
CA MET X 442 77.74 -39.74 -19.21
C MET X 442 78.46 -38.81 -18.24
N VAL X 443 79.63 -39.23 -17.78
CA VAL X 443 80.50 -38.40 -16.95
C VAL X 443 81.75 -38.09 -17.75
N GLY X 444 82.16 -36.82 -17.74
CA GLY X 444 83.29 -36.45 -18.57
C GLY X 444 83.80 -35.06 -18.27
N ASP X 445 84.79 -34.67 -19.06
CA ASP X 445 85.48 -33.39 -18.93
C ASP X 445 84.67 -32.27 -19.57
N PRO X 446 84.94 -31.02 -19.20
CA PRO X 446 84.22 -29.90 -19.82
C PRO X 446 84.46 -29.83 -21.32
N SER X 447 83.43 -29.41 -22.04
CA SER X 447 83.46 -29.23 -23.49
C SER X 447 83.73 -30.54 -24.23
N THR X 448 82.95 -31.58 -23.93
CA THR X 448 83.11 -32.88 -24.56
C THR X 448 81.84 -33.32 -25.28
N ALA X 449 80.99 -32.36 -25.67
CA ALA X 449 79.79 -32.62 -26.47
C ALA X 449 78.81 -33.53 -25.75
N LYS X 450 78.76 -33.42 -24.41
CA LYS X 450 77.75 -34.17 -23.66
C LYS X 450 76.37 -33.55 -23.81
N SER X 451 76.29 -32.22 -23.74
CA SER X 451 75.01 -31.52 -23.78
C SER X 451 74.43 -31.38 -25.17
N GLN X 452 75.24 -31.57 -26.22
CA GLN X 452 74.74 -31.48 -27.58
C GLN X 452 74.14 -32.79 -28.08
N LEU X 453 74.31 -33.88 -27.34
CA LEU X 453 73.63 -35.13 -27.64
C LEU X 453 72.26 -35.22 -26.97
N LEU X 454 72.12 -34.66 -25.76
CA LEU X 454 70.81 -34.57 -25.12
C LEU X 454 69.86 -33.72 -25.96
N ARG X 455 70.37 -32.61 -26.49
CA ARG X 455 69.54 -31.77 -27.36
C ARG X 455 69.12 -32.51 -28.62
N PHE X 456 70.00 -33.33 -29.19
CA PHE X 456 69.64 -34.11 -30.37
C PHE X 456 68.58 -35.15 -30.03
N VAL X 457 68.71 -35.80 -28.86
CA VAL X 457 67.71 -36.78 -28.44
C VAL X 457 66.36 -36.10 -28.23
N LEU X 458 66.39 -34.86 -27.74
CA LEU X 458 65.15 -34.10 -27.57
C LEU X 458 64.41 -33.95 -28.90
N ASN X 459 65.15 -33.72 -29.99
CA ASN X 459 64.52 -33.46 -31.27
C ASN X 459 64.15 -34.73 -32.02
N THR X 460 65.04 -35.73 -32.03
CA THR X 460 64.82 -36.88 -32.89
C THR X 460 63.77 -37.84 -32.32
N ALA X 461 63.62 -37.90 -31.00
CA ALA X 461 62.72 -38.85 -30.40
C ALA X 461 61.27 -38.40 -30.53
N SER X 462 60.36 -39.36 -30.41
CA SER X 462 58.93 -39.06 -30.49
C SER X 462 58.46 -38.25 -29.28
N LEU X 463 58.83 -38.70 -28.08
CA LEU X 463 58.49 -38.00 -26.85
C LEU X 463 59.77 -37.79 -26.04
N ALA X 464 59.99 -36.55 -25.60
CA ALA X 464 61.20 -36.21 -24.86
C ALA X 464 60.91 -35.02 -23.96
N ILE X 465 61.42 -35.08 -22.73
CA ILE X 465 61.27 -34.00 -21.77
C ILE X 465 62.65 -33.61 -21.24
N ALA X 466 62.93 -32.30 -21.27
CA ALA X 466 64.22 -31.76 -20.86
C ALA X 466 64.16 -31.26 -19.43
N THR X 467 65.23 -31.51 -18.68
CA THR X 467 65.30 -31.12 -17.27
C THR X 467 66.71 -30.66 -16.94
N THR X 468 66.81 -29.68 -16.05
CA THR X 468 68.08 -29.20 -15.54
C THR X 468 68.11 -29.40 -14.03
N GLY X 469 69.29 -29.75 -13.52
CA GLY X 469 69.40 -30.16 -12.13
C GLY X 469 68.99 -29.06 -11.15
N ARG X 470 69.58 -27.88 -11.28
CA ARG X 470 69.37 -26.83 -10.29
C ARG X 470 68.03 -26.13 -10.42
N GLY X 471 67.40 -26.20 -11.59
CA GLY X 471 66.13 -25.53 -11.81
C GLY X 471 64.94 -26.46 -11.80
N SER X 472 64.97 -27.44 -10.90
CA SER X 472 63.90 -28.43 -10.80
C SER X 472 63.66 -28.75 -9.33
N SER X 473 62.46 -29.25 -9.04
CA SER X 473 62.07 -29.63 -7.70
C SER X 473 61.38 -30.99 -7.72
N GLY X 474 61.25 -31.58 -6.54
CA GLY X 474 60.60 -32.88 -6.45
C GLY X 474 59.12 -32.82 -6.80
N VAL X 475 58.45 -31.75 -6.40
CA VAL X 475 57.02 -31.59 -6.67
C VAL X 475 56.82 -31.21 -8.12
N GLY X 476 57.89 -30.80 -8.79
CA GLY X 476 57.80 -30.43 -10.19
C GLY X 476 58.13 -31.56 -11.12
N LEU X 477 58.66 -32.67 -10.57
CA LEU X 477 58.98 -33.85 -11.36
C LEU X 477 57.92 -34.94 -11.27
N THR X 478 57.23 -35.06 -10.13
CA THR X 478 56.30 -36.15 -9.92
C THR X 478 54.88 -35.66 -10.15
N ALA X 479 54.38 -34.70 -9.37
CA ALA X 479 53.01 -34.24 -9.47
C ALA X 479 52.82 -33.08 -8.50
N ALA X 480 51.80 -32.26 -8.77
CA ALA X 480 51.50 -31.12 -7.91
C ALA X 480 49.99 -31.01 -7.68
N VAL X 481 49.62 -30.70 -6.44
CA VAL X 481 48.20 -30.55 -6.10
C VAL X 481 47.75 -29.15 -6.48
N THR X 482 46.72 -29.07 -7.33
CA THR X 482 46.18 -27.80 -7.76
C THR X 482 44.66 -27.83 -7.67
N THR X 483 44.02 -26.77 -8.13
CA THR X 483 42.58 -26.64 -8.10
C THR X 483 42.03 -26.39 -9.50
N ASP X 484 40.82 -26.89 -9.74
CA ASP X 484 40.13 -26.69 -11.01
C ASP X 484 39.16 -25.52 -10.84
N ARG X 485 39.48 -24.39 -11.48
CA ARG X 485 38.67 -23.19 -11.29
C ARG X 485 37.26 -23.36 -11.84
N GLU X 486 37.13 -24.02 -13.00
CA GLU X 486 35.83 -24.08 -13.67
C GLU X 486 34.80 -24.84 -12.84
N THR X 487 35.19 -25.97 -12.24
CA THR X 487 34.23 -26.81 -11.52
C THR X 487 34.36 -26.71 -10.01
N GLY X 488 35.58 -26.60 -9.47
CA GLY X 488 35.76 -26.32 -8.07
C GLY X 488 36.45 -27.40 -7.27
N GLU X 489 36.71 -28.58 -7.84
CA GLU X 489 37.37 -29.62 -7.06
C GLU X 489 38.86 -29.36 -6.95
N ARG X 490 39.52 -30.22 -6.18
CA ARG X 490 40.97 -30.24 -6.06
C ARG X 490 41.51 -31.45 -6.83
N ARG X 491 42.53 -31.21 -7.66
CA ARG X 491 43.00 -32.23 -8.59
C ARG X 491 44.51 -32.24 -8.59
N LEU X 492 45.06 -33.13 -9.42
CA LEU X 492 46.50 -33.28 -9.58
C LEU X 492 46.93 -32.81 -10.97
N GLU X 493 48.13 -32.24 -11.03
CA GLU X 493 48.75 -31.78 -12.25
C GLU X 493 50.04 -32.54 -12.46
N ALA X 494 50.24 -33.04 -13.68
CA ALA X 494 51.36 -33.92 -13.97
C ALA X 494 52.68 -33.17 -13.94
N GLY X 495 53.75 -33.89 -13.58
CA GLY X 495 55.08 -33.34 -13.58
C GLY X 495 55.90 -33.82 -14.77
N ALA X 496 57.22 -33.62 -14.72
CA ALA X 496 58.06 -33.95 -15.86
C ALA X 496 58.14 -35.45 -16.09
N MET X 497 58.32 -36.23 -15.02
CA MET X 497 58.51 -37.67 -15.17
C MET X 497 57.24 -38.35 -15.69
N VAL X 498 56.07 -37.97 -15.18
CA VAL X 498 54.85 -38.68 -15.54
C VAL X 498 54.32 -38.20 -16.88
N LEU X 499 54.66 -36.98 -17.29
CA LEU X 499 54.31 -36.50 -18.62
C LEU X 499 55.05 -37.23 -19.73
N ALA X 500 56.18 -37.87 -19.43
CA ALA X 500 56.98 -38.58 -20.41
C ALA X 500 56.77 -40.09 -20.34
N ASP X 501 55.56 -40.53 -20.03
CA ASP X 501 55.26 -41.95 -20.05
C ASP X 501 55.51 -42.52 -21.44
N ARG X 502 56.22 -43.65 -21.49
CA ARG X 502 56.67 -44.25 -22.75
C ARG X 502 57.47 -43.24 -23.57
N GLY X 503 58.32 -42.50 -22.90
CA GLY X 503 59.17 -41.52 -23.54
C GLY X 503 60.53 -41.48 -22.89
N VAL X 504 61.25 -40.38 -23.11
CA VAL X 504 62.59 -40.21 -22.56
C VAL X 504 62.67 -38.89 -21.81
N VAL X 505 63.52 -38.88 -20.79
CA VAL X 505 63.81 -37.70 -20.00
C VAL X 505 65.31 -37.44 -20.09
N CYS X 506 65.68 -36.24 -20.52
CA CYS X 506 67.08 -35.84 -20.65
C CYS X 506 67.39 -34.84 -19.55
N ILE X 507 68.25 -35.23 -18.61
CA ILE X 507 68.61 -34.39 -17.46
C ILE X 507 70.03 -33.90 -17.65
N ASP X 508 70.24 -32.60 -17.49
CA ASP X 508 71.54 -31.97 -17.62
C ASP X 508 71.97 -31.40 -16.27
N GLU X 509 73.28 -31.38 -16.05
CA GLU X 509 73.85 -31.02 -14.74
C GLU X 509 73.25 -31.87 -13.64
N PHE X 510 73.32 -33.19 -13.82
CA PHE X 510 72.62 -34.11 -12.93
C PHE X 510 73.24 -34.12 -11.54
N ASP X 511 74.55 -33.87 -11.44
CA ASP X 511 75.20 -33.90 -10.13
C ASP X 511 74.89 -32.65 -9.32
N LYS X 512 74.51 -31.56 -9.97
CA LYS X 512 74.22 -30.32 -9.28
C LYS X 512 72.83 -30.28 -8.66
N MET X 513 72.12 -31.40 -8.67
CA MET X 513 70.79 -31.46 -8.11
C MET X 513 70.84 -31.69 -6.60
N THR X 514 69.92 -31.05 -5.89
CA THR X 514 69.91 -31.16 -4.43
C THR X 514 69.49 -32.56 -4.01
N ASP X 515 69.90 -32.93 -2.78
CA ASP X 515 69.61 -34.27 -2.27
C ASP X 515 68.11 -34.52 -2.16
N VAL X 516 67.37 -33.54 -1.64
CA VAL X 516 65.92 -33.71 -1.47
C VAL X 516 65.26 -33.93 -2.82
N ASP X 517 65.77 -33.30 -3.87
CA ASP X 517 65.32 -33.53 -5.23
C ASP X 517 65.73 -34.90 -5.76
N ARG X 518 66.90 -35.41 -5.36
CA ARG X 518 67.43 -36.64 -5.95
C ARG X 518 66.78 -37.91 -5.43
N VAL X 519 66.05 -37.86 -4.31
CA VAL X 519 65.40 -39.05 -3.80
C VAL X 519 64.23 -39.45 -4.70
N ALA X 520 63.45 -38.45 -5.14
CA ALA X 520 62.25 -38.74 -5.92
C ALA X 520 62.60 -39.49 -7.20
N ILE X 521 63.57 -38.97 -7.95
CA ILE X 521 64.01 -39.64 -9.17
C ILE X 521 64.45 -41.07 -8.89
N HIS X 522 64.98 -41.33 -7.70
CA HIS X 522 65.33 -42.69 -7.32
C HIS X 522 64.12 -43.62 -7.44
N GLU X 523 63.00 -43.24 -6.82
CA GLU X 523 61.81 -44.10 -6.83
C GLU X 523 61.33 -44.33 -8.25
N VAL X 524 61.26 -43.27 -9.05
CA VAL X 524 60.84 -43.41 -10.44
C VAL X 524 61.78 -44.33 -11.20
N MET X 525 63.06 -44.33 -10.84
CA MET X 525 64.01 -45.20 -11.52
C MET X 525 63.85 -46.65 -11.07
N GLU X 526 63.22 -46.88 -9.92
CA GLU X 526 63.14 -48.22 -9.36
C GLU X 526 61.79 -48.87 -9.61
N GLN X 527 60.71 -48.22 -9.16
CA GLN X 527 59.39 -48.81 -9.29
C GLN X 527 58.69 -48.37 -10.57
N GLN X 528 59.15 -47.27 -11.17
CA GLN X 528 58.51 -46.66 -12.34
C GLN X 528 57.10 -46.19 -12.01
N THR X 529 56.82 -45.96 -10.73
CA THR X 529 55.52 -45.47 -10.30
C THR X 529 55.71 -44.36 -9.25
N VAL X 530 54.77 -43.44 -9.22
CA VAL X 530 54.76 -42.34 -8.28
C VAL X 530 53.61 -42.54 -7.30
N THR X 531 53.88 -42.32 -6.02
CA THR X 531 52.86 -42.44 -4.99
C THR X 531 52.55 -41.06 -4.43
N ILE X 532 51.28 -40.66 -4.53
CA ILE X 532 50.81 -39.38 -4.01
C ILE X 532 49.83 -39.66 -2.89
N ALA X 533 50.10 -39.09 -1.71
CA ALA X 533 49.28 -39.28 -0.52
C ALA X 533 49.11 -37.94 0.18
N LYS X 534 48.75 -36.91 -0.59
CA LYS X 534 48.66 -35.56 -0.05
C LYS X 534 47.26 -35.02 -0.25
N ALA X 535 46.79 -34.28 0.75
CA ALA X 535 45.55 -33.50 0.66
C ALA X 535 44.35 -34.36 0.28
N GLY X 536 44.30 -35.59 0.79
CA GLY X 536 43.18 -36.46 0.50
C GLY X 536 43.18 -37.06 -0.89
N ILE X 537 44.30 -37.00 -1.60
CA ILE X 537 44.41 -37.58 -2.93
C ILE X 537 45.43 -38.71 -2.82
N HIS X 538 44.95 -39.94 -2.73
CA HIS X 538 45.79 -41.13 -2.60
C HIS X 538 45.76 -41.87 -3.94
N THR X 539 46.87 -41.83 -4.66
CA THR X 539 46.90 -42.30 -6.04
C THR X 539 48.29 -42.84 -6.36
N THR X 540 48.32 -43.81 -7.27
CA THR X 540 49.55 -44.31 -7.88
C THR X 540 49.54 -43.94 -9.36
N LEU X 541 50.61 -43.30 -9.81
CA LEU X 541 50.72 -42.78 -11.17
C LEU X 541 51.80 -43.55 -11.92
N ASN X 542 51.51 -43.85 -13.19
CA ASN X 542 52.41 -44.63 -14.03
C ASN X 542 53.42 -43.70 -14.69
N ALA X 543 54.70 -44.04 -14.58
CA ALA X 543 55.78 -43.31 -15.23
C ALA X 543 56.80 -44.30 -15.74
N ARG X 544 56.75 -44.60 -17.04
CA ARG X 544 57.68 -45.54 -17.68
C ARG X 544 58.51 -44.76 -18.71
N CYS X 545 59.62 -44.20 -18.25
CA CYS X 545 60.47 -43.36 -19.07
C CYS X 545 61.92 -43.83 -19.02
N SER X 546 62.63 -43.55 -20.11
CA SER X 546 64.05 -43.85 -20.21
C SER X 546 64.85 -42.61 -19.84
N VAL X 547 65.93 -42.79 -19.08
CA VAL X 547 66.71 -41.68 -18.56
C VAL X 547 68.09 -41.67 -19.21
N ILE X 548 68.43 -40.53 -19.82
CA ILE X 548 69.78 -40.24 -20.27
C ILE X 548 70.24 -38.99 -19.52
N ALA X 549 71.43 -39.07 -18.93
CA ALA X 549 71.89 -38.00 -18.04
C ALA X 549 73.35 -37.68 -18.32
N ALA X 550 73.72 -36.44 -18.01
CA ALA X 550 75.09 -35.97 -18.16
C ALA X 550 75.51 -35.26 -16.88
N ALA X 551 76.74 -35.53 -16.44
CA ALA X 551 77.24 -34.94 -15.22
C ALA X 551 78.73 -34.65 -15.37
N ASN X 552 79.30 -34.06 -14.31
CA ASN X 552 80.71 -33.73 -14.22
C ASN X 552 81.31 -34.35 -12.97
N PRO X 553 82.61 -34.67 -12.98
CA PRO X 553 83.24 -35.23 -11.78
C PRO X 553 83.32 -34.19 -10.67
N VAL X 554 83.76 -34.66 -9.50
CA VAL X 554 83.84 -33.78 -8.33
C VAL X 554 84.75 -32.60 -8.60
N PHE X 555 85.91 -32.85 -9.19
CA PHE X 555 86.80 -31.78 -9.60
C PHE X 555 86.45 -31.33 -11.03
N GLY X 556 87.22 -30.37 -11.52
CA GLY X 556 86.97 -29.86 -12.86
C GLY X 556 87.12 -30.90 -13.93
N GLN X 557 88.09 -31.80 -13.77
CA GLN X 557 88.43 -32.79 -14.78
C GLN X 557 88.64 -34.15 -14.13
N TYR X 558 88.48 -35.20 -14.94
CA TYR X 558 88.63 -36.56 -14.44
C TYR X 558 90.08 -36.85 -14.07
N ASP X 559 90.28 -37.49 -12.92
CA ASP X 559 91.60 -37.86 -12.43
C ASP X 559 91.77 -39.36 -12.49
N VAL X 560 92.83 -39.81 -13.16
CA VAL X 560 93.11 -41.24 -13.29
C VAL X 560 93.93 -41.77 -12.12
N ASN X 561 94.48 -40.89 -11.28
CA ASN X 561 95.27 -41.30 -10.13
C ASN X 561 94.43 -41.47 -8.87
N ARG X 562 93.11 -41.35 -8.98
CA ARG X 562 92.20 -41.51 -7.86
C ARG X 562 91.15 -42.55 -8.19
N ASP X 563 90.60 -43.17 -7.16
CA ASP X 563 89.62 -44.22 -7.34
C ASP X 563 88.34 -43.67 -7.98
N PRO X 564 87.66 -44.48 -8.79
CA PRO X 564 86.46 -43.98 -9.50
C PRO X 564 85.39 -43.40 -8.59
N HIS X 565 85.17 -43.98 -7.41
CA HIS X 565 84.10 -43.49 -6.56
C HIS X 565 84.41 -42.09 -6.02
N GLN X 566 85.70 -41.75 -5.89
CA GLN X 566 86.05 -40.42 -5.44
C GLN X 566 85.77 -39.38 -6.51
N ASN X 567 85.84 -39.78 -7.79
CA ASN X 567 85.65 -38.83 -8.87
C ASN X 567 84.18 -38.44 -9.05
N ILE X 568 83.27 -39.37 -8.77
CA ILE X 568 81.84 -39.15 -8.96
C ILE X 568 81.20 -38.93 -7.59
N ALA X 569 80.47 -37.82 -7.46
CA ALA X 569 79.88 -37.47 -6.17
C ALA X 569 78.56 -38.18 -5.94
N LEU X 570 78.01 -38.80 -6.98
CA LEU X 570 76.72 -39.45 -6.87
C LEU X 570 76.81 -40.66 -5.93
N PRO X 571 75.74 -40.96 -5.19
CA PRO X 571 75.75 -42.14 -4.33
C PRO X 571 75.70 -43.44 -5.13
N ASP X 572 75.98 -44.54 -4.44
CA ASP X 572 76.05 -45.84 -5.10
C ASP X 572 74.66 -46.35 -5.46
N SER X 573 73.66 -46.08 -4.62
CA SER X 573 72.31 -46.55 -4.89
C SER X 573 71.77 -45.95 -6.17
N LEU X 574 71.99 -44.64 -6.36
CA LEU X 574 71.59 -44.01 -7.63
C LEU X 574 72.41 -44.54 -8.80
N LEU X 575 73.71 -44.73 -8.59
CA LEU X 575 74.58 -45.15 -9.68
C LEU X 575 74.29 -46.57 -10.14
N SER X 576 73.68 -47.41 -9.29
CA SER X 576 73.40 -48.79 -9.69
C SER X 576 72.26 -48.87 -10.69
N ARG X 577 71.43 -47.83 -10.79
CA ARG X 577 70.23 -47.86 -11.61
C ARG X 577 70.47 -47.43 -13.05
N PHE X 578 71.71 -47.28 -13.48
CA PHE X 578 72.03 -46.91 -14.87
C PHE X 578 72.67 -48.09 -15.57
N ASP X 579 72.14 -48.42 -16.75
CA ASP X 579 72.64 -49.58 -17.51
C ASP X 579 74.05 -49.35 -18.03
N LEU X 580 74.35 -48.15 -18.55
CA LEU X 580 75.64 -47.87 -19.14
C LEU X 580 76.16 -46.55 -18.63
N LEU X 581 77.33 -46.58 -18.00
CA LEU X 581 78.03 -45.39 -17.55
C LEU X 581 79.24 -45.17 -18.45
N PHE X 582 79.27 -44.02 -19.12
CA PHE X 582 80.35 -43.69 -20.04
C PHE X 582 81.20 -42.58 -19.48
N VAL X 583 82.47 -42.89 -19.19
CA VAL X 583 83.45 -41.90 -18.75
C VAL X 583 84.23 -41.48 -19.99
N VAL X 584 84.14 -40.20 -20.34
CA VAL X 584 84.75 -39.67 -21.55
C VAL X 584 85.79 -38.63 -21.14
N THR X 585 86.95 -38.67 -21.79
CA THR X 585 88.07 -37.80 -21.45
C THR X 585 88.64 -37.18 -22.71
N ASP X 586 89.04 -35.91 -22.59
CA ASP X 586 89.69 -35.18 -23.67
C ASP X 586 91.19 -35.26 -23.49
N ASP X 587 91.86 -35.91 -24.44
CA ASP X 587 93.30 -36.11 -24.41
C ASP X 587 93.92 -35.31 -25.55
N ILE X 588 95.03 -34.64 -25.26
CA ILE X 588 95.69 -33.77 -26.25
C ILE X 588 96.53 -34.65 -27.18
N ASN X 589 96.24 -34.57 -28.48
CA ASN X 589 96.98 -35.28 -29.51
C ASN X 589 96.89 -34.48 -30.80
N GLU X 590 98.02 -34.28 -31.47
CA GLU X 590 98.07 -33.38 -32.61
C GLU X 590 97.19 -33.83 -33.77
N ILE X 591 97.15 -35.12 -34.08
CA ILE X 591 96.34 -35.59 -35.20
C ILE X 591 94.85 -35.43 -34.88
N ARG X 592 94.45 -35.75 -33.65
CA ARG X 592 93.06 -35.57 -33.25
C ARG X 592 92.66 -34.11 -33.34
N ASP X 593 93.53 -33.21 -32.87
CA ASP X 593 93.26 -31.79 -32.96
C ASP X 593 93.14 -31.31 -34.39
N ARG X 594 94.05 -31.75 -35.26
CA ARG X 594 93.99 -31.38 -36.67
C ARG X 594 92.71 -31.85 -37.34
N SER X 595 92.25 -33.07 -37.06
CA SER X 595 91.00 -33.55 -37.63
C SER X 595 89.78 -32.84 -37.06
N ILE X 596 89.70 -32.69 -35.74
CA ILE X 596 88.50 -32.12 -35.13
C ILE X 596 88.38 -30.64 -35.45
N SER X 597 89.51 -29.92 -35.50
CA SER X 597 89.46 -28.50 -35.85
C SER X 597 88.99 -28.33 -37.29
N GLU X 598 89.47 -29.19 -38.19
CA GLU X 598 88.99 -29.16 -39.56
C GLU X 598 87.49 -29.42 -39.65
N HIS X 599 86.99 -30.41 -38.91
CA HIS X 599 85.56 -30.69 -38.90
C HIS X 599 84.74 -29.52 -38.38
N VAL X 600 85.16 -28.92 -37.26
CA VAL X 600 84.43 -27.79 -36.69
C VAL X 600 84.45 -26.59 -37.64
N LEU X 601 85.60 -26.30 -38.25
CA LEU X 601 85.68 -25.19 -39.19
C LEU X 601 84.86 -25.45 -40.44
N ARG X 602 84.75 -26.70 -40.87
CA ARG X 602 83.86 -27.02 -41.99
C ARG X 602 82.40 -26.81 -41.61
N THR X 603 82.03 -27.17 -40.38
CA THR X 603 80.65 -27.00 -39.94
C THR X 603 80.24 -25.54 -39.88
N HIS X 604 81.12 -24.67 -39.40
CA HIS X 604 80.82 -23.26 -39.19
C HIS X 604 80.71 -22.47 -40.49
N ARG X 605 80.78 -23.12 -41.64
CA ARG X 605 80.79 -22.43 -42.95
C ARG X 605 79.62 -22.96 -43.78
N TYR X 606 78.47 -23.12 -43.13
CA TYR X 606 77.28 -23.66 -43.78
C TYR X 606 76.28 -22.54 -44.02
N LEU X 607 75.74 -22.47 -45.23
CA LEU X 607 74.80 -21.43 -45.63
C LEU X 607 73.46 -22.06 -45.97
N PRO X 608 72.37 -21.67 -45.30
CA PRO X 608 71.07 -22.24 -45.64
C PRO X 608 70.66 -21.87 -47.05
N PRO X 609 69.96 -22.74 -47.76
CA PRO X 609 69.50 -22.41 -49.11
C PRO X 609 68.57 -21.21 -49.10
N GLY X 610 68.67 -20.39 -50.14
CA GLY X 610 67.88 -19.18 -50.24
C GLY X 610 68.43 -17.99 -49.47
N TYR X 611 69.63 -18.09 -48.91
CA TYR X 611 70.26 -17.01 -48.17
C TYR X 611 71.53 -16.58 -48.88
N LEU X 612 71.78 -15.28 -48.91
CA LEU X 612 73.00 -14.75 -49.49
C LEU X 612 74.11 -14.68 -48.44
N GLU X 613 75.34 -14.56 -48.92
CA GLU X 613 76.47 -14.39 -48.02
C GLU X 613 76.36 -13.07 -47.28
N GLY X 614 76.56 -13.13 -45.96
CA GLY X 614 76.43 -11.96 -45.12
C GLY X 614 75.02 -11.60 -44.75
N GLU X 615 74.02 -12.33 -45.23
CA GLU X 615 72.63 -12.08 -44.90
C GLU X 615 72.30 -12.73 -43.57
N PRO X 616 71.89 -11.97 -42.55
CA PRO X 616 71.52 -12.59 -41.28
C PRO X 616 70.34 -13.54 -41.45
N VAL X 617 70.35 -14.61 -40.68
CA VAL X 617 69.26 -15.57 -40.75
C VAL X 617 68.00 -14.95 -40.17
N ARG X 618 66.92 -14.99 -40.94
CA ARG X 618 65.64 -14.39 -40.54
C ARG X 618 64.75 -15.50 -39.97
N GLU X 619 65.04 -15.89 -38.74
CA GLU X 619 64.27 -16.93 -38.05
C GLU X 619 63.02 -16.29 -37.44
N ARG X 620 62.18 -15.77 -38.33
CA ARG X 620 60.94 -15.12 -37.94
C ARG X 620 59.72 -15.59 -38.73
N LEU X 621 59.91 -16.08 -39.97
CA LEU X 621 58.86 -16.65 -40.81
C LEU X 621 57.88 -15.58 -41.29
N ASN X 622 58.07 -14.34 -40.86
CA ASN X 622 57.26 -13.19 -41.30
C ASN X 622 55.77 -13.45 -41.09
N LEU X 623 55.41 -14.08 -39.97
CA LEU X 623 54.04 -14.39 -39.58
C LEU X 623 53.34 -15.34 -40.54
N SER X 624 54.06 -15.96 -41.47
CA SER X 624 53.50 -16.97 -42.36
C SER X 624 53.70 -18.35 -41.71
N LEU X 625 52.83 -18.64 -40.74
CA LEU X 625 52.97 -19.86 -39.96
C LEU X 625 52.84 -21.11 -40.82
N ALA X 626 51.87 -21.13 -41.72
CA ALA X 626 51.66 -22.28 -42.59
C ALA X 626 51.00 -21.83 -43.88
N VAL X 627 51.23 -22.61 -44.94
CA VAL X 627 50.64 -22.32 -46.24
C VAL X 627 49.30 -23.04 -46.44
N GLY X 628 49.15 -24.26 -45.93
CA GLY X 628 47.90 -24.97 -46.03
C GLY X 628 47.57 -25.72 -44.75
N GLU X 629 46.41 -25.42 -44.17
CA GLU X 629 46.05 -25.92 -42.85
C GLU X 629 45.45 -27.31 -43.02
N ASP X 630 46.07 -28.30 -42.38
CA ASP X 630 45.63 -29.68 -42.53
C ASP X 630 44.22 -29.87 -42.01
N PRO X 683 80.38 -44.99 -48.50
CA PRO X 683 79.59 -44.76 -47.29
C PRO X 683 78.31 -43.98 -47.57
N LYS X 684 77.20 -44.36 -46.93
CA LYS X 684 75.92 -43.73 -47.13
C LYS X 684 75.29 -43.41 -45.78
N LEU X 685 74.50 -42.33 -45.76
CA LEU X 685 73.75 -41.92 -44.59
C LEU X 685 72.27 -41.81 -44.94
N VAL X 686 71.43 -41.94 -43.92
CA VAL X 686 69.98 -41.89 -44.07
C VAL X 686 69.47 -40.59 -43.49
N THR X 687 68.36 -40.11 -44.03
CA THR X 687 67.76 -38.86 -43.58
C THR X 687 66.98 -39.10 -42.29
N ILE X 688 66.85 -38.04 -41.49
CA ILE X 688 66.27 -38.18 -40.15
C ILE X 688 64.82 -38.68 -40.18
N PRO X 689 63.92 -38.15 -41.01
CA PRO X 689 62.56 -38.71 -41.04
C PRO X 689 62.50 -40.20 -41.35
N PHE X 690 63.38 -40.68 -42.23
CA PHE X 690 63.42 -42.12 -42.50
C PHE X 690 63.83 -42.88 -41.24
N LEU X 691 64.77 -42.34 -40.47
CA LEU X 691 65.14 -42.96 -39.21
C LEU X 691 63.96 -42.98 -38.23
N ARG X 692 63.19 -41.90 -38.19
CA ARG X 692 62.02 -41.87 -37.32
C ARG X 692 61.01 -42.93 -37.71
N LYS X 693 60.78 -43.08 -39.02
CA LYS X 693 59.88 -44.13 -39.50
C LYS X 693 60.41 -45.52 -39.13
N TYR X 694 61.72 -45.74 -39.30
CA TYR X 694 62.31 -47.02 -38.96
C TYR X 694 62.13 -47.33 -37.48
N VAL X 695 62.38 -46.35 -36.62
CA VAL X 695 62.26 -46.58 -35.18
C VAL X 695 60.82 -46.86 -34.80
N GLN X 696 59.88 -46.09 -35.35
CA GLN X 696 58.46 -46.34 -35.07
C GLN X 696 58.05 -47.74 -35.51
N TYR X 697 58.40 -48.13 -36.73
CA TYR X 697 58.03 -49.45 -37.24
C TYR X 697 58.63 -50.56 -36.40
N ALA X 698 59.89 -50.43 -36.02
CA ALA X 698 60.52 -51.45 -35.19
C ALA X 698 59.88 -51.55 -33.81
N LYS X 699 59.56 -50.40 -33.20
CA LYS X 699 58.96 -50.43 -31.88
C LYS X 699 57.56 -51.01 -31.90
N GLU X 700 56.82 -50.80 -32.99
CA GLU X 700 55.42 -51.22 -33.00
C GLU X 700 55.15 -52.53 -33.72
N ARG X 701 56.15 -53.14 -34.38
CA ARG X 701 55.85 -54.31 -35.20
C ARG X 701 56.63 -55.58 -34.85
N VAL X 702 57.73 -55.50 -34.10
CA VAL X 702 58.52 -56.68 -33.79
C VAL X 702 58.67 -56.81 -32.28
N ILE X 703 58.49 -58.03 -31.78
CA ILE X 703 58.70 -58.35 -30.37
C ILE X 703 59.51 -59.64 -30.31
N PRO X 704 60.84 -59.57 -30.35
CA PRO X 704 61.65 -60.80 -30.36
C PRO X 704 61.59 -61.52 -29.03
N GLN X 705 61.88 -62.82 -29.07
CA GLN X 705 61.92 -63.67 -27.90
C GLN X 705 63.32 -64.28 -27.76
N LEU X 706 63.73 -64.53 -26.53
CA LEU X 706 65.08 -65.02 -26.27
C LEU X 706 65.21 -66.49 -26.69
N THR X 707 66.43 -66.87 -27.05
CA THR X 707 66.75 -68.22 -27.48
C THR X 707 67.86 -68.79 -26.60
N GLN X 708 68.03 -70.11 -26.68
CA GLN X 708 69.01 -70.78 -25.85
C GLN X 708 70.44 -70.47 -26.28
N GLU X 709 70.71 -70.45 -27.59
CA GLU X 709 72.08 -70.29 -28.05
C GLU X 709 72.61 -68.88 -27.76
N ALA X 710 71.70 -67.90 -27.63
CA ALA X 710 72.11 -66.57 -27.17
C ALA X 710 72.38 -66.57 -25.68
N ILE X 711 71.57 -67.31 -24.92
CA ILE X 711 71.79 -67.43 -23.48
C ILE X 711 73.15 -68.06 -23.19
N ASN X 712 73.57 -69.00 -24.03
CA ASN X 712 74.87 -69.64 -23.84
C ASN X 712 76.00 -68.63 -23.95
N VAL X 713 75.90 -67.68 -24.88
CA VAL X 713 76.91 -66.64 -24.99
C VAL X 713 76.82 -65.67 -23.82
N ILE X 714 75.59 -65.31 -23.43
CA ILE X 714 75.41 -64.33 -22.36
C ILE X 714 75.99 -64.85 -21.04
N VAL X 715 75.75 -66.13 -20.73
CA VAL X 715 76.23 -66.68 -19.46
C VAL X 715 77.75 -66.75 -19.45
N LYS X 716 78.37 -67.13 -20.57
CA LYS X 716 79.83 -67.20 -20.59
C LYS X 716 80.45 -65.82 -20.47
N ASN X 717 79.86 -64.81 -21.12
CA ASN X 717 80.37 -63.45 -20.97
C ASN X 717 80.23 -62.98 -19.53
N TYR X 718 79.08 -63.25 -18.89
CA TYR X 718 78.87 -62.82 -17.51
C TYR X 718 79.87 -63.49 -16.57
N THR X 719 80.08 -64.80 -16.74
CA THR X 719 81.01 -65.52 -15.87
C THR X 719 82.44 -65.04 -16.08
N ASP X 720 82.83 -64.78 -17.33
CA ASP X 720 84.17 -64.27 -17.58
C ASP X 720 84.36 -62.88 -16.97
N LEU X 721 83.36 -62.00 -17.11
CA LEU X 721 83.49 -60.65 -16.60
C LEU X 721 83.53 -60.64 -15.07
N ARG X 722 82.72 -61.46 -14.42
CA ARG X 722 82.64 -61.42 -12.96
C ARG X 722 83.96 -61.84 -12.32
N ASN X 723 84.58 -62.90 -12.82
CA ASN X 723 85.79 -63.48 -12.21
C ASN X 723 87.05 -63.00 -12.90
N ASP X 724 87.38 -61.72 -12.73
CA ASP X 724 88.60 -61.16 -13.29
C ASP X 724 89.12 -60.05 -12.38
N ASP X 725 90.43 -59.82 -12.44
CA ASP X 725 91.08 -58.84 -11.58
C ASP X 725 91.17 -57.46 -12.20
N ASN X 726 90.62 -57.27 -13.39
CA ASN X 726 90.63 -55.95 -14.02
C ASN X 726 89.85 -54.95 -13.18
N THR X 727 90.39 -53.74 -13.05
CA THR X 727 89.75 -52.68 -12.27
C THR X 727 88.82 -51.89 -13.18
N LYS X 728 87.52 -52.14 -13.05
CA LYS X 728 86.51 -51.45 -13.85
C LYS X 728 86.09 -50.16 -13.16
N LYS X 729 85.56 -49.23 -13.96
CA LYS X 729 85.14 -47.94 -13.44
C LYS X 729 83.84 -48.07 -12.65
N SER X 730 83.17 -49.22 -12.77
CA SER X 730 81.96 -49.50 -12.02
C SER X 730 81.98 -50.97 -11.60
N PRO X 731 81.45 -51.28 -10.43
CA PRO X 731 81.38 -52.68 -9.99
C PRO X 731 80.42 -53.48 -10.85
N ILE X 732 80.70 -54.79 -10.95
CA ILE X 732 79.87 -55.72 -11.68
C ILE X 732 79.06 -56.54 -10.69
N THR X 733 77.77 -56.71 -10.97
CA THR X 733 76.85 -57.31 -10.00
C THR X 733 75.89 -58.20 -10.80
N ALA X 734 74.90 -58.81 -10.15
CA ALA X 734 73.97 -59.73 -10.80
C ALA X 734 73.01 -59.03 -11.75
N ARG X 735 72.97 -57.71 -11.76
CA ARG X 735 72.11 -56.96 -12.66
C ARG X 735 72.76 -56.69 -14.00
N THR X 736 74.00 -57.13 -14.20
CA THR X 736 74.64 -57.04 -15.51
C THR X 736 74.00 -58.00 -16.51
N LEU X 737 73.56 -59.17 -16.04
CA LEU X 737 72.92 -60.14 -16.91
C LEU X 737 71.65 -59.55 -17.54
N GLU X 738 70.86 -58.84 -16.74
CA GLU X 738 69.66 -58.19 -17.27
C GLU X 738 70.01 -57.14 -18.31
N THR X 739 71.10 -56.40 -18.10
CA THR X 739 71.58 -55.46 -19.10
C THR X 739 71.98 -56.15 -20.41
N LEU X 740 72.68 -57.28 -20.33
CA LEU X 740 72.99 -58.03 -21.54
C LEU X 740 71.71 -58.47 -22.26
N ILE X 741 70.73 -58.95 -21.49
CA ILE X 741 69.48 -59.40 -22.11
C ILE X 741 68.77 -58.24 -22.81
N ARG X 742 68.71 -57.08 -22.15
CA ARG X 742 68.03 -55.93 -22.75
C ARG X 742 68.75 -55.44 -23.99
N LEU X 743 70.09 -55.36 -23.96
CA LEU X 743 70.83 -54.92 -25.14
C LEU X 743 70.67 -55.91 -26.28
N ALA X 744 70.67 -57.21 -25.97
CA ALA X 744 70.45 -58.22 -27.01
C ALA X 744 69.06 -58.08 -27.63
N THR X 745 68.04 -57.84 -26.79
CA THR X 745 66.69 -57.66 -27.31
C THR X 745 66.61 -56.43 -28.21
N ALA X 746 67.25 -55.33 -27.81
CA ALA X 746 67.25 -54.12 -28.62
C ALA X 746 67.93 -54.36 -29.96
N HIS X 747 69.10 -55.01 -29.94
CA HIS X 747 69.80 -55.30 -31.19
C HIS X 747 68.99 -56.23 -32.08
N ALA X 748 68.24 -57.16 -31.47
CA ALA X 748 67.35 -58.01 -32.25
C ALA X 748 66.25 -57.20 -32.91
N LYS X 749 65.69 -56.21 -32.20
CA LYS X 749 64.70 -55.33 -32.80
C LYS X 749 65.29 -54.54 -33.97
N VAL X 750 66.56 -54.12 -33.84
CA VAL X 750 67.18 -53.34 -34.91
C VAL X 750 67.20 -54.14 -36.21
N ARG X 751 67.44 -55.44 -36.12
CA ARG X 751 67.53 -56.32 -37.28
C ARG X 751 66.17 -56.68 -37.87
N LEU X 752 65.07 -56.24 -37.25
CA LEU X 752 63.72 -56.57 -37.70
C LEU X 752 63.49 -58.07 -37.72
N SER X 753 63.84 -58.73 -36.61
CA SER X 753 63.71 -60.16 -36.46
C SER X 753 62.92 -60.48 -35.21
N LYS X 754 62.34 -61.69 -35.18
CA LYS X 754 61.51 -62.13 -34.07
C LYS X 754 62.25 -63.04 -33.10
N THR X 755 63.54 -63.25 -33.29
CA THR X 755 64.34 -64.09 -32.39
C THR X 755 65.64 -63.38 -32.06
N VAL X 756 66.21 -63.72 -30.91
CA VAL X 756 67.50 -63.19 -30.47
C VAL X 756 68.56 -64.17 -30.94
N ASN X 757 69.55 -63.66 -31.68
CA ASN X 757 70.58 -64.50 -32.25
C ASN X 757 71.89 -64.34 -31.47
N LYS X 758 72.92 -65.08 -31.90
CA LYS X 758 74.23 -64.99 -31.26
C LYS X 758 74.89 -63.64 -31.54
N VAL X 759 74.67 -63.07 -32.72
CA VAL X 759 75.28 -61.80 -33.07
C VAL X 759 74.79 -60.69 -32.15
N ASP X 760 73.52 -60.76 -31.75
CA ASP X 760 73.00 -59.78 -30.80
C ASP X 760 73.74 -59.86 -29.47
N ALA X 761 73.99 -61.08 -28.99
CA ALA X 761 74.74 -61.26 -27.75
C ALA X 761 76.17 -60.74 -27.90
N LYS X 762 76.80 -61.00 -29.05
CA LYS X 762 78.15 -60.50 -29.27
C LYS X 762 78.20 -58.98 -29.26
N VAL X 763 77.23 -58.33 -29.92
CA VAL X 763 77.21 -56.87 -29.97
C VAL X 763 76.97 -56.30 -28.57
N ALA X 764 76.04 -56.89 -27.82
CA ALA X 764 75.81 -56.44 -26.45
C ALA X 764 77.05 -56.60 -25.59
N ALA X 765 77.74 -57.73 -25.74
CA ALA X 765 78.95 -57.98 -24.97
C ALA X 765 80.03 -56.96 -25.31
N ASN X 766 80.22 -56.67 -26.60
CA ASN X 766 81.22 -55.68 -27.00
C ASN X 766 80.89 -54.30 -26.44
N LEU X 767 79.61 -53.90 -26.52
CA LEU X 767 79.22 -52.60 -26.00
C LEU X 767 79.47 -52.50 -24.51
N LEU X 768 79.10 -53.53 -23.75
CA LEU X 768 79.27 -53.43 -22.30
C LEU X 768 80.74 -53.56 -21.90
N ARG X 769 81.54 -54.32 -22.64
CA ARG X 769 82.97 -54.36 -22.37
C ARG X 769 83.61 -53.00 -22.62
N PHE X 770 83.21 -52.31 -23.69
CA PHE X 770 83.71 -50.96 -23.91
C PHE X 770 83.28 -50.03 -22.78
N ALA X 771 82.02 -50.12 -22.36
CA ALA X 771 81.53 -49.23 -21.32
C ALA X 771 82.27 -49.45 -20.01
N LEU X 772 82.37 -50.70 -19.55
CA LEU X 772 82.95 -50.97 -18.24
C LEU X 772 84.47 -50.87 -18.24
N LEU X 773 85.11 -51.35 -19.30
CA LEU X 773 86.56 -51.49 -19.31
C LEU X 773 87.28 -50.45 -20.16
N GLY X 774 86.71 -50.05 -21.29
CA GLY X 774 87.43 -49.24 -22.24
C GLY X 774 88.41 -50.01 -23.10
N GLU X 775 88.29 -51.33 -23.15
CA GLU X 775 89.26 -52.14 -23.87
C GLU X 775 89.19 -51.91 -25.37
N ASP X 776 88.09 -51.33 -25.85
CA ASP X 776 87.78 -51.08 -27.27
C ASP X 776 88.64 -51.80 -28.30
N LEU Y 177 -4.49 -46.79 34.14
CA LEU Y 177 -5.55 -46.71 33.14
C LEU Y 177 -5.08 -45.96 31.90
N ARG Y 178 -5.01 -44.63 32.00
CA ARG Y 178 -4.58 -43.82 30.87
C ARG Y 178 -3.10 -44.04 30.60
N ILE Y 179 -2.73 -43.96 29.32
CA ILE Y 179 -1.36 -44.19 28.87
C ILE Y 179 -0.83 -42.90 28.26
N ILE Y 180 0.43 -42.60 28.56
CA ILE Y 180 1.11 -41.46 27.95
C ILE Y 180 1.04 -41.60 26.43
N TRP Y 181 0.70 -40.51 25.76
CA TRP Y 181 0.47 -40.51 24.32
C TRP Y 181 1.73 -40.95 23.58
N GLY Y 182 1.54 -41.76 22.53
CA GLY Y 182 2.65 -42.27 21.76
C GLY Y 182 3.17 -43.61 22.23
N THR Y 183 3.54 -43.70 23.50
CA THR Y 183 4.09 -44.93 24.06
C THR Y 183 2.98 -45.81 24.62
N ASN Y 184 3.40 -46.94 25.20
CA ASN Y 184 2.50 -47.85 25.90
C ASN Y 184 2.75 -47.90 27.40
N VAL Y 185 3.56 -46.99 27.94
CA VAL Y 185 3.92 -47.00 29.35
C VAL Y 185 2.85 -46.31 30.17
N SER Y 186 2.45 -46.96 31.26
CA SER Y 186 1.51 -46.39 32.22
C SER Y 186 2.16 -46.36 33.59
N ILE Y 187 1.98 -45.24 34.29
CA ILE Y 187 2.65 -45.03 35.57
C ILE Y 187 2.11 -45.99 36.63
N GLN Y 188 0.81 -46.30 36.56
CA GLN Y 188 0.13 -46.98 37.66
C GLN Y 188 0.78 -48.32 37.98
N GLU Y 189 0.95 -49.18 36.97
CA GLU Y 189 1.53 -50.49 37.24
C GLU Y 189 3.03 -50.41 37.45
N CYS Y 190 3.71 -49.48 36.79
CA CYS Y 190 5.17 -49.38 36.91
C CYS Y 190 5.57 -49.02 38.33
N THR Y 191 4.87 -48.06 38.94
CA THR Y 191 5.21 -47.66 40.31
C THR Y 191 5.05 -48.83 41.28
N THR Y 192 3.92 -49.54 41.19
CA THR Y 192 3.67 -50.67 42.08
C THR Y 192 4.70 -51.77 41.88
N ASN Y 193 5.01 -52.08 40.61
CA ASN Y 193 6.02 -53.10 40.35
C ASN Y 193 7.37 -52.70 40.92
N PHE Y 194 7.73 -51.43 40.83
CA PHE Y 194 9.03 -51.00 41.33
C PHE Y 194 9.09 -51.05 42.85
N ARG Y 195 8.00 -50.66 43.54
CA ARG Y 195 8.06 -50.72 44.99
C ARG Y 195 8.10 -52.17 45.46
N ASN Y 196 7.32 -53.05 44.81
CA ASN Y 196 7.43 -54.47 45.12
C ASN Y 196 8.85 -54.97 44.87
N PHE Y 197 9.47 -54.52 43.78
CA PHE Y 197 10.83 -54.93 43.47
C PHE Y 197 11.81 -54.50 44.56
N LEU Y 198 11.67 -53.27 45.04
CA LEU Y 198 12.64 -52.76 46.02
C LEU Y 198 12.47 -53.39 47.38
N MET Y 199 11.23 -53.45 47.90
CA MET Y 199 11.07 -54.04 49.23
C MET Y 199 11.16 -55.57 49.18
N SER Y 200 11.00 -56.17 48.00
CA SER Y 200 10.97 -57.62 47.92
C SER Y 200 12.33 -58.22 47.56
N PHE Y 201 13.13 -57.51 46.76
CA PHE Y 201 14.33 -58.10 46.19
C PHE Y 201 15.40 -58.34 47.26
N LYS Y 202 16.18 -59.40 47.05
CA LYS Y 202 17.34 -59.72 47.87
C LYS Y 202 18.39 -60.35 46.96
N TYR Y 203 19.53 -60.72 47.53
CA TYR Y 203 20.45 -61.56 46.80
C TYR Y 203 19.88 -62.96 46.57
N LYS Y 204 18.86 -63.36 47.32
CA LYS Y 204 18.24 -64.66 47.08
C LYS Y 204 17.69 -64.74 45.66
N PHE Y 205 16.89 -63.74 45.26
CA PHE Y 205 16.32 -63.75 43.92
C PHE Y 205 17.40 -63.59 42.86
N ARG Y 206 18.43 -62.80 43.15
CA ARG Y 206 19.53 -62.60 42.19
C ARG Y 206 20.26 -63.91 41.93
N LYS Y 207 20.59 -64.65 42.98
CA LYS Y 207 21.30 -65.91 42.82
C LYS Y 207 20.40 -67.02 42.30
N ILE Y 208 19.08 -66.90 42.47
CA ILE Y 208 18.16 -67.79 41.77
C ILE Y 208 18.15 -67.47 40.28
N LEU Y 209 18.21 -66.18 39.94
CA LEU Y 209 18.23 -65.77 38.54
C LEU Y 209 19.46 -66.30 37.82
N ASP Y 210 20.65 -65.87 38.26
CA ASP Y 210 21.86 -66.28 37.55
C ASP Y 210 22.11 -67.77 37.68
N GLU Y 211 22.08 -68.30 38.90
CA GLU Y 211 22.12 -69.74 39.19
C GLU Y 211 23.20 -70.43 38.37
N ARG Y 212 24.39 -69.83 38.33
CA ARG Y 212 25.51 -70.37 37.55
C ARG Y 212 26.27 -71.46 38.28
N GLU Y 213 25.69 -72.04 39.33
CA GLU Y 213 26.34 -73.04 40.18
C GLU Y 213 27.50 -72.40 40.94
N GLU Y 214 27.88 -72.99 42.07
CA GLU Y 214 28.90 -72.42 42.96
C GLU Y 214 28.50 -71.00 43.39
N PHE Y 215 27.19 -70.79 43.56
CA PHE Y 215 26.65 -69.49 43.94
C PHE Y 215 26.45 -69.48 45.46
N ILE Y 216 27.05 -68.47 46.11
CA ILE Y 216 27.06 -68.44 47.57
C ILE Y 216 25.72 -67.94 48.09
N ASN Y 217 25.15 -68.66 49.06
CA ASN Y 217 23.93 -68.26 49.73
C ASN Y 217 24.16 -68.08 51.23
N ASN Y 218 25.40 -67.79 51.62
CA ASN Y 218 25.78 -67.68 53.02
C ASN Y 218 25.26 -66.36 53.58
N THR Y 219 24.00 -66.37 54.03
CA THR Y 219 23.36 -65.26 54.72
C THR Y 219 23.12 -64.08 53.76
N THR Y 220 23.65 -64.19 52.53
CA THR Y 220 23.42 -63.15 51.55
C THR Y 220 21.98 -63.16 51.04
N ASP Y 221 21.30 -64.31 51.13
CA ASP Y 221 19.95 -64.43 50.59
C ASP Y 221 18.97 -63.54 51.34
N GLU Y 222 19.30 -63.16 52.58
CA GLU Y 222 18.44 -62.32 53.40
C GLU Y 222 19.04 -60.96 53.69
N GLU Y 223 20.06 -60.54 52.93
CA GLU Y 223 20.73 -59.28 53.23
C GLU Y 223 19.89 -58.06 52.88
N LEU Y 224 18.92 -58.19 51.97
CA LEU Y 224 18.09 -57.07 51.53
C LEU Y 224 18.97 -55.94 50.96
N TYR Y 225 19.61 -56.28 49.84
CA TYR Y 225 20.63 -55.41 49.25
C TYR Y 225 20.11 -54.01 48.95
N TYR Y 226 18.88 -53.92 48.45
CA TYR Y 226 18.37 -52.60 48.06
C TYR Y 226 18.03 -51.74 49.28
N ILE Y 227 17.43 -52.35 50.32
CA ILE Y 227 16.97 -51.58 51.46
C ILE Y 227 18.16 -51.04 52.25
N LYS Y 228 19.25 -51.80 52.31
CA LYS Y 228 20.42 -51.32 53.06
C LYS Y 228 21.08 -50.16 52.34
N GLN Y 229 21.19 -50.23 51.01
CA GLN Y 229 21.69 -49.09 50.25
C GLN Y 229 20.75 -47.90 50.39
N LEU Y 230 19.44 -48.14 50.40
CA LEU Y 230 18.48 -47.06 50.54
C LEU Y 230 18.67 -46.35 51.88
N ASN Y 231 18.83 -47.13 52.97
CA ASN Y 231 19.01 -46.54 54.29
C ASN Y 231 20.34 -45.80 54.39
N GLU Y 232 21.41 -46.36 53.83
CA GLU Y 232 22.71 -45.70 53.93
C GLU Y 232 22.74 -44.43 53.10
N MET Y 233 22.04 -44.41 51.96
CA MET Y 233 21.85 -43.17 51.21
C MET Y 233 21.03 -42.15 51.99
N ARG Y 234 19.97 -42.60 52.67
CA ARG Y 234 19.17 -41.66 53.46
C ARG Y 234 20.01 -41.02 54.56
N GLU Y 235 20.82 -41.82 55.27
CA GLU Y 235 21.62 -41.26 56.35
C GLU Y 235 22.80 -40.43 55.81
N LEU Y 236 23.34 -40.80 54.65
CA LEU Y 236 24.37 -39.97 54.04
C LEU Y 236 23.77 -38.74 53.38
N GLY Y 237 22.64 -38.88 52.71
CA GLY Y 237 22.02 -37.78 52.01
C GLY Y 237 22.43 -37.62 50.56
N THR Y 238 23.26 -38.52 50.04
CA THR Y 238 23.69 -38.46 48.65
C THR Y 238 22.69 -39.18 47.75
N SER Y 239 22.55 -38.69 46.52
CA SER Y 239 21.59 -39.23 45.56
C SER Y 239 22.35 -39.84 44.39
N ASN Y 240 22.67 -41.12 44.48
CA ASN Y 240 23.33 -41.83 43.40
C ASN Y 240 22.89 -43.28 43.45
N LEU Y 241 22.42 -43.79 42.31
CA LEU Y 241 21.92 -45.16 42.24
C LEU Y 241 22.65 -45.89 41.12
N ASN Y 242 22.76 -47.21 41.29
CA ASN Y 242 23.43 -48.08 40.33
C ASN Y 242 22.55 -49.24 39.93
N LEU Y 243 21.27 -48.98 39.62
CA LEU Y 243 20.35 -50.03 39.21
C LEU Y 243 20.86 -50.74 37.97
N ASP Y 244 20.86 -52.07 38.02
CA ASP Y 244 21.35 -52.89 36.93
C ASP Y 244 20.18 -53.44 36.12
N ALA Y 245 20.49 -53.90 34.91
CA ALA Y 245 19.46 -54.45 34.02
C ALA Y 245 19.19 -55.93 34.29
N ARG Y 246 20.24 -56.71 34.53
CA ARG Y 246 20.06 -58.12 34.87
C ARG Y 246 19.28 -58.26 36.17
N ASN Y 247 19.63 -57.46 37.18
CA ASN Y 247 18.89 -57.47 38.44
C ASN Y 247 17.44 -57.02 38.23
N LEU Y 248 17.21 -56.08 37.32
CA LEU Y 248 15.84 -55.66 37.03
C LEU Y 248 15.06 -56.79 36.35
N LEU Y 249 15.72 -57.59 35.53
CA LEU Y 249 15.10 -58.73 34.88
C LEU Y 249 14.89 -59.90 35.83
N ALA Y 250 15.61 -59.91 36.97
CA ALA Y 250 15.55 -61.04 37.89
C ALA Y 250 14.13 -61.31 38.36
N TYR Y 251 13.41 -60.27 38.76
CA TYR Y 251 12.06 -60.46 39.27
C TYR Y 251 11.09 -60.76 38.14
N LYS Y 252 10.15 -61.67 38.38
CA LYS Y 252 9.28 -62.15 37.30
C LYS Y 252 8.28 -61.08 36.87
N GLN Y 253 7.62 -60.44 37.83
CA GLN Y 253 6.59 -59.45 37.49
C GLN Y 253 7.16 -58.18 36.88
N THR Y 254 8.33 -57.73 37.34
CA THR Y 254 8.96 -56.53 36.80
C THR Y 254 9.75 -56.80 35.53
N GLU Y 255 9.66 -58.02 34.98
CA GLU Y 255 10.34 -58.32 33.72
C GLU Y 255 9.82 -57.46 32.58
N ASP Y 256 8.58 -56.98 32.68
CA ASP Y 256 8.01 -56.10 31.65
C ASP Y 256 8.84 -54.83 31.52
N LEU Y 257 9.26 -54.25 32.64
CA LEU Y 257 10.03 -53.01 32.61
C LEU Y 257 11.37 -53.20 31.89
N TYR Y 258 11.91 -54.42 31.87
CA TYR Y 258 13.20 -54.64 31.20
C TYR Y 258 13.09 -54.32 29.70
N HIS Y 259 12.05 -54.82 29.05
CA HIS Y 259 11.82 -54.50 27.64
C HIS Y 259 11.06 -53.20 27.45
N GLN Y 260 10.49 -52.63 28.52
CA GLN Y 260 9.76 -51.38 28.45
C GLN Y 260 10.67 -50.17 28.67
N LEU Y 261 11.89 -50.39 29.16
CA LEU Y 261 12.88 -49.33 29.36
C LEU Y 261 13.80 -49.17 28.17
N LEU Y 262 14.16 -50.27 27.51
CA LEU Y 262 15.07 -50.18 26.36
C LEU Y 262 14.49 -49.33 25.25
N ASN Y 263 13.15 -49.31 25.12
CA ASN Y 263 12.53 -48.63 24.00
C ASN Y 263 12.06 -47.23 24.37
N TYR Y 264 11.74 -46.99 25.64
CA TYR Y 264 11.27 -45.69 26.10
C TYR Y 264 12.02 -45.28 27.35
N PRO Y 265 13.31 -44.92 27.22
CA PRO Y 265 14.10 -44.59 28.40
C PRO Y 265 13.62 -43.36 29.17
N GLN Y 266 13.21 -42.30 28.45
CA GLN Y 266 12.90 -41.04 29.12
C GLN Y 266 11.71 -41.16 30.06
N GLU Y 267 10.59 -41.71 29.57
CA GLU Y 267 9.38 -41.80 30.39
C GLU Y 267 9.57 -42.76 31.56
N VAL Y 268 10.25 -43.89 31.32
CA VAL Y 268 10.50 -44.83 32.40
C VAL Y 268 11.38 -44.20 33.47
N ILE Y 269 12.38 -43.42 33.05
CA ILE Y 269 13.24 -42.75 34.01
C ILE Y 269 12.47 -41.66 34.76
N SER Y 270 11.54 -40.98 34.08
CA SER Y 270 10.68 -40.02 34.76
C SER Y 270 9.86 -40.70 35.84
N ILE Y 271 9.32 -41.89 35.54
CA ILE Y 271 8.63 -42.68 36.56
C ILE Y 271 9.60 -43.10 37.66
N MET Y 272 10.84 -43.40 37.27
CA MET Y 272 11.88 -43.81 38.21
C MET Y 272 12.07 -42.76 39.28
N ASP Y 273 12.29 -41.51 38.87
CA ASP Y 273 12.53 -40.42 39.81
C ASP Y 273 11.29 -40.15 40.66
N GLN Y 274 10.11 -40.22 40.06
CA GLN Y 274 8.87 -40.00 40.81
C GLN Y 274 8.67 -41.05 41.90
N THR Y 275 9.05 -42.31 41.63
CA THR Y 275 8.93 -43.34 42.66
C THR Y 275 9.99 -43.17 43.74
N ILE Y 276 11.23 -42.86 43.34
CA ILE Y 276 12.28 -42.58 44.33
C ILE Y 276 11.93 -41.38 45.19
N LYS Y 277 11.09 -40.46 44.70
CA LYS Y 277 10.67 -39.32 45.50
C LYS Y 277 10.03 -39.75 46.81
N ASP Y 278 9.17 -40.78 46.77
CA ASP Y 278 8.52 -41.28 47.97
C ASP Y 278 9.17 -42.54 48.51
N CYS Y 279 10.19 -43.07 47.84
CA CYS Y 279 11.00 -44.13 48.45
C CYS Y 279 11.63 -43.66 49.76
N MET Y 280 11.96 -42.38 49.85
CA MET Y 280 12.42 -41.82 51.12
C MET Y 280 11.34 -41.92 52.19
N VAL Y 281 10.13 -41.45 51.89
CA VAL Y 281 9.04 -41.45 52.87
C VAL Y 281 8.70 -42.85 53.30
N SER Y 282 8.78 -43.82 52.37
CA SER Y 282 8.47 -45.20 52.70
C SER Y 282 9.34 -45.78 53.81
N LEU Y 283 10.52 -45.20 54.05
CA LEU Y 283 11.43 -45.72 55.07
C LEU Y 283 11.68 -44.76 56.23
N ILE Y 284 11.50 -43.45 56.04
CA ILE Y 284 11.78 -42.52 57.14
C ILE Y 284 10.72 -42.64 58.24
N VAL Y 285 9.48 -42.97 57.89
CA VAL Y 285 8.40 -42.99 58.86
C VAL Y 285 8.03 -44.40 59.30
N ASP Y 286 8.87 -45.39 59.02
CA ASP Y 286 8.59 -46.75 59.49
C ASP Y 286 8.62 -46.82 61.02
N ASN Y 287 9.55 -46.10 61.64
CA ASN Y 287 9.61 -45.98 63.09
C ASN Y 287 9.14 -44.61 63.59
N ASN Y 288 8.71 -43.73 62.69
CA ASN Y 288 8.22 -42.40 63.04
C ASN Y 288 9.27 -41.61 63.81
N LEU Y 289 10.40 -41.37 63.15
CA LEU Y 289 11.49 -40.60 63.74
C LEU Y 289 11.28 -39.12 63.45
N ASP Y 290 12.29 -38.30 63.74
CA ASP Y 290 12.18 -36.85 63.65
C ASP Y 290 13.00 -36.28 62.50
N TYR Y 291 13.14 -37.03 61.41
CA TYR Y 291 13.79 -36.49 60.23
C TYR Y 291 12.95 -35.39 59.60
N ASP Y 292 13.61 -34.30 59.20
CA ASP Y 292 12.89 -33.13 58.71
C ASP Y 292 12.14 -33.43 57.42
N LEU Y 293 12.80 -34.06 56.46
CA LEU Y 293 12.24 -34.47 55.17
C LEU Y 293 11.97 -33.26 54.28
N ASP Y 294 12.13 -32.05 54.84
CA ASP Y 294 11.95 -30.84 54.04
C ASP Y 294 13.11 -30.67 53.05
N GLU Y 295 14.34 -30.87 53.50
CA GLU Y 295 15.47 -30.86 52.59
C GLU Y 295 15.39 -32.03 51.62
N ILE Y 296 14.74 -33.12 52.03
CA ILE Y 296 14.47 -34.23 51.11
C ILE Y 296 13.45 -33.80 50.07
N GLU Y 297 12.42 -33.06 50.50
CA GLU Y 297 11.41 -32.57 49.56
C GLU Y 297 12.02 -31.63 48.54
N THR Y 298 12.92 -30.75 48.99
CA THR Y 298 13.55 -29.81 48.07
C THR Y 298 14.48 -30.51 47.09
N LYS Y 299 15.30 -31.44 47.58
CA LYS Y 299 16.25 -32.13 46.71
C LYS Y 299 15.54 -33.13 45.82
N PHE Y 300 16.17 -33.45 44.69
CA PHE Y 300 15.63 -34.40 43.73
C PHE Y 300 16.56 -35.60 43.59
N TYR Y 301 16.02 -36.69 43.07
CA TYR Y 301 16.77 -37.93 42.91
C TYR Y 301 16.66 -38.41 41.46
N LYS Y 302 17.62 -39.23 41.06
CA LYS Y 302 17.64 -39.81 39.73
C LYS Y 302 18.36 -41.16 39.82
N VAL Y 303 18.49 -41.83 38.67
CA VAL Y 303 19.10 -43.15 38.61
C VAL Y 303 20.16 -43.16 37.51
N ARG Y 304 21.08 -44.12 37.62
CA ARG Y 304 22.16 -44.31 36.65
C ARG Y 304 22.20 -45.78 36.24
N PRO Y 305 21.30 -46.21 35.37
CA PRO Y 305 21.32 -47.60 34.91
C PRO Y 305 22.60 -47.92 34.15
N TYR Y 306 23.06 -49.17 34.27
CA TYR Y 306 24.22 -49.64 33.54
C TYR Y 306 24.00 -51.09 33.12
N ASN Y 307 24.89 -51.58 32.25
CA ASN Y 307 24.81 -52.93 31.72
C ASN Y 307 23.44 -53.21 31.11
N VAL Y 308 22.95 -52.24 30.33
CA VAL Y 308 21.61 -52.34 29.75
C VAL Y 308 21.53 -53.55 28.81
N GLY Y 309 22.54 -53.72 27.97
CA GLY Y 309 22.53 -54.82 27.04
C GLY Y 309 23.93 -55.15 26.58
N SER Y 310 24.01 -55.99 25.55
CA SER Y 310 25.30 -56.35 24.97
C SER Y 310 26.00 -55.12 24.41
N CYS Y 311 27.28 -54.98 24.72
CA CYS Y 311 28.04 -53.83 24.27
C CYS Y 311 28.36 -53.95 22.79
N LYS Y 312 28.05 -52.90 22.05
CA LYS Y 312 28.34 -52.83 20.62
C LYS Y 312 29.05 -51.53 20.31
N GLY Y 313 30.03 -51.60 19.41
CA GLY Y 313 30.80 -50.44 19.05
C GLY Y 313 30.01 -49.46 18.20
N MET Y 314 30.58 -48.26 18.04
CA MET Y 314 29.93 -47.24 17.24
C MET Y 314 29.88 -47.60 15.76
N ARG Y 315 30.72 -48.54 15.32
CA ARG Y 315 30.73 -48.94 13.92
C ARG Y 315 29.47 -49.70 13.52
N GLU Y 316 28.65 -50.13 14.47
CA GLU Y 316 27.38 -50.79 14.20
C GLU Y 316 26.26 -50.06 14.94
N LEU Y 317 25.74 -49.02 14.30
CA LEU Y 317 24.60 -48.26 14.79
C LEU Y 317 23.75 -47.85 13.61
N ASN Y 318 22.53 -48.35 13.57
CA ASN Y 318 21.56 -48.07 12.53
C ASN Y 318 20.57 -47.01 13.00
N PRO Y 319 19.76 -46.46 12.09
CA PRO Y 319 18.69 -45.57 12.55
C PRO Y 319 17.56 -46.30 13.25
N ASN Y 320 17.63 -47.63 13.31
CA ASN Y 320 16.56 -48.45 13.86
C ASN Y 320 16.47 -48.38 15.38
N ASP Y 321 17.49 -47.82 16.03
CA ASP Y 321 17.51 -47.73 17.50
C ASP Y 321 17.77 -46.30 17.94
N ILE Y 322 17.02 -45.36 17.38
CA ILE Y 322 17.05 -43.97 17.82
C ILE Y 322 16.12 -43.81 19.02
N ASP Y 323 16.59 -43.08 20.03
CA ASP Y 323 15.87 -42.89 21.29
C ASP Y 323 15.72 -44.21 22.03
N LYS Y 324 16.79 -45.01 22.06
CA LYS Y 324 16.83 -46.26 22.81
C LYS Y 324 18.15 -46.36 23.55
N LEU Y 325 18.10 -46.91 24.75
CA LEU Y 325 19.30 -47.03 25.58
C LEU Y 325 20.29 -48.01 24.97
N ILE Y 326 21.55 -47.58 24.90
CA ILE Y 326 22.65 -48.38 24.37
C ILE Y 326 23.86 -48.23 25.29
N ASN Y 327 24.81 -49.14 25.12
CA ASN Y 327 26.07 -49.12 25.86
C ASN Y 327 27.20 -49.09 24.87
N LEU Y 328 28.05 -48.07 24.95
CA LEU Y 328 29.12 -47.83 24.01
C LEU Y 328 30.47 -47.85 24.73
N LYS Y 329 31.54 -48.04 23.95
CA LYS Y 329 32.90 -48.06 24.49
C LYS Y 329 33.79 -47.22 23.58
N GLY Y 330 34.72 -46.48 24.16
CA GLY Y 330 35.62 -45.72 23.30
C GLY Y 330 36.63 -44.91 24.06
N LEU Y 331 37.59 -44.37 23.31
CA LEU Y 331 38.64 -43.51 23.84
C LEU Y 331 38.16 -42.06 23.91
N VAL Y 332 38.50 -41.39 25.01
CA VAL Y 332 38.13 -39.99 25.22
C VAL Y 332 39.24 -39.14 24.59
N LEU Y 333 38.85 -38.23 23.67
CA LEU Y 333 39.87 -37.39 23.05
C LEU Y 333 39.95 -36.02 23.73
N ARG Y 334 38.81 -35.39 24.00
CA ARG Y 334 38.82 -33.99 24.43
C ARG Y 334 37.53 -33.71 25.19
N SER Y 335 37.53 -32.58 25.90
CA SER Y 335 36.36 -32.07 26.58
C SER Y 335 36.24 -30.56 26.33
N THR Y 336 35.02 -30.05 26.43
CA THR Y 336 34.74 -28.64 26.24
C THR Y 336 34.39 -27.99 27.57
N PRO Y 337 34.61 -26.69 27.71
CA PRO Y 337 34.19 -26.00 28.94
C PRO Y 337 32.69 -26.08 29.16
N VAL Y 338 32.27 -25.66 30.35
CA VAL Y 338 30.86 -25.72 30.72
C VAL Y 338 30.06 -24.81 29.79
N ILE Y 339 28.93 -25.31 29.32
CA ILE Y 339 28.07 -24.60 28.37
C ILE Y 339 26.80 -24.19 29.10
N PRO Y 340 26.45 -22.91 29.14
CA PRO Y 340 25.19 -22.50 29.75
C PRO Y 340 24.01 -22.90 28.88
N ASP Y 341 22.91 -23.29 29.55
CA ASP Y 341 21.65 -23.58 28.89
C ASP Y 341 20.53 -22.84 29.63
N MET Y 342 19.78 -22.01 28.90
CA MET Y 342 18.70 -21.25 29.52
C MET Y 342 17.57 -22.18 29.94
N LYS Y 343 17.00 -21.89 31.11
CA LYS Y 343 15.82 -22.59 31.60
C LYS Y 343 14.65 -21.66 31.81
N VAL Y 344 14.87 -20.50 32.43
CA VAL Y 344 13.81 -19.55 32.76
C VAL Y 344 14.23 -18.20 32.19
N ALA Y 345 13.47 -17.70 31.23
CA ALA Y 345 13.72 -16.35 30.71
C ALA Y 345 13.28 -15.30 31.72
N PHE Y 346 13.71 -14.07 31.49
CA PHE Y 346 13.42 -12.95 32.39
C PHE Y 346 13.27 -11.68 31.56
N PHE Y 347 12.07 -11.14 31.51
CA PHE Y 347 11.76 -9.95 30.72
C PHE Y 347 11.40 -8.80 31.64
N LYS Y 348 11.93 -7.62 31.35
CA LYS Y 348 11.59 -6.41 32.07
C LYS Y 348 10.96 -5.39 31.13
N CYS Y 349 10.04 -4.60 31.69
CA CYS Y 349 9.32 -3.58 30.94
C CYS Y 349 10.07 -2.26 31.08
N ASN Y 350 10.39 -1.65 29.94
CA ASN Y 350 11.17 -0.42 29.95
C ASN Y 350 10.37 0.80 30.39
N VAL Y 351 9.06 0.66 30.58
CA VAL Y 351 8.23 1.80 31.00
C VAL Y 351 7.86 1.65 32.47
N CYS Y 352 7.15 0.59 32.82
CA CYS Y 352 6.69 0.40 34.20
C CYS Y 352 7.65 -0.44 35.03
N ASP Y 353 8.69 -1.00 34.44
CA ASP Y 353 9.72 -1.77 35.15
C ASP Y 353 9.12 -2.95 35.91
N HIS Y 354 8.31 -3.75 35.21
CA HIS Y 354 7.72 -4.95 35.78
C HIS Y 354 8.48 -6.18 35.31
N THR Y 355 8.70 -7.12 36.21
CA THR Y 355 9.49 -8.31 35.94
C THR Y 355 8.58 -9.54 35.89
N MET Y 356 8.75 -10.36 34.86
CA MET Y 356 8.03 -11.61 34.72
C MET Y 356 8.93 -12.66 34.09
N ALA Y 357 8.79 -13.90 34.55
CA ALA Y 357 9.62 -15.01 34.11
C ALA Y 357 8.80 -15.92 33.20
N VAL Y 358 9.37 -16.27 32.05
CA VAL Y 358 8.72 -17.14 31.08
C VAL Y 358 9.58 -18.38 30.89
N GLU Y 359 9.00 -19.54 31.12
CA GLU Y 359 9.70 -20.79 30.86
C GLU Y 359 9.85 -21.00 29.36
N ILE Y 360 10.93 -21.68 28.98
CA ILE Y 360 11.18 -22.00 27.58
C ILE Y 360 10.99 -23.50 27.40
N ASP Y 361 10.47 -23.90 26.23
CA ASP Y 361 10.21 -25.30 25.93
C ASP Y 361 10.98 -25.69 24.68
N ARG Y 362 11.87 -26.66 24.81
CA ARG Y 362 12.67 -27.21 23.72
C ARG Y 362 13.49 -26.13 22.99
N GLY Y 363 13.86 -25.07 23.70
CA GLY Y 363 14.72 -24.05 23.11
C GLY Y 363 14.01 -22.78 22.71
N VAL Y 364 12.80 -22.91 22.16
CA VAL Y 364 12.07 -21.75 21.67
C VAL Y 364 11.49 -20.96 22.82
N ILE Y 365 11.68 -19.64 22.79
CA ILE Y 365 11.09 -18.74 23.77
C ILE Y 365 9.83 -18.14 23.18
N GLN Y 366 8.70 -18.33 23.87
CA GLN Y 366 7.46 -17.68 23.48
C GLN Y 366 7.48 -16.25 23.98
N GLU Y 367 7.63 -15.29 23.06
CA GLU Y 367 7.74 -13.90 23.45
C GLU Y 367 6.47 -13.42 24.13
N PRO Y 368 6.61 -12.66 25.21
CA PRO Y 368 5.45 -11.93 25.73
C PRO Y 368 4.96 -10.94 24.69
N ALA Y 369 3.64 -10.87 24.55
CA ALA Y 369 3.04 -9.96 23.58
C ALA Y 369 3.01 -8.52 24.09
N ARG Y 370 2.29 -8.28 25.18
CA ARG Y 370 2.21 -6.96 25.78
C ARG Y 370 2.28 -7.13 27.29
N CYS Y 371 2.67 -6.05 27.98
CA CYS Y 371 2.86 -6.08 29.42
C CYS Y 371 1.58 -6.54 30.12
N GLU Y 372 1.72 -7.49 31.06
CA GLU Y 372 0.54 -8.03 31.73
C GLU Y 372 -0.19 -6.96 32.53
N ARG Y 373 0.56 -6.00 33.09
CA ARG Y 373 -0.07 -4.95 33.89
C ARG Y 373 -1.10 -4.20 33.04
N ILE Y 374 -2.37 -4.29 33.45
CA ILE Y 374 -3.45 -3.70 32.67
C ILE Y 374 -3.29 -2.20 32.57
N ASP Y 375 -2.80 -1.57 33.64
CA ASP Y 375 -2.63 -0.12 33.63
C ASP Y 375 -1.53 0.28 32.66
N CYS Y 376 -0.36 -0.39 32.75
CA CYS Y 376 0.73 -0.07 31.84
C CYS Y 376 0.36 -0.37 30.40
N ASN Y 377 0.18 -1.66 30.08
CA ASN Y 377 -0.42 -2.14 28.83
C ASN Y 377 0.14 -1.41 27.60
N GLU Y 378 1.46 -1.56 27.38
CA GLU Y 378 2.01 -0.90 26.20
C GLU Y 378 2.55 -1.92 25.22
N PRO Y 379 2.27 -1.78 23.93
CA PRO Y 379 2.82 -2.72 22.94
C PRO Y 379 4.31 -2.48 22.73
N ASN Y 380 5.05 -3.58 22.53
CA ASN Y 380 6.46 -3.53 22.15
C ASN Y 380 7.28 -2.74 23.16
N SER Y 381 7.29 -3.22 24.39
CA SER Y 381 7.98 -2.55 25.49
C SER Y 381 8.77 -3.54 26.35
N MET Y 382 9.29 -4.60 25.72
CA MET Y 382 9.93 -5.70 26.42
C MET Y 382 11.44 -5.63 26.22
N SER Y 383 12.20 -5.96 27.27
CA SER Y 383 13.64 -6.04 27.19
C SER Y 383 14.12 -7.28 27.92
N LEU Y 384 15.05 -8.02 27.30
CA LEU Y 384 15.58 -9.23 27.89
C LEU Y 384 16.79 -8.91 28.77
N ILE Y 385 16.79 -9.44 29.99
CA ILE Y 385 17.90 -9.27 30.92
C ILE Y 385 18.66 -10.58 30.93
N HIS Y 386 19.82 -10.60 30.26
CA HIS Y 386 20.55 -11.85 30.06
C HIS Y 386 21.07 -12.42 31.38
N ASN Y 387 21.57 -11.57 32.26
CA ASN Y 387 22.23 -12.03 33.47
C ASN Y 387 21.26 -12.21 34.64
N ARG Y 388 19.97 -12.03 34.41
CA ARG Y 388 18.96 -12.30 35.43
C ARG Y 388 18.11 -13.53 35.10
N CYS Y 389 18.52 -14.32 34.11
CA CYS Y 389 17.84 -15.55 33.76
C CYS Y 389 18.35 -16.68 34.65
N SER Y 390 17.98 -17.92 34.31
CA SER Y 390 18.46 -19.10 35.01
C SER Y 390 19.09 -20.06 34.02
N PHE Y 391 20.26 -20.60 34.38
CA PHE Y 391 21.03 -21.43 33.47
C PHE Y 391 21.39 -22.75 34.14
N ALA Y 392 21.60 -23.77 33.31
CA ALA Y 392 22.07 -25.08 33.72
C ALA Y 392 23.35 -25.40 32.93
N ASP Y 393 24.08 -26.40 33.40
CA ASP Y 393 25.40 -26.72 32.86
C ASP Y 393 25.32 -27.86 31.86
N LYS Y 394 26.12 -27.75 30.79
CA LYS Y 394 26.29 -28.79 29.80
C LYS Y 394 27.77 -29.05 29.55
N GLN Y 395 28.07 -30.24 29.04
CA GLN Y 395 29.40 -30.56 28.57
C GLN Y 395 29.29 -31.50 27.38
N VAL Y 396 30.23 -31.36 26.45
CA VAL Y 396 30.27 -32.20 25.25
C VAL Y 396 31.61 -32.91 25.20
N ILE Y 397 31.57 -34.22 24.96
CA ILE Y 397 32.75 -35.06 24.95
C ILE Y 397 32.90 -35.67 23.56
N LYS Y 398 34.13 -35.95 23.16
CA LYS Y 398 34.43 -36.55 21.87
C LYS Y 398 35.08 -37.92 22.07
N LEU Y 399 34.54 -38.94 21.41
CA LEU Y 399 35.05 -40.29 21.52
C LEU Y 399 35.62 -40.78 20.20
N GLN Y 400 36.52 -41.76 20.31
CA GLN Y 400 37.14 -42.40 19.16
C GLN Y 400 37.03 -43.92 19.32
N GLU Y 401 36.89 -44.59 18.18
CA GLU Y 401 36.77 -46.04 18.17
C GLU Y 401 38.12 -46.68 18.54
N THR Y 402 38.07 -47.70 19.39
CA THR Y 402 39.28 -48.29 19.92
C THR Y 402 40.06 -49.03 18.83
N PRO Y 403 41.39 -48.96 18.87
CA PRO Y 403 42.18 -49.58 17.78
C PRO Y 403 42.04 -51.09 17.69
N ASP Y 404 41.60 -51.76 18.76
CA ASP Y 404 41.51 -53.22 18.72
C ASP Y 404 40.43 -53.68 17.75
N PHE Y 405 39.27 -53.04 17.77
CA PHE Y 405 38.14 -53.54 16.99
C PHE Y 405 38.18 -53.05 15.54
N VAL Y 406 39.04 -52.08 15.23
CA VAL Y 406 39.04 -51.56 13.85
C VAL Y 406 39.61 -52.62 12.91
N PRO Y 407 39.06 -52.77 11.70
CA PRO Y 407 39.67 -53.71 10.74
C PRO Y 407 40.78 -53.06 9.92
N ASP Y 408 41.34 -53.82 8.98
CA ASP Y 408 42.50 -53.36 8.23
C ASP Y 408 42.11 -52.25 7.25
N GLY Y 409 43.02 -51.29 7.09
CA GLY Y 409 42.86 -50.24 6.11
C GLY Y 409 41.68 -49.33 6.35
N GLN Y 410 41.43 -48.97 7.60
CA GLN Y 410 40.29 -48.11 7.94
C GLN Y 410 40.77 -46.94 8.80
N THR Y 411 39.90 -45.95 8.93
CA THR Y 411 40.14 -44.78 9.76
C THR Y 411 39.15 -44.76 10.92
N PRO Y 412 39.61 -44.52 12.15
CA PRO Y 412 38.68 -44.55 13.30
C PRO Y 412 37.58 -43.51 13.20
N HIS Y 413 36.42 -43.79 13.79
CA HIS Y 413 35.25 -42.94 13.71
C HIS Y 413 35.05 -42.23 15.04
N SER Y 414 34.16 -41.24 15.03
CA SER Y 414 33.98 -40.37 16.18
C SER Y 414 32.50 -40.22 16.52
N ILE Y 415 32.23 -40.00 17.80
CA ILE Y 415 30.88 -39.77 18.32
C ILE Y 415 30.95 -38.70 19.39
N SER Y 416 29.95 -37.80 19.40
CA SER Y 416 29.84 -36.73 20.39
C SER Y 416 28.87 -37.15 21.48
N LEU Y 417 29.20 -36.82 22.72
CA LEU Y 417 28.47 -37.24 23.91
C LEU Y 417 28.00 -36.01 24.68
N CYS Y 418 26.75 -36.02 25.12
CA CYS Y 418 26.19 -34.94 25.93
C CYS Y 418 26.14 -35.36 27.39
N VAL Y 419 26.73 -34.53 28.26
CA VAL Y 419 26.82 -34.77 29.69
C VAL Y 419 26.18 -33.59 30.41
N TYR Y 420 25.33 -33.91 31.39
CA TYR Y 420 24.58 -32.90 32.12
C TYR Y 420 24.75 -33.09 33.62
N ASP Y 421 24.60 -31.96 34.34
CA ASP Y 421 24.44 -31.93 35.80
C ASP Y 421 25.66 -32.57 36.47
N GLU Y 422 25.49 -33.53 37.38
CA GLU Y 422 26.58 -33.94 38.26
C GLU Y 422 27.70 -34.66 37.51
N LEU Y 423 27.41 -35.21 36.33
CA LEU Y 423 28.41 -35.96 35.60
C LEU Y 423 29.38 -35.08 34.82
N VAL Y 424 29.17 -33.76 34.82
CA VAL Y 424 30.07 -32.86 34.12
C VAL Y 424 31.43 -32.83 34.81
N ASP Y 425 32.50 -32.79 34.02
CA ASP Y 425 33.88 -32.86 34.50
C ASP Y 425 34.11 -34.17 35.26
N SER Y 426 33.96 -35.27 34.52
CA SER Y 426 34.19 -36.60 35.05
C SER Y 426 35.19 -37.37 34.20
N CYS Y 427 35.12 -37.17 32.88
CA CYS Y 427 35.95 -37.92 31.93
C CYS Y 427 37.18 -37.10 31.57
N ARG Y 428 38.35 -37.54 32.04
CA ARG Y 428 39.59 -36.90 31.69
C ARG Y 428 39.98 -37.25 30.25
N ALA Y 429 40.89 -36.46 29.69
CA ALA Y 429 41.33 -36.67 28.32
C ALA Y 429 42.25 -37.87 28.21
N GLY Y 430 42.05 -38.65 27.16
CA GLY Y 430 42.89 -39.80 26.87
C GLY Y 430 42.50 -41.08 27.55
N ASP Y 431 41.48 -41.06 28.41
CA ASP Y 431 41.03 -42.28 29.07
C ASP Y 431 40.16 -43.08 28.11
N ARG Y 432 39.90 -44.33 28.48
CA ARG Y 432 39.00 -45.20 27.73
C ARG Y 432 37.83 -45.55 28.63
N ILE Y 433 36.61 -45.25 28.16
CA ILE Y 433 35.43 -45.34 29.01
C ILE Y 433 34.35 -46.14 28.28
N GLU Y 434 33.51 -46.80 29.08
CA GLU Y 434 32.28 -47.43 28.62
C GLU Y 434 31.11 -46.67 29.23
N VAL Y 435 30.19 -46.22 28.39
CA VAL Y 435 29.10 -45.34 28.80
C VAL Y 435 27.77 -45.96 28.42
N THR Y 436 26.72 -45.53 29.12
CA THR Y 436 25.34 -45.90 28.81
C THR Y 436 24.59 -44.63 28.49
N GLY Y 437 23.76 -44.67 27.44
CA GLY Y 437 23.04 -43.46 27.08
C GLY Y 437 22.03 -43.69 25.99
N THR Y 438 21.27 -42.64 25.71
CA THR Y 438 20.22 -42.66 24.69
C THR Y 438 20.77 -42.14 23.38
N PHE Y 439 20.65 -42.93 22.33
CA PHE Y 439 20.96 -42.49 20.97
C PHE Y 439 19.93 -41.45 20.54
N ARG Y 440 20.38 -40.43 19.79
CA ARG Y 440 19.50 -39.38 19.32
C ARG Y 440 20.05 -38.82 18.01
N SER Y 441 19.16 -38.19 17.25
CA SER Y 441 19.53 -37.57 15.99
C SER Y 441 18.78 -36.26 15.84
N ILE Y 442 19.48 -35.21 15.43
CA ILE Y 442 18.88 -33.89 15.25
C ILE Y 442 19.23 -33.37 13.86
N PRO Y 443 18.41 -32.48 13.32
CA PRO Y 443 18.75 -31.82 12.06
C PRO Y 443 19.63 -30.60 12.27
N ILE Y 444 20.42 -30.30 11.25
CA ILE Y 444 21.29 -29.13 11.23
C ILE Y 444 20.98 -28.32 9.98
N ARG Y 445 21.02 -27.00 10.13
CA ARG Y 445 20.54 -26.08 9.11
C ARG Y 445 21.48 -26.04 7.90
N ALA Y 446 20.88 -25.92 6.72
CA ALA Y 446 21.64 -25.77 5.48
C ALA Y 446 22.22 -24.37 5.39
N ASN Y 447 21.35 -23.36 5.39
CA ASN Y 447 21.81 -21.98 5.35
C ASN Y 447 21.68 -21.35 6.73
N SER Y 448 22.68 -20.53 7.09
CA SER Y 448 22.68 -19.90 8.40
C SER Y 448 21.51 -18.93 8.56
N ARG Y 449 21.19 -18.18 7.51
CA ARG Y 449 20.13 -17.19 7.62
C ARG Y 449 18.75 -17.82 7.47
N GLN Y 450 18.53 -18.57 6.40
CA GLN Y 450 17.20 -19.09 6.11
C GLN Y 450 16.80 -20.20 7.08
N ARG Y 451 15.50 -20.47 7.11
CA ARG Y 451 14.92 -21.55 7.92
C ARG Y 451 15.24 -22.92 7.37
N VAL Y 452 15.85 -23.00 6.19
CA VAL Y 452 15.92 -24.25 5.45
C VAL Y 452 16.85 -25.25 6.14
N LEU Y 453 16.47 -26.53 6.08
CA LEU Y 453 17.26 -27.63 6.62
C LEU Y 453 17.59 -28.61 5.51
N LYS Y 454 18.65 -29.40 5.71
CA LYS Y 454 19.06 -30.40 4.73
C LYS Y 454 18.75 -31.81 5.21
N SER Y 455 18.44 -32.68 4.25
CA SER Y 455 17.89 -34.01 4.50
C SER Y 455 18.99 -34.98 4.88
N LEU Y 456 19.70 -34.68 5.97
CA LEU Y 456 20.67 -35.60 6.54
C LEU Y 456 20.94 -35.20 7.99
N TYR Y 457 20.57 -36.06 8.94
CA TYR Y 457 20.64 -35.72 10.34
C TYR Y 457 22.02 -36.07 10.91
N LYS Y 458 22.32 -35.48 12.08
CA LYS Y 458 23.51 -35.84 12.82
C LYS Y 458 23.13 -36.69 14.03
N THR Y 459 23.99 -37.66 14.36
CA THR Y 459 23.71 -38.62 15.41
C THR Y 459 24.66 -38.41 16.57
N TYR Y 460 24.11 -38.43 17.79
CA TYR Y 460 24.90 -38.33 19.01
C TYR Y 460 24.22 -39.15 20.11
N VAL Y 461 24.79 -39.11 21.31
CA VAL Y 461 24.25 -39.83 22.45
C VAL Y 461 24.20 -38.89 23.65
N ASP Y 462 23.13 -39.00 24.43
CA ASP Y 462 23.00 -38.33 25.72
C ASP Y 462 23.28 -39.34 26.81
N VAL Y 463 24.33 -39.11 27.60
CA VAL Y 463 24.83 -40.15 28.50
C VAL Y 463 24.17 -40.02 29.86
N VAL Y 464 24.02 -41.16 30.54
CA VAL Y 464 23.45 -41.19 31.88
C VAL Y 464 24.35 -41.88 32.89
N HIS Y 465 25.32 -42.69 32.47
CA HIS Y 465 26.22 -43.38 33.38
C HIS Y 465 27.56 -43.57 32.69
N VAL Y 466 28.65 -43.33 33.42
CA VAL Y 466 30.01 -43.42 32.89
C VAL Y 466 30.83 -44.32 33.80
N LYS Y 467 31.55 -45.26 33.20
CA LYS Y 467 32.52 -46.09 33.90
C LYS Y 467 33.82 -46.12 33.12
N LYS Y 468 34.93 -46.31 33.83
CA LYS Y 468 36.26 -46.28 33.24
C LYS Y 468 36.76 -47.70 33.02
N VAL Y 469 37.34 -47.94 31.84
CA VAL Y 469 37.87 -49.24 31.40
C VAL Y 469 37.11 -50.45 31.94
N ARG Y 499 45.29 -41.60 50.08
CA ARG Y 499 44.76 -40.60 51.01
C ARG Y 499 43.59 -41.15 51.79
N GLN Y 500 43.25 -40.47 52.89
CA GLN Y 500 42.15 -40.88 53.77
C GLN Y 500 42.35 -42.31 54.28
N ILE Y 501 43.55 -42.56 54.81
CA ILE Y 501 43.87 -43.90 55.30
C ILE Y 501 43.12 -44.18 56.60
N THR Y 502 42.66 -45.42 56.74
CA THR Y 502 41.87 -45.79 57.91
C THR Y 502 42.76 -46.13 59.10
N ASP Y 503 42.15 -46.17 60.29
CA ASP Y 503 42.91 -46.38 61.52
C ASP Y 503 43.55 -47.76 61.54
N GLN Y 504 42.87 -48.76 60.97
CA GLN Y 504 43.48 -50.09 60.87
C GLN Y 504 44.74 -50.05 60.02
N ASP Y 505 44.73 -49.23 58.96
CA ASP Y 505 45.93 -49.03 58.17
C ASP Y 505 47.05 -48.41 59.01
N LEU Y 506 46.70 -47.44 59.86
CA LEU Y 506 47.70 -46.88 60.76
C LEU Y 506 48.28 -47.94 61.69
N ALA Y 507 47.42 -48.79 62.26
CA ALA Y 507 47.91 -49.82 63.18
C ALA Y 507 48.82 -50.81 62.48
N LYS Y 508 48.44 -51.24 61.27
CA LYS Y 508 49.27 -52.20 60.55
C LYS Y 508 50.58 -51.55 60.11
N ILE Y 509 50.53 -50.27 59.74
CA ILE Y 509 51.77 -49.54 59.44
C ILE Y 509 52.68 -49.49 60.65
N ARG Y 510 52.14 -49.21 61.83
CA ARG Y 510 52.96 -49.18 63.04
C ARG Y 510 53.59 -50.54 63.32
N GLU Y 511 52.79 -51.62 63.26
CA GLU Y 511 53.34 -52.93 63.62
C GLU Y 511 54.38 -53.39 62.60
N VAL Y 512 54.18 -53.06 61.32
CA VAL Y 512 55.19 -53.39 60.31
C VAL Y 512 56.44 -52.55 60.53
N ALA Y 513 56.26 -51.28 60.91
CA ALA Y 513 57.41 -50.43 61.19
C ALA Y 513 58.18 -50.92 62.41
N ALA Y 514 57.52 -51.70 63.26
CA ALA Y 514 58.18 -52.31 64.43
C ALA Y 514 58.98 -53.56 64.06
N ARG Y 515 59.24 -53.78 62.77
CA ARG Y 515 60.01 -54.94 62.35
C ARG Y 515 61.48 -54.76 62.71
N GLU Y 516 62.15 -55.89 62.96
CA GLU Y 516 63.55 -55.83 63.39
C GLU Y 516 64.43 -55.23 62.32
N ASP Y 517 64.24 -55.63 61.05
CA ASP Y 517 65.05 -55.16 59.94
C ASP Y 517 64.13 -54.67 58.83
N LEU Y 518 63.70 -53.41 58.93
CA LEU Y 518 62.88 -52.81 57.88
C LEU Y 518 63.70 -52.45 56.65
N TYR Y 519 65.00 -52.25 56.83
CA TYR Y 519 65.86 -51.82 55.73
C TYR Y 519 65.89 -52.88 54.62
N SER Y 520 66.21 -54.13 54.98
CA SER Y 520 66.43 -55.17 53.98
C SER Y 520 65.12 -55.61 53.31
N LEU Y 521 64.01 -55.60 54.05
CA LEU Y 521 62.75 -56.06 53.49
C LEU Y 521 62.32 -55.21 52.30
N LEU Y 522 62.31 -53.88 52.48
CA LEU Y 522 61.97 -53.01 51.36
C LEU Y 522 63.17 -52.80 50.45
N ALA Y 523 64.36 -53.23 50.88
CA ALA Y 523 65.45 -53.40 49.92
C ALA Y 523 65.12 -54.47 48.88
N ARG Y 524 64.57 -55.60 49.29
CA ARG Y 524 64.23 -56.65 48.34
C ARG Y 524 62.86 -56.47 47.69
N SER Y 525 61.97 -55.66 48.27
CA SER Y 525 60.63 -55.57 47.71
C SER Y 525 60.58 -54.70 46.46
N ILE Y 526 61.40 -53.65 46.39
CA ILE Y 526 61.26 -52.66 45.32
C ILE Y 526 61.58 -53.27 43.96
N ALA Y 527 62.55 -54.18 43.92
CA ALA Y 527 62.96 -54.83 42.67
C ALA Y 527 62.99 -56.33 42.89
N PRO Y 528 61.84 -57.00 42.88
CA PRO Y 528 61.84 -58.46 43.08
C PRO Y 528 62.62 -59.21 42.03
N SER Y 529 62.58 -58.75 40.78
CA SER Y 529 63.25 -59.47 39.71
C SER Y 529 64.76 -59.31 39.78
N ILE Y 530 65.23 -58.13 40.19
CA ILE Y 530 66.66 -57.86 40.21
C ILE Y 530 67.33 -58.74 41.25
N TYR Y 531 68.36 -59.47 40.83
CA TYR Y 531 69.12 -60.34 41.73
C TYR Y 531 70.45 -59.68 42.04
N GLU Y 532 70.88 -59.82 43.30
CA GLU Y 532 72.03 -59.07 43.83
C GLU Y 532 71.72 -57.58 43.63
N LEU Y 533 72.76 -56.77 43.45
CA LEU Y 533 72.61 -55.31 43.35
C LEU Y 533 71.81 -54.78 44.53
N GLU Y 534 72.10 -55.30 45.71
CA GLU Y 534 71.36 -54.87 46.90
C GLU Y 534 71.75 -53.46 47.31
N ASP Y 535 72.99 -53.05 47.00
CA ASP Y 535 73.47 -51.75 47.45
C ASP Y 535 72.78 -50.61 46.72
N VAL Y 536 72.59 -50.76 45.41
CA VAL Y 536 71.87 -49.72 44.65
C VAL Y 536 70.43 -49.65 45.12
N LYS Y 537 69.83 -50.79 45.48
CA LYS Y 537 68.49 -50.78 46.02
C LYS Y 537 68.44 -50.10 47.38
N LYS Y 538 69.49 -50.28 48.19
CA LYS Y 538 69.60 -49.53 49.43
C LYS Y 538 69.57 -48.03 49.17
N GLY Y 539 70.39 -47.59 48.20
CA GLY Y 539 70.45 -46.17 47.88
C GLY Y 539 69.13 -45.64 47.36
N ILE Y 540 68.44 -46.41 46.52
CA ILE Y 540 67.16 -45.97 45.97
C ILE Y 540 66.09 -45.92 47.07
N LEU Y 541 66.11 -46.88 47.98
CA LEU Y 541 65.17 -46.87 49.10
C LEU Y 541 65.40 -45.65 49.97
N LEU Y 542 66.66 -45.30 50.22
CA LEU Y 542 66.94 -44.08 50.97
C LEU Y 542 66.54 -42.83 50.19
N GLN Y 543 66.68 -42.85 48.87
CA GLN Y 543 66.31 -41.71 48.04
C GLN Y 543 64.81 -41.46 48.06
N LEU Y 544 64.01 -42.53 48.01
CA LEU Y 544 62.56 -42.39 47.90
C LEU Y 544 61.93 -41.70 49.11
N PHE Y 545 62.64 -41.60 50.24
CA PHE Y 545 62.14 -40.85 51.38
C PHE Y 545 62.68 -39.43 51.40
N GLY Y 546 63.98 -39.26 51.22
CA GLY Y 546 64.57 -37.93 51.16
C GLY Y 546 64.74 -37.31 52.53
N GLY Y 547 65.85 -36.60 52.75
CA GLY Y 547 66.04 -35.89 53.99
C GLY Y 547 65.04 -34.76 54.13
N THR Y 548 64.92 -34.27 55.35
CA THR Y 548 63.94 -33.22 55.63
C THR Y 548 64.31 -31.95 54.86
N ASN Y 549 63.28 -31.17 54.52
CA ASN Y 549 63.45 -29.95 53.77
C ASN Y 549 63.14 -28.76 54.67
N LYS Y 550 63.96 -27.71 54.53
CA LYS Y 550 63.84 -26.54 55.38
C LYS Y 550 64.18 -25.29 54.57
N THR Y 551 63.51 -24.19 54.92
CA THR Y 551 63.76 -22.89 54.33
C THR Y 551 63.61 -21.81 55.41
N PHE Y 552 64.74 -21.47 56.03
CA PHE Y 552 64.73 -20.40 57.04
C PHE Y 552 65.01 -19.05 56.38
N THR Y 553 64.56 -17.99 57.05
CA THR Y 553 64.49 -16.68 56.43
C THR Y 553 65.85 -16.16 56.02
N LYS Y 554 66.84 -16.27 56.91
CA LYS Y 554 68.13 -15.64 56.66
C LYS Y 554 68.94 -16.41 55.62
N GLY Y 555 69.27 -17.68 55.92
CA GLY Y 555 70.09 -18.45 55.00
C GLY Y 555 69.38 -18.77 53.70
N GLY Y 556 68.07 -19.03 53.77
CA GLY Y 556 67.32 -19.45 52.61
C GLY Y 556 67.07 -20.93 52.58
N ARG Y 557 66.46 -21.39 51.49
CA ARG Y 557 66.08 -22.78 51.37
C ARG Y 557 67.31 -23.67 51.24
N TYR Y 558 67.32 -24.78 51.96
CA TYR Y 558 68.34 -25.81 51.80
C TYR Y 558 67.72 -27.08 51.24
N ARG Y 559 68.38 -27.67 50.25
CA ARG Y 559 67.82 -28.77 49.48
C ARG Y 559 67.66 -30.02 50.36
N GLY Y 560 66.66 -30.82 50.01
CA GLY Y 560 66.41 -32.08 50.69
C GLY Y 560 66.09 -33.21 49.74
N ASP Y 561 66.64 -33.16 48.53
CA ASP Y 561 66.43 -34.20 47.53
C ASP Y 561 67.75 -34.90 47.24
N ILE Y 562 67.67 -36.21 46.96
CA ILE Y 562 68.83 -37.05 46.71
C ILE Y 562 68.86 -37.40 45.24
N ASN Y 563 70.03 -37.20 44.62
CA ASN Y 563 70.22 -37.46 43.20
C ASN Y 563 71.15 -38.65 43.02
N ILE Y 564 70.78 -39.57 42.14
CA ILE Y 564 71.52 -40.81 41.94
C ILE Y 564 71.75 -41.04 40.45
N LEU Y 565 72.99 -41.40 40.10
CA LEU Y 565 73.38 -41.69 38.73
C LEU Y 565 73.90 -43.12 38.65
N LEU Y 566 73.28 -43.92 37.78
CA LEU Y 566 73.70 -45.29 37.51
C LEU Y 566 74.39 -45.34 36.15
N CYS Y 567 75.55 -45.99 36.11
CA CYS Y 567 76.31 -46.10 34.88
C CYS Y 567 77.22 -47.32 34.99
N GLY Y 568 77.68 -47.81 33.84
CA GLY Y 568 78.53 -48.97 33.81
C GLY Y 568 78.40 -49.74 32.51
N ASP Y 569 78.63 -51.05 32.55
CA ASP Y 569 78.63 -51.87 31.34
C ASP Y 569 77.24 -51.86 30.70
N PRO Y 570 77.15 -52.02 29.37
CA PRO Y 570 75.92 -51.63 28.67
C PRO Y 570 74.75 -52.58 28.82
N SER Y 571 74.97 -53.81 29.27
CA SER Y 571 73.91 -54.82 29.26
C SER Y 571 73.57 -55.28 30.69
N THR Y 572 73.62 -54.33 31.63
CA THR Y 572 73.07 -54.59 32.96
C THR Y 572 71.57 -54.27 32.94
N SER Y 573 70.94 -54.21 34.11
CA SER Y 573 69.49 -54.04 34.19
C SER Y 573 69.09 -52.71 34.83
N LYS Y 574 69.70 -51.59 34.42
CA LYS Y 574 69.39 -50.31 35.04
C LYS Y 574 68.02 -49.78 34.62
N SER Y 575 67.64 -50.00 33.36
CA SER Y 575 66.37 -49.48 32.86
C SER Y 575 65.19 -50.11 33.60
N GLN Y 576 65.26 -51.42 33.84
CA GLN Y 576 64.22 -52.07 34.63
C GLN Y 576 64.19 -51.53 36.05
N ILE Y 577 65.35 -51.19 36.61
CA ILE Y 577 65.38 -50.60 37.95
C ILE Y 577 64.66 -49.26 37.94
N LEU Y 578 64.91 -48.42 36.93
CA LEU Y 578 64.23 -47.13 36.85
C LEU Y 578 62.72 -47.31 36.66
N GLN Y 579 62.31 -48.25 35.82
CA GLN Y 579 60.88 -48.46 35.63
C GLN Y 579 60.23 -49.07 36.87
N TYR Y 580 61.00 -49.74 37.72
CA TYR Y 580 60.48 -50.17 39.01
C TYR Y 580 60.22 -49.01 39.95
N VAL Y 581 61.17 -48.08 40.07
CA VAL Y 581 61.00 -46.96 41.00
C VAL Y 581 60.00 -45.94 40.46
N HIS Y 582 59.71 -45.98 39.16
CA HIS Y 582 58.69 -45.10 38.61
C HIS Y 582 57.33 -45.35 39.24
N LYS Y 583 56.96 -46.62 39.39
CA LYS Y 583 55.61 -46.96 39.83
C LYS Y 583 55.43 -46.70 41.32
N ILE Y 584 56.45 -47.00 42.13
CA ILE Y 584 56.31 -46.90 43.58
C ILE Y 584 56.05 -45.46 44.00
N THR Y 585 56.79 -44.52 43.42
CA THR Y 585 56.68 -43.13 43.83
C THR Y 585 55.30 -42.58 43.47
N PRO Y 586 54.73 -41.68 44.28
CA PRO Y 586 53.38 -41.20 43.97
C PRO Y 586 53.28 -40.39 42.69
N ARG Y 587 54.11 -39.34 42.56
CA ARG Y 587 54.08 -38.45 41.41
C ARG Y 587 55.46 -38.41 40.80
N GLY Y 588 55.58 -38.90 39.58
CA GLY Y 588 56.87 -38.92 38.90
C GLY Y 588 56.66 -39.16 37.41
N VAL Y 589 57.74 -38.94 36.67
CA VAL Y 589 57.70 -39.04 35.21
C VAL Y 589 58.93 -39.83 34.73
N TYR Y 590 58.68 -40.74 33.81
CA TYR Y 590 59.72 -41.57 33.20
C TYR Y 590 59.82 -41.21 31.72
N THR Y 591 60.75 -40.33 31.40
CA THR Y 591 61.02 -39.92 30.01
C THR Y 591 62.52 -39.98 29.76
N SER Y 592 62.90 -40.55 28.61
CA SER Y 592 64.30 -40.64 28.24
C SER Y 592 64.83 -39.27 27.80
N GLY Y 593 66.12 -39.07 28.00
CA GLY Y 593 66.80 -37.86 27.60
C GLY Y 593 67.43 -37.90 26.23
N LYS Y 594 67.00 -38.83 25.37
CA LYS Y 594 67.64 -39.00 24.07
C LYS Y 594 67.47 -37.78 23.18
N GLY Y 595 66.29 -37.18 23.20
CA GLY Y 595 65.98 -36.09 22.29
C GLY Y 595 64.96 -35.14 22.84
N SER Y 596 63.99 -34.79 21.99
CA SER Y 596 62.89 -33.88 22.31
C SER Y 596 63.39 -32.44 22.42
N SER Y 597 62.51 -31.53 22.80
CA SER Y 597 62.86 -30.12 22.86
C SER Y 597 63.90 -29.85 23.95
N ALA Y 598 64.68 -28.79 23.75
CA ALA Y 598 65.68 -28.39 24.72
C ALA Y 598 65.06 -27.92 26.03
N VAL Y 599 63.78 -27.57 26.05
CA VAL Y 599 63.09 -27.19 27.27
C VAL Y 599 61.96 -28.18 27.50
N GLY Y 600 62.09 -29.39 26.95
CA GLY Y 600 61.04 -30.39 27.06
C GLY Y 600 60.77 -30.83 28.48
N LEU Y 601 61.71 -30.62 29.40
CA LEU Y 601 61.52 -30.94 30.80
C LEU Y 601 61.05 -29.73 31.60
N THR Y 602 60.88 -28.58 30.96
CA THR Y 602 60.43 -27.36 31.63
C THR Y 602 59.33 -26.73 30.79
N ALA Y 603 58.95 -25.51 31.16
CA ALA Y 603 57.87 -24.83 30.49
C ALA Y 603 58.24 -24.52 29.04
N TYR Y 604 57.27 -24.67 28.15
CA TYR Y 604 57.44 -24.33 26.75
C TYR Y 604 56.19 -23.64 26.22
N ILE Y 605 56.27 -22.33 25.99
CA ILE Y 605 55.12 -21.59 25.49
C ILE Y 605 54.81 -22.04 24.07
N THR Y 606 53.60 -22.56 23.88
CA THR Y 606 53.20 -23.14 22.59
C THR Y 606 51.84 -22.59 22.17
N ARG Y 607 51.65 -22.53 20.86
CA ARG Y 607 50.35 -22.14 20.32
C ARG Y 607 49.34 -23.28 20.49
N ASP Y 608 48.15 -22.94 20.99
CA ASP Y 608 47.12 -23.94 21.17
C ASP Y 608 46.63 -24.46 19.82
N VAL Y 609 46.31 -25.75 19.77
CA VAL Y 609 45.92 -26.37 18.51
C VAL Y 609 44.44 -26.13 18.21
N ASP Y 610 43.57 -26.40 19.19
CA ASP Y 610 42.14 -26.27 18.95
C ASP Y 610 41.75 -24.81 18.72
N THR Y 611 42.33 -23.89 19.48
CA THR Y 611 42.05 -22.47 19.34
C THR Y 611 43.34 -21.72 19.08
N LYS Y 612 43.25 -20.67 18.27
CA LYS Y 612 44.43 -19.85 17.93
C LYS Y 612 44.76 -18.94 19.11
N GLN Y 613 45.16 -19.57 20.21
CA GLN Y 613 45.43 -18.88 21.46
C GLN Y 613 46.77 -19.34 22.02
N LEU Y 614 47.11 -18.83 23.20
CA LEU Y 614 48.39 -19.10 23.84
C LEU Y 614 48.17 -19.91 25.11
N VAL Y 615 48.95 -20.98 25.26
CA VAL Y 615 48.89 -21.84 26.43
C VAL Y 615 50.31 -22.06 26.96
N LEU Y 616 50.44 -21.98 28.28
CA LEU Y 616 51.70 -22.27 28.97
C LEU Y 616 51.69 -23.70 29.46
N GLU Y 617 52.53 -24.55 28.86
CA GLU Y 617 52.60 -25.96 29.19
C GLU Y 617 53.88 -26.24 29.96
N SER Y 618 53.74 -26.80 31.16
CA SER Y 618 54.88 -27.17 31.97
C SER Y 618 55.56 -28.41 31.41
N GLY Y 619 56.79 -28.65 31.86
CA GLY Y 619 57.59 -29.77 31.42
C GLY Y 619 57.56 -30.93 32.40
N ALA Y 620 58.52 -31.83 32.25
CA ALA Y 620 58.59 -33.04 33.07
C ALA Y 620 59.23 -32.82 34.43
N LEU Y 621 60.13 -31.84 34.56
CA LEU Y 621 60.71 -31.55 35.86
C LEU Y 621 59.71 -30.83 36.75
N VAL Y 622 58.93 -29.91 36.18
CA VAL Y 622 57.89 -29.24 36.95
C VAL Y 622 56.78 -30.21 37.33
N LEU Y 623 56.45 -31.14 36.42
CA LEU Y 623 55.42 -32.14 36.66
C LEU Y 623 55.85 -33.23 37.62
N SER Y 624 57.13 -33.26 38.01
CA SER Y 624 57.62 -34.19 39.02
C SER Y 624 57.91 -33.47 40.33
N ASP Y 625 57.32 -32.31 40.54
CA ASP Y 625 57.50 -31.56 41.77
C ASP Y 625 57.07 -32.39 42.97
N GLY Y 626 57.92 -32.44 44.00
CA GLY Y 626 57.63 -33.20 45.19
C GLY Y 626 57.81 -34.70 45.04
N GLY Y 627 58.44 -35.16 43.97
CA GLY Y 627 58.62 -36.59 43.76
C GLY Y 627 59.98 -36.93 43.18
N VAL Y 628 60.05 -38.06 42.48
CA VAL Y 628 61.30 -38.54 41.88
C VAL Y 628 61.12 -38.59 40.37
N CYS Y 629 62.00 -37.89 39.65
CA CYS Y 629 61.96 -37.84 38.20
C CYS Y 629 63.07 -38.72 37.64
N CYS Y 630 62.70 -39.67 36.79
CA CYS Y 630 63.64 -40.65 36.25
C CYS Y 630 64.02 -40.26 34.83
N ILE Y 631 65.32 -40.14 34.58
CA ILE Y 631 65.85 -39.80 33.26
C ILE Y 631 66.58 -41.02 32.71
N ASP Y 632 66.27 -41.38 31.47
CA ASP Y 632 66.88 -42.53 30.81
C ASP Y 632 67.72 -42.04 29.64
N GLU Y 633 68.80 -42.77 29.35
CA GLU Y 633 69.75 -42.40 28.30
C GLU Y 633 70.33 -41.02 28.56
N PHE Y 634 70.96 -40.85 29.71
CA PHE Y 634 71.46 -39.54 30.13
C PHE Y 634 72.57 -39.03 29.22
N ASP Y 635 73.29 -39.93 28.55
CA ASP Y 635 74.44 -39.55 27.75
C ASP Y 635 74.07 -38.90 26.43
N LYS Y 636 72.85 -39.08 25.95
CA LYS Y 636 72.42 -38.54 24.66
C LYS Y 636 71.76 -37.17 24.79
N MET Y 637 71.68 -36.63 26.00
CA MET Y 637 71.04 -35.34 26.20
C MET Y 637 71.92 -34.20 25.70
N SER Y 638 71.30 -33.27 24.99
CA SER Y 638 72.03 -32.29 24.18
C SER Y 638 72.74 -31.26 25.04
N ASP Y 639 73.82 -30.68 24.48
CA ASP Y 639 74.65 -29.72 25.20
C ASP Y 639 73.88 -28.47 25.61
N SER Y 640 72.87 -28.06 24.85
CA SER Y 640 72.10 -26.86 25.16
C SER Y 640 71.03 -27.10 26.22
N THR Y 641 70.41 -28.27 26.25
CA THR Y 641 69.40 -28.55 27.25
C THR Y 641 70.02 -28.94 28.59
N ARG Y 642 71.27 -29.43 28.57
CA ARG Y 642 71.93 -29.82 29.81
C ARG Y 642 71.94 -28.68 30.81
N SER Y 643 72.25 -27.47 30.35
CA SER Y 643 72.29 -26.31 31.24
C SER Y 643 70.98 -26.11 31.99
N VAL Y 644 69.85 -26.49 31.38
CA VAL Y 644 68.57 -26.38 32.07
C VAL Y 644 68.60 -27.20 33.35
N LEU Y 645 69.01 -28.47 33.27
CA LEU Y 645 69.13 -29.29 34.46
C LEU Y 645 70.06 -28.63 35.48
N HIS Y 646 71.05 -27.88 35.01
CA HIS Y 646 71.98 -27.22 35.92
C HIS Y 646 71.25 -26.24 36.83
N GLU Y 647 70.28 -25.49 36.29
CA GLU Y 647 69.55 -24.58 37.15
C GLU Y 647 68.53 -25.33 37.98
N VAL Y 648 68.16 -26.53 37.56
CA VAL Y 648 67.20 -27.33 38.32
C VAL Y 648 67.86 -27.92 39.56
N MET Y 649 69.11 -28.39 39.43
CA MET Y 649 69.82 -29.04 40.52
C MET Y 649 70.55 -28.05 41.42
N GLU Y 650 70.44 -26.75 41.13
CA GLU Y 650 71.19 -25.77 41.89
C GLU Y 650 70.24 -24.84 42.65
N GLN Y 651 69.23 -24.31 41.97
CA GLN Y 651 68.27 -23.40 42.58
C GLN Y 651 66.86 -23.99 42.67
N GLN Y 652 66.61 -25.12 41.99
CA GLN Y 652 65.34 -25.84 42.07
C GLN Y 652 64.18 -24.99 41.53
N THR Y 653 64.49 -24.06 40.62
CA THR Y 653 63.47 -23.24 40.00
C THR Y 653 63.82 -23.05 38.53
N ILE Y 654 62.78 -22.89 37.71
CA ILE Y 654 62.95 -22.65 36.28
C ILE Y 654 62.22 -21.37 35.92
N SER Y 655 62.91 -20.49 35.20
CA SER Y 655 62.38 -19.21 34.77
C SER Y 655 62.19 -19.22 33.26
N ILE Y 656 61.04 -18.73 32.81
CA ILE Y 656 60.74 -18.61 31.39
C ILE Y 656 60.39 -17.15 31.10
N ALA Y 657 61.00 -16.62 30.03
CA ALA Y 657 60.77 -15.25 29.60
C ALA Y 657 60.59 -15.24 28.07
N LYS Y 658 59.36 -15.43 27.63
CA LYS Y 658 59.03 -15.49 26.21
C LYS Y 658 57.61 -14.99 25.97
N ALA Y 659 57.39 -14.41 24.80
CA ALA Y 659 56.06 -13.99 24.35
C ALA Y 659 55.38 -13.07 25.36
N GLY Y 660 56.16 -12.17 25.94
CA GLY Y 660 55.64 -11.23 26.91
C GLY Y 660 55.38 -11.79 28.28
N ILE Y 661 55.74 -13.05 28.52
CA ILE Y 661 55.53 -13.72 29.80
C ILE Y 661 56.89 -13.90 30.47
N ILE Y 662 57.04 -13.36 31.67
CA ILE Y 662 58.23 -13.57 32.49
C ILE Y 662 57.78 -14.13 33.83
N THR Y 663 58.20 -15.35 34.14
CA THR Y 663 57.74 -16.00 35.35
C THR Y 663 58.71 -17.10 35.76
N THR Y 664 58.52 -17.61 36.98
CA THR Y 664 59.35 -18.66 37.56
C THR Y 664 58.47 -19.77 38.10
N LEU Y 665 58.89 -21.01 37.89
CA LEU Y 665 58.18 -22.17 38.40
C LEU Y 665 59.03 -22.85 39.48
N ASN Y 666 58.54 -23.99 39.98
CA ASN Y 666 59.21 -24.73 41.05
C ASN Y 666 59.50 -26.13 40.57
N ALA Y 667 60.76 -26.55 40.70
CA ALA Y 667 61.17 -27.91 40.33
C ALA Y 667 61.16 -28.85 41.53
N ARG Y 668 62.01 -28.59 42.54
CA ARG Y 668 62.03 -29.31 43.82
C ARG Y 668 61.92 -30.82 43.68
N SER Y 669 62.49 -31.39 42.62
CA SER Y 669 62.37 -32.82 42.36
C SER Y 669 63.72 -33.50 42.57
N SER Y 670 63.72 -34.82 42.44
CA SER Y 670 64.92 -35.64 42.61
C SER Y 670 65.23 -36.33 41.29
N ILE Y 671 66.51 -36.40 40.94
CA ILE Y 671 66.95 -36.91 39.66
C ILE Y 671 67.62 -38.27 39.87
N LEU Y 672 67.01 -39.30 39.29
CA LEU Y 672 67.63 -40.61 39.15
C LEU Y 672 67.85 -40.86 37.67
N ALA Y 673 69.11 -41.06 37.28
CA ALA Y 673 69.48 -41.15 35.88
C ALA Y 673 70.27 -42.43 35.62
N SER Y 674 70.22 -42.88 34.37
CA SER Y 674 70.95 -44.05 33.92
C SER Y 674 71.66 -43.72 32.62
N ALA Y 675 72.92 -44.14 32.49
CA ALA Y 675 73.72 -43.77 31.34
C ALA Y 675 74.44 -44.99 30.80
N ASN Y 676 75.02 -44.83 29.61
CA ASN Y 676 75.80 -45.87 28.94
C ASN Y 676 77.13 -45.30 28.48
N PRO Y 677 78.18 -46.11 28.44
CA PRO Y 677 79.51 -45.61 28.10
C PRO Y 677 79.73 -45.64 26.59
N ILE Y 678 80.94 -45.27 26.19
CA ILE Y 678 81.39 -45.39 24.81
C ILE Y 678 82.17 -46.68 24.69
N GLY Y 679 81.65 -47.61 23.90
CA GLY Y 679 82.24 -48.92 23.76
C GLY Y 679 81.38 -49.99 24.41
N SER Y 680 81.90 -51.22 24.38
CA SER Y 680 81.18 -52.38 24.88
C SER Y 680 81.55 -52.76 26.31
N ARG Y 681 82.42 -51.99 26.96
CA ARG Y 681 82.87 -52.31 28.31
C ARG Y 681 83.37 -51.05 28.97
N TYR Y 682 83.29 -51.02 30.30
CA TYR Y 682 83.85 -49.96 31.13
C TYR Y 682 85.16 -50.46 31.73
N ASN Y 683 86.27 -50.21 31.05
CA ASN Y 683 87.55 -50.70 31.50
C ASN Y 683 87.98 -49.95 32.76
N PRO Y 684 88.23 -50.66 33.87
CA PRO Y 684 88.57 -49.96 35.13
C PRO Y 684 89.84 -49.12 35.06
N ASN Y 685 90.78 -49.46 34.18
CA ASN Y 685 92.06 -48.77 34.12
C ASN Y 685 91.89 -47.29 33.82
N LEU Y 686 91.11 -46.97 32.80
CA LEU Y 686 90.83 -45.57 32.50
C LEU Y 686 89.86 -45.00 33.54
N PRO Y 687 90.03 -43.75 33.95
CA PRO Y 687 89.13 -43.17 34.95
C PRO Y 687 87.74 -42.96 34.38
N VAL Y 688 86.85 -42.49 35.26
CA VAL Y 688 85.42 -42.40 34.94
C VAL Y 688 85.18 -41.38 33.84
N THR Y 689 85.95 -40.29 33.83
CA THR Y 689 85.59 -39.11 33.03
C THR Y 689 85.54 -39.43 31.55
N GLU Y 690 86.52 -40.16 31.03
CA GLU Y 690 86.59 -40.41 29.59
C GLU Y 690 85.42 -41.28 29.11
N ASN Y 691 85.05 -42.28 29.91
CA ASN Y 691 84.08 -43.26 29.44
C ASN Y 691 82.66 -42.68 29.39
N ILE Y 692 82.27 -41.93 30.41
CA ILE Y 692 80.86 -41.59 30.61
C ILE Y 692 80.44 -40.41 29.74
N ASP Y 693 81.42 -39.68 29.21
CA ASP Y 693 81.15 -38.53 28.34
C ASP Y 693 80.17 -37.56 29.00
N LEU Y 694 80.50 -37.10 30.21
CA LEU Y 694 79.68 -36.17 30.95
C LEU Y 694 80.56 -35.10 31.58
N PRO Y 695 80.09 -33.86 31.61
CA PRO Y 695 80.89 -32.77 32.19
C PRO Y 695 81.21 -33.05 33.64
N PRO Y 696 82.41 -32.69 34.09
CA PRO Y 696 82.81 -32.97 35.48
C PRO Y 696 81.87 -32.35 36.50
N PRO Y 697 81.39 -31.11 36.30
CA PRO Y 697 80.44 -30.57 37.30
C PRO Y 697 79.13 -31.34 37.36
N LEU Y 698 78.60 -31.77 36.22
CA LEU Y 698 77.34 -32.50 36.23
C LEU Y 698 77.48 -33.83 36.96
N LEU Y 699 78.57 -34.55 36.72
CA LEU Y 699 78.83 -35.77 37.47
C LEU Y 699 79.05 -35.49 38.95
N SER Y 700 79.73 -34.39 39.25
CA SER Y 700 80.06 -34.07 40.64
C SER Y 700 78.82 -33.76 41.45
N ARG Y 701 77.84 -33.06 40.86
CA ARG Y 701 76.70 -32.60 41.64
C ARG Y 701 75.73 -33.73 41.98
N PHE Y 702 75.92 -34.91 41.42
CA PHE Y 702 75.07 -36.05 41.77
C PHE Y 702 75.45 -36.58 43.15
N ASP Y 703 74.44 -36.80 43.99
CA ASP Y 703 74.69 -37.15 45.39
C ASP Y 703 75.31 -38.53 45.52
N LEU Y 704 74.79 -39.52 44.79
CA LEU Y 704 75.34 -40.85 44.74
C LEU Y 704 75.57 -41.26 43.30
N VAL Y 705 76.73 -41.80 43.01
CA VAL Y 705 77.06 -42.33 41.68
C VAL Y 705 77.44 -43.80 41.88
N TYR Y 706 76.77 -44.69 41.16
CA TYR Y 706 77.03 -46.13 41.24
C TYR Y 706 77.59 -46.62 39.92
N LEU Y 707 78.59 -47.49 40.01
CA LEU Y 707 79.16 -48.16 38.85
C LEU Y 707 78.72 -49.63 38.87
N VAL Y 708 78.01 -50.03 37.83
CA VAL Y 708 77.57 -51.42 37.68
C VAL Y 708 78.57 -52.13 36.78
N LEU Y 709 79.16 -53.20 37.30
CA LEU Y 709 80.22 -53.92 36.61
C LEU Y 709 79.74 -55.32 36.23
N ASP Y 710 80.25 -55.80 35.10
CA ASP Y 710 79.93 -57.14 34.60
C ASP Y 710 81.23 -57.83 34.23
N LYS Y 711 81.65 -58.77 35.07
CA LYS Y 711 82.86 -59.54 34.86
C LYS Y 711 82.49 -61.01 34.65
N VAL Y 712 83.26 -61.68 33.82
CA VAL Y 712 83.02 -63.07 33.47
C VAL Y 712 83.43 -63.92 34.66
N ASP Y 713 82.45 -64.26 35.50
CA ASP Y 713 82.66 -65.09 36.67
C ASP Y 713 81.74 -66.30 36.57
N GLU Y 714 82.33 -67.50 36.73
CA GLU Y 714 81.56 -68.73 36.57
C GLU Y 714 80.42 -68.81 37.60
N LYS Y 715 80.72 -68.52 38.87
CA LYS Y 715 79.70 -68.57 39.90
C LYS Y 715 78.58 -67.57 39.60
N ASN Y 716 78.94 -66.31 39.34
CA ASN Y 716 77.93 -65.28 39.12
C ASN Y 716 77.12 -65.56 37.87
N ASP Y 717 77.79 -65.97 36.78
CA ASP Y 717 77.08 -66.25 35.54
C ASP Y 717 76.10 -67.40 35.72
N ARG Y 718 76.53 -68.49 36.36
CA ARG Y 718 75.63 -69.61 36.60
C ARG Y 718 74.47 -69.20 37.49
N GLU Y 719 74.74 -68.43 38.54
CA GLU Y 719 73.67 -68.06 39.47
C GLU Y 719 72.65 -67.15 38.77
N LEU Y 720 73.12 -66.21 37.95
CA LEU Y 720 72.20 -65.37 37.19
C LEU Y 720 71.35 -66.18 36.23
N ALA Y 721 71.99 -67.03 35.42
CA ALA Y 721 71.26 -67.83 34.45
C ALA Y 721 70.27 -68.77 35.14
N LYS Y 722 70.63 -69.27 36.31
CA LYS Y 722 69.76 -70.20 37.03
C LYS Y 722 68.42 -69.55 37.37
N HIS Y 723 68.45 -68.38 38.00
CA HIS Y 723 67.19 -67.77 38.42
C HIS Y 723 66.46 -67.16 37.23
N LEU Y 724 67.19 -66.75 36.19
CA LEU Y 724 66.51 -66.30 34.98
C LEU Y 724 65.68 -67.43 34.36
N THR Y 725 66.30 -68.61 34.24
CA THR Y 725 65.57 -69.76 33.69
C THR Y 725 64.46 -70.21 34.63
N ASN Y 726 64.68 -70.11 35.95
CA ASN Y 726 63.62 -70.45 36.90
C ASN Y 726 62.43 -69.52 36.75
N LEU Y 727 62.69 -68.22 36.53
CA LEU Y 727 61.61 -67.29 36.22
C LEU Y 727 60.89 -67.68 34.94
N TYR Y 728 61.65 -68.09 33.92
CA TYR Y 728 61.02 -68.55 32.69
C TYR Y 728 60.32 -69.88 32.89
N LEU Y 729 60.85 -70.74 33.76
CA LEU Y 729 60.16 -71.97 34.09
C LEU Y 729 58.84 -71.67 34.81
N GLU Y 730 57.78 -72.34 34.39
CA GLU Y 730 56.45 -72.13 34.96
C GLU Y 730 56.13 -73.25 35.93
N ASP Y 731 55.76 -72.88 37.15
CA ASP Y 731 55.44 -73.85 38.18
C ASP Y 731 53.98 -73.76 38.60
N VAL Y 741 57.23 -62.21 51.25
CA VAL Y 741 57.87 -61.11 51.97
C VAL Y 741 57.82 -59.84 51.13
N LEU Y 742 56.99 -59.85 50.09
CA LEU Y 742 56.91 -58.71 49.19
C LEU Y 742 55.54 -58.04 49.29
N PRO Y 743 55.43 -56.92 50.00
CA PRO Y 743 54.17 -56.18 50.02
C PRO Y 743 53.86 -55.57 48.66
N VAL Y 744 52.56 -55.39 48.40
CA VAL Y 744 52.10 -54.93 47.10
C VAL Y 744 51.98 -53.42 47.10
N GLU Y 745 51.10 -52.88 47.95
CA GLU Y 745 50.84 -51.44 48.01
C GLU Y 745 51.16 -50.85 49.38
N PHE Y 746 51.74 -51.63 50.29
CA PHE Y 746 52.13 -51.08 51.58
C PHE Y 746 53.21 -50.03 51.42
N LEU Y 747 54.08 -50.20 50.42
CA LEU Y 747 55.18 -49.27 50.22
C LEU Y 747 54.67 -47.87 49.89
N THR Y 748 53.67 -47.76 49.02
CA THR Y 748 53.17 -46.46 48.60
C THR Y 748 52.58 -45.70 49.79
N MET Y 749 51.75 -46.35 50.60
CA MET Y 749 51.19 -45.74 51.79
C MET Y 749 52.24 -45.39 52.85
N TYR Y 750 53.21 -46.28 53.08
CA TYR Y 750 54.29 -45.97 54.01
C TYR Y 750 55.11 -44.78 53.52
N ILE Y 751 55.40 -44.73 52.21
CA ILE Y 751 56.14 -43.61 51.65
C ILE Y 751 55.36 -42.32 51.84
N SER Y 752 54.06 -42.34 51.56
CA SER Y 752 53.24 -41.14 51.73
C SER Y 752 53.21 -40.70 53.19
N TYR Y 753 53.05 -41.65 54.11
CA TYR Y 753 53.03 -41.31 55.53
C TYR Y 753 54.35 -40.67 55.97
N ALA Y 754 55.47 -41.26 55.54
CA ALA Y 754 56.76 -40.73 55.95
C ALA Y 754 57.06 -39.38 55.29
N LYS Y 755 56.52 -39.15 54.09
CA LYS Y 755 56.82 -37.92 53.37
C LYS Y 755 55.90 -36.76 53.75
N GLU Y 756 54.70 -37.04 54.26
CA GLU Y 756 53.71 -35.99 54.45
C GLU Y 756 53.51 -35.60 55.91
N HIS Y 757 53.89 -36.45 56.87
CA HIS Y 757 53.73 -36.16 58.28
C HIS Y 757 55.04 -36.04 59.06
N ILE Y 758 56.09 -36.76 58.66
CA ILE Y 758 57.27 -36.96 59.49
C ILE Y 758 58.33 -35.93 59.12
N HIS Y 759 58.93 -35.31 60.13
CA HIS Y 759 60.03 -34.36 59.95
C HIS Y 759 61.05 -34.56 61.07
N PRO Y 760 62.16 -35.24 60.80
CA PRO Y 760 63.14 -35.50 61.86
C PRO Y 760 63.97 -34.26 62.19
N ILE Y 761 64.78 -34.40 63.23
CA ILE Y 761 65.69 -33.35 63.68
C ILE Y 761 67.07 -33.98 63.92
N ILE Y 762 68.04 -33.11 64.23
CA ILE Y 762 69.41 -33.55 64.45
C ILE Y 762 69.80 -33.26 65.90
N THR Y 763 70.51 -34.21 66.51
CA THR Y 763 70.99 -34.08 67.88
C THR Y 763 72.50 -34.11 67.90
N GLU Y 764 73.08 -33.79 69.06
CA GLU Y 764 74.52 -33.72 69.20
C GLU Y 764 75.20 -35.08 69.02
N ALA Y 765 74.47 -36.17 69.21
CA ALA Y 765 75.02 -37.49 68.91
C ALA Y 765 75.39 -37.59 67.44
N ALA Y 766 74.60 -36.98 66.57
CA ALA Y 766 74.97 -36.88 65.16
C ALA Y 766 76.13 -35.93 64.95
N LYS Y 767 76.19 -34.85 65.72
CA LYS Y 767 77.32 -33.91 65.65
C LYS Y 767 78.64 -34.63 65.86
N THR Y 768 78.74 -35.38 66.96
CA THR Y 768 80.02 -35.97 67.35
C THR Y 768 80.53 -36.92 66.28
N GLU Y 769 79.64 -37.73 65.72
CA GLU Y 769 80.07 -38.68 64.68
C GLU Y 769 80.35 -37.97 63.37
N LEU Y 770 79.49 -37.03 62.97
CA LEU Y 770 79.59 -36.43 61.65
C LEU Y 770 80.87 -35.62 61.50
N VAL Y 771 81.19 -34.78 62.49
CA VAL Y 771 82.37 -33.93 62.36
C VAL Y 771 83.63 -34.79 62.25
N ARG Y 772 83.77 -35.77 63.14
CA ARG Y 772 84.97 -36.59 63.11
C ARG Y 772 85.03 -37.48 61.87
N ALA Y 773 83.88 -37.93 61.36
CA ALA Y 773 83.85 -38.73 60.15
C ALA Y 773 84.32 -37.90 58.96
N TYR Y 774 83.84 -36.66 58.85
CA TYR Y 774 84.28 -35.80 57.77
C TYR Y 774 85.78 -35.52 57.88
N VAL Y 775 86.26 -35.25 59.09
CA VAL Y 775 87.69 -34.99 59.27
C VAL Y 775 88.51 -36.24 58.89
N GLY Y 776 88.04 -37.41 59.30
CA GLY Y 776 88.75 -38.64 58.95
C GLY Y 776 88.76 -38.90 57.46
N MET Y 777 87.67 -38.53 56.77
CA MET Y 777 87.65 -38.62 55.32
C MET Y 777 88.60 -37.59 54.73
N ARG Y 778 88.88 -36.53 55.48
CA ARG Y 778 89.85 -35.52 55.07
C ARG Y 778 91.24 -35.77 55.61
N LYS Y 779 91.55 -37.01 55.97
CA LYS Y 779 92.89 -37.35 56.46
C LYS Y 779 93.89 -37.39 55.30
N THR Y 792 90.51 -36.38 49.23
CA THR Y 792 89.98 -35.27 48.43
C THR Y 792 88.46 -35.23 48.51
N ALA Y 793 87.94 -35.05 49.73
CA ALA Y 793 86.50 -35.01 49.97
C ALA Y 793 86.07 -33.55 50.08
N THR Y 794 85.30 -33.08 49.09
CA THR Y 794 84.81 -31.71 49.11
C THR Y 794 83.73 -31.55 50.17
N THR Y 795 83.39 -30.28 50.45
CA THR Y 795 82.34 -29.98 51.41
C THR Y 795 80.98 -30.51 50.97
N ARG Y 796 80.81 -30.79 49.67
CA ARG Y 796 79.60 -31.46 49.20
C ARG Y 796 79.40 -32.79 49.90
N GLN Y 797 80.49 -33.46 50.27
CA GLN Y 797 80.39 -34.78 50.87
C GLN Y 797 79.63 -34.75 52.21
N LEU Y 798 79.93 -33.75 53.05
CA LEU Y 798 79.26 -33.70 54.35
C LEU Y 798 77.76 -33.40 54.21
N GLU Y 799 77.39 -32.49 53.32
CA GLU Y 799 75.99 -32.24 53.08
C GLU Y 799 75.30 -33.42 52.41
N SER Y 800 76.05 -34.28 51.73
CA SER Y 800 75.51 -35.55 51.27
C SER Y 800 75.31 -36.55 52.40
N MET Y 801 76.23 -36.63 53.36
CA MET Y 801 76.04 -37.50 54.51
C MET Y 801 74.85 -37.06 55.35
N ILE Y 802 74.67 -35.75 55.54
CA ILE Y 802 73.57 -35.27 56.37
C ILE Y 802 72.23 -35.64 55.75
N ARG Y 803 72.09 -35.47 54.44
CA ARG Y 803 70.84 -35.80 53.77
C ARG Y 803 70.54 -37.29 53.87
N LEU Y 804 71.54 -38.14 53.65
CA LEU Y 804 71.34 -39.57 53.72
C LEU Y 804 71.00 -40.01 55.13
N ALA Y 805 71.67 -39.44 56.14
CA ALA Y 805 71.37 -39.79 57.53
C ALA Y 805 69.97 -39.36 57.91
N GLU Y 806 69.53 -38.17 57.49
CA GLU Y 806 68.19 -37.73 57.82
C GLU Y 806 67.11 -38.47 57.05
N ALA Y 807 67.41 -38.97 55.85
CA ALA Y 807 66.51 -39.84 55.12
C ALA Y 807 66.41 -41.22 55.73
N HIS Y 808 67.53 -41.76 56.25
CA HIS Y 808 67.46 -43.03 56.98
C HIS Y 808 66.67 -42.86 58.27
N ALA Y 809 66.78 -41.69 58.91
CA ALA Y 809 66.03 -41.43 60.14
C ALA Y 809 64.53 -41.42 59.87
N LYS Y 810 64.12 -40.98 58.68
CA LYS Y 810 62.70 -41.02 58.32
C LYS Y 810 62.20 -42.46 58.22
N MET Y 811 63.06 -43.37 57.77
CA MET Y 811 62.82 -44.80 57.82
C MET Y 811 63.00 -45.31 59.25
N LYS Y 812 62.60 -46.57 59.49
CA LYS Y 812 62.49 -47.15 60.83
C LYS Y 812 61.86 -46.14 61.78
N LEU Y 813 60.60 -45.79 61.48
CA LEU Y 813 59.97 -44.52 61.82
C LEU Y 813 60.43 -43.93 63.15
N LYS Y 814 60.94 -42.70 63.10
CA LYS Y 814 61.51 -42.03 64.26
C LYS Y 814 61.14 -40.56 64.18
N ASN Y 815 61.70 -39.71 65.05
CA ASN Y 815 61.47 -38.27 64.98
C ASN Y 815 62.77 -37.52 65.24
N VAL Y 816 63.89 -38.26 65.24
CA VAL Y 816 65.19 -37.70 65.58
C VAL Y 816 66.25 -38.66 65.06
N VAL Y 817 67.44 -38.12 64.78
CA VAL Y 817 68.55 -38.91 64.24
C VAL Y 817 69.40 -39.41 65.40
N GLU Y 818 70.05 -40.56 65.18
CA GLU Y 818 70.99 -41.10 66.14
C GLU Y 818 72.17 -41.73 65.41
N LEU Y 819 72.96 -42.51 66.16
CA LEU Y 819 74.22 -43.02 65.64
C LEU Y 819 74.00 -44.01 64.50
N GLU Y 820 72.94 -44.81 64.56
CA GLU Y 820 72.72 -45.81 63.54
C GLU Y 820 72.54 -45.18 62.16
N ASP Y 821 71.78 -44.09 62.10
CA ASP Y 821 71.51 -43.44 60.81
C ASP Y 821 72.79 -42.88 60.20
N VAL Y 822 73.59 -42.17 60.99
CA VAL Y 822 74.82 -41.61 60.47
C VAL Y 822 75.83 -42.70 60.11
N GLN Y 823 75.85 -43.81 60.86
CA GLN Y 823 76.72 -44.92 60.50
C GLN Y 823 76.32 -45.52 59.17
N GLU Y 824 75.01 -45.74 58.97
CA GLU Y 824 74.55 -46.28 57.69
C GLU Y 824 74.86 -45.32 56.55
N ALA Y 825 74.67 -44.02 56.77
CA ALA Y 825 74.93 -43.03 55.73
C ALA Y 825 76.41 -43.02 55.34
N VAL Y 826 77.30 -43.03 56.32
CA VAL Y 826 78.73 -42.98 56.00
C VAL Y 826 79.17 -44.29 55.35
N ARG Y 827 78.61 -45.42 55.80
CA ARG Y 827 78.92 -46.69 55.16
C ARG Y 827 78.51 -46.66 53.69
N LEU Y 828 77.32 -46.14 53.41
CA LEU Y 828 76.84 -46.06 52.03
C LEU Y 828 77.72 -45.15 51.19
N ILE Y 829 78.06 -43.97 51.72
CA ILE Y 829 78.81 -43.01 50.92
C ILE Y 829 80.27 -43.43 50.75
N ARG Y 830 80.81 -44.26 51.65
CA ARG Y 830 82.16 -44.79 51.48
C ARG Y 830 82.20 -46.02 50.60
N SER Y 831 81.16 -46.87 50.65
CA SER Y 831 81.05 -47.94 49.67
C SER Y 831 80.88 -47.38 48.26
N ALA Y 832 80.22 -46.22 48.15
CA ALA Y 832 80.19 -45.51 46.87
C ALA Y 832 81.60 -45.09 46.45
N ILE Y 833 82.41 -44.63 47.40
CA ILE Y 833 83.78 -44.22 47.09
C ILE Y 833 84.60 -45.43 46.65
N LYS Y 834 84.34 -46.59 47.23
CA LYS Y 834 85.10 -47.79 46.89
C LYS Y 834 85.01 -48.10 45.40
N ASP Y 835 83.90 -47.75 44.77
CA ASP Y 835 83.77 -47.91 43.33
C ASP Y 835 84.16 -46.63 42.61
N ASP Z 21 25.58 21.46 -26.74
CA ASP Z 21 25.73 21.10 -28.14
C ASP Z 21 25.97 22.34 -29.00
N ASP Z 22 25.61 23.50 -28.47
CA ASP Z 22 25.83 24.75 -29.20
C ASP Z 22 27.25 25.28 -29.00
N ASP Z 23 28.04 24.62 -28.16
CA ASP Z 23 29.45 24.98 -28.03
C ASP Z 23 30.34 23.89 -28.63
N ASN Z 24 29.89 22.64 -28.54
CA ASN Z 24 30.65 21.53 -29.10
C ASN Z 24 30.76 21.65 -30.62
N THR Z 25 29.69 22.09 -31.29
CA THR Z 25 29.74 22.27 -32.73
C THR Z 25 30.77 23.32 -33.14
N GLU Z 26 30.81 24.45 -32.43
CA GLU Z 26 31.80 25.47 -32.73
C GLU Z 26 33.22 24.98 -32.42
N ILE Z 27 33.37 24.19 -31.36
CA ILE Z 27 34.69 23.63 -31.05
C ILE Z 27 35.16 22.70 -32.17
N ILE Z 28 34.27 21.83 -32.65
CA ILE Z 28 34.61 20.93 -33.74
C ILE Z 28 34.95 21.73 -35.00
N LYS Z 29 34.18 22.79 -35.26
CA LYS Z 29 34.48 23.63 -36.41
C LYS Z 29 35.84 24.30 -36.30
N SER Z 30 36.19 24.78 -35.11
CA SER Z 30 37.49 25.41 -34.92
C SER Z 30 38.62 24.40 -35.15
N PHE Z 31 38.45 23.18 -34.64
CA PHE Z 31 39.46 22.15 -34.87
C PHE Z 31 39.59 21.80 -36.35
N LYS Z 32 38.46 21.68 -37.05
CA LYS Z 32 38.53 21.36 -38.47
C LYS Z 32 39.18 22.48 -39.27
N ASN Z 33 38.91 23.74 -38.92
CA ASN Z 33 39.62 24.84 -39.59
C ASN Z 33 41.11 24.84 -39.26
N PHE Z 34 41.48 24.47 -38.03
CA PHE Z 34 42.91 24.34 -37.72
C PHE Z 34 43.57 23.29 -38.60
N ILE Z 35 42.91 22.14 -38.79
CA ILE Z 35 43.46 21.06 -39.58
C ILE Z 35 43.60 21.48 -41.03
N LEU Z 36 42.59 22.19 -41.55
CA LEU Z 36 42.52 22.50 -42.98
C LEU Z 36 43.18 23.79 -43.40
N GLU Z 37 43.52 24.70 -42.48
CA GLU Z 37 44.05 25.99 -42.85
C GLU Z 37 45.44 26.29 -42.31
N PHE Z 38 46.04 25.39 -41.55
CA PHE Z 38 47.39 25.60 -41.07
C PHE Z 38 48.39 25.39 -42.20
N ARG Z 39 49.30 26.35 -42.36
CA ARG Z 39 50.30 26.28 -43.42
C ARG Z 39 51.59 26.91 -42.93
N LEU Z 40 52.71 26.29 -43.25
CA LEU Z 40 54.03 26.85 -43.05
C LEU Z 40 54.74 26.84 -44.39
N ASP Z 41 55.18 28.00 -44.85
CA ASP Z 41 55.80 28.17 -46.16
C ASP Z 41 54.80 27.87 -47.27
N SER Z 42 54.86 26.66 -47.84
CA SER Z 42 54.02 26.36 -48.99
C SER Z 42 53.48 24.93 -48.93
N GLN Z 43 53.19 24.41 -47.75
CA GLN Z 43 52.71 23.04 -47.63
C GLN Z 43 51.81 22.91 -46.41
N PHE Z 44 50.63 22.34 -46.59
CA PHE Z 44 49.71 22.03 -45.50
C PHE Z 44 50.16 20.72 -44.87
N ILE Z 45 50.92 20.81 -43.78
CA ILE Z 45 51.57 19.62 -43.23
C ILE Z 45 50.53 18.69 -42.60
N TYR Z 46 49.58 19.23 -41.84
CA TYR Z 46 48.60 18.40 -41.17
C TYR Z 46 47.55 17.83 -42.11
N ARG Z 47 47.31 18.47 -43.25
CA ARG Z 47 46.45 17.90 -44.28
C ARG Z 47 47.14 16.77 -45.03
N ASP Z 48 48.45 16.87 -45.27
CA ASP Z 48 49.21 15.85 -45.96
C ASP Z 48 49.47 14.63 -45.07
N GLN Z 49 49.69 14.86 -43.77
CA GLN Z 49 49.95 13.75 -42.86
C GLN Z 49 48.74 12.83 -42.78
N LEU Z 50 47.53 13.39 -42.75
CA LEU Z 50 46.33 12.57 -42.72
C LEU Z 50 46.24 11.67 -43.95
N ARG Z 51 46.44 12.23 -45.14
CA ARG Z 51 46.35 11.44 -46.35
C ARG Z 51 47.43 10.37 -46.40
N ASN Z 52 48.64 10.70 -45.97
CA ASN Z 52 49.71 9.70 -45.97
C ASN Z 52 49.44 8.60 -44.96
N ASN Z 53 48.81 8.94 -43.84
CA ASN Z 53 48.50 7.93 -42.83
C ASN Z 53 47.38 7.02 -43.29
N ILE Z 54 46.39 7.57 -44.01
CA ILE Z 54 45.25 6.76 -44.44
C ILE Z 54 45.70 5.69 -45.44
N LEU Z 55 46.68 6.02 -46.29
CA LEU Z 55 47.10 5.09 -47.33
C LEU Z 55 47.70 3.82 -46.75
N VAL Z 56 48.47 3.94 -45.66
CA VAL Z 56 49.13 2.79 -45.05
C VAL Z 56 48.28 2.28 -43.88
N LYS Z 57 47.00 2.66 -43.87
CA LYS Z 57 46.03 2.19 -42.87
C LYS Z 57 46.46 2.56 -41.45
N ASN Z 58 46.98 3.77 -41.26
CA ASN Z 58 47.25 4.32 -39.94
C ASN Z 58 46.17 5.34 -39.63
N TYR Z 59 45.28 5.01 -38.70
CA TYR Z 59 44.16 5.87 -38.35
C TYR Z 59 44.52 6.66 -37.09
N SER Z 60 45.37 7.67 -37.26
CA SER Z 60 45.82 8.49 -36.15
C SER Z 60 46.39 9.79 -36.71
N LEU Z 61 46.69 10.71 -35.79
CA LEU Z 61 47.26 12.00 -36.15
C LEU Z 61 48.09 12.53 -34.99
N THR Z 62 49.28 13.04 -35.30
CA THR Z 62 50.20 13.59 -34.32
C THR Z 62 50.25 15.10 -34.51
N VAL Z 63 50.04 15.84 -33.42
CA VAL Z 63 49.98 17.30 -33.46
C VAL Z 63 51.00 17.85 -32.46
N ASN Z 64 51.78 18.82 -32.89
CA ASN Z 64 52.71 19.52 -32.02
C ASN Z 64 52.02 20.71 -31.36
N MET Z 65 52.18 20.85 -30.05
CA MET Z 65 51.44 21.88 -29.32
C MET Z 65 51.93 23.29 -29.66
N GLU Z 66 53.19 23.44 -30.06
CA GLU Z 66 53.68 24.77 -30.42
C GLU Z 66 52.94 25.33 -31.63
N HIS Z 67 52.64 24.48 -32.62
CA HIS Z 67 51.86 24.93 -33.75
C HIS Z 67 50.46 25.36 -33.34
N LEU Z 68 49.85 24.62 -32.41
CA LEU Z 68 48.51 24.96 -31.95
C LEU Z 68 48.51 26.27 -31.18
N ILE Z 69 49.55 26.53 -30.38
CA ILE Z 69 49.67 27.80 -29.69
C ILE Z 69 49.86 28.94 -30.70
N GLY Z 70 50.68 28.71 -31.72
CA GLY Z 70 50.91 29.74 -32.72
C GLY Z 70 49.66 30.07 -33.51
N TYR Z 71 48.85 29.06 -33.83
CA TYR Z 71 47.66 29.29 -34.64
C TYR Z 71 46.63 30.13 -33.89
N ASN Z 72 46.31 29.74 -32.65
CA ASN Z 72 45.32 30.45 -31.86
C ASN Z 72 45.47 30.04 -30.40
N GLU Z 73 45.63 31.01 -29.51
CA GLU Z 73 45.84 30.74 -28.10
C GLU Z 73 44.57 30.34 -27.37
N ASP Z 74 43.40 30.80 -27.81
CA ASP Z 74 42.14 30.39 -27.20
C ASP Z 74 41.89 28.90 -27.34
N ILE Z 75 42.21 28.34 -28.50
CA ILE Z 75 42.04 26.90 -28.71
C ILE Z 75 42.95 26.12 -27.76
N TYR Z 76 44.20 26.57 -27.61
CA TYR Z 76 45.10 25.90 -26.67
C TYR Z 76 44.60 26.02 -25.24
N LYS Z 77 44.09 27.20 -24.86
CA LYS Z 77 43.59 27.39 -23.50
C LYS Z 77 42.38 26.52 -23.22
N LYS Z 78 41.52 26.30 -24.22
CA LYS Z 78 40.38 25.42 -24.05
C LYS Z 78 40.82 23.99 -23.75
N LEU Z 79 41.84 23.51 -24.47
CA LEU Z 79 42.33 22.15 -24.27
C LEU Z 79 43.07 22.01 -22.94
N SER Z 80 43.83 23.03 -22.55
CA SER Z 80 44.72 22.91 -21.40
C SER Z 80 43.97 22.78 -20.08
N ASP Z 81 42.69 23.17 -20.03
CA ASP Z 81 41.95 23.19 -18.78
C ASP Z 81 40.85 22.15 -18.72
N GLU Z 82 40.51 21.50 -19.83
CA GLU Z 82 39.46 20.49 -19.83
C GLU Z 82 39.82 19.39 -20.82
N PRO Z 83 40.89 18.62 -20.56
CA PRO Z 83 41.36 17.67 -21.59
C PRO Z 83 40.40 16.54 -21.89
N SER Z 84 39.88 15.86 -20.86
CA SER Z 84 39.03 14.70 -21.08
C SER Z 84 37.76 15.06 -21.84
N ASP Z 85 37.34 16.32 -21.75
CA ASP Z 85 36.10 16.73 -22.41
C ASP Z 85 36.38 17.26 -23.82
N ILE Z 86 37.53 17.89 -24.02
CA ILE Z 86 37.79 18.53 -25.31
C ILE Z 86 38.39 17.55 -26.30
N ILE Z 87 39.24 16.65 -25.83
CA ILE Z 87 39.99 15.75 -26.73
C ILE Z 87 39.07 14.95 -27.65
N PRO Z 88 37.96 14.35 -27.18
CA PRO Z 88 37.08 13.64 -28.13
C PRO Z 88 36.53 14.52 -29.24
N LEU Z 89 36.34 15.82 -28.98
CA LEU Z 89 35.87 16.71 -30.05
C LEU Z 89 36.92 16.84 -31.14
N PHE Z 90 38.20 16.96 -30.77
CA PHE Z 90 39.27 16.94 -31.77
C PHE Z 90 39.34 15.58 -32.45
N GLU Z 91 39.04 14.51 -31.70
CA GLU Z 91 39.02 13.17 -32.24
C GLU Z 91 38.01 13.05 -33.39
N THR Z 92 36.81 13.59 -33.20
CA THR Z 92 35.79 13.51 -34.24
C THR Z 92 36.03 14.53 -35.35
N ALA Z 93 36.68 15.65 -35.04
CA ALA Z 93 37.07 16.58 -36.10
C ALA Z 93 38.04 15.94 -37.07
N ILE Z 94 39.00 15.16 -36.53
CA ILE Z 94 39.97 14.50 -37.42
C ILE Z 94 39.26 13.54 -38.37
N THR Z 95 38.32 12.73 -37.87
CA THR Z 95 37.68 11.75 -38.73
C THR Z 95 36.63 12.38 -39.64
N GLN Z 96 36.13 13.58 -39.30
CA GLN Z 96 35.32 14.32 -40.26
C GLN Z 96 36.17 14.86 -41.41
N VAL Z 97 37.38 15.34 -41.11
CA VAL Z 97 38.26 15.82 -42.17
C VAL Z 97 38.74 14.66 -43.04
N ALA Z 98 38.99 13.50 -42.43
CA ALA Z 98 39.50 12.36 -43.17
C ALA Z 98 38.51 11.87 -44.22
N LYS Z 99 37.22 11.78 -43.87
CA LYS Z 99 36.20 11.34 -44.80
C LYS Z 99 35.98 12.33 -45.93
N ARG Z 100 36.37 13.59 -45.75
CA ARG Z 100 36.33 14.58 -46.82
C ARG Z 100 37.54 14.50 -47.74
N ILE Z 101 38.73 14.28 -47.17
CA ILE Z 101 39.94 14.23 -48.00
C ILE Z 101 40.29 12.82 -48.44
N SER Z 102 39.43 11.84 -48.21
CA SER Z 102 39.73 10.46 -48.61
C SER Z 102 38.62 9.82 -49.42
N ILE Z 103 37.37 10.23 -49.19
CA ILE Z 103 36.20 9.59 -49.77
C ILE Z 103 35.37 10.63 -50.51
N LEU Z 104 34.87 10.26 -51.68
CA LEU Z 104 33.94 11.11 -52.42
C LEU Z 104 32.51 10.90 -51.94
N ASN Z 130 31.37 3.20 -44.96
CA ASN Z 130 32.61 3.87 -44.61
C ASN Z 130 33.26 3.22 -43.39
N SER Z 131 34.22 2.34 -43.63
CA SER Z 131 34.88 1.60 -42.57
C SER Z 131 36.08 2.38 -42.00
N LEU Z 132 35.85 3.63 -41.63
CA LEU Z 132 36.88 4.44 -40.99
C LEU Z 132 36.51 4.62 -39.53
N PRO Z 133 37.21 3.98 -38.59
CA PRO Z 133 36.91 4.18 -37.17
C PRO Z 133 37.29 5.56 -36.70
N THR Z 134 36.94 5.90 -35.47
CA THR Z 134 37.36 7.17 -34.89
C THR Z 134 38.88 7.19 -34.78
N PHE Z 135 39.48 8.28 -35.24
CA PHE Z 135 40.93 8.39 -35.26
C PHE Z 135 41.47 8.56 -33.84
N GLN Z 136 42.79 8.60 -33.72
CA GLN Z 136 43.47 8.83 -32.44
C GLN Z 136 44.31 10.09 -32.52
N LEU Z 137 44.36 10.84 -31.42
CA LEU Z 137 45.20 12.03 -31.31
C LEU Z 137 46.41 11.70 -30.43
N ILE Z 138 47.60 12.00 -30.95
CA ILE Z 138 48.85 11.83 -30.21
C ILE Z 138 49.51 13.19 -30.10
N LEU Z 139 49.95 13.55 -28.90
CA LEU Z 139 50.43 14.89 -28.60
C LEU Z 139 51.92 14.89 -28.30
N ASN Z 140 52.57 15.99 -28.68
CA ASN Z 140 53.98 16.22 -28.39
C ASN Z 140 54.11 17.51 -27.60
N SER Z 141 54.94 17.50 -26.57
CA SER Z 141 55.09 18.67 -25.71
C SER Z 141 56.56 18.90 -25.42
N ASN Z 142 56.90 20.16 -25.17
CA ASN Z 142 58.26 20.56 -24.80
C ASN Z 142 58.29 21.28 -23.46
N ALA Z 143 57.26 21.11 -22.65
CA ALA Z 143 57.22 21.76 -21.34
C ALA Z 143 58.17 21.08 -20.37
N ASN Z 144 58.35 21.71 -19.21
CA ASN Z 144 59.23 21.16 -18.19
C ASN Z 144 58.73 19.82 -17.69
N GLN Z 145 59.66 18.93 -17.39
CA GLN Z 145 59.32 17.61 -16.88
C GLN Z 145 59.13 17.66 -15.37
N ILE Z 146 58.07 17.02 -14.90
CA ILE Z 146 57.76 16.98 -13.47
C ILE Z 146 58.19 15.63 -12.91
N PRO Z 147 58.91 15.59 -11.78
CA PRO Z 147 59.25 14.30 -11.18
C PRO Z 147 58.01 13.59 -10.67
N LEU Z 148 58.12 12.26 -10.54
CA LEU Z 148 56.98 11.47 -10.08
C LEU Z 148 56.58 11.85 -8.66
N ARG Z 149 57.56 12.12 -7.80
CA ARG Z 149 57.26 12.42 -6.41
C ARG Z 149 56.78 13.85 -6.20
N ASP Z 150 56.80 14.69 -7.23
CA ASP Z 150 56.22 16.01 -7.17
C ASP Z 150 54.78 16.05 -7.67
N LEU Z 151 54.23 14.90 -8.05
CA LEU Z 151 52.84 14.83 -8.48
C LEU Z 151 51.94 14.66 -7.27
N ASP Z 152 50.96 15.55 -7.12
CA ASP Z 152 50.07 15.50 -5.97
C ASP Z 152 48.68 16.03 -6.34
N SER Z 153 47.89 16.37 -5.33
CA SER Z 153 46.51 16.81 -5.52
C SER Z 153 46.39 18.10 -6.31
N GLU Z 154 47.48 18.86 -6.48
CA GLU Z 154 47.47 20.09 -7.25
C GLU Z 154 47.44 19.82 -8.76
N HIS Z 155 47.76 18.60 -9.18
CA HIS Z 155 47.92 18.29 -10.59
C HIS Z 155 46.81 17.40 -11.14
N VAL Z 156 45.65 17.36 -10.50
CA VAL Z 156 44.56 16.49 -10.93
C VAL Z 156 43.85 17.12 -12.12
N SER Z 157 43.54 16.30 -13.13
CA SER Z 157 42.84 16.71 -14.34
C SER Z 157 43.66 17.69 -15.17
N LYS Z 158 44.98 17.58 -15.12
CA LYS Z 158 45.87 18.44 -15.87
C LYS Z 158 46.89 17.60 -16.65
N ILE Z 159 47.23 18.05 -17.84
CA ILE Z 159 48.19 17.36 -18.68
C ILE Z 159 49.59 17.62 -18.16
N VAL Z 160 50.36 16.54 -17.96
CA VAL Z 160 51.69 16.63 -17.39
C VAL Z 160 52.67 15.87 -18.28
N ARG Z 161 53.96 16.14 -18.06
CA ARG Z 161 55.05 15.50 -18.79
C ARG Z 161 56.07 15.00 -17.79
N LEU Z 162 56.43 13.72 -17.89
CA LEU Z 162 57.30 13.09 -16.91
C LEU Z 162 58.05 11.95 -17.57
N SER Z 163 59.11 11.50 -16.90
CA SER Z 163 59.97 10.43 -17.41
C SER Z 163 60.23 9.41 -16.32
N GLY Z 164 60.47 8.17 -16.74
CA GLY Z 164 60.68 7.09 -15.79
C GLY Z 164 61.16 5.84 -16.51
N ILE Z 165 61.12 4.72 -15.79
CA ILE Z 165 61.61 3.44 -16.27
C ILE Z 165 60.44 2.45 -16.25
N ILE Z 166 60.21 1.79 -17.39
CA ILE Z 166 59.22 0.72 -17.46
C ILE Z 166 59.76 -0.51 -16.75
N ILE Z 167 58.94 -1.09 -15.87
CA ILE Z 167 59.32 -2.28 -15.14
C ILE Z 167 58.46 -3.49 -15.50
N SER Z 168 57.24 -3.26 -15.99
CA SER Z 168 56.36 -4.36 -16.35
C SER Z 168 55.35 -3.88 -17.38
N THR Z 169 54.95 -4.81 -18.25
CA THR Z 169 53.90 -4.58 -19.23
C THR Z 169 52.88 -5.71 -19.14
N SER Z 170 51.60 -5.35 -19.10
CA SER Z 170 50.54 -6.34 -18.95
C SER Z 170 50.12 -6.89 -20.30
N VAL Z 171 49.09 -7.73 -20.28
CA VAL Z 171 48.55 -8.29 -21.51
C VAL Z 171 47.44 -7.38 -22.05
N LEU Z 172 47.13 -7.57 -23.33
CA LEU Z 172 46.09 -6.77 -23.97
C LEU Z 172 44.70 -7.20 -23.52
N SER Z 173 43.83 -6.22 -23.31
CA SER Z 173 42.45 -6.46 -22.94
C SER Z 173 41.53 -5.73 -23.91
N SER Z 174 40.25 -6.08 -23.85
CA SER Z 174 39.26 -5.61 -24.80
C SER Z 174 38.33 -4.58 -24.14
N ARG Z 175 38.12 -3.46 -24.82
CA ARG Z 175 37.19 -2.43 -24.40
C ARG Z 175 36.19 -2.16 -25.53
N ALA Z 176 34.92 -2.00 -25.16
CA ALA Z 176 33.85 -1.83 -26.13
C ALA Z 176 33.75 -0.37 -26.55
N THR Z 177 33.42 -0.15 -27.82
CA THR Z 177 33.17 1.20 -28.33
C THR Z 177 31.76 1.33 -28.88
N TYR Z 178 31.30 0.36 -29.65
CA TYR Z 178 29.95 0.33 -30.18
C TYR Z 178 29.25 -0.91 -29.63
N LEU Z 179 28.18 -0.70 -28.87
CA LEU Z 179 27.48 -1.77 -28.19
C LEU Z 179 26.09 -1.93 -28.80
N SER Z 180 25.76 -3.15 -29.21
CA SER Z 180 24.41 -3.47 -29.64
C SER Z 180 23.64 -4.08 -28.49
N ILE Z 181 22.44 -3.56 -28.25
CA ILE Z 181 21.70 -3.82 -27.01
C ILE Z 181 20.28 -4.23 -27.36
N MET Z 182 19.73 -5.16 -26.57
CA MET Z 182 18.36 -5.61 -26.73
C MET Z 182 17.74 -5.80 -25.34
N CYS Z 183 16.42 -5.62 -25.26
CA CYS Z 183 15.68 -5.75 -24.02
C CYS Z 183 15.16 -7.17 -23.85
N ARG Z 184 15.01 -7.58 -22.59
CA ARG Z 184 14.69 -8.97 -22.29
C ARG Z 184 13.22 -9.29 -22.58
N ASN Z 185 12.36 -8.28 -22.61
CA ASN Z 185 10.92 -8.49 -22.75
C ASN Z 185 10.35 -7.97 -24.05
N CYS Z 186 10.52 -6.68 -24.35
CA CYS Z 186 9.95 -6.12 -25.58
C CYS Z 186 10.81 -6.46 -26.80
N ARG Z 187 12.11 -6.71 -26.58
CA ARG Z 187 13.00 -7.25 -27.61
C ARG Z 187 13.09 -6.36 -28.85
N HIS Z 188 13.65 -5.16 -28.67
CA HIS Z 188 13.93 -4.26 -29.77
C HIS Z 188 15.40 -3.87 -29.76
N THR Z 189 15.92 -3.53 -30.94
CA THR Z 189 17.32 -3.21 -31.10
C THR Z 189 17.63 -1.81 -30.59
N THR Z 190 18.87 -1.63 -30.13
CA THR Z 190 19.36 -0.35 -29.63
C THR Z 190 20.88 -0.35 -29.78
N SER Z 191 21.47 0.85 -29.77
CA SER Z 191 22.91 0.97 -29.91
C SER Z 191 23.43 2.02 -28.93
N ILE Z 192 24.71 1.87 -28.56
CA ILE Z 192 25.39 2.81 -27.67
C ILE Z 192 26.79 3.03 -28.21
N THR Z 193 27.26 4.28 -28.12
CA THR Z 193 28.60 4.66 -28.54
C THR Z 193 29.36 5.18 -27.33
N ILE Z 194 30.58 4.69 -27.14
CA ILE Z 194 31.39 4.95 -25.95
C ILE Z 194 32.76 5.44 -26.39
N ASN Z 195 33.27 6.47 -25.73
CA ASN Z 195 34.66 6.90 -25.88
C ASN Z 195 35.42 6.56 -24.60
N ASN Z 196 36.69 6.17 -24.76
CA ASN Z 196 37.46 5.64 -23.64
C ASN Z 196 37.98 6.74 -22.68
N PHE Z 197 37.53 7.99 -22.79
CA PHE Z 197 38.01 9.06 -21.91
C PHE Z 197 37.05 9.16 -20.73
N ASN Z 198 37.38 8.47 -19.64
CA ASN Z 198 36.53 8.46 -18.46
C ASN Z 198 36.58 9.80 -17.72
N VAL Z 205 30.35 4.95 -17.69
CA VAL Z 205 29.17 4.67 -18.49
C VAL Z 205 28.63 3.28 -18.16
N SER Z 206 27.34 3.09 -18.40
CA SER Z 206 26.68 1.82 -18.13
C SER Z 206 25.41 1.73 -18.98
N LEU Z 207 24.88 0.52 -19.09
CA LEU Z 207 23.62 0.33 -19.80
C LEU Z 207 22.50 1.08 -19.06
N PRO Z 208 21.51 1.58 -19.80
CA PRO Z 208 20.45 2.37 -19.17
C PRO Z 208 19.75 1.61 -18.07
N ARG Z 209 19.45 2.31 -16.98
CA ARG Z 209 18.72 1.73 -15.84
C ARG Z 209 17.24 2.02 -16.02
N SER Z 210 16.74 1.60 -17.18
CA SER Z 210 15.36 1.86 -17.59
C SER Z 210 15.02 1.04 -18.83
N CYS Z 211 13.86 1.30 -19.42
CA CYS Z 211 13.49 0.68 -20.68
C CYS Z 211 13.06 1.75 -21.67
N LEU Z 212 13.46 1.57 -22.93
CA LEU Z 212 13.05 2.41 -24.03
C LEU Z 212 12.23 1.59 -25.01
N SER Z 213 11.25 2.24 -25.64
CA SER Z 213 10.38 1.56 -26.58
C SER Z 213 10.27 2.31 -27.90
N ASN Z 235 5.15 -5.39 -17.63
CA ASN Z 235 6.17 -4.35 -17.76
C ASN Z 235 7.57 -4.94 -17.62
N CYS Z 236 8.53 -4.32 -18.29
CA CYS Z 236 9.92 -4.78 -18.21
C CYS Z 236 10.49 -4.49 -16.83
N GLY Z 237 11.55 -5.22 -16.49
CA GLY Z 237 12.17 -5.14 -15.19
C GLY Z 237 12.85 -3.82 -14.92
N PRO Z 238 13.71 -3.79 -13.89
CA PRO Z 238 14.36 -2.52 -13.51
C PRO Z 238 15.27 -1.97 -14.58
N ASP Z 239 16.25 -2.75 -15.05
CA ASP Z 239 17.25 -2.31 -16.01
C ASP Z 239 17.49 -3.36 -17.09
N PRO Z 240 16.42 -3.85 -17.71
CA PRO Z 240 16.55 -5.06 -18.53
C PRO Z 240 17.18 -4.76 -19.88
N TYR Z 241 18.45 -5.16 -20.02
CA TYR Z 241 19.17 -4.99 -21.27
C TYR Z 241 20.34 -5.96 -21.34
N ILE Z 242 20.55 -6.59 -22.49
CA ILE Z 242 21.66 -7.52 -22.68
C ILE Z 242 22.46 -7.08 -23.89
N ILE Z 243 23.72 -7.49 -23.93
CA ILE Z 243 24.61 -7.09 -25.02
C ILE Z 243 24.64 -8.17 -26.09
N ILE Z 244 24.38 -7.77 -27.34
CA ILE Z 244 24.54 -8.66 -28.48
C ILE Z 244 26.00 -8.58 -28.89
N HIS Z 245 26.78 -9.60 -28.53
CA HIS Z 245 28.23 -9.50 -28.67
C HIS Z 245 28.66 -9.46 -30.14
N GLU Z 246 28.03 -10.27 -30.98
CA GLU Z 246 28.25 -10.11 -32.41
C GLU Z 246 27.66 -8.77 -32.86
N SER Z 247 28.33 -8.16 -33.84
CA SER Z 247 28.07 -6.82 -34.37
C SER Z 247 28.47 -5.73 -33.37
N SER Z 248 29.34 -6.04 -32.41
CA SER Z 248 29.90 -5.05 -31.49
C SER Z 248 31.38 -4.89 -31.78
N LYS Z 249 31.88 -3.66 -31.56
CA LYS Z 249 33.25 -3.30 -31.89
C LYS Z 249 34.05 -3.04 -30.62
N PHE Z 250 35.31 -3.47 -30.64
CA PHE Z 250 36.20 -3.39 -29.49
C PHE Z 250 37.55 -2.87 -29.93
N ILE Z 251 38.33 -2.39 -28.96
CA ILE Z 251 39.68 -1.88 -29.15
C ILE Z 251 40.64 -2.52 -28.15
N ASP Z 252 41.91 -2.10 -28.17
CA ASP Z 252 42.97 -2.72 -27.38
C ASP Z 252 43.37 -1.81 -26.23
N GLN Z 253 43.46 -2.40 -25.04
CA GLN Z 253 43.81 -1.71 -23.81
C GLN Z 253 45.03 -2.39 -23.19
N GLN Z 254 45.96 -1.59 -22.66
CA GLN Z 254 47.12 -2.16 -21.98
C GLN Z 254 47.48 -1.33 -20.76
N PHE Z 255 48.02 -2.00 -19.75
CA PHE Z 255 48.44 -1.39 -18.50
C PHE Z 255 49.95 -1.50 -18.36
N LEU Z 256 50.58 -0.40 -17.95
CA LEU Z 256 52.03 -0.36 -17.75
C LEU Z 256 52.35 0.19 -16.37
N LYS Z 257 53.54 -0.15 -15.89
CA LYS Z 257 54.01 0.29 -14.58
C LYS Z 257 55.30 1.08 -14.75
N LEU Z 258 55.39 2.22 -14.06
CA LEU Z 258 56.51 3.12 -14.17
C LEU Z 258 57.30 3.13 -12.86
N GLN Z 259 58.47 3.78 -12.90
CA GLN Z 259 59.30 3.94 -11.70
C GLN Z 259 60.19 5.15 -11.90
N GLU Z 260 60.67 5.71 -10.80
CA GLU Z 260 61.48 6.92 -10.86
C GLU Z 260 62.85 6.62 -11.47
N ILE Z 261 63.47 7.68 -11.99
CA ILE Z 261 64.88 7.60 -12.38
C ILE Z 261 65.73 7.40 -11.13
N PRO Z 262 66.70 6.49 -11.14
CA PRO Z 262 67.43 6.18 -9.90
C PRO Z 262 68.15 7.37 -9.27
N GLU Z 263 68.60 8.33 -10.08
CA GLU Z 263 69.35 9.46 -9.54
C GLU Z 263 68.47 10.58 -9.00
N LEU Z 264 67.16 10.54 -9.26
CA LEU Z 264 66.24 11.58 -8.80
C LEU Z 264 65.51 11.20 -7.53
N VAL Z 265 65.74 10.01 -6.99
CA VAL Z 265 65.10 9.60 -5.73
C VAL Z 265 65.66 10.44 -4.59
N PRO Z 266 64.84 10.95 -3.69
CA PRO Z 266 65.36 11.74 -2.56
C PRO Z 266 66.18 10.89 -1.61
N VAL Z 267 66.72 11.56 -0.58
CA VAL Z 267 67.65 10.90 0.33
C VAL Z 267 66.90 9.92 1.23
N GLY Z 268 67.44 8.72 1.34
CA GLY Z 268 66.91 7.73 2.25
C GLY Z 268 65.56 7.16 1.87
N GLU Z 269 65.13 7.33 0.62
CA GLU Z 269 63.83 6.89 0.17
C GLU Z 269 63.98 5.77 -0.85
N MET Z 270 63.05 4.83 -0.79
CA MET Z 270 63.03 3.79 -1.81
C MET Z 270 62.23 4.26 -3.03
N PRO Z 271 62.56 3.80 -4.23
CA PRO Z 271 61.85 4.27 -5.42
C PRO Z 271 60.38 3.86 -5.39
N ARG Z 272 59.54 4.72 -5.97
CA ARG Z 272 58.10 4.51 -5.99
C ARG Z 272 57.64 4.26 -7.43
N ASN Z 273 56.49 3.62 -7.55
CA ASN Z 273 55.94 3.19 -8.83
C ASN Z 273 54.55 3.76 -9.07
N LEU Z 274 54.14 3.75 -10.34
CA LEU Z 274 52.90 4.39 -10.77
C LEU Z 274 52.30 3.56 -11.90
N THR Z 275 51.00 3.76 -12.15
CA THR Z 275 50.25 2.97 -13.11
C THR Z 275 49.80 3.84 -14.28
N MET Z 276 49.91 3.30 -15.50
CA MET Z 276 49.55 4.02 -16.71
C MET Z 276 48.72 3.10 -17.60
N THR Z 277 47.87 3.73 -18.41
CA THR Z 277 46.98 3.02 -19.33
C THR Z 277 47.17 3.55 -20.74
N CYS Z 278 47.34 2.64 -21.70
CA CYS Z 278 47.52 3.02 -23.10
C CYS Z 278 46.51 2.28 -23.97
N ASP Z 279 46.19 2.89 -25.10
CA ASP Z 279 45.09 2.44 -25.95
C ASP Z 279 45.52 2.37 -27.41
N ARG Z 280 44.92 1.41 -28.12
CA ARG Z 280 44.90 1.38 -29.58
C ARG Z 280 46.28 1.36 -30.22
N TYR Z 281 46.79 2.53 -30.63
CA TYR Z 281 48.02 2.62 -31.39
C TYR Z 281 49.23 2.85 -30.50
N LEU Z 282 49.05 2.90 -29.19
CA LEU Z 282 50.15 3.06 -28.25
C LEU Z 282 50.40 1.81 -27.43
N THR Z 283 49.83 0.69 -27.85
CA THR Z 283 50.07 -0.60 -27.20
C THR Z 283 51.19 -1.33 -27.91
N ASN Z 284 51.93 -2.15 -27.15
CA ASN Z 284 53.10 -2.86 -27.66
C ASN Z 284 54.12 -1.90 -28.25
N LYS Z 285 54.57 -0.93 -27.45
CA LYS Z 285 55.52 0.07 -27.88
C LYS Z 285 56.75 0.16 -26.99
N VAL Z 286 56.70 -0.39 -25.77
CA VAL Z 286 57.81 -0.32 -24.84
C VAL Z 286 58.04 -1.70 -24.25
N ILE Z 287 59.25 -1.91 -23.73
CA ILE Z 287 59.64 -3.17 -23.12
C ILE Z 287 60.23 -2.89 -21.75
N PRO Z 288 60.17 -3.82 -20.79
CA PRO Z 288 60.66 -3.54 -19.44
C PRO Z 288 62.13 -3.17 -19.43
N GLY Z 289 62.49 -2.23 -18.55
CA GLY Z 289 63.84 -1.72 -18.44
C GLY Z 289 64.13 -0.50 -19.27
N THR Z 290 63.22 -0.13 -20.18
CA THR Z 290 63.41 1.02 -21.05
C THR Z 290 63.22 2.32 -20.28
N ARG Z 291 63.99 3.33 -20.68
CA ARG Z 291 63.81 4.69 -20.19
C ARG Z 291 63.00 5.47 -21.21
N VAL Z 292 61.88 6.04 -20.78
CA VAL Z 292 60.92 6.66 -21.68
C VAL Z 292 60.52 8.03 -21.17
N THR Z 293 59.83 8.77 -22.03
CA THR Z 293 59.20 10.03 -21.69
C THR Z 293 57.72 9.94 -22.04
N ILE Z 294 56.87 10.32 -21.09
CA ILE Z 294 55.43 10.10 -21.16
C ILE Z 294 54.71 11.44 -21.08
N VAL Z 295 53.74 11.63 -21.97
CA VAL Z 295 52.84 12.78 -21.93
C VAL Z 295 51.43 12.24 -21.76
N GLY Z 296 50.74 12.69 -20.70
CA GLY Z 296 49.43 12.16 -20.40
C GLY Z 296 48.70 13.02 -19.39
N ILE Z 297 47.57 12.49 -18.92
CA ILE Z 297 46.68 13.19 -18.00
C ILE Z 297 46.72 12.49 -16.64
N TYR Z 298 46.88 13.29 -15.58
CA TYR Z 298 46.88 12.77 -14.22
C TYR Z 298 45.44 12.73 -13.70
N SER Z 299 44.92 11.53 -13.46
CA SER Z 299 43.54 11.36 -13.05
C SER Z 299 43.45 10.37 -11.88
N ILE Z 300 42.24 10.22 -11.34
CA ILE Z 300 41.98 9.34 -10.21
C ILE Z 300 40.75 8.51 -10.53
N TYR Z 301 40.66 7.31 -9.96
CA TYR Z 301 39.50 6.44 -10.11
C TYR Z 301 39.13 5.87 -8.75
N ASN Z 302 37.85 5.99 -8.39
CA ASN Z 302 37.37 5.41 -7.14
C ASN Z 302 37.21 3.90 -7.29
N SER Z 303 37.71 3.17 -6.30
CA SER Z 303 37.69 1.71 -6.35
C SER Z 303 37.86 1.19 -4.93
N LYS Z 304 38.09 -0.12 -4.81
CA LYS Z 304 38.32 -0.79 -3.53
C LYS Z 304 37.13 -0.58 -2.58
N GLY Z 318 43.30 -0.35 2.97
CA GLY Z 318 42.60 0.82 2.46
C GLY Z 318 41.41 1.22 3.31
N SER Z 319 41.67 1.56 4.57
CA SER Z 319 40.63 1.95 5.50
C SER Z 319 40.39 3.45 5.53
N GLY Z 320 41.11 4.23 4.71
CA GLY Z 320 40.89 5.65 4.67
C GLY Z 320 39.53 6.00 4.10
N VAL Z 321 39.05 7.19 4.47
CA VAL Z 321 37.74 7.65 4.05
C VAL Z 321 37.88 8.55 2.84
N ALA Z 322 37.09 8.28 1.80
CA ALA Z 322 37.01 9.06 0.57
C ALA Z 322 38.35 9.20 -0.15
N ILE Z 323 39.20 8.19 -0.12
CA ILE Z 323 40.49 8.23 -0.79
C ILE Z 323 40.37 7.56 -2.15
N ARG Z 324 41.14 8.05 -3.12
CA ARG Z 324 41.15 7.53 -4.48
C ARG Z 324 42.58 7.20 -4.90
N THR Z 325 42.69 6.34 -5.93
CA THR Z 325 43.99 5.90 -6.42
C THR Z 325 44.35 6.64 -7.70
N PRO Z 326 45.52 7.27 -7.76
CA PRO Z 326 45.89 8.02 -8.97
C PRO Z 326 46.54 7.13 -10.02
N TYR Z 327 46.37 7.52 -11.28
CA TYR Z 327 46.97 6.83 -12.41
C TYR Z 327 47.11 7.83 -13.55
N ILE Z 328 47.75 7.39 -14.64
CA ILE Z 328 48.03 8.25 -15.78
C ILE Z 328 47.52 7.58 -17.05
N LYS Z 329 46.77 8.33 -17.86
CA LYS Z 329 46.34 7.88 -19.18
C LYS Z 329 47.31 8.42 -20.22
N ILE Z 330 48.00 7.52 -20.90
CA ILE Z 330 49.08 7.91 -21.80
C ILE Z 330 48.52 8.54 -23.06
N LEU Z 331 49.11 9.65 -23.46
CA LEU Z 331 48.80 10.30 -24.74
C LEU Z 331 49.96 10.30 -25.72
N GLY Z 332 51.19 10.28 -25.24
CA GLY Z 332 52.35 10.27 -26.11
C GLY Z 332 53.54 9.62 -25.44
N ILE Z 333 54.28 8.84 -26.21
CA ILE Z 333 55.41 8.06 -25.71
C ILE Z 333 56.63 8.36 -26.57
N GLN Z 334 57.76 8.67 -25.92
CA GLN Z 334 59.05 8.75 -26.59
C GLN Z 334 60.00 7.76 -25.94
N SER Z 335 60.62 6.90 -26.74
CA SER Z 335 61.47 5.84 -26.23
C SER Z 335 62.86 5.94 -26.87
N ASP Z 336 63.88 5.70 -26.06
CA ASP Z 336 65.24 5.77 -26.56
C ASP Z 336 65.56 4.58 -27.48
N VAL Z 337 65.20 3.38 -27.07
CA VAL Z 337 65.46 2.19 -27.88
C VAL Z 337 64.46 2.15 -29.03
N GLU Z 338 64.97 1.97 -30.25
CA GLU Z 338 64.10 1.91 -31.42
C GLU Z 338 63.24 0.66 -31.44
N THR Z 339 63.61 -0.34 -30.64
CA THR Z 339 62.92 -1.62 -30.69
C THR Z 339 61.49 -1.49 -30.20
N SER Z 340 60.57 -2.11 -30.92
CA SER Z 340 59.17 -2.19 -30.50
C SER Z 340 59.03 -3.30 -29.47
N SER Z 341 57.80 -3.69 -29.14
CA SER Z 341 57.59 -4.75 -28.16
C SER Z 341 58.20 -6.05 -28.64
N ILE Z 342 58.01 -6.39 -29.92
CA ILE Z 342 58.50 -7.67 -30.44
C ILE Z 342 59.83 -7.54 -31.16
N TRP Z 343 60.38 -6.33 -31.29
CA TRP Z 343 61.67 -6.11 -31.95
C TRP Z 343 61.67 -6.72 -33.34
N ASN Z 344 60.87 -6.12 -34.23
CA ASN Z 344 60.54 -6.65 -35.55
C ASN Z 344 61.76 -7.11 -36.35
N SER Z 345 62.97 -6.72 -35.92
CA SER Z 345 64.20 -7.02 -36.64
C SER Z 345 64.19 -6.39 -38.03
N VAL Z 346 63.53 -5.25 -38.15
CA VAL Z 346 63.43 -4.50 -39.38
C VAL Z 346 64.11 -3.15 -39.17
N THR Z 347 64.44 -2.49 -40.27
CA THR Z 347 65.10 -1.20 -40.19
C THR Z 347 64.12 -0.12 -39.76
N MET Z 348 64.52 0.64 -38.74
CA MET Z 348 63.79 1.81 -38.27
C MET Z 348 64.60 3.07 -38.55
N PHE Z 349 65.44 3.02 -39.58
CA PHE Z 349 66.38 4.09 -39.90
C PHE Z 349 65.98 4.71 -41.23
N THR Z 350 65.81 6.03 -41.23
CA THR Z 350 65.60 6.75 -42.48
C THR Z 350 66.89 6.77 -43.28
N GLU Z 351 66.75 7.07 -44.58
CA GLU Z 351 67.91 7.06 -45.46
C GLU Z 351 68.96 8.09 -45.02
N GLU Z 352 68.53 9.17 -44.39
CA GLU Z 352 69.47 10.19 -43.94
C GLU Z 352 70.42 9.65 -42.87
N GLU Z 353 70.00 8.62 -42.14
CA GLU Z 353 70.88 8.01 -41.13
C GLU Z 353 71.64 6.83 -41.72
N GLU Z 354 71.02 6.11 -42.66
CA GLU Z 354 71.71 5.01 -43.32
C GLU Z 354 72.91 5.51 -44.11
N GLU Z 355 72.76 6.65 -44.80
CA GLU Z 355 73.89 7.23 -45.51
C GLU Z 355 75.02 7.57 -44.56
N GLU Z 356 74.69 8.14 -43.40
CA GLU Z 356 75.70 8.44 -42.40
C GLU Z 356 76.41 7.18 -41.91
N PHE Z 357 75.65 6.12 -41.65
CA PHE Z 357 76.24 4.86 -41.19
C PHE Z 357 77.15 4.20 -42.23
N LEU Z 358 76.73 4.14 -43.49
CA LEU Z 358 77.62 3.61 -44.51
C LEU Z 358 78.84 4.50 -44.76
N GLN Z 359 78.69 5.81 -44.63
CA GLN Z 359 79.85 6.68 -44.71
C GLN Z 359 80.82 6.41 -43.56
N LEU Z 360 80.28 6.18 -42.37
CA LEU Z 360 81.13 5.83 -41.22
C LEU Z 360 81.84 4.51 -41.43
N SER Z 361 81.15 3.52 -42.00
CA SER Z 361 81.72 2.19 -42.14
C SER Z 361 82.91 2.18 -43.09
N ARG Z 362 82.98 3.15 -44.00
CA ARG Z 362 84.05 3.19 -44.98
C ARG Z 362 85.31 3.88 -44.47
N ASN Z 363 85.31 4.37 -43.24
CA ASN Z 363 86.48 5.04 -42.69
C ASN Z 363 87.62 4.03 -42.55
N PRO Z 364 88.80 4.32 -43.09
CA PRO Z 364 89.92 3.37 -43.00
C PRO Z 364 90.38 3.10 -41.57
N LYS Z 365 90.08 4.01 -40.63
CA LYS Z 365 90.56 3.89 -39.25
C LYS Z 365 89.36 3.86 -38.29
N LEU Z 366 88.30 3.16 -38.71
CA LEU Z 366 87.12 3.05 -37.87
C LEU Z 366 87.40 2.25 -36.59
N TYR Z 367 88.28 1.26 -36.68
CA TYR Z 367 88.62 0.45 -35.50
C TYR Z 367 89.21 1.31 -34.39
N GLU Z 368 90.15 2.19 -34.76
CA GLU Z 368 90.77 3.07 -33.77
C GLU Z 368 89.75 4.06 -33.21
N ILE Z 369 88.86 4.56 -34.06
CA ILE Z 369 87.85 5.51 -33.61
C ILE Z 369 86.90 4.86 -32.60
N LEU Z 370 86.47 3.63 -32.90
CA LEU Z 370 85.59 2.93 -31.97
C LEU Z 370 86.31 2.59 -30.67
N THR Z 371 87.59 2.19 -30.75
CA THR Z 371 88.34 1.86 -29.55
C THR Z 371 88.53 3.09 -28.66
N ASN Z 372 88.83 4.24 -29.26
CA ASN Z 372 89.09 5.45 -28.48
C ASN Z 372 87.82 5.97 -27.80
N SER Z 373 86.65 5.56 -28.29
CA SER Z 373 85.39 6.02 -27.73
C SER Z 373 84.97 5.26 -26.49
N ILE Z 374 85.63 4.15 -26.16
CA ILE Z 374 85.27 3.34 -25.00
C ILE Z 374 85.94 3.95 -23.78
N ALA Z 375 85.14 4.57 -22.91
CA ALA Z 375 85.59 5.17 -21.66
C ALA Z 375 86.77 6.12 -21.89
N PRO Z 376 86.54 7.29 -22.47
CA PRO Z 376 87.65 8.22 -22.74
C PRO Z 376 88.32 8.77 -21.50
N SER Z 377 87.76 8.52 -20.31
CA SER Z 377 88.34 9.00 -19.06
C SER Z 377 89.22 7.96 -18.38
N ILE Z 378 89.46 6.82 -19.02
CA ILE Z 378 90.30 5.75 -18.50
C ILE Z 378 91.59 5.72 -19.31
N PHE Z 379 92.73 5.73 -18.61
CA PHE Z 379 94.02 5.73 -19.27
C PHE Z 379 94.49 4.32 -19.56
N GLY Z 380 95.03 4.12 -20.77
CA GLY Z 380 95.56 2.82 -21.14
C GLY Z 380 94.48 1.78 -21.33
N ASN Z 381 94.87 0.52 -21.13
CA ASN Z 381 93.97 -0.63 -21.24
C ASN Z 381 93.34 -0.71 -22.63
N GLU Z 382 94.19 -0.74 -23.66
CA GLU Z 382 93.69 -0.74 -25.04
C GLU Z 382 93.10 -2.10 -25.41
N ASP Z 383 93.75 -3.19 -25.00
CA ASP Z 383 93.27 -4.52 -25.37
C ASP Z 383 91.92 -4.82 -24.75
N ILE Z 384 91.71 -4.39 -23.50
CA ILE Z 384 90.41 -4.59 -22.87
C ILE Z 384 89.33 -3.83 -23.62
N LYS Z 385 89.63 -2.62 -24.07
CA LYS Z 385 88.66 -1.84 -24.83
C LYS Z 385 88.36 -2.49 -26.18
N LYS Z 386 89.37 -3.03 -26.85
CA LYS Z 386 89.13 -3.76 -28.08
C LYS Z 386 88.24 -4.97 -27.84
N ALA Z 387 88.49 -5.69 -26.74
CA ALA Z 387 87.65 -6.83 -26.38
C ALA Z 387 86.21 -6.38 -26.11
N ILE Z 388 86.04 -5.23 -25.46
CA ILE Z 388 84.70 -4.71 -25.20
C ILE Z 388 83.99 -4.38 -26.50
N VAL Z 389 84.71 -3.79 -27.46
CA VAL Z 389 84.10 -3.50 -28.77
C VAL Z 389 83.67 -4.80 -29.44
N CYS Z 390 84.54 -5.81 -29.41
CA CYS Z 390 84.20 -7.10 -30.01
C CYS Z 390 82.97 -7.72 -29.35
N LEU Z 391 82.88 -7.61 -28.03
CA LEU Z 391 81.71 -8.12 -27.32
C LEU Z 391 80.46 -7.36 -27.70
N LEU Z 392 80.56 -6.04 -27.86
CA LEU Z 392 79.40 -5.23 -28.23
C LEU Z 392 78.89 -5.61 -29.61
N MET Z 393 79.79 -5.81 -30.57
CA MET Z 393 79.32 -6.17 -31.91
C MET Z 393 78.80 -7.60 -31.98
N GLY Z 394 79.52 -8.56 -31.39
CA GLY Z 394 79.08 -9.93 -31.38
C GLY Z 394 79.36 -10.65 -32.69
N GLY Z 395 79.33 -11.97 -32.62
CA GLY Z 395 79.59 -12.82 -33.76
C GLY Z 395 78.33 -13.20 -34.51
N SER Z 396 78.45 -14.26 -35.30
CA SER Z 396 77.35 -14.78 -36.09
C SER Z 396 76.77 -16.04 -35.46
N LYS Z 397 75.51 -16.32 -35.79
CA LYS Z 397 74.79 -17.46 -35.25
C LYS Z 397 74.37 -18.37 -36.40
N LYS Z 398 74.52 -19.68 -36.20
CA LYS Z 398 74.27 -20.65 -37.25
C LYS Z 398 73.29 -21.70 -36.77
N ILE Z 399 72.45 -22.19 -37.69
CA ILE Z 399 71.56 -23.32 -37.44
C ILE Z 399 71.86 -24.38 -38.49
N LEU Z 400 71.89 -25.63 -38.06
CA LEU Z 400 72.31 -26.73 -38.91
C LEU Z 400 71.13 -27.65 -39.22
N PRO Z 401 71.22 -28.44 -40.29
CA PRO Z 401 70.07 -29.29 -40.66
C PRO Z 401 69.65 -30.26 -39.58
N ASP Z 402 70.60 -30.79 -38.81
CA ASP Z 402 70.29 -31.76 -37.76
C ASP Z 402 69.75 -31.11 -36.49
N GLY Z 403 69.43 -29.82 -36.51
CA GLY Z 403 68.88 -29.15 -35.35
C GLY Z 403 69.89 -28.52 -34.43
N MET Z 404 71.19 -28.67 -34.70
CA MET Z 404 72.21 -28.10 -33.85
C MET Z 404 72.16 -26.58 -33.86
N ARG Z 405 72.42 -25.96 -32.71
CA ARG Z 405 72.49 -24.51 -32.57
C ARG Z 405 73.87 -24.12 -32.04
N LEU Z 406 74.48 -23.13 -32.67
CA LEU Z 406 75.81 -22.67 -32.29
C LEU Z 406 75.73 -21.25 -31.72
N ARG Z 407 76.40 -21.05 -30.60
CA ARG Z 407 76.40 -19.76 -29.93
C ARG Z 407 77.14 -18.70 -30.74
N GLY Z 408 76.65 -17.47 -30.68
CA GLY Z 408 77.27 -16.38 -31.40
C GLY Z 408 77.52 -15.16 -30.56
N ASP Z 409 77.73 -15.37 -29.25
CA ASP Z 409 77.95 -14.29 -28.31
C ASP Z 409 79.27 -14.50 -27.58
N ILE Z 410 79.86 -13.40 -27.09
CA ILE Z 410 81.17 -13.42 -26.48
C ILE Z 410 81.06 -13.08 -25.00
N ASN Z 411 81.75 -13.85 -24.17
CA ASN Z 411 81.81 -13.63 -22.72
C ASN Z 411 83.23 -13.23 -22.34
N VAL Z 412 83.35 -12.30 -21.39
CA VAL Z 412 84.65 -11.75 -21.01
C VAL Z 412 84.78 -11.74 -19.49
N LEU Z 413 85.96 -12.15 -19.01
CA LEU Z 413 86.27 -12.16 -17.58
C LEU Z 413 87.48 -11.28 -17.31
N LEU Z 414 87.42 -10.49 -16.24
CA LEU Z 414 88.51 -9.61 -15.81
C LEU Z 414 88.86 -9.96 -14.37
N LEU Z 415 89.98 -10.66 -14.18
CA LEU Z 415 90.47 -11.02 -12.86
C LEU Z 415 91.76 -10.26 -12.60
N GLY Z 416 91.71 -9.25 -11.74
CA GLY Z 416 92.85 -8.38 -11.57
C GLY Z 416 92.93 -7.76 -10.21
N ASP Z 417 93.86 -6.82 -10.07
CA ASP Z 417 94.21 -6.17 -8.82
C ASP Z 417 93.31 -4.96 -8.57
N PRO Z 418 93.12 -4.58 -7.31
CA PRO Z 418 92.27 -3.42 -7.00
C PRO Z 418 92.84 -2.12 -7.56
N GLY Z 419 91.94 -1.19 -7.86
CA GLY Z 419 92.33 0.11 -8.35
C GLY Z 419 92.70 0.18 -9.82
N THR Z 420 92.36 -0.84 -10.60
CA THR Z 420 92.73 -0.92 -12.01
C THR Z 420 91.57 -0.63 -12.93
N ALA Z 421 90.54 0.07 -12.45
CA ALA Z 421 89.40 0.50 -13.26
C ALA Z 421 88.62 -0.66 -13.85
N LYS Z 422 88.49 -1.77 -13.11
CA LYS Z 422 87.67 -2.88 -13.58
C LYS Z 422 86.19 -2.54 -13.50
N SER Z 423 85.78 -1.85 -12.44
CA SER Z 423 84.37 -1.56 -12.21
C SER Z 423 83.89 -0.28 -12.88
N GLN Z 424 84.79 0.51 -13.46
CA GLN Z 424 84.41 1.70 -14.22
C GLN Z 424 84.19 1.40 -15.70
N LEU Z 425 84.56 0.20 -16.16
CA LEU Z 425 84.22 -0.25 -17.50
C LEU Z 425 82.89 -0.98 -17.56
N LEU Z 426 82.54 -1.70 -16.49
CA LEU Z 426 81.26 -2.39 -16.43
C LEU Z 426 80.10 -1.40 -16.52
N LYS Z 427 80.20 -0.27 -15.82
CA LYS Z 427 79.12 0.70 -15.83
C LYS Z 427 79.09 1.50 -17.12
N PHE Z 428 80.22 1.60 -17.82
CA PHE Z 428 80.21 2.22 -19.15
C PHE Z 428 79.54 1.32 -20.18
N VAL Z 429 79.83 0.01 -20.12
CA VAL Z 429 79.19 -0.92 -21.05
C VAL Z 429 77.68 -0.92 -20.85
N GLU Z 430 77.23 -0.73 -19.60
CA GLU Z 430 75.79 -0.61 -19.34
C GLU Z 430 75.20 0.58 -20.07
N LYS Z 431 75.89 1.72 -20.04
CA LYS Z 431 75.37 2.93 -20.67
C LYS Z 431 75.36 2.80 -22.19
N VAL Z 432 76.45 2.29 -22.77
CA VAL Z 432 76.58 2.31 -24.23
C VAL Z 432 75.65 1.29 -24.87
N SER Z 433 75.46 0.14 -24.23
CA SER Z 433 74.68 -0.93 -24.83
C SER Z 433 73.20 -0.54 -24.92
N PRO Z 434 72.54 -0.81 -26.04
CA PRO Z 434 71.09 -0.53 -26.12
C PRO Z 434 70.28 -1.28 -25.08
N ILE Z 435 70.64 -2.52 -24.79
CA ILE Z 435 70.00 -3.32 -23.75
C ILE Z 435 71.11 -3.89 -22.87
N ALA Z 436 71.08 -3.55 -21.58
CA ALA Z 436 72.12 -4.00 -20.67
C ALA Z 436 71.62 -3.93 -19.24
N VAL Z 437 72.09 -4.87 -18.42
CA VAL Z 437 71.77 -4.92 -17.00
C VAL Z 437 73.06 -5.02 -16.21
N TYR Z 438 73.14 -4.27 -15.11
CA TYR Z 438 74.29 -4.30 -14.20
C TYR Z 438 73.85 -4.87 -12.86
N THR Z 439 74.50 -5.95 -12.43
CA THR Z 439 74.17 -6.61 -11.18
C THR Z 439 75.44 -6.87 -10.37
N SER Z 440 75.26 -7.13 -9.09
CA SER Z 440 76.35 -7.45 -8.18
C SER Z 440 76.20 -8.89 -7.70
N GLY Z 441 77.33 -9.59 -7.58
CA GLY Z 441 77.29 -10.99 -7.23
C GLY Z 441 76.91 -11.22 -5.77
N LYS Z 442 77.22 -10.26 -4.90
CA LYS Z 442 76.91 -10.42 -3.49
C LYS Z 442 75.41 -10.42 -3.26
N GLY Z 443 74.71 -9.41 -3.79
CA GLY Z 443 73.28 -9.33 -3.69
C GLY Z 443 72.56 -9.96 -4.86
N SER Z 444 72.62 -11.28 -4.97
CA SER Z 444 72.02 -11.99 -6.10
C SER Z 444 71.57 -13.37 -5.64
N SER Z 445 70.78 -14.01 -6.49
CA SER Z 445 70.32 -15.36 -6.23
C SER Z 445 69.99 -16.04 -7.55
N ALA Z 446 69.89 -17.37 -7.51
CA ALA Z 446 69.62 -18.12 -8.73
C ALA Z 446 68.23 -17.81 -9.28
N ALA Z 447 67.24 -17.65 -8.40
CA ALA Z 447 65.91 -17.28 -8.85
C ALA Z 447 65.89 -15.88 -9.46
N GLY Z 448 66.64 -14.95 -8.87
CA GLY Z 448 66.65 -13.60 -9.39
C GLY Z 448 67.40 -13.47 -10.70
N LEU Z 449 68.34 -14.37 -10.96
CA LEU Z 449 69.14 -14.30 -12.17
C LEU Z 449 68.50 -15.01 -13.37
N THR Z 450 67.92 -16.19 -13.17
CA THR Z 450 67.36 -16.93 -14.29
C THR Z 450 65.87 -16.65 -14.47
N ALA Z 451 65.08 -17.03 -13.47
CA ALA Z 451 63.63 -16.86 -13.49
C ALA Z 451 63.05 -17.28 -12.16
N SER Z 452 61.89 -16.73 -11.83
CA SER Z 452 61.20 -17.04 -10.58
C SER Z 452 59.80 -17.52 -10.88
N VAL Z 453 59.16 -18.14 -9.89
CA VAL Z 453 57.77 -18.57 -9.98
C VAL Z 453 57.01 -17.94 -8.82
N GLN Z 454 55.86 -17.34 -9.15
CA GLN Z 454 55.09 -16.55 -8.20
C GLN Z 454 53.64 -16.99 -8.21
N ARG Z 455 52.93 -16.62 -7.15
CA ARG Z 455 51.51 -16.94 -6.99
C ARG Z 455 50.68 -15.67 -7.08
N ASP Z 456 49.67 -15.70 -7.94
CA ASP Z 456 48.77 -14.56 -8.09
C ASP Z 456 47.80 -14.50 -6.91
N PRO Z 457 47.72 -13.38 -6.19
CA PRO Z 457 46.79 -13.31 -5.05
C PRO Z 457 45.33 -13.57 -5.46
N MET Z 458 44.95 -13.10 -6.65
CA MET Z 458 43.56 -13.22 -7.10
C MET Z 458 43.27 -14.61 -7.67
N THR Z 459 43.98 -14.98 -8.74
CA THR Z 459 43.72 -16.25 -9.40
C THR Z 459 44.16 -17.43 -8.55
N ARG Z 460 45.19 -17.23 -7.73
CA ARG Z 460 45.78 -18.29 -6.90
C ARG Z 460 46.29 -19.45 -7.76
N GLU Z 461 47.09 -19.11 -8.76
CA GLU Z 461 47.84 -20.07 -9.55
C GLU Z 461 49.29 -19.62 -9.61
N PHE Z 462 50.12 -20.42 -10.28
CA PHE Z 462 51.54 -20.15 -10.38
C PHE Z 462 51.89 -19.68 -11.78
N TYR Z 463 52.72 -18.64 -11.86
CA TYR Z 463 53.18 -18.10 -13.13
C TYR Z 463 54.67 -17.77 -13.04
N LEU Z 464 55.30 -17.66 -14.20
CA LEU Z 464 56.73 -17.40 -14.29
C LEU Z 464 57.01 -15.92 -14.44
N GLU Z 465 58.04 -15.44 -13.75
CA GLU Z 465 58.48 -14.06 -13.80
C GLU Z 465 59.95 -14.01 -14.19
N GLY Z 466 60.30 -13.05 -15.04
CA GLY Z 466 61.65 -12.97 -15.56
C GLY Z 466 62.66 -12.51 -14.54
N GLY Z 467 63.93 -12.71 -14.88
CA GLY Z 467 65.03 -12.31 -14.01
C GLY Z 467 66.07 -11.48 -14.73
N ALA Z 468 67.28 -11.42 -14.17
CA ALA Z 468 68.32 -10.59 -14.76
C ALA Z 468 68.70 -11.07 -16.16
N MET Z 469 68.78 -12.39 -16.36
CA MET Z 469 69.15 -12.92 -17.67
C MET Z 469 67.96 -12.95 -18.62
N VAL Z 470 66.74 -12.75 -18.11
CA VAL Z 470 65.58 -12.67 -19.00
C VAL Z 470 65.40 -11.25 -19.50
N LEU Z 471 65.53 -10.26 -18.61
CA LEU Z 471 65.46 -8.86 -19.02
C LEU Z 471 66.56 -8.52 -20.02
N ALA Z 472 67.78 -8.99 -19.76
CA ALA Z 472 68.93 -8.66 -20.61
C ALA Z 472 69.06 -9.66 -21.75
N ASP Z 473 67.97 -9.83 -22.48
CA ASP Z 473 67.96 -10.70 -23.64
C ASP Z 473 68.35 -9.91 -24.88
N GLY Z 474 69.22 -10.49 -25.70
CA GLY Z 474 69.76 -9.75 -26.82
C GLY Z 474 70.66 -8.60 -26.42
N GLY Z 475 71.21 -8.65 -25.22
CA GLY Z 475 72.04 -7.56 -24.72
C GLY Z 475 73.20 -8.10 -23.92
N VAL Z 476 73.56 -7.37 -22.86
CA VAL Z 476 74.72 -7.67 -22.04
C VAL Z 476 74.33 -7.62 -20.58
N VAL Z 477 74.83 -8.58 -19.80
CA VAL Z 477 74.71 -8.55 -18.35
C VAL Z 477 76.11 -8.42 -17.77
N CYS Z 478 76.28 -7.48 -16.85
CA CYS Z 478 77.56 -7.17 -16.23
C CYS Z 478 77.47 -7.57 -14.76
N ILE Z 479 78.16 -8.64 -14.40
CA ILE Z 479 78.10 -9.19 -13.05
C ILE Z 479 79.38 -8.76 -12.34
N ASP Z 480 79.23 -7.88 -11.36
CA ASP Z 480 80.36 -7.43 -10.56
C ASP Z 480 80.50 -8.27 -9.30
N GLU Z 481 81.68 -8.23 -8.70
CA GLU Z 481 82.01 -9.03 -7.52
C GLU Z 481 81.69 -10.51 -7.77
N PHE Z 482 82.11 -10.99 -8.94
CA PHE Z 482 81.74 -12.33 -9.37
C PHE Z 482 82.35 -13.40 -8.48
N ASP Z 483 83.47 -13.10 -7.83
CA ASP Z 483 84.11 -14.07 -6.95
C ASP Z 483 83.37 -14.24 -5.65
N LYS Z 484 82.56 -13.24 -5.26
CA LYS Z 484 81.83 -13.30 -4.00
C LYS Z 484 80.50 -14.01 -4.11
N MET Z 485 80.13 -14.49 -5.29
CA MET Z 485 78.88 -15.20 -5.48
C MET Z 485 78.89 -16.49 -4.66
N ARG Z 486 77.72 -16.85 -4.13
CA ARG Z 486 77.60 -18.14 -3.49
C ARG Z 486 77.64 -19.24 -4.54
N ASP Z 487 78.19 -20.39 -4.14
CA ASP Z 487 78.42 -21.49 -5.07
C ASP Z 487 77.13 -22.09 -5.62
N GLU Z 488 76.02 -21.97 -4.90
CA GLU Z 488 74.75 -22.46 -5.41
C GLU Z 488 74.19 -21.55 -6.48
N ASP Z 489 74.36 -20.23 -6.33
CA ASP Z 489 73.79 -19.28 -7.28
C ASP Z 489 74.62 -19.22 -8.56
N ARG Z 490 75.93 -19.39 -8.46
CA ARG Z 490 76.80 -19.25 -9.62
C ARG Z 490 76.59 -20.37 -10.63
N VAL Z 491 76.20 -21.56 -10.15
CA VAL Z 491 76.11 -22.71 -11.04
C VAL Z 491 74.85 -22.65 -11.90
N ALA Z 492 73.92 -21.77 -11.57
CA ALA Z 492 72.68 -21.67 -12.33
C ALA Z 492 72.88 -21.01 -13.69
N ILE Z 493 74.08 -20.45 -13.94
CA ILE Z 493 74.35 -19.71 -15.18
C ILE Z 493 74.97 -20.61 -16.24
N HIS Z 494 75.29 -21.86 -15.90
CA HIS Z 494 76.03 -22.73 -16.82
C HIS Z 494 75.26 -22.98 -18.11
N GLU Z 495 73.98 -23.35 -18.01
CA GLU Z 495 73.16 -23.58 -19.18
C GLU Z 495 72.90 -22.32 -19.99
N ALA Z 496 72.65 -21.19 -19.32
CA ALA Z 496 72.34 -19.96 -20.04
C ALA Z 496 73.56 -19.44 -20.79
N MET Z 497 74.77 -19.67 -20.27
CA MET Z 497 75.97 -19.15 -20.92
C MET Z 497 76.19 -19.78 -22.29
N GLU Z 498 75.95 -21.09 -22.42
CA GLU Z 498 76.26 -21.80 -23.66
C GLU Z 498 75.01 -22.22 -24.42
N GLN Z 499 74.11 -22.98 -23.80
CA GLN Z 499 72.92 -23.42 -24.52
C GLN Z 499 71.91 -22.31 -24.73
N GLN Z 500 72.05 -21.20 -24.01
CA GLN Z 500 71.22 -20.01 -24.20
C GLN Z 500 69.73 -20.31 -23.98
N THR Z 501 69.44 -21.19 -23.02
CA THR Z 501 68.07 -21.51 -22.65
C THR Z 501 68.01 -21.67 -21.14
N ILE Z 502 66.81 -21.51 -20.60
CA ILE Z 502 66.54 -21.67 -19.17
C ILE Z 502 65.40 -22.67 -19.02
N SER Z 503 65.66 -23.79 -18.35
CA SER Z 503 64.67 -24.85 -18.18
C SER Z 503 64.07 -24.76 -16.78
N ILE Z 504 62.75 -24.65 -16.71
CA ILE Z 504 62.03 -24.58 -15.44
C ILE Z 504 61.06 -25.74 -15.38
N ALA Z 505 61.10 -26.49 -14.28
CA ALA Z 505 60.30 -27.70 -14.09
C ALA Z 505 59.67 -27.68 -12.69
N LYS Z 506 59.02 -26.58 -12.36
CA LYS Z 506 58.54 -26.34 -11.00
C LYS Z 506 57.04 -26.12 -10.98
N ALA Z 507 56.38 -26.72 -9.97
CA ALA Z 507 54.99 -26.44 -9.64
C ALA Z 507 54.05 -26.64 -10.83
N GLY Z 508 54.18 -27.78 -11.51
CA GLY Z 508 53.34 -28.06 -12.64
C GLY Z 508 53.65 -27.27 -13.89
N ILE Z 509 54.66 -26.41 -13.87
CA ILE Z 509 55.10 -25.64 -15.03
C ILE Z 509 56.41 -26.22 -15.49
N THR Z 510 56.43 -26.75 -16.73
CA THR Z 510 57.64 -27.30 -17.32
C THR Z 510 57.85 -26.68 -18.70
N THR Z 511 58.71 -25.66 -18.76
CA THR Z 511 58.96 -24.93 -20.00
C THR Z 511 60.45 -24.66 -20.15
N VAL Z 512 60.82 -24.20 -21.34
CA VAL Z 512 62.17 -23.78 -21.66
C VAL Z 512 62.08 -22.41 -22.30
N LEU Z 513 62.76 -21.43 -21.72
CA LEU Z 513 62.72 -20.04 -22.13
C LEU Z 513 64.02 -19.67 -22.84
N ASN Z 514 63.91 -18.77 -23.83
CA ASN Z 514 65.08 -18.33 -24.57
C ASN Z 514 65.82 -17.24 -23.81
N SER Z 515 67.15 -17.27 -23.90
CA SER Z 515 67.99 -16.24 -23.29
C SER Z 515 69.31 -16.12 -24.03
N ARG Z 516 69.42 -15.12 -24.91
CA ARG Z 516 70.62 -14.92 -25.73
C ARG Z 516 71.33 -13.66 -25.25
N THR Z 517 72.24 -13.83 -24.30
CA THR Z 517 72.90 -12.71 -23.66
C THR Z 517 74.40 -12.95 -23.59
N SER Z 518 75.14 -11.86 -23.43
CA SER Z 518 76.59 -11.89 -23.22
C SER Z 518 76.89 -11.53 -21.78
N VAL Z 519 78.00 -12.05 -21.27
CA VAL Z 519 78.36 -11.91 -19.86
C VAL Z 519 79.69 -11.17 -19.76
N LEU Z 520 79.71 -10.10 -18.97
CA LEU Z 520 80.92 -9.36 -18.65
C LEU Z 520 81.12 -9.42 -17.14
N ALA Z 521 82.21 -10.04 -16.70
CA ALA Z 521 82.42 -10.30 -15.28
C ALA Z 521 83.75 -9.72 -14.82
N ALA Z 522 83.77 -9.29 -13.57
CA ALA Z 522 84.98 -8.78 -12.92
C ALA Z 522 85.12 -9.39 -11.54
N ALA Z 523 86.36 -9.68 -11.15
CA ALA Z 523 86.61 -10.32 -9.87
C ALA Z 523 88.04 -10.05 -9.44
N ASN Z 524 88.31 -10.31 -8.16
CA ASN Z 524 89.63 -10.23 -7.56
C ASN Z 524 90.15 -11.62 -7.26
N PRO Z 525 91.46 -11.82 -7.25
CA PRO Z 525 92.03 -13.11 -6.85
C PRO Z 525 91.99 -13.28 -5.35
N ILE Z 526 92.34 -14.49 -4.91
CA ILE Z 526 92.51 -14.75 -3.50
C ILE Z 526 93.70 -13.93 -2.99
N TYR Z 527 93.64 -13.51 -1.73
CA TYR Z 527 94.62 -12.66 -1.05
C TYR Z 527 94.60 -11.22 -1.56
N GLY Z 528 93.70 -10.88 -2.50
CA GLY Z 528 93.63 -9.53 -3.01
C GLY Z 528 94.48 -9.31 -4.24
N ARG Z 529 95.80 -9.42 -4.09
CA ARG Z 529 96.74 -9.29 -5.19
C ARG Z 529 97.04 -10.67 -5.77
N TYR Z 530 97.62 -10.67 -6.97
CA TYR Z 530 97.87 -11.93 -7.65
C TYR Z 530 98.93 -12.76 -6.94
N ASP Z 531 99.87 -12.10 -6.25
CA ASP Z 531 100.90 -12.80 -5.50
C ASP Z 531 101.68 -13.72 -6.42
N ASP Z 532 102.43 -13.15 -7.37
CA ASP Z 532 103.13 -13.88 -8.41
C ASP Z 532 104.13 -14.88 -7.82
N LEU Z 533 104.40 -14.82 -6.53
CA LEU Z 533 105.30 -15.77 -5.89
C LEU Z 533 104.70 -17.17 -5.77
N LYS Z 534 103.37 -17.27 -5.71
CA LYS Z 534 102.72 -18.56 -5.52
C LYS Z 534 102.17 -19.10 -6.84
N SER Z 535 101.71 -20.35 -6.80
CA SER Z 535 101.25 -21.04 -7.99
C SER Z 535 99.94 -20.46 -8.49
N PRO Z 536 99.71 -20.51 -9.80
CA PRO Z 536 98.41 -20.04 -10.34
C PRO Z 536 97.23 -20.81 -9.79
N GLY Z 537 97.39 -22.11 -9.52
CA GLY Z 537 96.29 -22.89 -8.99
C GLY Z 537 95.90 -22.49 -7.59
N ASP Z 538 96.82 -21.88 -6.84
CA ASP Z 538 96.55 -21.39 -5.50
C ASP Z 538 96.07 -19.94 -5.50
N ASN Z 539 95.83 -19.37 -6.68
CA ASN Z 539 95.40 -17.97 -6.79
C ASN Z 539 94.01 -17.80 -7.39
N ILE Z 540 93.57 -18.71 -8.26
CA ILE Z 540 92.27 -18.61 -8.91
C ILE Z 540 91.37 -19.69 -8.33
N ASP Z 541 90.24 -19.27 -7.75
CA ASP Z 541 89.30 -20.19 -7.13
C ASP Z 541 88.20 -20.63 -8.06
N PHE Z 542 88.21 -20.21 -9.32
CA PHE Z 542 87.20 -20.63 -10.28
C PHE Z 542 87.57 -21.99 -10.86
N GLN Z 543 86.60 -22.89 -10.89
CA GLN Z 543 86.85 -24.23 -11.40
C GLN Z 543 86.93 -24.22 -12.92
N THR Z 544 87.40 -25.35 -13.46
CA THR Z 544 87.57 -25.46 -14.92
C THR Z 544 86.22 -25.41 -15.64
N THR Z 545 85.15 -25.84 -14.97
CA THR Z 545 83.84 -25.85 -15.61
C THR Z 545 83.37 -24.45 -15.98
N ILE Z 546 83.60 -23.47 -15.10
CA ILE Z 546 83.12 -22.12 -15.38
C ILE Z 546 84.12 -21.37 -16.25
N LEU Z 547 85.41 -21.66 -16.12
CA LEU Z 547 86.44 -20.95 -16.86
C LEU Z 547 86.48 -21.32 -18.34
N SER Z 548 85.83 -22.41 -18.74
CA SER Z 548 85.80 -22.79 -20.14
C SER Z 548 84.73 -22.07 -20.94
N ARG Z 549 83.81 -21.37 -20.27
CA ARG Z 549 82.72 -20.67 -20.94
C ARG Z 549 83.06 -19.20 -21.18
N PHE Z 550 84.28 -18.76 -20.89
CA PHE Z 550 84.71 -17.40 -21.11
C PHE Z 550 85.64 -17.38 -22.32
N ASP Z 551 85.29 -16.58 -23.33
CA ASP Z 551 86.11 -16.52 -24.54
C ASP Z 551 87.44 -15.82 -24.28
N MET Z 552 87.43 -14.76 -23.46
CA MET Z 552 88.64 -14.01 -23.15
C MET Z 552 88.73 -13.76 -21.66
N ILE Z 553 89.89 -14.05 -21.09
CA ILE Z 553 90.18 -13.86 -19.68
C ILE Z 553 91.38 -12.92 -19.57
N PHE Z 554 91.21 -11.83 -18.82
CA PHE Z 554 92.27 -10.83 -18.66
C PHE Z 554 92.74 -10.84 -17.20
N ILE Z 555 94.01 -11.16 -16.99
CA ILE Z 555 94.64 -11.02 -15.68
C ILE Z 555 95.36 -9.69 -15.64
N VAL Z 556 94.99 -8.84 -14.68
CA VAL Z 556 95.45 -7.46 -14.61
C VAL Z 556 96.39 -7.31 -13.43
N LYS Z 557 97.55 -6.69 -13.68
CA LYS Z 557 98.56 -6.47 -12.66
C LYS Z 557 99.11 -5.06 -12.76
N ASP Z 558 99.69 -4.60 -11.65
CA ASP Z 558 100.33 -3.30 -11.58
C ASP Z 558 101.83 -3.50 -11.69
N ASP Z 559 102.51 -2.61 -12.43
CA ASP Z 559 103.94 -2.76 -12.66
C ASP Z 559 104.75 -1.74 -11.86
N HIS Z 560 104.08 -0.70 -11.35
CA HIS Z 560 104.70 0.30 -10.49
C HIS Z 560 105.86 1.03 -11.19
N ASN Z 561 105.68 1.36 -12.47
CA ASN Z 561 106.68 2.15 -13.18
C ASN Z 561 106.46 3.64 -12.93
N GLU Z 562 107.57 4.39 -12.91
CA GLU Z 562 107.47 5.81 -12.58
C GLU Z 562 106.84 6.61 -13.72
N GLU Z 563 107.25 6.34 -14.96
CA GLU Z 563 106.71 7.09 -16.09
C GLU Z 563 105.20 6.88 -16.21
N ARG Z 564 104.75 5.63 -16.12
CA ARG Z 564 103.33 5.35 -16.18
C ARG Z 564 102.60 6.00 -15.02
N ASP Z 565 103.20 5.98 -13.83
CA ASP Z 565 102.56 6.59 -12.67
C ASP Z 565 102.38 8.09 -12.87
N ILE Z 566 103.40 8.79 -13.39
CA ILE Z 566 103.25 10.22 -13.67
C ILE Z 566 102.21 10.49 -14.75
N SER Z 567 102.20 9.69 -15.83
CA SER Z 567 101.19 9.88 -16.87
C SER Z 567 99.78 9.72 -16.32
N ILE Z 568 99.56 8.66 -15.52
CA ILE Z 568 98.24 8.43 -14.96
C ILE Z 568 97.87 9.52 -13.96
N ALA Z 569 98.84 9.98 -13.17
CA ALA Z 569 98.56 11.06 -12.22
C ALA Z 569 98.12 12.33 -12.94
N ASN Z 570 98.83 12.71 -14.01
CA ASN Z 570 98.43 13.88 -14.76
C ASN Z 570 97.05 13.69 -15.39
N HIS Z 571 96.79 12.51 -15.96
CA HIS Z 571 95.50 12.26 -16.59
C HIS Z 571 94.37 12.38 -15.58
N VAL Z 572 94.55 11.80 -14.38
CA VAL Z 572 93.52 11.88 -13.34
C VAL Z 572 93.34 13.28 -12.79
N ILE Z 573 94.43 14.04 -12.59
CA ILE Z 573 94.29 15.42 -12.14
C ILE Z 573 93.58 16.30 -13.16
N ASN Z 574 93.82 16.08 -14.46
CA ASN Z 574 93.09 16.84 -15.47
C ASN Z 574 91.59 16.59 -15.40
N ILE Z 575 91.20 15.36 -15.06
CA ILE Z 575 89.78 15.06 -14.90
C ILE Z 575 89.18 15.86 -13.76
N HIS Z 576 89.87 15.94 -12.62
CA HIS Z 576 89.34 16.61 -11.45
C HIS Z 576 89.35 18.13 -11.57
N THR Z 577 90.35 18.71 -12.22
CA THR Z 577 90.46 20.16 -12.29
C THR Z 577 89.60 20.78 -13.38
N GLY Z 578 88.84 19.98 -14.13
CA GLY Z 578 87.94 20.49 -15.15
C GLY Z 578 88.54 20.58 -16.53
N ASN Z 579 89.83 20.28 -16.69
CA ASN Z 579 90.46 20.30 -18.01
C ASN Z 579 90.03 19.16 -18.91
N ALA Z 580 89.27 18.20 -18.39
CA ALA Z 580 88.85 17.06 -19.21
C ALA Z 580 87.88 17.48 -20.29
N ASN Z 581 86.72 18.00 -19.90
CA ASN Z 581 85.68 18.33 -20.87
C ASN Z 581 86.19 19.32 -21.91
N ALA Z 582 86.95 20.34 -21.46
CA ALA Z 582 87.44 21.37 -22.35
C ALA Z 582 88.28 20.79 -23.49
N MET Z 583 88.78 19.57 -23.29
CA MET Z 583 89.43 18.88 -24.40
C MET Z 583 88.45 17.96 -25.14
N GLN Z 584 87.70 17.14 -24.41
CA GLN Z 584 87.04 15.99 -25.02
C GLN Z 584 86.11 16.39 -26.14
N ASN Z 585 85.28 17.42 -25.90
CA ASN Z 585 84.33 17.86 -26.92
C ASN Z 585 85.03 18.04 -28.26
N GLN Z 586 86.18 18.71 -28.26
CA GLN Z 586 86.88 19.00 -29.51
C GLN Z 586 87.13 17.72 -30.30
N GLN Z 587 87.68 16.69 -29.66
CA GLN Z 587 87.95 15.47 -30.42
C GLN Z 587 86.63 14.84 -30.86
N GLU Z 588 85.63 14.82 -29.98
CA GLU Z 588 84.33 14.30 -30.36
C GLU Z 588 83.75 15.09 -31.52
N GLU Z 589 84.14 16.35 -31.64
CA GLU Z 589 83.70 17.16 -32.78
C GLU Z 589 84.42 16.75 -34.06
N ASN Z 590 85.74 16.53 -34.00
CA ASN Z 590 86.48 16.61 -35.24
C ASN Z 590 86.42 15.36 -36.10
N GLY Z 591 87.12 14.29 -35.70
CA GLY Z 591 87.02 13.06 -36.45
C GLY Z 591 87.33 11.79 -35.68
N SER Z 592 87.58 11.90 -34.38
CA SER Z 592 88.24 10.83 -33.64
C SER Z 592 87.33 10.15 -32.62
N GLU Z 593 86.21 10.75 -32.26
CA GLU Z 593 85.31 10.14 -31.29
C GLU Z 593 83.88 10.37 -31.73
N ILE Z 594 82.98 9.52 -31.22
CA ILE Z 594 81.56 9.63 -31.47
C ILE Z 594 80.83 9.54 -30.13
N SER Z 595 79.62 10.09 -30.11
CA SER Z 595 78.83 10.12 -28.89
C SER Z 595 78.27 8.72 -28.58
N ILE Z 596 77.71 8.59 -27.38
CA ILE Z 596 77.17 7.30 -26.95
C ILE Z 596 75.97 6.90 -27.81
N GLU Z 597 75.08 7.84 -28.10
CA GLU Z 597 73.90 7.54 -28.89
C GLU Z 597 74.25 7.14 -30.33
N LYS Z 598 75.21 7.83 -30.94
CA LYS Z 598 75.62 7.47 -32.30
C LYS Z 598 76.22 6.08 -32.33
N MET Z 599 77.06 5.74 -31.34
CA MET Z 599 77.65 4.41 -31.29
C MET Z 599 76.61 3.34 -31.03
N LYS Z 600 75.61 3.65 -30.19
CA LYS Z 600 74.51 2.73 -29.96
C LYS Z 600 73.75 2.44 -31.25
N ARG Z 601 73.44 3.49 -32.01
CA ARG Z 601 72.73 3.30 -33.27
C ARG Z 601 73.57 2.53 -34.28
N TYR Z 602 74.88 2.80 -34.30
CA TYR Z 602 75.75 2.03 -35.19
C TYR Z 602 75.78 0.56 -34.80
N ILE Z 603 75.82 0.27 -33.48
CA ILE Z 603 75.85 -1.11 -33.02
C ILE Z 603 74.57 -1.83 -33.44
N THR Z 604 73.41 -1.20 -33.22
CA THR Z 604 72.16 -1.87 -33.57
C THR Z 604 72.02 -2.05 -35.08
N TYR Z 605 72.45 -1.06 -35.87
CA TYR Z 605 72.40 -1.19 -37.32
C TYR Z 605 73.28 -2.34 -37.79
N CYS Z 606 74.51 -2.41 -37.26
CA CYS Z 606 75.42 -3.48 -37.67
C CYS Z 606 74.89 -4.85 -37.27
N ARG Z 607 74.31 -4.96 -36.07
CA ARG Z 607 73.84 -6.26 -35.61
C ARG Z 607 72.60 -6.70 -36.38
N LEU Z 608 71.76 -5.76 -36.78
CA LEU Z 608 70.55 -6.10 -37.53
C LEU Z 608 70.75 -6.16 -39.04
N LYS Z 609 71.93 -5.79 -39.55
CA LYS Z 609 72.17 -5.83 -40.98
C LYS Z 609 73.14 -6.90 -41.45
N CYS Z 610 74.22 -7.16 -40.70
CA CYS Z 610 75.31 -7.99 -41.21
C CYS Z 610 75.49 -9.24 -40.36
N ALA Z 611 75.99 -10.30 -41.01
CA ALA Z 611 76.36 -11.54 -40.34
C ALA Z 611 77.40 -12.24 -41.21
N PRO Z 612 78.67 -11.93 -41.01
CA PRO Z 612 79.71 -12.36 -41.97
C PRO Z 612 79.93 -13.86 -41.96
N ARG Z 613 80.79 -14.30 -42.88
CA ARG Z 613 81.13 -15.70 -43.07
C ARG Z 613 82.63 -15.84 -43.31
N LEU Z 614 83.17 -17.00 -42.96
CA LEU Z 614 84.60 -17.23 -43.13
C LEU Z 614 84.93 -17.61 -44.57
N SER Z 615 86.21 -17.47 -44.91
CA SER Z 615 86.79 -17.83 -46.18
C SER Z 615 87.60 -19.11 -46.04
N PRO Z 616 87.84 -19.83 -47.15
CA PRO Z 616 88.60 -21.08 -47.04
C PRO Z 616 89.99 -20.92 -46.44
N GLN Z 617 90.66 -19.80 -46.72
CA GLN Z 617 92.00 -19.59 -46.18
C GLN Z 617 91.95 -19.25 -44.70
N ALA Z 618 90.88 -18.59 -44.24
CA ALA Z 618 90.75 -18.28 -42.83
C ALA Z 618 90.68 -19.54 -41.98
N ALA Z 619 89.93 -20.55 -42.44
CA ALA Z 619 89.85 -21.81 -41.72
C ALA Z 619 91.20 -22.48 -41.63
N GLU Z 620 91.96 -22.46 -42.73
CA GLU Z 620 93.30 -23.05 -42.73
C GLU Z 620 94.23 -22.33 -41.76
N LYS Z 621 94.16 -21.00 -41.71
CA LYS Z 621 94.98 -20.26 -40.76
C LYS Z 621 94.56 -20.48 -39.32
N LEU Z 622 93.27 -20.71 -39.07
CA LEU Z 622 92.78 -20.91 -37.71
C LEU Z 622 93.12 -22.30 -37.19
N SER Z 623 93.05 -23.32 -38.06
CA SER Z 623 93.31 -24.68 -37.61
C SER Z 623 94.75 -24.85 -37.12
N SER Z 624 95.71 -24.30 -37.85
CA SER Z 624 97.11 -24.36 -37.44
C SER Z 624 97.37 -23.64 -36.13
N ASN Z 625 96.77 -22.47 -35.92
CA ASN Z 625 96.86 -21.78 -34.65
C ASN Z 625 96.26 -22.58 -33.51
N PHE Z 626 95.12 -23.23 -33.73
CA PHE Z 626 94.55 -24.10 -32.70
C PHE Z 626 95.51 -25.24 -32.35
N VAL Z 627 96.09 -25.88 -33.37
CA VAL Z 627 97.03 -26.97 -33.12
C VAL Z 627 98.23 -26.47 -32.33
N THR Z 628 98.75 -25.28 -32.66
CA THR Z 628 99.91 -24.75 -31.96
C THR Z 628 99.58 -24.44 -30.49
N ILE Z 629 98.48 -23.72 -30.26
CA ILE Z 629 98.14 -23.33 -28.89
C ILE Z 629 97.71 -24.53 -28.05
N ARG Z 630 97.27 -25.61 -28.67
CA ARG Z 630 96.96 -26.82 -27.92
C ARG Z 630 98.18 -27.71 -27.69
N LYS Z 631 99.15 -27.68 -28.60
CA LYS Z 631 100.42 -28.34 -28.35
C LYS Z 631 101.18 -27.70 -27.20
N GLN Z 632 101.23 -26.36 -27.16
CA GLN Z 632 102.02 -25.70 -26.12
C GLN Z 632 101.56 -26.10 -24.72
N LEU Z 633 100.24 -26.27 -24.55
CA LEU Z 633 99.70 -26.64 -23.24
C LEU Z 633 100.24 -27.99 -22.77
N LEU Z 634 100.46 -28.91 -23.71
CA LEU Z 634 100.98 -30.23 -23.34
C LEU Z 634 102.39 -30.13 -22.76
N ILE Z 635 103.26 -29.34 -23.40
CA ILE Z 635 104.62 -29.16 -22.88
C ILE Z 635 104.56 -28.47 -21.52
N ASN Z 636 103.72 -27.45 -21.39
CA ASN Z 636 103.62 -26.76 -20.10
C ASN Z 636 103.15 -27.71 -18.99
N GLU Z 637 102.14 -28.53 -19.27
CA GLU Z 637 101.63 -29.44 -18.25
C GLU Z 637 102.61 -30.55 -17.93
N LEU Z 638 103.36 -31.02 -18.92
CA LEU Z 638 104.35 -32.05 -18.66
C LEU Z 638 105.53 -31.49 -17.85
N GLU Z 639 105.91 -30.25 -18.11
CA GLU Z 639 107.00 -29.64 -17.35
C GLU Z 639 106.57 -29.36 -15.91
N SER Z 640 105.36 -28.81 -15.73
CA SER Z 640 104.93 -28.44 -14.39
C SER Z 640 104.28 -29.61 -13.65
N THR Z 641 104.17 -30.77 -14.33
CA THR Z 641 103.62 -32.02 -13.78
C THR Z 641 102.31 -31.82 -13.03
N GLU Z 642 101.58 -30.76 -13.34
CA GLU Z 642 100.27 -30.51 -12.77
C GLU Z 642 99.36 -29.91 -13.84
N ARG Z 643 98.07 -30.15 -13.71
CA ARG Z 643 97.13 -29.73 -14.74
C ARG Z 643 96.99 -28.20 -14.74
N SER Z 644 96.68 -27.66 -15.92
CA SER Z 644 96.55 -26.22 -16.09
C SER Z 644 95.23 -25.73 -15.51
N SER Z 645 95.29 -24.59 -14.81
CA SER Z 645 94.07 -24.02 -14.24
C SER Z 645 93.21 -23.37 -15.32
N ILE Z 646 93.83 -22.68 -16.27
CA ILE Z 646 93.12 -22.09 -17.41
C ILE Z 646 93.10 -23.13 -18.52
N PRO Z 647 91.94 -23.62 -18.93
CA PRO Z 647 91.87 -24.68 -19.94
C PRO Z 647 91.77 -24.17 -21.35
N ILE Z 648 92.26 -24.98 -22.27
CA ILE Z 648 92.15 -24.74 -23.71
C ILE Z 648 91.36 -25.89 -24.31
N THR Z 649 90.23 -25.57 -24.96
CA THR Z 649 89.36 -26.60 -25.53
C THR Z 649 88.83 -26.17 -26.89
N ILE Z 650 87.83 -26.91 -27.39
CA ILE Z 650 87.21 -26.56 -28.68
C ILE Z 650 86.48 -25.22 -28.57
N ARG Z 651 85.93 -24.92 -27.39
CA ARG Z 651 85.32 -23.61 -27.17
C ARG Z 651 86.31 -22.49 -27.43
N GLN Z 652 87.61 -22.74 -27.21
CA GLN Z 652 88.60 -21.71 -27.46
C GLN Z 652 88.83 -21.51 -28.96
N LEU Z 653 88.59 -22.54 -29.77
CA LEU Z 653 88.61 -22.35 -31.22
C LEU Z 653 87.36 -21.59 -31.68
N GLU Z 654 86.20 -21.97 -31.16
CA GLU Z 654 84.96 -21.29 -31.53
C GLU Z 654 84.99 -19.82 -31.09
N ALA Z 655 85.67 -19.53 -29.97
CA ALA Z 655 85.82 -18.16 -29.52
C ALA Z 655 86.60 -17.33 -30.53
N ILE Z 656 87.68 -17.88 -31.07
CA ILE Z 656 88.47 -17.15 -32.05
C ILE Z 656 87.68 -16.96 -33.33
N ILE Z 657 86.90 -17.97 -33.72
CA ILE Z 657 86.00 -17.81 -34.88
C ILE Z 657 85.02 -16.65 -34.64
N ARG Z 658 84.42 -16.61 -33.44
CA ARG Z 658 83.48 -15.55 -33.12
C ARG Z 658 84.15 -14.18 -33.14
N ILE Z 659 85.37 -14.08 -32.62
CA ILE Z 659 86.07 -12.81 -32.61
C ILE Z 659 86.40 -12.36 -34.02
N THR Z 660 86.80 -13.29 -34.89
CA THR Z 660 87.05 -12.95 -36.28
C THR Z 660 85.79 -12.40 -36.94
N GLU Z 661 84.66 -13.07 -36.74
CA GLU Z 661 83.42 -12.59 -37.36
C GLU Z 661 82.97 -11.27 -36.76
N SER Z 662 83.19 -11.07 -35.46
CA SER Z 662 82.87 -9.79 -34.83
C SER Z 662 83.71 -8.66 -35.40
N LEU Z 663 85.00 -8.92 -35.64
CA LEU Z 663 85.86 -7.93 -36.28
C LEU Z 663 85.40 -7.62 -37.69
N ALA Z 664 84.97 -8.65 -38.43
CA ALA Z 664 84.43 -8.40 -39.76
C ALA Z 664 83.13 -7.59 -39.71
N LYS Z 665 82.36 -7.75 -38.64
CA LYS Z 665 81.06 -7.07 -38.54
C LYS Z 665 81.21 -5.56 -38.50
N LEU Z 666 82.34 -5.06 -38.00
CA LEU Z 666 82.52 -3.62 -37.84
C LEU Z 666 82.43 -2.89 -39.18
N GLU Z 667 83.05 -3.45 -40.21
CA GLU Z 667 83.15 -2.81 -41.51
C GLU Z 667 81.97 -3.12 -42.42
N LEU Z 668 80.97 -3.85 -41.91
CA LEU Z 668 79.83 -4.31 -42.70
C LEU Z 668 80.27 -5.18 -43.87
N SER Z 669 81.40 -5.86 -43.71
CA SER Z 669 81.92 -6.74 -44.74
C SER Z 669 81.13 -8.05 -44.77
N PRO Z 670 80.85 -8.59 -45.96
CA PRO Z 670 80.13 -9.87 -46.05
C PRO Z 670 81.00 -11.11 -45.98
N ILE Z 671 82.29 -10.97 -45.72
CA ILE Z 671 83.21 -12.10 -45.68
C ILE Z 671 84.36 -11.76 -44.74
N ALA Z 672 84.80 -12.75 -43.96
CA ALA Z 672 85.93 -12.58 -43.06
C ALA Z 672 87.18 -13.17 -43.68
N GLN Z 673 88.29 -12.44 -43.61
CA GLN Z 673 89.52 -12.80 -44.30
C GLN Z 673 90.69 -12.85 -43.32
N GLU Z 674 91.90 -13.05 -43.86
CA GLU Z 674 93.06 -13.27 -43.01
C GLU Z 674 93.44 -12.02 -42.22
N ARG Z 675 93.07 -10.84 -42.74
CA ARG Z 675 93.33 -9.60 -42.03
C ARG Z 675 92.67 -9.61 -40.65
N HIS Z 676 91.42 -10.09 -40.60
CA HIS Z 676 90.70 -10.17 -39.33
C HIS Z 676 91.22 -11.33 -38.50
N VAL Z 677 91.65 -12.42 -39.16
CA VAL Z 677 92.13 -13.60 -38.45
C VAL Z 677 93.38 -13.25 -37.66
N ASP Z 678 94.29 -12.48 -38.25
CA ASP Z 678 95.52 -12.11 -37.54
C ASP Z 678 95.21 -11.32 -36.28
N GLU Z 679 94.30 -10.35 -36.36
CA GLU Z 679 93.97 -9.53 -35.20
C GLU Z 679 93.24 -10.35 -34.14
N ALA Z 680 92.36 -11.25 -34.56
CA ALA Z 680 91.69 -12.13 -33.59
C ALA Z 680 92.70 -13.02 -32.87
N ILE Z 681 93.66 -13.57 -33.61
CA ILE Z 681 94.70 -14.40 -33.01
C ILE Z 681 95.53 -13.58 -32.02
N ARG Z 682 95.89 -12.36 -32.39
CA ARG Z 682 96.68 -11.53 -31.49
C ARG Z 682 95.91 -11.20 -30.22
N LEU Z 683 94.61 -10.90 -30.35
CA LEU Z 683 93.79 -10.65 -29.17
C LEU Z 683 93.72 -11.86 -28.27
N PHE Z 684 93.55 -13.05 -28.86
CA PHE Z 684 93.52 -14.27 -28.05
C PHE Z 684 94.84 -14.50 -27.33
N GLN Z 685 95.96 -14.26 -28.02
CA GLN Z 685 97.27 -14.40 -27.38
C GLN Z 685 97.42 -13.41 -26.23
N ALA Z 686 96.99 -12.17 -26.41
CA ALA Z 686 97.06 -11.18 -25.35
C ALA Z 686 96.15 -11.52 -24.16
N SER Z 687 95.02 -12.19 -24.40
CA SER Z 687 94.04 -12.39 -23.36
C SER Z 687 94.28 -13.72 -22.66
N THR Z 688 94.15 -14.85 -23.36
CA THR Z 688 94.05 -16.13 -22.66
C THR Z 688 95.39 -16.86 -22.61
N MET Z 689 96.16 -16.83 -23.70
CA MET Z 689 97.45 -17.51 -23.70
C MET Z 689 98.41 -16.85 -22.72
N ASP Z 690 98.31 -15.53 -22.56
CA ASP Z 690 99.11 -14.84 -21.56
C ASP Z 690 98.76 -15.29 -20.15
N ALA Z 691 97.48 -15.46 -19.87
CA ALA Z 691 97.05 -15.91 -18.55
C ALA Z 691 97.49 -17.35 -18.30
N ALA Z 692 97.37 -18.21 -19.30
CA ALA Z 692 97.80 -19.60 -19.15
C ALA Z 692 99.31 -19.67 -18.93
N SER Z 693 100.07 -18.88 -19.68
CA SER Z 693 101.53 -18.90 -19.61
C SER Z 693 101.99 -17.90 -18.57
N GLN Z 694 101.78 -18.25 -17.30
CA GLN Z 694 102.30 -17.45 -16.20
C GLN Z 694 103.80 -17.61 -16.02
N ASP Z 695 104.37 -18.74 -16.44
CA ASP Z 695 105.80 -19.00 -16.40
C ASP Z 695 106.39 -18.76 -15.01
N PRO Z 696 106.09 -19.63 -14.04
CA PRO Z 696 106.67 -19.44 -12.70
C PRO Z 696 108.18 -19.57 -12.73
N ILE Z 697 108.86 -18.58 -12.15
CA ILE Z 697 110.32 -18.63 -12.07
C ILE Z 697 110.76 -19.78 -11.18
N GLY Z 698 110.11 -19.94 -10.03
CA GLY Z 698 110.41 -21.03 -9.13
C GLY Z 698 109.28 -21.32 -8.16
N GLY Z 699 108.92 -22.59 -8.04
CA GLY Z 699 107.84 -22.98 -7.16
C GLY Z 699 108.28 -23.93 -6.06
N LEU Z 700 109.52 -24.41 -6.16
CA LEU Z 700 110.10 -25.34 -5.18
C LEU Z 700 109.23 -26.59 -5.00
N ASN Z 701 108.66 -27.06 -6.11
CA ASN Z 701 107.83 -28.25 -6.10
C ASN Z 701 108.62 -29.46 -6.59
N GLN Z 702 107.92 -30.58 -6.79
CA GLN Z 702 108.58 -31.79 -7.27
C GLN Z 702 109.15 -31.60 -8.67
N ALA Z 703 108.42 -30.88 -9.52
CA ALA Z 703 108.93 -30.57 -10.85
C ALA Z 703 110.23 -29.78 -10.74
N SER Z 704 111.23 -30.18 -11.53
CA SER Z 704 112.58 -29.61 -11.46
C SER Z 704 113.17 -29.74 -10.05
N GLY Z 705 112.91 -30.86 -9.40
CA GLY Z 705 113.43 -31.07 -8.06
C GLY Z 705 114.94 -31.12 -8.02
N THR Z 706 115.55 -31.89 -8.93
CA THR Z 706 117.00 -31.89 -9.05
C THR Z 706 117.51 -30.52 -9.47
N SER Z 707 116.70 -29.79 -10.25
CA SER Z 707 117.10 -28.46 -10.68
C SER Z 707 117.31 -27.51 -9.52
N LEU Z 708 116.69 -27.77 -8.36
CA LEU Z 708 116.87 -26.92 -7.20
C LEU Z 708 118.34 -26.75 -6.85
N SER Z 709 119.16 -27.76 -7.13
CA SER Z 709 120.60 -27.66 -6.95
C SER Z 709 121.34 -27.54 -8.27
N GLU Z 710 120.79 -28.14 -9.34
CA GLU Z 710 121.46 -28.09 -10.64
C GLU Z 710 121.50 -26.68 -11.19
N ILE Z 711 120.56 -25.83 -10.82
CA ILE Z 711 120.57 -24.44 -11.29
C ILE Z 711 121.80 -23.72 -10.75
N ARG Z 712 122.02 -23.82 -9.44
CA ARG Z 712 123.21 -23.21 -8.84
C ARG Z 712 124.48 -23.86 -9.37
N ARG Z 713 124.46 -25.18 -9.55
CA ARG Z 713 125.64 -25.87 -10.09
C ARG Z 713 126.01 -25.33 -11.47
N PHE Z 714 125.02 -25.25 -12.37
CA PHE Z 714 125.28 -24.77 -13.72
C PHE Z 714 125.66 -23.29 -13.72
N GLU Z 715 125.05 -22.50 -12.85
CA GLU Z 715 125.41 -21.09 -12.77
C GLU Z 715 126.87 -20.92 -12.37
N GLN Z 716 127.31 -21.68 -11.36
CA GLN Z 716 128.71 -21.61 -10.95
C GLN Z 716 129.64 -22.11 -12.05
N GLU Z 717 129.27 -23.20 -12.72
CA GLU Z 717 130.12 -23.74 -13.79
C GLU Z 717 130.23 -22.76 -14.94
N LEU Z 718 129.15 -22.04 -15.25
CA LEU Z 718 129.16 -21.05 -16.32
C LEU Z 718 129.91 -19.78 -15.93
N LYS Z 719 129.79 -19.34 -14.68
CA LYS Z 719 130.46 -18.12 -14.25
C LYS Z 719 131.94 -18.33 -13.96
N ARG Z 720 132.38 -19.57 -13.72
CA ARG Z 720 133.81 -19.82 -13.63
C ARG Z 720 134.46 -20.04 -14.99
N ARG Z 721 133.70 -20.53 -15.97
CA ARG Z 721 134.23 -20.71 -17.31
C ARG Z 721 134.38 -19.39 -18.04
N LEU Z 722 133.42 -18.48 -17.87
CA LEU Z 722 133.32 -17.29 -18.67
C LEU Z 722 133.52 -16.05 -17.81
N PRO Z 723 134.65 -15.34 -17.94
CA PRO Z 723 134.83 -14.08 -17.19
C PRO Z 723 133.84 -13.01 -17.58
N ILE Z 724 133.94 -11.84 -16.96
CA ILE Z 724 132.96 -10.77 -17.11
C ILE Z 724 132.94 -10.20 -18.54
N GLY Z 725 133.98 -10.46 -19.33
CA GLY Z 725 133.97 -10.10 -20.73
C GLY Z 725 133.79 -11.33 -21.59
N TRP Z 726 133.72 -11.09 -22.91
CA TRP Z 726 133.75 -12.16 -23.91
C TRP Z 726 132.43 -12.91 -23.95
N SER Z 727 132.23 -13.74 -24.98
CA SER Z 727 130.95 -14.38 -25.20
C SER Z 727 131.17 -15.83 -25.59
N THR Z 728 130.07 -16.58 -25.66
CA THR Z 728 130.04 -17.99 -26.05
C THR Z 728 128.86 -18.20 -26.97
N SER Z 729 128.50 -19.46 -27.21
CA SER Z 729 127.38 -19.80 -28.07
C SER Z 729 126.53 -20.87 -27.39
N TYR Z 730 125.25 -20.89 -27.74
CA TYR Z 730 124.36 -21.94 -27.23
C TYR Z 730 124.77 -23.29 -27.75
N GLN Z 731 125.26 -23.35 -28.99
CA GLN Z 731 125.72 -24.62 -29.56
C GLN Z 731 126.83 -25.22 -28.72
N THR Z 732 127.85 -24.42 -28.39
CA THR Z 732 128.95 -24.92 -27.58
C THR Z 732 128.51 -25.20 -26.14
N LEU Z 733 127.78 -24.26 -25.52
CA LEU Z 733 127.30 -24.45 -24.16
C LEU Z 733 126.40 -25.67 -24.03
N ARG Z 734 125.80 -26.14 -25.12
CA ARG Z 734 125.07 -27.40 -25.12
C ARG Z 734 126.01 -28.58 -25.34
N ARG Z 735 126.74 -28.59 -26.44
CA ARG Z 735 127.52 -29.78 -26.80
C ARG Z 735 128.53 -30.13 -25.72
N GLU Z 736 129.33 -29.16 -25.27
CA GLU Z 736 130.41 -29.48 -24.34
C GLU Z 736 129.89 -29.76 -22.94
N PHE Z 737 128.91 -29.00 -22.47
CA PHE Z 737 128.37 -29.23 -21.13
C PHE Z 737 127.41 -30.42 -21.09
N VAL Z 738 127.06 -30.98 -22.25
CA VAL Z 738 126.22 -32.17 -22.27
C VAL Z 738 127.00 -33.43 -22.58
N ASP Z 739 128.18 -33.32 -23.20
CA ASP Z 739 129.04 -34.49 -23.35
C ASP Z 739 129.33 -35.13 -22.01
N THR Z 740 129.37 -34.34 -20.92
CA THR Z 740 129.51 -34.87 -19.57
C THR Z 740 128.18 -35.34 -18.99
N HIS Z 741 127.12 -35.39 -19.79
CA HIS Z 741 125.81 -35.91 -19.38
C HIS Z 741 125.19 -35.10 -18.24
N ARG Z 742 125.32 -33.78 -18.29
CA ARG Z 742 124.69 -32.90 -17.31
C ARG Z 742 123.41 -32.26 -17.85
N PHE Z 743 122.92 -32.70 -19.01
CA PHE Z 743 121.75 -32.08 -19.62
C PHE Z 743 120.48 -32.39 -18.82
N SER Z 744 119.57 -31.43 -18.77
CA SER Z 744 118.32 -31.56 -18.04
C SER Z 744 117.08 -31.31 -18.89
N GLN Z 745 117.25 -30.86 -20.13
CA GLN Z 745 116.20 -30.51 -21.09
C GLN Z 745 115.44 -29.26 -20.67
N LEU Z 746 115.72 -28.68 -19.50
CA LEU Z 746 115.03 -27.49 -19.03
C LEU Z 746 115.97 -26.29 -18.89
N ALA Z 747 117.12 -26.33 -19.54
CA ALA Z 747 118.08 -25.23 -19.47
C ALA Z 747 117.74 -24.08 -20.39
N LEU Z 748 116.66 -24.19 -21.18
CA LEU Z 748 116.26 -23.11 -22.05
C LEU Z 748 115.89 -21.86 -21.25
N ASP Z 749 115.15 -22.04 -20.16
CA ASP Z 749 114.75 -20.92 -19.32
C ASP Z 749 115.76 -20.58 -18.24
N LYS Z 750 116.77 -21.44 -18.02
CA LYS Z 750 117.80 -21.11 -17.04
C LYS Z 750 118.64 -19.93 -17.52
N ALA Z 751 118.94 -19.88 -18.82
CA ALA Z 751 119.66 -18.73 -19.36
C ALA Z 751 118.85 -17.45 -19.21
N LEU Z 752 117.54 -17.53 -19.44
CA LEU Z 752 116.68 -16.35 -19.28
C LEU Z 752 116.61 -15.93 -17.81
N TYR Z 753 116.57 -16.90 -16.89
CA TYR Z 753 116.57 -16.57 -15.48
C TYR Z 753 117.86 -15.89 -15.06
N ALA Z 754 119.00 -16.37 -15.58
CA ALA Z 754 120.27 -15.69 -15.33
C ALA Z 754 120.27 -14.29 -15.94
N LEU Z 755 119.66 -14.14 -17.11
CA LEU Z 755 119.50 -12.82 -17.73
C LEU Z 755 118.67 -11.90 -16.84
N GLU Z 756 117.69 -12.46 -16.12
CA GLU Z 756 116.82 -11.65 -15.27
C GLU Z 756 117.62 -10.96 -14.17
N LYS Z 757 118.77 -11.52 -13.81
CA LYS Z 757 119.64 -10.87 -12.84
C LYS Z 757 120.29 -9.61 -13.40
N HIS Z 758 120.15 -9.38 -14.72
CA HIS Z 758 120.61 -8.17 -15.39
C HIS Z 758 122.13 -8.13 -15.47
N GLU Z 759 122.80 -9.16 -14.97
CA GLU Z 759 124.26 -9.22 -14.99
C GLU Z 759 124.82 -10.50 -15.58
N THR Z 760 124.18 -11.65 -15.34
CA THR Z 760 124.81 -12.92 -15.69
C THR Z 760 124.85 -13.13 -17.19
N ILE Z 761 123.73 -12.94 -17.88
CA ILE Z 761 123.62 -13.36 -19.27
C ILE Z 761 122.92 -12.27 -20.08
N GLN Z 762 123.39 -12.09 -21.31
CA GLN Z 762 122.69 -11.32 -22.33
C GLN Z 762 122.67 -12.15 -23.60
N LEU Z 763 121.61 -11.99 -24.40
CA LEU Z 763 121.48 -12.68 -25.67
C LEU Z 763 121.52 -11.66 -26.79
N ARG Z 764 122.40 -11.88 -27.76
CA ARG Z 764 122.58 -10.95 -28.86
C ARG Z 764 122.70 -11.72 -30.17
N HIS Z 765 122.66 -10.98 -31.27
CA HIS Z 765 122.90 -11.51 -32.62
C HIS Z 765 121.88 -12.60 -32.96
N GLN Z 766 120.61 -12.23 -32.96
CA GLN Z 766 119.50 -13.13 -33.26
C GLN Z 766 119.44 -14.31 -32.28
N GLY Z 767 119.88 -14.10 -31.05
CA GLY Z 767 119.84 -15.14 -30.04
C GLY Z 767 120.96 -16.15 -30.10
N GLN Z 768 121.89 -16.01 -31.05
CA GLN Z 768 122.98 -16.96 -31.15
C GLN Z 768 124.05 -16.71 -30.09
N ASN Z 769 124.32 -15.45 -29.81
CA ASN Z 769 125.48 -15.06 -28.98
C ASN Z 769 125.05 -14.88 -27.53
N ILE Z 770 125.79 -15.51 -26.63
CA ILE Z 770 125.54 -15.42 -25.19
C ILE Z 770 126.69 -14.63 -24.58
N TYR Z 771 126.39 -13.45 -24.05
CA TYR Z 771 127.39 -12.52 -23.57
C TYR Z 771 127.32 -12.39 -22.05
N ARG Z 772 128.47 -12.52 -21.40
CA ARG Z 772 128.59 -12.26 -19.96
C ARG Z 772 128.71 -10.76 -19.76
N SER Z 773 127.76 -10.18 -19.02
CA SER Z 773 127.70 -8.73 -18.85
C SER Z 773 128.03 -8.23 -17.46
N GLY Z 774 127.88 -9.07 -16.43
CA GLY Z 774 128.15 -8.60 -15.08
C GLY Z 774 128.25 -9.77 -14.12
N VAL Z 775 128.40 -9.43 -12.85
CA VAL Z 775 128.52 -10.42 -11.78
C VAL Z 775 127.24 -11.23 -11.67
N LYS AA 102 5.40 3.33 38.34
CA LYS AA 102 6.37 2.32 37.97
C LYS AA 102 6.60 1.33 39.12
N VAL AA 103 6.82 0.07 38.77
CA VAL AA 103 7.00 -0.97 39.79
C VAL AA 103 8.34 -0.79 40.48
N ASP AA 104 8.33 -0.80 41.80
CA ASP AA 104 9.54 -0.67 42.61
C ASP AA 104 9.75 -1.93 43.44
N ASP AA 105 10.97 -2.07 43.95
CA ASP AA 105 11.35 -3.23 44.75
C ASP AA 105 11.40 -2.86 46.23
N VAL AA 106 11.14 -3.85 47.08
CA VAL AA 106 11.10 -3.66 48.52
C VAL AA 106 12.37 -4.19 49.19
N THR AA 107 12.88 -5.35 48.73
CA THR AA 107 14.12 -5.87 49.25
C THR AA 107 15.30 -4.96 48.89
N GLY AA 108 15.27 -4.40 47.68
CA GLY AA 108 16.32 -3.48 47.27
C GLY AA 108 16.39 -2.26 48.16
N GLU AA 109 15.23 -1.74 48.56
CA GLU AA 109 15.21 -0.61 49.49
C GLU AA 109 15.81 -0.98 50.83
N LYS AA 110 15.51 -2.17 51.35
CA LYS AA 110 16.10 -2.62 52.60
C LYS AA 110 17.61 -2.76 52.49
N VAL AA 111 18.11 -3.34 51.41
CA VAL AA 111 19.55 -3.40 51.20
C VAL AA 111 20.16 -2.01 51.09
N ARG AA 112 19.49 -1.08 50.41
CA ARG AA 112 20.00 0.28 50.28
C ARG AA 112 20.12 0.97 51.62
N GLU AA 113 19.11 0.85 52.48
CA GLU AA 113 19.19 1.49 53.79
C GLU AA 113 20.18 0.79 54.70
N ALA AA 114 20.29 -0.54 54.58
CA ALA AA 114 21.26 -1.27 55.39
C ALA AA 114 22.68 -0.90 55.02
N PHE AA 115 22.96 -0.70 53.73
CA PHE AA 115 24.31 -0.29 53.33
C PHE AA 115 24.63 1.11 53.85
N GLU AA 116 23.65 2.01 53.81
CA GLU AA 116 23.86 3.35 54.36
C GLU AA 116 24.15 3.28 55.86
N GLN AA 117 23.41 2.45 56.59
CA GLN AA 117 23.68 2.28 58.01
C GLN AA 117 25.07 1.68 58.25
N PHE AA 118 25.47 0.71 57.44
CA PHE AA 118 26.81 0.12 57.58
C PHE AA 118 27.89 1.18 57.36
N LEU AA 119 27.74 2.00 56.31
CA LEU AA 119 28.70 3.05 56.04
C LEU AA 119 28.76 4.08 57.15
N GLU AA 120 27.61 4.46 57.69
CA GLU AA 120 27.54 5.52 58.69
C GLU AA 120 27.88 5.06 60.11
N ASP AA 121 27.80 3.77 60.38
CA ASP AA 121 27.78 3.38 61.79
C ASP AA 121 28.93 2.45 62.22
N PHE AA 122 29.62 1.81 61.28
CA PHE AA 122 30.58 0.78 61.63
C PHE AA 122 31.60 1.25 62.66
N SER AA 123 32.45 2.21 62.29
CA SER AA 123 33.26 2.98 63.23
C SER AA 123 34.19 2.14 64.12
N VAL AA 124 34.24 0.83 63.91
CA VAL AA 124 35.00 -0.05 64.80
C VAL AA 124 36.45 -0.12 64.35
N GLN AA 125 37.37 0.16 65.28
CA GLN AA 125 38.80 0.06 64.99
C GLN AA 125 39.50 -0.78 66.05
N VAL AA 132 35.82 4.06 68.42
CA VAL AA 132 35.06 4.81 67.44
C VAL AA 132 35.98 5.70 66.61
N GLU AA 133 36.20 5.30 65.35
CA GLU AA 133 37.07 6.03 64.44
C GLU AA 133 36.39 6.44 63.15
N LYS AA 134 35.23 5.85 62.85
CA LYS AA 134 34.53 6.08 61.59
C LYS AA 134 35.46 5.80 60.40
N VAL AA 135 35.85 4.53 60.29
CA VAL AA 135 36.89 4.13 59.34
C VAL AA 135 36.44 4.42 57.91
N TYR AA 136 35.16 4.18 57.61
CA TYR AA 136 34.69 4.44 56.25
C TYR AA 136 34.48 5.92 56.00
N ARG AA 137 34.07 6.67 57.02
CA ARG AA 137 34.08 8.12 56.91
C ARG AA 137 35.49 8.67 56.81
N ALA AA 138 36.44 8.02 57.49
CA ALA AA 138 37.85 8.39 57.31
C ALA AA 138 38.28 8.16 55.86
N GLN AA 139 37.84 7.03 55.27
CA GLN AA 139 38.18 6.75 53.87
C GLN AA 139 37.54 7.78 52.95
N ILE AA 140 36.31 8.20 53.24
CA ILE AA 140 35.65 9.18 52.37
C ILE AA 140 36.34 10.54 52.49
N GLU AA 141 36.82 10.88 53.69
CA GLU AA 141 37.59 12.11 53.85
C GLU AA 141 38.90 12.03 53.09
N PHE AA 142 39.56 10.86 53.13
CA PHE AA 142 40.79 10.67 52.40
C PHE AA 142 40.56 10.78 50.90
N MET AA 143 39.44 10.24 50.41
CA MET AA 143 39.09 10.40 49.00
C MET AA 143 38.83 11.87 48.67
N LYS AA 144 38.16 12.59 49.56
CA LYS AA 144 37.87 14.00 49.31
C LYS AA 144 39.15 14.80 49.19
N ILE AA 145 40.13 14.52 50.05
CA ILE AA 145 41.36 15.31 50.04
C ILE AA 145 42.28 14.87 48.89
N TYR AA 146 42.23 13.59 48.51
CA TYR AA 146 43.10 13.07 47.47
C TYR AA 146 42.42 12.90 46.12
N ASP AA 147 41.11 13.19 46.02
CA ASP AA 147 40.37 13.11 44.77
C ASP AA 147 40.45 11.72 44.15
N LEU AA 148 39.91 10.74 44.88
CA LEU AA 148 39.83 9.36 44.41
C LEU AA 148 38.41 9.03 43.97
N ASN AA 149 38.28 7.94 43.21
CA ASN AA 149 37.01 7.58 42.60
C ASN AA 149 36.55 6.16 42.93
N THR AA 150 37.18 5.50 43.90
CA THR AA 150 36.80 4.14 44.27
C THR AA 150 36.84 3.99 45.78
N ILE AA 151 35.94 3.17 46.33
CA ILE AA 151 35.89 2.89 47.75
C ILE AA 151 36.21 1.41 47.95
N TYR AA 152 36.67 1.06 49.14
CA TYR AA 152 37.01 -0.32 49.48
C TYR AA 152 36.19 -0.75 50.69
N ILE AA 153 35.47 -1.85 50.56
CA ILE AA 153 34.65 -2.41 51.61
C ILE AA 153 35.15 -3.82 51.90
N ASP AA 154 35.42 -4.11 53.16
CA ASP AA 154 35.88 -5.44 53.55
C ASP AA 154 34.69 -6.33 53.87
N TYR AA 155 34.81 -7.61 53.52
CA TYR AA 155 33.72 -8.55 53.76
C TYR AA 155 33.62 -8.91 55.24
N GLN AA 156 34.76 -9.07 55.90
CA GLN AA 156 34.76 -9.43 57.32
C GLN AA 156 34.12 -8.33 58.16
N HIS AA 157 34.35 -7.07 57.81
CA HIS AA 157 33.71 -5.95 58.49
C HIS AA 157 32.20 -6.04 58.35
N LEU AA 158 31.72 -6.38 57.15
CA LEU AA 158 30.30 -6.54 56.92
C LEU AA 158 29.78 -7.87 57.46
N SER AA 159 30.68 -8.79 57.80
CA SER AA 159 30.29 -10.13 58.20
C SER AA 159 29.86 -10.19 59.65
N MET AA 160 29.85 -9.05 60.34
CA MET AA 160 29.44 -8.99 61.73
C MET AA 160 28.17 -8.18 61.97
N ARG AA 161 27.71 -7.40 60.99
CA ARG AA 161 26.45 -6.69 61.13
C ARG AA 161 25.32 -7.53 60.55
N GLU AA 162 24.20 -7.60 61.28
CA GLU AA 162 22.98 -8.34 60.93
C GLU AA 162 23.23 -9.84 60.89
N ASN AA 163 24.33 -10.33 61.47
CA ASN AA 163 24.65 -11.76 61.50
C ASN AA 163 24.72 -12.34 60.09
N GLY AA 164 25.24 -11.56 59.15
CA GLY AA 164 25.38 -12.00 57.79
C GLY AA 164 24.13 -11.89 56.94
N ALA AA 165 23.03 -11.36 57.49
CA ALA AA 165 21.82 -11.21 56.70
C ALA AA 165 22.03 -10.25 55.53
N LEU AA 166 22.73 -9.15 55.78
CA LEU AA 166 23.06 -8.24 54.68
C LEU AA 166 24.16 -8.81 53.79
N ALA AA 167 25.17 -9.43 54.40
CA ALA AA 167 26.30 -9.93 53.63
C ALA AA 167 25.88 -11.03 52.65
N MET AA 168 25.08 -11.98 53.12
CA MET AA 168 24.65 -13.06 52.23
C MET AA 168 23.69 -12.55 51.17
N ALA AA 169 22.84 -11.58 51.52
CA ALA AA 169 21.95 -10.99 50.53
C ALA AA 169 22.73 -10.29 49.44
N ILE AA 170 23.78 -9.54 49.82
CA ILE AA 170 24.62 -8.89 48.82
C ILE AA 170 25.36 -9.93 47.98
N SER AA 171 25.90 -10.97 48.62
CA SER AA 171 26.70 -11.96 47.91
C SER AA 171 25.87 -12.72 46.88
N GLU AA 172 24.66 -13.14 47.25
CA GLU AA 172 23.87 -14.00 46.38
C GLU AA 172 23.41 -13.26 45.12
N GLN AA 173 23.04 -11.99 45.26
CA GLN AA 173 22.41 -11.23 44.18
C GLN AA 173 23.11 -9.89 44.01
N TYR AA 174 24.44 -9.94 43.92
CA TYR AA 174 25.25 -8.73 43.72
C TYR AA 174 24.79 -7.96 42.48
N TYR AA 175 24.46 -8.67 41.41
CA TYR AA 175 24.10 -8.02 40.15
C TYR AA 175 22.87 -7.13 40.29
N ARG AA 176 21.85 -7.59 41.01
CA ARG AA 176 20.63 -6.80 41.16
C ARG AA 176 20.72 -5.79 42.29
N PHE AA 177 21.63 -5.96 43.22
CA PHE AA 177 21.75 -5.08 44.37
C PHE AA 177 22.77 -3.96 44.18
N LEU AA 178 23.64 -4.06 43.18
CA LEU AA 178 24.65 -3.02 42.95
C LEU AA 178 24.04 -1.65 42.69
N PRO AA 179 22.99 -1.51 41.86
CA PRO AA 179 22.38 -0.19 41.67
C PRO AA 179 21.89 0.46 42.96
N PHE AA 180 21.37 -0.32 43.91
CA PHE AA 180 20.91 0.26 45.17
C PHE AA 180 22.09 0.60 46.07
N LEU AA 181 23.15 -0.20 46.03
CA LEU AA 181 24.35 0.12 46.81
C LEU AA 181 24.95 1.44 46.35
N GLN AA 182 25.05 1.64 45.04
CA GLN AA 182 25.55 2.91 44.53
C GLN AA 182 24.63 4.06 44.87
N LYS AA 183 23.31 3.84 44.82
CA LYS AA 183 22.36 4.89 45.19
C LYS AA 183 22.51 5.30 46.65
N GLY AA 184 22.69 4.33 47.55
CA GLY AA 184 22.93 4.67 48.95
C GLY AA 184 24.27 5.37 49.16
N LEU AA 185 25.30 4.93 48.42
CA LEU AA 185 26.59 5.60 48.51
C LEU AA 185 26.48 7.05 48.06
N ARG AA 186 25.66 7.32 47.03
CA ARG AA 186 25.47 8.69 46.58
C ARG AA 186 24.88 9.56 47.69
N ARG AA 187 23.87 9.05 48.39
CA ARG AA 187 23.28 9.81 49.48
C ARG AA 187 24.28 10.03 50.62
N VAL AA 188 25.07 9.01 50.94
CA VAL AA 188 26.08 9.17 51.99
C VAL AA 188 27.09 10.24 51.60
N VAL AA 189 27.56 10.21 50.35
CA VAL AA 189 28.51 11.20 49.87
C VAL AA 189 27.90 12.59 49.94
N ARG AA 190 26.65 12.74 49.48
CA ARG AA 190 25.99 14.04 49.52
C ARG AA 190 25.88 14.55 50.96
N LYS AA 191 25.52 13.67 51.89
CA LYS AA 191 25.34 14.11 53.27
C LYS AA 191 26.65 14.50 53.94
N TYR AA 192 27.73 13.76 53.67
CA TYR AA 192 28.96 13.95 54.44
C TYR AA 192 30.09 14.62 53.66
N ALA AA 193 30.05 14.63 52.34
CA ALA AA 193 31.13 15.25 51.55
C ALA AA 193 30.59 15.62 50.17
N PRO AA 194 29.95 16.79 50.05
CA PRO AA 194 29.42 17.19 48.74
C PRO AA 194 30.49 17.41 47.68
N GLU AA 195 31.74 17.67 48.08
CA GLU AA 195 32.79 17.96 47.11
C GLU AA 195 33.05 16.76 46.20
N LEU AA 196 32.83 15.55 46.70
CA LEU AA 196 33.00 14.33 45.92
C LEU AA 196 31.77 14.00 45.09
N LEU AA 197 30.86 14.97 44.89
CA LEU AA 197 29.66 14.75 44.10
C LEU AA 197 29.84 15.23 42.67
N ASN AA 198 30.86 16.03 42.41
CA ASN AA 198 31.10 16.55 41.07
C ASN AA 198 32.60 16.46 40.76
N THR AA 199 32.91 16.42 39.47
CA THR AA 199 34.28 16.33 38.99
C THR AA 199 34.85 17.75 38.83
N SER AA 200 36.01 17.86 38.20
CA SER AA 200 36.64 19.15 37.98
C SER AA 200 35.83 20.01 37.02
N GLU AA 260 29.86 14.38 37.34
CA GLU AA 260 29.89 13.53 38.53
C GLU AA 260 30.90 12.40 38.38
N ARG AA 261 31.52 12.01 39.48
CA ARG AA 261 32.49 10.92 39.47
C ARG AA 261 31.74 9.60 39.49
N VAL AA 262 31.89 8.81 38.43
CA VAL AA 262 31.33 7.46 38.42
C VAL AA 262 32.07 6.62 39.44
N PHE AA 263 31.36 6.22 40.50
CA PHE AA 263 32.02 5.59 41.63
C PHE AA 263 32.13 4.08 41.42
N GLN AA 264 33.07 3.47 42.15
CA GLN AA 264 33.24 2.03 42.14
C GLN AA 264 33.40 1.53 43.56
N ILE AA 265 32.92 0.31 43.79
CA ILE AA 265 33.00 -0.34 45.09
C ILE AA 265 33.85 -1.59 44.93
N SER AA 266 34.88 -1.72 45.76
CA SER AA 266 35.80 -2.84 45.68
C SER AA 266 35.69 -3.69 46.93
N PHE AA 267 35.33 -4.97 46.74
CA PHE AA 267 35.21 -5.93 47.84
C PHE AA 267 36.47 -6.78 47.85
N PHE AA 268 36.87 -7.21 49.04
CA PHE AA 268 38.01 -8.12 49.18
C PHE AA 268 37.85 -8.92 50.48
N ASN AA 269 38.83 -9.80 50.71
CA ASN AA 269 38.89 -10.63 51.90
C ASN AA 269 37.64 -11.50 52.01
N LEU AA 270 37.31 -12.21 50.93
CA LEU AA 270 36.22 -13.17 50.98
C LEU AA 270 36.65 -14.42 51.74
N PRO AA 271 35.71 -15.12 52.37
CA PRO AA 271 36.10 -16.27 53.21
C PRO AA 271 36.77 -17.40 52.43
N THR AA 272 36.20 -17.81 51.31
CA THR AA 272 36.71 -18.94 50.54
C THR AA 272 37.05 -18.51 49.12
N VAL AA 273 38.04 -19.18 48.55
CA VAL AA 273 38.48 -18.89 47.19
C VAL AA 273 38.10 -20.07 46.30
N HIS AA 274 37.84 -19.79 45.03
CA HIS AA 274 37.45 -20.80 44.06
C HIS AA 274 38.56 -20.97 43.03
N ARG AA 275 38.61 -22.16 42.44
CA ARG AA 275 39.48 -22.41 41.30
C ARG AA 275 38.68 -22.21 40.01
N ILE AA 276 39.39 -22.21 38.87
CA ILE AA 276 38.74 -22.02 37.57
C ILE AA 276 37.85 -23.19 37.20
N ARG AA 277 38.10 -24.39 37.73
CA ARG AA 277 37.32 -25.57 37.39
C ARG AA 277 36.09 -25.73 38.26
N ASP AA 278 35.83 -24.78 39.16
CA ASP AA 278 34.60 -24.77 39.95
C ASP AA 278 33.57 -23.79 39.40
N ILE AA 279 33.80 -23.27 38.20
CA ILE AA 279 32.93 -22.26 37.61
C ILE AA 279 31.75 -22.98 36.93
N ARG AA 280 30.58 -22.89 37.54
CA ARG AA 280 29.35 -23.45 37.00
C ARG AA 280 28.34 -22.32 36.78
N SER AA 281 27.33 -22.61 35.96
CA SER AA 281 26.35 -21.59 35.59
C SER AA 281 25.41 -21.24 36.74
N GLU AA 282 25.43 -22.00 37.83
CA GLU AA 282 24.51 -21.73 38.93
C GLU AA 282 25.01 -20.64 39.87
N LYS AA 283 26.23 -20.13 39.67
CA LYS AA 283 26.72 -18.95 40.39
C LYS AA 283 26.71 -17.68 39.56
N ILE AA 284 26.06 -17.67 38.40
CA ILE AA 284 26.01 -16.49 37.55
C ILE AA 284 25.28 -15.36 38.27
N GLY AA 285 25.97 -14.23 38.45
CA GLY AA 285 25.38 -13.10 39.14
C GLY AA 285 25.84 -12.95 40.58
N SER AA 286 26.59 -13.94 41.07
CA SER AA 286 27.04 -13.95 42.45
C SER AA 286 28.42 -13.32 42.60
N LEU AA 287 28.75 -12.94 43.83
CA LEU AA 287 30.04 -12.34 44.14
C LEU AA 287 31.02 -13.43 44.53
N LEU AA 288 32.13 -13.54 43.80
CA LEU AA 288 33.09 -14.62 43.98
C LEU AA 288 34.50 -14.06 43.97
N SER AA 289 35.45 -14.91 44.36
CA SER AA 289 36.88 -14.65 44.23
C SER AA 289 37.54 -15.87 43.62
N ILE AA 290 38.45 -15.63 42.67
CA ILE AA 290 39.11 -16.67 41.91
C ILE AA 290 40.62 -16.39 41.91
N SER AA 291 41.41 -17.40 41.57
CA SER AA 291 42.85 -17.26 41.51
C SER AA 291 43.38 -17.87 40.22
N GLY AA 292 44.40 -17.24 39.64
CA GLY AA 292 44.97 -17.79 38.41
C GLY AA 292 46.20 -17.05 37.96
N THR AA 293 46.86 -17.61 36.96
CA THR AA 293 48.07 -17.03 36.39
C THR AA 293 47.73 -16.31 35.10
N VAL AA 294 48.13 -15.04 35.01
CA VAL AA 294 47.84 -14.21 33.84
C VAL AA 294 48.77 -14.61 32.70
N THR AA 295 48.20 -14.73 31.49
CA THR AA 295 48.98 -15.10 30.32
C THR AA 295 48.82 -14.15 29.14
N ARG AA 296 47.96 -13.15 29.22
CA ARG AA 296 47.79 -12.19 28.13
C ARG AA 296 46.99 -11.00 28.64
N THR AA 297 47.40 -9.81 28.20
CA THR AA 297 46.68 -8.57 28.50
C THR AA 297 46.56 -7.76 27.22
N SER AA 298 45.54 -6.91 27.18
CA SER AA 298 45.25 -6.10 26.00
C SER AA 298 45.42 -4.62 26.32
N GLU AA 299 45.12 -3.77 25.34
CA GLU AA 299 45.24 -2.34 25.51
C GLU AA 299 44.10 -1.79 26.35
N VAL AA 300 44.31 -0.60 26.90
CA VAL AA 300 43.29 0.08 27.70
C VAL AA 300 42.42 0.87 26.73
N ARG AA 301 41.31 0.28 26.32
CA ARG AA 301 40.39 0.89 25.37
C ARG AA 301 39.30 1.66 26.10
N PRO AA 302 38.75 2.69 25.47
CA PRO AA 302 37.64 3.43 26.09
C PRO AA 302 36.28 2.79 25.83
N GLU AA 303 35.51 2.56 26.89
CA GLU AA 303 34.19 1.96 26.79
C GLU AA 303 33.12 3.03 26.98
N LEU AA 304 32.04 2.91 26.21
CA LEU AA 304 30.96 3.89 26.24
C LEU AA 304 30.04 3.58 27.42
N TYR AA 305 29.90 4.55 28.32
CA TYR AA 305 29.16 4.38 29.56
C TYR AA 305 27.81 5.08 29.55
N LYS AA 306 27.79 6.39 29.32
CA LYS AA 306 26.56 7.18 29.28
C LYS AA 306 26.50 7.89 27.93
N ALA AA 307 25.62 7.42 27.06
CA ALA AA 307 25.57 7.93 25.70
C ALA AA 307 24.69 9.19 25.63
N SER AA 308 24.97 10.01 24.61
CA SER AA 308 24.22 11.22 24.34
C SER AA 308 24.00 11.34 22.84
N PHE AA 309 22.78 11.65 22.43
CA PHE AA 309 22.43 11.75 21.02
C PHE AA 309 21.65 13.04 20.76
N THR AA 310 21.51 13.35 19.47
CA THR AA 310 20.71 14.49 19.02
C THR AA 310 19.80 14.02 17.89
N CYS AA 311 18.50 14.31 18.01
CA CYS AA 311 17.55 14.01 16.93
C CYS AA 311 17.95 14.76 15.68
N ASP AA 312 17.85 14.09 14.54
CA ASP AA 312 18.29 14.69 13.28
C ASP AA 312 17.44 15.89 12.91
N MET AA 313 16.12 15.80 13.13
CA MET AA 313 15.19 16.85 12.72
C MET AA 313 14.92 17.86 13.81
N CYS AA 314 14.54 17.42 15.01
CA CYS AA 314 14.24 18.36 16.09
C CYS AA 314 15.51 19.05 16.59
N ARG AA 315 16.64 18.36 16.55
CA ARG AA 315 17.92 18.71 17.17
C ARG AA 315 17.82 18.54 18.68
N ALA AA 316 16.79 17.86 19.19
CA ALA AA 316 16.65 17.65 20.61
C ALA AA 316 17.75 16.72 21.13
N ILE AA 317 18.13 16.92 22.38
CA ILE AA 317 19.28 16.25 22.96
C ILE AA 317 18.77 15.20 23.96
N VAL AA 318 19.19 13.95 23.76
CA VAL AA 318 18.95 12.90 24.74
C VAL AA 318 20.28 12.55 25.41
N ASP AA 319 20.21 12.20 26.69
CA ASP AA 319 21.42 11.93 27.45
C ASP AA 319 21.16 10.75 28.38
N ASN AA 320 22.26 10.12 28.82
CA ASN AA 320 22.22 9.05 29.81
C ASN AA 320 21.48 7.83 29.29
N VAL AA 321 21.82 7.41 28.07
CA VAL AA 321 21.21 6.23 27.45
C VAL AA 321 22.11 5.04 27.78
N GLU AA 322 21.64 4.20 28.69
CA GLU AA 322 22.42 3.07 29.15
C GLU AA 322 22.64 2.07 28.01
N GLN AA 323 23.81 1.45 28.00
CA GLN AA 323 24.17 0.42 27.04
C GLN AA 323 24.69 -0.82 27.75
N SER AA 324 24.20 -1.98 27.34
CA SER AA 324 24.55 -3.23 28.01
C SER AA 324 25.72 -3.94 27.33
N PHE AA 325 25.52 -4.35 26.08
CA PHE AA 325 26.52 -5.13 25.36
C PHE AA 325 26.68 -4.72 23.90
N LYS AA 326 25.91 -3.75 23.43
CA LYS AA 326 25.99 -3.32 22.04
C LYS AA 326 25.55 -1.87 21.93
N TYR AA 327 25.91 -1.26 20.80
CA TYR AA 327 25.59 0.14 20.54
C TYR AA 327 24.08 0.34 20.51
N THR AA 328 23.54 1.02 21.51
CA THR AA 328 22.10 1.20 21.66
C THR AA 328 21.77 2.67 21.53
N GLU AA 329 20.93 3.01 20.55
CA GLU AA 329 20.44 4.35 20.36
C GLU AA 329 19.03 4.47 20.92
N PRO AA 330 18.57 5.69 21.23
CA PRO AA 330 17.21 5.84 21.79
C PRO AA 330 16.13 5.54 20.76
N THR AA 331 14.89 5.41 21.22
CA THR AA 331 13.78 5.04 20.36
C THR AA 331 12.79 6.18 20.19
N PHE AA 332 12.08 6.50 21.24
CA PHE AA 332 11.03 7.47 21.17
C PHE AA 332 11.64 8.78 21.43
N CYS AA 333 11.26 9.77 20.65
CA CYS AA 333 11.81 11.09 20.76
C CYS AA 333 11.34 11.82 22.00
N PRO AA 334 12.07 12.84 22.37
CA PRO AA 334 11.85 13.73 23.50
C PRO AA 334 10.56 14.48 23.32
N ASN AA 335 10.25 14.85 22.09
CA ASN AA 335 8.99 15.53 21.84
C ASN AA 335 8.07 14.70 20.96
N PRO AA 336 6.81 14.59 21.37
CA PRO AA 336 5.79 13.86 20.63
C PRO AA 336 5.75 14.32 19.18
N SER AA 337 5.68 15.63 18.97
CA SER AA 337 5.61 16.29 17.65
C SER AA 337 6.31 15.55 16.51
N CYS AA 338 7.62 15.64 16.50
CA CYS AA 338 8.40 14.92 15.52
C CYS AA 338 8.39 13.45 15.93
N GLU AA 339 8.07 12.59 14.98
CA GLU AA 339 8.05 11.15 15.22
C GLU AA 339 9.34 10.67 14.56
N ASN AA 340 10.05 9.75 15.22
CA ASN AA 340 11.36 9.34 14.74
C ASN AA 340 11.78 8.08 15.49
N ARG AA 341 12.15 7.05 14.73
CA ARG AA 341 12.56 5.79 15.31
C ARG AA 341 14.07 5.58 15.27
N ALA AA 342 14.79 6.35 14.44
CA ALA AA 342 16.19 6.11 14.19
C ALA AA 342 16.88 7.38 13.70
N PHE AA 343 18.07 7.23 13.10
CA PHE AA 343 18.83 8.34 12.53
C PHE AA 343 19.19 9.37 13.60
N TRP AA 344 20.01 8.91 14.53
CA TRP AA 344 20.55 9.74 15.60
C TRP AA 344 22.02 10.03 15.30
N THR AA 345 22.59 10.98 16.05
CA THR AA 345 24.00 11.36 15.88
C THR AA 345 24.62 11.43 17.28
N LEU AA 346 25.49 10.47 17.57
CA LEU AA 346 26.17 10.45 18.86
C LEU AA 346 27.00 11.71 19.05
N ASN AA 347 26.84 12.33 20.22
CA ASN AA 347 27.67 13.48 20.63
C ASN AA 347 28.81 12.92 21.47
N VAL AA 348 29.89 12.57 20.79
CA VAL AA 348 31.01 11.85 21.40
C VAL AA 348 31.67 12.71 22.46
N THR AA 349 31.52 14.04 22.35
CA THR AA 349 32.11 14.94 23.33
C THR AA 349 31.35 14.92 24.65
N ARG AA 350 30.01 14.90 24.59
CA ARG AA 350 29.21 14.94 25.82
C ARG AA 350 29.19 13.58 26.51
N SER AA 351 29.35 12.50 25.77
CA SER AA 351 29.23 11.16 26.33
C SER AA 351 30.37 10.88 27.33
N ARG AA 352 30.07 10.04 28.31
CA ARG AA 352 31.05 9.61 29.30
C ARG AA 352 31.67 8.29 28.87
N PHE AA 353 32.97 8.14 29.09
CA PHE AA 353 33.70 6.93 28.76
C PHE AA 353 34.41 6.38 29.98
N LEU AA 354 34.84 5.13 29.87
CA LEU AA 354 35.57 4.46 30.94
C LEU AA 354 36.65 3.58 30.35
N ASP AA 355 37.64 3.24 31.18
CA ASP AA 355 38.74 2.39 30.76
C ASP AA 355 38.30 0.93 30.74
N TRP AA 356 38.83 0.19 29.78
CA TRP AA 356 38.43 -1.20 29.57
C TRP AA 356 39.64 -2.03 29.19
N GLN AA 357 39.71 -3.23 29.75
CA GLN AA 357 40.82 -4.14 29.51
C GLN AA 357 40.35 -5.58 29.65
N LYS AA 358 40.87 -6.45 28.78
CA LYS AA 358 40.58 -7.88 28.82
C LYS AA 358 41.87 -8.64 29.06
N VAL AA 359 41.84 -9.55 30.04
CA VAL AA 359 43.00 -10.35 30.41
C VAL AA 359 42.62 -11.83 30.36
N ARG AA 360 43.56 -12.67 29.93
CA ARG AA 360 43.36 -14.10 29.86
C ARG AA 360 44.16 -14.78 30.97
N ILE AA 361 43.50 -15.68 31.70
CA ILE AA 361 44.14 -16.39 32.79
C ILE AA 361 43.93 -17.89 32.60
N GLN AA 362 44.80 -18.67 33.24
CA GLN AA 362 44.74 -20.12 33.20
C GLN AA 362 44.98 -20.68 34.59
N GLU AA 363 44.89 -22.00 34.71
CA GLU AA 363 44.99 -22.64 36.01
C GLU AA 363 46.43 -22.66 36.52
N ASN AA 364 46.56 -22.73 37.83
CA ASN AA 364 47.86 -22.78 38.48
C ASN AA 364 48.53 -24.13 38.23
N ALA AA 365 49.84 -24.19 38.48
CA ALA AA 365 50.61 -25.39 38.25
C ALA AA 365 50.23 -26.55 39.16
N ASN AA 366 49.73 -26.27 40.36
CA ASN AA 366 49.36 -27.32 41.30
C ASN AA 366 47.95 -27.84 41.06
N GLU AA 367 47.02 -26.94 40.74
CA GLU AA 367 45.65 -27.36 40.46
C GLU AA 367 45.54 -28.17 39.17
N ILE AA 368 46.54 -28.08 38.29
CA ILE AA 368 46.51 -28.85 37.06
C ILE AA 368 46.68 -30.34 37.38
N PRO AA 369 45.80 -31.22 36.92
CA PRO AA 369 45.99 -32.65 37.16
C PRO AA 369 47.26 -33.18 36.51
N THR AA 370 47.50 -34.48 36.71
CA THR AA 370 48.71 -35.11 36.19
C THR AA 370 48.80 -34.97 34.67
N GLY AA 371 47.69 -35.23 33.97
CA GLY AA 371 47.58 -35.00 32.54
C GLY AA 371 46.38 -34.13 32.25
N SER AA 372 46.64 -32.92 31.75
CA SER AA 372 45.57 -31.95 31.58
C SER AA 372 45.97 -30.91 30.55
N MET AA 373 45.00 -30.46 29.76
CA MET AA 373 45.15 -29.27 28.95
C MET AA 373 44.52 -28.11 29.71
N PRO AA 374 45.27 -27.08 30.07
CA PRO AA 374 44.77 -26.09 31.04
C PRO AA 374 43.51 -25.39 30.56
N ARG AA 375 42.59 -25.14 31.49
CA ARG AA 375 41.39 -24.39 31.21
C ARG AA 375 41.68 -22.89 31.26
N THR AA 376 40.87 -22.12 30.53
CA THR AA 376 41.08 -20.69 30.41
C THR AA 376 39.80 -19.94 30.76
N LEU AA 377 39.92 -18.62 30.89
CA LEU AA 377 38.81 -17.75 31.23
C LEU AA 377 39.13 -16.34 30.77
N ASP AA 378 38.07 -15.55 30.55
CA ASP AA 378 38.20 -14.15 30.18
C ASP AA 378 37.74 -13.28 31.34
N VAL AA 379 38.66 -12.50 31.89
CA VAL AA 379 38.39 -11.61 33.01
C VAL AA 379 38.41 -10.18 32.51
N ILE AA 380 37.41 -9.40 32.90
CA ILE AA 380 37.26 -8.02 32.46
C ILE AA 380 37.61 -7.10 33.61
N LEU AA 381 38.63 -6.27 33.42
CA LEU AA 381 39.02 -5.23 34.34
C LEU AA 381 38.52 -3.89 33.81
N ARG AA 382 37.94 -3.08 34.69
CA ARG AA 382 37.34 -1.83 34.26
C ARG AA 382 37.59 -0.76 35.32
N GLY AA 383 37.74 0.48 34.85
CA GLY AA 383 37.94 1.61 35.74
C GLY AA 383 39.38 1.82 36.16
N ASP AA 384 39.62 1.78 37.47
CA ASP AA 384 40.94 2.03 38.04
C ASP AA 384 41.77 0.76 38.16
N SER AA 385 41.20 -0.39 37.76
CA SER AA 385 41.84 -1.68 37.92
C SER AA 385 42.65 -2.10 36.70
N VAL AA 386 42.83 -1.20 35.74
CA VAL AA 386 43.54 -1.54 34.51
C VAL AA 386 45.03 -1.60 34.79
N GLU AA 387 45.72 -2.51 34.10
CA GLU AA 387 47.17 -2.70 34.11
C GLU AA 387 47.70 -3.19 35.45
N ARG AA 388 46.84 -3.54 36.39
CA ARG AA 388 47.30 -4.07 37.68
C ARG AA 388 47.63 -5.56 37.62
N ALA AA 389 47.34 -6.22 36.51
CA ALA AA 389 47.69 -7.63 36.31
C ALA AA 389 48.63 -7.73 35.13
N LYS AA 390 49.82 -8.29 35.36
CA LYS AA 390 50.83 -8.39 34.32
C LYS AA 390 51.06 -9.86 33.93
N PRO AA 391 51.32 -10.13 32.66
CA PRO AA 391 51.47 -11.52 32.22
C PRO AA 391 52.59 -12.24 32.95
N GLY AA 392 52.36 -13.51 33.23
CA GLY AA 392 53.28 -14.35 33.96
C GLY AA 392 53.10 -14.32 35.46
N ASP AA 393 52.39 -13.32 35.98
CA ASP AA 393 52.19 -13.22 37.41
C ASP AA 393 51.00 -14.08 37.84
N ARG AA 394 50.94 -14.36 39.14
CA ARG AA 394 49.84 -15.09 39.74
C ARG AA 394 49.00 -14.13 40.56
N CYS AA 395 47.73 -13.99 40.20
CA CYS AA 395 46.88 -12.96 40.76
C CYS AA 395 45.57 -13.57 41.24
N LYS AA 396 45.02 -12.96 42.29
CA LYS AA 396 43.71 -13.32 42.83
C LYS AA 396 42.75 -12.19 42.48
N PHE AA 397 41.71 -12.54 41.72
CA PHE AA 397 40.69 -11.61 41.28
C PHE AA 397 39.46 -11.78 42.16
N THR AA 398 38.65 -10.74 42.27
CA THR AA 398 37.34 -10.87 42.90
C THR AA 398 36.32 -9.98 42.18
N GLY AA 399 35.13 -10.51 41.98
CA GLY AA 399 34.10 -9.78 41.26
C GLY AA 399 32.80 -10.54 41.13
N VAL AA 400 32.13 -10.40 39.99
CA VAL AA 400 30.84 -11.04 39.74
C VAL AA 400 30.96 -11.89 38.48
N GLU AA 401 30.39 -13.10 38.54
CA GLU AA 401 30.40 -13.99 37.38
C GLU AA 401 29.20 -13.65 36.49
N ILE AA 402 29.50 -13.31 35.24
CA ILE AA 402 28.47 -12.88 34.30
C ILE AA 402 28.42 -13.83 33.12
N VAL AA 403 27.50 -13.56 32.18
CA VAL AA 403 27.39 -14.31 30.94
C VAL AA 403 27.29 -13.30 29.80
N VAL AA 404 27.97 -13.58 28.70
CA VAL AA 404 28.12 -12.65 27.58
C VAL AA 404 27.50 -13.27 26.35
N PRO AA 405 26.55 -12.62 25.69
CA PRO AA 405 25.97 -13.17 24.46
C PRO AA 405 26.82 -12.83 23.24
N ASP AA 406 26.41 -13.41 22.11
CA ASP AA 406 27.03 -13.11 20.83
C ASP AA 406 26.28 -11.95 20.19
N VAL AA 407 26.90 -10.76 20.16
CA VAL AA 407 26.21 -9.57 19.71
C VAL AA 407 26.11 -9.52 18.19
N THR AA 408 26.94 -10.28 17.47
CA THR AA 408 26.94 -10.20 16.01
C THR AA 408 25.58 -10.57 15.43
N GLN AA 409 24.95 -11.60 15.97
CA GLN AA 409 23.62 -12.02 15.54
C GLN AA 409 22.50 -11.30 16.29
N LEU AA 410 22.84 -10.26 17.06
CA LEU AA 410 21.84 -9.41 17.68
C LEU AA 410 21.55 -8.16 16.87
N GLY AA 411 21.93 -8.14 15.59
CA GLY AA 411 21.67 -7.00 14.74
C GLY AA 411 22.51 -5.77 15.04
N LEU AA 412 23.82 -5.88 14.80
CA LEU AA 412 24.67 -4.70 14.96
C LEU AA 412 24.41 -3.73 13.82
N PRO AA 413 24.44 -2.41 14.08
CA PRO AA 413 24.07 -1.42 13.06
C PRO AA 413 24.86 -1.53 11.77
N GLY AA 414 26.19 -1.56 11.87
CA GLY AA 414 27.02 -1.51 10.69
C GLY AA 414 26.97 -2.77 9.87
N VAL AA 415 27.40 -2.65 8.61
CA VAL AA 415 27.55 -3.80 7.73
C VAL AA 415 28.89 -4.48 7.96
N LYS AA 416 29.77 -3.86 8.76
CA LYS AA 416 31.09 -4.45 9.04
C LYS AA 416 31.01 -5.84 9.64
N PRO AA 417 30.11 -6.16 10.60
CA PRO AA 417 30.03 -7.53 11.10
C PRO AA 417 29.77 -8.54 9.99
N SER AA 418 28.92 -8.18 9.03
CA SER AA 418 28.68 -8.98 7.83
C SER AA 418 28.21 -10.40 8.18
N SER AA 419 27.40 -10.51 9.22
CA SER AA 419 26.79 -11.78 9.64
C SER AA 419 27.85 -12.85 9.89
N THR AA 420 28.69 -12.59 10.90
CA THR AA 420 29.66 -13.57 11.41
C THR AA 420 30.64 -14.01 10.33
N LEU AA 421 31.42 -13.05 9.83
CA LEU AA 421 32.52 -13.39 8.94
C LEU AA 421 33.60 -14.12 9.73
N ASP AA 422 34.15 -15.18 9.14
CA ASP AA 422 35.10 -16.03 9.83
C ASP AA 422 36.31 -16.30 8.95
N THR AA 423 37.43 -16.60 9.60
CA THR AA 423 38.67 -16.98 8.93
C THR AA 423 39.02 -18.44 9.18
N ARG AA 424 38.50 -19.04 10.25
CA ARG AA 424 38.78 -20.42 10.59
C ARG AA 424 37.46 -21.18 10.63
N GLY AA 425 37.57 -22.51 10.60
CA GLY AA 425 36.40 -23.38 10.60
C GLY AA 425 35.96 -23.69 12.02
N ILE AA 426 34.66 -23.53 12.26
CA ILE AA 426 34.11 -23.83 13.58
C ILE AA 426 34.06 -25.34 13.80
N SER AA 427 33.88 -25.72 15.06
CA SER AA 427 33.87 -27.13 15.41
C SER AA 427 32.61 -27.80 14.89
N LYS AA 428 32.79 -28.90 14.17
CA LYS AA 428 31.66 -29.67 13.68
C LYS AA 428 31.03 -30.49 14.80
N THR AA 429 31.82 -30.83 15.82
CA THR AA 429 31.30 -31.62 16.93
C THR AA 429 30.19 -30.89 17.67
N THR AA 430 30.39 -29.59 17.91
CA THR AA 430 29.39 -28.76 18.59
C THR AA 430 28.50 -28.00 17.63
N GLU AA 431 28.34 -28.50 16.40
CA GLU AA 431 27.44 -27.88 15.42
C GLU AA 431 26.03 -28.45 15.65
N GLY AA 432 25.18 -27.64 16.27
CA GLY AA 432 23.86 -28.08 16.68
C GLY AA 432 23.80 -28.61 18.10
N LEU AA 433 24.95 -28.97 18.66
CA LEU AA 433 25.04 -29.40 20.05
C LEU AA 433 24.99 -28.24 21.03
N ASN AA 434 25.55 -27.09 20.66
CA ASN AA 434 25.46 -25.90 21.49
C ASN AA 434 24.05 -25.35 21.43
N SER AA 435 23.36 -25.39 22.56
CA SER AA 435 21.95 -25.05 22.63
C SER AA 435 21.77 -23.55 22.49
N GLY AA 436 21.13 -23.13 21.40
CA GLY AA 436 20.85 -21.73 21.15
C GLY AA 436 19.35 -21.48 21.21
N VAL AA 437 18.98 -20.39 21.86
CA VAL AA 437 17.59 -20.05 22.04
C VAL AA 437 17.12 -19.18 20.88
N THR AA 438 15.87 -19.39 20.47
CA THR AA 438 15.26 -18.63 19.39
C THR AA 438 13.89 -18.13 19.83
N GLY AA 439 13.29 -17.30 18.99
CA GLY AA 439 11.95 -16.80 19.26
C GLY AA 439 11.89 -15.29 19.33
N LEU AA 440 12.92 -14.67 19.89
CA LEU AA 440 12.95 -13.22 20.08
C LEU AA 440 12.87 -12.48 18.75
N ARG AA 441 12.18 -11.34 18.73
CA ARG AA 441 12.01 -10.60 17.49
C ARG AA 441 13.29 -9.94 17.02
N SER AA 442 14.14 -9.47 17.95
CA SER AA 442 15.41 -8.88 17.56
C SER AA 442 16.30 -9.90 16.86
N LEU AA 443 16.33 -11.13 17.38
CA LEU AA 443 17.08 -12.19 16.74
C LEU AA 443 16.53 -12.49 15.35
N GLY AA 444 15.20 -12.53 15.22
CA GLY AA 444 14.58 -13.00 14.00
C GLY AA 444 14.46 -14.51 14.03
N VAL AA 445 14.96 -15.17 12.97
CA VAL AA 445 15.03 -16.62 12.97
C VAL AA 445 16.38 -17.13 13.46
N ARG AA 446 17.23 -16.23 13.96
CA ARG AA 446 18.57 -16.59 14.40
C ARG AA 446 18.51 -17.28 15.77
N ASP AA 447 19.67 -17.76 16.23
CA ASP AA 447 19.81 -18.42 17.52
C ASP AA 447 20.86 -17.71 18.34
N LEU AA 448 20.50 -17.31 19.55
CA LEU AA 448 21.44 -16.62 20.42
C LEU AA 448 22.21 -17.61 21.29
N THR AA 449 23.50 -17.34 21.46
CA THR AA 449 24.40 -18.21 22.22
C THR AA 449 25.06 -17.43 23.34
N TYR AA 450 25.50 -18.15 24.36
CA TYR AA 450 26.08 -17.56 25.56
C TYR AA 450 27.38 -18.26 25.93
N LYS AA 451 28.25 -17.53 26.63
CA LYS AA 451 29.47 -18.09 27.19
C LYS AA 451 29.77 -17.38 28.51
N ILE AA 452 30.49 -18.07 29.39
CA ILE AA 452 30.75 -17.57 30.73
C ILE AA 452 32.05 -16.78 30.75
N SER AA 453 32.00 -15.57 31.32
CA SER AA 453 33.18 -14.76 31.55
C SER AA 453 33.11 -14.21 32.96
N PHE AA 454 34.19 -13.54 33.38
CA PHE AA 454 34.29 -12.99 34.72
C PHE AA 454 34.50 -11.49 34.63
N LEU AA 455 33.87 -10.77 35.56
CA LEU AA 455 34.04 -9.32 35.68
C LEU AA 455 34.61 -9.01 37.05
N ALA AA 456 35.79 -8.38 37.08
CA ALA AA 456 36.53 -8.23 38.32
C ALA AA 456 36.51 -6.78 38.78
N CYS AA 457 36.37 -6.61 40.10
CA CYS AA 457 36.37 -5.30 40.72
C CYS AA 457 37.56 -5.04 41.63
N HIS AA 458 38.32 -6.07 41.98
CA HIS AA 458 39.50 -5.91 42.82
C HIS AA 458 40.50 -7.00 42.48
N VAL AA 459 41.78 -6.61 42.42
CA VAL AA 459 42.87 -7.47 41.98
C VAL AA 459 43.97 -7.43 43.04
N ILE AA 460 44.48 -8.60 43.41
CA ILE AA 460 45.64 -8.68 44.29
C ILE AA 460 46.59 -9.73 43.71
N SER AA 461 47.86 -9.68 44.10
CA SER AA 461 48.88 -10.58 43.58
C SER AA 461 49.30 -11.55 44.69
N ILE AA 462 49.34 -12.84 44.36
CA ILE AA 462 49.73 -13.87 45.30
C ILE AA 462 50.87 -14.73 44.78
N GLY AA 463 51.60 -14.25 43.77
CA GLY AA 463 52.70 -14.98 43.20
C GLY AA 463 53.38 -14.25 42.06
N GLU AA 498 64.95 6.44 43.86
CA GLU AA 498 64.98 7.90 43.93
C GLU AA 498 66.09 8.37 44.87
N ARG AA 499 67.18 8.89 44.30
CA ARG AA 499 68.31 9.36 45.09
C ARG AA 499 68.11 10.84 45.45
N ASP AA 500 67.04 11.09 46.19
CA ASP AA 500 66.76 12.40 46.76
C ASP AA 500 66.56 12.22 48.26
N GLN AA 501 67.37 12.93 49.05
CA GLN AA 501 67.39 12.70 50.49
C GLN AA 501 66.12 13.22 51.16
N GLU AA 502 65.63 14.39 50.72
CA GLU AA 502 64.49 15.01 51.39
C GLU AA 502 63.24 14.14 51.27
N VAL AA 503 62.97 13.60 50.09
CA VAL AA 503 61.79 12.76 49.91
C VAL AA 503 61.98 11.42 50.63
N PHE AA 504 63.23 10.95 50.71
CA PHE AA 504 63.49 9.69 51.41
C PHE AA 504 63.20 9.81 52.90
N LEU AA 505 63.59 10.92 53.51
CA LEU AA 505 63.37 11.09 54.95
C LEU AA 505 61.88 11.22 55.28
N ASN AA 506 61.05 11.53 54.28
CA ASN AA 506 59.62 11.72 54.55
C ASN AA 506 58.91 10.39 54.80
N SER AA 507 59.24 9.37 54.01
CA SER AA 507 58.48 8.12 54.06
C SER AA 507 58.71 7.38 55.38
N LEU AA 508 59.94 7.37 55.87
CA LEU AA 508 60.27 6.57 57.05
C LEU AA 508 59.61 7.14 58.30
N SER AA 509 59.36 6.26 59.27
CA SER AA 509 58.76 6.66 60.54
C SER AA 509 59.81 7.28 61.46
N SER AA 510 59.33 7.91 62.52
CA SER AA 510 60.23 8.63 63.44
C SER AA 510 61.20 7.66 64.11
N ASP AA 511 60.72 6.50 64.54
CA ASP AA 511 61.61 5.51 65.15
C ASP AA 511 62.67 5.05 64.17
N GLU AA 512 62.28 4.79 62.92
CA GLU AA 512 63.24 4.40 61.90
C GLU AA 512 64.24 5.51 61.63
N ILE AA 513 63.77 6.76 61.57
CA ILE AA 513 64.65 7.89 61.34
C ILE AA 513 65.67 8.04 62.46
N ASN AA 514 65.25 7.91 63.72
CA ASN AA 514 66.20 8.01 64.82
C ASN AA 514 67.16 6.83 64.84
N GLU AA 515 66.66 5.62 64.56
CA GLU AA 515 67.53 4.45 64.52
C GLU AA 515 68.60 4.58 63.44
N LEU AA 516 68.22 5.08 62.27
CA LEU AA 516 69.18 5.25 61.18
C LEU AA 516 70.26 6.26 61.55
N LYS AA 517 69.87 7.38 62.15
CA LYS AA 517 70.86 8.40 62.49
C LYS AA 517 71.75 7.97 63.65
N GLU AA 518 71.23 7.14 64.55
CA GLU AA 518 72.09 6.56 65.59
C GLU AA 518 73.04 5.52 64.99
N MET AA 519 72.57 4.79 63.98
CA MET AA 519 73.42 3.83 63.28
C MET AA 519 74.58 4.54 62.59
N VAL AA 520 74.29 5.69 61.95
CA VAL AA 520 75.32 6.43 61.23
C VAL AA 520 76.40 6.93 62.16
N LYS AA 521 76.03 7.33 63.38
CA LYS AA 521 76.93 8.02 64.31
C LYS AA 521 78.20 7.22 64.62
N ASP AA 522 78.06 5.94 64.96
CA ASP AA 522 79.19 5.15 65.41
C ASP AA 522 80.23 5.00 64.30
N GLU AA 523 81.51 5.10 64.69
CA GLU AA 523 82.61 5.02 63.73
C GLU AA 523 82.94 3.59 63.32
N HIS AA 524 82.45 2.58 64.06
CA HIS AA 524 82.74 1.20 63.72
C HIS AA 524 81.80 0.64 62.67
N ILE AA 525 80.85 1.46 62.20
CA ILE AA 525 79.76 1.02 61.35
C ILE AA 525 80.27 0.27 60.12
N TYR AA 526 81.32 0.79 59.49
CA TYR AA 526 81.87 0.14 58.31
C TYR AA 526 82.27 -1.29 58.62
N ASP AA 527 83.03 -1.48 59.71
CA ASP AA 527 83.47 -2.83 60.09
C ASP AA 527 82.27 -3.73 60.36
N LYS AA 528 81.15 -3.15 60.80
CA LYS AA 528 79.96 -3.96 61.03
C LYS AA 528 79.32 -4.36 59.72
N LEU AA 529 79.28 -3.44 58.74
CA LEU AA 529 78.53 -3.71 57.51
C LEU AA 529 79.11 -4.88 56.74
N VAL AA 530 80.45 -4.96 56.67
CA VAL AA 530 81.11 -6.03 55.94
C VAL AA 530 80.82 -7.36 56.62
N ARG AA 531 80.42 -7.30 57.89
CA ARG AA 531 80.05 -8.53 58.60
C ARG AA 531 78.59 -8.90 58.39
N SER AA 532 77.75 -7.92 58.04
CA SER AA 532 76.33 -8.21 57.85
C SER AA 532 76.06 -8.85 56.49
N ILE AA 533 76.99 -8.71 55.55
CA ILE AA 533 76.79 -9.29 54.22
C ILE AA 533 76.98 -10.80 54.28
N ALA AA 534 75.98 -11.54 53.81
CA ALA AA 534 76.02 -13.00 53.76
C ALA AA 534 76.41 -13.62 55.10
N PRO AA 535 75.55 -13.55 56.11
CA PRO AA 535 75.91 -14.12 57.42
C PRO AA 535 75.87 -15.63 57.46
N ALA AA 536 75.58 -16.31 56.36
CA ALA AA 536 75.44 -17.77 56.32
C ALA AA 536 76.67 -18.45 55.72
N VAL AA 537 77.81 -17.75 55.69
CA VAL AA 537 79.05 -18.32 55.18
C VAL AA 537 80.16 -18.04 56.17
N PHE AA 538 81.24 -18.82 56.05
CA PHE AA 538 82.39 -18.72 56.94
C PHE AA 538 83.59 -18.21 56.15
N GLY AA 539 84.21 -17.14 56.65
CA GLY AA 539 85.38 -16.59 56.01
C GLY AA 539 85.04 -15.72 54.81
N HIS AA 540 86.09 -15.35 54.07
CA HIS AA 540 85.99 -14.51 52.88
C HIS AA 540 85.38 -13.15 53.21
N GLU AA 541 86.07 -12.42 54.08
CA GLU AA 541 85.67 -11.05 54.41
C GLU AA 541 85.92 -10.09 53.25
N ALA AA 542 86.98 -10.30 52.47
CA ALA AA 542 87.24 -9.46 51.31
C ALA AA 542 86.12 -9.55 50.29
N VAL AA 543 85.57 -10.75 50.09
CA VAL AA 543 84.45 -10.91 49.18
C VAL AA 543 83.25 -10.13 49.68
N LYS AA 544 82.99 -10.17 51.00
CA LYS AA 544 81.89 -9.41 51.57
C LYS AA 544 82.08 -7.91 51.35
N LYS AA 545 83.30 -7.42 51.58
CA LYS AA 545 83.58 -6.00 51.36
C LYS AA 545 83.38 -5.62 49.90
N GLY AA 546 83.85 -6.47 48.98
CA GLY AA 546 83.67 -6.18 47.57
C GLY AA 546 82.21 -6.16 47.16
N ILE AA 547 81.43 -7.11 47.68
CA ILE AA 547 80.00 -7.16 47.37
C ILE AA 547 79.30 -5.92 47.90
N LEU AA 548 79.65 -5.49 49.12
CA LEU AA 548 79.04 -4.29 49.67
C LEU AA 548 79.39 -3.05 48.84
N LEU AA 549 80.65 -2.94 48.41
CA LEU AA 549 81.04 -1.81 47.57
C LEU AA 549 80.30 -1.84 46.25
N GLN AA 550 80.11 -3.04 45.68
CA GLN AA 550 79.35 -3.15 44.45
C GLN AA 550 77.91 -2.69 44.63
N MET AA 551 77.28 -3.11 45.72
CA MET AA 551 75.88 -2.74 45.95
C MET AA 551 75.73 -1.25 46.19
N LEU AA 552 76.69 -0.63 46.89
CA LEU AA 552 76.62 0.81 47.10
C LEU AA 552 76.74 1.57 45.78
N GLY AA 553 77.69 1.18 44.94
CA GLY AA 553 77.81 1.75 43.61
C GLY AA 553 78.59 3.05 43.59
N GLY AA 554 78.77 3.56 42.37
CA GLY AA 554 79.48 4.80 42.16
C GLY AA 554 78.62 5.81 41.42
N VAL AA 555 79.12 7.03 41.36
CA VAL AA 555 78.36 8.13 40.76
C VAL AA 555 78.49 8.08 39.24
N HIS AA 556 77.39 8.41 38.56
CA HIS AA 556 77.36 8.45 37.10
C HIS AA 556 77.37 9.91 36.65
N LYS AA 557 78.25 10.22 35.70
CA LYS AA 557 78.48 11.59 35.28
C LYS AA 557 78.33 11.71 33.76
N SER AA 558 77.92 12.89 33.31
CA SER AA 558 77.79 13.18 31.89
C SER AA 558 78.56 14.46 31.58
N THR AA 559 79.37 14.40 30.53
CA THR AA 559 80.18 15.54 30.12
C THR AA 559 79.38 16.43 29.17
N VAL AA 560 79.79 17.70 29.07
CA VAL AA 560 79.09 18.65 28.23
C VAL AA 560 79.11 18.21 26.76
N GLU AA 561 80.13 17.45 26.37
CA GLU AA 561 80.22 16.96 25.00
C GLU AA 561 79.28 15.80 24.73
N GLY AA 562 78.68 15.22 25.76
CA GLY AA 562 77.72 14.15 25.60
C GLY AA 562 78.24 12.75 25.80
N ILE AA 563 79.50 12.60 26.23
CA ILE AA 563 80.02 11.27 26.53
C ILE AA 563 79.72 10.90 27.98
N LYS AA 564 79.32 9.65 28.18
CA LYS AA 564 78.85 9.15 29.48
C LYS AA 564 80.02 8.44 30.17
N LEU AA 565 80.23 8.75 31.45
CA LEU AA 565 81.25 8.06 32.24
C LEU AA 565 80.61 7.01 33.13
N ARG AA 566 81.15 5.80 33.05
CA ARG AA 566 80.59 4.62 33.71
C ARG AA 566 80.64 4.77 35.23
N GLY AA 567 79.64 4.18 35.89
CA GLY AA 567 79.57 4.21 37.34
C GLY AA 567 79.13 2.89 37.95
N ASP AA 568 79.38 1.79 37.24
CA ASP AA 568 79.00 0.46 37.68
C ASP AA 568 80.25 -0.36 37.96
N ILE AA 569 80.24 -1.10 39.06
CA ILE AA 569 81.38 -1.91 39.48
C ILE AA 569 81.15 -3.36 39.09
N ASN AA 570 82.11 -3.96 38.40
CA ASN AA 570 82.07 -5.35 37.98
C ASN AA 570 83.07 -6.15 38.79
N ILE AA 571 82.67 -7.32 39.28
CA ILE AA 571 83.53 -8.15 40.11
C ILE AA 571 83.62 -9.55 39.52
N CYS AA 572 84.81 -10.13 39.58
CA CYS AA 572 85.03 -11.50 39.16
C CYS AA 572 85.67 -12.28 40.30
N VAL AA 573 85.08 -13.41 40.67
CA VAL AA 573 85.56 -14.25 41.75
C VAL AA 573 85.92 -15.61 41.17
N VAL AA 574 87.15 -16.05 41.42
CA VAL AA 574 87.64 -17.33 40.91
C VAL AA 574 88.18 -18.16 42.06
N GLY AA 575 88.27 -19.46 41.83
CA GLY AA 575 88.78 -20.40 42.81
C GLY AA 575 88.43 -21.82 42.42
N ASP AA 576 89.05 -22.75 43.14
CA ASP AA 576 88.85 -24.18 42.97
C ASP AA 576 87.52 -24.62 43.58
N PRO AA 577 86.99 -25.76 43.16
CA PRO AA 577 85.61 -26.11 43.53
C PRO AA 577 85.42 -26.26 45.04
N SER AA 578 84.15 -26.17 45.46
CA SER AA 578 83.72 -26.30 46.85
C SER AA 578 84.28 -25.19 47.74
N THR AA 579 84.35 -23.97 47.20
CA THR AA 579 84.80 -22.81 47.97
C THR AA 579 83.68 -21.82 48.27
N SER AA 580 82.42 -22.25 48.17
CA SER AA 580 81.26 -21.42 48.44
C SER AA 580 81.20 -20.20 47.54
N LYS AA 581 81.61 -20.35 46.28
CA LYS AA 581 81.49 -19.24 45.34
C LYS AA 581 80.06 -19.04 44.88
N SER AA 582 79.27 -20.11 44.86
CA SER AA 582 77.89 -20.04 44.39
C SER AA 582 76.90 -19.63 45.49
N GLN AA 583 77.34 -19.58 46.75
CA GLN AA 583 76.46 -19.08 47.81
C GLN AA 583 76.35 -17.57 47.77
N PHE AA 584 77.44 -16.89 47.42
CA PHE AA 584 77.42 -15.44 47.31
C PHE AA 584 76.47 -14.97 46.22
N LEU AA 585 76.46 -15.68 45.09
CA LEU AA 585 75.54 -15.32 44.00
C LEU AA 585 74.10 -15.45 44.44
N LYS AA 586 73.76 -16.53 45.15
CA LYS AA 586 72.40 -16.70 45.64
C LYS AA 586 72.04 -15.64 46.67
N TYR AA 587 72.97 -15.28 47.56
CA TYR AA 587 72.69 -14.22 48.52
C TYR AA 587 72.40 -12.90 47.81
N VAL AA 588 73.20 -12.57 46.79
CA VAL AA 588 73.00 -11.32 46.06
C VAL AA 588 71.67 -11.34 45.33
N VAL AA 589 71.36 -12.43 44.65
CA VAL AA 589 70.12 -12.49 43.87
C VAL AA 589 68.90 -12.48 44.79
N GLY AA 590 69.07 -12.97 46.03
CA GLY AA 590 67.95 -12.93 46.97
C GLY AA 590 67.80 -11.57 47.64
N PHE AA 591 68.90 -10.84 47.77
CA PHE AA 591 68.89 -9.61 48.56
C PHE AA 591 68.90 -8.34 47.71
N ALA AA 592 69.46 -8.38 46.50
CA ALA AA 592 69.59 -7.17 45.69
C ALA AA 592 68.38 -7.00 44.78
N PRO AA 593 67.73 -5.85 44.79
CA PRO AA 593 66.59 -5.63 43.89
C PRO AA 593 67.01 -5.60 42.43
N ARG AA 594 66.09 -6.01 41.55
CA ARG AA 594 66.29 -5.98 40.11
C ARG AA 594 67.53 -6.75 39.68
N SER AA 595 67.82 -7.84 40.38
CA SER AA 595 68.97 -8.68 40.08
C SER AA 595 68.51 -9.98 39.43
N VAL AA 596 69.33 -10.52 38.54
CA VAL AA 596 69.01 -11.76 37.85
C VAL AA 596 70.17 -12.73 38.00
N TYR AA 597 69.86 -14.01 37.84
CA TYR AA 597 70.82 -15.10 37.95
C TYR AA 597 70.87 -15.85 36.62
N THR AA 598 72.07 -16.18 36.16
CA THR AA 598 72.20 -16.90 34.91
C THR AA 598 73.54 -17.64 34.89
N SER AA 599 73.65 -18.59 33.97
CA SER AA 599 74.85 -19.37 33.78
C SER AA 599 75.52 -18.99 32.45
N GLY AA 600 76.70 -19.55 32.23
CA GLY AA 600 77.44 -19.29 31.02
C GLY AA 600 76.70 -19.71 29.77
N LYS AA 601 76.45 -21.01 29.62
CA LYS AA 601 75.69 -21.49 28.48
C LYS AA 601 74.20 -21.36 28.77
N ALA AA 602 73.46 -20.78 27.82
CA ALA AA 602 72.05 -20.51 27.99
C ALA AA 602 71.24 -21.23 26.92
N SER AA 603 70.10 -21.80 27.33
CA SER AA 603 69.25 -22.53 26.40
C SER AA 603 68.46 -21.58 25.51
N SER AA 604 68.16 -20.38 25.99
CA SER AA 604 67.35 -19.44 25.23
C SER AA 604 68.08 -18.94 24.00
N ALA AA 605 67.30 -18.57 22.98
CA ALA AA 605 67.88 -18.00 21.76
C ALA AA 605 68.59 -16.69 22.06
N ALA AA 606 67.96 -15.83 22.87
CA ALA AA 606 68.62 -14.62 23.37
C ALA AA 606 69.39 -15.03 24.62
N GLY AA 607 70.56 -15.63 24.41
CA GLY AA 607 71.27 -16.25 25.51
C GLY AA 607 71.66 -15.25 26.59
N LEU AA 608 72.35 -14.18 26.21
CA LEU AA 608 72.77 -13.21 27.21
C LEU AA 608 72.59 -11.76 26.78
N THR AA 609 72.39 -11.47 25.49
CA THR AA 609 72.25 -10.07 25.09
C THR AA 609 70.87 -9.76 24.52
N ALA AA 610 70.50 -10.43 23.43
CA ALA AA 610 69.26 -10.11 22.72
C ALA AA 610 69.08 -11.07 21.55
N ALA AA 611 67.84 -11.16 21.08
CA ALA AA 611 67.52 -11.89 19.85
C ALA AA 611 66.34 -11.21 19.19
N VAL AA 612 66.22 -11.44 17.88
CA VAL AA 612 65.17 -10.85 17.06
C VAL AA 612 64.21 -11.96 16.68
N VAL AA 613 62.94 -11.81 17.06
CA VAL AA 613 61.91 -12.83 16.82
C VAL AA 613 60.68 -12.14 16.24
N ARG AA 614 60.02 -12.82 15.31
CA ARG AA 614 58.81 -12.29 14.71
C ARG AA 614 57.66 -12.30 15.73
N ASP AA 615 56.71 -11.40 15.51
CA ASP AA 615 55.58 -11.26 16.43
C ASP AA 615 54.71 -12.50 16.41
N GLU AA 616 54.27 -12.93 17.59
CA GLU AA 616 53.36 -14.07 17.69
C GLU AA 616 51.95 -13.69 17.27
N GLU AA 617 51.55 -12.44 17.50
CA GLU AA 617 50.21 -11.97 17.19
C GLU AA 617 50.22 -10.64 16.44
N GLY AA 618 51.34 -10.30 15.80
CA GLY AA 618 51.44 -9.06 15.07
C GLY AA 618 52.20 -9.25 13.76
N GLY AA 619 52.31 -8.16 13.01
CA GLY AA 619 53.00 -8.18 11.73
C GLY AA 619 54.29 -7.39 11.74
N ASP AA 620 55.06 -7.52 12.82
CA ASP AA 620 56.29 -6.75 12.99
C ASP AA 620 57.33 -7.65 13.64
N TYR AA 621 58.59 -7.21 13.63
CA TYR AA 621 59.69 -7.88 14.29
C TYR AA 621 59.85 -7.29 15.68
N THR AA 622 59.90 -8.14 16.70
CA THR AA 622 60.12 -7.66 18.06
C THR AA 622 61.52 -8.09 18.53
N ILE AA 623 61.86 -7.76 19.77
CA ILE AA 623 63.17 -8.05 20.34
C ILE AA 623 62.95 -8.75 21.67
N GLU AA 624 63.56 -9.92 21.84
CA GLU AA 624 63.51 -10.60 23.12
C GLU AA 624 64.61 -10.08 24.04
N ALA AA 625 64.52 -10.45 25.32
CA ALA AA 625 65.40 -9.93 26.36
C ALA AA 625 66.33 -11.01 26.86
N GLY AA 626 67.63 -10.72 26.85
CA GLY AA 626 68.60 -11.59 27.48
C GLY AA 626 68.76 -11.29 28.96
N ALA AA 627 69.64 -12.05 29.61
CA ALA AA 627 69.86 -11.84 31.04
C ALA AA 627 70.45 -10.47 31.32
N LEU AA 628 71.32 -9.98 30.42
CA LEU AA 628 71.89 -8.65 30.61
C LEU AA 628 70.83 -7.57 30.50
N MET AA 629 69.88 -7.72 29.58
CA MET AA 629 68.84 -6.72 29.40
C MET AA 629 67.87 -6.71 30.58
N LEU AA 630 67.57 -7.88 31.13
CA LEU AA 630 66.58 -8.00 32.20
C LEU AA 630 67.14 -7.52 33.54
N ALA AA 631 68.34 -6.95 33.51
CA ALA AA 631 68.98 -6.51 34.75
C ALA AA 631 69.33 -5.03 34.73
N ASP AA 632 68.64 -4.23 33.92
CA ASP AA 632 68.92 -2.80 33.87
C ASP AA 632 68.76 -2.18 35.25
N ASN AA 633 69.75 -1.38 35.64
CA ASN AA 633 69.84 -0.83 36.99
C ASN AA 633 69.79 -1.94 38.03
N GLY AA 634 70.50 -3.03 37.78
CA GLY AA 634 70.53 -4.16 38.68
C GLY AA 634 71.79 -4.98 38.49
N ILE AA 635 71.91 -6.02 39.31
CA ILE AA 635 73.08 -6.89 39.27
C ILE AA 635 72.74 -8.16 38.50
N CYS AA 636 73.64 -8.56 37.60
CA CYS AA 636 73.53 -9.83 36.90
C CYS AA 636 74.60 -10.77 37.44
N CYS AA 637 74.16 -11.92 37.95
CA CYS AA 637 75.05 -12.90 38.56
C CYS AA 637 75.29 -14.01 37.55
N ILE AA 638 76.50 -14.05 37.00
CA ILE AA 638 76.87 -15.03 35.98
C ILE AA 638 77.69 -16.13 36.64
N ASP AA 639 77.27 -17.37 36.41
CA ASP AA 639 77.96 -18.55 36.93
C ASP AA 639 78.48 -19.37 35.76
N GLU AA 640 79.57 -20.10 36.02
CA GLU AA 640 80.25 -20.89 34.99
C GLU AA 640 80.63 -20.00 33.80
N PHE AA 641 81.33 -18.91 34.12
CA PHE AA 641 81.66 -17.86 33.17
C PHE AA 641 82.68 -18.31 32.12
N ASP AA 642 83.31 -19.48 32.30
CA ASP AA 642 84.34 -19.92 31.37
C ASP AA 642 83.75 -20.36 30.03
N LYS AA 643 82.63 -21.09 30.07
CA LYS AA 643 82.13 -21.80 28.90
C LYS AA 643 81.21 -20.95 28.03
N MET AA 644 81.37 -19.63 28.07
CA MET AA 644 80.57 -18.77 27.21
C MET AA 644 80.96 -18.94 25.74
N ASP AA 645 80.01 -18.65 24.86
CA ASP AA 645 80.23 -18.70 23.43
C ASP AA 645 80.94 -17.44 22.96
N ILE AA 646 81.81 -17.59 21.95
CA ILE AA 646 82.63 -16.50 21.48
C ILE AA 646 81.77 -15.35 20.93
N SER AA 647 80.68 -15.67 20.23
CA SER AA 647 79.78 -14.64 19.75
C SER AA 647 79.11 -13.87 20.87
N ASP AA 648 79.15 -14.39 22.10
CA ASP AA 648 78.70 -13.66 23.28
C ASP AA 648 79.81 -12.91 23.98
N GLN AA 649 81.03 -13.47 23.99
CA GLN AA 649 82.17 -12.73 24.53
C GLN AA 649 82.43 -11.46 23.74
N VAL AA 650 82.34 -11.54 22.41
CA VAL AA 650 82.49 -10.34 21.60
C VAL AA 650 81.31 -9.39 21.80
N ALA AA 651 80.13 -9.94 22.09
CA ALA AA 651 78.96 -9.09 22.28
C ALA AA 651 79.04 -8.30 23.58
N ILE AA 652 79.62 -8.89 24.62
CA ILE AA 652 79.70 -8.25 25.93
C ILE AA 652 80.76 -7.15 25.91
N HIS AA 653 81.56 -7.10 24.84
CA HIS AA 653 82.55 -6.04 24.68
C HIS AA 653 81.95 -4.65 24.68
N GLU AA 654 80.66 -4.53 24.36
CA GLU AA 654 79.97 -3.25 24.39
C GLU AA 654 79.20 -3.00 25.66
N ALA AA 655 78.63 -4.04 26.27
CA ALA AA 655 77.78 -3.87 27.44
C ALA AA 655 78.59 -3.47 28.68
N MET AA 656 79.81 -4.00 28.82
CA MET AA 656 80.59 -3.70 30.01
C MET AA 656 81.06 -2.26 30.05
N GLU AA 657 81.36 -1.66 28.90
CA GLU AA 657 81.93 -0.31 28.88
C GLU AA 657 80.93 0.76 28.44
N GLN AA 658 80.33 0.61 27.28
CA GLN AA 658 79.34 1.57 26.79
C GLN AA 658 77.94 1.31 27.33
N GLN AA 659 77.71 0.15 27.94
CA GLN AA 659 76.44 -0.18 28.57
C GLN AA 659 75.27 -0.08 27.58
N THR AA 660 75.52 -0.53 26.35
CA THR AA 660 74.51 -0.56 25.32
C THR AA 660 74.70 -1.82 24.48
N ILE AA 661 73.63 -2.22 23.79
CA ILE AA 661 73.67 -3.29 22.81
C ILE AA 661 73.09 -2.75 21.50
N SER AA 662 73.84 -2.88 20.41
CA SER AA 662 73.47 -2.31 19.12
C SER AA 662 73.43 -3.43 18.09
N ILE AA 663 72.24 -3.71 17.57
CA ILE AA 663 72.05 -4.77 16.58
C ILE AA 663 71.49 -4.16 15.30
N ALA AA 664 71.82 -4.78 14.16
CA ALA AA 664 71.29 -4.35 12.88
C ALA AA 664 71.17 -5.54 11.93
N LYS AA 665 69.99 -6.13 11.88
CA LYS AA 665 69.71 -7.28 11.03
C LYS AA 665 68.56 -6.95 10.07
N ALA AA 666 68.06 -7.95 9.36
CA ALA AA 666 67.07 -7.72 8.32
C ALA AA 666 65.80 -7.08 8.87
N GLY AA 667 65.34 -7.55 10.04
CA GLY AA 667 64.08 -7.06 10.56
C GLY AA 667 64.20 -5.69 11.19
N ILE AA 668 64.97 -5.58 12.26
CA ILE AA 668 64.94 -4.39 13.11
C ILE AA 668 66.35 -3.84 13.32
N HIS AA 669 66.44 -2.53 13.59
CA HIS AA 669 67.69 -1.90 13.99
C HIS AA 669 67.41 -1.10 15.25
N ALA AA 670 68.22 -1.29 16.29
CA ALA AA 670 67.99 -0.61 17.55
C ALA AA 670 69.27 -0.53 18.35
N THR AA 671 69.28 0.39 19.32
CA THR AA 671 70.37 0.53 20.28
C THR AA 671 69.77 0.28 21.66
N LEU AA 672 69.92 -0.94 22.17
CA LEU AA 672 69.28 -1.35 23.42
C LEU AA 672 70.06 -0.78 24.60
N ASN AA 673 69.57 -1.03 25.81
CA ASN AA 673 70.16 -0.49 27.03
C ASN AA 673 70.45 -1.60 28.01
N ALA AA 674 71.71 -1.70 28.45
CA ALA AA 674 72.12 -2.62 29.48
C ALA AA 674 73.03 -1.88 30.47
N ARG AA 675 72.41 -1.20 31.43
CA ARG AA 675 73.16 -0.50 32.48
C ARG AA 675 73.18 -1.36 33.74
N THR AA 676 73.89 -2.49 33.63
CA THR AA 676 73.90 -3.50 34.67
C THR AA 676 75.32 -3.76 35.16
N SER AA 677 75.44 -3.97 36.47
CA SER AA 677 76.68 -4.47 37.04
C SER AA 677 76.73 -6.00 36.89
N ILE AA 678 77.95 -6.52 36.87
CA ILE AA 678 78.19 -7.94 36.62
C ILE AA 678 78.98 -8.52 37.77
N LEU AA 679 78.47 -9.61 38.37
CA LEU AA 679 79.21 -10.39 39.34
C LEU AA 679 79.39 -11.78 38.75
N ALA AA 680 80.63 -12.14 38.44
CA ALA AA 680 80.91 -13.35 37.70
C ALA AA 680 81.69 -14.34 38.55
N ALA AA 681 81.42 -15.62 38.33
CA ALA AA 681 82.14 -16.69 39.00
C ALA AA 681 82.78 -17.58 37.94
N ALA AA 682 84.06 -17.89 38.13
CA ALA AA 682 84.82 -18.64 37.13
C ALA AA 682 85.73 -19.64 37.83
N ASN AA 683 86.06 -20.70 37.09
CA ASN AA 683 86.98 -21.73 37.56
C ASN AA 683 88.31 -21.64 36.81
N PRO AA 684 89.41 -21.97 37.47
CA PRO AA 684 90.70 -21.99 36.77
C PRO AA 684 90.74 -23.06 35.69
N VAL AA 685 91.52 -22.77 34.66
CA VAL AA 685 91.71 -23.72 33.56
C VAL AA 685 92.62 -24.84 34.04
N GLY AA 686 92.21 -26.08 33.79
CA GLY AA 686 92.93 -27.25 34.26
C GLY AA 686 92.37 -27.86 35.53
N GLY AA 687 91.42 -27.21 36.19
CA GLY AA 687 90.78 -27.80 37.34
C GLY AA 687 91.18 -27.20 38.67
N ARG AA 688 92.47 -26.88 38.83
CA ARG AA 688 92.97 -26.41 40.10
C ARG AA 688 93.87 -25.19 39.91
N TYR AA 689 93.84 -24.29 40.89
CA TYR AA 689 94.72 -23.14 40.90
C TYR AA 689 96.17 -23.57 41.10
N ASN AA 690 97.07 -22.88 40.41
CA ASN AA 690 98.51 -23.07 40.60
C ASN AA 690 99.06 -21.82 41.26
N ARG AA 691 99.74 -22.00 42.40
CA ARG AA 691 100.16 -20.88 43.23
C ARG AA 691 101.47 -20.23 42.75
N LYS AA 692 101.89 -20.50 41.52
CA LYS AA 692 103.04 -19.82 40.93
C LYS AA 692 102.74 -19.19 39.58
N LEU AA 693 101.66 -19.61 38.92
CA LEU AA 693 101.22 -18.92 37.71
C LEU AA 693 100.33 -17.74 38.07
N SER AA 694 100.30 -16.76 37.17
CA SER AA 694 99.53 -15.55 37.39
C SER AA 694 98.04 -15.80 37.10
N LEU AA 695 97.25 -14.75 37.28
CA LEU AA 695 95.83 -14.83 36.95
C LEU AA 695 95.62 -15.07 35.46
N ARG AA 696 96.49 -14.50 34.63
CA ARG AA 696 96.29 -14.58 33.18
C ARG AA 696 96.45 -16.01 32.67
N GLY AA 697 97.54 -16.67 33.04
CA GLY AA 697 97.82 -18.00 32.53
C GLY AA 697 96.82 -19.02 33.01
N ASN AA 698 96.40 -18.89 34.27
CA ASN AA 698 95.44 -19.83 34.82
C ASN AA 698 94.04 -19.59 34.27
N LEU AA 699 93.67 -18.33 34.06
CA LEU AA 699 92.39 -17.99 33.47
C LEU AA 699 92.48 -18.05 31.95
N ASN AA 700 91.33 -17.89 31.30
CA ASN AA 700 91.23 -18.02 29.85
C ASN AA 700 90.79 -16.73 29.18
N MET AA 701 90.33 -15.74 29.95
CA MET AA 701 89.84 -14.50 29.37
C MET AA 701 90.95 -13.72 28.66
N THR AA 702 90.59 -12.95 27.64
CA THR AA 702 91.53 -12.13 26.91
C THR AA 702 91.71 -10.78 27.60
N ALA AA 703 92.79 -10.09 27.25
CA ALA AA 703 93.10 -8.81 27.88
C ALA AA 703 92.00 -7.77 27.71
N PRO AA 704 91.34 -7.63 26.55
CA PRO AA 704 90.14 -6.76 26.51
C PRO AA 704 89.15 -7.03 27.62
N ILE AA 705 88.65 -8.26 27.73
CA ILE AA 705 87.65 -8.58 28.75
C ILE AA 705 88.21 -8.51 30.16
N MET AA 706 89.45 -8.94 30.38
CA MET AA 706 90.05 -8.95 31.70
C MET AA 706 90.25 -7.54 32.27
N SER AA 707 90.48 -6.55 31.41
CA SER AA 707 90.73 -5.20 31.88
C SER AA 707 89.45 -4.45 32.24
N ARG AA 708 88.29 -5.01 31.93
CA ARG AA 708 87.01 -4.37 32.23
C ARG AA 708 86.43 -4.79 33.57
N PHE AA 709 87.12 -5.64 34.31
CA PHE AA 709 86.65 -6.09 35.62
C PHE AA 709 87.33 -5.25 36.71
N ASP AA 710 86.51 -4.59 37.53
CA ASP AA 710 87.04 -3.69 38.55
C ASP AA 710 87.83 -4.44 39.60
N LEU AA 711 87.32 -5.58 40.06
CA LEU AA 711 87.97 -6.34 41.12
C LEU AA 711 88.06 -7.81 40.75
N PHE AA 712 89.21 -8.41 41.04
CA PHE AA 712 89.45 -9.84 40.94
C PHE AA 712 89.66 -10.39 42.34
N PHE AA 713 88.92 -11.45 42.69
CA PHE AA 713 89.06 -12.08 43.98
C PHE AA 713 89.33 -13.57 43.80
N VAL AA 714 90.52 -14.00 44.20
CA VAL AA 714 90.94 -15.39 44.13
C VAL AA 714 90.76 -15.98 45.52
N ILE AA 715 89.87 -16.95 45.66
CA ILE AA 715 89.61 -17.60 46.94
C ILE AA 715 90.11 -19.04 46.88
N LEU AA 716 90.93 -19.41 47.86
CA LEU AA 716 91.63 -20.69 47.88
C LEU AA 716 91.36 -21.39 49.21
N ASP AA 717 91.02 -22.68 49.14
CA ASP AA 717 90.92 -23.48 50.34
C ASP AA 717 92.18 -24.31 50.53
N ASP AA 718 92.45 -24.67 51.78
CA ASP AA 718 93.64 -25.44 52.13
C ASP AA 718 93.24 -26.60 53.01
N CYS AA 719 93.93 -27.73 52.82
CA CYS AA 719 93.62 -28.97 53.52
C CYS AA 719 94.58 -29.12 54.69
N ASN AA 720 94.17 -28.61 55.85
CA ASN AA 720 94.90 -28.78 57.10
C ASN AA 720 93.93 -29.29 58.17
N GLU AA 721 94.48 -29.94 59.18
CA GLU AA 721 93.67 -30.66 60.16
C GLU AA 721 92.71 -29.77 60.95
N LYS AA 722 93.07 -28.50 61.14
CA LYS AA 722 92.32 -27.67 62.08
C LYS AA 722 91.22 -26.85 61.40
N ILE AA 723 91.50 -26.23 60.25
CA ILE AA 723 90.51 -25.38 59.61
C ILE AA 723 89.32 -26.21 59.12
N ASP AA 724 89.59 -27.43 58.66
CA ASP AA 724 88.51 -28.30 58.21
C ASP AA 724 87.54 -28.60 59.35
N THR AA 725 88.06 -28.79 60.56
CA THR AA 725 87.19 -29.00 61.72
C THR AA 725 86.28 -27.80 61.95
N GLU AA 726 86.83 -26.59 61.88
CA GLU AA 726 86.02 -25.39 62.08
C GLU AA 726 84.95 -25.26 60.99
N LEU AA 727 85.33 -25.50 59.74
CA LEU AA 727 84.37 -25.39 58.65
C LEU AA 727 83.25 -26.41 58.79
N ALA AA 728 83.60 -27.66 59.09
CA ALA AA 728 82.57 -28.68 59.27
C ALA AA 728 81.67 -28.36 60.44
N SER AA 729 82.25 -27.92 61.56
CA SER AA 729 81.45 -27.57 62.72
C SER AA 729 80.48 -26.44 62.39
N HIS AA 730 80.97 -25.40 61.70
CA HIS AA 730 80.11 -24.28 61.35
C HIS AA 730 78.98 -24.71 60.43
N ILE AA 731 79.28 -25.52 59.41
CA ILE AA 731 78.26 -25.91 58.46
C ILE AA 731 77.24 -26.85 59.11
N VAL AA 732 77.66 -27.56 60.16
CA VAL AA 732 76.73 -28.50 60.80
C VAL AA 732 76.02 -27.90 62.01
N ASP AA 733 76.41 -26.71 62.48
CA ASP AA 733 75.61 -26.04 63.51
C ASP AA 733 74.23 -25.71 62.97
N LEU AA 734 74.11 -25.53 61.66
CA LEU AA 734 72.81 -25.45 61.04
C LEU AA 734 72.17 -26.84 61.01
N HIS AA 735 70.92 -26.87 60.53
CA HIS AA 735 70.14 -28.10 60.38
C HIS AA 735 69.65 -28.64 61.72
N MET AA 736 70.10 -28.04 62.84
CA MET AA 736 69.43 -28.29 64.11
C MET AA 736 68.67 -27.05 64.58
N LYS AA 737 69.32 -25.88 64.56
CA LYS AA 737 68.67 -24.62 64.87
C LYS AA 737 68.79 -23.72 63.66
N ARG AA 738 67.67 -23.48 62.99
CA ARG AA 738 67.69 -22.83 61.69
C ARG AA 738 67.95 -21.33 61.81
N ASP AA 739 67.65 -20.74 62.98
CA ASP AA 739 67.74 -19.30 63.15
C ASP AA 739 68.83 -18.85 64.10
N GLU AA 740 69.10 -19.59 65.18
CA GLU AA 740 70.06 -19.16 66.18
C GLU AA 740 71.50 -19.50 65.82
N ALA AA 741 71.73 -20.17 64.68
CA ALA AA 741 73.09 -20.55 64.32
C ALA AA 741 73.94 -19.34 63.96
N ILE AA 742 73.34 -18.33 63.35
CA ILE AA 742 74.06 -17.16 62.84
C ILE AA 742 73.49 -15.91 63.50
N GLU AA 743 74.39 -14.97 63.83
CA GLU AA 743 74.01 -13.74 64.51
C GLU AA 743 74.82 -12.59 63.94
N PRO AA 744 74.24 -11.82 63.03
CA PRO AA 744 74.93 -10.67 62.46
C PRO AA 744 74.61 -9.40 63.24
N PRO AA 745 75.46 -8.36 63.13
CA PRO AA 745 75.14 -7.10 63.83
C PRO AA 745 73.85 -6.45 63.38
N PHE AA 746 73.50 -6.58 62.11
CA PHE AA 746 72.29 -5.98 61.56
C PHE AA 746 71.49 -7.02 60.79
N SER AA 747 70.17 -6.92 60.88
CA SER AA 747 69.29 -7.80 60.14
C SER AA 747 69.25 -7.38 58.66
N ALA AA 748 68.52 -8.17 57.87
CA ALA AA 748 68.42 -7.89 56.45
C ALA AA 748 67.75 -6.55 56.19
N GLU AA 749 66.70 -6.24 56.94
CA GLU AA 749 65.94 -5.02 56.68
C GLU AA 749 66.74 -3.77 57.03
N GLN AA 750 67.49 -3.79 58.14
CA GLN AA 750 68.29 -2.63 58.50
C GLN AA 750 69.37 -2.36 57.45
N LEU AA 751 70.03 -3.41 56.97
CA LEU AA 751 71.02 -3.25 55.92
C LEU AA 751 70.38 -2.73 54.63
N ARG AA 752 69.22 -3.28 54.27
CA ARG AA 752 68.52 -2.85 53.07
C ARG AA 752 68.09 -1.39 53.14
N ARG AA 753 67.70 -0.91 54.31
CA ARG AA 753 67.38 0.50 54.51
C ARG AA 753 68.63 1.37 54.48
N TYR AA 754 69.72 0.91 55.11
CA TYR AA 754 70.94 1.71 55.13
C TYR AA 754 71.54 1.88 53.75
N ILE AA 755 71.50 0.83 52.92
CA ILE AA 755 72.04 0.94 51.57
C ILE AA 755 71.25 1.97 50.77
N LYS AA 756 69.93 1.93 50.87
CA LYS AA 756 69.09 2.87 50.14
C LYS AA 756 69.31 4.29 50.63
N TYR AA 757 69.49 4.48 51.94
CA TYR AA 757 69.75 5.82 52.45
C TYR AA 757 71.12 6.31 52.02
N ALA AA 758 72.12 5.42 51.99
CA ALA AA 758 73.48 5.84 51.65
C ALA AA 758 73.61 6.17 50.17
N ARG AA 759 72.82 5.50 49.32
CA ARG AA 759 72.91 5.78 47.89
C ARG AA 759 72.43 7.18 47.53
N THR AA 760 71.77 7.89 48.44
CA THR AA 760 71.33 9.25 48.14
C THR AA 760 72.52 10.21 48.04
N PHE AA 761 73.56 9.96 48.82
CA PHE AA 761 74.74 10.83 48.79
C PHE AA 761 75.46 10.72 47.46
N LYS AA 762 76.11 11.82 47.08
CA LYS AA 762 76.94 11.88 45.87
C LYS AA 762 78.22 12.62 46.19
N PRO AA 763 79.30 11.93 46.51
CA PRO AA 763 80.52 12.61 46.97
C PRO AA 763 81.21 13.39 45.86
N ILE AA 764 82.06 14.33 46.30
CA ILE AA 764 82.91 15.11 45.40
C ILE AA 764 84.36 14.89 45.78
N LEU AA 765 85.29 15.42 44.99
CA LEU AA 765 86.71 15.26 45.22
C LEU AA 765 87.31 16.56 45.70
N THR AA 766 88.23 16.48 46.66
CA THR AA 766 88.88 17.65 47.21
C THR AA 766 90.14 17.99 46.42
N LYS AA 767 90.89 18.98 46.93
CA LYS AA 767 92.08 19.44 46.22
C LYS AA 767 93.24 18.46 46.35
N GLU AA 768 93.48 17.94 47.56
CA GLU AA 768 94.60 17.03 47.75
C GLU AA 768 94.28 15.63 47.24
N ALA AA 769 92.99 15.29 47.16
CA ALA AA 769 92.61 13.98 46.66
C ALA AA 769 93.02 13.80 45.21
N ARG AA 770 92.89 14.86 44.40
CA ARG AA 770 93.28 14.76 42.99
C ARG AA 770 94.78 14.54 42.85
N SER AA 771 95.59 15.26 43.64
CA SER AA 771 97.03 15.06 43.59
C SER AA 771 97.41 13.66 44.02
N TYR AA 772 96.78 13.16 45.09
CA TYR AA 772 97.08 11.80 45.52
C TYR AA 772 96.68 10.79 44.46
N LEU AA 773 95.54 11.02 43.79
CA LEU AA 773 95.09 10.12 42.75
C LEU AA 773 96.07 10.07 41.59
N VAL AA 774 96.54 11.23 41.13
CA VAL AA 774 97.47 11.23 39.99
C VAL AA 774 98.79 10.61 40.40
N GLU AA 775 99.25 10.84 41.64
CA GLU AA 775 100.49 10.23 42.09
C GLU AA 775 100.37 8.71 42.13
N LYS AA 776 99.25 8.20 42.65
CA LYS AA 776 99.07 6.74 42.72
C LYS AA 776 98.96 6.13 41.33
N TYR AA 777 98.27 6.81 40.41
CA TYR AA 777 98.20 6.30 39.04
C TYR AA 777 99.58 6.24 38.40
N LYS AA 778 100.38 7.28 38.59
CA LYS AA 778 101.74 7.28 38.04
C LYS AA 778 102.58 6.15 38.64
N GLU AA 779 102.47 5.95 39.96
CA GLU AA 779 103.22 4.87 40.60
C GLU AA 779 102.79 3.51 40.08
N LEU AA 780 101.48 3.30 39.93
CA LEU AA 780 101.00 2.02 39.43
C LEU AA 780 101.47 1.77 38.00
N ARG AA 781 101.43 2.80 37.15
CA ARG AA 781 101.91 2.66 35.78
C ARG AA 781 103.39 2.34 35.75
N LYS AA 782 104.18 2.99 36.61
CA LYS AA 782 105.60 2.69 36.69
C LYS AA 782 105.83 1.24 37.13
N ASP AA 783 105.07 0.79 38.12
CA ASP AA 783 105.26 -0.57 38.64
C ASP AA 783 104.86 -1.62 37.61
N ASP AA 784 103.87 -1.31 36.77
CA ASP AA 784 103.43 -2.28 35.77
C ASP AA 784 104.54 -2.59 34.77
N ALA AA 785 105.25 -1.56 34.32
CA ALA AA 785 106.30 -1.75 33.32
C ALA AA 785 107.49 -2.53 33.91
N SER AA 792 103.10 -0.65 29.10
CA SER AA 792 101.66 -0.64 29.31
C SER AA 792 101.02 -1.90 28.77
N TYR AA 793 100.76 -2.85 29.66
CA TYR AA 793 100.25 -4.15 29.24
C TYR AA 793 98.95 -4.49 29.97
N ARG AA 794 98.88 -4.17 31.26
CA ARG AA 794 97.71 -4.44 32.08
C ARG AA 794 97.05 -3.18 32.65
N ILE AA 795 97.77 -2.06 32.71
CA ILE AA 795 97.30 -0.86 33.39
C ILE AA 795 96.98 0.18 32.32
N THR AA 796 95.76 0.71 32.37
CA THR AA 796 95.27 1.73 31.44
C THR AA 796 94.52 2.81 32.22
N VAL AA 797 93.90 3.73 31.47
CA VAL AA 797 93.09 4.77 32.08
C VAL AA 797 91.91 4.17 32.83
N ARG AA 798 91.40 3.05 32.34
CA ARG AA 798 90.26 2.38 32.98
C ARG AA 798 90.57 2.02 34.44
N GLN AA 799 91.83 1.73 34.74
CA GLN AA 799 92.20 1.44 36.13
C GLN AA 799 92.06 2.68 37.01
N LEU AA 800 92.48 3.84 36.50
CA LEU AA 800 92.30 5.08 37.25
C LEU AA 800 90.83 5.40 37.46
N GLU AA 801 90.01 5.20 36.41
CA GLU AA 801 88.58 5.42 36.55
C GLU AA 801 87.96 4.47 37.58
N SER AA 802 88.40 3.20 37.58
CA SER AA 802 87.92 2.26 38.57
C SER AA 802 88.35 2.63 39.97
N MET AA 803 89.56 3.16 40.13
CA MET AA 803 89.99 3.64 41.44
C MET AA 803 89.12 4.80 41.92
N ILE AA 804 88.78 5.72 41.01
CA ILE AA 804 87.86 6.80 41.36
C ILE AA 804 86.52 6.23 41.81
N ARG AA 805 86.00 5.25 41.07
CA ARG AA 805 84.72 4.64 41.41
C ARG AA 805 84.76 3.99 42.79
N LEU AA 806 85.84 3.25 43.08
CA LEU AA 806 85.96 2.58 44.37
C LEU AA 806 86.07 3.60 45.50
N SER AA 807 86.81 4.70 45.27
CA SER AA 807 86.90 5.74 46.29
C SER AA 807 85.53 6.35 46.57
N GLU AA 808 84.75 6.62 45.51
CA GLU AA 808 83.41 7.17 45.71
C GLU AA 808 82.51 6.20 46.46
N ALA AA 809 82.59 4.90 46.14
CA ALA AA 809 81.78 3.93 46.85
C ALA AA 809 82.17 3.84 48.32
N ILE AA 810 83.48 3.83 48.61
CA ILE AA 810 83.93 3.78 50.00
C ILE AA 810 83.49 5.02 50.76
N ALA AA 811 83.51 6.18 50.09
CA ALA AA 811 82.96 7.39 50.69
C ALA AA 811 81.46 7.29 50.95
N ARG AA 812 80.71 6.68 50.04
CA ARG AA 812 79.28 6.46 50.27
C ARG AA 812 79.06 5.55 51.46
N ALA AA 813 79.99 4.62 51.71
CA ALA AA 813 79.85 3.70 52.83
C ALA AA 813 79.85 4.45 54.16
N ASN AA 814 80.70 5.47 54.27
CA ASN AA 814 80.86 6.22 55.52
C ASN AA 814 79.86 7.36 55.66
N CYS AA 815 78.97 7.55 54.70
CA CYS AA 815 77.98 8.63 54.71
C CYS AA 815 78.65 10.00 54.82
N VAL AA 816 79.63 10.22 53.95
CA VAL AA 816 80.37 11.48 53.88
C VAL AA 816 80.32 11.99 52.46
N ASP AA 817 80.09 13.30 52.33
CA ASP AA 817 79.95 13.94 51.03
C ASP AA 817 81.27 14.50 50.51
N GLU AA 818 82.37 14.26 51.22
CA GLU AA 818 83.70 14.68 50.79
C GLU AA 818 84.63 13.48 50.83
N ILE AA 819 85.60 13.47 49.91
CA ILE AA 819 86.52 12.35 49.74
C ILE AA 819 87.87 12.74 50.32
N THR AA 820 88.42 11.89 51.19
CA THR AA 820 89.67 12.00 51.91
C THR AA 820 90.71 11.07 51.29
N PRO AA 821 91.99 11.49 51.23
CA PRO AA 821 93.01 10.62 50.63
C PRO AA 821 93.13 9.25 51.26
N SER AA 822 92.63 9.05 52.49
CA SER AA 822 92.60 7.71 53.07
C SER AA 822 91.73 6.78 52.23
N PHE AA 823 90.62 7.29 51.70
CA PHE AA 823 89.78 6.49 50.83
C PHE AA 823 90.51 6.08 49.55
N ILE AA 824 91.27 7.01 48.96
CA ILE AA 824 92.05 6.68 47.78
C ILE AA 824 93.12 5.66 48.12
N ALA AA 825 93.72 5.75 49.30
CA ALA AA 825 94.70 4.75 49.72
C ALA AA 825 94.05 3.37 49.85
N GLU AA 826 92.85 3.31 50.42
CA GLU AA 826 92.14 2.04 50.53
C GLU AA 826 91.82 1.47 49.15
N ALA AA 827 91.35 2.32 48.23
CA ALA AA 827 91.06 1.85 46.88
C ALA AA 827 92.32 1.37 46.17
N TYR AA 828 93.43 2.08 46.36
CA TYR AA 828 94.70 1.67 45.78
C TYR AA 828 95.14 0.31 46.32
N ASP AA 829 94.98 0.10 47.62
CA ASP AA 829 95.31 -1.20 48.21
C ASP AA 829 94.42 -2.30 47.64
N LEU AA 830 93.13 -2.02 47.48
CA LEU AA 830 92.23 -3.01 46.89
C LEU AA 830 92.62 -3.35 45.46
N LEU AA 831 93.00 -2.34 44.67
CA LEU AA 831 93.46 -2.60 43.31
C LEU AA 831 94.75 -3.41 43.29
N ARG AA 832 95.68 -3.09 44.20
CA ARG AA 832 96.96 -3.79 44.22
C ARG AA 832 96.80 -5.24 44.67
N GLN AA 833 95.85 -5.50 45.57
CA GLN AA 833 95.63 -6.85 46.07
C GLN AA 833 95.20 -7.82 44.95
N SER AA 834 94.66 -7.30 43.85
CA SER AA 834 94.18 -8.13 42.76
C SER AA 834 95.07 -8.05 41.53
N ILE AA 835 96.32 -7.62 41.68
CA ILE AA 835 97.24 -7.56 40.55
C ILE AA 835 98.68 -7.70 41.05
N ALA BA 4 4.21 -21.64 -23.32
CA ALA BA 4 4.57 -22.22 -22.04
C ALA BA 4 5.53 -23.39 -22.22
N LEU BA 5 5.04 -24.60 -21.96
CA LEU BA 5 5.83 -25.82 -22.09
C LEU BA 5 5.32 -26.61 -23.29
N PRO BA 6 6.08 -26.71 -24.37
CA PRO BA 6 5.63 -27.48 -25.53
C PRO BA 6 5.53 -28.97 -25.19
N SER BA 7 4.82 -29.69 -26.06
CA SER BA 7 4.53 -31.10 -25.84
C SER BA 7 5.12 -31.93 -26.97
N ILE BA 8 5.62 -33.12 -26.60
CA ILE BA 8 6.22 -34.05 -27.54
C ILE BA 8 5.58 -35.42 -27.34
N GLN BA 9 5.58 -36.22 -28.40
CA GLN BA 9 4.98 -37.54 -28.39
C GLN BA 9 6.07 -38.58 -28.26
N LEU BA 10 5.95 -39.46 -27.26
CA LEU BA 10 6.89 -40.54 -27.06
C LEU BA 10 6.17 -41.89 -27.10
N PRO BA 11 6.81 -42.91 -27.69
CA PRO BA 11 6.12 -44.21 -27.84
C PRO BA 11 5.66 -44.83 -26.54
N VAL BA 12 6.40 -44.63 -25.44
CA VAL BA 12 6.15 -45.37 -24.22
C VAL BA 12 4.86 -44.90 -23.55
N ASP BA 13 4.05 -45.88 -23.13
CA ASP BA 13 2.85 -45.63 -22.33
C ASP BA 13 2.95 -46.46 -21.06
N TYR BA 14 2.71 -45.83 -19.91
CA TYR BA 14 2.99 -46.50 -18.63
C TYR BA 14 1.84 -47.39 -18.19
N ASN BA 15 0.66 -47.23 -18.79
CA ASN BA 15 -0.49 -48.04 -18.40
C ASN BA 15 -0.29 -49.51 -18.76
N ASN BA 16 0.10 -49.77 -20.02
CA ASN BA 16 0.35 -51.14 -20.44
C ASN BA 16 1.55 -51.71 -19.70
N LEU BA 17 2.55 -50.88 -19.41
CA LEU BA 17 3.68 -51.34 -18.63
C LEU BA 17 3.24 -51.80 -17.24
N PHE BA 18 2.39 -51.01 -16.58
CA PHE BA 18 1.91 -51.38 -15.25
C PHE BA 18 1.09 -52.66 -15.32
N ASN BA 19 0.27 -52.80 -16.36
CA ASN BA 19 -0.49 -54.03 -16.54
C ASN BA 19 0.44 -55.24 -16.68
N GLU BA 20 1.52 -55.08 -17.45
CA GLU BA 20 2.43 -56.20 -17.65
C GLU BA 20 3.21 -56.51 -16.38
N ILE BA 21 3.56 -55.50 -15.57
CA ILE BA 21 4.21 -55.78 -14.30
C ILE BA 21 3.27 -56.57 -13.39
N THR BA 22 2.00 -56.16 -13.33
CA THR BA 22 1.04 -56.89 -12.51
C THR BA 22 0.88 -58.33 -12.99
N ASP BA 23 0.88 -58.52 -14.31
CA ASP BA 23 0.78 -59.88 -14.85
C ASP BA 23 2.03 -60.70 -14.55
N PHE BA 24 3.21 -60.06 -14.62
CA PHE BA 24 4.46 -60.78 -14.40
C PHE BA 24 4.62 -61.19 -12.94
N LEU BA 25 4.18 -60.35 -12.00
CA LEU BA 25 4.28 -60.71 -10.60
C LEU BA 25 3.46 -61.96 -10.26
N VAL BA 26 2.29 -62.11 -10.89
CA VAL BA 26 1.41 -63.24 -10.55
C VAL BA 26 1.78 -64.46 -11.35
N THR BA 27 2.03 -64.30 -12.66
CA THR BA 27 2.10 -65.46 -13.55
C THR BA 27 3.44 -66.17 -13.45
N PHE BA 28 4.53 -65.42 -13.22
CA PHE BA 28 5.87 -65.97 -13.41
C PHE BA 28 6.12 -67.17 -12.51
N LYS BA 29 6.65 -68.24 -13.10
CA LYS BA 29 7.01 -69.46 -12.40
C LYS BA 29 8.40 -69.90 -12.84
N GLN BA 30 9.17 -70.45 -11.91
CA GLN BA 30 10.53 -70.90 -12.20
C GLN BA 30 10.47 -72.28 -12.85
N ASP BA 31 10.96 -72.37 -14.09
CA ASP BA 31 10.78 -73.58 -14.88
C ASP BA 31 11.70 -74.71 -14.43
N THR BA 32 12.91 -74.38 -13.99
CA THR BA 32 13.99 -75.33 -13.66
C THR BA 32 13.98 -76.60 -14.51
N GLU BA 58 9.62 -75.88 -3.76
CA GLU BA 58 8.41 -75.09 -3.68
C GLU BA 58 7.81 -74.86 -5.08
N LYS BA 59 6.49 -74.71 -5.14
CA LYS BA 59 5.79 -74.49 -6.39
C LYS BA 59 5.01 -73.19 -6.31
N GLY BA 60 4.52 -72.74 -7.46
CA GLY BA 60 3.76 -71.52 -7.54
C GLY BA 60 4.59 -70.35 -8.03
N PRO BA 61 4.05 -69.14 -7.90
CA PRO BA 61 4.81 -67.95 -8.32
C PRO BA 61 6.10 -67.80 -7.55
N LYS BA 62 7.14 -67.33 -8.24
CA LYS BA 62 8.44 -67.17 -7.59
C LYS BA 62 8.43 -66.01 -6.60
N TYR BA 63 7.77 -64.90 -6.94
CA TYR BA 63 7.84 -63.70 -6.13
C TYR BA 63 6.75 -63.60 -5.07
N MET BA 64 5.60 -64.25 -5.26
CA MET BA 64 4.60 -64.25 -4.19
C MET BA 64 5.03 -65.14 -3.04
N ALA BA 65 5.98 -66.05 -3.28
CA ALA BA 65 6.59 -66.77 -2.16
C ALA BA 65 7.43 -65.84 -1.31
N MET BA 66 8.30 -65.05 -1.94
CA MET BA 66 9.16 -64.16 -1.16
C MET BA 66 8.38 -62.97 -0.59
N LEU BA 67 7.26 -62.59 -1.22
CA LEU BA 67 6.41 -61.58 -0.60
C LEU BA 67 5.78 -62.09 0.69
N GLN BA 68 5.28 -63.33 0.68
CA GLN BA 68 4.79 -63.93 1.91
C GLN BA 68 5.91 -64.05 2.94
N LYS BA 69 7.12 -64.36 2.49
CA LYS BA 69 8.27 -64.39 3.38
C LYS BA 69 8.54 -63.02 3.99
N VAL BA 70 8.39 -61.96 3.20
CA VAL BA 70 8.56 -60.59 3.69
C VAL BA 70 7.50 -60.25 4.72
N ALA BA 71 6.26 -60.64 4.47
CA ALA BA 71 5.14 -60.24 5.33
C ALA BA 71 5.31 -60.76 6.75
N ASN BA 72 6.14 -61.79 6.95
CA ASN BA 72 6.38 -62.37 8.27
C ASN BA 72 7.54 -61.71 9.00
N ARG BA 73 7.89 -60.47 8.62
CA ARG BA 73 8.92 -59.69 9.31
C ARG BA 73 10.26 -60.42 9.35
N GLU BA 74 10.62 -61.08 8.25
CA GLU BA 74 11.86 -61.83 8.17
C GLU BA 74 12.78 -61.33 7.06
N LEU BA 75 12.23 -61.06 5.87
CA LEU BA 75 13.02 -60.56 4.75
C LEU BA 75 12.90 -59.04 4.67
N ASN BA 76 14.03 -58.37 4.53
CA ASN BA 76 14.08 -56.91 4.50
C ASN BA 76 14.34 -56.34 3.11
N SER BA 77 14.56 -57.18 2.11
CA SER BA 77 14.93 -56.70 0.78
C SER BA 77 14.24 -57.53 -0.29
N VAL BA 78 13.88 -56.84 -1.38
CA VAL BA 78 13.30 -57.47 -2.56
C VAL BA 78 14.23 -57.17 -3.73
N ILE BA 79 14.66 -58.22 -4.43
CA ILE BA 79 15.60 -58.11 -5.53
C ILE BA 79 14.93 -58.70 -6.77
N ILE BA 80 14.78 -57.88 -7.81
CA ILE BA 80 14.20 -58.35 -9.07
C ILE BA 80 15.31 -58.71 -10.03
N ASP BA 81 15.09 -59.77 -10.81
CA ASP BA 81 16.03 -60.22 -11.83
C ASP BA 81 15.45 -59.94 -13.21
N LEU BA 82 16.24 -59.29 -14.07
CA LEU BA 82 15.83 -59.07 -15.45
C LEU BA 82 15.95 -60.33 -16.31
N ASP BA 83 16.74 -61.32 -15.87
CA ASP BA 83 16.69 -62.64 -16.50
C ASP BA 83 15.30 -63.25 -16.34
N ASP BA 84 14.72 -63.11 -15.15
CA ASP BA 84 13.37 -63.62 -14.92
C ASP BA 84 12.35 -62.88 -15.78
N ILE BA 85 12.52 -61.57 -15.94
CA ILE BA 85 11.60 -60.79 -16.77
C ILE BA 85 11.73 -61.22 -18.23
N LEU BA 86 12.95 -61.47 -18.69
CA LEU BA 86 13.12 -62.04 -20.03
C LEU BA 86 12.46 -63.41 -20.13
N GLN BA 87 12.47 -64.19 -19.05
CA GLN BA 87 11.79 -65.47 -19.09
C GLN BA 87 10.29 -65.30 -19.27
N TYR BA 88 9.68 -64.32 -18.60
CA TYR BA 88 8.26 -64.05 -18.81
C TYR BA 88 7.99 -63.57 -20.23
N GLN BA 89 8.86 -62.71 -20.76
CA GLN BA 89 8.72 -62.27 -22.15
C GLN BA 89 8.82 -63.46 -23.10
N ASN BA 90 9.72 -64.39 -22.83
CA ASN BA 90 9.88 -65.56 -23.69
C ASN BA 90 8.68 -66.48 -23.59
N GLU BA 91 8.08 -66.60 -22.39
CA GLU BA 91 6.84 -67.35 -22.25
C GLU BA 91 5.73 -66.72 -23.09
N LYS BA 92 5.60 -65.39 -23.02
CA LYS BA 92 4.58 -64.72 -23.82
C LYS BA 92 4.85 -64.88 -25.31
N PHE BA 93 6.12 -64.86 -25.71
CA PHE BA 93 6.47 -65.10 -27.11
C PHE BA 93 6.12 -66.52 -27.52
N LEU BA 94 6.28 -67.48 -26.61
CA LEU BA 94 5.82 -68.84 -26.88
C LEU BA 94 4.31 -68.86 -27.09
N GLN BA 95 3.57 -68.13 -26.27
CA GLN BA 95 2.15 -67.91 -26.56
C GLN BA 95 1.98 -67.07 -27.82
N GLY BA 96 2.93 -66.18 -28.10
CA GLY BA 96 2.90 -65.37 -29.30
C GLY BA 96 2.30 -64.00 -29.17
N THR BA 97 1.69 -63.69 -28.03
CA THR BA 97 1.10 -62.36 -27.84
C THR BA 97 2.19 -61.30 -27.70
N GLN BA 98 1.89 -60.09 -28.15
CA GLN BA 98 2.86 -59.01 -28.13
C GLN BA 98 3.22 -58.62 -26.70
N ALA BA 99 4.41 -58.06 -26.55
CA ALA BA 99 4.90 -57.59 -25.26
C ALA BA 99 5.40 -56.16 -25.42
N ASP BA 100 5.82 -55.56 -24.30
CA ASP BA 100 6.28 -54.18 -24.28
C ASP BA 100 7.78 -54.08 -24.00
N ASP BA 101 8.54 -55.15 -24.21
CA ASP BA 101 9.99 -55.19 -23.94
C ASP BA 101 10.35 -54.46 -22.64
N LEU BA 102 9.82 -54.97 -21.53
CA LEU BA 102 10.01 -54.37 -20.22
C LEU BA 102 11.50 -54.25 -19.87
N VAL BA 103 12.31 -55.20 -20.34
CA VAL BA 103 13.73 -55.19 -20.02
C VAL BA 103 14.42 -53.97 -20.62
N SER BA 104 14.04 -53.59 -21.84
CA SER BA 104 14.63 -52.40 -22.46
C SER BA 104 14.15 -51.13 -21.77
N ALA BA 105 12.87 -51.09 -21.37
CA ALA BA 105 12.35 -49.93 -20.68
C ALA BA 105 13.04 -49.72 -19.34
N ILE BA 106 13.34 -50.81 -18.63
CA ILE BA 106 14.08 -50.70 -17.38
C ILE BA 106 15.48 -50.16 -17.62
N GLN BA 107 16.18 -50.67 -18.65
CA GLN BA 107 17.53 -50.21 -18.92
C GLN BA 107 17.56 -48.74 -19.31
N GLN BA 108 16.66 -48.31 -20.18
CA GLN BA 108 16.68 -46.93 -20.66
C GLN BA 108 16.34 -45.95 -19.53
N ASN BA 109 15.42 -46.32 -18.65
CA ASN BA 109 14.98 -45.46 -17.56
C ASN BA 109 14.60 -46.33 -16.37
N ALA BA 110 15.21 -46.07 -15.22
CA ALA BA 110 15.02 -46.92 -14.05
C ALA BA 110 14.63 -46.18 -12.79
N ASN BA 111 14.60 -44.85 -12.79
CA ASN BA 111 14.24 -44.12 -11.58
C ASN BA 111 12.74 -44.15 -11.34
N HIS BA 112 11.96 -44.35 -12.41
CA HIS BA 112 10.51 -44.34 -12.28
C HIS BA 112 9.97 -45.76 -12.08
N PHE BA 113 10.64 -46.74 -12.69
CA PHE BA 113 10.20 -48.12 -12.56
C PHE BA 113 10.35 -48.63 -11.14
N THR BA 114 11.25 -48.04 -10.35
CA THR BA 114 11.34 -48.41 -8.94
C THR BA 114 10.04 -48.08 -8.21
N GLU BA 115 9.50 -46.88 -8.44
CA GLU BA 115 8.24 -46.51 -7.80
C GLU BA 115 7.08 -47.34 -8.36
N LEU BA 116 7.09 -47.59 -9.67
CA LEU BA 116 6.05 -48.47 -10.24
C LEU BA 116 6.05 -49.84 -9.58
N PHE BA 117 7.23 -50.44 -9.44
CA PHE BA 117 7.32 -51.77 -8.84
C PHE BA 117 6.96 -51.72 -7.36
N CYS BA 118 7.32 -50.64 -6.66
CA CYS BA 118 6.92 -50.52 -5.26
C CYS BA 118 5.41 -50.48 -5.11
N ARG BA 119 4.73 -49.73 -5.98
CA ARG BA 119 3.27 -49.70 -5.94
C ARG BA 119 2.69 -51.08 -6.26
N ALA BA 120 3.26 -51.77 -7.25
CA ALA BA 120 2.76 -53.10 -7.60
C ALA BA 120 2.93 -54.06 -6.43
N ILE BA 121 4.07 -53.99 -5.73
CA ILE BA 121 4.27 -54.81 -4.54
C ILE BA 121 3.25 -54.46 -3.45
N ASP BA 122 3.01 -53.17 -3.26
CA ASP BA 122 2.09 -52.74 -2.21
C ASP BA 122 0.67 -53.23 -2.49
N ASN BA 123 0.27 -53.26 -3.76
CA ASN BA 123 -1.08 -53.70 -4.09
C ASN BA 123 -1.31 -55.17 -3.77
N ASN BA 124 -0.32 -56.03 -4.04
CA ASN BA 124 -0.48 -57.47 -3.91
C ASN BA 124 0.25 -58.04 -2.70
N MET BA 125 0.40 -57.25 -1.63
CA MET BA 125 1.09 -57.74 -0.44
C MET BA 125 0.24 -58.78 0.27
N PRO BA 126 0.76 -59.98 0.50
CA PRO BA 126 -0.01 -61.02 1.19
C PRO BA 126 -0.21 -60.70 2.66
N LEU BA 127 -1.22 -61.34 3.24
CA LEU BA 127 -1.53 -61.15 4.65
C LEU BA 127 -0.50 -61.87 5.53
N PRO BA 128 -0.26 -61.38 6.75
CA PRO BA 128 0.61 -62.10 7.68
C PRO BA 128 0.03 -63.46 8.04
N THR BA 129 0.75 -64.53 7.71
CA THR BA 129 0.18 -65.87 7.88
C THR BA 129 0.42 -66.42 9.28
N LYS BA 130 1.47 -65.95 9.96
CA LYS BA 130 1.83 -66.53 11.25
C LYS BA 130 2.74 -65.59 12.02
N GLU BA 131 2.68 -65.71 13.34
CA GLU BA 131 3.56 -64.99 14.26
C GLU BA 131 3.51 -63.47 14.02
N ILE BA 132 2.35 -62.89 14.34
CA ILE BA 132 2.19 -61.44 14.21
C ILE BA 132 3.23 -60.70 15.06
N ASP BA 133 3.34 -61.08 16.34
CA ASP BA 133 4.45 -60.68 17.20
C ASP BA 133 4.62 -59.16 17.27
N TYR BA 134 3.62 -58.48 17.82
CA TYR BA 134 3.76 -57.06 18.13
C TYR BA 134 4.30 -56.91 19.55
N LYS BA 135 5.55 -56.43 19.67
CA LYS BA 135 6.14 -56.38 21.00
C LYS BA 135 6.41 -54.97 21.50
N ASP BA 136 7.30 -54.22 20.83
CA ASP BA 136 7.64 -52.88 21.29
C ASP BA 136 7.93 -51.94 20.12
N ASP BA 137 7.33 -52.18 18.96
CA ASP BA 137 7.63 -51.37 17.80
C ASP BA 137 6.90 -50.02 17.91
N VAL BA 138 7.67 -48.93 18.02
CA VAL BA 138 7.10 -47.62 18.26
C VAL BA 138 6.18 -47.19 17.12
N LEU BA 139 6.61 -47.40 15.87
CA LEU BA 139 5.76 -47.07 14.74
C LEU BA 139 4.48 -47.90 14.75
N ASP BA 140 4.59 -49.17 15.14
CA ASP BA 140 3.41 -50.02 15.25
C ASP BA 140 2.45 -49.47 16.30
N VAL BA 141 2.99 -49.04 17.44
CA VAL BA 141 2.13 -48.50 18.50
C VAL BA 141 1.45 -47.24 18.03
N ILE BA 142 2.18 -46.36 17.32
CA ILE BA 142 1.58 -45.15 16.79
C ILE BA 142 0.46 -45.46 15.81
N LEU BA 143 0.72 -46.38 14.88
CA LEU BA 143 -0.28 -46.72 13.87
C LEU BA 143 -1.51 -47.36 14.51
N ASN BA 144 -1.31 -48.23 15.50
CA ASN BA 144 -2.45 -48.85 16.17
C ASN BA 144 -3.25 -47.83 16.97
N GLN BA 145 -2.56 -46.89 17.62
CA GLN BA 145 -3.27 -45.84 18.35
C GLN BA 145 -4.03 -44.92 17.41
N ARG BA 146 -3.55 -44.75 16.18
CA ARG BA 146 -4.27 -43.93 15.22
C ARG BA 146 -5.63 -44.51 14.90
N ARG BA 147 -5.71 -45.84 14.78
CA ARG BA 147 -6.92 -46.50 14.29
C ARG BA 147 -8.11 -46.22 15.20
N LEU BA 148 -7.92 -46.36 16.52
CA LEU BA 148 -9.03 -46.21 17.45
C LEU BA 148 -9.61 -44.80 17.39
N ARG BA 149 -8.75 -43.79 17.45
CA ARG BA 149 -9.24 -42.42 17.47
C ARG BA 149 -9.81 -42.00 16.13
N ASN BA 150 -9.22 -42.48 15.03
CA ASN BA 150 -9.72 -42.11 13.71
C ASN BA 150 -11.09 -42.75 13.45
N GLU BA 151 -11.25 -44.01 13.81
CA GLU BA 151 -12.52 -44.69 13.55
C GLU BA 151 -13.61 -44.23 14.51
N ARG BA 152 -13.28 -44.08 15.80
CA ARG BA 152 -14.29 -43.68 16.77
C ARG BA 152 -14.77 -42.25 16.54
N MET BA 153 -13.85 -41.35 16.22
CA MET BA 153 -14.20 -39.95 15.98
C MET BA 153 -14.51 -39.71 14.51
N LEU BA 191 -4.50 -42.79 4.01
CA LEU BA 191 -4.35 -41.46 3.41
C LEU BA 191 -2.95 -40.91 3.67
N PHE BA 192 -2.31 -41.42 4.71
CA PHE BA 192 -0.93 -41.05 4.99
C PHE BA 192 -0.01 -41.59 3.90
N PRO BA 193 1.17 -40.98 3.71
CA PRO BA 193 2.09 -41.45 2.68
C PRO BA 193 2.41 -42.93 2.86
N PRO BA 194 2.24 -43.73 1.80
CA PRO BA 194 2.45 -45.18 1.95
C PRO BA 194 3.86 -45.57 2.34
N ASN BA 195 4.86 -44.78 1.93
CA ASN BA 195 6.25 -45.14 2.20
C ASN BA 195 6.52 -45.29 3.69
N LEU BA 196 5.72 -44.63 4.53
CA LEU BA 196 5.90 -44.77 5.99
C LEU BA 196 5.65 -46.20 6.44
N THR BA 197 4.65 -46.86 5.88
CA THR BA 197 4.33 -48.24 6.24
C THR BA 197 5.25 -49.26 5.58
N ARG BA 198 6.08 -48.84 4.63
CA ARG BA 198 6.96 -49.77 3.94
C ARG BA 198 8.15 -50.17 4.81
N ARG BA 199 8.61 -51.40 4.63
CA ARG BA 199 9.86 -51.86 5.20
C ARG BA 199 10.83 -52.44 4.18
N TYR BA 200 10.34 -53.08 3.13
CA TYR BA 200 11.21 -53.70 2.16
C TYR BA 200 11.93 -52.66 1.31
N PHE BA 201 13.08 -53.04 0.77
CA PHE BA 201 13.86 -52.22 -0.14
C PHE BA 201 13.93 -52.93 -1.48
N LEU BA 202 13.74 -52.18 -2.56
CA LEU BA 202 13.67 -52.73 -3.90
C LEU BA 202 14.97 -52.45 -4.65
N TYR BA 203 15.59 -53.52 -5.14
CA TYR BA 203 16.83 -53.43 -5.91
C TYR BA 203 16.67 -54.19 -7.21
N PHE BA 204 17.35 -53.72 -8.26
CA PHE BA 204 17.37 -54.45 -9.52
C PHE BA 204 18.66 -55.24 -9.65
N LYS BA 205 18.63 -56.30 -10.46
CA LYS BA 205 19.80 -57.12 -10.72
C LYS BA 205 20.14 -57.06 -12.20
N PRO BA 206 21.38 -56.73 -12.56
CA PRO BA 206 21.72 -56.55 -13.97
C PRO BA 206 21.55 -57.84 -14.76
N LEU BA 207 21.56 -57.70 -16.08
CA LEU BA 207 21.38 -58.84 -16.96
C LEU BA 207 22.60 -59.75 -16.91
N SER BA 208 22.42 -60.97 -17.41
CA SER BA 208 23.50 -61.94 -17.51
C SER BA 208 23.79 -62.21 -18.99
N GLN BA 209 25.08 -62.21 -19.32
CA GLN BA 209 25.49 -62.48 -20.70
C GLN BA 209 25.13 -63.90 -21.11
N ASN BA 210 25.17 -64.84 -20.18
CA ASN BA 210 24.82 -66.23 -20.48
C ASN BA 210 23.37 -66.35 -20.93
N CYS BA 211 22.45 -65.78 -20.15
CA CYS BA 211 21.04 -65.77 -20.55
C CYS BA 211 20.84 -64.94 -21.82
N ALA BA 212 21.54 -63.81 -21.91
CA ALA BA 212 21.46 -62.99 -23.11
C ALA BA 212 21.89 -63.79 -24.33
N ARG BA 213 23.09 -64.37 -24.31
CA ARG BA 213 23.54 -65.18 -25.43
C ARG BA 213 22.60 -66.36 -25.68
N ARG BA 214 21.92 -66.84 -24.62
CA ARG BA 214 20.93 -67.88 -24.79
C ARG BA 214 19.75 -67.40 -25.62
N TYR BA 215 19.33 -66.14 -25.43
CA TYR BA 215 18.24 -65.57 -26.22
C TYR BA 215 18.64 -64.32 -27.00
N ARG BA 216 19.94 -64.14 -27.28
CA ARG BA 216 20.45 -63.03 -28.08
C ARG BA 216 20.13 -61.70 -27.36
N LYS BA 217 19.50 -60.77 -28.07
CA LYS BA 217 18.96 -59.54 -27.49
C LYS BA 217 20.08 -58.61 -27.00
N LYS BA 218 21.32 -59.10 -27.01
CA LYS BA 218 22.49 -58.36 -26.56
C LYS BA 218 22.31 -57.91 -25.10
N ALA BA 219 23.28 -57.17 -24.56
CA ALA BA 219 23.17 -56.69 -23.18
C ALA BA 219 24.01 -55.44 -23.02
N ILE BA 220 23.49 -54.48 -22.27
CA ILE BA 220 24.19 -53.23 -22.01
C ILE BA 220 24.34 -52.92 -20.53
N SER BA 221 23.45 -53.42 -19.66
CA SER BA 221 23.43 -52.94 -18.28
C SER BA 221 24.57 -53.53 -17.46
N SER BA 222 25.06 -54.72 -17.83
CA SER BA 222 26.02 -55.44 -17.01
C SER BA 222 27.43 -55.41 -17.59
N LYS BA 223 27.66 -54.65 -18.67
CA LYS BA 223 28.99 -54.60 -19.26
C LYS BA 223 29.95 -53.85 -18.34
N PRO BA 224 31.10 -54.42 -18.03
CA PRO BA 224 32.06 -53.78 -17.10
C PRO BA 224 32.76 -52.58 -17.71
N LEU BA 225 32.08 -51.43 -17.72
CA LEU BA 225 32.72 -50.20 -18.14
C LEU BA 225 33.64 -49.66 -17.04
N SER BA 226 34.39 -48.63 -17.38
CA SER BA 226 35.25 -47.94 -16.42
C SER BA 226 34.65 -46.59 -16.06
N VAL BA 227 35.36 -45.88 -15.18
CA VAL BA 227 34.95 -44.52 -14.83
C VAL BA 227 35.12 -43.60 -16.02
N ARG BA 228 36.15 -43.82 -16.82
CA ARG BA 228 36.44 -42.91 -17.93
C ARG BA 228 35.47 -43.12 -19.09
N GLN BA 229 35.04 -44.36 -19.33
CA GLN BA 229 34.10 -44.64 -20.40
C GLN BA 229 32.68 -44.20 -20.09
N ILE BA 230 32.44 -43.59 -18.93
CA ILE BA 230 31.11 -43.11 -18.58
C ILE BA 230 30.92 -41.72 -19.17
N LYS BA 231 30.17 -41.63 -20.26
CA LYS BA 231 29.90 -40.36 -20.91
C LYS BA 231 28.58 -39.78 -20.39
N GLY BA 232 28.21 -38.61 -20.89
CA GLY BA 232 26.95 -38.00 -20.54
C GLY BA 232 25.74 -38.54 -21.26
N ASP BA 233 25.95 -39.45 -22.20
CA ASP BA 233 24.86 -40.10 -22.92
C ASP BA 233 24.28 -41.26 -22.15
N PHE BA 234 24.94 -41.73 -21.10
CA PHE BA 234 24.48 -42.86 -20.30
C PHE BA 234 23.72 -42.42 -19.06
N LEU BA 235 23.46 -41.13 -18.91
CA LEU BA 235 22.74 -40.64 -17.74
C LEU BA 235 21.31 -41.17 -17.73
N GLY BA 236 20.83 -41.51 -16.54
CA GLY BA 236 19.48 -42.02 -16.40
C GLY BA 236 19.28 -43.46 -16.84
N GLN BA 237 20.36 -44.25 -16.90
CA GLN BA 237 20.28 -45.64 -17.30
C GLN BA 237 20.86 -46.53 -16.20
N LEU BA 238 20.71 -47.83 -16.40
CA LEU BA 238 21.29 -48.83 -15.49
C LEU BA 238 22.56 -49.39 -16.12
N ILE BA 239 23.70 -49.14 -15.48
CA ILE BA 239 25.00 -49.55 -15.99
C ILE BA 239 25.83 -50.14 -14.86
N THR BA 240 26.97 -50.74 -15.24
CA THR BA 240 27.89 -51.35 -14.30
C THR BA 240 29.28 -50.77 -14.50
N VAL BA 241 30.01 -50.61 -13.40
CA VAL BA 241 31.34 -49.98 -13.40
C VAL BA 241 32.31 -50.87 -12.64
N ARG BA 242 33.49 -51.08 -13.20
CA ARG BA 242 34.54 -51.86 -12.55
C ARG BA 242 35.62 -50.91 -12.05
N GLY BA 243 36.01 -51.08 -10.79
CA GLY BA 243 37.04 -50.25 -10.19
C GLY BA 243 37.40 -50.74 -8.81
N ILE BA 244 38.19 -49.94 -8.11
CA ILE BA 244 38.65 -50.24 -6.77
C ILE BA 244 38.09 -49.19 -5.81
N ILE BA 245 37.57 -49.65 -4.67
CA ILE BA 245 37.00 -48.72 -3.69
C ILE BA 245 38.14 -48.11 -2.88
N THR BA 246 38.13 -46.78 -2.75
CA THR BA 246 39.16 -46.07 -2.03
C THR BA 246 38.69 -45.47 -0.71
N ARG BA 247 37.50 -44.87 -0.67
CA ARG BA 247 37.01 -44.23 0.54
C ARG BA 247 35.58 -44.65 0.80
N VAL BA 248 35.27 -44.95 2.06
CA VAL BA 248 33.93 -45.28 2.51
C VAL BA 248 33.66 -44.50 3.80
N SER BA 249 32.46 -43.95 3.90
CA SER BA 249 32.07 -43.10 5.02
C SER BA 249 31.16 -43.87 5.98
N ASP BA 250 30.89 -43.25 7.13
CA ASP BA 250 30.04 -43.88 8.13
C ASP BA 250 28.58 -43.87 7.69
N VAL BA 251 27.77 -44.63 8.40
CA VAL BA 251 26.34 -44.73 8.09
C VAL BA 251 25.59 -43.67 8.90
N LYS BA 252 24.78 -42.88 8.23
CA LYS BA 252 24.01 -41.81 8.83
C LYS BA 252 22.56 -41.94 8.41
N PRO BA 253 21.62 -41.39 9.20
CA PRO BA 253 20.20 -41.50 8.83
C PRO BA 253 19.73 -40.37 7.95
N ALA BA 254 18.98 -40.70 6.90
CA ALA BA 254 18.38 -39.73 6.00
C ALA BA 254 16.87 -39.81 6.11
N VAL BA 255 16.23 -38.64 6.22
CA VAL BA 255 14.78 -38.59 6.44
C VAL BA 255 14.07 -38.93 5.13
N GLU BA 256 12.97 -39.68 5.26
CA GLU BA 256 12.09 -39.98 4.13
C GLU BA 256 10.69 -39.44 4.34
N VAL BA 257 10.10 -39.70 5.51
CA VAL BA 257 8.82 -39.13 5.90
C VAL BA 257 9.00 -38.48 7.27
N ILE BA 258 8.62 -37.21 7.37
CA ILE BA 258 8.79 -36.43 8.60
C ILE BA 258 7.42 -36.21 9.22
N ALA BA 259 7.31 -36.46 10.52
CA ALA BA 259 6.07 -36.33 11.27
C ALA BA 259 6.20 -35.19 12.27
N TYR BA 260 5.25 -34.26 12.24
CA TYR BA 260 5.19 -33.14 13.15
C TYR BA 260 4.01 -33.30 14.11
N THR BA 261 4.28 -33.06 15.39
CA THR BA 261 3.24 -33.07 16.42
C THR BA 261 2.76 -31.64 16.64
N CYS BA 262 1.44 -31.50 16.84
CA CYS BA 262 0.79 -30.20 16.81
C CYS BA 262 -0.05 -30.01 18.08
N ASP BA 263 0.62 -29.65 19.17
CA ASP BA 263 0.00 -29.05 20.37
C ASP BA 263 -1.41 -29.59 20.65
N GLN BA 264 -1.55 -30.91 20.54
CA GLN BA 264 -2.86 -31.57 20.61
C GLN BA 264 -3.88 -30.89 19.69
N CYS BA 265 -3.44 -30.52 18.50
CA CYS BA 265 -4.31 -29.95 17.47
C CYS BA 265 -4.49 -31.00 16.37
N GLY BA 266 -5.69 -31.54 16.26
CA GLY BA 266 -5.91 -32.61 15.29
C GLY BA 266 -4.99 -33.78 15.60
N TYR BA 267 -3.98 -33.97 14.76
CA TYR BA 267 -2.97 -34.99 14.98
C TYR BA 267 -1.75 -34.68 14.14
N GLU BA 268 -0.73 -35.52 14.30
CA GLU BA 268 0.56 -35.30 13.65
C GLU BA 268 0.42 -35.30 12.14
N VAL BA 269 1.19 -34.43 11.47
CA VAL BA 269 1.15 -34.31 10.02
C VAL BA 269 2.42 -34.92 9.43
N PHE BA 270 2.29 -35.47 8.23
CA PHE BA 270 3.38 -36.17 7.56
C PHE BA 270 3.74 -35.40 6.29
N GLN BA 271 5.04 -35.21 6.05
CA GLN BA 271 5.50 -34.69 4.77
C GLN BA 271 6.61 -35.58 4.23
N GLU BA 272 6.59 -35.80 2.92
CA GLU BA 272 7.66 -36.54 2.27
C GLU BA 272 8.77 -35.59 1.82
N VAL BA 273 9.99 -36.12 1.80
CA VAL BA 273 11.16 -35.38 1.33
C VAL BA 273 11.77 -36.16 0.17
N ASN BA 274 11.88 -35.50 -0.99
CA ASN BA 274 12.44 -36.14 -2.18
C ASN BA 274 13.72 -35.46 -2.63
N SER BA 275 14.32 -34.63 -1.77
CA SER BA 275 15.58 -33.97 -2.09
C SER BA 275 16.55 -34.08 -0.93
N ARG BA 276 17.72 -33.47 -1.06
CA ARG BA 276 18.70 -33.42 0.02
C ARG BA 276 18.48 -32.24 0.96
N THR BA 277 17.46 -31.43 0.73
CA THR BA 277 17.25 -30.19 1.46
C THR BA 277 15.76 -29.89 1.48
N PHE BA 278 15.26 -29.42 2.63
CA PHE BA 278 13.83 -29.26 2.83
C PHE BA 278 13.55 -28.10 3.78
N THR BA 279 12.27 -27.80 3.96
CA THR BA 279 11.83 -26.76 4.86
C THR BA 279 10.76 -27.27 5.80
N PRO BA 280 10.81 -26.93 7.09
CA PRO BA 280 9.77 -27.39 8.03
C PRO BA 280 8.42 -26.73 7.76
N LEU BA 281 7.35 -27.42 8.15
CA LEU BA 281 6.00 -26.89 7.93
C LEU BA 281 5.69 -25.75 8.90
N SER BA 282 5.67 -26.06 10.19
CA SER BA 282 5.49 -25.06 11.26
C SER BA 282 4.20 -24.25 11.09
N GLU BA 283 3.12 -24.92 10.72
CA GLU BA 283 1.80 -24.29 10.70
C GLU BA 283 0.75 -25.39 10.64
N CYS BA 284 -0.16 -25.37 11.61
CA CYS BA 284 -1.17 -26.41 11.76
C CYS BA 284 -2.42 -26.03 10.96
N THR BA 285 -2.80 -26.87 10.01
CA THR BA 285 -3.89 -26.59 9.09
C THR BA 285 -5.09 -27.51 9.30
N SER BA 286 -5.16 -28.23 10.41
CA SER BA 286 -6.26 -29.14 10.64
C SER BA 286 -7.56 -28.36 10.88
N GLU BA 287 -8.68 -29.08 10.78
CA GLU BA 287 -9.98 -28.45 10.94
C GLU BA 287 -10.13 -27.82 12.31
N GLU BA 288 -9.69 -28.53 13.36
CA GLU BA 288 -9.72 -27.95 14.71
C GLU BA 288 -8.69 -26.84 14.85
N CYS BA 289 -7.60 -26.92 14.08
CA CYS BA 289 -6.56 -25.91 14.11
C CYS BA 289 -6.88 -24.69 13.24
N SER BA 290 -8.04 -24.68 12.58
CA SER BA 290 -8.40 -23.56 11.72
C SER BA 290 -8.78 -22.32 12.52
N GLN BA 291 -8.90 -22.43 13.84
CA GLN BA 291 -9.28 -21.30 14.66
C GLN BA 291 -8.22 -20.20 14.61
N ASN BA 292 -8.66 -18.95 14.69
CA ASN BA 292 -7.84 -17.82 14.25
C ASN BA 292 -6.72 -17.49 15.25
N GLN BA 293 -6.89 -17.86 16.51
CA GLN BA 293 -5.95 -17.42 17.54
C GLN BA 293 -4.54 -17.93 17.27
N THR BA 294 -3.55 -17.05 17.46
CA THR BA 294 -2.16 -17.46 17.34
C THR BA 294 -1.83 -18.46 18.45
N LYS BA 295 -1.28 -19.61 18.03
CA LYS BA 295 -1.26 -20.78 18.90
C LYS BA 295 0.06 -21.53 18.94
N GLY BA 296 0.95 -21.33 17.98
CA GLY BA 296 2.23 -21.99 18.04
C GLY BA 296 2.49 -22.84 16.81
N GLN BA 297 3.78 -23.00 16.49
CA GLN BA 297 4.17 -23.73 15.30
C GLN BA 297 4.35 -25.22 15.60
N LEU BA 298 4.66 -25.96 14.54
CA LEU BA 298 4.85 -27.40 14.66
C LEU BA 298 6.21 -27.75 15.24
N PHE BA 299 6.27 -28.87 15.96
CA PHE BA 299 7.50 -29.42 16.50
C PHE BA 299 7.69 -30.82 15.94
N MET BA 300 8.92 -31.14 15.54
CA MET BA 300 9.17 -32.44 14.92
C MET BA 300 9.21 -33.54 15.98
N SER BA 301 8.72 -34.71 15.60
CA SER BA 301 8.76 -35.90 16.43
C SER BA 301 9.57 -36.96 15.70
N THR BA 302 10.68 -37.38 16.32
CA THR BA 302 11.59 -38.31 15.65
C THR BA 302 11.03 -39.73 15.65
N ARG BA 303 10.26 -40.10 16.66
CA ARG BA 303 9.80 -41.47 16.80
C ARG BA 303 8.82 -41.85 15.69
N ALA BA 304 7.94 -40.93 15.31
CA ALA BA 304 6.93 -41.18 14.29
C ALA BA 304 7.45 -40.91 12.88
N SER BA 305 8.71 -40.53 12.73
CA SER BA 305 9.28 -40.25 11.42
C SER BA 305 10.07 -41.46 10.92
N LYS BA 306 10.17 -41.59 9.60
CA LYS BA 306 10.84 -42.72 8.97
C LYS BA 306 12.21 -42.27 8.47
N PHE BA 307 13.25 -42.99 8.89
CA PHE BA 307 14.61 -42.72 8.47
C PHE BA 307 15.10 -43.83 7.54
N SER BA 308 16.31 -43.64 7.02
CA SER BA 308 16.93 -44.63 6.15
C SER BA 308 18.44 -44.56 6.31
N ALA BA 309 19.10 -45.70 6.12
CA ALA BA 309 20.55 -45.76 6.18
C ALA BA 309 21.14 -45.32 4.84
N PHE BA 310 22.08 -44.38 4.92
CA PHE BA 310 22.71 -43.81 3.73
C PHE BA 310 24.22 -43.92 3.85
N GLN BA 311 24.88 -44.19 2.72
CA GLN BA 311 26.33 -44.28 2.71
C GLN BA 311 26.85 -43.81 1.36
N GLU BA 312 28.00 -43.14 1.37
CA GLU BA 312 28.62 -42.62 0.17
C GLU BA 312 30.06 -43.12 0.07
N CYS BA 313 30.48 -43.48 -1.14
CA CYS BA 313 31.80 -44.03 -1.39
C CYS BA 313 32.35 -43.44 -2.67
N LYS BA 314 33.66 -43.61 -2.87
CA LYS BA 314 34.33 -43.15 -4.08
C LYS BA 314 35.10 -44.31 -4.70
N ILE BA 315 34.89 -44.52 -6.00
CA ILE BA 315 35.54 -45.58 -6.75
C ILE BA 315 36.52 -44.95 -7.73
N GLN BA 316 37.68 -45.58 -7.90
CA GLN BA 316 38.76 -45.02 -8.70
C GLN BA 316 39.16 -46.00 -9.80
N GLU BA 317 39.59 -45.44 -10.93
CA GLU BA 317 39.91 -46.24 -12.09
C GLU BA 317 41.17 -47.07 -11.85
N LEU BA 318 41.16 -48.30 -12.34
CA LEU BA 318 42.29 -49.20 -12.18
C LEU BA 318 43.47 -48.75 -13.04
N SER BA 319 44.69 -49.04 -12.57
CA SER BA 319 45.89 -48.58 -13.25
C SER BA 319 46.01 -49.19 -14.65
N GLN BA 320 45.45 -50.37 -14.86
CA GLN BA 320 45.57 -51.03 -16.16
C GLN BA 320 44.80 -50.29 -17.24
N GLN BA 321 43.69 -49.66 -16.87
CA GLN BA 321 42.79 -49.06 -17.85
C GLN BA 321 43.09 -47.59 -18.12
N VAL BA 322 44.04 -46.99 -17.41
CA VAL BA 322 44.39 -45.59 -17.67
C VAL BA 322 45.30 -45.52 -18.88
N PRO BA 323 45.02 -44.66 -19.86
CA PRO BA 323 45.95 -44.47 -20.97
C PRO BA 323 47.20 -43.72 -20.53
N VAL BA 324 48.22 -43.77 -21.38
CA VAL BA 324 49.51 -43.18 -21.04
C VAL BA 324 49.40 -41.67 -21.01
N GLY BA 325 50.04 -41.05 -20.02
CA GLY BA 325 50.07 -39.61 -19.89
C GLY BA 325 48.89 -38.99 -19.19
N HIS BA 326 47.95 -39.79 -18.69
CA HIS BA 326 46.74 -39.28 -18.07
C HIS BA 326 46.72 -39.62 -16.58
N ILE BA 327 45.79 -38.99 -15.87
CA ILE BA 327 45.62 -39.19 -14.44
C ILE BA 327 44.27 -39.87 -14.22
N PRO BA 328 44.19 -40.88 -13.35
CA PRO BA 328 42.91 -41.60 -13.17
C PRO BA 328 41.81 -40.71 -12.62
N ARG BA 329 40.58 -41.02 -13.01
CA ARG BA 329 39.41 -40.30 -12.54
C ARG BA 329 38.72 -41.05 -11.42
N SER BA 330 37.65 -40.46 -10.89
CA SER BA 330 36.92 -41.04 -9.77
C SER BA 330 35.44 -40.83 -9.96
N LEU BA 331 34.64 -41.68 -9.31
CA LEU BA 331 33.19 -41.65 -9.40
C LEU BA 331 32.60 -41.80 -8.01
N ASN BA 332 31.43 -41.20 -7.79
CA ASN BA 332 30.78 -41.26 -6.49
C ASN BA 332 29.62 -42.24 -6.50
N ILE BA 333 29.48 -43.00 -5.42
CA ILE BA 333 28.45 -44.01 -5.28
C ILE BA 333 27.65 -43.73 -4.01
N HIS BA 334 26.33 -43.77 -4.13
CA HIS BA 334 25.40 -43.63 -3.02
C HIS BA 334 24.64 -44.93 -2.85
N VAL BA 335 24.55 -45.41 -1.61
CA VAL BA 335 23.85 -46.66 -1.31
C VAL BA 335 22.91 -46.43 -0.14
N ASN BA 336 21.65 -46.86 -0.30
CA ASN BA 336 20.63 -46.74 0.73
C ASN BA 336 19.97 -48.10 0.94
N GLY BA 337 19.69 -48.45 2.19
CA GLY BA 337 18.94 -49.66 2.48
C GLY BA 337 19.75 -50.73 3.16
N THR BA 338 19.38 -52.00 2.90
CA THR BA 338 20.12 -53.12 3.49
C THR BA 338 21.43 -53.36 2.76
N LEU BA 339 21.59 -52.79 1.57
CA LEU BA 339 22.82 -52.95 0.81
C LEU BA 339 23.99 -52.20 1.44
N VAL BA 340 23.72 -51.35 2.44
CA VAL BA 340 24.77 -50.60 3.11
C VAL BA 340 25.77 -51.56 3.75
N ARG BA 341 27.03 -51.15 3.77
CA ARG BA 341 28.20 -51.83 4.35
C ARG BA 341 28.67 -52.98 3.48
N SER BA 342 28.23 -53.07 2.23
CA SER BA 342 28.68 -54.15 1.35
C SER BA 342 30.08 -53.89 0.82
N LEU BA 343 30.50 -52.62 0.80
CA LEU BA 343 31.79 -52.23 0.23
C LEU BA 343 32.70 -51.70 1.33
N SER BA 344 33.97 -52.06 1.26
CA SER BA 344 35.00 -51.63 2.18
C SER BA 344 36.18 -51.11 1.39
N PRO BA 345 36.99 -50.23 1.98
CA PRO BA 345 38.16 -49.70 1.26
C PRO BA 345 39.12 -50.80 0.86
N GLY BA 346 39.69 -50.67 -0.33
CA GLY BA 346 40.66 -51.61 -0.83
C GLY BA 346 40.11 -52.80 -1.58
N ASP BA 347 38.85 -52.76 -1.99
CA ASP BA 347 38.22 -53.87 -2.70
C ASP BA 347 38.02 -53.53 -4.17
N ILE BA 348 38.34 -54.49 -5.03
CA ILE BA 348 38.08 -54.37 -6.46
C ILE BA 348 36.76 -55.06 -6.75
N VAL BA 349 35.75 -54.28 -7.16
CA VAL BA 349 34.38 -54.75 -7.24
C VAL BA 349 33.77 -54.32 -8.57
N ASP BA 350 32.61 -54.89 -8.88
CA ASP BA 350 31.82 -54.51 -10.05
C ASP BA 350 30.45 -54.07 -9.57
N VAL BA 351 30.19 -52.77 -9.58
CA VAL BA 351 29.00 -52.18 -8.98
C VAL BA 351 28.02 -51.80 -10.07
N THR BA 352 26.76 -52.18 -9.88
CA THR BA 352 25.68 -51.83 -10.79
C THR BA 352 24.77 -50.81 -10.14
N GLY BA 353 24.22 -49.91 -10.95
CA GLY BA 353 23.33 -48.91 -10.40
C GLY BA 353 22.83 -47.96 -11.46
N ILE BA 354 22.13 -46.93 -10.99
CA ILE BA 354 21.56 -45.90 -11.86
C ILE BA 354 22.44 -44.66 -11.79
N PHE BA 355 22.77 -44.12 -12.97
CA PHE BA 355 23.67 -42.97 -13.07
C PHE BA 355 22.83 -41.70 -13.17
N LEU BA 356 22.87 -40.88 -12.12
CA LEU BA 356 21.93 -39.78 -12.00
C LEU BA 356 22.66 -38.45 -11.83
N PRO BA 357 22.03 -37.34 -12.25
CA PRO BA 357 22.66 -36.03 -12.09
C PRO BA 357 22.38 -35.39 -10.74
N ALA BA 358 23.43 -34.94 -10.06
CA ALA BA 358 23.28 -34.21 -8.82
C ALA BA 358 22.89 -32.77 -9.10
N PRO BA 359 22.18 -32.12 -8.17
CA PRO BA 359 21.71 -30.76 -8.47
C PRO BA 359 22.77 -29.69 -8.42
N TYR BA 360 23.85 -29.89 -7.65
CA TYR BA 360 24.97 -28.95 -7.57
C TYR BA 360 24.57 -27.57 -7.07
N THR BA 361 23.42 -27.47 -6.40
CA THR BA 361 22.90 -26.18 -5.98
C THR BA 361 23.68 -25.65 -4.77
N GLY BA 362 23.20 -24.53 -4.24
CA GLY BA 362 23.89 -23.86 -3.15
C GLY BA 362 24.87 -22.84 -3.67
N PHE BA 363 26.00 -22.73 -2.98
CA PHE BA 363 27.08 -21.88 -3.45
C PHE BA 363 27.74 -22.50 -4.67
N LYS BA 364 28.49 -21.67 -5.41
CA LYS BA 364 29.29 -22.04 -6.58
C LYS BA 364 28.45 -22.73 -7.65
N ALA BA 365 27.12 -22.69 -7.51
CA ALA BA 365 26.24 -23.17 -8.57
C ALA BA 365 26.10 -22.15 -9.68
N LEU BA 366 26.15 -20.86 -9.34
CA LEU BA 366 25.93 -19.81 -10.31
C LEU BA 366 27.02 -19.80 -11.38
N LYS BA 367 28.27 -19.99 -10.97
CA LYS BA 367 29.38 -19.96 -11.92
C LYS BA 367 29.26 -21.08 -12.94
N ALA BA 368 28.85 -22.27 -12.50
CA ALA BA 368 28.67 -23.38 -13.44
C ALA BA 368 27.52 -23.11 -14.41
N GLY BA 369 26.38 -22.71 -13.88
CA GLY BA 369 25.24 -22.39 -14.73
C GLY BA 369 24.47 -23.62 -15.18
N LEU BA 370 25.04 -24.36 -16.13
CA LEU BA 370 24.42 -25.57 -16.66
C LEU BA 370 25.28 -26.81 -16.44
N LEU BA 371 26.32 -26.71 -15.62
CA LEU BA 371 27.16 -27.84 -15.29
C LEU BA 371 26.64 -28.53 -14.04
N THR BA 372 26.63 -29.86 -14.06
CA THR BA 372 26.09 -30.65 -12.97
C THR BA 372 27.11 -31.67 -12.48
N GLU BA 373 26.98 -32.07 -11.23
CA GLU BA 373 27.70 -33.22 -10.69
C GLU BA 373 27.02 -34.50 -11.16
N THR BA 374 27.44 -35.63 -10.62
CA THR BA 374 26.81 -36.90 -10.92
C THR BA 374 27.13 -37.90 -9.83
N TYR BA 375 26.35 -38.98 -9.79
CA TYR BA 375 26.58 -40.04 -8.84
C TYR BA 375 25.89 -41.30 -9.33
N LEU BA 376 26.19 -42.42 -8.66
CA LEU BA 376 25.63 -43.71 -9.01
C LEU BA 376 24.89 -44.28 -7.80
N GLU BA 377 23.58 -44.46 -7.95
CA GLU BA 377 22.77 -45.12 -6.94
C GLU BA 377 22.98 -46.62 -7.09
N ALA BA 378 23.60 -47.24 -6.09
CA ALA BA 378 24.03 -48.62 -6.19
C ALA BA 378 22.87 -49.58 -5.90
N GLN BA 379 22.84 -50.71 -6.62
CA GLN BA 379 21.80 -51.71 -6.43
C GLN BA 379 22.31 -53.14 -6.38
N PHE BA 380 23.55 -53.40 -6.77
CA PHE BA 380 24.10 -54.74 -6.73
C PHE BA 380 25.61 -54.65 -6.56
N VAL BA 381 26.19 -55.68 -5.94
CA VAL BA 381 27.62 -55.74 -5.69
C VAL BA 381 28.12 -57.12 -6.07
N ARG BA 382 29.22 -57.17 -6.83
CA ARG BA 382 29.87 -58.42 -7.22
C ARG BA 382 31.37 -58.27 -6.95
N GLN BA 383 31.80 -58.71 -5.77
CA GLN BA 383 33.22 -58.69 -5.44
C GLN BA 383 33.94 -59.77 -6.24
N HIS BA 384 35.03 -59.37 -6.91
CA HIS BA 384 35.73 -60.30 -7.79
C HIS BA 384 36.36 -61.43 -7.01
N LYS BA 385 36.99 -61.13 -5.88
CA LYS BA 385 37.67 -62.16 -5.09
C LYS BA 385 37.47 -61.91 -3.59
N SER BA 392 39.60 -70.41 10.35
CA SER BA 392 38.43 -71.26 10.57
C SER BA 392 38.84 -72.64 11.07
N LEU BA 393 37.99 -73.24 11.89
CA LEU BA 393 38.22 -74.57 12.45
C LEU BA 393 37.17 -75.52 11.91
N THR BA 394 37.60 -76.45 11.04
CA THR BA 394 36.70 -77.40 10.41
C THR BA 394 37.50 -78.66 10.15
N SER BA 395 36.78 -79.76 9.90
CA SER BA 395 37.45 -81.04 9.66
C SER BA 395 38.40 -80.96 8.46
N ASP BA 396 38.08 -80.09 7.49
CA ASP BA 396 38.96 -79.93 6.33
C ASP BA 396 40.33 -79.43 6.74
N VAL BA 397 40.38 -78.33 7.50
CA VAL BA 397 41.68 -77.82 7.94
C VAL BA 397 42.26 -78.70 9.04
N GLU BA 398 41.41 -79.49 9.71
CA GLU BA 398 41.93 -80.48 10.64
C GLU BA 398 42.70 -81.58 9.93
N GLU BA 399 42.30 -81.90 8.71
CA GLU BA 399 42.97 -82.92 7.90
C GLU BA 399 44.11 -82.35 7.06
N ARG BA 400 44.07 -81.07 6.71
CA ARG BA 400 45.16 -80.47 5.95
C ARG BA 400 46.47 -80.53 6.73
N VAL BA 401 46.43 -80.21 8.03
CA VAL BA 401 47.65 -80.23 8.84
C VAL BA 401 48.15 -81.67 8.98
N MET BA 402 47.24 -82.63 9.12
CA MET BA 402 47.67 -84.03 9.18
C MET BA 402 48.31 -84.47 7.88
N GLU BA 403 47.76 -84.04 6.75
CA GLU BA 403 48.36 -84.35 5.45
C GLU BA 403 49.75 -83.76 5.34
N LEU BA 404 49.92 -82.50 5.77
CA LEU BA 404 51.24 -81.89 5.69
C LEU BA 404 52.23 -82.56 6.64
N ILE BA 405 51.74 -83.04 7.78
CA ILE BA 405 52.60 -83.80 8.70
C ILE BA 405 53.05 -85.10 8.05
N THR BA 406 52.10 -85.81 7.41
CA THR BA 406 52.45 -87.07 6.74
C THR BA 406 53.37 -86.81 5.55
N SER BA 407 53.35 -85.60 5.00
CA SER BA 407 54.26 -85.26 3.90
C SER BA 407 55.71 -85.35 4.35
N GLY BA 408 56.00 -84.87 5.55
CA GLY BA 408 57.36 -84.92 6.08
C GLY BA 408 58.23 -83.80 5.53
N ASP BA 409 59.42 -83.70 6.12
CA ASP BA 409 60.40 -82.67 5.74
C ASP BA 409 59.78 -81.29 5.82
N VAL BA 410 59.00 -81.04 6.87
CA VAL BA 410 58.25 -79.78 6.97
C VAL BA 410 59.22 -78.59 7.06
N TYR BA 411 60.28 -78.73 7.86
CA TYR BA 411 61.22 -77.63 8.06
C TYR BA 411 61.85 -77.19 6.74
N ASN BA 412 62.53 -78.11 6.07
CA ASN BA 412 63.27 -77.77 4.86
C ASN BA 412 62.34 -77.31 3.75
N ARG BA 413 61.22 -78.01 3.56
CA ARG BA 413 60.30 -77.65 2.49
C ARG BA 413 59.65 -76.29 2.74
N LEU BA 414 59.26 -76.04 3.99
CA LEU BA 414 58.69 -74.74 4.34
C LEU BA 414 59.69 -73.61 4.08
N ALA BA 415 60.96 -73.82 4.46
CA ALA BA 415 61.97 -72.80 4.21
C ALA BA 415 62.21 -72.63 2.71
N LYS BA 416 62.24 -73.75 1.97
CA LYS BA 416 62.62 -73.71 0.56
C LYS BA 416 61.56 -73.05 -0.30
N SER BA 417 60.28 -73.37 -0.06
CA SER BA 417 59.22 -72.86 -0.92
C SER BA 417 59.07 -71.35 -0.82
N ILE BA 418 59.66 -70.74 0.21
CA ILE BA 418 59.65 -69.29 0.32
C ILE BA 418 60.46 -68.69 -0.81
N ALA BA 419 59.77 -67.96 -1.70
CA ALA BA 419 60.39 -67.30 -2.85
C ALA BA 419 61.24 -68.28 -3.66
N PRO BA 420 60.60 -69.22 -4.38
CA PRO BA 420 61.36 -70.20 -5.14
C PRO BA 420 62.20 -69.63 -6.28
N GLU BA 421 61.95 -68.39 -6.71
CA GLU BA 421 62.78 -67.78 -7.73
C GLU BA 421 64.23 -67.65 -7.27
N ILE BA 422 64.43 -67.19 -6.03
CA ILE BA 422 65.77 -66.94 -5.54
C ILE BA 422 66.43 -68.24 -5.13
N TYR BA 423 67.64 -68.45 -5.66
CA TYR BA 423 68.40 -69.69 -5.49
C TYR BA 423 69.52 -69.43 -4.50
N GLY BA 424 69.52 -70.16 -3.38
CA GLY BA 424 70.49 -70.00 -2.33
C GLY BA 424 69.92 -69.33 -1.09
N ASN BA 425 70.82 -68.97 -0.19
CA ASN BA 425 70.48 -68.30 1.07
C ASN BA 425 69.47 -69.12 1.88
N LEU BA 426 69.72 -70.42 1.96
CA LEU BA 426 68.77 -71.33 2.58
C LEU BA 426 68.68 -71.14 4.10
N ASP BA 427 69.78 -70.80 4.75
CA ASP BA 427 69.74 -70.53 6.19
C ASP BA 427 68.91 -69.29 6.49
N VAL BA 428 69.00 -68.27 5.63
CA VAL BA 428 68.16 -67.10 5.77
C VAL BA 428 66.69 -67.50 5.67
N LYS BA 429 66.38 -68.43 4.77
CA LYS BA 429 65.00 -68.90 4.64
C LYS BA 429 64.57 -69.70 5.86
N LYS BA 430 65.47 -70.44 6.49
CA LYS BA 430 65.15 -71.06 7.78
C LYS BA 430 64.82 -70.02 8.83
N ALA BA 431 65.61 -68.94 8.91
CA ALA BA 431 65.40 -67.92 9.94
C ALA BA 431 64.12 -67.11 9.70
N LEU BA 432 63.77 -66.87 8.44
CA LEU BA 432 62.53 -66.16 8.15
C LEU BA 432 61.32 -66.96 8.61
N LEU BA 433 61.40 -68.29 8.55
CA LEU BA 433 60.33 -69.13 9.10
C LEU BA 433 60.20 -68.93 10.60
N LEU BA 434 61.32 -68.90 11.33
CA LEU BA 434 61.25 -68.68 12.77
C LEU BA 434 60.72 -67.29 13.08
N LEU BA 435 61.03 -66.31 12.24
CA LEU BA 435 60.45 -64.98 12.42
C LEU BA 435 58.94 -64.99 12.17
N LEU BA 436 58.50 -65.81 11.21
CA LEU BA 436 57.06 -65.88 10.91
C LEU BA 436 56.27 -66.38 12.10
N VAL BA 437 56.79 -67.40 12.80
CA VAL BA 437 56.18 -67.88 14.03
C VAL BA 437 56.65 -66.95 15.14
N GLY BA 438 55.97 -66.98 16.28
CA GLY BA 438 56.33 -66.11 17.39
C GLY BA 438 56.64 -66.91 18.64
N GLY BA 439 57.56 -66.36 19.42
CA GLY BA 439 57.90 -66.99 20.69
C GLY BA 439 56.86 -66.75 21.75
N VAL BA 440 57.12 -67.31 22.94
CA VAL BA 440 56.18 -67.20 24.04
C VAL BA 440 56.20 -65.79 24.60
N ASP BA 441 55.02 -65.23 24.83
CA ASP BA 441 54.85 -63.96 25.53
C ASP BA 441 54.25 -64.26 26.90
N LYS BA 442 55.09 -64.33 27.92
CA LYS BA 442 54.66 -64.67 29.27
C LYS BA 442 54.66 -63.42 30.14
N ARG BA 443 53.53 -63.19 30.81
CA ARG BA 443 53.37 -62.04 31.70
C ARG BA 443 53.75 -62.48 33.11
N VAL BA 444 54.96 -62.12 33.53
CA VAL BA 444 55.42 -62.45 34.87
C VAL BA 444 54.78 -61.51 35.89
N GLY BA 445 54.55 -62.01 37.10
CA GLY BA 445 53.97 -61.19 38.13
C GLY BA 445 54.90 -60.07 38.56
N ASP BA 446 54.33 -59.12 39.29
CA ASP BA 446 55.00 -57.93 39.83
C ASP BA 446 55.43 -56.96 38.73
N GLY BA 447 54.89 -57.09 37.51
CA GLY BA 447 55.17 -56.14 36.46
C GLY BA 447 56.15 -56.60 35.40
N MET BA 448 56.87 -57.69 35.63
CA MET BA 448 57.86 -58.14 34.66
C MET BA 448 57.18 -58.71 33.41
N LYS BA 449 57.72 -58.36 32.25
CA LYS BA 449 57.24 -58.89 30.98
C LYS BA 449 58.42 -59.32 30.14
N ILE BA 450 58.19 -60.34 29.31
CA ILE BA 450 59.23 -60.88 28.42
C ILE BA 450 58.63 -61.00 27.03
N ARG BA 451 59.41 -60.62 26.02
CA ARG BA 451 58.93 -60.56 24.65
C ARG BA 451 59.18 -61.89 23.93
N GLY BA 452 58.26 -62.25 23.05
CA GLY BA 452 58.41 -63.44 22.22
C GLY BA 452 58.57 -63.12 20.76
N ASP BA 453 58.46 -61.84 20.41
CA ASP BA 453 58.61 -61.41 19.02
C ASP BA 453 60.06 -61.54 18.58
N ILE BA 454 60.25 -61.60 17.26
CA ILE BA 454 61.55 -61.89 16.66
C ILE BA 454 62.07 -60.63 15.99
N ASN BA 455 63.36 -60.34 16.20
CA ASN BA 455 64.03 -59.21 15.57
C ASN BA 455 65.17 -59.75 14.71
N VAL BA 456 64.99 -59.73 13.39
CA VAL BA 456 65.96 -60.26 12.45
C VAL BA 456 66.41 -59.15 11.54
N CYS BA 457 67.71 -58.90 11.50
CA CYS BA 457 68.31 -57.93 10.59
C CYS BA 457 69.21 -58.65 9.60
N LEU BA 458 69.10 -58.26 8.33
CA LEU BA 458 69.83 -58.88 7.24
C LEU BA 458 70.72 -57.82 6.60
N MET BA 459 72.02 -57.92 6.84
CA MET BA 459 72.99 -57.02 6.25
C MET BA 459 73.70 -57.69 5.08
N GLY BA 460 74.38 -56.90 4.28
CA GLY BA 460 75.17 -57.46 3.20
C GLY BA 460 75.28 -56.50 2.03
N ASP BA 461 76.17 -56.87 1.11
CA ASP BA 461 76.53 -56.01 -0.01
C ASP BA 461 75.33 -55.84 -0.94
N PRO BA 462 75.29 -54.73 -1.69
CA PRO BA 462 74.19 -54.51 -2.62
C PRO BA 462 74.19 -55.54 -3.74
N GLY BA 463 73.01 -55.74 -4.32
CA GLY BA 463 72.87 -56.72 -5.39
C GLY BA 463 73.05 -58.15 -4.96
N VAL BA 464 72.45 -58.53 -3.83
CA VAL BA 464 72.43 -59.92 -3.39
C VAL BA 464 70.99 -60.42 -3.22
N ALA BA 465 70.02 -59.82 -3.90
CA ALA BA 465 68.57 -60.11 -3.70
C ALA BA 465 68.12 -59.60 -2.35
N LYS BA 466 68.53 -58.41 -1.97
CA LYS BA 466 68.25 -57.94 -0.60
C LYS BA 466 66.76 -57.70 -0.44
N SER BA 467 66.13 -57.16 -1.49
CA SER BA 467 64.87 -56.43 -1.36
C SER BA 467 63.82 -57.14 -2.18
N GLN BA 468 63.96 -58.45 -2.38
CA GLN BA 468 62.87 -59.27 -2.98
C GLN BA 468 62.53 -60.15 -1.82
N LEU BA 469 63.54 -60.47 -1.05
CA LEU BA 469 63.37 -61.46 0.03
C LEU BA 469 62.38 -60.86 0.94
N LEU BA 470 62.52 -59.57 1.16
CA LEU BA 470 61.68 -58.93 2.19
C LEU BA 470 60.27 -58.90 1.65
N LYS BA 471 60.14 -58.25 0.51
CA LYS BA 471 58.80 -58.13 -0.06
C LYS BA 471 58.08 -59.47 -0.07
N ALA BA 472 58.80 -60.55 -0.37
CA ALA BA 472 58.17 -61.86 -0.46
C ALA BA 472 57.62 -62.32 0.88
N ILE BA 473 58.36 -62.06 1.97
CA ILE BA 473 57.89 -62.44 3.30
C ILE BA 473 56.60 -61.72 3.67
N CYS BA 474 56.38 -60.52 3.15
CA CYS BA 474 55.17 -59.76 3.48
C CYS BA 474 53.93 -60.48 2.97
N LYS BA 475 54.05 -61.24 1.88
CA LYS BA 475 52.90 -61.94 1.32
C LYS BA 475 52.37 -63.00 2.28
N ILE BA 476 53.25 -63.70 2.98
CA ILE BA 476 52.83 -64.85 3.78
C ILE BA 476 51.89 -64.44 4.90
N SER BA 477 52.23 -63.38 5.62
CA SER BA 477 51.41 -62.99 6.76
C SER BA 477 50.51 -61.81 6.41
N PRO BA 478 49.21 -61.91 6.71
CA PRO BA 478 48.29 -60.80 6.41
C PRO BA 478 48.61 -59.54 7.20
N ARG BA 479 49.01 -59.70 8.46
CA ARG BA 479 49.35 -58.57 9.32
C ARG BA 479 50.81 -58.22 9.10
N GLY BA 480 51.06 -57.32 8.14
CA GLY BA 480 52.41 -56.90 7.85
C GLY BA 480 52.41 -55.64 7.03
N VAL BA 481 53.42 -54.81 7.25
CA VAL BA 481 53.57 -53.54 6.58
C VAL BA 481 55.01 -53.39 6.08
N TYR BA 482 55.14 -52.99 4.82
CA TYR BA 482 56.44 -52.75 4.21
C TYR BA 482 56.70 -51.25 4.23
N THR BA 483 57.60 -50.82 5.12
CA THR BA 483 57.95 -49.42 5.30
C THR BA 483 59.34 -49.17 4.76
N THR BA 484 59.50 -48.08 4.01
CA THR BA 484 60.75 -47.77 3.34
C THR BA 484 61.35 -46.47 3.89
N GLY BA 485 62.38 -45.95 3.23
CA GLY BA 485 63.12 -44.82 3.72
C GLY BA 485 62.32 -43.53 3.78
N LYS BA 486 63.06 -42.41 3.80
CA LYS BA 486 62.50 -41.09 4.08
C LYS BA 486 61.54 -40.59 3.02
N GLY BA 487 61.22 -41.40 1.99
CA GLY BA 487 60.22 -40.98 1.03
C GLY BA 487 58.87 -40.72 1.68
N SER BA 488 58.48 -41.56 2.64
CA SER BA 488 57.30 -41.36 3.44
C SER BA 488 57.63 -41.64 4.91
N SER BA 489 56.89 -40.99 5.80
CA SER BA 489 57.08 -41.12 7.23
C SER BA 489 55.94 -41.93 7.82
N GLY BA 490 56.17 -43.23 8.02
CA GLY BA 490 55.15 -44.09 8.58
C GLY BA 490 55.63 -44.90 9.77
N VAL BA 491 56.94 -45.03 9.94
CA VAL BA 491 57.49 -45.82 11.04
C VAL BA 491 57.16 -45.16 12.37
N GLY BA 492 57.42 -43.86 12.49
CA GLY BA 492 57.14 -43.12 13.71
C GLY BA 492 55.98 -42.17 13.65
N LEU BA 493 55.08 -42.29 12.66
CA LEU BA 493 53.96 -41.36 12.52
C LEU BA 493 52.81 -41.76 13.45
N THR BA 494 53.08 -41.70 14.75
CA THR BA 494 52.05 -41.85 15.77
C THR BA 494 51.51 -40.48 16.16
N ALA BA 495 51.13 -39.71 15.14
CA ALA BA 495 50.68 -38.34 15.35
C ALA BA 495 49.28 -38.32 15.97
N ALA BA 496 48.99 -37.23 16.67
CA ALA BA 496 47.69 -37.01 17.27
C ALA BA 496 46.87 -35.95 16.54
N VAL BA 497 47.33 -35.48 15.39
CA VAL BA 497 46.63 -34.48 14.60
C VAL BA 497 46.37 -35.05 13.22
N MET BA 498 45.14 -34.91 12.73
CA MET BA 498 44.75 -35.38 11.40
C MET BA 498 43.78 -34.36 10.81
N LYS BA 499 44.24 -33.59 9.84
CA LYS BA 499 43.40 -32.58 9.19
C LYS BA 499 42.57 -33.24 8.08
N ASP BA 500 41.61 -34.04 8.52
CA ASP BA 500 40.76 -34.74 7.57
C ASP BA 500 39.83 -33.74 6.88
N PRO BA 501 39.80 -33.72 5.54
CA PRO BA 501 38.99 -32.69 4.84
C PRO BA 501 37.50 -32.79 5.12
N VAL BA 502 36.99 -33.95 5.53
CA VAL BA 502 35.55 -34.15 5.62
C VAL BA 502 34.95 -33.30 6.73
N THR BA 503 35.67 -33.15 7.85
CA THR BA 503 35.13 -32.45 9.01
C THR BA 503 36.09 -31.47 9.67
N ASP BA 504 37.39 -31.50 9.32
CA ASP BA 504 38.38 -30.57 9.84
C ASP BA 504 38.46 -30.64 11.37
N GLU BA 505 38.53 -31.85 11.89
CA GLU BA 505 38.79 -32.10 13.31
C GLU BA 505 39.94 -33.08 13.44
N MET BA 506 40.59 -33.09 14.61
CA MET BA 506 41.74 -33.97 14.80
C MET BA 506 41.29 -35.41 15.01
N ILE BA 507 42.04 -36.35 14.44
CA ILE BA 507 41.86 -37.78 14.66
C ILE BA 507 43.19 -38.36 15.08
N LEU BA 508 43.19 -39.15 16.15
CA LEU BA 508 44.41 -39.86 16.55
C LEU BA 508 44.76 -40.91 15.52
N GLU BA 509 45.93 -40.75 14.91
CA GLU BA 509 46.37 -41.62 13.81
C GLU BA 509 47.60 -42.40 14.25
N GLY BA 510 47.47 -43.73 14.29
CA GLY BA 510 48.58 -44.56 14.67
C GLY BA 510 49.55 -44.80 13.55
N GLY BA 511 50.79 -45.15 13.91
CA GLY BA 511 51.83 -45.41 12.95
C GLY BA 511 51.81 -46.83 12.42
N ALA BA 512 52.78 -47.14 11.57
CA ALA BA 512 52.89 -48.48 11.02
C ALA BA 512 53.31 -49.51 12.06
N LEU BA 513 54.16 -49.10 13.01
CA LEU BA 513 54.59 -50.00 14.08
C LEU BA 513 53.40 -50.44 14.92
N VAL BA 514 52.52 -49.49 15.26
CA VAL BA 514 51.31 -49.81 16.01
C VAL BA 514 50.36 -50.64 15.15
N LEU BA 515 50.29 -50.33 13.85
CA LEU BA 515 49.32 -50.97 12.98
C LEU BA 515 49.51 -52.49 12.95
N ALA BA 516 50.76 -52.95 12.90
CA ALA BA 516 51.05 -54.38 12.83
C ALA BA 516 51.18 -54.91 14.26
N ASP BA 517 50.07 -55.41 14.79
CA ASP BA 517 50.07 -56.08 16.09
C ASP BA 517 50.01 -57.58 15.88
N ASN BA 518 50.89 -58.31 16.58
CA ASN BA 518 51.10 -59.73 16.35
C ASN BA 518 51.52 -60.01 14.91
N GLY BA 519 52.19 -59.03 14.29
CA GLY BA 519 52.57 -59.13 12.90
C GLY BA 519 54.03 -58.81 12.65
N ILE BA 520 54.39 -58.63 11.37
CA ILE BA 520 55.78 -58.43 10.96
C ILE BA 520 55.89 -57.05 10.33
N CYS BA 521 56.87 -56.27 10.77
CA CYS BA 521 57.16 -54.97 10.18
C CYS BA 521 58.44 -55.08 9.35
N CYS BA 522 58.31 -54.92 8.04
CA CYS BA 522 59.44 -55.06 7.11
C CYS BA 522 59.98 -53.68 6.79
N ILE BA 523 61.13 -53.36 7.40
CA ILE BA 523 61.71 -52.01 7.28
C ILE BA 523 62.85 -52.13 6.26
N ASP BA 524 62.54 -51.73 5.03
CA ASP BA 524 63.55 -51.70 3.98
C ASP BA 524 64.35 -50.39 4.03
N GLU BA 525 65.60 -50.46 3.58
CA GLU BA 525 66.51 -49.32 3.58
C GLU BA 525 66.59 -48.68 4.97
N PHE BA 526 66.86 -49.50 5.98
CA PHE BA 526 66.91 -49.05 7.36
C PHE BA 526 68.09 -48.12 7.63
N ASP BA 527 69.13 -48.17 6.78
CA ASP BA 527 70.28 -47.28 6.98
C ASP BA 527 69.91 -45.82 6.84
N LYS BA 528 69.14 -45.47 5.81
CA LYS BA 528 68.82 -44.08 5.51
C LYS BA 528 67.70 -43.53 6.39
N MET BA 529 67.06 -44.36 7.20
CA MET BA 529 65.95 -43.89 8.01
C MET BA 529 66.45 -43.08 9.19
N ASP BA 530 65.71 -42.03 9.53
CA ASP BA 530 66.16 -40.96 10.41
C ASP BA 530 66.04 -41.39 11.87
N GLU BA 531 66.75 -40.67 12.75
CA GLU BA 531 66.76 -40.94 14.19
C GLU BA 531 65.38 -40.77 14.82
N SER BA 532 64.53 -39.97 14.19
CA SER BA 532 63.17 -39.79 14.69
C SER BA 532 62.44 -41.12 14.73
N ASP BA 533 62.60 -41.93 13.69
CA ASP BA 533 62.05 -43.28 13.71
C ASP BA 533 62.90 -44.20 14.57
N ARG BA 534 64.19 -43.90 14.72
CA ARG BA 534 65.06 -44.70 15.58
C ARG BA 534 64.56 -44.67 17.02
N THR BA 535 63.98 -43.56 17.45
CA THR BA 535 63.42 -43.49 18.79
C THR BA 535 62.30 -44.52 18.97
N ALA BA 536 61.38 -44.61 18.01
CA ALA BA 536 60.30 -45.58 18.09
C ALA BA 536 60.83 -47.00 18.01
N ILE BA 537 61.80 -47.24 17.14
CA ILE BA 537 62.39 -48.59 17.04
C ILE BA 537 63.06 -48.97 18.35
N HIS BA 538 63.74 -48.01 18.99
CA HIS BA 538 64.35 -48.26 20.29
C HIS BA 538 63.31 -48.59 21.34
N GLU BA 539 62.19 -47.86 21.35
CA GLU BA 539 61.22 -48.05 22.43
C GLU BA 539 60.40 -49.33 22.25
N VAL BA 540 60.08 -49.71 21.01
CA VAL BA 540 59.27 -50.91 20.79
C VAL BA 540 60.00 -52.14 21.32
N MET BA 541 61.29 -52.27 20.98
CA MET BA 541 62.05 -53.44 21.41
C MET BA 541 62.19 -53.47 22.92
N GLU BA 542 62.03 -52.31 23.57
CA GLU BA 542 62.17 -52.27 25.03
C GLU BA 542 60.85 -52.64 25.72
N GLN BA 543 59.76 -51.99 25.34
CA GLN BA 543 58.49 -52.18 26.05
C GLN BA 543 57.29 -52.46 25.16
N GLN BA 544 57.37 -52.27 23.85
CA GLN BA 544 56.31 -52.57 22.89
C GLN BA 544 55.05 -51.74 23.12
N THR BA 545 55.15 -50.60 23.79
CA THR BA 545 54.00 -49.74 24.06
C THR BA 545 54.35 -48.32 23.63
N ILE BA 546 53.78 -47.87 22.53
CA ILE BA 546 54.12 -46.59 21.95
C ILE BA 546 53.44 -45.48 22.74
N SER BA 547 54.24 -44.53 23.22
CA SER BA 547 53.72 -43.28 23.74
C SER BA 547 53.33 -42.37 22.57
N ILE BA 548 52.28 -41.58 22.77
CA ILE BA 548 51.66 -40.86 21.66
C ILE BA 548 52.07 -39.40 21.69
N SER BA 549 51.71 -38.67 20.63
CA SER BA 549 52.08 -37.27 20.49
C SER BA 549 51.56 -36.43 21.66
N LYS BA 550 52.07 -35.21 21.76
CA LYS BA 550 51.82 -34.32 22.88
C LYS BA 550 50.62 -33.42 22.66
N ALA BA 551 49.64 -33.85 21.85
CA ALA BA 551 48.45 -33.05 21.60
C ALA BA 551 47.38 -33.30 22.68
N GLY BA 552 47.84 -33.22 23.93
CA GLY BA 552 46.93 -33.24 25.08
C GLY BA 552 46.04 -34.45 25.19
N ILE BA 553 46.57 -35.65 24.93
CA ILE BA 553 45.79 -36.87 25.10
C ILE BA 553 46.46 -37.88 26.03
N ASN BA 554 47.79 -37.87 26.13
CA ASN BA 554 48.52 -38.75 27.06
C ASN BA 554 48.09 -40.21 26.92
N THR BA 555 48.31 -40.77 25.75
CA THR BA 555 47.83 -42.11 25.40
C THR BA 555 49.02 -43.04 25.16
N THR BA 556 48.90 -44.28 25.63
CA THR BA 556 49.86 -45.33 25.36
C THR BA 556 49.16 -46.46 24.63
N LEU BA 557 49.72 -46.88 23.51
CA LEU BA 557 49.08 -47.85 22.62
C LEU BA 557 49.92 -49.12 22.53
N ASN BA 558 49.25 -50.26 22.57
CA ASN BA 558 49.93 -51.54 22.41
C ASN BA 558 50.58 -51.66 21.05
N ALA BA 559 51.84 -52.09 21.03
CA ALA BA 559 52.56 -52.21 19.77
C ALA BA 559 53.41 -53.48 19.68
N ARG BA 560 52.98 -54.59 20.27
CA ARG BA 560 53.73 -55.84 20.17
C ARG BA 560 53.89 -56.25 18.71
N THR BA 561 55.13 -56.27 18.23
CA THR BA 561 55.39 -56.59 16.84
C THR BA 561 56.79 -57.19 16.69
N SER BA 562 56.99 -57.88 15.58
CA SER BA 562 58.28 -58.44 15.21
C SER BA 562 58.88 -57.60 14.09
N ILE BA 563 60.20 -57.51 14.06
CA ILE BA 563 60.91 -56.59 13.17
C ILE BA 563 61.78 -57.38 12.20
N LEU BA 564 61.65 -57.07 10.92
CA LEU BA 564 62.50 -57.64 9.87
C LEU BA 564 63.15 -56.47 9.14
N ALA BA 565 64.45 -56.29 9.37
CA ALA BA 565 65.18 -55.14 8.85
C ALA BA 565 66.16 -55.57 7.77
N ALA BA 566 66.28 -54.74 6.74
CA ALA BA 566 67.25 -54.94 5.68
C ALA BA 566 68.23 -53.78 5.69
N ALA BA 567 69.53 -54.09 5.63
CA ALA BA 567 70.55 -53.07 5.79
C ALA BA 567 71.46 -53.03 4.57
N ASN BA 568 72.10 -51.86 4.39
CA ASN BA 568 73.04 -51.51 3.36
C ASN BA 568 74.34 -50.99 3.99
N PRO BA 569 75.46 -51.67 3.78
CA PRO BA 569 76.71 -51.24 4.43
C PRO BA 569 77.17 -49.89 3.90
N LEU BA 570 77.89 -49.18 4.77
CA LEU BA 570 78.34 -47.84 4.44
C LEU BA 570 79.31 -47.85 3.26
N TYR BA 571 79.15 -46.86 2.38
CA TYR BA 571 79.99 -46.68 1.19
C TYR BA 571 80.29 -47.99 0.47
N GLY BA 572 79.25 -48.72 0.08
CA GLY BA 572 79.42 -49.83 -0.84
C GLY BA 572 79.28 -51.22 -0.25
N ARG BA 573 80.40 -51.94 -0.18
CA ARG BA 573 80.40 -53.35 0.16
C ARG BA 573 81.14 -53.55 1.48
N TYR BA 574 81.39 -54.82 1.79
CA TYR BA 574 82.20 -55.14 2.96
C TYR BA 574 83.62 -54.62 2.78
N ASN BA 575 84.22 -54.23 3.89
CA ASN BA 575 85.51 -53.54 3.91
C ASN BA 575 86.39 -54.34 4.86
N PRO BA 576 87.66 -54.63 4.52
CA PRO BA 576 88.52 -55.32 5.49
C PRO BA 576 88.75 -54.56 6.78
N ARG BA 577 88.13 -53.38 6.94
CA ARG BA 577 87.96 -52.80 8.27
C ARG BA 577 87.33 -53.85 9.20
N LEU BA 578 87.96 -54.05 10.36
CA LEU BA 578 87.65 -55.21 11.17
C LEU BA 578 86.31 -55.08 11.89
N SER BA 579 85.97 -53.88 12.34
CA SER BA 579 84.80 -53.71 13.19
C SER BA 579 83.52 -53.78 12.37
N PRO BA 580 82.57 -54.66 12.73
CA PRO BA 580 81.25 -54.59 12.09
C PRO BA 580 80.55 -53.27 12.31
N LEU BA 581 80.85 -52.60 13.43
CA LEU BA 581 80.29 -51.27 13.68
C LEU BA 581 80.75 -50.27 12.64
N ASP BA 582 81.92 -50.51 12.02
CA ASP BA 582 82.41 -49.60 10.99
C ASP BA 582 81.69 -49.81 9.67
N ASN BA 583 81.15 -51.01 9.45
CA ASN BA 583 80.51 -51.31 8.17
C ASN BA 583 79.20 -50.55 8.01
N ILE BA 584 78.44 -50.37 9.10
CA ILE BA 584 77.15 -49.70 9.06
C ILE BA 584 77.12 -48.61 10.12
N ASN BA 585 76.17 -47.68 9.94
CA ASN BA 585 75.99 -46.55 10.85
C ASN BA 585 75.27 -46.95 12.13
N LEU BA 586 74.60 -48.08 12.15
CA LEU BA 586 73.71 -48.44 13.26
C LEU BA 586 74.48 -48.51 14.57
N PRO BA 587 73.93 -47.99 15.66
CA PRO BA 587 74.63 -48.07 16.95
C PRO BA 587 74.72 -49.50 17.45
N ALA BA 588 75.67 -49.73 18.36
CA ALA BA 588 75.82 -51.07 18.94
C ALA BA 588 74.61 -51.45 19.78
N ALA BA 589 74.05 -50.48 20.52
CA ALA BA 589 72.89 -50.78 21.35
C ALA BA 589 71.70 -51.18 20.51
N LEU BA 590 71.48 -50.50 19.37
CA LEU BA 590 70.37 -50.86 18.50
C LEU BA 590 70.54 -52.26 17.94
N LEU BA 591 71.76 -52.62 17.52
CA LEU BA 591 72.02 -53.95 16.98
C LEU BA 591 71.94 -55.04 18.04
N SER BA 592 72.25 -54.73 19.30
CA SER BA 592 72.18 -55.73 20.35
C SER BA 592 70.76 -56.20 20.60
N ARG BA 593 69.77 -55.31 20.48
CA ARG BA 593 68.38 -55.69 20.72
C ARG BA 593 67.86 -56.62 19.63
N PHE BA 594 68.46 -56.59 18.45
CA PHE BA 594 68.06 -57.51 17.39
C PHE BA 594 68.38 -58.95 17.79
N ASP BA 595 67.42 -59.84 17.58
CA ASP BA 595 67.63 -61.24 17.95
C ASP BA 595 68.72 -61.88 17.09
N ILE BA 596 68.67 -61.70 15.77
CA ILE BA 596 69.63 -62.33 14.87
C ILE BA 596 70.11 -61.32 13.84
N LEU BA 597 71.40 -61.40 13.52
CA LEU BA 597 72.05 -60.62 12.47
C LEU BA 597 72.58 -61.57 11.41
N PHE BA 598 72.31 -61.26 10.14
CA PHE BA 598 72.76 -62.07 9.01
C PHE BA 598 73.58 -61.20 8.05
N LEU BA 599 74.83 -61.62 7.82
CA LEU BA 599 75.63 -61.00 6.78
C LEU BA 599 75.64 -61.87 5.54
N MET BA 600 75.22 -61.29 4.41
CA MET BA 600 75.29 -61.96 3.11
C MET BA 600 76.19 -61.12 2.22
N LEU BA 601 77.48 -61.48 2.18
CA LEU BA 601 78.47 -60.78 1.37
C LEU BA 601 78.56 -61.44 0.01
N ASP BA 602 78.74 -60.62 -1.02
CA ASP BA 602 78.86 -61.10 -2.40
C ASP BA 602 80.33 -61.38 -2.69
N ILE BA 603 80.71 -62.64 -2.67
CA ILE BA 603 82.08 -63.08 -2.93
C ILE BA 603 82.11 -63.72 -4.31
N PRO BA 604 83.00 -63.30 -5.21
CA PRO BA 604 83.00 -63.87 -6.57
C PRO BA 604 83.59 -65.27 -6.57
N SER BA 605 82.81 -66.22 -7.08
CA SER BA 605 83.24 -67.60 -7.24
C SER BA 605 82.79 -68.09 -8.61
N ARG BA 606 83.70 -68.72 -9.35
CA ARG BA 606 83.42 -69.06 -10.74
C ARG BA 606 82.30 -70.08 -10.87
N ASP BA 607 82.16 -70.97 -9.91
CA ASP BA 607 81.12 -72.00 -9.99
C ASP BA 607 79.73 -71.40 -9.76
N ASP BA 608 79.60 -70.55 -8.74
CA ASP BA 608 78.28 -70.05 -8.35
C ASP BA 608 77.69 -69.13 -9.42
N ASP BA 609 78.54 -68.35 -10.09
CA ASP BA 609 78.05 -67.43 -11.10
C ASP BA 609 77.37 -68.16 -12.25
N GLU BA 610 77.92 -69.32 -12.64
CA GLU BA 610 77.32 -70.08 -13.72
C GLU BA 610 75.90 -70.52 -13.38
N LYS BA 611 75.70 -71.13 -12.21
CA LYS BA 611 74.36 -71.57 -11.83
C LYS BA 611 73.42 -70.39 -11.64
N LEU BA 612 73.90 -69.28 -11.07
CA LEU BA 612 73.05 -68.11 -10.92
C LEU BA 612 72.60 -67.58 -12.28
N ALA BA 613 73.52 -67.47 -13.23
CA ALA BA 613 73.17 -66.98 -14.56
C ALA BA 613 72.19 -67.92 -15.25
N GLU BA 614 72.41 -69.23 -15.14
CA GLU BA 614 71.49 -70.19 -15.75
C GLU BA 614 70.10 -70.08 -15.14
N HIS BA 615 70.03 -69.98 -13.81
CA HIS BA 615 68.74 -69.86 -13.14
C HIS BA 615 68.01 -68.59 -13.54
N VAL BA 616 68.73 -67.47 -13.63
CA VAL BA 616 68.10 -66.22 -14.02
C VAL BA 616 67.62 -66.27 -15.47
N THR BA 617 68.42 -66.84 -16.36
CA THR BA 617 68.08 -66.85 -17.77
C THR BA 617 66.96 -67.82 -18.12
N TYR BA 618 66.83 -68.92 -17.35
CA TYR BA 618 65.71 -69.83 -17.62
C TYR BA 618 64.38 -69.13 -17.42
N VAL BA 619 64.28 -68.26 -16.40
CA VAL BA 619 63.08 -67.50 -16.15
C VAL BA 619 62.75 -66.54 -17.29
N HIS BA 620 63.75 -65.95 -17.94
CA HIS BA 620 63.53 -65.07 -19.07
C HIS BA 620 63.16 -65.83 -20.33
N MET BA 621 63.79 -66.98 -20.60
CA MET BA 621 63.42 -67.76 -21.77
C MET BA 621 61.98 -68.28 -21.63
N HIS BA 622 61.72 -69.08 -20.60
CA HIS BA 622 60.37 -69.51 -20.27
C HIS BA 622 59.94 -68.85 -18.97
N ASN BA 623 58.77 -68.21 -18.99
CA ASN BA 623 58.28 -67.49 -17.82
C ASN BA 623 58.15 -68.39 -16.60
N LYS BA 624 57.91 -69.69 -16.78
CA LYS BA 624 57.84 -70.62 -15.67
C LYS BA 624 59.19 -70.76 -14.99
N GLN BA 625 59.16 -70.96 -13.68
CA GLN BA 625 60.39 -71.20 -12.92
C GLN BA 625 60.98 -72.55 -13.31
N PRO BA 626 62.31 -72.72 -13.17
CA PRO BA 626 62.94 -73.97 -13.63
C PRO BA 626 62.45 -75.19 -12.86
N ASP BA 627 61.89 -76.16 -13.58
CA ASP BA 627 61.37 -77.37 -12.95
C ASP BA 627 62.50 -78.15 -12.30
N LEU BA 628 62.25 -78.63 -11.09
CA LEU BA 628 63.25 -79.34 -10.31
C LEU BA 628 62.54 -80.34 -9.40
N ASP BA 629 63.32 -81.27 -8.85
CA ASP BA 629 62.76 -82.26 -7.94
C ASP BA 629 62.10 -81.61 -6.73
N PHE BA 630 62.57 -80.42 -6.37
CA PHE BA 630 61.95 -79.68 -5.26
C PHE BA 630 60.51 -79.33 -5.60
N THR BA 631 59.59 -79.60 -4.66
CA THR BA 631 58.18 -79.34 -4.92
C THR BA 631 57.73 -78.07 -4.22
N PRO BA 632 57.15 -77.12 -4.96
CA PRO BA 632 56.61 -75.90 -4.33
C PRO BA 632 55.28 -76.21 -3.64
N VAL BA 633 55.28 -76.12 -2.31
CA VAL BA 633 54.05 -76.36 -1.57
C VAL BA 633 53.07 -75.22 -1.83
N GLU BA 634 51.79 -75.53 -1.82
CA GLU BA 634 50.76 -74.57 -2.16
C GLU BA 634 50.68 -73.47 -1.10
N PRO BA 635 50.64 -72.19 -1.51
CA PRO BA 635 50.72 -71.10 -0.51
C PRO BA 635 49.60 -71.07 0.52
N SER BA 636 48.38 -71.45 0.15
CA SER BA 636 47.31 -71.47 1.12
C SER BA 636 47.59 -72.49 2.22
N LYS BA 637 48.23 -73.60 1.86
CA LYS BA 637 48.71 -74.54 2.87
C LYS BA 637 49.77 -73.90 3.75
N MET BA 638 50.66 -73.10 3.17
CA MET BA 638 51.62 -72.34 3.97
C MET BA 638 50.90 -71.51 5.04
N ARG BA 639 49.92 -70.72 4.62
CA ARG BA 639 49.21 -69.86 5.56
C ARG BA 639 48.45 -70.69 6.60
N GLU BA 640 47.82 -71.78 6.18
CA GLU BA 640 47.04 -72.61 7.10
C GLU BA 640 47.94 -73.23 8.16
N TYR BA 641 49.12 -73.71 7.76
CA TYR BA 641 50.02 -74.30 8.75
C TYR BA 641 50.63 -73.24 9.65
N ILE BA 642 50.97 -72.07 9.09
CA ILE BA 642 51.58 -71.01 9.89
C ILE BA 642 50.62 -70.53 10.96
N ALA BA 643 49.35 -70.29 10.59
CA ALA BA 643 48.36 -69.84 11.55
C ALA BA 643 48.13 -70.89 12.64
N TYR BA 644 48.02 -72.16 12.23
CA TYR BA 644 47.79 -73.23 13.19
C TYR BA 644 48.94 -73.36 14.17
N ALA BA 645 50.18 -73.22 13.67
CA ALA BA 645 51.33 -73.22 14.56
C ALA BA 645 51.30 -72.03 15.51
N LYS BA 646 50.89 -70.86 15.00
CA LYS BA 646 50.83 -69.68 15.84
C LYS BA 646 49.82 -69.85 16.97
N THR BA 647 48.69 -70.49 16.69
CA THR BA 647 47.68 -70.70 17.74
C THR BA 647 48.21 -71.62 18.84
N LYS BA 648 49.15 -72.51 18.51
CA LYS BA 648 49.66 -73.47 19.49
C LYS BA 648 50.47 -72.78 20.57
N ARG BA 649 50.42 -73.34 21.78
CA ARG BA 649 51.14 -72.82 22.93
C ARG BA 649 52.06 -73.89 23.52
N PRO BA 650 53.36 -73.75 23.36
CA PRO BA 650 54.30 -74.72 23.94
C PRO BA 650 54.31 -74.70 25.46
N VAL BA 651 55.20 -75.51 26.03
CA VAL BA 651 55.48 -75.51 27.46
C VAL BA 651 56.85 -76.14 27.65
N MET BA 652 57.54 -75.75 28.72
CA MET BA 652 58.91 -76.17 28.97
C MET BA 652 58.99 -77.00 30.24
N SER BA 653 60.14 -77.66 30.40
CA SER BA 653 60.41 -78.51 31.55
C SER BA 653 61.70 -78.08 32.22
N GLU BA 654 61.88 -78.52 33.47
CA GLU BA 654 63.06 -78.11 34.23
C GLU BA 654 64.32 -78.77 33.71
N ALA BA 655 64.20 -79.99 33.17
CA ALA BA 655 65.37 -80.72 32.69
C ALA BA 655 65.95 -80.07 31.44
N VAL BA 656 65.10 -79.57 30.55
CA VAL BA 656 65.56 -79.00 29.30
C VAL BA 656 66.40 -77.75 29.55
N ASN BA 657 65.93 -76.87 30.41
CA ASN BA 657 66.58 -75.60 30.68
C ASN BA 657 67.88 -75.74 31.46
N ASP BA 658 68.16 -76.92 32.01
CA ASP BA 658 69.42 -77.11 32.72
C ASP BA 658 70.62 -77.11 31.77
N TYR BA 659 70.46 -77.72 30.60
CA TYR BA 659 71.51 -77.73 29.60
C TYR BA 659 71.75 -76.34 29.02
N VAL BA 660 70.73 -75.47 29.07
CA VAL BA 660 70.87 -74.12 28.55
C VAL BA 660 71.89 -73.34 29.37
N VAL BA 661 71.93 -73.58 30.68
CA VAL BA 661 72.91 -72.91 31.54
C VAL BA 661 74.32 -73.31 31.14
N GLN BA 662 74.54 -74.62 30.90
CA GLN BA 662 75.86 -75.06 30.47
C GLN BA 662 76.23 -74.48 29.11
N ALA BA 663 75.26 -74.42 28.20
CA ALA BA 663 75.52 -73.81 26.89
C ALA BA 663 75.92 -72.34 27.06
N TYR BA 664 75.21 -71.61 27.92
CA TYR BA 664 75.49 -70.19 28.08
C TYR BA 664 76.85 -69.97 28.76
N ILE BA 665 77.19 -70.78 29.74
CA ILE BA 665 78.49 -70.59 30.39
C ILE BA 665 79.63 -70.93 29.44
N ARG BA 666 79.44 -71.96 28.60
CA ARG BA 666 80.45 -72.25 27.58
C ARG BA 666 80.56 -71.10 26.58
N LEU BA 667 79.43 -70.52 26.17
CA LEU BA 667 79.47 -69.38 25.25
C LEU BA 667 80.17 -68.18 25.87
N ARG BA 668 79.92 -67.92 27.16
CA ARG BA 668 80.57 -66.78 27.81
C ARG BA 668 82.07 -67.02 27.99
N GLN BA 669 82.45 -68.24 28.36
CA GLN BA 669 83.87 -68.56 28.50
C GLN BA 669 84.57 -68.52 27.14
N ASP BA 670 83.84 -68.76 26.05
CA ASP BA 670 84.39 -68.50 24.73
C ASP BA 670 84.50 -67.01 24.48
N SER BA 671 83.47 -66.25 24.86
CA SER BA 671 83.42 -64.82 24.54
C SER BA 671 84.50 -64.03 25.27
N LYS BA 672 84.91 -64.48 26.45
CA LYS BA 672 85.97 -63.77 27.17
C LYS BA 672 87.26 -63.76 26.36
N ARG BA 673 87.56 -64.86 25.67
CA ARG BA 673 88.72 -64.92 24.78
C ARG BA 673 88.36 -64.69 23.32
N GLU BA 674 87.06 -64.66 23.00
CA GLU BA 674 86.65 -64.44 21.61
C GLU BA 674 86.95 -63.02 21.13
N MET BA 675 87.14 -62.08 22.06
CA MET BA 675 87.51 -60.72 21.68
C MET BA 675 88.79 -60.74 20.86
N ASP BA 676 88.66 -60.42 19.58
CA ASP BA 676 89.78 -60.53 18.64
C ASP BA 676 89.74 -59.34 17.71
N SER BA 677 90.66 -59.36 16.74
CA SER BA 677 90.78 -58.23 15.81
C SER BA 677 89.56 -58.10 14.93
N LYS BA 678 89.14 -59.20 14.29
CA LYS BA 678 88.16 -59.11 13.22
C LYS BA 678 86.82 -59.76 13.56
N PHE BA 679 86.84 -61.00 14.04
CA PHE BA 679 85.61 -61.77 14.15
C PHE BA 679 84.83 -61.39 15.40
N SER BA 680 83.51 -61.62 15.35
CA SER BA 680 82.57 -61.49 16.47
C SER BA 680 82.22 -60.04 16.75
N PHE BA 681 81.08 -59.83 17.40
CA PHE BA 681 80.57 -58.50 17.73
C PHE BA 681 80.50 -58.39 19.25
N GLY BA 682 81.48 -57.72 19.85
CA GLY BA 682 81.51 -57.54 21.29
C GLY BA 682 81.57 -58.85 22.06
N GLN BA 683 80.75 -58.97 23.10
CA GLN BA 683 80.69 -60.18 23.91
C GLN BA 683 79.24 -60.57 24.08
N ALA BA 684 79.03 -61.81 24.52
CA ALA BA 684 77.68 -62.31 24.74
C ALA BA 684 77.05 -61.64 25.94
N THR BA 685 75.73 -61.48 25.90
CA THR BA 685 74.94 -60.82 26.93
C THR BA 685 73.82 -61.75 27.37
N PRO BA 686 73.24 -61.57 28.56
CA PRO BA 686 72.06 -62.39 28.92
C PRO BA 686 70.93 -62.29 27.90
N ARG BA 687 70.86 -61.21 27.13
CA ARG BA 687 69.90 -61.14 26.05
C ARG BA 687 70.11 -62.27 25.04
N THR BA 688 71.36 -62.72 24.87
CA THR BA 688 71.60 -63.88 24.01
C THR BA 688 70.95 -65.13 24.59
N LEU BA 689 71.06 -65.33 25.91
CA LEU BA 689 70.37 -66.44 26.53
C LEU BA 689 68.87 -66.33 26.33
N LEU BA 690 68.32 -65.13 26.48
CA LEU BA 690 66.89 -64.93 26.29
C LEU BA 690 66.48 -65.27 24.86
N GLY BA 691 67.26 -64.83 23.89
CA GLY BA 691 66.94 -65.08 22.50
C GLY BA 691 67.10 -66.54 22.12
N ILE BA 692 67.98 -67.27 22.81
CA ILE BA 692 68.10 -68.70 22.57
C ILE BA 692 66.77 -69.40 22.87
N ILE BA 693 66.21 -69.12 24.04
CA ILE BA 693 64.92 -69.70 24.41
C ILE BA 693 63.83 -69.19 23.47
N ARG BA 694 63.88 -67.90 23.13
CA ARG BA 694 62.87 -67.32 22.25
C ARG BA 694 62.87 -68.00 20.88
N LEU BA 695 64.04 -68.34 20.37
CA LEU BA 695 64.11 -69.03 19.08
C LEU BA 695 63.75 -70.50 19.21
N SER BA 696 64.09 -71.12 20.35
CA SER BA 696 63.65 -72.49 20.57
C SER BA 696 62.13 -72.58 20.60
N GLN BA 697 61.47 -71.50 21.04
CA GLN BA 697 60.00 -71.46 21.01
C GLN BA 697 59.46 -71.76 19.63
N ALA BA 698 59.94 -71.05 18.61
CA ALA BA 698 59.40 -71.21 17.27
C ALA BA 698 59.72 -72.59 16.70
N LEU BA 699 60.94 -73.08 16.93
CA LEU BA 699 61.31 -74.39 16.42
C LEU BA 699 60.50 -75.49 17.09
N ALA BA 700 60.11 -75.29 18.35
CA ALA BA 700 59.20 -76.24 19.00
C ALA BA 700 57.79 -76.12 18.42
N LYS BA 701 57.32 -74.90 18.18
CA LYS BA 701 55.98 -74.72 17.63
C LYS BA 701 55.86 -75.26 16.21
N LEU BA 702 56.99 -75.37 15.51
CA LEU BA 702 56.95 -75.76 14.11
C LEU BA 702 56.25 -77.10 13.90
N ARG BA 703 56.65 -78.12 14.65
CA ARG BA 703 56.03 -79.44 14.49
C ARG BA 703 55.60 -80.03 15.82
N LEU BA 704 56.32 -79.69 16.89
CA LEU BA 704 56.12 -80.35 18.17
C LEU BA 704 55.03 -79.67 18.99
N ALA BA 705 54.80 -80.21 20.19
CA ALA BA 705 53.87 -79.67 21.15
C ALA BA 705 54.37 -79.99 22.55
N ASP BA 706 53.60 -79.55 23.55
CA ASP BA 706 53.85 -79.77 24.99
C ASP BA 706 55.33 -79.49 25.27
N MET BA 707 56.05 -80.39 25.95
CA MET BA 707 57.44 -80.12 26.31
C MET BA 707 58.33 -80.06 25.08
N VAL BA 708 59.39 -79.24 25.17
CA VAL BA 708 60.30 -79.05 24.05
C VAL BA 708 61.39 -80.10 24.07
N ASP BA 709 61.81 -80.54 22.89
CA ASP BA 709 62.87 -81.53 22.79
C ASP BA 709 64.23 -80.89 23.07
N ILE BA 710 65.17 -81.73 23.52
CA ILE BA 710 66.53 -81.25 23.78
C ILE BA 710 67.23 -80.89 22.47
N ASP BA 711 66.95 -81.63 21.40
CA ASP BA 711 67.59 -81.34 20.12
C ASP BA 711 67.10 -80.03 19.54
N ASP BA 712 65.97 -79.53 20.03
CA ASP BA 712 65.47 -78.23 19.60
C ASP BA 712 66.46 -77.12 19.98
N VAL BA 713 66.99 -77.19 21.20
CA VAL BA 713 68.00 -76.24 21.63
C VAL BA 713 69.24 -76.34 20.75
N GLU BA 714 69.62 -77.56 20.37
CA GLU BA 714 70.76 -77.74 19.48
C GLU BA 714 70.50 -77.09 18.13
N GLU BA 715 69.29 -77.24 17.59
CA GLU BA 715 68.95 -76.61 16.32
C GLU BA 715 69.02 -75.09 16.42
N ALA BA 716 68.48 -74.53 17.50
CA ALA BA 716 68.50 -73.08 17.70
C ALA BA 716 69.93 -72.58 17.81
N LEU BA 717 70.75 -73.28 18.59
CA LEU BA 717 72.16 -72.93 18.76
C LEU BA 717 72.89 -73.01 17.43
N ARG BA 718 72.59 -74.03 16.63
CA ARG BA 718 73.22 -74.15 15.33
C ARG BA 718 72.87 -72.98 14.41
N LEU BA 719 71.60 -72.59 14.40
CA LEU BA 719 71.19 -71.46 13.57
C LEU BA 719 71.87 -70.17 14.03
N VAL BA 720 71.91 -69.94 15.34
CA VAL BA 720 72.56 -68.75 15.88
C VAL BA 720 74.05 -68.77 15.54
N ARG BA 721 74.68 -69.94 15.64
CA ARG BA 721 76.11 -70.03 15.38
C ARG BA 721 76.43 -69.82 13.91
N VAL BA 722 75.58 -70.32 13.02
CA VAL BA 722 75.78 -70.06 11.59
C VAL BA 722 75.63 -68.57 11.30
N SER BA 723 74.62 -67.93 11.90
CA SER BA 723 74.47 -66.49 11.72
C SER BA 723 75.70 -65.74 12.24
N LYS BA 724 76.23 -66.16 13.39
CA LYS BA 724 77.42 -65.53 13.94
C LYS BA 724 78.63 -65.73 13.05
N GLU BA 725 78.81 -66.93 12.52
CA GLU BA 725 79.91 -67.25 11.62
C GLU BA 725 79.75 -66.60 10.25
N SER BA 726 78.57 -66.03 9.96
CA SER BA 726 78.39 -65.31 8.72
C SER BA 726 79.22 -64.03 8.66
N LEU BA 727 79.82 -63.60 9.78
CA LEU BA 727 80.60 -62.37 9.78
C LEU BA 727 81.80 -62.46 8.85
N TYR BA 728 82.49 -63.61 8.85
CA TYR BA 728 83.55 -63.82 7.87
C TYR BA 728 82.96 -64.01 6.48
N GLN BA 729 81.94 -64.86 6.37
CA GLN BA 729 81.35 -65.19 5.07
C GLN BA 729 80.35 -64.13 4.64
PG ATP CA . -69.58 38.53 41.27
O1G ATP CA . -70.41 39.47 40.47
O2G ATP CA . -70.05 37.07 41.18
O3G ATP CA . -68.09 38.58 40.95
PB ATP CA . -70.76 39.08 43.97
O1B ATP CA . -71.76 40.09 43.59
O2B ATP CA . -71.31 37.70 44.31
O3B ATP CA . -69.67 38.87 42.83
PA ATP CA . -68.38 39.32 45.71
O1A ATP CA . -67.41 40.15 44.96
O2A ATP CA . -68.11 37.81 45.65
O3A ATP CA . -69.87 39.54 45.20
O5' ATP CA . -68.44 39.75 47.22
C5' ATP CA . -68.63 41.12 47.62
C4' ATP CA . -67.62 41.48 48.66
O4' ATP CA . -68.19 41.34 49.98
C3' ATP CA . -66.35 40.64 48.65
O3' ATP CA . -65.19 41.45 48.79
C2' ATP CA . -66.52 39.71 49.86
O2' ATP CA . -65.28 39.34 50.43
C1' ATP CA . -67.30 40.63 50.81
N9 ATP CA . -68.06 39.93 51.84
C8 ATP CA . -67.58 39.49 53.05
N7 ATP CA . -68.47 38.88 53.80
C5 ATP CA . -69.61 38.91 53.02
C6 ATP CA . -70.92 38.42 53.24
N6 ATP CA . -71.30 37.79 54.34
N1 ATP CA . -71.84 38.62 52.26
C2 ATP CA . -71.46 39.26 51.15
N3 ATP CA . -70.27 39.75 50.83
C4 ATP CA . -69.38 39.55 51.81
ZN ZN DA . -11.99 -5.79 17.95
PG ATP EA . -86.06 15.53 -1.72
O1G ATP EA . -84.60 15.54 -2.06
O2G ATP EA . -86.35 15.03 -0.30
O3G ATP EA . -86.74 16.88 -1.93
PB ATP EA . -86.83 14.04 -4.18
O1B ATP EA . -87.68 14.90 -5.03
O2B ATP EA . -85.37 13.92 -4.60
O3B ATP EA . -86.84 14.52 -2.67
PA ATP EA . -86.93 11.09 -4.40
O1A ATP EA . -85.74 10.73 -3.60
O2A ATP EA . -86.72 11.04 -5.91
O3A ATP EA . -87.42 12.57 -4.06
O5' ATP EA . -88.17 10.20 -4.03
C5' ATP EA . -88.32 9.62 -2.72
C4' ATP EA . -89.19 8.39 -2.80
O4' ATP EA . -90.47 8.74 -3.38
C3' ATP EA . -88.63 7.23 -3.63
O3' ATP EA . -88.83 5.99 -2.97
C2' ATP EA . -89.45 7.31 -4.92
O2' ATP EA . -89.60 6.02 -5.51
C1' ATP EA . -90.79 7.82 -4.41
N9 ATP EA . -91.59 8.52 -5.41
C8 ATP EA . -91.92 9.85 -5.41
N7 ATP EA . -92.66 10.21 -6.44
C5 ATP EA . -92.83 9.04 -7.15
C6 ATP EA . -93.50 8.74 -8.35
N6 ATP EA . -94.18 9.64 -9.07
N1 ATP EA . -93.46 7.47 -8.80
C2 ATP EA . -92.79 6.56 -8.09
N3 ATP EA . -92.11 6.72 -6.95
C4 ATP EA . -92.17 7.98 -6.53
MG MG FA . -83.37 14.29 -3.58
PB ADP GA . -63.94 65.53 -5.25
O1B ADP GA . -62.95 66.28 -4.40
O2B ADP GA . -65.32 66.13 -5.22
O3B ADP GA . -63.89 64.04 -5.08
PA ADP GA . -62.52 67.02 -7.19
O1A ADP GA . -62.86 68.20 -6.33
O2A ADP GA . -61.08 66.58 -7.26
O3A ADP GA . -63.43 65.77 -6.76
O5' ADP GA . -63.02 67.36 -8.68
C5' ADP GA . -63.50 68.67 -8.96
C4' ADP GA . -63.46 68.98 -10.46
O4' ADP GA . -64.31 70.10 -10.72
C3' ADP GA . -62.06 69.35 -10.89
O3' ADP GA . -61.71 68.64 -12.08
C2' ADP GA . -62.11 70.84 -11.19
O2' ADP GA . -61.55 71.09 -12.48
C1' ADP GA . -63.58 71.23 -11.18
N9 ADP GA . -63.82 72.35 -10.23
C8 ADP GA . -64.81 72.37 -9.32
N7 ADP GA . -64.80 73.52 -8.60
C5 ADP GA . -63.78 74.27 -9.05
C6 ADP GA . -63.21 75.59 -8.72
N6 ADP GA . -63.74 76.36 -7.75
N1 ADP GA . -62.14 76.01 -9.43
C2 ADP GA . -61.60 75.25 -10.40
N3 ADP GA . -62.07 74.04 -10.75
C4 ADP GA . -63.14 73.49 -10.13
ZN ZN HA . 6.74 30.03 12.38
PG ATP IA . -82.81 15.65 27.63
O1G ATP IA . -81.56 15.46 26.85
O2G ATP IA . -82.69 16.70 28.73
O3G ATP IA . -84.03 15.97 26.76
PB ATP IA . -83.21 12.75 28.14
O1B ATP IA . -84.55 12.28 27.74
O2B ATP IA . -82.07 12.46 27.16
O3B ATP IA . -83.19 14.31 28.38
PA ATP IA . -81.95 10.95 30.10
O1A ATP IA . -80.52 11.27 30.26
O2A ATP IA . -82.23 9.79 29.16
O3A ATP IA . -82.77 12.19 29.55
O5' ATP IA . -82.61 10.63 31.49
C5' ATP IA . -82.11 11.21 32.72
C4' ATP IA . -82.32 10.24 33.85
O4' ATP IA . -83.72 9.93 33.98
C3' ATP IA . -81.57 8.91 33.72
O3' ATP IA . -80.95 8.54 34.95
C2' ATP IA . -82.69 7.92 33.34
O2' ATP IA . -82.42 6.61 33.84
C1' ATP IA . -83.88 8.52 34.08
N9 ATP IA . -85.17 8.17 33.53
C8 ATP IA . -86.02 8.97 32.81
N7 ATP IA . -87.13 8.39 32.42
C5 ATP IA . -87.01 7.11 32.93
C6 ATP IA . -87.85 5.98 32.87
N6 ATP IA . -89.04 5.97 32.25
N1 ATP IA . -87.43 4.85 33.48
C2 ATP IA . -86.26 4.84 34.10
N3 ATP IA . -85.37 5.85 34.22
C4 ATP IA . -85.82 6.95 33.61
MG MG JA . -80.36 13.62 26.34
ZN ZN KA . -19.61 -13.64 -7.66
PB ADP LA . -62.62 66.22 27.20
O1B ADP LA . -63.57 67.09 27.99
O2B ADP LA . -62.05 65.05 27.97
O3B ADP LA . -63.10 65.88 25.81
PA ADP LA . -60.88 68.22 28.08
O1A ADP LA . -60.63 67.47 29.36
O2A ADP LA . -61.84 69.38 28.06
O3A ADP LA . -61.35 67.18 26.95
O5' ADP LA . -59.47 68.75 27.50
C5' ADP LA . -58.67 69.63 28.28
C4' ADP LA . -58.93 71.05 27.77
O4' ADP LA . -59.40 71.86 28.84
C3' ADP LA . -57.70 71.73 27.19
O3' ADP LA . -57.77 71.76 25.76
C2' ADP LA . -57.72 73.14 27.73
O2' ADP LA . -57.97 74.06 26.66
C1' ADP LA . -58.88 73.18 28.72
N9 ADP LA . -58.38 73.65 30.04
C8 ADP LA . -57.09 73.78 30.39
N7 ADP LA . -56.98 74.23 31.67
C5 ADP LA . -58.22 74.39 32.14
C6 ADP LA . -58.84 74.83 33.42
N6 ADP LA . -58.06 75.20 34.47
N1 ADP LA . -60.18 74.84 33.51
C2 ADP LA . -60.96 74.47 32.48
N3 ADP LA . -60.48 74.06 31.29
C4 ADP LA . -59.15 74.00 31.06
ZN ZN MA . -1.67 10.72 23.56
PG ATP NA . -76.93 38.66 -19.23
O1G ATP NA . -77.29 39.52 -18.07
O2G ATP NA . -75.47 38.22 -19.24
O3G ATP NA . -77.82 37.42 -19.38
PB ATP NA . -76.25 40.12 -21.74
O1B ATP NA . -74.99 40.64 -21.20
O2B ATP NA . -77.15 41.12 -22.46
O3B ATP NA . -77.13 39.46 -20.59
PA ATP NA . -76.86 38.12 -23.83
O1A ATP NA . -78.26 37.92 -23.40
O2A ATP NA . -76.09 36.85 -24.18
O3A ATP NA . -76.03 38.89 -22.72
O5' ATP NA . -76.78 39.10 -25.07
C5' ATP NA . -76.75 38.59 -26.43
C4' ATP NA . -78.01 37.81 -26.69
O4' ATP NA . -79.14 38.70 -26.76
C3' ATP NA . -78.01 37.05 -28.02
O3' ATP NA . -78.82 35.88 -27.93
C2' ATP NA . -78.60 38.08 -28.98
O2' ATP NA . -79.23 37.46 -30.10
C1' ATP NA . -79.66 38.74 -28.08
N9 ATP NA . -79.98 40.13 -28.41
C8 ATP NA . -80.45 41.05 -27.52
N7 ATP NA . -80.69 42.24 -28.03
C5 ATP NA . -80.34 42.08 -29.37
C6 ATP NA . -80.37 42.97 -30.46
N6 ATP NA . -80.75 44.25 -30.38
N1 ATP NA . -79.96 42.50 -31.66
C2 ATP NA . -79.57 41.23 -31.75
N3 ATP NA . -79.51 40.30 -30.80
C4 ATP NA . -79.91 40.79 -29.61
MG MG OA . -73.81 38.78 -20.67
ZN ZN PA . 1.93 27.09 -17.88
ZN ZN QA . 151.78 15.52 -24.86
ZN ZN RA . 106.15 -10.32 -26.01
ZN ZN SA . -142.17 4.59 60.29
ZN ZN TA . -107.52 6.81 20.98
PG ATP UA . 86.37 -0.28 22.63
O1G ATP UA . 87.01 -1.62 22.81
O2G ATP UA . 86.45 0.25 21.19
O3G ATP UA . 84.91 -0.23 23.09
PB ATP UA . 88.57 1.42 23.74
O1B ATP UA . 89.54 0.37 24.07
O2B ATP UA . 88.90 2.27 22.51
O3B ATP UA . 87.11 0.83 23.51
PA ATP UA . 87.13 3.32 25.50
O1A ATP UA . 86.15 2.50 26.26
O2A ATP UA . 86.55 4.08 24.32
O3A ATP UA . 88.33 2.43 24.94
O5' ATP UA . 87.85 4.36 26.44
C5' ATP UA . 88.46 3.95 27.69
C4' ATP UA . 88.02 4.88 28.78
O4' ATP UA . 89.01 5.92 28.97
C3' ATP UA . 86.69 5.59 28.52
O3' ATP UA . 85.87 5.57 29.70
C2' ATP UA . 87.12 7.02 28.17
O2' ATP UA . 86.13 7.97 28.53
C1' ATP UA . 88.37 7.16 29.03
N9 ATP UA . 89.28 8.20 28.57
C8 ATP UA . 89.22 9.54 28.87
N7 ATP UA . 90.17 10.26 28.33
C5 ATP UA . 90.92 9.33 27.62
C6 ATP UA . 92.08 9.46 26.82
N6 ATP UA . 92.70 10.61 26.59
N1 ATP UA . 92.57 8.33 26.27
C2 ATP UA . 91.95 7.17 26.49
N3 ATP UA . 90.86 6.94 27.22
C4 ATP UA . 90.39 8.06 27.77
ZN ZN VA . 16.27 15.74 -2.92
PG ATP WA . 80.07 -28.61 -19.88
O1G ATP WA . 78.63 -28.56 -19.47
O2G ATP WA . 80.77 -27.24 -19.84
O3G ATP WA . 80.89 -29.62 -19.09
PB ATP WA . 79.53 -30.10 -22.40
O1B ATP WA . 80.14 -31.43 -22.32
O2B ATP WA . 78.03 -30.06 -22.13
O3B ATP WA . 80.20 -29.09 -21.39
PA ATP WA . 78.90 -28.84 -24.99
O1A ATP WA . 78.06 -27.71 -24.56
O2A ATP WA . 78.13 -30.02 -25.57
O3A ATP WA . 79.79 -29.40 -23.80
O5' ATP WA . 79.97 -28.38 -26.06
C5' ATP WA . 80.47 -27.03 -26.07
C4' ATP WA . 80.97 -26.68 -27.46
O4' ATP WA . 81.98 -27.64 -27.86
C3' ATP WA . 79.91 -26.68 -28.56
O3' ATP WA . 80.08 -25.55 -29.42
C2' ATP WA . 80.18 -27.99 -29.31
O2' ATP WA . 79.83 -27.88 -30.69
C1' ATP WA . 81.69 -28.13 -29.16
N9 ATP WA . 82.18 -29.49 -29.27
C8 ATP WA . 82.76 -30.24 -28.28
N7 ATP WA . 83.11 -31.44 -28.65
C5 ATP WA . 82.74 -31.49 -29.98
C6 ATP WA . 82.84 -32.51 -30.96
N6 ATP WA . 83.37 -33.71 -30.73
N1 ATP WA . 82.36 -32.23 -32.19
C2 ATP WA . 81.83 -31.03 -32.43
N3 ATP WA . 81.68 -30.00 -31.58
C4 ATP WA . 82.16 -30.30 -30.38
MG MG XA . 76.69 -28.91 -20.68
PB ADP YA . 69.40 -51.26 28.86
O1B ADP YA . 69.00 -50.69 30.18
O2B ADP YA . 70.79 -51.86 28.86
O3B ADP YA . 69.11 -50.36 27.68
PA ADP YA . 67.70 -53.29 29.85
O1A ADP YA . 68.60 -53.24 31.06
O2A ADP YA . 66.29 -52.79 29.98
O3A ADP YA . 68.42 -52.53 28.63
O5' ADP YA . 67.66 -54.82 29.35
C5' ADP YA . 68.28 -55.83 30.17
C4' ADP YA . 67.73 -57.21 29.84
O4' ADP YA . 68.64 -58.19 30.37
C3' ADP YA . 66.39 -57.44 30.51
O3' ADP YA . 65.47 -57.99 29.56
C2' ADP YA . 66.63 -58.44 31.62
O2' ADP YA . 65.70 -59.51 31.52
C1' ADP YA . 68.04 -58.97 31.41
N9 ADP YA . 68.86 -58.79 32.65
C8 ADP YA . 70.10 -58.27 32.66
N7 ADP YA . 70.61 -58.23 33.92
C5 ADP YA . 69.67 -58.74 34.74
C6 ADP YA . 69.57 -59.00 36.19
N6 ADP YA . 70.58 -58.68 37.03
N1 ADP YA . 68.42 -59.55 36.66
C2 ADP YA . 67.41 -59.85 35.82
N3 ADP YA . 67.44 -59.65 34.50
C4 ADP YA . 68.53 -59.12 33.89
ZN ZN ZA . 4.86 -2.35 31.84
PG ATP AB . 88.28 -3.40 -6.89
O1G ATP AB . 86.81 -3.65 -6.91
O2G ATP AB . 88.81 -2.96 -5.52
O3G ATP AB . 89.11 -4.56 -7.41
PB ATP AB . 88.22 -1.62 -9.27
O1B ATP AB . 89.16 -2.03 -10.32
O2B ATP AB . 86.76 -2.02 -9.49
O3B ATP AB . 88.63 -2.18 -7.85
PA ATP AB . 87.44 1.21 -9.55
O1A ATP AB . 86.27 1.52 -8.68
O2A ATP AB . 87.09 0.93 -11.00
O3A ATP AB . 88.24 -0.05 -9.02
O5' ATP AB . 88.50 2.38 -9.50
C5' ATP AB . 88.63 3.23 -8.34
C4' ATP AB . 89.03 4.61 -8.77
O4' ATP AB . 90.28 4.55 -9.51
C3' ATP AB . 88.04 5.34 -9.69
O3' ATP AB . 87.86 6.69 -9.27
C2' ATP AB . 88.69 5.26 -11.06
O2' ATP AB . 88.36 6.38 -11.87
C1' ATP AB . 90.17 5.30 -10.70
N9 ATP AB . 91.05 4.71 -11.70
C8 ATP AB . 91.71 3.50 -11.61
N7 ATP AB . 92.44 3.22 -12.66
C5 ATP AB . 92.25 4.30 -13.49
C6 ATP AB . 92.75 4.62 -14.78
N6 ATP AB . 93.58 3.83 -15.46
N1 ATP AB . 92.37 5.79 -15.34
C2 ATP AB . 91.54 6.58 -14.65
N3 ATP AB . 91.00 6.40 -13.45
C4 ATP AB . 91.40 5.23 -12.91
MG MG BB . 85.14 -2.88 -8.22
ZN ZN CB . 11.77 -3.52 -22.51
PB ADP DB . 80.64 -24.18 42.86
O1B ADP DB . 81.98 -24.18 43.55
O2B ADP DB . 80.17 -22.84 42.39
O3B ADP DB . 80.47 -25.29 41.83
PA ADP DB . 79.83 -24.04 45.52
O1A ADP DB . 79.93 -22.54 45.48
O2A ADP DB . 80.94 -24.86 46.14
O3A ADP DB . 79.61 -24.58 44.02
O5' ADP DB . 78.45 -24.46 46.24
C5' ADP DB . 78.21 -24.06 47.59
C4' ADP DB . 78.55 -25.25 48.49
O4' ADP DB . 79.55 -24.87 49.42
C3' ADP DB . 77.37 -25.78 49.27
O3' ADP DB . 76.90 -27.01 48.70
C2' ADP DB . 77.89 -26.05 50.67
O2' ADP DB . 77.91 -27.45 50.94
C1' ADP DB . 79.32 -25.51 50.68
N9 ADP DB . 79.47 -24.52 51.78
C8 ADP DB . 78.47 -23.99 52.51
N7 ADP DB . 78.95 -23.12 53.43
C5 ADP DB . 80.28 -23.09 53.30
C6 ADP DB . 81.40 -22.38 53.96
N6 ADP DB . 81.18 -21.52 54.97
N1 ADP DB . 82.66 -22.63 53.51
C2 ADP DB . 82.89 -23.49 52.51
N3 ADP DB . 81.93 -24.17 51.86
C4 ADP DB . 80.63 -24.02 52.21
ZN ZN EB . 12.59 14.63 16.98
PG ATP FB . 70.13 -52.61 -4.07
O1G ATP FB . 71.08 -52.14 -3.01
O2G ATP FB . 68.71 -52.06 -3.90
O3G ATP FB . 70.61 -52.32 -5.50
PB ATP FB . 68.87 -55.27 -3.59
O1B ATP FB . 68.05 -54.78 -2.48
O2B ATP FB . 69.62 -56.58 -3.37
O3B ATP FB . 69.96 -54.19 -4.01
PA ATP FB . 68.20 -56.18 -6.33
O1A ATP FB . 69.58 -56.04 -6.84
O2A ATP FB . 67.12 -55.64 -7.26
O3A ATP FB . 68.04 -55.43 -4.94
O5' ATP FB . 67.87 -57.67 -5.97
C5' ATP FB . 67.23 -58.54 -6.93
C4' ATP FB . 68.09 -58.67 -8.16
O4' ATP FB . 69.27 -59.44 -7.85
C3' ATP FB . 67.43 -59.40 -9.33
O3' ATP FB . 67.95 -58.94 -10.57
C2' ATP FB . 67.82 -60.85 -9.06
O2' ATP FB . 67.82 -61.63 -10.26
C1' ATP FB . 69.25 -60.68 -8.53
N9 ATP FB . 69.72 -61.72 -7.61
C8 ATP FB . 70.68 -61.54 -6.64
N7 ATP FB . 70.94 -62.62 -5.94
C5 ATP FB . 70.09 -63.58 -6.49
C6 ATP FB . 69.88 -64.94 -6.18
N6 ATP FB . 70.54 -65.59 -5.22
N1 ATP FB . 68.97 -65.61 -6.91
C2 ATP FB . 68.31 -64.96 -7.87
N3 ATP FB . 68.42 -63.69 -8.25
C4 ATP FB . 69.33 -63.03 -7.51
MG MG GB . 66.79 -53.14 -3.41
ZN ZN HB . -2.87 -27.29 15.53
#